data_6GZ5
#
_entry.id   6GZ5
#
_cell.length_a   1
_cell.length_b   1
_cell.length_c   1
_cell.angle_alpha   90
_cell.angle_beta   90
_cell.angle_gamma   90
#
_symmetry.space_group_name_H-M   'P 1'
#
loop_
_entity.id
_entity.type
_entity.pdbx_description
1 polymer '28S ribosomal RNA'
2 polymer P/P-site-tRNA
3 polymer mRNA
4 polymer E/E-site-tRNA
5 polymer '18S ribosomal RNA'
6 polymer 'ribosomal protein uS3'
7 polymer 'ribosomal protein uS7'
8 polymer 'ribosomal protein eS10'
9 polymer 'ribosomal protein eS12'
10 polymer 'ribosomal protein uS19'
11 polymer 'ribosomal protein uS9'
12 polymer 'ribosomal protein eS17'
13 polymer 'ribosomal protein uS13'
14 polymer 'ribosomal protein eS19'
15 polymer 'ribosomal protein uS10'
16 polymer 'ribosomal protein eS25'
17 polymer 'ribosomal protein eS28'
18 polymer 'ribosomal protein uS14'
19 polymer 'ribosomal protein eS31'
20 polymer 'ribosomal protein RACK 1'
21 polymer 'ribosomal protein uS2'
22 polymer 'ribosomal protein eS1'
23 polymer 'ribosomal protein uS5'
24 polymer 'ribosomal protein eS4'
25 polymer 'ribosomal protein eS6'
26 polymer 'ribosomal protein eS7'
27 polymer 'ribosomal protein eS8'
28 polymer 'ribosomal protein uS4'
29 polymer 'ribosomal protein uS17'
30 polymer 'ribosomal protein uS15'
31 polymer 'ribosomal protein uS11'
32 polymer 'ribosomal protein eS21'
33 polymer 'ribosomal protein uS8'
34 polymer 'ribosomal protein uS12'
35 polymer 'ribosomal protein eS24'
36 polymer 'ribosomal protein eS26'
37 polymer 'ribosomal protein eS27'
38 polymer 'ribosomal protein eS30'
39 polymer '5.8S ribosomal RNA'
40 polymer '5S ribosomal RNA'
41 polymer 'ribosomal protein uL2'
42 polymer 'ribosomal protein uL3'
43 polymer 'ribosomal protein uL4'
44 polymer 'ribosomal protein uL18'
45 polymer 'ribosomal protein eL6'
46 polymer 'ribosomal protein uL30'
47 polymer 'ribosomal protein eL8'
48 polymer 'ribosomal protein uL6'
49 polymer 'ribosomal protein uL16'
50 polymer 'ribosomal protein uL5'
51 polymer 'ribosomal protein eL13'
52 polymer 'ribosomal protein eL14'
53 polymer 'ribosomal protein eL15'
54 polymer 'ribosomal protein uL13'
55 polymer 'ribosomal protein uL22'
56 polymer 'ribosomal protein eL18'
57 polymer 'ribosomal protein eL19'
58 polymer 'ribosomal protein eL20'
59 polymer 'ribosomal protein eL21'
60 polymer 'ribosomal protein eL22'
61 polymer 'ribosomal protein uL14'
62 polymer 'ribosomal protein eL24'
63 polymer 'ribosomal protein uL23'
64 polymer 'ribosomal protein uL24'
65 polymer 'ribosomal protein eL27'
66 polymer 'ribosomal protein uL15'
67 polymer 'ribosomal protein eL29'
68 polymer 'ribosomal protein eL30'
69 polymer 'ribosomal protein eL31'
70 polymer 'ribosomal protein eL32'
71 polymer 'ribosomal protein eL33'
72 polymer 'ribosomal protein eL34'
73 polymer 'ribosomal protein uL29'
74 polymer 'ribosomal protein eL36'
75 polymer 'ribosomal protein eL37'
76 polymer 'ribosomal protein eL38'
77 polymer 'ribosomal protein eL39'
78 polymer 'ribosomal protein eL40'
79 polymer 'ribosomal protein eL41'
80 polymer 'ribosomal protein eL42'
81 polymer 'ribosomal protein eL43'
82 polymer 'ribosomal protein eL28'
83 polymer 'ribosomal protein uL1'
84 polymer 'ribosomal protein uL11'
85 polymer 'ribosomal protein uL10'
86 polymer 'eukaryotic elongation factor 2 (eEF2)'
87 non-polymer 'MAGNESIUM ION'
88 non-polymer 'ZINC ION'
89 non-polymer 'PHOSPHOAMINOPHOSPHONIC ACID-GUANYLATE ESTER'
#
loop_
_entity_poly.entity_id
_entity_poly.type
_entity_poly.pdbx_seq_one_letter_code
_entity_poly.pdbx_strand_id
1 'polyribonucleotide'
;CGCGACCUCAGAUCAGACGUGGCGACCCGCUGAAUUUAAGCAUAUUAGUCAGCGGAGGAAAAGAAACUAACCAGGAUUCC
CUCAGUAACGGCGAGUGAACAGGGAAGAGCCCAGCGCCGAAUCCCCGCCCCGCGGGGCGCGGGACAUGUGGCGUACGGAA
GACCCGCUCCCCGGCGCCGCUCGUGGGGGGCCCAAGUCCUUCUGAUCGAGGCCCAGCCCGUGGACGGUGUGAGGCCGGUA
GCGGCCCCCGGCGCGCGCCCGGGUCUUCCCGGAGUCGGGUUGCUUGGGAAUGCAGCCCAAAGCGGGUGGUAAACUCCAUC
UAAGGCUAAAUACCGGCACGAGACCGAUAGUCAACAAGUACCGUAAGGGAAAGUUGAAAAGAACUUUGAAGAGAGAGUUC
AAGAGGGCGUGAAACCGUUAAGAGGUAAACGGGUGGGGUCCGCGCAGUCCGCCCGGAGGAUUCAACCCGGCGGCGGGUCC
GGCCGUGUCGGCGGCCCGGCGGAUCUUUCCCGCCCCCGGGGUCGGCGGGGGACCGUCCCCCGGACCGGCGACCGGCCGCC
GCCGGGCGCAUUUCCAGGCGGUGCGCCGCGACCGGCUCCGGGACGGCUGGGAAGGCCCGGCGGGGAAGGUGGCUCGGGGC
CCCCGAGUGUUACAGCCCCCCCGGCAGCAGCACUCGCCGAAUCCCGGGGCCGAGGGAGCGAGACCCGUCGCCGCGCUCUC
CCCCCUGGGGGGGCCGGGCCACCCCUCCCACGGCGCGACCGCUCUCCCAGGGGGCGGGGCGGACUGUCCCCAGUGCGCCC
CGGGCGGGUCGCGCCGUCGGGCCCGGGGGGCCACGCGCGCGUCCCGGGACGGCGGAGCGAGCGCACGGGGUCGGCGGCGA
CGUCGGCUACCCACCCGACCCGUCUUGAAACACGGACCAAGGAGUCUAACACGUGCGCGAGUCGGGGGCUCGCACGAAAG
CCGCCGUGGCGCAAUGAAGGUGAAGGCCGGCGCGCUCGCCGGCCGAGGUGGGAUCCCGAGGCCUCUCCAGUCCGCCGAGG
GGCACCACCGGCCCGUCUCGCCCGCCGCGCCGGGGAGGUGGAGCACGAGCGCACGUGUUAGGACCCGAAAGAUGGUGAAC
UAUGCCUGGGCAGGGCGAAGCCAGAGGAAACUCUGGUGGAGGUCCGUAGCGGUCCUGACGUGCAAAUCGGUCGUCCGACC
UGGGUAUAGGGGCGAAAGACUAAUCGAACCAUCUAGUAGCUGGUUCCCUCCGAAGUUUCCCUCAGGAUAGCUGGCGCUCU
CGCCCACGCAGUUUUAUCCGGUAAAGCGAAUGAUUAGAGGUCUUGGGGCCGAAACGAUCUCAACCUAUUCUCAAACUUUA
AAUGGGUAAGAAGCCCGGCUCGCUGGCGUGGAGCCGGGGUGGAAUGCGAGUGCCUAGUGGGCCACUUUUGGUAAGCAGAA
CUGGCGCUGCGGGAUGAACCGAACGCCGGGUUAAGGCGCCCGAUGCCGACGCUCAUCAGACCCCAGAAAAGGUGUUGGUU
GAUAUAGACAGCAGGACGGUGGCCAUGGAAGUCGGAAUCCGCUAAGGAGUGUGUAACAACUCACCUGCCGAAUCAACUAG
CCCUGAAAAUGGAUGGCGCUGGAGCGUCGGGCCCAUACCCGGCCGUCGCCGGCCUACGCCGCGACGAGUAGGAGGGCCGC
UGCGGUGAGCCUUGAAGCCUAGGGCGCGGGCCCGGGUGGAGCCGCCGCAGGUGCAGAUCUUGGUGGUAGUAGCAAAUAUU
CAAACGAGAACUUUGAAGGCCGAAGUGGAGAAGGGUUCCAUGUGAACAGCAGUUGAACAUGGGUCAGUCGGUCCUGAGAG
AUGGGCGAGCGCCGUUCCGAAGGGACGGGCGAUGGCCUCCGUUGCCCUCGGCCGAUCGAAAGGGAGUCGGGUUCAGAUCC
CCGAAUCCGGAGUGGCGGAGAUGGGCGCCGCGAGGCGUCCAGUGCGGUAACGCGACCGAUCCCGGAGAAGCCGGCGGGAG
CCCCGGGGAGAGUUCUCUUUUCUUUGUGAAGGGCAGGGCGCCCUGGAAUGGGUUCGCCCCGAGAGAGGGGCCCGUGCCUU
GGAAAGCGUCGCGGUUCCGGCGGCGUCCGGUGAGCUCUCGCUGGCCCUUGAAAAUCCGGGGGAGAGGGUGUAAAUCUCGC
GCCGGGCCGUACCCAUAUCCGCAGCAGGUCUCCAAGGUGAACAGCCUCUGGCAUGUUGGAACAAUGUAGGUAAGGGAAGU
CGGCAAGCCGGAUCCGUAACUUCGGGAUAAGGAUUGGCUCUAAGGGCUGGCAGCCGACUUAGAACUGGUGCGGACCAGGG
GAAUCCGACUGUUUAAUUAAAACAAAGCAUCGCGAAGGCCCGCGGCGGGUGUUGACGCGAUGUGAUUUCUGCCCAGUGCU
CUGAAUGUCAAAGUGAAGAAAUUCAAUGAAGCGCGGGUAAACGGCGGGAGUAACUAUGACUCUCUUAAGGUAGCCAAAUG
CCUCGUCAUCUAAUUAGUGACGCGCAUGAAUGGAUGAACGAGAUUCCCACUGUCCCUACCUACUAUCCAGCGAAACCACA
GCCAAGGGAACGGGCUUGGCGGAAUCAGCGGGGAAAGAAGACCCUGUUGAGCUUGACUCUAGUCUGGCACGGUGAAGAGA
CAUGAGAGGUGUAGAAUAAGUGGGAGGCCCGGGCCGCCGGUGAAAUACCACUACUCUGAUCGUUUUUUCACUGACCCGGU
GAGGCGGGGGGGCGAGCCCGAGGGGCUCUCGCUUCUGGCGCCAAGCGCCCGCCCGGCCGGGCGCGACCCGCUCCGGGGAC
AGUGCCAGGUGGGGAGUUUGACUGGGGCGGUACACCUGUCAAACGGUAACGCAGGUGUCCUAAGGCGAGCUCAGGGAGGA
CAGAAACCUCCCGUGGAGCAGAAGGGCAAAAGCUCGCUUGAUCUUGAUUUUCAGUACGAAUACAGACCGUGAAAGCGGGG
CCUCACGAUCCUUCUGACCUUUUGGGUUUUAAGCAGGAGGUGUCAGAAAAGUUACCACAGGGAUAACUGGCUUGUGGCGG
CCAAGCGUUCAUAGCGACGUCGCUUUUUGAUCCUUCGAUGUCGGCUCUUCCUAUCAUUGUGAAGCAGAAUUCGCCAAGCG
UUGGAUUGUUCACCCACUAAUAGGGAACGUGAGCUGGGUUUAGACCGUCGUGAGACAGGUUAGUUUUACCCUACUGAUGA
UGUGUUGUUGCCAUGGUAAUCCUGCUCAGUACGAGAGGAACCGCAGGUUCAGACAUUUGGUGUAUGUGCUUGGCUGAGGA
GCCAAUGGGGCGAAGCUACCAUCUGUGGGAUUAUGACUGAACGCCUCUAAGUCAGAAUCCCGCCCAGGCGGAACGAUACG
GCAGCGCCGCGGAGCCUCGGUUGGCCUCGGAUAGCCGGUCCGGGGUCCGGUGCGGAGUGCCCUUCGUCCUGGGAAACGGG
GCGCGGCCGGAAAGGCGGCCGCCCCCUCGCCCGUCACGCACCGCACGUUCGUGGGGAACCUGGCGCUAAACCAUUCGUAG
ACGACCUGCUUCUGGGUCGGGGUUUCGUACGUAGCAGAGCAGCUCCCUCGCUGCGAUCUAUUGAAAGUCAGCCCUCGACA
CAAGGGUUUGUC
;
A2
2 'polyribonucleotide' GUUUCCGUAGUGUAGUGGUUAUCACGUUCGCCUAACACGCGAAAGGUCCCCGGUUCGAAACCGGGCGGAAACACCA Bv
3 'polyribonucleotide' UUCGUUAAAGA Bx
4 'polyribonucleotide' GCGGACUUAGCUCAGUUGGGAGAGCGCCAGACUGAAGAUCUGGAGGUCCUGUGUUCGAUCCACAGAGUUCGCACCA Bw
5 'polyribonucleotide'
;UACCUGGUUGAUCCUGCCAGUAGCAUAUGCUUGUCUCAAAGAUUAAGCCAUGCAUGUCUAAGUACGCACGGCCGGUACAG
UGAAACUGCGAAUGGCUCAUUAAAUCAGUUAUGGUUCCUUUGGUCGACUUGGAUAACUGUGGUAAUUCUAGAGCUAAUAC
AUGCCGACGGGCGCUGACCCCCUUCGCGGGGGGGAUGCGUGCAUUUAUCAGAUCAAAACCAACCCGGGCUUUGGUGACUC
UAGAUAACCUCGGGCCGAUCGCACGCCCCCCGUGGCGGCGACGACCCAUUCGAACGUCUGCCCUAUCAACUUUCGAUGGU
AGUCGCCGUGCCUACCAUGGUGACCACGGGUGACGGGGAAUCAGGGUUCGAUUCCGGAGAGGGAGCCUGAGAAACGGCUA
CCACAUCCAAGGAAGGCAGCAGGCGCGCAAAUUACCCACUCCCGACCCGGGGAGGUAGUGACGAAAAAUAACAAUACAGG
ACUCUUUCGAGGCCCUGUAAUUGGAAUGAGUCCACUUUAAAUCCUUUAACGAGGAUCCAUUGGAGGGCAAGUCUGGUGCC
AGCAGCCGCGGUAAUUCCAGCUCCAAUAGCGUAUAUUAAAGUUGCUGCAGUUAAAAAGCUCGUAGUUGGAUCUUGGGAGC
GGCCCCUUGCCUCUCGCCCGAAGCGUUUACUUUGAAAAAAUUAGAGUGUUCAAAGCAGGCCCGAGCCGCCUGGAUACCGC
AGCUAGGAAUAAUGGAAUAGGACCGCGGUUCUAUUUUGUUGGUUUUCGGAACUGAGGCCAUGAUUAAGAGGGACGGCCGG
GGGCAUUCGUAUUGCGCCGCUAGAGGUGAAAUUCUUGGACCGGCGCAAGACGGACCAGAGCGAAAGCAUUUGCCAAGAAU
GUUUUCAUUAAUCAAGAACGAAAGUCGGAGGUUCGAAGACGAUCAGAUACCGUCGUAGUUCCGACCAUAAACGAUGCCGA
CCGGCGAUGCGGCGGCGUUAUUCCCAUGACCCGCCGGGCAGCUUCCGGGAAACCAAAGUCUUUGGGUUCCGGGGGGAGUA
UGGUUGCAAAGCUGAAACUUAAAGGAAUUGACGGAAGGGCACCACCAGGAGUGGAGCCUGCGGCUUAAUUUGACUCAACA
CGGGAAACCUCACCCGGCCCGGACACGGACAGGAUUGACAGAUUGAUAGCUCUUUCUCGAUUCCGUGGGUGGUGGUGCAU
GGCCGUUCUUAGUUGGUGGAGCGAUUUGUCUGGUUAAUUCCGAUAACGAACGAGACUCUGGCAUGCUAACUAGUUACGCG
ACCCCCGAGCGGUAACUUCUUAGAGGGACAAGUGGCGUUCAGCCACCCGAGAUUGAGCAAUAACAGGUCUGUGAUGCCCU
UAGAUGUCCGGGGCUGCACGCGCGCUACACUGACUGGCUCAGCGUGUGCCUACCCUACGCCGGCAGGCGCGGGUAACCCG
UUGAACCCCAUUCGUGAUGGGGAUCGGGGAUUGCAAUUAUUCCCCAUGAACGAGGAAUUCCCAGUAAGUGCGGGUCAUAA
GCUUGCGUUGAUUAAGUCCCUGCCCUUUGUACACACCGCCCGUCGCUACUACCGAUUGGAUGGUUUAGUGAGGCCCUCGG
AUCGGCCCCGCCGUGGCGGAGCGCUGAGAAGACGGUCGAACUUGACUAUCUAGAGGAAGUAAAAGUCGUAACAAGGUUUC
CGUAGGUGAACCUGCGGAAGGAUCAUUA
;
B1
6 'polypeptide(L)'
;AVQISKKRKFVADGIFKAELNEFLTRELAEDGYSGVEVRVTPTRTEIIILATRTQNVLGEKGRRIRELTAVVQKRFGFPE
GSVELYAEKVATRGLCAIAQAESLRYKLLGGLAVRRACYGVLRFIMESGAKGCEVVVSGKLRGQRAKSMKFVDGLMIHSG
DPVNYYVDTAVRHVLLRQGVLGIKVKIMLPWDPTGKIGPKKPLPDHVSIVEPKDEILPTT
;
BD
7 'polypeptide(L)'
;PDIKLFGKWSTDDVQINDISLQDYIAVKEKYAKYLPHSAGRYAAKRFRKAQCPIVERLTNSMMMHGRNNGKKLMTVRIVK
HAFEIIHLLTGENPLQVLVNAIINSGPREDSTRIGRAGTVRRQAVDVSPLRRVNQAIWLLCTGAREAAFRNIKTIAECLA
DELINAAKGSSNSYAIKKKDELERVAKSNR
;
BF
8 'polypeptide(L)'
;MLMPKKNRIAIYELLFKEGVMVAKKDVHMPKHPELADKNVPNLHVMKAMQSLKSRGYVKEQFAWRHFYWYLTNEGIQYLR
DYLHLPPEIVPATLRRSR
;
BK
9 'polypeptide(L)'
;VMDVNTALQEVLKTALIHDGLARGIREAAKALDKRQAHLCVLASNCDEPMYVKLVEALCAEHQINLIKVDDNKKLGEWVG
LCKIDREGKPRKVVGCSCVVVKDYGKESQAKDVIEEYFKC
;
BM
10 'polypeptide(L)'
;FRKFTYRGVDLDQLLDMSYEQLMQLYSARQRRRLNRGLRRKQHSLLKRLRKAKKEAPPMEKPEVVKTHLRDMIILPEMVG
SMVGVYNGKTFNQVEIKPEMIGHYLGEFSITYKPVKHGRP
;
BP
11 'polypeptide(L)'
;QSVQVFGRKKTATAVAHCKRGNGLIKVNGRPLEMIEPRTLQYKLLEPVLLLGKERFAGVDIRVRVKGGGHVAQIYAIRQS
ISKALVAYYQKYVDEASKKEIKDILIQYDRTLLVADPRRCESKKFGGPGARARYQKSYR
;
BQ
12 'polypeptide(L)'
;GRVRTKTVKKAARVIIEKYYTRLGNDFHTNKRVCEEIAIIPSKKLRNKIAGYVTHLMKRIQRGPVRGISIKLQEEERERR
DNYVPEVSALDQEIIEVDPDTKEMLKLLDFGSLSNLQVTQPTVGM
;
BR
13 'polypeptide(L)'
;VIPEKFQHILRVLNTNIDGRRKIAFAITAIKGVGRRYAHVVLRKADIDLTKRAGELTEDEVERVITIMQNPRQYKIPDWF
LNRQKDVKDGKYSQVLANGLDNKLREDLERLKKIRAHRGLRHFWGLRVRGQHTKTTGRR
;
BS
14 'polypeptide(L)'
;PGVTVKDVNQQEFVRALAAFLKKSGKLKVPEWVDTVKLAKHKELAPYDENWFYTRAASTARHLYLRGGAGVGSMTKIYGG
RQRNGVMPSHFSRGSKSVARRVLQALEGLKMVEKDQDGGRKLTPQGQRDLDRIAGQVAAANKK
;
BT
15 'polypeptide(L)'
;IRITLTSRNVKSLEKVCADLIRGAKEKNLKVKGPVRMPTKTLRITTRKTPCGEGSKTWDRFQMRIHKRLIDLHSPSEIVK
QITSISIEPGVEVEVTI
;
BU
16 'polypeptide(L)'
;GKAKKKKWSKGKVRDKLNNLVLFDKATYDKLCKEVPNYKLITPAVVSERLKIRGSLARAALQELLSKGLIKLVSKHRAQV
IYTRNT
;
BZ
17 'polypeptide(L)' QPIKLARVTKVLGRTGSQGQCTQVRVEFMDDTSRSIIRNVKGPVREGDVLTLLESEREARRL Bc
18 'polypeptide(L)' QLYWSHPRKFGQGSRSCRVCSNRHGLIRKYGLNMCRQCFRQYAKDIGFIKL Bd
19 'polypeptide(L)' KRKKKSYTTPKKNKHKRKKVKLAVLKYYKVDENGKISRLRRECPSDECGAGVFMASHFDRHYCGKCCLTYCFN Bf
20 'polypeptide(L)'
;TEQMTLRGTLKGHNGWVTQIATTPQFPDMILSASRDKTIIMWKLTRDETNYGIPQRALRGHSHFVSDVVISSDGQFALSG
SWDGTLRLWDLTTGTTTRRFVGHTKDVLSVAFSSDNRQIVSGSRDKTIKLWNTLGVCKYTVQDESHSEWVSCVRFSPNSS
NPIIVSCGWDKLVKVWNLANCKLKTNHIGHTGYLNTVTVSPDGSLCASGGKDGQAMLWDLNEGKHLYTLDGGDIINALCF
SPNRYWLCAATGPSIKIWDLEGKIIVDELKQEVISTSSKAEPPQCTSLAWSADGQTLFAGYTDNLVRVWQVTIG
;
Bg
21 'polypeptide(L)'
;LDVLQMKEEDVLKFLAAGTHLGGTNLDFQMEQYIYKRKSDGIYIINLKRTWEKLLLAARAIVAIENPADVSVISSRNTGQ
RAVLKFAAATGATPIAGRFTPGTFTNQIQAAFREPRLLVVTDPRADHQPLTEASYVNLPTIALCNTDSPLRYVDIAIPCN
NKGAHSVGLMWWMLAREVLRMRGTISREHPWEVMPDLYFYRDPEEIEKEEQAAAE
;
BA
22 'polypeptide(L)'
;VDPFSKKDWYDVKAPAMFNIRNIGKTLVTRTQGTKIASDGLKGRVFEVSLADLQNDEVAFRKFKLITEDVQGKNCLTNFH
GMDLTRDKMCSMVKKWQTMIEAHVDVKTTDGYLLRLFCVGFTKKRNNQIRKTSYAQHQQVRQIRKKMMEIMTREVQTNDL
KEVVNKLIPDSIGKDIEKACQSIYPLHDVFVRKVKMLKKPKFELGKLMELHG
;
BB
23 'polypeptide(L)'
;DKEWMPVTKLGRLVKDMKIKSLEEIYLFSLPIKESEIIDFFLGASLKDEVLKIMPVQKQTRAGQRTRFKAFVAIGDYNGH
VGLGVKCSKEVATAIRGAIILAKLSIVPVRRGYWGNKIGKPHTVPCKVTGRCGSVLVRLIPAPRGTGIVSAPVPKKLLMM
AGIDDCYTSARGCTATLGNFAKATFDAISKTYSYLTPDLWKETVFTKSPYQEFTDHLVKTHT
;
BC
24 'polypeptide(L)'
;ARGPKKHLKRVAAPKHWMLDKLTGVFAPRPSTGPHKLRECLPLIVFLRNRLKYALTGDEVKKICMQRFIKIDGKVRVDVT
YPAGFMDVISIEKTGEHFRLVYDTKGRFAVHRITVEEAKYKLCKVRKITVGVKGIPHLVTHDARTIRYPDPVIKVNDTVQ
IDLGTGKIINFIKFDTGNLCMVIGGANLGRVGVITNRERHPGSFDVVHVKDANGNSFATRLSNIFVIGNGNKPWISLPRG
KGIRLTVAEERDKRLAT
;
BE
25 'polypeptide(L)'
;MKLNISFPATGCQKLIEVDDERKLRTFYEKRMATEVAADALGEEWKGYVVRISGGNDKQGFPMKQGVLTHGRVRLLLSKG
HSCYRPRRTGERKRKSVRGCIVDANLSVLNLVIVKKGEKDIPGLTDTTVPRRLGPKRASRIRKLFNLSKEDDVRQYVVRK
PLNKEGKKPRTKAPKIQRLVTPRVLQHKRRRIALKKQRTKKNKEEAAEYAKLLAKRMKEAKEKRQEQIAKRR
;
BG
26 'polypeptide(L)'
;NGEKPDEFESGISQALLELEMNSDLKAQLRELNITAAKEIEVGGGRKAIIIFVPVPQLKSFQKIQVRLVRELEKKFSGKH
VVFIAQRRILPKPTRKSRTKNKQKRPRSRTLTAVHDAILEDLVFPSEIVGKRIRVKLDGSRLIKVHLDKAQQNNVEHKVE
TFSGVYKKLTGKDVNFEFPEFQL
;
BH
27 'polypeptide(L)'
;GISRDNWHKRRKTGGKRKPYHKKRKYELGRPAANTKIGPRRIHTVRVRGGNKKYRALRLDVGNFSWGSECCTRKTRIIDV
VYNASNNELVRTKTLVKNCIVLIDSTPYRQWYESHYALPLGRKKGAKLTPEEEEILNKKRSKKIQKKYDERKKNAKISSL
LEEQFQQGKLLACIASRPGQCGRADGYVLEGKELEFYLRKIKARKGK
;
BI
28 'polypeptide(L)'
;PVARSWVCRKTYVTPRRPFEKSRLDQELKLIGEYGLRNKREVWRVKFTLAKIRKAARELLTLDEKDPRRLFEGNALLRRL
VRIGVLDEGKMKLDYILGLKIEDFLERRLQTQVFKLGLAKSIHHARVLIRQRHIRVRKQVVNIPSFIVRLDSQKHIDFSL
RSPYGGGRPGRVKRKNAKK
;
BJ
29 'polypeptide(L)'
;TERAYQKQPTIFQNKKRVLLGETGKEKLPRYYKNIGLGFKTPKEAIEGTYIDKKCPFTGNVSIRGRILSGVVTKMKMQRT
IVIRRDYLHYIRKYNRFEKRHKNMSVHLSPCFRDVQIGDIVTVGECRPLSKTVRFNVLKVTKAAGTKKQFQKF
;
BL
30 'polypeptide(L)'
;GRMHAPGKGLSQSALPYRRSVPTWLKLTSDDVKEQIYKLAKKGLTPSQIGVILRDSHGVAQVRFVTGNKILRILKSKGLA
PDLPEDLYHLIKKAVAVRKHLERNRKDKDAKFRLILIESRIHRLARYYKTKRVLPPNWKYESSTASALV
;
BN
31 'polypeptide(L)'
;SLGPQVAEGENVFGVCHIFASFNDTFVHVTDLSGKETICRVTGGMKVKADRDESSPYAAMLAAQDVAQRCKELGITALHI
KLRATGGNRTKTPGPGAQSALRALARSGMKIGRIEDVTPIPSDSTRRKGGRRGRRL
;
BO
32 'polypeptide(L)'
;MQNDAGEFVDLYVPRKCSASNRIIGAKDHASIQMNVAEVDKVTGRFNGQFKTYAICGAIRRMGESDDSILRLAKADGIVS
K
;
BV
33 'polypeptide(L)'
;VRMNVLADALKSINNAEKRGKRQVLIRPCSKVIVRFLTVMMKHGYIGEFEIIDDHRAGKIVVNLTGRLNKCGVISPRFDV
QLKDLEKWQNNLLPSRQFGFIVLTTSAGIMDHEEARRKHTGGKILGFFF
;
BW
34 'polypeptide(L)'
;GKCRGLRTARKLRSHRRDQKWHDKQYKKAHLGTALKANPFGGASHAKGIVLEKVGVEAKQPNSAIRKCVRVQLIKNGKKI
TAFVPNDGCLNFIEENDEVLVAGFGRKGHAVGDIPGVRFKVVKVANVSLLALYKGKKERPR
;
BX
35 'polypeptide(L)'
;TVTIRTRKFMTNRLLQRKQMVIDVLHPGKATVPKTEIREKLAKMYKTTPDVIFVFGFRTHFGGGKTTGFGMIYDSLDYAK
KNEPKHRLARHGLYEKKKTSRKQRKERKNRMKKVRGTAKANVGAG
;
BY
36 'polypeptide(L)'
;TKKRRNNGRAKKGRGHVQPIRCTNCARCVPKDKAIKKFVIRNIVEAAAVRDISEASVFDAYVLPKLYVKLHYCVSCAIHS
KVVRNRSREARKDRTPP
;
Ba
37 'polypeptide(L)' AKDLLHPSPEEEKRKHKKKRLVQSPNSYFMDVKCPGCYKITTVFSHAQTVVLCVGCSTVLCQPTGGKARLTEGCSFRRKQ Bb
38 'polypeptide(L)' HGSLARAGKVRGQTPKVAKQEKKKKKTGRAKRRMQYNRRFVNVVPTFGKKKGPNA Be
39 'polyribonucleotide'
;CGACUCUUAGCGGUGGAUCACUCGGCUCGUGCGUCGAUGAAGAACGCAGCUAGCUGCGAGAAUUAAUGUGAAUUGCAGGA
CACAUUGAUCAUCGACACUUCGAACGCACUUGCGGCCCCGGGUUCCUCCCGGGGCUACGCCUGUCUGAGCGUCGCUU
;
A3
40 'polyribonucleotide'
;GUCUACGGCCAUACCACCCUGAACGCGCCCGAUCUCGUCUGAUCUCGGAAGCUAAGCAGGGUCGGGCCUGGUUAGUACUU
GGAUGGGAGACCGCCUGGGAAUACCGGGUGCUGUAGGCU
;
A4
41 'polypeptide(L)'
;GRVIRGQRKGAGSVFRAHVKHRKGAARLRAVDFAERHGYIKGIVKDIIHDPGRGAPLAKVVFRDPYRFKKRTELFIAAEG
IHTGQFVYCGKKAQLNIGNVLPVGTMPEGTIVCCLEEKPGDRGKLARASGNYATVISHNPETKKTRVKLPSGSKKVISSA
NRAVVGVVAGGGRIDKPILKAGRAYHKYKAKRNCWPRVRGVAMNPVEHPFGGGNHQHIGKPSTIRRDAPAGRKVGLIAAR
RTGRLRGTKTVQ
;
AA
42 'polypeptide(L)'
;SHRKFSAPRHGSLGFLPRKRSSRHRGKVKSFPKDDPSKPVHLTAFLGYKAGMTHIVREVDRPGSKVNKKEVVEAVTIVET
PPMVVVGIVGYVETPRGLRTFKTVFAEHISDECKRRFYKNWHKSKKKAFTKYCKKWQDEDGKKQLEKDFSSMKKYCQVIR
VIAHTQMRLLPLRQKKAHLMEIQVNGGTVAEKLDWARERLEQQVPVNQVFGQDEMIDVIGVTKGKGYKGVTSRWHTKKLP
RKTHRGLRKVACIGAWHPARVAFSVARAGQKGYHHRTEINKKIYKIGQGYLIKDGKLIKNNASTDYDLSDKSINPLGGFV
HYGEVTNDFVMLKGCVVGTKKRVLTLRKSLLVQTKRRALEKIDLKFIDTTSKFGHGRFQTMEEKKAFMGPLKKD
;
AB
43 'polypeptide(L)'
;CARPLISVYSEKGESSGKNVTLPAVFKAPIRPDIVNFVHTNLRKNNRQPYAVSELAGHQTSAESWGTGRAVARIPRVRGG
GTHRSGQGAFGNMCRGGRMFAPTKTWRRWHRRVNTTQKRYAICSALAASALPALVMSKGHRIEEVPELPLVVEDKVEGYK
KTKEAVLLLKKLKAWNDIKKVYASQRMRAGKGKMRNRRRIQRRGPCIIYNEDNGIIKAFRNIPGITLLNVSKLNILKLAP
GGHVGRFCIWTESAFRKLDELYGTWRKAASLKSNYNLPMHKMINTDLSRILKSPEIQRALRAPRKKIHRRVLKKNPLKNL
RIMLKLNPYAKTMRRNTILRQARNHKLRVDKAAAAAAALQAKS
;
AC
44 'polypeptide(L)'
;VKVVKNKAYFKRYQVKFRRRREGKTDYYARKRLVIQDKNKYNTPKYRMIVRVTNRDIICQIAYARIEGDMIVCAAYAHEL
PKYGVKVGLTNYAAAYCTGLLLARRLLNRFGMDKIYEGQVEVTGDEYNVESIDGQPGAFTCYLDAGLARTTTGNKVFGAL
KGAVDGGLSIPHSTKRFPGYDSESKEFNAEVHRKHIMGQNVADYMRYLMEEDEDAYKKQFSQYIKNSVTPDMMEEMYKKA
HAAIRENPVYEKKPKKEVKKKRWNRPKMSLAQKKDRVAQKKASFLRAQERAAES
;
AD
45 'polypeptide(L)'
;PVGGDKNGGTRVVKLRKMPRYYPTEDVPRKLLSHGKKPFSQHVRKLRASITPGTILIILTGRHRGKRVVFLKQLASGLLL
VTGPLVLNRVPLRRTHQKFVIATSTKIDISNVKIPKHLTDAYFKKKKLRKPRHQEGEIFDTEKEKYEITEQRKIDQKAVD
SQILPKIKAIPQLQGYLRSVFALTNGIYPHKLVF
;
AE
46 'polypeptide(L)'
;PETLKKKRRNFAELKIKRLRKKFAQKMLRKARRKLIYEKAKHYHKEYRQMYRTEIRMARMARKAGNFYVPAEPKLAFVIR
IRGINGVSPKVRKVLQLLRLRQIFNGTFVKLNKASINMLRIVEPYIAWGYPNLKSVNELIYKRGYGKINKKRIALTDNAL
IARSLGKYGIICMEDLIHEIYTVGKRFKEANNFLWPFKLSSPRGGMKKKTTHFVEGGDAGNREDQINRLIRRMN
;
AF
47 'polypeptide(L)'
;NPLFEKRPKNFGIGQDIQPKRDLTRFVKWPRYIRLQRQRAILYKRLKVPPAINQFTQALDRQTATQLLKLAHKYRPETKQ
EKKQRLLARAEKKAAGKGDVPTKRPPVLRAGVNTVTTLVENKKAQLVVIAHDVDPIELVVFLPALCRKMGVPYCIIKGKA
RLGRLVHRKTCTTVAFTQVNSEDKGALAKLVEAIRTNYNDRYDEIRRHWGGNVLGPKSVARIAKLEKAKAKELA
;
AG
48 'polypeptide(L)'
;MKTILSNQTVDIPENVDITLKGRTVIVKGPRGTLRRDFNHINVELSLLGKKKKRLRVDKWWGNRKELATVRTICSHVQNM
IKGVTLGFRYKMRSVYAHFPINVVIQENGSLVEIRNFLGEKYIRRVRMRPGVACSVSQAQKDELILEGNDIELVSNSAAL
IQQATTVKNKDIRKFLDGIYVSEKGTVQQAD
;
AH
49 'polypeptide(L)'
;RRPARCYRYCKNKPYPKSRFCRGVPDAKIRIFDLGRKKAKVDEFPLCGHMVSDEYEQLSSEALEAARICANKYMVKSCGK
DGFHIRVRLHPFHVIRINKMLSADRLQTGMRGAFGKPQGTVARVHIGQVIMSIRTKLQNKEHVIEALRRAKFKFPGRQKI
HISKKWGFTKFNADEFEDMVAEKRLIPDGCGVKYIPNRGPLDKWRALH
;
AI
50 'polypeptide(L)'
;ENPMRELRIRKLCLNICVGESGDRLTRAAKVLEQLTGQTPVFSKARYTVRSFGIRRNEKIAVHCTVRGAKAEEILEKGLK
VREYELRKNNFSDTGNFGFGIQEHIDLGIKYDPSIGIYGLDFYVVLGRPGFSIADKKRRTGCIGAKHRISKEEAMRWFQQ
KYDGIILPG
;
AJ
51 'polypeptide(L)'
;APSRNGMVLKPHFHKDWQRRVATWFNQPARKIRRRKARQAKARRIAPRPASGPIRPIVRCPTVRYHTKVRAGRGFSLEEL
RVAGIHKKVARTIGISVDPRRRNKSTESLQANVQRLKEYRSKLILFPRKPSAPKKGDSSAEELKLATQLTGPVMPVRNVY
KKEKARVITEEEKNFKAFASLRMARANARLFGIRAKRAKEAAEQD
;
AL
52 'polypeptide(L)'
;VFRRFVEVGRVAYVSFGPHAGKLVAIVDVIDQNRALVDGPCTQVRRQAMPFKCMQLTDFILKFPHSAHQKYVRQAWQKAD
INTKWAATRWAKKIEARERKAKMTDFDRFKVMKAKKMRNRIIKNEVKKLQKAALLKASP
;
AM
53 'polypeptide(L)'
;GAYKYIQELWRKKQSDVMRFLLRVRCWQYRQLSALHRAPRPTRPDKARRLGYKAKQGYVIYRIRVRRGGRKRPVPKGATY
GKPVHHGVNQLKFARSLQSVAEERAGRHCGALRVLNSYWVGEDSTYKFFEVILIDPFHKAIRRNPDTQWITKPVHKHREM
RGLTSAGRKSRGLGKGHKFHHTIGGSRRAAWRRRNTLQLHRYR
;
AN
54 'polypeptide(L)'
;QVLVLDGRGHLLGRLAAIVAKQVLLGRKVVVVRCEGINISGNFYRNKLKYLAFLRKRMNTNPSRGPYHFRAPSRIFWRTV
RGMLPHKTKRGQAALDRLKVFDGIPPPYDKKKRMVVPAALKVVRLKPTRKFAYLGRLAHEVGWKYQAVTATLEEKRKEKA
KIHYRKKKQLMRLRKQAEKNVEKKIDKYTEVLKTH
;
AO
55 'polypeptide(L)'
;VRYSLDPENPTKSCKSRGSNLRVHFKNTRETAQAIKGMHIRKATKYLKDVTLQKQCVPFRRYNGGVGRCAQAKQWGWTQG
RWPKKSAEFLLHMLKNAESNAELKGLDVDSLVIEHIQVNKAPKMRRRTYRAHGRINPYMSSPCHIEMILTEKE
;
AP
56 'polypeptide(L)'
;GVDIRHNKDRKVRRKEPKSQDIYLRLLVKLYRFLARRTNSTFNQVVLKRLFMSRTNRPPLSLSRMIRKMKLPGRENKTAV
VVGTITDDVRVQEVPKLKVCALRVTSRARSRILRAGGKILTFDQLALDSPKGCGTVLLSGPRKGREVYRHFGKAPGTPHS
HTKPYVRSKGRKFERARGRRASRGYKN
;
AQ
57 'polypeptide(L)'
;SMLRLQKRLASSVLRCGKKKVWLDPNETNEIANANSRQQIRKLIKDGLIIRKPVTVHSRARCRKNTLARRKGRHMGIGKR
KGTANARMPEKVTWMRRMRILRRLLRRYRESKKIDRHMYHSLYLKVKGNVFKNKRILMEHIHKLKADKARKKLLADQAEA
RRSKTKEARKRREERLQAKKE
;
AR
58 'polypeptide(L)'
;MKASGTLREYKVVGRCLPTPKCHTPPLYRMRIFAPNHVVAKSRFWYFVSQLKKMKKSSGEIVYCGQVFEKSPLRVKNFGI
WLRYDSRSGTHNMYREYRDLTTAGAVTQCYRDMGARHRARAHSIQIMKVEEIAASKCRRPAVKQFHDSKIKFPLPHRVLR
RQHKPRFTTKRPNTF
;
AS
59 'polypeptide(L)'
;TNTKGKRRGTRYMFSRPFRKHGVVPLATYMRIYKKGDIVDIKGMGTVQKGMPHKCYHGKTGRVYNVTQHAVGIVVNKQVK
GKILAKRINVRIEHIKHSKSRDSFLKRVKENDQKKKEAKEKGTWVQLKRQPAPPREAHFVRTNGKEPELLEPIPYEF
;
AT
60 'polypeptide(L)'
;VLKFTLDCTHPVEDGIMDAANFEQFLQERIKVNGKAGNLGGGVVTIERSKSKITVTSEVPFSKRYLKYLTKKYLKKNNLR
DWLRVVANSKESYELRYFQ
;
AU
61 'polypeptide(L)'
;AKFRISLGLPVGAVINCADNTGAKNLYIISVKGIKGRLNRLPAAGVGDMVMATVKKGKPELRKKVHPAVVIRQRKSYRRK
DGVFLYFEDNAGVIVNNKGEMKGSAITGPVAKECADLWPRIASNAGSIA
;
AV
62 'polypeptide(L)'
;KVELCSFSGYKIYPGHGRRYARTDGKVFQFLNAKCESAFLSKRNPRQINWTVLYRRKHKKGQSEEIQKKRTRRAVKFQRA
ITGASLADIMAKRNQKPEVRKAQREQAIRAAKEAKKAKQAS
;
AW
63 'polypeptide(L)'
;KIRTSPTFRRPKTLRLRRQPKYPRKSAPRRNKLDHYAIIKFPLTTESAMKKIEDNNTLVFIVDVKANKHQIKQAVKKLYD
IDVAKVNTLIRPDGEKKAYVRLAPDYDALDVANKIGI
;
AX
64 'polypeptide(L)'
;MKFNPFVTSDRSKNRKRHFNAPSHIRRKIMSSPLSKELRQKYNVRSMPIRKDDEVQVVRGHYKGQQIGKVVQVYRKKYVI
YIERVQREKANGTTVHVGIHPSKVVITRLKLDKDRKKILERKAKSRQ
;
AY
65 'polypeptide(L)'
;KFMKPGKVVLVLAGRYSGRKAVIVKNIDDGTSDRPYSHALVAGIDRYPRKVTAAMGKKKIAKRSKIKSFVKVYNYNHLMP
TRYSVDIPLDKTVVNKDVFRDPALKRKARREAKVKFEERYKTGKNKWFFQKLRF
;
AZ
66 'polypeptide(L)'
;PSRLRKTRKLRGHVSHGHGRIGKHRKHPGGRGNAGGLHHHRINFDKYHPGYFGKVGMKHYHLKRNQSFCPTVNLDKLWTL
VSEQTRVNAAKNKTGAAPIIDVVRSGYYKVLGKGKLPKQPVIVKAKFFSRRAEEKIKSVGGACVLVA
;
Aa
67 'polypeptide(L)' AKSKNHTTHNQSRKWHRNGIKKPRSQRYESLKGVDPKFLRNMRFAKKHNKKGLKKMQANNAKAMSARA Ab
68 'polypeptide(L)'
;TKKSLESINSRLQLVMKSGKYVLGYKQTLKMIRQGKAKLVILANNCPALRKSEIEYYAMLAKTGVHHYSGNNIELGTACG
KYYRVCTLAIIDPGDSDIIRSMP
;
Ac
69 'polypeptide(L)'
;NEVVTREYTINIHKRIHGVGFKKRAPRALKEIRKFAMKEMGTPDVRIDTRLNKAVWAKGIRNVPYRIRVRLSRKRNEDED
SPNKLYTLVTYVPVTTFKNLQTVNVD
;
Ad
70 'polypeptide(L)'
;AALRPLVKPKIVKKRTKKFIRHQSDRYVKIKRNWRKPRGIDNRVRRRFKGQILMPNIGYGSNKKTKHMLPSGFRKFLVHN
VKELEVLLMCNKSYCAEIAHNVSSKNRKAIVERAAQLAIRVTNPNARLR
;
Ae
71 'polypeptide(L)'
;SGRLWSKAIFAGYKRGLRNQREHTALLKIEGVYARDETEFYLGKRCAYVYKAKNNTVTPGGKPNKTRVIWGKVTRAHGNS
GMVRAKFRSNLPAKAIGHRIRVMLYPSRI
;
Af
72 'polypeptide(L)'
;VQRLTYRRRLSYNTASNKTRLSRTPGNRIVYLYTKKVGKAPKSACGVCPGRLRGVRAVRPKVLMRLSKTKKHVSRAYGGS
MCAKCVRDRIKRAFLIEEQKIVVKVLKAQAQSQK
;
Ag
73 'polypeptide(L)'
;AKIKARDLRGKKKEELLKQLDDLKVELSQLRVAKVTGGAASKLSKIRVVRKSIARVLTVINQTQKENLRKFYKGKKYKPL
DLRPKKTRAMRRRLNKHEENLKTKKQQRKERLYPLRKYAVKA
;
Ah
74 'polypeptide(L)'
;YPMAVGLNKGHKVTKNVSKPRHSRRRGRLTKHTKFVRDMIREVCGFAPYERRAMELLKVSKDKRALKFIKKRVGTHIRAK
RKREELSNVLAAMRKAA
;
Ai
75 'polypeptide(L)'
;TKGTSSFGKRRNKTHTLCRRCGSKAYHLQKSTCGKCGYPAKRKRKYNWSAKAKRRNTTGTGRMRHLKIVYRRFRHGFREG
TTPK
;
Aj
76 'polypeptide(L)' PRKIEEIKDFLLTARRKDAKSVKIKKNKDNVKFKVRCSRYLYTLVITDKEKAEKLKQSLPPGLAVKELK Ak
77 'polypeptide(L)' SSHKTFRIKRFLAKKQKQNRPIPQWIRMKTGNKIRYNSKRRHWRRTKLGL Al
78 'polypeptide(L)' IEPSLRQLAQKYNCDKMICRKCYARLHPRAVNCRKKKCGHTNNLRPKKKV Am
79 'polypeptide(L)' MRAKWRKKRMRRLKRKRRKMRQRSK An
80 'polypeptide(L)'
;VNVPKTRRTFCKKCGKHQPHKVTQYKKGKDSLYAQGKRRYDRKQSGYGGQTKPIFRKKAKTTKKIVLRLECVEPNCRSKR
MLAIKRCKHFELGGDKKRKGQVIQF
;
Ao
81 'polypeptide(L)'
;AKRTKKVGIVGKYGTRYGASLRKMVKKIEISQHAKYTCSFCGKTKMKRRAVGIWHCGSCMKTVAGGAWTYNTTSAVTVKS
AIRRLKELKDQ
;
Ap
82 'polypeptide(L)'
;SAHLQWMVVRNCSSFLIKRNKQTYSTEPNNLKARNSFRYNGLIHRKTVGVEPAADGKGVVVVIKRRSGQRKPATSYVRTT
INKNARATLSSIRHMIRKNKYRPDLRMAAIRRASAILRSQKP
;
At
83 'polypeptide(L)'
;MSSKVSRDTLYEAVREVLHGNQRKRRKFLETVELQISLKNYDPQKDKRFSGTVRLKSTPRPKFSVCVLGDQQHCDEAKAV
DIPHMDIEALKKLNKNKKLVKKLAKKYDAFLASESLIKQIPRILGPGLNKAGKFPSLLTHNENMVAKVDEVKSTIKFQMK
KVLCLAVAVGHVKMTDDELVYNIHLAVNFLVSLLKKNWQNVRALYIKSTMGKPQRLY
;
Au
84 'polypeptide(L)'
;VYLRCTGGEVGATSALAPKIGPLGLSPKKVGDDIAKATGDWKGLRITVKLTIQNRQAQIEVVPSASALIIKALKEPPRDR
KKQKNIKHSGNITFDEIVNIARQMRHRSLARELSGTIKEILGTAQSVGCNVDGRHPHDIIDDINSGAVECP
;
Aq
85 'polypeptide(L)'
;DRATWKSNYFLKIIQLLDDYPKCFIVGADNVGSKQMQQIRMSLRGKAVVLMGKNTMMRKAIRGHLENNPALEKLLPHIRG
NVGFVFTKEDLTEIRDMLRANKVPAAARAGAIAPCEVTVPAQNTGLGPEKTSFFQALGITTKISRGTIEILSDVQLIKTG
DKVGASEATLLNMLNISPFSFGLVIQQVFDNGSIYNPEVLDI
;
AK
86 'polypeptide(L)'
;TVDQIRAIMDKKANIRNMSVIAHVDHGKSTLTDSLVCKAGIIASARAGETRFTDTRKDEQERCITIKSTAISLFYELSEN
DLNFIKQSKDGAGFLINLIDSPGHVDFSSEVTAALRVTDGALVVVDCVSGVCVQTETVLRQAIAERIKPVLMMNKMDRAL
LELQLEPEELYQTFQRIVENVNVIISTYGEGESGPMGNIMIDPVLGTVGFGSGLHGWAFTLKQFAEMYVAKFAAKGEGQL
GPAERAKKVEDMMKKLWGDRYFDPANGKFSKSATSPEGKKLPRTFCQLILDPIFKVFDAIMNFKKEETAKLIEKLDIKLD
SEDKDKEGKPLLKAVMRRWLPAGDALLQMITIHLPSPVTAQKYRCELLYEGPPDDEAAMGIKSCDPKGPLMMYISKMVPT
SDKGRFYAFGRVFSGLVSTGLKVRIMGPNYTPGKKEDLYLKPIQRTILMMGRYVEPIEDVPCGNIVGLVGVDQFLVKTGT
ITTFEHAHNMRVMKFSVSPVVRVAVEAKNPADLPKLVEGLKRLAKSDPMVQCIIEESGEHIIAGAGELHLEICLKDLEED
HACIPIKKSDPVVSYRETVSEESNVLCLSKSPNKHNRLYMKARPFPDGLAEDIDKGEVSARQELKQRARYLAEKYEWDVA
EARKIWCFGPDGTGPNILTDITKGVQYLNEIKDSVVAGFQWATKEGALCEENMRGVRFDVHDVTLHADAI(DDE)RGGGQ
IIPTARRCLYASVLTAQPRLMEPIYLVEIQCPEQVVGGIYGVLNRKRGHVFEESQVAGTPMFVVKAYLPVNESFGFTADL
RSNTGGQAFPQCVFDHWQILPGDPFDNSSRPSQVVAETRKRKGLKEIPALDNFLDKL
;
Ct
#
# COMPACT_ATOMS: atom_id res chain seq x y z
N ALA F 1 51.28 -98.96 -43.66
CA ALA F 1 51.63 -99.45 -42.34
C ALA F 1 50.87 -98.70 -41.26
N VAL F 2 50.06 -97.73 -41.68
CA VAL F 2 49.27 -96.93 -40.76
C VAL F 2 47.79 -97.21 -40.98
N GLN F 3 46.99 -96.93 -39.95
CA GLN F 3 45.56 -97.13 -40.03
C GLN F 3 44.87 -96.16 -39.09
N ILE F 4 43.59 -95.90 -39.37
CA ILE F 4 42.74 -95.06 -38.53
C ILE F 4 41.43 -95.80 -38.26
N SER F 5 40.74 -95.38 -37.21
CA SER F 5 39.61 -96.11 -36.70
C SER F 5 38.37 -95.92 -37.58
N LYS F 6 37.34 -96.73 -37.30
CA LYS F 6 36.08 -96.61 -38.02
C LYS F 6 35.35 -95.31 -37.66
N LYS F 7 35.57 -94.79 -36.46
CA LYS F 7 34.93 -93.55 -36.03
C LYS F 7 35.55 -92.31 -36.67
N ARG F 8 36.71 -92.45 -37.31
CA ARG F 8 37.37 -91.33 -37.96
C ARG F 8 37.52 -91.49 -39.46
N LYS F 9 37.59 -92.72 -39.97
CA LYS F 9 37.75 -92.92 -41.41
C LYS F 9 36.49 -92.54 -42.17
N PHE F 10 35.32 -92.72 -41.54
CA PHE F 10 34.06 -92.33 -42.20
C PHE F 10 33.93 -90.81 -42.27
N VAL F 11 34.31 -90.09 -41.22
CA VAL F 11 34.22 -88.64 -41.28
C VAL F 11 35.33 -88.07 -42.16
N ALA F 12 36.47 -88.78 -42.28
CA ALA F 12 37.50 -88.37 -43.22
C ALA F 12 37.03 -88.55 -44.66
N ASP F 13 36.34 -89.66 -44.94
CA ASP F 13 35.77 -89.87 -46.26
C ASP F 13 34.67 -88.86 -46.57
N GLY F 14 33.89 -88.48 -45.55
CA GLY F 14 32.86 -87.47 -45.76
C GLY F 14 33.43 -86.10 -46.05
N ILE F 15 34.51 -85.72 -45.35
CA ILE F 15 35.21 -84.47 -45.65
C ILE F 15 35.86 -84.55 -47.03
N PHE F 16 36.32 -85.73 -47.44
CA PHE F 16 36.83 -85.91 -48.81
C PHE F 16 35.75 -85.69 -49.86
N LYS F 17 34.55 -86.26 -49.64
CA LYS F 17 33.42 -86.05 -50.56
C LYS F 17 33.04 -84.59 -50.64
N ALA F 18 32.95 -83.92 -49.48
CA ALA F 18 32.57 -82.50 -49.46
C ALA F 18 33.63 -81.63 -50.11
N GLU F 19 34.91 -81.93 -49.85
CA GLU F 19 36.03 -81.21 -50.44
C GLU F 19 36.01 -81.31 -51.97
N LEU F 20 35.86 -82.54 -52.48
CA LEU F 20 35.88 -82.77 -53.92
C LEU F 20 34.67 -82.14 -54.60
N ASN F 21 33.47 -82.34 -54.04
CA ASN F 21 32.24 -81.83 -54.64
C ASN F 21 32.20 -80.30 -54.62
N GLU F 22 32.61 -79.69 -53.50
CA GLU F 22 32.53 -78.24 -53.42
C GLU F 22 33.65 -77.55 -54.19
N PHE F 23 34.82 -78.18 -54.33
CA PHE F 23 35.84 -77.57 -55.18
C PHE F 23 35.49 -77.72 -56.66
N LEU F 24 34.84 -78.83 -57.05
CA LEU F 24 34.40 -78.94 -58.43
C LEU F 24 33.25 -77.98 -58.74
N THR F 25 32.36 -77.71 -57.77
CA THR F 25 31.37 -76.68 -58.05
C THR F 25 31.91 -75.27 -57.89
N ARG F 26 33.09 -75.11 -57.28
CA ARG F 26 33.80 -73.83 -57.37
C ARG F 26 34.34 -73.61 -58.77
N GLU F 27 35.22 -74.49 -59.23
CA GLU F 27 35.96 -74.19 -60.46
C GLU F 27 35.26 -74.64 -61.74
N LEU F 28 34.24 -75.49 -61.65
CA LEU F 28 33.49 -75.94 -62.82
C LEU F 28 32.14 -75.25 -62.91
N ALA F 29 32.09 -73.95 -62.61
CA ALA F 29 30.84 -73.21 -62.65
C ALA F 29 30.36 -72.92 -64.07
N GLU F 30 31.19 -73.17 -65.09
CA GLU F 30 30.81 -72.86 -66.47
C GLU F 30 29.75 -73.82 -66.99
N ASP F 31 30.04 -75.10 -66.99
CA ASP F 31 29.11 -76.10 -67.52
C ASP F 31 28.02 -76.41 -66.50
N GLY F 32 27.16 -77.38 -66.82
CA GLY F 32 26.12 -77.79 -65.91
C GLY F 32 26.60 -78.87 -64.96
N TYR F 33 26.94 -78.47 -63.74
CA TYR F 33 27.49 -79.38 -62.75
C TYR F 33 26.39 -79.80 -61.78
N SER F 34 26.17 -81.12 -61.66
CA SER F 34 25.16 -81.66 -60.76
C SER F 34 25.78 -82.21 -59.48
N GLY F 35 26.71 -83.15 -59.60
CA GLY F 35 27.34 -83.73 -58.44
C GLY F 35 28.25 -84.87 -58.85
N VAL F 36 28.84 -85.51 -57.82
CA VAL F 36 29.77 -86.60 -58.02
C VAL F 36 29.27 -87.83 -57.29
N GLU F 37 29.71 -88.99 -57.79
CA GLU F 37 29.46 -90.28 -57.15
C GLU F 37 30.78 -91.05 -57.14
N VAL F 38 31.46 -91.04 -56.00
CA VAL F 38 32.77 -91.66 -55.85
C VAL F 38 32.58 -93.06 -55.31
N ARG F 39 33.07 -94.06 -56.04
CA ARG F 39 32.93 -95.46 -55.66
C ARG F 39 34.21 -95.95 -55.00
N VAL F 40 34.06 -96.93 -54.12
CA VAL F 40 35.17 -97.51 -53.36
C VAL F 40 35.53 -98.85 -53.98
N THR F 41 36.78 -98.97 -54.42
CA THR F 41 37.31 -100.17 -55.04
C THR F 41 38.78 -100.20 -54.69
N PRO F 42 39.30 -101.32 -54.15
CA PRO F 42 40.71 -101.35 -53.72
C PRO F 42 41.73 -101.40 -54.86
N THR F 43 41.29 -101.44 -56.12
CA THR F 43 42.20 -101.40 -57.26
C THR F 43 42.17 -100.06 -57.99
N ARG F 44 40.98 -99.53 -58.29
CA ARG F 44 40.86 -98.27 -59.00
C ARG F 44 39.85 -97.39 -58.27
N THR F 45 40.31 -96.26 -57.74
CA THR F 45 39.43 -95.30 -57.08
C THR F 45 38.62 -94.58 -58.16
N GLU F 46 37.34 -94.95 -58.27
CA GLU F 46 36.49 -94.46 -59.34
C GLU F 46 35.73 -93.22 -58.89
N ILE F 47 35.82 -92.15 -59.68
CA ILE F 47 35.10 -90.91 -59.43
C ILE F 47 34.21 -90.64 -60.63
N ILE F 48 32.90 -90.67 -60.41
CA ILE F 48 31.92 -90.48 -61.48
C ILE F 48 31.31 -89.10 -61.32
N ILE F 49 31.65 -88.19 -62.22
CA ILE F 49 31.08 -86.85 -62.23
C ILE F 49 29.84 -86.85 -63.12
N LEU F 50 28.69 -86.59 -62.51
CA LEU F 50 27.44 -86.45 -63.26
C LEU F 50 27.28 -84.98 -63.64
N ALA F 51 27.31 -84.69 -64.93
CA ALA F 51 27.22 -83.31 -65.41
C ALA F 51 26.17 -83.20 -66.49
N THR F 52 25.69 -81.96 -66.68
CA THR F 52 24.74 -81.67 -67.75
C THR F 52 25.45 -81.40 -69.06
N ARG F 53 26.33 -80.39 -69.08
CA ARG F 53 27.17 -80.11 -70.24
C ARG F 53 28.49 -80.82 -70.03
N THR F 54 28.61 -82.02 -70.61
CA THR F 54 29.80 -82.84 -70.45
C THR F 54 30.97 -82.41 -71.34
N GLN F 55 30.78 -81.37 -72.17
CA GLN F 55 31.83 -80.94 -73.08
C GLN F 55 33.00 -80.30 -72.32
N ASN F 56 32.70 -79.52 -71.29
CA ASN F 56 33.76 -78.90 -70.50
C ASN F 56 34.48 -79.94 -69.64
N VAL F 57 33.77 -81.01 -69.24
CA VAL F 57 34.41 -82.07 -68.49
C VAL F 57 35.34 -82.89 -69.38
N LEU F 58 34.85 -83.28 -70.57
CA LEU F 58 35.66 -84.07 -71.48
C LEU F 58 36.77 -83.25 -72.15
N GLY F 59 36.64 -81.92 -72.18
CA GLY F 59 37.65 -81.10 -72.79
C GLY F 59 37.61 -81.15 -74.30
N GLU F 60 38.67 -80.61 -74.91
CA GLU F 60 38.79 -80.62 -76.36
C GLU F 60 39.28 -81.97 -76.87
N LYS F 61 40.47 -82.38 -76.43
CA LYS F 61 41.10 -83.61 -76.89
C LYS F 61 41.31 -84.58 -75.73
N GLY F 62 40.39 -84.58 -74.77
CA GLY F 62 40.52 -85.40 -73.58
C GLY F 62 41.59 -84.89 -72.66
N ARG F 63 41.49 -83.63 -72.26
CA ARG F 63 42.52 -82.93 -71.51
C ARG F 63 42.10 -82.57 -70.09
N ARG F 64 40.91 -81.97 -69.93
CA ARG F 64 40.53 -81.42 -68.64
C ARG F 64 40.18 -82.50 -67.62
N ILE F 65 39.66 -83.64 -68.07
CA ILE F 65 39.37 -84.73 -67.14
C ILE F 65 40.65 -85.37 -66.62
N ARG F 66 41.67 -85.46 -67.49
CA ARG F 66 42.96 -85.95 -67.04
C ARG F 66 43.68 -84.93 -66.16
N GLU F 67 43.41 -83.64 -66.40
CA GLU F 67 43.98 -82.60 -65.55
C GLU F 67 43.35 -82.63 -64.16
N LEU F 68 42.04 -82.89 -64.09
CA LEU F 68 41.38 -83.08 -62.79
C LEU F 68 41.86 -84.35 -62.09
N THR F 69 42.14 -85.41 -62.87
CA THR F 69 42.75 -86.61 -62.32
C THR F 69 44.12 -86.30 -61.71
N ALA F 70 44.90 -85.45 -62.38
CA ALA F 70 46.20 -85.04 -61.82
C ALA F 70 46.03 -84.17 -60.58
N VAL F 71 45.01 -83.31 -60.57
CA VAL F 71 44.70 -82.48 -59.39
C VAL F 71 44.39 -83.36 -58.18
N VAL F 72 43.61 -84.42 -58.39
CA VAL F 72 43.29 -85.33 -57.29
C VAL F 72 44.53 -86.13 -56.87
N GLN F 73 45.28 -86.67 -57.84
CA GLN F 73 46.35 -87.61 -57.51
C GLN F 73 47.59 -86.92 -56.93
N LYS F 74 47.86 -85.67 -57.29
CA LYS F 74 49.08 -85.01 -56.82
C LYS F 74 48.91 -84.35 -55.46
N ARG F 75 47.73 -84.45 -54.84
CA ARG F 75 47.60 -84.10 -53.43
C ARG F 75 47.11 -85.27 -52.59
N PHE F 76 46.05 -85.95 -53.01
CA PHE F 76 45.41 -86.95 -52.17
C PHE F 76 46.16 -88.27 -52.08
N GLY F 77 47.29 -88.41 -52.77
CA GLY F 77 48.15 -89.56 -52.58
C GLY F 77 47.66 -90.84 -53.22
N PHE F 78 47.55 -90.84 -54.55
CA PHE F 78 47.17 -92.05 -55.29
C PHE F 78 48.04 -92.14 -56.53
N PRO F 79 49.21 -92.74 -56.43
CA PRO F 79 50.12 -92.82 -57.58
C PRO F 79 49.72 -93.93 -58.53
N GLU F 80 50.47 -94.04 -59.62
CA GLU F 80 50.38 -95.10 -60.63
C GLU F 80 49.01 -95.15 -61.31
N GLY F 81 48.34 -94.01 -61.41
CA GLY F 81 47.04 -93.95 -62.04
C GLY F 81 45.93 -94.66 -61.28
N SER F 82 45.91 -94.50 -59.95
CA SER F 82 44.90 -95.19 -59.15
C SER F 82 43.53 -94.55 -59.29
N VAL F 83 43.47 -93.23 -59.41
CA VAL F 83 42.20 -92.53 -59.52
C VAL F 83 41.79 -92.45 -60.98
N GLU F 84 40.56 -92.90 -61.27
CA GLU F 84 40.01 -92.87 -62.62
C GLU F 84 38.66 -92.14 -62.60
N LEU F 85 38.51 -91.17 -63.50
CA LEU F 85 37.30 -90.37 -63.59
C LEU F 85 36.45 -90.78 -64.79
N TYR F 86 35.14 -90.82 -64.57
CA TYR F 86 34.16 -91.09 -65.62
C TYR F 86 33.08 -90.02 -65.58
N ALA F 87 32.76 -89.47 -66.75
CA ALA F 87 31.73 -88.43 -66.85
C ALA F 87 30.42 -89.04 -67.33
N GLU F 88 29.32 -88.61 -66.73
CA GLU F 88 27.99 -89.05 -67.13
C GLU F 88 27.14 -87.88 -67.55
N LYS F 89 26.32 -88.11 -68.57
CA LYS F 89 25.43 -87.09 -69.13
C LYS F 89 24.10 -87.10 -68.37
N VAL F 90 23.63 -85.92 -68.00
CA VAL F 90 22.34 -85.75 -67.37
C VAL F 90 21.40 -85.14 -68.40
N ALA F 91 20.44 -85.94 -68.89
CA ALA F 91 19.54 -85.50 -69.93
C ALA F 91 18.50 -84.50 -69.44
N THR F 92 18.20 -84.51 -68.14
CA THR F 92 17.22 -83.61 -67.55
C THR F 92 17.95 -82.38 -67.02
N ARG F 93 17.90 -81.29 -67.78
CA ARG F 93 18.62 -80.07 -67.39
C ARG F 93 17.91 -79.35 -66.25
N GLY F 94 16.59 -79.33 -66.27
CA GLY F 94 15.80 -78.66 -65.25
C GLY F 94 15.54 -79.44 -63.99
N LEU F 95 16.22 -80.57 -63.79
CA LEU F 95 16.01 -81.39 -62.62
C LEU F 95 16.88 -80.96 -61.44
N CYS F 96 18.08 -80.47 -61.69
CA CYS F 96 19.06 -80.17 -60.65
C CYS F 96 19.00 -78.68 -60.32
N ALA F 97 18.58 -78.36 -59.09
CA ALA F 97 18.51 -76.97 -58.66
C ALA F 97 19.88 -76.34 -58.51
N ILE F 98 20.90 -77.15 -58.22
CA ILE F 98 22.27 -76.67 -58.21
C ILE F 98 22.69 -76.20 -59.60
N ALA F 99 22.35 -76.98 -60.63
CA ALA F 99 22.64 -76.58 -62.00
C ALA F 99 21.81 -75.39 -62.43
N GLN F 100 20.58 -75.27 -61.93
CA GLN F 100 19.74 -74.12 -62.29
C GLN F 100 20.26 -72.83 -61.69
N ALA F 101 20.67 -72.87 -60.41
CA ALA F 101 21.30 -71.69 -59.80
C ALA F 101 22.67 -71.40 -60.41
N GLU F 102 23.37 -72.46 -60.84
CA GLU F 102 24.67 -72.32 -61.50
C GLU F 102 24.54 -71.61 -62.84
N SER F 103 23.45 -71.91 -63.57
CA SER F 103 23.20 -71.18 -64.81
C SER F 103 22.69 -69.77 -64.52
N LEU F 104 21.89 -69.61 -63.46
CA LEU F 104 21.31 -68.32 -63.13
C LEU F 104 22.36 -67.32 -62.68
N ARG F 105 23.46 -67.79 -62.09
CA ARG F 105 24.58 -66.93 -61.73
C ARG F 105 25.19 -66.26 -62.95
N TYR F 106 25.61 -67.06 -63.92
CA TYR F 106 26.22 -66.51 -65.13
C TYR F 106 25.22 -65.79 -66.02
N LYS F 107 23.93 -66.09 -65.90
CA LYS F 107 22.96 -65.29 -66.64
C LYS F 107 22.71 -63.93 -65.97
N LEU F 108 22.75 -63.87 -64.64
CA LEU F 108 22.57 -62.59 -63.96
C LEU F 108 23.83 -61.76 -63.90
N LEU F 109 25.00 -62.33 -64.20
CA LEU F 109 26.20 -61.50 -64.32
C LEU F 109 26.14 -60.58 -65.54
N GLY F 110 26.07 -61.17 -66.73
CA GLY F 110 26.11 -60.40 -67.96
C GLY F 110 24.76 -59.92 -68.45
N GLY F 111 24.21 -58.91 -67.77
CA GLY F 111 22.89 -58.42 -68.16
C GLY F 111 21.82 -59.38 -67.72
N LEU F 112 20.75 -59.46 -68.52
CA LEU F 112 19.63 -60.40 -68.36
C LEU F 112 18.96 -60.23 -66.99
N ALA F 113 18.27 -59.09 -66.87
CA ALA F 113 17.71 -58.55 -65.63
C ALA F 113 16.83 -59.53 -64.84
N VAL F 114 16.60 -59.19 -63.57
CA VAL F 114 16.18 -60.15 -62.55
C VAL F 114 14.77 -60.67 -62.82
N ARG F 115 13.84 -59.77 -63.19
CA ARG F 115 12.47 -60.14 -63.47
C ARG F 115 12.37 -61.16 -64.60
N ARG F 116 12.91 -60.81 -65.77
CA ARG F 116 12.82 -61.65 -66.95
C ARG F 116 13.64 -62.92 -66.80
N ALA F 117 14.76 -62.86 -66.06
CA ALA F 117 15.55 -64.06 -65.80
C ALA F 117 14.81 -65.04 -64.90
N CYS F 118 14.11 -64.52 -63.89
CA CYS F 118 13.32 -65.39 -63.01
C CYS F 118 12.13 -66.00 -63.75
N TYR F 119 11.47 -65.21 -64.62
CA TYR F 119 10.38 -65.79 -65.41
C TYR F 119 10.90 -66.84 -66.39
N GLY F 120 12.07 -66.62 -66.97
CA GLY F 120 12.65 -67.61 -67.87
C GLY F 120 13.05 -68.89 -67.18
N VAL F 121 13.67 -68.80 -65.99
CA VAL F 121 14.05 -70.03 -65.31
C VAL F 121 12.83 -70.74 -64.73
N LEU F 122 11.77 -70.01 -64.32
CA LEU F 122 10.56 -70.68 -63.88
C LEU F 122 9.83 -71.36 -65.04
N ARG F 123 9.85 -70.74 -66.23
CA ARG F 123 9.27 -71.39 -67.40
C ARG F 123 10.06 -72.65 -67.78
N PHE F 124 11.38 -72.60 -67.67
CA PHE F 124 12.20 -73.77 -67.98
C PHE F 124 11.99 -74.90 -66.98
N ILE F 125 11.93 -74.57 -65.69
CA ILE F 125 11.73 -75.59 -64.66
C ILE F 125 10.32 -76.16 -64.72
N MET F 126 9.32 -75.33 -65.04
CA MET F 126 7.96 -75.82 -65.22
C MET F 126 7.83 -76.69 -66.47
N GLU F 127 8.62 -76.39 -67.50
CA GLU F 127 8.63 -77.25 -68.69
C GLU F 127 9.32 -78.58 -68.41
N SER F 128 10.37 -78.56 -67.58
CA SER F 128 11.16 -79.76 -67.33
C SER F 128 10.59 -80.63 -66.21
N GLY F 129 9.29 -80.94 -66.29
CA GLY F 129 8.67 -81.97 -65.48
C GLY F 129 8.53 -81.69 -63.99
N ALA F 130 8.96 -80.52 -63.51
CA ALA F 130 8.91 -80.25 -62.08
C ALA F 130 7.53 -79.81 -61.65
N LYS F 131 7.15 -80.19 -60.43
CA LYS F 131 5.82 -79.86 -59.92
C LYS F 131 5.76 -78.47 -59.30
N GLY F 132 6.88 -77.98 -58.76
CA GLY F 132 6.88 -76.68 -58.12
C GLY F 132 8.29 -76.16 -57.91
N CYS F 133 8.43 -74.84 -57.96
CA CYS F 133 9.72 -74.19 -57.82
C CYS F 133 9.56 -72.86 -57.10
N GLU F 134 10.68 -72.40 -56.53
CA GLU F 134 10.72 -71.11 -55.85
C GLU F 134 12.12 -70.54 -55.96
N VAL F 135 12.22 -69.30 -56.43
CA VAL F 135 13.47 -68.58 -56.58
C VAL F 135 13.40 -67.33 -55.71
N VAL F 136 14.33 -67.20 -54.78
CA VAL F 136 14.42 -66.06 -53.88
C VAL F 136 15.73 -65.34 -54.17
N VAL F 137 15.64 -64.07 -54.54
CA VAL F 137 16.81 -63.25 -54.84
C VAL F 137 16.86 -62.11 -53.84
N SER F 138 17.96 -62.03 -53.08
CA SER F 138 18.14 -61.00 -52.07
C SER F 138 19.41 -60.21 -52.36
N GLY F 139 19.40 -58.95 -51.97
CA GLY F 139 20.53 -58.06 -52.15
C GLY F 139 20.08 -56.69 -52.59
N LYS F 140 21.05 -55.87 -52.97
CA LYS F 140 20.77 -54.53 -53.48
C LYS F 140 20.19 -54.65 -54.88
N LEU F 141 18.86 -54.53 -54.97
CA LEU F 141 18.11 -54.77 -56.20
C LEU F 141 17.38 -53.48 -56.58
N ARG F 142 18.01 -52.71 -57.47
CA ARG F 142 17.50 -51.42 -57.97
C ARG F 142 17.22 -50.44 -56.82
N GLY F 143 18.18 -50.35 -55.91
CA GLY F 143 18.04 -49.48 -54.75
C GLY F 143 19.09 -49.75 -53.70
N GLN F 144 19.23 -48.81 -52.75
CA GLN F 144 20.22 -48.97 -51.70
C GLN F 144 19.79 -49.98 -50.64
N ARG F 145 18.51 -50.28 -50.55
CA ARG F 145 18.01 -51.23 -49.56
C ARG F 145 17.92 -52.62 -50.17
N ALA F 146 17.83 -53.62 -49.29
CA ALA F 146 17.76 -55.03 -49.69
C ALA F 146 16.30 -55.45 -49.73
N LYS F 147 15.79 -55.70 -50.93
CA LYS F 147 14.41 -56.14 -51.14
C LYS F 147 14.43 -57.58 -51.63
N SER F 148 13.86 -58.48 -50.84
CA SER F 148 13.82 -59.90 -51.18
C SER F 148 12.75 -60.14 -52.23
N MET F 149 13.17 -60.49 -53.44
CA MET F 149 12.26 -60.77 -54.54
C MET F 149 12.02 -62.27 -54.61
N LYS F 150 10.78 -62.68 -54.37
CA LYS F 150 10.42 -64.09 -54.36
C LYS F 150 9.52 -64.40 -55.55
N PHE F 151 9.79 -65.52 -56.21
CA PHE F 151 9.00 -65.96 -57.36
C PHE F 151 8.75 -67.45 -57.18
N VAL F 152 7.51 -67.81 -56.83
CA VAL F 152 7.15 -69.19 -56.52
C VAL F 152 6.01 -69.62 -57.44
N ASP F 153 6.12 -70.86 -57.96
CA ASP F 153 5.09 -71.46 -58.79
C ASP F 153 4.90 -72.90 -58.37
N GLY F 154 3.67 -73.40 -58.53
CA GLY F 154 3.38 -74.80 -58.39
C GLY F 154 3.26 -75.33 -56.97
N LEU F 155 3.78 -76.54 -56.75
CA LEU F 155 3.57 -77.30 -55.53
C LEU F 155 4.90 -77.46 -54.81
N MET F 156 5.01 -76.89 -53.61
CA MET F 156 6.25 -76.89 -52.85
C MET F 156 5.98 -77.20 -51.39
N ILE F 157 6.65 -78.22 -50.87
CA ILE F 157 6.51 -78.64 -49.47
C ILE F 157 7.68 -78.06 -48.69
N HIS F 158 7.38 -77.38 -47.58
CA HIS F 158 8.39 -76.69 -46.79
C HIS F 158 8.72 -77.35 -45.46
N SER F 159 7.85 -78.22 -44.95
CA SER F 159 8.01 -78.76 -43.61
C SER F 159 7.93 -80.27 -43.64
N GLY F 160 8.71 -80.89 -42.76
CA GLY F 160 8.69 -82.33 -42.57
C GLY F 160 10.04 -82.97 -42.88
N ASP F 161 10.08 -84.29 -42.66
CA ASP F 161 11.26 -85.07 -43.04
C ASP F 161 11.52 -85.14 -44.55
N PRO F 162 10.57 -85.43 -45.45
CA PRO F 162 10.95 -85.63 -46.86
C PRO F 162 11.27 -84.36 -47.65
N VAL F 163 11.46 -83.22 -46.99
CA VAL F 163 11.89 -82.01 -47.68
C VAL F 163 13.28 -82.17 -48.27
N ASN F 164 14.16 -82.91 -47.59
CA ASN F 164 15.55 -83.02 -48.02
C ASN F 164 15.71 -83.88 -49.27
N TYR F 165 14.89 -84.92 -49.46
CA TYR F 165 14.97 -85.71 -50.68
C TYR F 165 13.83 -85.44 -51.65
N TYR F 166 12.90 -84.54 -51.32
CA TYR F 166 11.92 -84.09 -52.30
C TYR F 166 12.27 -82.74 -52.93
N VAL F 167 12.92 -81.85 -52.18
CA VAL F 167 13.15 -80.48 -52.60
C VAL F 167 14.65 -80.27 -52.75
N ASP F 168 15.11 -80.21 -54.00
CA ASP F 168 16.50 -79.83 -54.25
C ASP F 168 16.65 -78.34 -54.02
N THR F 169 17.57 -77.96 -53.13
CA THR F 169 17.74 -76.58 -52.71
C THR F 169 19.17 -76.15 -52.98
N ALA F 170 19.34 -75.01 -53.65
CA ALA F 170 20.65 -74.46 -53.97
C ALA F 170 20.71 -73.01 -53.51
N VAL F 171 21.79 -72.66 -52.81
CA VAL F 171 22.02 -71.30 -52.34
C VAL F 171 23.35 -70.84 -52.93
N ARG F 172 23.31 -69.86 -53.82
CA ARG F 172 24.49 -69.42 -54.55
C ARG F 172 24.61 -67.90 -54.49
N HIS F 173 25.80 -67.42 -54.88
CA HIS F 173 26.14 -66.01 -54.82
C HIS F 173 26.39 -65.46 -56.22
N VAL F 174 26.08 -64.18 -56.41
CA VAL F 174 26.35 -63.46 -57.65
C VAL F 174 27.08 -62.17 -57.29
N LEU F 175 28.26 -61.97 -57.87
CA LEU F 175 29.11 -60.82 -57.57
C LEU F 175 28.91 -59.75 -58.64
N LEU F 176 28.19 -58.69 -58.30
CA LEU F 176 27.94 -57.58 -59.20
C LEU F 176 28.54 -56.30 -58.62
N ARG F 177 28.40 -55.20 -59.38
CA ARG F 177 28.98 -53.93 -58.99
C ARG F 177 28.30 -53.32 -57.78
N GLN F 178 27.06 -53.70 -57.49
CA GLN F 178 26.40 -53.29 -56.25
C GLN F 178 26.85 -54.10 -55.06
N GLY F 179 27.52 -55.23 -55.28
CA GLY F 179 27.96 -56.07 -54.18
C GLY F 179 27.71 -57.55 -54.43
N VAL F 180 27.04 -58.21 -53.50
CA VAL F 180 26.72 -59.62 -53.64
C VAL F 180 25.22 -59.80 -53.61
N LEU F 181 24.75 -60.80 -54.36
CA LEU F 181 23.34 -61.12 -54.51
C LEU F 181 23.16 -62.59 -54.18
N GLY F 182 22.31 -62.88 -53.21
CA GLY F 182 22.05 -64.26 -52.85
C GLY F 182 20.85 -64.83 -53.57
N ILE F 183 21.07 -65.93 -54.30
CA ILE F 183 19.99 -66.62 -55.00
C ILE F 183 19.74 -67.95 -54.30
N LYS F 184 18.45 -68.29 -54.17
CA LYS F 184 18.02 -69.54 -53.55
C LYS F 184 17.00 -70.17 -54.48
N VAL F 185 17.36 -71.28 -55.08
CA VAL F 185 16.49 -71.99 -56.01
C VAL F 185 16.13 -73.33 -55.38
N LYS F 186 14.83 -73.53 -55.12
CA LYS F 186 14.35 -74.81 -54.63
C LYS F 186 13.32 -75.37 -55.60
N ILE F 187 13.44 -76.67 -55.86
CA ILE F 187 12.62 -77.39 -56.85
C ILE F 187 12.12 -78.66 -56.19
N MET F 188 10.80 -78.84 -56.16
CA MET F 188 10.25 -80.09 -55.65
C MET F 188 10.23 -81.13 -56.76
N LEU F 189 10.68 -82.34 -56.45
CA LEU F 189 10.83 -83.35 -57.49
C LEU F 189 9.53 -84.14 -57.67
N PRO F 190 9.19 -84.51 -58.90
CA PRO F 190 8.02 -85.37 -59.10
C PRO F 190 8.31 -86.81 -58.69
N TRP F 191 7.23 -87.55 -58.42
CA TRP F 191 7.35 -88.92 -57.94
C TRP F 191 7.42 -89.88 -59.11
N ASP F 192 8.56 -90.52 -59.29
CA ASP F 192 8.76 -91.54 -60.33
C ASP F 192 9.29 -92.81 -59.67
N PRO F 193 8.47 -93.86 -59.57
CA PRO F 193 8.96 -95.08 -58.89
C PRO F 193 9.96 -95.87 -59.71
N THR F 194 9.81 -95.91 -61.03
CA THR F 194 10.70 -96.65 -61.92
C THR F 194 11.46 -95.62 -62.76
N GLY F 195 12.71 -95.38 -62.40
CA GLY F 195 13.56 -94.44 -63.10
C GLY F 195 14.30 -93.56 -62.12
N LYS F 196 15.39 -92.96 -62.62
CA LYS F 196 16.23 -92.08 -61.83
C LYS F 196 15.81 -90.61 -61.92
N ILE F 197 14.62 -90.34 -62.44
CA ILE F 197 14.17 -88.96 -62.60
C ILE F 197 13.69 -88.39 -61.28
N GLY F 198 12.89 -89.16 -60.55
CA GLY F 198 12.38 -88.73 -59.27
C GLY F 198 12.58 -89.77 -58.19
N PRO F 199 12.22 -89.43 -56.95
CA PRO F 199 12.37 -90.39 -55.85
C PRO F 199 11.36 -91.54 -55.95
N LYS F 200 11.70 -92.63 -55.29
CA LYS F 200 10.86 -93.82 -55.27
C LYS F 200 9.85 -93.84 -54.13
N LYS F 201 9.99 -92.94 -53.16
CA LYS F 201 9.10 -92.92 -52.01
C LYS F 201 7.88 -92.07 -52.32
N PRO F 202 6.67 -92.61 -52.22
CA PRO F 202 5.47 -91.79 -52.42
C PRO F 202 5.27 -90.82 -51.27
N LEU F 203 4.45 -89.82 -51.52
CA LEU F 203 4.20 -88.78 -50.52
C LEU F 203 3.31 -89.34 -49.41
N PRO F 204 3.58 -88.97 -48.15
CA PRO F 204 2.74 -89.45 -47.05
C PRO F 204 1.34 -88.85 -47.04
N ASP F 205 1.15 -87.69 -47.65
CA ASP F 205 -0.19 -87.11 -47.75
C ASP F 205 -0.98 -87.69 -48.91
N HIS F 206 -0.33 -88.25 -49.92
CA HIS F 206 -0.99 -88.81 -51.08
C HIS F 206 -1.37 -90.26 -50.80
N VAL F 207 -2.63 -90.60 -51.05
CA VAL F 207 -3.14 -91.95 -50.88
C VAL F 207 -3.56 -92.48 -52.25
N SER F 208 -2.95 -93.59 -52.65
CA SER F 208 -3.19 -94.18 -53.96
C SER F 208 -4.27 -95.25 -53.86
N ILE F 209 -5.23 -95.22 -54.79
CA ILE F 209 -6.28 -96.23 -54.85
C ILE F 209 -6.23 -96.91 -56.21
N VAL F 210 -7.11 -97.89 -56.43
CA VAL F 210 -7.17 -98.63 -57.69
C VAL F 210 -8.53 -98.39 -58.33
N GLU F 211 -8.70 -98.96 -59.51
CA GLU F 211 -9.95 -98.88 -60.24
C GLU F 211 -10.91 -99.96 -59.77
N PRO F 212 -12.22 -99.76 -59.95
CA PRO F 212 -13.18 -100.83 -59.64
C PRO F 212 -12.99 -102.04 -60.55
N LYS F 213 -13.25 -103.22 -60.00
CA LYS F 213 -12.91 -104.48 -60.65
C LYS F 213 -14.11 -105.37 -60.95
N ASP F 214 -15.12 -105.38 -60.06
CA ASP F 214 -16.22 -106.35 -60.12
C ASP F 214 -17.09 -106.13 -61.36
N GLU F 215 -17.72 -107.21 -61.81
CA GLU F 215 -18.35 -107.22 -63.13
C GLU F 215 -19.60 -108.10 -63.08
N ILE F 216 -20.11 -108.45 -64.26
CA ILE F 216 -21.29 -109.28 -64.50
C ILE F 216 -21.08 -110.73 -64.08
N LEU F 217 -22.13 -111.54 -64.29
CA LEU F 217 -22.39 -112.95 -63.92
C LEU F 217 -22.58 -113.16 -62.42
N PRO F 218 -23.77 -112.78 -61.86
CA PRO F 218 -24.24 -113.39 -60.61
C PRO F 218 -24.76 -114.82 -60.82
N THR F 219 -25.43 -115.36 -59.81
CA THR F 219 -26.04 -116.70 -59.85
C THR F 219 -26.94 -116.88 -61.07
N THR F 220 -26.54 -117.83 -61.92
CA THR F 220 -27.21 -118.21 -63.18
C THR F 220 -27.35 -117.03 -64.14
N PRO G 1 -1.54 -116.82 3.45
CA PRO G 1 -2.56 -117.31 4.36
C PRO G 1 -2.73 -116.44 5.60
N ASP G 2 -1.62 -115.85 6.07
CA ASP G 2 -1.65 -114.98 7.23
C ASP G 2 -2.25 -113.63 6.88
N ILE G 3 -2.48 -112.82 7.91
CA ILE G 3 -3.04 -111.49 7.71
C ILE G 3 -1.93 -110.55 7.24
N LYS G 4 -2.32 -109.53 6.47
CA LYS G 4 -1.36 -108.57 5.93
C LYS G 4 -0.87 -107.66 7.05
N LEU G 5 0.43 -107.71 7.32
CA LEU G 5 1.01 -107.07 8.49
C LEU G 5 2.23 -106.25 8.11
N PHE G 6 2.39 -105.10 8.76
CA PHE G 6 3.50 -104.20 8.47
C PHE G 6 4.83 -104.76 8.94
N GLY G 7 4.97 -104.93 10.25
CA GLY G 7 6.13 -105.55 10.84
C GLY G 7 5.73 -106.84 11.53
N LYS G 8 5.56 -106.79 12.84
CA LYS G 8 4.88 -107.83 13.60
C LYS G 8 3.46 -107.41 13.97
N TRP G 9 2.81 -106.65 13.11
CA TRP G 9 1.53 -106.02 13.40
C TRP G 9 0.38 -106.95 13.00
N SER G 10 -0.83 -106.41 12.99
CA SER G 10 -2.01 -107.13 12.54
C SER G 10 -2.76 -106.41 11.41
N THR G 11 -2.87 -105.08 11.50
CA THR G 11 -3.61 -104.22 10.58
C THR G 11 -5.06 -104.69 10.43
N ASP G 12 -5.77 -104.58 11.54
CA ASP G 12 -7.15 -105.05 11.62
C ASP G 12 -7.87 -104.25 12.69
N ASP G 13 -9.20 -104.11 12.50
CA ASP G 13 -10.12 -103.44 13.42
C ASP G 13 -9.73 -101.98 13.67
N VAL G 14 -9.14 -101.34 12.67
CA VAL G 14 -8.86 -99.91 12.71
C VAL G 14 -10.11 -99.22 12.16
N GLN G 15 -10.94 -98.70 13.05
CA GLN G 15 -12.26 -98.19 12.70
C GLN G 15 -12.22 -96.68 12.57
N ILE G 16 -12.64 -96.17 11.42
CA ILE G 16 -12.80 -94.72 11.23
C ILE G 16 -14.12 -94.32 11.90
N ASN G 17 -14.02 -93.44 12.89
CA ASN G 17 -15.18 -93.12 13.72
C ASN G 17 -16.19 -92.22 13.03
N ASP G 18 -15.86 -91.61 11.89
CA ASP G 18 -16.79 -90.69 11.24
C ASP G 18 -16.94 -90.94 9.76
N ILE G 19 -17.64 -90.04 9.08
CA ILE G 19 -17.85 -90.07 7.63
C ILE G 19 -17.06 -88.86 7.14
N SER G 20 -17.09 -88.60 5.83
CA SER G 20 -16.42 -87.54 5.06
C SER G 20 -14.93 -87.79 4.89
N LEU G 21 -14.36 -88.82 5.49
CA LEU G 21 -13.00 -89.26 5.20
C LEU G 21 -12.94 -90.74 4.90
N GLN G 22 -14.09 -91.41 4.81
CA GLN G 22 -14.13 -92.82 4.48
C GLN G 22 -13.79 -93.03 3.01
N ASP G 23 -13.29 -94.23 2.71
CA ASP G 23 -12.87 -94.72 1.39
C ASP G 23 -11.74 -93.90 0.77
N TYR G 24 -11.05 -93.08 1.56
CA TYR G 24 -9.86 -92.36 1.11
C TYR G 24 -8.59 -92.79 1.84
N ILE G 25 -8.72 -93.30 3.05
CA ILE G 25 -7.61 -93.91 3.77
C ILE G 25 -7.57 -95.38 3.39
N ALA G 26 -6.38 -95.87 3.04
CA ALA G 26 -6.20 -97.23 2.54
C ALA G 26 -5.93 -98.24 3.65
N VAL G 27 -6.48 -98.01 4.85
CA VAL G 27 -6.24 -98.85 6.00
C VAL G 27 -6.94 -100.20 5.91
N LYS G 28 -7.92 -100.34 5.01
CA LYS G 28 -8.74 -101.54 4.95
C LYS G 28 -7.96 -102.70 4.33
N GLU G 29 -8.62 -103.86 4.29
CA GLU G 29 -7.97 -105.09 3.86
C GLU G 29 -7.70 -105.14 2.37
N LYS G 30 -8.44 -104.37 1.58
CA LYS G 30 -8.28 -104.39 0.13
C LYS G 30 -7.10 -103.57 -0.36
N TYR G 31 -6.48 -102.78 0.51
CA TYR G 31 -5.36 -101.93 0.13
C TYR G 31 -4.27 -101.99 1.19
N ALA G 32 -4.04 -103.16 1.77
CA ALA G 32 -3.05 -103.35 2.82
C ALA G 32 -1.76 -103.86 2.21
N LYS G 33 -0.67 -103.12 2.41
CA LYS G 33 0.64 -103.48 1.89
C LYS G 33 1.66 -103.50 3.02
N TYR G 34 2.78 -104.18 2.77
CA TYR G 34 3.74 -104.46 3.84
C TYR G 34 4.66 -103.28 4.12
N LEU G 35 4.97 -102.46 3.12
CA LEU G 35 5.86 -101.33 3.28
C LEU G 35 5.29 -100.10 2.58
N PRO G 36 5.60 -98.89 3.08
CA PRO G 36 5.20 -97.69 2.35
C PRO G 36 5.94 -97.53 1.04
N HIS G 37 7.17 -98.04 0.94
CA HIS G 37 7.95 -97.96 -0.29
C HIS G 37 7.38 -98.95 -1.30
N SER G 38 6.31 -98.52 -1.96
CA SER G 38 5.63 -99.31 -2.98
C SER G 38 5.78 -98.64 -4.33
N ALA G 39 5.21 -99.28 -5.35
CA ALA G 39 5.26 -98.72 -6.70
C ALA G 39 4.29 -97.56 -6.83
N GLY G 40 4.76 -96.35 -6.52
CA GLY G 40 3.89 -95.20 -6.56
C GLY G 40 3.83 -94.57 -7.93
N ARG G 41 2.79 -94.93 -8.69
CA ARG G 41 2.57 -94.44 -10.05
C ARG G 41 1.20 -93.78 -10.14
N TYR G 42 0.86 -93.02 -9.11
CA TYR G 42 -0.49 -92.50 -8.90
C TYR G 42 -0.63 -91.04 -9.32
N ALA G 43 0.06 -90.62 -10.39
CA ALA G 43 0.04 -89.24 -10.82
C ALA G 43 -0.50 -89.07 -12.23
N ALA G 44 -1.14 -90.10 -12.79
CA ALA G 44 -1.70 -90.01 -14.13
C ALA G 44 -3.17 -89.59 -14.11
N LYS G 45 -4.01 -90.39 -13.46
CA LYS G 45 -5.43 -90.09 -13.34
C LYS G 45 -5.62 -89.03 -12.25
N ARG G 46 -6.68 -88.22 -12.42
CA ARG G 46 -7.00 -87.19 -11.44
C ARG G 46 -7.39 -87.78 -10.10
N PHE G 47 -8.08 -88.92 -10.10
CA PHE G 47 -8.59 -89.53 -8.87
C PHE G 47 -8.04 -90.93 -8.66
N ARG G 48 -6.74 -91.12 -8.87
CA ARG G 48 -6.05 -92.33 -8.44
C ARG G 48 -5.09 -92.07 -7.29
N LYS G 49 -4.97 -90.82 -6.85
CA LYS G 49 -4.11 -90.47 -5.73
C LYS G 49 -4.72 -90.86 -4.40
N ALA G 50 -6.05 -90.98 -4.33
CA ALA G 50 -6.72 -91.33 -3.08
C ALA G 50 -6.51 -92.78 -2.68
N GLN G 51 -6.16 -93.65 -3.63
CA GLN G 51 -5.88 -95.05 -3.33
C GLN G 51 -4.50 -95.26 -2.73
N CYS G 52 -3.67 -94.22 -2.68
CA CYS G 52 -2.38 -94.32 -2.03
C CYS G 52 -2.56 -94.42 -0.52
N PRO G 53 -1.80 -95.28 0.16
CA PRO G 53 -1.89 -95.35 1.62
C PRO G 53 -1.33 -94.09 2.28
N ILE G 54 -1.95 -93.73 3.40
CA ILE G 54 -1.61 -92.48 4.07
C ILE G 54 -0.23 -92.54 4.72
N VAL G 55 0.29 -93.73 5.02
CA VAL G 55 1.65 -93.83 5.52
C VAL G 55 2.66 -93.53 4.40
N GLU G 56 2.35 -93.97 3.18
CA GLU G 56 3.19 -93.64 2.03
C GLU G 56 3.08 -92.15 1.69
N ARG G 57 1.88 -91.59 1.84
CA ARG G 57 1.69 -90.15 1.65
C ARG G 57 2.46 -89.34 2.69
N LEU G 58 2.54 -89.86 3.92
CA LEU G 58 3.28 -89.18 4.98
C LEU G 58 4.77 -89.23 4.71
N THR G 59 5.28 -90.37 4.19
CA THR G 59 6.69 -90.43 3.80
C THR G 59 6.99 -89.49 2.64
N ASN G 60 6.10 -89.43 1.66
CA ASN G 60 6.31 -88.60 0.48
C ASN G 60 6.26 -87.11 0.81
N SER G 61 5.42 -86.72 1.77
CA SER G 61 5.42 -85.34 2.22
C SER G 61 6.52 -85.05 3.24
N MET G 62 7.04 -86.09 3.91
CA MET G 62 8.16 -85.89 4.81
C MET G 62 9.44 -85.58 4.04
N MET G 63 9.66 -86.27 2.92
CA MET G 63 10.87 -85.98 2.14
C MET G 63 10.71 -84.66 1.39
N MET G 64 11.34 -83.61 1.90
CA MET G 64 11.26 -82.27 1.33
C MET G 64 12.58 -81.53 1.54
N HIS G 65 12.61 -80.30 1.02
CA HIS G 65 13.61 -79.27 1.33
C HIS G 65 15.03 -79.65 0.87
N GLY G 66 15.14 -80.19 -0.34
CA GLY G 66 16.40 -80.26 -1.05
C GLY G 66 17.44 -81.22 -0.51
N ARG G 67 17.86 -81.02 0.74
CA ARG G 67 18.90 -81.84 1.34
C ARG G 67 18.41 -83.26 1.63
N ASN G 68 17.11 -83.48 1.68
CA ASN G 68 16.53 -84.80 1.88
C ASN G 68 15.46 -85.08 0.83
N ASN G 69 15.58 -84.41 -0.31
CA ASN G 69 14.58 -84.50 -1.37
C ASN G 69 14.76 -85.83 -2.07
N GLY G 70 14.04 -86.84 -1.60
CA GLY G 70 14.29 -88.23 -1.95
C GLY G 70 14.46 -89.08 -0.70
N LYS G 71 15.20 -90.18 -0.84
CA LYS G 71 15.58 -91.08 0.25
C LYS G 71 14.35 -91.70 0.92
N LYS G 72 13.59 -92.44 0.11
CA LYS G 72 12.39 -93.12 0.62
C LYS G 72 12.74 -94.18 1.67
N LEU G 73 13.90 -94.82 1.54
CA LEU G 73 14.32 -95.77 2.57
C LEU G 73 14.53 -95.08 3.91
N MET G 74 15.14 -93.90 3.88
CA MET G 74 15.36 -93.12 5.10
C MET G 74 14.06 -92.64 5.71
N THR G 75 13.13 -92.13 4.89
CA THR G 75 11.89 -91.63 5.49
C THR G 75 10.93 -92.75 5.90
N VAL G 76 10.98 -93.92 5.25
CA VAL G 76 10.23 -95.07 5.72
C VAL G 76 10.81 -95.59 7.04
N ARG G 77 12.14 -95.50 7.19
CA ARG G 77 12.76 -95.82 8.48
C ARG G 77 12.33 -94.84 9.56
N ILE G 78 12.23 -93.56 9.22
CA ILE G 78 11.78 -92.54 10.17
C ILE G 78 10.35 -92.79 10.62
N VAL G 79 9.47 -93.12 9.67
CA VAL G 79 8.08 -93.41 10.03
C VAL G 79 7.97 -94.73 10.80
N LYS G 80 8.88 -95.69 10.54
CA LYS G 80 8.94 -96.92 11.31
C LYS G 80 9.33 -96.64 12.78
N HIS G 81 10.35 -95.81 12.98
CA HIS G 81 10.72 -95.41 14.34
C HIS G 81 9.60 -94.63 15.02
N ALA G 82 8.89 -93.80 14.26
CA ALA G 82 7.79 -93.02 14.84
C ALA G 82 6.64 -93.91 15.27
N PHE G 83 6.29 -94.91 14.45
CA PHE G 83 5.25 -95.86 14.83
C PHE G 83 5.67 -96.72 16.02
N GLU G 84 6.97 -97.05 16.09
CA GLU G 84 7.47 -97.82 17.23
C GLU G 84 7.42 -97.00 18.52
N ILE G 85 7.74 -95.71 18.44
CA ILE G 85 7.68 -94.83 19.61
C ILE G 85 6.23 -94.63 20.06
N ILE G 86 5.31 -94.47 19.11
CA ILE G 86 3.89 -94.30 19.45
C ILE G 86 3.33 -95.59 20.07
N HIS G 87 3.75 -96.75 19.56
CA HIS G 87 3.31 -98.02 20.15
C HIS G 87 3.86 -98.21 21.56
N LEU G 88 5.15 -97.92 21.77
CA LEU G 88 5.74 -98.05 23.10
C LEU G 88 5.23 -97.00 24.07
N LEU G 89 4.65 -95.90 23.58
CA LEU G 89 3.99 -94.94 24.46
C LEU G 89 2.59 -95.47 24.78
N THR G 90 2.57 -96.40 25.75
CA THR G 90 1.37 -96.96 26.40
C THR G 90 0.39 -97.58 25.41
N GLY G 91 0.91 -98.28 24.40
CA GLY G 91 0.02 -98.85 23.40
C GLY G 91 -0.55 -97.75 22.53
N GLU G 92 -1.88 -97.74 22.39
CA GLU G 92 -2.65 -96.72 21.67
C GLU G 92 -2.18 -96.59 20.22
N ASN G 93 -2.46 -97.67 19.47
CA ASN G 93 -1.90 -98.12 18.19
C ASN G 93 -1.57 -97.00 17.21
N PRO G 94 -0.40 -97.05 16.58
CA PRO G 94 0.05 -95.91 15.75
C PRO G 94 -0.76 -95.74 14.49
N LEU G 95 -1.28 -96.83 13.91
CA LEU G 95 -2.14 -96.71 12.74
C LEU G 95 -3.48 -96.08 13.11
N GLN G 96 -4.03 -96.45 14.27
CA GLN G 96 -5.28 -95.87 14.74
C GLN G 96 -5.14 -94.39 15.06
N VAL G 97 -4.06 -94.00 15.76
CA VAL G 97 -3.88 -92.59 16.04
C VAL G 97 -3.41 -91.82 14.81
N LEU G 98 -2.86 -92.49 13.80
CA LEU G 98 -2.57 -91.84 12.53
C LEU G 98 -3.85 -91.49 11.79
N VAL G 99 -4.81 -92.43 11.77
CA VAL G 99 -6.13 -92.16 11.18
C VAL G 99 -6.84 -91.05 11.96
N ASN G 100 -6.73 -91.08 13.30
CA ASN G 100 -7.31 -90.02 14.12
C ASN G 100 -6.64 -88.68 13.88
N ALA G 101 -5.34 -88.67 13.56
CA ALA G 101 -4.64 -87.42 13.27
C ALA G 101 -5.05 -86.88 11.89
N ILE G 102 -5.27 -87.77 10.92
CA ILE G 102 -5.78 -87.34 9.62
C ILE G 102 -7.19 -86.76 9.76
N ILE G 103 -7.99 -87.32 10.67
CA ILE G 103 -9.33 -86.78 10.90
C ILE G 103 -9.26 -85.42 11.60
N ASN G 104 -8.46 -85.30 12.66
CA ASN G 104 -8.46 -84.12 13.51
C ASN G 104 -7.12 -83.37 13.50
N SER G 105 -6.52 -83.18 12.34
CA SER G 105 -5.29 -82.40 12.25
C SER G 105 -5.39 -81.20 11.33
N GLY G 106 -6.45 -80.40 11.45
CA GLY G 106 -6.47 -79.13 10.80
C GLY G 106 -7.82 -78.69 10.25
N PRO G 107 -7.86 -78.35 8.97
CA PRO G 107 -8.98 -77.57 8.43
C PRO G 107 -10.25 -78.40 8.27
N ARG G 108 -11.38 -77.80 8.62
CA ARG G 108 -12.69 -78.28 8.20
C ARG G 108 -13.35 -77.34 7.20
N GLU G 109 -12.88 -76.10 7.10
CA GLU G 109 -13.26 -75.17 6.05
C GLU G 109 -12.15 -74.16 5.88
N ASP G 110 -12.07 -73.58 4.68
CA ASP G 110 -11.09 -72.54 4.38
C ASP G 110 -11.76 -71.41 3.62
N SER G 111 -11.16 -70.23 3.72
CA SER G 111 -11.65 -69.03 3.06
C SER G 111 -10.76 -68.70 1.87
N THR G 112 -11.39 -68.36 0.74
CA THR G 112 -10.67 -68.04 -0.48
C THR G 112 -11.48 -67.00 -1.25
N ARG G 113 -10.95 -66.62 -2.42
CA ARG G 113 -11.59 -65.60 -3.24
C ARG G 113 -12.87 -66.10 -3.88
N ILE G 114 -13.76 -65.17 -4.20
CA ILE G 114 -14.96 -65.43 -4.98
C ILE G 114 -14.77 -64.59 -6.24
N GLY G 115 -15.66 -64.72 -7.22
CA GLY G 115 -15.52 -64.01 -8.48
C GLY G 115 -16.00 -62.57 -8.42
N ARG G 116 -16.85 -62.20 -9.40
CA ARG G 116 -17.58 -60.93 -9.54
C ARG G 116 -16.66 -59.76 -9.98
N ALA G 117 -15.34 -59.99 -9.96
CA ALA G 117 -14.30 -59.02 -10.32
C ALA G 117 -14.48 -57.69 -9.59
N GLY G 118 -14.70 -57.77 -8.28
CA GLY G 118 -14.92 -56.61 -7.45
C GLY G 118 -14.09 -56.68 -6.18
N THR G 119 -14.75 -56.39 -5.06
CA THR G 119 -14.08 -56.41 -3.77
C THR G 119 -13.87 -57.84 -3.31
N VAL G 120 -12.60 -58.21 -3.07
CA VAL G 120 -12.27 -59.53 -2.56
C VAL G 120 -12.65 -59.57 -1.08
N ARG G 121 -13.70 -60.33 -0.76
CA ARG G 121 -14.18 -60.42 0.62
C ARG G 121 -13.70 -61.65 1.35
N ARG G 122 -13.12 -62.63 0.63
CA ARG G 122 -12.60 -63.88 1.17
C ARG G 122 -13.67 -64.66 1.94
N GLN G 123 -14.69 -65.07 1.21
CA GLN G 123 -15.81 -65.79 1.80
C GLN G 123 -15.39 -67.20 2.19
N ALA G 124 -15.80 -67.62 3.39
CA ALA G 124 -15.48 -68.95 3.89
C ALA G 124 -16.29 -69.99 3.13
N VAL G 125 -15.60 -70.84 2.37
CA VAL G 125 -16.26 -71.84 1.53
C VAL G 125 -15.93 -73.22 2.07
N ASP G 126 -16.54 -74.25 1.47
CA ASP G 126 -16.21 -75.61 1.85
C ASP G 126 -14.85 -76.01 1.30
N VAL G 127 -14.34 -77.11 1.81
CA VAL G 127 -13.05 -77.65 1.41
C VAL G 127 -13.22 -79.11 1.06
N SER G 128 -12.51 -79.57 0.04
CA SER G 128 -12.56 -80.96 -0.38
C SER G 128 -11.96 -81.86 0.70
N PRO G 129 -12.51 -83.07 0.88
CA PRO G 129 -11.91 -84.00 1.84
C PRO G 129 -10.53 -84.48 1.43
N LEU G 130 -10.29 -84.63 0.12
CA LEU G 130 -8.94 -84.94 -0.34
C LEU G 130 -7.99 -83.81 -0.02
N ARG G 131 -8.45 -82.56 -0.17
CA ARG G 131 -7.62 -81.40 0.19
C ARG G 131 -7.40 -81.33 1.70
N ARG G 132 -8.37 -81.78 2.50
CA ARG G 132 -8.16 -81.85 3.94
C ARG G 132 -7.09 -82.88 4.29
N VAL G 133 -7.10 -84.04 3.62
CA VAL G 133 -6.06 -85.05 3.83
C VAL G 133 -4.69 -84.50 3.43
N ASN G 134 -4.64 -83.81 2.29
CA ASN G 134 -3.39 -83.22 1.79
C ASN G 134 -2.82 -82.20 2.77
N GLN G 135 -3.65 -81.24 3.18
CA GLN G 135 -3.19 -80.17 4.05
C GLN G 135 -2.92 -80.68 5.47
N ALA G 136 -3.62 -81.74 5.90
CA ALA G 136 -3.33 -82.34 7.19
C ALA G 136 -1.96 -83.01 7.20
N ILE G 137 -1.64 -83.79 6.17
CA ILE G 137 -0.34 -84.44 6.06
C ILE G 137 0.77 -83.39 5.94
N TRP G 138 0.49 -82.31 5.19
CA TRP G 138 1.48 -81.24 5.02
C TRP G 138 1.75 -80.50 6.33
N LEU G 139 0.70 -80.19 7.10
CA LEU G 139 0.89 -79.50 8.36
C LEU G 139 1.57 -80.41 9.40
N LEU G 140 1.26 -81.70 9.39
CA LEU G 140 1.91 -82.62 10.33
C LEU G 140 3.40 -82.76 10.04
N CYS G 141 3.77 -82.94 8.77
CA CYS G 141 5.19 -83.09 8.44
C CYS G 141 5.95 -81.78 8.60
N THR G 142 5.30 -80.63 8.33
CA THR G 142 5.96 -79.34 8.53
C THR G 142 6.18 -79.05 10.01
N GLY G 143 5.18 -79.36 10.85
CA GLY G 143 5.35 -79.19 12.28
C GLY G 143 6.40 -80.11 12.87
N ALA G 144 6.45 -81.36 12.38
CA ALA G 144 7.49 -82.28 12.83
C ALA G 144 8.88 -81.81 12.42
N ARG G 145 9.00 -81.27 11.20
CA ARG G 145 10.29 -80.78 10.71
C ARG G 145 10.78 -79.58 11.51
N GLU G 146 9.92 -78.58 11.72
CA GLU G 146 10.37 -77.42 12.46
C GLU G 146 10.40 -77.65 13.96
N ALA G 147 9.84 -78.76 14.45
CA ALA G 147 10.05 -79.12 15.85
C ALA G 147 11.36 -79.87 16.04
N ALA G 148 11.77 -80.67 15.06
CA ALA G 148 13.04 -81.37 15.12
C ALA G 148 14.18 -80.59 14.47
N PHE G 149 13.95 -79.34 14.09
CA PHE G 149 14.99 -78.49 13.56
C PHE G 149 15.72 -77.80 14.72
N ARG G 150 17.05 -77.93 14.74
CA ARG G 150 17.96 -77.33 15.73
C ARG G 150 17.64 -77.77 17.17
N ASN G 151 17.69 -79.09 17.38
CA ASN G 151 17.53 -79.64 18.72
C ASN G 151 18.26 -80.99 18.79
N ILE G 152 18.07 -81.70 19.90
CA ILE G 152 18.63 -83.02 20.06
C ILE G 152 17.62 -84.10 19.63
N LYS G 153 16.33 -83.78 19.65
CA LYS G 153 15.31 -84.71 19.19
C LYS G 153 15.41 -84.97 17.70
N THR G 154 14.93 -86.14 17.29
CA THR G 154 15.03 -86.58 15.90
C THR G 154 13.74 -86.29 15.15
N ILE G 155 13.82 -86.47 13.82
CA ILE G 155 12.65 -86.33 12.95
C ILE G 155 11.57 -87.32 13.35
N ALA G 156 11.98 -88.56 13.64
CA ALA G 156 11.02 -89.60 14.00
C ALA G 156 10.38 -89.34 15.36
N GLU G 157 11.18 -88.85 16.32
CA GLU G 157 10.65 -88.57 17.65
C GLU G 157 9.70 -87.39 17.63
N CYS G 158 10.03 -86.33 16.89
CA CYS G 158 9.11 -85.21 16.81
C CYS G 158 7.90 -85.52 15.94
N LEU G 159 8.02 -86.43 14.97
CA LEU G 159 6.85 -86.85 14.21
C LEU G 159 5.92 -87.71 15.06
N ALA G 160 6.48 -88.56 15.93
CA ALA G 160 5.67 -89.32 16.86
C ALA G 160 4.97 -88.42 17.87
N ASP G 161 5.70 -87.43 18.40
CA ASP G 161 5.10 -86.49 19.34
C ASP G 161 4.04 -85.62 18.66
N GLU G 162 4.24 -85.29 17.38
CA GLU G 162 3.26 -84.52 16.64
C GLU G 162 2.00 -85.33 16.37
N LEU G 163 2.16 -86.61 16.02
CA LEU G 163 0.98 -87.45 15.81
C LEU G 163 0.21 -87.69 17.10
N ILE G 164 0.92 -87.83 18.22
CA ILE G 164 0.23 -88.02 19.50
C ILE G 164 -0.49 -86.75 19.94
N ASN G 165 0.18 -85.59 19.84
CA ASN G 165 -0.44 -84.33 20.22
C ASN G 165 -1.46 -83.85 19.21
N ALA G 166 -1.53 -84.46 18.02
CA ALA G 166 -2.62 -84.17 17.10
C ALA G 166 -3.78 -85.13 17.24
N ALA G 167 -3.53 -86.39 17.61
CA ALA G 167 -4.62 -87.31 17.88
C ALA G 167 -5.32 -86.98 19.18
N LYS G 168 -4.57 -86.50 20.17
CA LYS G 168 -5.16 -86.04 21.43
C LYS G 168 -5.40 -84.54 21.35
N GLY G 169 -6.59 -84.09 21.73
CA GLY G 169 -6.92 -82.68 21.69
C GLY G 169 -6.28 -81.88 22.81
N SER G 170 -4.95 -81.73 22.77
CA SER G 170 -4.22 -81.01 23.79
C SER G 170 -3.87 -79.58 23.39
N SER G 171 -4.07 -79.22 22.11
CA SER G 171 -3.82 -77.88 21.56
C SER G 171 -2.37 -77.43 21.75
N ASN G 172 -1.43 -78.38 21.69
CA ASN G 172 -0.02 -78.08 21.89
C ASN G 172 0.84 -78.42 20.67
N SER G 173 0.24 -78.82 19.56
CA SER G 173 0.96 -79.16 18.35
C SER G 173 0.72 -78.10 17.28
N TYR G 174 1.66 -78.05 16.32
CA TYR G 174 1.62 -77.00 15.29
C TYR G 174 0.49 -77.21 14.31
N ALA G 175 0.03 -78.46 14.15
CA ALA G 175 -1.15 -78.71 13.34
C ALA G 175 -2.39 -78.08 13.97
N ILE G 176 -2.51 -78.17 15.30
CA ILE G 176 -3.65 -77.54 15.96
C ILE G 176 -3.45 -76.02 16.03
N LYS G 177 -2.19 -75.56 16.05
CA LYS G 177 -1.93 -74.12 16.01
C LYS G 177 -2.36 -73.51 14.68
N LYS G 178 -2.03 -74.16 13.56
CA LYS G 178 -2.52 -73.69 12.27
C LYS G 178 -3.99 -74.03 12.03
N LYS G 179 -4.54 -75.02 12.74
CA LYS G 179 -5.99 -75.19 12.76
C LYS G 179 -6.67 -73.98 13.38
N ASP G 180 -6.12 -73.47 14.48
CA ASP G 180 -6.62 -72.23 15.07
C ASP G 180 -6.43 -71.07 14.11
N GLU G 181 -5.26 -70.99 13.47
CA GLU G 181 -4.95 -69.90 12.54
C GLU G 181 -5.87 -69.91 11.32
N LEU G 182 -6.34 -71.08 10.91
CA LEU G 182 -7.27 -71.11 9.78
C LEU G 182 -8.72 -70.91 10.21
N GLU G 183 -9.16 -71.58 11.28
CA GLU G 183 -10.58 -71.50 11.64
C GLU G 183 -10.98 -70.21 12.35
N ARG G 184 -10.08 -69.52 13.07
CA ARG G 184 -10.46 -68.22 13.60
C ARG G 184 -10.62 -67.19 12.49
N VAL G 185 -9.74 -67.23 11.48
CA VAL G 185 -9.89 -66.36 10.32
C VAL G 185 -11.12 -66.75 9.51
N ALA G 186 -11.46 -68.04 9.46
CA ALA G 186 -12.65 -68.49 8.74
C ALA G 186 -13.93 -68.04 9.44
N LYS G 187 -13.96 -68.09 10.78
CA LYS G 187 -15.10 -67.57 11.52
C LYS G 187 -15.18 -66.06 11.43
N SER G 188 -14.04 -65.37 11.32
CA SER G 188 -14.06 -63.93 11.19
C SER G 188 -14.51 -63.46 9.81
N ASN G 189 -14.14 -64.20 8.77
CA ASN G 189 -14.55 -63.87 7.40
C ASN G 189 -15.74 -64.69 6.93
N ARG G 190 -16.40 -65.38 7.85
CA ARG G 190 -17.62 -66.13 7.54
C ARG G 190 -18.76 -65.19 7.17
N MET H 1 68.12 -62.93 -51.28
CA MET H 1 66.75 -63.03 -51.75
C MET H 1 66.73 -63.95 -52.97
N LEU H 2 67.93 -64.19 -53.50
CA LEU H 2 68.09 -64.99 -54.71
C LEU H 2 67.79 -66.45 -54.46
N MET H 3 66.80 -66.98 -55.18
CA MET H 3 66.51 -68.40 -55.16
C MET H 3 67.66 -69.17 -55.82
N PRO H 4 67.92 -70.39 -55.36
CA PRO H 4 68.97 -71.19 -56.02
C PRO H 4 68.56 -71.62 -57.41
N LYS H 5 69.57 -71.76 -58.28
CA LYS H 5 69.33 -72.11 -59.68
C LYS H 5 68.75 -73.51 -59.81
N LYS H 6 69.11 -74.41 -58.89
CA LYS H 6 68.53 -75.75 -58.86
C LYS H 6 67.02 -75.70 -58.61
N ASN H 7 66.58 -74.86 -57.68
CA ASN H 7 65.15 -74.67 -57.46
C ASN H 7 64.49 -73.97 -58.64
N ARG H 8 65.15 -72.94 -59.19
CA ARG H 8 64.59 -72.16 -60.29
C ARG H 8 64.47 -72.96 -61.58
N ILE H 9 65.25 -74.02 -61.75
CA ILE H 9 65.00 -74.93 -62.86
C ILE H 9 64.12 -76.11 -62.44
N ALA H 10 64.09 -76.46 -61.15
CA ALA H 10 63.42 -77.69 -60.74
C ALA H 10 61.92 -77.52 -60.58
N ILE H 11 61.45 -76.35 -60.11
CA ILE H 11 60.01 -76.17 -59.98
C ILE H 11 59.36 -76.05 -61.35
N TYR H 12 60.04 -75.40 -62.30
CA TYR H 12 59.54 -75.36 -63.66
C TYR H 12 59.76 -76.68 -64.39
N GLU H 13 60.74 -77.48 -63.98
CA GLU H 13 60.88 -78.83 -64.52
C GLU H 13 59.75 -79.73 -64.05
N LEU H 14 59.34 -79.59 -62.78
CA LEU H 14 58.18 -80.35 -62.29
C LEU H 14 56.89 -79.88 -62.98
N LEU H 15 56.78 -78.58 -63.24
CA LEU H 15 55.64 -78.07 -63.99
C LEU H 15 55.66 -78.57 -65.44
N PHE H 16 56.86 -78.71 -66.03
CA PHE H 16 56.98 -79.31 -67.35
C PHE H 16 56.64 -80.80 -67.34
N LYS H 17 56.97 -81.50 -66.26
CA LYS H 17 56.68 -82.93 -66.18
C LYS H 17 55.20 -83.20 -66.00
N GLU H 18 54.50 -82.39 -65.20
CA GLU H 18 53.10 -82.67 -64.90
C GLU H 18 52.15 -81.61 -65.44
N GLY H 19 52.36 -80.34 -65.10
CA GLY H 19 51.45 -79.28 -65.46
C GLY H 19 50.47 -78.90 -64.39
N VAL H 20 50.39 -79.67 -63.30
CA VAL H 20 49.50 -79.40 -62.19
C VAL H 20 50.35 -79.21 -60.94
N MET H 21 50.29 -78.03 -60.35
CA MET H 21 51.04 -77.69 -59.15
C MET H 21 50.08 -77.46 -57.98
N VAL H 22 50.53 -77.83 -56.79
CA VAL H 22 49.72 -77.79 -55.58
C VAL H 22 50.58 -77.29 -54.42
N ALA H 23 50.06 -76.31 -53.69
CA ALA H 23 50.68 -75.86 -52.45
C ALA H 23 49.58 -75.46 -51.48
N LYS H 24 49.96 -74.96 -50.31
CA LYS H 24 48.95 -74.52 -49.36
C LYS H 24 49.21 -73.10 -48.88
N LYS H 25 48.44 -72.65 -47.88
CA LYS H 25 48.50 -71.28 -47.42
C LYS H 25 49.60 -71.05 -46.39
N ASP H 26 50.06 -72.12 -45.74
CA ASP H 26 50.88 -72.06 -44.53
C ASP H 26 52.28 -71.54 -44.87
N VAL H 27 52.47 -70.23 -44.77
CA VAL H 27 53.78 -69.61 -45.05
C VAL H 27 54.53 -69.48 -43.73
N HIS H 28 55.15 -70.60 -43.32
CA HIS H 28 56.36 -70.65 -42.51
C HIS H 28 56.22 -70.15 -41.05
N MET H 29 55.10 -69.54 -40.67
CA MET H 29 55.10 -68.96 -39.33
C MET H 29 54.79 -69.91 -38.16
N PRO H 30 53.84 -70.89 -38.22
CA PRO H 30 53.73 -71.81 -37.08
C PRO H 30 54.77 -72.92 -37.11
N LYS H 31 55.07 -73.39 -38.33
CA LYS H 31 55.73 -74.66 -38.56
C LYS H 31 56.34 -74.59 -39.95
N HIS H 32 57.32 -75.46 -40.21
CA HIS H 32 57.99 -75.56 -41.51
C HIS H 32 57.74 -76.95 -42.11
N PRO H 33 56.56 -77.19 -42.73
CA PRO H 33 56.37 -78.46 -43.44
C PRO H 33 56.89 -78.35 -44.87
N GLU H 34 57.90 -79.13 -45.23
CA GLU H 34 58.40 -79.10 -46.59
C GLU H 34 57.37 -79.68 -47.56
N LEU H 35 57.51 -79.30 -48.83
CA LEU H 35 56.58 -79.72 -49.86
C LEU H 35 56.72 -81.22 -50.13
N ALA H 36 55.59 -81.86 -50.47
CA ALA H 36 55.59 -83.29 -50.71
C ALA H 36 56.30 -83.67 -52.00
N ASP H 37 56.51 -82.71 -52.91
CA ASP H 37 57.23 -82.95 -54.15
C ASP H 37 58.62 -82.34 -54.17
N LYS H 38 58.80 -81.16 -53.59
CA LYS H 38 60.09 -80.47 -53.67
C LYS H 38 60.65 -80.09 -52.31
N ASN H 39 61.69 -79.27 -52.29
CA ASN H 39 62.41 -78.96 -51.07
C ASN H 39 61.85 -77.74 -50.34
N VAL H 40 61.59 -76.65 -51.07
CA VAL H 40 61.13 -75.42 -50.44
C VAL H 40 59.66 -75.57 -50.06
N PRO H 41 59.25 -75.14 -48.86
CA PRO H 41 57.87 -75.41 -48.41
C PRO H 41 56.76 -74.67 -49.15
N ASN H 42 56.70 -73.34 -49.01
CA ASN H 42 55.60 -72.58 -49.62
C ASN H 42 56.02 -71.23 -50.18
N LEU H 43 57.08 -70.59 -49.65
CA LEU H 43 57.35 -69.20 -49.98
C LEU H 43 58.00 -69.06 -51.35
N HIS H 44 59.00 -69.90 -51.62
CA HIS H 44 59.64 -69.90 -52.93
C HIS H 44 58.71 -70.44 -54.00
N VAL H 45 57.79 -71.34 -53.62
CA VAL H 45 56.77 -71.83 -54.55
C VAL H 45 55.81 -70.72 -54.93
N MET H 46 55.36 -69.93 -53.95
CA MET H 46 54.48 -68.79 -54.24
C MET H 46 55.20 -67.72 -55.05
N LYS H 47 56.49 -67.49 -54.76
CA LYS H 47 57.24 -66.50 -55.53
C LYS H 47 57.50 -66.97 -56.95
N ALA H 48 57.63 -68.27 -57.17
CA ALA H 48 57.78 -68.80 -58.52
C ALA H 48 56.47 -68.78 -59.29
N MET H 49 55.35 -69.02 -58.63
CA MET H 49 54.07 -69.10 -59.34
C MET H 49 53.34 -67.76 -59.43
N GLN H 50 53.77 -66.74 -58.68
CA GLN H 50 53.13 -65.44 -58.79
C GLN H 50 53.49 -64.74 -60.10
N SER H 51 54.68 -65.01 -60.64
CA SER H 51 55.04 -64.48 -61.94
C SER H 51 54.27 -65.15 -63.06
N LEU H 52 53.80 -66.38 -62.86
CA LEU H 52 52.98 -67.04 -63.86
C LEU H 52 51.52 -66.61 -63.75
N LYS H 53 50.99 -66.49 -62.53
CA LYS H 53 49.61 -66.07 -62.37
C LYS H 53 49.42 -64.58 -62.56
N SER H 54 50.50 -63.79 -62.56
CA SER H 54 50.37 -62.35 -62.77
C SER H 54 50.17 -62.01 -64.23
N ARG H 55 50.95 -62.62 -65.12
CA ARG H 55 50.91 -62.32 -66.54
C ARG H 55 49.87 -63.15 -67.29
N GLY H 56 48.99 -63.84 -66.57
CA GLY H 56 47.96 -64.64 -67.23
C GLY H 56 48.48 -65.91 -67.85
N TYR H 57 49.52 -66.52 -67.27
CA TYR H 57 50.10 -67.72 -67.85
C TYR H 57 49.47 -68.98 -67.26
N VAL H 58 49.46 -69.07 -65.92
CA VAL H 58 48.95 -70.23 -65.21
C VAL H 58 47.85 -69.75 -64.26
N LYS H 59 46.66 -70.34 -64.36
CA LYS H 59 45.53 -69.88 -63.58
C LYS H 59 45.61 -70.39 -62.14
N GLU H 60 44.84 -69.76 -61.27
CA GLU H 60 44.88 -70.00 -59.83
C GLU H 60 43.53 -70.51 -59.34
N GLN H 61 43.54 -71.51 -58.47
CA GLN H 61 42.34 -72.01 -57.80
C GLN H 61 42.67 -72.26 -56.34
N PHE H 62 41.61 -72.33 -55.52
CA PHE H 62 41.75 -72.43 -54.07
C PHE H 62 40.79 -73.48 -53.53
N ALA H 63 41.30 -74.41 -52.72
CA ALA H 63 40.46 -75.42 -52.05
C ALA H 63 40.79 -75.41 -50.56
N TRP H 64 40.24 -74.44 -49.86
CA TRP H 64 40.09 -74.30 -48.41
C TRP H 64 41.39 -74.10 -47.63
N ARG H 65 42.53 -74.46 -48.20
CA ARG H 65 43.83 -73.95 -47.75
C ARG H 65 44.76 -73.86 -48.94
N HIS H 66 44.43 -74.61 -49.99
CA HIS H 66 45.40 -75.10 -50.95
C HIS H 66 45.27 -74.38 -52.28
N PHE H 67 46.38 -73.79 -52.72
CA PHE H 67 46.48 -73.18 -54.04
C PHE H 67 46.78 -74.26 -55.07
N TYR H 68 45.84 -74.47 -55.98
CA TYR H 68 46.04 -75.33 -57.13
C TYR H 68 46.32 -74.46 -58.34
N TRP H 69 47.17 -74.94 -59.23
CA TRP H 69 47.54 -74.18 -60.41
C TRP H 69 47.07 -74.90 -61.66
N TYR H 70 46.43 -74.15 -62.55
CA TYR H 70 45.67 -74.68 -63.67
C TYR H 70 46.36 -74.30 -64.98
N LEU H 71 46.49 -75.29 -65.87
CA LEU H 71 47.22 -75.13 -67.12
C LEU H 71 46.24 -74.88 -68.27
N THR H 72 46.63 -74.00 -69.19
CA THR H 72 45.83 -73.60 -70.33
C THR H 72 46.63 -73.89 -71.60
N ASN H 73 45.92 -74.08 -72.72
CA ASN H 73 46.59 -74.15 -74.02
C ASN H 73 47.33 -72.85 -74.33
N GLU H 74 46.70 -71.72 -74.04
CA GLU H 74 47.40 -70.44 -74.11
C GLU H 74 48.53 -70.37 -73.09
N GLY H 75 48.36 -71.04 -71.94
CA GLY H 75 49.45 -71.14 -70.99
C GLY H 75 50.67 -71.85 -71.55
N ILE H 76 50.44 -72.91 -72.32
CA ILE H 76 51.55 -73.61 -72.98
C ILE H 76 52.12 -72.75 -74.11
N GLN H 77 51.26 -71.98 -74.79
CA GLN H 77 51.71 -71.08 -75.85
C GLN H 77 52.59 -69.95 -75.30
N TYR H 78 52.34 -69.51 -74.06
CA TYR H 78 53.24 -68.56 -73.42
C TYR H 78 54.44 -69.21 -72.73
N LEU H 79 54.31 -70.46 -72.30
CA LEU H 79 55.45 -71.20 -71.75
C LEU H 79 56.33 -71.82 -72.82
N ARG H 80 56.01 -71.59 -74.10
CA ARG H 80 56.93 -71.92 -75.20
C ARG H 80 58.31 -71.26 -75.02
N ASP H 81 58.35 -70.06 -74.42
CA ASP H 81 59.62 -69.41 -74.13
C ASP H 81 60.45 -70.22 -73.14
N TYR H 82 59.81 -70.87 -72.17
CA TYR H 82 60.53 -71.82 -71.33
C TYR H 82 60.82 -73.12 -72.07
N LEU H 83 59.92 -73.52 -72.98
CA LEU H 83 60.10 -74.71 -73.79
C LEU H 83 61.25 -74.58 -74.79
N HIS H 84 61.79 -73.38 -74.99
CA HIS H 84 63.03 -73.24 -75.77
C HIS H 84 64.21 -73.95 -75.12
N LEU H 85 64.23 -74.04 -73.78
CA LEU H 85 65.34 -74.65 -73.07
C LEU H 85 65.39 -76.19 -73.20
N PRO H 86 64.29 -76.95 -73.14
CA PRO H 86 64.36 -78.36 -73.57
C PRO H 86 64.07 -78.48 -75.05
N PRO H 87 64.15 -79.68 -75.62
CA PRO H 87 63.50 -79.89 -76.93
C PRO H 87 61.98 -79.83 -76.80
N GLU H 88 61.33 -79.65 -77.96
CA GLU H 88 59.89 -79.40 -78.01
C GLU H 88 59.12 -80.66 -77.64
N ILE H 89 58.68 -80.73 -76.38
CA ILE H 89 57.94 -81.87 -75.86
C ILE H 89 56.66 -81.34 -75.21
N VAL H 90 55.52 -81.77 -75.72
CA VAL H 90 54.25 -81.49 -75.05
C VAL H 90 54.17 -82.30 -73.77
N PRO H 91 53.81 -81.72 -72.62
CA PRO H 91 53.73 -82.49 -71.37
C PRO H 91 52.60 -83.50 -71.38
N ALA H 92 52.53 -84.26 -70.30
CA ALA H 92 51.60 -85.39 -70.20
C ALA H 92 50.19 -84.95 -69.82
N THR H 93 49.64 -83.99 -70.55
CA THR H 93 48.28 -83.52 -70.40
C THR H 93 47.51 -83.47 -71.71
N LEU H 94 48.19 -83.12 -72.81
CA LEU H 94 47.53 -82.76 -74.05
C LEU H 94 47.83 -83.70 -75.22
N ARG H 95 49.07 -84.17 -75.36
CA ARG H 95 49.46 -84.89 -76.57
C ARG H 95 48.83 -86.28 -76.63
N ARG H 96 49.19 -87.14 -75.68
CA ARG H 96 48.75 -88.53 -75.71
C ARG H 96 47.48 -88.72 -74.87
N SER H 97 46.75 -89.79 -75.17
CA SER H 97 45.51 -90.10 -74.48
C SER H 97 45.25 -91.59 -74.59
N ARG H 98 44.72 -92.16 -73.52
CA ARG H 98 44.41 -93.59 -73.48
C ARG H 98 42.90 -93.81 -73.43
N VAL I 1 84.98 -63.60 -92.44
CA VAL I 1 85.22 -65.00 -92.16
C VAL I 1 84.07 -65.55 -91.34
N MET I 2 83.47 -66.65 -91.80
CA MET I 2 82.19 -67.10 -91.25
C MET I 2 82.39 -68.00 -90.02
N ASP I 3 83.26 -69.01 -90.13
CA ASP I 3 83.34 -70.05 -89.11
C ASP I 3 83.93 -69.55 -87.79
N VAL I 4 84.78 -68.52 -87.82
CA VAL I 4 85.35 -67.95 -86.60
C VAL I 4 84.25 -67.31 -85.75
N ASN I 5 83.32 -66.60 -86.38
CA ASN I 5 82.18 -66.06 -85.64
C ASN I 5 81.18 -67.15 -85.30
N THR I 6 81.01 -68.14 -86.18
CA THR I 6 79.96 -69.15 -86.02
C THR I 6 80.26 -70.09 -84.85
N ALA I 7 81.48 -70.63 -84.80
CA ALA I 7 81.85 -71.51 -83.70
C ALA I 7 81.91 -70.77 -82.37
N LEU I 8 82.29 -69.49 -82.41
CA LEU I 8 82.33 -68.67 -81.20
C LEU I 8 80.92 -68.44 -80.64
N GLN I 9 79.98 -68.04 -81.49
CA GLN I 9 78.61 -67.81 -81.00
C GLN I 9 77.94 -69.14 -80.65
N GLU I 10 78.35 -70.24 -81.28
CA GLU I 10 77.81 -71.56 -80.94
C GLU I 10 78.26 -72.01 -79.56
N VAL I 11 79.55 -71.88 -79.26
CA VAL I 11 80.04 -72.31 -77.95
C VAL I 11 79.60 -71.35 -76.86
N LEU I 12 79.40 -70.06 -77.18
CA LEU I 12 78.87 -69.14 -76.19
C LEU I 12 77.39 -69.37 -75.93
N LYS I 13 76.61 -69.73 -76.95
CA LYS I 13 75.21 -70.07 -76.73
C LYS I 13 75.08 -71.38 -75.94
N THR I 14 75.94 -72.36 -76.23
CA THR I 14 75.93 -73.61 -75.49
C THR I 14 76.33 -73.40 -74.02
N ALA I 15 77.31 -72.54 -73.78
CA ALA I 15 77.68 -72.22 -72.40
C ALA I 15 76.62 -71.38 -71.71
N LEU I 16 75.85 -70.59 -72.47
CA LEU I 16 74.76 -69.83 -71.87
C LEU I 16 73.60 -70.74 -71.50
N ILE I 17 73.37 -71.81 -72.27
CA ILE I 17 72.36 -72.80 -71.88
C ILE I 17 72.85 -73.62 -70.69
N HIS I 18 74.09 -74.08 -70.72
CA HIS I 18 74.63 -74.93 -69.66
C HIS I 18 74.94 -74.08 -68.43
N ASP I 19 75.11 -74.76 -67.29
CA ASP I 19 75.35 -74.08 -66.03
C ASP I 19 76.77 -73.51 -65.94
N GLY I 20 77.73 -74.13 -66.62
CA GLY I 20 79.13 -73.76 -66.48
C GLY I 20 79.55 -72.48 -67.19
N LEU I 21 78.96 -71.36 -66.81
CA LEU I 21 79.25 -70.07 -67.42
C LEU I 21 79.53 -69.06 -66.32
N ALA I 22 80.68 -68.39 -66.39
CA ALA I 22 81.13 -67.49 -65.34
C ALA I 22 81.35 -66.11 -65.92
N ARG I 23 80.79 -65.10 -65.26
CA ARG I 23 80.89 -63.70 -65.69
C ARG I 23 81.30 -62.84 -64.51
N GLY I 24 82.52 -62.30 -64.56
CA GLY I 24 82.98 -61.41 -63.51
C GLY I 24 84.40 -61.66 -63.07
N ILE I 25 85.00 -60.67 -62.41
CA ILE I 25 86.38 -60.81 -61.93
C ILE I 25 86.44 -61.81 -60.78
N ARG I 26 85.54 -61.67 -59.81
CA ARG I 26 85.52 -62.57 -58.65
C ARG I 26 85.17 -64.00 -59.05
N GLU I 27 84.14 -64.16 -59.89
CA GLU I 27 83.72 -65.48 -60.31
C GLU I 27 84.74 -66.13 -61.24
N ALA I 28 85.38 -65.32 -62.09
CA ALA I 28 86.42 -65.84 -62.97
C ALA I 28 87.66 -66.26 -62.20
N ALA I 29 88.07 -65.47 -61.20
CA ALA I 29 89.20 -65.85 -60.36
C ALA I 29 88.87 -67.06 -59.51
N LYS I 30 87.62 -67.20 -59.06
CA LYS I 30 87.20 -68.37 -58.31
C LYS I 30 87.24 -69.62 -59.18
N ALA I 31 86.79 -69.51 -60.44
CA ALA I 31 86.82 -70.66 -61.33
C ALA I 31 88.26 -71.04 -61.70
N LEU I 32 89.12 -70.05 -61.92
CA LEU I 32 90.51 -70.35 -62.26
C LEU I 32 91.30 -70.85 -61.05
N ASP I 33 90.86 -70.53 -59.82
CA ASP I 33 91.49 -71.10 -58.64
C ASP I 33 90.96 -72.50 -58.32
N LYS I 34 89.68 -72.76 -58.59
CA LYS I 34 89.12 -74.09 -58.39
C LYS I 34 89.50 -75.05 -59.51
N ARG I 35 90.01 -74.53 -60.64
CA ARG I 35 90.49 -75.31 -61.79
C ARG I 35 89.39 -76.18 -62.40
N GLN I 36 88.14 -75.73 -62.32
CA GLN I 36 87.01 -76.37 -62.97
C GLN I 36 86.69 -75.71 -64.31
N ALA I 37 87.65 -75.00 -64.88
CA ALA I 37 87.45 -74.23 -66.09
C ALA I 37 88.13 -74.89 -67.28
N HIS I 38 87.58 -74.68 -68.47
CA HIS I 38 88.17 -75.18 -69.70
C HIS I 38 88.43 -74.12 -70.75
N LEU I 39 87.83 -72.94 -70.64
CA LEU I 39 88.06 -71.89 -71.63
C LEU I 39 87.85 -70.53 -70.98
N CYS I 40 88.65 -69.55 -71.36
CA CYS I 40 88.52 -68.20 -70.83
C CYS I 40 88.60 -67.18 -71.95
N VAL I 41 87.80 -66.12 -71.84
CA VAL I 41 87.72 -65.04 -72.80
C VAL I 41 87.94 -63.74 -72.06
N LEU I 42 88.97 -62.99 -72.45
CA LEU I 42 89.18 -61.65 -71.90
C LEU I 42 88.92 -60.60 -72.96
N ALA I 43 88.75 -59.36 -72.51
CA ALA I 43 88.60 -58.22 -73.39
C ALA I 43 89.80 -57.30 -73.29
N SER I 44 90.17 -56.71 -74.42
CA SER I 44 91.43 -55.98 -74.54
C SER I 44 91.30 -54.50 -74.22
N ASN I 45 90.25 -53.84 -74.70
CA ASN I 45 90.07 -52.40 -74.49
C ASN I 45 89.68 -52.15 -73.03
N CYS I 46 90.67 -51.81 -72.21
CA CYS I 46 90.47 -51.65 -70.78
C CYS I 46 91.03 -50.31 -70.32
N ASP I 47 90.37 -49.72 -69.33
CA ASP I 47 90.85 -48.49 -68.70
C ASP I 47 91.50 -48.74 -67.34
N GLU I 48 91.32 -49.92 -66.76
CA GLU I 48 91.87 -50.33 -65.49
C GLU I 48 93.30 -50.85 -65.65
N PRO I 49 94.23 -50.40 -64.82
CA PRO I 49 95.61 -50.89 -64.94
C PRO I 49 95.75 -52.30 -64.38
N MET I 50 96.60 -53.09 -65.06
CA MET I 50 96.96 -54.46 -64.67
C MET I 50 95.74 -55.37 -64.62
N TYR I 51 94.92 -55.32 -65.67
CA TYR I 51 93.69 -56.11 -65.72
C TYR I 51 93.92 -57.44 -66.44
N VAL I 52 94.32 -57.39 -67.72
CA VAL I 52 94.45 -58.60 -68.51
C VAL I 52 95.69 -59.40 -68.16
N LYS I 53 96.70 -58.76 -67.54
CA LYS I 53 97.91 -59.46 -67.15
C LYS I 53 97.64 -60.44 -66.02
N LEU I 54 96.75 -60.09 -65.09
CA LEU I 54 96.38 -61.01 -64.03
C LEU I 54 95.61 -62.20 -64.57
N VAL I 55 94.76 -61.98 -65.57
CA VAL I 55 93.98 -63.07 -66.16
C VAL I 55 94.89 -64.03 -66.93
N GLU I 56 95.80 -63.49 -67.74
CA GLU I 56 96.71 -64.36 -68.47
C GLU I 56 97.74 -65.00 -67.54
N ALA I 57 98.04 -64.38 -66.40
CA ALA I 57 98.93 -65.00 -65.43
C ALA I 57 98.25 -66.16 -64.72
N LEU I 58 96.96 -66.01 -64.39
CA LEU I 58 96.19 -67.11 -63.84
C LEU I 58 96.07 -68.26 -64.85
N CYS I 59 95.85 -67.93 -66.12
CA CYS I 59 95.77 -68.97 -67.16
C CYS I 59 97.12 -69.67 -67.36
N ALA I 60 98.23 -68.93 -67.27
CA ALA I 60 99.54 -69.54 -67.42
C ALA I 60 99.91 -70.40 -66.22
N GLU I 61 99.55 -69.96 -65.02
CA GLU I 61 99.88 -70.72 -63.81
C GLU I 61 98.93 -71.87 -63.58
N HIS I 62 97.75 -71.89 -64.21
CA HIS I 62 96.79 -72.96 -64.00
C HIS I 62 96.57 -73.82 -65.24
N GLN I 63 97.26 -73.53 -66.36
CA GLN I 63 97.22 -74.31 -67.60
C GLN I 63 95.80 -74.42 -68.17
N ILE I 64 95.10 -73.28 -68.18
CA ILE I 64 93.72 -73.20 -68.65
C ILE I 64 93.70 -72.30 -69.88
N ASN I 65 92.95 -72.73 -70.90
CA ASN I 65 92.99 -72.10 -72.22
C ASN I 65 92.42 -70.69 -72.19
N LEU I 66 93.06 -69.79 -72.93
CA LEU I 66 92.76 -68.36 -72.91
C LEU I 66 92.63 -67.84 -74.33
N ILE I 67 91.73 -66.87 -74.52
CA ILE I 67 91.55 -66.21 -75.81
C ILE I 67 91.05 -64.79 -75.52
N LYS I 68 91.27 -63.90 -76.50
CA LYS I 68 90.99 -62.48 -76.31
C LYS I 68 90.07 -61.95 -77.41
N VAL I 69 89.21 -61.02 -77.01
CA VAL I 69 88.36 -60.22 -77.88
C VAL I 69 88.70 -58.77 -77.57
N ASP I 70 88.54 -57.88 -78.56
CA ASP I 70 89.04 -56.51 -78.44
C ASP I 70 88.33 -55.71 -77.36
N ASP I 71 87.01 -55.85 -77.21
CA ASP I 71 86.31 -55.10 -76.19
C ASP I 71 85.13 -55.89 -75.65
N ASN I 72 84.61 -55.46 -74.51
CA ASN I 72 83.45 -56.07 -73.87
C ASN I 72 82.13 -55.48 -74.32
N LYS I 73 82.14 -54.35 -75.03
CA LYS I 73 80.91 -53.75 -75.54
C LYS I 73 80.25 -54.63 -76.59
N LYS I 74 81.04 -55.39 -77.34
CA LYS I 74 80.47 -56.40 -78.22
C LYS I 74 80.25 -57.72 -77.48
N LEU I 75 81.11 -58.05 -76.52
CA LEU I 75 80.97 -59.29 -75.76
C LEU I 75 79.70 -59.32 -74.91
N GLY I 76 79.16 -58.15 -74.56
CA GLY I 76 77.89 -58.12 -73.84
C GLY I 76 76.74 -58.68 -74.66
N GLU I 77 76.73 -58.44 -75.96
CA GLU I 77 75.73 -59.06 -76.81
C GLU I 77 76.20 -60.39 -77.41
N TRP I 78 77.49 -60.70 -77.34
CA TRP I 78 77.92 -62.08 -77.60
C TRP I 78 77.40 -63.03 -76.53
N VAL I 79 77.39 -62.61 -75.28
CA VAL I 79 77.05 -63.48 -74.15
C VAL I 79 75.59 -63.31 -73.74
N GLY I 80 75.15 -62.07 -73.53
CA GLY I 80 73.84 -61.81 -72.97
C GLY I 80 73.88 -60.93 -71.74
N LEU I 81 74.92 -60.09 -71.64
CA LEU I 81 75.04 -59.11 -70.56
C LEU I 81 74.26 -57.82 -70.89
N CYS I 82 72.95 -57.99 -71.06
CA CYS I 82 72.06 -56.89 -71.39
C CYS I 82 70.62 -57.27 -71.03
N LYS I 83 69.90 -56.32 -70.45
CA LYS I 83 68.49 -56.52 -70.11
C LYS I 83 67.65 -56.41 -71.38
N ILE I 84 67.02 -57.51 -71.78
CA ILE I 84 66.26 -57.58 -73.01
C ILE I 84 64.80 -57.91 -72.70
N ASP I 85 63.96 -57.72 -73.71
CA ASP I 85 62.59 -58.18 -73.69
C ASP I 85 62.52 -59.61 -74.23
N ARG I 86 61.32 -60.08 -74.56
CA ARG I 86 61.14 -61.42 -75.12
C ARG I 86 61.39 -61.48 -76.62
N GLU I 87 62.07 -60.49 -77.21
CA GLU I 87 62.37 -60.51 -78.64
C GLU I 87 63.86 -60.33 -78.88
N GLY I 88 64.54 -59.53 -78.06
CA GLY I 88 65.98 -59.45 -78.14
C GLY I 88 66.59 -58.07 -78.29
N LYS I 89 65.86 -57.02 -77.92
CA LYS I 89 66.41 -55.67 -77.98
C LYS I 89 67.16 -55.35 -76.69
N PRO I 90 68.45 -55.05 -76.75
CA PRO I 90 69.18 -54.70 -75.53
C PRO I 90 68.92 -53.27 -75.10
N ARG I 91 69.28 -52.98 -73.85
CA ARG I 91 69.10 -51.66 -73.25
C ARG I 91 70.39 -51.27 -72.53
N LYS I 92 71.25 -50.54 -73.22
CA LYS I 92 72.56 -50.06 -72.74
C LYS I 92 73.43 -51.25 -72.29
N VAL I 93 73.81 -52.04 -73.30
CA VAL I 93 74.57 -53.27 -73.08
C VAL I 93 75.94 -52.95 -72.49
N VAL I 94 76.32 -53.69 -71.45
CA VAL I 94 77.61 -53.53 -70.79
C VAL I 94 78.37 -54.84 -70.83
N GLY I 95 79.57 -54.86 -70.25
CA GLY I 95 80.38 -56.06 -70.25
C GLY I 95 81.32 -56.16 -69.07
N CYS I 96 81.50 -57.38 -68.55
CA CYS I 96 82.39 -57.63 -67.43
C CYS I 96 83.80 -58.01 -67.87
N SER I 97 84.04 -58.08 -69.18
CA SER I 97 85.32 -58.27 -69.85
C SER I 97 85.99 -59.63 -69.61
N CYS I 98 85.38 -60.53 -68.85
CA CYS I 98 85.94 -61.84 -68.56
C CYS I 98 84.82 -62.86 -68.53
N VAL I 99 84.79 -63.76 -69.51
CA VAL I 99 83.77 -64.80 -69.62
C VAL I 99 84.46 -66.15 -69.62
N VAL I 100 84.12 -66.99 -68.64
CA VAL I 100 84.80 -68.27 -68.44
C VAL I 100 83.81 -69.40 -68.70
N VAL I 101 84.14 -70.26 -69.66
CA VAL I 101 83.39 -71.48 -69.90
C VAL I 101 84.03 -72.58 -69.08
N LYS I 102 83.28 -73.12 -68.11
CA LYS I 102 83.84 -74.10 -67.19
C LYS I 102 84.04 -75.45 -67.85
N ASP I 103 83.01 -75.96 -68.52
CA ASP I 103 83.09 -77.23 -69.22
C ASP I 103 82.48 -77.10 -70.61
N TYR I 104 82.99 -77.92 -71.52
CA TYR I 104 82.51 -77.92 -72.90
C TYR I 104 81.16 -78.61 -72.98
N GLY I 105 80.28 -78.08 -73.84
CA GLY I 105 78.93 -78.60 -73.94
C GLY I 105 78.89 -79.90 -74.71
N LYS I 106 78.17 -80.89 -74.17
CA LYS I 106 78.05 -82.18 -74.83
C LYS I 106 77.17 -82.09 -76.06
N GLU I 107 76.12 -81.28 -76.02
CA GLU I 107 75.22 -81.14 -77.15
C GLU I 107 75.81 -80.30 -78.28
N SER I 108 76.89 -79.57 -78.01
CA SER I 108 77.51 -78.75 -79.03
C SER I 108 78.35 -79.60 -79.99
N GLN I 109 78.78 -78.96 -81.08
CA GLN I 109 79.58 -79.62 -82.10
C GLN I 109 80.86 -78.82 -82.37
N ALA I 110 81.55 -79.19 -83.46
CA ALA I 110 82.71 -78.47 -84.01
C ALA I 110 83.88 -78.45 -83.03
N LYS I 111 84.12 -79.59 -82.38
CA LYS I 111 85.31 -79.77 -81.54
C LYS I 111 86.57 -79.61 -82.36
N ASP I 112 86.57 -80.15 -83.59
CA ASP I 112 87.70 -80.01 -84.49
C ASP I 112 87.93 -78.55 -84.88
N VAL I 113 86.83 -77.79 -85.08
CA VAL I 113 86.95 -76.37 -85.42
C VAL I 113 87.52 -75.59 -84.25
N ILE I 114 87.08 -75.91 -83.03
CA ILE I 114 87.60 -75.23 -81.83
C ILE I 114 89.08 -75.53 -81.63
N GLU I 115 89.48 -76.80 -81.77
CA GLU I 115 90.88 -77.14 -81.51
C GLU I 115 91.79 -76.68 -82.64
N GLU I 116 91.32 -76.64 -83.89
CA GLU I 116 92.13 -76.10 -84.98
C GLU I 116 92.18 -74.57 -84.95
N TYR I 117 91.20 -73.92 -84.33
CA TYR I 117 91.26 -72.47 -84.17
C TYR I 117 92.12 -72.07 -82.98
N PHE I 118 92.20 -72.93 -81.95
CA PHE I 118 93.00 -72.59 -80.78
C PHE I 118 94.45 -73.02 -80.92
N LYS I 119 94.71 -74.21 -81.46
CA LYS I 119 96.07 -74.74 -81.46
C LYS I 119 96.46 -75.04 -82.92
N CYS I 120 96.27 -74.03 -83.77
CA CYS I 120 96.69 -73.96 -85.19
C CYS I 120 96.36 -75.19 -86.04
N PHE J 1 74.77 -56.99 13.93
CA PHE J 1 73.72 -57.50 13.07
C PHE J 1 73.74 -59.02 13.04
N ARG J 2 73.58 -59.60 11.85
CA ARG J 2 73.62 -61.04 11.67
C ARG J 2 74.06 -61.36 10.25
N LYS J 3 74.95 -62.33 10.12
CA LYS J 3 75.33 -62.84 8.80
C LYS J 3 74.15 -63.56 8.19
N PHE J 4 73.87 -63.26 6.92
CA PHE J 4 72.68 -63.78 6.26
C PHE J 4 72.84 -65.25 5.92
N THR J 5 71.96 -66.09 6.47
CA THR J 5 71.87 -67.49 6.11
C THR J 5 70.57 -67.69 5.35
N TYR J 6 70.65 -68.25 4.15
CA TYR J 6 69.47 -68.36 3.30
C TYR J 6 68.57 -69.51 3.74
N ARG J 7 69.08 -70.74 3.69
CA ARG J 7 68.35 -71.91 4.18
C ARG J 7 69.28 -72.81 4.99
N GLY J 8 70.10 -72.23 5.85
CA GLY J 8 71.02 -72.96 6.68
C GLY J 8 72.48 -72.80 6.29
N VAL J 9 72.74 -72.44 5.04
CA VAL J 9 74.10 -72.28 4.55
C VAL J 9 74.42 -70.79 4.49
N ASP J 10 75.71 -70.47 4.40
CA ASP J 10 76.17 -69.09 4.44
C ASP J 10 76.27 -68.52 3.03
N LEU J 11 76.64 -67.24 2.94
CA LEU J 11 76.71 -66.56 1.66
C LEU J 11 77.90 -67.05 0.84
N ASP J 12 79.06 -67.24 1.49
CA ASP J 12 80.21 -67.80 0.78
C ASP J 12 79.99 -69.26 0.41
N GLN J 13 79.19 -69.98 1.21
CA GLN J 13 78.80 -71.34 0.85
C GLN J 13 77.91 -71.35 -0.38
N LEU J 14 76.99 -70.38 -0.48
CA LEU J 14 76.18 -70.24 -1.69
C LEU J 14 77.01 -69.83 -2.90
N LEU J 15 78.05 -69.02 -2.69
CA LEU J 15 78.91 -68.63 -3.80
C LEU J 15 79.76 -69.78 -4.31
N ASP J 16 80.36 -70.56 -3.40
CA ASP J 16 81.26 -71.64 -3.78
C ASP J 16 80.57 -72.98 -3.93
N MET J 17 79.25 -73.04 -3.75
CA MET J 17 78.51 -74.29 -3.80
C MET J 17 77.93 -74.50 -5.19
N SER J 18 78.10 -75.70 -5.74
CA SER J 18 77.65 -75.98 -7.09
C SER J 18 76.15 -76.26 -7.14
N TYR J 19 75.59 -76.14 -8.35
CA TYR J 19 74.15 -76.25 -8.53
C TYR J 19 73.66 -77.67 -8.26
N GLU J 20 74.45 -78.67 -8.62
CA GLU J 20 74.08 -80.06 -8.34
C GLU J 20 74.11 -80.39 -6.86
N GLN J 21 74.76 -79.55 -6.05
CA GLN J 21 74.73 -79.68 -4.60
C GLN J 21 73.61 -78.86 -3.97
N LEU J 22 73.30 -77.68 -4.52
CA LEU J 22 72.32 -76.81 -3.88
C LEU J 22 70.89 -77.01 -4.37
N MET J 23 70.66 -77.80 -5.43
CA MET J 23 69.27 -78.01 -5.79
C MET J 23 68.59 -79.06 -4.92
N GLN J 24 69.35 -79.86 -4.17
CA GLN J 24 68.73 -80.62 -3.09
C GLN J 24 68.28 -79.68 -1.98
N LEU J 25 68.93 -78.53 -1.84
CA LEU J 25 68.59 -77.54 -0.82
C LEU J 25 67.39 -76.70 -1.25
N TYR J 26 67.28 -76.37 -2.54
CA TYR J 26 66.26 -75.45 -3.01
C TYR J 26 64.89 -76.15 -3.16
N SER J 27 63.95 -75.45 -3.80
CA SER J 27 62.55 -75.83 -3.85
C SER J 27 62.19 -76.51 -5.18
N ALA J 28 60.94 -76.97 -5.25
CA ALA J 28 60.53 -77.90 -6.31
C ALA J 28 60.36 -77.21 -7.66
N ARG J 29 59.89 -75.96 -7.67
CA ARG J 29 59.72 -75.23 -8.91
C ARG J 29 61.07 -74.95 -9.56
N GLN J 30 62.05 -74.52 -8.77
CA GLN J 30 63.39 -74.32 -9.29
C GLN J 30 64.06 -75.65 -9.62
N ARG J 31 63.71 -76.73 -8.92
CA ARG J 31 64.23 -78.05 -9.29
C ARG J 31 63.71 -78.51 -10.65
N ARG J 32 62.45 -78.16 -10.96
CA ARG J 32 61.95 -78.41 -12.31
C ARG J 32 62.66 -77.54 -13.33
N ARG J 33 62.89 -76.26 -12.99
CA ARG J 33 63.55 -75.34 -13.91
C ARG J 33 65.00 -75.76 -14.20
N LEU J 34 65.68 -76.38 -13.23
CA LEU J 34 67.04 -76.82 -13.44
C LEU J 34 67.14 -78.29 -13.89
N ASN J 35 66.06 -79.06 -13.73
CA ASN J 35 65.95 -80.31 -14.48
C ASN J 35 65.81 -80.01 -15.97
N ARG J 36 65.10 -78.95 -16.30
CA ARG J 36 65.16 -78.36 -17.63
C ARG J 36 66.37 -77.42 -17.70
N GLY J 37 66.42 -76.57 -18.72
CA GLY J 37 67.53 -75.64 -18.83
C GLY J 37 68.39 -75.86 -20.06
N LEU J 38 68.15 -75.06 -21.08
CA LEU J 38 68.77 -75.10 -22.40
C LEU J 38 68.70 -73.67 -22.95
N ARG J 39 68.80 -73.55 -24.28
CA ARG J 39 68.49 -72.34 -25.06
C ARG J 39 69.33 -71.14 -24.63
N ARG J 40 70.58 -71.12 -25.09
CA ARG J 40 71.79 -70.43 -24.61
C ARG J 40 71.62 -68.99 -24.11
N LYS J 41 70.56 -68.29 -24.54
CA LYS J 41 70.27 -66.96 -24.00
C LYS J 41 70.00 -66.98 -22.49
N GLN J 42 69.61 -68.13 -21.93
CA GLN J 42 69.57 -68.30 -20.48
C GLN J 42 70.97 -68.13 -19.87
N HIS J 43 71.98 -68.76 -20.48
CA HIS J 43 73.34 -68.67 -19.97
C HIS J 43 74.01 -67.33 -20.31
N SER J 44 73.57 -66.69 -21.39
CA SER J 44 74.17 -65.43 -21.83
C SER J 44 73.84 -64.26 -20.91
N LEU J 45 72.66 -64.26 -20.29
CA LEU J 45 72.33 -63.27 -19.29
C LEU J 45 73.25 -63.39 -18.07
N LEU J 46 73.64 -64.61 -17.72
CA LEU J 46 74.56 -64.78 -16.61
C LEU J 46 75.98 -64.37 -17.01
N LYS J 47 76.33 -64.47 -18.30
CA LYS J 47 77.58 -63.92 -18.79
C LYS J 47 77.59 -62.40 -18.70
N ARG J 48 76.48 -61.76 -19.08
CA ARG J 48 76.37 -60.31 -18.94
C ARG J 48 76.38 -59.89 -17.47
N LEU J 49 75.84 -60.74 -16.59
CA LEU J 49 75.93 -60.48 -15.15
C LEU J 49 77.36 -60.61 -14.66
N ARG J 50 78.12 -61.58 -15.21
CA ARG J 50 79.55 -61.70 -14.89
C ARG J 50 80.31 -60.46 -15.31
N LYS J 51 79.97 -59.89 -16.48
CA LYS J 51 80.64 -58.68 -16.94
C LYS J 51 80.29 -57.48 -16.07
N ALA J 52 79.01 -57.36 -15.68
CA ALA J 52 78.59 -56.27 -14.79
C ALA J 52 79.25 -56.37 -13.42
N LYS J 53 79.45 -57.60 -12.92
CA LYS J 53 80.12 -57.77 -11.63
C LYS J 53 81.63 -57.61 -11.75
N LYS J 54 82.20 -57.91 -12.91
CA LYS J 54 83.65 -57.94 -13.05
C LYS J 54 84.22 -56.56 -13.36
N GLU J 55 83.64 -55.84 -14.32
CA GLU J 55 84.23 -54.56 -14.69
C GLU J 55 83.79 -53.40 -13.81
N ALA J 56 83.92 -53.58 -12.49
CA ALA J 56 83.99 -52.54 -11.46
C ALA J 56 84.59 -53.14 -10.18
N PRO J 57 85.91 -53.34 -10.10
CA PRO J 57 86.49 -54.07 -8.94
C PRO J 57 86.42 -53.33 -7.61
N PRO J 58 86.91 -52.02 -7.47
CA PRO J 58 87.01 -51.50 -6.09
C PRO J 58 85.71 -50.88 -5.58
N MET J 59 84.62 -51.67 -5.62
CA MET J 59 83.34 -51.38 -4.96
C MET J 59 82.68 -50.10 -5.47
N GLU J 60 82.48 -50.03 -6.80
CA GLU J 60 81.62 -48.99 -7.34
C GLU J 60 80.17 -49.46 -7.36
N LYS J 61 79.29 -48.56 -7.80
CA LYS J 61 77.93 -48.95 -8.13
C LYS J 61 77.95 -49.68 -9.46
N PRO J 62 77.49 -50.93 -9.53
CA PRO J 62 77.60 -51.69 -10.78
C PRO J 62 76.64 -51.19 -11.85
N GLU J 63 76.99 -51.47 -13.10
CA GLU J 63 76.18 -51.01 -14.22
C GLU J 63 74.89 -51.83 -14.33
N VAL J 64 73.86 -51.20 -14.88
CA VAL J 64 72.56 -51.83 -14.98
C VAL J 64 72.55 -52.82 -16.14
N VAL J 65 71.94 -53.99 -15.90
CA VAL J 65 71.73 -55.00 -16.92
C VAL J 65 70.24 -54.96 -17.28
N LYS J 66 69.93 -54.42 -18.45
CA LYS J 66 68.54 -54.32 -18.89
C LYS J 66 68.08 -55.67 -19.43
N THR J 67 66.93 -56.14 -18.94
CA THR J 67 66.44 -57.45 -19.35
C THR J 67 64.92 -57.46 -19.36
N HIS J 68 64.39 -58.52 -19.97
CA HIS J 68 62.96 -58.74 -20.11
C HIS J 68 62.49 -59.97 -19.36
N LEU J 69 63.41 -60.82 -18.90
CA LEU J 69 63.07 -62.12 -18.33
C LEU J 69 62.49 -61.92 -16.94
N ARG J 70 61.16 -61.98 -16.84
CA ARG J 70 60.47 -61.85 -15.57
C ARG J 70 60.29 -63.19 -14.87
N ASP J 71 60.97 -64.25 -15.34
CA ASP J 71 60.89 -65.56 -14.72
C ASP J 71 62.26 -66.15 -14.39
N MET J 72 63.34 -65.42 -14.63
CA MET J 72 64.68 -65.91 -14.31
C MET J 72 64.88 -65.91 -12.79
N ILE J 73 65.17 -67.08 -12.24
CA ILE J 73 65.34 -67.21 -10.80
C ILE J 73 66.63 -66.54 -10.35
N ILE J 74 66.69 -66.21 -9.07
CA ILE J 74 67.90 -65.64 -8.47
C ILE J 74 68.71 -66.81 -7.94
N LEU J 75 69.55 -67.36 -8.80
CA LEU J 75 70.58 -68.28 -8.37
C LEU J 75 71.74 -67.45 -7.79
N PRO J 76 72.61 -68.07 -6.95
CA PRO J 76 73.75 -67.32 -6.40
C PRO J 76 74.78 -66.86 -7.43
N GLU J 77 75.81 -66.18 -6.92
CA GLU J 77 76.75 -65.38 -7.72
C GLU J 77 76.00 -64.32 -8.55
N MET J 78 74.98 -63.72 -7.94
CA MET J 78 74.25 -62.60 -8.52
C MET J 78 74.01 -61.46 -7.55
N VAL J 79 74.29 -61.64 -6.26
CA VAL J 79 74.00 -60.63 -5.26
C VAL J 79 75.03 -59.51 -5.36
N GLY J 80 74.55 -58.28 -5.47
CA GLY J 80 75.43 -57.13 -5.60
C GLY J 80 75.48 -56.59 -7.00
N SER J 81 74.32 -56.55 -7.68
CA SER J 81 74.24 -56.08 -9.05
C SER J 81 72.99 -55.22 -9.21
N MET J 82 72.85 -54.64 -10.39
CA MET J 82 71.73 -53.77 -10.73
C MET J 82 71.05 -54.31 -11.97
N VAL J 83 69.78 -54.69 -11.85
CA VAL J 83 69.04 -55.30 -12.95
C VAL J 83 67.87 -54.38 -13.30
N GLY J 84 67.82 -53.97 -14.56
CA GLY J 84 66.68 -53.20 -15.05
C GLY J 84 65.64 -54.09 -15.69
N VAL J 85 64.56 -54.35 -14.96
CA VAL J 85 63.50 -55.25 -15.38
C VAL J 85 62.54 -54.48 -16.27
N TYR J 86 62.15 -55.09 -17.39
CA TYR J 86 61.12 -54.54 -18.27
C TYR J 86 59.74 -55.00 -17.82
N ASN J 87 58.77 -54.08 -17.87
CA ASN J 87 57.40 -54.41 -17.53
C ASN J 87 56.38 -53.73 -18.45
N GLY J 88 56.78 -53.34 -19.66
CA GLY J 88 55.89 -52.66 -20.58
C GLY J 88 56.47 -51.34 -21.04
N LYS J 89 57.07 -50.59 -20.11
CA LYS J 89 57.75 -49.33 -20.37
C LYS J 89 58.51 -48.95 -19.11
N THR J 90 59.55 -48.12 -19.28
CA THR J 90 60.31 -47.50 -18.19
C THR J 90 60.94 -48.57 -17.29
N PHE J 91 62.00 -49.19 -17.84
CA PHE J 91 62.86 -50.18 -17.19
C PHE J 91 63.17 -49.81 -15.74
N ASN J 92 62.82 -50.69 -14.81
CA ASN J 92 62.95 -50.41 -13.39
C ASN J 92 64.22 -51.04 -12.86
N GLN J 93 65.08 -50.21 -12.26
CA GLN J 93 66.35 -50.67 -11.73
C GLN J 93 66.15 -51.22 -10.32
N VAL J 94 66.57 -52.47 -10.11
CA VAL J 94 66.48 -53.14 -8.81
C VAL J 94 67.89 -53.57 -8.43
N GLU J 95 68.33 -53.17 -7.24
CA GLU J 95 69.58 -53.66 -6.69
C GLU J 95 69.35 -55.01 -6.04
N ILE J 96 70.17 -55.99 -6.40
CA ILE J 96 69.97 -57.37 -5.96
C ILE J 96 70.40 -57.48 -4.50
N LYS J 97 69.42 -57.57 -3.61
CA LYS J 97 69.66 -57.75 -2.19
C LYS J 97 69.94 -59.22 -1.89
N PRO J 98 70.63 -59.52 -0.77
CA PRO J 98 70.88 -60.92 -0.43
C PRO J 98 69.63 -61.71 -0.09
N GLU J 99 68.59 -61.07 0.41
CA GLU J 99 67.34 -61.77 0.73
C GLU J 99 66.42 -61.91 -0.47
N MET J 100 66.80 -61.40 -1.65
CA MET J 100 66.01 -61.55 -2.86
C MET J 100 66.29 -62.86 -3.59
N ILE J 101 67.02 -63.79 -2.98
CA ILE J 101 67.29 -65.08 -3.60
C ILE J 101 66.03 -65.93 -3.58
N GLY J 102 65.68 -66.50 -4.72
CA GLY J 102 64.51 -67.36 -4.84
C GLY J 102 63.38 -66.75 -5.63
N HIS J 103 63.45 -65.47 -5.95
CA HIS J 103 62.40 -64.80 -6.71
C HIS J 103 62.79 -64.72 -8.19
N TYR J 104 61.88 -64.21 -9.00
CA TYR J 104 61.93 -64.40 -10.45
C TYR J 104 62.28 -63.13 -11.21
N LEU J 105 62.56 -62.03 -10.51
CA LEU J 105 62.78 -60.66 -11.00
C LEU J 105 61.52 -60.02 -11.61
N GLY J 106 60.40 -60.72 -11.69
CA GLY J 106 59.16 -60.15 -12.17
C GLY J 106 58.32 -59.66 -11.02
N GLU J 107 58.68 -60.09 -9.82
CA GLU J 107 58.01 -59.64 -8.60
C GLU J 107 58.48 -58.26 -8.17
N PHE J 108 59.52 -57.71 -8.81
CA PHE J 108 60.17 -56.50 -8.34
C PHE J 108 59.66 -55.26 -9.05
N SER J 109 59.63 -55.30 -10.39
CA SER J 109 59.15 -54.18 -11.18
C SER J 109 57.64 -54.27 -11.31
N ILE J 110 56.94 -53.26 -10.79
CA ILE J 110 55.48 -53.26 -10.75
C ILE J 110 54.95 -52.88 -12.12
N THR J 111 53.84 -53.50 -12.52
CA THR J 111 53.28 -53.34 -13.87
C THR J 111 52.06 -52.42 -13.90
N TYR J 112 51.63 -51.90 -12.76
CA TYR J 112 50.39 -51.12 -12.72
C TYR J 112 50.43 -50.21 -11.50
N LYS J 113 49.48 -49.27 -11.47
CA LYS J 113 49.19 -48.50 -10.28
C LYS J 113 48.03 -49.15 -9.53
N PRO J 114 48.20 -49.44 -8.21
CA PRO J 114 47.19 -50.24 -7.48
C PRO J 114 45.79 -49.65 -7.40
N VAL J 115 45.64 -48.48 -6.76
CA VAL J 115 44.33 -47.85 -6.66
C VAL J 115 44.40 -46.44 -7.22
N LYS J 116 45.18 -45.58 -6.53
CA LYS J 116 45.42 -44.18 -6.90
C LYS J 116 44.13 -43.37 -7.09
N HIS J 117 43.12 -43.68 -6.28
CA HIS J 117 41.83 -43.01 -6.38
C HIS J 117 41.70 -41.86 -5.39
N GLY J 118 41.80 -42.16 -4.08
CA GLY J 118 41.70 -41.12 -3.08
C GLY J 118 40.79 -41.44 -1.91
N ARG J 119 40.11 -42.61 -1.97
CA ARG J 119 39.19 -43.15 -0.96
C ARG J 119 38.10 -42.16 -0.58
N PRO J 120 37.08 -41.95 -1.44
CA PRO J 120 36.01 -40.98 -1.16
C PRO J 120 35.08 -41.43 -0.04
N GLN K 1 10.92 -127.44 -17.21
CA GLN K 1 11.76 -127.57 -16.02
C GLN K 1 12.73 -126.41 -15.93
N SER K 2 13.27 -125.99 -17.07
CA SER K 2 14.29 -124.94 -17.13
C SER K 2 13.70 -123.77 -17.92
N VAL K 3 13.10 -122.81 -17.22
CA VAL K 3 12.52 -121.62 -17.82
C VAL K 3 13.16 -120.41 -17.17
N GLN K 4 13.78 -119.54 -17.97
CA GLN K 4 14.44 -118.35 -17.47
C GLN K 4 13.60 -117.13 -17.82
N VAL K 5 13.21 -116.37 -16.80
CA VAL K 5 12.31 -115.23 -16.94
C VAL K 5 13.09 -113.98 -16.57
N PHE K 6 12.89 -112.91 -17.34
CA PHE K 6 13.77 -111.75 -17.32
C PHE K 6 13.06 -110.51 -16.79
N GLY K 7 13.58 -109.98 -15.68
CA GLY K 7 13.65 -108.56 -15.36
C GLY K 7 12.54 -107.60 -15.74
N ARG K 8 12.92 -106.66 -16.62
CA ARG K 8 12.09 -105.56 -17.12
C ARG K 8 11.65 -104.62 -16.00
N LYS K 9 12.64 -104.13 -15.26
CA LYS K 9 12.53 -102.88 -14.54
C LYS K 9 13.12 -101.81 -15.48
N LYS K 10 13.35 -100.59 -14.97
CA LYS K 10 13.68 -99.45 -15.84
C LYS K 10 15.09 -99.59 -16.42
N THR K 11 16.08 -99.84 -15.58
CA THR K 11 17.43 -100.21 -16.04
C THR K 11 17.93 -101.38 -15.20
N ALA K 12 17.09 -102.41 -15.07
CA ALA K 12 17.44 -103.57 -14.27
C ALA K 12 16.86 -104.83 -14.90
N THR K 13 17.69 -105.87 -14.99
CA THR K 13 17.30 -107.13 -15.61
C THR K 13 17.74 -108.27 -14.70
N ALA K 14 16.78 -109.10 -14.30
CA ALA K 14 17.02 -110.22 -13.39
C ALA K 14 16.64 -111.52 -14.11
N VAL K 15 17.65 -112.25 -14.57
CA VAL K 15 17.43 -113.57 -15.14
C VAL K 15 17.13 -114.54 -14.03
N ALA K 16 15.95 -115.19 -14.10
CA ALA K 16 15.45 -116.05 -13.03
C ALA K 16 15.24 -117.46 -13.59
N HIS K 17 16.22 -118.33 -13.35
CA HIS K 17 16.14 -119.73 -13.77
C HIS K 17 15.42 -120.54 -12.70
N CYS K 18 14.36 -121.23 -13.11
CA CYS K 18 13.54 -122.03 -12.19
C CYS K 18 13.99 -123.49 -12.22
N LYS K 19 13.71 -124.20 -11.12
CA LYS K 19 14.10 -125.59 -10.97
C LYS K 19 13.26 -126.21 -9.86
N ARG K 20 12.90 -127.48 -10.03
CA ARG K 20 12.18 -128.21 -8.98
C ARG K 20 13.18 -128.73 -7.96
N GLY K 21 12.87 -128.53 -6.67
CA GLY K 21 13.78 -128.95 -5.63
C GLY K 21 13.21 -128.95 -4.22
N ASN K 22 14.03 -128.52 -3.25
CA ASN K 22 13.69 -128.62 -1.84
C ASN K 22 13.60 -127.28 -1.12
N GLY K 23 13.69 -126.17 -1.85
CA GLY K 23 13.53 -124.85 -1.26
C GLY K 23 14.80 -124.03 -1.25
N LEU K 24 14.96 -123.17 -2.24
CA LEU K 24 16.14 -122.31 -2.42
C LEU K 24 15.74 -121.12 -3.27
N ILE K 25 16.24 -119.94 -2.91
CA ILE K 25 16.25 -118.78 -3.80
C ILE K 25 17.66 -118.21 -3.80
N LYS K 26 18.32 -118.27 -4.95
CA LYS K 26 19.68 -117.81 -5.12
C LYS K 26 19.67 -116.44 -5.80
N VAL K 27 20.26 -115.46 -5.16
CA VAL K 27 20.41 -114.12 -5.74
C VAL K 27 21.91 -113.85 -5.80
N ASN K 28 22.51 -114.15 -6.97
CA ASN K 28 23.93 -113.95 -7.27
C ASN K 28 24.83 -114.68 -6.27
N GLY K 29 24.47 -115.94 -5.97
CA GLY K 29 25.18 -116.73 -4.99
C GLY K 29 24.85 -116.41 -3.55
N ARG K 30 23.94 -115.48 -3.30
CA ARG K 30 23.60 -114.99 -1.98
C ARG K 30 22.13 -115.28 -1.70
N PRO K 31 21.77 -115.80 -0.52
CA PRO K 31 20.41 -116.31 -0.32
C PRO K 31 19.32 -115.26 -0.19
N LEU K 32 18.11 -115.73 0.11
CA LEU K 32 16.92 -114.89 0.08
C LEU K 32 16.89 -113.89 1.22
N GLU K 33 17.40 -114.26 2.40
CA GLU K 33 17.31 -113.38 3.56
C GLU K 33 18.23 -112.17 3.47
N MET K 34 19.25 -112.21 2.61
CA MET K 34 20.19 -111.11 2.48
C MET K 34 19.68 -110.14 1.41
N ILE K 35 19.27 -108.96 1.85
CA ILE K 35 18.80 -107.88 0.98
C ILE K 35 19.71 -106.68 1.21
N GLU K 36 20.15 -106.05 0.12
CA GLU K 36 21.16 -104.99 0.17
C GLU K 36 20.70 -103.74 0.92
N PRO K 37 19.43 -103.32 0.87
CA PRO K 37 18.94 -102.46 1.96
C PRO K 37 18.27 -103.26 3.07
N ARG K 38 18.52 -102.83 4.31
CA ARG K 38 17.85 -103.45 5.46
C ARG K 38 16.40 -103.03 5.57
N THR K 39 16.01 -101.93 4.92
CA THR K 39 14.65 -101.41 5.05
C THR K 39 13.65 -102.25 4.28
N LEU K 40 14.05 -102.81 3.13
CA LEU K 40 13.13 -103.50 2.23
C LEU K 40 13.03 -104.99 2.52
N GLN K 41 13.18 -105.41 3.78
CA GLN K 41 13.01 -106.83 4.12
C GLN K 41 11.55 -107.11 4.53
N TYR K 42 10.63 -106.57 3.74
CA TYR K 42 9.25 -107.05 3.63
C TYR K 42 8.72 -107.05 2.21
N LYS K 43 9.30 -106.23 1.30
CA LYS K 43 8.79 -106.08 -0.05
C LYS K 43 9.29 -107.19 -0.96
N LEU K 44 10.56 -107.58 -0.78
CA LEU K 44 11.13 -108.67 -1.57
C LEU K 44 10.59 -110.02 -1.12
N LEU K 45 10.06 -110.10 0.09
CA LEU K 45 9.46 -111.33 0.61
C LEU K 45 7.96 -111.41 0.36
N GLU K 46 7.41 -110.51 -0.45
CA GLU K 46 5.98 -110.55 -0.77
C GLU K 46 5.56 -111.76 -1.63
N PRO K 47 6.38 -112.32 -2.54
CA PRO K 47 6.05 -113.66 -3.04
C PRO K 47 6.26 -114.77 -2.02
N VAL K 48 6.96 -114.51 -0.92
CA VAL K 48 7.25 -115.55 0.06
C VAL K 48 6.28 -115.49 1.24
N LEU K 49 6.13 -114.30 1.84
CA LEU K 49 5.32 -114.13 3.04
C LEU K 49 3.83 -113.97 2.75
N LEU K 50 3.39 -114.19 1.52
CA LEU K 50 1.98 -114.12 1.18
C LEU K 50 1.48 -115.35 0.46
N LEU K 51 2.33 -116.00 -0.34
CA LEU K 51 1.89 -117.10 -1.20
C LEU K 51 2.05 -118.47 -0.54
N GLY K 52 2.64 -118.57 0.63
CA GLY K 52 2.79 -119.84 1.32
C GLY K 52 4.24 -120.30 1.37
N LYS K 53 4.43 -121.43 2.05
CA LYS K 53 5.74 -122.03 2.23
C LYS K 53 5.98 -123.25 1.37
N GLU K 54 4.91 -123.98 1.00
CA GLU K 54 5.09 -125.16 0.16
C GLU K 54 5.49 -124.78 -1.26
N ARG K 55 5.08 -123.60 -1.73
CA ARG K 55 5.52 -123.11 -3.03
C ARG K 55 7.01 -122.78 -3.03
N PHE K 56 7.49 -122.15 -1.95
CA PHE K 56 8.91 -121.91 -1.77
C PHE K 56 9.70 -123.21 -1.66
N ALA K 57 9.15 -124.19 -0.95
CA ALA K 57 9.82 -125.47 -0.81
C ALA K 57 9.79 -126.29 -2.10
N GLY K 58 8.82 -126.04 -2.98
CA GLY K 58 8.73 -126.78 -4.22
C GLY K 58 9.53 -126.19 -5.36
N VAL K 59 9.65 -124.85 -5.42
CA VAL K 59 10.28 -124.18 -6.55
C VAL K 59 11.62 -123.60 -6.11
N ASP K 60 12.68 -123.96 -6.83
CA ASP K 60 14.00 -123.34 -6.67
C ASP K 60 14.26 -122.42 -7.85
N ILE K 61 14.60 -121.17 -7.56
CA ILE K 61 14.88 -120.17 -8.59
C ILE K 61 16.20 -119.49 -8.24
N ARG K 62 17.15 -119.55 -9.16
CA ARG K 62 18.35 -118.73 -9.06
C ARG K 62 18.12 -117.43 -9.85
N VAL K 63 18.60 -116.32 -9.29
CA VAL K 63 18.36 -115.00 -9.85
C VAL K 63 19.71 -114.30 -10.02
N ARG K 64 19.99 -113.85 -11.23
CA ARG K 64 21.20 -113.09 -11.53
C ARG K 64 20.79 -111.75 -12.14
N VAL K 65 21.20 -110.66 -11.50
CA VAL K 65 20.71 -109.32 -11.82
C VAL K 65 21.87 -108.51 -12.39
N LYS K 66 21.60 -107.78 -13.47
CA LYS K 66 22.55 -106.85 -14.06
C LYS K 66 22.02 -105.43 -13.99
N GLY K 67 21.47 -105.06 -12.84
CA GLY K 67 20.79 -103.79 -12.67
C GLY K 67 21.74 -102.61 -12.56
N GLY K 68 21.15 -101.44 -12.39
CA GLY K 68 21.89 -100.20 -12.30
C GLY K 68 21.68 -99.44 -11.00
N GLY K 69 20.53 -99.66 -10.37
CA GLY K 69 20.24 -99.05 -9.09
C GLY K 69 19.72 -100.08 -8.12
N HIS K 70 19.80 -99.74 -6.83
CA HIS K 70 19.44 -100.69 -5.77
C HIS K 70 17.95 -100.97 -5.75
N VAL K 71 17.13 -99.91 -5.77
CA VAL K 71 15.67 -100.05 -5.80
C VAL K 71 15.23 -100.74 -7.07
N ALA K 72 15.90 -100.43 -8.19
CA ALA K 72 15.62 -101.09 -9.46
C ALA K 72 15.94 -102.59 -9.39
N GLN K 73 17.03 -102.95 -8.71
CA GLN K 73 17.36 -104.37 -8.54
C GLN K 73 16.36 -105.07 -7.63
N ILE K 74 15.87 -104.39 -6.59
CA ILE K 74 14.89 -105.00 -5.68
C ILE K 74 13.58 -105.28 -6.42
N TYR K 75 13.08 -104.29 -7.15
CA TYR K 75 11.86 -104.52 -7.93
C TYR K 75 12.08 -105.48 -9.09
N ALA K 76 13.31 -105.57 -9.62
CA ALA K 76 13.59 -106.53 -10.67
C ALA K 76 13.59 -107.96 -10.13
N ILE K 77 14.13 -108.17 -8.93
CA ILE K 77 14.06 -109.48 -8.27
C ILE K 77 12.61 -109.83 -7.97
N ARG K 78 11.83 -108.86 -7.47
CA ARG K 78 10.43 -109.10 -7.14
C ARG K 78 9.61 -109.47 -8.37
N GLN K 79 9.77 -108.71 -9.46
CA GLN K 79 9.06 -109.00 -10.70
C GLN K 79 9.53 -110.29 -11.35
N SER K 80 10.83 -110.61 -11.23
CA SER K 80 11.35 -111.83 -11.83
C SER K 80 10.84 -113.07 -11.10
N ILE K 81 10.76 -113.02 -9.77
CA ILE K 81 10.17 -114.13 -9.02
C ILE K 81 8.68 -114.25 -9.33
N SER K 82 7.96 -113.12 -9.33
CA SER K 82 6.52 -113.15 -9.52
C SER K 82 6.12 -113.52 -10.94
N LYS K 83 7.02 -113.40 -11.91
CA LYS K 83 6.75 -113.91 -13.25
C LYS K 83 7.33 -115.29 -13.49
N ALA K 84 8.39 -115.68 -12.78
CA ALA K 84 8.93 -117.02 -12.92
C ALA K 84 8.01 -118.05 -12.31
N LEU K 85 7.28 -117.69 -11.25
CA LEU K 85 6.25 -118.59 -10.74
C LEU K 85 5.12 -118.78 -11.75
N VAL K 86 4.76 -117.71 -12.46
CA VAL K 86 3.73 -117.80 -13.50
C VAL K 86 4.20 -118.67 -14.66
N ALA K 87 5.47 -118.53 -15.05
CA ALA K 87 5.99 -119.33 -16.16
C ALA K 87 6.15 -120.81 -15.77
N TYR K 88 6.55 -121.08 -14.53
CA TYR K 88 6.62 -122.46 -14.06
C TYR K 88 5.23 -123.07 -13.92
N TYR K 89 4.24 -122.27 -13.54
CA TYR K 89 2.85 -122.73 -13.50
C TYR K 89 2.21 -122.82 -14.88
N GLN K 90 2.82 -122.21 -15.90
CA GLN K 90 2.41 -122.49 -17.27
C GLN K 90 3.03 -123.79 -17.78
N LYS K 91 4.30 -124.03 -17.47
CA LYS K 91 5.01 -125.16 -18.06
C LYS K 91 4.84 -126.47 -17.31
N TYR K 92 4.43 -126.45 -16.04
CA TYR K 92 4.35 -127.72 -15.34
C TYR K 92 3.02 -127.98 -14.67
N VAL K 93 2.36 -126.95 -14.14
CA VAL K 93 1.19 -127.12 -13.32
C VAL K 93 -0.03 -126.73 -14.16
N ASP K 94 -1.20 -127.26 -13.79
CA ASP K 94 -2.41 -127.09 -14.57
C ASP K 94 -2.92 -125.65 -14.55
N GLU K 95 -3.67 -125.30 -15.60
CA GLU K 95 -4.23 -123.97 -15.73
C GLU K 95 -5.34 -123.70 -14.73
N ALA K 96 -5.99 -124.75 -14.22
CA ALA K 96 -7.09 -124.57 -13.26
C ALA K 96 -6.58 -124.01 -11.93
N SER K 97 -5.32 -124.25 -11.60
CA SER K 97 -4.69 -123.59 -10.46
C SER K 97 -3.84 -122.39 -10.86
N LYS K 98 -3.32 -122.39 -12.09
CA LYS K 98 -2.55 -121.24 -12.57
C LYS K 98 -3.41 -119.98 -12.67
N LYS K 99 -4.65 -120.13 -13.14
CA LYS K 99 -5.54 -118.97 -13.25
C LYS K 99 -5.95 -118.45 -11.88
N GLU K 100 -6.11 -119.36 -10.90
CA GLU K 100 -6.46 -118.94 -9.54
C GLU K 100 -5.31 -118.17 -8.90
N ILE K 101 -4.08 -118.69 -9.00
CA ILE K 101 -2.96 -118.00 -8.38
C ILE K 101 -2.62 -116.71 -9.15
N LYS K 102 -2.91 -116.66 -10.45
CA LYS K 102 -2.71 -115.44 -11.22
C LYS K 102 -3.73 -114.39 -10.83
N ASP K 103 -4.98 -114.80 -10.57
CA ASP K 103 -6.00 -113.85 -10.10
C ASP K 103 -5.66 -113.34 -8.71
N ILE K 104 -5.08 -114.19 -7.86
CA ILE K 104 -4.64 -113.74 -6.53
C ILE K 104 -3.51 -112.71 -6.67
N LEU K 105 -2.54 -112.96 -7.55
CA LEU K 105 -1.43 -112.02 -7.74
C LEU K 105 -1.90 -110.70 -8.36
N ILE K 106 -2.85 -110.76 -9.30
CA ILE K 106 -3.36 -109.54 -9.94
C ILE K 106 -4.20 -108.73 -8.97
N GLN K 107 -5.10 -109.38 -8.21
CA GLN K 107 -5.91 -108.66 -7.24
C GLN K 107 -5.10 -108.21 -6.04
N TYR K 108 -3.90 -108.75 -5.81
CA TYR K 108 -3.03 -108.15 -4.81
C TYR K 108 -2.28 -106.95 -5.36
N ASP K 109 -1.67 -107.09 -6.55
CA ASP K 109 -0.82 -106.01 -7.05
C ASP K 109 -0.84 -106.03 -8.57
N ARG K 110 -0.52 -104.88 -9.16
CA ARG K 110 -0.44 -104.70 -10.61
C ARG K 110 0.97 -104.98 -11.13
N THR K 111 2.00 -104.64 -10.36
CA THR K 111 3.39 -104.78 -10.80
C THR K 111 3.94 -106.18 -10.66
N LEU K 112 3.11 -107.18 -10.40
CA LEU K 112 3.60 -108.56 -10.34
C LEU K 112 3.61 -109.21 -11.72
N LEU K 113 2.74 -108.77 -12.62
CA LEU K 113 2.67 -109.32 -13.98
C LEU K 113 2.83 -108.26 -15.05
N VAL K 114 2.57 -107.00 -14.75
CA VAL K 114 2.64 -105.90 -15.71
C VAL K 114 3.86 -105.06 -15.39
N ALA K 115 4.71 -104.82 -16.37
CA ALA K 115 5.91 -104.02 -16.19
C ALA K 115 5.56 -102.53 -16.17
N ASP K 116 6.57 -101.71 -15.91
CA ASP K 116 6.38 -100.27 -15.82
C ASP K 116 6.86 -99.61 -17.12
N PRO K 117 5.98 -98.94 -17.87
CA PRO K 117 6.43 -98.24 -19.09
C PRO K 117 6.91 -96.82 -18.79
N ARG K 118 7.93 -96.70 -17.95
CA ARG K 118 8.48 -95.41 -17.57
C ARG K 118 9.99 -95.42 -17.76
N ARG K 119 10.48 -94.62 -18.69
CA ARG K 119 11.90 -94.39 -18.88
C ARG K 119 12.18 -92.90 -18.75
N CYS K 120 13.41 -92.57 -18.37
CA CYS K 120 13.77 -91.18 -18.14
C CYS K 120 13.88 -90.40 -19.44
N GLU K 121 13.35 -89.18 -19.44
CA GLU K 121 13.29 -88.36 -20.63
C GLU K 121 14.66 -87.74 -20.93
N SER K 122 14.78 -87.20 -22.14
CA SER K 122 16.02 -86.59 -22.57
C SER K 122 16.16 -85.18 -21.98
N LYS K 123 17.39 -84.83 -21.61
CA LYS K 123 17.67 -83.49 -21.10
C LYS K 123 17.62 -82.50 -22.26
N LYS K 124 17.06 -81.32 -22.01
CA LYS K 124 16.84 -80.37 -23.08
C LYS K 124 18.03 -79.44 -23.26
N PHE K 125 18.13 -78.88 -24.46
CA PHE K 125 19.24 -78.01 -24.83
C PHE K 125 19.05 -76.58 -24.36
N GLY K 126 17.95 -76.25 -23.71
CA GLY K 126 17.73 -74.91 -23.22
C GLY K 126 17.95 -74.78 -21.73
N GLY K 127 17.49 -75.77 -20.97
CA GLY K 127 17.59 -75.74 -19.53
C GLY K 127 18.49 -76.82 -18.98
N PRO K 128 18.58 -76.92 -17.65
CA PRO K 128 19.45 -77.93 -17.04
C PRO K 128 18.82 -79.31 -16.94
N GLY K 129 17.50 -79.41 -17.01
CA GLY K 129 16.85 -80.70 -16.89
C GLY K 129 16.00 -81.07 -18.09
N ALA K 130 15.15 -82.09 -17.93
CA ALA K 130 14.28 -82.53 -19.01
C ALA K 130 13.09 -81.61 -19.22
N ARG K 131 12.72 -80.82 -18.22
CA ARG K 131 11.60 -79.90 -18.35
C ARG K 131 11.98 -78.48 -17.96
N ALA K 132 12.90 -78.33 -17.01
CA ALA K 132 13.21 -77.03 -16.44
C ALA K 132 14.03 -76.18 -17.40
N ARG K 133 14.05 -74.88 -17.10
CA ARG K 133 14.87 -73.91 -17.82
C ARG K 133 15.76 -73.19 -16.81
N TYR K 134 16.66 -72.36 -17.31
CA TYR K 134 17.49 -71.57 -16.42
C TYR K 134 16.78 -70.28 -16.03
N GLN K 135 17.38 -69.55 -15.11
CA GLN K 135 16.79 -68.32 -14.61
C GLN K 135 16.95 -67.19 -15.62
N LYS K 136 15.89 -66.43 -15.82
CA LYS K 136 15.91 -65.30 -16.73
C LYS K 136 16.59 -64.10 -16.08
N SER K 137 16.78 -63.05 -16.86
CA SER K 137 17.39 -61.81 -16.39
C SER K 137 16.61 -60.65 -16.99
N TYR K 138 15.76 -60.04 -16.19
CA TYR K 138 14.91 -58.93 -16.61
C TYR K 138 15.40 -57.64 -15.98
N ARG K 139 14.73 -56.54 -16.31
CA ARG K 139 15.04 -55.24 -15.73
C ARG K 139 13.80 -54.36 -15.67
N GLY L 1 -9.44 -86.95 -30.22
CA GLY L 1 -8.41 -87.81 -30.77
C GLY L 1 -8.71 -88.26 -32.18
N ARG L 2 -9.99 -88.45 -32.48
CA ARG L 2 -10.45 -88.92 -33.79
C ARG L 2 -10.94 -87.76 -34.67
N VAL L 3 -10.22 -86.64 -34.64
CA VAL L 3 -10.60 -85.40 -35.30
C VAL L 3 -9.91 -85.33 -36.66
N ARG L 4 -9.79 -86.49 -37.31
CA ARG L 4 -8.98 -86.84 -38.47
C ARG L 4 -8.96 -85.84 -39.62
N THR L 5 -7.84 -85.86 -40.35
CA THR L 5 -7.58 -84.92 -41.45
C THR L 5 -8.54 -85.17 -42.61
N LYS L 6 -8.82 -84.10 -43.36
CA LYS L 6 -9.72 -84.17 -44.51
C LYS L 6 -9.20 -85.11 -45.59
N THR L 7 -7.88 -85.21 -45.76
CA THR L 7 -7.35 -86.17 -46.73
C THR L 7 -7.53 -87.61 -46.25
N VAL L 8 -7.49 -87.83 -44.94
CA VAL L 8 -7.72 -89.16 -44.38
C VAL L 8 -9.18 -89.56 -44.58
N LYS L 9 -10.11 -88.66 -44.22
CA LYS L 9 -11.52 -88.93 -44.41
C LYS L 9 -11.90 -89.02 -45.88
N LYS L 10 -11.23 -88.26 -46.75
CA LYS L 10 -11.51 -88.31 -48.18
C LYS L 10 -11.03 -89.63 -48.79
N ALA L 11 -9.86 -90.11 -48.36
CA ALA L 11 -9.39 -91.41 -48.81
C ALA L 11 -10.29 -92.53 -48.32
N ALA L 12 -10.75 -92.45 -47.07
CA ALA L 12 -11.67 -93.47 -46.56
C ALA L 12 -13.03 -93.42 -47.25
N ARG L 13 -13.49 -92.22 -47.64
CA ARG L 13 -14.72 -92.11 -48.41
C ARG L 13 -14.56 -92.64 -49.82
N VAL L 14 -13.38 -92.48 -50.43
CA VAL L 14 -13.11 -93.10 -51.73
C VAL L 14 -13.12 -94.63 -51.61
N ILE L 15 -12.57 -95.15 -50.52
CA ILE L 15 -12.57 -96.60 -50.28
C ILE L 15 -14.00 -97.11 -50.10
N ILE L 16 -14.80 -96.44 -49.25
CA ILE L 16 -16.15 -96.91 -49.00
C ILE L 16 -17.08 -96.63 -50.19
N GLU L 17 -16.70 -95.72 -51.09
CA GLU L 17 -17.48 -95.47 -52.29
C GLU L 17 -17.19 -96.52 -53.36
N LYS L 18 -15.92 -96.86 -53.57
CA LYS L 18 -15.58 -97.81 -54.62
C LYS L 18 -15.83 -99.24 -54.18
N TYR L 19 -15.24 -99.66 -53.06
CA TYR L 19 -15.28 -101.06 -52.62
C TYR L 19 -16.02 -101.13 -51.30
N TYR L 20 -17.26 -101.61 -51.33
CA TYR L 20 -18.05 -101.81 -50.12
C TYR L 20 -18.17 -103.26 -49.71
N THR L 21 -18.38 -104.16 -50.68
CA THR L 21 -18.61 -105.57 -50.36
C THR L 21 -17.35 -106.28 -49.87
N ARG L 22 -16.17 -105.75 -50.18
CA ARG L 22 -14.93 -106.31 -49.65
C ARG L 22 -14.69 -105.97 -48.19
N LEU L 23 -15.45 -105.04 -47.63
CA LEU L 23 -15.26 -104.56 -46.27
C LEU L 23 -16.28 -105.17 -45.32
N GLY L 24 -15.84 -105.41 -44.09
CA GLY L 24 -16.70 -105.95 -43.05
C GLY L 24 -16.76 -105.05 -41.84
N ASN L 25 -17.07 -105.62 -40.67
CA ASN L 25 -17.18 -104.85 -39.44
C ASN L 25 -16.06 -105.16 -38.44
N ASP L 26 -14.97 -105.77 -38.91
CA ASP L 26 -13.83 -106.10 -38.07
C ASP L 26 -12.64 -105.27 -38.51
N PHE L 27 -11.96 -104.66 -37.54
CA PHE L 27 -10.84 -103.76 -37.83
C PHE L 27 -9.65 -104.52 -38.44
N HIS L 28 -9.33 -105.68 -37.89
CA HIS L 28 -8.15 -106.43 -38.32
C HIS L 28 -8.34 -107.04 -39.71
N THR L 29 -9.58 -107.24 -40.15
CA THR L 29 -9.83 -107.67 -41.52
C THR L 29 -9.95 -106.48 -42.46
N ASN L 30 -10.59 -105.40 -42.02
CA ASN L 30 -10.78 -104.24 -42.88
C ASN L 30 -9.47 -103.52 -43.19
N LYS L 31 -8.51 -103.55 -42.26
CA LYS L 31 -7.20 -102.98 -42.52
C LYS L 31 -6.46 -103.75 -43.61
N ARG L 32 -6.54 -105.08 -43.57
CA ARG L 32 -5.89 -105.89 -44.59
C ARG L 32 -6.59 -105.78 -45.94
N VAL L 33 -7.93 -105.62 -45.93
CA VAL L 33 -8.65 -105.37 -47.17
C VAL L 33 -8.24 -104.01 -47.77
N CYS L 34 -8.17 -102.97 -46.93
CA CYS L 34 -7.77 -101.65 -47.41
C CYS L 34 -6.33 -101.62 -47.89
N GLU L 35 -5.44 -102.43 -47.31
CA GLU L 35 -4.07 -102.47 -47.80
C GLU L 35 -3.89 -103.42 -48.97
N GLU L 36 -4.86 -104.31 -49.22
CA GLU L 36 -4.86 -105.05 -50.48
C GLU L 36 -5.39 -104.19 -51.63
N ILE L 37 -6.34 -103.30 -51.36
CA ILE L 37 -6.96 -102.50 -52.42
C ILE L 37 -6.34 -101.12 -52.59
N ALA L 38 -5.50 -100.67 -51.66
CA ALA L 38 -4.93 -99.34 -51.73
C ALA L 38 -3.47 -99.39 -51.29
N ILE L 39 -2.78 -98.26 -51.42
CA ILE L 39 -1.37 -98.15 -51.08
C ILE L 39 -1.25 -97.02 -50.06
N ILE L 40 -0.91 -97.38 -48.82
CA ILE L 40 -0.65 -96.42 -47.76
C ILE L 40 0.67 -96.81 -47.10
N PRO L 41 1.70 -95.95 -47.14
CA PRO L 41 3.00 -96.35 -46.59
C PRO L 41 3.04 -96.36 -45.07
N SER L 42 2.42 -95.37 -44.43
CA SER L 42 2.51 -95.19 -42.99
C SER L 42 1.53 -96.11 -42.28
N LYS L 43 2.04 -96.91 -41.34
CA LYS L 43 1.19 -97.88 -40.65
C LYS L 43 0.21 -97.19 -39.69
N LYS L 44 0.61 -96.06 -39.12
CA LYS L 44 -0.32 -95.26 -38.33
C LYS L 44 -1.44 -94.71 -39.20
N LEU L 45 -1.11 -94.30 -40.43
CA LEU L 45 -2.14 -93.86 -41.36
C LEU L 45 -3.03 -95.02 -41.82
N ARG L 46 -2.45 -96.21 -41.92
CA ARG L 46 -3.24 -97.42 -42.20
C ARG L 46 -4.28 -97.66 -41.11
N ASN L 47 -3.84 -97.58 -39.85
CA ASN L 47 -4.73 -97.79 -38.71
C ASN L 47 -5.79 -96.69 -38.64
N LYS L 48 -5.40 -95.45 -38.97
CA LYS L 48 -6.33 -94.33 -38.93
C LYS L 48 -7.43 -94.47 -39.97
N ILE L 49 -7.03 -94.74 -41.22
CA ILE L 49 -7.98 -94.92 -42.32
C ILE L 49 -8.87 -96.13 -42.07
N ALA L 50 -8.29 -97.23 -41.59
CA ALA L 50 -9.09 -98.44 -41.34
C ALA L 50 -10.06 -98.26 -40.17
N GLY L 51 -9.67 -97.47 -39.16
CA GLY L 51 -10.59 -97.17 -38.07
C GLY L 51 -11.77 -96.32 -38.53
N TYR L 52 -11.51 -95.31 -39.37
CA TYR L 52 -12.62 -94.52 -39.88
C TYR L 52 -13.46 -95.30 -40.88
N VAL L 53 -12.86 -96.29 -41.57
CA VAL L 53 -13.62 -97.18 -42.44
C VAL L 53 -14.56 -98.06 -41.62
N THR L 54 -14.07 -98.60 -40.49
CA THR L 54 -14.95 -99.36 -39.60
C THR L 54 -16.05 -98.49 -39.00
N HIS L 55 -15.73 -97.22 -38.72
CA HIS L 55 -16.76 -96.31 -38.21
C HIS L 55 -17.82 -96.02 -39.27
N LEU L 56 -17.41 -95.85 -40.53
CA LEU L 56 -18.38 -95.70 -41.62
C LEU L 56 -19.18 -96.97 -41.85
N MET L 57 -18.58 -98.15 -41.66
CA MET L 57 -19.31 -99.40 -41.76
C MET L 57 -20.37 -99.52 -40.68
N LYS L 58 -20.02 -99.13 -39.44
CA LYS L 58 -21.01 -99.12 -38.37
C LYS L 58 -22.08 -98.05 -38.56
N ARG L 59 -21.78 -96.98 -39.31
CA ARG L 59 -22.83 -96.03 -39.65
C ARG L 59 -23.75 -96.54 -40.75
N ILE L 60 -23.18 -97.19 -41.78
CA ILE L 60 -24.00 -97.69 -42.89
C ILE L 60 -24.85 -98.87 -42.45
N GLN L 61 -24.35 -99.70 -41.53
CA GLN L 61 -25.11 -100.83 -41.01
C GLN L 61 -26.35 -100.38 -40.24
N ARG L 62 -26.30 -99.19 -39.64
CA ARG L 62 -27.46 -98.65 -38.96
C ARG L 62 -28.38 -97.89 -39.92
N GLY L 63 -27.84 -96.87 -40.60
CA GLY L 63 -28.65 -96.04 -41.46
C GLY L 63 -27.91 -95.51 -42.67
N PRO L 64 -28.57 -94.64 -43.43
CA PRO L 64 -27.93 -94.06 -44.63
C PRO L 64 -26.92 -92.98 -44.26
N VAL L 65 -26.10 -92.62 -45.25
CA VAL L 65 -25.08 -91.59 -45.12
C VAL L 65 -25.37 -90.51 -46.15
N ARG L 66 -25.44 -89.26 -45.68
CA ARG L 66 -25.70 -88.12 -46.56
C ARG L 66 -24.52 -87.86 -47.49
N GLY L 67 -23.31 -88.18 -47.06
CA GLY L 67 -22.13 -87.86 -47.86
C GLY L 67 -21.98 -88.73 -49.09
N ILE L 68 -22.20 -90.04 -48.93
CA ILE L 68 -22.05 -90.98 -50.05
C ILE L 68 -23.04 -92.11 -49.84
N SER L 69 -23.48 -92.72 -50.95
CA SER L 69 -24.39 -93.85 -50.93
C SER L 69 -23.88 -94.92 -51.89
N ILE L 70 -24.00 -96.17 -51.47
CA ILE L 70 -23.54 -97.31 -52.24
C ILE L 70 -24.59 -97.69 -53.28
N LYS L 71 -24.22 -98.59 -54.20
CA LYS L 71 -25.13 -99.01 -55.26
C LYS L 71 -26.31 -99.80 -54.72
N LEU L 72 -26.12 -100.53 -53.62
CA LEU L 72 -27.24 -101.27 -53.02
C LEU L 72 -28.26 -100.31 -52.41
N GLN L 73 -27.80 -99.26 -51.73
CA GLN L 73 -28.73 -98.25 -51.23
C GLN L 73 -29.35 -97.44 -52.36
N GLU L 74 -28.63 -97.28 -53.47
CA GLU L 74 -29.21 -96.63 -54.64
C GLU L 74 -30.34 -97.46 -55.24
N GLU L 75 -30.14 -98.78 -55.32
CA GLU L 75 -31.20 -99.66 -55.79
C GLU L 75 -32.36 -99.72 -54.82
N GLU L 76 -32.10 -99.61 -53.51
CA GLU L 76 -33.18 -99.56 -52.53
C GLU L 76 -33.98 -98.25 -52.65
N ARG L 77 -33.30 -97.14 -52.93
CA ARG L 77 -34.02 -95.89 -53.15
C ARG L 77 -34.81 -95.93 -54.46
N GLU L 78 -34.28 -96.61 -55.48
CA GLU L 78 -35.02 -96.78 -56.72
C GLU L 78 -36.25 -97.68 -56.52
N ARG L 79 -36.12 -98.68 -55.64
CA ARG L 79 -37.26 -99.54 -55.30
C ARG L 79 -38.32 -98.77 -54.53
N ARG L 80 -37.89 -97.93 -53.58
CA ARG L 80 -38.83 -97.08 -52.85
C ARG L 80 -39.46 -96.03 -53.75
N ASP L 81 -38.77 -95.65 -54.84
CA ASP L 81 -39.40 -94.80 -55.84
C ASP L 81 -40.48 -95.56 -56.60
N ASN L 82 -40.09 -96.61 -57.33
CA ASN L 82 -41.03 -97.23 -58.26
C ASN L 82 -41.99 -98.23 -57.62
N TYR L 83 -41.99 -98.36 -56.30
CA TYR L 83 -43.04 -99.13 -55.61
C TYR L 83 -44.33 -98.30 -55.65
N VAL L 84 -45.18 -98.59 -56.62
CA VAL L 84 -46.34 -97.74 -56.93
C VAL L 84 -47.60 -98.55 -56.65
N PRO L 85 -48.31 -98.28 -55.54
CA PRO L 85 -49.67 -98.81 -55.40
C PRO L 85 -50.71 -97.88 -56.02
N GLU L 86 -51.97 -98.26 -55.96
CA GLU L 86 -53.08 -97.43 -56.45
C GLU L 86 -54.08 -97.27 -55.31
N VAL L 87 -53.82 -96.28 -54.44
CA VAL L 87 -54.65 -96.08 -53.26
C VAL L 87 -55.21 -94.65 -53.20
N SER L 88 -54.36 -93.65 -53.48
CA SER L 88 -54.76 -92.27 -53.27
C SER L 88 -54.38 -91.36 -54.44
N ALA L 89 -54.34 -91.92 -55.65
CA ALA L 89 -54.12 -91.08 -56.83
C ALA L 89 -55.36 -90.24 -57.13
N LEU L 90 -56.51 -90.89 -57.25
CA LEU L 90 -57.80 -90.22 -57.34
C LEU L 90 -58.72 -90.80 -56.28
N ASP L 91 -59.47 -89.92 -55.61
CA ASP L 91 -60.34 -90.34 -54.52
C ASP L 91 -61.66 -90.86 -55.09
N GLN L 92 -62.63 -91.10 -54.21
CA GLN L 92 -63.98 -91.41 -54.64
C GLN L 92 -64.61 -90.18 -55.26
N GLU L 93 -65.69 -90.40 -56.01
CA GLU L 93 -66.32 -89.30 -56.77
C GLU L 93 -67.32 -88.52 -55.91
N ILE L 94 -66.89 -88.13 -54.71
CA ILE L 94 -67.60 -87.21 -53.82
C ILE L 94 -66.57 -86.21 -53.32
N ILE L 95 -66.54 -85.02 -53.90
CA ILE L 95 -65.59 -83.98 -53.51
C ILE L 95 -66.38 -82.70 -53.26
N GLU L 96 -66.25 -82.14 -52.07
CA GLU L 96 -66.84 -80.85 -51.75
C GLU L 96 -65.81 -79.99 -51.02
N VAL L 97 -65.57 -78.79 -51.56
CA VAL L 97 -64.64 -77.85 -50.94
C VAL L 97 -65.28 -76.49 -50.66
N ASP L 98 -65.75 -75.77 -51.69
CA ASP L 98 -66.05 -74.34 -51.55
C ASP L 98 -67.27 -73.85 -52.32
N PRO L 99 -68.04 -72.91 -51.74
CA PRO L 99 -69.04 -72.20 -52.55
C PRO L 99 -68.43 -71.26 -53.58
N ASP L 100 -67.20 -70.81 -53.38
CA ASP L 100 -66.54 -69.98 -54.40
C ASP L 100 -66.19 -70.79 -55.63
N THR L 101 -65.68 -72.01 -55.45
CA THR L 101 -65.48 -72.85 -56.63
C THR L 101 -66.80 -73.44 -57.13
N LYS L 102 -67.85 -73.46 -56.31
CA LYS L 102 -69.19 -73.74 -56.83
C LYS L 102 -69.64 -72.65 -57.81
N GLU L 103 -69.42 -71.39 -57.44
CA GLU L 103 -69.73 -70.28 -58.35
C GLU L 103 -68.83 -70.29 -59.58
N MET L 104 -67.58 -70.75 -59.42
CA MET L 104 -66.70 -70.94 -60.57
C MET L 104 -67.24 -72.00 -61.53
N LEU L 105 -67.71 -73.12 -61.00
CA LEU L 105 -68.29 -74.16 -61.85
C LEU L 105 -69.64 -73.75 -62.43
N LYS L 106 -70.35 -72.84 -61.76
CA LYS L 106 -71.60 -72.32 -62.34
C LYS L 106 -71.33 -71.36 -63.49
N LEU L 107 -70.44 -70.39 -63.28
CA LEU L 107 -70.18 -69.40 -64.31
C LEU L 107 -69.35 -69.98 -65.45
N LEU L 108 -68.13 -70.43 -65.14
CA LEU L 108 -67.31 -71.10 -66.13
C LEU L 108 -67.81 -72.52 -66.31
N ASP L 109 -68.06 -72.90 -67.58
CA ASP L 109 -68.87 -74.08 -67.89
C ASP L 109 -68.08 -75.36 -67.64
N PHE L 110 -68.45 -76.08 -66.58
CA PHE L 110 -67.92 -77.41 -66.30
C PHE L 110 -69.04 -78.25 -65.67
N GLY L 111 -68.66 -79.35 -65.03
CA GLY L 111 -69.60 -80.34 -64.53
C GLY L 111 -70.52 -79.87 -63.42
N SER L 112 -69.93 -79.46 -62.29
CA SER L 112 -70.63 -79.09 -61.05
C SER L 112 -71.56 -80.21 -60.57
N LEU L 113 -70.94 -81.33 -60.22
CA LEU L 113 -71.70 -82.53 -59.88
C LEU L 113 -72.21 -82.49 -58.44
N SER L 114 -71.30 -82.43 -57.48
CA SER L 114 -71.66 -82.56 -56.08
C SER L 114 -72.23 -81.25 -55.53
N ASN L 115 -72.82 -81.34 -54.34
CA ASN L 115 -73.38 -80.17 -53.67
C ASN L 115 -72.30 -79.43 -52.89
N LEU L 116 -72.48 -78.11 -52.80
CA LEU L 116 -71.48 -77.22 -52.19
C LEU L 116 -72.20 -76.15 -51.37
N GLN L 117 -72.29 -76.38 -50.06
CA GLN L 117 -72.92 -75.42 -49.16
C GLN L 117 -72.25 -75.56 -47.79
N VAL L 118 -71.25 -74.71 -47.55
CA VAL L 118 -70.59 -74.61 -46.26
C VAL L 118 -70.48 -73.14 -45.88
N THR L 119 -70.59 -72.86 -44.58
CA THR L 119 -70.51 -71.50 -44.05
C THR L 119 -69.38 -71.43 -43.04
N GLN L 120 -68.47 -70.47 -43.24
CA GLN L 120 -67.34 -70.31 -42.35
C GLN L 120 -67.29 -68.88 -41.80
N PRO L 121 -66.85 -68.71 -40.56
CA PRO L 121 -66.71 -67.36 -40.00
C PRO L 121 -65.49 -66.61 -40.54
N THR L 122 -65.23 -65.44 -39.98
CA THR L 122 -64.18 -64.55 -40.47
C THR L 122 -63.11 -64.45 -39.39
N VAL L 123 -62.67 -65.60 -38.87
CA VAL L 123 -61.71 -65.67 -37.77
C VAL L 123 -60.39 -66.14 -38.39
N GLY L 124 -60.18 -65.78 -39.65
CA GLY L 124 -58.90 -66.06 -40.29
C GLY L 124 -57.77 -65.25 -39.69
N MET L 125 -56.57 -65.82 -39.74
CA MET L 125 -55.35 -65.35 -39.07
C MET L 125 -55.55 -65.21 -37.56
N VAL M 1 34.54 -96.18 37.08
CA VAL M 1 33.81 -95.71 35.92
C VAL M 1 34.04 -94.21 35.72
N ILE M 2 35.06 -93.71 36.41
CA ILE M 2 35.46 -92.29 36.46
C ILE M 2 34.26 -91.43 36.85
N PRO M 3 33.88 -91.39 38.15
CA PRO M 3 32.73 -90.57 38.57
C PRO M 3 32.92 -89.08 38.31
N GLU M 4 33.98 -88.50 38.88
CA GLU M 4 34.27 -87.08 38.68
C GLU M 4 35.73 -86.82 39.05
N LYS M 5 36.46 -86.17 38.16
CA LYS M 5 37.83 -85.75 38.41
C LYS M 5 37.89 -84.24 38.41
N PHE M 6 38.59 -83.67 39.39
CA PHE M 6 38.61 -82.22 39.60
C PHE M 6 39.52 -81.57 38.56
N GLN M 7 38.96 -81.36 37.37
CA GLN M 7 39.69 -80.79 36.25
C GLN M 7 38.68 -80.26 35.24
N HIS M 8 38.67 -78.95 35.01
CA HIS M 8 37.74 -78.33 34.08
C HIS M 8 38.43 -77.73 32.87
N ILE M 9 39.34 -76.78 33.06
CA ILE M 9 39.99 -76.05 31.97
C ILE M 9 41.47 -75.92 32.31
N LEU M 10 42.32 -76.36 31.40
CA LEU M 10 43.77 -76.29 31.57
C LEU M 10 44.32 -74.98 31.01
N ARG M 11 45.63 -74.82 31.09
CA ARG M 11 46.32 -73.63 30.60
C ARG M 11 47.63 -74.06 29.93
N VAL M 12 47.72 -73.83 28.63
CA VAL M 12 48.88 -74.21 27.83
C VAL M 12 49.41 -72.99 27.10
N LEU M 13 50.69 -72.68 27.30
CA LEU M 13 51.46 -71.68 26.54
C LEU M 13 50.92 -70.25 26.71
N ASN M 14 50.32 -69.96 27.87
CA ASN M 14 50.04 -68.63 28.41
C ASN M 14 49.02 -67.82 27.62
N THR M 15 48.49 -68.34 26.50
CA THR M 15 47.54 -67.60 25.69
C THR M 15 46.33 -68.48 25.40
N ASN M 16 46.58 -69.78 25.26
CA ASN M 16 45.56 -70.72 24.82
C ASN M 16 44.70 -71.18 25.99
N ILE M 17 43.43 -71.48 25.67
CA ILE M 17 42.46 -71.94 26.65
C ILE M 17 41.96 -73.30 26.16
N ASP M 18 42.27 -74.35 26.91
CA ASP M 18 41.81 -75.68 26.54
C ASP M 18 40.32 -75.85 26.82
N GLY M 19 39.66 -76.59 25.94
CA GLY M 19 38.23 -76.80 26.05
C GLY M 19 37.87 -77.90 27.02
N ARG M 20 36.66 -78.44 26.84
CA ARG M 20 36.14 -79.47 27.73
C ARG M 20 35.40 -80.58 27.01
N ARG M 21 35.33 -80.57 25.68
CA ARG M 21 34.56 -81.59 24.98
C ARG M 21 35.35 -82.86 24.75
N LYS M 22 36.63 -82.74 24.35
CA LYS M 22 37.53 -83.87 24.18
C LYS M 22 38.93 -83.41 24.60
N ILE M 23 39.93 -84.21 24.26
CA ILE M 23 41.32 -83.83 24.47
C ILE M 23 41.99 -83.41 23.17
N ALA M 24 41.77 -84.13 22.07
CA ALA M 24 42.33 -83.74 20.79
C ALA M 24 41.66 -82.49 20.24
N PHE M 25 40.34 -82.38 20.41
CA PHE M 25 39.62 -81.20 19.99
C PHE M 25 39.76 -80.03 20.97
N ALA M 26 40.42 -80.24 22.11
CA ALA M 26 40.83 -79.14 22.97
C ALA M 26 42.26 -78.69 22.68
N ILE M 27 43.12 -79.61 22.26
CA ILE M 27 44.45 -79.23 21.75
C ILE M 27 44.31 -78.54 20.39
N THR M 28 43.22 -78.83 19.67
CA THR M 28 42.89 -78.12 18.43
C THR M 28 42.71 -76.61 18.66
N ALA M 29 42.30 -76.20 19.87
CA ALA M 29 42.16 -74.79 20.20
C ALA M 29 43.49 -74.05 20.23
N ILE M 30 44.61 -74.75 20.37
CA ILE M 30 45.92 -74.11 20.25
C ILE M 30 46.18 -73.76 18.80
N LYS M 31 46.55 -72.50 18.55
CA LYS M 31 46.91 -72.07 17.21
C LYS M 31 48.18 -72.76 16.74
N GLY M 32 48.18 -73.19 15.48
CA GLY M 32 49.22 -74.05 14.97
C GLY M 32 48.94 -75.52 15.11
N VAL M 33 47.86 -75.89 15.81
CA VAL M 33 47.41 -77.27 15.94
C VAL M 33 45.97 -77.34 15.46
N GLY M 34 45.72 -78.14 14.44
CA GLY M 34 44.40 -78.16 13.83
C GLY M 34 43.74 -79.51 13.81
N ARG M 35 43.38 -79.97 12.61
CA ARG M 35 42.53 -81.14 12.46
C ARG M 35 43.30 -82.44 12.71
N ARG M 36 44.36 -82.67 11.96
CA ARG M 36 45.06 -83.96 11.98
C ARG M 36 46.18 -84.01 12.99
N TYR M 37 46.85 -82.87 13.25
CA TYR M 37 48.03 -82.84 14.10
C TYR M 37 47.72 -83.19 15.54
N ALA M 38 46.54 -82.78 16.02
CA ALA M 38 46.14 -83.10 17.39
C ALA M 38 45.89 -84.59 17.56
N HIS M 39 45.21 -85.22 16.60
CA HIS M 39 45.00 -86.66 16.67
C HIS M 39 46.30 -87.44 16.50
N VAL M 40 47.25 -86.91 15.73
CA VAL M 40 48.55 -87.56 15.60
C VAL M 40 49.32 -87.51 16.91
N VAL M 41 49.32 -86.34 17.57
CA VAL M 41 50.00 -86.21 18.86
C VAL M 41 49.32 -87.07 19.92
N LEU M 42 48.00 -87.20 19.85
CA LEU M 42 47.26 -88.10 20.75
C LEU M 42 47.63 -89.56 20.50
N ARG M 43 47.76 -89.98 19.24
CA ARG M 43 48.12 -91.36 18.96
C ARG M 43 49.58 -91.65 19.30
N LYS M 44 50.43 -90.63 19.29
CA LYS M 44 51.80 -90.84 19.78
C LYS M 44 51.84 -90.91 21.30
N ALA M 45 50.97 -90.15 21.98
CA ALA M 45 50.89 -90.20 23.44
C ALA M 45 50.13 -91.40 23.97
N ASP M 46 49.42 -92.13 23.10
CA ASP M 46 48.71 -93.38 23.41
C ASP M 46 47.63 -93.17 24.48
N ILE M 47 46.66 -92.33 24.15
CA ILE M 47 45.56 -92.00 25.03
C ILE M 47 44.26 -92.44 24.36
N ASP M 48 43.38 -93.08 25.14
CA ASP M 48 42.11 -93.53 24.61
C ASP M 48 41.20 -92.34 24.32
N LEU M 49 40.50 -92.40 23.19
CA LEU M 49 39.75 -91.25 22.69
C LEU M 49 38.46 -90.99 23.47
N THR M 50 37.98 -91.96 24.25
CA THR M 50 36.76 -91.76 25.01
C THR M 50 37.00 -90.82 26.20
N LYS M 51 38.23 -90.80 26.71
CA LYS M 51 38.57 -89.95 27.85
C LYS M 51 38.59 -88.47 27.44
N ARG M 52 38.16 -87.63 28.38
CA ARG M 52 38.00 -86.20 28.14
C ARG M 52 39.34 -85.49 28.37
N ALA M 53 39.29 -84.15 28.41
CA ALA M 53 40.43 -83.38 28.88
C ALA M 53 40.46 -83.24 30.39
N GLY M 54 39.32 -83.38 31.04
CA GLY M 54 39.22 -83.34 32.48
C GLY M 54 39.49 -84.64 33.19
N GLU M 55 39.90 -85.68 32.46
CA GLU M 55 40.18 -86.99 33.02
C GLU M 55 41.63 -87.42 32.80
N LEU M 56 42.51 -86.47 32.53
CA LEU M 56 43.85 -86.78 32.04
C LEU M 56 44.90 -86.21 32.99
N THR M 57 46.02 -86.92 33.09
CA THR M 57 47.03 -86.64 34.11
C THR M 57 47.90 -85.45 33.68
N GLU M 58 48.28 -84.62 34.66
CA GLU M 58 49.13 -83.46 34.39
C GLU M 58 50.52 -83.88 33.92
N ASP M 59 51.01 -85.04 34.38
CA ASP M 59 52.27 -85.58 33.85
C ASP M 59 52.11 -85.95 32.37
N GLU M 60 50.95 -86.47 32.00
CA GLU M 60 50.69 -86.75 30.59
C GLU M 60 50.51 -85.46 29.79
N VAL M 61 50.00 -84.40 30.42
CA VAL M 61 49.96 -83.08 29.79
C VAL M 61 51.37 -82.58 29.51
N GLU M 62 52.28 -82.76 30.47
CA GLU M 62 53.69 -82.40 30.27
C GLU M 62 54.34 -83.27 29.20
N ARG M 63 53.91 -84.53 29.07
CA ARG M 63 54.41 -85.38 27.99
C ARG M 63 53.93 -84.89 26.63
N VAL M 64 52.67 -84.44 26.55
CA VAL M 64 52.15 -83.87 25.32
C VAL M 64 52.88 -82.58 24.95
N ILE M 65 53.18 -81.74 25.94
CA ILE M 65 53.96 -80.52 25.69
C ILE M 65 55.40 -80.86 25.29
N THR M 66 55.93 -81.98 25.79
CA THR M 66 57.26 -82.44 25.37
C THR M 66 57.24 -82.88 23.90
N ILE M 67 56.19 -83.60 23.50
CA ILE M 67 56.00 -83.96 22.09
C ILE M 67 55.82 -82.72 21.22
N MET M 68 55.17 -81.69 21.76
CA MET M 68 55.01 -80.42 21.05
C MET M 68 56.36 -79.74 20.83
N GLN M 69 57.18 -79.66 21.88
CA GLN M 69 58.42 -78.91 21.79
C GLN M 69 59.52 -79.68 21.08
N ASN M 70 59.43 -81.01 21.01
CA ASN M 70 60.42 -81.81 20.27
C ASN M 70 59.73 -83.08 19.78
N PRO M 71 59.11 -83.03 18.59
CA PRO M 71 58.49 -84.25 18.04
C PRO M 71 59.48 -85.17 17.33
N ARG M 72 60.60 -84.65 16.83
CA ARG M 72 61.50 -85.40 15.97
C ARG M 72 62.36 -86.43 16.70
N GLN M 73 62.29 -86.48 18.05
CA GLN M 73 63.09 -87.46 18.77
C GLN M 73 62.54 -88.87 18.60
N TYR M 74 61.21 -89.00 18.59
CA TYR M 74 60.56 -90.30 18.43
C TYR M 74 60.17 -90.58 16.98
N LYS M 75 59.35 -89.72 16.39
CA LYS M 75 58.62 -90.09 15.18
C LYS M 75 58.19 -88.77 14.51
N ILE M 76 57.17 -88.83 13.66
CA ILE M 76 56.54 -87.69 12.97
C ILE M 76 57.54 -86.99 12.07
N PRO M 77 57.80 -87.54 10.85
CA PRO M 77 58.82 -86.96 9.94
C PRO M 77 58.57 -85.52 9.50
N ASP M 78 59.54 -84.97 8.76
CA ASP M 78 59.62 -83.53 8.51
C ASP M 78 58.51 -83.00 7.61
N TRP M 79 57.80 -83.87 6.89
CA TRP M 79 56.73 -83.41 6.01
C TRP M 79 55.49 -82.97 6.78
N PHE M 80 55.26 -83.55 7.95
CA PHE M 80 54.01 -83.34 8.66
C PHE M 80 54.01 -82.06 9.48
N LEU M 81 55.17 -81.50 9.76
CA LEU M 81 55.26 -80.28 10.56
C LEU M 81 54.78 -79.08 9.75
N ASN M 82 54.44 -78.00 10.47
CA ASN M 82 53.97 -76.80 9.80
C ASN M 82 55.11 -76.04 9.16
N ARG M 83 56.20 -75.84 9.90
CA ARG M 83 57.34 -75.07 9.42
C ARG M 83 58.27 -76.02 8.67
N GLN M 84 58.36 -75.83 7.35
CA GLN M 84 59.23 -76.64 6.51
C GLN M 84 60.61 -75.98 6.44
N LYS M 85 61.41 -76.36 5.42
CA LYS M 85 62.84 -76.11 5.41
C LYS M 85 63.20 -74.62 5.36
N ASP M 86 62.38 -73.81 4.70
CA ASP M 86 62.71 -72.40 4.52
C ASP M 86 62.49 -71.62 5.81
N VAL M 87 63.53 -71.55 6.64
CA VAL M 87 63.46 -70.88 7.92
C VAL M 87 64.34 -69.63 7.98
N LYS M 88 65.43 -69.61 7.20
CA LYS M 88 66.70 -68.83 7.31
C LYS M 88 67.60 -69.47 8.36
N ASP M 89 67.23 -70.66 8.85
CA ASP M 89 68.09 -71.44 9.74
C ASP M 89 68.15 -72.87 9.23
N GLY M 90 67.12 -73.29 8.50
CA GLY M 90 67.05 -74.64 7.99
C GLY M 90 66.71 -75.68 9.05
N LYS M 91 65.81 -75.35 9.97
CA LYS M 91 65.46 -76.20 11.09
C LYS M 91 64.06 -76.75 10.91
N TYR M 92 63.90 -78.05 11.15
CA TYR M 92 62.62 -78.73 11.00
C TYR M 92 61.92 -78.72 12.36
N SER M 93 60.87 -77.92 12.49
CA SER M 93 60.21 -77.75 13.78
C SER M 93 58.73 -77.45 13.58
N GLN M 94 57.98 -77.59 14.66
CA GLN M 94 56.57 -77.22 14.71
C GLN M 94 56.44 -75.87 15.38
N VAL M 95 55.64 -74.98 14.78
CA VAL M 95 55.46 -73.64 15.32
C VAL M 95 54.51 -73.69 16.52
N LEU M 96 54.65 -72.71 17.40
CA LEU M 96 53.78 -72.57 18.55
C LEU M 96 52.68 -71.55 18.23
N ALA M 97 51.78 -71.32 19.20
CA ALA M 97 50.72 -70.34 18.99
C ALA M 97 51.28 -68.93 19.03
N ASN M 98 52.16 -68.64 19.99
CA ASN M 98 52.84 -67.35 19.98
C ASN M 98 53.90 -67.30 18.89
N GLY M 99 54.45 -68.47 18.52
CA GLY M 99 55.50 -68.51 17.53
C GLY M 99 55.03 -68.31 16.10
N LEU M 100 53.80 -68.71 15.80
CA LEU M 100 53.30 -68.64 14.42
C LEU M 100 53.10 -67.20 13.98
N ASP M 101 52.56 -66.36 14.86
CA ASP M 101 52.41 -64.94 14.54
C ASP M 101 53.76 -64.25 14.40
N ASN M 102 54.75 -64.65 15.19
CA ASN M 102 56.09 -64.09 15.06
C ASN M 102 56.75 -64.52 13.76
N LYS M 103 56.53 -65.77 13.33
CA LYS M 103 57.05 -66.21 12.04
C LYS M 103 56.37 -65.48 10.89
N LEU M 104 55.07 -65.19 11.04
CA LEU M 104 54.38 -64.40 10.01
C LEU M 104 54.88 -62.96 9.97
N ARG M 105 55.20 -62.39 11.15
CA ARG M 105 55.79 -61.06 11.19
C ARG M 105 57.17 -61.05 10.54
N GLU M 106 57.95 -62.12 10.72
CA GLU M 106 59.25 -62.20 10.07
C GLU M 106 59.11 -62.39 8.55
N ASP M 107 58.09 -63.16 8.13
CA ASP M 107 57.79 -63.33 6.71
C ASP M 107 57.48 -61.98 6.06
N LEU M 108 56.58 -61.22 6.68
CA LEU M 108 56.23 -59.91 6.15
C LEU M 108 57.37 -58.91 6.26
N GLU M 109 58.20 -59.03 7.30
CA GLU M 109 59.33 -58.13 7.48
C GLU M 109 60.39 -58.34 6.42
N ARG M 110 60.62 -59.60 6.01
CA ARG M 110 61.57 -59.79 4.93
C ARG M 110 60.94 -59.55 3.56
N LEU M 111 59.62 -59.74 3.42
CA LEU M 111 58.99 -59.43 2.13
C LEU M 111 58.90 -57.93 1.88
N LYS M 112 58.84 -57.12 2.94
CA LYS M 112 58.92 -55.67 2.74
C LYS M 112 60.31 -55.23 2.30
N LYS M 113 61.35 -55.96 2.69
CA LYS M 113 62.70 -55.65 2.21
C LYS M 113 62.94 -56.18 0.81
N ILE M 114 62.33 -57.32 0.47
CA ILE M 114 62.38 -57.84 -0.89
C ILE M 114 61.61 -56.93 -1.84
N ARG M 115 60.53 -56.29 -1.35
CA ARG M 115 59.57 -55.51 -2.13
C ARG M 115 58.98 -56.34 -3.27
N ALA M 116 58.67 -57.60 -2.98
CA ALA M 116 57.92 -58.42 -3.90
C ALA M 116 56.46 -58.02 -3.87
N HIS M 117 55.77 -58.26 -4.98
CA HIS M 117 54.37 -57.82 -5.10
C HIS M 117 53.45 -58.64 -4.22
N ARG M 118 53.85 -59.84 -3.80
CA ARG M 118 53.07 -60.60 -2.83
C ARG M 118 53.00 -59.88 -1.49
N GLY M 119 54.15 -59.44 -0.99
CA GLY M 119 54.18 -58.62 0.22
C GLY M 119 53.57 -57.25 0.00
N LEU M 120 53.67 -56.70 -1.21
CA LEU M 120 53.03 -55.41 -1.49
C LEU M 120 51.51 -55.52 -1.47
N ARG M 121 50.95 -56.56 -2.08
CA ARG M 121 49.50 -56.75 -2.04
C ARG M 121 49.02 -57.17 -0.66
N HIS M 122 49.86 -57.78 0.15
CA HIS M 122 49.45 -58.01 1.53
C HIS M 122 49.51 -56.73 2.36
N PHE M 123 50.46 -55.84 2.07
CA PHE M 123 50.54 -54.57 2.79
C PHE M 123 49.41 -53.63 2.39
N TRP M 124 49.05 -53.62 1.11
CA TRP M 124 47.88 -52.90 0.66
C TRP M 124 46.62 -53.72 0.92
N GLY M 125 45.48 -53.17 0.53
CA GLY M 125 44.22 -53.87 0.71
C GLY M 125 43.87 -54.75 -0.47
N LEU M 126 44.75 -55.68 -0.82
CA LEU M 126 44.57 -56.56 -1.95
C LEU M 126 44.72 -58.01 -1.51
N ARG M 127 44.55 -58.92 -2.47
CA ARG M 127 44.63 -60.35 -2.22
C ARG M 127 45.76 -60.95 -3.05
N VAL M 128 46.42 -61.95 -2.47
CA VAL M 128 47.52 -62.62 -3.17
C VAL M 128 46.98 -63.59 -4.22
N ARG M 129 46.21 -64.58 -3.77
CA ARG M 129 45.61 -65.57 -4.65
C ARG M 129 44.24 -65.16 -5.16
N GLY M 130 43.82 -63.93 -4.90
CA GLY M 130 42.58 -63.41 -5.41
C GLY M 130 42.71 -62.92 -6.84
N GLN M 131 42.70 -63.86 -7.79
CA GLN M 131 42.95 -63.54 -9.19
C GLN M 131 41.89 -62.62 -9.79
N HIS M 132 40.66 -62.68 -9.28
CA HIS M 132 39.60 -61.75 -9.67
C HIS M 132 39.14 -61.01 -8.42
N THR M 133 39.09 -59.69 -8.52
CA THR M 133 38.81 -58.84 -7.38
C THR M 133 37.69 -57.85 -7.72
N LYS M 134 36.70 -58.34 -8.48
CA LYS M 134 35.49 -57.55 -8.70
C LYS M 134 34.52 -57.72 -7.54
N THR M 135 34.07 -58.96 -7.29
CA THR M 135 33.21 -59.27 -6.17
C THR M 135 34.00 -59.58 -4.90
N THR M 136 35.18 -60.19 -5.07
CA THR M 136 36.03 -60.52 -3.94
C THR M 136 36.62 -59.26 -3.30
N GLY M 137 36.49 -59.15 -1.98
CA GLY M 137 37.12 -58.08 -1.25
C GLY M 137 36.28 -56.83 -1.07
N ARG M 138 34.97 -56.95 -1.10
CA ARG M 138 34.10 -55.81 -0.89
C ARG M 138 33.87 -55.57 0.59
N ARG M 139 33.47 -54.34 0.92
CA ARG M 139 33.17 -53.86 2.27
C ARG M 139 34.31 -54.06 3.26
N PRO N 1 27.47 -128.11 8.23
CA PRO N 1 27.25 -128.36 6.80
C PRO N 1 28.10 -127.46 5.92
N GLY N 2 27.63 -127.23 4.69
CA GLY N 2 28.34 -126.35 3.77
C GLY N 2 28.02 -124.89 4.04
N VAL N 3 29.05 -124.09 4.32
CA VAL N 3 28.89 -122.69 4.65
C VAL N 3 29.57 -121.86 3.57
N THR N 4 28.80 -120.96 2.95
CA THR N 4 29.31 -120.01 1.98
C THR N 4 29.36 -118.64 2.65
N VAL N 5 30.35 -117.82 2.28
CA VAL N 5 30.50 -116.51 2.89
C VAL N 5 29.38 -115.56 2.48
N LYS N 6 28.65 -115.86 1.40
CA LYS N 6 27.49 -115.06 1.03
C LYS N 6 26.26 -115.42 1.84
N ASP N 7 26.23 -116.61 2.46
CA ASP N 7 25.10 -117.00 3.28
C ASP N 7 25.05 -116.24 4.59
N VAL N 8 26.18 -115.72 5.05
CA VAL N 8 26.28 -115.02 6.33
C VAL N 8 26.40 -113.53 6.04
N ASN N 9 25.80 -112.70 6.90
CA ASN N 9 25.93 -111.26 6.77
C ASN N 9 27.37 -110.84 6.98
N GLN N 10 27.78 -109.79 6.27
CA GLN N 10 29.18 -109.38 6.27
C GLN N 10 29.57 -108.67 7.55
N GLN N 11 28.69 -107.88 8.14
CA GLN N 11 29.06 -107.08 9.29
C GLN N 11 29.24 -107.89 10.57
N GLU N 12 28.92 -109.18 10.56
CA GLU N 12 29.46 -110.11 11.53
C GLU N 12 30.75 -110.76 11.05
N PHE N 13 30.85 -110.98 9.72
CA PHE N 13 31.97 -111.72 9.16
C PHE N 13 33.29 -110.94 9.26
N VAL N 14 33.30 -109.69 8.80
CA VAL N 14 34.50 -108.86 8.89
C VAL N 14 34.80 -108.50 10.35
N ARG N 15 33.77 -108.35 11.18
CA ARG N 15 33.96 -107.98 12.58
C ARG N 15 34.57 -109.13 13.37
N ALA N 16 34.28 -110.37 12.97
CA ALA N 16 34.97 -111.51 13.59
C ALA N 16 36.33 -111.76 12.96
N LEU N 17 36.44 -111.57 11.64
CA LEU N 17 37.67 -111.89 10.93
C LEU N 17 38.80 -110.91 11.28
N ALA N 18 38.45 -109.67 11.63
CA ALA N 18 39.46 -108.72 12.09
C ALA N 18 40.06 -109.12 13.43
N ALA N 19 39.39 -109.97 14.21
CA ALA N 19 39.96 -110.55 15.43
C ALA N 19 40.59 -111.92 15.21
N PHE N 20 40.06 -112.72 14.29
CA PHE N 20 40.70 -114.00 14.00
C PHE N 20 42.04 -113.82 13.28
N LEU N 21 42.19 -112.75 12.50
CA LEU N 21 43.50 -112.46 11.93
C LEU N 21 44.46 -111.91 12.98
N LYS N 22 43.94 -111.29 14.03
CA LYS N 22 44.79 -110.93 15.18
C LYS N 22 45.24 -112.18 15.92
N LYS N 23 44.33 -113.15 16.07
CA LYS N 23 44.69 -114.40 16.74
C LYS N 23 45.70 -115.20 15.92
N SER N 24 45.58 -115.16 14.59
CA SER N 24 46.54 -115.83 13.73
C SER N 24 47.84 -115.05 13.58
N GLY N 25 47.83 -113.74 13.80
CA GLY N 25 49.04 -112.94 13.69
C GLY N 25 49.49 -112.68 12.27
N LYS N 26 48.55 -112.48 11.35
CA LYS N 26 48.85 -112.33 9.92
C LYS N 26 48.72 -110.86 9.54
N LEU N 27 49.79 -110.09 9.78
CA LEU N 27 49.82 -108.69 9.41
C LEU N 27 51.27 -108.22 9.29
N LYS N 28 51.54 -107.45 8.25
CA LYS N 28 52.78 -106.68 8.14
C LYS N 28 52.41 -105.20 8.14
N VAL N 29 53.15 -104.40 8.90
CA VAL N 29 52.83 -102.99 9.13
C VAL N 29 54.14 -102.25 9.42
N PRO N 30 54.94 -101.89 8.36
CA PRO N 30 56.37 -101.58 8.57
C PRO N 30 56.73 -100.36 9.39
N GLU N 31 56.57 -99.14 8.87
CA GLU N 31 56.93 -97.97 9.67
C GLU N 31 55.96 -96.80 9.58
N TRP N 32 55.53 -96.47 8.36
CA TRP N 32 54.73 -95.26 8.18
C TRP N 32 53.30 -95.50 8.61
N VAL N 33 52.78 -96.71 8.39
CA VAL N 33 51.49 -97.10 8.90
C VAL N 33 51.53 -97.39 10.39
N ASP N 34 52.69 -97.71 10.96
CA ASP N 34 52.84 -97.66 12.41
C ASP N 34 52.74 -96.23 12.92
N THR N 35 53.34 -95.28 12.20
CA THR N 35 53.28 -93.87 12.60
C THR N 35 51.85 -93.34 12.52
N VAL N 36 51.38 -93.07 11.30
CA VAL N 36 50.08 -92.49 10.94
C VAL N 36 49.91 -92.63 9.43
N LYS N 37 48.72 -93.02 8.97
CA LYS N 37 48.36 -92.83 7.57
C LYS N 37 46.92 -92.37 7.47
N LEU N 38 46.69 -91.31 6.70
CA LEU N 38 45.36 -90.79 6.48
C LEU N 38 44.61 -91.62 5.44
N ALA N 39 43.38 -91.20 5.15
CA ALA N 39 42.52 -91.85 4.17
C ALA N 39 42.84 -91.40 2.75
N LYS N 40 41.90 -91.64 1.84
CA LYS N 40 41.99 -91.40 0.40
C LYS N 40 42.49 -90.01 -0.02
N HIS N 41 41.70 -88.96 0.23
CA HIS N 41 42.14 -87.56 0.25
C HIS N 41 41.21 -86.90 1.28
N LYS N 42 41.64 -86.90 2.54
CA LYS N 42 40.77 -86.54 3.64
C LYS N 42 41.58 -85.72 4.65
N GLU N 43 41.00 -85.55 5.84
CA GLU N 43 41.62 -84.77 6.89
C GLU N 43 41.85 -85.56 8.18
N LEU N 44 41.27 -86.75 8.32
CA LEU N 44 41.37 -87.53 9.53
C LEU N 44 41.82 -88.96 9.19
N ALA N 45 42.10 -89.72 10.25
CA ALA N 45 42.55 -91.09 10.39
C ALA N 45 41.39 -91.99 10.80
N PRO N 46 41.44 -93.29 10.51
CA PRO N 46 40.37 -94.19 10.97
C PRO N 46 40.37 -94.36 12.49
N TYR N 47 39.20 -94.74 13.00
CA TYR N 47 38.93 -94.69 14.43
C TYR N 47 39.21 -96.03 15.12
N ASP N 48 38.56 -97.10 14.66
CA ASP N 48 38.68 -98.40 15.30
C ASP N 48 40.06 -98.98 15.03
N GLU N 49 40.75 -99.39 16.11
CA GLU N 49 42.19 -99.66 16.11
C GLU N 49 42.61 -100.79 15.19
N ASN N 50 41.71 -101.70 14.84
CA ASN N 50 42.03 -102.85 14.00
C ASN N 50 41.73 -102.57 12.53
N TRP N 51 41.96 -101.34 12.08
CA TRP N 51 41.62 -100.97 10.71
C TRP N 51 42.52 -101.67 9.69
N PHE N 52 43.74 -102.05 10.08
CA PHE N 52 44.61 -102.81 9.19
C PHE N 52 44.02 -104.19 8.92
N TYR N 53 43.56 -104.87 9.97
CA TYR N 53 42.91 -106.16 9.81
C TYR N 53 41.57 -106.02 9.11
N THR N 54 40.91 -104.87 9.26
CA THR N 54 39.67 -104.62 8.53
C THR N 54 39.92 -104.46 7.04
N ARG N 55 40.97 -103.72 6.66
CA ARG N 55 41.37 -103.63 5.25
C ARG N 55 41.79 -104.98 4.69
N ALA N 56 42.49 -105.78 5.50
CA ALA N 56 42.91 -107.11 5.05
C ALA N 56 41.73 -108.04 4.86
N ALA N 57 40.72 -107.93 5.73
CA ALA N 57 39.51 -108.75 5.59
C ALA N 57 38.69 -108.33 4.38
N SER N 58 38.61 -107.01 4.12
CA SER N 58 37.92 -106.54 2.92
C SER N 58 38.65 -106.95 1.65
N THR N 59 39.99 -106.94 1.69
CA THR N 59 40.79 -107.41 0.56
C THR N 59 40.58 -108.91 0.33
N ALA N 60 40.51 -109.69 1.40
CA ALA N 60 40.27 -111.13 1.26
C ALA N 60 38.87 -111.41 0.72
N ARG N 61 37.87 -110.64 1.17
CA ARG N 61 36.52 -110.82 0.66
C ARG N 61 36.43 -110.44 -0.82
N HIS N 62 37.11 -109.36 -1.21
CA HIS N 62 37.06 -108.94 -2.61
C HIS N 62 37.85 -109.87 -3.53
N LEU N 63 38.94 -110.48 -3.03
CA LEU N 63 39.62 -111.46 -3.86
C LEU N 63 38.88 -112.79 -3.90
N TYR N 64 38.03 -113.07 -2.90
CA TYR N 64 37.12 -114.19 -3.04
C TYR N 64 36.01 -113.88 -4.05
N LEU N 65 35.56 -112.63 -4.10
CA LEU N 65 34.53 -112.24 -5.07
C LEU N 65 35.06 -112.28 -6.49
N ARG N 66 36.06 -111.46 -6.79
CA ARG N 66 36.58 -111.30 -8.14
C ARG N 66 38.05 -111.70 -8.15
N GLY N 67 38.38 -112.73 -8.93
CA GLY N 67 39.75 -113.16 -9.06
C GLY N 67 40.45 -112.58 -10.26
N GLY N 68 41.38 -111.66 -10.03
CA GLY N 68 42.11 -111.04 -11.12
C GLY N 68 42.27 -109.54 -10.98
N ALA N 69 41.79 -108.99 -9.87
CA ALA N 69 41.93 -107.57 -9.61
C ALA N 69 43.36 -107.22 -9.23
N GLY N 70 43.69 -105.94 -9.30
CA GLY N 70 45.04 -105.49 -8.99
C GLY N 70 45.06 -104.33 -8.02
N VAL N 71 46.17 -103.59 -8.02
CA VAL N 71 46.32 -102.44 -7.12
C VAL N 71 45.35 -101.33 -7.52
N GLY N 72 45.38 -100.92 -8.79
CA GLY N 72 44.47 -99.89 -9.25
C GLY N 72 43.02 -100.33 -9.29
N SER N 73 42.78 -101.62 -9.59
CA SER N 73 41.42 -102.14 -9.59
C SER N 73 40.83 -102.14 -8.18
N MET N 74 41.62 -102.56 -7.18
CA MET N 74 41.12 -102.55 -5.82
C MET N 74 41.04 -101.12 -5.28
N THR N 75 41.89 -100.23 -5.79
CA THR N 75 41.78 -98.81 -5.43
C THR N 75 40.47 -98.22 -5.95
N LYS N 76 40.06 -98.61 -7.17
CA LYS N 76 38.75 -98.22 -7.67
C LYS N 76 37.61 -98.93 -6.94
N ILE N 77 37.88 -100.13 -6.40
CA ILE N 77 36.90 -100.82 -5.57
C ILE N 77 36.62 -100.03 -4.29
N TYR N 78 37.69 -99.58 -3.61
CA TYR N 78 37.51 -98.71 -2.44
C TYR N 78 36.85 -97.40 -2.83
N GLY N 79 37.54 -96.60 -3.65
CA GLY N 79 36.95 -95.38 -4.19
C GLY N 79 36.73 -94.27 -3.18
N GLY N 80 36.29 -93.10 -3.62
CA GLY N 80 36.00 -92.04 -2.68
C GLY N 80 35.31 -90.81 -3.23
N ARG N 81 34.45 -90.20 -2.42
CA ARG N 81 33.81 -88.93 -2.75
C ARG N 81 34.64 -87.81 -2.14
N GLN N 82 35.45 -87.15 -2.95
CA GLN N 82 36.38 -86.13 -2.46
C GLN N 82 35.65 -84.80 -2.35
N ARG N 83 35.23 -84.44 -1.14
CA ARG N 83 34.60 -83.14 -0.91
C ARG N 83 35.67 -82.05 -0.96
N ASN N 84 35.56 -81.15 -1.92
CA ASN N 84 36.58 -80.15 -2.16
C ASN N 84 36.28 -78.81 -1.50
N GLY N 85 35.01 -78.50 -1.26
CA GLY N 85 34.66 -77.25 -0.61
C GLY N 85 33.73 -76.38 -1.43
N VAL N 86 34.21 -75.18 -1.80
CA VAL N 86 33.48 -74.34 -2.74
C VAL N 86 33.40 -75.00 -4.10
N MET N 87 34.51 -75.55 -4.56
CA MET N 87 34.52 -76.37 -5.76
C MET N 87 33.78 -77.68 -5.46
N PRO N 88 32.90 -78.14 -6.34
CA PRO N 88 32.07 -79.31 -6.04
C PRO N 88 32.88 -80.59 -6.00
N SER N 89 32.27 -81.62 -5.42
CA SER N 89 32.95 -82.86 -5.16
C SER N 89 33.03 -83.72 -6.43
N HIS N 90 33.96 -84.66 -6.42
CA HIS N 90 34.14 -85.60 -7.51
C HIS N 90 34.51 -86.96 -6.92
N PHE N 91 34.85 -87.89 -7.81
CA PHE N 91 35.22 -89.25 -7.42
C PHE N 91 36.74 -89.38 -7.49
N SER N 92 37.37 -89.36 -6.32
CA SER N 92 38.80 -89.64 -6.22
C SER N 92 39.01 -91.10 -5.84
N ARG N 93 40.28 -91.51 -5.86
CA ARG N 93 40.67 -92.88 -5.56
C ARG N 93 41.45 -92.91 -4.26
N GLY N 94 41.60 -94.13 -3.72
CA GLY N 94 42.36 -94.34 -2.51
C GLY N 94 43.86 -94.35 -2.77
N SER N 95 44.59 -94.75 -1.74
CA SER N 95 46.06 -94.79 -1.81
C SER N 95 46.52 -96.14 -2.33
N LYS N 96 47.58 -96.11 -3.15
CA LYS N 96 48.14 -97.33 -3.70
C LYS N 96 49.09 -98.02 -2.73
N SER N 97 49.55 -97.31 -1.71
CA SER N 97 50.54 -97.87 -0.80
C SER N 97 49.94 -98.96 0.08
N VAL N 98 48.75 -98.72 0.64
CA VAL N 98 48.07 -99.79 1.36
C VAL N 98 47.57 -100.87 0.43
N ALA N 99 47.25 -100.51 -0.82
CA ALA N 99 46.76 -101.49 -1.79
C ALA N 99 47.84 -102.48 -2.20
N ARG N 100 49.10 -102.04 -2.26
CA ARG N 100 50.19 -102.99 -2.43
C ARG N 100 50.67 -103.59 -1.12
N ARG N 101 50.45 -102.89 0.01
CA ARG N 101 50.88 -103.37 1.32
C ARG N 101 50.10 -104.62 1.73
N VAL N 102 48.78 -104.57 1.58
CA VAL N 102 47.94 -105.69 2.03
C VAL N 102 48.16 -106.91 1.15
N LEU N 103 48.34 -106.69 -0.16
CA LEU N 103 48.62 -107.80 -1.06
C LEU N 103 50.00 -108.41 -0.80
N GLN N 104 51.00 -107.57 -0.50
CA GLN N 104 52.32 -108.10 -0.18
C GLN N 104 52.32 -108.84 1.16
N ALA N 105 51.55 -108.36 2.13
CA ALA N 105 51.47 -109.01 3.43
C ALA N 105 50.75 -110.35 3.33
N LEU N 106 49.67 -110.42 2.56
CA LEU N 106 48.98 -111.69 2.40
C LEU N 106 49.76 -112.65 1.51
N GLU N 107 50.59 -112.13 0.61
CA GLU N 107 51.47 -113.00 -0.15
C GLU N 107 52.58 -113.57 0.73
N GLY N 108 53.10 -112.75 1.66
CA GLY N 108 54.07 -113.25 2.62
C GLY N 108 53.48 -114.22 3.62
N LEU N 109 52.21 -114.06 3.94
CA LEU N 109 51.50 -115.00 4.80
C LEU N 109 50.77 -116.08 4.00
N LYS N 110 51.04 -116.18 2.69
CA LYS N 110 50.62 -117.28 1.81
C LYS N 110 49.08 -117.34 1.69
N MET N 111 48.51 -116.23 1.25
CA MET N 111 47.07 -116.16 0.98
C MET N 111 46.72 -115.56 -0.38
N VAL N 112 47.68 -114.99 -1.09
CA VAL N 112 47.44 -114.38 -2.40
C VAL N 112 48.39 -115.01 -3.42
N GLU N 113 47.83 -115.62 -4.45
CA GLU N 113 48.58 -116.09 -5.61
C GLU N 113 48.43 -115.08 -6.73
N LYS N 114 49.52 -114.83 -7.45
CA LYS N 114 49.52 -113.84 -8.53
C LYS N 114 49.01 -114.46 -9.82
N ASP N 115 48.28 -113.65 -10.59
CA ASP N 115 47.83 -114.05 -11.91
C ASP N 115 48.89 -113.69 -12.93
N GLN N 116 48.99 -114.51 -13.99
CA GLN N 116 49.95 -114.24 -15.05
C GLN N 116 49.54 -113.07 -15.94
N ASP N 117 48.25 -112.71 -15.94
CA ASP N 117 47.77 -111.57 -16.71
C ASP N 117 47.32 -110.40 -15.85
N GLY N 118 46.78 -110.66 -14.67
CA GLY N 118 46.29 -109.60 -13.81
C GLY N 118 47.02 -109.50 -12.49
N GLY N 119 46.31 -109.77 -11.40
CA GLY N 119 46.84 -109.57 -10.07
C GLY N 119 46.52 -110.68 -9.10
N ARG N 120 45.88 -110.33 -7.99
CA ARG N 120 45.54 -111.26 -6.93
C ARG N 120 44.53 -112.31 -7.39
N LYS N 121 44.59 -113.48 -6.74
CA LYS N 121 43.55 -114.49 -6.83
C LYS N 121 43.64 -115.36 -5.59
N LEU N 122 42.67 -116.27 -5.44
CA LEU N 122 42.56 -117.04 -4.22
C LEU N 122 43.52 -118.22 -4.22
N THR N 123 43.84 -118.69 -3.02
CA THR N 123 44.65 -119.87 -2.76
C THR N 123 43.81 -120.93 -2.05
N PRO N 124 44.17 -122.22 -2.17
CA PRO N 124 43.42 -123.24 -1.43
C PRO N 124 43.59 -123.16 0.07
N GLN N 125 44.76 -122.75 0.56
CA GLN N 125 44.96 -122.58 2.01
C GLN N 125 44.09 -121.44 2.56
N GLY N 126 44.07 -120.31 1.85
CA GLY N 126 43.18 -119.23 2.23
C GLY N 126 41.71 -119.58 2.04
N GLN N 127 41.40 -120.45 1.08
CA GLN N 127 40.04 -120.95 0.92
C GLN N 127 39.60 -121.77 2.11
N ARG N 128 40.47 -122.68 2.58
CA ARG N 128 40.17 -123.46 3.78
C ARG N 128 40.05 -122.57 5.01
N ASP N 129 40.93 -121.57 5.14
CA ASP N 129 40.89 -120.67 6.29
C ASP N 129 39.61 -119.84 6.31
N LEU N 130 39.27 -119.20 5.18
CA LEU N 130 38.06 -118.39 5.11
C LEU N 130 36.80 -119.24 5.22
N ASP N 131 36.83 -120.48 4.73
CA ASP N 131 35.65 -121.35 4.82
C ASP N 131 35.42 -121.80 6.24
N ARG N 132 36.49 -122.14 6.98
CA ARG N 132 36.32 -122.53 8.37
C ARG N 132 35.94 -121.34 9.25
N ILE N 133 36.46 -120.14 8.93
CA ILE N 133 36.08 -118.95 9.69
C ILE N 133 34.63 -118.57 9.40
N ALA N 134 34.19 -118.70 8.15
CA ALA N 134 32.78 -118.47 7.83
C ALA N 134 31.88 -119.52 8.47
N GLY N 135 32.35 -120.76 8.58
CA GLY N 135 31.57 -121.79 9.24
C GLY N 135 31.41 -121.55 10.73
N GLN N 136 32.47 -121.11 11.41
CA GLN N 136 32.34 -120.83 12.83
C GLN N 136 31.57 -119.52 13.08
N VAL N 137 31.63 -118.57 12.15
CA VAL N 137 30.78 -117.38 12.27
C VAL N 137 29.30 -117.75 12.06
N ALA N 138 29.01 -118.64 11.12
CA ALA N 138 27.65 -119.12 10.94
C ALA N 138 27.17 -119.95 12.12
N ALA N 139 28.07 -120.69 12.76
CA ALA N 139 27.72 -121.43 13.97
C ALA N 139 27.42 -120.48 15.13
N ALA N 140 28.19 -119.40 15.25
CA ALA N 140 27.90 -118.40 16.28
C ALA N 140 26.62 -117.62 15.96
N ASN N 141 26.26 -117.51 14.69
CA ASN N 141 25.02 -116.85 14.30
C ASN N 141 23.81 -117.73 14.64
N LYS N 142 23.89 -119.02 14.30
CA LYS N 142 22.78 -119.92 14.57
C LYS N 142 22.70 -120.34 16.03
N LYS N 143 23.77 -120.16 16.80
CA LYS N 143 23.75 -120.47 18.22
C LYS N 143 23.63 -119.21 19.06
N ILE O 1 38.91 -117.46 -40.05
CA ILE O 1 38.80 -116.53 -41.17
C ILE O 1 37.46 -115.80 -41.08
N ARG O 2 37.51 -114.47 -41.02
CA ARG O 2 36.32 -113.65 -40.85
C ARG O 2 36.26 -112.56 -41.91
N ILE O 3 35.04 -112.12 -42.19
CA ILE O 3 34.76 -111.07 -43.17
C ILE O 3 33.82 -110.06 -42.52
N THR O 4 34.23 -108.80 -42.53
CA THR O 4 33.47 -107.71 -41.93
C THR O 4 32.90 -106.82 -43.02
N LEU O 5 31.58 -106.63 -43.00
CA LEU O 5 30.88 -105.72 -43.89
C LEU O 5 30.41 -104.53 -43.06
N THR O 6 31.01 -103.37 -43.29
CA THR O 6 30.67 -102.16 -42.53
C THR O 6 30.02 -101.17 -43.48
N SER O 7 28.77 -100.81 -43.19
CA SER O 7 27.98 -100.03 -44.13
C SER O 7 27.69 -98.64 -43.59
N ARG O 8 27.37 -97.73 -44.52
CA ARG O 8 27.01 -96.37 -44.14
C ARG O 8 25.56 -96.30 -43.67
N ASN O 9 24.66 -97.02 -44.35
CA ASN O 9 23.24 -96.96 -44.01
C ASN O 9 22.63 -98.36 -44.04
N VAL O 10 21.47 -98.45 -43.37
CA VAL O 10 20.85 -99.74 -43.04
C VAL O 10 20.30 -100.43 -44.28
N LYS O 11 19.85 -99.67 -45.28
CA LYS O 11 19.26 -100.28 -46.47
C LYS O 11 20.33 -100.95 -47.34
N SER O 12 21.44 -100.27 -47.57
CA SER O 12 22.56 -100.88 -48.29
C SER O 12 23.19 -102.01 -47.47
N LEU O 13 23.18 -101.89 -46.14
CA LEU O 13 23.61 -102.99 -45.27
C LEU O 13 22.79 -104.24 -45.49
N GLU O 14 21.47 -104.12 -45.44
CA GLU O 14 20.61 -105.28 -45.60
C GLU O 14 20.63 -105.81 -47.03
N LYS O 15 20.82 -104.93 -48.02
CA LYS O 15 20.94 -105.39 -49.40
C LYS O 15 22.21 -106.21 -49.61
N VAL O 16 23.35 -105.73 -49.11
CA VAL O 16 24.59 -106.48 -49.31
C VAL O 16 24.60 -107.73 -48.43
N CYS O 17 23.89 -107.71 -47.29
CA CYS O 17 23.78 -108.90 -46.47
C CYS O 17 22.95 -109.97 -47.16
N ALA O 18 21.81 -109.57 -47.74
CA ALA O 18 20.96 -110.52 -48.46
C ALA O 18 21.66 -111.06 -49.69
N ASP O 19 22.41 -110.21 -50.40
CA ASP O 19 23.15 -110.65 -51.58
C ASP O 19 24.27 -111.61 -51.20
N LEU O 20 24.96 -111.35 -50.08
CA LEU O 20 26.06 -112.21 -49.68
C LEU O 20 25.57 -113.56 -49.18
N ILE O 21 24.46 -113.58 -48.42
CA ILE O 21 23.89 -114.85 -47.98
C ILE O 21 23.32 -115.62 -49.17
N ARG O 22 22.73 -114.91 -50.14
CA ARG O 22 22.23 -115.56 -51.35
C ARG O 22 23.35 -116.14 -52.19
N GLY O 23 24.53 -115.51 -52.20
CA GLY O 23 25.68 -116.08 -52.86
C GLY O 23 26.45 -117.10 -52.05
N ALA O 24 26.19 -117.20 -50.75
CA ALA O 24 26.87 -118.17 -49.91
C ALA O 24 26.05 -119.41 -49.60
N LYS O 25 24.73 -119.40 -49.88
CA LYS O 25 23.92 -120.59 -49.62
C LYS O 25 24.27 -121.76 -50.52
N GLU O 26 24.57 -121.51 -51.80
CA GLU O 26 24.67 -122.61 -52.75
C GLU O 26 25.99 -123.38 -52.65
N LYS O 27 27.00 -122.82 -52.02
CA LYS O 27 28.29 -123.48 -51.93
C LYS O 27 28.36 -124.38 -50.70
N ASN O 28 29.34 -125.29 -50.72
CA ASN O 28 29.51 -126.27 -49.65
C ASN O 28 30.40 -125.70 -48.54
N LEU O 29 29.87 -124.67 -47.88
CA LEU O 29 30.57 -123.99 -46.79
C LEU O 29 29.61 -123.83 -45.62
N LYS O 30 30.08 -124.14 -44.42
CA LYS O 30 29.31 -123.91 -43.21
C LYS O 30 29.31 -122.41 -42.92
N VAL O 31 28.30 -121.72 -43.42
CA VAL O 31 28.24 -120.26 -43.35
C VAL O 31 27.67 -119.85 -42.00
N LYS O 32 28.45 -119.08 -41.24
CA LYS O 32 27.96 -118.54 -39.99
C LYS O 32 27.05 -117.35 -40.24
N GLY O 33 26.29 -116.98 -39.21
CA GLY O 33 25.28 -115.95 -39.35
C GLY O 33 25.86 -114.56 -39.46
N PRO O 34 25.07 -113.63 -40.03
CA PRO O 34 25.48 -112.23 -40.09
C PRO O 34 25.37 -111.56 -38.72
N VAL O 35 26.44 -111.67 -37.92
CA VAL O 35 26.45 -111.28 -36.52
C VAL O 35 26.25 -109.77 -36.41
N ARG O 36 25.14 -109.37 -35.79
CA ARG O 36 24.84 -107.95 -35.62
C ARG O 36 25.74 -107.34 -34.54
N MET O 37 26.30 -106.18 -34.84
CA MET O 37 27.11 -105.30 -34.03
C MET O 37 26.26 -104.15 -33.49
N PRO O 38 26.62 -103.54 -32.36
CA PRO O 38 25.90 -102.35 -31.92
C PRO O 38 26.20 -101.15 -32.80
N THR O 39 25.16 -100.37 -33.09
CA THR O 39 25.29 -99.23 -33.99
C THR O 39 26.05 -98.10 -33.29
N LYS O 40 27.09 -97.61 -33.94
CA LYS O 40 27.86 -96.49 -33.40
C LYS O 40 27.24 -95.16 -33.84
N THR O 41 27.35 -94.16 -32.96
CA THR O 41 26.76 -92.85 -33.21
C THR O 41 27.73 -91.77 -32.71
N LEU O 42 28.08 -90.85 -33.60
CA LEU O 42 28.91 -89.70 -33.26
C LEU O 42 28.01 -88.49 -33.13
N ARG O 43 27.65 -88.15 -31.90
CA ARG O 43 26.77 -87.02 -31.61
C ARG O 43 27.60 -85.75 -31.48
N ILE O 44 27.25 -84.74 -32.29
CA ILE O 44 27.94 -83.45 -32.28
C ILE O 44 26.91 -82.36 -32.02
N THR O 45 27.22 -81.50 -31.06
CA THR O 45 26.33 -80.41 -30.65
C THR O 45 26.97 -79.09 -31.08
N THR O 46 26.18 -78.22 -31.71
CA THR O 46 26.68 -77.00 -32.32
C THR O 46 25.83 -75.82 -31.87
N ARG O 47 26.47 -74.66 -31.72
CA ARG O 47 25.83 -73.45 -31.21
C ARG O 47 24.75 -72.89 -32.13
N LYS O 48 24.78 -73.28 -33.42
CA LYS O 48 23.92 -72.88 -34.54
C LYS O 48 24.19 -71.45 -35.04
N THR O 49 25.03 -70.69 -34.34
CA THR O 49 25.15 -69.28 -34.66
C THR O 49 26.58 -68.77 -34.45
N PRO O 50 27.04 -67.84 -35.31
CA PRO O 50 28.37 -67.27 -35.09
C PRO O 50 28.43 -66.30 -33.93
N CYS O 51 27.38 -65.50 -33.72
CA CYS O 51 27.31 -64.57 -32.61
C CYS O 51 26.20 -64.98 -31.65
N GLY O 52 26.40 -64.69 -30.37
CA GLY O 52 25.50 -65.15 -29.34
C GLY O 52 24.27 -64.28 -29.13
N GLU O 53 23.29 -64.38 -30.02
CA GLU O 53 22.00 -63.74 -29.85
C GLU O 53 20.92 -64.80 -29.72
N GLY O 54 20.02 -64.59 -28.78
CA GLY O 54 18.88 -65.48 -28.61
C GLY O 54 19.12 -66.51 -27.54
N SER O 55 18.24 -67.50 -27.51
CA SER O 55 18.33 -68.58 -26.56
C SER O 55 19.46 -69.54 -26.95
N LYS O 56 19.84 -70.39 -26.01
CA LYS O 56 20.88 -71.39 -26.23
C LYS O 56 20.27 -72.51 -27.07
N THR O 57 20.28 -72.30 -28.38
CA THR O 57 19.63 -73.20 -29.33
C THR O 57 20.72 -74.04 -30.00
N TRP O 58 20.71 -75.35 -29.73
CA TRP O 58 21.80 -76.23 -30.08
C TRP O 58 21.38 -77.25 -31.12
N ASP O 59 22.31 -77.58 -32.02
CA ASP O 59 22.17 -78.65 -32.98
C ASP O 59 22.32 -80.02 -32.33
N ARG O 60 22.01 -81.05 -33.11
CA ARG O 60 22.27 -82.44 -32.71
C ARG O 60 22.49 -83.23 -34.00
N PHE O 61 23.75 -83.35 -34.41
CA PHE O 61 24.12 -84.10 -35.60
C PHE O 61 24.60 -85.49 -35.23
N GLN O 62 24.15 -86.49 -35.98
CA GLN O 62 24.45 -87.88 -35.67
C GLN O 62 24.82 -88.63 -36.93
N MET O 63 25.51 -89.75 -36.74
CA MET O 63 25.69 -90.78 -37.75
C MET O 63 25.20 -92.11 -37.21
N ARG O 64 25.03 -93.09 -38.09
CA ARG O 64 24.63 -94.44 -37.71
C ARG O 64 25.59 -95.41 -38.40
N ILE O 65 26.71 -95.68 -37.75
CA ILE O 65 27.68 -96.64 -38.25
C ILE O 65 27.17 -98.04 -37.95
N HIS O 66 26.92 -98.82 -39.01
CA HIS O 66 26.42 -100.18 -38.92
C HIS O 66 27.49 -101.15 -39.38
N LYS O 67 27.55 -102.31 -38.71
CA LYS O 67 28.65 -103.25 -38.90
C LYS O 67 28.12 -104.67 -38.78
N ARG O 68 28.64 -105.57 -39.61
CA ARG O 68 28.31 -106.99 -39.55
C ARG O 68 29.58 -107.81 -39.71
N LEU O 69 29.64 -108.94 -39.02
CA LEU O 69 30.77 -109.85 -39.11
C LEU O 69 30.27 -111.27 -39.40
N ILE O 70 30.99 -111.97 -40.28
CA ILE O 70 30.73 -113.38 -40.55
C ILE O 70 32.03 -114.15 -40.45
N ASP O 71 31.89 -115.46 -40.24
CA ASP O 71 33.04 -116.37 -40.14
C ASP O 71 32.91 -117.41 -41.24
N LEU O 72 33.92 -117.52 -42.09
CA LEU O 72 33.89 -118.46 -43.21
C LEU O 72 35.25 -119.16 -43.28
N HIS O 73 35.32 -120.36 -42.73
CA HIS O 73 36.54 -121.16 -42.90
C HIS O 73 36.60 -121.70 -44.33
N SER O 74 37.63 -121.29 -45.06
CA SER O 74 37.76 -121.62 -46.48
C SER O 74 39.22 -121.48 -46.87
N PRO O 75 39.65 -122.19 -47.91
CA PRO O 75 40.96 -121.89 -48.51
C PRO O 75 40.97 -120.51 -49.17
N SER O 76 42.19 -120.00 -49.36
CA SER O 76 42.37 -118.63 -49.84
C SER O 76 41.90 -118.45 -51.27
N GLU O 77 41.97 -119.50 -52.09
CA GLU O 77 41.44 -119.43 -53.45
C GLU O 77 39.93 -119.27 -53.46
N ILE O 78 39.24 -120.00 -52.58
CA ILE O 78 37.79 -119.88 -52.47
C ILE O 78 37.41 -118.53 -51.87
N VAL O 79 38.22 -118.02 -50.95
CA VAL O 79 37.99 -116.68 -50.38
C VAL O 79 38.14 -115.60 -51.45
N LYS O 80 39.17 -115.71 -52.29
CA LYS O 80 39.35 -114.75 -53.39
C LYS O 80 38.29 -114.92 -54.47
N GLN O 81 37.72 -116.12 -54.60
CA GLN O 81 36.60 -116.32 -55.52
C GLN O 81 35.34 -115.64 -55.01
N ILE O 82 35.06 -115.75 -53.72
CA ILE O 82 33.90 -115.10 -53.11
C ILE O 82 34.09 -113.58 -53.04
N THR O 83 35.34 -113.11 -53.01
CA THR O 83 35.67 -111.70 -52.83
C THR O 83 35.11 -110.81 -53.95
N SER O 84 35.07 -111.31 -55.17
CA SER O 84 34.55 -110.55 -56.31
C SER O 84 33.04 -110.40 -56.18
N ILE O 85 32.59 -109.22 -55.76
CA ILE O 85 31.18 -108.94 -55.47
C ILE O 85 30.82 -107.61 -56.12
N SER O 86 29.76 -107.61 -56.93
CA SER O 86 29.14 -106.36 -57.36
C SER O 86 28.42 -105.75 -56.17
N ILE O 87 28.96 -104.64 -55.65
CA ILE O 87 28.59 -104.16 -54.33
C ILE O 87 28.17 -102.69 -54.41
N GLU O 88 27.28 -102.29 -53.50
CA GLU O 88 26.96 -100.89 -53.30
C GLU O 88 28.20 -100.14 -52.79
N PRO O 89 28.45 -98.92 -53.25
CA PRO O 89 29.65 -98.18 -52.82
C PRO O 89 29.62 -97.74 -51.35
N GLY O 90 28.48 -97.79 -50.67
CA GLY O 90 28.42 -97.43 -49.27
C GLY O 90 28.80 -98.54 -48.31
N VAL O 91 29.35 -99.65 -48.80
CA VAL O 91 29.69 -100.81 -47.99
C VAL O 91 31.20 -101.04 -48.12
N GLU O 92 31.89 -101.18 -46.98
CA GLU O 92 33.30 -101.48 -46.94
C GLU O 92 33.52 -102.92 -46.50
N VAL O 93 34.49 -103.59 -47.13
CA VAL O 93 34.76 -105.00 -46.93
C VAL O 93 36.15 -105.12 -46.29
N GLU O 94 36.22 -105.88 -45.20
CA GLU O 94 37.50 -106.24 -44.60
C GLU O 94 37.57 -107.76 -44.45
N VAL O 95 38.75 -108.32 -44.69
CA VAL O 95 38.97 -109.75 -44.56
C VAL O 95 40.07 -109.99 -43.54
N THR O 96 40.00 -111.14 -42.88
CA THR O 96 41.04 -111.54 -41.93
C THR O 96 41.19 -113.04 -41.99
N ILE O 97 42.40 -113.51 -42.25
CA ILE O 97 42.68 -114.94 -42.31
C ILE O 97 43.37 -115.40 -41.02
N GLY P 1 33.72 -55.24 6.25
CA GLY P 1 33.51 -53.90 6.76
C GLY P 1 32.25 -53.78 7.60
N LYS P 2 31.21 -53.19 7.02
CA LYS P 2 29.94 -53.01 7.71
C LYS P 2 29.18 -54.33 7.77
N ALA P 3 28.31 -54.44 8.76
CA ALA P 3 27.50 -55.64 8.99
C ALA P 3 26.04 -55.29 8.76
N LYS P 4 25.48 -55.81 7.67
CA LYS P 4 24.08 -55.57 7.32
C LYS P 4 23.43 -56.88 6.92
N LYS P 5 22.24 -57.14 7.47
CA LYS P 5 21.45 -58.29 7.07
C LYS P 5 20.00 -57.85 6.93
N LYS P 6 19.26 -58.53 6.06
CA LYS P 6 17.94 -58.10 5.67
C LYS P 6 16.82 -58.63 6.57
N LYS P 7 17.16 -59.41 7.59
CA LYS P 7 16.18 -59.96 8.52
C LYS P 7 16.64 -59.72 9.95
N TRP P 8 15.67 -59.72 10.86
CA TRP P 8 15.92 -59.49 12.28
C TRP P 8 15.15 -60.53 13.08
N SER P 9 15.84 -61.61 13.48
CA SER P 9 15.23 -62.67 14.28
C SER P 9 16.27 -63.14 15.30
N LYS P 10 16.22 -62.55 16.49
CA LYS P 10 17.09 -62.91 17.60
C LYS P 10 16.24 -63.56 18.69
N GLY P 11 16.88 -63.82 19.84
CA GLY P 11 16.17 -64.43 20.95
C GLY P 11 15.91 -65.91 20.78
N LYS P 12 16.97 -66.71 20.80
CA LYS P 12 16.86 -68.16 20.66
C LYS P 12 16.44 -68.82 21.98
N VAL P 13 16.61 -70.14 22.08
CA VAL P 13 15.96 -70.94 23.13
C VAL P 13 16.50 -70.56 24.52
N ARG P 14 17.79 -70.79 24.77
CA ARG P 14 18.36 -70.34 26.03
C ARG P 14 19.85 -70.03 25.81
N ASP P 15 20.11 -68.78 25.42
CA ASP P 15 21.29 -67.94 25.73
C ASP P 15 22.62 -68.65 25.94
N LYS P 16 22.97 -69.56 25.03
CA LYS P 16 24.17 -70.42 25.10
C LYS P 16 24.16 -71.23 26.41
N LEU P 17 23.19 -72.13 26.48
CA LEU P 17 22.96 -72.92 27.68
C LEU P 17 24.11 -73.89 27.92
N ASN P 18 24.56 -73.96 29.17
CA ASN P 18 25.60 -74.90 29.54
C ASN P 18 25.03 -76.31 29.68
N ASN P 19 25.93 -77.29 29.64
CA ASN P 19 25.51 -78.69 29.73
C ASN P 19 26.68 -79.49 30.28
N LEU P 20 26.37 -80.48 31.12
CA LEU P 20 27.40 -81.22 31.83
C LEU P 20 28.15 -82.17 30.92
N VAL P 21 29.48 -82.19 31.06
CA VAL P 21 30.30 -83.11 30.27
C VAL P 21 30.26 -84.51 30.86
N LEU P 22 30.59 -84.63 32.14
CA LEU P 22 30.59 -85.90 32.84
C LEU P 22 29.52 -85.86 33.94
N PHE P 23 28.96 -87.02 34.25
CA PHE P 23 27.94 -87.14 35.28
C PHE P 23 28.51 -86.77 36.66
N ASP P 24 27.71 -86.06 37.44
CA ASP P 24 28.13 -85.64 38.78
C ASP P 24 27.80 -86.74 39.78
N LYS P 25 27.88 -86.44 41.07
CA LYS P 25 27.51 -87.40 42.09
C LYS P 25 26.00 -87.44 42.28
N ALA P 26 25.43 -86.30 42.71
CA ALA P 26 23.99 -86.24 42.97
C ALA P 26 23.18 -86.30 41.68
N THR P 27 23.75 -85.83 40.57
CA THR P 27 23.04 -85.90 39.29
C THR P 27 22.90 -87.34 38.82
N TYR P 28 23.99 -88.11 38.86
CA TYR P 28 23.91 -89.53 38.49
C TYR P 28 23.12 -90.34 39.52
N ASP P 29 23.13 -89.91 40.79
CA ASP P 29 22.27 -90.54 41.78
C ASP P 29 20.80 -90.32 41.46
N LYS P 30 20.43 -89.10 41.06
CA LYS P 30 19.06 -88.81 40.65
C LYS P 30 18.69 -89.57 39.39
N LEU P 31 19.65 -89.74 38.46
CA LEU P 31 19.44 -90.57 37.28
C LEU P 31 19.11 -92.01 37.66
N CYS P 32 19.89 -92.58 38.59
CA CYS P 32 19.63 -93.94 39.04
C CYS P 32 18.33 -94.06 39.84
N LYS P 33 17.92 -92.98 40.51
CA LYS P 33 16.66 -93.03 41.26
C LYS P 33 15.45 -92.99 40.33
N GLU P 34 15.37 -92.01 39.43
CA GLU P 34 14.15 -91.82 38.65
C GLU P 34 14.25 -92.39 37.24
N VAL P 35 15.29 -93.14 36.91
CA VAL P 35 15.34 -93.84 35.63
C VAL P 35 14.29 -94.96 35.48
N PRO P 36 13.73 -95.63 36.51
CA PRO P 36 12.57 -96.47 36.21
C PRO P 36 11.27 -95.70 35.98
N ASN P 37 11.22 -94.42 36.35
CA ASN P 37 9.98 -93.66 36.22
C ASN P 37 9.69 -93.28 34.78
N TYR P 38 10.72 -93.17 33.94
CA TYR P 38 10.52 -92.90 32.53
C TYR P 38 10.21 -94.19 31.78
N LYS P 39 9.17 -94.13 30.94
CA LYS P 39 8.75 -95.31 30.21
C LYS P 39 9.54 -95.52 28.93
N LEU P 40 9.84 -94.44 28.21
CA LEU P 40 10.54 -94.49 26.93
C LEU P 40 11.92 -93.88 27.12
N ILE P 41 12.92 -94.73 27.32
CA ILE P 41 14.29 -94.28 27.54
C ILE P 41 14.88 -93.94 26.18
N THR P 42 14.85 -92.65 25.84
CA THR P 42 15.46 -92.17 24.61
C THR P 42 16.54 -91.15 24.94
N PRO P 43 17.67 -91.17 24.21
CA PRO P 43 18.79 -90.28 24.55
C PRO P 43 18.48 -88.81 24.38
N ALA P 44 17.55 -88.44 23.51
CA ALA P 44 17.18 -87.03 23.36
C ALA P 44 16.42 -86.53 24.58
N VAL P 45 15.49 -87.33 25.10
CA VAL P 45 14.77 -86.95 26.32
C VAL P 45 15.71 -86.94 27.52
N VAL P 46 16.60 -87.94 27.61
CA VAL P 46 17.57 -87.99 28.71
C VAL P 46 18.55 -86.81 28.64
N SER P 47 18.88 -86.36 27.43
CA SER P 47 19.81 -85.25 27.29
C SER P 47 19.13 -83.91 27.58
N GLU P 48 17.96 -83.66 27.00
CA GLU P 48 17.34 -82.35 27.13
C GLU P 48 16.67 -82.16 28.48
N ARG P 49 16.05 -83.21 29.03
CA ARG P 49 15.30 -83.05 30.26
C ARG P 49 16.20 -83.05 31.49
N LEU P 50 17.26 -83.86 31.48
CA LEU P 50 18.03 -84.15 32.68
C LEU P 50 19.41 -83.49 32.66
N LYS P 51 19.60 -82.50 31.79
CA LYS P 51 20.83 -81.67 31.70
C LYS P 51 22.05 -82.55 31.42
N ILE P 52 21.96 -83.34 30.34
CA ILE P 52 22.99 -84.28 29.93
C ILE P 52 23.36 -83.95 28.50
N ARG P 53 24.63 -84.16 28.14
CA ARG P 53 24.98 -84.11 26.73
C ARG P 53 24.62 -85.42 26.05
N GLY P 54 24.69 -85.43 24.72
CA GLY P 54 24.35 -86.63 23.97
C GLY P 54 25.35 -87.75 24.16
N SER P 55 26.63 -87.41 24.26
CA SER P 55 27.67 -88.42 24.44
C SER P 55 27.58 -89.06 25.82
N LEU P 56 27.40 -88.24 26.86
CA LEU P 56 27.26 -88.79 28.20
C LEU P 56 25.94 -89.52 28.36
N ALA P 57 24.91 -89.09 27.61
CA ALA P 57 23.62 -89.80 27.62
C ALA P 57 23.76 -91.19 27.01
N ARG P 58 24.46 -91.28 25.86
CA ARG P 58 24.70 -92.59 25.24
C ARG P 58 25.60 -93.45 26.11
N ALA P 59 26.57 -92.85 26.80
CA ALA P 59 27.43 -93.60 27.70
C ALA P 59 26.66 -94.16 28.89
N ALA P 60 25.77 -93.35 29.47
CA ALA P 60 24.96 -93.82 30.60
C ALA P 60 23.95 -94.88 30.16
N LEU P 61 23.37 -94.71 28.96
CA LEU P 61 22.43 -95.71 28.48
C LEU P 61 23.11 -97.04 28.15
N GLN P 62 24.33 -96.99 27.61
CA GLN P 62 25.09 -98.23 27.40
C GLN P 62 25.55 -98.84 28.71
N GLU P 63 25.83 -98.01 29.73
CA GLU P 63 26.19 -98.54 31.04
C GLU P 63 25.02 -99.25 31.70
N LEU P 64 23.83 -98.64 31.64
CA LEU P 64 22.63 -99.30 32.19
C LEU P 64 22.22 -100.50 31.35
N LEU P 65 22.54 -100.50 30.06
CA LEU P 65 22.31 -101.68 29.22
C LEU P 65 23.23 -102.83 29.63
N SER P 66 24.50 -102.52 29.90
CA SER P 66 25.43 -103.56 30.38
C SER P 66 25.08 -104.02 31.78
N LYS P 67 24.49 -103.13 32.60
CA LYS P 67 23.99 -103.56 33.91
C LYS P 67 22.75 -104.42 33.77
N GLY P 68 21.96 -104.20 32.72
CA GLY P 68 20.84 -105.08 32.45
C GLY P 68 19.54 -104.68 33.11
N LEU P 69 19.24 -103.39 33.20
CA LEU P 69 18.01 -102.94 33.84
C LEU P 69 16.94 -102.58 32.82
N ILE P 70 17.33 -102.07 31.65
CA ILE P 70 16.39 -101.61 30.62
C ILE P 70 16.63 -102.42 29.36
N LYS P 71 15.57 -103.01 28.81
CA LYS P 71 15.66 -103.91 27.67
C LYS P 71 15.65 -103.10 26.37
N LEU P 72 16.58 -103.42 25.48
CA LEU P 72 16.64 -102.76 24.17
C LEU P 72 15.60 -103.36 23.25
N VAL P 73 14.87 -102.51 22.52
CA VAL P 73 13.87 -103.03 21.61
C VAL P 73 14.52 -103.21 20.24
N SER P 74 15.04 -102.12 19.67
CA SER P 74 15.78 -102.20 18.41
C SER P 74 16.69 -100.99 18.32
N LYS P 75 18.01 -101.21 18.38
CA LYS P 75 18.97 -100.13 18.21
C LYS P 75 19.26 -99.93 16.73
N HIS P 76 19.57 -98.68 16.38
CA HIS P 76 19.65 -98.25 14.98
C HIS P 76 20.69 -97.14 14.87
N ARG P 77 20.59 -96.36 13.79
CA ARG P 77 21.55 -95.31 13.48
C ARG P 77 21.64 -94.27 14.59
N ALA P 78 20.55 -93.54 14.81
CA ALA P 78 20.54 -92.48 15.81
C ALA P 78 19.29 -92.52 16.67
N GLN P 79 18.46 -93.55 16.54
CA GLN P 79 17.24 -93.71 17.34
C GLN P 79 17.45 -94.92 18.25
N VAL P 80 18.05 -94.68 19.41
CA VAL P 80 18.25 -95.73 20.40
C VAL P 80 16.94 -95.96 21.14
N ILE P 81 16.43 -97.18 21.07
CA ILE P 81 15.08 -97.50 21.50
C ILE P 81 15.17 -98.47 22.68
N TYR P 82 14.92 -97.95 23.88
CA TYR P 82 14.97 -98.72 25.12
C TYR P 82 13.62 -98.68 25.80
N THR P 83 13.30 -99.75 26.54
CA THR P 83 12.03 -99.86 27.26
C THR P 83 12.27 -100.68 28.52
N ARG P 84 11.66 -100.26 29.63
CA ARG P 84 11.77 -101.00 30.88
C ARG P 84 10.56 -101.91 31.05
N ASN P 85 10.83 -103.15 31.46
CA ASN P 85 9.76 -104.11 31.76
C ASN P 85 9.01 -103.67 33.01
N THR P 86 7.68 -103.59 32.89
CA THR P 86 6.74 -103.22 33.97
C THR P 86 7.05 -101.86 34.60
N GLN Q 1 -25.52 -75.04 17.61
CA GLN Q 1 -24.61 -74.86 16.49
C GLN Q 1 -24.25 -76.22 15.87
N PRO Q 2 -25.10 -76.73 14.99
CA PRO Q 2 -24.88 -78.07 14.45
C PRO Q 2 -23.82 -78.10 13.36
N ILE Q 3 -23.18 -79.25 13.22
CA ILE Q 3 -22.23 -79.52 12.16
C ILE Q 3 -22.70 -80.78 11.46
N LYS Q 4 -23.20 -80.63 10.24
CA LYS Q 4 -23.82 -81.72 9.50
C LYS Q 4 -22.93 -82.17 8.35
N LEU Q 5 -23.31 -83.29 7.74
CA LEU Q 5 -22.57 -83.90 6.66
C LEU Q 5 -23.49 -84.08 5.47
N ALA Q 6 -22.90 -84.19 4.27
CA ALA Q 6 -23.68 -84.19 3.04
C ALA Q 6 -22.87 -84.82 1.93
N ARG Q 7 -23.49 -85.73 1.16
CA ARG Q 7 -22.82 -86.39 0.05
C ARG Q 7 -23.23 -85.77 -1.28
N VAL Q 8 -22.29 -85.72 -2.21
CA VAL Q 8 -22.48 -85.00 -3.47
C VAL Q 8 -23.35 -85.83 -4.41
N THR Q 9 -24.41 -85.21 -4.94
CA THR Q 9 -25.21 -85.85 -5.98
C THR Q 9 -24.71 -85.47 -7.37
N LYS Q 10 -24.66 -84.18 -7.67
CA LYS Q 10 -24.25 -83.69 -8.98
C LYS Q 10 -23.21 -82.59 -8.84
N VAL Q 11 -22.54 -82.29 -9.95
CA VAL Q 11 -21.54 -81.23 -10.03
C VAL Q 11 -22.00 -80.25 -11.11
N LEU Q 12 -22.17 -78.99 -10.72
CA LEU Q 12 -22.66 -77.99 -11.68
C LEU Q 12 -21.53 -77.45 -12.54
N GLY Q 13 -20.54 -76.82 -11.92
CA GLY Q 13 -19.44 -76.24 -12.67
C GLY Q 13 -18.41 -75.66 -11.74
N ARG Q 14 -17.38 -75.07 -12.33
CA ARG Q 14 -16.27 -74.49 -11.59
C ARG Q 14 -16.36 -72.97 -11.64
N THR Q 15 -15.98 -72.34 -10.53
CA THR Q 15 -16.19 -70.92 -10.31
C THR Q 15 -14.99 -70.37 -9.52
N GLY Q 16 -14.58 -69.17 -9.85
CA GLY Q 16 -13.57 -68.46 -9.08
C GLY Q 16 -12.82 -67.48 -9.94
N SER Q 17 -12.11 -66.57 -9.28
CA SER Q 17 -11.15 -65.73 -9.98
C SER Q 17 -9.98 -66.55 -10.50
N GLN Q 18 -9.63 -67.62 -9.79
CA GLN Q 18 -8.64 -68.58 -10.25
C GLN Q 18 -9.28 -69.80 -10.90
N GLY Q 19 -10.60 -69.91 -10.87
CA GLY Q 19 -11.27 -71.10 -11.33
C GLY Q 19 -11.05 -72.28 -10.41
N GLN Q 20 -11.07 -72.04 -9.09
CA GLN Q 20 -10.67 -73.05 -8.12
C GLN Q 20 -11.84 -73.68 -7.37
N CYS Q 21 -12.88 -72.93 -7.01
CA CYS Q 21 -13.98 -73.55 -6.31
C CYS Q 21 -14.91 -74.26 -7.30
N THR Q 22 -15.75 -75.13 -6.77
CA THR Q 22 -16.71 -75.87 -7.58
C THR Q 22 -18.09 -75.71 -6.96
N GLN Q 23 -19.03 -75.13 -7.70
CA GLN Q 23 -20.39 -74.97 -7.23
C GLN Q 23 -21.07 -76.33 -7.21
N VAL Q 24 -21.35 -76.84 -6.01
CA VAL Q 24 -21.89 -78.17 -5.83
C VAL Q 24 -23.24 -78.05 -5.12
N ARG Q 25 -24.29 -78.56 -5.77
CA ARG Q 25 -25.62 -78.68 -5.18
C ARG Q 25 -25.69 -80.07 -4.57
N VAL Q 26 -25.49 -80.17 -3.25
CA VAL Q 26 -24.90 -81.40 -2.74
C VAL Q 26 -25.96 -82.48 -2.50
N GLU Q 27 -26.62 -82.46 -1.31
CA GLU Q 27 -27.96 -82.93 -0.93
C GLU Q 27 -27.99 -82.91 0.59
N PHE Q 28 -29.09 -83.28 1.23
CA PHE Q 28 -29.15 -83.40 2.69
C PHE Q 28 -29.36 -84.85 3.10
N MET Q 29 -28.37 -85.44 3.79
CA MET Q 29 -28.52 -86.79 4.29
C MET Q 29 -29.46 -86.85 5.49
N ASP Q 30 -29.21 -86.00 6.50
CA ASP Q 30 -29.93 -86.06 7.77
C ASP Q 30 -31.39 -85.65 7.67
N ASP Q 31 -31.78 -85.00 6.58
CA ASP Q 31 -33.18 -84.62 6.37
C ASP Q 31 -33.66 -85.17 5.03
N THR Q 32 -34.81 -84.71 4.56
CA THR Q 32 -35.34 -85.14 3.28
C THR Q 32 -34.53 -84.51 2.13
N SER Q 33 -34.91 -84.87 0.91
CA SER Q 33 -34.18 -84.46 -0.29
C SER Q 33 -34.42 -82.97 -0.56
N ARG Q 34 -33.62 -82.13 0.09
CA ARG Q 34 -33.64 -80.70 -0.12
C ARG Q 34 -32.33 -80.25 -0.76
N SER Q 35 -32.32 -78.98 -1.20
CA SER Q 35 -31.31 -78.50 -2.14
C SER Q 35 -30.68 -77.21 -1.65
N ILE Q 36 -29.37 -77.23 -1.42
CA ILE Q 36 -28.56 -76.03 -1.29
C ILE Q 36 -27.35 -76.20 -2.19
N ILE Q 37 -26.80 -75.07 -2.63
CA ILE Q 37 -25.65 -75.03 -3.52
C ILE Q 37 -24.45 -74.52 -2.73
N ARG Q 38 -23.36 -75.29 -2.73
CA ARG Q 38 -22.19 -74.99 -1.94
C ARG Q 38 -20.98 -74.79 -2.83
N ASN Q 39 -20.07 -73.92 -2.37
CA ASN Q 39 -18.81 -73.66 -3.05
C ASN Q 39 -17.74 -74.55 -2.42
N VAL Q 40 -17.20 -75.50 -3.19
CA VAL Q 40 -16.21 -76.45 -2.72
C VAL Q 40 -14.95 -76.27 -3.55
N LYS Q 41 -13.84 -75.95 -2.89
CA LYS Q 41 -12.56 -75.91 -3.59
C LYS Q 41 -11.81 -77.22 -3.34
N GLY Q 42 -11.02 -77.61 -4.33
CA GLY Q 42 -10.37 -78.91 -4.31
C GLY Q 42 -11.10 -79.89 -5.19
N PRO Q 43 -10.49 -81.05 -5.42
CA PRO Q 43 -11.13 -82.06 -6.29
C PRO Q 43 -12.33 -82.70 -5.60
N VAL Q 44 -13.37 -82.95 -6.39
CA VAL Q 44 -14.61 -83.53 -5.87
C VAL Q 44 -15.23 -84.39 -6.96
N ARG Q 45 -15.84 -85.51 -6.55
CA ARG Q 45 -16.56 -86.40 -7.42
C ARG Q 45 -18.03 -86.44 -7.00
N GLU Q 46 -18.80 -87.30 -7.65
CA GLU Q 46 -20.19 -87.52 -7.30
C GLU Q 46 -20.27 -88.62 -6.26
N GLY Q 47 -20.66 -88.26 -5.04
CA GLY Q 47 -20.71 -89.20 -3.94
C GLY Q 47 -19.76 -88.87 -2.79
N ASP Q 48 -19.01 -87.78 -2.87
CA ASP Q 48 -18.09 -87.41 -1.81
C ASP Q 48 -18.86 -86.82 -0.65
N VAL Q 49 -18.70 -87.40 0.53
CA VAL Q 49 -19.37 -86.89 1.72
C VAL Q 49 -18.63 -85.66 2.20
N LEU Q 50 -19.35 -84.55 2.37
CA LEU Q 50 -18.76 -83.24 2.61
C LEU Q 50 -19.09 -82.77 4.03
N THR Q 51 -18.11 -82.15 4.69
CA THR Q 51 -18.32 -81.58 6.01
C THR Q 51 -18.87 -80.18 5.88
N LEU Q 52 -20.05 -79.94 6.44
CA LEU Q 52 -20.70 -78.63 6.42
C LEU Q 52 -20.65 -78.03 7.82
N LEU Q 53 -20.10 -76.83 7.93
CA LEU Q 53 -20.08 -76.12 9.21
C LEU Q 53 -21.26 -75.18 9.37
N GLU Q 54 -21.94 -74.83 8.27
CA GLU Q 54 -23.12 -73.98 8.33
C GLU Q 54 -24.02 -74.37 7.17
N SER Q 55 -25.18 -74.93 7.49
CA SER Q 55 -26.14 -75.36 6.47
C SER Q 55 -27.18 -74.30 6.16
N GLU Q 56 -26.82 -73.02 6.31
CA GLU Q 56 -27.74 -71.92 6.10
C GLU Q 56 -27.47 -71.13 4.83
N ARG Q 57 -26.38 -71.40 4.14
CA ARG Q 57 -25.98 -70.63 2.98
C ARG Q 57 -26.61 -71.17 1.70
N GLU Q 58 -26.45 -70.39 0.62
CA GLU Q 58 -26.85 -70.80 -0.72
C GLU Q 58 -26.03 -70.00 -1.72
N ALA Q 59 -25.19 -70.67 -2.48
CA ALA Q 59 -24.42 -70.02 -3.53
C ALA Q 59 -25.24 -69.94 -4.82
N ARG Q 60 -24.93 -68.94 -5.64
CA ARG Q 60 -25.63 -68.72 -6.89
C ARG Q 60 -24.75 -69.08 -8.07
N ARG Q 61 -25.40 -69.42 -9.18
CA ARG Q 61 -24.72 -69.83 -10.41
C ARG Q 61 -24.87 -68.75 -11.46
N LEU Q 62 -24.03 -68.85 -12.48
CA LEU Q 62 -24.06 -67.89 -13.59
C LEU Q 62 -23.61 -68.55 -14.88
N GLN R 1 69.32 -64.88 -39.62
CA GLN R 1 67.92 -64.45 -39.59
C GLN R 1 67.11 -65.30 -38.61
N LEU R 2 66.54 -64.66 -37.60
CA LEU R 2 65.74 -65.33 -36.60
C LEU R 2 64.27 -65.17 -37.02
N TYR R 3 63.83 -66.06 -37.91
CA TYR R 3 62.48 -66.01 -38.46
C TYR R 3 61.48 -66.79 -37.61
N TRP R 4 61.80 -68.03 -37.28
CA TRP R 4 60.86 -68.93 -36.62
C TRP R 4 61.34 -69.21 -35.19
N SER R 5 60.96 -68.34 -34.27
CA SER R 5 60.99 -68.62 -32.85
C SER R 5 59.55 -68.87 -32.40
N HIS R 6 59.40 -69.16 -31.09
CA HIS R 6 58.13 -69.46 -30.41
C HIS R 6 57.46 -70.64 -31.12
N PRO R 7 57.96 -71.87 -30.90
CA PRO R 7 57.75 -72.96 -31.88
C PRO R 7 56.32 -73.41 -32.09
N ARG R 8 55.40 -73.10 -31.15
CA ARG R 8 53.95 -73.30 -31.29
C ARG R 8 53.62 -74.78 -31.51
N LYS R 9 53.94 -75.58 -30.49
CA LYS R 9 53.74 -77.03 -30.56
C LYS R 9 52.55 -77.48 -29.74
N PHE R 10 51.74 -76.55 -29.25
CA PHE R 10 50.69 -76.85 -28.29
C PHE R 10 49.70 -75.68 -28.27
N GLY R 11 48.61 -75.85 -27.53
CA GLY R 11 47.71 -74.75 -27.25
C GLY R 11 46.78 -74.44 -28.40
N GLN R 12 46.52 -73.15 -28.60
CA GLN R 12 45.55 -72.67 -29.58
C GLN R 12 46.17 -72.48 -30.96
N GLY R 13 47.41 -72.00 -31.03
CA GLY R 13 48.05 -71.76 -32.31
C GLY R 13 48.39 -73.01 -33.08
N SER R 14 48.53 -74.15 -32.39
CA SER R 14 48.78 -75.41 -33.09
C SER R 14 47.55 -75.93 -33.81
N ARG R 15 46.36 -75.50 -33.40
CA ARG R 15 45.11 -75.91 -34.03
C ARG R 15 44.82 -74.97 -35.19
N SER R 16 45.07 -75.42 -36.41
CA SER R 16 44.79 -74.65 -37.62
C SER R 16 43.71 -75.36 -38.41
N CYS R 17 42.64 -74.65 -38.72
CA CYS R 17 41.46 -75.28 -39.29
C CYS R 17 41.63 -75.58 -40.78
N ARG R 18 40.92 -76.60 -41.23
CA ARG R 18 40.96 -77.02 -42.63
C ARG R 18 40.17 -76.07 -43.53
N VAL R 19 39.24 -75.30 -42.96
CA VAL R 19 38.31 -74.50 -43.73
C VAL R 19 38.87 -73.12 -44.07
N CYS R 20 39.21 -72.34 -43.05
CA CYS R 20 39.73 -71.00 -43.30
C CYS R 20 40.86 -70.62 -42.35
N SER R 21 41.53 -71.61 -41.75
CA SER R 21 42.58 -71.41 -40.74
C SER R 21 42.07 -70.57 -39.57
N ASN R 22 40.87 -70.89 -39.10
CA ASN R 22 40.28 -70.17 -37.98
C ASN R 22 40.96 -70.61 -36.69
N ARG R 23 41.30 -69.63 -35.85
CA ARG R 23 42.02 -69.89 -34.61
C ARG R 23 41.45 -69.17 -33.40
N HIS R 24 40.55 -68.20 -33.59
CA HIS R 24 39.86 -67.62 -32.45
C HIS R 24 38.79 -68.57 -31.93
N GLY R 25 37.88 -68.99 -32.81
CA GLY R 25 36.97 -70.07 -32.48
C GLY R 25 37.69 -71.38 -32.35
N LEU R 26 37.10 -72.29 -31.57
CA LEU R 26 37.77 -73.55 -31.31
C LEU R 26 37.60 -74.51 -32.48
N ILE R 27 38.44 -75.54 -32.48
CA ILE R 27 38.41 -76.61 -33.47
C ILE R 27 38.25 -77.92 -32.71
N ARG R 28 37.22 -78.69 -33.08
CA ARG R 28 36.90 -79.89 -32.33
C ARG R 28 37.90 -81.01 -32.64
N LYS R 29 38.03 -81.94 -31.70
CA LYS R 29 38.90 -83.11 -31.86
C LYS R 29 37.99 -84.33 -32.04
N TYR R 30 37.53 -84.53 -33.27
CA TYR R 30 36.67 -85.65 -33.65
C TYR R 30 37.21 -86.37 -34.87
N GLY R 31 38.51 -86.22 -35.17
CA GLY R 31 38.99 -86.54 -36.50
C GLY R 31 38.46 -85.55 -37.50
N LEU R 32 38.46 -84.27 -37.14
CA LEU R 32 37.67 -83.26 -37.84
C LEU R 32 38.28 -81.89 -37.57
N ASN R 33 38.16 -81.00 -38.56
CA ASN R 33 38.68 -79.63 -38.47
C ASN R 33 37.67 -78.71 -39.16
N MET R 34 36.73 -78.17 -38.38
CA MET R 34 35.74 -77.25 -38.93
C MET R 34 35.68 -75.96 -38.11
N CYS R 35 34.79 -75.04 -38.47
CA CYS R 35 34.74 -73.71 -37.87
C CYS R 35 33.50 -73.45 -37.03
N ARG R 36 32.63 -74.45 -36.88
CA ARG R 36 31.32 -74.52 -36.18
C ARG R 36 30.25 -73.65 -36.84
N GLN R 37 30.60 -72.86 -37.84
CA GLN R 37 29.61 -72.18 -38.67
C GLN R 37 29.34 -72.96 -39.96
N CYS R 38 30.40 -73.21 -40.72
CA CYS R 38 30.31 -73.96 -41.97
C CYS R 38 30.05 -75.44 -41.74
N PHE R 39 30.29 -75.94 -40.53
CA PHE R 39 29.95 -77.32 -40.21
C PHE R 39 28.46 -77.57 -40.30
N ARG R 40 27.64 -76.56 -40.01
CA ARG R 40 26.20 -76.66 -40.17
C ARG R 40 25.81 -76.92 -41.62
N GLN R 41 26.41 -76.17 -42.54
CA GLN R 41 26.09 -76.35 -43.96
C GLN R 41 26.73 -77.60 -44.53
N TYR R 42 27.83 -78.07 -43.95
CA TYR R 42 28.61 -79.13 -44.57
C TYR R 42 28.40 -80.47 -43.88
N ALA R 43 27.59 -80.52 -42.82
CA ALA R 43 27.31 -81.77 -42.13
C ALA R 43 26.47 -82.71 -42.99
N LYS R 44 25.54 -82.15 -43.77
CA LYS R 44 24.73 -82.96 -44.67
C LYS R 44 25.55 -83.50 -45.84
N ASP R 45 26.70 -82.90 -46.13
CA ASP R 45 27.60 -83.40 -47.16
C ASP R 45 28.61 -84.39 -46.61
N ILE R 46 29.07 -84.21 -45.36
CA ILE R 46 30.02 -85.15 -44.79
C ILE R 46 29.35 -86.31 -44.06
N GLY R 47 28.02 -86.30 -43.94
CA GLY R 47 27.32 -87.50 -43.49
C GLY R 47 26.56 -87.39 -42.20
N PHE R 48 26.33 -86.17 -41.71
CA PHE R 48 25.58 -85.93 -40.48
C PHE R 48 24.20 -85.38 -40.83
N ILE R 49 23.16 -85.92 -40.19
CA ILE R 49 21.80 -85.46 -40.34
C ILE R 49 21.25 -85.07 -38.97
N LYS R 50 20.14 -84.34 -38.99
CA LYS R 50 19.64 -83.75 -37.75
C LYS R 50 18.86 -84.74 -36.90
N LEU R 51 17.99 -85.54 -37.54
CA LEU R 51 17.06 -86.49 -36.88
C LEU R 51 16.20 -85.84 -35.79
N LYS S 1 37.91 -48.05 -33.28
CA LYS S 1 37.47 -46.77 -32.76
C LYS S 1 38.20 -45.62 -33.45
N ARG S 2 38.48 -44.56 -32.69
CA ARG S 2 39.17 -43.38 -33.21
C ARG S 2 40.63 -43.32 -32.78
N LYS S 3 41.29 -44.47 -32.71
CA LYS S 3 42.70 -44.51 -32.35
C LYS S 3 43.55 -44.06 -33.53
N LYS S 4 44.82 -43.77 -33.24
CA LYS S 4 45.72 -43.20 -34.25
C LYS S 4 47.15 -43.61 -33.96
N LYS S 5 47.85 -44.07 -34.99
CA LYS S 5 49.27 -44.41 -34.90
C LYS S 5 50.00 -43.53 -35.93
N SER S 6 50.65 -42.47 -35.45
CA SER S 6 51.31 -41.50 -36.29
C SER S 6 52.81 -41.50 -36.01
N TYR S 7 53.51 -40.56 -36.64
CA TYR S 7 54.96 -40.45 -36.54
C TYR S 7 55.33 -39.43 -35.48
N THR S 8 56.14 -39.85 -34.51
CA THR S 8 56.71 -38.96 -33.51
C THR S 8 58.23 -38.85 -33.60
N THR S 9 58.91 -39.97 -33.88
CA THR S 9 60.36 -40.16 -34.00
C THR S 9 61.09 -39.62 -32.77
N PRO S 10 61.06 -40.31 -31.62
CA PRO S 10 61.80 -39.82 -30.46
C PRO S 10 63.31 -40.03 -30.58
N LYS S 11 63.72 -41.25 -30.97
CA LYS S 11 65.13 -41.61 -30.91
C LYS S 11 65.90 -41.16 -32.14
N LYS S 12 65.59 -41.74 -33.30
CA LYS S 12 66.36 -41.55 -34.53
C LYS S 12 65.47 -41.78 -35.73
N ASN S 13 65.83 -41.14 -36.84
CA ASN S 13 65.24 -41.43 -38.15
C ASN S 13 66.26 -42.28 -38.91
N LYS S 14 66.32 -43.56 -38.54
CA LYS S 14 67.34 -44.46 -39.08
C LYS S 14 66.95 -44.97 -40.47
N HIS S 15 67.91 -45.63 -41.12
CA HIS S 15 67.72 -46.19 -42.45
C HIS S 15 68.38 -47.56 -42.50
N LYS S 16 68.28 -48.21 -43.66
CA LYS S 16 68.73 -49.59 -43.83
C LYS S 16 70.13 -49.63 -44.42
N ARG S 17 70.56 -50.84 -44.79
CA ARG S 17 71.92 -51.06 -45.27
C ARG S 17 71.99 -50.99 -46.79
N LYS S 18 73.01 -50.30 -47.29
CA LYS S 18 73.34 -50.30 -48.71
C LYS S 18 74.83 -50.57 -48.84
N LYS S 19 75.18 -51.59 -49.61
CA LYS S 19 76.58 -51.98 -49.77
C LYS S 19 77.28 -51.01 -50.71
N VAL S 20 78.28 -50.30 -50.18
CA VAL S 20 79.09 -49.38 -50.96
C VAL S 20 80.54 -49.88 -50.93
N LYS S 21 81.17 -49.91 -52.11
CA LYS S 21 82.54 -50.38 -52.26
C LYS S 21 83.27 -49.41 -53.19
N LEU S 22 84.44 -49.82 -53.65
CA LEU S 22 85.22 -49.04 -54.61
C LEU S 22 84.72 -49.33 -56.03
N ALA S 23 85.47 -48.87 -57.02
CA ALA S 23 85.11 -49.15 -58.42
C ALA S 23 85.33 -50.62 -58.74
N VAL S 24 86.58 -51.09 -58.62
CA VAL S 24 86.92 -52.50 -58.75
C VAL S 24 87.66 -52.92 -57.48
N LEU S 25 87.77 -54.23 -57.29
CA LEU S 25 88.47 -54.80 -56.15
C LEU S 25 89.57 -55.72 -56.65
N LYS S 26 90.82 -55.35 -56.40
CA LYS S 26 91.98 -56.12 -56.81
C LYS S 26 92.48 -56.94 -55.64
N TYR S 27 92.79 -58.22 -55.89
CA TYR S 27 93.24 -59.13 -54.86
C TYR S 27 94.67 -59.63 -55.08
N TYR S 28 95.29 -59.30 -56.21
CA TYR S 28 96.54 -59.93 -56.64
C TYR S 28 97.65 -58.90 -56.70
N LYS S 29 98.81 -59.35 -57.17
CA LYS S 29 100.00 -58.50 -57.29
C LYS S 29 100.83 -58.98 -58.47
N VAL S 30 101.30 -58.05 -59.30
CA VAL S 30 102.06 -58.37 -60.50
C VAL S 30 103.54 -58.40 -60.14
N ASP S 31 104.17 -59.56 -60.32
CA ASP S 31 105.61 -59.72 -60.12
C ASP S 31 106.20 -60.43 -61.32
N GLU S 32 107.26 -59.84 -61.89
CA GLU S 32 108.07 -60.39 -62.98
C GLU S 32 107.27 -60.68 -64.25
N ASN S 33 106.14 -59.97 -64.42
CA ASN S 33 105.25 -60.05 -65.59
C ASN S 33 104.76 -61.48 -65.82
N GLY S 34 104.03 -61.99 -64.83
CA GLY S 34 103.44 -63.31 -64.95
C GLY S 34 103.31 -64.10 -63.66
N LYS S 35 104.07 -63.72 -62.64
CA LYS S 35 103.98 -64.38 -61.34
C LYS S 35 103.11 -63.55 -60.40
N ILE S 36 102.15 -64.20 -59.75
CA ILE S 36 101.21 -63.54 -58.87
C ILE S 36 101.60 -63.82 -57.42
N SER S 37 101.78 -62.76 -56.64
CA SER S 37 102.06 -62.88 -55.22
C SER S 37 100.75 -62.83 -54.44
N ARG S 38 100.59 -63.75 -53.50
CA ARG S 38 99.38 -63.82 -52.69
C ARG S 38 99.51 -62.91 -51.48
N LEU S 39 98.50 -62.06 -51.28
CA LEU S 39 98.49 -61.09 -50.20
C LEU S 39 97.69 -61.54 -48.98
N ARG S 40 96.55 -62.19 -49.20
CA ARG S 40 95.64 -62.55 -48.13
C ARG S 40 95.71 -64.05 -47.83
N ARG S 41 95.51 -64.39 -46.56
CA ARG S 41 95.59 -65.77 -46.12
C ARG S 41 94.38 -66.56 -46.57
N GLU S 42 94.62 -67.78 -47.06
CA GLU S 42 93.54 -68.66 -47.48
C GLU S 42 92.87 -69.30 -46.26
N CYS S 43 91.78 -70.03 -46.54
CA CYS S 43 90.91 -70.79 -45.66
C CYS S 43 91.24 -72.28 -45.75
N PRO S 44 91.21 -73.01 -44.62
CA PRO S 44 91.57 -74.45 -44.65
C PRO S 44 90.62 -75.34 -45.43
N SER S 45 90.97 -76.62 -45.53
CA SER S 45 90.27 -77.58 -46.38
C SER S 45 89.04 -78.12 -45.65
N ASP S 46 87.94 -77.38 -45.73
CA ASP S 46 86.64 -77.82 -45.26
C ASP S 46 85.56 -77.45 -46.27
N GLU S 47 85.87 -77.65 -47.56
CA GLU S 47 85.04 -77.28 -48.71
C GLU S 47 84.70 -75.79 -48.73
N CYS S 48 85.61 -74.96 -48.22
CA CYS S 48 85.44 -73.52 -48.20
C CYS S 48 86.51 -72.79 -48.99
N GLY S 49 87.78 -73.08 -48.70
CA GLY S 49 88.89 -72.30 -49.24
C GLY S 49 89.35 -72.68 -50.64
N ALA S 50 88.46 -73.23 -51.46
CA ALA S 50 88.81 -73.48 -52.85
C ALA S 50 88.86 -72.18 -53.65
N GLY S 51 87.96 -71.24 -53.35
CA GLY S 51 87.96 -69.95 -54.00
C GLY S 51 87.56 -68.82 -53.08
N VAL S 52 87.44 -69.12 -51.79
CA VAL S 52 87.00 -68.15 -50.78
C VAL S 52 88.20 -67.81 -49.90
N PHE S 53 88.48 -66.52 -49.76
CA PHE S 53 89.60 -66.03 -48.98
C PHE S 53 89.10 -65.39 -47.69
N MET S 54 90.03 -65.20 -46.76
CA MET S 54 89.72 -64.65 -45.45
C MET S 54 89.73 -63.13 -45.46
N ALA S 55 88.91 -62.55 -44.60
CA ALA S 55 88.87 -61.10 -44.42
C ALA S 55 89.93 -60.68 -43.40
N SER S 56 90.55 -59.52 -43.64
CA SER S 56 91.62 -59.04 -42.78
C SER S 56 91.04 -58.51 -41.48
N HIS S 57 91.46 -59.10 -40.36
CA HIS S 57 91.09 -58.64 -39.03
C HIS S 57 92.35 -58.61 -38.19
N PHE S 58 92.26 -58.01 -37.00
CA PHE S 58 93.41 -57.92 -36.12
C PHE S 58 93.81 -59.29 -35.58
N ASP S 59 92.84 -60.10 -35.16
CA ASP S 59 93.13 -61.44 -34.68
C ASP S 59 92.12 -62.50 -35.09
N ARG S 60 91.11 -62.17 -35.87
CA ARG S 60 90.06 -63.12 -36.24
C ARG S 60 90.11 -63.43 -37.73
N HIS S 61 89.31 -64.41 -38.13
CA HIS S 61 89.24 -64.86 -39.51
C HIS S 61 87.78 -65.21 -39.84
N TYR S 62 87.50 -65.34 -41.14
CA TYR S 62 86.13 -65.45 -41.59
C TYR S 62 86.06 -66.18 -42.92
N CYS S 63 85.24 -67.24 -42.97
CA CYS S 63 84.84 -67.88 -44.22
C CYS S 63 83.58 -67.21 -44.75
N GLY S 64 83.59 -66.88 -46.04
CA GLY S 64 82.44 -66.20 -46.63
C GLY S 64 81.26 -67.12 -46.81
N LYS S 65 81.52 -68.33 -47.32
CA LYS S 65 80.43 -69.29 -47.53
C LYS S 65 80.06 -70.03 -46.24
N CYS S 66 81.03 -70.26 -45.35
CA CYS S 66 80.83 -71.17 -44.24
C CYS S 66 81.03 -70.57 -42.86
N CYS S 67 81.47 -69.31 -42.76
CA CYS S 67 81.55 -68.54 -41.50
C CYS S 67 82.44 -69.20 -40.45
N LEU S 68 83.60 -69.69 -40.88
CA LEU S 68 84.53 -70.35 -39.98
C LEU S 68 85.30 -69.32 -39.17
N THR S 69 85.43 -69.59 -37.88
CA THR S 69 86.12 -68.70 -36.96
C THR S 69 87.48 -69.30 -36.59
N TYR S 70 88.55 -68.54 -36.84
CA TYR S 70 89.89 -68.93 -36.45
C TYR S 70 90.58 -67.73 -35.82
N CYS S 71 91.29 -67.97 -34.71
CA CYS S 71 91.94 -66.89 -33.97
C CYS S 71 93.35 -67.31 -33.57
N PHE S 72 94.25 -66.34 -33.59
CA PHE S 72 95.63 -66.57 -33.16
C PHE S 72 96.19 -65.26 -32.59
N ASN S 73 96.97 -65.38 -31.53
CA ASN S 73 97.58 -64.23 -30.88
C ASN S 73 98.71 -63.69 -31.75
N THR T 1 -38.72 -134.03 -31.94
CA THR T 1 -38.99 -134.65 -30.65
C THR T 1 -37.80 -134.50 -29.71
N GLU T 2 -36.74 -133.85 -30.20
CA GLU T 2 -35.54 -133.58 -29.42
C GLU T 2 -35.19 -132.11 -29.53
N GLN T 3 -34.39 -131.64 -28.57
CA GLN T 3 -33.98 -130.24 -28.56
C GLN T 3 -32.64 -130.13 -27.86
N MET T 4 -31.91 -129.06 -28.17
CA MET T 4 -30.63 -128.78 -27.53
C MET T 4 -30.83 -127.83 -26.38
N THR T 5 -30.37 -128.23 -25.19
CA THR T 5 -30.42 -127.41 -24.00
C THR T 5 -29.07 -126.76 -23.78
N LEU T 6 -29.07 -125.45 -23.55
CA LEU T 6 -27.86 -124.70 -23.22
C LEU T 6 -27.39 -125.11 -21.84
N ARG T 7 -26.22 -125.75 -21.77
CA ARG T 7 -25.78 -126.35 -20.50
C ARG T 7 -24.93 -125.40 -19.68
N GLY T 8 -23.81 -124.95 -20.24
CA GLY T 8 -22.90 -124.10 -19.48
C GLY T 8 -22.06 -123.25 -20.40
N THR T 9 -21.21 -122.44 -19.79
CA THR T 9 -20.32 -121.53 -20.50
C THR T 9 -18.86 -121.87 -20.18
N LEU T 10 -17.99 -121.49 -21.10
CA LEU T 10 -16.55 -121.70 -20.95
C LEU T 10 -15.85 -120.37 -21.18
N LYS T 11 -15.36 -119.76 -20.10
CA LYS T 11 -14.71 -118.46 -20.15
C LYS T 11 -13.25 -118.57 -19.79
N GLY T 12 -12.48 -117.56 -20.19
CA GLY T 12 -11.06 -117.54 -19.94
C GLY T 12 -10.27 -116.91 -21.08
N HIS T 13 -10.95 -116.63 -22.18
CA HIS T 13 -10.31 -116.00 -23.33
C HIS T 13 -10.37 -114.47 -23.20
N ASN T 14 -9.52 -113.81 -23.99
CA ASN T 14 -9.51 -112.36 -24.08
C ASN T 14 -9.86 -111.83 -25.47
N GLY T 15 -9.90 -112.69 -26.48
CA GLY T 15 -10.25 -112.28 -27.82
C GLY T 15 -11.39 -113.11 -28.38
N TRP T 16 -11.71 -112.91 -29.66
CA TRP T 16 -12.82 -113.61 -30.28
C TRP T 16 -12.41 -115.04 -30.60
N VAL T 17 -13.27 -116.01 -30.24
CA VAL T 17 -12.97 -117.41 -30.47
C VAL T 17 -13.08 -117.72 -31.95
N THR T 18 -12.03 -118.31 -32.52
CA THR T 18 -11.94 -118.53 -33.96
C THR T 18 -12.22 -119.97 -34.37
N GLN T 19 -11.60 -120.94 -33.70
CA GLN T 19 -11.74 -122.34 -34.08
C GLN T 19 -11.89 -123.21 -32.84
N ILE T 20 -12.65 -124.30 -32.99
CA ILE T 20 -12.84 -125.31 -31.95
C ILE T 20 -12.52 -126.66 -32.56
N ALA T 21 -11.60 -127.39 -31.95
CA ALA T 21 -11.16 -128.70 -32.43
C ALA T 21 -11.61 -129.77 -31.46
N THR T 22 -12.21 -130.84 -32.00
CA THR T 22 -12.65 -131.98 -31.23
C THR T 22 -11.91 -133.23 -31.70
N THR T 23 -11.64 -134.14 -30.77
CA THR T 23 -10.96 -135.39 -31.08
C THR T 23 -11.97 -136.51 -31.16
N PRO T 24 -12.06 -137.22 -32.28
CA PRO T 24 -13.00 -138.36 -32.37
C PRO T 24 -12.59 -139.54 -31.52
N GLN T 25 -11.32 -139.67 -31.14
CA GLN T 25 -10.87 -140.79 -30.35
C GLN T 25 -11.32 -140.67 -28.90
N PHE T 26 -11.01 -139.55 -28.26
CA PHE T 26 -11.42 -139.29 -26.88
C PHE T 26 -12.25 -138.02 -26.83
N PRO T 27 -13.50 -138.07 -26.37
CA PRO T 27 -14.31 -136.84 -26.27
C PRO T 27 -14.03 -135.99 -25.05
N ASP T 28 -13.00 -136.32 -24.26
CA ASP T 28 -12.73 -135.58 -23.03
C ASP T 28 -12.00 -134.27 -23.33
N MET T 29 -11.01 -134.30 -24.21
CA MET T 29 -10.18 -133.14 -24.51
C MET T 29 -10.77 -132.37 -25.69
N ILE T 30 -11.10 -131.09 -25.46
CA ILE T 30 -11.62 -130.21 -26.49
C ILE T 30 -10.70 -129.00 -26.56
N LEU T 31 -10.17 -128.73 -27.76
CA LEU T 31 -9.22 -127.64 -27.94
C LEU T 31 -9.96 -126.43 -28.51
N SER T 32 -9.54 -125.23 -28.10
CA SER T 32 -10.20 -124.01 -28.53
C SER T 32 -9.18 -122.92 -28.75
N ALA T 33 -9.14 -122.35 -29.94
CA ALA T 33 -8.29 -121.21 -30.25
C ALA T 33 -9.13 -119.94 -30.31
N SER T 34 -8.46 -118.81 -30.10
CA SER T 34 -9.15 -117.54 -30.02
C SER T 34 -8.21 -116.43 -30.46
N ARG T 35 -8.65 -115.18 -30.29
CA ARG T 35 -7.84 -113.99 -30.59
C ARG T 35 -7.21 -113.42 -29.34
N ASP T 36 -6.82 -114.29 -28.41
CA ASP T 36 -6.06 -113.90 -27.22
C ASP T 36 -4.62 -114.38 -27.26
N LYS T 37 -4.15 -114.80 -28.44
CA LYS T 37 -2.81 -115.34 -28.71
C LYS T 37 -2.49 -116.60 -27.92
N THR T 38 -3.50 -117.27 -27.36
CA THR T 38 -3.34 -118.52 -26.64
C THR T 38 -4.36 -119.52 -27.16
N ILE T 39 -4.05 -120.80 -26.98
CA ILE T 39 -4.95 -121.89 -27.37
C ILE T 39 -5.22 -122.73 -26.13
N ILE T 40 -6.47 -122.77 -25.69
CA ILE T 40 -6.84 -123.34 -24.40
C ILE T 40 -7.41 -124.73 -24.63
N MET T 41 -6.91 -125.71 -23.87
CA MET T 41 -7.44 -127.07 -23.89
C MET T 41 -8.35 -127.25 -22.68
N TRP T 42 -9.47 -127.93 -22.89
CA TRP T 42 -10.48 -128.14 -21.87
C TRP T 42 -10.71 -129.63 -21.70
N LYS T 43 -10.87 -130.09 -20.46
CA LYS T 43 -11.38 -131.42 -20.20
C LYS T 43 -12.84 -131.30 -19.78
N LEU T 44 -13.69 -132.12 -20.41
CA LEU T 44 -15.12 -132.14 -20.10
C LEU T 44 -15.35 -133.02 -18.87
N THR T 45 -15.97 -132.45 -17.84
CA THR T 45 -16.13 -133.14 -16.56
C THR T 45 -17.49 -133.78 -16.38
N ARG T 46 -18.46 -133.46 -17.24
CA ARG T 46 -19.87 -133.87 -17.14
C ARG T 46 -20.45 -133.47 -15.77
N ASP T 47 -20.51 -132.16 -15.58
CA ASP T 47 -21.05 -131.58 -14.36
C ASP T 47 -22.19 -130.64 -14.69
N GLU T 48 -22.86 -130.16 -13.63
CA GLU T 48 -23.96 -129.22 -13.78
C GLU T 48 -23.49 -127.78 -13.88
N THR T 49 -22.50 -127.40 -13.05
CA THR T 49 -22.02 -126.02 -13.01
C THR T 49 -20.81 -125.83 -13.91
N ASN T 50 -19.73 -126.57 -13.66
CA ASN T 50 -18.48 -126.44 -14.41
C ASN T 50 -18.42 -127.61 -15.41
N TYR T 51 -18.87 -127.35 -16.63
CA TYR T 51 -18.92 -128.40 -17.64
C TYR T 51 -17.53 -128.74 -18.17
N GLY T 52 -16.66 -127.75 -18.30
CA GLY T 52 -15.30 -127.98 -18.75
C GLY T 52 -14.30 -127.22 -17.89
N ILE T 53 -13.14 -127.83 -17.74
CA ILE T 53 -12.07 -127.24 -16.93
C ILE T 53 -10.84 -127.00 -17.82
N PRO T 54 -10.17 -125.86 -17.68
CA PRO T 54 -8.99 -125.58 -18.52
C PRO T 54 -7.76 -126.27 -17.97
N GLN T 55 -6.96 -126.83 -18.87
CA GLN T 55 -5.80 -127.59 -18.39
C GLN T 55 -4.48 -127.13 -18.99
N ARG T 56 -4.44 -126.81 -20.28
CA ARG T 56 -3.22 -126.39 -20.94
C ARG T 56 -3.48 -125.12 -21.72
N ALA T 57 -2.49 -124.23 -21.72
CA ALA T 57 -2.52 -122.98 -22.48
C ALA T 57 -1.33 -122.97 -23.42
N LEU T 58 -1.56 -123.33 -24.68
CA LEU T 58 -0.51 -123.32 -25.69
C LEU T 58 -0.26 -121.87 -26.11
N ARG T 59 0.98 -121.42 -25.94
CA ARG T 59 1.37 -120.03 -26.19
C ARG T 59 2.57 -120.02 -27.12
N GLY T 60 2.62 -119.02 -28.00
CA GLY T 60 3.74 -118.92 -28.93
C GLY T 60 3.43 -118.32 -30.28
N HIS T 61 2.16 -118.07 -30.56
CA HIS T 61 1.79 -117.38 -31.79
C HIS T 61 2.09 -115.90 -31.68
N SER T 62 2.71 -115.33 -32.72
CA SER T 62 3.04 -113.91 -32.73
C SER T 62 1.83 -113.02 -32.91
N HIS T 63 0.71 -113.58 -33.35
CA HIS T 63 -0.54 -112.84 -33.55
C HIS T 63 -1.66 -113.82 -33.22
N PHE T 64 -2.87 -113.54 -33.70
CA PHE T 64 -4.03 -114.36 -33.39
C PHE T 64 -3.92 -115.72 -34.09
N VAL T 65 -4.86 -116.61 -33.78
CA VAL T 65 -4.86 -117.95 -34.34
C VAL T 65 -6.00 -118.04 -35.34
N SER T 66 -5.67 -118.17 -36.62
CA SER T 66 -6.70 -118.21 -37.66
C SER T 66 -7.32 -119.59 -37.77
N ASP T 67 -6.53 -120.65 -37.62
CA ASP T 67 -7.03 -122.00 -37.81
C ASP T 67 -6.22 -122.96 -36.95
N VAL T 68 -6.91 -123.99 -36.43
CA VAL T 68 -6.29 -125.04 -35.64
C VAL T 68 -7.09 -126.32 -35.87
N VAL T 69 -6.40 -127.46 -35.80
CA VAL T 69 -7.02 -128.76 -36.02
C VAL T 69 -6.15 -129.79 -35.30
N ILE T 70 -6.74 -130.94 -34.98
CA ILE T 70 -6.05 -132.02 -34.30
C ILE T 70 -6.06 -133.24 -35.20
N SER T 71 -4.92 -133.94 -35.30
CA SER T 71 -4.81 -135.12 -36.13
C SER T 71 -5.64 -136.27 -35.54
N SER T 72 -5.83 -137.30 -36.37
CA SER T 72 -6.70 -138.43 -36.01
C SER T 72 -6.11 -139.30 -34.91
N ASP T 73 -4.80 -139.23 -34.68
CA ASP T 73 -4.18 -140.01 -33.62
C ASP T 73 -4.40 -139.42 -32.23
N GLY T 74 -4.90 -138.20 -32.14
CA GLY T 74 -5.12 -137.57 -30.85
C GLY T 74 -3.85 -137.12 -30.15
N GLN T 75 -2.75 -137.00 -30.88
CA GLN T 75 -1.46 -136.64 -30.31
C GLN T 75 -0.93 -135.31 -30.80
N PHE T 76 -1.08 -135.01 -32.09
CA PHE T 76 -0.52 -133.81 -32.68
C PHE T 76 -1.62 -132.87 -33.15
N ALA T 77 -1.29 -131.59 -33.22
CA ALA T 77 -2.23 -130.55 -33.63
C ALA T 77 -1.54 -129.55 -34.54
N LEU T 78 -2.21 -129.19 -35.63
CA LEU T 78 -1.71 -128.19 -36.57
C LEU T 78 -2.38 -126.86 -36.29
N SER T 79 -1.59 -125.78 -36.36
CA SER T 79 -2.13 -124.45 -36.11
C SER T 79 -1.47 -123.45 -37.06
N GLY T 80 -2.19 -122.37 -37.36
CA GLY T 80 -1.65 -121.31 -38.19
C GLY T 80 -1.71 -119.97 -37.49
N SER T 81 -0.85 -119.03 -37.89
CA SER T 81 -0.84 -117.70 -37.29
C SER T 81 -0.86 -116.64 -38.38
N TRP T 82 -1.12 -115.40 -37.97
CA TRP T 82 -1.24 -114.27 -38.90
C TRP T 82 0.10 -113.68 -39.31
N ASP T 83 1.22 -114.23 -38.85
CA ASP T 83 2.52 -113.77 -39.30
C ASP T 83 3.01 -114.53 -40.53
N GLY T 84 2.21 -115.43 -41.08
CA GLY T 84 2.61 -116.23 -42.22
C GLY T 84 3.22 -117.57 -41.86
N THR T 85 3.05 -118.04 -40.64
CA THR T 85 3.69 -119.25 -40.17
C THR T 85 2.67 -120.26 -39.68
N LEU T 86 3.12 -121.51 -39.60
CA LEU T 86 2.33 -122.62 -39.07
C LEU T 86 3.16 -123.33 -38.01
N ARG T 87 2.48 -124.01 -37.09
CA ARG T 87 3.16 -124.62 -35.95
C ARG T 87 2.48 -125.92 -35.57
N LEU T 88 3.30 -126.92 -35.24
CA LEU T 88 2.83 -128.20 -34.71
C LEU T 88 2.87 -128.17 -33.19
N TRP T 89 1.85 -128.77 -32.58
CA TRP T 89 1.73 -128.84 -31.13
C TRP T 89 1.57 -130.29 -30.70
N ASP T 90 2.16 -130.63 -29.56
CA ASP T 90 1.90 -131.91 -28.89
C ASP T 90 0.87 -131.68 -27.80
N LEU T 91 -0.10 -132.57 -27.71
CA LEU T 91 -1.23 -132.39 -26.81
C LEU T 91 -0.87 -132.62 -25.36
N THR T 92 0.21 -133.34 -25.07
CA THR T 92 0.53 -133.72 -23.70
C THR T 92 1.43 -132.73 -22.99
N THR T 93 2.26 -132.00 -23.70
CA THR T 93 3.27 -131.16 -23.05
C THR T 93 3.28 -129.76 -23.66
N GLY T 94 2.85 -129.64 -24.91
CA GLY T 94 3.13 -128.44 -25.68
C GLY T 94 4.16 -128.78 -26.75
N THR T 95 5.41 -128.42 -26.50
CA THR T 95 6.59 -128.94 -27.22
C THR T 95 6.51 -128.62 -28.73
N THR T 96 6.67 -127.33 -29.01
CA THR T 96 6.81 -126.84 -30.38
C THR T 96 7.95 -127.57 -31.09
N THR T 97 7.61 -128.35 -32.11
CA THR T 97 8.55 -129.23 -32.78
C THR T 97 8.81 -128.84 -34.22
N ARG T 98 7.76 -128.73 -35.04
CA ARG T 98 7.94 -128.44 -36.45
C ARG T 98 7.09 -127.23 -36.83
N ARG T 99 7.73 -126.24 -37.44
CA ARG T 99 7.07 -125.05 -37.92
C ARG T 99 7.18 -124.96 -39.44
N PHE T 100 6.21 -124.28 -40.05
CA PHE T 100 6.16 -124.09 -41.49
C PHE T 100 6.30 -122.62 -41.79
N VAL T 101 7.36 -122.26 -42.50
CA VAL T 101 7.68 -120.89 -42.88
C VAL T 101 7.72 -120.83 -44.40
N GLY T 102 7.17 -119.76 -44.98
CA GLY T 102 7.17 -119.61 -46.42
C GLY T 102 5.95 -118.89 -46.97
N HIS T 103 4.92 -118.71 -46.15
CA HIS T 103 3.81 -117.86 -46.53
C HIS T 103 4.20 -116.40 -46.28
N THR T 104 3.95 -115.55 -47.28
CA THR T 104 4.46 -114.19 -47.23
C THR T 104 3.66 -113.31 -46.29
N LYS T 105 2.35 -113.18 -46.53
CA LYS T 105 1.56 -112.17 -45.84
C LYS T 105 0.76 -112.74 -44.66
N ASP T 106 -0.15 -113.68 -44.90
CA ASP T 106 -1.00 -114.23 -43.86
C ASP T 106 -1.18 -115.73 -44.06
N VAL T 107 -1.87 -116.36 -43.12
CA VAL T 107 -2.29 -117.75 -43.21
C VAL T 107 -3.75 -117.81 -42.79
N LEU T 108 -4.60 -118.38 -43.65
CA LEU T 108 -6.04 -118.37 -43.42
C LEU T 108 -6.63 -119.74 -43.09
N SER T 109 -6.11 -120.83 -43.63
CA SER T 109 -6.68 -122.14 -43.33
C SER T 109 -5.61 -123.22 -43.44
N VAL T 110 -5.79 -124.28 -42.66
CA VAL T 110 -4.87 -125.41 -42.61
C VAL T 110 -5.68 -126.69 -42.51
N ALA T 111 -5.26 -127.74 -43.23
CA ALA T 111 -5.88 -129.05 -43.15
C ALA T 111 -4.80 -130.11 -43.39
N PHE T 112 -5.18 -131.37 -43.19
CA PHE T 112 -4.23 -132.47 -43.27
C PHE T 112 -4.88 -133.67 -43.95
N SER T 113 -4.05 -134.51 -44.56
CA SER T 113 -4.55 -135.70 -45.24
C SER T 113 -4.95 -136.76 -44.22
N SER T 114 -5.81 -137.68 -44.67
CA SER T 114 -6.40 -138.67 -43.77
C SER T 114 -5.37 -139.71 -43.30
N ASP T 115 -4.32 -139.95 -44.08
CA ASP T 115 -3.27 -140.87 -43.69
C ASP T 115 -2.16 -140.20 -42.89
N ASN T 116 -2.35 -138.92 -42.51
CA ASN T 116 -1.40 -138.09 -41.77
C ASN T 116 -0.05 -138.04 -42.48
N ARG T 117 -0.10 -137.67 -43.76
CA ARG T 117 1.09 -137.62 -44.60
C ARG T 117 1.33 -136.23 -45.17
N GLN T 118 0.30 -135.58 -45.70
CA GLN T 118 0.42 -134.27 -46.33
C GLN T 118 -0.33 -133.24 -45.51
N ILE T 119 0.19 -132.01 -45.49
CA ILE T 119 -0.41 -130.91 -44.75
C ILE T 119 -0.63 -129.77 -45.74
N VAL T 120 -1.88 -129.45 -46.01
CA VAL T 120 -2.24 -128.40 -46.95
C VAL T 120 -2.54 -127.13 -46.17
N SER T 121 -2.12 -125.99 -46.72
CA SER T 121 -2.28 -124.70 -46.05
C SER T 121 -2.63 -123.66 -47.09
N GLY T 122 -3.84 -123.09 -46.99
CA GLY T 122 -4.28 -122.04 -47.88
C GLY T 122 -4.11 -120.68 -47.22
N SER T 123 -3.49 -119.76 -47.95
CA SER T 123 -3.10 -118.47 -47.41
C SER T 123 -3.86 -117.35 -48.10
N ARG T 124 -3.49 -116.12 -47.76
CA ARG T 124 -4.10 -114.91 -48.30
C ARG T 124 -3.45 -114.44 -49.59
N ASP T 125 -2.17 -114.77 -49.79
CA ASP T 125 -1.40 -114.31 -50.95
C ASP T 125 -1.54 -115.23 -52.15
N LYS T 126 -2.70 -115.90 -52.29
CA LYS T 126 -3.03 -116.80 -53.40
C LYS T 126 -2.07 -117.98 -53.47
N THR T 127 -1.67 -118.48 -52.29
CA THR T 127 -0.75 -119.61 -52.19
C THR T 127 -1.42 -120.72 -51.39
N ILE T 128 -1.55 -121.89 -52.01
CA ILE T 128 -2.03 -123.08 -51.31
C ILE T 128 -0.86 -124.06 -51.29
N LYS T 129 -0.11 -124.06 -50.20
CA LYS T 129 1.11 -124.86 -50.11
C LYS T 129 0.82 -126.23 -49.53
N LEU T 130 1.73 -127.16 -49.79
CA LEU T 130 1.61 -128.55 -49.35
C LEU T 130 2.95 -128.94 -48.73
N TRP T 131 2.94 -129.20 -47.44
CA TRP T 131 4.13 -129.62 -46.70
C TRP T 131 4.00 -131.06 -46.24
N ASN T 132 5.11 -131.58 -45.72
CA ASN T 132 5.16 -132.93 -45.16
C ASN T 132 4.95 -132.83 -43.65
N THR T 133 4.53 -133.93 -43.05
CA THR T 133 4.38 -133.99 -41.60
C THR T 133 5.74 -133.93 -40.89
N LEU T 134 6.80 -134.40 -41.56
CA LEU T 134 8.15 -134.22 -41.02
C LEU T 134 8.60 -132.76 -41.13
N GLY T 135 8.16 -132.07 -42.18
CA GLY T 135 8.43 -130.66 -42.31
C GLY T 135 9.01 -130.24 -43.65
N VAL T 136 9.92 -131.05 -44.19
CA VAL T 136 10.57 -130.76 -45.47
C VAL T 136 10.26 -131.90 -46.43
N CYS T 137 10.02 -131.55 -47.69
CA CYS T 137 9.69 -132.52 -48.73
C CYS T 137 9.99 -131.91 -50.09
N LYS T 138 10.24 -132.79 -51.05
CA LYS T 138 10.40 -132.35 -52.44
C LYS T 138 9.06 -132.12 -53.12
N TYR T 139 7.97 -132.61 -52.54
CA TYR T 139 6.63 -132.44 -53.11
C TYR T 139 5.95 -131.28 -52.40
N THR T 140 6.31 -130.06 -52.83
CA THR T 140 5.71 -128.83 -52.32
C THR T 140 5.07 -128.12 -53.51
N VAL T 141 3.74 -128.12 -53.54
CA VAL T 141 2.97 -127.60 -54.66
C VAL T 141 2.44 -126.23 -54.30
N GLN T 142 2.67 -125.25 -55.17
CA GLN T 142 2.19 -123.88 -55.00
C GLN T 142 1.23 -123.57 -56.14
N ASP T 143 -0.07 -123.60 -55.85
CA ASP T 143 -1.08 -123.38 -56.88
C ASP T 143 -1.22 -121.89 -57.18
N GLU T 144 -1.29 -121.55 -58.46
CA GLU T 144 -1.42 -120.15 -58.90
C GLU T 144 -2.50 -120.09 -59.99
N SER T 145 -3.75 -119.93 -59.57
CA SER T 145 -4.82 -119.61 -60.50
C SER T 145 -5.81 -118.60 -59.94
N HIS T 146 -5.63 -118.15 -58.70
CA HIS T 146 -6.58 -117.28 -58.04
C HIS T 146 -6.40 -115.83 -58.48
N SER T 147 -7.36 -115.00 -58.10
CA SER T 147 -7.26 -113.55 -58.22
C SER T 147 -7.71 -112.83 -56.96
N GLU T 148 -8.21 -113.55 -55.95
CA GLU T 148 -8.61 -112.96 -54.68
C GLU T 148 -8.05 -113.80 -53.53
N TRP T 149 -8.50 -113.52 -52.31
CA TRP T 149 -8.00 -114.23 -51.14
C TRP T 149 -8.58 -115.63 -51.07
N VAL T 150 -7.77 -116.56 -50.57
CA VAL T 150 -8.17 -117.95 -50.41
C VAL T 150 -8.44 -118.16 -48.92
N SER T 151 -9.72 -118.09 -48.53
CA SER T 151 -10.10 -118.09 -47.13
C SER T 151 -10.08 -119.48 -46.52
N CYS T 152 -10.90 -120.39 -47.03
CA CYS T 152 -11.07 -121.71 -46.42
C CYS T 152 -10.72 -122.81 -47.41
N VAL T 153 -9.92 -123.77 -46.96
CA VAL T 153 -9.63 -124.98 -47.71
C VAL T 153 -10.01 -126.19 -46.85
N ARG T 154 -10.50 -127.23 -47.51
CA ARG T 154 -10.85 -128.48 -46.85
C ARG T 154 -10.41 -129.65 -47.71
N PHE T 155 -10.27 -130.81 -47.08
CA PHE T 155 -9.82 -132.03 -47.74
C PHE T 155 -10.95 -133.05 -47.78
N SER T 156 -10.94 -133.91 -48.82
CA SER T 156 -11.91 -134.99 -48.88
C SER T 156 -11.43 -136.17 -49.72
N PRO T 157 -10.56 -137.05 -49.18
CA PRO T 157 -10.25 -138.30 -49.90
C PRO T 157 -11.25 -139.40 -49.58
N ASN T 158 -11.83 -140.02 -50.61
CA ASN T 158 -12.79 -141.09 -50.38
C ASN T 158 -12.15 -142.46 -50.45
N SER T 159 -11.64 -142.84 -51.63
CA SER T 159 -10.92 -144.10 -51.79
C SER T 159 -9.49 -143.87 -52.27
N SER T 160 -9.30 -143.18 -53.40
CA SER T 160 -7.97 -142.91 -53.93
C SER T 160 -7.87 -141.53 -54.57
N ASN T 161 -8.75 -140.60 -54.21
CA ASN T 161 -8.81 -139.30 -54.87
C ASN T 161 -8.33 -138.18 -53.97
N PRO T 162 -7.13 -137.63 -54.19
CA PRO T 162 -6.64 -136.48 -53.40
C PRO T 162 -7.32 -135.18 -53.81
N ILE T 163 -8.54 -135.00 -53.32
CA ILE T 163 -9.39 -133.86 -53.66
C ILE T 163 -9.39 -132.89 -52.49
N ILE T 164 -9.11 -131.62 -52.78
CA ILE T 164 -9.23 -130.55 -51.79
C ILE T 164 -10.06 -129.42 -52.38
N VAL T 165 -11.02 -128.93 -51.61
CA VAL T 165 -11.88 -127.83 -52.01
C VAL T 165 -11.32 -126.54 -51.43
N SER T 166 -11.37 -125.46 -52.22
CA SER T 166 -10.76 -124.19 -51.82
C SER T 166 -11.69 -123.05 -52.19
N CYS T 167 -11.68 -122.02 -51.35
CA CYS T 167 -12.46 -120.82 -51.61
C CYS T 167 -11.67 -119.81 -52.43
N GLY T 168 -12.39 -119.01 -53.21
CA GLY T 168 -11.81 -117.86 -53.85
C GLY T 168 -12.84 -116.76 -53.99
N TRP T 169 -12.51 -115.56 -53.46
CA TRP T 169 -13.47 -114.47 -53.35
C TRP T 169 -13.72 -113.72 -54.66
N ASP T 170 -13.22 -114.25 -55.78
CA ASP T 170 -13.69 -113.89 -57.11
C ASP T 170 -14.82 -114.79 -57.58
N LYS T 171 -15.64 -115.27 -56.63
CA LYS T 171 -16.81 -116.12 -56.86
C LYS T 171 -16.41 -117.46 -57.49
N LEU T 172 -15.39 -118.09 -56.91
CA LEU T 172 -14.87 -119.34 -57.45
C LEU T 172 -14.63 -120.34 -56.32
N VAL T 173 -15.44 -121.39 -56.29
CA VAL T 173 -15.18 -122.54 -55.43
C VAL T 173 -14.42 -123.54 -56.28
N LYS T 174 -13.15 -123.76 -55.95
CA LYS T 174 -12.28 -124.59 -56.78
C LYS T 174 -12.11 -125.97 -56.18
N VAL T 175 -12.05 -126.97 -57.05
CA VAL T 175 -11.69 -128.34 -56.69
C VAL T 175 -10.29 -128.60 -57.22
N TRP T 176 -9.39 -129.04 -56.35
CA TRP T 176 -8.00 -129.29 -56.72
C TRP T 176 -7.69 -130.76 -56.54
N ASN T 177 -7.17 -131.38 -57.60
CA ASN T 177 -6.69 -132.75 -57.57
C ASN T 177 -5.19 -132.72 -57.39
N LEU T 178 -4.70 -133.33 -56.30
CA LEU T 178 -3.28 -133.32 -55.98
C LEU T 178 -2.49 -134.40 -56.71
N ALA T 179 -3.18 -135.37 -57.33
CA ALA T 179 -2.47 -136.34 -58.16
C ALA T 179 -2.00 -135.70 -59.46
N ASN T 180 -2.88 -134.92 -60.08
CA ASN T 180 -2.51 -134.11 -61.23
C ASN T 180 -1.88 -132.79 -60.83
N CYS T 181 -2.00 -132.42 -59.53
CA CYS T 181 -1.59 -131.11 -58.99
C CYS T 181 -2.23 -129.96 -59.75
N LYS T 182 -3.51 -130.14 -60.12
CA LYS T 182 -4.17 -129.20 -61.03
C LYS T 182 -5.61 -129.00 -60.60
N LEU T 183 -6.35 -128.25 -61.42
CA LEU T 183 -7.75 -127.92 -61.21
C LEU T 183 -8.62 -129.02 -61.80
N LYS T 184 -9.75 -129.28 -61.13
CA LYS T 184 -10.72 -130.26 -61.57
C LYS T 184 -12.05 -129.64 -61.97
N THR T 185 -12.66 -128.86 -61.08
CA THR T 185 -13.96 -128.26 -61.34
C THR T 185 -14.06 -126.92 -60.62
N ASN T 186 -14.45 -125.88 -61.36
CA ASN T 186 -14.75 -124.58 -60.80
C ASN T 186 -16.25 -124.46 -60.56
N HIS T 187 -16.62 -123.67 -59.56
CA HIS T 187 -18.01 -123.47 -59.20
C HIS T 187 -18.28 -121.98 -59.04
N ILE T 188 -19.26 -121.48 -59.80
CA ILE T 188 -19.66 -120.07 -59.79
C ILE T 188 -21.11 -120.02 -59.33
N GLY T 189 -21.49 -118.93 -58.67
CA GLY T 189 -22.85 -118.80 -58.20
C GLY T 189 -23.07 -118.04 -56.91
N HIS T 190 -22.00 -117.67 -56.23
CA HIS T 190 -22.14 -116.82 -55.04
C HIS T 190 -22.46 -115.39 -55.47
N THR T 191 -23.58 -114.86 -54.97
CA THR T 191 -23.93 -113.47 -55.26
C THR T 191 -22.99 -112.52 -54.53
N GLY T 192 -22.80 -112.73 -53.22
CA GLY T 192 -21.89 -111.93 -52.45
C GLY T 192 -20.50 -112.54 -52.40
N TYR T 193 -19.88 -112.51 -51.23
CA TYR T 193 -18.54 -113.05 -51.02
C TYR T 193 -18.63 -114.21 -50.03
N LEU T 194 -18.19 -115.39 -50.47
CA LEU T 194 -18.19 -116.55 -49.61
C LEU T 194 -17.09 -116.45 -48.56
N ASN T 195 -17.28 -117.16 -47.45
CA ASN T 195 -16.33 -117.11 -46.34
C ASN T 195 -15.90 -118.47 -45.82
N THR T 196 -16.69 -119.53 -46.03
CA THR T 196 -16.35 -120.83 -45.49
C THR T 196 -16.87 -121.93 -46.41
N VAL T 197 -16.21 -123.08 -46.33
CA VAL T 197 -16.60 -124.27 -47.08
C VAL T 197 -16.35 -125.48 -46.17
N THR T 198 -17.18 -126.50 -46.34
CA THR T 198 -17.04 -127.73 -45.57
C THR T 198 -17.49 -128.90 -46.41
N VAL T 199 -17.04 -130.10 -46.03
CA VAL T 199 -17.30 -131.32 -46.78
C VAL T 199 -18.05 -132.29 -45.88
N SER T 200 -18.73 -133.24 -46.52
CA SER T 200 -19.44 -134.29 -45.83
C SER T 200 -18.47 -135.39 -45.38
N PRO T 201 -18.83 -136.17 -44.35
CA PRO T 201 -17.94 -137.26 -43.93
C PRO T 201 -17.81 -138.38 -44.96
N ASP T 202 -18.85 -138.63 -45.76
CA ASP T 202 -18.77 -139.63 -46.81
C ASP T 202 -18.24 -139.07 -48.13
N GLY T 203 -18.04 -137.76 -48.23
CA GLY T 203 -17.52 -137.17 -49.44
C GLY T 203 -18.53 -136.96 -50.54
N SER T 204 -19.79 -136.72 -50.20
CA SER T 204 -20.84 -136.51 -51.19
C SER T 204 -21.36 -135.08 -51.23
N LEU T 205 -21.35 -134.39 -50.10
CA LEU T 205 -21.88 -133.04 -49.99
C LEU T 205 -20.76 -132.04 -49.76
N CYS T 206 -20.91 -130.86 -50.35
CA CYS T 206 -19.98 -129.75 -50.16
C CYS T 206 -20.79 -128.49 -49.92
N ALA T 207 -20.70 -127.94 -48.70
CA ALA T 207 -21.49 -126.78 -48.33
C ALA T 207 -20.61 -125.53 -48.32
N SER T 208 -21.13 -124.45 -48.91
CA SER T 208 -20.40 -123.20 -49.00
C SER T 208 -21.27 -122.06 -48.50
N GLY T 209 -20.65 -121.13 -47.77
CA GLY T 209 -21.40 -120.02 -47.19
C GLY T 209 -20.54 -118.79 -47.03
N GLY T 210 -21.21 -117.66 -46.83
CA GLY T 210 -20.49 -116.41 -46.67
C GLY T 210 -21.33 -115.19 -46.32
N LYS T 211 -21.03 -114.07 -46.99
CA LYS T 211 -21.60 -112.78 -46.59
C LYS T 211 -23.06 -112.64 -47.02
N ASP T 212 -23.40 -113.10 -48.23
CA ASP T 212 -24.74 -112.88 -48.76
C ASP T 212 -25.80 -113.79 -48.14
N GLY T 213 -25.41 -114.74 -47.30
CA GLY T 213 -26.37 -115.61 -46.67
C GLY T 213 -26.93 -116.68 -47.59
N GLN T 214 -26.20 -117.00 -48.66
CA GLN T 214 -26.64 -117.99 -49.65
C GLN T 214 -25.90 -119.29 -49.35
N ALA T 215 -26.51 -120.11 -48.48
CA ALA T 215 -25.94 -121.41 -48.13
C ALA T 215 -26.12 -122.36 -49.30
N MET T 216 -25.03 -122.69 -49.98
CA MET T 216 -25.07 -123.37 -51.27
C MET T 216 -24.56 -124.79 -51.13
N LEU T 217 -25.29 -125.76 -51.70
CA LEU T 217 -24.88 -127.14 -51.67
C LEU T 217 -24.29 -127.55 -53.02
N TRP T 218 -23.36 -128.50 -52.97
CA TRP T 218 -22.72 -129.02 -54.17
C TRP T 218 -22.52 -130.53 -54.04
N ASP T 219 -22.76 -131.24 -55.13
CA ASP T 219 -22.47 -132.67 -55.19
C ASP T 219 -20.99 -132.84 -55.56
N LEU T 220 -20.23 -133.48 -54.68
CA LEU T 220 -18.80 -133.62 -54.92
C LEU T 220 -18.51 -134.70 -55.97
N ASN T 221 -19.36 -135.73 -56.05
CA ASN T 221 -19.10 -136.83 -56.98
C ASN T 221 -19.46 -136.43 -58.41
N GLU T 222 -20.67 -135.91 -58.61
CA GLU T 222 -21.11 -135.56 -59.96
C GLU T 222 -20.56 -134.22 -60.42
N GLY T 223 -20.37 -133.28 -59.50
CA GLY T 223 -19.86 -131.97 -59.86
C GLY T 223 -20.91 -130.99 -60.33
N LYS T 224 -22.18 -131.24 -60.01
CA LYS T 224 -23.29 -130.38 -60.41
C LYS T 224 -23.82 -129.62 -59.20
N HIS T 225 -24.80 -128.76 -59.46
CA HIS T 225 -25.39 -127.91 -58.44
C HIS T 225 -26.64 -128.57 -57.86
N LEU T 226 -26.80 -128.51 -56.54
CA LEU T 226 -27.99 -129.08 -55.91
C LEU T 226 -29.05 -128.01 -55.70
N TYR T 227 -28.77 -127.03 -54.83
CA TYR T 227 -29.67 -125.93 -54.49
C TYR T 227 -28.93 -124.96 -53.56
N THR T 228 -29.63 -123.88 -53.19
CA THR T 228 -29.08 -122.80 -52.38
C THR T 228 -30.20 -122.23 -51.51
N LEU T 229 -29.92 -122.05 -50.22
CA LEU T 229 -30.88 -121.52 -49.27
C LEU T 229 -30.55 -120.07 -48.95
N ASP T 230 -31.59 -119.25 -48.80
CA ASP T 230 -31.44 -117.86 -48.37
C ASP T 230 -31.44 -117.84 -46.85
N GLY T 231 -30.28 -117.61 -46.25
CA GLY T 231 -30.18 -117.61 -44.80
C GLY T 231 -30.78 -116.35 -44.18
N GLY T 232 -30.51 -115.19 -44.77
CA GLY T 232 -31.01 -113.94 -44.28
C GLY T 232 -29.98 -113.08 -43.56
N ASP T 233 -28.94 -113.71 -42.99
CA ASP T 233 -27.89 -113.01 -42.28
C ASP T 233 -26.54 -113.48 -42.81
N ILE T 234 -25.48 -112.82 -42.36
CA ILE T 234 -24.13 -113.18 -42.78
C ILE T 234 -23.73 -114.50 -42.13
N ILE T 235 -23.21 -115.42 -42.93
CA ILE T 235 -22.85 -116.76 -42.48
C ILE T 235 -21.33 -116.83 -42.36
N ASN T 236 -20.85 -117.22 -41.17
CA ASN T 236 -19.43 -117.31 -40.91
C ASN T 236 -18.88 -118.73 -40.90
N ALA T 237 -19.68 -119.73 -40.55
CA ALA T 237 -19.16 -121.09 -40.42
C ALA T 237 -20.28 -122.09 -40.69
N LEU T 238 -19.88 -123.24 -41.24
CA LEU T 238 -20.79 -124.32 -41.58
C LEU T 238 -20.24 -125.64 -41.05
N CYS T 239 -21.14 -126.53 -40.64
CA CYS T 239 -20.72 -127.87 -40.23
C CYS T 239 -21.86 -128.85 -40.41
N PHE T 240 -21.52 -130.06 -40.86
CA PHE T 240 -22.52 -131.12 -40.97
C PHE T 240 -22.69 -131.84 -39.64
N SER T 241 -23.87 -132.44 -39.47
CA SER T 241 -24.07 -133.27 -38.29
C SER T 241 -23.46 -134.66 -38.52
N PRO T 242 -22.81 -135.24 -37.52
CA PRO T 242 -22.11 -136.52 -37.74
C PRO T 242 -23.03 -137.73 -37.80
N ASN T 243 -24.33 -137.58 -37.58
CA ASN T 243 -25.26 -138.70 -37.64
C ASN T 243 -26.47 -138.47 -38.51
N ARG T 244 -26.76 -137.23 -38.91
CA ARG T 244 -27.96 -136.94 -39.69
C ARG T 244 -27.62 -136.13 -40.94
N TYR T 245 -28.64 -135.63 -41.62
CA TYR T 245 -28.49 -134.78 -42.80
C TYR T 245 -28.72 -133.31 -42.46
N TRP T 246 -28.27 -132.89 -41.29
CA TRP T 246 -28.49 -131.54 -40.78
C TRP T 246 -27.24 -130.69 -41.01
N LEU T 247 -27.39 -129.63 -41.79
CA LEU T 247 -26.34 -128.63 -41.97
C LEU T 247 -26.57 -127.51 -40.97
N CYS T 248 -25.61 -127.29 -40.09
CA CYS T 248 -25.70 -126.28 -39.04
C CYS T 248 -24.84 -125.09 -39.45
N ALA T 249 -25.46 -123.90 -39.48
CA ALA T 249 -24.83 -122.67 -39.93
C ALA T 249 -24.74 -121.71 -38.76
N ALA T 250 -23.52 -121.29 -38.45
CA ALA T 250 -23.28 -120.23 -37.46
C ALA T 250 -23.42 -118.91 -38.19
N THR T 251 -24.62 -118.34 -38.15
CA THR T 251 -24.92 -117.10 -38.86
C THR T 251 -24.41 -115.91 -38.05
N GLY T 252 -24.86 -114.71 -38.43
CA GLY T 252 -24.41 -113.51 -37.76
C GLY T 252 -24.92 -113.36 -36.34
N PRO T 253 -26.22 -113.12 -36.17
CA PRO T 253 -26.76 -112.98 -34.81
C PRO T 253 -26.96 -114.31 -34.09
N SER T 254 -27.33 -115.36 -34.84
CA SER T 254 -27.83 -116.58 -34.23
C SER T 254 -27.25 -117.78 -34.96
N ILE T 255 -27.75 -118.98 -34.63
CA ILE T 255 -27.34 -120.22 -35.26
C ILE T 255 -28.58 -120.89 -35.83
N LYS T 256 -28.52 -121.33 -37.09
CA LYS T 256 -29.66 -121.95 -37.74
C LYS T 256 -29.30 -123.32 -38.30
N ILE T 257 -30.17 -124.30 -38.09
CA ILE T 257 -29.96 -125.66 -38.59
C ILE T 257 -30.98 -125.93 -39.69
N TRP T 258 -30.51 -126.44 -40.82
CA TRP T 258 -31.36 -126.81 -41.93
C TRP T 258 -31.17 -128.29 -42.25
N ASP T 259 -32.13 -128.85 -42.99
CA ASP T 259 -32.10 -130.24 -43.38
C ASP T 259 -31.74 -130.36 -44.86
N LEU T 260 -31.15 -131.49 -45.23
CA LEU T 260 -30.82 -131.74 -46.64
C LEU T 260 -32.08 -131.99 -47.46
N GLU T 261 -32.81 -133.04 -47.13
CA GLU T 261 -34.00 -133.42 -47.89
C GLU T 261 -35.29 -132.84 -47.31
N GLY T 262 -35.25 -132.34 -46.08
CA GLY T 262 -36.46 -131.82 -45.46
C GLY T 262 -36.75 -130.37 -45.84
N LYS T 263 -35.70 -129.55 -45.89
CA LYS T 263 -35.77 -128.11 -46.16
C LYS T 263 -36.72 -127.40 -45.20
N ILE T 264 -36.56 -127.70 -43.91
CA ILE T 264 -37.44 -127.20 -42.87
C ILE T 264 -36.58 -126.54 -41.81
N ILE T 265 -37.16 -125.60 -41.06
CA ILE T 265 -36.48 -124.95 -39.95
C ILE T 265 -36.31 -125.98 -38.83
N VAL T 266 -35.10 -126.46 -38.63
CA VAL T 266 -34.84 -127.48 -37.62
C VAL T 266 -34.73 -126.85 -36.24
N ASP T 267 -33.75 -125.96 -36.06
CA ASP T 267 -33.55 -125.30 -34.78
C ASP T 267 -32.89 -123.95 -35.02
N GLU T 268 -33.19 -123.00 -34.14
CA GLU T 268 -32.63 -121.65 -34.21
C GLU T 268 -32.12 -121.29 -32.82
N LEU T 269 -30.82 -121.48 -32.60
CA LEU T 269 -30.16 -121.09 -31.36
C LEU T 269 -30.06 -119.57 -31.31
N LYS T 270 -30.84 -118.96 -30.41
CA LYS T 270 -30.87 -117.52 -30.20
C LYS T 270 -31.13 -117.30 -28.72
N GLN T 271 -30.07 -117.01 -27.96
CA GLN T 271 -30.20 -116.92 -26.52
C GLN T 271 -30.81 -115.58 -26.10
N GLU T 272 -31.04 -115.43 -24.80
CA GLU T 272 -31.61 -114.20 -24.25
C GLU T 272 -30.52 -113.17 -24.10
N VAL T 273 -30.58 -112.11 -24.90
CA VAL T 273 -29.61 -111.03 -24.85
C VAL T 273 -30.29 -109.83 -24.20
N ILE T 274 -29.66 -109.29 -23.16
CA ILE T 274 -30.27 -108.27 -22.29
C ILE T 274 -29.52 -106.95 -22.47
N SER T 275 -30.27 -105.90 -22.83
CA SER T 275 -29.85 -104.50 -22.80
C SER T 275 -28.67 -104.22 -23.72
N THR T 276 -28.86 -104.54 -25.00
CA THR T 276 -27.92 -104.22 -26.06
C THR T 276 -28.64 -103.42 -27.15
N SER T 277 -27.94 -103.18 -28.25
CA SER T 277 -28.53 -102.53 -29.41
C SER T 277 -29.14 -103.58 -30.33
N SER T 278 -29.61 -103.15 -31.50
CA SER T 278 -30.28 -104.07 -32.43
C SER T 278 -29.26 -104.92 -33.18
N LYS T 279 -28.38 -104.27 -33.95
CA LYS T 279 -27.40 -104.95 -34.77
C LYS T 279 -26.02 -105.02 -34.12
N ALA T 280 -25.93 -104.71 -32.83
CA ALA T 280 -24.67 -104.76 -32.09
C ALA T 280 -24.68 -105.89 -31.06
N GLU T 281 -25.21 -107.04 -31.44
CA GLU T 281 -25.31 -108.16 -30.53
C GLU T 281 -23.95 -108.81 -30.31
N PRO T 282 -23.56 -109.06 -29.06
CA PRO T 282 -22.30 -109.76 -28.78
C PRO T 282 -22.24 -111.20 -29.29
N PRO T 283 -23.38 -112.00 -29.33
CA PRO T 283 -23.25 -113.30 -30.03
C PRO T 283 -23.10 -113.18 -31.53
N GLN T 284 -21.89 -112.86 -31.99
CA GLN T 284 -21.53 -112.95 -33.40
C GLN T 284 -20.90 -114.33 -33.61
N CYS T 285 -21.68 -115.25 -34.16
CA CYS T 285 -21.31 -116.65 -34.21
C CYS T 285 -20.30 -116.89 -35.33
N THR T 286 -19.10 -117.34 -34.96
CA THR T 286 -18.05 -117.58 -35.95
C THR T 286 -17.24 -118.85 -35.68
N SER T 287 -17.62 -119.67 -34.70
CA SER T 287 -16.84 -120.85 -34.36
C SER T 287 -17.76 -121.87 -33.70
N LEU T 288 -17.86 -123.06 -34.29
CA LEU T 288 -18.69 -124.11 -33.71
C LEU T 288 -18.12 -125.47 -34.10
N ALA T 289 -18.57 -126.49 -33.38
CA ALA T 289 -18.12 -127.86 -33.60
C ALA T 289 -19.12 -128.83 -33.00
N TRP T 290 -19.32 -129.96 -33.66
CA TRP T 290 -20.14 -131.03 -33.14
C TRP T 290 -19.29 -132.07 -32.42
N SER T 291 -19.94 -132.87 -31.58
CA SER T 291 -19.26 -133.98 -30.94
C SER T 291 -19.10 -135.15 -31.92
N ALA T 292 -18.55 -136.26 -31.41
CA ALA T 292 -18.34 -137.43 -32.25
C ALA T 292 -19.65 -138.16 -32.57
N ASP T 293 -20.69 -137.93 -31.80
CA ASP T 293 -21.99 -138.53 -32.05
C ASP T 293 -23.11 -137.52 -32.24
N GLY T 294 -22.81 -136.22 -32.19
CA GLY T 294 -23.83 -135.20 -32.30
C GLY T 294 -24.54 -134.87 -31.02
N GLN T 295 -24.02 -135.31 -29.88
CA GLN T 295 -24.68 -135.06 -28.60
C GLN T 295 -24.38 -133.66 -28.06
N THR T 296 -23.14 -133.20 -28.23
CA THR T 296 -22.69 -131.95 -27.65
C THR T 296 -22.27 -130.99 -28.76
N LEU T 297 -22.84 -129.78 -28.74
CA LEU T 297 -22.52 -128.74 -29.70
C LEU T 297 -21.75 -127.64 -28.98
N PHE T 298 -20.53 -127.38 -29.44
CA PHE T 298 -19.67 -126.32 -28.94
C PHE T 298 -19.78 -125.11 -29.84
N ALA T 299 -19.83 -123.91 -29.26
CA ALA T 299 -19.78 -122.70 -30.07
C ALA T 299 -19.11 -121.60 -29.27
N GLY T 300 -18.05 -121.02 -29.85
CA GLY T 300 -17.35 -119.90 -29.24
C GLY T 300 -17.73 -118.61 -29.95
N TYR T 301 -18.20 -117.65 -29.16
CA TYR T 301 -18.74 -116.40 -29.70
C TYR T 301 -17.69 -115.30 -29.56
N THR T 302 -18.08 -114.07 -29.86
CA THR T 302 -17.21 -112.91 -29.74
C THR T 302 -17.33 -112.22 -28.38
N ASP T 303 -18.13 -112.75 -27.47
CA ASP T 303 -18.27 -112.18 -26.13
C ASP T 303 -17.34 -112.83 -25.12
N ASN T 304 -16.22 -113.41 -25.58
CA ASN T 304 -15.19 -114.06 -24.76
C ASN T 304 -15.74 -115.25 -23.97
N LEU T 305 -16.78 -115.89 -24.47
CA LEU T 305 -17.35 -117.08 -23.85
C LEU T 305 -17.59 -118.17 -24.90
N VAL T 306 -17.54 -119.42 -24.45
CA VAL T 306 -17.81 -120.58 -25.29
C VAL T 306 -18.95 -121.36 -24.63
N ARG T 307 -20.04 -121.56 -25.36
CA ARG T 307 -21.24 -122.17 -24.85
C ARG T 307 -21.47 -123.56 -25.44
N VAL T 308 -22.12 -124.42 -24.65
CA VAL T 308 -22.34 -125.81 -25.01
C VAL T 308 -23.83 -126.12 -24.99
N TRP T 309 -24.23 -127.02 -25.88
CA TRP T 309 -25.61 -127.50 -25.96
C TRP T 309 -25.61 -129.01 -25.91
N GLN T 310 -26.51 -129.58 -25.12
CA GLN T 310 -26.69 -131.02 -25.01
C GLN T 310 -28.00 -131.41 -25.69
N VAL T 311 -27.96 -132.45 -26.52
CA VAL T 311 -29.15 -132.90 -27.22
C VAL T 311 -29.95 -133.82 -26.29
N THR T 312 -31.15 -133.39 -25.92
CA THR T 312 -32.02 -134.13 -25.03
C THR T 312 -33.34 -134.45 -25.73
N ILE T 313 -33.85 -135.65 -25.49
CA ILE T 313 -35.13 -136.07 -26.08
C ILE T 313 -36.26 -135.43 -25.29
N GLY T 314 -37.15 -134.73 -25.99
CA GLY T 314 -38.28 -134.08 -25.35
C GLY T 314 -39.42 -135.02 -25.04
N LEU U 1 -57.56 -73.68 -81.55
CA LEU U 1 -57.71 -74.29 -80.24
C LEU U 1 -58.62 -75.52 -80.32
N ASP U 2 -59.66 -75.53 -79.48
CA ASP U 2 -60.82 -76.43 -79.49
C ASP U 2 -60.47 -77.85 -79.02
N VAL U 3 -59.19 -78.13 -78.76
CA VAL U 3 -58.77 -79.41 -78.21
C VAL U 3 -57.94 -79.14 -76.96
N LEU U 4 -57.54 -77.89 -76.77
CA LEU U 4 -56.76 -77.49 -75.61
C LEU U 4 -57.64 -77.03 -74.45
N GLN U 5 -58.93 -77.30 -74.51
CA GLN U 5 -59.86 -76.94 -73.46
C GLN U 5 -59.84 -77.99 -72.36
N MET U 6 -60.05 -77.54 -71.12
CA MET U 6 -60.12 -78.43 -69.97
C MET U 6 -61.35 -79.32 -70.06
N LYS U 7 -61.26 -80.50 -69.44
CA LYS U 7 -62.35 -81.46 -69.46
C LYS U 7 -62.72 -81.86 -68.04
N GLU U 8 -63.70 -82.76 -67.93
CA GLU U 8 -64.22 -83.15 -66.62
C GLU U 8 -63.22 -83.98 -65.83
N GLU U 9 -62.42 -84.81 -66.51
CA GLU U 9 -61.37 -85.56 -65.82
C GLU U 9 -60.27 -84.63 -65.35
N ASP U 10 -59.96 -83.60 -66.14
CA ASP U 10 -58.96 -82.62 -65.75
C ASP U 10 -59.39 -81.83 -64.53
N VAL U 11 -60.63 -81.33 -64.52
CA VAL U 11 -61.07 -80.55 -63.36
C VAL U 11 -61.31 -81.45 -62.15
N LEU U 12 -61.62 -82.74 -62.37
CA LEU U 12 -61.72 -83.68 -61.26
C LEU U 12 -60.35 -83.88 -60.62
N LYS U 13 -59.29 -83.99 -61.43
CA LYS U 13 -57.96 -84.16 -60.87
C LYS U 13 -57.46 -82.87 -60.22
N PHE U 14 -57.81 -81.70 -60.78
CA PHE U 14 -57.44 -80.45 -60.14
C PHE U 14 -58.14 -80.26 -58.79
N LEU U 15 -59.44 -80.55 -58.72
CA LEU U 15 -60.15 -80.42 -57.45
C LEU U 15 -59.78 -81.54 -56.47
N ALA U 16 -59.27 -82.67 -56.97
CA ALA U 16 -58.78 -83.71 -56.08
C ALA U 16 -57.44 -83.34 -55.47
N ALA U 17 -56.54 -82.75 -56.26
CA ALA U 17 -55.26 -82.32 -55.70
C ALA U 17 -55.41 -81.06 -54.86
N GLY U 18 -56.43 -80.24 -55.14
CA GLY U 18 -56.68 -79.06 -54.34
C GLY U 18 -55.76 -77.91 -54.67
N THR U 19 -55.58 -77.63 -55.96
CA THR U 19 -54.78 -76.49 -56.39
C THR U 19 -55.57 -75.20 -56.46
N HIS U 20 -56.89 -75.27 -56.29
CA HIS U 20 -57.72 -74.07 -56.33
C HIS U 20 -57.49 -73.18 -55.13
N LEU U 21 -57.01 -73.73 -54.02
CA LEU U 21 -56.69 -72.97 -52.83
C LEU U 21 -55.23 -72.56 -52.86
N GLY U 22 -54.94 -71.35 -52.40
CA GLY U 22 -53.60 -70.82 -52.38
C GLY U 22 -53.22 -70.30 -51.00
N GLY U 23 -52.34 -69.31 -50.99
CA GLY U 23 -51.88 -68.70 -49.75
C GLY U 23 -52.86 -67.68 -49.24
N THR U 24 -52.41 -66.95 -48.21
CA THR U 24 -53.22 -65.90 -47.59
C THR U 24 -52.78 -64.49 -47.95
N ASN U 25 -51.51 -64.30 -48.32
CA ASN U 25 -51.02 -62.98 -48.68
C ASN U 25 -51.19 -62.74 -50.17
N LEU U 26 -51.31 -61.46 -50.53
CA LEU U 26 -51.51 -61.05 -51.91
C LEU U 26 -50.21 -60.58 -52.54
N ASP U 27 -50.24 -60.46 -53.87
CA ASP U 27 -49.15 -59.91 -54.65
C ASP U 27 -49.75 -58.95 -55.67
N PHE U 28 -48.95 -57.98 -56.10
CA PHE U 28 -49.44 -56.95 -57.02
C PHE U 28 -49.49 -57.42 -58.47
N GLN U 29 -49.00 -58.61 -58.77
CA GLN U 29 -49.11 -59.19 -60.10
C GLN U 29 -49.86 -60.52 -60.09
N MET U 30 -50.50 -60.86 -58.98
CA MET U 30 -51.37 -62.02 -58.89
C MET U 30 -52.83 -61.64 -58.83
N GLU U 31 -53.15 -60.35 -58.98
CA GLU U 31 -54.54 -59.90 -58.97
C GLU U 31 -55.29 -60.38 -60.20
N GLN U 32 -54.61 -60.45 -61.35
CA GLN U 32 -55.21 -60.97 -62.56
C GLN U 32 -55.37 -62.49 -62.53
N TYR U 33 -54.69 -63.17 -61.60
CA TYR U 33 -54.81 -64.62 -61.51
C TYR U 33 -55.76 -65.05 -60.40
N ILE U 34 -55.91 -64.23 -59.36
CA ILE U 34 -56.90 -64.54 -58.31
C ILE U 34 -58.29 -64.21 -58.84
N TYR U 35 -59.31 -64.85 -58.28
CA TYR U 35 -60.70 -64.61 -58.67
C TYR U 35 -61.48 -63.90 -57.59
N LYS U 36 -61.54 -64.46 -56.38
CA LYS U 36 -62.33 -63.90 -55.31
C LYS U 36 -61.75 -64.35 -53.98
N ARG U 37 -61.76 -63.44 -52.99
CA ARG U 37 -61.31 -63.79 -51.66
C ARG U 37 -62.31 -64.74 -51.00
N LYS U 38 -61.82 -65.43 -49.97
CA LYS U 38 -62.62 -66.41 -49.25
C LYS U 38 -62.31 -66.25 -47.76
N SER U 39 -63.26 -66.64 -46.92
CA SER U 39 -63.09 -66.59 -45.48
C SER U 39 -62.01 -67.58 -45.02
N ASP U 40 -61.59 -67.39 -43.76
CA ASP U 40 -60.46 -68.11 -43.13
C ASP U 40 -59.15 -67.92 -43.89
N GLY U 41 -59.00 -66.77 -44.56
CA GLY U 41 -57.72 -66.37 -45.11
C GLY U 41 -57.29 -66.98 -46.43
N ILE U 42 -57.70 -68.23 -46.69
CA ILE U 42 -57.22 -68.95 -47.87
C ILE U 42 -57.93 -68.41 -49.11
N TYR U 43 -57.14 -68.06 -50.13
CA TYR U 43 -57.66 -67.43 -51.34
C TYR U 43 -57.79 -68.45 -52.46
N ILE U 44 -58.55 -68.08 -53.48
CA ILE U 44 -58.95 -68.98 -54.56
C ILE U 44 -58.30 -68.51 -55.85
N ILE U 45 -57.52 -69.40 -56.46
CA ILE U 45 -56.95 -69.18 -57.79
C ILE U 45 -57.85 -69.86 -58.81
N ASN U 46 -58.16 -69.16 -59.90
CA ASN U 46 -59.00 -69.76 -60.94
C ASN U 46 -58.22 -70.81 -61.72
N LEU U 47 -58.95 -71.64 -62.46
CA LEU U 47 -58.36 -72.78 -63.14
C LEU U 47 -58.05 -72.53 -64.60
N LYS U 48 -58.82 -71.66 -65.27
CA LYS U 48 -58.61 -71.43 -66.70
C LYS U 48 -57.32 -70.66 -66.96
N ARG U 49 -57.04 -69.62 -66.17
CA ARG U 49 -55.81 -68.87 -66.32
C ARG U 49 -54.59 -69.60 -65.79
N THR U 50 -54.79 -70.67 -65.02
CA THR U 50 -53.69 -71.57 -64.68
C THR U 50 -53.42 -72.54 -65.83
N TRP U 51 -54.50 -73.05 -66.45
CA TRP U 51 -54.38 -73.93 -67.61
C TRP U 51 -53.71 -73.23 -68.79
N GLU U 52 -54.00 -71.93 -68.96
CA GLU U 52 -53.40 -71.20 -70.07
C GLU U 52 -51.90 -70.99 -69.87
N LYS U 53 -51.47 -70.72 -68.63
CA LYS U 53 -50.04 -70.59 -68.38
C LYS U 53 -49.34 -71.94 -68.41
N LEU U 54 -50.04 -73.02 -68.03
CA LEU U 54 -49.49 -74.36 -68.22
C LEU U 54 -49.33 -74.68 -69.70
N LEU U 55 -50.29 -74.24 -70.52
CA LEU U 55 -50.23 -74.43 -71.96
C LEU U 55 -49.07 -73.66 -72.57
N LEU U 56 -48.85 -72.41 -72.14
CA LEU U 56 -47.73 -71.64 -72.67
C LEU U 56 -46.39 -72.16 -72.16
N ALA U 57 -46.33 -72.71 -70.95
CA ALA U 57 -45.11 -73.35 -70.48
C ALA U 57 -44.79 -74.60 -71.28
N ALA U 58 -45.83 -75.36 -71.63
CA ALA U 58 -45.64 -76.53 -72.49
C ALA U 58 -45.20 -76.13 -73.90
N ARG U 59 -45.77 -75.05 -74.43
CA ARG U 59 -45.35 -74.54 -75.74
C ARG U 59 -43.90 -74.09 -75.72
N ALA U 60 -43.48 -73.43 -74.61
CA ALA U 60 -42.09 -73.00 -74.46
C ALA U 60 -41.13 -74.18 -74.39
N ILE U 61 -41.51 -75.24 -73.67
CA ILE U 61 -40.60 -76.37 -73.51
C ILE U 61 -40.54 -77.20 -74.79
N VAL U 62 -41.67 -77.37 -75.50
CA VAL U 62 -41.66 -78.10 -76.75
C VAL U 62 -41.00 -77.29 -77.86
N ALA U 63 -40.95 -75.95 -77.72
CA ALA U 63 -40.23 -75.12 -78.68
C ALA U 63 -38.71 -75.25 -78.59
N ILE U 64 -38.17 -76.00 -77.62
CA ILE U 64 -36.73 -76.23 -77.58
C ILE U 64 -36.33 -77.17 -78.72
N GLU U 65 -35.04 -77.18 -79.05
CA GLU U 65 -34.50 -78.10 -80.03
C GLU U 65 -33.66 -79.21 -79.42
N ASN U 66 -32.78 -78.89 -78.48
CA ASN U 66 -32.05 -79.90 -77.74
C ASN U 66 -32.69 -80.08 -76.37
N PRO U 67 -33.18 -81.26 -76.03
CA PRO U 67 -33.79 -81.47 -74.70
C PRO U 67 -32.80 -81.34 -73.54
N ALA U 68 -31.50 -81.39 -73.80
CA ALA U 68 -30.52 -81.10 -72.75
C ALA U 68 -30.43 -79.62 -72.43
N ASP U 69 -31.00 -78.74 -73.25
CA ASP U 69 -30.94 -77.30 -73.00
C ASP U 69 -32.04 -76.81 -72.08
N VAL U 70 -32.78 -77.71 -71.44
CA VAL U 70 -33.82 -77.34 -70.48
C VAL U 70 -33.42 -77.92 -69.12
N SER U 71 -33.22 -77.04 -68.15
CA SER U 71 -32.85 -77.45 -66.81
C SER U 71 -34.05 -77.33 -65.88
N VAL U 72 -34.17 -78.29 -64.95
CA VAL U 72 -35.28 -78.32 -64.01
C VAL U 72 -34.69 -78.38 -62.60
N ILE U 73 -35.04 -77.39 -61.78
CA ILE U 73 -34.44 -77.18 -60.46
C ILE U 73 -35.54 -77.14 -59.41
N SER U 74 -35.35 -77.90 -58.32
CA SER U 74 -36.14 -77.72 -57.11
C SER U 74 -35.25 -77.99 -55.91
N SER U 75 -35.39 -77.17 -54.88
CA SER U 75 -34.59 -77.30 -53.67
C SER U 75 -35.31 -77.96 -52.52
N ARG U 76 -36.64 -77.86 -52.47
CA ARG U 76 -37.41 -78.45 -51.39
C ARG U 76 -37.85 -79.86 -51.75
N ASN U 77 -38.01 -80.70 -50.72
CA ASN U 77 -38.25 -82.12 -50.91
C ASN U 77 -39.62 -82.43 -51.51
N THR U 78 -40.56 -81.49 -51.46
CA THR U 78 -41.84 -81.68 -52.14
C THR U 78 -41.71 -81.58 -53.65
N GLY U 79 -40.61 -81.02 -54.15
CA GLY U 79 -40.39 -80.90 -55.57
C GLY U 79 -39.23 -81.75 -56.07
N GLN U 80 -38.28 -82.06 -55.17
CA GLN U 80 -37.12 -82.87 -55.54
C GLN U 80 -37.51 -84.27 -55.97
N ARG U 81 -38.59 -84.81 -55.40
CA ARG U 81 -39.11 -86.11 -55.84
C ARG U 81 -39.68 -86.02 -57.25
N ALA U 82 -40.36 -84.93 -57.56
CA ALA U 82 -40.99 -84.81 -58.86
C ALA U 82 -40.00 -84.49 -59.97
N VAL U 83 -38.91 -83.79 -59.65
CA VAL U 83 -37.96 -83.35 -60.68
C VAL U 83 -37.24 -84.53 -61.31
N LEU U 84 -36.80 -85.48 -60.49
CA LEU U 84 -35.99 -86.60 -60.99
C LEU U 84 -36.79 -87.53 -61.87
N LYS U 85 -38.07 -87.74 -61.55
CA LYS U 85 -38.92 -88.55 -62.41
C LYS U 85 -39.58 -87.74 -63.53
N PHE U 86 -39.54 -86.42 -63.46
CA PHE U 86 -40.05 -85.57 -64.53
C PHE U 86 -39.05 -85.43 -65.67
N ALA U 87 -37.88 -84.87 -65.35
CA ALA U 87 -36.95 -84.44 -66.39
C ALA U 87 -36.26 -85.62 -67.06
N ALA U 88 -36.02 -86.71 -66.32
CA ALA U 88 -35.44 -87.91 -66.91
C ALA U 88 -36.43 -88.68 -67.76
N ALA U 89 -37.71 -88.32 -67.73
CA ALA U 89 -38.72 -89.03 -68.52
C ALA U 89 -38.70 -88.60 -69.97
N THR U 90 -38.95 -87.31 -70.24
CA THR U 90 -39.22 -86.86 -71.60
C THR U 90 -38.17 -85.91 -72.18
N GLY U 91 -37.93 -84.74 -71.59
CA GLY U 91 -37.25 -83.72 -72.36
C GLY U 91 -36.33 -82.73 -71.68
N ALA U 92 -35.82 -83.03 -70.48
CA ALA U 92 -35.03 -82.03 -69.76
C ALA U 92 -33.88 -82.70 -69.03
N THR U 93 -33.09 -81.86 -68.35
CA THR U 93 -31.94 -82.30 -67.55
C THR U 93 -32.17 -81.89 -66.10
N PRO U 94 -32.32 -82.83 -65.17
CA PRO U 94 -32.67 -82.46 -63.80
C PRO U 94 -31.46 -82.09 -62.97
N ILE U 95 -31.69 -81.24 -61.97
CA ILE U 95 -30.76 -81.06 -60.86
C ILE U 95 -31.57 -80.63 -59.64
N ALA U 96 -31.24 -81.21 -58.49
CA ALA U 96 -31.96 -80.94 -57.25
C ALA U 96 -30.96 -80.93 -56.10
N GLY U 97 -31.47 -80.94 -54.88
CA GLY U 97 -30.60 -80.89 -53.72
C GLY U 97 -30.00 -79.51 -53.55
N ARG U 98 -28.74 -79.47 -53.16
CA ARG U 98 -28.03 -78.20 -53.07
C ARG U 98 -27.71 -77.69 -54.46
N PHE U 99 -28.00 -76.40 -54.68
CA PHE U 99 -27.82 -75.81 -56.00
C PHE U 99 -26.36 -75.63 -56.36
N THR U 100 -25.46 -75.52 -55.36
CA THR U 100 -24.06 -75.11 -55.47
C THR U 100 -24.02 -73.76 -56.19
N PRO U 101 -24.31 -72.66 -55.49
CA PRO U 101 -24.44 -71.35 -56.14
C PRO U 101 -23.15 -70.91 -56.81
N GLY U 102 -23.30 -70.38 -58.01
CA GLY U 102 -22.19 -70.25 -58.94
C GLY U 102 -22.10 -71.36 -59.94
N THR U 103 -23.19 -72.10 -60.17
CA THR U 103 -23.15 -73.25 -61.07
C THR U 103 -23.07 -72.80 -62.53
N PHE U 104 -23.94 -71.89 -62.93
CA PHE U 104 -24.04 -71.46 -64.32
C PHE U 104 -23.16 -70.27 -64.63
N THR U 105 -22.28 -69.85 -63.70
CA THR U 105 -21.48 -68.65 -63.88
C THR U 105 -20.04 -68.95 -64.27
N ASN U 106 -19.31 -69.70 -63.45
CA ASN U 106 -17.91 -69.95 -63.73
C ASN U 106 -17.74 -71.27 -64.49
N GLN U 107 -16.57 -71.42 -65.12
CA GLN U 107 -16.32 -72.54 -66.01
C GLN U 107 -15.12 -73.37 -65.60
N ILE U 108 -14.63 -73.18 -64.36
CA ILE U 108 -13.60 -74.06 -63.84
C ILE U 108 -14.21 -75.34 -63.28
N GLN U 109 -15.50 -75.32 -62.96
CA GLN U 109 -16.19 -76.48 -62.41
C GLN U 109 -16.78 -77.31 -63.54
N ALA U 110 -16.67 -78.64 -63.41
CA ALA U 110 -17.23 -79.54 -64.39
C ALA U 110 -18.76 -79.55 -64.39
N ALA U 111 -19.38 -79.13 -63.28
CA ALA U 111 -20.83 -79.00 -63.22
C ALA U 111 -21.24 -77.63 -63.74
N PHE U 112 -21.14 -77.50 -65.07
CA PHE U 112 -21.48 -76.26 -65.76
C PHE U 112 -22.26 -76.60 -67.02
N ARG U 113 -23.44 -76.01 -67.16
CA ARG U 113 -24.29 -76.23 -68.32
C ARG U 113 -24.68 -74.89 -68.92
N GLU U 114 -25.19 -74.95 -70.16
CA GLU U 114 -25.71 -73.78 -70.85
C GLU U 114 -27.18 -74.04 -71.18
N PRO U 115 -28.09 -73.86 -70.23
CA PRO U 115 -29.51 -74.12 -70.52
C PRO U 115 -30.14 -72.99 -71.32
N ARG U 116 -30.97 -73.36 -72.28
CA ARG U 116 -31.71 -72.40 -73.06
C ARG U 116 -33.11 -72.17 -72.53
N LEU U 117 -33.48 -72.83 -71.43
CA LEU U 117 -34.77 -72.65 -70.77
C LEU U 117 -34.64 -73.23 -69.36
N LEU U 118 -35.36 -72.63 -68.43
CA LEU U 118 -35.31 -73.04 -67.03
C LEU U 118 -36.71 -73.14 -66.46
N VAL U 119 -37.00 -74.23 -65.76
CA VAL U 119 -38.25 -74.38 -65.03
C VAL U 119 -37.90 -74.64 -63.57
N VAL U 120 -38.35 -73.77 -62.68
CA VAL U 120 -38.13 -73.93 -61.25
C VAL U 120 -39.48 -74.10 -60.56
N THR U 121 -39.43 -74.61 -59.33
CA THR U 121 -40.63 -74.92 -58.57
C THR U 121 -41.08 -73.75 -57.70
N ASP U 122 -40.23 -73.32 -56.78
CA ASP U 122 -40.54 -72.25 -55.85
C ASP U 122 -39.57 -71.10 -56.08
N PRO U 123 -40.03 -69.88 -56.36
CA PRO U 123 -39.08 -68.76 -56.49
C PRO U 123 -38.42 -68.38 -55.18
N ARG U 124 -39.14 -68.44 -54.05
CA ARG U 124 -38.56 -68.06 -52.77
C ARG U 124 -37.53 -69.08 -52.30
N ALA U 125 -37.70 -70.35 -52.66
CA ALA U 125 -36.71 -71.37 -52.37
C ALA U 125 -35.66 -71.51 -53.46
N ASP U 126 -35.88 -70.90 -54.62
CA ASP U 126 -34.96 -70.95 -55.75
C ASP U 126 -34.65 -69.54 -56.24
N HIS U 127 -34.37 -68.65 -55.27
CA HIS U 127 -33.95 -67.29 -55.59
C HIS U 127 -32.61 -67.24 -56.31
N GLN U 128 -31.75 -68.23 -56.08
CA GLN U 128 -30.41 -68.24 -56.67
C GLN U 128 -30.39 -68.51 -58.18
N PRO U 129 -31.18 -69.43 -58.76
CA PRO U 129 -31.25 -69.45 -60.24
C PRO U 129 -31.91 -68.23 -60.83
N LEU U 130 -32.85 -67.61 -60.11
CA LEU U 130 -33.42 -66.34 -60.54
C LEU U 130 -32.36 -65.25 -60.57
N THR U 131 -31.40 -65.29 -59.64
CA THR U 131 -30.31 -64.32 -59.64
C THR U 131 -29.33 -64.63 -60.77
N GLU U 132 -29.03 -65.91 -61.00
CA GLU U 132 -28.04 -66.28 -62.01
C GLU U 132 -28.60 -66.29 -63.43
N ALA U 133 -29.91 -66.04 -63.61
CA ALA U 133 -30.45 -65.91 -64.96
C ALA U 133 -29.89 -64.70 -65.69
N SER U 134 -29.55 -63.63 -64.96
CA SER U 134 -29.07 -62.37 -65.50
C SER U 134 -27.68 -62.43 -66.10
N TYR U 135 -26.99 -63.57 -66.02
CA TYR U 135 -25.69 -63.74 -66.64
C TYR U 135 -25.69 -64.81 -67.71
N VAL U 136 -26.75 -65.59 -67.84
CA VAL U 136 -26.81 -66.68 -68.79
C VAL U 136 -27.85 -66.41 -69.89
N ASN U 137 -28.80 -65.48 -69.66
CA ASN U 137 -29.89 -65.12 -70.58
C ASN U 137 -30.76 -66.35 -70.89
N LEU U 138 -31.42 -66.82 -69.85
CA LEU U 138 -32.35 -67.93 -69.94
C LEU U 138 -33.74 -67.52 -69.47
N PRO U 139 -34.80 -68.05 -70.07
CA PRO U 139 -36.15 -67.77 -69.58
C PRO U 139 -36.43 -68.60 -68.33
N THR U 140 -37.53 -68.25 -67.67
CA THR U 140 -37.87 -68.89 -66.40
C THR U 140 -39.35 -69.18 -66.32
N ILE U 141 -39.69 -70.43 -66.03
CA ILE U 141 -41.05 -70.85 -65.75
C ILE U 141 -41.10 -71.27 -64.28
N ALA U 142 -42.00 -70.68 -63.51
CA ALA U 142 -42.04 -70.94 -62.08
C ALA U 142 -43.47 -71.20 -61.62
N LEU U 143 -43.62 -72.25 -60.81
CA LEU U 143 -44.91 -72.61 -60.23
C LEU U 143 -45.15 -71.71 -59.03
N CYS U 144 -45.68 -70.52 -59.30
CA CYS U 144 -45.75 -69.46 -58.31
C CYS U 144 -47.01 -69.55 -57.46
N ASN U 145 -46.95 -68.87 -56.33
CA ASN U 145 -48.06 -68.81 -55.38
C ASN U 145 -48.53 -67.36 -55.31
N THR U 146 -49.47 -67.08 -54.39
CA THR U 146 -50.02 -65.74 -54.27
C THR U 146 -49.13 -64.79 -53.48
N ASP U 147 -48.03 -65.26 -52.92
CA ASP U 147 -47.11 -64.44 -52.15
C ASP U 147 -45.67 -64.68 -52.57
N SER U 148 -45.44 -64.87 -53.87
CA SER U 148 -44.09 -65.11 -54.36
C SER U 148 -43.65 -63.97 -55.27
N PRO U 149 -42.41 -63.49 -55.15
CA PRO U 149 -41.92 -62.43 -56.03
C PRO U 149 -41.78 -62.92 -57.47
N LEU U 150 -41.82 -61.96 -58.39
CA LEU U 150 -41.82 -62.23 -59.83
C LEU U 150 -40.68 -61.47 -60.50
N ARG U 151 -39.50 -61.54 -59.91
CA ARG U 151 -38.31 -60.97 -60.53
C ARG U 151 -37.60 -62.06 -61.33
N TYR U 152 -37.19 -61.71 -62.55
CA TYR U 152 -36.57 -62.62 -63.52
C TYR U 152 -37.45 -63.83 -63.83
N VAL U 153 -38.75 -63.59 -63.98
CA VAL U 153 -39.73 -64.64 -64.27
C VAL U 153 -40.47 -64.26 -65.55
N ASP U 154 -40.53 -65.20 -66.50
CA ASP U 154 -41.25 -64.98 -67.75
C ASP U 154 -42.65 -65.60 -67.74
N ILE U 155 -42.77 -66.85 -67.31
CA ILE U 155 -44.05 -67.53 -67.23
C ILE U 155 -44.32 -67.86 -65.77
N ALA U 156 -45.42 -67.36 -65.24
CA ALA U 156 -45.84 -67.62 -63.86
C ALA U 156 -47.12 -68.45 -63.90
N ILE U 157 -47.09 -69.61 -63.26
CA ILE U 157 -48.23 -70.50 -63.16
C ILE U 157 -48.77 -70.41 -61.73
N PRO U 158 -49.92 -69.79 -61.50
CA PRO U 158 -50.42 -69.60 -60.13
C PRO U 158 -50.97 -70.91 -59.56
N CYS U 159 -50.52 -71.24 -58.35
CA CYS U 159 -50.82 -72.54 -57.75
C CYS U 159 -50.52 -72.47 -56.26
N ASN U 160 -50.53 -73.65 -55.62
CA ASN U 160 -50.07 -73.81 -54.25
C ASN U 160 -48.94 -74.82 -54.29
N ASN U 161 -47.70 -74.35 -54.14
CA ASN U 161 -46.52 -75.19 -54.15
C ASN U 161 -46.17 -75.73 -52.77
N LYS U 162 -47.07 -75.61 -51.79
CA LYS U 162 -46.82 -76.18 -50.47
C LYS U 162 -47.23 -77.64 -50.43
N GLY U 163 -48.46 -77.94 -50.82
CA GLY U 163 -48.91 -79.33 -50.86
C GLY U 163 -48.27 -80.09 -52.00
N ALA U 164 -47.83 -81.31 -51.70
CA ALA U 164 -47.09 -82.09 -52.68
C ALA U 164 -47.97 -82.65 -53.78
N HIS U 165 -49.27 -82.83 -53.51
CA HIS U 165 -50.16 -83.41 -54.51
C HIS U 165 -50.40 -82.46 -55.67
N SER U 166 -50.57 -81.17 -55.38
CA SER U 166 -50.72 -80.17 -56.43
C SER U 166 -49.44 -80.05 -57.26
N VAL U 167 -48.28 -80.11 -56.61
CA VAL U 167 -47.00 -80.03 -57.30
C VAL U 167 -46.84 -81.22 -58.25
N GLY U 168 -47.11 -82.42 -57.75
CA GLY U 168 -47.02 -83.61 -58.58
C GLY U 168 -48.02 -83.64 -59.71
N LEU U 169 -49.23 -83.13 -59.47
CA LEU U 169 -50.23 -83.02 -60.53
C LEU U 169 -49.78 -82.05 -61.62
N MET U 170 -49.16 -80.94 -61.23
CA MET U 170 -48.71 -79.98 -62.23
C MET U 170 -47.54 -80.50 -63.04
N TRP U 171 -46.57 -81.16 -62.40
CA TRP U 171 -45.47 -81.75 -63.16
C TRP U 171 -45.96 -82.87 -64.07
N TRP U 172 -46.92 -83.68 -63.59
CA TRP U 172 -47.52 -84.75 -64.38
C TRP U 172 -48.23 -84.20 -65.61
N MET U 173 -49.08 -83.20 -65.41
CA MET U 173 -49.89 -82.70 -66.52
C MET U 173 -49.06 -81.83 -67.46
N LEU U 174 -47.99 -81.21 -66.95
CA LEU U 174 -47.07 -80.48 -67.81
C LEU U 174 -46.32 -81.44 -68.72
N ALA U 175 -45.79 -82.54 -68.16
CA ALA U 175 -45.14 -83.56 -68.99
C ALA U 175 -46.13 -84.23 -69.94
N ARG U 176 -47.39 -84.36 -69.50
CA ARG U 176 -48.45 -84.90 -70.35
C ARG U 176 -48.70 -84.03 -71.57
N GLU U 177 -48.77 -82.72 -71.37
CA GLU U 177 -48.98 -81.82 -72.49
C GLU U 177 -47.73 -81.69 -73.36
N VAL U 178 -46.54 -81.76 -72.75
CA VAL U 178 -45.29 -81.74 -73.51
C VAL U 178 -45.19 -82.96 -74.41
N LEU U 179 -45.54 -84.14 -73.90
CA LEU U 179 -45.51 -85.35 -74.71
C LEU U 179 -46.61 -85.36 -75.77
N ARG U 180 -47.79 -84.79 -75.47
CA ARG U 180 -48.81 -84.73 -76.53
C ARG U 180 -48.46 -83.70 -77.60
N MET U 181 -47.70 -82.68 -77.27
CA MET U 181 -47.23 -81.76 -78.31
C MET U 181 -46.10 -82.38 -79.12
N ARG U 182 -45.20 -83.13 -78.48
CA ARG U 182 -44.10 -83.75 -79.21
C ARG U 182 -44.59 -84.90 -80.09
N GLY U 183 -45.68 -85.57 -79.69
CA GLY U 183 -46.26 -86.62 -80.49
C GLY U 183 -46.10 -88.03 -79.96
N THR U 184 -45.67 -88.19 -78.71
CA THR U 184 -45.54 -89.53 -78.14
C THR U 184 -46.91 -90.10 -77.79
N ILE U 185 -47.73 -89.32 -77.09
CA ILE U 185 -49.07 -89.73 -76.69
C ILE U 185 -50.07 -88.91 -77.50
N SER U 186 -51.06 -89.58 -78.08
CA SER U 186 -52.10 -88.88 -78.82
C SER U 186 -53.05 -88.17 -77.85
N ARG U 187 -53.98 -87.40 -78.43
CA ARG U 187 -54.92 -86.65 -77.62
C ARG U 187 -55.99 -87.56 -77.01
N GLU U 188 -56.42 -88.56 -77.78
CA GLU U 188 -57.39 -89.54 -77.27
C GLU U 188 -56.64 -90.78 -76.78
N HIS U 189 -55.84 -90.55 -75.73
CA HIS U 189 -55.08 -91.61 -75.09
C HIS U 189 -54.73 -91.19 -73.67
N PRO U 190 -55.19 -91.92 -72.65
CA PRO U 190 -54.83 -91.57 -71.27
C PRO U 190 -53.43 -92.04 -70.92
N TRP U 191 -52.92 -91.53 -69.82
CA TRP U 191 -51.60 -91.90 -69.36
C TRP U 191 -51.64 -93.24 -68.64
N GLU U 192 -50.54 -93.99 -68.74
CA GLU U 192 -50.57 -95.41 -68.39
C GLU U 192 -50.42 -95.68 -66.90
N VAL U 193 -49.84 -94.76 -66.14
CA VAL U 193 -49.56 -95.01 -64.72
C VAL U 193 -50.15 -93.85 -63.90
N MET U 194 -50.55 -94.17 -62.66
CA MET U 194 -51.11 -93.14 -61.78
C MET U 194 -49.98 -92.35 -61.11
N PRO U 195 -50.01 -91.02 -61.19
CA PRO U 195 -48.88 -90.19 -60.71
C PRO U 195 -48.82 -89.97 -59.20
N ASP U 196 -48.25 -90.95 -58.49
CA ASP U 196 -47.86 -90.79 -57.09
C ASP U 196 -46.36 -90.62 -56.93
N LEU U 197 -45.60 -91.25 -57.84
CA LEU U 197 -44.21 -90.93 -58.15
C LEU U 197 -43.97 -89.43 -58.19
N TYR U 198 -44.80 -88.73 -58.95
CA TYR U 198 -44.69 -87.29 -59.06
C TYR U 198 -45.15 -86.58 -57.80
N PHE U 199 -46.17 -87.13 -57.10
CA PHE U 199 -46.67 -86.48 -55.89
C PHE U 199 -45.64 -86.47 -54.77
N TYR U 200 -45.46 -87.63 -54.10
CA TYR U 200 -44.67 -87.79 -52.89
C TYR U 200 -44.82 -89.24 -52.43
N ARG U 201 -43.86 -89.71 -51.65
CA ARG U 201 -44.03 -90.92 -50.84
C ARG U 201 -43.45 -90.69 -49.45
N ASP U 202 -44.27 -90.96 -48.44
CA ASP U 202 -43.81 -90.98 -47.07
C ASP U 202 -42.84 -92.14 -46.90
N PRO U 203 -41.66 -91.94 -46.27
CA PRO U 203 -40.72 -93.05 -46.08
C PRO U 203 -41.19 -94.18 -45.18
N GLU U 204 -40.28 -95.10 -44.89
CA GLU U 204 -40.54 -96.51 -44.60
C GLU U 204 -41.41 -96.84 -43.38
N GLU U 205 -41.93 -95.86 -42.66
CA GLU U 205 -42.82 -96.18 -41.54
C GLU U 205 -44.20 -96.60 -42.06
N ILE U 206 -44.94 -95.67 -42.66
CA ILE U 206 -46.28 -96.03 -43.12
C ILE U 206 -46.22 -96.73 -44.48
N GLU U 207 -45.11 -96.62 -45.20
CA GLU U 207 -44.97 -97.34 -46.46
C GLU U 207 -44.85 -98.85 -46.21
N LYS U 208 -43.98 -99.24 -45.30
CA LYS U 208 -43.89 -100.65 -44.92
C LYS U 208 -45.10 -101.10 -44.11
N GLU U 209 -45.75 -100.16 -43.39
CA GLU U 209 -47.00 -100.51 -42.71
C GLU U 209 -48.11 -100.84 -43.70
N GLU U 210 -48.23 -100.04 -44.78
CA GLU U 210 -49.21 -100.32 -45.81
C GLU U 210 -48.84 -101.56 -46.62
N GLN U 211 -47.53 -101.83 -46.78
CA GLN U 211 -47.11 -103.05 -47.46
C GLN U 211 -47.45 -104.28 -46.63
N ALA U 212 -47.23 -104.23 -45.31
CA ALA U 212 -47.59 -105.35 -44.45
C ALA U 212 -49.10 -105.50 -44.30
N ALA U 213 -49.84 -104.39 -44.44
CA ALA U 213 -51.31 -104.49 -44.42
C ALA U 213 -51.84 -105.04 -45.74
N ALA U 214 -51.15 -104.81 -46.84
CA ALA U 214 -51.59 -105.33 -48.13
C ALA U 214 -51.21 -106.79 -48.32
N GLU U 215 -50.04 -107.21 -47.82
CA GLU U 215 -49.61 -108.60 -47.93
C GLU U 215 -50.39 -109.48 -46.96
N VAL V 1 -34.76 -55.42 34.26
CA VAL V 1 -36.04 -54.74 34.18
C VAL V 1 -37.11 -55.70 33.69
N ASP V 2 -36.87 -56.28 32.50
CA ASP V 2 -37.72 -57.23 31.79
C ASP V 2 -39.14 -56.70 31.63
N PRO V 3 -39.37 -55.73 30.73
CA PRO V 3 -40.71 -55.16 30.60
C PRO V 3 -41.73 -56.10 29.96
N PHE V 4 -41.29 -57.07 29.16
CA PHE V 4 -42.24 -57.99 28.53
C PHE V 4 -42.82 -58.99 29.53
N SER V 5 -42.15 -59.21 30.66
CA SER V 5 -42.76 -59.98 31.73
C SER V 5 -43.89 -59.21 32.41
N LYS V 6 -43.79 -57.88 32.41
CA LYS V 6 -44.84 -57.05 33.00
C LYS V 6 -45.97 -56.77 32.01
N LYS V 7 -45.68 -56.81 30.71
CA LYS V 7 -46.68 -56.45 29.71
C LYS V 7 -47.82 -57.46 29.66
N ASP V 8 -49.02 -56.95 29.38
CA ASP V 8 -50.26 -57.71 29.40
C ASP V 8 -50.74 -57.97 27.98
N TRP V 9 -51.63 -58.95 27.84
CA TRP V 9 -52.12 -59.40 26.55
C TRP V 9 -53.62 -59.21 26.48
N TYR V 10 -54.09 -58.50 25.46
CA TYR V 10 -55.51 -58.41 25.15
C TYR V 10 -55.79 -59.06 23.81
N ASP V 11 -56.78 -59.93 23.75
CA ASP V 11 -57.17 -60.53 22.48
C ASP V 11 -58.21 -59.66 21.77
N VAL V 12 -58.18 -59.73 20.44
CA VAL V 12 -58.91 -58.82 19.57
C VAL V 12 -60.20 -59.49 19.12
N LYS V 13 -61.31 -58.79 19.29
CA LYS V 13 -62.61 -59.28 18.86
C LYS V 13 -63.09 -58.45 17.68
N ALA V 14 -63.25 -59.10 16.53
CA ALA V 14 -63.78 -58.45 15.34
C ALA V 14 -65.27 -58.17 15.53
N PRO V 15 -65.83 -57.18 14.79
CA PRO V 15 -67.29 -57.02 14.81
C PRO V 15 -68.01 -58.16 14.13
N ALA V 16 -69.34 -58.14 14.20
CA ALA V 16 -70.14 -59.33 13.95
C ALA V 16 -70.17 -59.70 12.47
N MET V 17 -70.52 -60.97 12.24
CA MET V 17 -70.88 -61.58 10.94
C MET V 17 -69.87 -61.35 9.82
N PHE V 18 -68.57 -61.31 10.13
CA PHE V 18 -67.64 -61.61 9.05
C PHE V 18 -67.77 -63.07 8.66
N ASN V 19 -67.20 -63.95 9.46
CA ASN V 19 -67.74 -65.28 9.75
C ASN V 19 -67.54 -65.51 11.24
N ILE V 20 -66.39 -65.04 11.73
CA ILE V 20 -65.94 -65.24 13.10
C ILE V 20 -65.57 -63.89 13.68
N ARG V 21 -65.04 -63.90 14.91
CA ARG V 21 -64.64 -62.68 15.57
C ARG V 21 -63.22 -62.68 16.09
N ASN V 22 -62.53 -63.82 16.09
CA ASN V 22 -61.16 -63.89 16.59
C ASN V 22 -60.20 -63.31 15.56
N ILE V 23 -59.29 -62.45 16.01
CA ILE V 23 -58.29 -61.84 15.13
C ILE V 23 -56.89 -62.22 15.61
N GLY V 24 -56.55 -61.82 16.83
CA GLY V 24 -55.23 -62.10 17.35
C GLY V 24 -55.09 -61.61 18.76
N LYS V 25 -53.84 -61.37 19.18
CA LYS V 25 -53.54 -60.90 20.51
C LYS V 25 -52.51 -59.78 20.44
N THR V 26 -52.73 -58.73 21.22
CA THR V 26 -51.86 -57.56 21.25
C THR V 26 -51.31 -57.33 22.65
N LEU V 27 -50.23 -56.56 22.70
CA LEU V 27 -49.51 -56.27 23.94
C LEU V 27 -49.99 -54.96 24.54
N VAL V 28 -50.19 -54.97 25.85
CA VAL V 28 -50.53 -53.77 26.62
C VAL V 28 -49.42 -53.59 27.65
N THR V 29 -48.97 -52.35 27.85
CA THR V 29 -47.84 -52.09 28.75
C THR V 29 -48.16 -52.47 30.19
N ARG V 30 -49.04 -51.70 30.84
CA ARG V 30 -49.91 -51.98 32.00
C ARG V 30 -50.68 -50.71 32.34
N THR V 31 -51.59 -50.80 33.30
CA THR V 31 -52.22 -49.62 33.88
C THR V 31 -51.40 -49.16 35.09
N GLN V 32 -50.76 -47.99 34.97
CA GLN V 32 -49.86 -47.51 36.01
C GLN V 32 -49.75 -46.00 35.89
N GLY V 33 -50.11 -45.30 36.96
CA GLY V 33 -49.98 -43.85 37.00
C GLY V 33 -51.02 -43.14 36.14
N THR V 34 -50.57 -42.16 35.38
CA THR V 34 -51.48 -41.42 34.50
C THR V 34 -51.85 -42.26 33.28
N LYS V 35 -50.89 -43.02 32.75
CA LYS V 35 -51.09 -43.82 31.55
C LYS V 35 -51.99 -45.01 31.87
N ILE V 36 -53.27 -44.88 31.53
CA ILE V 36 -54.21 -45.98 31.71
C ILE V 36 -54.00 -47.00 30.58
N ALA V 37 -54.40 -48.25 30.84
CA ALA V 37 -54.22 -49.31 29.87
C ALA V 37 -55.15 -49.16 28.66
N SER V 38 -56.22 -48.40 28.78
CA SER V 38 -57.15 -48.18 27.67
C SER V 38 -56.86 -46.89 26.92
N ASP V 39 -55.69 -46.30 27.11
CA ASP V 39 -55.38 -45.03 26.46
C ASP V 39 -54.97 -45.25 25.01
N GLY V 40 -53.88 -45.98 24.79
CA GLY V 40 -53.44 -46.28 23.44
C GLY V 40 -54.30 -47.30 22.73
N LEU V 41 -54.98 -48.17 23.48
CA LEU V 41 -55.84 -49.19 22.90
C LEU V 41 -57.05 -48.60 22.20
N LYS V 42 -57.48 -47.40 22.57
CA LYS V 42 -58.54 -46.72 21.83
C LYS V 42 -58.06 -46.26 20.48
N GLY V 43 -56.75 -46.00 20.33
CA GLY V 43 -56.21 -45.50 19.09
C GLY V 43 -55.50 -46.52 18.22
N ARG V 44 -55.32 -47.75 18.72
CA ARG V 44 -54.66 -48.77 17.92
C ARG V 44 -55.52 -49.21 16.74
N VAL V 45 -54.85 -49.55 15.63
CA VAL V 45 -55.51 -50.00 14.41
C VAL V 45 -54.98 -51.38 14.04
N PHE V 46 -55.50 -51.92 12.93
CA PHE V 46 -55.13 -53.23 12.42
C PHE V 46 -55.26 -53.22 10.91
N GLU V 47 -54.43 -54.02 10.24
CA GLU V 47 -54.50 -54.15 8.78
C GLU V 47 -54.43 -55.64 8.47
N VAL V 48 -55.60 -56.28 8.41
CA VAL V 48 -55.68 -57.73 8.36
C VAL V 48 -56.26 -58.14 7.00
N SER V 49 -55.71 -59.21 6.42
CA SER V 49 -56.15 -59.68 5.12
C SER V 49 -57.31 -60.66 5.30
N LEU V 50 -57.73 -61.27 4.20
CA LEU V 50 -58.80 -62.27 4.22
C LEU V 50 -58.21 -63.66 4.37
N ALA V 51 -59.02 -64.70 4.07
CA ALA V 51 -58.80 -66.13 4.28
C ALA V 51 -58.70 -66.50 5.77
N ASP V 52 -59.09 -65.58 6.65
CA ASP V 52 -59.28 -65.88 8.06
C ASP V 52 -60.48 -65.12 8.62
N LEU V 53 -61.26 -64.46 7.76
CA LEU V 53 -62.48 -63.75 8.15
C LEU V 53 -63.70 -64.20 7.38
N GLN V 54 -63.55 -64.64 6.13
CA GLN V 54 -64.69 -64.90 5.27
C GLN V 54 -64.76 -66.35 4.78
N ASN V 55 -64.03 -67.25 5.44
CA ASN V 55 -64.10 -68.71 5.22
C ASN V 55 -63.75 -69.08 3.77
N ASP V 56 -62.46 -68.87 3.46
CA ASP V 56 -61.83 -69.24 2.19
C ASP V 56 -62.45 -68.47 1.02
N GLU V 57 -62.30 -67.15 1.09
CA GLU V 57 -62.51 -66.27 -0.05
C GLU V 57 -61.14 -65.91 -0.62
N VAL V 58 -61.11 -64.91 -1.51
CA VAL V 58 -59.86 -64.48 -2.12
C VAL V 58 -58.93 -63.88 -1.08
N ALA V 59 -57.63 -64.10 -1.26
CA ALA V 59 -56.64 -63.73 -0.25
C ALA V 59 -56.36 -62.24 -0.21
N PHE V 60 -56.60 -61.53 -1.31
CA PHE V 60 -56.46 -60.08 -1.35
C PHE V 60 -57.74 -59.42 -0.85
N ARG V 61 -57.91 -58.11 -1.10
CA ARG V 61 -58.96 -57.26 -0.54
C ARG V 61 -58.88 -57.23 0.99
N LYS V 62 -57.79 -56.64 1.47
CA LYS V 62 -57.53 -56.51 2.90
C LYS V 62 -58.53 -55.56 3.57
N PHE V 63 -58.43 -55.46 4.89
CA PHE V 63 -59.35 -54.66 5.67
C PHE V 63 -58.62 -53.92 6.78
N LYS V 64 -59.01 -52.67 6.98
CA LYS V 64 -58.47 -51.80 8.02
C LYS V 64 -59.45 -51.78 9.18
N LEU V 65 -58.95 -52.06 10.38
CA LEU V 65 -59.75 -52.12 11.58
C LEU V 65 -59.20 -51.10 12.58
N ILE V 66 -60.05 -50.68 13.51
CA ILE V 66 -59.62 -49.79 14.59
C ILE V 66 -60.33 -50.21 15.86
N THR V 67 -59.58 -50.30 16.97
CA THR V 67 -60.14 -50.78 18.22
C THR V 67 -60.99 -49.67 18.84
N GLU V 68 -62.29 -49.92 18.95
CA GLU V 68 -63.20 -48.90 19.47
C GLU V 68 -63.04 -48.75 20.97
N ASP V 69 -63.18 -49.84 21.73
CA ASP V 69 -63.01 -49.83 23.17
C ASP V 69 -62.56 -51.22 23.62
N VAL V 70 -62.53 -51.42 24.93
CA VAL V 70 -62.23 -52.71 25.52
C VAL V 70 -63.39 -53.08 26.44
N GLN V 71 -63.71 -54.38 26.51
CA GLN V 71 -64.84 -54.86 27.31
C GLN V 71 -64.47 -56.22 27.89
N GLY V 72 -63.95 -56.20 29.13
CA GLY V 72 -63.65 -57.41 29.86
C GLY V 72 -62.53 -58.24 29.27
N LYS V 73 -61.31 -57.67 29.24
CA LYS V 73 -60.09 -58.30 28.72
C LYS V 73 -60.24 -58.69 27.25
N ASN V 74 -61.07 -57.97 26.50
CA ASN V 74 -61.38 -58.30 25.11
C ASN V 74 -61.45 -56.98 24.35
N CYS V 75 -60.41 -56.64 23.59
CA CYS V 75 -60.42 -55.38 22.88
C CYS V 75 -61.23 -55.52 21.60
N LEU V 76 -62.29 -54.72 21.48
CA LEU V 76 -63.28 -54.85 20.42
C LEU V 76 -62.94 -53.85 19.31
N THR V 77 -62.95 -54.29 18.06
CA THR V 77 -62.59 -53.44 16.96
C THR V 77 -63.79 -53.17 16.05
N ASN V 78 -63.57 -52.33 15.04
CA ASN V 78 -64.62 -51.81 14.18
C ASN V 78 -63.99 -51.41 12.85
N PHE V 79 -64.82 -51.31 11.82
CA PHE V 79 -64.35 -51.04 10.47
C PHE V 79 -63.75 -49.64 10.35
N HIS V 80 -62.66 -49.52 9.60
CA HIS V 80 -61.96 -48.25 9.43
C HIS V 80 -61.64 -48.01 7.96
N GLY V 81 -61.53 -49.09 7.19
CA GLY V 81 -61.21 -48.96 5.78
C GLY V 81 -60.98 -50.31 5.15
N MET V 82 -60.77 -50.28 3.84
CA MET V 82 -60.58 -51.49 3.05
C MET V 82 -59.62 -51.20 1.92
N ASP V 83 -58.56 -52.01 1.82
CA ASP V 83 -57.54 -51.86 0.80
C ASP V 83 -57.34 -53.19 0.09
N LEU V 84 -56.48 -53.18 -0.92
CA LEU V 84 -56.03 -54.40 -1.58
C LEU V 84 -54.53 -54.56 -1.42
N THR V 85 -54.05 -55.77 -1.69
CA THR V 85 -52.64 -56.07 -1.53
C THR V 85 -51.83 -55.44 -2.65
N ARG V 86 -50.55 -55.19 -2.37
CA ARG V 86 -49.69 -54.48 -3.30
C ARG V 86 -49.40 -55.32 -4.54
N ASP V 87 -49.22 -56.64 -4.37
CA ASP V 87 -48.91 -57.50 -5.50
C ASP V 87 -50.11 -57.66 -6.43
N LYS V 88 -51.31 -57.79 -5.87
CA LYS V 88 -52.51 -57.86 -6.69
C LYS V 88 -52.82 -56.53 -7.36
N MET V 89 -52.55 -55.41 -6.67
CA MET V 89 -52.81 -54.11 -7.26
C MET V 89 -51.82 -53.80 -8.38
N CYS V 90 -50.56 -54.21 -8.21
CA CYS V 90 -49.56 -54.00 -9.26
C CYS V 90 -49.71 -55.00 -10.39
N SER V 91 -50.27 -56.18 -10.11
CA SER V 91 -50.62 -57.11 -11.17
C SER V 91 -51.89 -56.66 -11.86
N MET V 92 -52.14 -57.28 -13.02
CA MET V 92 -53.20 -56.91 -13.97
C MET V 92 -53.11 -55.45 -14.39
N VAL V 93 -51.88 -54.92 -14.46
CA VAL V 93 -51.63 -53.62 -15.05
C VAL V 93 -50.79 -53.89 -16.30
N LYS V 94 -51.46 -54.06 -17.43
CA LYS V 94 -50.81 -54.49 -18.66
C LYS V 94 -50.40 -53.26 -19.46
N LYS V 95 -49.28 -53.40 -20.19
CA LYS V 95 -48.76 -52.30 -20.99
C LYS V 95 -49.66 -51.98 -22.19
N TRP V 96 -50.52 -52.90 -22.59
CA TRP V 96 -51.37 -52.74 -23.76
C TRP V 96 -52.85 -52.70 -23.37
N GLN V 97 -53.18 -51.96 -22.30
CA GLN V 97 -54.56 -51.77 -21.86
C GLN V 97 -54.81 -50.32 -21.52
N THR V 98 -55.93 -50.04 -20.86
CA THR V 98 -56.25 -48.69 -20.38
C THR V 98 -56.80 -48.80 -18.97
N MET V 99 -56.30 -47.95 -18.08
CA MET V 99 -56.60 -47.99 -16.65
C MET V 99 -57.48 -46.79 -16.32
N ILE V 100 -58.77 -47.04 -16.12
CA ILE V 100 -59.74 -45.99 -15.88
C ILE V 100 -59.96 -45.86 -14.38
N GLU V 101 -59.82 -44.64 -13.86
CA GLU V 101 -59.88 -44.37 -12.43
C GLU V 101 -61.14 -43.61 -12.08
N ALA V 102 -61.57 -43.77 -10.82
CA ALA V 102 -62.69 -43.00 -10.30
C ALA V 102 -62.54 -42.88 -8.79
N HIS V 103 -63.09 -41.81 -8.23
CA HIS V 103 -63.10 -41.62 -6.78
C HIS V 103 -64.24 -40.68 -6.43
N VAL V 104 -64.90 -40.95 -5.30
CA VAL V 104 -66.03 -40.11 -4.89
C VAL V 104 -66.17 -40.17 -3.38
N ASP V 105 -66.50 -39.02 -2.79
CA ASP V 105 -66.92 -38.94 -1.39
C ASP V 105 -68.41 -39.25 -1.30
N VAL V 106 -68.82 -39.90 -0.21
CA VAL V 106 -70.24 -40.17 0.01
C VAL V 106 -70.49 -40.26 1.51
N LYS V 107 -71.67 -39.81 1.92
CA LYS V 107 -72.12 -39.93 3.29
C LYS V 107 -73.08 -41.10 3.40
N THR V 108 -72.92 -41.89 4.47
CA THR V 108 -73.75 -43.07 4.69
C THR V 108 -75.09 -42.68 5.31
N THR V 109 -75.83 -43.68 5.80
CA THR V 109 -77.10 -43.41 6.46
C THR V 109 -76.89 -42.69 7.78
N ASP V 110 -75.95 -43.18 8.59
CA ASP V 110 -75.54 -42.49 9.80
C ASP V 110 -74.44 -41.48 9.45
N GLY V 111 -73.77 -40.94 10.47
CA GLY V 111 -72.84 -39.84 10.27
C GLY V 111 -71.45 -40.20 9.78
N TYR V 112 -71.30 -41.37 9.16
CA TYR V 112 -70.02 -41.80 8.62
C TYR V 112 -69.91 -41.41 7.15
N LEU V 113 -68.83 -40.70 6.82
CA LEU V 113 -68.56 -40.28 5.46
C LEU V 113 -67.27 -40.95 5.00
N LEU V 114 -67.25 -41.40 3.75
CA LEU V 114 -66.14 -42.20 3.27
C LEU V 114 -65.80 -41.83 1.82
N ARG V 115 -64.51 -41.89 1.52
CA ARG V 115 -63.98 -41.61 0.19
C ARG V 115 -63.62 -42.95 -0.45
N LEU V 116 -64.40 -43.37 -1.43
CA LEU V 116 -64.20 -44.66 -2.05
C LEU V 116 -63.73 -44.51 -3.49
N PHE V 117 -62.80 -45.38 -3.88
CA PHE V 117 -62.08 -45.35 -5.14
C PHE V 117 -62.63 -46.44 -6.06
N CYS V 118 -62.10 -46.46 -7.29
CA CYS V 118 -62.51 -47.44 -8.28
C CYS V 118 -61.45 -47.51 -9.37
N VAL V 119 -61.06 -48.73 -9.73
CA VAL V 119 -60.11 -48.97 -10.82
C VAL V 119 -60.76 -49.93 -11.80
N GLY V 120 -60.54 -49.68 -13.09
CA GLY V 120 -61.04 -50.58 -14.11
C GLY V 120 -60.10 -50.71 -15.28
N PHE V 121 -59.71 -51.93 -15.62
CA PHE V 121 -58.78 -52.19 -16.71
C PHE V 121 -59.58 -52.64 -17.93
N THR V 122 -59.19 -52.13 -19.10
CA THR V 122 -59.84 -52.55 -20.33
C THR V 122 -59.45 -53.99 -20.70
N LYS V 123 -60.25 -54.60 -21.56
CA LYS V 123 -60.18 -56.03 -21.82
C LYS V 123 -59.93 -56.29 -23.30
N LYS V 124 -59.02 -57.21 -23.59
CA LYS V 124 -58.91 -57.77 -24.94
C LYS V 124 -59.94 -58.88 -25.10
N ARG V 125 -60.73 -58.80 -26.18
CA ARG V 125 -61.72 -59.83 -26.42
C ARG V 125 -61.10 -61.12 -26.93
N ASN V 126 -61.89 -62.18 -26.88
CA ASN V 126 -61.49 -63.44 -27.48
C ASN V 126 -61.55 -63.31 -29.00
N ASN V 127 -60.56 -63.94 -29.67
CA ASN V 127 -60.36 -63.88 -31.11
C ASN V 127 -60.21 -62.43 -31.60
N GLN V 128 -59.23 -61.75 -31.02
CA GLN V 128 -58.92 -60.36 -31.36
C GLN V 128 -57.49 -60.28 -31.89
N ILE V 129 -57.32 -59.58 -33.00
CA ILE V 129 -56.01 -59.40 -33.62
C ILE V 129 -55.37 -58.08 -33.20
N ARG V 130 -56.18 -57.02 -33.08
CA ARG V 130 -55.67 -55.72 -32.67
C ARG V 130 -55.24 -55.75 -31.21
N LYS V 131 -53.95 -55.57 -30.97
CA LYS V 131 -53.35 -55.71 -29.65
C LYS V 131 -53.40 -54.44 -28.82
N THR V 132 -54.01 -53.37 -29.34
CA THR V 132 -53.97 -52.09 -28.64
C THR V 132 -55.04 -52.02 -27.55
N SER V 133 -56.31 -52.13 -27.95
CA SER V 133 -57.49 -52.11 -27.07
C SER V 133 -57.57 -50.83 -26.23
N TYR V 134 -57.72 -49.70 -26.92
CA TYR V 134 -57.94 -48.41 -26.30
C TYR V 134 -59.39 -47.98 -26.51
N ALA V 135 -59.70 -46.75 -26.12
CA ALA V 135 -61.00 -46.16 -26.36
C ALA V 135 -60.84 -44.75 -26.90
N GLN V 136 -61.95 -44.15 -27.29
CA GLN V 136 -61.98 -42.81 -27.87
C GLN V 136 -62.00 -41.71 -26.81
N HIS V 137 -61.83 -42.07 -25.53
CA HIS V 137 -61.72 -41.23 -24.33
C HIS V 137 -63.03 -40.54 -23.96
N GLN V 138 -64.00 -40.50 -24.86
CA GLN V 138 -65.33 -40.05 -24.48
C GLN V 138 -66.07 -41.17 -23.77
N GLN V 139 -65.86 -42.41 -24.20
CA GLN V 139 -66.33 -43.55 -23.43
C GLN V 139 -65.64 -43.65 -22.08
N VAL V 140 -64.37 -43.21 -22.01
CA VAL V 140 -63.64 -43.24 -20.74
C VAL V 140 -64.20 -42.20 -19.78
N ARG V 141 -64.47 -41.00 -20.27
CA ARG V 141 -65.12 -39.97 -19.44
C ARG V 141 -66.54 -40.38 -19.05
N GLN V 142 -67.26 -41.01 -19.97
CA GLN V 142 -68.61 -41.48 -19.69
C GLN V 142 -68.61 -42.58 -18.63
N ILE V 143 -67.62 -43.48 -18.69
CA ILE V 143 -67.58 -44.55 -17.71
C ILE V 143 -66.99 -44.08 -16.38
N ARG V 144 -66.18 -43.01 -16.38
CA ARG V 144 -65.82 -42.39 -15.11
C ARG V 144 -67.03 -41.76 -14.45
N LYS V 145 -67.88 -41.08 -15.23
CA LYS V 145 -69.13 -40.55 -14.69
C LYS V 145 -70.05 -41.66 -14.22
N LYS V 146 -70.05 -42.80 -14.93
CA LYS V 146 -70.93 -43.91 -14.58
C LYS V 146 -70.48 -44.59 -13.30
N MET V 147 -69.17 -44.83 -13.14
CA MET V 147 -68.67 -45.46 -11.93
C MET V 147 -68.62 -44.50 -10.75
N MET V 148 -68.60 -43.20 -11.01
CA MET V 148 -68.82 -42.24 -9.94
C MET V 148 -70.29 -42.19 -9.54
N GLU V 149 -71.19 -42.46 -10.49
CA GLU V 149 -72.62 -42.35 -10.23
C GLU V 149 -73.19 -43.56 -9.51
N ILE V 150 -72.69 -44.76 -9.83
CA ILE V 150 -73.23 -45.99 -9.26
C ILE V 150 -72.97 -46.09 -7.76
N MET V 151 -71.75 -45.74 -7.34
CA MET V 151 -71.38 -45.84 -5.93
C MET V 151 -72.14 -44.86 -5.06
N THR V 152 -72.56 -43.72 -5.64
CA THR V 152 -73.36 -42.76 -4.89
C THR V 152 -74.71 -43.35 -4.49
N ARG V 153 -75.40 -44.01 -5.41
CA ARG V 153 -76.70 -44.55 -5.01
C ARG V 153 -76.60 -45.95 -4.41
N GLU V 154 -75.42 -46.57 -4.34
CA GLU V 154 -75.31 -47.66 -3.37
C GLU V 154 -75.07 -47.14 -1.96
N VAL V 155 -74.11 -46.24 -1.79
CA VAL V 155 -73.62 -45.93 -0.45
C VAL V 155 -74.28 -44.62 0.00
N GLN V 156 -75.37 -44.25 -0.66
CA GLN V 156 -76.14 -43.10 -0.20
C GLN V 156 -76.95 -43.46 1.05
N THR V 157 -77.85 -44.42 0.94
CA THR V 157 -78.64 -44.89 2.08
C THR V 157 -78.25 -46.34 2.36
N ASN V 158 -77.11 -46.50 3.03
CA ASN V 158 -76.56 -47.76 3.53
C ASN V 158 -75.49 -47.44 4.56
N ASP V 159 -75.65 -47.92 5.78
CA ASP V 159 -74.62 -47.72 6.80
C ASP V 159 -73.64 -48.89 6.75
N LEU V 160 -72.84 -49.05 7.82
CA LEU V 160 -71.69 -49.94 7.83
C LEU V 160 -72.06 -51.40 7.60
N LYS V 161 -73.23 -51.83 8.11
CA LYS V 161 -73.65 -53.21 7.95
C LYS V 161 -73.87 -53.56 6.47
N GLU V 162 -74.67 -52.75 5.77
CA GLU V 162 -74.91 -53.04 4.36
C GLU V 162 -73.70 -52.75 3.48
N VAL V 163 -72.83 -51.80 3.84
CA VAL V 163 -71.70 -51.60 2.94
C VAL V 163 -70.64 -52.68 3.15
N VAL V 164 -70.52 -53.26 4.34
CA VAL V 164 -69.63 -54.41 4.50
C VAL V 164 -70.26 -55.64 3.85
N ASN V 165 -71.59 -55.78 3.95
CA ASN V 165 -72.27 -56.89 3.28
C ASN V 165 -72.27 -56.77 1.77
N LYS V 166 -72.03 -55.57 1.23
CA LYS V 166 -71.79 -55.43 -0.21
C LYS V 166 -70.32 -55.60 -0.57
N LEU V 167 -69.39 -55.17 0.27
CA LEU V 167 -67.98 -55.29 -0.05
C LEU V 167 -67.38 -56.65 0.27
N ILE V 168 -68.13 -57.55 0.91
CA ILE V 168 -67.64 -58.93 1.04
C ILE V 168 -67.73 -59.69 -0.29
N PRO V 169 -68.86 -59.79 -1.01
CA PRO V 169 -68.82 -60.56 -2.27
C PRO V 169 -68.45 -59.74 -3.50
N ASP V 170 -68.03 -58.49 -3.30
CA ASP V 170 -67.76 -57.50 -4.37
C ASP V 170 -68.99 -57.33 -5.26
N SER V 171 -70.12 -57.00 -4.63
CA SER V 171 -71.34 -56.77 -5.39
C SER V 171 -71.28 -55.47 -6.17
N ILE V 172 -70.48 -54.50 -5.69
CA ILE V 172 -70.30 -53.26 -6.43
C ILE V 172 -69.52 -53.51 -7.72
N GLY V 173 -68.48 -54.34 -7.66
CA GLY V 173 -67.73 -54.68 -8.86
C GLY V 173 -68.56 -55.49 -9.85
N LYS V 174 -69.40 -56.39 -9.35
CA LYS V 174 -70.27 -57.14 -10.26
C LYS V 174 -71.36 -56.26 -10.85
N ASP V 175 -71.84 -55.26 -10.10
CA ASP V 175 -72.84 -54.34 -10.65
C ASP V 175 -72.23 -53.43 -11.71
N ILE V 176 -71.00 -52.98 -11.48
CA ILE V 176 -70.30 -52.19 -12.49
C ILE V 176 -69.98 -53.05 -13.71
N GLU V 177 -69.65 -54.32 -13.50
CA GLU V 177 -69.41 -55.24 -14.62
C GLU V 177 -70.69 -55.48 -15.42
N LYS V 178 -71.84 -55.53 -14.75
CA LYS V 178 -73.11 -55.71 -15.46
C LYS V 178 -73.50 -54.45 -16.23
N ALA V 179 -73.34 -53.28 -15.63
CA ALA V 179 -73.70 -52.02 -16.30
C ALA V 179 -72.59 -51.48 -17.18
N CYS V 180 -71.47 -52.20 -17.30
CA CYS V 180 -70.29 -51.75 -18.01
C CYS V 180 -70.20 -52.27 -19.44
N GLN V 181 -70.78 -53.43 -19.72
CA GLN V 181 -70.57 -54.13 -20.99
C GLN V 181 -71.18 -53.42 -22.18
N SER V 182 -72.11 -52.48 -21.96
CA SER V 182 -72.66 -51.71 -23.07
C SER V 182 -71.64 -50.72 -23.61
N ILE V 183 -70.79 -50.18 -22.73
CA ILE V 183 -69.78 -49.22 -23.17
C ILE V 183 -68.52 -49.94 -23.66
N TYR V 184 -67.93 -50.77 -22.79
CA TYR V 184 -66.71 -51.50 -23.13
C TYR V 184 -66.58 -52.67 -22.18
N PRO V 185 -65.98 -53.79 -22.61
CA PRO V 185 -65.97 -55.01 -21.77
C PRO V 185 -65.02 -55.08 -20.59
N LEU V 186 -64.67 -53.94 -19.94
CA LEU V 186 -63.62 -53.76 -18.93
C LEU V 186 -63.43 -54.93 -17.97
N HIS V 187 -62.16 -55.23 -17.69
CA HIS V 187 -61.72 -56.48 -17.09
C HIS V 187 -61.35 -56.26 -15.63
N ASP V 188 -62.08 -56.90 -14.72
CA ASP V 188 -61.82 -56.95 -13.27
C ASP V 188 -61.81 -55.56 -12.65
N VAL V 189 -62.99 -54.94 -12.66
CA VAL V 189 -63.20 -53.66 -11.98
C VAL V 189 -63.27 -53.91 -10.48
N PHE V 190 -62.45 -53.20 -9.72
CA PHE V 190 -62.49 -53.28 -8.26
C PHE V 190 -62.64 -51.88 -7.64
N VAL V 191 -62.55 -51.80 -6.32
CA VAL V 191 -62.61 -50.52 -5.62
C VAL V 191 -61.24 -50.07 -5.11
N ARG V 192 -60.37 -51.00 -4.70
CA ARG V 192 -58.93 -50.88 -4.50
C ARG V 192 -58.52 -50.06 -3.28
N LYS V 193 -59.42 -49.23 -2.74
CA LYS V 193 -59.15 -48.38 -1.60
C LYS V 193 -60.45 -47.71 -1.16
N VAL V 194 -60.69 -47.70 0.14
CA VAL V 194 -61.69 -46.85 0.78
C VAL V 194 -61.27 -46.63 2.23
N LYS V 195 -61.39 -45.38 2.70
CA LYS V 195 -60.98 -45.05 4.05
C LYS V 195 -62.03 -44.16 4.71
N MET V 196 -62.13 -44.30 6.03
CA MET V 196 -63.02 -43.47 6.84
C MET V 196 -62.29 -42.19 7.22
N LEU V 197 -62.91 -41.04 6.93
CA LEU V 197 -62.32 -39.76 7.26
C LEU V 197 -63.21 -38.90 8.15
N LYS V 198 -64.45 -39.31 8.42
CA LYS V 198 -65.33 -38.59 9.35
C LYS V 198 -66.04 -39.61 10.23
N LYS V 199 -65.79 -39.52 11.53
CA LYS V 199 -66.42 -40.40 12.52
C LYS V 199 -67.25 -39.54 13.48
N PRO V 200 -68.56 -39.75 13.56
CA PRO V 200 -69.40 -38.80 14.31
C PRO V 200 -69.29 -38.92 15.83
N LYS V 201 -69.33 -40.13 16.38
CA LYS V 201 -69.53 -40.29 17.81
C LYS V 201 -69.09 -41.70 18.19
N PHE V 202 -68.82 -41.90 19.48
CA PHE V 202 -68.42 -43.21 20.01
C PHE V 202 -69.51 -44.26 19.78
N GLU V 203 -70.69 -44.04 20.38
CA GLU V 203 -71.93 -44.78 20.12
C GLU V 203 -71.77 -46.28 20.41
N LEU V 204 -71.59 -46.59 21.71
CA LEU V 204 -71.54 -47.97 22.14
C LEU V 204 -72.87 -48.69 21.94
N GLY V 205 -73.98 -47.95 21.95
CA GLY V 205 -75.25 -48.56 21.61
C GLY V 205 -75.33 -48.96 20.14
N LYS V 206 -74.80 -48.12 19.25
CA LYS V 206 -74.71 -48.49 17.85
C LYS V 206 -73.70 -49.62 17.63
N LEU V 207 -72.69 -49.71 18.49
CA LEU V 207 -71.74 -50.82 18.40
C LEU V 207 -72.39 -52.14 18.84
N MET V 208 -73.22 -52.08 19.89
CA MET V 208 -73.99 -53.24 20.30
C MET V 208 -75.04 -53.61 19.25
N GLU V 209 -75.58 -52.62 18.53
CA GLU V 209 -76.48 -52.90 17.41
C GLU V 209 -75.73 -53.55 16.26
N LEU V 210 -74.47 -53.14 16.05
CA LEU V 210 -73.61 -53.79 15.07
C LEU V 210 -73.32 -55.24 15.44
N HIS V 211 -73.20 -55.52 16.74
CA HIS V 211 -73.07 -56.91 17.18
C HIS V 211 -74.36 -57.69 16.95
N GLY V 212 -75.45 -57.25 17.56
CA GLY V 212 -76.73 -57.92 17.44
C GLY V 212 -77.41 -58.15 18.77
N ASP W 1 -0.18 -71.84 -80.93
CA ASP W 1 -0.24 -73.19 -81.47
C ASP W 1 -0.87 -74.17 -80.48
N LYS W 2 -1.64 -73.64 -79.54
CA LYS W 2 -2.25 -74.44 -78.49
C LYS W 2 -3.70 -74.76 -78.82
N GLU W 3 -4.18 -75.87 -78.26
CA GLU W 3 -5.57 -76.27 -78.46
C GLU W 3 -6.49 -75.35 -77.67
N TRP W 4 -7.65 -75.05 -78.26
CA TRP W 4 -8.59 -74.13 -77.63
C TRP W 4 -9.29 -74.75 -76.42
N MET W 5 -9.26 -76.10 -76.28
CA MET W 5 -9.84 -76.87 -75.18
C MET W 5 -11.34 -76.63 -75.08
N PRO W 6 -12.13 -77.31 -75.92
CA PRO W 6 -13.52 -76.89 -76.22
C PRO W 6 -14.45 -76.82 -75.00
N VAL W 7 -15.07 -75.66 -74.83
CA VAL W 7 -15.83 -75.30 -73.64
C VAL W 7 -16.78 -74.18 -74.06
N THR W 8 -17.79 -73.88 -73.22
CA THR W 8 -18.62 -72.66 -73.15
C THR W 8 -19.52 -72.42 -74.36
N LYS W 9 -19.44 -73.27 -75.39
CA LYS W 9 -20.39 -73.49 -76.49
C LYS W 9 -20.42 -72.36 -77.51
N LEU W 10 -19.93 -71.17 -77.14
CA LEU W 10 -19.90 -70.04 -78.05
C LEU W 10 -18.67 -70.13 -78.93
N GLY W 11 -17.50 -70.28 -78.32
CA GLY W 11 -16.31 -70.61 -79.07
C GLY W 11 -16.35 -71.96 -79.75
N ARG W 12 -17.19 -72.89 -79.27
CA ARG W 12 -17.38 -74.13 -80.00
C ARG W 12 -18.17 -73.90 -81.27
N LEU W 13 -19.14 -72.98 -81.24
CA LEU W 13 -19.76 -72.53 -82.50
C LEU W 13 -18.76 -71.82 -83.40
N VAL W 14 -17.83 -71.06 -82.80
CA VAL W 14 -16.81 -70.35 -83.57
C VAL W 14 -15.88 -71.34 -84.27
N LYS W 15 -15.43 -72.38 -83.56
CA LYS W 15 -14.57 -73.38 -84.15
C LYS W 15 -15.31 -74.31 -85.09
N ASP W 16 -16.62 -74.46 -84.93
CA ASP W 16 -17.43 -75.13 -85.93
C ASP W 16 -17.79 -74.21 -87.10
N MET W 17 -17.39 -72.93 -87.02
CA MET W 17 -17.55 -71.93 -88.08
C MET W 17 -19.03 -71.72 -88.38
N LYS W 18 -19.75 -71.26 -87.36
CA LYS W 18 -21.18 -71.03 -87.46
C LYS W 18 -21.57 -69.60 -87.19
N ILE W 19 -20.72 -68.82 -86.53
CA ILE W 19 -20.93 -67.40 -86.32
C ILE W 19 -19.93 -66.66 -87.18
N LYS W 20 -20.42 -65.97 -88.21
CA LYS W 20 -19.53 -65.39 -89.21
C LYS W 20 -18.88 -64.10 -88.75
N SER W 21 -19.53 -63.35 -87.87
CA SER W 21 -18.99 -62.07 -87.43
C SER W 21 -19.39 -61.83 -85.98
N LEU W 22 -18.60 -60.98 -85.31
CA LEU W 22 -18.88 -60.60 -83.93
C LEU W 22 -20.09 -59.68 -83.84
N GLU W 23 -20.48 -59.06 -84.96
CA GLU W 23 -21.73 -58.32 -85.03
C GLU W 23 -22.94 -59.22 -84.76
N GLU W 24 -22.86 -60.49 -85.20
CA GLU W 24 -23.94 -61.43 -84.93
C GLU W 24 -24.04 -61.79 -83.46
N ILE W 25 -22.92 -61.72 -82.73
CA ILE W 25 -22.97 -61.94 -81.29
C ILE W 25 -23.54 -60.71 -80.58
N TYR W 26 -23.12 -59.51 -81.01
CA TYR W 26 -23.67 -58.31 -80.39
C TYR W 26 -25.11 -58.01 -80.78
N LEU W 27 -25.65 -58.67 -81.82
CA LEU W 27 -27.09 -58.58 -82.08
C LEU W 27 -27.89 -59.18 -80.94
N PHE W 28 -27.42 -60.28 -80.38
CA PHE W 28 -28.17 -61.02 -79.38
C PHE W 28 -27.63 -60.86 -77.96
N SER W 29 -26.50 -60.17 -77.79
CA SER W 29 -25.92 -59.81 -76.49
C SER W 29 -25.57 -61.04 -75.66
N LEU W 30 -24.98 -62.03 -76.30
CA LEU W 30 -24.57 -63.24 -75.59
C LEU W 30 -23.33 -62.95 -74.75
N PRO W 31 -23.24 -63.55 -73.56
CA PRO W 31 -22.09 -63.27 -72.68
C PRO W 31 -20.82 -63.95 -73.18
N ILE W 32 -19.85 -63.14 -73.59
CA ILE W 32 -18.53 -63.65 -73.92
C ILE W 32 -17.81 -64.04 -72.63
N LYS W 33 -17.11 -65.18 -72.65
CA LYS W 33 -16.41 -65.64 -71.46
C LYS W 33 -14.91 -65.74 -71.64
N GLU W 34 -14.42 -66.28 -72.75
CA GLU W 34 -12.99 -66.39 -72.96
C GLU W 34 -12.50 -65.34 -73.95
N SER W 35 -11.23 -64.97 -73.81
CA SER W 35 -10.64 -63.88 -74.57
C SER W 35 -10.18 -64.30 -75.96
N GLU W 36 -10.22 -65.59 -76.29
CA GLU W 36 -9.81 -66.05 -77.61
C GLU W 36 -10.86 -65.77 -78.67
N ILE W 37 -12.09 -65.47 -78.28
CA ILE W 37 -13.19 -65.32 -79.24
C ILE W 37 -12.99 -64.08 -80.09
N ILE W 38 -12.75 -62.93 -79.46
CA ILE W 38 -12.53 -61.74 -80.25
C ILE W 38 -11.12 -61.69 -80.84
N ASP W 39 -10.20 -62.54 -80.36
CA ASP W 39 -8.95 -62.71 -81.08
C ASP W 39 -9.17 -63.50 -82.37
N PHE W 40 -10.12 -64.42 -82.37
CA PHE W 40 -10.47 -65.14 -83.58
C PHE W 40 -11.24 -64.25 -84.55
N PHE W 41 -12.16 -63.42 -84.03
CA PHE W 41 -12.93 -62.55 -84.92
C PHE W 41 -12.16 -61.34 -85.39
N LEU W 42 -11.23 -60.83 -84.59
CA LEU W 42 -10.49 -59.60 -84.92
C LEU W 42 -9.01 -59.86 -84.77
N GLY W 43 -8.25 -59.62 -85.84
CA GLY W 43 -6.80 -59.79 -85.79
C GLY W 43 -6.07 -58.48 -85.65
N ALA W 44 -6.71 -57.39 -86.06
CA ALA W 44 -6.12 -56.06 -85.97
C ALA W 44 -6.57 -55.30 -84.73
N SER W 45 -7.19 -55.99 -83.77
CA SER W 45 -7.63 -55.37 -82.52
C SER W 45 -6.57 -55.46 -81.43
N LEU W 46 -5.32 -55.73 -81.80
CA LEU W 46 -4.23 -55.80 -80.84
C LEU W 46 -3.70 -54.42 -80.47
N LYS W 47 -4.22 -53.35 -81.07
CA LYS W 47 -3.78 -52.00 -80.76
C LYS W 47 -4.31 -51.60 -79.38
N ASP W 48 -3.40 -51.49 -78.41
CA ASP W 48 -3.74 -51.24 -77.03
C ASP W 48 -2.72 -50.30 -76.40
N GLU W 49 -3.05 -49.82 -75.21
CA GLU W 49 -2.10 -49.05 -74.42
C GLU W 49 -2.42 -49.23 -72.95
N VAL W 50 -1.37 -49.44 -72.16
CA VAL W 50 -1.49 -49.36 -70.71
C VAL W 50 -1.59 -47.90 -70.31
N LEU W 51 -2.59 -47.58 -69.48
CA LEU W 51 -2.89 -46.19 -69.14
C LEU W 51 -2.15 -45.75 -67.88
N LYS W 52 -2.35 -46.46 -66.77
CA LYS W 52 -1.69 -46.14 -65.52
C LYS W 52 -1.59 -47.38 -64.67
N ILE W 53 -0.39 -47.68 -64.20
CA ILE W 53 -0.16 -48.77 -63.25
C ILE W 53 0.12 -48.10 -61.90
N MET W 54 -0.88 -48.13 -61.02
CA MET W 54 -0.67 -47.46 -59.75
C MET W 54 -0.67 -48.48 -58.61
N PRO W 55 0.16 -48.28 -57.59
CA PRO W 55 0.16 -49.20 -56.46
C PRO W 55 -0.95 -48.90 -55.47
N VAL W 56 -1.56 -49.96 -54.95
CA VAL W 56 -2.50 -49.85 -53.85
C VAL W 56 -1.95 -50.68 -52.70
N GLN W 57 -2.32 -50.30 -51.48
CA GLN W 57 -1.74 -50.91 -50.29
C GLN W 57 -2.80 -51.64 -49.48
N LYS W 58 -2.32 -52.53 -48.61
CA LYS W 58 -3.15 -53.21 -47.63
C LYS W 58 -2.32 -53.33 -46.36
N GLN W 59 -2.72 -52.60 -45.32
CA GLN W 59 -1.93 -52.55 -44.09
C GLN W 59 -2.09 -53.85 -43.31
N THR W 60 -0.98 -54.53 -43.05
CA THR W 60 -0.95 -55.80 -42.33
C THR W 60 0.01 -55.63 -41.17
N ARG W 61 -0.05 -56.55 -40.20
CA ARG W 61 0.79 -56.46 -39.00
C ARG W 61 2.27 -56.56 -39.32
N ALA W 62 2.64 -57.35 -40.34
CA ALA W 62 4.03 -57.42 -40.77
C ALA W 62 4.46 -56.14 -41.48
N GLY W 63 3.51 -55.41 -42.05
CA GLY W 63 3.82 -54.20 -42.78
C GLY W 63 2.80 -53.98 -43.87
N GLN W 64 3.03 -52.92 -44.64
CA GLN W 64 2.17 -52.65 -45.78
C GLN W 64 2.42 -53.65 -46.90
N ARG W 65 1.34 -54.16 -47.48
CA ARG W 65 1.42 -55.13 -48.56
C ARG W 65 0.92 -54.50 -49.83
N THR W 66 1.79 -54.44 -50.83
CA THR W 66 1.51 -53.76 -52.08
C THR W 66 1.02 -54.75 -53.15
N ARG W 67 0.24 -54.22 -54.08
CA ARG W 67 -0.16 -54.94 -55.28
C ARG W 67 -0.51 -53.89 -56.33
N PHE W 68 -0.14 -54.17 -57.57
CA PHE W 68 -0.20 -53.17 -58.63
C PHE W 68 -1.51 -53.29 -59.41
N LYS W 69 -2.10 -52.14 -59.70
CA LYS W 69 -3.42 -52.03 -60.32
C LYS W 69 -3.22 -51.47 -61.73
N ALA W 70 -3.28 -52.35 -62.73
CA ALA W 70 -3.00 -51.99 -64.10
C ALA W 70 -4.28 -51.73 -64.88
N PHE W 71 -4.25 -50.69 -65.70
CA PHE W 71 -5.33 -50.31 -66.60
C PHE W 71 -4.86 -50.48 -68.03
N VAL W 72 -5.60 -51.22 -68.84
CA VAL W 72 -5.25 -51.44 -70.24
C VAL W 72 -6.47 -51.12 -71.10
N ALA W 73 -6.31 -50.20 -72.05
CA ALA W 73 -7.35 -49.87 -73.00
C ALA W 73 -6.99 -50.47 -74.36
N ILE W 74 -7.83 -51.37 -74.85
CA ILE W 74 -7.59 -52.04 -76.13
C ILE W 74 -8.60 -51.53 -77.15
N GLY W 75 -8.31 -51.81 -78.42
CA GLY W 75 -9.33 -51.62 -79.42
C GLY W 75 -8.88 -51.46 -80.85
N ASP W 76 -9.61 -52.08 -81.78
CA ASP W 76 -9.41 -51.84 -83.19
C ASP W 76 -10.04 -50.49 -83.56
N TYR W 77 -9.51 -49.87 -84.60
CA TYR W 77 -9.91 -48.52 -84.99
C TYR W 77 -11.23 -48.46 -85.74
N ASN W 78 -11.94 -49.59 -85.89
CA ASN W 78 -13.20 -49.60 -86.60
C ASN W 78 -14.39 -49.37 -85.67
N GLY W 79 -14.18 -49.36 -84.36
CA GLY W 79 -15.27 -49.09 -83.44
C GLY W 79 -15.56 -50.18 -82.44
N HIS W 80 -14.55 -50.98 -82.10
CA HIS W 80 -14.68 -52.04 -81.09
C HIS W 80 -13.54 -51.88 -80.10
N VAL W 81 -13.81 -51.21 -78.97
CA VAL W 81 -12.79 -50.94 -77.97
C VAL W 81 -13.24 -51.50 -76.62
N GLY W 82 -12.27 -51.62 -75.72
CA GLY W 82 -12.54 -52.16 -74.40
C GLY W 82 -11.56 -51.63 -73.38
N LEU W 83 -11.94 -51.78 -72.11
CA LEU W 83 -11.14 -51.34 -70.98
C LEU W 83 -10.98 -52.52 -70.02
N GLY W 84 -9.80 -52.60 -69.40
CA GLY W 84 -9.53 -53.67 -68.47
C GLY W 84 -8.76 -53.21 -67.24
N VAL W 85 -9.26 -53.59 -66.07
CA VAL W 85 -8.67 -53.25 -64.78
C VAL W 85 -8.27 -54.53 -64.08
N LYS W 86 -7.02 -54.61 -63.61
CA LYS W 86 -6.59 -55.81 -62.90
C LYS W 86 -5.57 -55.47 -61.84
N CYS W 87 -5.81 -55.89 -60.61
CA CYS W 87 -4.86 -55.72 -59.53
C CYS W 87 -4.21 -57.07 -59.23
N SER W 88 -2.89 -57.08 -59.18
CA SER W 88 -2.13 -58.31 -58.93
C SER W 88 -0.77 -57.94 -58.39
N LYS W 89 -0.15 -58.91 -57.69
CA LYS W 89 1.11 -58.66 -57.00
C LYS W 89 2.30 -58.56 -57.96
N GLU W 90 2.16 -58.97 -59.22
CA GLU W 90 3.23 -58.88 -60.19
C GLU W 90 2.84 -57.93 -61.32
N VAL W 91 3.86 -57.27 -61.87
CA VAL W 91 3.65 -56.22 -62.87
C VAL W 91 3.10 -56.82 -64.16
N ALA W 92 3.85 -57.75 -64.76
CA ALA W 92 3.44 -58.33 -66.02
C ALA W 92 2.22 -59.22 -65.87
N THR W 93 2.02 -59.83 -64.70
CA THR W 93 0.81 -60.60 -64.44
C THR W 93 -0.41 -59.70 -64.41
N ALA W 94 -0.31 -58.54 -63.75
CA ALA W 94 -1.41 -57.60 -63.73
C ALA W 94 -1.66 -57.00 -65.11
N ILE W 95 -0.60 -56.79 -65.90
CA ILE W 95 -0.78 -56.27 -67.27
C ILE W 95 -1.50 -57.28 -68.15
N ARG W 96 -1.10 -58.56 -68.07
CA ARG W 96 -1.76 -59.60 -68.87
C ARG W 96 -3.20 -59.81 -68.42
N GLY W 97 -3.45 -59.73 -67.11
CA GLY W 97 -4.81 -59.86 -66.62
C GLY W 97 -5.70 -58.70 -67.06
N ALA W 98 -5.14 -57.48 -67.09
CA ALA W 98 -5.91 -56.35 -67.58
C ALA W 98 -6.14 -56.43 -69.09
N ILE W 99 -5.20 -57.00 -69.83
CA ILE W 99 -5.40 -57.22 -71.27
C ILE W 99 -6.53 -58.21 -71.49
N ILE W 100 -6.54 -59.32 -70.74
CA ILE W 100 -7.58 -60.34 -70.90
C ILE W 100 -8.94 -59.80 -70.47
N LEU W 101 -8.99 -59.02 -69.39
CA LEU W 101 -10.27 -58.43 -68.98
C LEU W 101 -10.73 -57.34 -69.94
N ALA W 102 -9.81 -56.66 -70.63
CA ALA W 102 -10.24 -55.72 -71.66
C ALA W 102 -10.78 -56.45 -72.89
N LYS W 103 -10.16 -57.59 -73.24
CA LYS W 103 -10.70 -58.45 -74.30
C LYS W 103 -12.09 -58.94 -73.95
N LEU W 104 -12.34 -59.19 -72.66
CA LEU W 104 -13.68 -59.55 -72.21
C LEU W 104 -14.64 -58.37 -72.27
N SER W 105 -14.19 -57.18 -71.85
CA SER W 105 -15.05 -56.01 -71.74
C SER W 105 -15.00 -55.12 -72.98
N ILE W 106 -14.65 -55.68 -74.15
CA ILE W 106 -14.78 -54.94 -75.40
C ILE W 106 -16.27 -54.68 -75.70
N VAL W 107 -16.55 -53.50 -76.24
CA VAL W 107 -17.91 -53.10 -76.61
C VAL W 107 -17.87 -52.49 -78.00
N PRO W 108 -19.00 -52.49 -78.71
CA PRO W 108 -19.05 -51.76 -79.98
C PRO W 108 -19.38 -50.30 -79.79
N VAL W 109 -18.89 -49.47 -80.72
CA VAL W 109 -19.07 -48.02 -80.66
C VAL W 109 -19.88 -47.60 -81.88
N ARG W 110 -21.01 -46.93 -81.63
CA ARG W 110 -21.84 -46.40 -82.70
C ARG W 110 -21.27 -45.09 -83.19
N ARG W 111 -21.18 -44.93 -84.51
CA ARG W 111 -20.61 -43.75 -85.12
C ARG W 111 -21.66 -43.05 -85.97
N GLY W 112 -21.75 -41.73 -85.82
CA GLY W 112 -22.76 -40.96 -86.52
C GLY W 112 -22.18 -39.79 -87.30
N TYR W 113 -23.03 -38.83 -87.66
CA TYR W 113 -22.64 -37.69 -88.48
C TYR W 113 -22.94 -36.39 -87.75
N TRP W 114 -22.32 -35.31 -88.24
CA TRP W 114 -22.58 -33.99 -87.68
C TRP W 114 -23.92 -33.42 -88.13
N GLY W 115 -24.46 -33.90 -89.24
CA GLY W 115 -25.69 -33.34 -89.76
C GLY W 115 -25.78 -33.36 -91.27
N ASN W 116 -24.69 -33.73 -91.95
CA ASN W 116 -24.69 -33.93 -93.38
C ASN W 116 -24.38 -35.39 -93.66
N LYS W 117 -25.25 -36.03 -94.45
CA LYS W 117 -25.21 -37.49 -94.64
C LYS W 117 -24.44 -37.86 -95.91
N ILE W 118 -23.14 -37.57 -95.90
CA ILE W 118 -22.32 -37.92 -97.06
C ILE W 118 -21.78 -39.33 -96.94
N GLY W 119 -21.11 -39.64 -95.84
CA GLY W 119 -20.51 -40.95 -95.65
C GLY W 119 -19.30 -40.85 -94.73
N LYS W 120 -18.78 -42.03 -94.37
CA LYS W 120 -17.66 -42.23 -93.45
C LYS W 120 -17.92 -41.53 -92.11
N PRO W 121 -18.74 -42.12 -91.23
CA PRO W 121 -19.09 -41.45 -89.96
C PRO W 121 -17.88 -41.18 -89.09
N HIS W 122 -17.89 -40.01 -88.45
CA HIS W 122 -16.71 -39.47 -87.78
C HIS W 122 -17.00 -39.00 -86.37
N THR W 123 -18.21 -39.21 -85.86
CA THR W 123 -18.57 -38.65 -84.56
C THR W 123 -19.64 -39.51 -83.91
N VAL W 124 -19.97 -39.15 -82.67
CA VAL W 124 -21.03 -39.81 -81.90
C VAL W 124 -22.38 -39.41 -82.50
N PRO W 125 -23.42 -40.23 -82.39
CA PRO W 125 -24.71 -39.86 -83.00
C PRO W 125 -25.43 -38.73 -82.27
N CYS W 126 -25.27 -38.61 -80.95
CA CYS W 126 -25.92 -37.54 -80.21
C CYS W 126 -25.08 -37.24 -78.96
N LYS W 127 -25.57 -36.30 -78.17
CA LYS W 127 -24.89 -35.94 -76.92
C LYS W 127 -25.20 -37.00 -75.88
N VAL W 128 -24.20 -37.82 -75.56
CA VAL W 128 -24.36 -38.91 -74.61
C VAL W 128 -23.55 -38.59 -73.35
N THR W 129 -23.79 -39.37 -72.31
CA THR W 129 -23.12 -39.15 -71.03
C THR W 129 -22.68 -40.47 -70.43
N GLY W 130 -21.76 -40.36 -69.47
CA GLY W 130 -21.27 -41.49 -68.71
C GLY W 130 -20.86 -41.08 -67.31
N ARG W 131 -21.18 -41.92 -66.32
CA ARG W 131 -20.92 -41.59 -64.93
C ARG W 131 -20.22 -42.75 -64.24
N CYS W 132 -19.09 -42.43 -63.59
CA CYS W 132 -18.40 -43.38 -62.71
C CYS W 132 -17.75 -42.57 -61.59
N GLY W 133 -18.18 -42.82 -60.36
CA GLY W 133 -17.78 -41.94 -59.27
C GLY W 133 -18.62 -40.69 -59.29
N SER W 134 -17.97 -39.53 -59.31
CA SER W 134 -18.66 -38.27 -59.59
C SER W 134 -18.36 -37.78 -61.00
N VAL W 135 -17.70 -38.60 -61.81
CA VAL W 135 -17.14 -38.13 -63.08
C VAL W 135 -18.25 -38.19 -64.13
N LEU W 136 -18.83 -37.04 -64.44
CA LEU W 136 -19.80 -36.93 -65.52
C LEU W 136 -19.07 -36.53 -66.79
N VAL W 137 -19.07 -37.43 -67.77
CA VAL W 137 -18.43 -37.20 -69.07
C VAL W 137 -19.51 -37.07 -70.12
N ARG W 138 -19.53 -35.94 -70.82
CA ARG W 138 -20.49 -35.67 -71.87
C ARG W 138 -19.76 -35.67 -73.20
N LEU W 139 -20.21 -36.52 -74.12
CA LEU W 139 -19.70 -36.58 -75.48
C LEU W 139 -20.68 -35.88 -76.40
N ILE W 140 -20.20 -34.88 -77.13
CA ILE W 140 -21.01 -34.01 -77.97
C ILE W 140 -20.52 -34.18 -79.40
N PRO W 141 -21.41 -34.29 -80.39
CA PRO W 141 -20.97 -34.38 -81.79
C PRO W 141 -20.26 -33.13 -82.26
N ALA W 142 -19.35 -33.32 -83.21
CA ALA W 142 -18.43 -32.30 -83.69
C ALA W 142 -18.48 -32.25 -85.21
N PRO W 143 -18.13 -31.11 -85.81
CA PRO W 143 -18.02 -31.04 -87.27
C PRO W 143 -16.85 -31.88 -87.79
N ARG W 144 -16.82 -32.00 -89.12
CA ARG W 144 -15.84 -32.85 -89.78
C ARG W 144 -14.44 -32.25 -89.69
N GLY W 145 -13.47 -33.06 -89.28
CA GLY W 145 -12.10 -32.59 -89.17
C GLY W 145 -11.84 -31.70 -87.98
N THR W 146 -12.70 -31.75 -86.95
CA THR W 146 -12.49 -30.94 -85.77
C THR W 146 -11.40 -31.53 -84.88
N GLY W 147 -11.51 -32.81 -84.56
CA GLY W 147 -10.56 -33.48 -83.69
C GLY W 147 -11.20 -33.89 -82.38
N ILE W 148 -10.34 -34.35 -81.47
CA ILE W 148 -10.75 -34.78 -80.14
C ILE W 148 -10.15 -33.78 -79.16
N VAL W 149 -10.96 -32.87 -78.65
CA VAL W 149 -10.52 -31.87 -77.68
C VAL W 149 -10.88 -32.40 -76.29
N SER W 150 -9.92 -33.07 -75.66
CA SER W 150 -10.17 -33.72 -74.37
C SER W 150 -8.84 -33.94 -73.67
N ALA W 151 -8.89 -34.66 -72.54
CA ALA W 151 -7.70 -35.14 -71.87
C ALA W 151 -7.03 -36.22 -72.72
N PRO W 152 -5.72 -36.45 -72.53
CA PRO W 152 -5.02 -37.42 -73.40
C PRO W 152 -5.49 -38.86 -73.28
N VAL W 153 -5.92 -39.30 -72.10
CA VAL W 153 -6.38 -40.68 -71.92
C VAL W 153 -7.70 -40.94 -72.66
N PRO W 154 -8.80 -40.16 -72.50
CA PRO W 154 -9.96 -40.43 -73.35
C PRO W 154 -9.78 -39.95 -74.78
N LYS W 155 -8.81 -39.08 -75.04
CA LYS W 155 -8.46 -38.75 -76.42
C LYS W 155 -7.90 -39.98 -77.13
N LYS W 156 -7.00 -40.71 -76.47
CA LYS W 156 -6.51 -41.97 -77.01
C LYS W 156 -7.60 -43.02 -77.06
N LEU W 157 -8.52 -43.02 -76.08
CA LEU W 157 -9.60 -44.00 -76.09
C LEU W 157 -10.58 -43.75 -77.23
N LEU W 158 -10.92 -42.50 -77.51
CA LEU W 158 -11.78 -42.19 -78.65
C LEU W 158 -11.05 -42.35 -79.97
N MET W 159 -9.74 -42.11 -79.99
CA MET W 159 -8.95 -42.36 -81.20
C MET W 159 -8.90 -43.85 -81.52
N MET W 160 -8.89 -44.69 -80.49
CA MET W 160 -9.08 -46.12 -80.73
C MET W 160 -10.51 -46.44 -81.11
N ALA W 161 -11.49 -45.68 -80.57
CA ALA W 161 -12.90 -45.93 -80.88
C ALA W 161 -13.26 -45.53 -82.29
N GLY W 162 -12.45 -44.71 -82.95
CA GLY W 162 -12.75 -44.26 -84.29
C GLY W 162 -13.56 -43.00 -84.36
N ILE W 163 -13.95 -42.44 -83.22
CA ILE W 163 -14.60 -41.14 -83.19
C ILE W 163 -13.52 -40.11 -83.45
N ASP W 164 -13.40 -39.69 -84.72
CA ASP W 164 -12.34 -38.76 -85.08
C ASP W 164 -12.63 -37.34 -84.62
N ASP W 165 -13.89 -36.99 -84.41
CA ASP W 165 -14.30 -35.64 -84.06
C ASP W 165 -15.31 -35.72 -82.93
N CYS W 166 -15.01 -35.06 -81.81
CA CYS W 166 -15.90 -35.08 -80.66
C CYS W 166 -15.57 -33.90 -79.75
N TYR W 167 -16.57 -33.48 -78.97
CA TYR W 167 -16.36 -32.51 -77.90
C TYR W 167 -16.64 -33.20 -76.58
N THR W 168 -15.87 -32.87 -75.55
CA THR W 168 -16.03 -33.49 -74.26
C THR W 168 -16.29 -32.45 -73.18
N SER W 169 -17.09 -32.84 -72.19
CA SER W 169 -17.36 -31.99 -71.03
C SER W 169 -17.29 -32.88 -69.79
N ALA W 170 -16.31 -32.63 -68.93
CA ALA W 170 -16.07 -33.48 -67.77
C ALA W 170 -16.30 -32.68 -66.49
N ARG W 171 -17.06 -33.26 -65.56
CA ARG W 171 -17.26 -32.67 -64.25
C ARG W 171 -16.91 -33.70 -63.17
N GLY W 172 -16.17 -33.25 -62.16
CA GLY W 172 -15.78 -34.10 -61.05
C GLY W 172 -14.28 -34.21 -60.93
N CYS W 173 -13.80 -35.21 -60.18
CA CYS W 173 -12.37 -35.49 -60.17
C CYS W 173 -11.98 -36.13 -61.48
N THR W 174 -11.51 -35.31 -62.42
CA THR W 174 -10.97 -35.83 -63.66
C THR W 174 -9.58 -36.45 -63.44
N ALA W 175 -8.93 -36.09 -62.34
CA ALA W 175 -7.58 -36.55 -62.03
C ALA W 175 -7.49 -38.06 -61.77
N THR W 176 -8.59 -38.71 -61.38
CA THR W 176 -8.56 -40.15 -61.15
C THR W 176 -8.92 -40.87 -62.45
N LEU W 177 -7.93 -41.58 -63.00
CA LEU W 177 -8.13 -42.25 -64.28
C LEU W 177 -9.06 -43.45 -64.15
N GLY W 178 -9.03 -44.12 -63.00
CA GLY W 178 -9.88 -45.27 -62.75
C GLY W 178 -11.37 -44.97 -62.72
N ASN W 179 -11.75 -43.71 -62.59
CA ASN W 179 -13.13 -43.29 -62.76
C ASN W 179 -13.36 -42.54 -64.06
N PHE W 180 -12.38 -41.74 -64.51
CA PHE W 180 -12.58 -40.92 -65.69
C PHE W 180 -12.60 -41.77 -66.97
N ALA W 181 -11.71 -42.76 -67.06
CA ALA W 181 -11.71 -43.64 -68.21
C ALA W 181 -12.93 -44.55 -68.22
N LYS W 182 -13.41 -44.99 -67.05
CA LYS W 182 -14.62 -45.80 -67.01
C LYS W 182 -15.87 -44.98 -67.29
N ALA W 183 -15.85 -43.69 -66.96
CA ALA W 183 -16.98 -42.83 -67.33
C ALA W 183 -16.99 -42.58 -68.83
N THR W 184 -15.81 -42.44 -69.45
CA THR W 184 -15.74 -42.37 -70.91
C THR W 184 -16.20 -43.68 -71.54
N PHE W 185 -15.90 -44.81 -70.88
CA PHE W 185 -16.34 -46.11 -71.35
C PHE W 185 -17.86 -46.26 -71.28
N ASP W 186 -18.47 -45.74 -70.21
CA ASP W 186 -19.93 -45.77 -70.10
C ASP W 186 -20.56 -44.83 -71.13
N ALA W 187 -19.91 -43.69 -71.40
CA ALA W 187 -20.42 -42.75 -72.39
C ALA W 187 -20.37 -43.32 -73.80
N ILE W 188 -19.31 -44.07 -74.14
CA ILE W 188 -19.28 -44.71 -75.45
C ILE W 188 -20.05 -46.03 -75.47
N SER W 189 -20.42 -46.57 -74.31
CA SER W 189 -21.25 -47.76 -74.29
C SER W 189 -22.73 -47.43 -74.43
N LYS W 190 -23.16 -46.23 -74.00
CA LYS W 190 -24.56 -45.86 -74.11
C LYS W 190 -24.97 -45.40 -75.52
N THR W 191 -24.04 -45.42 -76.49
CA THR W 191 -24.33 -44.93 -77.83
C THR W 191 -25.34 -45.82 -78.56
N TYR W 192 -25.29 -47.13 -78.35
CA TYR W 192 -26.34 -47.99 -78.87
C TYR W 192 -27.56 -48.04 -77.96
N SER W 193 -27.39 -47.77 -76.67
CA SER W 193 -28.52 -47.77 -75.76
C SER W 193 -29.42 -46.56 -75.94
N TYR W 194 -28.94 -45.51 -76.59
CA TYR W 194 -29.78 -44.36 -76.90
C TYR W 194 -30.84 -44.74 -77.95
N LEU W 195 -32.07 -44.27 -77.72
CA LEU W 195 -33.17 -44.50 -78.66
C LEU W 195 -33.05 -43.49 -79.79
N THR W 196 -32.59 -43.94 -80.95
CA THR W 196 -32.29 -43.06 -82.07
C THR W 196 -33.37 -43.14 -83.15
N PRO W 197 -33.66 -42.03 -83.86
CA PRO W 197 -34.80 -42.00 -84.78
C PRO W 197 -34.59 -42.63 -86.15
N ASP W 198 -33.61 -43.51 -86.32
CA ASP W 198 -33.53 -44.34 -87.51
C ASP W 198 -33.76 -45.82 -87.20
N LEU W 199 -34.42 -46.11 -86.08
CA LEU W 199 -34.81 -47.47 -85.69
C LEU W 199 -36.29 -47.51 -85.33
N TRP W 200 -37.12 -46.99 -86.24
CA TRP W 200 -38.56 -46.95 -86.00
C TRP W 200 -39.18 -48.33 -86.13
N LYS W 201 -38.86 -49.05 -87.22
CA LYS W 201 -39.58 -50.25 -87.58
C LYS W 201 -39.23 -51.41 -86.66
N GLU W 202 -40.13 -52.39 -86.62
CA GLU W 202 -39.88 -53.63 -85.91
C GLU W 202 -38.75 -54.39 -86.59
N THR W 203 -37.86 -54.96 -85.80
CA THR W 203 -36.69 -55.63 -86.35
C THR W 203 -37.08 -56.97 -86.99
N VAL W 204 -36.10 -57.58 -87.64
CA VAL W 204 -36.35 -58.79 -88.43
C VAL W 204 -36.60 -59.99 -87.51
N PHE W 205 -36.00 -59.99 -86.31
CA PHE W 205 -35.99 -61.10 -85.36
C PHE W 205 -35.46 -62.37 -86.02
N THR W 206 -34.18 -62.30 -86.39
CA THR W 206 -33.50 -63.44 -86.99
C THR W 206 -33.31 -64.55 -85.97
N LYS W 207 -33.02 -65.75 -86.49
CA LYS W 207 -32.92 -66.93 -85.64
C LYS W 207 -31.66 -66.89 -84.79
N SER W 208 -31.75 -67.52 -83.63
CA SER W 208 -30.59 -67.69 -82.77
C SER W 208 -29.59 -68.65 -83.42
N PRO W 209 -28.28 -68.45 -83.20
CA PRO W 209 -27.32 -69.43 -83.70
C PRO W 209 -27.45 -70.79 -83.03
N TYR W 210 -27.93 -70.81 -81.78
CA TYR W 210 -28.25 -72.08 -81.12
C TYR W 210 -29.36 -72.82 -81.86
N GLN W 211 -30.43 -72.12 -82.22
CA GLN W 211 -31.50 -72.71 -83.00
C GLN W 211 -31.05 -73.10 -84.41
N GLU W 212 -30.14 -72.32 -84.99
CA GLU W 212 -29.73 -72.58 -86.37
C GLU W 212 -28.79 -73.77 -86.47
N PHE W 213 -27.93 -73.96 -85.47
CA PHE W 213 -26.96 -75.05 -85.48
C PHE W 213 -26.98 -75.81 -84.17
N THR W 214 -28.20 -76.20 -83.75
CA THR W 214 -28.35 -77.06 -82.58
C THR W 214 -27.70 -78.42 -82.79
N ASP W 215 -27.90 -79.03 -83.96
CA ASP W 215 -27.50 -80.41 -84.19
C ASP W 215 -25.98 -80.58 -84.22
N HIS W 216 -25.24 -79.56 -84.66
CA HIS W 216 -23.79 -79.58 -84.53
C HIS W 216 -23.37 -79.52 -83.07
N LEU W 217 -24.09 -78.71 -82.26
CA LEU W 217 -23.82 -78.65 -80.84
C LEU W 217 -24.21 -79.96 -80.14
N VAL W 218 -25.25 -80.63 -80.64
CA VAL W 218 -25.63 -81.95 -80.09
C VAL W 218 -24.54 -82.98 -80.39
N LYS W 219 -24.05 -83.02 -81.63
CA LYS W 219 -23.06 -84.02 -81.99
C LYS W 219 -21.68 -83.69 -81.45
N THR W 220 -21.40 -82.44 -81.07
CA THR W 220 -20.15 -82.14 -80.38
C THR W 220 -20.26 -82.23 -78.86
N HIS W 221 -21.48 -82.18 -78.31
CA HIS W 221 -21.64 -82.38 -76.87
C HIS W 221 -21.75 -83.84 -76.50
N THR W 222 -22.44 -84.64 -77.30
CA THR W 222 -22.59 -86.06 -77.02
C THR W 222 -21.76 -86.89 -78.00
N ALA X 1 -17.13 22.86 -78.60
CA ALA X 1 -16.02 23.78 -78.74
C ALA X 1 -16.51 25.22 -78.91
N ARG X 2 -15.59 26.17 -78.86
CA ARG X 2 -15.94 27.58 -79.02
C ARG X 2 -16.11 27.90 -80.50
N GLY X 3 -17.25 28.47 -80.87
CA GLY X 3 -17.51 28.86 -82.23
C GLY X 3 -17.70 27.68 -83.16
N PRO X 4 -17.63 27.92 -84.46
CA PRO X 4 -17.80 26.84 -85.43
C PRO X 4 -16.52 26.03 -85.60
N LYS X 5 -16.68 24.83 -86.15
CA LYS X 5 -15.55 24.00 -86.48
C LYS X 5 -14.83 24.56 -87.71
N LYS X 6 -13.57 24.14 -87.87
CA LYS X 6 -12.71 24.75 -88.87
C LYS X 6 -11.93 23.74 -89.71
N HIS X 7 -11.67 22.53 -89.23
CA HIS X 7 -11.01 21.48 -89.98
C HIS X 7 -11.96 20.30 -90.18
N LEU X 8 -11.44 19.24 -90.80
CA LEU X 8 -12.18 18.01 -90.99
C LEU X 8 -11.18 16.88 -91.17
N LYS X 9 -11.36 15.80 -90.41
CA LYS X 9 -10.44 14.67 -90.47
C LYS X 9 -10.82 13.73 -91.62
N ARG X 10 -9.80 13.01 -92.12
CA ARG X 10 -10.06 11.98 -93.14
C ARG X 10 -10.89 10.83 -92.57
N VAL X 11 -10.72 10.51 -91.29
CA VAL X 11 -11.48 9.44 -90.69
C VAL X 11 -12.91 9.87 -90.43
N ALA X 12 -13.10 11.12 -90.00
CA ALA X 12 -14.43 11.68 -89.77
C ALA X 12 -15.10 12.16 -91.06
N ALA X 13 -14.41 12.08 -92.19
CA ALA X 13 -14.99 12.43 -93.47
C ALA X 13 -16.08 11.43 -93.85
N PRO X 14 -17.07 11.82 -94.65
CA PRO X 14 -18.07 10.86 -95.11
C PRO X 14 -17.48 9.84 -96.07
N LYS X 15 -18.17 8.70 -96.16
CA LYS X 15 -17.63 7.55 -96.90
C LYS X 15 -17.65 7.78 -98.40
N HIS X 16 -18.61 8.55 -98.90
CA HIS X 16 -18.83 8.67 -100.34
C HIS X 16 -17.86 9.60 -101.04
N TRP X 17 -16.83 10.11 -100.35
CA TRP X 17 -15.82 10.93 -100.99
C TRP X 17 -14.63 10.13 -101.49
N MET X 18 -14.59 8.82 -101.18
CA MET X 18 -13.55 7.88 -101.64
C MET X 18 -12.15 8.30 -101.18
N LEU X 19 -12.08 8.84 -99.96
CA LEU X 19 -10.80 9.30 -99.45
C LEU X 19 -9.99 8.14 -98.89
N ASP X 20 -8.72 8.38 -98.67
CA ASP X 20 -7.76 7.36 -98.26
C ASP X 20 -7.42 7.50 -96.79
N LYS X 21 -6.64 6.53 -96.31
CA LYS X 21 -6.13 6.54 -94.94
C LYS X 21 -4.64 6.85 -94.86
N LEU X 22 -3.90 6.64 -95.95
CA LEU X 22 -2.46 6.85 -95.96
C LEU X 22 -2.05 8.16 -96.62
N THR X 23 -2.96 8.78 -97.39
CA THR X 23 -2.61 9.97 -98.15
C THR X 23 -2.42 11.18 -97.25
N GLY X 24 -3.37 11.45 -96.37
CA GLY X 24 -3.28 12.61 -95.51
C GLY X 24 -4.05 12.44 -94.23
N VAL X 25 -3.86 13.39 -93.32
CA VAL X 25 -4.56 13.39 -92.04
C VAL X 25 -5.88 14.15 -92.15
N PHE X 26 -5.85 15.35 -92.71
CA PHE X 26 -7.03 16.20 -92.78
C PHE X 26 -7.74 16.01 -94.11
N ALA X 27 -9.05 16.00 -94.06
CA ALA X 27 -9.90 15.96 -95.23
C ALA X 27 -10.22 17.37 -95.70
N PRO X 28 -10.50 17.57 -97.00
CA PRO X 28 -10.95 18.89 -97.45
C PRO X 28 -12.33 19.24 -96.92
N ARG X 29 -12.39 20.18 -96.00
CA ARG X 29 -13.66 20.60 -95.44
C ARG X 29 -14.36 21.53 -96.44
N PRO X 30 -15.57 21.21 -96.87
CA PRO X 30 -16.26 22.08 -97.82
C PRO X 30 -16.70 23.38 -97.16
N SER X 31 -16.65 24.47 -97.92
CA SER X 31 -17.10 25.74 -97.42
C SER X 31 -18.63 25.77 -97.33
N THR X 32 -19.14 26.83 -96.71
CA THR X 32 -20.58 26.97 -96.58
C THR X 32 -21.20 27.31 -97.92
N GLY X 33 -22.34 26.70 -98.21
CA GLY X 33 -23.00 26.89 -99.48
C GLY X 33 -24.42 26.37 -99.49
N PRO X 34 -24.87 25.90 -100.67
CA PRO X 34 -26.27 25.45 -100.78
C PRO X 34 -26.52 24.07 -100.21
N HIS X 35 -25.49 23.27 -99.94
CA HIS X 35 -25.65 21.89 -99.53
C HIS X 35 -24.88 21.64 -98.24
N LYS X 36 -25.43 20.75 -97.42
CA LYS X 36 -24.78 20.40 -96.16
C LYS X 36 -23.59 19.49 -96.42
N LEU X 37 -22.77 19.28 -95.38
CA LEU X 37 -21.50 18.58 -95.53
C LEU X 37 -21.67 17.09 -95.81
N ARG X 38 -22.80 16.51 -95.43
CA ARG X 38 -23.04 15.09 -95.66
C ARG X 38 -23.62 14.81 -97.05
N GLU X 39 -24.10 15.83 -97.76
CA GLU X 39 -24.72 15.65 -99.06
C GLU X 39 -24.12 16.62 -100.08
N CYS X 40 -22.80 16.80 -100.04
CA CYS X 40 -22.12 17.66 -100.99
C CYS X 40 -20.88 16.94 -101.52
N LEU X 41 -20.16 17.62 -102.41
CA LEU X 41 -18.96 17.07 -103.03
C LEU X 41 -18.07 18.23 -103.44
N PRO X 42 -16.88 18.35 -102.85
CA PRO X 42 -16.02 19.51 -103.13
C PRO X 42 -15.41 19.46 -104.53
N LEU X 43 -14.97 20.64 -104.98
CA LEU X 43 -14.33 20.73 -106.30
C LEU X 43 -12.96 20.07 -106.32
N ILE X 44 -12.23 20.12 -105.20
CA ILE X 44 -10.92 19.47 -105.15
C ILE X 44 -11.09 17.96 -105.14
N VAL X 45 -12.19 17.44 -104.59
CA VAL X 45 -12.46 16.02 -104.67
C VAL X 45 -12.93 15.64 -106.07
N PHE X 46 -13.68 16.53 -106.71
CA PHE X 46 -14.17 16.27 -108.06
C PHE X 46 -13.05 16.28 -109.10
N LEU X 47 -12.02 17.11 -108.88
CA LEU X 47 -10.94 17.25 -109.85
C LEU X 47 -9.73 16.39 -109.51
N ARG X 48 -9.20 16.50 -108.29
CA ARG X 48 -7.97 15.79 -107.93
C ARG X 48 -8.23 14.30 -107.74
N ASN X 49 -9.31 13.95 -107.06
CA ASN X 49 -9.51 12.57 -106.65
C ASN X 49 -10.29 11.75 -107.67
N ARG X 50 -11.30 12.34 -108.32
CA ARG X 50 -12.20 11.55 -109.14
C ARG X 50 -11.79 11.54 -110.61
N LEU X 51 -11.74 12.70 -111.26
CA LEU X 51 -11.46 12.74 -112.68
C LEU X 51 -9.97 12.61 -113.01
N LYS X 52 -9.10 12.84 -112.03
CA LYS X 52 -7.64 12.79 -112.15
C LYS X 52 -7.15 13.77 -113.23
N TYR X 53 -7.39 15.05 -112.94
CA TYR X 53 -6.87 16.14 -113.75
C TYR X 53 -5.58 16.74 -113.20
N ALA X 54 -5.44 16.78 -111.88
CA ALA X 54 -4.22 17.25 -111.25
C ALA X 54 -3.87 16.33 -110.10
N LEU X 55 -2.58 16.01 -109.97
CA LEU X 55 -2.15 15.09 -108.92
C LEU X 55 -2.18 15.76 -107.55
N THR X 56 -1.63 16.97 -107.45
CA THR X 56 -1.62 17.68 -106.18
C THR X 56 -2.80 18.64 -106.09
N GLY X 57 -3.15 19.00 -104.86
CA GLY X 57 -4.23 19.95 -104.64
C GLY X 57 -3.85 21.39 -104.91
N ASP X 58 -2.55 21.70 -104.89
CA ASP X 58 -2.10 23.06 -105.19
C ASP X 58 -2.35 23.42 -106.65
N GLU X 59 -2.28 22.44 -107.55
CA GLU X 59 -2.58 22.70 -108.95
C GLU X 59 -4.07 22.98 -109.15
N VAL X 60 -4.92 22.29 -108.39
CA VAL X 60 -6.36 22.56 -108.42
C VAL X 60 -6.66 23.94 -107.86
N LYS X 61 -5.97 24.31 -106.76
CA LYS X 61 -6.11 25.64 -106.18
C LYS X 61 -5.62 26.73 -107.14
N LYS X 62 -4.62 26.42 -107.97
CA LYS X 62 -4.18 27.38 -108.98
C LYS X 62 -5.18 27.51 -110.11
N ILE X 63 -5.74 26.41 -110.60
CA ILE X 63 -6.60 26.52 -111.77
C ILE X 63 -7.99 27.06 -111.42
N CYS X 64 -8.48 26.80 -110.21
CA CYS X 64 -9.79 27.32 -109.83
C CYS X 64 -9.76 28.83 -109.60
N MET X 65 -8.58 29.41 -109.44
CA MET X 65 -8.43 30.85 -109.43
C MET X 65 -7.83 31.39 -110.72
N GLN X 66 -7.35 30.51 -111.61
CA GLN X 66 -7.11 30.84 -113.01
C GLN X 66 -8.35 30.68 -113.87
N ARG X 67 -9.52 30.48 -113.23
CA ARG X 67 -10.83 30.82 -113.81
C ARG X 67 -11.24 29.86 -114.92
N PHE X 68 -10.92 28.58 -114.77
CA PHE X 68 -11.38 27.59 -115.73
C PHE X 68 -12.71 26.97 -115.29
N ILE X 69 -12.76 26.47 -114.06
CA ILE X 69 -13.90 25.68 -113.60
C ILE X 69 -15.01 26.62 -113.15
N LYS X 70 -16.20 26.45 -113.72
CA LYS X 70 -17.37 27.19 -113.29
C LYS X 70 -18.50 26.24 -112.92
N ILE X 71 -19.35 26.69 -112.00
CA ILE X 71 -20.48 25.93 -111.50
C ILE X 71 -21.74 26.70 -111.82
N ASP X 72 -22.66 26.07 -112.55
CA ASP X 72 -24.01 26.58 -112.85
C ASP X 72 -23.99 27.89 -113.62
N GLY X 73 -22.92 28.13 -114.39
CA GLY X 73 -22.80 29.30 -115.25
C GLY X 73 -21.74 30.30 -114.80
N LYS X 74 -21.56 30.46 -113.49
CA LYS X 74 -20.61 31.44 -112.97
C LYS X 74 -19.41 30.73 -112.36
N VAL X 75 -18.29 31.43 -112.35
CA VAL X 75 -17.00 30.86 -111.99
C VAL X 75 -16.83 30.91 -110.48
N ARG X 76 -16.42 29.80 -109.88
CA ARG X 76 -16.17 29.72 -108.44
C ARG X 76 -14.68 29.80 -108.18
N VAL X 77 -14.29 30.70 -107.27
CA VAL X 77 -12.89 30.90 -106.94
C VAL X 77 -12.40 29.96 -105.84
N ASP X 78 -13.29 29.19 -105.23
CA ASP X 78 -12.95 28.38 -104.06
C ASP X 78 -12.60 26.97 -104.50
N VAL X 79 -11.51 26.44 -103.95
CA VAL X 79 -11.11 25.07 -104.24
C VAL X 79 -11.99 24.06 -103.50
N THR X 80 -12.62 24.46 -102.41
CA THR X 80 -13.49 23.59 -101.62
C THR X 80 -14.93 24.09 -101.63
N TYR X 81 -15.40 24.52 -102.80
CA TYR X 81 -16.79 24.94 -102.93
C TYR X 81 -17.69 23.72 -102.95
N PRO X 82 -18.78 23.72 -102.18
CA PRO X 82 -19.66 22.54 -102.15
C PRO X 82 -20.50 22.44 -103.41
N ALA X 83 -20.66 21.21 -103.89
CA ALA X 83 -21.45 20.94 -105.09
C ALA X 83 -22.19 19.63 -104.86
N GLY X 84 -23.47 19.74 -104.50
CA GLY X 84 -24.27 18.58 -104.13
C GLY X 84 -24.93 17.92 -105.30
N PHE X 85 -26.11 17.36 -105.03
CA PHE X 85 -26.84 16.61 -106.05
C PHE X 85 -27.45 17.56 -107.09
N MET X 86 -27.39 17.12 -108.35
CA MET X 86 -27.96 17.82 -109.52
C MET X 86 -27.34 19.21 -109.69
N ASP X 87 -26.04 19.19 -109.98
CA ASP X 87 -25.27 20.40 -110.26
C ASP X 87 -24.54 20.24 -111.57
N VAL X 88 -24.62 21.26 -112.42
CA VAL X 88 -24.01 21.23 -113.75
C VAL X 88 -22.59 21.76 -113.64
N ILE X 89 -21.61 20.94 -114.03
CA ILE X 89 -20.20 21.31 -113.99
C ILE X 89 -19.69 21.35 -115.43
N SER X 90 -19.23 22.51 -115.86
CA SER X 90 -18.73 22.69 -117.21
C SER X 90 -17.43 23.48 -117.18
N ILE X 91 -16.42 23.03 -117.95
CA ILE X 91 -15.21 23.82 -118.04
C ILE X 91 -14.89 24.09 -119.51
N GLU X 92 -15.59 25.05 -120.11
CA GLU X 92 -15.09 26.11 -121.01
C GLU X 92 -14.18 25.75 -122.18
N LYS X 93 -13.79 24.51 -122.37
CA LYS X 93 -12.87 24.30 -123.49
C LYS X 93 -13.26 23.13 -124.38
N THR X 94 -13.73 22.02 -123.79
CA THR X 94 -14.11 20.85 -124.56
C THR X 94 -15.55 20.47 -124.20
N GLY X 95 -16.00 19.30 -124.64
CA GLY X 95 -17.29 18.84 -124.20
C GLY X 95 -17.15 18.09 -122.89
N GLU X 96 -17.33 18.82 -121.80
CA GLU X 96 -17.23 18.29 -120.44
C GLU X 96 -18.33 18.96 -119.64
N HIS X 97 -19.49 18.31 -119.59
CA HIS X 97 -20.68 18.84 -118.92
C HIS X 97 -21.14 17.76 -117.95
N PHE X 98 -20.63 17.81 -116.73
CA PHE X 98 -20.83 16.76 -115.75
C PHE X 98 -22.06 17.01 -114.91
N ARG X 99 -22.86 15.96 -114.72
CA ARG X 99 -24.00 15.98 -113.80
C ARG X 99 -23.65 15.19 -112.55
N LEU X 100 -23.92 15.78 -111.39
CA LEU X 100 -23.64 15.12 -110.12
C LEU X 100 -24.87 14.31 -109.69
N VAL X 101 -25.05 13.20 -110.38
CA VAL X 101 -26.09 12.24 -110.04
C VAL X 101 -25.48 11.18 -109.15
N TYR X 102 -26.34 10.43 -108.46
CA TYR X 102 -25.87 9.46 -107.48
C TYR X 102 -25.72 8.08 -108.12
N ASP X 103 -24.61 7.43 -107.79
CA ASP X 103 -24.39 6.05 -108.18
C ASP X 103 -25.32 5.13 -107.39
N THR X 104 -25.52 3.91 -107.90
CA THR X 104 -26.34 2.94 -107.20
C THR X 104 -25.74 2.54 -105.86
N LYS X 105 -24.41 2.54 -105.76
CA LYS X 105 -23.75 2.25 -104.49
C LYS X 105 -23.71 3.46 -103.56
N GLY X 106 -24.11 4.64 -104.04
CA GLY X 106 -24.12 5.84 -103.24
C GLY X 106 -23.06 6.86 -103.60
N ARG X 107 -22.24 6.60 -104.60
CA ARG X 107 -21.17 7.51 -104.98
C ARG X 107 -21.71 8.58 -105.93
N PHE X 108 -20.81 9.48 -106.35
CA PHE X 108 -21.15 10.53 -107.30
C PHE X 108 -20.77 10.05 -108.69
N ALA X 109 -21.75 9.56 -109.44
CA ALA X 109 -21.49 9.02 -110.76
C ALA X 109 -21.38 10.16 -111.78
N VAL X 110 -20.29 10.15 -112.56
CA VAL X 110 -20.11 11.18 -113.56
C VAL X 110 -21.05 10.93 -114.74
N HIS X 111 -21.48 12.00 -115.38
CA HIS X 111 -22.43 11.91 -116.48
C HIS X 111 -22.22 13.11 -117.39
N ARG X 112 -21.60 12.88 -118.55
CA ARG X 112 -21.37 13.94 -119.52
C ARG X 112 -22.61 14.11 -120.40
N ILE X 113 -23.10 15.34 -120.49
CA ILE X 113 -24.37 15.62 -121.13
C ILE X 113 -24.15 16.62 -122.27
N THR X 114 -25.00 16.55 -123.28
CA THR X 114 -24.97 17.48 -124.40
C THR X 114 -25.37 18.87 -123.92
N VAL X 115 -24.91 19.91 -124.64
CA VAL X 115 -25.07 21.29 -124.22
C VAL X 115 -26.53 21.73 -124.19
N GLU X 116 -27.39 21.13 -125.03
CA GLU X 116 -28.79 21.51 -125.08
C GLU X 116 -29.55 21.08 -123.84
N GLU X 117 -29.07 20.07 -123.12
CA GLU X 117 -29.58 19.74 -121.80
C GLU X 117 -28.72 20.32 -120.69
N ALA X 118 -27.45 20.62 -120.96
CA ALA X 118 -26.58 21.23 -119.96
C ALA X 118 -26.93 22.68 -119.70
N LYS X 119 -27.64 23.33 -120.62
CA LYS X 119 -28.14 24.68 -120.37
C LYS X 119 -29.17 24.70 -119.25
N TYR X 120 -29.95 23.64 -119.10
CA TYR X 120 -31.05 23.58 -118.14
C TYR X 120 -30.64 22.80 -116.89
N LYS X 121 -31.56 22.75 -115.93
CA LYS X 121 -31.30 22.19 -114.60
C LYS X 121 -32.64 21.97 -113.89
N LEU X 122 -32.77 20.81 -113.23
CA LEU X 122 -33.89 20.57 -112.34
C LEU X 122 -33.49 20.89 -110.91
N CYS X 123 -34.48 21.22 -110.08
CA CYS X 123 -34.22 21.51 -108.67
C CYS X 123 -35.49 21.29 -107.86
N LYS X 124 -35.33 20.79 -106.65
CA LYS X 124 -36.46 20.51 -105.77
C LYS X 124 -36.79 21.72 -104.92
N VAL X 125 -38.08 22.07 -104.87
CA VAL X 125 -38.55 23.11 -103.97
C VAL X 125 -38.39 22.64 -102.52
N ARG X 126 -37.74 23.47 -101.69
CA ARG X 126 -37.66 23.18 -100.27
C ARG X 126 -38.89 23.68 -99.52
N LYS X 127 -39.28 24.94 -99.73
CA LYS X 127 -40.50 25.45 -99.12
C LYS X 127 -41.01 26.64 -99.93
N ILE X 128 -42.20 27.10 -99.56
CA ILE X 128 -42.85 28.23 -100.20
C ILE X 128 -43.44 29.13 -99.12
N THR X 129 -43.40 30.44 -99.35
CA THR X 129 -43.87 31.39 -98.36
C THR X 129 -44.32 32.66 -99.07
N VAL X 130 -44.76 33.64 -98.30
CA VAL X 130 -45.08 34.97 -98.80
C VAL X 130 -44.23 35.99 -98.06
N GLY X 131 -43.94 37.11 -98.72
CA GLY X 131 -43.01 38.10 -98.22
C GLY X 131 -43.59 39.50 -98.29
N VAL X 132 -42.70 40.46 -98.62
CA VAL X 132 -43.03 41.87 -98.54
C VAL X 132 -44.02 42.24 -99.64
N LYS X 133 -45.07 42.98 -99.26
CA LYS X 133 -46.14 43.46 -100.14
C LYS X 133 -46.92 42.31 -100.78
N GLY X 134 -47.01 41.19 -100.07
CA GLY X 134 -47.84 40.07 -100.50
C GLY X 134 -47.36 39.34 -101.73
N ILE X 135 -46.06 39.13 -101.87
CA ILE X 135 -45.52 38.44 -103.04
C ILE X 135 -45.12 37.03 -102.62
N PRO X 136 -45.19 36.05 -103.50
CA PRO X 136 -44.76 34.69 -103.12
C PRO X 136 -43.27 34.48 -103.34
N HIS X 137 -42.64 33.83 -102.35
CA HIS X 137 -41.25 33.42 -102.43
C HIS X 137 -41.17 31.90 -102.41
N LEU X 138 -40.16 31.37 -103.08
CA LEU X 138 -39.89 29.95 -103.15
C LEU X 138 -38.43 29.71 -102.76
N VAL X 139 -38.23 28.87 -101.76
CA VAL X 139 -36.90 28.47 -101.31
C VAL X 139 -36.61 27.08 -101.85
N THR X 140 -35.47 26.95 -102.52
CA THR X 140 -35.00 25.73 -103.15
C THR X 140 -33.91 25.10 -102.29
N HIS X 141 -33.74 23.78 -102.39
CA HIS X 141 -32.64 23.12 -101.70
C HIS X 141 -31.28 23.52 -102.26
N ASP X 142 -31.23 24.10 -103.47
CA ASP X 142 -30.04 24.67 -104.06
C ASP X 142 -29.79 26.12 -103.58
N ALA X 143 -30.46 26.51 -102.48
CA ALA X 143 -30.39 27.85 -101.88
C ALA X 143 -30.80 28.94 -102.87
N ARG X 144 -31.81 28.65 -103.68
CA ARG X 144 -32.37 29.61 -104.61
C ARG X 144 -33.68 30.14 -104.03
N THR X 145 -33.70 31.44 -103.73
CA THR X 145 -34.91 32.10 -103.23
C THR X 145 -35.44 32.98 -104.35
N ILE X 146 -36.53 32.55 -104.98
CA ILE X 146 -37.04 33.21 -106.18
C ILE X 146 -38.43 33.77 -105.88
N ARG X 147 -38.71 34.94 -106.44
CA ARG X 147 -39.99 35.61 -106.22
C ARG X 147 -40.91 35.49 -107.43
N TYR X 148 -42.20 35.64 -107.15
CA TYR X 148 -43.29 35.42 -108.09
C TYR X 148 -43.19 34.10 -108.87
N PRO X 149 -43.10 32.93 -108.19
CA PRO X 149 -42.85 31.69 -108.95
C PRO X 149 -44.01 31.22 -109.82
N ASP X 150 -45.12 30.85 -109.17
CA ASP X 150 -46.35 30.25 -109.68
C ASP X 150 -47.31 30.06 -108.50
N PRO X 151 -48.63 30.01 -108.73
CA PRO X 151 -49.55 29.69 -107.62
C PRO X 151 -49.78 28.20 -107.39
N VAL X 152 -49.34 27.32 -108.29
CA VAL X 152 -49.73 25.91 -108.25
C VAL X 152 -48.47 25.09 -107.98
N ILE X 153 -47.63 25.56 -107.07
CA ILE X 153 -46.42 24.84 -106.68
C ILE X 153 -46.59 24.36 -105.24
N LYS X 154 -46.72 23.04 -105.06
CA LYS X 154 -46.68 22.40 -103.76
C LYS X 154 -45.25 22.47 -103.21
N VAL X 155 -45.14 22.29 -101.88
CA VAL X 155 -43.86 22.38 -101.18
C VAL X 155 -42.88 21.33 -101.70
N ASN X 156 -43.35 20.10 -101.91
CA ASN X 156 -42.50 19.03 -102.43
C ASN X 156 -42.72 18.85 -103.92
N ASP X 157 -42.25 19.82 -104.70
CA ASP X 157 -42.27 19.71 -106.15
C ASP X 157 -40.86 19.80 -106.72
N THR X 158 -40.75 19.52 -108.01
CA THR X 158 -39.48 19.66 -108.73
C THR X 158 -39.70 20.57 -109.92
N VAL X 159 -38.94 21.66 -109.99
CA VAL X 159 -39.10 22.68 -111.01
C VAL X 159 -37.82 22.77 -111.82
N GLN X 160 -37.95 22.82 -113.14
CA GLN X 160 -36.80 23.06 -114.00
C GLN X 160 -36.37 24.51 -113.89
N ILE X 161 -35.07 24.75 -113.74
CA ILE X 161 -34.53 26.09 -113.60
C ILE X 161 -33.53 26.34 -114.72
N ASP X 162 -33.55 27.56 -115.27
CA ASP X 162 -32.60 27.95 -116.29
C ASP X 162 -31.36 28.53 -115.62
N LEU X 163 -30.20 28.28 -116.23
CA LEU X 163 -28.95 28.77 -115.66
C LEU X 163 -28.59 30.15 -116.20
N GLY X 164 -29.01 30.47 -117.43
CA GLY X 164 -28.66 31.75 -118.03
C GLY X 164 -29.44 32.92 -117.47
N THR X 165 -30.73 32.70 -117.20
CA THR X 165 -31.60 33.76 -116.71
C THR X 165 -32.13 33.55 -115.31
N GLY X 166 -32.07 32.33 -114.77
CA GLY X 166 -32.66 32.07 -113.47
C GLY X 166 -34.16 31.99 -113.50
N LYS X 167 -34.74 31.58 -114.62
CA LYS X 167 -36.18 31.52 -114.80
C LYS X 167 -36.66 30.09 -114.58
N ILE X 168 -37.81 29.95 -113.92
CA ILE X 168 -38.38 28.64 -113.66
C ILE X 168 -39.29 28.24 -114.83
N ILE X 169 -39.44 26.93 -114.99
CA ILE X 169 -40.33 26.35 -116.00
C ILE X 169 -40.58 24.91 -115.57
N ASN X 170 -41.69 24.33 -116.06
CA ASN X 170 -41.93 22.89 -116.11
C ASN X 170 -41.94 22.25 -114.72
N PHE X 171 -42.87 22.69 -113.89
CA PHE X 171 -43.00 22.14 -112.56
C PHE X 171 -43.69 20.78 -112.61
N ILE X 172 -43.19 19.83 -111.82
CA ILE X 172 -43.82 18.53 -111.67
C ILE X 172 -44.08 18.28 -110.19
N LYS X 173 -45.25 17.72 -109.89
CA LYS X 173 -45.77 17.62 -108.55
C LYS X 173 -45.48 16.25 -107.95
N PHE X 174 -45.67 16.16 -106.63
CA PHE X 174 -45.51 14.92 -105.90
C PHE X 174 -46.80 14.13 -106.04
N ASP X 175 -46.83 13.20 -107.00
CA ASP X 175 -48.04 12.46 -107.30
C ASP X 175 -47.67 11.00 -107.51
N THR X 176 -48.64 10.11 -107.24
CA THR X 176 -48.45 8.69 -107.47
C THR X 176 -48.34 8.40 -108.95
N GLY X 177 -47.17 7.94 -109.38
CA GLY X 177 -46.90 7.68 -110.78
C GLY X 177 -45.71 8.44 -111.35
N ASN X 178 -45.08 9.32 -110.58
CA ASN X 178 -43.94 10.08 -111.06
C ASN X 178 -42.64 9.37 -110.67
N LEU X 179 -41.67 9.38 -111.59
CA LEU X 179 -40.39 8.75 -111.34
C LEU X 179 -39.56 9.63 -110.41
N CYS X 180 -39.14 9.07 -109.29
CA CYS X 180 -38.34 9.79 -108.30
C CYS X 180 -36.99 9.10 -108.12
N MET X 181 -36.08 9.83 -107.48
CA MET X 181 -34.73 9.35 -107.21
C MET X 181 -34.39 9.68 -105.77
N VAL X 182 -34.05 8.65 -104.99
CA VAL X 182 -33.79 8.80 -103.56
C VAL X 182 -32.40 9.40 -103.39
N ILE X 183 -32.31 10.46 -102.59
CA ILE X 183 -31.08 11.23 -102.43
C ILE X 183 -30.49 11.12 -101.05
N GLY X 184 -30.96 10.20 -100.22
CA GLY X 184 -30.41 10.06 -98.88
C GLY X 184 -30.78 8.73 -98.27
N GLY X 185 -30.25 8.49 -97.08
CA GLY X 185 -30.54 7.27 -96.36
C GLY X 185 -29.74 6.08 -96.87
N ALA X 186 -30.20 4.89 -96.47
CA ALA X 186 -29.53 3.66 -96.83
C ALA X 186 -29.79 3.24 -98.27
N ASN X 187 -30.79 3.80 -98.93
CA ASN X 187 -31.15 3.46 -100.30
C ASN X 187 -30.97 4.66 -101.23
N LEU X 188 -29.88 5.39 -101.08
CA LEU X 188 -29.64 6.56 -101.91
C LEU X 188 -29.23 6.12 -103.32
N GLY X 189 -29.59 6.95 -104.30
CA GLY X 189 -29.39 6.60 -105.69
C GLY X 189 -30.41 5.66 -106.27
N ARG X 190 -31.42 5.28 -105.51
CA ARG X 190 -32.46 4.37 -105.97
C ARG X 190 -33.47 5.13 -106.83
N VAL X 191 -33.69 4.66 -108.05
CA VAL X 191 -34.59 5.32 -108.99
C VAL X 191 -35.83 4.46 -109.14
N GLY X 192 -36.99 5.03 -108.81
CA GLY X 192 -38.22 4.26 -108.87
C GLY X 192 -39.44 5.13 -108.93
N VAL X 193 -40.54 4.53 -109.40
CA VAL X 193 -41.81 5.23 -109.53
C VAL X 193 -42.49 5.28 -108.16
N ILE X 194 -43.02 6.44 -107.80
CA ILE X 194 -43.72 6.62 -106.53
C ILE X 194 -45.01 5.80 -106.54
N THR X 195 -45.11 4.86 -105.60
CA THR X 195 -46.22 3.92 -105.56
C THR X 195 -47.26 4.27 -104.50
N ASN X 196 -46.83 4.49 -103.25
CA ASN X 196 -47.81 4.72 -102.18
C ASN X 196 -47.19 5.61 -101.13
N ARG X 197 -47.77 6.78 -100.90
CA ARG X 197 -47.40 7.62 -99.79
C ARG X 197 -48.27 7.30 -98.58
N GLU X 198 -47.67 7.41 -97.40
CA GLU X 198 -48.37 7.19 -96.14
C GLU X 198 -48.05 8.37 -95.22
N ARG X 199 -49.09 9.13 -94.88
CA ARG X 199 -48.94 10.31 -94.05
C ARG X 199 -48.98 9.93 -92.58
N HIS X 200 -48.29 10.73 -91.76
CA HIS X 200 -48.31 10.56 -90.33
C HIS X 200 -48.33 11.94 -89.66
N PRO X 201 -49.06 12.08 -88.55
CA PRO X 201 -49.09 13.39 -87.86
C PRO X 201 -47.80 13.75 -87.15
N GLY X 202 -46.80 12.87 -87.10
CA GLY X 202 -45.56 13.17 -86.43
C GLY X 202 -44.53 13.86 -87.30
N SER X 203 -45.00 14.71 -88.21
CA SER X 203 -44.22 15.61 -89.07
C SER X 203 -43.29 14.88 -90.04
N PHE X 204 -43.42 13.57 -90.20
CA PHE X 204 -42.60 12.83 -91.15
C PHE X 204 -43.43 11.71 -91.75
N ASP X 205 -43.45 11.64 -93.09
CA ASP X 205 -44.29 10.72 -93.82
C ASP X 205 -43.42 9.78 -94.63
N VAL X 206 -43.90 8.55 -94.84
CA VAL X 206 -43.09 7.54 -95.52
C VAL X 206 -43.66 7.30 -96.91
N VAL X 207 -42.80 6.85 -97.81
CA VAL X 207 -43.18 6.62 -99.21
C VAL X 207 -42.61 5.29 -99.67
N HIS X 208 -43.47 4.39 -100.12
CA HIS X 208 -43.07 3.17 -100.79
C HIS X 208 -43.01 3.41 -102.28
N VAL X 209 -41.88 3.06 -102.90
CA VAL X 209 -41.68 3.21 -104.34
C VAL X 209 -41.42 1.83 -104.94
N LYS X 210 -41.74 1.72 -106.23
CA LYS X 210 -41.45 0.53 -107.01
C LYS X 210 -40.74 0.95 -108.29
N ASP X 211 -39.87 0.08 -108.79
CA ASP X 211 -39.21 0.31 -110.07
C ASP X 211 -39.41 -0.93 -110.94
N ALA X 212 -38.67 -0.99 -112.04
CA ALA X 212 -38.77 -2.08 -113.00
C ALA X 212 -38.30 -3.40 -112.40
N ASN X 213 -38.53 -4.48 -113.16
CA ASN X 213 -38.32 -5.91 -112.88
C ASN X 213 -38.72 -6.35 -111.47
N GLY X 214 -39.80 -5.77 -110.95
CA GLY X 214 -40.41 -6.22 -109.71
C GLY X 214 -39.60 -6.00 -108.44
N ASN X 215 -39.34 -4.73 -108.09
CA ASN X 215 -38.63 -4.41 -106.87
C ASN X 215 -39.27 -3.17 -106.24
N SER X 216 -39.31 -3.16 -104.90
CA SER X 216 -39.95 -2.11 -104.13
C SER X 216 -39.11 -1.78 -102.90
N PHE X 217 -39.09 -0.50 -102.53
CA PHE X 217 -38.38 -0.04 -101.35
C PHE X 217 -39.18 1.07 -100.69
N ALA X 218 -38.66 1.58 -99.57
CA ALA X 218 -39.33 2.63 -98.82
C ALA X 218 -38.32 3.68 -98.40
N THR X 219 -38.80 4.91 -98.25
CA THR X 219 -37.96 6.03 -97.87
C THR X 219 -38.82 7.09 -97.20
N ARG X 220 -38.21 8.24 -96.89
CA ARG X 220 -38.89 9.35 -96.22
C ARG X 220 -38.89 10.55 -97.14
N LEU X 221 -39.75 11.53 -96.83
CA LEU X 221 -39.95 12.68 -97.72
C LEU X 221 -38.75 13.61 -97.78
N SER X 222 -37.86 13.56 -96.79
CA SER X 222 -36.66 14.38 -96.83
C SER X 222 -35.58 13.81 -97.73
N ASN X 223 -35.82 12.67 -98.37
CA ASN X 223 -34.85 12.00 -99.23
C ASN X 223 -35.49 11.57 -100.54
N ILE X 224 -36.36 12.42 -101.10
CA ILE X 224 -37.05 12.12 -102.34
C ILE X 224 -36.85 13.29 -103.30
N PHE X 225 -36.35 12.99 -104.49
CA PHE X 225 -36.20 13.97 -105.56
C PHE X 225 -36.94 13.44 -106.78
N VAL X 226 -38.02 14.12 -107.17
CA VAL X 226 -38.77 13.72 -108.35
C VAL X 226 -37.96 14.05 -109.59
N ILE X 227 -37.77 13.05 -110.45
CA ILE X 227 -36.92 13.20 -111.62
C ILE X 227 -37.69 13.06 -112.94
N GLY X 228 -38.83 12.36 -112.96
CA GLY X 228 -39.53 12.13 -114.21
C GLY X 228 -41.03 12.28 -114.14
N ASN X 229 -41.71 11.85 -115.20
CA ASN X 229 -43.17 11.91 -115.28
C ASN X 229 -43.63 10.63 -115.98
N GLY X 230 -43.93 9.60 -115.19
CA GLY X 230 -44.43 8.35 -115.71
C GLY X 230 -43.45 7.57 -116.56
N ASN X 231 -42.35 7.11 -115.94
CA ASN X 231 -41.26 6.36 -116.59
C ASN X 231 -40.63 7.16 -117.73
N LYS X 232 -40.58 8.49 -117.58
CA LYS X 232 -39.97 9.37 -118.56
C LYS X 232 -39.13 10.38 -117.82
N PRO X 233 -37.86 10.07 -117.55
CA PRO X 233 -37.01 10.99 -116.79
C PRO X 233 -36.60 12.19 -117.63
N TRP X 234 -36.68 13.38 -117.02
CA TRP X 234 -36.29 14.60 -117.71
C TRP X 234 -34.78 14.70 -117.86
N ILE X 235 -34.02 14.01 -117.03
CA ILE X 235 -32.56 13.98 -117.12
C ILE X 235 -32.14 12.55 -117.43
N SER X 236 -31.30 12.39 -118.45
CA SER X 236 -30.78 11.07 -118.79
C SER X 236 -29.80 10.62 -117.71
N LEU X 237 -30.04 9.44 -117.16
CA LEU X 237 -29.26 8.94 -116.04
C LEU X 237 -28.32 7.84 -116.50
N PRO X 238 -27.05 7.88 -116.11
CA PRO X 238 -26.08 6.94 -116.68
C PRO X 238 -26.18 5.54 -116.09
N ARG X 239 -25.60 4.59 -116.82
CA ARG X 239 -25.47 3.17 -116.45
C ARG X 239 -26.85 2.54 -116.20
N GLY X 240 -27.65 2.51 -117.28
CA GLY X 240 -28.99 2.00 -117.16
C GLY X 240 -29.92 2.99 -116.46
N LYS X 241 -30.91 2.45 -115.78
CA LYS X 241 -31.84 3.27 -115.01
C LYS X 241 -31.37 3.54 -113.59
N GLY X 242 -30.18 3.07 -113.22
CA GLY X 242 -29.69 3.24 -111.87
C GLY X 242 -30.40 2.33 -110.89
N ILE X 243 -30.20 1.03 -111.05
CA ILE X 243 -30.88 0.02 -110.24
C ILE X 243 -29.84 -0.86 -109.55
N ARG X 244 -30.04 -1.11 -108.26
CA ARG X 244 -29.27 -2.08 -107.50
C ARG X 244 -29.92 -3.44 -107.69
N LEU X 245 -29.26 -4.33 -108.43
CA LEU X 245 -29.90 -5.62 -108.74
C LEU X 245 -29.77 -6.58 -107.55
N THR X 246 -28.55 -7.02 -107.25
CA THR X 246 -28.15 -7.96 -106.21
C THR X 246 -26.63 -7.97 -106.24
N VAL X 247 -26.01 -8.18 -105.07
CA VAL X 247 -24.57 -8.39 -104.99
C VAL X 247 -24.16 -9.62 -105.81
N ALA X 248 -24.99 -10.67 -105.76
CA ALA X 248 -24.72 -11.88 -106.54
C ALA X 248 -24.87 -11.61 -108.04
N GLU X 249 -25.85 -10.78 -108.43
CA GLU X 249 -25.97 -10.41 -109.83
C GLU X 249 -24.81 -9.51 -110.28
N GLU X 250 -24.27 -8.71 -109.37
CA GLU X 250 -23.08 -7.91 -109.68
C GLU X 250 -21.88 -8.81 -109.89
N ARG X 251 -21.73 -9.85 -109.06
CA ARG X 251 -20.66 -10.82 -109.25
C ARG X 251 -20.84 -11.60 -110.55
N ASP X 252 -22.09 -11.90 -110.91
CA ASP X 252 -22.34 -12.57 -112.20
C ASP X 252 -22.02 -11.66 -113.37
N LYS X 253 -22.27 -10.36 -113.23
CA LYS X 253 -21.91 -9.39 -114.27
C LYS X 253 -20.39 -9.28 -114.39
N ARG X 254 -19.68 -9.31 -113.26
CA ARG X 254 -18.22 -9.28 -113.30
C ARG X 254 -17.64 -10.56 -113.90
N LEU X 255 -18.29 -11.70 -113.68
CA LEU X 255 -17.84 -12.94 -114.32
C LEU X 255 -18.18 -12.94 -115.81
N ALA X 256 -19.27 -12.30 -116.21
CA ALA X 256 -19.60 -12.19 -117.62
C ALA X 256 -18.66 -11.25 -118.35
N THR X 257 -18.18 -10.20 -117.65
CA THR X 257 -17.26 -9.14 -118.10
C THR X 257 -17.41 -8.65 -119.55
N MET Y 1 17.26 69.72 -63.67
CA MET Y 1 16.02 69.13 -64.19
C MET Y 1 15.84 69.50 -65.65
N LYS Y 2 15.62 68.51 -66.53
CA LYS Y 2 15.63 68.78 -67.96
C LYS Y 2 14.29 69.38 -68.40
N LEU Y 3 14.36 70.46 -69.16
CA LEU Y 3 13.20 71.07 -69.77
C LEU Y 3 13.30 70.92 -71.28
N ASN Y 4 12.35 70.17 -71.85
CA ASN Y 4 12.19 70.12 -73.30
C ASN Y 4 11.31 71.29 -73.70
N ILE Y 5 11.74 72.04 -74.71
CA ILE Y 5 11.09 73.26 -75.16
C ILE Y 5 10.71 73.07 -76.61
N SER Y 6 9.46 73.40 -76.96
CA SER Y 6 8.96 73.26 -78.31
C SER Y 6 8.50 74.60 -78.83
N PHE Y 7 8.81 74.86 -80.10
CA PHE Y 7 8.34 76.06 -80.78
C PHE Y 7 7.31 75.64 -81.82
N PRO Y 8 6.01 75.70 -81.53
CA PRO Y 8 5.02 75.17 -82.48
C PRO Y 8 4.85 76.02 -83.73
N ALA Y 9 5.06 77.33 -83.64
CA ALA Y 9 5.01 78.16 -84.84
C ALA Y 9 6.24 77.98 -85.72
N THR Y 10 7.37 77.62 -85.12
CA THR Y 10 8.60 77.39 -85.86
C THR Y 10 8.77 75.91 -86.24
N GLY Y 11 8.69 75.02 -85.26
CA GLY Y 11 8.81 73.61 -85.53
C GLY Y 11 10.13 73.00 -85.11
N CYS Y 12 10.64 73.38 -83.94
CA CYS Y 12 11.91 72.84 -83.46
C CYS Y 12 11.85 72.66 -81.95
N GLN Y 13 12.87 71.96 -81.44
CA GLN Y 13 12.96 71.50 -80.06
C GLN Y 13 14.25 72.00 -79.43
N LYS Y 14 14.28 71.95 -78.10
CA LYS Y 14 15.42 72.41 -77.33
C LYS Y 14 15.41 71.68 -75.99
N LEU Y 15 16.58 71.48 -75.40
CA LEU Y 15 16.67 70.89 -74.06
C LEU Y 15 17.57 71.75 -73.20
N ILE Y 16 17.03 72.31 -72.13
CA ILE Y 16 17.80 73.11 -71.19
C ILE Y 16 17.75 72.46 -69.82
N GLU Y 17 18.49 73.03 -68.87
CA GLU Y 17 18.68 72.45 -67.56
C GLU Y 17 18.27 73.44 -66.47
N VAL Y 18 17.53 72.95 -65.48
CA VAL Y 18 17.21 73.70 -64.27
C VAL Y 18 18.31 73.42 -63.25
N ASP Y 19 18.95 74.48 -62.77
CA ASP Y 19 20.04 74.41 -61.82
C ASP Y 19 19.66 74.92 -60.44
N ASP Y 20 18.95 76.04 -60.36
CA ASP Y 20 18.62 76.68 -59.10
C ASP Y 20 17.12 76.60 -58.81
N GLU Y 21 16.77 76.90 -57.56
CA GLU Y 21 15.37 76.88 -57.13
C GLU Y 21 14.58 78.07 -57.66
N ARG Y 22 15.25 79.14 -58.09
CA ARG Y 22 14.55 80.27 -58.69
C ARG Y 22 13.97 79.93 -60.06
N LYS Y 23 14.54 78.94 -60.75
CA LYS Y 23 13.97 78.43 -61.98
C LYS Y 23 12.91 77.36 -61.70
N LEU Y 24 12.91 76.78 -60.50
CA LEU Y 24 11.98 75.72 -60.13
C LEU Y 24 10.67 76.23 -59.55
N ARG Y 25 10.74 77.27 -58.71
CA ARG Y 25 9.56 77.71 -57.97
C ARG Y 25 8.48 78.37 -58.82
N THR Y 26 8.77 78.70 -60.08
CA THR Y 26 7.74 79.27 -60.95
C THR Y 26 6.82 78.22 -61.54
N PHE Y 27 7.14 76.94 -61.37
CA PHE Y 27 6.36 75.85 -61.96
C PHE Y 27 5.71 74.96 -60.92
N TYR Y 28 5.68 75.37 -59.66
CA TYR Y 28 5.06 74.58 -58.60
C TYR Y 28 3.55 74.75 -58.63
N GLU Y 29 2.83 73.64 -58.43
CA GLU Y 29 1.37 73.54 -58.40
C GLU Y 29 0.78 74.06 -59.72
N LYS Y 30 1.06 73.30 -60.77
CA LYS Y 30 0.56 73.59 -62.10
C LYS Y 30 -0.17 72.37 -62.64
N ARG Y 31 -1.27 72.62 -63.35
CA ARG Y 31 -2.05 71.55 -63.96
C ARG Y 31 -1.53 71.30 -65.38
N MET Y 32 -2.28 70.54 -66.16
CA MET Y 32 -1.91 70.26 -67.53
C MET Y 32 -2.44 71.36 -68.45
N ALA Y 33 -1.59 71.77 -69.41
CA ALA Y 33 -1.91 72.78 -70.43
C ALA Y 33 -2.33 74.11 -69.81
N THR Y 34 -1.56 74.56 -68.83
CA THR Y 34 -1.80 75.85 -68.19
C THR Y 34 -0.90 76.91 -68.82
N GLU Y 35 -1.44 78.12 -68.95
CA GLU Y 35 -0.72 79.22 -69.60
C GLU Y 35 0.13 79.91 -68.54
N VAL Y 36 1.39 79.50 -68.44
CA VAL Y 36 2.31 79.98 -67.42
C VAL Y 36 3.30 80.94 -68.06
N ALA Y 37 3.38 82.16 -67.52
CA ALA Y 37 4.33 83.14 -68.01
C ALA Y 37 5.71 82.90 -67.41
N ALA Y 38 6.73 83.30 -68.16
CA ALA Y 38 8.13 83.17 -67.75
C ALA Y 38 8.70 84.48 -67.22
N ASP Y 39 7.89 85.24 -66.49
CA ASP Y 39 8.31 86.56 -66.00
C ASP Y 39 9.38 86.43 -64.92
N ALA Y 40 9.14 85.57 -63.92
CA ALA Y 40 10.10 85.34 -62.85
C ALA Y 40 11.09 84.25 -63.17
N LEU Y 41 11.30 83.95 -64.45
CA LEU Y 41 12.22 82.89 -64.86
C LEU Y 41 13.65 83.41 -64.86
N GLY Y 42 14.56 82.59 -64.32
CA GLY Y 42 15.94 83.03 -64.14
C GLY Y 42 16.85 82.80 -65.34
N GLU Y 43 16.45 83.29 -66.50
CA GLU Y 43 17.28 83.22 -67.70
C GLU Y 43 16.96 84.43 -68.57
N GLU Y 44 17.39 84.36 -69.84
CA GLU Y 44 17.21 85.47 -70.78
C GLU Y 44 15.76 85.67 -71.20
N TRP Y 45 14.87 84.72 -70.91
CA TRP Y 45 13.46 84.90 -71.26
C TRP Y 45 12.82 85.93 -70.34
N LYS Y 46 11.94 86.75 -70.91
CA LYS Y 46 11.36 87.87 -70.18
C LYS Y 46 9.86 87.75 -69.98
N GLY Y 47 9.09 87.44 -71.02
CA GLY Y 47 7.65 87.42 -70.89
C GLY Y 47 6.96 86.32 -71.68
N TYR Y 48 7.66 85.20 -71.89
CA TYR Y 48 7.12 84.14 -72.74
C TYR Y 48 6.00 83.39 -72.02
N VAL Y 49 4.88 83.22 -72.70
CA VAL Y 49 3.74 82.47 -72.19
C VAL Y 49 3.93 81.02 -72.61
N VAL Y 50 3.95 80.11 -71.63
CA VAL Y 50 4.44 78.75 -71.81
C VAL Y 50 3.35 77.77 -71.37
N ARG Y 51 2.94 76.89 -72.27
CA ARG Y 51 2.17 75.72 -71.90
C ARG Y 51 3.05 74.68 -71.23
N ILE Y 52 2.54 74.07 -70.17
CA ILE Y 52 3.15 72.89 -69.56
C ILE Y 52 2.36 71.69 -70.06
N SER Y 53 2.93 70.95 -71.01
CA SER Y 53 2.17 69.94 -71.73
C SER Y 53 2.55 68.52 -71.38
N GLY Y 54 3.63 68.30 -70.62
CA GLY Y 54 4.01 66.95 -70.27
C GLY Y 54 5.17 66.87 -69.31
N GLY Y 55 5.24 65.76 -68.57
CA GLY Y 55 6.32 65.57 -67.62
C GLY Y 55 6.70 64.12 -67.44
N ASN Y 56 7.99 63.81 -67.54
CA ASN Y 56 8.49 62.46 -67.34
C ASN Y 56 9.14 62.33 -65.98
N ASP Y 57 8.85 61.23 -65.29
CA ASP Y 57 9.35 61.02 -63.94
C ASP Y 57 10.81 60.55 -64.00
N LYS Y 58 11.40 60.29 -62.82
CA LYS Y 58 12.76 59.78 -62.75
C LYS Y 58 12.89 58.39 -63.36
N GLN Y 59 11.84 57.58 -63.27
CA GLN Y 59 11.81 56.27 -63.92
C GLN Y 59 11.13 56.31 -65.28
N GLY Y 60 11.06 57.48 -65.90
CA GLY Y 60 10.47 57.58 -67.23
C GLY Y 60 8.97 57.44 -67.28
N PHE Y 61 8.28 57.67 -66.17
CA PHE Y 61 6.83 57.57 -66.13
C PHE Y 61 6.21 58.89 -66.55
N PRO Y 62 5.46 58.94 -67.64
CA PRO Y 62 4.91 60.23 -68.11
C PRO Y 62 3.69 60.65 -67.28
N MET Y 63 3.26 61.88 -67.53
CA MET Y 63 2.09 62.44 -66.88
C MET Y 63 0.81 61.93 -67.54
N LYS Y 64 -0.33 62.34 -66.98
CA LYS Y 64 -1.63 61.89 -67.46
C LYS Y 64 -2.61 63.05 -67.40
N GLN Y 65 -3.41 63.19 -68.46
CA GLN Y 65 -4.50 64.15 -68.49
C GLN Y 65 -5.61 63.69 -67.56
N GLY Y 66 -5.66 64.26 -66.36
CA GLY Y 66 -6.79 63.99 -65.49
C GLY Y 66 -6.51 63.65 -64.04
N VAL Y 67 -5.42 62.94 -63.79
CA VAL Y 67 -5.13 62.52 -62.42
C VAL Y 67 -4.53 63.68 -61.65
N LEU Y 68 -4.92 63.80 -60.38
CA LEU Y 68 -4.48 64.88 -59.50
C LEU Y 68 -3.83 64.23 -58.29
N THR Y 69 -2.54 63.91 -58.39
CA THR Y 69 -1.82 63.19 -57.36
C THR Y 69 -0.40 63.72 -57.26
N HIS Y 70 0.04 64.00 -56.04
CA HIS Y 70 1.38 64.51 -55.79
C HIS Y 70 2.46 63.49 -56.14
N GLY Y 71 2.14 62.20 -56.15
CA GLY Y 71 3.10 61.18 -56.52
C GLY Y 71 2.71 60.38 -57.74
N ARG Y 72 2.75 59.05 -57.64
CA ARG Y 72 2.41 58.16 -58.73
C ARG Y 72 1.11 57.43 -58.43
N VAL Y 73 0.40 57.06 -59.50
CA VAL Y 73 -0.78 56.21 -59.42
C VAL Y 73 -0.60 55.07 -60.39
N ARG Y 74 -1.57 54.15 -60.39
CA ARG Y 74 -1.59 53.03 -61.31
C ARG Y 74 -3.01 52.89 -61.86
N LEU Y 75 -3.14 52.96 -63.18
CA LEU Y 75 -4.43 53.02 -63.83
C LEU Y 75 -4.60 51.87 -64.81
N LEU Y 76 -5.86 51.48 -65.03
CA LEU Y 76 -6.23 50.48 -66.02
C LEU Y 76 -6.58 51.21 -67.31
N LEU Y 77 -5.61 51.30 -68.22
CA LEU Y 77 -5.78 52.02 -69.47
C LEU Y 77 -6.44 51.14 -70.51
N SER Y 78 -7.34 51.73 -71.28
CA SER Y 78 -8.08 51.09 -72.36
C SER Y 78 -7.80 51.82 -73.66
N LYS Y 79 -8.47 51.37 -74.72
CA LYS Y 79 -8.27 51.97 -76.04
C LYS Y 79 -8.88 53.36 -76.10
N GLY Y 80 -8.07 54.34 -76.52
CA GLY Y 80 -8.48 55.72 -76.56
C GLY Y 80 -7.84 56.60 -75.50
N HIS Y 81 -7.00 56.04 -74.64
CA HIS Y 81 -6.31 56.79 -73.61
C HIS Y 81 -4.87 57.04 -74.03
N SER Y 82 -4.25 58.02 -73.38
CA SER Y 82 -2.84 58.29 -73.61
C SER Y 82 -1.98 57.30 -72.81
N CYS Y 83 -0.67 57.39 -73.05
CA CYS Y 83 0.36 56.57 -72.38
C CYS Y 83 0.12 55.08 -72.59
N TYR Y 84 -0.37 54.74 -73.78
CA TYR Y 84 -0.93 53.42 -74.06
C TYR Y 84 -1.06 53.24 -75.56
N ARG Y 85 -0.86 52.01 -76.01
CA ARG Y 85 -1.23 51.62 -77.37
C ARG Y 85 -1.86 50.23 -77.30
N PRO Y 86 -2.97 50.02 -77.99
CA PRO Y 86 -3.65 48.72 -77.90
C PRO Y 86 -3.00 47.68 -78.79
N ARG Y 87 -3.28 46.42 -78.45
CA ARG Y 87 -2.80 45.27 -79.20
C ARG Y 87 -3.70 44.09 -78.84
N ARG Y 88 -4.21 43.39 -79.86
CA ARG Y 88 -5.31 42.44 -79.73
C ARG Y 88 -6.49 43.13 -79.04
N THR Y 89 -7.07 44.07 -79.80
CA THR Y 89 -7.86 45.23 -79.41
C THR Y 89 -8.81 44.97 -78.24
N GLY Y 90 -8.65 45.75 -77.18
CA GLY Y 90 -9.35 45.55 -75.93
C GLY Y 90 -8.47 45.17 -74.77
N GLU Y 91 -7.15 45.09 -74.98
CA GLU Y 91 -6.22 44.70 -73.92
C GLU Y 91 -6.06 45.88 -72.97
N ARG Y 92 -6.96 45.96 -71.98
CA ARG Y 92 -6.86 46.99 -70.96
C ARG Y 92 -5.73 46.65 -70.01
N LYS Y 93 -4.66 47.44 -70.03
CA LYS Y 93 -3.47 47.11 -69.26
C LYS Y 93 -3.35 48.00 -68.02
N ARG Y 94 -2.86 47.40 -66.94
CA ARG Y 94 -2.69 48.11 -65.68
C ARG Y 94 -1.26 48.65 -65.64
N LYS Y 95 -1.11 49.95 -65.80
CA LYS Y 95 0.20 50.57 -65.87
C LYS Y 95 0.29 51.70 -64.87
N SER Y 96 1.48 51.88 -64.30
CA SER Y 96 1.73 52.93 -63.31
C SER Y 96 2.10 54.21 -64.04
N VAL Y 97 1.31 55.27 -63.84
CA VAL Y 97 1.45 56.52 -64.54
C VAL Y 97 1.68 57.63 -63.52
N ARG Y 98 2.68 58.48 -63.78
CA ARG Y 98 2.98 59.61 -62.91
C ARG Y 98 1.87 60.65 -62.96
N GLY Y 99 1.57 61.25 -61.81
CA GLY Y 99 0.54 62.26 -61.72
C GLY Y 99 0.91 63.56 -62.39
N CYS Y 100 -0.08 64.46 -62.49
CA CYS Y 100 0.06 65.70 -63.20
C CYS Y 100 0.79 66.77 -62.39
N ILE Y 101 0.89 66.60 -61.07
CA ILE Y 101 1.47 67.64 -60.21
C ILE Y 101 2.98 67.70 -60.42
N VAL Y 102 3.55 68.90 -60.27
CA VAL Y 102 4.85 69.26 -60.83
C VAL Y 102 5.79 69.50 -59.63
N ASP Y 103 5.68 68.63 -58.63
CA ASP Y 103 6.34 68.72 -57.30
C ASP Y 103 7.88 68.52 -57.32
N ALA Y 104 8.55 68.58 -58.49
CA ALA Y 104 9.99 68.50 -58.67
C ALA Y 104 10.56 67.11 -58.41
N ASN Y 105 9.70 66.10 -58.37
CA ASN Y 105 10.14 64.72 -58.46
C ASN Y 105 10.33 64.27 -59.91
N LEU Y 106 9.87 65.10 -60.85
CA LEU Y 106 9.94 64.79 -62.27
C LEU Y 106 11.38 64.88 -62.78
N SER Y 107 11.59 64.45 -64.01
CA SER Y 107 12.89 64.54 -64.65
C SER Y 107 12.89 65.49 -65.83
N VAL Y 108 12.01 65.28 -66.81
CA VAL Y 108 11.92 66.08 -68.01
C VAL Y 108 10.52 66.67 -68.10
N LEU Y 109 10.45 67.98 -68.23
CA LEU Y 109 9.17 68.67 -68.36
C LEU Y 109 9.01 69.22 -69.78
N ASN Y 110 7.84 68.98 -70.37
CA ASN Y 110 7.56 69.42 -71.73
C ASN Y 110 6.90 70.80 -71.69
N LEU Y 111 7.52 71.75 -72.38
CA LEU Y 111 7.10 73.15 -72.38
C LEU Y 111 6.90 73.60 -73.82
N VAL Y 112 5.85 74.37 -74.05
CA VAL Y 112 5.48 74.82 -75.39
C VAL Y 112 5.41 76.35 -75.36
N ILE Y 113 6.04 77.02 -76.33
CA ILE Y 113 5.85 78.47 -76.39
C ILE Y 113 4.51 78.78 -77.06
N VAL Y 114 3.98 79.97 -76.77
CA VAL Y 114 2.65 80.32 -77.28
C VAL Y 114 2.71 81.58 -78.14
N LYS Y 115 3.07 82.72 -77.54
CA LYS Y 115 2.89 84.01 -78.20
C LYS Y 115 4.18 84.77 -78.41
N LYS Y 116 4.95 85.00 -77.35
CA LYS Y 116 6.02 86.00 -77.37
C LYS Y 116 7.32 85.41 -77.86
N GLY Y 117 8.05 86.17 -78.68
CA GLY Y 117 9.36 85.77 -79.15
C GLY Y 117 10.17 86.93 -79.68
N GLU Y 118 11.43 87.05 -79.22
CA GLU Y 118 12.32 88.12 -79.68
C GLU Y 118 13.68 87.59 -80.11
N LYS Y 119 13.77 86.28 -80.39
CA LYS Y 119 14.95 85.62 -80.95
C LYS Y 119 16.18 85.78 -80.06
N ASP Y 120 16.00 85.67 -78.75
CA ASP Y 120 17.12 85.82 -77.83
C ASP Y 120 18.05 84.62 -77.86
N ILE Y 121 17.57 83.46 -78.31
CA ILE Y 121 18.42 82.30 -78.55
C ILE Y 121 18.87 82.36 -80.02
N PRO Y 122 20.16 82.42 -80.30
CA PRO Y 122 20.62 82.75 -81.65
C PRO Y 122 20.54 81.61 -82.67
N GLY Y 123 20.01 80.45 -82.31
CA GLY Y 123 19.95 79.35 -83.26
C GLY Y 123 18.70 78.50 -83.16
N LEU Y 124 17.68 79.00 -82.46
CA LEU Y 124 16.45 78.26 -82.26
C LEU Y 124 15.23 78.95 -82.85
N THR Y 125 15.00 80.22 -82.50
CA THR Y 125 13.80 80.90 -82.98
C THR Y 125 13.97 81.40 -84.40
N ASP Y 126 15.17 81.89 -84.74
CA ASP Y 126 15.40 82.46 -86.07
C ASP Y 126 15.47 81.41 -87.17
N THR Y 127 15.85 80.18 -86.83
CA THR Y 127 15.96 79.10 -87.81
C THR Y 127 14.59 78.48 -87.98
N THR Y 128 13.89 78.83 -89.06
CA THR Y 128 12.55 78.34 -89.33
C THR Y 128 12.64 77.03 -90.12
N VAL Y 129 11.97 76.01 -89.63
CA VAL Y 129 11.95 74.68 -90.26
C VAL Y 129 10.60 74.49 -90.94
N PRO Y 130 10.57 74.19 -92.23
CA PRO Y 130 9.29 73.92 -92.90
C PRO Y 130 8.76 72.54 -92.56
N ARG Y 131 7.44 72.41 -92.61
CA ARG Y 131 6.81 71.11 -92.39
C ARG Y 131 6.97 70.24 -93.63
N ARG Y 132 7.01 68.92 -93.40
CA ARG Y 132 7.44 68.00 -94.45
C ARG Y 132 6.33 67.71 -95.44
N LEU Y 133 5.23 67.12 -94.97
CA LEU Y 133 4.19 66.61 -95.86
C LEU Y 133 3.12 67.68 -96.08
N GLY Y 134 2.80 67.94 -97.36
CA GLY Y 134 1.81 68.93 -97.72
C GLY Y 134 0.42 68.35 -97.75
N PRO Y 135 -0.55 69.12 -98.23
CA PRO Y 135 -1.94 68.67 -98.24
C PRO Y 135 -2.19 67.62 -99.32
N LYS Y 136 -3.21 66.80 -99.06
CA LYS Y 136 -3.57 65.70 -99.95
C LYS Y 136 -5.04 65.71 -100.36
N ARG Y 137 -5.94 66.13 -99.46
CA ARG Y 137 -7.34 66.28 -99.83
C ARG Y 137 -7.52 67.50 -100.71
N ALA Y 138 -8.32 67.34 -101.78
CA ALA Y 138 -8.53 68.42 -102.75
C ALA Y 138 -9.22 69.61 -102.11
N SER Y 139 -10.14 69.37 -101.18
CA SER Y 139 -10.80 70.48 -100.49
C SER Y 139 -9.86 71.22 -99.57
N ARG Y 140 -8.91 70.51 -98.95
CA ARG Y 140 -7.89 71.21 -98.15
C ARG Y 140 -6.92 71.98 -99.03
N ILE Y 141 -6.63 71.48 -100.23
CA ILE Y 141 -5.80 72.24 -101.18
C ILE Y 141 -6.55 73.50 -101.64
N ARG Y 142 -7.86 73.38 -101.85
CA ARG Y 142 -8.68 74.53 -102.21
C ARG Y 142 -8.75 75.56 -101.09
N LYS Y 143 -8.86 75.10 -99.85
CA LYS Y 143 -8.85 76.03 -98.72
C LYS Y 143 -7.48 76.64 -98.50
N LEU Y 144 -6.41 75.92 -98.88
CA LEU Y 144 -5.06 76.44 -98.72
C LEU Y 144 -4.75 77.51 -99.74
N PHE Y 145 -5.12 77.29 -101.00
CA PHE Y 145 -4.69 78.18 -102.08
C PHE Y 145 -5.76 79.15 -102.55
N ASN Y 146 -7.01 79.00 -102.08
CA ASN Y 146 -8.09 79.99 -102.23
C ASN Y 146 -8.41 80.28 -103.69
N LEU Y 147 -8.88 79.26 -104.40
CA LEU Y 147 -9.37 79.43 -105.75
C LEU Y 147 -10.90 79.43 -105.75
N SER Y 148 -11.48 79.54 -106.95
CA SER Y 148 -12.90 79.79 -107.10
C SER Y 148 -13.70 78.50 -106.91
N LYS Y 149 -15.02 78.63 -107.07
CA LYS Y 149 -15.95 77.53 -106.84
C LYS Y 149 -16.33 76.78 -108.11
N GLU Y 150 -16.43 77.49 -109.25
CA GLU Y 150 -16.90 76.87 -110.49
C GLU Y 150 -15.91 75.91 -111.10
N ASP Y 151 -14.63 75.99 -110.71
CA ASP Y 151 -13.61 75.08 -111.21
C ASP Y 151 -12.92 74.38 -110.05
N ASP Y 152 -12.32 73.23 -110.36
CA ASP Y 152 -11.64 72.42 -109.38
C ASP Y 152 -10.12 72.64 -109.47
N VAL Y 153 -9.39 72.00 -108.56
CA VAL Y 153 -7.95 72.11 -108.51
C VAL Y 153 -7.32 71.07 -109.44
N ARG Y 154 -6.52 71.53 -110.40
CA ARG Y 154 -5.83 70.64 -111.33
C ARG Y 154 -4.32 70.77 -111.26
N GLN Y 155 -3.80 71.99 -111.37
CA GLN Y 155 -2.36 72.24 -111.47
C GLN Y 155 -1.78 72.88 -110.22
N TYR Y 156 -2.56 73.00 -109.14
CA TYR Y 156 -2.10 73.60 -107.89
C TYR Y 156 -1.63 72.55 -106.89
N VAL Y 157 -1.07 71.44 -107.38
CA VAL Y 157 -0.59 70.37 -106.53
C VAL Y 157 0.85 70.68 -106.12
N VAL Y 158 1.12 70.63 -104.81
CA VAL Y 158 2.48 70.84 -104.34
C VAL Y 158 3.33 69.62 -104.68
N ARG Y 159 4.59 69.86 -104.98
CA ARG Y 159 5.51 68.81 -105.41
C ARG Y 159 6.79 68.86 -104.59
N LYS Y 160 7.56 67.78 -104.67
CA LYS Y 160 8.85 67.69 -104.01
C LYS Y 160 9.89 67.29 -105.06
N PRO Y 161 10.66 68.24 -105.58
CA PRO Y 161 11.83 67.89 -106.39
C PRO Y 161 13.08 67.76 -105.54
N LEU Y 162 13.86 66.71 -105.79
CA LEU Y 162 15.10 66.47 -105.06
C LEU Y 162 16.00 65.54 -105.86
N ASN Y 163 17.30 65.80 -105.80
CA ASN Y 163 18.31 64.88 -106.31
C ASN Y 163 18.68 63.95 -105.17
N LYS Y 164 18.33 62.67 -105.29
CA LYS Y 164 18.57 61.68 -104.25
C LYS Y 164 20.06 61.45 -104.02
N GLU Y 165 20.74 60.87 -105.02
CA GLU Y 165 22.16 60.54 -104.95
C GLU Y 165 22.69 60.20 -106.32
N GLY Y 166 23.80 60.82 -106.72
CA GLY Y 166 24.45 60.50 -107.98
C GLY Y 166 23.70 60.95 -109.20
N LYS Y 167 23.22 62.20 -109.18
CA LYS Y 167 22.54 62.87 -110.31
C LYS Y 167 21.28 62.12 -110.74
N LYS Y 168 20.38 61.89 -109.78
CA LYS Y 168 19.09 61.26 -110.02
C LYS Y 168 17.99 62.18 -109.52
N PRO Y 169 17.58 63.18 -110.30
CA PRO Y 169 16.52 64.08 -109.86
C PRO Y 169 15.15 63.46 -110.01
N ARG Y 170 14.33 63.62 -108.97
CA ARG Y 170 12.94 63.18 -108.97
C ARG Y 170 12.05 64.34 -108.56
N THR Y 171 10.79 64.25 -108.98
CA THR Y 171 9.78 65.25 -108.62
C THR Y 171 8.49 64.48 -108.31
N LYS Y 172 8.22 64.30 -107.02
CA LYS Y 172 7.11 63.48 -106.58
C LYS Y 172 5.95 64.32 -106.07
N ALA Y 173 4.74 63.83 -106.29
CA ALA Y 173 3.51 64.49 -105.88
C ALA Y 173 2.53 63.42 -105.40
N PRO Y 174 1.78 63.69 -104.33
CA PRO Y 174 0.83 62.69 -103.83
C PRO Y 174 -0.38 62.56 -104.72
N LYS Y 175 -1.08 61.43 -104.55
CA LYS Y 175 -2.36 61.25 -105.21
C LYS Y 175 -3.43 62.08 -104.53
N ILE Y 176 -4.48 62.39 -105.28
CA ILE Y 176 -5.65 63.09 -104.78
C ILE Y 176 -6.85 62.20 -105.00
N GLN Y 177 -7.67 62.02 -103.97
CA GLN Y 177 -8.79 61.09 -104.04
C GLN Y 177 -10.15 61.76 -103.93
N ARG Y 178 -10.28 62.82 -103.15
CA ARG Y 178 -11.58 63.45 -102.92
C ARG Y 178 -12.06 64.31 -104.09
N LEU Y 179 -11.26 64.48 -105.14
CA LEU Y 179 -11.67 65.32 -106.25
C LEU Y 179 -12.66 64.57 -107.15
N VAL Y 180 -13.30 65.31 -108.04
CA VAL Y 180 -14.27 64.74 -108.97
C VAL Y 180 -13.55 64.42 -110.27
N THR Y 181 -13.58 63.15 -110.65
CA THR Y 181 -12.98 62.64 -111.88
C THR Y 181 -14.07 62.02 -112.75
N PRO Y 182 -13.84 61.89 -114.06
CA PRO Y 182 -14.78 61.09 -114.88
C PRO Y 182 -14.84 59.63 -114.50
N ARG Y 183 -13.83 59.10 -113.82
CA ARG Y 183 -13.90 57.75 -113.27
C ARG Y 183 -14.97 57.65 -112.17
N VAL Y 184 -14.96 58.58 -111.22
CA VAL Y 184 -15.99 58.63 -110.19
C VAL Y 184 -17.35 58.95 -110.82
N LEU Y 185 -17.36 59.75 -111.88
CA LEU Y 185 -18.60 60.07 -112.59
C LEU Y 185 -19.18 58.83 -113.26
N GLN Y 186 -18.35 58.01 -113.90
CA GLN Y 186 -18.88 56.81 -114.54
C GLN Y 186 -19.24 55.74 -113.52
N HIS Y 187 -18.60 55.73 -112.34
CA HIS Y 187 -19.07 54.87 -111.27
C HIS Y 187 -20.46 55.29 -110.79
N LYS Y 188 -20.69 56.61 -110.66
CA LYS Y 188 -22.01 57.09 -110.26
C LYS Y 188 -23.06 56.81 -111.32
N ARG Y 189 -22.70 56.94 -112.60
CA ARG Y 189 -23.63 56.64 -113.68
C ARG Y 189 -23.95 55.15 -113.75
N ARG Y 190 -22.95 54.29 -113.48
CA ARG Y 190 -23.21 52.86 -113.42
C ARG Y 190 -24.09 52.50 -112.22
N ARG Y 191 -23.92 53.21 -111.10
CA ARG Y 191 -24.78 53.00 -109.94
C ARG Y 191 -26.23 53.35 -110.24
N ILE Y 192 -26.45 54.52 -110.87
CA ILE Y 192 -27.80 54.93 -111.25
C ILE Y 192 -28.37 54.00 -112.31
N ALA Y 193 -27.53 53.49 -113.22
CA ALA Y 193 -27.99 52.55 -114.23
C ALA Y 193 -28.40 51.21 -113.62
N LEU Y 194 -27.67 50.75 -112.59
CA LEU Y 194 -28.06 49.52 -111.91
C LEU Y 194 -29.34 49.71 -111.11
N LYS Y 195 -29.54 50.89 -110.51
CA LYS Y 195 -30.79 51.16 -109.81
C LYS Y 195 -31.98 51.20 -110.79
N LYS Y 196 -31.78 51.82 -111.95
CA LYS Y 196 -32.82 51.84 -112.98
C LYS Y 196 -33.07 50.45 -113.54
N GLN Y 197 -32.03 49.62 -113.65
CA GLN Y 197 -32.19 48.25 -114.12
C GLN Y 197 -32.96 47.40 -113.12
N ARG Y 198 -32.69 47.59 -111.82
CA ARG Y 198 -33.45 46.86 -110.80
C ARG Y 198 -34.91 47.31 -110.76
N THR Y 199 -35.15 48.62 -110.97
CA THR Y 199 -36.52 49.12 -111.01
C THR Y 199 -37.28 48.57 -112.22
N LYS Y 200 -36.60 48.52 -113.38
CA LYS Y 200 -37.22 47.97 -114.59
C LYS Y 200 -37.46 46.47 -114.44
N LYS Y 201 -36.54 45.75 -113.80
CA LYS Y 201 -36.73 44.32 -113.58
C LYS Y 201 -37.87 44.05 -112.61
N ASN Y 202 -38.03 44.90 -111.58
CA ASN Y 202 -39.14 44.76 -110.66
C ASN Y 202 -40.47 45.03 -111.35
N LYS Y 203 -40.51 46.04 -112.23
CA LYS Y 203 -41.73 46.33 -112.98
C LYS Y 203 -42.07 45.21 -113.96
N GLU Y 204 -41.05 44.63 -114.61
CA GLU Y 204 -41.30 43.55 -115.56
C GLU Y 204 -41.76 42.27 -114.84
N GLU Y 205 -41.16 41.96 -113.69
CA GLU Y 205 -41.62 40.79 -112.93
C GLU Y 205 -43.01 41.00 -112.35
N ALA Y 206 -43.34 42.23 -111.95
CA ALA Y 206 -44.68 42.53 -111.47
C ALA Y 206 -45.72 42.38 -112.58
N ALA Y 207 -45.40 42.90 -113.78
CA ALA Y 207 -46.32 42.77 -114.92
C ALA Y 207 -46.45 41.32 -115.36
N GLU Y 208 -45.36 40.55 -115.28
CA GLU Y 208 -45.40 39.15 -115.68
C GLU Y 208 -46.24 38.32 -114.70
N TYR Y 209 -46.09 38.58 -113.39
CA TYR Y 209 -46.92 37.85 -112.44
C TYR Y 209 -48.37 38.33 -112.48
N ALA Y 210 -48.60 39.59 -112.87
CA ALA Y 210 -49.97 40.04 -113.10
C ALA Y 210 -50.59 39.32 -114.28
N LYS Y 211 -49.80 39.07 -115.33
CA LYS Y 211 -50.29 38.31 -116.47
C LYS Y 211 -50.60 36.86 -116.08
N LEU Y 212 -49.69 36.22 -115.34
CA LEU Y 212 -49.91 34.85 -114.90
C LEU Y 212 -51.10 34.75 -113.94
N LEU Y 213 -51.29 35.74 -113.08
CA LEU Y 213 -52.45 35.72 -112.19
C LEU Y 213 -53.74 36.03 -112.94
N ALA Y 214 -53.65 36.80 -114.03
CA ALA Y 214 -54.83 37.03 -114.87
C ALA Y 214 -55.26 35.76 -115.59
N LYS Y 215 -54.30 35.02 -116.16
CA LYS Y 215 -54.61 33.70 -116.72
C LYS Y 215 -55.06 32.70 -115.66
N ARG Y 216 -54.53 32.82 -114.44
CA ARG Y 216 -54.98 31.94 -113.36
C ARG Y 216 -56.42 32.24 -112.96
N MET Y 217 -56.81 33.52 -112.91
CA MET Y 217 -58.20 33.85 -112.64
C MET Y 217 -59.11 33.45 -113.80
N LYS Y 218 -58.61 33.56 -115.04
CA LYS Y 218 -59.40 33.12 -116.19
C LYS Y 218 -59.66 31.62 -116.15
N GLU Y 219 -58.62 30.83 -115.83
CA GLU Y 219 -58.80 29.40 -115.66
C GLU Y 219 -59.65 29.08 -114.43
N ALA Y 220 -59.61 29.93 -113.40
CA ALA Y 220 -60.44 29.72 -112.22
C ALA Y 220 -61.92 29.89 -112.54
N LYS Y 221 -62.27 30.96 -113.27
CA LYS Y 221 -63.64 31.10 -113.73
C LYS Y 221 -64.03 30.03 -114.75
N GLU Y 222 -63.07 29.52 -115.54
CA GLU Y 222 -63.36 28.40 -116.43
C GLU Y 222 -63.69 27.13 -115.65
N LYS Y 223 -62.97 26.85 -114.57
CA LYS Y 223 -63.34 25.75 -113.69
C LYS Y 223 -64.66 26.01 -112.97
N ARG Y 224 -65.02 27.28 -112.73
CA ARG Y 224 -66.35 27.59 -112.19
C ARG Y 224 -67.45 27.20 -113.18
N GLN Y 225 -67.28 27.56 -114.46
CA GLN Y 225 -68.25 27.11 -115.46
C GLN Y 225 -68.19 25.60 -115.68
N GLU Y 226 -67.04 24.97 -115.43
CA GLU Y 226 -66.98 23.51 -115.49
C GLU Y 226 -67.79 22.87 -114.36
N GLN Y 227 -67.72 23.43 -113.15
CA GLN Y 227 -68.59 22.98 -112.06
C GLN Y 227 -70.07 23.17 -112.41
N ILE Y 228 -70.41 24.31 -113.03
CA ILE Y 228 -71.80 24.57 -113.42
C ILE Y 228 -72.27 23.56 -114.48
N ALA Y 229 -71.43 23.29 -115.48
CA ALA Y 229 -71.82 22.39 -116.56
C ALA Y 229 -71.85 20.93 -116.12
N LYS Y 230 -70.97 20.52 -115.20
CA LYS Y 230 -70.95 19.13 -114.76
C LYS Y 230 -71.90 18.85 -113.61
N ARG Y 231 -72.38 19.88 -112.90
CA ARG Y 231 -73.39 19.66 -111.87
C ARG Y 231 -74.81 19.88 -112.35
N ARG Y 232 -75.01 20.80 -113.30
CA ARG Y 232 -76.34 21.04 -113.85
C ARG Y 232 -76.38 20.74 -115.34
N ASN Z 1 -88.43 -12.20 -91.54
CA ASN Z 1 -89.24 -11.60 -92.59
C ASN Z 1 -88.58 -11.73 -93.97
N GLY Z 2 -87.25 -11.83 -93.97
CA GLY Z 2 -86.54 -11.96 -95.22
C GLY Z 2 -86.61 -13.35 -95.82
N GLU Z 3 -86.79 -14.37 -94.99
CA GLU Z 3 -86.88 -15.74 -95.46
C GLU Z 3 -88.34 -16.11 -95.69
N LYS Z 4 -88.58 -16.83 -96.78
CA LYS Z 4 -89.94 -17.26 -97.11
C LYS Z 4 -90.07 -18.78 -97.00
N PRO Z 5 -91.23 -19.28 -96.60
CA PRO Z 5 -91.44 -20.73 -96.57
C PRO Z 5 -91.58 -21.29 -97.97
N ASP Z 6 -90.74 -22.26 -98.31
CA ASP Z 6 -90.78 -22.91 -99.61
C ASP Z 6 -91.70 -24.13 -99.53
N GLU Z 7 -91.61 -25.02 -100.53
CA GLU Z 7 -92.61 -26.05 -100.77
C GLU Z 7 -92.69 -27.11 -99.66
N PHE Z 8 -91.67 -27.24 -98.82
CA PHE Z 8 -91.75 -28.15 -97.69
C PHE Z 8 -91.85 -27.45 -96.34
N GLU Z 9 -91.26 -26.26 -96.20
CA GLU Z 9 -91.42 -25.50 -94.96
C GLU Z 9 -92.85 -25.01 -94.78
N SER Z 10 -93.46 -24.50 -95.86
CA SER Z 10 -94.87 -24.14 -95.80
C SER Z 10 -95.76 -25.37 -95.62
N GLY Z 11 -95.33 -26.52 -96.15
CA GLY Z 11 -96.06 -27.75 -95.91
C GLY Z 11 -96.03 -28.19 -94.46
N ILE Z 12 -94.88 -28.07 -93.82
CA ILE Z 12 -94.77 -28.36 -92.38
C ILE Z 12 -95.59 -27.38 -91.57
N SER Z 13 -95.61 -26.10 -91.99
CA SER Z 13 -96.38 -25.08 -91.30
C SER Z 13 -97.88 -25.37 -91.37
N GLN Z 14 -98.40 -25.66 -92.57
CA GLN Z 14 -99.81 -26.00 -92.70
C GLN Z 14 -100.13 -27.37 -92.12
N ALA Z 15 -99.16 -28.28 -92.04
CA ALA Z 15 -99.37 -29.57 -91.40
C ALA Z 15 -99.56 -29.40 -89.90
N LEU Z 16 -98.75 -28.55 -89.27
CA LEU Z 16 -98.96 -28.29 -87.84
C LEU Z 16 -100.19 -27.43 -87.61
N LEU Z 17 -100.55 -26.59 -88.59
CA LEU Z 17 -101.83 -25.87 -88.53
C LEU Z 17 -103.02 -26.82 -88.56
N GLU Z 18 -102.89 -27.94 -89.29
CA GLU Z 18 -103.93 -28.96 -89.26
C GLU Z 18 -103.87 -29.78 -87.97
N LEU Z 19 -102.65 -30.06 -87.46
CA LEU Z 19 -102.50 -30.91 -86.29
C LEU Z 19 -102.88 -30.21 -84.98
N GLU Z 20 -102.91 -28.87 -84.96
CA GLU Z 20 -103.34 -28.20 -83.74
C GLU Z 20 -104.84 -28.33 -83.50
N MET Z 21 -105.61 -28.68 -84.52
CA MET Z 21 -107.05 -28.84 -84.37
C MET Z 21 -107.37 -30.21 -83.79
N ASN Z 22 -108.22 -30.21 -82.75
CA ASN Z 22 -108.77 -31.41 -82.11
C ASN Z 22 -107.67 -32.32 -81.55
N SER Z 23 -106.83 -31.72 -80.71
CA SER Z 23 -105.76 -32.45 -80.04
C SER Z 23 -105.40 -31.72 -78.75
N ASP Z 24 -104.44 -32.29 -78.02
CA ASP Z 24 -103.91 -31.66 -76.83
C ASP Z 24 -102.81 -30.64 -77.13
N LEU Z 25 -102.49 -30.43 -78.40
CA LEU Z 25 -101.45 -29.50 -78.82
C LEU Z 25 -102.00 -28.15 -79.25
N LYS Z 26 -103.21 -27.80 -78.79
CA LYS Z 26 -103.86 -26.57 -79.25
C LYS Z 26 -103.17 -25.34 -78.70
N ALA Z 27 -103.09 -25.21 -77.37
CA ALA Z 27 -102.46 -24.05 -76.75
C ALA Z 27 -100.95 -24.05 -76.94
N GLN Z 28 -100.34 -25.20 -77.24
CA GLN Z 28 -98.92 -25.25 -77.50
C GLN Z 28 -98.62 -24.77 -78.92
N LEU Z 29 -99.30 -25.33 -79.92
CA LEU Z 29 -99.07 -24.96 -81.30
C LEU Z 29 -99.67 -23.60 -81.66
N ARG Z 30 -100.53 -23.03 -80.81
CA ARG Z 30 -100.96 -21.65 -81.03
C ARG Z 30 -99.82 -20.69 -80.75
N GLU Z 31 -99.02 -20.95 -79.71
CA GLU Z 31 -97.92 -20.09 -79.33
C GLU Z 31 -96.59 -20.51 -79.96
N LEU Z 32 -96.53 -21.68 -80.59
CA LEU Z 32 -95.26 -22.19 -81.10
C LEU Z 32 -94.92 -21.55 -82.44
N ASN Z 33 -93.64 -21.22 -82.62
CA ASN Z 33 -93.14 -20.65 -83.87
C ASN Z 33 -91.91 -21.44 -84.32
N ILE Z 34 -91.72 -21.51 -85.63
CA ILE Z 34 -90.61 -22.23 -86.24
C ILE Z 34 -89.91 -21.31 -87.23
N THR Z 35 -88.59 -21.20 -87.10
CA THR Z 35 -87.81 -20.35 -88.02
C THR Z 35 -87.72 -20.98 -89.41
N ALA Z 36 -87.10 -22.15 -89.51
CA ALA Z 36 -86.93 -22.80 -90.81
C ALA Z 36 -86.76 -24.30 -90.59
N ALA Z 37 -86.51 -25.01 -91.69
CA ALA Z 37 -86.37 -26.46 -91.68
C ALA Z 37 -85.46 -26.87 -92.83
N LYS Z 38 -84.70 -27.94 -92.61
CA LYS Z 38 -83.74 -28.43 -93.60
C LYS Z 38 -83.87 -29.93 -93.78
N GLU Z 39 -83.82 -30.36 -95.03
CA GLU Z 39 -83.94 -31.77 -95.42
C GLU Z 39 -82.54 -32.33 -95.68
N ILE Z 40 -82.16 -33.35 -94.92
CA ILE Z 40 -80.80 -33.89 -94.95
C ILE Z 40 -80.87 -35.37 -95.30
N GLU Z 41 -80.22 -35.76 -96.39
CA GLU Z 41 -80.08 -37.18 -96.72
C GLU Z 41 -78.91 -37.76 -95.94
N VAL Z 42 -79.19 -38.75 -95.08
CA VAL Z 42 -78.20 -39.31 -94.18
C VAL Z 42 -77.75 -40.65 -94.77
N GLY Z 43 -76.50 -40.69 -95.23
CA GLY Z 43 -75.92 -41.93 -95.75
C GLY Z 43 -76.26 -42.30 -97.19
N GLY Z 44 -77.53 -42.21 -97.57
CA GLY Z 44 -77.96 -42.61 -98.88
C GLY Z 44 -79.13 -43.58 -98.83
N GLY Z 45 -80.22 -43.23 -99.50
CA GLY Z 45 -81.44 -43.99 -99.44
C GLY Z 45 -82.37 -43.63 -98.30
N ARG Z 46 -81.85 -43.02 -97.24
CA ARG Z 46 -82.65 -42.57 -96.11
C ARG Z 46 -82.40 -41.08 -95.88
N LYS Z 47 -83.49 -40.34 -95.66
CA LYS Z 47 -83.42 -38.91 -95.46
C LYS Z 47 -84.27 -38.51 -94.26
N ALA Z 48 -83.90 -37.39 -93.64
CA ALA Z 48 -84.51 -36.91 -92.42
C ALA Z 48 -84.76 -35.41 -92.53
N ILE Z 49 -85.55 -34.89 -91.60
CA ILE Z 49 -85.91 -33.47 -91.57
C ILE Z 49 -85.49 -32.90 -90.22
N ILE Z 50 -84.91 -31.70 -90.24
CA ILE Z 50 -84.60 -30.96 -89.02
C ILE Z 50 -85.38 -29.67 -89.06
N ILE Z 51 -85.78 -29.18 -87.88
CA ILE Z 51 -86.41 -27.88 -87.79
C ILE Z 51 -85.67 -27.03 -86.76
N PHE Z 52 -85.88 -25.73 -86.84
CA PHE Z 52 -85.27 -24.76 -85.94
C PHE Z 52 -86.19 -24.47 -84.76
N VAL Z 53 -85.57 -24.15 -83.64
CA VAL Z 53 -86.25 -23.90 -82.38
C VAL Z 53 -85.84 -22.53 -81.88
N PRO Z 54 -86.77 -21.60 -81.70
CA PRO Z 54 -86.43 -20.34 -81.02
C PRO Z 54 -86.14 -20.57 -79.55
N VAL Z 55 -85.26 -19.74 -79.01
CA VAL Z 55 -84.78 -19.95 -77.63
C VAL Z 55 -85.88 -19.73 -76.59
N PRO Z 56 -86.76 -18.72 -76.68
CA PRO Z 56 -87.93 -18.73 -75.78
C PRO Z 56 -88.92 -19.86 -76.05
N GLN Z 57 -88.94 -20.43 -77.25
CA GLN Z 57 -89.83 -21.55 -77.55
C GLN Z 57 -89.23 -22.90 -77.15
N LEU Z 58 -88.01 -22.90 -76.61
CA LEU Z 58 -87.40 -24.16 -76.16
C LEU Z 58 -88.11 -24.69 -74.93
N LYS Z 59 -88.66 -23.82 -74.09
CA LYS Z 59 -89.48 -24.27 -72.98
C LYS Z 59 -90.79 -24.89 -73.47
N SER Z 60 -91.35 -24.36 -74.57
CA SER Z 60 -92.57 -24.93 -75.13
C SER Z 60 -92.30 -26.28 -75.76
N PHE Z 61 -91.14 -26.46 -76.39
CA PHE Z 61 -90.76 -27.79 -76.86
C PHE Z 61 -90.41 -28.73 -75.70
N GLN Z 62 -89.90 -28.19 -74.59
CA GLN Z 62 -89.51 -29.02 -73.47
C GLN Z 62 -90.71 -29.50 -72.66
N LYS Z 63 -91.78 -28.70 -72.61
CA LYS Z 63 -92.96 -29.08 -71.85
C LYS Z 63 -93.68 -30.28 -72.47
N ILE Z 64 -93.99 -30.19 -73.76
CA ILE Z 64 -94.64 -31.28 -74.48
C ILE Z 64 -93.78 -31.62 -75.69
N GLN Z 65 -93.22 -32.83 -75.70
CA GLN Z 65 -92.42 -33.29 -76.83
C GLN Z 65 -92.75 -34.71 -77.26
N VAL Z 66 -93.58 -35.44 -76.51
CA VAL Z 66 -93.88 -36.83 -76.85
C VAL Z 66 -94.85 -36.89 -78.02
N ARG Z 67 -95.95 -36.13 -77.94
CA ARG Z 67 -97.02 -36.24 -78.92
C ARG Z 67 -96.63 -35.64 -80.27
N LEU Z 68 -95.85 -34.55 -80.25
CA LEU Z 68 -95.60 -33.78 -81.46
C LEU Z 68 -94.66 -34.51 -82.41
N VAL Z 69 -93.63 -35.17 -81.88
CA VAL Z 69 -92.72 -35.91 -82.74
C VAL Z 69 -93.40 -37.16 -83.29
N ARG Z 70 -94.36 -37.73 -82.56
CA ARG Z 70 -95.11 -38.85 -83.09
C ARG Z 70 -96.06 -38.41 -84.19
N GLU Z 71 -96.75 -37.27 -84.00
CA GLU Z 71 -97.63 -36.73 -85.02
C GLU Z 71 -96.87 -36.27 -86.26
N LEU Z 72 -95.59 -35.91 -86.14
CA LEU Z 72 -94.82 -35.60 -87.33
C LEU Z 72 -94.28 -36.85 -88.01
N GLU Z 73 -93.77 -37.82 -87.23
CA GLU Z 73 -93.14 -38.99 -87.84
C GLU Z 73 -94.16 -39.96 -88.43
N LYS Z 74 -95.31 -40.15 -87.78
CA LYS Z 74 -96.31 -41.06 -88.31
C LYS Z 74 -97.08 -40.50 -89.49
N LYS Z 75 -96.95 -39.20 -89.77
CA LYS Z 75 -97.70 -38.57 -90.85
C LYS Z 75 -96.81 -37.91 -91.90
N PHE Z 76 -95.49 -37.90 -91.73
CA PHE Z 76 -94.59 -37.37 -92.74
C PHE Z 76 -93.59 -38.47 -93.11
N SER Z 77 -94.01 -39.37 -93.99
CA SER Z 77 -93.21 -40.36 -94.70
C SER Z 77 -92.42 -41.33 -93.81
N GLY Z 78 -92.72 -41.38 -92.52
CA GLY Z 78 -91.95 -42.22 -91.61
C GLY Z 78 -90.51 -41.80 -91.42
N LYS Z 79 -90.21 -40.51 -91.58
CA LYS Z 79 -88.84 -40.02 -91.56
C LYS Z 79 -88.43 -39.72 -90.12
N HIS Z 80 -87.28 -39.05 -89.96
CA HIS Z 80 -86.73 -38.71 -88.66
C HIS Z 80 -86.80 -37.20 -88.48
N VAL Z 81 -87.54 -36.76 -87.46
CA VAL Z 81 -87.70 -35.34 -87.16
C VAL Z 81 -86.74 -34.97 -86.04
N VAL Z 82 -85.89 -33.99 -86.30
CA VAL Z 82 -84.86 -33.56 -85.34
C VAL Z 82 -85.03 -32.08 -85.04
N PHE Z 83 -85.14 -31.76 -83.75
CA PHE Z 83 -85.23 -30.38 -83.29
C PHE Z 83 -83.82 -29.87 -83.02
N ILE Z 84 -83.47 -28.71 -83.57
CA ILE Z 84 -82.23 -28.05 -83.18
C ILE Z 84 -82.56 -26.59 -82.84
N ALA Z 85 -81.89 -26.08 -81.80
CA ALA Z 85 -82.14 -24.72 -81.34
C ALA Z 85 -81.34 -23.73 -82.17
N GLN Z 86 -82.03 -22.80 -82.82
CA GLN Z 86 -81.39 -21.81 -83.68
C GLN Z 86 -80.83 -20.69 -82.80
N ARG Z 87 -79.52 -20.71 -82.58
CA ARG Z 87 -78.84 -19.70 -81.79
C ARG Z 87 -77.85 -18.95 -82.67
N ARG Z 88 -77.75 -17.64 -82.45
CA ARG Z 88 -76.88 -16.79 -83.25
C ARG Z 88 -75.47 -16.83 -82.68
N ILE Z 89 -74.49 -17.02 -83.55
CA ILE Z 89 -73.09 -17.14 -83.16
C ILE Z 89 -72.39 -15.84 -83.49
N LEU Z 90 -71.87 -15.18 -82.48
CA LEU Z 90 -71.14 -13.94 -82.70
C LEU Z 90 -69.65 -14.21 -82.88
N PRO Z 91 -68.97 -13.43 -83.72
CA PRO Z 91 -67.53 -13.62 -83.89
C PRO Z 91 -66.75 -13.12 -82.67
N LYS Z 92 -65.57 -13.71 -82.48
CA LYS Z 92 -64.73 -13.30 -81.37
C LYS Z 92 -64.08 -11.95 -81.66
N PRO Z 93 -63.88 -11.12 -80.64
CA PRO Z 93 -63.26 -9.81 -80.86
C PRO Z 93 -61.76 -9.92 -81.12
N THR Z 94 -61.34 -9.61 -82.33
CA THR Z 94 -59.94 -9.59 -82.70
C THR Z 94 -59.44 -8.16 -82.82
N ARG Z 95 -58.12 -8.00 -82.76
CA ARG Z 95 -57.51 -6.68 -82.75
C ARG Z 95 -57.58 -6.00 -84.11
N LYS Z 96 -57.70 -6.77 -85.19
CA LYS Z 96 -57.57 -6.22 -86.53
C LYS Z 96 -58.89 -6.11 -87.29
N SER Z 97 -59.96 -6.75 -86.81
CA SER Z 97 -61.23 -6.67 -87.52
C SER Z 97 -61.90 -5.32 -87.32
N ARG Z 98 -62.25 -4.99 -86.07
CA ARG Z 98 -62.90 -3.73 -85.74
C ARG Z 98 -62.74 -3.49 -84.25
N THR Z 99 -62.12 -2.38 -83.89
CA THR Z 99 -62.17 -1.90 -82.52
C THR Z 99 -63.57 -1.39 -82.24
N LYS Z 100 -64.32 -2.15 -81.44
CA LYS Z 100 -65.78 -2.08 -81.47
C LYS Z 100 -66.33 -0.85 -80.76
N ASN Z 101 -65.90 -0.64 -79.50
CA ASN Z 101 -66.57 0.26 -78.54
C ASN Z 101 -68.06 -0.09 -78.46
N LYS Z 102 -68.32 -1.39 -78.28
CA LYS Z 102 -69.67 -1.94 -78.30
C LYS Z 102 -69.91 -2.81 -77.08
N GLN Z 103 -71.02 -3.54 -77.09
CA GLN Z 103 -71.21 -4.62 -76.14
C GLN Z 103 -70.15 -5.69 -76.36
N LYS Z 104 -69.67 -6.30 -75.27
CA LYS Z 104 -68.52 -7.20 -75.33
C LYS Z 104 -68.81 -8.46 -76.13
N ARG Z 105 -69.54 -9.41 -75.52
CA ARG Z 105 -70.22 -10.57 -76.08
C ARG Z 105 -70.90 -11.28 -74.91
N PRO Z 106 -72.08 -11.85 -75.09
CA PRO Z 106 -72.55 -12.84 -74.13
C PRO Z 106 -71.78 -14.14 -74.32
N ARG Z 107 -71.41 -14.79 -73.22
CA ARG Z 107 -70.55 -15.97 -73.31
C ARG Z 107 -71.31 -17.25 -73.63
N SER Z 108 -72.58 -17.15 -74.00
CA SER Z 108 -73.31 -18.24 -74.63
C SER Z 108 -73.39 -18.10 -76.14
N ARG Z 109 -72.90 -16.98 -76.69
CA ARG Z 109 -72.85 -16.75 -78.12
C ARG Z 109 -71.66 -17.42 -78.79
N THR Z 110 -70.69 -17.88 -78.01
CA THR Z 110 -69.48 -18.47 -78.57
C THR Z 110 -69.77 -19.85 -79.14
N LEU Z 111 -68.95 -20.25 -80.13
CA LEU Z 111 -69.15 -21.50 -80.83
C LEU Z 111 -68.97 -22.71 -79.91
N THR Z 112 -68.07 -22.61 -78.94
CA THR Z 112 -67.82 -23.69 -77.99
C THR Z 112 -69.04 -23.96 -77.12
N ALA Z 113 -69.81 -22.92 -76.81
CA ALA Z 113 -71.08 -23.14 -76.11
C ALA Z 113 -72.17 -23.60 -77.07
N VAL Z 114 -72.23 -23.00 -78.27
CA VAL Z 114 -73.36 -23.23 -79.18
C VAL Z 114 -73.37 -24.66 -79.71
N HIS Z 115 -72.24 -25.14 -80.26
CA HIS Z 115 -72.29 -26.47 -80.85
C HIS Z 115 -72.28 -27.57 -79.79
N ASP Z 116 -71.70 -27.31 -78.61
CA ASP Z 116 -71.79 -28.30 -77.54
C ASP Z 116 -73.16 -28.32 -76.88
N ALA Z 117 -73.97 -27.27 -77.04
CA ALA Z 117 -75.37 -27.38 -76.64
C ALA Z 117 -76.26 -27.90 -77.76
N ILE Z 118 -75.85 -27.76 -79.03
CA ILE Z 118 -76.50 -28.47 -80.13
C ILE Z 118 -76.32 -29.98 -79.95
N LEU Z 119 -75.16 -30.39 -79.46
CA LEU Z 119 -74.92 -31.81 -79.12
C LEU Z 119 -75.86 -32.32 -78.03
N GLU Z 120 -76.37 -31.43 -77.18
CA GLU Z 120 -77.40 -31.82 -76.21
C GLU Z 120 -78.80 -31.77 -76.81
N ASP Z 121 -79.06 -30.76 -77.65
CA ASP Z 121 -80.39 -30.59 -78.22
C ASP Z 121 -80.71 -31.60 -79.32
N LEU Z 122 -79.69 -32.27 -79.86
CA LEU Z 122 -79.94 -33.36 -80.81
C LEU Z 122 -80.63 -34.53 -80.13
N VAL Z 123 -79.98 -35.09 -79.10
CA VAL Z 123 -80.58 -36.18 -78.33
C VAL Z 123 -81.41 -35.50 -77.25
N PHE Z 124 -82.64 -35.16 -77.60
CA PHE Z 124 -83.49 -34.39 -76.68
C PHE Z 124 -84.22 -35.22 -75.62
N PRO Z 125 -84.81 -36.40 -75.88
CA PRO Z 125 -85.44 -37.13 -74.76
C PRO Z 125 -84.45 -37.77 -73.81
N SER Z 126 -83.21 -38.01 -74.23
CA SER Z 126 -82.23 -38.70 -73.40
C SER Z 126 -81.08 -37.75 -73.09
N GLU Z 127 -80.79 -37.57 -71.80
CA GLU Z 127 -79.71 -36.70 -71.37
C GLU Z 127 -78.36 -37.37 -71.63
N ILE Z 128 -77.35 -36.54 -71.92
CA ILE Z 128 -76.01 -37.04 -72.16
C ILE Z 128 -75.35 -37.39 -70.83
N VAL Z 129 -74.37 -38.28 -70.89
CA VAL Z 129 -73.68 -38.80 -69.72
C VAL Z 129 -72.24 -38.32 -69.65
N GLY Z 130 -71.51 -38.40 -70.77
CA GLY Z 130 -70.13 -37.97 -70.79
C GLY Z 130 -69.64 -37.77 -72.21
N LYS Z 131 -68.75 -36.80 -72.37
CA LYS Z 131 -68.12 -36.50 -73.65
C LYS Z 131 -66.65 -36.88 -73.61
N ARG Z 132 -66.17 -37.46 -74.71
CA ARG Z 132 -64.78 -37.88 -74.83
C ARG Z 132 -64.27 -37.46 -76.20
N ILE Z 133 -63.14 -36.78 -76.23
CA ILE Z 133 -62.58 -36.20 -77.44
C ILE Z 133 -61.43 -37.12 -77.86
N ARG Z 134 -61.71 -38.04 -78.78
CA ARG Z 134 -60.69 -38.96 -79.26
C ARG Z 134 -59.90 -38.32 -80.40
N VAL Z 135 -58.58 -38.36 -80.31
CA VAL Z 135 -57.71 -37.80 -81.33
C VAL Z 135 -56.88 -38.96 -81.86
N LYS Z 136 -57.23 -39.43 -83.05
CA LYS Z 136 -56.55 -40.45 -83.83
C LYS Z 136 -55.35 -39.81 -84.54
N LEU Z 137 -54.46 -40.65 -85.09
CA LEU Z 137 -53.20 -40.19 -85.68
C LEU Z 137 -53.40 -39.47 -87.01
N ASP Z 138 -54.13 -38.35 -86.99
CA ASP Z 138 -54.43 -37.54 -88.15
C ASP Z 138 -54.93 -36.18 -87.65
N GLY Z 139 -55.50 -35.39 -88.55
CA GLY Z 139 -56.09 -34.12 -88.16
C GLY Z 139 -57.56 -34.22 -87.85
N SER Z 140 -58.04 -35.43 -87.57
CA SER Z 140 -59.44 -35.68 -87.30
C SER Z 140 -59.67 -35.89 -85.80
N ARG Z 141 -60.87 -35.53 -85.34
CA ARG Z 141 -61.25 -35.68 -83.94
C ARG Z 141 -62.60 -36.37 -83.88
N LEU Z 142 -62.66 -37.53 -83.23
CA LEU Z 142 -63.91 -38.20 -82.96
C LEU Z 142 -64.49 -37.70 -81.63
N ILE Z 143 -65.80 -37.61 -81.57
CA ILE Z 143 -66.49 -37.12 -80.38
C ILE Z 143 -67.34 -38.29 -79.87
N LYS Z 144 -66.80 -39.07 -78.95
CA LYS Z 144 -67.53 -40.21 -78.41
C LYS Z 144 -68.34 -39.73 -77.22
N VAL Z 145 -69.66 -39.76 -77.35
CA VAL Z 145 -70.56 -39.24 -76.33
C VAL Z 145 -71.46 -40.37 -75.85
N HIS Z 146 -71.62 -40.47 -74.53
CA HIS Z 146 -72.43 -41.48 -73.89
C HIS Z 146 -73.86 -40.98 -73.72
N LEU Z 147 -74.81 -41.91 -73.74
CA LEU Z 147 -76.21 -41.59 -73.53
C LEU Z 147 -76.78 -42.50 -72.44
N ASP Z 148 -78.07 -42.40 -72.20
CA ASP Z 148 -78.72 -43.11 -71.11
C ASP Z 148 -79.19 -44.48 -71.58
N LYS Z 149 -79.29 -45.40 -70.62
CA LYS Z 149 -79.78 -46.75 -70.86
C LYS Z 149 -81.30 -46.82 -70.92
N ALA Z 150 -81.99 -45.78 -70.45
CA ALA Z 150 -83.44 -45.84 -70.28
C ALA Z 150 -84.19 -45.85 -71.61
N GLN Z 151 -83.58 -45.34 -72.68
CA GLN Z 151 -84.19 -45.35 -74.00
C GLN Z 151 -83.21 -45.99 -74.98
N GLN Z 152 -83.61 -47.12 -75.56
CA GLN Z 152 -82.78 -47.85 -76.51
C GLN Z 152 -83.39 -47.90 -77.90
N ASN Z 153 -84.63 -48.35 -78.03
CA ASN Z 153 -85.25 -48.47 -79.35
C ASN Z 153 -85.62 -47.12 -79.95
N ASN Z 154 -85.79 -46.09 -79.14
CA ASN Z 154 -86.10 -44.76 -79.63
C ASN Z 154 -84.85 -44.03 -80.11
N VAL Z 155 -83.72 -44.26 -79.45
CA VAL Z 155 -82.52 -43.49 -79.75
C VAL Z 155 -81.63 -44.24 -80.75
N GLU Z 156 -81.68 -45.58 -80.74
CA GLU Z 156 -80.81 -46.38 -81.60
C GLU Z 156 -81.17 -46.22 -83.08
N HIS Z 157 -82.45 -46.00 -83.38
CA HIS Z 157 -82.85 -45.71 -84.75
C HIS Z 157 -82.45 -44.31 -85.19
N LYS Z 158 -82.12 -43.43 -84.25
CA LYS Z 158 -81.76 -42.05 -84.57
C LYS Z 158 -80.29 -41.73 -84.36
N VAL Z 159 -79.48 -42.70 -83.94
CA VAL Z 159 -78.03 -42.48 -83.75
C VAL Z 159 -77.38 -42.02 -85.05
N GLU Z 160 -77.58 -42.76 -86.14
CA GLU Z 160 -76.97 -42.41 -87.42
C GLU Z 160 -77.56 -41.12 -87.98
N THR Z 161 -78.83 -40.86 -87.71
CA THR Z 161 -79.47 -39.62 -88.13
C THR Z 161 -78.84 -38.42 -87.42
N PHE Z 162 -78.67 -38.52 -86.10
CA PHE Z 162 -78.05 -37.46 -85.31
C PHE Z 162 -76.61 -37.24 -85.74
N SER Z 163 -75.89 -38.33 -86.04
CA SER Z 163 -74.51 -38.23 -86.50
C SER Z 163 -74.41 -37.51 -87.84
N GLY Z 164 -75.29 -37.87 -88.78
CA GLY Z 164 -75.27 -37.22 -90.08
C GLY Z 164 -75.68 -35.75 -90.03
N VAL Z 165 -76.66 -35.43 -89.18
CA VAL Z 165 -77.09 -34.04 -89.02
C VAL Z 165 -75.98 -33.21 -88.40
N TYR Z 166 -75.28 -33.75 -87.40
CA TYR Z 166 -74.22 -32.96 -86.78
C TYR Z 166 -72.99 -32.86 -87.68
N LYS Z 167 -72.72 -33.88 -88.50
CA LYS Z 167 -71.63 -33.77 -89.48
C LYS Z 167 -71.95 -32.78 -90.58
N LYS Z 168 -73.23 -32.62 -90.93
CA LYS Z 168 -73.56 -31.60 -91.91
C LYS Z 168 -73.56 -30.20 -91.30
N LEU Z 169 -74.00 -30.06 -90.05
CA LEU Z 169 -74.05 -28.74 -89.44
C LEU Z 169 -72.67 -28.25 -89.03
N THR Z 170 -72.01 -28.96 -88.13
CA THR Z 170 -70.72 -28.51 -87.63
C THR Z 170 -69.55 -29.08 -88.45
N GLY Z 171 -69.51 -30.39 -88.62
CA GLY Z 171 -68.42 -31.05 -89.32
C GLY Z 171 -67.57 -31.95 -88.47
N LYS Z 172 -67.92 -32.13 -87.19
CA LYS Z 172 -67.17 -32.99 -86.29
C LYS Z 172 -67.80 -34.38 -86.27
N ASP Z 173 -66.98 -35.40 -86.47
CA ASP Z 173 -67.46 -36.78 -86.47
C ASP Z 173 -67.76 -37.21 -85.04
N VAL Z 174 -68.94 -37.77 -84.82
CA VAL Z 174 -69.38 -38.17 -83.49
C VAL Z 174 -69.63 -39.67 -83.46
N ASN Z 175 -69.81 -40.19 -82.24
CA ASN Z 175 -70.07 -41.60 -82.02
C ASN Z 175 -70.88 -41.72 -80.74
N PHE Z 176 -72.13 -42.15 -80.88
CA PHE Z 176 -73.03 -42.29 -79.74
C PHE Z 176 -72.88 -43.68 -79.13
N GLU Z 177 -72.69 -43.74 -77.82
CA GLU Z 177 -72.50 -44.99 -77.11
C GLU Z 177 -73.57 -45.11 -76.03
N PHE Z 178 -73.99 -46.36 -75.76
CA PHE Z 178 -74.97 -46.66 -74.73
C PHE Z 178 -74.32 -47.47 -73.61
N PRO Z 179 -73.67 -46.82 -72.65
CA PRO Z 179 -73.05 -47.57 -71.55
C PRO Z 179 -74.10 -48.04 -70.54
N GLU Z 180 -73.67 -48.95 -69.68
CA GLU Z 180 -74.54 -49.39 -68.60
C GLU Z 180 -74.65 -48.31 -67.53
N PHE Z 181 -75.78 -48.31 -66.82
CA PHE Z 181 -76.09 -47.26 -65.87
C PHE Z 181 -75.26 -47.44 -64.60
N GLN Z 182 -74.47 -46.42 -64.26
CA GLN Z 182 -73.62 -46.46 -63.07
C GLN Z 182 -74.48 -46.11 -61.85
N LEU Z 183 -75.14 -47.13 -61.32
CA LEU Z 183 -75.99 -46.96 -60.14
C LEU Z 183 -75.15 -47.06 -58.87
N GLY AA 1 -21.48 39.24 -63.66
CA GLY AA 1 -21.22 38.01 -62.93
C GLY AA 1 -22.49 37.27 -62.56
N ILE AA 2 -23.63 37.84 -62.93
CA ILE AA 2 -24.91 37.21 -62.63
C ILE AA 2 -25.11 36.05 -63.57
N SER AA 3 -25.42 34.88 -63.01
CA SER AA 3 -25.63 33.67 -63.79
C SER AA 3 -27.09 33.24 -63.67
N ARG AA 4 -27.79 33.22 -64.81
CA ARG AA 4 -29.13 32.65 -64.89
C ARG AA 4 -29.09 31.15 -65.18
N ASP AA 5 -27.96 30.50 -64.95
CA ASP AA 5 -27.74 29.11 -65.27
C ASP AA 5 -28.61 28.19 -64.40
N ASN AA 6 -28.69 26.92 -64.81
CA ASN AA 6 -29.49 25.94 -64.10
C ASN AA 6 -28.69 24.73 -63.66
N TRP AA 7 -27.36 24.83 -63.63
CA TRP AA 7 -26.52 23.73 -63.18
C TRP AA 7 -26.12 23.86 -61.71
N HIS AA 8 -26.49 24.94 -61.04
CA HIS AA 8 -26.29 25.06 -59.60
C HIS AA 8 -27.53 24.66 -58.82
N LYS AA 9 -28.42 23.88 -59.43
CA LYS AA 9 -29.71 23.57 -58.86
C LYS AA 9 -29.76 22.14 -58.33
N ARG AA 10 -30.79 21.87 -57.55
CA ARG AA 10 -31.04 20.51 -57.08
C ARG AA 10 -31.80 19.73 -58.14
N ARG AA 11 -31.92 18.43 -57.91
CA ARG AA 11 -32.50 17.51 -58.88
C ARG AA 11 -34.01 17.43 -58.66
N LYS AA 12 -34.65 16.40 -59.22
CA LYS AA 12 -36.06 16.13 -58.96
C LYS AA 12 -36.30 15.89 -57.47
N THR AA 13 -35.37 15.20 -56.81
CA THR AA 13 -35.47 14.87 -55.39
C THR AA 13 -34.99 16.01 -54.50
N GLY AA 14 -33.80 16.53 -54.77
CA GLY AA 14 -33.18 17.50 -53.90
C GLY AA 14 -31.72 17.23 -53.64
N GLY AA 15 -31.15 16.31 -54.40
CA GLY AA 15 -29.71 16.06 -54.29
C GLY AA 15 -28.93 17.22 -54.88
N LYS AA 16 -27.90 17.66 -54.15
CA LYS AA 16 -27.11 18.79 -54.60
C LYS AA 16 -26.22 18.40 -55.76
N ARG AA 17 -26.28 19.18 -56.84
CA ARG AA 17 -25.50 18.87 -58.04
C ARG AA 17 -24.07 19.38 -57.88
N LYS AA 18 -23.12 18.58 -58.36
CA LYS AA 18 -21.71 18.93 -58.23
C LYS AA 18 -21.33 19.99 -59.26
N PRO AA 19 -20.57 21.02 -58.87
CA PRO AA 19 -20.19 22.07 -59.81
C PRO AA 19 -18.94 21.76 -60.61
N TYR AA 20 -19.00 21.96 -61.94
CA TYR AA 20 -17.81 21.85 -62.77
C TYR AA 20 -17.69 22.91 -63.85
N HIS AA 21 -18.73 23.68 -64.15
CA HIS AA 21 -18.61 24.78 -65.09
C HIS AA 21 -18.03 26.02 -64.39
N LYS AA 22 -17.83 27.08 -65.15
CA LYS AA 22 -17.28 28.32 -64.60
C LYS AA 22 -18.13 29.53 -64.99
N LYS AA 23 -19.46 29.35 -65.02
CA LYS AA 23 -20.44 30.43 -65.25
C LYS AA 23 -20.23 31.10 -66.60
N ARG AA 24 -20.50 30.33 -67.66
CA ARG AA 24 -20.05 30.64 -69.01
C ARG AA 24 -20.73 31.87 -69.61
N LYS AA 25 -20.37 32.16 -70.86
CA LYS AA 25 -20.76 33.41 -71.50
C LYS AA 25 -22.19 33.36 -72.02
N TYR AA 26 -22.66 32.22 -72.50
CA TYR AA 26 -23.99 32.13 -73.12
C TYR AA 26 -25.13 32.08 -72.10
N GLU AA 27 -24.87 32.40 -70.84
CA GLU AA 27 -25.85 32.37 -69.75
C GLU AA 27 -25.71 33.64 -68.91
N LEU AA 28 -25.70 34.79 -69.60
CA LEU AA 28 -25.46 36.09 -69.00
C LEU AA 28 -26.59 36.48 -68.04
N GLY AA 29 -26.25 37.39 -67.13
CA GLY AA 29 -27.22 38.07 -66.31
C GLY AA 29 -26.82 39.52 -66.13
N ARG AA 30 -27.70 40.43 -66.51
CA ARG AA 30 -27.40 41.84 -66.34
C ARG AA 30 -28.28 42.45 -65.25
N PRO AA 31 -27.80 43.45 -64.52
CA PRO AA 31 -28.59 43.99 -63.40
C PRO AA 31 -29.81 44.76 -63.88
N ALA AA 32 -30.83 44.76 -63.03
CA ALA AA 32 -32.09 45.41 -63.34
C ALA AA 32 -31.94 46.92 -63.29
N ALA AA 33 -32.58 47.60 -64.24
CA ALA AA 33 -32.63 49.06 -64.27
C ALA AA 33 -34.06 49.48 -64.02
N ASN AA 34 -34.31 50.03 -62.83
CA ASN AA 34 -35.65 50.48 -62.46
C ASN AA 34 -35.98 51.75 -63.23
N THR AA 35 -36.94 51.65 -64.16
CA THR AA 35 -37.29 52.76 -65.02
C THR AA 35 -38.11 53.78 -64.24
N LYS AA 36 -37.53 54.95 -63.99
CA LYS AA 36 -38.18 55.99 -63.20
C LYS AA 36 -39.17 56.76 -64.06
N ILE AA 37 -39.69 57.86 -63.53
CA ILE AA 37 -40.64 58.70 -64.25
C ILE AA 37 -40.05 60.07 -64.57
N GLY AA 38 -38.73 60.19 -64.59
CA GLY AA 38 -38.07 61.44 -64.89
C GLY AA 38 -38.05 61.76 -66.38
N PRO AA 39 -37.01 62.44 -66.84
CA PRO AA 39 -36.89 62.72 -68.29
C PRO AA 39 -36.47 61.50 -69.09
N ARG AA 40 -36.32 61.64 -70.40
CA ARG AA 40 -35.96 60.51 -71.23
C ARG AA 40 -34.46 60.24 -71.13
N ARG AA 41 -34.10 59.01 -70.79
CA ARG AA 41 -32.70 58.62 -70.65
C ARG AA 41 -32.59 57.13 -70.92
N ILE AA 42 -31.94 56.77 -72.03
CA ILE AA 42 -31.82 55.39 -72.49
C ILE AA 42 -30.37 55.13 -72.84
N HIS AA 43 -29.79 54.11 -72.22
CA HIS AA 43 -28.46 53.62 -72.57
C HIS AA 43 -28.57 52.40 -73.48
N THR AA 44 -27.43 51.94 -73.98
CA THR AA 44 -27.38 50.81 -74.89
C THR AA 44 -26.76 49.60 -74.21
N VAL AA 45 -27.09 48.43 -74.74
CA VAL AA 45 -26.59 47.14 -74.26
C VAL AA 45 -26.22 46.29 -75.46
N ARG AA 46 -24.99 45.79 -75.49
CA ARG AA 46 -24.58 44.87 -76.53
C ARG AA 46 -25.21 43.50 -76.29
N VAL AA 47 -25.70 42.87 -77.36
CA VAL AA 47 -26.39 41.59 -77.31
C VAL AA 47 -25.67 40.64 -78.26
N ARG AA 48 -25.56 39.38 -77.84
CA ARG AA 48 -24.95 38.31 -78.64
C ARG AA 48 -25.58 38.21 -80.03
N GLY AA 49 -24.73 38.08 -81.04
CA GLY AA 49 -25.14 38.27 -82.41
C GLY AA 49 -24.99 39.68 -82.90
N GLY AA 50 -24.36 40.55 -82.13
CA GLY AA 50 -24.18 41.94 -82.53
C GLY AA 50 -25.40 42.80 -82.42
N ASN AA 51 -26.40 42.37 -81.65
CA ASN AA 51 -27.64 43.12 -81.58
C ASN AA 51 -27.53 44.24 -80.53
N LYS AA 52 -28.52 45.12 -80.54
CA LYS AA 52 -28.55 46.30 -79.69
C LYS AA 52 -29.81 46.28 -78.86
N LYS AA 53 -29.67 46.53 -77.55
CA LYS AA 53 -30.80 46.55 -76.64
C LYS AA 53 -30.86 47.91 -75.96
N TYR AA 54 -32.07 48.43 -75.81
CA TYR AA 54 -32.27 49.81 -75.38
C TYR AA 54 -32.76 49.81 -73.93
N ARG AA 55 -31.84 50.08 -73.01
CA ARG AA 55 -32.14 50.07 -71.58
C ARG AA 55 -32.64 51.45 -71.18
N ALA AA 56 -33.92 51.55 -70.82
CA ALA AA 56 -34.51 52.82 -70.42
C ALA AA 56 -34.34 52.99 -68.91
N LEU AA 57 -33.44 53.90 -68.51
CA LEU AA 57 -33.22 54.13 -67.10
C LEU AA 57 -34.33 54.97 -66.48
N ARG AA 58 -34.88 55.92 -67.23
CA ARG AA 58 -36.02 56.73 -66.81
C ARG AA 58 -36.70 57.29 -68.04
N LEU AA 59 -38.03 57.40 -67.97
CA LEU AA 59 -38.85 57.76 -69.12
C LEU AA 59 -39.89 58.80 -68.73
N ASP AA 60 -40.28 59.60 -69.71
CA ASP AA 60 -41.33 60.60 -69.58
C ASP AA 60 -42.46 60.40 -70.58
N VAL AA 61 -42.14 59.97 -71.79
CA VAL AA 61 -43.11 59.82 -72.85
C VAL AA 61 -43.62 58.37 -72.87
N GLY AA 62 -44.74 58.17 -73.52
CA GLY AA 62 -45.32 56.85 -73.67
C GLY AA 62 -46.30 56.85 -74.81
N ASN AA 63 -46.56 55.64 -75.31
CA ASN AA 63 -47.43 55.45 -76.46
C ASN AA 63 -48.51 54.47 -76.05
N PHE AA 64 -49.71 54.99 -75.82
CA PHE AA 64 -50.81 54.21 -75.26
C PHE AA 64 -52.01 54.23 -76.19
N SER AA 65 -52.56 53.06 -76.45
CA SER AA 65 -53.63 52.88 -77.42
C SER AA 65 -54.98 52.85 -76.72
N TRP AA 66 -55.93 53.64 -77.24
CA TRP AA 66 -57.30 53.55 -76.77
C TRP AA 66 -57.91 52.23 -77.26
N GLY AA 67 -58.70 51.62 -76.40
CA GLY AA 67 -59.18 50.27 -76.67
C GLY AA 67 -60.28 50.16 -77.71
N SER AA 68 -61.42 50.77 -77.44
CA SER AA 68 -62.60 50.53 -78.27
C SER AA 68 -62.55 51.31 -79.57
N GLU AA 69 -62.21 52.59 -79.51
CA GLU AA 69 -62.29 53.45 -80.69
C GLU AA 69 -61.08 53.33 -81.62
N CYS AA 70 -60.05 52.59 -81.21
CA CYS AA 70 -58.82 52.36 -81.96
C CYS AA 70 -58.12 53.68 -82.31
N CYS AA 71 -57.67 54.37 -81.26
CA CYS AA 71 -56.90 55.59 -81.39
C CYS AA 71 -55.68 55.50 -80.50
N THR AA 72 -54.58 56.12 -80.93
CA THR AA 72 -53.33 56.05 -80.18
C THR AA 72 -52.59 57.36 -80.36
N ARG AA 73 -52.28 58.03 -79.26
CA ARG AA 73 -51.59 59.31 -79.31
C ARG AA 73 -50.43 59.31 -78.31
N LYS AA 74 -49.78 60.46 -78.22
CA LYS AA 74 -48.67 60.64 -77.30
C LYS AA 74 -49.19 60.72 -75.87
N THR AA 75 -48.35 60.39 -74.90
CA THR AA 75 -48.77 60.41 -73.50
C THR AA 75 -47.61 60.80 -72.60
N ARG AA 76 -47.85 61.74 -71.70
CA ARG AA 76 -46.93 61.99 -70.60
C ARG AA 76 -47.24 61.04 -69.46
N ILE AA 77 -46.23 60.36 -68.95
CA ILE AA 77 -46.41 59.44 -67.83
C ILE AA 77 -46.41 60.24 -66.53
N ILE AA 78 -47.44 60.02 -65.70
CA ILE AA 78 -47.62 60.82 -64.49
C ILE AA 78 -47.22 60.05 -63.25
N ASP AA 79 -47.90 58.93 -62.97
CA ASP AA 79 -47.75 58.28 -61.68
C ASP AA 79 -47.90 56.77 -61.87
N VAL AA 80 -47.29 56.02 -60.95
CA VAL AA 80 -47.27 54.57 -60.97
C VAL AA 80 -48.12 54.06 -59.80
N VAL AA 81 -49.18 53.32 -60.12
CA VAL AA 81 -50.09 52.76 -59.14
C VAL AA 81 -50.27 51.27 -59.43
N TYR AA 82 -50.22 50.44 -58.38
CA TYR AA 82 -50.70 49.05 -58.38
C TYR AA 82 -49.95 48.18 -59.39
N ASN AA 83 -48.68 47.93 -59.06
CA ASN AA 83 -47.84 47.03 -59.85
C ASN AA 83 -48.44 45.62 -59.92
N ALA AA 84 -49.05 45.17 -58.82
CA ALA AA 84 -49.70 43.86 -58.63
C ALA AA 84 -48.75 42.68 -58.75
N SER AA 85 -47.44 42.91 -58.74
CA SER AA 85 -46.45 41.85 -58.60
C SER AA 85 -45.58 42.06 -57.38
N ASN AA 86 -45.08 43.28 -57.18
CA ASN AA 86 -44.31 43.64 -55.99
C ASN AA 86 -44.68 45.08 -55.65
N ASN AA 87 -45.25 45.28 -54.46
CA ASN AA 87 -45.75 46.59 -54.05
C ASN AA 87 -44.64 47.56 -53.69
N GLU AA 88 -43.39 47.11 -53.58
CA GLU AA 88 -42.27 48.02 -53.38
C GLU AA 88 -42.05 48.90 -54.60
N LEU AA 89 -42.28 48.36 -55.80
CA LEU AA 89 -42.08 49.11 -57.03
C LEU AA 89 -43.17 50.15 -57.28
N VAL AA 90 -44.27 50.10 -56.54
CA VAL AA 90 -45.24 51.20 -56.59
C VAL AA 90 -44.65 52.45 -55.96
N ARG AA 91 -44.05 52.30 -54.78
CA ARG AA 91 -43.36 53.41 -54.13
C ARG AA 91 -42.10 53.80 -54.89
N THR AA 92 -41.41 52.81 -55.46
CA THR AA 92 -40.21 53.07 -56.24
C THR AA 92 -40.52 53.75 -57.57
N LYS AA 93 -41.76 53.59 -58.06
CA LYS AA 93 -42.24 54.09 -59.35
C LYS AA 93 -41.39 53.55 -60.50
N THR AA 94 -41.44 52.23 -60.65
CA THR AA 94 -40.69 51.49 -61.65
C THR AA 94 -41.62 51.01 -62.75
N LEU AA 95 -41.29 51.33 -63.99
CA LEU AA 95 -42.10 50.91 -65.13
C LEU AA 95 -41.71 49.49 -65.53
N VAL AA 96 -42.66 48.57 -65.47
CA VAL AA 96 -42.45 47.17 -65.84
C VAL AA 96 -43.42 46.83 -66.96
N LYS AA 97 -43.44 45.55 -67.37
CA LYS AA 97 -44.27 45.14 -68.50
C LYS AA 97 -45.76 45.23 -68.18
N ASN AA 98 -46.17 44.76 -67.01
CA ASN AA 98 -47.58 44.80 -66.61
C ASN AA 98 -47.67 45.77 -65.42
N CYS AA 99 -47.84 47.05 -65.73
CA CYS AA 99 -48.02 48.08 -64.72
C CYS AA 99 -49.10 49.04 -65.19
N ILE AA 100 -49.48 49.97 -64.32
CA ILE AA 100 -50.56 50.90 -64.59
C ILE AA 100 -50.01 52.32 -64.57
N VAL AA 101 -50.29 53.06 -65.65
CA VAL AA 101 -49.81 54.42 -65.85
C VAL AA 101 -51.01 55.35 -65.91
N LEU AA 102 -50.90 56.50 -65.24
CA LEU AA 102 -51.89 57.57 -65.33
C LEU AA 102 -51.59 58.39 -66.58
N ILE AA 103 -52.31 58.12 -67.66
CA ILE AA 103 -52.28 58.97 -68.85
C ILE AA 103 -52.82 60.35 -68.51
N ASP AA 104 -52.06 61.39 -68.85
CA ASP AA 104 -52.63 62.72 -68.94
C ASP AA 104 -53.59 62.75 -70.11
N SER AA 105 -54.88 62.98 -69.82
CA SER AA 105 -55.96 62.79 -70.79
C SER AA 105 -56.10 63.94 -71.80
N THR AA 106 -55.09 64.79 -71.95
CA THR AA 106 -55.18 65.88 -72.90
C THR AA 106 -55.11 65.44 -74.37
N PRO AA 107 -54.16 64.60 -74.83
CA PRO AA 107 -54.11 64.31 -76.28
C PRO AA 107 -55.24 63.44 -76.81
N TYR AA 108 -56.17 62.97 -75.99
CA TYR AA 108 -57.37 62.32 -76.51
C TYR AA 108 -58.52 63.29 -76.70
N ARG AA 109 -58.48 64.45 -76.02
CA ARG AA 109 -59.57 65.41 -76.12
C ARG AA 109 -59.63 66.06 -77.50
N GLN AA 110 -58.47 66.30 -78.13
CA GLN AA 110 -58.48 66.89 -79.47
C GLN AA 110 -59.03 65.91 -80.50
N TRP AA 111 -58.69 64.63 -80.38
CA TRP AA 111 -59.26 63.64 -81.30
C TRP AA 111 -60.76 63.44 -81.06
N TYR AA 112 -61.17 63.47 -79.79
CA TYR AA 112 -62.58 63.33 -79.47
C TYR AA 112 -63.39 64.53 -79.95
N GLU AA 113 -62.80 65.73 -79.92
CA GLU AA 113 -63.45 66.89 -80.52
C GLU AA 113 -63.50 66.77 -82.04
N SER AA 114 -62.40 66.31 -82.66
CA SER AA 114 -62.31 66.34 -84.11
C SER AA 114 -63.17 65.26 -84.77
N HIS AA 115 -63.44 64.16 -84.07
CA HIS AA 115 -64.25 63.10 -84.68
C HIS AA 115 -65.61 62.91 -84.00
N TYR AA 116 -65.76 63.34 -82.76
CA TYR AA 116 -66.93 63.07 -81.92
C TYR AA 116 -67.42 64.37 -81.28
N ALA AA 117 -67.71 65.36 -82.14
CA ALA AA 117 -68.03 66.73 -81.76
C ALA AA 117 -69.23 66.82 -80.81
N LEU AA 118 -69.42 68.04 -80.26
CA LEU AA 118 -70.12 68.36 -79.02
C LEU AA 118 -69.43 67.57 -77.89
N PRO AA 119 -68.22 67.99 -77.48
CA PRO AA 119 -67.43 67.16 -76.57
C PRO AA 119 -67.85 67.32 -75.11
N LEU AA 120 -67.05 66.73 -74.22
CA LEU AA 120 -67.33 66.77 -72.79
C LEU AA 120 -66.12 67.26 -72.00
N GLY AA 121 -66.18 67.17 -70.68
CA GLY AA 121 -65.08 67.61 -69.84
C GLY AA 121 -65.00 69.09 -69.62
N ARG AA 122 -66.10 69.82 -69.81
CA ARG AA 122 -66.12 71.27 -69.63
C ARG AA 122 -66.82 71.69 -68.34
N LYS AA 123 -66.97 70.75 -67.39
CA LYS AA 123 -67.53 70.91 -66.03
C LYS AA 123 -68.87 71.68 -66.01
N LYS AA 124 -69.65 71.51 -67.08
CA LYS AA 124 -70.99 72.14 -67.27
C LYS AA 124 -70.93 73.66 -67.14
N GLY AA 125 -69.88 74.26 -67.71
CA GLY AA 125 -69.76 75.70 -67.70
C GLY AA 125 -70.48 76.36 -68.85
N ALA AA 126 -70.28 75.81 -70.06
CA ALA AA 126 -70.94 76.21 -71.31
C ALA AA 126 -70.69 77.67 -71.69
N LYS AA 127 -69.63 78.28 -71.17
CA LYS AA 127 -69.26 79.65 -71.53
C LYS AA 127 -67.78 79.83 -71.81
N LEU AA 128 -66.92 78.88 -71.45
CA LEU AA 128 -65.49 79.01 -71.58
C LEU AA 128 -65.01 78.33 -72.86
N THR AA 129 -63.68 78.22 -73.00
CA THR AA 129 -62.92 77.54 -74.05
C THR AA 129 -63.31 77.96 -75.47
N PRO AA 130 -62.90 79.15 -75.95
CA PRO AA 130 -63.08 79.46 -77.37
C PRO AA 130 -62.15 78.65 -78.25
N GLU AA 131 -62.54 77.42 -78.53
CA GLU AA 131 -61.61 76.41 -79.05
C GLU AA 131 -61.51 76.39 -80.57
N GLU AA 132 -62.49 77.01 -81.26
CA GLU AA 132 -63.09 76.77 -82.61
C GLU AA 132 -64.14 75.66 -82.53
N GLU AA 133 -64.76 75.53 -81.35
CA GLU AA 133 -65.90 74.62 -81.16
C GLU AA 133 -67.04 74.87 -82.15
N GLU AA 134 -67.38 76.14 -82.37
CA GLU AA 134 -68.54 76.52 -83.19
C GLU AA 134 -68.16 77.58 -84.21
N ILE AA 135 -67.06 77.36 -84.94
CA ILE AA 135 -66.56 78.29 -85.93
C ILE AA 135 -66.66 77.73 -87.34
N LEU AA 136 -66.32 76.45 -87.53
CA LEU AA 136 -66.33 75.84 -88.86
C LEU AA 136 -67.74 75.64 -89.40
N ASN AA 137 -68.74 75.58 -88.52
CA ASN AA 137 -70.19 75.71 -88.78
C ASN AA 137 -70.79 74.48 -89.48
N LYS AA 138 -69.94 73.54 -89.91
CA LYS AA 138 -70.33 72.21 -90.41
C LYS AA 138 -71.29 72.31 -91.60
N LYS AA 139 -70.72 72.80 -92.72
CA LYS AA 139 -71.52 73.25 -93.86
C LYS AA 139 -72.23 72.09 -94.56
N ARG AA 140 -71.47 71.16 -95.14
CA ARG AA 140 -72.02 70.19 -96.06
C ARG AA 140 -72.64 69.01 -95.31
N SER AA 141 -72.91 67.92 -96.04
CA SER AA 141 -73.51 66.71 -95.49
C SER AA 141 -72.55 65.93 -94.58
N LYS AA 142 -71.30 66.36 -94.45
CA LYS AA 142 -70.45 65.77 -93.42
C LYS AA 142 -70.89 66.19 -92.02
N LYS AA 143 -71.68 67.26 -91.88
CA LYS AA 143 -72.40 67.49 -90.63
C LYS AA 143 -73.37 66.36 -90.34
N ILE AA 144 -74.09 65.89 -91.36
CA ILE AA 144 -75.00 64.76 -91.19
C ILE AA 144 -74.21 63.49 -90.91
N GLN AA 145 -73.04 63.35 -91.52
CA GLN AA 145 -72.16 62.20 -91.25
C GLN AA 145 -71.66 62.20 -89.81
N LYS AA 146 -71.29 63.37 -89.29
CA LYS AA 146 -70.93 63.49 -87.88
C LYS AA 146 -72.14 63.29 -86.98
N LYS AA 147 -73.34 63.60 -87.47
CA LYS AA 147 -74.55 63.30 -86.70
C LYS AA 147 -74.79 61.80 -86.61
N TYR AA 148 -74.51 61.06 -87.68
CA TYR AA 148 -74.54 59.60 -87.59
C TYR AA 148 -73.45 59.07 -86.66
N ASP AA 149 -72.29 59.72 -86.65
CA ASP AA 149 -71.22 59.28 -85.75
C ASP AA 149 -71.53 59.59 -84.29
N GLU AA 150 -72.31 60.65 -84.04
CA GLU AA 150 -72.53 61.15 -82.69
C GLU AA 150 -73.80 60.61 -82.04
N ARG AA 151 -74.86 60.39 -82.82
CA ARG AA 151 -76.13 59.97 -82.26
C ARG AA 151 -76.57 58.57 -82.64
N LYS AA 152 -76.20 58.09 -83.84
CA LYS AA 152 -76.55 56.73 -84.22
C LYS AA 152 -75.59 55.72 -83.60
N LYS AA 153 -74.29 55.97 -83.71
CA LYS AA 153 -73.31 55.19 -82.96
C LYS AA 153 -73.31 55.53 -81.48
N ASN AA 154 -73.75 56.75 -81.15
CA ASN AA 154 -74.18 57.25 -79.84
C ASN AA 154 -73.00 57.51 -78.89
N ALA AA 155 -71.79 57.10 -79.28
CA ALA AA 155 -70.51 57.46 -78.63
C ALA AA 155 -70.46 57.13 -77.15
N LYS AA 156 -70.95 55.95 -76.75
CA LYS AA 156 -71.04 55.61 -75.34
C LYS AA 156 -69.68 55.24 -74.79
N ILE AA 157 -69.19 56.08 -73.88
CA ILE AA 157 -67.91 55.97 -73.19
C ILE AA 157 -68.16 55.95 -71.69
N SER AA 158 -69.16 55.14 -71.28
CA SER AA 158 -69.92 55.15 -70.03
C SER AA 158 -69.15 55.39 -68.73
N SER AA 159 -69.90 55.80 -67.70
CA SER AA 159 -69.52 56.78 -66.68
C SER AA 159 -68.15 56.61 -66.03
N LEU AA 160 -67.53 55.43 -66.09
CA LEU AA 160 -66.17 55.28 -65.56
C LEU AA 160 -65.19 56.14 -66.35
N LEU AA 161 -65.22 56.05 -67.68
CA LEU AA 161 -64.36 56.89 -68.50
C LEU AA 161 -64.78 58.34 -68.46
N GLU AA 162 -66.07 58.62 -68.19
CA GLU AA 162 -66.54 59.98 -67.98
C GLU AA 162 -65.88 60.61 -66.76
N GLU AA 163 -65.90 59.89 -65.63
CA GLU AA 163 -65.28 60.39 -64.41
C GLU AA 163 -63.77 60.49 -64.54
N GLN AA 164 -63.15 59.58 -65.29
CA GLN AA 164 -61.70 59.67 -65.49
C GLN AA 164 -61.33 60.84 -66.39
N PHE AA 165 -62.16 61.15 -67.40
CA PHE AA 165 -61.93 62.33 -68.20
C PHE AA 165 -62.19 63.62 -67.43
N GLN AA 166 -63.13 63.59 -66.48
CA GLN AA 166 -63.36 64.76 -65.64
C GLN AA 166 -62.20 64.97 -64.66
N GLN AA 167 -61.64 63.89 -64.13
CA GLN AA 167 -60.48 64.03 -63.26
C GLN AA 167 -59.20 64.34 -64.01
N GLY AA 168 -59.13 64.03 -65.30
CA GLY AA 168 -57.95 64.33 -66.08
C GLY AA 168 -56.87 63.28 -66.05
N LYS AA 169 -57.15 62.12 -65.44
CA LYS AA 169 -56.23 60.99 -65.43
C LYS AA 169 -56.92 59.79 -66.05
N LEU AA 170 -56.14 58.98 -66.76
CA LEU AA 170 -56.68 57.80 -67.45
C LEU AA 170 -55.86 56.59 -67.06
N LEU AA 171 -56.51 55.59 -66.48
CA LEU AA 171 -55.80 54.41 -66.00
C LEU AA 171 -55.46 53.51 -67.17
N ALA AA 172 -54.18 53.21 -67.36
CA ALA AA 172 -53.73 52.44 -68.51
C ALA AA 172 -52.82 51.30 -68.08
N CYS AA 173 -52.79 50.26 -68.88
CA CYS AA 173 -51.91 49.11 -68.67
C CYS AA 173 -50.80 49.11 -69.70
N ILE AA 174 -49.56 48.94 -69.23
CA ILE AA 174 -48.43 48.82 -70.14
C ILE AA 174 -48.51 47.46 -70.83
N ALA AA 175 -48.10 47.41 -72.11
CA ALA AA 175 -48.06 46.18 -72.85
C ALA AA 175 -46.68 45.82 -73.38
N SER AA 176 -45.69 46.69 -73.22
CA SER AA 176 -44.34 46.46 -73.70
C SER AA 176 -43.39 46.41 -72.51
N ARG AA 177 -42.17 45.94 -72.78
CA ARG AA 177 -41.15 45.85 -71.75
C ARG AA 177 -40.30 47.11 -71.76
N PRO AA 178 -40.32 47.94 -70.71
CA PRO AA 178 -39.55 49.19 -70.74
C PRO AA 178 -38.05 48.97 -70.66
N GLY AA 179 -37.60 47.90 -70.03
CA GLY AA 179 -36.18 47.64 -69.93
C GLY AA 179 -35.56 46.92 -71.09
N GLN AA 180 -36.37 46.41 -72.01
CA GLN AA 180 -35.87 45.65 -73.16
C GLN AA 180 -35.84 46.50 -74.43
N CYS AA 181 -36.99 47.04 -74.84
CA CYS AA 181 -37.07 47.83 -76.05
C CYS AA 181 -37.01 49.33 -75.79
N GLY AA 182 -36.95 49.74 -74.52
CA GLY AA 182 -36.86 51.15 -74.20
C GLY AA 182 -38.13 51.94 -74.44
N ARG AA 183 -39.27 51.26 -74.51
CA ARG AA 183 -40.53 51.91 -74.82
C ARG AA 183 -41.57 51.53 -73.77
N ALA AA 184 -42.29 52.52 -73.26
CA ALA AA 184 -43.39 52.27 -72.33
C ALA AA 184 -44.71 52.27 -73.09
N ASP AA 185 -44.84 51.32 -74.01
CA ASP AA 185 -46.01 51.22 -74.88
C ASP AA 185 -47.09 50.39 -74.18
N GLY AA 186 -48.34 50.81 -74.34
CA GLY AA 186 -49.40 50.11 -73.64
C GLY AA 186 -50.77 50.43 -74.19
N TYR AA 187 -51.79 50.05 -73.42
CA TYR AA 187 -53.18 50.23 -73.81
C TYR AA 187 -53.98 50.78 -72.64
N VAL AA 188 -55.15 51.32 -72.96
CA VAL AA 188 -56.03 51.93 -71.98
C VAL AA 188 -56.92 50.85 -71.38
N LEU AA 189 -57.02 50.83 -70.05
CA LEU AA 189 -57.92 49.90 -69.37
C LEU AA 189 -59.37 50.25 -69.67
N GLU AA 190 -60.14 49.24 -70.10
CA GLU AA 190 -61.48 49.44 -70.62
C GLU AA 190 -62.44 48.43 -69.99
N GLY AA 191 -63.58 48.94 -69.50
CA GLY AA 191 -64.68 48.09 -69.09
C GLY AA 191 -64.48 47.28 -67.83
N LYS AA 192 -64.49 45.94 -67.99
CA LYS AA 192 -64.44 45.06 -66.84
C LYS AA 192 -63.06 45.05 -66.19
N GLU AA 193 -62.00 45.11 -67.01
CA GLU AA 193 -60.65 45.27 -66.46
C GLU AA 193 -60.50 46.62 -65.77
N LEU AA 194 -61.14 47.65 -66.33
CA LEU AA 194 -61.09 48.98 -65.74
C LEU AA 194 -61.74 49.00 -64.36
N GLU AA 195 -62.92 48.42 -64.23
CA GLU AA 195 -63.59 48.40 -62.92
C GLU AA 195 -62.90 47.44 -61.96
N PHE AA 196 -62.24 46.38 -62.47
CA PHE AA 196 -61.52 45.47 -61.59
C PHE AA 196 -60.28 46.14 -60.98
N TYR AA 197 -59.46 46.78 -61.82
CA TYR AA 197 -58.31 47.51 -61.28
C TYR AA 197 -58.73 48.71 -60.45
N LEU AA 198 -59.86 49.35 -60.78
CA LEU AA 198 -60.36 50.45 -59.96
C LEU AA 198 -60.79 49.95 -58.59
N ARG AA 199 -61.41 48.76 -58.53
CA ARG AA 199 -61.78 48.17 -57.26
C ARG AA 199 -60.56 47.78 -56.44
N LYS AA 200 -59.51 47.28 -57.11
CA LYS AA 200 -58.28 46.94 -56.39
C LYS AA 200 -57.57 48.17 -55.84
N ILE AA 201 -57.53 49.26 -56.62
CA ILE AA 201 -56.92 50.51 -56.16
C ILE AA 201 -57.74 51.12 -55.02
N LYS AA 202 -59.07 51.04 -55.12
CA LYS AA 202 -59.94 51.56 -54.06
C LYS AA 202 -59.79 50.77 -52.77
N ALA AA 203 -59.70 49.44 -52.87
CA ALA AA 203 -59.49 48.63 -51.68
C ALA AA 203 -58.11 48.83 -51.08
N ARG AA 204 -57.10 49.06 -51.91
CA ARG AA 204 -55.75 49.33 -51.41
C ARG AA 204 -55.69 50.68 -50.71
N LYS AA 205 -56.41 51.68 -51.22
CA LYS AA 205 -56.50 52.97 -50.51
C LYS AA 205 -57.36 52.86 -49.26
N GLY AA 206 -58.31 51.92 -49.23
CA GLY AA 206 -59.14 51.72 -48.07
C GLY AA 206 -58.42 51.06 -46.91
N LYS AA 207 -57.84 49.88 -47.14
CA LYS AA 207 -57.16 49.16 -46.06
C LYS AA 207 -55.69 49.59 -45.96
N PRO BA 1 -3.70 14.69 -84.96
CA PRO BA 1 -2.39 14.05 -84.77
C PRO BA 1 -1.97 13.23 -85.98
N VAL BA 2 -1.15 12.20 -85.76
CA VAL BA 2 -0.70 11.37 -86.86
C VAL BA 2 -1.84 10.49 -87.33
N ALA BA 3 -1.83 10.17 -88.63
CA ALA BA 3 -2.81 9.24 -89.20
C ALA BA 3 -2.14 8.52 -90.36
N ARG BA 4 -1.53 7.37 -90.07
CA ARG BA 4 -0.95 6.54 -91.12
C ARG BA 4 -1.61 5.18 -91.22
N SER BA 5 -1.54 4.35 -90.17
CA SER BA 5 -2.07 3.00 -90.12
C SER BA 5 -1.96 2.46 -88.71
N TRP BA 6 -2.97 1.71 -88.28
CA TRP BA 6 -2.94 1.01 -87.00
C TRP BA 6 -3.71 -0.28 -87.15
N VAL BA 7 -2.99 -1.41 -87.13
CA VAL BA 7 -3.62 -2.72 -87.32
C VAL BA 7 -2.67 -3.76 -86.71
N CYS BA 8 -3.22 -4.91 -86.34
CA CYS BA 8 -2.44 -5.98 -85.75
C CYS BA 8 -3.13 -7.31 -86.02
N ARG BA 9 -2.44 -8.21 -86.70
CA ARG BA 9 -2.93 -9.55 -86.97
C ARG BA 9 -1.83 -10.54 -86.65
N LYS BA 10 -2.19 -11.61 -85.94
CA LYS BA 10 -1.23 -12.60 -85.48
C LYS BA 10 -1.57 -13.93 -86.14
N THR BA 11 -0.90 -14.23 -87.26
CA THR BA 11 -1.05 -15.52 -87.92
C THR BA 11 -0.19 -16.53 -87.16
N TYR BA 12 -0.73 -16.99 -86.03
CA TYR BA 12 0.08 -17.72 -85.06
C TYR BA 12 -0.85 -18.52 -84.16
N VAL BA 13 -0.84 -19.84 -84.30
CA VAL BA 13 -1.57 -20.71 -83.39
C VAL BA 13 -0.75 -20.89 -82.13
N THR BA 14 -1.33 -20.59 -80.98
CA THR BA 14 -0.67 -20.85 -79.73
C THR BA 14 -1.31 -22.06 -79.06
N PRO BA 15 -0.58 -23.15 -78.84
CA PRO BA 15 -1.19 -24.35 -78.26
C PRO BA 15 -1.43 -24.19 -76.77
N ARG BA 16 -2.49 -24.86 -76.30
CA ARG BA 16 -2.84 -24.79 -74.88
C ARG BA 16 -1.85 -25.57 -74.04
N ARG BA 17 -1.75 -26.87 -74.27
CA ARG BA 17 -0.69 -27.65 -73.63
C ARG BA 17 0.64 -27.35 -74.31
N PRO BA 18 1.70 -27.08 -73.57
CA PRO BA 18 2.98 -26.77 -74.22
C PRO BA 18 3.70 -28.01 -74.74
N PHE BA 19 3.64 -29.11 -73.98
CA PHE BA 19 4.48 -30.29 -74.23
C PHE BA 19 3.58 -31.52 -74.37
N GLU BA 20 3.11 -31.77 -75.58
CA GLU BA 20 2.42 -33.01 -75.92
C GLU BA 20 3.31 -33.82 -76.83
N LYS BA 21 3.55 -35.09 -76.45
CA LYS BA 21 4.55 -35.90 -77.13
C LYS BA 21 4.11 -36.25 -78.54
N SER BA 22 2.85 -36.69 -78.70
CA SER BA 22 2.33 -37.04 -80.02
C SER BA 22 2.20 -35.82 -80.92
N ARG BA 23 1.86 -34.66 -80.34
CA ARG BA 23 1.71 -33.45 -81.15
C ARG BA 23 3.07 -32.91 -81.59
N LEU BA 24 4.08 -32.97 -80.71
CA LEU BA 24 5.43 -32.58 -81.10
C LEU BA 24 6.00 -33.52 -82.16
N ASP BA 25 5.72 -34.82 -82.04
CA ASP BA 25 6.16 -35.77 -83.06
C ASP BA 25 5.48 -35.51 -84.38
N GLN BA 26 4.17 -35.20 -84.36
CA GLN BA 26 3.44 -34.92 -85.59
C GLN BA 26 3.92 -33.64 -86.26
N GLU BA 27 4.15 -32.58 -85.47
CA GLU BA 27 4.60 -31.33 -86.04
C GLU BA 27 6.05 -31.41 -86.55
N LEU BA 28 6.91 -32.18 -85.87
CA LEU BA 28 8.27 -32.30 -86.37
C LEU BA 28 8.37 -33.25 -87.56
N LYS BA 29 7.53 -34.29 -87.65
CA LYS BA 29 7.53 -35.07 -88.88
C LYS BA 29 6.92 -34.29 -90.02
N LEU BA 30 5.99 -33.37 -89.72
CA LEU BA 30 5.46 -32.47 -90.75
C LEU BA 30 6.54 -31.53 -91.27
N ILE BA 31 7.34 -30.96 -90.36
CA ILE BA 31 8.45 -30.09 -90.75
C ILE BA 31 9.48 -30.86 -91.56
N GLY BA 32 9.90 -32.03 -91.08
CA GLY BA 32 10.89 -32.82 -91.79
C GLY BA 32 10.40 -33.43 -93.08
N GLU BA 33 9.08 -33.55 -93.25
CA GLU BA 33 8.55 -34.07 -94.52
C GLU BA 33 8.40 -32.96 -95.55
N TYR BA 34 7.86 -31.81 -95.15
CA TYR BA 34 7.54 -30.76 -96.11
C TYR BA 34 8.55 -29.62 -96.10
N GLY BA 35 9.69 -29.77 -95.43
CA GLY BA 35 10.78 -28.82 -95.54
C GLY BA 35 10.53 -27.44 -94.95
N LEU BA 36 10.37 -27.34 -93.64
CA LEU BA 36 10.05 -26.09 -92.97
C LEU BA 36 11.16 -25.73 -91.99
N ARG BA 37 11.04 -24.52 -91.42
CA ARG BA 37 12.07 -23.96 -90.53
C ARG BA 37 11.73 -24.15 -89.06
N ASN BA 38 10.60 -23.59 -88.62
CA ASN BA 38 10.19 -23.62 -87.23
C ASN BA 38 8.70 -23.91 -87.16
N LYS BA 39 8.18 -24.03 -85.94
CA LYS BA 39 6.78 -24.41 -85.81
C LYS BA 39 5.82 -23.24 -85.95
N ARG BA 40 6.31 -21.99 -85.98
CA ARG BA 40 5.39 -20.88 -86.21
C ARG BA 40 4.89 -20.86 -87.64
N GLU BA 41 5.66 -21.40 -88.59
CA GLU BA 41 5.14 -21.53 -89.94
C GLU BA 41 4.40 -22.84 -90.17
N VAL BA 42 4.33 -23.71 -89.18
CA VAL BA 42 3.27 -24.72 -89.13
C VAL BA 42 2.00 -24.09 -88.63
N TRP BA 43 2.13 -23.25 -87.61
CA TRP BA 43 1.00 -22.58 -86.99
C TRP BA 43 0.36 -21.54 -87.89
N ARG BA 44 1.12 -21.00 -88.87
CA ARG BA 44 0.53 -20.22 -89.95
C ARG BA 44 -0.53 -21.00 -90.70
N VAL BA 45 -0.16 -22.19 -91.18
CA VAL BA 45 -1.07 -23.04 -91.94
C VAL BA 45 -2.22 -23.50 -91.07
N LYS BA 46 -1.93 -23.79 -89.80
CA LYS BA 46 -2.98 -24.21 -88.87
C LYS BA 46 -3.96 -23.08 -88.59
N PHE BA 47 -3.48 -21.83 -88.54
CA PHE BA 47 -4.36 -20.69 -88.31
C PHE BA 47 -5.21 -20.38 -89.53
N THR BA 48 -4.63 -20.50 -90.73
CA THR BA 48 -5.41 -20.30 -91.94
C THR BA 48 -6.48 -21.37 -92.10
N LEU BA 49 -6.13 -22.64 -91.84
CA LEU BA 49 -7.11 -23.71 -91.90
C LEU BA 49 -8.18 -23.55 -90.82
N ALA BA 50 -7.81 -23.07 -89.64
CA ALA BA 50 -8.77 -22.87 -88.57
C ALA BA 50 -9.74 -21.73 -88.90
N LYS BA 51 -9.24 -20.66 -89.52
CA LYS BA 51 -10.10 -19.54 -89.92
C LYS BA 51 -11.05 -19.96 -91.03
N ILE BA 52 -10.56 -20.78 -91.97
CA ILE BA 52 -11.43 -21.31 -93.02
C ILE BA 52 -12.50 -22.24 -92.44
N ARG BA 53 -12.14 -23.02 -91.41
CA ARG BA 53 -13.12 -23.90 -90.76
C ARG BA 53 -14.15 -23.09 -89.96
N LYS BA 54 -13.72 -21.98 -89.35
CA LYS BA 54 -14.67 -21.11 -88.66
C LYS BA 54 -15.65 -20.48 -89.63
N ALA BA 55 -15.16 -20.01 -90.78
CA ALA BA 55 -16.05 -19.45 -91.80
C ALA BA 55 -16.97 -20.52 -92.37
N ALA BA 56 -16.48 -21.75 -92.52
CA ALA BA 56 -17.30 -22.82 -93.07
C ALA BA 56 -18.38 -23.25 -92.09
N ARG BA 57 -18.07 -23.27 -90.79
CA ARG BA 57 -19.10 -23.61 -89.82
C ARG BA 57 -20.11 -22.48 -89.67
N GLU BA 58 -19.66 -21.22 -89.81
CA GLU BA 58 -20.59 -20.09 -89.80
C GLU BA 58 -21.52 -20.13 -91.00
N LEU BA 59 -21.02 -20.59 -92.15
CA LEU BA 59 -21.89 -20.74 -93.33
C LEU BA 59 -22.84 -21.92 -93.17
N LEU BA 60 -22.36 -23.05 -92.63
CA LEU BA 60 -23.22 -24.21 -92.45
C LEU BA 60 -24.24 -24.03 -91.33
N THR BA 61 -24.05 -23.03 -90.47
CA THR BA 61 -25.05 -22.73 -89.46
C THR BA 61 -26.33 -22.18 -90.10
N LEU BA 62 -26.21 -21.38 -91.15
CA LEU BA 62 -27.33 -20.66 -91.73
C LEU BA 62 -28.22 -21.58 -92.56
N ASP BA 63 -29.32 -21.01 -93.06
CA ASP BA 63 -30.26 -21.73 -93.91
C ASP BA 63 -29.70 -21.85 -95.32
N GLU BA 64 -30.12 -22.91 -96.03
CA GLU BA 64 -29.51 -23.28 -97.30
C GLU BA 64 -29.82 -22.27 -98.40
N LYS BA 65 -31.03 -21.72 -98.42
CA LYS BA 65 -31.43 -20.77 -99.44
C LYS BA 65 -31.09 -19.33 -99.08
N ASP BA 66 -30.18 -19.11 -98.14
CA ASP BA 66 -29.83 -17.76 -97.74
C ASP BA 66 -28.87 -17.13 -98.75
N PRO BA 67 -29.15 -15.90 -99.21
CA PRO BA 67 -28.30 -15.30 -100.24
C PRO BA 67 -26.90 -14.95 -99.76
N ARG BA 68 -26.76 -14.54 -98.49
CA ARG BA 68 -25.43 -14.30 -97.93
C ARG BA 68 -24.63 -15.59 -97.87
N ARG BA 69 -25.28 -16.70 -97.50
CA ARG BA 69 -24.62 -18.01 -97.50
C ARG BA 69 -24.20 -18.41 -98.90
N LEU BA 70 -25.08 -18.19 -99.89
CA LEU BA 70 -24.75 -18.54 -101.28
C LEU BA 70 -23.56 -17.72 -101.79
N PHE BA 71 -23.57 -16.42 -101.52
CA PHE BA 71 -22.50 -15.53 -101.99
C PHE BA 71 -21.17 -15.87 -101.31
N GLU BA 72 -21.16 -15.96 -99.98
CA GLU BA 72 -19.92 -16.22 -99.27
C GLU BA 72 -19.41 -17.65 -99.49
N GLY BA 73 -20.32 -18.61 -99.67
CA GLY BA 73 -19.89 -19.97 -99.95
C GLY BA 73 -19.31 -20.11 -101.34
N ASN BA 74 -19.92 -19.47 -102.34
CA ASN BA 74 -19.37 -19.49 -103.68
C ASN BA 74 -18.03 -18.76 -103.74
N ALA BA 75 -17.89 -17.68 -102.97
CA ALA BA 75 -16.62 -16.96 -102.92
C ALA BA 75 -15.52 -17.80 -102.24
N LEU BA 76 -15.88 -18.52 -101.17
CA LEU BA 76 -14.90 -19.35 -100.47
C LEU BA 76 -14.48 -20.53 -101.33
N LEU BA 77 -15.43 -21.17 -102.03
CA LEU BA 77 -15.11 -22.24 -102.96
C LEU BA 77 -14.25 -21.75 -104.10
N ARG BA 78 -14.55 -20.55 -104.62
CA ARG BA 78 -13.75 -19.98 -105.70
C ARG BA 78 -12.33 -19.69 -105.25
N ARG BA 79 -12.17 -19.14 -104.04
CA ARG BA 79 -10.82 -18.85 -103.54
C ARG BA 79 -10.04 -20.12 -103.26
N LEU BA 80 -10.69 -21.16 -102.74
CA LEU BA 80 -9.96 -22.41 -102.50
C LEU BA 80 -9.62 -23.15 -103.79
N VAL BA 81 -10.45 -23.02 -104.82
CA VAL BA 81 -10.10 -23.60 -106.11
C VAL BA 81 -8.95 -22.83 -106.77
N ARG BA 82 -8.98 -21.49 -106.68
CA ARG BA 82 -7.89 -20.69 -107.23
C ARG BA 82 -6.59 -20.88 -106.46
N ILE BA 83 -6.67 -21.23 -105.17
CA ILE BA 83 -5.47 -21.71 -104.47
C ILE BA 83 -5.04 -23.06 -105.03
N GLY BA 84 -5.98 -24.00 -105.13
CA GLY BA 84 -5.68 -25.28 -105.73
C GLY BA 84 -5.84 -26.44 -104.78
N VAL BA 85 -6.39 -26.16 -103.59
CA VAL BA 85 -6.63 -27.22 -102.62
C VAL BA 85 -7.81 -28.08 -103.07
N LEU BA 86 -8.90 -27.45 -103.49
CA LEU BA 86 -10.05 -28.19 -103.95
C LEU BA 86 -9.86 -28.65 -105.39
N ASP BA 87 -10.76 -29.52 -105.83
CA ASP BA 87 -10.83 -29.94 -107.21
C ASP BA 87 -11.99 -29.24 -107.92
N GLU BA 88 -12.25 -29.63 -109.17
CA GLU BA 88 -13.44 -29.18 -109.89
C GLU BA 88 -14.62 -30.11 -109.66
N GLY BA 89 -14.58 -30.91 -108.60
CA GLY BA 89 -15.62 -31.88 -108.29
C GLY BA 89 -16.53 -31.41 -107.18
N LYS BA 90 -16.24 -31.84 -105.96
CA LYS BA 90 -17.08 -31.57 -104.80
C LYS BA 90 -17.05 -30.08 -104.47
N MET BA 91 -18.15 -29.39 -104.77
CA MET BA 91 -18.34 -27.99 -104.43
C MET BA 91 -19.29 -27.83 -103.24
N LYS BA 92 -19.20 -28.74 -102.27
CA LYS BA 92 -20.00 -28.67 -101.06
C LYS BA 92 -19.19 -28.02 -99.94
N LEU BA 93 -19.91 -27.46 -98.97
CA LEU BA 93 -19.25 -26.83 -97.84
C LEU BA 93 -18.73 -27.83 -96.82
N ASP BA 94 -19.23 -29.07 -96.85
CA ASP BA 94 -18.76 -30.08 -95.92
C ASP BA 94 -17.37 -30.60 -96.32
N TYR BA 95 -17.05 -30.59 -97.62
CA TYR BA 95 -15.73 -31.02 -98.06
C TYR BA 95 -14.64 -30.02 -97.65
N ILE BA 96 -15.01 -28.76 -97.46
CA ILE BA 96 -14.07 -27.77 -96.91
C ILE BA 96 -13.64 -28.16 -95.50
N LEU BA 97 -14.60 -28.59 -94.67
CA LEU BA 97 -14.25 -29.13 -93.36
C LEU BA 97 -13.55 -30.48 -93.48
N GLY BA 98 -13.84 -31.22 -94.55
CA GLY BA 98 -13.15 -32.47 -94.82
C GLY BA 98 -11.72 -32.32 -95.32
N LEU BA 99 -11.30 -31.09 -95.64
CA LEU BA 99 -9.91 -30.84 -95.99
C LEU BA 99 -8.98 -31.08 -94.79
N LYS BA 100 -7.70 -31.27 -95.10
CA LYS BA 100 -6.70 -31.59 -94.10
C LYS BA 100 -5.62 -30.50 -94.05
N ILE BA 101 -4.58 -30.74 -93.25
CA ILE BA 101 -3.55 -29.74 -93.01
C ILE BA 101 -2.54 -29.70 -94.14
N GLU BA 102 -2.15 -30.86 -94.66
CA GLU BA 102 -1.03 -30.97 -95.59
C GLU BA 102 -1.33 -30.43 -96.97
N ASP BA 103 -2.59 -30.11 -97.29
CA ASP BA 103 -2.93 -29.63 -98.63
C ASP BA 103 -2.39 -28.23 -98.88
N PHE BA 104 -2.38 -27.37 -97.86
CA PHE BA 104 -1.82 -26.03 -98.04
C PHE BA 104 -0.30 -26.08 -98.15
N LEU BA 105 0.35 -26.97 -97.40
CA LEU BA 105 1.78 -27.18 -97.56
C LEU BA 105 2.11 -27.79 -98.91
N GLU BA 106 1.18 -28.57 -99.48
CA GLU BA 106 1.35 -29.05 -100.85
C GLU BA 106 1.21 -27.92 -101.86
N ARG BA 107 0.29 -26.99 -101.61
CA ARG BA 107 0.09 -25.87 -102.53
C ARG BA 107 1.08 -24.73 -102.31
N ARG BA 108 1.94 -24.79 -101.30
CA ARG BA 108 3.00 -23.79 -101.17
C ARG BA 108 4.07 -23.96 -102.25
N LEU BA 109 5.09 -23.12 -102.19
CA LEU BA 109 6.02 -22.94 -103.32
C LEU BA 109 6.93 -24.14 -103.51
N GLN BA 110 7.49 -24.66 -102.41
CA GLN BA 110 8.50 -25.72 -102.52
C GLN BA 110 7.91 -27.05 -102.97
N THR BA 111 6.67 -27.36 -102.58
CA THR BA 111 6.12 -28.67 -102.94
C THR BA 111 5.68 -28.70 -104.40
N GLN BA 112 5.30 -27.54 -104.95
CA GLN BA 112 5.07 -27.47 -106.39
C GLN BA 112 6.36 -27.64 -107.17
N VAL BA 113 7.49 -27.18 -106.62
CA VAL BA 113 8.80 -27.45 -107.21
C VAL BA 113 9.11 -28.95 -107.11
N PHE BA 114 8.72 -29.59 -106.01
CA PHE BA 114 8.90 -31.04 -105.87
C PHE BA 114 8.08 -31.81 -106.89
N LYS BA 115 6.86 -31.36 -107.16
CA LYS BA 115 6.00 -32.07 -108.10
C LYS BA 115 6.32 -31.75 -109.55
N LEU BA 116 6.93 -30.59 -109.85
CA LEU BA 116 7.17 -30.19 -111.22
C LEU BA 116 8.65 -29.93 -111.51
N GLY BA 117 9.55 -30.58 -110.78
CA GLY BA 117 10.94 -30.64 -111.18
C GLY BA 117 11.77 -29.47 -110.69
N LEU BA 118 13.09 -29.62 -110.91
CA LEU BA 118 14.14 -28.75 -110.36
C LEU BA 118 14.05 -28.69 -108.83
N ALA BA 119 13.66 -29.79 -108.20
CA ALA BA 119 13.57 -29.82 -106.74
C ALA BA 119 14.95 -30.09 -106.14
N LYS BA 120 15.46 -31.31 -106.36
CA LYS BA 120 16.81 -31.74 -105.97
C LYS BA 120 17.05 -31.52 -104.48
N SER BA 121 16.39 -32.36 -103.66
CA SER BA 121 16.48 -32.33 -102.20
C SER BA 121 15.90 -31.04 -101.60
N ILE BA 122 14.60 -31.07 -101.28
CA ILE BA 122 13.77 -30.00 -100.74
C ILE BA 122 14.48 -29.02 -99.78
N HIS BA 123 15.37 -29.54 -98.94
CA HIS BA 123 16.25 -28.66 -98.16
C HIS BA 123 17.18 -27.81 -99.04
N HIS BA 124 17.60 -28.32 -100.21
CA HIS BA 124 18.29 -27.47 -101.18
C HIS BA 124 17.31 -26.65 -102.00
N ALA BA 125 16.08 -27.14 -102.17
CA ALA BA 125 15.08 -26.38 -102.90
C ALA BA 125 14.66 -25.12 -102.13
N ARG BA 126 14.75 -25.15 -100.80
CA ARG BA 126 14.57 -23.95 -99.99
C ARG BA 126 15.59 -22.88 -100.36
N VAL BA 127 16.85 -23.28 -100.55
CA VAL BA 127 17.88 -22.34 -100.95
C VAL BA 127 17.64 -21.88 -102.38
N LEU BA 128 17.17 -22.78 -103.25
CA LEU BA 128 16.90 -22.43 -104.64
C LEU BA 128 15.72 -21.46 -104.79
N ILE BA 129 14.75 -21.50 -103.87
CA ILE BA 129 13.67 -20.53 -103.93
C ILE BA 129 13.92 -19.31 -103.05
N ARG BA 130 14.89 -19.37 -102.14
CA ARG BA 130 15.31 -18.18 -101.40
C ARG BA 130 16.21 -17.31 -102.26
N GLN BA 131 17.36 -17.85 -102.65
CA GLN BA 131 18.22 -17.16 -103.60
C GLN BA 131 17.53 -17.12 -104.95
N ARG BA 132 17.89 -16.11 -105.75
CA ARG BA 132 17.18 -15.86 -107.01
C ARG BA 132 17.57 -16.91 -108.03
N HIS BA 133 16.94 -18.08 -107.91
CA HIS BA 133 17.15 -19.16 -108.87
C HIS BA 133 15.88 -19.86 -109.31
N ILE BA 134 14.76 -19.72 -108.61
CA ILE BA 134 13.46 -20.21 -109.05
C ILE BA 134 12.49 -19.04 -109.01
N ARG BA 135 11.91 -18.72 -110.16
CA ARG BA 135 11.13 -17.50 -110.35
C ARG BA 135 9.83 -17.82 -111.05
N VAL BA 136 8.74 -17.93 -110.27
CA VAL BA 136 7.43 -17.63 -110.81
C VAL BA 136 7.48 -16.14 -111.19
N ARG BA 137 6.61 -15.75 -112.14
CA ARG BA 137 6.86 -14.98 -113.37
C ARG BA 137 7.66 -13.68 -113.30
N LYS BA 138 7.54 -12.86 -114.35
CA LYS BA 138 8.34 -11.63 -114.53
C LYS BA 138 8.39 -10.71 -113.31
N GLN BA 139 7.37 -10.74 -112.45
CA GLN BA 139 7.50 -10.23 -111.09
C GLN BA 139 8.19 -11.28 -110.24
N VAL BA 140 9.41 -10.98 -109.79
CA VAL BA 140 10.31 -11.98 -109.22
C VAL BA 140 9.82 -12.42 -107.84
N VAL BA 141 9.79 -13.74 -107.61
CA VAL BA 141 9.41 -14.31 -106.33
C VAL BA 141 10.66 -14.56 -105.52
N ASN BA 142 10.66 -14.11 -104.27
CA ASN BA 142 11.78 -14.24 -103.34
C ASN BA 142 11.43 -15.05 -102.10
N ILE BA 143 10.20 -14.91 -101.62
CA ILE BA 143 9.83 -15.43 -100.30
C ILE BA 143 9.34 -16.86 -100.45
N PRO BA 144 9.84 -17.80 -99.63
CA PRO BA 144 9.44 -19.21 -99.77
C PRO BA 144 7.99 -19.49 -99.46
N SER BA 145 7.36 -18.73 -98.56
CA SER BA 145 5.95 -18.93 -98.20
C SER BA 145 5.10 -18.28 -99.28
N PHE BA 146 5.03 -18.93 -100.43
CA PHE BA 146 4.33 -18.42 -101.60
C PHE BA 146 3.30 -19.45 -102.04
N ILE BA 147 2.03 -19.11 -101.90
CA ILE BA 147 0.94 -20.02 -102.30
C ILE BA 147 0.85 -20.00 -103.82
N VAL BA 148 1.26 -21.09 -104.45
CA VAL BA 148 1.22 -21.20 -105.90
C VAL BA 148 -0.23 -21.43 -106.33
N ARG BA 149 -0.78 -20.47 -107.06
CA ARG BA 149 -2.16 -20.58 -107.51
C ARG BA 149 -2.27 -21.56 -108.68
N LEU BA 150 -3.49 -22.03 -108.90
CA LEU BA 150 -3.75 -23.00 -109.96
C LEU BA 150 -3.85 -22.34 -111.34
N ASP BA 151 -4.00 -21.01 -111.39
CA ASP BA 151 -4.25 -20.33 -112.66
C ASP BA 151 -3.03 -20.33 -113.57
N SER BA 152 -1.82 -20.33 -113.00
CA SER BA 152 -0.61 -20.46 -113.79
C SER BA 152 0.10 -21.78 -113.51
N GLN BA 153 0.52 -22.00 -112.26
CA GLN BA 153 0.86 -23.30 -111.65
C GLN BA 153 2.11 -23.96 -112.26
N LYS BA 154 2.65 -23.42 -113.34
CA LYS BA 154 3.68 -24.10 -114.12
C LYS BA 154 4.85 -23.21 -114.52
N HIS BA 155 4.73 -21.89 -114.39
CA HIS BA 155 5.74 -20.97 -114.89
C HIS BA 155 6.89 -20.93 -113.88
N ILE BA 156 7.86 -21.81 -114.09
CA ILE BA 156 9.05 -21.89 -113.25
C ILE BA 156 10.25 -21.73 -114.18
N ASP BA 157 10.68 -20.49 -114.37
CA ASP BA 157 11.81 -20.12 -115.21
C ASP BA 157 12.66 -19.17 -114.39
N PHE BA 158 13.76 -18.69 -114.97
CA PHE BA 158 14.63 -17.68 -114.35
C PHE BA 158 15.53 -17.08 -115.43
N SER BA 159 15.74 -15.77 -115.36
CA SER BA 159 16.54 -15.06 -116.34
C SER BA 159 17.59 -14.20 -115.66
N LEU BA 160 18.73 -14.07 -116.34
CA LEU BA 160 19.89 -13.27 -115.90
C LEU BA 160 20.41 -13.77 -114.55
N ARG BA 161 20.54 -15.09 -114.41
CA ARG BA 161 20.96 -15.68 -113.14
C ARG BA 161 22.16 -16.60 -113.34
N SER BA 162 22.51 -17.36 -112.30
CA SER BA 162 23.77 -18.13 -112.35
C SER BA 162 23.71 -19.35 -113.26
N PRO BA 163 22.84 -20.36 -113.04
CA PRO BA 163 23.08 -21.65 -113.72
C PRO BA 163 22.67 -21.68 -115.19
N TYR BA 164 21.78 -20.81 -115.65
CA TYR BA 164 21.39 -20.81 -117.05
C TYR BA 164 21.38 -19.40 -117.64
N GLY BA 165 21.27 -18.39 -116.77
CA GLY BA 165 21.23 -17.02 -117.26
C GLY BA 165 22.58 -16.53 -117.75
N GLY BA 166 23.57 -16.48 -116.87
CA GLY BA 166 24.92 -16.10 -117.23
C GLY BA 166 25.56 -15.22 -116.18
N GLY BA 167 26.82 -14.90 -116.42
CA GLY BA 167 27.60 -14.10 -115.50
C GLY BA 167 28.61 -14.95 -114.75
N ARG BA 168 29.58 -14.25 -114.13
CA ARG BA 168 30.65 -14.88 -113.36
C ARG BA 168 30.54 -14.40 -111.91
N PRO BA 169 29.69 -15.04 -111.10
CA PRO BA 169 29.56 -14.59 -109.70
C PRO BA 169 30.75 -14.94 -108.83
N GLY BA 170 31.25 -16.17 -108.93
CA GLY BA 170 32.43 -16.56 -108.19
C GLY BA 170 33.32 -17.52 -108.94
N ARG BA 171 32.93 -17.87 -110.17
CA ARG BA 171 33.81 -18.64 -111.02
C ARG BA 171 34.93 -17.78 -111.59
N VAL BA 172 34.79 -16.46 -111.55
CA VAL BA 172 35.88 -15.56 -111.91
C VAL BA 172 37.03 -15.67 -110.92
N LYS BA 173 36.73 -16.07 -109.67
CA LYS BA 173 37.78 -16.35 -108.69
C LYS BA 173 38.63 -17.53 -109.12
N ARG BA 174 37.97 -18.62 -109.55
CA ARG BA 174 38.68 -19.81 -110.01
C ARG BA 174 39.41 -19.55 -111.32
N LYS BA 175 38.83 -18.73 -112.20
CA LYS BA 175 39.48 -18.40 -113.46
C LYS BA 175 40.71 -17.52 -113.22
N ASN BA 176 40.63 -16.56 -112.30
CA ASN BA 176 41.80 -15.75 -111.96
C ASN BA 176 42.84 -16.55 -111.21
N ALA BA 177 42.43 -17.59 -110.48
CA ALA BA 177 43.39 -18.46 -109.83
C ALA BA 177 44.13 -19.34 -110.83
N LYS BA 178 43.42 -19.84 -111.85
CA LYS BA 178 44.07 -20.65 -112.87
C LYS BA 178 44.90 -19.82 -113.84
N LYS BA 179 44.49 -18.59 -114.13
CA LYS BA 179 45.30 -17.70 -114.96
C LYS BA 179 46.50 -17.15 -114.20
N THR CA 1 -65.04 32.50 -61.18
CA THR CA 1 -64.42 33.81 -61.24
C THR CA 1 -62.90 33.69 -61.33
N GLU CA 2 -62.20 34.72 -60.84
CA GLU CA 2 -60.74 34.73 -60.82
C GLU CA 2 -60.24 35.06 -59.42
N ARG CA 3 -59.10 34.47 -59.06
CA ARG CA 3 -58.45 34.68 -57.79
C ARG CA 3 -57.01 35.08 -57.99
N ALA CA 4 -56.77 35.94 -58.98
CA ALA CA 4 -55.42 36.38 -59.34
C ALA CA 4 -55.50 37.86 -59.65
N TYR CA 5 -54.48 38.39 -60.30
CA TYR CA 5 -54.43 39.82 -60.57
C TYR CA 5 -55.00 40.20 -61.92
N GLN CA 6 -54.78 39.37 -62.95
CA GLN CA 6 -55.38 39.61 -64.26
C GLN CA 6 -55.40 38.30 -65.05
N LYS CA 7 -56.51 38.05 -65.74
CA LYS CA 7 -56.66 36.86 -66.59
C LYS CA 7 -57.37 37.28 -67.88
N GLN CA 8 -56.58 37.50 -68.95
CA GLN CA 8 -57.10 37.86 -70.27
C GLN CA 8 -56.06 37.54 -71.33
N PRO CA 9 -56.13 36.36 -71.97
CA PRO CA 9 -55.03 35.92 -72.85
C PRO CA 9 -54.83 36.72 -74.14
N THR CA 10 -55.82 36.67 -75.03
CA THR CA 10 -55.69 37.30 -76.34
C THR CA 10 -56.92 38.08 -76.79
N ILE CA 11 -58.12 37.67 -76.40
CA ILE CA 11 -59.35 38.17 -77.02
C ILE CA 11 -59.71 39.51 -76.40
N PHE CA 12 -59.93 40.51 -77.26
CA PHE CA 12 -60.28 41.84 -76.78
C PHE CA 12 -61.72 41.86 -76.30
N GLN CA 13 -61.94 42.49 -75.15
CA GLN CA 13 -63.21 42.36 -74.45
C GLN CA 13 -64.30 43.24 -75.06
N ASN CA 14 -64.07 44.55 -75.09
CA ASN CA 14 -65.15 45.50 -75.29
C ASN CA 14 -65.43 45.72 -76.77
N LYS CA 15 -66.57 45.19 -77.23
CA LYS CA 15 -67.12 45.47 -78.55
C LYS CA 15 -67.89 46.78 -78.56
N LYS CA 16 -68.14 47.36 -77.38
CA LYS CA 16 -69.09 48.46 -77.11
C LYS CA 16 -70.42 48.25 -77.86
N ARG CA 17 -71.10 47.17 -77.46
CA ARG CA 17 -72.42 46.78 -77.98
C ARG CA 17 -73.55 47.72 -77.57
N VAL CA 18 -73.29 48.72 -76.72
CA VAL CA 18 -74.34 49.56 -76.17
C VAL CA 18 -74.79 50.61 -77.19
N LEU CA 19 -75.83 50.30 -77.95
CA LEU CA 19 -76.48 51.25 -78.84
C LEU CA 19 -77.81 51.75 -78.30
N LEU CA 20 -78.50 50.93 -77.50
CA LEU CA 20 -79.68 51.37 -76.76
C LEU CA 20 -79.66 50.96 -75.29
N GLY CA 21 -78.70 50.15 -74.87
CA GLY CA 21 -78.60 49.72 -73.49
C GLY CA 21 -79.11 48.31 -73.26
N GLU CA 22 -78.19 47.35 -73.19
CA GLU CA 22 -78.54 45.96 -72.97
C GLU CA 22 -77.33 45.24 -72.38
N THR CA 23 -77.59 44.24 -71.55
CA THR CA 23 -76.52 43.49 -70.91
C THR CA 23 -75.99 42.41 -71.85
N GLY CA 24 -76.84 41.46 -72.24
CA GLY CA 24 -76.43 40.40 -73.13
C GLY CA 24 -75.52 39.37 -72.47
N LYS CA 25 -75.02 38.47 -73.30
CA LYS CA 25 -74.09 37.44 -72.85
C LYS CA 25 -72.65 37.88 -73.09
N GLU CA 26 -71.76 37.40 -72.23
CA GLU CA 26 -70.35 37.75 -72.29
C GLU CA 26 -69.44 36.55 -72.48
N LYS CA 27 -70.00 35.35 -72.63
CA LYS CA 27 -69.22 34.15 -72.85
C LYS CA 27 -68.86 33.93 -74.31
N LEU CA 28 -69.36 34.77 -75.20
CA LEU CA 28 -69.04 34.69 -76.63
C LEU CA 28 -67.58 35.06 -76.96
N PRO CA 29 -66.96 36.15 -76.40
CA PRO CA 29 -65.53 36.33 -76.67
C PRO CA 29 -64.65 35.35 -75.91
N ARG CA 30 -64.53 34.12 -76.43
CA ARG CA 30 -63.69 33.10 -75.84
C ARG CA 30 -62.74 32.54 -76.88
N TYR CA 31 -61.47 32.42 -76.52
CA TYR CA 31 -60.48 31.86 -77.43
C TYR CA 31 -60.66 30.35 -77.51
N TYR CA 32 -60.55 29.81 -78.72
CA TYR CA 32 -60.79 28.40 -78.99
C TYR CA 32 -59.69 27.90 -79.91
N LYS CA 33 -58.82 27.03 -79.41
CA LYS CA 33 -57.68 26.54 -80.14
C LYS CA 33 -57.87 25.08 -80.49
N ASN CA 34 -57.59 24.72 -81.75
CA ASN CA 34 -57.59 23.34 -82.19
C ASN CA 34 -56.16 22.83 -82.18
N ILE CA 35 -55.91 21.78 -81.40
CA ILE CA 35 -54.56 21.23 -81.27
C ILE CA 35 -54.14 20.37 -82.45
N GLY CA 36 -55.05 20.06 -83.37
CA GLY CA 36 -54.72 19.14 -84.43
C GLY CA 36 -54.60 17.72 -83.91
N LEU CA 37 -53.74 16.95 -84.60
CA LEU CA 37 -53.27 15.62 -84.18
C LEU CA 37 -54.39 14.57 -84.14
N GLY CA 38 -55.57 14.88 -84.67
CA GLY CA 38 -56.67 13.94 -84.64
C GLY CA 38 -57.29 13.72 -83.28
N PHE CA 39 -57.15 14.67 -82.36
CA PHE CA 39 -57.65 14.53 -81.00
C PHE CA 39 -58.72 15.58 -80.74
N LYS CA 40 -59.84 15.14 -80.19
CA LYS CA 40 -61.02 15.98 -80.06
C LYS CA 40 -60.87 16.98 -78.93
N THR CA 41 -61.25 18.22 -79.21
CA THR CA 41 -61.27 19.25 -78.17
C THR CA 41 -62.47 19.02 -77.26
N PRO CA 42 -62.30 18.98 -75.95
CA PRO CA 42 -63.45 18.79 -75.05
C PRO CA 42 -64.31 20.03 -74.97
N LYS CA 43 -65.58 19.80 -74.63
CA LYS CA 43 -66.56 20.89 -74.54
C LYS CA 43 -66.39 21.74 -73.29
N GLU CA 44 -65.56 21.32 -72.35
CA GLU CA 44 -65.27 22.17 -71.19
C GLU CA 44 -64.49 23.41 -71.62
N ALA CA 45 -63.63 23.29 -72.62
CA ALA CA 45 -62.97 24.45 -73.20
C ALA CA 45 -63.89 25.26 -74.10
N ILE CA 46 -65.07 24.75 -74.43
CA ILE CA 46 -66.04 25.49 -75.23
C ILE CA 46 -66.93 26.32 -74.32
N GLU CA 47 -67.67 25.65 -73.43
CA GLU CA 47 -68.55 26.35 -72.51
C GLU CA 47 -67.98 26.44 -71.09
N GLY CA 48 -66.66 26.60 -70.97
CA GLY CA 48 -66.03 26.74 -69.68
C GLY CA 48 -66.07 28.16 -69.15
N THR CA 49 -65.30 28.36 -68.09
CA THR CA 49 -65.15 29.67 -67.46
C THR CA 49 -63.69 30.01 -67.17
N TYR CA 50 -62.82 29.00 -67.07
CA TYR CA 50 -61.43 29.15 -66.66
C TYR CA 50 -60.63 29.95 -67.68
N ILE CA 51 -59.54 30.54 -67.21
CA ILE CA 51 -58.56 31.22 -68.05
C ILE CA 51 -57.19 30.73 -67.60
N ASP CA 52 -56.50 29.99 -68.47
CA ASP CA 52 -55.24 29.36 -68.12
C ASP CA 52 -54.20 29.71 -69.16
N LYS CA 53 -53.04 30.16 -68.70
CA LYS CA 53 -51.94 30.51 -69.59
C LYS CA 53 -51.29 29.26 -70.19
N LYS CA 54 -51.28 28.17 -69.44
CA LYS CA 54 -50.54 26.96 -69.83
C LYS CA 54 -51.46 25.85 -70.30
N CYS CA 55 -52.71 26.18 -70.65
CA CYS CA 55 -53.66 25.22 -71.19
C CYS CA 55 -53.32 24.90 -72.63
N PRO CA 56 -53.42 23.62 -73.04
CA PRO CA 56 -53.16 23.29 -74.45
C PRO CA 56 -54.27 23.76 -75.39
N PHE CA 57 -55.46 24.06 -74.88
CA PHE CA 57 -56.58 24.50 -75.69
C PHE CA 57 -56.88 25.98 -75.56
N THR CA 58 -56.27 26.66 -74.59
CA THR CA 58 -56.48 28.09 -74.40
C THR CA 58 -55.19 28.89 -74.54
N GLY CA 59 -54.12 28.45 -73.89
CA GLY CA 59 -52.86 29.17 -73.95
C GLY CA 59 -52.11 28.94 -75.24
N ASN CA 60 -50.92 29.53 -75.30
CA ASN CA 60 -50.04 29.43 -76.46
C ASN CA 60 -49.08 28.25 -76.40
N VAL CA 61 -49.39 27.24 -75.59
CA VAL CA 61 -48.53 26.07 -75.44
C VAL CA 61 -48.78 25.13 -76.60
N SER CA 62 -47.80 25.00 -77.50
CA SER CA 62 -47.92 24.13 -78.66
C SER CA 62 -47.49 22.71 -78.31
N ILE CA 63 -48.20 21.74 -78.88
CA ILE CA 63 -47.96 20.32 -78.61
C ILE CA 63 -47.17 19.74 -79.78
N ARG CA 64 -46.03 19.14 -79.47
CA ARG CA 64 -45.13 18.64 -80.50
C ARG CA 64 -44.45 17.38 -79.97
N GLY CA 65 -43.45 16.90 -80.71
CA GLY CA 65 -42.57 15.85 -80.23
C GLY CA 65 -43.18 14.48 -80.01
N ARG CA 66 -43.20 14.03 -78.76
CA ARG CA 66 -43.61 12.69 -78.42
C ARG CA 66 -44.99 12.69 -77.76
N ILE CA 67 -45.62 11.51 -77.78
CA ILE CA 67 -46.90 11.27 -77.12
C ILE CA 67 -46.74 10.02 -76.26
N LEU CA 68 -46.96 10.17 -74.96
CA LEU CA 68 -46.81 9.05 -74.04
C LEU CA 68 -48.09 8.89 -73.24
N SER CA 69 -48.10 7.92 -72.33
CA SER CA 69 -49.26 7.62 -71.51
C SER CA 69 -48.81 7.19 -70.12
N GLY CA 70 -49.63 7.50 -69.13
CA GLY CA 70 -49.32 7.14 -67.76
C GLY CA 70 -50.54 6.95 -66.88
N VAL CA 71 -50.32 6.77 -65.59
CA VAL CA 71 -51.39 6.63 -64.61
C VAL CA 71 -51.22 7.69 -63.54
N VAL CA 72 -52.30 8.39 -63.21
CA VAL CA 72 -52.24 9.54 -62.30
C VAL CA 72 -52.10 9.03 -60.87
N THR CA 73 -51.18 9.63 -60.12
CA THR CA 73 -50.91 9.24 -58.74
C THR CA 73 -51.39 10.27 -57.72
N LYS CA 74 -51.05 11.54 -57.90
CA LYS CA 74 -51.33 12.56 -56.90
C LYS CA 74 -52.01 13.76 -57.54
N MET CA 75 -52.72 14.52 -56.70
CA MET CA 75 -53.39 15.75 -57.11
C MET CA 75 -52.97 16.97 -56.31
N LYS CA 76 -52.10 16.81 -55.31
CA LYS CA 76 -51.89 17.85 -54.31
C LYS CA 76 -51.08 19.04 -54.82
N MET CA 77 -50.57 18.99 -56.04
CA MET CA 77 -49.83 20.09 -56.63
C MET CA 77 -50.76 20.90 -57.53
N GLN CA 78 -50.58 22.22 -57.50
CA GLN CA 78 -51.59 23.15 -58.00
C GLN CA 78 -51.57 23.22 -59.52
N ARG CA 79 -52.70 22.83 -60.14
CA ARG CA 79 -52.94 22.87 -61.59
C ARG CA 79 -51.99 21.98 -62.39
N THR CA 80 -51.34 21.01 -61.74
CA THR CA 80 -50.44 20.08 -62.39
C THR CA 80 -50.30 18.84 -61.52
N ILE CA 81 -50.28 17.67 -62.16
CA ILE CA 81 -50.35 16.40 -61.47
C ILE CA 81 -49.11 15.57 -61.79
N VAL CA 82 -48.91 14.53 -61.00
CA VAL CA 82 -47.76 13.65 -61.12
C VAL CA 82 -48.24 12.28 -61.57
N ILE CA 83 -47.68 11.79 -62.67
CA ILE CA 83 -48.08 10.51 -63.23
C ILE CA 83 -46.94 9.49 -63.06
N ARG CA 84 -47.28 8.22 -63.26
CA ARG CA 84 -46.33 7.12 -63.16
C ARG CA 84 -46.38 6.29 -64.44
N ARG CA 85 -45.21 5.93 -64.95
CA ARG CA 85 -45.11 5.17 -66.19
C ARG CA 85 -44.32 3.89 -65.91
N ASP CA 86 -45.05 2.79 -65.73
CA ASP CA 86 -44.41 1.50 -65.54
C ASP CA 86 -43.95 0.93 -66.88
N TYR CA 87 -42.73 0.41 -66.89
CA TYR CA 87 -42.20 -0.21 -68.10
C TYR CA 87 -41.22 -1.30 -67.70
N LEU CA 88 -40.81 -2.09 -68.69
CA LEU CA 88 -39.88 -3.19 -68.49
C LEU CA 88 -38.59 -2.93 -69.24
N HIS CA 89 -37.47 -3.37 -68.66
CA HIS CA 89 -36.15 -3.17 -69.22
C HIS CA 89 -35.52 -4.52 -69.55
N TYR CA 90 -35.23 -4.73 -70.83
CA TYR CA 90 -34.58 -5.97 -71.25
C TYR CA 90 -33.11 -5.95 -70.88
N ILE CA 91 -32.64 -7.08 -70.34
CA ILE CA 91 -31.26 -7.21 -69.89
C ILE CA 91 -30.61 -8.32 -70.71
N ARG CA 92 -29.44 -8.03 -71.27
CA ARG CA 92 -28.79 -8.96 -72.19
C ARG CA 92 -28.22 -10.18 -71.48
N LYS CA 93 -27.71 -9.99 -70.25
CA LYS CA 93 -27.03 -11.07 -69.56
C LYS CA 93 -28.01 -12.14 -69.07
N TYR CA 94 -28.93 -11.75 -68.19
CA TYR CA 94 -29.84 -12.70 -67.57
C TYR CA 94 -30.99 -13.10 -68.49
N ASN CA 95 -31.19 -12.35 -69.58
CA ASN CA 95 -32.14 -12.63 -70.66
C ASN CA 95 -33.60 -12.60 -70.19
N ARG CA 96 -33.90 -11.78 -69.18
CA ARG CA 96 -35.28 -11.43 -68.85
C ARG CA 96 -35.31 -10.07 -68.19
N PHE CA 97 -36.54 -9.59 -67.95
CA PHE CA 97 -36.83 -8.19 -67.72
C PHE CA 97 -36.76 -7.83 -66.24
N GLU CA 98 -37.12 -6.58 -65.94
CA GLU CA 98 -37.28 -6.07 -64.58
C GLU CA 98 -38.17 -4.83 -64.66
N LYS CA 99 -38.93 -4.58 -63.60
CA LYS CA 99 -39.82 -3.43 -63.59
C LYS CA 99 -39.06 -2.16 -63.25
N ARG CA 100 -39.27 -1.12 -64.04
CA ARG CA 100 -38.75 0.21 -63.77
C ARG CA 100 -39.84 1.24 -64.03
N HIS CA 101 -39.80 2.33 -63.28
CA HIS CA 101 -40.73 3.43 -63.51
C HIS CA 101 -40.06 4.74 -63.13
N LYS CA 102 -40.47 5.81 -63.79
CA LYS CA 102 -39.98 7.15 -63.51
C LYS CA 102 -41.18 8.07 -63.38
N ASN CA 103 -41.41 8.58 -62.18
CA ASN CA 103 -42.52 9.48 -61.92
C ASN CA 103 -42.26 10.84 -62.57
N MET CA 104 -43.19 11.28 -63.40
CA MET CA 104 -43.09 12.58 -64.05
C MET CA 104 -44.26 13.46 -63.65
N SER CA 105 -43.99 14.76 -63.54
CA SER CA 105 -45.03 15.76 -63.32
C SER CA 105 -45.51 16.29 -64.66
N VAL CA 106 -46.81 16.55 -64.75
CA VAL CA 106 -47.44 16.96 -66.00
C VAL CA 106 -48.51 17.99 -65.69
N HIS CA 107 -48.66 18.98 -66.57
CA HIS CA 107 -49.61 20.07 -66.34
C HIS CA 107 -51.02 19.60 -66.62
N LEU CA 108 -51.82 19.46 -65.58
CA LEU CA 108 -53.22 19.07 -65.73
C LEU CA 108 -54.06 20.30 -66.04
N SER CA 109 -54.66 20.33 -67.22
CA SER CA 109 -55.52 21.43 -67.60
C SER CA 109 -56.82 21.37 -66.78
N PRO CA 110 -57.33 22.52 -66.33
CA PRO CA 110 -58.53 22.50 -65.47
C PRO CA 110 -59.82 22.17 -66.21
N CYS CA 111 -59.79 22.03 -67.54
CA CYS CA 111 -60.97 21.55 -68.26
C CYS CA 111 -61.18 20.05 -68.05
N PHE CA 112 -60.14 19.31 -67.70
CA PHE CA 112 -60.26 17.87 -67.49
C PHE CA 112 -60.70 17.62 -66.05
N ARG CA 113 -62.00 17.80 -65.82
CA ARG CA 113 -62.58 17.44 -64.55
C ARG CA 113 -62.87 15.95 -64.49
N ASP CA 114 -63.16 15.46 -63.29
CA ASP CA 114 -63.30 14.03 -62.97
C ASP CA 114 -62.05 13.25 -63.39
N VAL CA 115 -60.95 13.59 -62.72
CA VAL CA 115 -59.61 13.17 -63.12
C VAL CA 115 -59.05 12.26 -62.02
N GLN CA 116 -59.95 11.46 -61.43
CA GLN CA 116 -59.69 10.66 -60.23
C GLN CA 116 -58.50 9.72 -60.38
N ILE CA 117 -57.89 9.39 -59.23
CA ILE CA 117 -56.58 8.75 -59.21
C ILE CA 117 -56.69 7.31 -59.69
N GLY CA 118 -55.87 6.95 -60.66
CA GLY CA 118 -55.87 5.63 -61.25
C GLY CA 118 -56.18 5.59 -62.72
N ASP CA 119 -56.59 6.70 -63.32
CA ASP CA 119 -56.99 6.70 -64.73
C ASP CA 119 -55.78 6.79 -65.65
N ILE CA 120 -55.90 6.15 -66.81
CA ILE CA 120 -54.87 6.21 -67.84
C ILE CA 120 -55.00 7.53 -68.57
N VAL CA 121 -53.94 8.34 -68.52
CA VAL CA 121 -53.93 9.67 -69.11
C VAL CA 121 -52.92 9.69 -70.25
N THR CA 122 -53.25 10.45 -71.29
CA THR CA 122 -52.37 10.67 -72.43
C THR CA 122 -51.66 12.01 -72.23
N VAL CA 123 -50.35 12.02 -72.46
CA VAL CA 123 -49.53 13.21 -72.29
C VAL CA 123 -48.79 13.48 -73.59
N GLY CA 124 -48.48 14.76 -73.81
CA GLY CA 124 -47.76 15.16 -75.01
C GLY CA 124 -46.63 16.10 -74.68
N GLU CA 125 -45.59 16.05 -75.51
CA GLU CA 125 -44.42 16.89 -75.31
C GLU CA 125 -44.72 18.33 -75.72
N CYS CA 126 -44.22 19.27 -74.93
CA CYS CA 126 -44.37 20.69 -75.21
C CYS CA 126 -43.06 21.39 -74.89
N ARG CA 127 -43.12 22.72 -74.82
CA ARG CA 127 -42.00 23.51 -74.34
C ARG CA 127 -41.85 23.32 -72.83
N PRO CA 128 -40.68 23.65 -72.26
CA PRO CA 128 -40.55 23.58 -70.80
C PRO CA 128 -41.41 24.59 -70.07
N LEU CA 129 -42.46 24.12 -69.41
CA LEU CA 129 -43.36 24.99 -68.67
C LEU CA 129 -42.73 25.47 -67.37
N SER CA 130 -42.13 24.54 -66.61
CA SER CA 130 -41.46 24.87 -65.37
C SER CA 130 -40.22 24.00 -65.27
N LYS CA 131 -39.66 23.89 -64.07
CA LYS CA 131 -38.40 23.18 -63.88
C LYS CA 131 -38.55 21.67 -64.07
N THR CA 132 -39.64 21.10 -63.56
CA THR CA 132 -39.85 19.66 -63.67
C THR CA 132 -41.02 19.28 -64.56
N VAL CA 133 -41.75 20.26 -65.10
CA VAL CA 133 -42.90 20.00 -65.96
C VAL CA 133 -42.49 20.28 -67.40
N ARG CA 134 -42.55 19.25 -68.25
CA ARG CA 134 -42.34 19.40 -69.67
C ARG CA 134 -43.49 18.89 -70.52
N PHE CA 135 -44.21 17.87 -70.06
CA PHE CA 135 -45.35 17.34 -70.79
C PHE CA 135 -46.60 18.15 -70.50
N ASN CA 136 -47.69 17.75 -71.15
CA ASN CA 136 -48.98 18.41 -70.97
C ASN CA 136 -50.07 17.37 -71.14
N VAL CA 137 -51.08 17.44 -70.27
CA VAL CA 137 -52.19 16.49 -70.29
C VAL CA 137 -53.03 16.73 -71.54
N LEU CA 138 -53.29 15.66 -72.29
CA LEU CA 138 -53.87 15.73 -73.61
C LEU CA 138 -55.26 15.10 -73.69
N LYS CA 139 -55.44 13.91 -73.11
CA LYS CA 139 -56.72 13.21 -73.14
C LYS CA 139 -56.76 12.20 -72.00
N VAL CA 140 -57.87 12.18 -71.27
CA VAL CA 140 -58.10 11.19 -70.23
C VAL CA 140 -58.93 10.07 -70.84
N THR CA 141 -58.39 8.85 -70.83
CA THR CA 141 -58.98 7.73 -71.56
C THR CA 141 -59.86 6.85 -70.69
N LYS CA 142 -59.29 6.28 -69.63
CA LYS CA 142 -59.96 5.25 -68.85
C LYS CA 142 -60.72 5.89 -67.69
N ALA CA 143 -61.87 5.31 -67.36
CA ALA CA 143 -62.66 5.77 -66.22
C ALA CA 143 -62.14 5.25 -64.89
N ALA CA 144 -61.17 4.31 -64.92
CA ALA CA 144 -60.52 3.72 -63.74
C ALA CA 144 -61.53 3.06 -62.80
N GLY CA 145 -62.37 2.21 -63.36
CA GLY CA 145 -63.35 1.48 -62.59
C GLY CA 145 -64.77 1.86 -62.99
N THR CA 146 -65.71 1.43 -62.16
CA THR CA 146 -67.13 1.67 -62.41
C THR CA 146 -67.55 2.97 -61.74
N LYS CA 147 -67.90 3.98 -62.55
CA LYS CA 147 -68.48 5.20 -62.02
C LYS CA 147 -69.96 5.08 -61.73
N LYS CA 148 -70.56 3.93 -62.05
CA LYS CA 148 -72.00 3.73 -61.85
C LYS CA 148 -72.34 3.56 -60.37
N GLN CA 149 -71.39 3.08 -59.57
CA GLN CA 149 -71.67 2.77 -58.18
C GLN CA 149 -71.82 4.04 -57.35
N PHE CA 150 -72.62 3.93 -56.29
CA PHE CA 150 -72.80 5.01 -55.33
C PHE CA 150 -72.93 4.42 -53.93
N GLN CA 151 -72.30 5.04 -52.96
CA GLN CA 151 -72.31 4.60 -51.57
C GLN CA 151 -73.23 5.49 -50.75
N LYS CA 152 -73.27 5.22 -49.45
CA LYS CA 152 -74.09 6.02 -48.53
C LYS CA 152 -73.41 7.35 -48.27
N PHE CA 153 -74.13 8.45 -48.55
CA PHE CA 153 -73.68 9.84 -48.41
C PHE CA 153 -72.41 10.14 -49.22
N GLY DA 1 -52.53 -27.09 -49.85
CA GLY DA 1 -53.22 -27.32 -48.61
C GLY DA 1 -53.87 -26.06 -48.07
N ARG DA 2 -54.29 -26.11 -46.81
CA ARG DA 2 -54.94 -24.98 -46.17
C ARG DA 2 -53.96 -23.84 -45.96
N MET DA 3 -54.49 -22.63 -45.74
CA MET DA 3 -53.65 -21.46 -45.62
C MET DA 3 -52.93 -21.42 -44.28
N HIS DA 4 -53.67 -21.43 -43.18
CA HIS DA 4 -53.08 -21.37 -41.85
C HIS DA 4 -53.41 -22.68 -41.14
N ALA DA 5 -52.63 -23.73 -41.49
CA ALA DA 5 -52.77 -25.09 -41.01
C ALA DA 5 -51.61 -25.92 -41.55
N PRO DA 6 -51.17 -26.97 -40.85
CA PRO DA 6 -50.17 -27.86 -41.43
C PRO DA 6 -50.75 -28.89 -42.37
N GLY DA 7 -52.06 -29.15 -42.30
CA GLY DA 7 -52.65 -30.22 -43.07
C GLY DA 7 -53.02 -29.79 -44.48
N LYS DA 8 -53.23 -30.79 -45.32
CA LYS DA 8 -53.59 -30.62 -46.72
C LYS DA 8 -54.74 -31.55 -47.10
N GLY DA 9 -55.69 -31.71 -46.18
CA GLY DA 9 -56.78 -32.66 -46.38
C GLY DA 9 -57.75 -32.21 -47.46
N LEU DA 10 -58.42 -33.20 -48.05
CA LEU DA 10 -59.31 -32.98 -49.19
C LEU DA 10 -60.71 -33.40 -48.78
N SER DA 11 -61.54 -32.42 -48.40
CA SER DA 11 -62.94 -32.66 -48.06
C SER DA 11 -63.76 -31.52 -48.67
N GLN DA 12 -64.18 -31.70 -49.92
CA GLN DA 12 -64.97 -30.71 -50.63
C GLN DA 12 -66.14 -31.42 -51.31
N SER DA 13 -66.97 -30.63 -51.98
CA SER DA 13 -68.14 -31.14 -52.68
C SER DA 13 -67.84 -31.30 -54.16
N ALA DA 14 -68.09 -32.49 -54.70
CA ALA DA 14 -67.89 -32.77 -56.12
C ALA DA 14 -69.25 -32.73 -56.81
N LEU DA 15 -69.46 -31.70 -57.62
CA LEU DA 15 -70.72 -31.56 -58.33
C LEU DA 15 -70.80 -32.55 -59.49
N PRO DA 16 -71.97 -33.10 -59.78
CA PRO DA 16 -72.09 -34.07 -60.88
C PRO DA 16 -72.04 -33.37 -62.23
N TYR DA 17 -71.79 -34.19 -63.26
CA TYR DA 17 -71.80 -33.69 -64.64
C TYR DA 17 -73.22 -33.45 -65.13
N ARG DA 18 -74.21 -34.10 -64.52
CA ARG DA 18 -75.58 -34.00 -64.98
C ARG DA 18 -76.18 -32.64 -64.62
N ARG DA 19 -77.00 -32.11 -65.53
CA ARG DA 19 -77.77 -30.89 -65.32
C ARG DA 19 -79.05 -31.21 -64.55
N SER DA 20 -80.03 -30.28 -64.61
CA SER DA 20 -81.25 -30.33 -63.81
C SER DA 20 -82.03 -31.63 -63.97
N VAL DA 21 -82.91 -31.88 -63.01
CA VAL DA 21 -83.43 -33.24 -62.74
C VAL DA 21 -84.34 -33.70 -63.87
N PRO DA 22 -84.24 -34.97 -64.30
CA PRO DA 22 -85.03 -35.45 -65.44
C PRO DA 22 -86.53 -35.60 -65.17
N THR DA 23 -86.88 -36.27 -64.08
CA THR DA 23 -88.27 -36.69 -63.86
C THR DA 23 -88.92 -36.04 -62.66
N TRP DA 24 -88.33 -36.15 -61.47
CA TRP DA 24 -88.98 -35.71 -60.25
C TRP DA 24 -88.69 -34.21 -60.04
N LEU DA 25 -89.00 -33.72 -58.84
CA LEU DA 25 -88.89 -32.31 -58.42
C LEU DA 25 -89.72 -31.43 -59.36
N LYS DA 26 -91.04 -31.65 -59.29
CA LYS DA 26 -92.00 -30.83 -60.04
C LYS DA 26 -92.16 -29.51 -59.29
N LEU DA 27 -91.22 -28.61 -59.52
CA LEU DA 27 -91.14 -27.35 -58.79
C LEU DA 27 -90.51 -26.31 -59.70
N THR DA 28 -91.26 -25.26 -60.02
CA THR DA 28 -90.82 -24.27 -60.99
C THR DA 28 -89.78 -23.33 -60.36
N SER DA 29 -89.04 -22.65 -61.24
CA SER DA 29 -88.01 -21.72 -60.81
C SER DA 29 -88.59 -20.51 -60.08
N ASP DA 30 -89.79 -20.08 -60.47
CA ASP DA 30 -90.45 -19.00 -59.74
C ASP DA 30 -90.84 -19.43 -58.33
N ASP DA 31 -91.24 -20.69 -58.16
CA ASP DA 31 -91.55 -21.20 -56.84
C ASP DA 31 -90.30 -21.37 -55.99
N VAL DA 32 -89.19 -21.79 -56.61
CA VAL DA 32 -87.91 -21.87 -55.90
C VAL DA 32 -87.45 -20.49 -55.46
N LYS DA 33 -87.66 -19.48 -56.31
CA LYS DA 33 -87.34 -18.10 -55.94
C LYS DA 33 -88.24 -17.59 -54.83
N GLU DA 34 -89.53 -17.93 -54.85
CA GLU DA 34 -90.42 -17.52 -53.76
C GLU DA 34 -90.02 -18.16 -52.44
N GLN DA 35 -89.59 -19.43 -52.47
CA GLN DA 35 -89.12 -20.08 -51.25
C GLN DA 35 -87.81 -19.46 -50.75
N ILE DA 36 -86.91 -19.09 -51.66
CA ILE DA 36 -85.64 -18.53 -51.20
C ILE DA 36 -85.85 -17.09 -50.72
N TYR DA 37 -86.85 -16.36 -51.23
CA TYR DA 37 -87.13 -15.06 -50.65
C TYR DA 37 -87.86 -15.16 -49.32
N LYS DA 38 -88.66 -16.21 -49.10
CA LYS DA 38 -89.21 -16.44 -47.77
C LYS DA 38 -88.14 -16.80 -46.76
N LEU DA 39 -87.15 -17.60 -47.18
CA LEU DA 39 -86.03 -17.92 -46.29
C LEU DA 39 -85.15 -16.71 -46.03
N ALA DA 40 -84.98 -15.84 -47.02
CA ALA DA 40 -84.20 -14.62 -46.81
C ALA DA 40 -84.97 -13.62 -45.95
N LYS DA 41 -86.30 -13.64 -46.02
CA LYS DA 41 -87.11 -12.84 -45.11
C LYS DA 41 -87.03 -13.38 -43.69
N LYS DA 42 -86.93 -14.71 -43.53
CA LYS DA 42 -86.62 -15.27 -42.22
C LYS DA 42 -85.22 -14.88 -41.76
N GLY DA 43 -84.30 -14.66 -42.70
CA GLY DA 43 -83.03 -14.05 -42.37
C GLY DA 43 -81.90 -15.01 -42.05
N LEU DA 44 -81.62 -15.94 -42.96
CA LEU DA 44 -80.53 -16.89 -42.79
C LEU DA 44 -79.37 -16.56 -43.72
N THR DA 45 -78.22 -17.09 -43.35
CA THR DA 45 -77.06 -17.07 -44.24
C THR DA 45 -77.36 -17.94 -45.47
N PRO DA 46 -77.01 -17.48 -46.69
CA PRO DA 46 -77.25 -18.32 -47.88
C PRO DA 46 -76.51 -19.65 -47.88
N SER DA 47 -75.38 -19.74 -47.15
CA SER DA 47 -74.74 -21.03 -46.91
C SER DA 47 -75.66 -21.97 -46.14
N GLN DA 48 -76.50 -21.44 -45.26
CA GLN DA 48 -77.50 -22.26 -44.57
C GLN DA 48 -78.75 -22.46 -45.41
N ILE DA 49 -79.07 -21.48 -46.27
CA ILE DA 49 -80.25 -21.59 -47.13
C ILE DA 49 -80.08 -22.70 -48.15
N GLY DA 50 -78.85 -22.86 -48.67
CA GLY DA 50 -78.57 -23.98 -49.56
C GLY DA 50 -78.71 -25.33 -48.87
N VAL DA 51 -78.30 -25.42 -47.60
CA VAL DA 51 -78.43 -26.66 -46.85
C VAL DA 51 -79.90 -26.97 -46.55
N ILE DA 52 -80.68 -25.94 -46.23
CA ILE DA 52 -82.11 -26.14 -45.94
C ILE DA 52 -82.86 -26.56 -47.21
N LEU DA 53 -82.60 -25.89 -48.34
CA LEU DA 53 -83.25 -26.28 -49.58
C LEU DA 53 -82.73 -27.60 -50.14
N ARG DA 54 -81.54 -28.05 -49.72
CA ARG DA 54 -81.09 -29.37 -50.13
C ARG DA 54 -81.72 -30.47 -49.28
N ASP DA 55 -81.79 -30.27 -47.97
CA ASP DA 55 -82.25 -31.33 -47.09
C ASP DA 55 -83.77 -31.41 -47.01
N SER DA 56 -84.42 -30.29 -46.69
CA SER DA 56 -85.86 -30.32 -46.43
C SER DA 56 -86.67 -30.39 -47.72
N HIS DA 57 -86.49 -29.40 -48.60
CA HIS DA 57 -87.32 -29.29 -49.79
C HIS DA 57 -86.92 -30.25 -50.90
N GLY DA 58 -85.77 -30.92 -50.79
CA GLY DA 58 -85.33 -31.83 -51.82
C GLY DA 58 -84.90 -31.15 -53.10
N VAL DA 59 -84.49 -29.91 -53.02
CA VAL DA 59 -84.05 -29.14 -54.19
C VAL DA 59 -82.56 -29.30 -54.35
N ALA DA 60 -82.11 -29.54 -55.58
CA ALA DA 60 -80.71 -29.69 -55.91
C ALA DA 60 -80.01 -28.33 -56.00
N GLN DA 61 -78.83 -28.31 -56.63
CA GLN DA 61 -78.12 -27.07 -56.94
C GLN DA 61 -79.01 -26.08 -57.67
N VAL DA 62 -79.15 -24.89 -57.09
CA VAL DA 62 -80.18 -23.94 -57.51
C VAL DA 62 -79.87 -23.34 -58.88
N ARG DA 63 -78.60 -23.32 -59.28
CA ARG DA 63 -78.21 -22.89 -60.62
C ARG DA 63 -78.80 -23.80 -61.70
N PHE DA 64 -79.05 -25.07 -61.37
CA PHE DA 64 -79.65 -25.98 -62.33
C PHE DA 64 -81.15 -25.73 -62.46
N VAL DA 65 -81.86 -25.61 -61.34
CA VAL DA 65 -83.31 -25.53 -61.37
C VAL DA 65 -83.80 -24.13 -61.73
N THR DA 66 -83.01 -23.09 -61.47
CA THR DA 66 -83.41 -21.72 -61.75
C THR DA 66 -82.68 -21.12 -62.93
N GLY DA 67 -81.36 -21.31 -63.00
CA GLY DA 67 -80.55 -20.64 -63.99
C GLY DA 67 -79.91 -19.36 -63.52
N ASN DA 68 -80.00 -19.05 -62.22
CA ASN DA 68 -79.42 -17.85 -61.67
C ASN DA 68 -78.82 -18.18 -60.30
N LYS DA 69 -77.69 -17.55 -60.02
CA LYS DA 69 -76.98 -17.76 -58.76
C LYS DA 69 -77.71 -17.05 -57.63
N ILE DA 70 -77.66 -17.64 -56.43
CA ILE DA 70 -78.62 -17.27 -55.40
C ILE DA 70 -78.30 -15.91 -54.78
N LEU DA 71 -77.04 -15.50 -54.78
CA LEU DA 71 -76.74 -14.15 -54.31
C LEU DA 71 -77.17 -13.12 -55.33
N ARG DA 72 -77.17 -13.48 -56.62
CA ARG DA 72 -77.72 -12.58 -57.63
C ARG DA 72 -79.24 -12.49 -57.52
N ILE DA 73 -79.90 -13.61 -57.19
CA ILE DA 73 -81.34 -13.61 -56.91
C ILE DA 73 -81.64 -12.75 -55.67
N LEU DA 74 -80.74 -12.79 -54.69
CA LEU DA 74 -80.90 -12.00 -53.48
C LEU DA 74 -80.73 -10.51 -53.77
N LYS DA 75 -79.70 -10.15 -54.55
CA LYS DA 75 -79.47 -8.75 -54.90
C LYS DA 75 -80.46 -8.22 -55.92
N SER DA 76 -81.20 -9.09 -56.60
CA SER DA 76 -82.20 -8.63 -57.56
C SER DA 76 -83.35 -7.93 -56.86
N LYS DA 77 -83.71 -8.36 -55.66
CA LYS DA 77 -84.69 -7.64 -54.84
C LYS DA 77 -84.05 -6.83 -53.73
N GLY DA 78 -82.76 -7.02 -53.45
CA GLY DA 78 -82.08 -6.14 -52.54
C GLY DA 78 -82.33 -6.41 -51.07
N LEU DA 79 -82.14 -7.67 -50.66
CA LEU DA 79 -82.22 -8.07 -49.26
C LEU DA 79 -80.83 -8.29 -48.68
N ALA DA 80 -79.88 -7.41 -49.05
CA ALA DA 80 -78.48 -7.62 -48.77
C ALA DA 80 -78.18 -7.45 -47.29
N PRO DA 81 -77.30 -8.29 -46.72
CA PRO DA 81 -76.94 -8.16 -45.29
C PRO DA 81 -75.93 -7.07 -45.00
N ASP DA 82 -75.61 -6.21 -45.98
CA ASP DA 82 -74.72 -5.04 -45.91
C ASP DA 82 -73.25 -5.44 -45.74
N LEU DA 83 -72.97 -6.73 -45.63
CA LEU DA 83 -71.63 -7.27 -45.49
C LEU DA 83 -71.68 -8.73 -45.92
N PRO DA 84 -70.74 -9.19 -46.75
CA PRO DA 84 -70.74 -10.60 -47.15
C PRO DA 84 -70.36 -11.52 -46.00
N GLU DA 85 -70.91 -12.73 -46.05
CA GLU DA 85 -70.83 -13.63 -44.91
C GLU DA 85 -69.44 -14.22 -44.74
N ASP DA 86 -68.67 -14.29 -45.83
CA ASP DA 86 -67.28 -14.78 -45.78
C ASP DA 86 -66.42 -13.91 -44.88
N LEU DA 87 -66.68 -12.61 -44.88
CA LEU DA 87 -66.02 -11.70 -43.95
C LEU DA 87 -66.78 -11.58 -42.64
N TYR DA 88 -68.11 -11.74 -42.68
CA TYR DA 88 -68.94 -11.52 -41.50
C TYR DA 88 -68.73 -12.58 -40.43
N HIS DA 89 -68.57 -13.85 -40.83
CA HIS DA 89 -68.35 -14.90 -39.84
C HIS DA 89 -66.94 -14.82 -39.26
N LEU DA 90 -65.96 -14.35 -40.04
CA LEU DA 90 -64.63 -14.14 -39.49
C LEU DA 90 -64.61 -12.98 -38.50
N ILE DA 91 -65.38 -11.93 -38.79
CA ILE DA 91 -65.54 -10.84 -37.81
C ILE DA 91 -66.26 -11.35 -36.57
N LYS DA 92 -67.25 -12.21 -36.75
CA LYS DA 92 -68.03 -12.73 -35.62
C LYS DA 92 -67.19 -13.62 -34.72
N LYS DA 93 -66.26 -14.38 -35.28
CA LYS DA 93 -65.38 -15.17 -34.42
C LYS DA 93 -64.23 -14.32 -33.87
N ALA DA 94 -63.81 -13.27 -34.59
CA ALA DA 94 -62.73 -12.42 -34.09
C ALA DA 94 -63.17 -11.60 -32.88
N VAL DA 95 -64.45 -11.17 -32.86
CA VAL DA 95 -64.99 -10.50 -31.67
C VAL DA 95 -64.95 -11.43 -30.46
N ALA DA 96 -65.29 -12.71 -30.67
CA ALA DA 96 -65.28 -13.68 -29.58
C ALA DA 96 -63.86 -13.94 -29.08
N VAL DA 97 -62.88 -14.01 -29.98
CA VAL DA 97 -61.51 -14.27 -29.55
C VAL DA 97 -60.92 -13.04 -28.85
N ARG DA 98 -61.25 -11.83 -29.32
CA ARG DA 98 -60.83 -10.61 -28.63
C ARG DA 98 -61.43 -10.53 -27.23
N LYS DA 99 -62.72 -10.82 -27.10
CA LYS DA 99 -63.38 -10.80 -25.79
C LYS DA 99 -62.81 -11.87 -24.87
N HIS DA 100 -62.50 -13.05 -25.42
CA HIS DA 100 -61.92 -14.12 -24.64
C HIS DA 100 -60.53 -13.76 -24.13
N LEU DA 101 -59.72 -13.07 -24.94
CA LEU DA 101 -58.44 -12.58 -24.43
C LEU DA 101 -58.61 -11.49 -23.39
N GLU DA 102 -59.67 -10.68 -23.53
CA GLU DA 102 -59.92 -9.62 -22.54
C GLU DA 102 -60.29 -10.20 -21.17
N ARG DA 103 -61.06 -11.29 -21.13
CA ARG DA 103 -61.31 -11.87 -19.81
C ARG DA 103 -60.30 -12.94 -19.41
N ASN DA 104 -59.46 -13.41 -20.33
CA ASN DA 104 -58.32 -14.27 -20.01
C ASN DA 104 -57.13 -13.75 -20.81
N ARG DA 105 -56.42 -12.78 -20.26
CA ARG DA 105 -55.19 -12.23 -20.86
C ARG DA 105 -53.97 -13.10 -20.48
N LYS DA 106 -54.06 -14.39 -20.82
CA LYS DA 106 -52.91 -15.27 -20.76
C LYS DA 106 -52.81 -16.22 -21.95
N ASP DA 107 -53.92 -16.53 -22.64
CA ASP DA 107 -53.96 -17.57 -23.64
C ASP DA 107 -53.25 -17.14 -24.92
N LYS DA 108 -51.94 -17.40 -24.97
CA LYS DA 108 -51.13 -17.01 -26.11
C LYS DA 108 -51.46 -17.83 -27.36
N ASP DA 109 -51.99 -19.04 -27.19
CA ASP DA 109 -52.54 -19.79 -28.31
C ASP DA 109 -53.72 -19.05 -28.93
N ALA DA 110 -54.61 -18.52 -28.08
CA ALA DA 110 -55.74 -17.73 -28.58
C ALA DA 110 -55.26 -16.42 -29.19
N LYS DA 111 -54.16 -15.86 -28.69
CA LYS DA 111 -53.57 -14.66 -29.31
C LYS DA 111 -53.04 -14.97 -30.70
N PHE DA 112 -52.39 -16.12 -30.86
CA PHE DA 112 -51.89 -16.54 -32.17
C PHE DA 112 -53.03 -16.79 -33.15
N ARG DA 113 -54.10 -17.43 -32.68
CA ARG DA 113 -55.26 -17.66 -33.55
C ARG DA 113 -55.98 -16.36 -33.88
N LEU DA 114 -55.92 -15.37 -32.97
CA LEU DA 114 -56.44 -14.05 -33.29
C LEU DA 114 -55.64 -13.39 -34.39
N ILE DA 115 -54.32 -13.54 -34.36
CA ILE DA 115 -53.46 -13.02 -35.43
C ILE DA 115 -53.79 -13.69 -36.76
N LEU DA 116 -54.07 -14.99 -36.74
CA LEU DA 116 -54.42 -15.70 -37.97
C LEU DA 116 -55.79 -15.25 -38.52
N ILE DA 117 -56.76 -15.07 -37.63
CA ILE DA 117 -58.10 -14.61 -38.06
C ILE DA 117 -58.03 -13.19 -38.59
N GLU DA 118 -57.22 -12.32 -37.98
CA GLU DA 118 -57.03 -10.97 -38.51
C GLU DA 118 -56.32 -10.99 -39.85
N SER DA 119 -55.39 -11.93 -40.07
CA SER DA 119 -54.79 -12.10 -41.38
C SER DA 119 -55.83 -12.47 -42.43
N ARG DA 120 -56.73 -13.39 -42.09
CA ARG DA 120 -57.79 -13.77 -43.03
C ARG DA 120 -58.74 -12.60 -43.32
N ILE DA 121 -59.07 -11.82 -42.28
CA ILE DA 121 -59.95 -10.67 -42.43
C ILE DA 121 -59.32 -9.61 -43.33
N HIS DA 122 -58.03 -9.33 -43.15
CA HIS DA 122 -57.39 -8.31 -43.99
C HIS DA 122 -57.16 -8.80 -45.41
N ARG DA 123 -56.94 -10.10 -45.62
CA ARG DA 123 -56.86 -10.62 -46.99
C ARG DA 123 -58.20 -10.51 -47.71
N LEU DA 124 -59.30 -10.88 -47.04
CA LEU DA 124 -60.61 -10.74 -47.67
C LEU DA 124 -61.01 -9.28 -47.82
N ALA DA 125 -60.53 -8.41 -46.94
CA ALA DA 125 -60.82 -6.98 -47.08
C ALA DA 125 -60.10 -6.39 -48.29
N ARG DA 126 -58.85 -6.80 -48.53
CA ARG DA 126 -58.15 -6.38 -49.73
C ARG DA 126 -58.82 -6.92 -50.99
N TYR DA 127 -59.31 -8.16 -50.95
CA TYR DA 127 -59.99 -8.73 -52.11
C TYR DA 127 -61.31 -8.02 -52.40
N TYR DA 128 -62.06 -7.67 -51.35
CA TYR DA 128 -63.33 -7.00 -51.56
C TYR DA 128 -63.16 -5.55 -51.96
N LYS DA 129 -62.09 -4.89 -51.48
CA LYS DA 129 -61.79 -3.55 -51.96
C LYS DA 129 -61.28 -3.57 -53.39
N THR DA 130 -60.66 -4.68 -53.82
CA THR DA 130 -60.29 -4.81 -55.22
C THR DA 130 -61.52 -5.01 -56.10
N LYS DA 131 -62.41 -5.91 -55.70
CA LYS DA 131 -63.60 -6.22 -56.49
C LYS DA 131 -64.77 -5.28 -56.24
N ARG DA 132 -64.55 -4.21 -55.46
CA ARG DA 132 -65.45 -3.06 -55.32
C ARG DA 132 -66.81 -3.41 -54.72
N VAL DA 133 -66.91 -4.53 -54.02
CA VAL DA 133 -68.15 -4.83 -53.29
C VAL DA 133 -68.13 -4.16 -51.91
N LEU DA 134 -66.96 -3.76 -51.43
CA LEU DA 134 -66.73 -3.08 -50.16
C LEU DA 134 -66.31 -1.64 -50.43
N PRO DA 135 -66.66 -0.70 -49.55
CA PRO DA 135 -66.18 0.67 -49.72
C PRO DA 135 -64.67 0.75 -49.53
N PRO DA 136 -64.00 1.68 -50.22
CA PRO DA 136 -62.53 1.71 -50.16
C PRO DA 136 -61.97 2.18 -48.83
N ASN DA 137 -62.74 2.92 -48.03
CA ASN DA 137 -62.30 3.40 -46.74
C ASN DA 137 -62.71 2.49 -45.58
N TRP DA 138 -62.86 1.19 -45.85
CA TRP DA 138 -63.30 0.26 -44.81
C TRP DA 138 -62.14 -0.09 -43.90
N LYS DA 139 -62.38 0.01 -42.59
CA LYS DA 139 -61.37 -0.34 -41.60
C LYS DA 139 -61.97 -1.29 -40.57
N TYR DA 140 -61.10 -2.01 -39.89
CA TYR DA 140 -61.54 -2.99 -38.89
C TYR DA 140 -60.52 -3.03 -37.76
N GLU DA 141 -60.74 -2.21 -36.73
CA GLU DA 141 -59.98 -2.33 -35.50
C GLU DA 141 -60.86 -2.67 -34.30
N SER DA 142 -61.80 -1.79 -33.96
CA SER DA 142 -62.79 -2.06 -32.92
C SER DA 142 -64.19 -1.59 -33.27
N SER DA 143 -64.35 -0.62 -34.18
CA SER DA 143 -65.66 -0.02 -34.43
C SER DA 143 -66.57 -0.99 -35.18
N THR DA 144 -66.08 -1.59 -36.26
CA THR DA 144 -66.86 -2.57 -37.00
C THR DA 144 -67.07 -3.83 -36.18
N ALA DA 145 -66.10 -4.18 -35.33
CA ALA DA 145 -66.23 -5.33 -34.44
C ALA DA 145 -67.33 -5.13 -33.41
N SER DA 146 -67.42 -3.91 -32.86
CA SER DA 146 -68.47 -3.63 -31.89
C SER DA 146 -69.84 -3.45 -32.55
N ALA DA 147 -69.86 -2.96 -33.79
CA ALA DA 147 -71.14 -2.71 -34.45
C ALA DA 147 -71.72 -3.98 -35.05
N LEU DA 148 -71.02 -4.58 -36.01
CA LEU DA 148 -71.54 -5.72 -36.76
C LEU DA 148 -71.04 -6.99 -36.10
N VAL DA 149 -71.86 -7.56 -35.22
CA VAL DA 149 -71.51 -8.77 -34.51
C VAL DA 149 -72.07 -9.99 -35.22
N SER EA 1 -42.43 -67.88 32.25
CA SER EA 1 -43.80 -67.41 32.01
C SER EA 1 -44.47 -68.27 30.94
N LEU EA 2 -45.79 -68.46 31.09
CA LEU EA 2 -46.54 -69.22 30.10
C LEU EA 2 -46.78 -68.39 28.83
N GLY EA 3 -47.09 -67.10 28.99
CA GLY EA 3 -47.28 -66.21 27.87
C GLY EA 3 -48.73 -65.89 27.62
N PRO EA 4 -49.08 -65.63 26.35
CA PRO EA 4 -50.47 -65.25 26.05
C PRO EA 4 -51.43 -66.41 26.01
N GLN EA 5 -50.99 -67.59 25.57
CA GLN EA 5 -51.88 -68.71 25.27
C GLN EA 5 -51.47 -69.93 26.07
N VAL EA 6 -52.47 -70.58 26.67
CA VAL EA 6 -52.30 -71.86 27.36
C VAL EA 6 -52.96 -72.93 26.49
N ALA EA 7 -52.40 -74.14 26.51
CA ALA EA 7 -52.86 -75.31 25.74
C ALA EA 7 -52.83 -75.01 24.24
N GLU EA 8 -51.59 -74.90 23.74
CA GLU EA 8 -51.28 -74.47 22.38
C GLU EA 8 -51.91 -75.37 21.33
N GLY EA 9 -51.92 -74.84 20.09
CA GLY EA 9 -52.60 -75.46 18.98
C GLY EA 9 -53.20 -74.40 18.09
N GLU EA 10 -53.39 -73.21 18.67
CA GLU EA 10 -53.81 -72.02 17.93
C GLU EA 10 -52.60 -71.10 17.82
N ASN EA 11 -52.35 -70.62 16.60
CA ASN EA 11 -51.14 -69.85 16.35
C ASN EA 11 -51.25 -68.43 16.92
N VAL EA 12 -50.21 -68.01 17.63
CA VAL EA 12 -50.10 -66.63 18.10
C VAL EA 12 -49.35 -65.84 17.04
N PHE EA 13 -49.99 -64.81 16.50
CA PHE EA 13 -49.52 -64.12 15.30
C PHE EA 13 -48.74 -62.86 15.65
N GLY EA 14 -47.76 -62.56 14.82
CA GLY EA 14 -47.01 -61.32 14.93
C GLY EA 14 -46.57 -60.87 13.55
N VAL EA 15 -46.50 -59.55 13.37
CA VAL EA 15 -46.09 -58.98 12.09
C VAL EA 15 -44.58 -58.78 12.11
N CYS EA 16 -43.90 -59.34 11.11
CA CYS EA 16 -42.45 -59.23 10.99
C CYS EA 16 -42.13 -58.37 9.78
N HIS EA 17 -41.64 -57.16 10.04
CA HIS EA 17 -41.21 -56.25 9.00
C HIS EA 17 -39.76 -56.53 8.64
N ILE EA 18 -39.47 -56.66 7.35
CA ILE EA 18 -38.12 -56.85 6.87
C ILE EA 18 -37.80 -55.69 5.94
N PHE EA 19 -36.95 -54.79 6.40
CA PHE EA 19 -36.53 -53.60 5.67
C PHE EA 19 -35.16 -53.88 5.07
N ALA EA 20 -35.13 -54.29 3.81
CA ALA EA 20 -33.89 -54.65 3.15
C ALA EA 20 -33.35 -53.47 2.36
N SER EA 21 -32.08 -53.15 2.59
CA SER EA 21 -31.43 -52.05 1.90
C SER EA 21 -30.07 -52.50 1.40
N PHE EA 22 -29.46 -51.67 0.55
CA PHE EA 22 -28.15 -51.98 0.02
C PHE EA 22 -27.03 -51.81 1.04
N ASN EA 23 -27.30 -51.10 2.14
CA ASN EA 23 -26.28 -50.86 3.15
C ASN EA 23 -26.60 -51.43 4.53
N ASP EA 24 -27.82 -51.90 4.76
CA ASP EA 24 -28.20 -52.48 6.05
C ASP EA 24 -29.45 -53.32 5.84
N THR EA 25 -29.77 -54.15 6.84
CA THR EA 25 -30.95 -54.99 6.82
C THR EA 25 -31.61 -54.96 8.18
N PHE EA 26 -32.88 -54.58 8.23
CA PHE EA 26 -33.67 -54.54 9.45
C PHE EA 26 -34.64 -55.71 9.47
N VAL EA 27 -34.71 -56.40 10.61
CA VAL EA 27 -35.79 -57.35 10.87
C VAL EA 27 -36.43 -56.95 12.20
N HIS EA 28 -37.76 -56.89 12.21
CA HIS EA 28 -38.50 -56.23 13.26
C HIS EA 28 -39.77 -57.03 13.54
N VAL EA 29 -40.03 -57.35 14.80
CA VAL EA 29 -41.22 -58.11 15.17
C VAL EA 29 -42.12 -57.24 16.04
N THR EA 30 -43.35 -57.06 15.59
CA THR EA 30 -44.37 -56.27 16.27
C THR EA 30 -45.59 -57.16 16.39
N ASP EA 31 -46.59 -56.72 17.18
CA ASP EA 31 -47.85 -57.42 17.23
C ASP EA 31 -48.69 -57.06 15.99
N LEU EA 32 -49.95 -57.52 15.96
CA LEU EA 32 -50.81 -57.25 14.81
C LEU EA 32 -51.26 -55.79 14.75
N SER EA 33 -51.13 -55.04 15.84
CA SER EA 33 -51.47 -53.62 15.80
C SER EA 33 -50.42 -52.83 15.03
N GLY EA 34 -49.19 -52.85 15.51
CA GLY EA 34 -48.12 -52.14 14.84
C GLY EA 34 -47.35 -51.22 15.78
N LYS EA 35 -47.74 -51.19 17.05
CA LYS EA 35 -47.11 -50.30 18.02
C LYS EA 35 -46.09 -51.02 18.90
N GLU EA 36 -46.47 -52.13 19.53
CA GLU EA 36 -45.66 -52.74 20.56
C GLU EA 36 -44.57 -53.61 19.93
N THR EA 37 -43.37 -53.05 19.84
CA THR EA 37 -42.20 -53.77 19.32
C THR EA 37 -41.83 -54.92 20.24
N ILE EA 38 -41.77 -56.12 19.68
CA ILE EA 38 -41.38 -57.30 20.45
C ILE EA 38 -39.87 -57.50 20.43
N CYS EA 39 -39.27 -57.54 19.24
CA CYS EA 39 -37.83 -57.71 19.13
C CYS EA 39 -37.33 -56.93 17.92
N ARG EA 40 -36.08 -56.50 18.00
CA ARG EA 40 -35.49 -55.68 16.93
C ARG EA 40 -33.98 -55.87 16.96
N VAL EA 41 -33.45 -56.59 15.97
CA VAL EA 41 -32.01 -56.80 15.81
C VAL EA 41 -31.64 -56.42 14.39
N THR EA 42 -30.68 -55.52 14.24
CA THR EA 42 -30.26 -55.05 12.94
C THR EA 42 -29.02 -55.83 12.47
N GLY EA 43 -28.42 -55.39 11.37
CA GLY EA 43 -27.22 -56.03 10.87
C GLY EA 43 -25.97 -55.61 11.62
N GLY EA 44 -25.91 -54.33 11.97
CA GLY EA 44 -24.78 -53.81 12.73
C GLY EA 44 -24.73 -54.30 14.16
N MET EA 45 -25.86 -54.76 14.70
CA MET EA 45 -25.86 -55.36 16.03
C MET EA 45 -25.21 -56.74 16.04
N LYS EA 46 -25.08 -57.38 14.88
CA LYS EA 46 -24.49 -58.70 14.79
C LYS EA 46 -23.12 -58.73 14.13
N VAL EA 47 -22.83 -57.80 13.22
CA VAL EA 47 -21.55 -57.76 12.52
C VAL EA 47 -20.81 -56.49 12.90
N LYS EA 48 -19.55 -56.65 13.35
CA LYS EA 48 -18.74 -55.51 13.76
C LYS EA 48 -18.33 -54.66 12.55
N ALA EA 49 -18.08 -55.30 11.42
CA ALA EA 49 -17.61 -54.57 10.25
C ALA EA 49 -18.74 -53.78 9.60
N ASP EA 50 -18.43 -52.54 9.22
CA ASP EA 50 -19.44 -51.68 8.60
C ASP EA 50 -19.71 -52.10 7.16
N ARG EA 51 -18.71 -52.66 6.48
CA ARG EA 51 -18.89 -53.09 5.11
C ARG EA 51 -19.69 -54.39 5.00
N ASP EA 52 -19.80 -55.15 6.08
CA ASP EA 52 -20.47 -56.45 6.05
C ASP EA 52 -21.77 -56.46 6.84
N GLU EA 53 -22.32 -55.28 7.16
CA GLU EA 53 -23.60 -55.24 7.85
C GLU EA 53 -24.78 -55.36 6.89
N SER EA 54 -24.54 -55.27 5.58
CA SER EA 54 -25.56 -55.52 4.56
C SER EA 54 -25.51 -56.94 4.04
N SER EA 55 -24.77 -57.81 4.70
CA SER EA 55 -24.52 -59.16 4.20
C SER EA 55 -25.70 -60.08 4.50
N PRO EA 56 -25.92 -61.10 3.66
CA PRO EA 56 -26.87 -62.16 4.02
C PRO EA 56 -26.48 -62.92 5.27
N TYR EA 57 -25.18 -63.01 5.58
CA TYR EA 57 -24.75 -63.58 6.86
C TYR EA 57 -25.22 -62.73 8.03
N ALA EA 58 -25.12 -61.40 7.89
CA ALA EA 58 -25.64 -60.49 8.91
C ALA EA 58 -27.14 -60.61 9.04
N ALA EA 59 -27.84 -60.78 7.91
CA ALA EA 59 -29.29 -60.95 7.93
C ALA EA 59 -29.68 -62.25 8.62
N MET EA 60 -28.95 -63.34 8.36
CA MET EA 60 -29.25 -64.61 9.00
C MET EA 60 -28.96 -64.58 10.50
N LEU EA 61 -27.89 -63.89 10.91
CA LEU EA 61 -27.59 -63.80 12.34
C LEU EA 61 -28.62 -62.95 13.07
N ALA EA 62 -29.03 -61.83 12.47
CA ALA EA 62 -30.09 -61.01 13.05
C ALA EA 62 -31.42 -61.77 13.09
N ALA EA 63 -31.69 -62.57 12.07
CA ALA EA 63 -32.93 -63.34 12.03
C ALA EA 63 -32.93 -64.46 13.06
N GLN EA 64 -31.78 -65.12 13.27
CA GLN EA 64 -31.71 -66.15 14.31
C GLN EA 64 -31.84 -65.54 15.70
N ASP EA 65 -31.26 -64.36 15.92
CA ASP EA 65 -31.41 -63.69 17.21
C ASP EA 65 -32.86 -63.27 17.46
N VAL EA 66 -33.53 -62.74 16.42
CA VAL EA 66 -34.92 -62.36 16.51
C VAL EA 66 -35.82 -63.57 16.74
N ALA EA 67 -35.55 -64.68 16.04
CA ALA EA 67 -36.35 -65.89 16.22
C ALA EA 67 -36.13 -66.50 17.61
N GLN EA 68 -34.92 -66.41 18.16
CA GLN EA 68 -34.68 -66.90 19.51
C GLN EA 68 -35.41 -66.05 20.55
N ARG EA 69 -35.39 -64.72 20.38
CA ARG EA 69 -36.13 -63.86 21.30
C ARG EA 69 -37.65 -64.04 21.16
N CYS EA 70 -38.13 -64.33 19.96
CA CYS EA 70 -39.56 -64.59 19.78
C CYS EA 70 -39.97 -65.93 20.35
N LYS EA 71 -39.09 -66.94 20.29
CA LYS EA 71 -39.41 -68.21 20.95
C LYS EA 71 -39.35 -68.07 22.47
N GLU EA 72 -38.48 -67.18 22.98
CA GLU EA 72 -38.45 -66.96 24.42
C GLU EA 72 -39.67 -66.17 24.90
N LEU EA 73 -40.15 -65.22 24.09
CA LEU EA 73 -41.30 -64.42 24.48
C LEU EA 73 -42.64 -65.06 24.08
N GLY EA 74 -42.62 -66.13 23.30
CA GLY EA 74 -43.82 -66.94 23.11
C GLY EA 74 -44.77 -66.48 22.02
N ILE EA 75 -44.28 -66.35 20.78
CA ILE EA 75 -45.15 -66.21 19.62
C ILE EA 75 -44.75 -67.30 18.62
N THR EA 76 -45.69 -67.68 17.76
CA THR EA 76 -45.52 -68.81 16.88
C THR EA 76 -45.47 -68.44 15.40
N ALA EA 77 -46.42 -67.62 14.94
CA ALA EA 77 -46.56 -67.35 13.52
C ALA EA 77 -46.22 -65.90 13.21
N LEU EA 78 -45.76 -65.66 11.98
CA LEU EA 78 -45.34 -64.35 11.53
C LEU EA 78 -45.94 -64.04 10.17
N HIS EA 79 -46.56 -62.87 10.06
CA HIS EA 79 -46.94 -62.30 8.77
C HIS EA 79 -45.83 -61.37 8.33
N ILE EA 80 -45.20 -61.69 7.21
CA ILE EA 80 -43.97 -61.00 6.79
C ILE EA 80 -44.33 -59.85 5.86
N LYS EA 81 -43.86 -58.65 6.22
CA LYS EA 81 -44.04 -57.44 5.41
C LYS EA 81 -42.66 -57.02 4.91
N LEU EA 82 -42.42 -57.22 3.62
CA LEU EA 82 -41.14 -56.90 3.01
C LEU EA 82 -41.16 -55.49 2.44
N ARG EA 83 -40.09 -54.74 2.67
CA ARG EA 83 -39.99 -53.38 2.18
C ARG EA 83 -38.52 -53.04 1.92
N ALA EA 84 -38.32 -51.95 1.18
CA ALA EA 84 -37.00 -51.47 0.83
C ALA EA 84 -37.01 -49.95 0.84
N THR EA 85 -35.86 -49.36 0.49
CA THR EA 85 -35.77 -47.91 0.34
C THR EA 85 -36.48 -47.50 -0.94
N GLY EA 86 -37.79 -47.28 -0.87
CA GLY EA 86 -38.57 -47.12 -2.07
C GLY EA 86 -39.05 -45.72 -2.37
N GLY EA 87 -38.63 -44.73 -1.58
CA GLY EA 87 -39.05 -43.36 -1.78
C GLY EA 87 -38.52 -42.76 -3.06
N ASN EA 88 -37.20 -42.69 -3.18
CA ASN EA 88 -36.55 -42.30 -4.42
C ASN EA 88 -35.44 -43.25 -4.83
N ARG EA 89 -35.02 -44.17 -3.95
CA ARG EA 89 -33.94 -45.10 -4.24
C ARG EA 89 -34.49 -46.31 -5.00
N THR EA 90 -33.70 -47.37 -5.06
CA THR EA 90 -34.09 -48.58 -5.79
C THR EA 90 -35.24 -49.28 -5.06
N LYS EA 91 -36.30 -49.59 -5.81
CA LYS EA 91 -37.48 -50.22 -5.23
C LYS EA 91 -37.29 -51.71 -4.97
N THR EA 92 -36.27 -52.32 -5.56
CA THR EA 92 -35.99 -53.73 -5.31
C THR EA 92 -35.34 -53.89 -3.93
N PRO EA 93 -35.66 -54.96 -3.20
CA PRO EA 93 -35.03 -55.18 -1.89
C PRO EA 93 -33.58 -55.62 -2.04
N GLY EA 94 -32.84 -55.47 -0.94
CA GLY EA 94 -31.44 -55.79 -0.93
C GLY EA 94 -31.19 -57.28 -0.86
N PRO EA 95 -29.91 -57.65 -0.78
CA PRO EA 95 -29.55 -59.07 -0.79
C PRO EA 95 -29.82 -59.80 0.52
N GLY EA 96 -30.13 -59.08 1.60
CA GLY EA 96 -30.28 -59.73 2.89
C GLY EA 96 -31.59 -60.46 3.08
N ALA EA 97 -32.68 -59.94 2.51
CA ALA EA 97 -34.01 -60.48 2.79
C ALA EA 97 -34.22 -61.84 2.13
N GLN EA 98 -33.55 -62.08 0.99
CA GLN EA 98 -33.70 -63.33 0.26
C GLN EA 98 -33.21 -64.53 1.07
N SER EA 99 -32.21 -64.32 1.92
CA SER EA 99 -31.78 -65.34 2.86
C SER EA 99 -32.37 -65.18 4.25
N ALA EA 100 -32.87 -63.98 4.57
CA ALA EA 100 -33.54 -63.78 5.86
C ALA EA 100 -34.88 -64.49 5.93
N LEU EA 101 -35.57 -64.63 4.78
CA LEU EA 101 -36.79 -65.42 4.76
C LEU EA 101 -36.50 -66.89 5.03
N ARG EA 102 -35.38 -67.39 4.49
CA ARG EA 102 -34.94 -68.75 4.79
C ARG EA 102 -34.57 -68.90 6.26
N ALA EA 103 -33.93 -67.88 6.83
CA ALA EA 103 -33.51 -67.96 8.23
C ALA EA 103 -34.70 -67.86 9.19
N LEU EA 104 -35.76 -67.16 8.80
CA LEU EA 104 -36.99 -67.20 9.59
C LEU EA 104 -37.71 -68.54 9.44
N ALA EA 105 -37.73 -69.09 8.23
CA ALA EA 105 -38.44 -70.35 8.02
C ALA EA 105 -37.68 -71.55 8.59
N ARG EA 106 -36.38 -71.39 8.87
CA ARG EA 106 -35.60 -72.51 9.40
C ARG EA 106 -35.91 -72.77 10.87
N SER EA 107 -35.70 -71.78 11.72
CA SER EA 107 -35.79 -71.97 13.17
C SER EA 107 -37.16 -71.52 13.66
N GLY EA 108 -38.14 -72.42 13.50
CA GLY EA 108 -39.50 -72.13 13.95
C GLY EA 108 -40.14 -71.06 13.09
N MET EA 109 -40.96 -70.22 13.75
CA MET EA 109 -41.53 -68.99 13.18
C MET EA 109 -42.36 -69.28 11.93
N LYS EA 110 -43.50 -69.94 12.17
CA LYS EA 110 -44.38 -70.40 11.10
C LYS EA 110 -44.92 -69.22 10.30
N ILE EA 111 -44.64 -69.21 9.01
CA ILE EA 111 -44.90 -68.07 8.15
C ILE EA 111 -46.33 -68.13 7.64
N GLY EA 112 -47.07 -67.05 7.79
CA GLY EA 112 -48.38 -66.92 7.18
C GLY EA 112 -48.25 -66.46 5.74
N ARG EA 113 -49.01 -65.43 5.36
CA ARG EA 113 -48.88 -64.86 4.03
C ARG EA 113 -47.95 -63.66 4.05
N ILE EA 114 -47.25 -63.45 2.94
CA ILE EA 114 -46.21 -62.44 2.84
C ILE EA 114 -46.66 -61.40 1.84
N GLU EA 115 -46.58 -60.13 2.22
CA GLU EA 115 -46.98 -59.03 1.36
C GLU EA 115 -45.83 -58.04 1.23
N ASP EA 116 -45.72 -57.45 0.04
CA ASP EA 116 -44.66 -56.48 -0.24
C ASP EA 116 -45.18 -55.06 -0.02
N VAL EA 117 -45.31 -54.70 1.26
CA VAL EA 117 -45.75 -53.36 1.61
C VAL EA 117 -44.52 -52.47 1.55
N THR EA 118 -44.26 -51.91 0.37
CA THR EA 118 -43.11 -51.05 0.11
C THR EA 118 -43.60 -49.64 -0.11
N PRO EA 119 -42.97 -48.62 0.48
CA PRO EA 119 -43.40 -47.24 0.22
C PRO EA 119 -43.09 -46.79 -1.19
N ILE EA 120 -44.12 -46.72 -2.03
CA ILE EA 120 -44.01 -46.39 -3.44
C ILE EA 120 -44.55 -44.98 -3.63
N PRO EA 121 -43.79 -44.05 -4.21
CA PRO EA 121 -44.31 -42.71 -4.43
C PRO EA 121 -45.33 -42.71 -5.55
N SER EA 122 -46.12 -41.65 -5.60
CA SER EA 122 -47.10 -41.53 -6.68
C SER EA 122 -46.42 -41.23 -8.00
N ASP EA 123 -45.63 -40.17 -8.07
CA ASP EA 123 -45.29 -39.64 -9.40
C ASP EA 123 -43.84 -39.21 -9.49
N SER EA 124 -42.93 -40.00 -8.93
CA SER EA 124 -41.48 -39.93 -9.15
C SER EA 124 -40.90 -38.56 -8.79
N THR EA 125 -40.89 -38.29 -7.48
CA THR EA 125 -40.38 -37.03 -6.95
C THR EA 125 -38.86 -36.93 -7.16
N ARG EA 126 -38.31 -35.79 -6.72
CA ARG EA 126 -36.99 -35.33 -7.16
C ARG EA 126 -35.87 -36.24 -6.66
N ARG EA 127 -35.03 -36.70 -7.58
CA ARG EA 127 -34.00 -37.68 -7.30
C ARG EA 127 -32.74 -37.00 -6.80
N LYS EA 128 -32.00 -37.71 -5.94
CA LYS EA 128 -30.81 -37.18 -5.29
C LYS EA 128 -29.64 -36.96 -6.25
N GLY EA 129 -29.64 -37.64 -7.40
CA GLY EA 129 -28.43 -37.68 -8.23
C GLY EA 129 -28.10 -36.36 -8.91
N GLY EA 130 -29.01 -35.86 -9.74
CA GLY EA 130 -28.78 -34.62 -10.47
C GLY EA 130 -29.06 -34.79 -11.95
N ARG EA 131 -28.40 -33.95 -12.75
CA ARG EA 131 -28.60 -34.02 -14.21
C ARG EA 131 -27.97 -35.28 -14.78
N ARG EA 132 -26.67 -35.41 -14.65
CA ARG EA 132 -25.95 -36.57 -15.16
C ARG EA 132 -25.78 -37.67 -14.11
N GLY EA 133 -26.15 -37.38 -12.86
CA GLY EA 133 -26.31 -38.43 -11.87
C GLY EA 133 -25.02 -38.97 -11.30
N ARG EA 134 -25.14 -40.15 -10.70
CA ARG EA 134 -24.01 -40.84 -10.09
C ARG EA 134 -23.04 -41.31 -11.15
N ARG EA 135 -21.77 -40.97 -11.00
CA ARG EA 135 -20.71 -41.42 -11.89
C ARG EA 135 -19.65 -42.15 -11.07
N LEU EA 136 -19.09 -43.20 -11.68
CA LEU EA 136 -18.09 -44.09 -11.08
C LEU EA 136 -18.58 -44.73 -9.78
N MET FA 1 -28.92 -46.82 -90.30
CA MET FA 1 -28.50 -45.47 -90.64
C MET FA 1 -28.12 -45.37 -92.11
N GLN FA 2 -28.68 -44.37 -92.80
CA GLN FA 2 -28.45 -44.18 -94.22
C GLN FA 2 -27.80 -42.83 -94.48
N ASN FA 3 -27.04 -42.76 -95.56
CA ASN FA 3 -26.47 -41.51 -96.04
C ASN FA 3 -27.29 -41.00 -97.23
N ASP FA 4 -26.79 -39.96 -97.90
CA ASP FA 4 -27.50 -39.46 -99.08
C ASP FA 4 -27.38 -40.42 -100.25
N ALA FA 5 -26.32 -41.25 -100.27
CA ALA FA 5 -26.20 -42.28 -101.29
C ALA FA 5 -27.16 -43.43 -101.05
N GLY FA 6 -27.64 -43.60 -99.82
CA GLY FA 6 -28.58 -44.66 -99.51
C GLY FA 6 -27.96 -45.96 -99.06
N GLU FA 7 -26.73 -45.94 -98.56
CA GLU FA 7 -26.05 -47.14 -98.12
C GLU FA 7 -26.36 -47.42 -96.65
N PHE FA 8 -26.30 -48.70 -96.28
CA PHE FA 8 -26.47 -49.13 -94.90
C PHE FA 8 -25.12 -49.07 -94.23
N VAL FA 9 -24.94 -48.08 -93.35
CA VAL FA 9 -23.62 -47.73 -92.85
C VAL FA 9 -23.48 -48.26 -91.43
N ASP FA 10 -24.62 -48.49 -90.76
CA ASP FA 10 -24.63 -48.91 -89.37
C ASP FA 10 -24.10 -50.34 -89.23
N LEU FA 11 -23.47 -50.61 -88.09
CA LEU FA 11 -22.84 -51.90 -87.87
C LEU FA 11 -23.87 -52.99 -87.63
N TYR FA 12 -24.72 -52.81 -86.62
CA TYR FA 12 -25.76 -53.79 -86.34
C TYR FA 12 -26.99 -53.05 -85.83
N VAL FA 13 -28.17 -53.54 -86.23
CA VAL FA 13 -29.44 -53.00 -85.76
C VAL FA 13 -29.88 -53.83 -84.56
N PRO FA 14 -29.86 -53.27 -83.35
CA PRO FA 14 -30.10 -54.09 -82.16
C PRO FA 14 -31.56 -54.50 -82.03
N ARG FA 15 -31.80 -55.35 -81.03
CA ARG FA 15 -33.15 -55.87 -80.79
C ARG FA 15 -33.98 -54.82 -80.08
N LYS FA 16 -35.04 -54.35 -80.74
CA LYS FA 16 -36.03 -53.52 -80.09
C LYS FA 16 -36.94 -54.42 -79.26
N CYS FA 17 -37.20 -54.02 -78.02
CA CYS FA 17 -37.97 -54.83 -77.10
C CYS FA 17 -39.43 -54.89 -77.51
N SER FA 18 -40.09 -56.00 -77.16
CA SER FA 18 -41.50 -56.16 -77.45
C SER FA 18 -42.39 -55.69 -76.32
N ALA FA 19 -41.83 -55.29 -75.19
CA ALA FA 19 -42.61 -54.79 -74.07
C ALA FA 19 -42.71 -53.26 -74.09
N SER FA 20 -41.57 -52.58 -74.07
CA SER FA 20 -41.53 -51.13 -73.98
C SER FA 20 -40.87 -50.46 -75.16
N ASN FA 21 -40.57 -51.22 -76.23
CA ASN FA 21 -39.98 -50.71 -77.48
C ASN FA 21 -38.65 -50.01 -77.25
N ARG FA 22 -37.84 -50.56 -76.36
CA ARG FA 22 -36.55 -49.98 -75.98
C ARG FA 22 -35.44 -50.83 -76.57
N ILE FA 23 -34.33 -50.19 -76.94
CA ILE FA 23 -33.23 -50.90 -77.58
C ILE FA 23 -32.47 -51.71 -76.53
N ILE FA 24 -32.35 -53.01 -76.78
CA ILE FA 24 -31.55 -53.87 -75.90
C ILE FA 24 -30.07 -53.60 -76.16
N GLY FA 25 -29.33 -53.28 -75.11
CA GLY FA 25 -27.93 -53.00 -75.25
C GLY FA 25 -27.10 -54.25 -75.51
N ALA FA 26 -25.87 -54.03 -75.96
CA ALA FA 26 -24.98 -55.15 -76.25
C ALA FA 26 -24.45 -55.80 -74.99
N LYS FA 27 -24.35 -55.03 -73.91
CA LYS FA 27 -23.89 -55.55 -72.62
C LYS FA 27 -25.04 -55.81 -71.66
N ASP FA 28 -26.28 -55.68 -72.11
CA ASP FA 28 -27.46 -55.94 -71.28
C ASP FA 28 -27.66 -57.44 -71.21
N HIS FA 29 -27.01 -58.08 -70.24
CA HIS FA 29 -27.06 -59.52 -70.09
C HIS FA 29 -28.32 -60.00 -69.39
N ALA FA 30 -29.21 -59.11 -68.98
CA ALA FA 30 -30.46 -59.48 -68.33
C ALA FA 30 -31.63 -59.54 -69.32
N SER FA 31 -31.33 -59.57 -70.62
CA SER FA 31 -32.38 -59.62 -71.63
C SER FA 31 -32.69 -61.06 -72.00
N ILE FA 32 -33.79 -61.25 -72.72
CA ILE FA 32 -34.23 -62.59 -73.11
C ILE FA 32 -35.02 -62.50 -74.41
N GLN FA 33 -34.86 -63.53 -75.25
CA GLN FA 33 -35.63 -63.69 -76.48
C GLN FA 33 -36.51 -64.92 -76.28
N MET FA 34 -37.71 -64.68 -75.74
CA MET FA 34 -38.71 -65.72 -75.55
C MET FA 34 -39.15 -66.30 -76.89
N ASN FA 35 -39.42 -67.60 -76.92
CA ASN FA 35 -39.79 -68.28 -78.16
C ASN FA 35 -40.98 -69.17 -77.90
N VAL FA 36 -42.09 -68.93 -78.59
CA VAL FA 36 -43.28 -69.75 -78.45
C VAL FA 36 -43.73 -70.22 -79.82
N ALA FA 37 -43.99 -71.51 -79.96
CA ALA FA 37 -44.29 -72.11 -81.26
C ALA FA 37 -45.78 -72.16 -81.51
N GLU FA 38 -46.15 -72.35 -82.78
CA GLU FA 38 -47.54 -72.38 -83.18
C GLU FA 38 -48.11 -73.79 -83.06
N VAL FA 39 -49.42 -73.85 -82.86
CA VAL FA 39 -50.14 -75.11 -82.66
C VAL FA 39 -51.13 -75.28 -83.81
N ASP FA 40 -51.20 -76.50 -84.36
CA ASP FA 40 -52.07 -76.81 -85.48
C ASP FA 40 -53.52 -77.02 -85.08
N LYS FA 41 -54.28 -77.65 -85.97
CA LYS FA 41 -55.72 -77.85 -85.85
C LYS FA 41 -56.03 -78.96 -84.85
N VAL FA 42 -57.29 -79.43 -84.87
CA VAL FA 42 -57.90 -80.45 -84.00
C VAL FA 42 -57.02 -81.68 -83.80
N THR FA 43 -56.27 -82.07 -84.84
CA THR FA 43 -55.34 -83.19 -84.73
C THR FA 43 -54.20 -82.89 -83.76
N GLY FA 44 -53.81 -81.63 -83.63
CA GLY FA 44 -52.81 -81.24 -82.65
C GLY FA 44 -51.39 -81.65 -83.01
N ARG FA 45 -50.85 -81.08 -84.08
CA ARG FA 45 -49.52 -81.39 -84.55
C ARG FA 45 -48.59 -80.21 -84.28
N PHE FA 46 -47.37 -80.51 -83.85
CA PHE FA 46 -46.39 -79.47 -83.58
C PHE FA 46 -45.85 -78.88 -84.89
N ASN FA 47 -45.66 -77.56 -84.89
CA ASN FA 47 -45.10 -76.85 -86.02
C ASN FA 47 -43.69 -76.36 -85.70
N GLY FA 48 -42.86 -76.29 -86.73
CA GLY FA 48 -41.58 -75.61 -86.60
C GLY FA 48 -41.70 -74.10 -86.60
N GLN FA 49 -42.86 -73.56 -86.97
CA GLN FA 49 -43.06 -72.13 -86.98
C GLN FA 49 -43.24 -71.61 -85.56
N PHE FA 50 -42.52 -70.54 -85.24
CA PHE FA 50 -42.53 -69.98 -83.88
C PHE FA 50 -42.51 -68.46 -83.98
N LYS FA 51 -42.81 -67.83 -82.85
CA LYS FA 51 -42.79 -66.38 -82.72
C LYS FA 51 -41.90 -65.99 -81.56
N THR FA 52 -41.17 -64.88 -81.74
CA THR FA 52 -40.15 -64.43 -80.82
C THR FA 52 -40.63 -63.17 -80.11
N TYR FA 53 -40.51 -63.17 -78.79
CA TYR FA 53 -40.90 -62.05 -77.93
C TYR FA 53 -39.64 -61.58 -77.22
N ALA FA 54 -39.13 -60.41 -77.59
CA ALA FA 54 -37.94 -59.87 -76.96
C ALA FA 54 -38.33 -59.08 -75.72
N ILE FA 55 -37.80 -59.50 -74.56
CA ILE FA 55 -38.08 -58.83 -73.29
C ILE FA 55 -36.73 -58.37 -72.72
N CYS FA 56 -36.65 -57.10 -72.34
CA CYS FA 56 -35.38 -56.51 -71.96
C CYS FA 56 -35.15 -56.61 -70.44
N GLY FA 57 -34.01 -56.07 -70.02
CA GLY FA 57 -33.50 -56.34 -68.69
C GLY FA 57 -34.27 -55.63 -67.59
N ALA FA 58 -34.59 -54.35 -67.79
CA ALA FA 58 -35.29 -53.61 -66.74
C ALA FA 58 -36.73 -54.09 -66.60
N ILE FA 59 -37.38 -54.48 -67.70
CA ILE FA 59 -38.70 -55.08 -67.64
C ILE FA 59 -38.66 -56.42 -66.92
N ARG FA 60 -37.63 -57.23 -67.21
CA ARG FA 60 -37.48 -58.52 -66.55
C ARG FA 60 -37.18 -58.36 -65.06
N ARG FA 61 -36.47 -57.30 -64.67
CA ARG FA 61 -36.17 -57.07 -63.26
C ARG FA 61 -37.36 -56.49 -62.51
N MET FA 62 -38.13 -55.61 -63.15
CA MET FA 62 -39.31 -55.05 -62.49
C MET FA 62 -40.46 -56.05 -62.43
N GLY FA 63 -40.45 -57.06 -63.29
CA GLY FA 63 -41.51 -58.05 -63.27
C GLY FA 63 -42.66 -57.75 -64.21
N GLU FA 64 -42.49 -56.79 -65.12
CA GLU FA 64 -43.51 -56.47 -66.12
C GLU FA 64 -43.56 -57.52 -67.22
N SER FA 65 -42.60 -58.46 -67.26
CA SER FA 65 -42.58 -59.48 -68.30
C SER FA 65 -43.75 -60.45 -68.18
N ASP FA 66 -44.17 -60.76 -66.95
CA ASP FA 66 -45.28 -61.69 -66.74
C ASP FA 66 -46.58 -61.16 -67.29
N ASP FA 67 -46.88 -59.88 -67.02
CA ASP FA 67 -48.06 -59.27 -67.62
C ASP FA 67 -47.83 -59.01 -69.11
N SER FA 68 -46.59 -58.76 -69.51
CA SER FA 68 -46.29 -58.30 -70.85
C SER FA 68 -46.42 -59.42 -71.88
N ILE FA 69 -46.01 -60.63 -71.52
CA ILE FA 69 -46.12 -61.76 -72.44
C ILE FA 69 -47.58 -62.10 -72.72
N LEU FA 70 -48.42 -62.09 -71.68
CA LEU FA 70 -49.83 -62.40 -71.89
C LEU FA 70 -50.56 -61.25 -72.60
N ARG FA 71 -50.24 -59.99 -72.26
CA ARG FA 71 -50.86 -58.87 -72.93
C ARG FA 71 -50.33 -58.63 -74.34
N LEU FA 72 -49.21 -59.26 -74.71
CA LEU FA 72 -48.73 -59.24 -76.08
C LEU FA 72 -49.31 -60.39 -76.89
N ALA FA 73 -49.42 -61.58 -76.29
CA ALA FA 73 -50.00 -62.72 -76.97
C ALA FA 73 -51.53 -62.64 -77.04
N LYS FA 74 -52.17 -61.77 -76.25
CA LYS FA 74 -53.59 -61.56 -76.38
C LYS FA 74 -53.93 -60.82 -77.67
N ALA FA 75 -53.05 -59.90 -78.10
CA ALA FA 75 -53.22 -59.28 -79.41
C ALA FA 75 -52.96 -60.27 -80.54
N ASP FA 76 -52.13 -61.28 -80.28
CA ASP FA 76 -51.93 -62.35 -81.25
C ASP FA 76 -53.15 -63.26 -81.31
N GLY FA 77 -53.79 -63.50 -80.16
CA GLY FA 77 -54.89 -64.44 -80.09
C GLY FA 77 -54.47 -65.86 -79.78
N ILE FA 78 -53.27 -66.06 -79.23
CA ILE FA 78 -52.74 -67.40 -79.02
C ILE FA 78 -52.78 -67.82 -77.55
N VAL FA 79 -53.03 -66.89 -76.63
CA VAL FA 79 -53.02 -67.22 -75.21
C VAL FA 79 -54.45 -67.40 -74.69
N SER FA 80 -55.40 -66.66 -75.25
CA SER FA 80 -56.75 -66.62 -74.71
C SER FA 80 -57.72 -66.33 -75.85
N LYS FA 81 -58.94 -65.96 -75.48
CA LYS FA 81 -59.97 -65.56 -76.43
C LYS FA 81 -59.68 -64.16 -76.97
N VAL GA 1 -49.22 -22.49 -56.49
CA VAL GA 1 -49.77 -23.81 -56.20
C VAL GA 1 -49.88 -24.62 -57.48
N ARG GA 2 -50.79 -24.19 -58.36
CA ARG GA 2 -51.05 -24.85 -59.62
C ARG GA 2 -50.70 -23.89 -60.75
N MET GA 3 -49.55 -24.11 -61.38
CA MET GA 3 -49.10 -23.27 -62.47
C MET GA 3 -48.15 -24.07 -63.34
N ASN GA 4 -48.02 -23.64 -64.59
CA ASN GA 4 -47.29 -24.34 -65.67
C ASN GA 4 -47.80 -25.77 -65.81
N VAL GA 5 -49.06 -25.85 -66.22
CA VAL GA 5 -49.75 -27.14 -66.37
C VAL GA 5 -49.16 -27.98 -67.49
N LEU GA 6 -48.49 -27.35 -68.46
CA LEU GA 6 -47.79 -28.13 -69.48
C LEU GA 6 -46.60 -28.87 -68.88
N ALA GA 7 -45.87 -28.22 -67.97
CA ALA GA 7 -44.80 -28.90 -67.24
C ALA GA 7 -45.36 -29.93 -66.27
N ASP GA 8 -46.53 -29.64 -65.68
CA ASP GA 8 -47.20 -30.60 -64.82
C ASP GA 8 -47.61 -31.86 -65.58
N ALA GA 9 -47.98 -31.70 -66.85
CA ALA GA 9 -48.29 -32.85 -67.69
C ALA GA 9 -47.03 -33.60 -68.09
N LEU GA 10 -45.99 -32.86 -68.50
CA LEU GA 10 -44.80 -33.51 -69.03
C LEU GA 10 -43.96 -34.19 -67.95
N LYS GA 11 -44.09 -33.79 -66.69
CA LYS GA 11 -43.47 -34.57 -65.62
C LYS GA 11 -44.10 -35.95 -65.50
N SER GA 12 -45.43 -36.04 -65.65
CA SER GA 12 -46.11 -37.33 -65.64
C SER GA 12 -45.74 -38.15 -66.87
N ILE GA 13 -45.64 -37.49 -68.02
CA ILE GA 13 -45.20 -38.16 -69.25
C ILE GA 13 -43.79 -38.72 -69.09
N ASN GA 14 -42.90 -37.94 -68.47
CA ASN GA 14 -41.51 -38.34 -68.29
C ASN GA 14 -41.38 -39.50 -67.31
N ASN GA 15 -42.11 -39.43 -66.18
CA ASN GA 15 -42.03 -40.53 -65.22
C ASN GA 15 -42.69 -41.79 -65.77
N ALA GA 16 -43.73 -41.68 -66.59
CA ALA GA 16 -44.31 -42.87 -67.20
C ALA GA 16 -43.40 -43.46 -68.26
N GLU GA 17 -42.65 -42.61 -69.00
CA GLU GA 17 -41.67 -43.14 -69.95
C GLU GA 17 -40.49 -43.81 -69.24
N LYS GA 18 -40.04 -43.23 -68.14
CA LYS GA 18 -38.93 -43.82 -67.40
C LYS GA 18 -39.36 -45.10 -66.68
N ARG GA 19 -40.63 -45.20 -66.29
CA ARG GA 19 -41.11 -46.43 -65.68
C ARG GA 19 -41.37 -47.51 -66.72
N GLY GA 20 -41.90 -47.12 -67.89
CA GLY GA 20 -42.19 -48.08 -68.93
C GLY GA 20 -43.64 -48.49 -68.96
N LYS GA 21 -44.54 -47.53 -68.72
CA LYS GA 21 -45.97 -47.80 -68.70
C LYS GA 21 -46.53 -47.72 -70.12
N ARG GA 22 -47.85 -47.79 -70.23
CA ARG GA 22 -48.54 -47.77 -71.51
C ARG GA 22 -49.31 -46.48 -71.75
N GLN GA 23 -49.95 -45.92 -70.73
CA GLN GA 23 -50.72 -44.70 -70.90
C GLN GA 23 -50.74 -43.91 -69.60
N VAL GA 24 -50.89 -42.58 -69.76
CA VAL GA 24 -50.67 -41.63 -68.69
C VAL GA 24 -51.99 -40.95 -68.38
N LEU GA 25 -52.24 -40.67 -67.10
CA LEU GA 25 -53.37 -39.86 -66.67
C LEU GA 25 -52.88 -38.45 -66.40
N ILE GA 26 -53.51 -37.47 -67.06
CA ILE GA 26 -53.11 -36.08 -67.01
C ILE GA 26 -54.32 -35.26 -66.57
N ARG GA 27 -54.26 -34.68 -65.37
CA ARG GA 27 -55.41 -33.95 -64.85
C ARG GA 27 -55.70 -32.55 -65.44
N PRO GA 28 -54.75 -31.72 -65.91
CA PRO GA 28 -55.16 -30.47 -66.54
C PRO GA 28 -55.52 -30.68 -68.01
N CYS GA 29 -56.11 -29.62 -68.59
CA CYS GA 29 -56.33 -29.52 -70.02
C CYS GA 29 -56.13 -28.08 -70.45
N SER GA 30 -55.30 -27.88 -71.46
CA SER GA 30 -55.12 -26.59 -72.09
C SER GA 30 -55.12 -26.78 -73.60
N LYS GA 31 -55.48 -25.73 -74.33
CA LYS GA 31 -55.27 -25.74 -75.77
C LYS GA 31 -53.78 -25.78 -76.10
N VAL GA 32 -52.95 -25.21 -75.22
CA VAL GA 32 -51.50 -25.36 -75.30
C VAL GA 32 -51.10 -26.84 -75.22
N ILE GA 33 -51.70 -27.57 -74.27
CA ILE GA 33 -51.35 -28.98 -74.08
C ILE GA 33 -51.87 -29.82 -75.26
N VAL GA 34 -53.06 -29.50 -75.76
CA VAL GA 34 -53.63 -30.24 -76.89
C VAL GA 34 -52.81 -30.01 -78.16
N ARG GA 35 -52.41 -28.76 -78.43
CA ARG GA 35 -51.60 -28.51 -79.62
C ARG GA 35 -50.18 -29.05 -79.46
N PHE GA 36 -49.65 -29.09 -78.23
CA PHE GA 36 -48.33 -29.66 -77.97
C PHE GA 36 -48.34 -31.16 -78.23
N LEU GA 37 -49.33 -31.87 -77.70
CA LEU GA 37 -49.47 -33.30 -77.98
C LEU GA 37 -49.85 -33.55 -79.44
N THR GA 38 -50.48 -32.59 -80.11
CA THR GA 38 -50.77 -32.74 -81.53
C THR GA 38 -49.49 -32.67 -82.37
N VAL GA 39 -48.57 -31.77 -81.99
CA VAL GA 39 -47.25 -31.73 -82.63
C VAL GA 39 -46.47 -33.02 -82.38
N MET GA 40 -46.55 -33.54 -81.15
CA MET GA 40 -45.88 -34.80 -80.84
C MET GA 40 -46.49 -35.97 -81.59
N MET GA 41 -47.82 -35.95 -81.79
CA MET GA 41 -48.48 -36.94 -82.62
C MET GA 41 -48.06 -36.85 -84.08
N LYS GA 42 -47.99 -35.63 -84.62
CA LYS GA 42 -47.61 -35.42 -86.02
C LYS GA 42 -46.19 -35.86 -86.28
N HIS GA 43 -45.30 -35.72 -85.29
CA HIS GA 43 -43.97 -36.30 -85.43
C HIS GA 43 -43.94 -37.79 -85.10
N GLY GA 44 -44.94 -38.30 -84.40
CA GLY GA 44 -45.07 -39.73 -84.22
C GLY GA 44 -44.35 -40.29 -83.01
N TYR GA 45 -44.01 -39.46 -82.02
CA TYR GA 45 -43.38 -39.98 -80.82
C TYR GA 45 -44.41 -40.63 -79.90
N ILE GA 46 -45.60 -40.04 -79.80
CA ILE GA 46 -46.68 -40.60 -79.01
C ILE GA 46 -47.79 -41.04 -79.95
N GLY GA 47 -48.85 -41.60 -79.41
CA GLY GA 47 -49.93 -42.11 -80.24
C GLY GA 47 -51.26 -41.43 -80.03
N GLU GA 48 -52.32 -42.23 -80.17
CA GLU GA 48 -53.69 -41.75 -80.05
C GLU GA 48 -53.98 -41.28 -78.62
N PHE GA 49 -54.72 -40.17 -78.49
CA PHE GA 49 -55.01 -39.70 -77.14
C PHE GA 49 -56.45 -39.23 -77.02
N GLU GA 50 -57.04 -39.47 -75.86
CA GLU GA 50 -58.45 -39.23 -75.62
C GLU GA 50 -58.62 -38.28 -74.44
N ILE GA 51 -59.47 -37.28 -74.61
CA ILE GA 51 -59.65 -36.21 -73.63
C ILE GA 51 -61.04 -36.37 -73.04
N ILE GA 52 -61.12 -36.84 -71.80
CA ILE GA 52 -62.40 -36.94 -71.10
C ILE GA 52 -62.84 -35.52 -70.75
N ASP GA 53 -63.87 -35.02 -71.43
CA ASP GA 53 -64.33 -33.65 -71.28
C ASP GA 53 -65.15 -33.56 -70.00
N ASP GA 54 -64.47 -33.29 -68.90
CA ASP GA 54 -65.17 -32.99 -67.66
C ASP GA 54 -65.78 -31.59 -67.74
N HIS GA 55 -66.81 -31.36 -66.92
CA HIS GA 55 -67.47 -30.06 -66.91
C HIS GA 55 -66.56 -28.98 -66.33
N ARG GA 56 -65.73 -29.34 -65.34
CA ARG GA 56 -64.79 -28.39 -64.77
C ARG GA 56 -63.52 -28.29 -65.61
N ALA GA 57 -62.78 -29.39 -65.69
CA ALA GA 57 -61.54 -29.45 -66.48
C ALA GA 57 -61.28 -30.91 -66.78
N GLY GA 58 -61.07 -31.22 -68.06
CA GLY GA 58 -61.02 -32.60 -68.52
C GLY GA 58 -59.75 -33.32 -68.10
N LYS GA 59 -59.62 -34.53 -68.62
CA LYS GA 59 -58.49 -35.41 -68.29
C LYS GA 59 -57.96 -36.05 -69.57
N ILE GA 60 -56.68 -35.85 -69.87
CA ILE GA 60 -56.07 -36.36 -71.09
C ILE GA 60 -55.41 -37.70 -70.79
N VAL GA 61 -55.70 -38.70 -71.62
CA VAL GA 61 -55.05 -40.01 -71.56
C VAL GA 61 -54.36 -40.26 -72.89
N VAL GA 62 -53.04 -40.41 -72.86
CA VAL GA 62 -52.22 -40.54 -74.06
C VAL GA 62 -51.71 -41.97 -74.15
N ASN GA 63 -52.05 -42.66 -75.24
CA ASN GA 63 -51.47 -43.98 -75.48
C ASN GA 63 -50.02 -43.81 -75.89
N LEU GA 64 -49.10 -44.18 -75.00
CA LEU GA 64 -47.69 -44.04 -75.30
C LEU GA 64 -47.23 -45.09 -76.28
N THR GA 65 -46.01 -44.90 -76.78
CA THR GA 65 -45.37 -45.83 -77.70
C THR GA 65 -44.24 -46.61 -77.03
N GLY GA 66 -43.55 -45.99 -76.08
CA GLY GA 66 -42.27 -46.47 -75.63
C GLY GA 66 -41.12 -45.84 -76.38
N ARG GA 67 -41.28 -44.60 -76.82
CA ARG GA 67 -40.43 -43.96 -77.81
C ARG GA 67 -39.68 -42.75 -77.28
N LEU GA 68 -40.29 -42.01 -76.36
CA LEU GA 68 -39.72 -40.76 -75.87
C LEU GA 68 -38.47 -40.98 -75.04
N ASN GA 69 -37.50 -40.08 -75.20
CA ASN GA 69 -36.32 -40.05 -74.35
C ASN GA 69 -36.46 -39.00 -73.25
N LYS GA 70 -36.76 -37.76 -73.64
CA LYS GA 70 -36.87 -36.67 -72.68
C LYS GA 70 -37.76 -35.58 -73.28
N CYS GA 71 -38.70 -35.10 -72.47
CA CYS GA 71 -39.56 -33.98 -72.85
C CYS GA 71 -39.77 -33.10 -71.63
N GLY GA 72 -39.74 -31.79 -71.84
CA GLY GA 72 -39.85 -30.87 -70.73
C GLY GA 72 -40.32 -29.50 -71.19
N VAL GA 73 -40.38 -28.58 -70.24
CA VAL GA 73 -40.85 -27.22 -70.47
C VAL GA 73 -39.78 -26.26 -69.98
N ILE GA 74 -39.31 -25.38 -70.87
CA ILE GA 74 -38.50 -24.25 -70.43
C ILE GA 74 -39.37 -23.32 -69.60
N SER GA 75 -38.88 -22.96 -68.41
CA SER GA 75 -39.76 -22.39 -67.38
C SER GA 75 -40.28 -21.00 -67.71
N PRO GA 76 -39.46 -19.96 -67.94
CA PRO GA 76 -40.04 -18.62 -68.02
C PRO GA 76 -40.63 -18.27 -69.38
N ARG GA 77 -40.51 -19.17 -70.37
CA ARG GA 77 -40.96 -18.97 -71.76
C ARG GA 77 -40.27 -17.74 -72.37
N PHE GA 78 -38.97 -17.91 -72.59
CA PHE GA 78 -38.10 -16.86 -73.12
C PHE GA 78 -38.59 -16.32 -74.46
N ASP GA 79 -38.42 -15.02 -74.65
CA ASP GA 79 -38.79 -14.34 -75.89
C ASP GA 79 -37.62 -14.48 -76.86
N VAL GA 80 -37.77 -15.31 -77.88
CA VAL GA 80 -36.67 -15.70 -78.75
C VAL GA 80 -36.88 -15.10 -80.13
N GLN GA 81 -35.93 -14.26 -80.54
CA GLN GA 81 -35.85 -13.69 -81.87
C GLN GA 81 -35.19 -14.69 -82.81
N LEU GA 82 -35.40 -14.52 -84.11
CA LEU GA 82 -34.64 -15.33 -85.07
C LEU GA 82 -33.17 -14.91 -85.08
N LYS GA 83 -32.33 -15.78 -85.66
CA LYS GA 83 -30.88 -15.80 -85.53
C LYS GA 83 -30.41 -15.95 -84.08
N ASP GA 84 -31.29 -16.45 -83.22
CA ASP GA 84 -30.97 -16.82 -81.84
C ASP GA 84 -31.47 -18.22 -81.50
N LEU GA 85 -32.14 -18.89 -82.45
CA LEU GA 85 -32.58 -20.26 -82.23
C LEU GA 85 -31.42 -21.25 -82.19
N GLU GA 86 -30.29 -20.91 -82.80
CA GLU GA 86 -29.17 -21.84 -82.86
C GLU GA 86 -28.53 -22.06 -81.50
N LYS GA 87 -28.66 -21.09 -80.59
CA LYS GA 87 -28.27 -21.30 -79.20
C LYS GA 87 -29.10 -22.40 -78.56
N TRP GA 88 -30.41 -22.38 -78.77
CA TRP GA 88 -31.26 -23.43 -78.21
C TRP GA 88 -31.09 -24.75 -78.95
N GLN GA 89 -30.69 -24.69 -80.23
CA GLN GA 89 -30.32 -25.88 -80.98
C GLN GA 89 -29.11 -26.57 -80.35
N ASN GA 90 -28.07 -25.79 -80.06
CA ASN GA 90 -26.86 -26.35 -79.46
C ASN GA 90 -27.05 -26.69 -77.99
N ASN GA 91 -28.05 -26.08 -77.33
CA ASN GA 91 -28.23 -26.28 -75.90
C ASN GA 91 -29.17 -27.45 -75.58
N LEU GA 92 -30.27 -27.58 -76.32
CA LEU GA 92 -31.32 -28.53 -75.97
C LEU GA 92 -31.27 -29.81 -76.78
N LEU GA 93 -31.21 -29.70 -78.10
CA LEU GA 93 -31.37 -30.86 -78.97
C LEU GA 93 -30.09 -31.71 -78.94
N PRO GA 94 -30.23 -33.04 -78.82
CA PRO GA 94 -29.04 -33.89 -78.67
C PRO GA 94 -28.18 -33.99 -79.91
N SER GA 95 -28.72 -33.70 -81.09
CA SER GA 95 -27.93 -33.65 -82.31
C SER GA 95 -28.59 -32.69 -83.29
N ARG GA 96 -27.97 -32.56 -84.46
CA ARG GA 96 -28.49 -31.65 -85.49
C ARG GA 96 -29.70 -32.24 -86.20
N GLN GA 97 -29.70 -33.55 -86.43
CA GLN GA 97 -30.77 -34.19 -87.17
C GLN GA 97 -31.96 -34.57 -86.31
N PHE GA 98 -31.77 -34.70 -84.99
CA PHE GA 98 -32.77 -35.30 -84.12
C PHE GA 98 -33.38 -34.22 -83.22
N GLY GA 99 -34.58 -34.50 -82.74
CA GLY GA 99 -35.22 -33.65 -81.75
C GLY GA 99 -35.84 -32.40 -82.34
N PHE GA 100 -36.82 -31.86 -81.61
CA PHE GA 100 -37.55 -30.68 -82.04
C PHE GA 100 -37.90 -29.82 -80.84
N ILE GA 101 -38.10 -28.53 -81.09
CA ILE GA 101 -38.39 -27.54 -80.06
C ILE GA 101 -39.70 -26.82 -80.43
N VAL GA 102 -40.66 -26.81 -79.50
CA VAL GA 102 -41.96 -26.22 -79.79
C VAL GA 102 -41.89 -24.71 -79.59
N LEU GA 103 -42.00 -23.99 -80.69
CA LEU GA 103 -42.08 -22.53 -80.69
C LEU GA 103 -43.53 -22.09 -80.62
N THR GA 104 -43.75 -20.93 -80.02
CA THR GA 104 -45.07 -20.33 -79.89
C THR GA 104 -45.13 -19.18 -80.89
N THR GA 105 -45.46 -19.52 -82.13
CA THR GA 105 -45.48 -18.52 -83.18
C THR GA 105 -46.76 -17.69 -83.12
N SER GA 106 -46.77 -16.60 -83.89
CA SER GA 106 -47.92 -15.72 -83.90
C SER GA 106 -49.10 -16.34 -84.65
N ALA GA 107 -48.84 -17.25 -85.57
CA ALA GA 107 -49.88 -17.92 -86.32
C ALA GA 107 -50.31 -19.23 -85.68
N GLY GA 108 -49.82 -19.54 -84.48
CA GLY GA 108 -50.23 -20.74 -83.78
C GLY GA 108 -49.08 -21.48 -83.15
N ILE GA 109 -49.39 -22.59 -82.47
CA ILE GA 109 -48.36 -23.42 -81.85
C ILE GA 109 -47.68 -24.21 -82.97
N MET GA 110 -46.45 -23.84 -83.29
CA MET GA 110 -45.72 -24.46 -84.38
C MET GA 110 -44.47 -25.15 -83.84
N ASP GA 111 -43.62 -25.59 -84.75
CA ASP GA 111 -42.50 -26.47 -84.46
C ASP GA 111 -41.20 -25.77 -84.85
N HIS GA 112 -40.08 -26.35 -84.41
CA HIS GA 112 -38.76 -25.81 -84.74
C HIS GA 112 -38.47 -25.90 -86.24
N GLU GA 113 -38.92 -26.98 -86.89
CA GLU GA 113 -38.76 -27.08 -88.33
C GLU GA 113 -39.73 -26.18 -89.08
N GLU GA 114 -40.94 -26.02 -88.55
CA GLU GA 114 -41.95 -25.20 -89.21
C GLU GA 114 -41.68 -23.71 -89.06
N ALA GA 115 -40.96 -23.31 -88.01
CA ALA GA 115 -40.74 -21.89 -87.75
C ALA GA 115 -39.76 -21.27 -88.74
N ARG GA 116 -38.76 -22.02 -89.19
CA ARG GA 116 -37.81 -21.47 -90.17
C ARG GA 116 -38.42 -21.37 -91.56
N ARG GA 117 -39.51 -22.08 -91.83
CA ARG GA 117 -40.24 -21.92 -93.08
C ARG GA 117 -41.31 -20.86 -92.97
N LYS GA 118 -41.95 -20.74 -91.81
CA LYS GA 118 -42.97 -19.73 -91.60
C LYS GA 118 -42.37 -18.34 -91.45
N HIS GA 119 -41.11 -18.28 -91.00
CA HIS GA 119 -40.34 -17.04 -90.79
C HIS GA 119 -41.05 -16.14 -89.78
N THR GA 120 -41.44 -16.73 -88.64
CA THR GA 120 -42.07 -15.98 -87.56
C THR GA 120 -41.24 -16.00 -86.28
N GLY GA 121 -40.92 -17.18 -85.74
CA GLY GA 121 -40.26 -17.22 -84.45
C GLY GA 121 -41.23 -16.92 -83.32
N GLY GA 122 -40.66 -16.65 -82.15
CA GLY GA 122 -41.46 -16.30 -80.99
C GLY GA 122 -40.98 -16.93 -79.69
N LYS GA 123 -41.91 -17.19 -78.78
CA LYS GA 123 -41.58 -17.76 -77.48
C LYS GA 123 -41.33 -19.26 -77.62
N ILE GA 124 -40.94 -19.92 -76.54
CA ILE GA 124 -40.70 -21.36 -76.54
C ILE GA 124 -41.55 -22.01 -75.46
N LEU GA 125 -42.36 -23.00 -75.85
CA LEU GA 125 -43.04 -23.80 -74.83
C LEU GA 125 -42.08 -24.80 -74.20
N GLY GA 126 -41.52 -25.69 -74.99
CA GLY GA 126 -40.60 -26.67 -74.47
C GLY GA 126 -39.87 -27.40 -75.56
N PHE GA 127 -39.31 -28.55 -75.19
CA PHE GA 127 -38.56 -29.38 -76.11
C PHE GA 127 -38.95 -30.83 -75.89
N PHE GA 128 -38.74 -31.65 -76.93
CA PHE GA 128 -39.09 -33.06 -76.84
C PHE GA 128 -38.22 -33.82 -77.84
N PHE GA 129 -37.70 -34.97 -77.39
CA PHE GA 129 -36.92 -35.85 -78.25
C PHE GA 129 -36.92 -37.27 -77.68
N GLY HA 1 -35.14 -23.42 -55.30
CA GLY HA 1 -33.73 -23.09 -55.37
C GLY HA 1 -33.47 -21.71 -55.93
N LYS HA 2 -33.46 -21.59 -57.25
CA LYS HA 2 -33.26 -20.32 -57.92
C LYS HA 2 -34.58 -19.60 -58.09
N CYS HA 3 -34.57 -18.53 -58.89
CA CYS HA 3 -35.76 -17.74 -59.18
C CYS HA 3 -35.79 -17.52 -60.68
N ARG HA 4 -36.79 -18.10 -61.35
CA ARG HA 4 -36.77 -18.25 -62.80
C ARG HA 4 -38.01 -17.66 -63.45
N GLY HA 5 -38.33 -16.42 -63.08
CA GLY HA 5 -39.39 -15.67 -63.73
C GLY HA 5 -38.83 -14.59 -64.65
N LEU HA 6 -39.73 -14.03 -65.46
CA LEU HA 6 -39.34 -13.06 -66.47
C LEU HA 6 -39.02 -11.67 -65.91
N ARG HA 7 -39.36 -11.40 -64.66
CA ARG HA 7 -39.16 -10.07 -64.09
C ARG HA 7 -38.31 -10.13 -62.82
N THR HA 8 -37.49 -11.17 -62.70
CA THR HA 8 -36.73 -11.44 -61.50
C THR HA 8 -35.26 -11.05 -61.63
N ALA HA 9 -34.91 -10.32 -62.69
CA ALA HA 9 -33.51 -10.08 -62.98
C ALA HA 9 -32.89 -9.07 -62.02
N ARG HA 10 -33.70 -8.18 -61.45
CA ARG HA 10 -33.17 -7.30 -60.40
C ARG HA 10 -32.82 -8.09 -59.15
N LYS HA 11 -33.69 -9.03 -58.76
CA LYS HA 11 -33.39 -9.91 -57.63
C LYS HA 11 -32.17 -10.77 -57.91
N LEU HA 12 -32.02 -11.20 -59.17
CA LEU HA 12 -30.84 -11.97 -59.57
C LEU HA 12 -29.56 -11.15 -59.45
N ARG HA 13 -29.53 -9.94 -60.05
CA ARG HA 13 -28.30 -9.15 -59.99
C ARG HA 13 -28.00 -8.66 -58.59
N SER HA 14 -29.02 -8.44 -57.76
CA SER HA 14 -28.79 -8.12 -56.36
C SER HA 14 -28.17 -9.30 -55.61
N HIS HA 15 -28.67 -10.52 -55.87
CA HIS HA 15 -28.14 -11.70 -55.20
C HIS HA 15 -26.71 -11.99 -55.65
N ARG HA 16 -26.41 -11.83 -56.94
CA ARG HA 16 -25.06 -12.11 -57.42
C ARG HA 16 -24.10 -11.03 -56.97
N ARG HA 17 -24.54 -9.78 -56.94
CA ARG HA 17 -23.69 -8.67 -56.51
C ARG HA 17 -23.42 -8.74 -55.01
N ASP HA 18 -24.34 -9.33 -54.23
CA ASP HA 18 -24.05 -9.56 -52.83
C ASP HA 18 -23.16 -10.77 -52.61
N GLN HA 19 -23.44 -11.89 -53.28
CA GLN HA 19 -22.68 -13.12 -53.07
C GLN HA 19 -21.37 -13.15 -53.82
N LYS HA 20 -21.05 -12.13 -54.61
CA LYS HA 20 -19.78 -12.12 -55.32
C LYS HA 20 -18.63 -11.63 -54.43
N TRP HA 21 -18.95 -10.92 -53.34
CA TRP HA 21 -17.91 -10.42 -52.45
C TRP HA 21 -17.26 -11.52 -51.62
N HIS HA 22 -17.90 -12.68 -51.48
CA HIS HA 22 -17.36 -13.73 -50.63
C HIS HA 22 -16.21 -14.48 -51.27
N ASP HA 23 -15.96 -14.30 -52.57
CA ASP HA 23 -14.75 -14.82 -53.17
C ASP HA 23 -13.57 -13.98 -52.72
N LYS HA 24 -12.43 -14.64 -52.48
CA LYS HA 24 -11.25 -13.94 -51.99
C LYS HA 24 -10.66 -13.02 -53.06
N GLN HA 25 -10.63 -13.50 -54.31
CA GLN HA 25 -9.97 -12.74 -55.38
C GLN HA 25 -10.75 -11.48 -55.72
N TYR HA 26 -12.08 -11.57 -55.74
CA TYR HA 26 -12.91 -10.40 -56.04
C TYR HA 26 -12.78 -9.33 -54.97
N LYS HA 27 -12.77 -9.72 -53.70
CA LYS HA 27 -12.68 -8.72 -52.65
C LYS HA 27 -11.26 -8.16 -52.50
N LYS HA 28 -10.23 -8.95 -52.81
CA LYS HA 28 -8.89 -8.38 -52.78
C LYS HA 28 -8.59 -7.58 -54.04
N ALA HA 29 -9.37 -7.74 -55.10
CA ALA HA 29 -9.21 -6.89 -56.27
C ALA HA 29 -10.06 -5.62 -56.20
N HIS HA 30 -11.18 -5.65 -55.49
CA HIS HA 30 -12.09 -4.52 -55.45
C HIS HA 30 -12.34 -4.02 -54.03
N LEU HA 31 -11.40 -4.25 -53.13
CA LEU HA 31 -11.43 -3.65 -51.80
C LEU HA 31 -10.15 -2.88 -51.57
N GLY HA 32 -10.26 -1.69 -50.97
CA GLY HA 32 -9.16 -0.76 -50.88
C GLY HA 32 -8.04 -1.16 -49.94
N THR HA 33 -8.24 -2.17 -49.11
CA THR HA 33 -7.21 -2.59 -48.17
C THR HA 33 -6.03 -3.26 -48.87
N ALA HA 34 -6.23 -3.80 -50.07
CA ALA HA 34 -5.13 -4.32 -50.89
C ALA HA 34 -4.47 -3.23 -51.72
N LEU HA 35 -4.72 -1.97 -51.40
CA LEU HA 35 -3.94 -0.83 -51.88
C LEU HA 35 -3.36 -0.04 -50.72
N LYS HA 36 -4.11 0.12 -49.63
CA LYS HA 36 -3.65 0.89 -48.49
C LYS HA 36 -3.01 0.04 -47.40
N ALA HA 37 -2.89 -1.27 -47.61
CA ALA HA 37 -2.23 -2.13 -46.63
C ALA HA 37 -1.04 -2.89 -47.19
N ASN HA 38 -1.02 -3.18 -48.49
CA ASN HA 38 0.10 -3.88 -49.10
C ASN HA 38 1.29 -2.95 -49.28
N PRO HA 39 2.48 -3.49 -49.50
CA PRO HA 39 3.60 -2.67 -49.97
C PRO HA 39 3.48 -2.43 -51.47
N PHE HA 40 4.45 -1.66 -51.99
CA PHE HA 40 4.65 -1.20 -53.37
C PHE HA 40 3.65 -0.13 -53.81
N GLY HA 41 2.63 0.13 -53.00
CA GLY HA 41 1.53 0.97 -53.44
C GLY HA 41 0.75 0.40 -54.60
N GLY HA 42 0.71 -0.92 -54.72
CA GLY HA 42 0.05 -1.55 -55.85
C GLY HA 42 0.90 -1.67 -57.10
N ALA HA 43 2.22 -1.71 -56.95
CA ALA HA 43 3.11 -1.75 -58.09
C ALA HA 43 3.57 -3.19 -58.37
N SER HA 44 4.39 -3.34 -59.39
CA SER HA 44 5.01 -4.63 -59.73
C SER HA 44 6.45 -4.71 -59.22
N HIS HA 45 7.28 -3.76 -59.63
CA HIS HA 45 8.65 -3.62 -59.16
C HIS HA 45 8.77 -2.37 -58.30
N ALA HA 46 9.84 -2.31 -57.50
CA ALA HA 46 10.11 -1.14 -56.69
C ALA HA 46 11.59 -1.08 -56.34
N LYS HA 47 12.14 0.12 -56.36
CA LYS HA 47 13.51 0.34 -55.90
C LYS HA 47 13.51 0.54 -54.39
N GLY HA 48 14.67 0.28 -53.78
CA GLY HA 48 14.77 0.40 -52.35
C GLY HA 48 16.20 0.56 -51.90
N ILE HA 49 16.36 0.70 -50.58
CA ILE HA 49 17.65 0.88 -49.94
C ILE HA 49 17.89 -0.28 -48.99
N VAL HA 50 19.07 -0.90 -49.08
CA VAL HA 50 19.47 -1.94 -48.15
C VAL HA 50 19.62 -1.33 -46.75
N LEU HA 51 18.88 -1.89 -45.79
CA LEU HA 51 19.01 -1.49 -44.40
C LEU HA 51 19.90 -2.43 -43.61
N GLU HA 52 19.66 -3.73 -43.70
CA GLU HA 52 20.46 -4.72 -43.00
C GLU HA 52 20.33 -6.06 -43.71
N LYS HA 53 21.24 -6.97 -43.37
CA LYS HA 53 21.25 -8.32 -43.92
C LYS HA 53 20.92 -9.29 -42.80
N VAL HA 54 19.85 -10.06 -42.98
CA VAL HA 54 19.28 -10.89 -41.94
C VAL HA 54 19.34 -12.35 -42.38
N GLY HA 55 19.89 -13.20 -41.51
CA GLY HA 55 19.85 -14.63 -41.74
C GLY HA 55 18.64 -15.26 -41.06
N VAL HA 56 17.65 -15.66 -41.84
CA VAL HA 56 16.45 -16.28 -41.31
C VAL HA 56 16.58 -17.79 -41.44
N GLU HA 57 15.71 -18.51 -40.74
CA GLU HA 57 15.74 -19.97 -40.77
C GLU HA 57 14.75 -20.51 -41.78
N ALA HA 58 14.88 -21.80 -42.08
CA ALA HA 58 13.96 -22.48 -42.97
C ALA HA 58 12.76 -23.01 -42.17
N LYS HA 59 11.95 -23.84 -42.80
CA LYS HA 59 10.78 -24.42 -42.15
C LYS HA 59 11.19 -25.63 -41.31
N GLN HA 60 10.21 -26.41 -40.87
CA GLN HA 60 10.45 -27.58 -40.04
C GLN HA 60 10.97 -28.80 -40.81
N PRO HA 61 10.46 -29.18 -42.00
CA PRO HA 61 11.13 -30.30 -42.70
C PRO HA 61 12.47 -29.92 -43.28
N ASN HA 62 12.62 -28.71 -43.80
CA ASN HA 62 13.89 -28.27 -44.32
C ASN HA 62 14.79 -27.83 -43.16
N SER HA 63 16.07 -27.62 -43.49
CA SER HA 63 17.04 -27.14 -42.49
C SER HA 63 18.07 -26.31 -43.23
N ALA HA 64 17.87 -24.99 -43.26
CA ALA HA 64 18.78 -24.10 -43.95
C ALA HA 64 18.69 -22.72 -43.32
N ILE HA 65 19.73 -21.93 -43.52
CA ILE HA 65 19.76 -20.54 -43.08
C ILE HA 65 19.68 -19.69 -44.34
N ARG HA 66 18.47 -19.21 -44.63
CA ARG HA 66 18.27 -18.37 -45.79
C ARG HA 66 18.81 -16.97 -45.51
N LYS HA 67 19.31 -16.32 -46.55
CA LYS HA 67 19.94 -15.01 -46.45
C LYS HA 67 19.02 -13.99 -47.10
N CYS HA 68 18.66 -12.95 -46.36
CA CYS HA 68 17.68 -11.98 -46.83
C CYS HA 68 18.19 -10.58 -46.53
N VAL HA 69 17.54 -9.59 -47.16
CA VAL HA 69 17.90 -8.19 -47.03
C VAL HA 69 16.66 -7.40 -46.64
N ARG HA 70 16.72 -6.71 -45.50
CA ARG HA 70 15.65 -5.79 -45.14
C ARG HA 70 15.79 -4.52 -45.96
N VAL HA 71 14.76 -4.19 -46.73
CA VAL HA 71 14.84 -3.15 -47.76
C VAL HA 71 13.95 -1.99 -47.35
N GLN HA 72 14.55 -0.80 -47.26
CA GLN HA 72 13.81 0.45 -47.05
C GLN HA 72 13.42 1.00 -48.42
N LEU HA 73 12.12 1.10 -48.68
CA LEU HA 73 11.63 1.47 -50.00
C LEU HA 73 11.82 2.95 -50.27
N ILE HA 74 11.57 3.33 -51.51
CA ILE HA 74 11.64 4.71 -51.95
C ILE HA 74 10.25 5.29 -52.21
N LYS HA 75 9.38 4.51 -52.84
CA LYS HA 75 8.04 4.99 -53.19
C LYS HA 75 7.17 5.14 -51.95
N ASN HA 76 6.97 4.04 -51.21
CA ASN HA 76 6.11 4.06 -50.04
C ASN HA 76 6.88 4.42 -48.78
N GLY HA 77 8.09 3.90 -48.62
CA GLY HA 77 8.87 4.13 -47.42
C GLY HA 77 8.75 3.07 -46.36
N LYS HA 78 8.20 1.90 -46.69
CA LYS HA 78 8.04 0.82 -45.73
C LYS HA 78 9.29 -0.06 -45.72
N LYS HA 79 9.26 -1.10 -44.89
CA LYS HA 79 10.38 -2.03 -44.74
C LYS HA 79 9.97 -3.40 -45.26
N ILE HA 80 10.77 -3.95 -46.16
CA ILE HA 80 10.51 -5.25 -46.77
C ILE HA 80 11.75 -6.12 -46.59
N THR HA 81 11.57 -7.29 -45.99
CA THR HA 81 12.60 -8.31 -45.99
C THR HA 81 12.56 -9.01 -47.35
N ALA HA 82 13.56 -8.75 -48.19
CA ALA HA 82 13.65 -9.36 -49.50
C ALA HA 82 14.78 -10.38 -49.52
N PHE HA 83 14.59 -11.41 -50.35
CA PHE HA 83 15.42 -12.61 -50.33
C PHE HA 83 16.59 -12.48 -51.31
N VAL HA 84 17.74 -13.04 -50.91
CA VAL HA 84 18.92 -13.08 -51.76
C VAL HA 84 18.88 -14.40 -52.54
N PRO HA 85 18.67 -14.37 -53.86
CA PRO HA 85 18.34 -15.60 -54.61
C PRO HA 85 19.44 -16.65 -54.69
N ASN HA 86 20.60 -16.32 -55.25
CA ASN HA 86 21.52 -17.31 -55.77
C ASN HA 86 22.43 -17.87 -54.68
N ASP HA 87 23.45 -18.64 -55.10
CA ASP HA 87 24.37 -19.26 -54.15
C ASP HA 87 25.24 -18.22 -53.45
N GLY HA 88 25.83 -17.32 -54.21
CA GLY HA 88 26.57 -16.24 -53.61
C GLY HA 88 25.64 -15.08 -53.30
N CYS HA 89 26.00 -13.90 -53.81
CA CYS HA 89 25.19 -12.69 -53.89
C CYS HA 89 24.95 -12.01 -52.52
N LEU HA 90 25.32 -12.66 -51.42
CA LEU HA 90 25.34 -11.95 -50.15
C LEU HA 90 26.51 -10.95 -50.11
N ASN HA 91 27.65 -11.34 -50.68
CA ASN HA 91 28.77 -10.45 -50.85
C ASN HA 91 28.60 -9.48 -52.01
N PHE HA 92 27.61 -9.71 -52.87
CA PHE HA 92 27.28 -8.77 -53.95
C PHE HA 92 26.21 -7.76 -53.54
N ILE HA 93 25.36 -8.10 -52.57
CA ILE HA 93 24.38 -7.14 -52.05
C ILE HA 93 25.00 -6.54 -50.79
N GLU HA 94 25.42 -5.28 -50.88
CA GLU HA 94 26.05 -4.58 -49.77
C GLU HA 94 25.07 -3.56 -49.18
N GLU HA 95 25.57 -2.80 -48.21
CA GLU HA 95 24.77 -1.79 -47.55
C GLU HA 95 24.58 -0.57 -48.45
N ASN HA 96 23.36 -0.03 -48.45
CA ASN HA 96 22.96 1.17 -49.21
C ASN HA 96 23.17 1.00 -50.71
N ASP HA 97 22.44 0.06 -51.28
CA ASP HA 97 22.47 -0.18 -52.72
C ASP HA 97 21.08 -0.03 -53.31
N GLU HA 98 21.04 0.46 -54.55
CA GLU HA 98 19.78 0.57 -55.29
C GLU HA 98 19.31 -0.83 -55.66
N VAL HA 99 18.24 -1.29 -55.00
CA VAL HA 99 17.80 -2.68 -55.08
C VAL HA 99 16.39 -2.73 -55.62
N LEU HA 100 16.22 -3.38 -56.77
CA LEU HA 100 14.91 -3.62 -57.34
C LEU HA 100 14.37 -4.94 -56.83
N VAL HA 101 13.08 -4.98 -56.51
CA VAL HA 101 12.47 -6.18 -55.94
C VAL HA 101 11.18 -6.52 -56.68
N ALA HA 102 10.86 -7.82 -56.69
CA ALA HA 102 9.66 -8.33 -57.35
C ALA HA 102 9.08 -9.44 -56.47
N GLY HA 103 8.09 -10.16 -56.99
CA GLY HA 103 7.50 -11.26 -56.27
C GLY HA 103 8.24 -12.58 -56.52
N PHE HA 104 7.77 -13.63 -55.84
CA PHE HA 104 8.32 -14.96 -56.10
C PHE HA 104 7.51 -15.73 -57.12
N GLY HA 105 6.28 -16.07 -56.76
CA GLY HA 105 5.34 -16.66 -57.71
C GLY HA 105 3.93 -16.18 -57.45
N ARG HA 106 3.75 -15.45 -56.36
CA ARG HA 106 2.43 -15.03 -55.90
C ARG HA 106 2.60 -13.93 -54.87
N LYS HA 107 1.81 -12.87 -55.00
CA LYS HA 107 1.92 -11.75 -54.06
C LYS HA 107 1.37 -12.12 -52.69
N GLY HA 108 0.31 -12.92 -52.64
CA GLY HA 108 -0.32 -13.29 -51.39
C GLY HA 108 0.53 -14.21 -50.53
N HIS HA 109 0.72 -15.44 -50.99
CA HIS HA 109 1.51 -16.40 -50.23
C HIS HA 109 3.01 -16.11 -50.41
N ALA HA 110 3.82 -16.92 -49.73
CA ALA HA 110 5.26 -16.89 -49.86
C ALA HA 110 5.75 -18.25 -50.33
N VAL HA 111 7.07 -18.37 -50.47
CA VAL HA 111 7.68 -19.66 -50.80
C VAL HA 111 7.59 -20.57 -49.59
N GLY HA 112 7.28 -21.85 -49.82
CA GLY HA 112 7.11 -22.83 -48.78
C GLY HA 112 8.33 -23.18 -47.95
N ASP HA 113 9.48 -22.57 -48.22
CA ASP HA 113 10.70 -22.78 -47.43
C ASP HA 113 11.00 -21.60 -46.51
N ILE HA 114 10.70 -20.39 -46.94
CA ILE HA 114 11.04 -19.18 -46.19
C ILE HA 114 9.78 -18.67 -45.50
N PRO HA 115 9.79 -18.41 -44.19
CA PRO HA 115 8.55 -18.05 -43.47
C PRO HA 115 7.92 -16.73 -43.85
N GLY HA 116 8.66 -15.63 -43.78
CA GLY HA 116 8.05 -14.33 -43.88
C GLY HA 116 8.65 -13.39 -44.90
N VAL HA 117 9.05 -13.93 -46.05
CA VAL HA 117 9.63 -13.13 -47.13
C VAL HA 117 8.74 -13.28 -48.35
N ARG HA 118 8.21 -12.16 -48.83
CA ARG HA 118 7.30 -12.15 -49.97
C ARG HA 118 7.96 -11.68 -51.26
N PHE HA 119 9.18 -11.15 -51.19
CA PHE HA 119 9.74 -10.44 -52.33
C PHE HA 119 11.20 -10.85 -52.54
N LYS HA 120 11.70 -10.55 -53.74
CA LYS HA 120 12.92 -11.12 -54.27
C LYS HA 120 13.75 -10.04 -54.94
N VAL HA 121 15.06 -10.08 -54.71
CA VAL HA 121 15.99 -9.06 -55.21
C VAL HA 121 16.37 -9.40 -56.65
N VAL HA 122 16.34 -8.39 -57.53
CA VAL HA 122 16.74 -8.55 -58.93
C VAL HA 122 17.99 -7.71 -59.25
N LYS HA 123 17.94 -6.41 -58.98
CA LYS HA 123 19.03 -5.50 -59.33
C LYS HA 123 19.82 -5.07 -58.11
N VAL HA 124 21.10 -4.75 -58.35
CA VAL HA 124 21.97 -4.09 -57.38
C VAL HA 124 22.65 -2.95 -58.12
N ALA HA 125 22.20 -1.72 -57.87
CA ALA HA 125 22.78 -0.48 -58.44
C ALA HA 125 22.78 -0.50 -59.97
N ASN HA 126 21.60 -0.74 -60.54
CA ASN HA 126 21.34 -0.88 -61.99
C ASN HA 126 22.18 -1.98 -62.63
N VAL HA 127 22.61 -2.98 -61.85
CA VAL HA 127 23.30 -4.16 -62.36
C VAL HA 127 22.61 -5.37 -61.77
N SER HA 128 22.17 -6.28 -62.62
CA SER HA 128 21.35 -7.40 -62.17
C SER HA 128 22.19 -8.45 -61.45
N LEU HA 129 21.48 -9.29 -60.70
CA LEU HA 129 22.16 -10.37 -59.98
C LEU HA 129 22.63 -11.47 -60.90
N LEU HA 130 21.97 -11.66 -62.04
CA LEU HA 130 22.50 -12.59 -63.05
C LEU HA 130 23.81 -12.07 -63.61
N ALA HA 131 23.91 -10.75 -63.82
CA ALA HA 131 25.15 -10.14 -64.26
C ALA HA 131 26.24 -10.23 -63.21
N LEU HA 132 25.87 -10.03 -61.93
CA LEU HA 132 26.85 -10.16 -60.85
C LEU HA 132 27.25 -11.61 -60.60
N TYR HA 133 26.39 -12.55 -60.97
CA TYR HA 133 26.68 -13.97 -60.75
C TYR HA 133 27.57 -14.53 -61.86
N LYS HA 134 27.27 -14.20 -63.12
CA LYS HA 134 28.05 -14.72 -64.23
C LYS HA 134 28.05 -13.73 -65.38
N GLY HA 135 29.07 -13.85 -66.23
CA GLY HA 135 29.11 -13.12 -67.48
C GLY HA 135 29.79 -11.77 -67.45
N LYS HA 136 29.18 -10.79 -66.80
CA LYS HA 136 29.60 -9.41 -66.95
C LYS HA 136 30.84 -9.12 -66.10
N LYS HA 137 31.41 -7.93 -66.34
CA LYS HA 137 32.77 -7.58 -65.94
C LYS HA 137 33.00 -7.54 -64.43
N GLU HA 138 32.39 -6.58 -63.75
CA GLU HA 138 32.79 -6.26 -62.38
C GLU HA 138 31.70 -5.40 -61.74
N ARG HA 139 31.64 -5.46 -60.40
CA ARG HA 139 30.69 -4.70 -59.59
C ARG HA 139 30.85 -3.18 -59.80
N PRO HA 140 29.79 -2.41 -59.48
CA PRO HA 140 29.90 -0.94 -59.59
C PRO HA 140 30.57 -0.25 -58.41
N ARG HA 141 31.33 -0.99 -57.61
CA ARG HA 141 32.12 -0.42 -56.50
C ARG HA 141 33.08 0.69 -56.94
N THR IA 1 18.09 -1.27 -126.37
CA THR IA 1 18.57 -1.57 -125.03
C THR IA 1 17.42 -1.55 -124.02
N VAL IA 2 16.79 -0.38 -123.87
CA VAL IA 2 15.65 -0.23 -122.97
C VAL IA 2 14.40 0.04 -123.80
N THR IA 3 13.25 -0.15 -123.16
CA THR IA 3 11.96 0.02 -123.83
C THR IA 3 11.03 0.79 -122.90
N ILE IA 4 10.56 1.94 -123.35
CA ILE IA 4 9.72 2.83 -122.55
C ILE IA 4 8.32 2.81 -123.17
N ARG IA 5 7.32 2.43 -122.38
CA ARG IA 5 5.95 2.37 -122.85
C ARG IA 5 5.05 3.16 -121.90
N THR IA 6 4.16 3.97 -122.45
CA THR IA 6 3.20 4.73 -121.66
C THR IA 6 1.88 3.96 -121.58
N ARG IA 7 1.48 3.61 -120.36
CA ARG IA 7 0.22 2.88 -120.19
C ARG IA 7 -0.96 3.82 -120.15
N LYS IA 8 -1.05 4.66 -119.12
CA LYS IA 8 -2.17 5.57 -118.96
C LYS IA 8 -1.79 6.93 -119.52
N PHE IA 9 -2.74 7.56 -120.21
CA PHE IA 9 -2.44 8.75 -120.99
C PHE IA 9 -3.63 9.69 -120.95
N MET IA 10 -3.44 10.89 -120.40
CA MET IA 10 -4.47 11.91 -120.35
C MET IA 10 -3.92 13.21 -120.91
N THR IA 11 -4.81 14.05 -121.44
CA THR IA 11 -4.44 15.32 -122.04
C THR IA 11 -5.27 16.43 -121.41
N ASN IA 12 -4.61 17.30 -120.65
CA ASN IA 12 -5.26 18.47 -120.06
C ASN IA 12 -5.02 19.62 -121.03
N ARG IA 13 -6.02 19.91 -121.87
CA ARG IA 13 -5.94 21.01 -122.81
C ARG IA 13 -6.10 22.37 -122.13
N LEU IA 14 -6.61 22.39 -120.89
CA LEU IA 14 -6.74 23.63 -120.14
C LEU IA 14 -5.39 24.24 -119.84
N LEU IA 15 -4.45 23.41 -119.39
CA LEU IA 15 -3.12 23.85 -119.02
C LEU IA 15 -2.10 23.61 -120.12
N GLN IA 16 -2.54 23.04 -121.25
CA GLN IA 16 -1.70 22.61 -122.37
C GLN IA 16 -0.61 21.67 -121.87
N ARG IA 17 -1.05 20.51 -121.35
CA ARG IA 17 -0.13 19.53 -120.81
C ARG IA 17 -0.69 18.13 -121.07
N LYS IA 18 0.19 17.14 -120.98
CA LYS IA 18 -0.21 15.75 -121.17
C LYS IA 18 0.42 14.89 -120.09
N GLN IA 19 -0.42 14.23 -119.30
CA GLN IA 19 0.01 13.36 -118.22
C GLN IA 19 0.09 11.93 -118.72
N MET IA 20 1.06 11.18 -118.22
CA MET IA 20 1.16 9.78 -118.59
C MET IA 20 1.83 8.97 -117.48
N VAL IA 21 1.55 7.68 -117.50
CA VAL IA 21 2.20 6.69 -116.64
C VAL IA 21 3.22 5.95 -117.50
N ILE IA 22 4.47 5.95 -117.05
CA ILE IA 22 5.60 5.45 -117.84
C ILE IA 22 6.12 4.17 -117.19
N ASP IA 23 6.19 3.09 -117.97
CA ASP IA 23 6.85 1.86 -117.56
C ASP IA 23 8.09 1.67 -118.41
N VAL IA 24 9.24 1.60 -117.76
CA VAL IA 24 10.52 1.35 -118.42
C VAL IA 24 10.92 -0.09 -118.13
N LEU IA 25 11.22 -0.84 -119.20
CA LEU IA 25 11.53 -2.26 -119.10
C LEU IA 25 13.01 -2.45 -118.80
N HIS IA 26 13.32 -3.44 -117.96
CA HIS IA 26 14.70 -3.73 -117.58
C HIS IA 26 14.93 -5.23 -117.55
N PRO IA 27 15.37 -5.82 -118.66
CA PRO IA 27 15.93 -7.17 -118.63
C PRO IA 27 17.44 -7.21 -118.44
N GLY IA 28 18.06 -6.07 -118.15
CA GLY IA 28 19.49 -5.93 -118.19
C GLY IA 28 20.09 -5.22 -117.00
N LYS IA 29 20.75 -4.09 -117.26
CA LYS IA 29 21.53 -3.35 -116.27
C LYS IA 29 20.65 -2.55 -115.33
N ALA IA 30 21.26 -1.61 -114.61
CA ALA IA 30 20.63 -0.90 -113.50
C ALA IA 30 19.54 0.05 -113.97
N THR IA 31 18.97 0.77 -113.00
CA THR IA 31 17.90 1.72 -113.27
C THR IA 31 18.44 2.90 -114.07
N VAL IA 32 17.80 3.17 -115.20
CA VAL IA 32 18.22 4.25 -116.11
C VAL IA 32 17.94 5.59 -115.46
N PRO IA 33 18.90 6.54 -115.45
CA PRO IA 33 18.72 7.79 -114.68
C PRO IA 33 17.67 8.75 -115.22
N LYS IA 34 17.62 9.93 -114.57
CA LYS IA 34 16.61 10.94 -114.86
C LYS IA 34 16.76 11.51 -116.27
N THR IA 35 17.99 11.68 -116.74
CA THR IA 35 18.23 12.37 -118.00
C THR IA 35 17.88 11.50 -119.21
N GLU IA 36 18.26 10.23 -119.17
CA GLU IA 36 18.18 9.39 -120.36
C GLU IA 36 16.76 8.97 -120.69
N ILE IA 37 15.93 8.69 -119.68
CA ILE IA 37 14.52 8.38 -119.91
C ILE IA 37 13.80 9.59 -120.47
N ARG IA 38 14.14 10.77 -119.97
CA ARG IA 38 13.59 12.03 -120.48
C ARG IA 38 14.00 12.28 -121.93
N GLU IA 39 15.25 11.95 -122.27
CA GLU IA 39 15.71 12.13 -123.64
C GLU IA 39 15.07 11.12 -124.59
N LYS IA 40 14.87 9.87 -124.14
CA LYS IA 40 14.22 8.89 -125.00
C LYS IA 40 12.74 9.20 -125.19
N LEU IA 41 12.07 9.74 -124.17
CA LEU IA 41 10.69 10.18 -124.34
C LEU IA 41 10.62 11.40 -125.25
N ALA IA 42 11.62 12.28 -125.18
CA ALA IA 42 11.69 13.41 -126.11
C ALA IA 42 11.95 12.95 -127.54
N LYS IA 43 12.71 11.86 -127.72
CA LYS IA 43 12.92 11.31 -129.05
C LYS IA 43 11.65 10.65 -129.58
N MET IA 44 10.89 9.99 -128.70
CA MET IA 44 9.64 9.37 -129.14
C MET IA 44 8.53 10.39 -129.38
N TYR IA 45 8.62 11.56 -128.76
CA TYR IA 45 7.64 12.62 -129.02
C TYR IA 45 8.10 13.58 -130.11
N LYS IA 46 9.39 13.55 -130.47
CA LYS IA 46 9.99 14.26 -131.61
C LYS IA 46 9.85 15.79 -131.47
N THR IA 47 10.20 16.31 -130.29
CA THR IA 47 10.31 17.75 -130.07
C THR IA 47 11.59 18.07 -129.31
N THR IA 48 11.69 19.31 -128.82
CA THR IA 48 12.84 19.71 -128.03
C THR IA 48 12.80 19.03 -126.66
N PRO IA 49 13.94 18.57 -126.14
CA PRO IA 49 13.94 17.80 -124.89
C PRO IA 49 13.81 18.63 -123.63
N ASP IA 50 13.92 19.95 -123.71
CA ASP IA 50 14.01 20.81 -122.53
C ASP IA 50 12.65 21.18 -121.94
N VAL IA 51 11.59 20.43 -122.23
CA VAL IA 51 10.25 20.78 -121.77
C VAL IA 51 9.52 19.63 -121.07
N ILE IA 52 9.94 18.38 -121.26
CA ILE IA 52 9.25 17.23 -120.70
C ILE IA 52 9.81 16.93 -119.32
N PHE IA 53 8.92 16.78 -118.34
CA PHE IA 53 9.30 16.43 -116.98
C PHE IA 53 8.87 15.01 -116.66
N VAL IA 54 9.45 14.45 -115.61
CA VAL IA 54 9.09 13.11 -115.13
C VAL IA 54 9.45 13.05 -113.66
N PHE IA 55 8.70 12.25 -112.90
CA PHE IA 55 8.97 12.10 -111.48
C PHE IA 55 8.52 10.74 -110.99
N GLY IA 56 9.24 10.24 -109.98
CA GLY IA 56 8.93 8.96 -109.35
C GLY IA 56 9.49 7.80 -110.15
N PHE IA 57 10.20 6.88 -109.49
CA PHE IA 57 10.64 5.64 -110.12
C PHE IA 57 10.70 4.55 -109.08
N ARG IA 58 9.86 3.54 -109.22
CA ARG IA 58 9.92 2.35 -108.40
C ARG IA 58 10.83 1.33 -109.08
N THR IA 59 10.87 0.10 -108.55
CA THR IA 59 11.60 -1.00 -109.18
C THR IA 59 10.95 -2.30 -108.71
N HIS IA 60 10.55 -3.16 -109.65
CA HIS IA 60 9.82 -4.37 -109.30
C HIS IA 60 10.75 -5.56 -109.05
N PHE IA 61 11.76 -5.34 -108.22
CA PHE IA 61 12.52 -6.38 -107.51
C PHE IA 61 13.29 -7.30 -108.45
N GLY IA 62 14.03 -6.70 -109.37
CA GLY IA 62 14.86 -7.46 -110.29
C GLY IA 62 14.40 -7.39 -111.72
N GLY IA 63 15.04 -6.50 -112.49
CA GLY IA 63 14.63 -6.26 -113.87
C GLY IA 63 13.21 -5.71 -113.91
N GLY IA 64 12.40 -6.30 -114.77
CA GLY IA 64 10.97 -6.05 -114.74
C GLY IA 64 10.63 -4.68 -115.30
N LYS IA 65 9.83 -3.93 -114.56
CA LYS IA 65 9.38 -2.61 -114.98
C LYS IA 65 9.61 -1.61 -113.87
N THR IA 66 9.85 -0.36 -114.27
CA THR IA 66 9.89 0.77 -113.35
C THR IA 66 8.80 1.74 -113.76
N THR IA 67 8.01 2.19 -112.80
CA THR IA 67 6.80 2.97 -113.05
C THR IA 67 6.97 4.39 -112.53
N GLY IA 68 6.65 5.37 -113.37
CA GLY IA 68 6.73 6.76 -113.00
C GLY IA 68 5.65 7.59 -113.67
N PHE IA 69 5.67 8.88 -113.41
CA PHE IA 69 4.68 9.80 -113.97
C PHE IA 69 5.38 10.85 -114.82
N GLY IA 70 5.03 10.91 -116.10
CA GLY IA 70 5.64 11.83 -117.04
C GLY IA 70 4.67 12.91 -117.46
N MET IA 71 5.23 14.09 -117.77
CA MET IA 71 4.48 15.30 -118.07
C MET IA 71 5.08 15.91 -119.32
N ILE IA 72 4.37 15.83 -120.44
CA ILE IA 72 4.81 16.46 -121.68
C ILE IA 72 4.11 17.81 -121.81
N TYR IA 73 4.90 18.87 -121.92
CA TYR IA 73 4.39 20.23 -122.02
C TYR IA 73 4.69 20.78 -123.41
N ASP IA 74 3.85 21.71 -123.86
CA ASP IA 74 4.00 22.28 -125.19
C ASP IA 74 4.56 23.70 -125.18
N SER IA 75 4.73 24.31 -124.02
CA SER IA 75 5.27 25.66 -123.93
C SER IA 75 6.22 25.74 -122.73
N LEU IA 76 7.40 26.30 -122.96
CA LEU IA 76 8.36 26.49 -121.87
C LEU IA 76 7.87 27.55 -120.89
N ASP IA 77 7.12 28.55 -121.37
CA ASP IA 77 6.54 29.54 -120.48
C ASP IA 77 5.46 28.93 -119.60
N TYR IA 78 4.64 28.04 -120.17
CA TYR IA 78 3.67 27.30 -119.37
C TYR IA 78 4.35 26.35 -118.40
N ALA IA 79 5.50 25.79 -118.78
CA ALA IA 79 6.26 24.94 -117.88
C ALA IA 79 6.82 25.73 -116.71
N LYS IA 80 7.29 26.96 -116.97
CA LYS IA 80 7.76 27.81 -115.89
C LYS IA 80 6.62 28.32 -115.02
N LYS IA 81 5.42 28.44 -115.61
CA LYS IA 81 4.28 28.96 -114.86
C LYS IA 81 3.65 27.91 -113.96
N ASN IA 82 3.22 26.80 -114.55
CA ASN IA 82 2.37 25.83 -113.85
C ASN IA 82 3.13 24.86 -112.96
N GLU IA 83 4.43 25.03 -112.79
CA GLU IA 83 5.16 24.00 -112.07
C GLU IA 83 5.78 24.52 -110.77
N PRO IA 84 5.89 23.67 -109.75
CA PRO IA 84 6.49 24.12 -108.50
C PRO IA 84 7.99 24.29 -108.60
N LYS IA 85 8.51 25.05 -107.64
CA LYS IA 85 9.92 25.41 -107.63
C LYS IA 85 10.82 24.22 -107.35
N HIS IA 86 10.32 23.19 -106.68
CA HIS IA 86 11.16 22.01 -106.41
C HIS IA 86 11.34 21.17 -107.66
N ARG IA 87 10.37 21.18 -108.57
CA ARG IA 87 10.57 20.53 -109.87
C ARG IA 87 11.19 21.45 -110.91
N LEU IA 88 11.23 22.77 -110.67
CA LEU IA 88 12.15 23.61 -111.41
C LEU IA 88 13.60 23.46 -110.93
N ALA IA 89 13.79 23.02 -109.68
CA ALA IA 89 15.13 22.87 -109.12
C ALA IA 89 15.90 21.69 -109.70
N ARG IA 90 15.24 20.77 -110.41
CA ARG IA 90 15.97 19.71 -111.09
C ARG IA 90 16.79 20.25 -112.26
N HIS IA 91 16.33 21.34 -112.87
CA HIS IA 91 17.08 22.02 -113.91
C HIS IA 91 17.72 23.31 -113.43
N GLY IA 92 17.40 23.77 -112.22
CA GLY IA 92 18.09 24.90 -111.63
C GLY IA 92 17.54 26.25 -111.99
N LEU IA 93 16.23 26.34 -112.23
CA LEU IA 93 15.64 27.64 -112.57
C LEU IA 93 15.42 28.51 -111.34
N TYR IA 94 14.90 27.93 -110.27
CA TYR IA 94 14.67 28.67 -109.04
C TYR IA 94 15.83 28.44 -108.07
N GLU IA 95 16.26 29.51 -107.41
CA GLU IA 95 17.29 29.46 -106.39
C GLU IA 95 16.82 30.26 -105.19
N LYS IA 96 16.75 29.61 -104.03
CA LYS IA 96 16.25 30.27 -102.82
C LYS IA 96 17.38 30.86 -101.97
N LYS IA 97 18.50 30.13 -101.89
CA LYS IA 97 19.81 30.52 -101.33
C LYS IA 97 19.79 30.59 -99.80
N LYS IA 98 18.61 30.51 -99.17
CA LYS IA 98 18.51 30.40 -97.71
C LYS IA 98 17.54 29.26 -97.39
N THR IA 99 18.06 28.04 -97.42
CA THR IA 99 17.33 26.84 -97.00
C THR IA 99 17.65 26.47 -95.54
N SER IA 100 17.55 27.45 -94.65
CA SER IA 100 18.03 27.29 -93.29
C SER IA 100 16.89 27.46 -92.29
N ARG IA 101 16.97 26.68 -91.20
CA ARG IA 101 16.01 26.76 -90.11
C ARG IA 101 16.34 27.94 -89.22
N LYS IA 102 15.30 28.49 -88.59
CA LYS IA 102 15.32 29.51 -87.53
C LYS IA 102 15.74 30.90 -88.03
N GLN IA 103 16.16 31.02 -89.29
CA GLN IA 103 16.57 32.32 -89.81
C GLN IA 103 15.37 33.22 -90.02
N ARG IA 104 14.35 32.72 -90.72
CA ARG IA 104 13.13 33.48 -90.93
C ARG IA 104 12.38 33.72 -89.62
N LYS IA 105 12.45 32.78 -88.69
CA LYS IA 105 11.76 32.94 -87.42
C LYS IA 105 12.47 33.94 -86.51
N GLU IA 106 13.80 33.98 -86.53
CA GLU IA 106 14.50 35.03 -85.80
C GLU IA 106 14.33 36.39 -86.47
N ARG IA 107 14.16 36.43 -87.79
CA ARG IA 107 13.78 37.69 -88.42
C ARG IA 107 12.38 38.12 -88.01
N LYS IA 108 11.46 37.16 -87.84
CA LYS IA 108 10.12 37.46 -87.33
C LYS IA 108 10.19 37.99 -85.89
N ASN IA 109 11.11 37.45 -85.09
CA ASN IA 109 11.24 37.91 -83.71
C ASN IA 109 11.86 39.31 -83.65
N ARG IA 110 12.84 39.57 -84.52
CA ARG IA 110 13.42 40.91 -84.57
C ARG IA 110 12.45 41.93 -85.16
N MET IA 111 11.51 41.49 -85.99
CA MET IA 111 10.43 42.35 -86.46
C MET IA 111 9.24 42.40 -85.50
N LYS IA 112 9.21 41.52 -84.51
CA LYS IA 112 8.16 41.53 -83.50
C LYS IA 112 8.53 42.34 -82.27
N LYS IA 113 9.82 42.39 -81.94
CA LYS IA 113 10.26 43.16 -80.77
C LYS IA 113 10.19 44.66 -81.04
N VAL IA 114 10.97 45.15 -82.00
CA VAL IA 114 11.04 46.57 -82.30
C VAL IA 114 10.11 46.88 -83.47
N ARG IA 115 9.83 48.17 -83.66
CA ARG IA 115 8.85 48.62 -84.63
C ARG IA 115 9.29 49.92 -85.29
N GLY IA 116 9.29 49.94 -86.61
CA GLY IA 116 9.51 51.18 -87.36
C GLY IA 116 10.89 51.23 -88.00
N THR IA 117 11.62 52.32 -87.75
CA THR IA 117 12.92 52.52 -88.38
C THR IA 117 13.96 51.54 -87.83
N ALA IA 118 13.93 51.30 -86.51
CA ALA IA 118 14.80 50.30 -85.91
C ALA IA 118 14.46 48.90 -86.39
N LYS IA 119 13.18 48.65 -86.68
CA LYS IA 119 12.79 47.35 -87.24
C LYS IA 119 13.30 47.18 -88.67
N ALA IA 120 13.21 48.24 -89.48
CA ALA IA 120 13.77 48.19 -90.82
C ALA IA 120 15.29 48.14 -90.82
N ASN IA 121 15.94 48.60 -89.75
CA ASN IA 121 17.39 48.50 -89.64
C ASN IA 121 17.81 47.10 -89.20
N VAL IA 122 17.16 46.54 -88.20
CA VAL IA 122 17.59 45.27 -87.60
C VAL IA 122 17.03 44.07 -88.35
N GLY IA 123 15.71 44.01 -88.54
CA GLY IA 123 15.09 42.84 -89.13
C GLY IA 123 15.33 42.73 -90.63
N ALA IA 124 15.68 43.83 -91.28
CA ALA IA 124 16.02 43.81 -92.70
C ALA IA 124 17.50 44.03 -92.96
N GLY IA 125 18.33 44.03 -91.91
CA GLY IA 125 19.76 44.21 -92.06
C GLY IA 125 20.56 43.63 -90.92
N THR JA 1 -21.29 -39.99 -39.72
CA THR JA 1 -22.63 -40.16 -40.26
C THR JA 1 -23.61 -40.63 -39.19
N LYS JA 2 -24.89 -40.71 -39.55
CA LYS JA 2 -25.90 -41.20 -38.63
C LYS JA 2 -25.75 -42.71 -38.45
N LYS JA 3 -25.57 -43.14 -37.20
CA LYS JA 3 -25.42 -44.56 -36.93
C LYS JA 3 -26.76 -45.29 -37.02
N ARG JA 4 -27.85 -44.62 -36.68
CA ARG JA 4 -29.18 -45.24 -36.66
C ARG JA 4 -30.16 -44.36 -37.40
N ARG JA 5 -31.32 -44.94 -37.72
CA ARG JA 5 -32.43 -44.18 -38.29
C ARG JA 5 -33.31 -43.59 -37.19
N ASN JA 6 -33.47 -44.30 -36.08
CA ASN JA 6 -34.30 -43.84 -34.99
C ASN JA 6 -33.63 -42.79 -34.12
N ASN JA 7 -32.32 -42.58 -34.30
CA ASN JA 7 -31.50 -41.64 -33.53
C ASN JA 7 -31.54 -41.95 -32.04
N GLY JA 8 -31.56 -43.24 -31.71
CA GLY JA 8 -31.57 -43.66 -30.33
C GLY JA 8 -32.95 -43.88 -29.73
N ARG JA 9 -33.74 -42.83 -29.64
CA ARG JA 9 -35.05 -42.91 -29.00
C ARG JA 9 -36.14 -43.16 -30.05
N ALA JA 10 -37.39 -43.04 -29.63
CA ALA JA 10 -38.53 -43.26 -30.52
C ALA JA 10 -39.38 -42.00 -30.70
N LYS JA 11 -38.80 -40.82 -30.49
CA LYS JA 11 -39.50 -39.57 -30.71
C LYS JA 11 -39.58 -39.30 -32.20
N LYS JA 12 -40.76 -39.41 -32.78
CA LYS JA 12 -40.92 -39.13 -34.20
C LYS JA 12 -42.02 -38.13 -34.49
N GLY JA 13 -43.14 -38.19 -33.78
CA GLY JA 13 -44.23 -37.28 -34.02
C GLY JA 13 -44.17 -36.04 -33.15
N ARG JA 14 -43.75 -36.22 -31.91
CA ARG JA 14 -43.69 -35.14 -30.93
C ARG JA 14 -42.31 -34.50 -30.93
N GLY JA 15 -42.12 -33.53 -30.03
CA GLY JA 15 -40.87 -32.78 -29.97
C GLY JA 15 -40.18 -32.83 -28.63
N HIS JA 16 -40.89 -33.26 -27.59
CA HIS JA 16 -40.30 -33.33 -26.27
C HIS JA 16 -40.89 -34.52 -25.52
N VAL JA 17 -40.02 -35.22 -24.80
CA VAL JA 17 -40.41 -36.36 -23.95
C VAL JA 17 -39.92 -36.06 -22.54
N GLN JA 18 -40.81 -36.20 -21.56
CA GLN JA 18 -40.45 -35.93 -20.17
C GLN JA 18 -39.49 -37.00 -19.67
N PRO JA 19 -38.36 -36.62 -19.08
CA PRO JA 19 -37.36 -37.61 -18.67
C PRO JA 19 -37.75 -38.33 -17.39
N ILE JA 20 -37.37 -39.60 -17.33
CA ILE JA 20 -37.57 -40.44 -16.16
C ILE JA 20 -36.19 -40.89 -15.67
N ARG JA 21 -36.00 -40.83 -14.34
CA ARG JA 21 -34.72 -41.13 -13.73
C ARG JA 21 -34.31 -42.58 -13.92
N CYS JA 22 -32.99 -42.79 -14.00
CA CYS JA 22 -32.43 -44.12 -14.10
C CYS JA 22 -32.40 -44.79 -12.74
N THR JA 23 -32.09 -46.09 -12.74
CA THR JA 23 -32.06 -46.86 -11.50
C THR JA 23 -30.67 -46.85 -10.86
N ASN JA 24 -29.64 -47.19 -11.64
CA ASN JA 24 -28.30 -47.28 -11.06
C ASN JA 24 -27.66 -45.91 -10.90
N CYS JA 25 -27.46 -45.20 -12.00
CA CYS JA 25 -26.72 -43.95 -11.97
C CYS JA 25 -27.60 -42.73 -11.68
N ALA JA 26 -28.93 -42.90 -11.74
CA ALA JA 26 -29.92 -41.86 -11.46
C ALA JA 26 -29.73 -40.64 -12.37
N ARG JA 27 -29.79 -40.90 -13.67
CA ARG JA 27 -29.66 -39.87 -14.70
C ARG JA 27 -30.97 -39.74 -15.45
N CYS JA 28 -31.38 -38.49 -15.71
CA CYS JA 28 -32.63 -38.24 -16.41
C CYS JA 28 -32.46 -38.55 -17.90
N VAL JA 29 -33.17 -39.57 -18.35
CA VAL JA 29 -33.18 -40.00 -19.75
C VAL JA 29 -34.64 -39.98 -20.19
N PRO JA 30 -34.96 -39.51 -21.40
CA PRO JA 30 -36.34 -39.62 -21.89
C PRO JA 30 -36.78 -41.07 -22.01
N LYS JA 31 -38.06 -41.31 -21.73
CA LYS JA 31 -38.56 -42.67 -21.55
C LYS JA 31 -38.65 -43.46 -22.84
N ASP JA 32 -38.62 -42.79 -24.00
CA ASP JA 32 -38.51 -43.49 -25.26
C ASP JA 32 -37.07 -43.88 -25.60
N LYS JA 33 -36.11 -43.46 -24.77
CA LYS JA 33 -34.71 -43.79 -24.95
C LYS JA 33 -34.18 -44.75 -23.90
N ALA JA 34 -34.66 -44.65 -22.67
CA ALA JA 34 -34.14 -45.47 -21.58
C ALA JA 34 -34.61 -46.91 -21.70
N ILE JA 35 -33.78 -47.82 -21.20
CA ILE JA 35 -34.10 -49.25 -21.20
C ILE JA 35 -35.15 -49.50 -20.12
N LYS JA 36 -36.40 -49.69 -20.55
CA LYS JA 36 -37.55 -49.76 -19.65
C LYS JA 36 -38.09 -51.18 -19.70
N LYS JA 37 -37.70 -52.01 -18.75
CA LYS JA 37 -38.16 -53.39 -18.70
C LYS JA 37 -39.00 -53.61 -17.44
N PHE JA 38 -39.60 -54.79 -17.36
CA PHE JA 38 -40.60 -55.11 -16.34
C PHE JA 38 -40.21 -56.45 -15.72
N VAL JA 39 -39.49 -56.42 -14.60
CA VAL JA 39 -39.01 -57.66 -14.01
C VAL JA 39 -40.10 -58.26 -13.12
N ILE JA 40 -40.30 -59.56 -13.28
CA ILE JA 40 -41.29 -60.34 -12.56
C ILE JA 40 -40.52 -61.38 -11.79
N ARG JA 41 -40.33 -61.16 -10.49
CA ARG JA 41 -39.57 -62.07 -9.66
C ARG JA 41 -40.47 -62.66 -8.58
N ASN JA 42 -40.32 -63.95 -8.35
CA ASN JA 42 -40.83 -64.53 -7.13
C ASN JA 42 -39.98 -64.01 -5.97
N ILE JA 43 -40.65 -63.63 -4.87
CA ILE JA 43 -39.94 -63.03 -3.74
C ILE JA 43 -39.10 -64.03 -2.97
N VAL JA 44 -39.27 -65.33 -3.23
CA VAL JA 44 -38.54 -66.38 -2.55
C VAL JA 44 -37.67 -67.08 -3.58
N GLU JA 45 -36.40 -67.29 -3.23
CA GLU JA 45 -35.49 -68.08 -4.05
C GLU JA 45 -36.00 -69.52 -4.14
N ALA JA 46 -35.80 -70.14 -5.30
CA ALA JA 46 -36.43 -71.41 -5.65
C ALA JA 46 -35.99 -72.57 -4.76
N ALA JA 47 -34.86 -72.45 -4.07
CA ALA JA 47 -34.48 -73.45 -3.08
C ALA JA 47 -35.07 -73.19 -1.71
N ALA JA 48 -35.52 -71.97 -1.43
CA ALA JA 48 -36.18 -71.64 -0.18
C ALA JA 48 -37.70 -71.74 -0.27
N VAL JA 49 -38.24 -71.95 -1.48
CA VAL JA 49 -39.68 -72.16 -1.64
C VAL JA 49 -40.12 -73.42 -0.91
N ARG JA 50 -39.32 -74.48 -0.98
CA ARG JA 50 -39.65 -75.72 -0.28
C ARG JA 50 -39.56 -75.54 1.23
N ASP JA 51 -38.60 -74.75 1.71
CA ASP JA 51 -38.46 -74.49 3.14
C ASP JA 51 -39.65 -73.70 3.68
N ILE JA 52 -40.05 -72.64 2.97
CA ILE JA 52 -41.19 -71.85 3.42
C ILE JA 52 -42.50 -72.63 3.25
N SER JA 53 -42.58 -73.51 2.25
CA SER JA 53 -43.76 -74.36 2.10
C SER JA 53 -43.86 -75.39 3.21
N GLU JA 54 -42.73 -75.91 3.69
CA GLU JA 54 -42.77 -76.83 4.83
C GLU JA 54 -43.02 -76.11 6.14
N ALA JA 55 -42.55 -74.87 6.26
CA ALA JA 55 -42.72 -74.09 7.48
C ALA JA 55 -43.83 -73.06 7.39
N SER JA 56 -44.78 -73.26 6.49
CA SER JA 56 -45.88 -72.33 6.31
C SER JA 56 -47.05 -72.70 7.21
N VAL JA 57 -47.86 -71.69 7.56
CA VAL JA 57 -49.08 -71.94 8.32
C VAL JA 57 -50.12 -72.61 7.44
N PHE JA 58 -50.33 -72.09 6.25
CA PHE JA 58 -51.27 -72.65 5.30
C PHE JA 58 -50.61 -73.75 4.47
N ASP JA 59 -51.44 -74.65 3.94
CA ASP JA 59 -50.96 -75.74 3.11
C ASP JA 59 -50.97 -75.31 1.64
N ALA JA 60 -50.01 -74.44 1.31
CA ALA JA 60 -49.79 -73.86 -0.01
C ALA JA 60 -51.03 -73.11 -0.50
N TYR JA 61 -51.42 -72.09 0.25
CA TYR JA 61 -52.56 -71.25 -0.08
C TYR JA 61 -52.18 -69.81 -0.37
N VAL JA 62 -50.88 -69.53 -0.56
CA VAL JA 62 -50.43 -68.18 -0.89
C VAL JA 62 -49.18 -68.30 -1.78
N LEU JA 63 -49.17 -67.53 -2.87
CA LEU JA 63 -48.02 -67.47 -3.77
C LEU JA 63 -47.79 -66.02 -4.15
N PRO JA 64 -46.99 -65.29 -3.37
CA PRO JA 64 -46.74 -63.88 -3.69
C PRO JA 64 -45.79 -63.71 -4.87
N LYS JA 65 -45.87 -62.53 -5.47
CA LYS JA 65 -45.04 -62.17 -6.62
C LYS JA 65 -44.35 -60.85 -6.33
N LEU JA 66 -43.59 -60.36 -7.33
CA LEU JA 66 -42.91 -59.08 -7.22
C LEU JA 66 -42.78 -58.51 -8.63
N TYR JA 67 -43.47 -57.40 -8.89
CA TYR JA 67 -43.50 -56.76 -10.20
C TYR JA 67 -42.83 -55.40 -10.07
N VAL JA 68 -41.68 -55.23 -10.74
CA VAL JA 68 -40.93 -53.98 -10.63
C VAL JA 68 -40.65 -53.43 -12.02
N LYS JA 69 -41.02 -52.17 -12.24
CA LYS JA 69 -40.60 -51.43 -13.43
C LYS JA 69 -39.12 -51.10 -13.30
N LEU JA 70 -38.27 -51.92 -13.93
CA LEU JA 70 -36.84 -51.66 -13.92
C LEU JA 70 -36.52 -50.68 -15.04
N HIS JA 71 -35.74 -49.66 -14.71
CA HIS JA 71 -35.58 -48.51 -15.61
C HIS JA 71 -34.10 -48.11 -15.63
N TYR JA 72 -33.35 -48.70 -16.56
CA TYR JA 72 -31.94 -48.38 -16.74
C TYR JA 72 -31.76 -47.36 -17.85
N CYS JA 73 -30.56 -46.80 -17.92
CA CYS JA 73 -30.14 -46.00 -19.05
C CYS JA 73 -29.16 -46.80 -19.89
N VAL JA 74 -28.89 -46.30 -21.10
CA VAL JA 74 -28.00 -47.00 -22.01
C VAL JA 74 -26.53 -46.83 -21.66
N SER JA 75 -26.21 -45.92 -20.74
CA SER JA 75 -24.84 -45.83 -20.25
C SER JA 75 -24.53 -46.89 -19.22
N CYS JA 76 -25.50 -47.26 -18.39
CA CYS JA 76 -25.28 -48.26 -17.35
C CYS JA 76 -25.71 -49.66 -17.76
N ALA JA 77 -26.59 -49.80 -18.75
CA ALA JA 77 -27.09 -51.12 -19.12
C ALA JA 77 -26.03 -51.95 -19.84
N ILE JA 78 -25.21 -51.29 -20.66
CA ILE JA 78 -24.12 -51.99 -21.34
C ILE JA 78 -23.07 -52.44 -20.33
N HIS JA 79 -22.83 -51.62 -19.30
CA HIS JA 79 -21.95 -52.03 -18.21
C HIS JA 79 -22.58 -53.12 -17.35
N SER JA 80 -23.91 -53.15 -17.27
CA SER JA 80 -24.62 -54.08 -16.41
C SER JA 80 -25.28 -55.22 -17.19
N LYS JA 81 -24.77 -55.53 -18.39
CA LYS JA 81 -25.01 -56.81 -19.08
C LYS JA 81 -26.48 -56.97 -19.48
N VAL JA 82 -26.98 -56.00 -20.26
CA VAL JA 82 -28.35 -56.09 -20.75
C VAL JA 82 -28.38 -55.92 -22.27
N VAL JA 83 -27.80 -54.83 -22.77
CA VAL JA 83 -28.03 -54.34 -24.13
C VAL JA 83 -26.72 -54.40 -24.90
N ARG JA 84 -26.01 -55.54 -24.81
CA ARG JA 84 -24.70 -55.76 -25.43
C ARG JA 84 -24.68 -55.42 -26.92
N ASN JA 85 -23.49 -55.09 -27.41
CA ASN JA 85 -23.33 -54.57 -28.77
C ASN JA 85 -23.53 -55.65 -29.81
N ARG JA 86 -24.04 -55.25 -30.98
CA ARG JA 86 -24.33 -56.20 -32.05
C ARG JA 86 -23.71 -55.76 -33.38
N SER JA 87 -24.07 -56.47 -34.44
CA SER JA 87 -23.55 -56.21 -35.78
C SER JA 87 -24.47 -55.23 -36.52
N ARG JA 88 -23.98 -54.75 -37.67
CA ARG JA 88 -24.76 -53.82 -38.49
C ARG JA 88 -25.97 -54.50 -39.09
N GLU JA 89 -25.85 -55.76 -39.50
CA GLU JA 89 -27.01 -56.53 -39.91
C GLU JA 89 -27.82 -57.03 -38.72
N ALA JA 90 -27.24 -57.02 -37.52
CA ALA JA 90 -27.93 -57.49 -36.33
C ALA JA 90 -28.69 -56.39 -35.60
N ARG JA 91 -28.51 -55.12 -35.99
CA ARG JA 91 -29.28 -54.05 -35.37
C ARG JA 91 -30.72 -53.94 -35.88
N LYS JA 92 -31.14 -54.80 -36.80
CA LYS JA 92 -32.50 -54.79 -37.34
C LYS JA 92 -33.37 -55.88 -36.71
N ASP JA 93 -33.16 -56.19 -35.45
CA ASP JA 93 -33.75 -57.37 -34.83
C ASP JA 93 -34.84 -56.94 -33.83
N ARG JA 94 -35.50 -57.93 -33.23
CA ARG JA 94 -36.60 -57.77 -32.30
C ARG JA 94 -36.20 -58.34 -30.94
N THR JA 95 -37.19 -58.49 -30.06
CA THR JA 95 -36.97 -58.94 -28.69
C THR JA 95 -36.44 -60.37 -28.67
N PRO JA 96 -35.45 -60.67 -27.82
CA PRO JA 96 -34.86 -62.01 -27.82
C PRO JA 96 -35.75 -63.00 -27.09
N PRO JA 97 -35.67 -64.30 -27.44
CA PRO JA 97 -36.46 -65.32 -26.72
C PRO JA 97 -35.93 -65.62 -25.33
N ALA KA 1 -49.75 -51.68 -67.89
CA ALA KA 1 -50.72 -51.39 -68.94
C ALA KA 1 -52.15 -51.60 -68.44
N LYS KA 2 -52.67 -50.61 -67.72
CA LYS KA 2 -54.02 -50.65 -67.18
C LYS KA 2 -54.97 -49.89 -68.11
N ASP KA 3 -56.18 -50.43 -68.28
CA ASP KA 3 -57.19 -49.82 -69.13
C ASP KA 3 -57.80 -48.64 -68.38
N LEU KA 4 -57.16 -47.48 -68.50
CA LEU KA 4 -57.67 -46.26 -67.86
C LEU KA 4 -58.88 -45.70 -68.61
N LEU KA 5 -58.99 -45.96 -69.91
CA LEU KA 5 -60.10 -45.42 -70.69
C LEU KA 5 -61.40 -46.16 -70.39
N HIS KA 6 -61.34 -47.47 -70.23
CA HIS KA 6 -62.51 -48.28 -69.91
C HIS KA 6 -62.19 -49.12 -68.68
N PRO KA 7 -62.31 -48.53 -67.48
CA PRO KA 7 -61.99 -49.26 -66.26
C PRO KA 7 -63.17 -50.12 -65.82
N SER KA 8 -63.00 -50.77 -64.68
CA SER KA 8 -64.10 -51.57 -64.16
C SER KA 8 -65.02 -50.70 -63.30
N PRO KA 9 -66.34 -50.97 -63.35
CA PRO KA 9 -67.26 -50.22 -62.48
C PRO KA 9 -67.06 -50.50 -61.01
N GLU KA 10 -66.62 -51.71 -60.65
CA GLU KA 10 -66.29 -52.00 -59.26
C GLU KA 10 -65.06 -51.21 -58.82
N GLU KA 11 -64.09 -51.06 -59.71
CA GLU KA 11 -62.92 -50.23 -59.42
C GLU KA 11 -63.30 -48.76 -59.29
N GLU KA 12 -64.18 -48.28 -60.16
CA GLU KA 12 -64.63 -46.89 -60.07
C GLU KA 12 -65.51 -46.64 -58.84
N LYS KA 13 -66.19 -47.66 -58.34
CA LYS KA 13 -66.92 -47.52 -57.09
C LYS KA 13 -65.97 -47.55 -55.89
N ARG KA 14 -64.95 -48.41 -55.93
CA ARG KA 14 -64.02 -48.49 -54.82
C ARG KA 14 -63.04 -47.34 -54.76
N LYS KA 15 -62.85 -46.61 -55.87
CA LYS KA 15 -61.98 -45.44 -55.83
C LYS KA 15 -62.64 -44.29 -55.06
N HIS KA 16 -61.84 -43.26 -54.79
CA HIS KA 16 -62.29 -42.08 -54.10
C HIS KA 16 -63.23 -41.27 -55.01
N LYS KA 17 -64.05 -40.43 -54.35
CA LYS KA 17 -65.09 -39.66 -55.03
C LYS KA 17 -64.53 -38.71 -56.08
N LYS KA 18 -63.50 -37.94 -55.73
CA LYS KA 18 -62.96 -36.95 -56.65
C LYS KA 18 -61.73 -37.43 -57.39
N LYS KA 19 -61.03 -38.45 -56.87
CA LYS KA 19 -59.86 -38.99 -57.54
C LYS KA 19 -60.20 -39.71 -58.83
N ARG KA 20 -61.43 -40.17 -59.00
CA ARG KA 20 -61.79 -40.91 -60.21
C ARG KA 20 -62.14 -39.95 -61.35
N LEU KA 21 -62.65 -40.50 -62.45
CA LEU KA 21 -62.76 -39.74 -63.70
C LEU KA 21 -63.98 -38.83 -63.70
N VAL KA 22 -65.17 -39.41 -63.57
CA VAL KA 22 -66.39 -38.63 -63.75
C VAL KA 22 -66.71 -37.78 -62.53
N GLN KA 23 -66.13 -38.11 -61.36
CA GLN KA 23 -66.36 -37.44 -60.07
C GLN KA 23 -67.85 -37.41 -59.72
N SER KA 24 -68.48 -38.58 -59.79
CA SER KA 24 -69.89 -38.69 -59.47
C SER KA 24 -70.09 -38.62 -57.96
N PRO KA 25 -71.16 -37.98 -57.49
CA PRO KA 25 -71.39 -37.89 -56.04
C PRO KA 25 -71.93 -39.20 -55.47
N ASN KA 26 -71.45 -39.53 -54.27
CA ASN KA 26 -71.92 -40.69 -53.54
C ASN KA 26 -73.28 -40.48 -52.91
N SER KA 27 -73.76 -39.24 -52.85
CA SER KA 27 -75.05 -38.94 -52.24
C SER KA 27 -76.19 -39.31 -53.18
N TYR KA 28 -77.40 -39.25 -52.63
CA TYR KA 28 -78.62 -39.55 -53.38
C TYR KA 28 -79.77 -38.81 -52.73
N PHE KA 29 -80.96 -39.00 -53.27
CA PHE KA 29 -82.19 -38.42 -52.73
C PHE KA 29 -83.18 -39.55 -52.47
N MET KA 30 -83.61 -39.68 -51.22
CA MET KA 30 -84.44 -40.79 -50.80
C MET KA 30 -85.82 -40.29 -50.39
N ASP KA 31 -86.83 -41.13 -50.64
CA ASP KA 31 -88.23 -40.78 -50.43
C ASP KA 31 -88.72 -41.51 -49.19
N VAL KA 32 -88.78 -40.81 -48.07
CA VAL KA 32 -89.21 -41.41 -46.81
C VAL KA 32 -90.73 -41.35 -46.74
N LYS KA 33 -91.36 -42.51 -46.57
CA LYS KA 33 -92.80 -42.60 -46.40
C LYS KA 33 -93.12 -42.42 -44.92
N CYS KA 34 -93.63 -41.25 -44.56
CA CYS KA 34 -93.94 -40.99 -43.16
C CYS KA 34 -95.21 -41.74 -42.76
N PRO KA 35 -95.21 -42.42 -41.61
CA PRO KA 35 -96.37 -43.23 -41.22
C PRO KA 35 -97.55 -42.44 -40.66
N GLY KA 36 -97.59 -41.13 -40.81
CA GLY KA 36 -98.67 -40.36 -40.22
C GLY KA 36 -100.01 -40.57 -40.90
N CYS KA 37 -100.21 -40.03 -42.10
CA CYS KA 37 -101.36 -40.41 -42.92
C CYS KA 37 -100.96 -40.97 -44.27
N TYR KA 38 -100.32 -40.16 -45.12
CA TYR KA 38 -99.98 -40.58 -46.47
C TYR KA 38 -98.64 -40.09 -46.98
N LYS KA 39 -97.98 -39.15 -46.31
CA LYS KA 39 -97.00 -38.27 -46.96
C LYS KA 39 -95.71 -39.00 -47.29
N ILE KA 40 -95.16 -38.68 -48.47
CA ILE KA 40 -93.87 -39.18 -48.93
C ILE KA 40 -92.98 -37.97 -49.14
N THR KA 41 -91.92 -37.86 -48.33
CA THR KA 41 -91.08 -36.68 -48.30
C THR KA 41 -89.74 -36.99 -48.96
N THR KA 42 -89.37 -36.15 -49.93
CA THR KA 42 -88.04 -36.23 -50.51
C THR KA 42 -87.02 -35.63 -49.55
N VAL KA 43 -85.88 -36.31 -49.39
CA VAL KA 43 -84.87 -35.82 -48.46
C VAL KA 43 -83.49 -36.24 -48.97
N PHE KA 44 -82.53 -35.31 -48.85
CA PHE KA 44 -81.14 -35.56 -49.19
C PHE KA 44 -80.55 -36.63 -48.27
N SER KA 45 -79.61 -37.40 -48.81
CA SER KA 45 -79.09 -38.57 -48.08
C SER KA 45 -78.19 -38.14 -46.92
N HIS KA 46 -77.23 -37.26 -47.18
CA HIS KA 46 -76.34 -36.77 -46.15
C HIS KA 46 -76.93 -35.49 -45.55
N ALA KA 47 -78.07 -35.66 -44.89
CA ALA KA 47 -78.82 -34.54 -44.34
C ALA KA 47 -78.09 -33.96 -43.14
N GLN KA 48 -77.81 -32.65 -43.20
CA GLN KA 48 -77.05 -31.99 -42.15
C GLN KA 48 -77.94 -31.43 -41.05
N THR KA 49 -79.20 -31.15 -41.34
CA THR KA 49 -80.13 -30.59 -40.37
C THR KA 49 -81.27 -31.57 -40.12
N VAL KA 50 -82.11 -31.24 -39.14
CA VAL KA 50 -83.28 -32.06 -38.86
C VAL KA 50 -84.33 -31.85 -39.95
N VAL KA 51 -85.21 -32.84 -40.09
CA VAL KA 51 -86.29 -32.80 -41.06
C VAL KA 51 -87.59 -32.96 -40.31
N LEU KA 52 -88.42 -31.92 -40.33
CA LEU KA 52 -89.72 -31.92 -39.67
C LEU KA 52 -90.82 -32.05 -40.71
N CYS KA 53 -91.74 -32.97 -40.48
CA CYS KA 53 -92.89 -33.12 -41.36
C CYS KA 53 -93.86 -31.96 -41.17
N VAL KA 54 -94.42 -31.48 -42.27
CA VAL KA 54 -95.37 -30.37 -42.20
C VAL KA 54 -96.76 -30.82 -41.78
N GLY KA 55 -97.02 -32.12 -41.75
CA GLY KA 55 -98.33 -32.63 -41.38
C GLY KA 55 -98.43 -33.11 -39.94
N CYS KA 56 -97.45 -33.89 -39.50
CA CYS KA 56 -97.50 -34.51 -38.17
C CYS KA 56 -96.46 -33.96 -37.21
N SER KA 57 -95.51 -33.15 -37.68
CA SER KA 57 -94.46 -32.49 -36.88
C SER KA 57 -93.61 -33.50 -36.10
N THR KA 58 -93.12 -34.51 -36.82
CA THR KA 58 -92.21 -35.49 -36.27
C THR KA 58 -90.87 -35.41 -36.98
N VAL KA 59 -89.82 -35.85 -36.29
CA VAL KA 59 -88.47 -35.78 -36.83
C VAL KA 59 -88.24 -36.97 -37.74
N LEU KA 60 -87.84 -36.72 -38.97
CA LEU KA 60 -87.63 -37.78 -39.97
C LEU KA 60 -86.20 -38.30 -39.92
N CYS KA 61 -85.23 -37.41 -40.07
CA CYS KA 61 -83.82 -37.77 -40.13
C CYS KA 61 -83.08 -37.12 -38.97
N GLN KA 62 -82.24 -37.89 -38.29
CA GLN KA 62 -81.41 -37.29 -37.26
C GLN KA 62 -80.13 -36.74 -37.88
N PRO KA 63 -79.62 -35.60 -37.40
CA PRO KA 63 -78.34 -35.08 -37.91
C PRO KA 63 -77.19 -35.96 -37.45
N THR KA 64 -76.43 -36.49 -38.42
CA THR KA 64 -75.36 -37.42 -38.14
C THR KA 64 -74.25 -37.17 -39.14
N GLY KA 65 -73.01 -37.13 -38.66
CA GLY KA 65 -71.85 -37.04 -39.52
C GLY KA 65 -71.72 -38.26 -40.40
N GLY KA 66 -71.60 -38.04 -41.71
CA GLY KA 66 -71.72 -39.11 -42.66
C GLY KA 66 -73.02 -39.03 -43.41
N LYS KA 67 -73.97 -39.91 -43.10
CA LYS KA 67 -75.32 -39.82 -43.62
C LYS KA 67 -76.30 -39.87 -42.46
N ALA KA 68 -77.49 -39.32 -42.69
CA ALA KA 68 -78.47 -39.14 -41.63
C ALA KA 68 -79.11 -40.48 -41.26
N ARG KA 69 -79.02 -40.85 -39.99
CA ARG KA 69 -79.74 -42.02 -39.52
C ARG KA 69 -81.22 -41.69 -39.41
N LEU KA 70 -82.04 -42.74 -39.42
CA LEU KA 70 -83.48 -42.59 -39.57
C LEU KA 70 -84.19 -42.93 -38.27
N THR KA 71 -85.51 -42.92 -38.36
CA THR KA 71 -86.44 -43.34 -37.32
C THR KA 71 -86.68 -44.84 -37.55
N GLU KA 72 -87.80 -45.38 -37.03
CA GLU KA 72 -88.30 -46.70 -37.45
C GLU KA 72 -88.28 -46.85 -38.96
N GLY KA 73 -87.92 -48.04 -39.43
CA GLY KA 73 -87.40 -48.25 -40.76
C GLY KA 73 -88.37 -48.09 -41.92
N CYS KA 74 -88.76 -46.85 -42.19
CA CYS KA 74 -89.58 -46.52 -43.34
C CYS KA 74 -88.80 -46.76 -44.63
N SER KA 75 -89.52 -47.13 -45.69
CA SER KA 75 -88.89 -47.48 -46.95
C SER KA 75 -88.46 -46.22 -47.70
N PHE KA 76 -87.56 -46.42 -48.67
CA PHE KA 76 -87.06 -45.34 -49.51
C PHE KA 76 -86.59 -45.93 -50.83
N ARG KA 77 -86.48 -45.07 -51.84
CA ARG KA 77 -86.08 -45.48 -53.17
C ARG KA 77 -84.87 -44.70 -53.62
N ARG KA 78 -84.17 -45.25 -54.61
CA ARG KA 78 -82.98 -44.63 -55.21
C ARG KA 78 -83.38 -44.11 -56.58
N LYS KA 79 -83.53 -42.79 -56.70
CA LYS KA 79 -83.89 -42.16 -57.96
C LYS KA 79 -82.68 -41.38 -58.48
N GLN KA 80 -82.15 -41.82 -59.62
CA GLN KA 80 -81.04 -41.15 -60.26
C GLN KA 80 -81.34 -40.87 -61.73
N HIS LA 1 21.39 -15.02 -34.60
CA HIS LA 1 22.54 -15.83 -34.19
C HIS LA 1 23.09 -16.61 -35.38
N GLY LA 2 22.28 -16.76 -36.42
CA GLY LA 2 22.71 -17.48 -37.61
C GLY LA 2 23.77 -16.69 -38.36
N SER LA 3 24.94 -17.30 -38.51
CA SER LA 3 26.08 -16.60 -39.08
C SER LA 3 25.92 -16.44 -40.59
N LEU LA 4 26.46 -15.34 -41.12
CA LEU LA 4 26.38 -15.02 -42.53
C LEU LA 4 27.72 -15.23 -43.23
N ALA LA 5 28.67 -15.89 -42.58
CA ALA LA 5 30.01 -16.05 -43.15
C ALA LA 5 30.05 -17.10 -44.25
N ARG LA 6 29.14 -18.08 -44.22
CA ARG LA 6 29.12 -19.14 -45.22
C ARG LA 6 28.27 -18.69 -46.40
N ALA LA 7 28.82 -17.77 -47.18
CA ALA LA 7 28.15 -17.25 -48.36
C ALA LA 7 28.96 -17.65 -49.59
N GLY LA 8 28.34 -18.41 -50.49
CA GLY LA 8 29.04 -18.89 -51.66
C GLY LA 8 30.07 -19.96 -51.36
N LYS LA 9 29.77 -20.84 -50.40
CA LYS LA 9 30.72 -21.87 -49.99
C LYS LA 9 30.97 -22.88 -51.10
N VAL LA 10 29.88 -23.40 -51.70
CA VAL LA 10 30.04 -24.39 -52.76
C VAL LA 10 30.51 -23.74 -54.05
N ARG LA 11 30.09 -22.48 -54.29
CA ARG LA 11 30.57 -21.75 -55.46
C ARG LA 11 32.06 -21.44 -55.36
N GLY LA 12 32.58 -21.31 -54.13
CA GLY LA 12 34.01 -21.15 -53.94
C GLY LA 12 34.79 -22.45 -53.98
N GLN LA 13 34.24 -23.50 -53.36
CA GLN LA 13 34.91 -24.79 -53.26
C GLN LA 13 34.71 -25.67 -54.48
N THR LA 14 33.92 -25.24 -55.46
CA THR LA 14 33.74 -26.03 -56.66
C THR LA 14 35.01 -25.95 -57.51
N PRO LA 15 35.60 -27.08 -57.90
CA PRO LA 15 36.79 -27.04 -58.76
C PRO LA 15 36.42 -26.59 -60.17
N LYS LA 16 37.16 -25.62 -60.68
CA LYS LA 16 36.87 -25.07 -61.99
C LYS LA 16 37.28 -26.06 -63.08
N VAL LA 17 36.48 -26.11 -64.14
CA VAL LA 17 36.70 -27.01 -65.27
C VAL LA 17 36.71 -26.16 -66.53
N ALA LA 18 37.79 -26.27 -67.31
CA ALA LA 18 37.88 -25.56 -68.57
C ALA LA 18 36.91 -26.17 -69.58
N LYS LA 19 36.06 -25.33 -70.17
CA LYS LA 19 35.12 -25.79 -71.17
C LYS LA 19 35.87 -26.13 -72.46
N GLN LA 20 35.78 -27.39 -72.88
CA GLN LA 20 36.52 -27.84 -74.05
C GLN LA 20 35.88 -27.28 -75.32
N GLU LA 21 36.70 -27.22 -76.38
CA GLU LA 21 36.28 -26.60 -77.63
C GLU LA 21 35.28 -27.45 -78.38
N LYS LA 22 34.00 -27.21 -78.16
CA LYS LA 22 32.95 -27.88 -78.89
C LYS LA 22 32.74 -27.18 -80.24
N LYS LA 23 32.55 -27.98 -81.29
CA LYS LA 23 32.28 -27.44 -82.61
C LYS LA 23 30.93 -26.73 -82.65
N LYS LA 24 30.75 -25.92 -83.69
CA LYS LA 24 29.55 -25.09 -83.82
C LYS LA 24 28.32 -25.95 -84.08
N LYS LA 25 27.18 -25.45 -83.64
CA LYS LA 25 25.92 -26.14 -83.84
C LYS LA 25 25.33 -25.76 -85.19
N LYS LA 26 24.17 -26.33 -85.48
CA LYS LA 26 23.49 -26.11 -86.74
C LYS LA 26 22.44 -25.01 -86.56
N THR LA 27 21.84 -24.59 -87.68
CA THR LA 27 20.91 -23.46 -87.67
C THR LA 27 19.53 -23.94 -87.20
N GLY LA 28 18.51 -23.11 -87.40
CA GLY LA 28 17.16 -23.48 -87.04
C GLY LA 28 16.60 -24.62 -87.87
N ARG LA 29 16.49 -24.40 -89.18
CA ARG LA 29 15.99 -25.45 -90.06
C ARG LA 29 16.95 -26.61 -90.17
N ALA LA 30 18.26 -26.36 -90.05
CA ALA LA 30 19.22 -27.45 -90.06
C ALA LA 30 19.14 -28.29 -88.80
N LYS LA 31 18.85 -27.65 -87.66
CA LYS LA 31 18.67 -28.40 -86.42
C LYS LA 31 17.39 -29.21 -86.46
N ARG LA 32 16.32 -28.65 -87.04
CA ARG LA 32 15.10 -29.43 -87.22
C ARG LA 32 15.29 -30.58 -88.21
N ARG LA 33 16.13 -30.38 -89.23
CA ARG LA 33 16.47 -31.46 -90.15
C ARG LA 33 17.27 -32.56 -89.46
N MET LA 34 18.19 -32.17 -88.57
CA MET LA 34 18.94 -33.14 -87.78
C MET LA 34 18.02 -33.90 -86.82
N GLN LA 35 17.05 -33.21 -86.22
CA GLN LA 35 16.09 -33.87 -85.35
C GLN LA 35 15.22 -34.87 -86.12
N TYR LA 36 14.79 -34.49 -87.34
CA TYR LA 36 13.99 -35.41 -88.14
C TYR LA 36 14.81 -36.58 -88.65
N ASN LA 37 16.10 -36.38 -88.93
CA ASN LA 37 16.95 -37.47 -89.37
C ASN LA 37 17.41 -38.36 -88.21
N ARG LA 38 17.37 -37.85 -86.98
CA ARG LA 38 17.87 -38.59 -85.82
C ARG LA 38 16.77 -39.32 -85.06
N ARG LA 39 15.62 -38.69 -84.85
CA ARG LA 39 14.68 -39.14 -83.82
C ARG LA 39 13.32 -39.47 -84.44
N PHE LA 40 13.31 -39.94 -85.68
CA PHE LA 40 12.07 -40.21 -86.40
C PHE LA 40 12.30 -41.40 -87.34
N VAL LA 41 11.46 -41.51 -88.37
CA VAL LA 41 11.32 -42.68 -89.23
C VAL LA 41 12.57 -43.00 -90.05
N ASN LA 42 13.60 -42.15 -89.99
CA ASN LA 42 14.88 -42.43 -90.63
C ASN LA 42 15.53 -43.69 -90.06
N VAL LA 43 15.83 -43.67 -88.77
CA VAL LA 43 16.51 -44.78 -88.10
C VAL LA 43 15.65 -45.20 -86.91
N VAL LA 44 15.06 -46.39 -86.99
CA VAL LA 44 14.39 -47.00 -85.85
C VAL LA 44 14.55 -48.53 -85.94
N PRO LA 45 15.61 -49.10 -85.36
CA PRO LA 45 15.82 -50.55 -85.47
C PRO LA 45 15.08 -51.35 -84.41
N THR LA 46 14.87 -50.77 -83.24
CA THR LA 46 14.50 -51.54 -82.06
C THR LA 46 12.99 -51.62 -81.90
N PHE LA 47 12.57 -52.26 -80.79
CA PHE LA 47 11.17 -52.43 -80.48
C PHE LA 47 10.63 -51.19 -79.77
N GLY LA 48 9.35 -50.92 -79.99
CA GLY LA 48 8.72 -49.73 -79.44
C GLY LA 48 8.30 -49.82 -77.99
N LYS LA 49 9.23 -50.18 -77.12
CA LYS LA 49 9.00 -50.19 -75.67
C LYS LA 49 9.88 -49.19 -74.95
N LYS LA 50 11.19 -49.26 -75.15
CA LYS LA 50 12.14 -48.37 -74.53
C LYS LA 50 12.52 -47.24 -75.48
N LYS LA 51 12.94 -46.12 -74.91
CA LYS LA 51 13.38 -44.97 -75.68
C LYS LA 51 14.78 -44.58 -75.25
N GLY LA 52 15.60 -44.18 -76.22
CA GLY LA 52 16.97 -43.82 -75.95
C GLY LA 52 17.48 -42.44 -76.35
N PRO LA 53 16.75 -41.34 -76.06
CA PRO LA 53 17.25 -40.03 -76.51
C PRO LA 53 18.47 -39.56 -75.73
N ASN LA 54 18.69 -40.08 -74.52
CA ASN LA 54 19.88 -39.80 -73.73
C ASN LA 54 20.02 -40.94 -72.72
N ALA LA 55 21.26 -41.34 -72.47
CA ALA LA 55 21.52 -42.45 -71.56
C ALA LA 55 22.86 -42.29 -70.87
N GLY OA 1 -25.66 9.92 32.02
CA GLY OA 1 -25.65 10.93 30.98
C GLY OA 1 -27.03 11.45 30.63
N ARG OA 2 -27.17 11.91 29.39
CA ARG OA 2 -28.42 12.50 28.95
C ARG OA 2 -29.44 11.40 28.61
N VAL OA 3 -30.71 11.72 28.82
CA VAL OA 3 -31.81 10.82 28.46
C VAL OA 3 -31.84 10.66 26.94
N ILE OA 4 -31.87 9.40 26.49
CA ILE OA 4 -31.79 9.07 25.07
C ILE OA 4 -33.13 9.37 24.39
N ARG OA 5 -33.14 9.30 23.06
CA ARG OA 5 -34.36 9.53 22.29
C ARG OA 5 -35.41 8.45 22.55
N GLY OA 6 -34.99 7.22 22.84
CA GLY OA 6 -35.94 6.15 23.05
C GLY OA 6 -36.72 6.27 24.35
N GLN OA 7 -36.16 6.96 25.33
CA GLN OA 7 -36.84 7.12 26.62
C GLN OA 7 -37.82 8.28 26.62
N ARG OA 8 -37.80 9.15 25.62
CA ARG OA 8 -38.72 10.28 25.60
C ARG OA 8 -40.11 9.93 25.10
N LYS OA 9 -40.29 8.71 24.58
CA LYS OA 9 -41.60 8.31 24.07
C LYS OA 9 -42.62 8.09 25.17
N GLY OA 10 -42.17 7.81 26.39
CA GLY OA 10 -43.09 7.58 27.50
C GLY OA 10 -43.58 8.83 28.18
N ALA OA 11 -42.93 9.97 27.93
CA ALA OA 11 -43.38 11.22 28.52
C ALA OA 11 -44.69 11.70 27.90
N GLY OA 12 -44.87 11.46 26.61
CA GLY OA 12 -46.08 11.90 25.94
C GLY OA 12 -46.18 13.40 25.78
N SER OA 13 -45.04 14.09 25.69
CA SER OA 13 -45.06 15.54 25.57
C SER OA 13 -45.28 15.98 24.13
N VAL OA 14 -44.35 15.62 23.24
CA VAL OA 14 -44.43 15.96 21.83
C VAL OA 14 -44.51 14.71 20.96
N PHE OA 15 -44.62 13.53 21.57
CA PHE OA 15 -44.64 12.28 20.84
C PHE OA 15 -46.04 11.65 20.83
N ARG OA 16 -47.07 12.43 21.08
CA ARG OA 16 -48.44 11.94 21.03
C ARG OA 16 -48.89 11.79 19.59
N ALA OA 17 -49.98 11.05 19.41
CA ALA OA 17 -50.55 10.85 18.09
C ALA OA 17 -51.34 12.08 17.67
N HIS OA 18 -51.20 12.47 16.40
CA HIS OA 18 -51.92 13.61 15.85
C HIS OA 18 -53.34 13.14 15.63
N VAL OA 19 -54.20 13.37 16.62
CA VAL OA 19 -55.43 12.62 16.77
C VAL OA 19 -56.67 13.47 16.53
N LYS OA 20 -56.52 14.76 16.25
CA LYS OA 20 -57.69 15.63 16.11
C LYS OA 20 -58.43 15.37 14.80
N HIS OA 21 -57.70 15.35 13.67
CA HIS OA 21 -58.35 15.24 12.37
C HIS OA 21 -58.87 13.84 12.07
N ARG OA 22 -58.55 12.84 12.88
CA ARG OA 22 -59.12 11.51 12.70
C ARG OA 22 -60.62 11.54 12.97
N LYS OA 23 -61.36 10.84 12.12
CA LYS OA 23 -62.82 10.92 12.15
C LYS OA 23 -63.43 10.07 13.25
N GLY OA 24 -62.66 9.17 13.85
CA GLY OA 24 -63.15 8.37 14.95
C GLY OA 24 -62.50 7.01 14.97
N ALA OA 25 -62.75 6.28 16.05
CA ALA OA 25 -62.20 4.94 16.20
C ALA OA 25 -62.99 3.96 15.37
N ALA OA 26 -62.26 3.06 14.70
CA ALA OA 26 -62.88 2.07 13.82
C ALA OA 26 -63.17 0.81 14.62
N ARG OA 27 -64.39 0.70 15.13
CA ARG OA 27 -64.82 -0.45 15.90
C ARG OA 27 -66.09 -1.04 15.31
N LEU OA 28 -66.47 -2.20 15.83
CA LEU OA 28 -67.70 -2.88 15.43
C LEU OA 28 -68.81 -2.60 16.45
N ARG OA 29 -70.01 -3.06 16.14
CA ARG OA 29 -71.08 -3.05 17.13
C ARG OA 29 -70.77 -4.07 18.22
N ALA OA 30 -70.90 -3.64 19.48
CA ALA OA 30 -70.76 -4.56 20.60
C ALA OA 30 -71.88 -5.58 20.59
N VAL OA 31 -71.60 -6.77 21.13
CA VAL OA 31 -72.47 -7.92 20.93
C VAL OA 31 -73.75 -7.76 21.75
N ASP OA 32 -74.88 -8.00 21.10
CA ASP OA 32 -76.19 -7.86 21.73
C ASP OA 32 -77.08 -9.01 21.24
N PHE OA 33 -78.38 -8.89 21.50
CA PHE OA 33 -79.33 -9.96 21.18
C PHE OA 33 -79.45 -10.17 19.68
N ALA OA 34 -79.51 -9.08 18.91
CA ALA OA 34 -79.67 -9.17 17.47
C ALA OA 34 -78.42 -9.71 16.79
N GLU OA 35 -77.26 -9.60 17.42
CA GLU OA 35 -76.03 -10.15 16.87
C GLU OA 35 -75.63 -11.48 17.50
N ARG OA 36 -76.36 -11.96 18.51
CA ARG OA 36 -76.09 -13.30 19.01
C ARG OA 36 -77.16 -14.32 18.63
N HIS OA 37 -78.38 -13.89 18.33
CA HIS OA 37 -79.46 -14.84 18.00
C HIS OA 37 -80.10 -14.54 16.65
N GLY OA 38 -79.44 -13.78 15.78
CA GLY OA 38 -80.01 -13.48 14.49
C GLY OA 38 -79.13 -12.58 13.64
N TYR OA 39 -79.74 -11.61 12.96
CA TYR OA 39 -78.99 -10.62 12.19
C TYR OA 39 -79.82 -9.34 12.11
N ILE OA 40 -79.18 -8.28 11.62
CA ILE OA 40 -79.88 -7.00 11.42
C ILE OA 40 -79.26 -6.30 10.22
N LYS OA 41 -80.12 -5.66 9.42
CA LYS OA 41 -79.71 -4.99 8.21
C LYS OA 41 -79.08 -3.64 8.54
N GLY OA 42 -77.94 -3.37 7.91
CA GLY OA 42 -77.29 -2.08 8.05
C GLY OA 42 -76.82 -1.57 6.71
N ILE OA 43 -76.84 -0.24 6.57
CA ILE OA 43 -76.63 0.41 5.29
C ILE OA 43 -75.37 1.26 5.39
N VAL OA 44 -74.43 1.03 4.48
CA VAL OA 44 -73.24 1.88 4.41
C VAL OA 44 -73.58 3.15 3.61
N LYS OA 45 -73.51 4.30 4.28
CA LYS OA 45 -73.89 5.54 3.62
C LYS OA 45 -72.75 6.08 2.76
N ASP OA 46 -71.56 6.18 3.33
CA ASP OA 46 -70.38 6.57 2.57
C ASP OA 46 -69.15 5.90 3.17
N ILE OA 47 -68.04 6.04 2.48
CA ILE OA 47 -66.73 5.66 2.99
C ILE OA 47 -65.81 6.87 2.90
N ILE OA 48 -64.98 7.03 3.92
CA ILE OA 48 -64.16 8.22 4.10
C ILE OA 48 -62.72 7.80 4.36
N HIS OA 49 -61.84 8.78 4.39
CA HIS OA 49 -60.41 8.57 4.57
C HIS OA 49 -60.02 9.07 5.95
N ASP OA 50 -59.75 8.15 6.86
CA ASP OA 50 -59.21 8.52 8.16
C ASP OA 50 -57.75 8.89 8.01
N PRO OA 51 -57.33 10.09 8.40
CA PRO OA 51 -55.93 10.47 8.27
C PRO OA 51 -55.05 9.71 9.24
N GLY OA 52 -53.81 9.45 8.81
CA GLY OA 52 -52.95 8.55 9.55
C GLY OA 52 -53.29 7.08 9.35
N ARG OA 53 -54.12 6.77 8.36
CA ARG OA 53 -54.55 5.41 8.07
C ARG OA 53 -54.74 5.28 6.57
N GLY OA 54 -54.20 4.22 6.00
CA GLY OA 54 -54.38 3.98 4.58
C GLY OA 54 -55.62 3.16 4.29
N ALA OA 55 -56.10 2.44 5.30
CA ALA OA 55 -57.34 1.70 5.15
C ALA OA 55 -58.52 2.67 5.20
N PRO OA 56 -59.51 2.49 4.32
CA PRO OA 56 -60.66 3.38 4.34
C PRO OA 56 -61.63 3.06 5.46
N LEU OA 57 -62.23 4.11 6.02
CA LEU OA 57 -63.26 3.98 7.04
C LEU OA 57 -64.61 3.91 6.35
N ALA OA 58 -65.54 3.16 6.92
CA ALA OA 58 -66.87 2.97 6.34
C ALA OA 58 -67.92 3.41 7.34
N LYS OA 59 -68.75 4.38 6.96
CA LYS OA 59 -69.79 4.90 7.85
C LYS OA 59 -71.05 4.08 7.60
N VAL OA 60 -71.27 3.07 8.43
CA VAL OA 60 -72.39 2.16 8.28
C VAL OA 60 -73.43 2.50 9.34
N VAL OA 61 -74.58 2.95 8.90
CA VAL OA 61 -75.68 3.30 9.80
C VAL OA 61 -76.52 2.06 10.04
N PHE OA 62 -77.00 1.93 11.28
CA PHE OA 62 -77.82 0.81 11.75
C PHE OA 62 -79.18 1.32 12.19
N ARG OA 63 -79.96 0.42 12.80
CA ARG OA 63 -81.23 0.76 13.41
C ARG OA 63 -81.29 0.10 14.78
N ASP OA 64 -81.59 0.89 15.80
CA ASP OA 64 -81.64 0.38 17.16
C ASP OA 64 -82.87 -0.51 17.35
N PRO OA 65 -82.72 -1.77 17.75
CA PRO OA 65 -83.90 -2.65 17.90
C PRO OA 65 -84.77 -2.31 19.11
N TYR OA 66 -84.32 -1.43 20.00
CA TYR OA 66 -84.99 -1.18 21.26
C TYR OA 66 -85.69 0.17 21.30
N ARG OA 67 -85.08 1.20 20.70
CA ARG OA 67 -85.63 2.54 20.68
C ARG OA 67 -85.60 3.06 19.25
N PHE OA 68 -86.54 3.95 18.95
CA PHE OA 68 -86.60 4.54 17.62
C PHE OA 68 -85.47 5.55 17.44
N LYS OA 69 -84.34 5.08 16.90
CA LYS OA 69 -83.16 5.91 16.64
C LYS OA 69 -82.21 5.16 15.72
N LYS OA 70 -81.71 5.84 14.69
CA LYS OA 70 -80.73 5.25 13.78
C LYS OA 70 -79.34 5.45 14.36
N ARG OA 71 -78.63 4.34 14.60
CA ARG OA 71 -77.29 4.41 15.16
C ARG OA 71 -76.26 4.37 14.05
N THR OA 72 -75.28 5.26 14.12
CA THR OA 72 -74.24 5.39 13.12
C THR OA 72 -72.92 4.88 13.69
N GLU OA 73 -72.30 3.94 13.00
CA GLU OA 73 -71.04 3.35 13.44
C GLU OA 73 -69.98 3.51 12.36
N LEU OA 74 -68.76 3.11 12.70
CA LEU OA 74 -67.58 3.39 11.88
C LEU OA 74 -66.83 2.07 11.67
N PHE OA 75 -67.06 1.42 10.54
CA PHE OA 75 -66.44 0.13 10.24
C PHE OA 75 -65.20 0.32 9.38
N ILE OA 76 -64.28 -0.64 9.48
CA ILE OA 76 -63.20 -0.74 8.50
C ILE OA 76 -63.79 -1.26 7.20
N ALA OA 77 -63.62 -0.50 6.13
CA ALA OA 77 -64.20 -0.85 4.84
C ALA OA 77 -63.49 -2.06 4.24
N ALA OA 78 -64.22 -3.15 4.07
CA ALA OA 78 -63.69 -4.31 3.38
C ALA OA 78 -63.57 -4.04 1.89
N GLU OA 79 -62.81 -4.89 1.21
CA GLU OA 79 -62.56 -4.69 -0.21
C GLU OA 79 -63.78 -5.05 -1.04
N GLY OA 80 -64.22 -4.12 -1.89
CA GLY OA 80 -65.30 -4.37 -2.81
C GLY OA 80 -66.66 -3.90 -2.36
N ILE OA 81 -66.79 -3.37 -1.15
CA ILE OA 81 -68.06 -2.83 -0.72
C ILE OA 81 -68.31 -1.48 -1.40
N HIS OA 82 -69.58 -1.09 -1.45
CA HIS OA 82 -69.95 0.15 -2.11
C HIS OA 82 -71.12 0.76 -1.37
N THR OA 83 -71.32 2.06 -1.58
CA THR OA 83 -72.40 2.78 -0.90
C THR OA 83 -73.76 2.29 -1.37
N GLY OA 84 -74.62 1.95 -0.41
CA GLY OA 84 -75.91 1.39 -0.70
C GLY OA 84 -76.00 -0.11 -0.50
N GLN OA 85 -74.89 -0.77 -0.23
CA GLN OA 85 -74.91 -2.21 0.00
C GLN OA 85 -75.40 -2.50 1.42
N PHE OA 86 -76.35 -3.43 1.52
CA PHE OA 86 -76.93 -3.78 2.82
C PHE OA 86 -75.93 -4.67 3.56
N VAL OA 87 -75.12 -4.05 4.41
CA VAL OA 87 -74.16 -4.79 5.23
C VAL OA 87 -74.91 -5.44 6.38
N TYR OA 88 -74.87 -6.77 6.44
CA TYR OA 88 -75.54 -7.52 7.47
C TYR OA 88 -74.56 -7.86 8.59
N CYS OA 89 -75.11 -8.09 9.78
CA CYS OA 89 -74.27 -8.40 10.94
C CYS OA 89 -75.06 -9.22 11.94
N GLY OA 90 -74.45 -10.29 12.42
CA GLY OA 90 -75.08 -11.16 13.40
C GLY OA 90 -74.55 -12.57 13.27
N LYS OA 91 -75.21 -13.49 13.98
CA LYS OA 91 -74.76 -14.87 14.02
C LYS OA 91 -75.08 -15.59 12.71
N LYS OA 92 -76.36 -15.64 12.35
CA LYS OA 92 -76.80 -16.40 11.18
C LYS OA 92 -76.84 -15.55 9.91
N ALA OA 93 -75.99 -14.53 9.81
CA ALA OA 93 -75.89 -13.76 8.58
C ALA OA 93 -75.20 -14.57 7.50
N GLN OA 94 -75.67 -14.41 6.26
CA GLN OA 94 -75.15 -15.20 5.15
C GLN OA 94 -73.78 -14.68 4.75
N LEU OA 95 -72.92 -15.61 4.33
CA LEU OA 95 -71.49 -15.33 4.15
C LEU OA 95 -71.28 -14.61 2.82
N ASN OA 96 -71.11 -13.30 2.88
CA ASN OA 96 -70.67 -12.49 1.75
C ASN OA 96 -69.61 -11.50 2.23
N ILE OA 97 -69.02 -10.77 1.30
CA ILE OA 97 -67.97 -9.82 1.64
C ILE OA 97 -68.61 -8.60 2.30
N GLY OA 98 -68.23 -8.35 3.55
CA GLY OA 98 -68.76 -7.25 4.33
C GLY OA 98 -69.60 -7.68 5.51
N ASN OA 99 -70.11 -8.90 5.52
CA ASN OA 99 -71.02 -9.36 6.56
C ASN OA 99 -70.20 -9.89 7.72
N VAL OA 100 -70.09 -9.10 8.79
CA VAL OA 100 -69.39 -9.55 9.99
C VAL OA 100 -70.24 -10.57 10.73
N LEU OA 101 -69.63 -11.71 11.08
CA LEU OA 101 -70.33 -12.84 11.66
C LEU OA 101 -69.32 -13.67 12.44
N PRO OA 102 -69.75 -14.40 13.47
CA PRO OA 102 -68.78 -15.16 14.29
C PRO OA 102 -68.14 -16.29 13.53
N VAL OA 103 -66.94 -16.67 13.98
CA VAL OA 103 -66.13 -17.64 13.26
C VAL OA 103 -66.67 -19.06 13.36
N GLY OA 104 -67.57 -19.33 14.32
CA GLY OA 104 -68.18 -20.64 14.38
C GLY OA 104 -69.17 -20.91 13.26
N THR OA 105 -69.66 -19.86 12.60
CA THR OA 105 -70.60 -20.04 11.49
C THR OA 105 -69.86 -20.33 10.19
N MET OA 106 -68.75 -19.62 9.96
CA MET OA 106 -68.04 -19.75 8.69
C MET OA 106 -67.28 -21.08 8.63
N PRO OA 107 -67.11 -21.63 7.43
CA PRO OA 107 -66.33 -22.87 7.28
C PRO OA 107 -64.84 -22.57 7.35
N GLU OA 108 -64.05 -23.64 7.28
CA GLU OA 108 -62.61 -23.50 7.36
C GLU OA 108 -62.05 -22.91 6.06
N GLY OA 109 -60.95 -22.19 6.19
CA GLY OA 109 -60.36 -21.51 5.06
C GLY OA 109 -61.04 -20.22 4.66
N THR OA 110 -61.94 -19.70 5.49
CA THR OA 110 -62.67 -18.47 5.17
C THR OA 110 -61.76 -17.28 5.42
N ILE OA 111 -61.44 -16.54 4.36
CA ILE OA 111 -60.55 -15.39 4.46
C ILE OA 111 -61.34 -14.22 5.01
N VAL OA 112 -61.02 -13.83 6.25
CA VAL OA 112 -61.70 -12.74 6.95
C VAL OA 112 -60.65 -11.75 7.45
N CYS OA 113 -61.13 -10.65 8.02
CA CYS OA 113 -60.28 -9.61 8.58
C CYS OA 113 -61.05 -8.91 9.69
N CYS OA 114 -60.33 -8.07 10.43
CA CYS OA 114 -60.85 -7.27 11.55
C CYS OA 114 -61.52 -8.16 12.61
N LEU OA 115 -60.83 -9.24 12.96
CA LEU OA 115 -61.37 -10.19 13.92
C LEU OA 115 -61.09 -9.73 15.35
N GLU OA 116 -61.51 -10.55 16.31
CA GLU OA 116 -61.47 -10.19 17.72
C GLU OA 116 -60.67 -11.23 18.50
N GLU OA 117 -59.90 -10.76 19.49
CA GLU OA 117 -59.16 -11.66 20.35
C GLU OA 117 -60.10 -12.37 21.32
N LYS OA 118 -60.75 -11.61 22.19
CA LYS OA 118 -61.76 -12.04 23.12
C LYS OA 118 -63.11 -11.50 22.67
N PRO OA 119 -64.21 -12.27 22.83
CA PRO OA 119 -65.49 -11.85 22.25
C PRO OA 119 -66.11 -10.64 22.94
N GLY OA 120 -66.09 -9.50 22.26
CA GLY OA 120 -66.73 -8.30 22.75
C GLY OA 120 -65.83 -7.08 22.83
N ASP OA 121 -64.70 -7.09 22.12
CA ASP OA 121 -63.78 -5.95 22.12
C ASP OA 121 -63.78 -5.21 20.79
N ARG OA 122 -64.75 -5.50 19.91
CA ARG OA 122 -65.12 -4.68 18.76
C ARG OA 122 -64.02 -4.59 17.71
N GLY OA 123 -63.23 -5.64 17.55
CA GLY OA 123 -62.29 -5.73 16.44
C GLY OA 123 -60.87 -5.31 16.76
N LYS OA 124 -59.96 -6.27 16.91
CA LYS OA 124 -58.58 -5.96 17.25
C LYS OA 124 -57.59 -6.48 16.23
N LEU OA 125 -57.67 -7.75 15.84
CA LEU OA 125 -56.65 -8.36 15.01
C LEU OA 125 -56.92 -8.08 13.53
N ALA OA 126 -55.83 -7.93 12.76
CA ALA OA 126 -55.84 -7.81 11.30
C ALA OA 126 -56.67 -6.61 10.82
N ARG OA 127 -56.21 -5.41 11.18
CA ARG OA 127 -56.92 -4.18 10.87
C ARG OA 127 -56.20 -3.27 9.90
N ALA OA 128 -54.94 -3.54 9.56
CA ALA OA 128 -54.23 -2.67 8.63
C ALA OA 128 -54.68 -2.96 7.20
N SER OA 129 -54.19 -2.12 6.29
CA SER OA 129 -54.67 -2.15 4.91
C SER OA 129 -54.11 -3.35 4.16
N GLY OA 130 -55.01 -4.13 3.55
CA GLY OA 130 -54.59 -5.25 2.73
C GLY OA 130 -54.15 -6.47 3.49
N ASN OA 131 -54.72 -6.73 4.66
CA ASN OA 131 -54.33 -7.87 5.47
C ASN OA 131 -55.57 -8.69 5.81
N TYR OA 132 -55.33 -9.95 6.16
CA TYR OA 132 -56.42 -10.88 6.40
C TYR OA 132 -55.95 -11.98 7.34
N ALA OA 133 -56.90 -12.83 7.74
CA ALA OA 133 -56.62 -14.00 8.54
C ALA OA 133 -57.26 -15.21 7.90
N THR OA 134 -56.78 -16.39 8.27
CA THR OA 134 -57.27 -17.65 7.73
C THR OA 134 -57.89 -18.48 8.85
N VAL OA 135 -59.17 -18.78 8.73
CA VAL OA 135 -59.91 -19.50 9.77
C VAL OA 135 -59.84 -20.99 9.49
N ILE OA 136 -59.31 -21.76 10.45
CA ILE OA 136 -59.18 -23.20 10.35
C ILE OA 136 -59.45 -23.83 11.72
N SER OA 137 -59.58 -25.17 11.71
CA SER OA 137 -59.51 -26.05 12.89
C SER OA 137 -60.59 -25.72 13.92
N HIS OA 138 -61.84 -25.95 13.51
CA HIS OA 138 -62.94 -25.82 14.44
C HIS OA 138 -62.98 -27.03 15.39
N ASN OA 139 -63.72 -26.87 16.49
CA ASN OA 139 -63.86 -27.92 17.49
C ASN OA 139 -65.30 -28.00 17.97
N PRO OA 140 -65.91 -29.21 17.98
CA PRO OA 140 -67.27 -29.36 18.52
C PRO OA 140 -67.32 -29.11 20.02
N GLU OA 141 -66.51 -29.83 20.78
CA GLU OA 141 -66.34 -29.56 22.20
C GLU OA 141 -65.15 -28.63 22.38
N THR OA 142 -65.19 -27.84 23.46
CA THR OA 142 -64.17 -26.83 23.81
C THR OA 142 -64.03 -25.85 22.65
N LYS OA 143 -65.02 -24.95 22.51
CA LYS OA 143 -65.23 -24.17 21.30
C LYS OA 143 -64.09 -23.21 21.02
N LYS OA 144 -63.13 -23.67 20.21
CA LYS OA 144 -61.96 -22.88 19.84
C LYS OA 144 -61.76 -22.98 18.34
N THR OA 145 -60.96 -22.06 17.81
CA THR OA 145 -60.74 -21.95 16.37
C THR OA 145 -59.35 -21.38 16.13
N ARG OA 146 -58.57 -22.03 15.26
CA ARG OA 146 -57.27 -21.48 14.90
C ARG OA 146 -57.43 -20.43 13.80
N VAL OA 147 -56.68 -19.35 13.92
CA VAL OA 147 -56.60 -18.35 12.88
C VAL OA 147 -55.14 -18.11 12.52
N LYS OA 148 -54.83 -18.14 11.24
CA LYS OA 148 -53.53 -17.75 10.73
C LYS OA 148 -53.52 -16.24 10.54
N LEU OA 149 -52.64 -15.57 11.27
CA LEU OA 149 -52.54 -14.11 11.30
C LEU OA 149 -51.64 -13.64 10.16
N PRO OA 150 -51.60 -12.33 9.87
CA PRO OA 150 -50.64 -11.85 8.86
C PRO OA 150 -49.18 -12.05 9.22
N SER OA 151 -48.83 -12.19 10.50
CA SER OA 151 -47.45 -12.49 10.86
C SER OA 151 -47.08 -13.95 10.64
N GLY OA 152 -48.04 -14.82 10.33
CA GLY OA 152 -47.79 -16.22 10.18
C GLY OA 152 -48.10 -17.05 11.41
N SER OA 153 -48.43 -16.40 12.52
CA SER OA 153 -48.73 -17.11 13.75
C SER OA 153 -50.11 -17.73 13.69
N LYS OA 154 -50.25 -18.93 14.25
CA LYS OA 154 -51.52 -19.64 14.30
C LYS OA 154 -52.06 -19.50 15.72
N LYS OA 155 -52.92 -18.51 15.93
CA LYS OA 155 -53.47 -18.23 17.25
C LYS OA 155 -54.78 -18.98 17.44
N VAL OA 156 -54.90 -19.68 18.57
CA VAL OA 156 -56.16 -20.30 18.97
C VAL OA 156 -57.00 -19.26 19.70
N ILE OA 157 -58.21 -19.02 19.20
CA ILE OA 157 -59.14 -18.05 19.75
C ILE OA 157 -60.46 -18.74 20.04
N SER OA 158 -61.40 -17.98 20.57
CA SER OA 158 -62.72 -18.49 20.87
C SER OA 158 -63.53 -18.64 19.58
N SER OA 159 -64.68 -19.30 19.69
CA SER OA 159 -65.56 -19.53 18.55
C SER OA 159 -66.75 -18.60 18.54
N ALA OA 160 -66.81 -17.63 19.45
CA ALA OA 160 -67.91 -16.68 19.53
C ALA OA 160 -67.56 -15.29 19.05
N ASN OA 161 -66.28 -14.97 18.91
CA ASN OA 161 -65.87 -13.65 18.46
C ASN OA 161 -66.08 -13.49 16.96
N ARG OA 162 -66.25 -12.24 16.53
CA ARG OA 162 -66.72 -11.93 15.20
C ARG OA 162 -65.58 -11.41 14.33
N ALA OA 163 -65.85 -11.36 13.02
CA ALA OA 163 -64.87 -10.95 12.02
C ALA OA 163 -65.61 -10.57 10.75
N VAL OA 164 -65.25 -9.45 10.14
CA VAL OA 164 -65.87 -9.07 8.89
C VAL OA 164 -65.24 -9.88 7.75
N VAL OA 165 -66.08 -10.37 6.86
CA VAL OA 165 -65.65 -11.32 5.85
C VAL OA 165 -65.06 -10.57 4.67
N GLY OA 166 -63.84 -10.93 4.27
CA GLY OA 166 -63.13 -10.32 3.18
C GLY OA 166 -61.76 -9.86 3.64
N VAL OA 167 -61.12 -9.05 2.80
CA VAL OA 167 -59.85 -8.44 3.14
C VAL OA 167 -60.07 -6.95 3.31
N VAL OA 168 -59.12 -6.30 3.98
CA VAL OA 168 -59.20 -4.85 4.18
C VAL OA 168 -58.86 -4.15 2.87
N ALA OA 169 -59.67 -3.17 2.49
CA ALA OA 169 -59.42 -2.41 1.29
C ALA OA 169 -58.18 -1.53 1.45
N GLY OA 170 -57.60 -1.14 0.32
CA GLY OA 170 -56.35 -0.43 0.32
C GLY OA 170 -55.13 -1.31 0.24
N GLY OA 171 -55.24 -2.47 -0.42
CA GLY OA 171 -54.13 -3.39 -0.47
C GLY OA 171 -53.10 -2.98 -1.52
N GLY OA 172 -51.83 -3.13 -1.16
CA GLY OA 172 -50.75 -2.70 -2.00
C GLY OA 172 -50.19 -1.33 -1.71
N ARG OA 173 -50.48 -0.78 -0.54
CA ARG OA 173 -50.11 0.59 -0.19
C ARG OA 173 -48.61 0.78 -0.14
N ILE OA 174 -47.86 -0.28 0.18
CA ILE OA 174 -46.41 -0.18 0.26
C ILE OA 174 -45.77 -0.55 -1.06
N ASP OA 175 -46.59 -0.67 -2.12
CA ASP OA 175 -46.02 -0.91 -3.44
C ASP OA 175 -45.29 0.30 -3.99
N LYS OA 176 -45.78 1.50 -3.70
CA LYS OA 176 -45.09 2.66 -4.25
C LYS OA 176 -43.95 3.08 -3.32
N PRO OA 177 -42.75 3.31 -3.85
CA PRO OA 177 -41.74 4.01 -3.06
C PRO OA 177 -42.18 5.45 -2.78
N ILE OA 178 -41.80 5.94 -1.60
CA ILE OA 178 -42.16 7.29 -1.19
C ILE OA 178 -41.46 8.31 -2.09
N LEU OA 179 -40.25 7.97 -2.57
CA LEU OA 179 -39.54 8.57 -3.70
C LEU OA 179 -38.97 9.94 -3.40
N LYS OA 180 -39.34 10.55 -2.28
CA LYS OA 180 -38.73 11.78 -1.82
C LYS OA 180 -39.03 11.96 -0.34
N ALA OA 181 -38.29 12.86 0.29
CA ALA OA 181 -38.50 13.14 1.71
C ALA OA 181 -39.78 13.91 1.96
N GLY OA 182 -40.34 14.55 0.94
CA GLY OA 182 -41.53 15.37 1.14
C GLY OA 182 -42.76 14.56 1.45
N ARG OA 183 -42.98 13.47 0.70
CA ARG OA 183 -44.15 12.64 0.95
C ARG OA 183 -44.01 11.87 2.26
N ALA OA 184 -42.78 11.56 2.67
CA ALA OA 184 -42.58 10.95 3.98
C ALA OA 184 -42.84 11.96 5.10
N TYR OA 185 -42.47 13.23 4.87
CA TYR OA 185 -42.77 14.29 5.83
C TYR OA 185 -44.27 14.49 6.00
N HIS OA 186 -45.00 14.52 4.88
CA HIS OA 186 -46.45 14.68 4.96
C HIS OA 186 -47.13 13.45 5.57
N LYS OA 187 -46.61 12.25 5.26
CA LYS OA 187 -47.15 11.02 5.84
C LYS OA 187 -46.97 10.98 7.35
N TYR OA 188 -45.78 11.31 7.83
CA TYR OA 188 -45.54 11.26 9.27
C TYR OA 188 -46.16 12.44 10.00
N LYS OA 189 -46.28 13.60 9.35
CA LYS OA 189 -47.04 14.70 9.92
C LYS OA 189 -48.52 14.38 10.02
N ALA OA 190 -49.02 13.54 9.11
CA ALA OA 190 -50.38 13.04 9.25
C ALA OA 190 -50.50 12.03 10.38
N LYS OA 191 -49.51 11.15 10.52
CA LYS OA 191 -49.65 10.08 11.51
C LYS OA 191 -49.34 10.55 12.93
N ARG OA 192 -48.07 10.86 13.21
CA ARG OA 192 -47.57 11.18 14.56
C ARG OA 192 -46.09 11.53 14.45
N ASN OA 193 -45.58 12.18 15.49
CA ASN OA 193 -44.17 12.56 15.54
C ASN OA 193 -43.34 11.33 15.88
N CYS OA 194 -43.16 10.46 14.88
CA CYS OA 194 -42.31 9.29 14.99
C CYS OA 194 -41.04 9.45 14.18
N TRP OA 195 -40.74 10.66 13.72
CA TRP OA 195 -39.66 10.90 12.79
C TRP OA 195 -38.59 11.89 13.26
N PRO OA 196 -37.95 11.73 14.48
CA PRO OA 196 -36.57 12.24 14.61
C PRO OA 196 -35.53 11.14 14.37
N ARG OA 197 -35.61 10.49 13.22
CA ARG OA 197 -34.81 9.31 12.94
C ARG OA 197 -33.37 9.73 12.64
N VAL OA 198 -32.56 9.78 13.68
CA VAL OA 198 -31.15 10.15 13.60
C VAL OA 198 -30.33 8.91 13.95
N ARG OA 199 -29.21 8.73 13.25
CA ARG OA 199 -28.36 7.56 13.47
C ARG OA 199 -27.69 7.62 14.84
N GLY OA 200 -27.82 6.52 15.58
CA GLY OA 200 -27.28 6.45 16.92
C GLY OA 200 -25.77 6.49 16.98
N VAL OA 201 -25.11 6.07 15.90
CA VAL OA 201 -23.66 6.20 15.83
C VAL OA 201 -23.28 7.66 15.54
N ALA OA 202 -24.09 8.34 14.73
CA ALA OA 202 -23.79 9.73 14.38
C ALA OA 202 -24.03 10.68 15.54
N MET OA 203 -24.94 10.33 16.46
CA MET OA 203 -25.17 11.21 17.59
C MET OA 203 -24.12 10.96 18.69
N ASN OA 204 -24.23 11.71 19.78
CA ASN OA 204 -23.18 11.83 20.79
C ASN OA 204 -23.05 10.58 21.66
N PRO OA 205 -21.89 10.37 22.29
CA PRO OA 205 -21.78 9.27 23.26
C PRO OA 205 -22.63 9.45 24.49
N VAL OA 206 -22.83 10.70 24.93
CA VAL OA 206 -23.60 10.96 26.15
C VAL OA 206 -25.09 10.93 25.91
N GLU OA 207 -25.52 10.68 24.67
CA GLU OA 207 -26.91 10.72 24.28
C GLU OA 207 -27.39 9.41 23.71
N HIS OA 208 -26.49 8.46 23.46
CA HIS OA 208 -26.81 7.17 22.87
C HIS OA 208 -25.66 6.23 23.19
N PRO OA 209 -25.91 4.95 23.46
CA PRO OA 209 -24.81 4.05 23.81
C PRO OA 209 -23.85 3.74 22.67
N PHE OA 210 -24.22 4.00 21.41
CA PHE OA 210 -23.40 3.59 20.28
C PHE OA 210 -22.51 4.70 19.73
N GLY OA 211 -22.86 5.97 19.96
CA GLY OA 211 -22.14 7.05 19.30
C GLY OA 211 -20.78 7.32 19.90
N GLY OA 212 -19.89 7.84 19.06
CA GLY OA 212 -18.57 8.22 19.53
C GLY OA 212 -17.42 7.82 18.62
N GLY OA 213 -16.21 8.10 19.07
CA GLY OA 213 -15.01 7.74 18.33
C GLY OA 213 -14.71 8.69 17.20
N ASN OA 214 -13.49 8.58 16.68
CA ASN OA 214 -13.08 9.38 15.54
C ASN OA 214 -13.69 8.87 14.24
N HIS OA 215 -14.12 7.62 14.20
CA HIS OA 215 -14.83 7.07 13.06
C HIS OA 215 -16.26 6.76 13.47
N GLN OA 216 -17.18 6.79 12.51
CA GLN OA 216 -18.56 6.40 12.77
C GLN OA 216 -18.63 4.88 12.80
N HIS OA 217 -18.35 4.31 13.97
CA HIS OA 217 -18.47 2.88 14.19
C HIS OA 217 -19.28 2.64 15.45
N ILE OA 218 -19.86 1.45 15.54
CA ILE OA 218 -20.68 1.12 16.71
C ILE OA 218 -19.79 0.84 17.90
N GLY OA 219 -18.81 -0.05 17.73
CA GLY OA 219 -17.85 -0.38 18.77
C GLY OA 219 -18.31 -1.43 19.76
N LYS OA 220 -19.62 -1.66 19.87
CA LYS OA 220 -20.19 -2.59 20.83
C LYS OA 220 -21.11 -3.54 20.09
N PRO OA 221 -21.29 -4.76 20.60
CA PRO OA 221 -22.24 -5.70 19.98
C PRO OA 221 -23.66 -5.18 20.11
N SER OA 222 -24.31 -4.94 18.96
CA SER OA 222 -25.63 -4.31 18.95
C SER OA 222 -26.74 -5.26 19.37
N THR OA 223 -26.49 -6.57 19.37
CA THR OA 223 -27.47 -7.52 19.85
C THR OA 223 -27.52 -7.43 21.37
N ILE OA 224 -28.54 -6.77 21.89
CA ILE OA 224 -28.68 -6.50 23.32
C ILE OA 224 -29.93 -7.21 23.82
N ARG OA 225 -29.80 -7.90 24.95
CA ARG OA 225 -30.80 -8.84 25.44
C ARG OA 225 -32.06 -8.12 25.93
N ARG OA 226 -33.07 -8.93 26.27
CA ARG OA 226 -34.33 -8.41 26.78
C ARG OA 226 -34.22 -8.03 28.26
N ASP OA 227 -33.24 -8.57 28.98
CA ASP OA 227 -33.02 -8.22 30.38
C ASP OA 227 -32.27 -6.90 30.56
N ALA OA 228 -32.07 -6.14 29.49
CA ALA OA 228 -31.32 -4.90 29.55
C ALA OA 228 -32.14 -3.81 30.25
N PRO OA 229 -31.47 -2.85 30.91
CA PRO OA 229 -32.22 -1.75 31.53
C PRO OA 229 -32.73 -0.74 30.52
N ALA OA 230 -33.49 0.25 30.98
CA ALA OA 230 -34.00 1.28 30.10
C ALA OA 230 -32.87 2.20 29.67
N GLY OA 231 -32.85 2.55 28.38
CA GLY OA 231 -31.77 3.30 27.80
C GLY OA 231 -30.64 2.44 27.28
N ARG OA 232 -30.69 1.13 27.51
CA ARG OA 232 -29.70 0.19 26.98
C ARG OA 232 -30.20 -0.53 25.74
N LYS OA 233 -31.51 -0.79 25.65
CA LYS OA 233 -32.07 -1.56 24.53
C LYS OA 233 -32.07 -0.70 23.27
N VAL OA 234 -30.90 -0.61 22.65
CA VAL OA 234 -30.73 0.07 21.38
C VAL OA 234 -30.16 -0.93 20.38
N GLY OA 235 -30.33 -0.63 19.11
CA GLY OA 235 -29.88 -1.54 18.07
C GLY OA 235 -30.81 -2.73 17.97
N LEU OA 236 -30.23 -3.93 18.05
CA LEU OA 236 -30.99 -5.17 17.94
C LEU OA 236 -31.41 -5.62 19.33
N ILE OA 237 -32.71 -5.73 19.55
CA ILE OA 237 -33.27 -6.08 20.85
C ILE OA 237 -33.61 -7.57 20.84
N ALA OA 238 -32.85 -8.34 21.61
CA ALA OA 238 -33.04 -9.79 21.79
C ALA OA 238 -32.99 -10.53 20.46
N ALA OA 239 -32.03 -10.17 19.61
CA ALA OA 239 -31.92 -10.75 18.28
C ALA OA 239 -31.40 -12.18 18.39
N ARG OA 240 -32.25 -13.15 18.05
CA ARG OA 240 -31.82 -14.55 18.07
C ARG OA 240 -30.92 -14.90 16.89
N ARG OA 241 -30.93 -14.08 15.84
CA ARG OA 241 -30.03 -14.22 14.71
C ARG OA 241 -29.87 -12.86 14.07
N THR OA 242 -29.02 -12.79 13.04
CA THR OA 242 -28.86 -11.58 12.26
C THR OA 242 -28.36 -11.97 10.87
N GLY OA 243 -28.27 -10.99 10.00
CA GLY OA 243 -27.82 -11.23 8.64
C GLY OA 243 -28.93 -11.62 7.71
N ARG OA 244 -28.53 -12.11 6.54
CA ARG OA 244 -29.46 -12.48 5.48
C ARG OA 244 -30.28 -13.70 5.89
N LEU OA 245 -31.55 -13.72 5.46
CA LEU OA 245 -32.47 -14.77 5.85
C LEU OA 245 -32.14 -16.10 5.19
N ARG OA 246 -32.72 -17.15 5.75
CA ARG OA 246 -32.57 -18.52 5.24
C ARG OA 246 -33.81 -19.29 5.67
N GLY OA 247 -34.68 -19.61 4.73
CA GLY OA 247 -35.99 -20.13 5.06
C GLY OA 247 -36.98 -19.02 5.27
N THR OA 248 -38.16 -19.38 5.78
CA THR OA 248 -39.22 -18.38 5.99
C THR OA 248 -39.19 -17.84 7.42
N LYS OA 249 -39.46 -18.70 8.39
CA LYS OA 249 -39.38 -18.27 9.78
C LYS OA 249 -38.60 -19.25 10.66
N THR OA 250 -38.77 -20.55 10.45
CA THR OA 250 -38.22 -21.64 11.25
C THR OA 250 -38.52 -21.43 12.75
N VAL OA 251 -39.81 -21.24 13.04
CA VAL OA 251 -40.31 -21.06 14.40
C VAL OA 251 -41.58 -21.89 14.53
N GLN OA 252 -41.60 -22.82 15.49
CA GLN OA 252 -42.79 -23.63 15.74
C GLN OA 252 -43.77 -22.91 16.65
N SER PA 1 16.90 36.98 9.68
CA SER PA 1 17.66 37.80 8.75
C SER PA 1 17.91 37.05 7.44
N HIS PA 2 19.10 37.27 6.86
CA HIS PA 2 19.52 36.79 5.53
C HIS PA 2 18.42 37.01 4.48
N ARG PA 3 18.23 38.31 4.17
CA ARG PA 3 17.06 38.86 3.47
C ARG PA 3 16.67 38.13 2.18
N LYS PA 4 17.59 37.40 1.55
CA LYS PA 4 17.45 36.41 0.49
C LYS PA 4 17.17 37.08 -0.87
N PHE PA 5 16.90 38.38 -0.90
CA PHE PA 5 16.79 39.14 -2.14
C PHE PA 5 17.30 40.55 -1.83
N SER PA 6 18.60 40.76 -2.07
CA SER PA 6 19.21 42.05 -1.77
C SER PA 6 18.80 43.05 -2.83
N ALA PA 7 18.23 44.17 -2.40
CA ALA PA 7 17.76 45.20 -3.30
C ALA PA 7 18.57 46.47 -3.14
N PRO PA 8 18.75 47.26 -4.21
CA PRO PA 8 19.37 48.57 -4.04
C PRO PA 8 18.45 49.50 -3.27
N ARG PA 9 19.06 50.33 -2.42
CA ARG PA 9 18.32 51.13 -1.47
C ARG PA 9 17.62 52.30 -2.14
N HIS PA 10 16.37 52.56 -1.72
CA HIS PA 10 15.63 53.71 -2.20
C HIS PA 10 16.16 54.99 -1.57
N GLY PA 11 16.15 56.07 -2.35
CA GLY PA 11 16.58 57.36 -1.85
C GLY PA 11 18.09 57.50 -1.79
N SER PA 12 18.53 58.64 -1.28
CA SER PA 12 19.94 58.94 -1.13
C SER PA 12 20.19 59.55 0.24
N LEU PA 13 21.26 59.11 0.91
CA LEU PA 13 21.60 59.69 2.20
C LEU PA 13 22.17 61.10 2.06
N GLY PA 14 22.72 61.45 0.90
CA GLY PA 14 23.32 62.75 0.71
C GLY PA 14 22.34 63.90 0.57
N PHE PA 15 21.06 63.59 0.39
CA PHE PA 15 20.02 64.61 0.26
C PHE PA 15 19.05 64.56 1.44
N LEU PA 16 19.47 63.98 2.55
CA LEU PA 16 18.61 63.63 3.68
C LEU PA 16 18.08 64.81 4.51
N PRO PA 17 18.87 65.87 4.87
CA PRO PA 17 18.23 66.96 5.63
C PRO PA 17 17.29 67.80 4.78
N ARG PA 18 16.09 67.26 4.58
CA ARG PA 18 15.10 67.85 3.69
C ARG PA 18 14.34 68.94 4.42
N LYS PA 19 14.28 70.13 3.82
CA LYS PA 19 13.69 71.26 4.51
C LYS PA 19 13.28 72.29 3.49
N ARG PA 20 12.20 73.01 3.79
CA ARG PA 20 11.93 74.29 3.15
C ARG PA 20 13.11 75.19 3.43
N SER PA 21 13.87 75.55 2.40
CA SER PA 21 15.05 76.38 2.58
C SER PA 21 14.65 77.78 3.02
N SER PA 22 15.39 78.32 3.99
CA SER PA 22 15.09 79.66 4.50
C SER PA 22 15.33 80.72 3.44
N ARG PA 23 16.23 80.46 2.49
CA ARG PA 23 16.34 81.27 1.29
C ARG PA 23 15.43 80.71 0.20
N HIS PA 24 14.90 81.62 -0.61
CA HIS PA 24 14.09 81.26 -1.78
C HIS PA 24 14.84 81.45 -3.08
N ARG PA 25 15.73 82.43 -3.14
CA ARG PA 25 16.73 82.49 -4.20
C ARG PA 25 17.82 81.47 -3.90
N GLY PA 26 18.11 80.61 -4.89
CA GLY PA 26 19.14 79.60 -4.70
C GLY PA 26 20.53 80.18 -4.61
N LYS PA 27 21.10 80.19 -3.42
CA LYS PA 27 22.41 80.80 -3.24
C LYS PA 27 23.51 79.86 -3.71
N VAL PA 28 24.68 80.44 -3.95
CA VAL PA 28 25.84 79.69 -4.42
C VAL PA 28 26.65 79.24 -3.22
N LYS PA 29 26.80 77.92 -3.06
CA LYS PA 29 27.60 77.39 -1.96
C LYS PA 29 29.08 77.50 -2.23
N SER PA 30 29.49 77.37 -3.50
CA SER PA 30 30.90 77.40 -3.85
C SER PA 30 31.07 77.99 -5.23
N PHE PA 31 31.84 79.05 -5.34
CA PHE PA 31 32.24 79.67 -6.59
C PHE PA 31 33.50 78.99 -7.12
N PRO PA 32 33.76 79.04 -8.42
CA PRO PA 32 35.00 78.46 -8.95
C PRO PA 32 36.23 79.23 -8.51
N LYS PA 33 37.37 78.54 -8.56
CA LYS PA 33 38.61 79.09 -8.07
C LYS PA 33 39.14 80.18 -9.00
N ASP PA 34 40.06 80.97 -8.48
CA ASP PA 34 40.62 82.11 -9.21
C ASP PA 34 42.12 81.96 -9.37
N ASP PA 35 42.66 82.73 -10.32
CA ASP PA 35 44.08 82.77 -10.63
C ASP PA 35 44.36 84.06 -11.40
N PRO PA 36 45.54 84.66 -11.22
CA PRO PA 36 45.83 85.94 -11.90
C PRO PA 36 46.11 85.80 -13.39
N SER PA 37 46.12 84.60 -13.95
CA SER PA 37 46.34 84.44 -15.39
C SER PA 37 45.08 84.75 -16.19
N LYS PA 38 43.90 84.48 -15.62
CA LYS PA 38 42.65 84.70 -16.33
C LYS PA 38 42.24 86.16 -16.26
N PRO PA 39 41.55 86.67 -17.28
CA PRO PA 39 41.06 88.05 -17.23
C PRO PA 39 39.90 88.19 -16.27
N VAL PA 40 39.48 89.45 -16.08
CA VAL PA 40 38.49 89.78 -15.07
C VAL PA 40 37.10 89.49 -15.61
N HIS PA 41 36.33 88.66 -14.91
CA HIS PA 41 34.99 88.31 -15.32
C HIS PA 41 34.16 87.95 -14.09
N LEU PA 42 32.86 87.79 -14.31
CA LEU PA 42 31.92 87.38 -13.28
C LEU PA 42 31.60 85.90 -13.44
N THR PA 43 30.83 85.36 -12.50
CA THR PA 43 30.51 83.93 -12.48
C THR PA 43 29.03 83.61 -12.53
N ALA PA 44 28.20 84.35 -11.80
CA ALA PA 44 26.80 83.97 -11.61
C ALA PA 44 25.89 85.15 -11.90
N PHE PA 45 24.77 84.87 -12.56
CA PHE PA 45 23.72 85.84 -12.84
C PHE PA 45 22.42 85.40 -12.20
N LEU PA 46 21.35 86.13 -12.51
CA LEU PA 46 20.01 85.72 -12.14
C LEU PA 46 19.17 85.46 -13.38
N GLY PA 47 18.14 84.64 -13.21
CA GLY PA 47 17.27 84.31 -14.32
C GLY PA 47 15.91 83.87 -13.83
N TYR PA 48 14.99 83.75 -14.77
CA TYR PA 48 13.62 83.34 -14.49
C TYR PA 48 13.20 82.32 -15.54
N LYS PA 49 12.76 81.15 -15.09
CA LYS PA 49 12.39 80.07 -16.00
C LYS PA 49 11.11 80.43 -16.74
N ALA PA 50 11.25 80.85 -18.00
CA ALA PA 50 10.10 81.34 -18.74
C ALA PA 50 9.28 80.20 -19.34
N GLY PA 51 9.94 79.25 -19.99
CA GLY PA 51 9.24 78.15 -20.62
C GLY PA 51 10.23 77.21 -21.28
N MET PA 52 9.68 76.18 -21.92
CA MET PA 52 10.46 75.15 -22.58
C MET PA 52 10.01 75.03 -24.02
N THR PA 53 10.96 74.71 -24.91
CA THR PA 53 10.70 74.58 -26.34
C THR PA 53 11.49 73.40 -26.90
N HIS PA 54 11.44 73.22 -28.22
CA HIS PA 54 12.31 72.30 -28.92
C HIS PA 54 13.40 73.06 -29.66
N ILE PA 55 14.42 72.31 -30.10
CA ILE PA 55 15.37 72.76 -31.11
C ILE PA 55 15.60 71.61 -32.07
N VAL PA 56 15.32 71.83 -33.36
CA VAL PA 56 15.77 70.93 -34.40
C VAL PA 56 17.24 71.24 -34.64
N ARG PA 57 18.13 70.37 -34.15
CA ARG PA 57 19.55 70.65 -34.12
C ARG PA 57 20.32 69.65 -34.96
N GLU PA 58 21.22 70.15 -35.79
CA GLU PA 58 22.18 69.31 -36.48
C GLU PA 58 23.32 68.94 -35.53
N VAL PA 59 23.69 67.67 -35.52
CA VAL PA 59 24.66 67.15 -34.56
C VAL PA 59 25.96 66.85 -35.29
N ASP PA 60 27.01 67.61 -34.95
CA ASP PA 60 28.34 67.37 -35.49
C ASP PA 60 29.19 66.60 -34.48
N ARG PA 61 28.79 65.35 -34.24
CA ARG PA 61 29.49 64.45 -33.34
C ARG PA 61 29.80 63.16 -34.07
N PRO PA 62 31.05 62.90 -34.43
CA PRO PA 62 31.36 61.75 -35.28
C PRO PA 62 31.31 60.43 -34.53
N GLY PA 63 31.18 59.36 -35.30
CA GLY PA 63 31.17 58.01 -34.76
C GLY PA 63 29.89 57.64 -34.04
N SER PA 64 28.75 57.92 -34.66
CA SER PA 64 27.46 57.64 -34.03
C SER PA 64 26.39 57.52 -35.11
N LYS PA 65 25.26 56.96 -34.71
CA LYS PA 65 24.05 57.00 -35.53
C LYS PA 65 23.45 58.40 -35.54
N VAL PA 66 23.77 59.21 -34.53
CA VAL PA 66 23.24 60.56 -34.39
C VAL PA 66 23.84 61.49 -35.45
N ASN PA 67 25.03 61.16 -35.95
CA ASN PA 67 25.80 62.05 -36.81
C ASN PA 67 25.12 62.26 -38.15
N LYS PA 68 25.24 63.50 -38.67
CA LYS PA 68 24.70 63.95 -39.95
C LYS PA 68 23.18 63.79 -40.03
N LYS PA 69 22.50 63.94 -38.90
CA LYS PA 69 21.05 63.81 -38.83
C LYS PA 69 20.50 64.90 -37.93
N GLU PA 70 19.22 65.20 -38.10
CA GLU PA 70 18.53 66.22 -37.31
C GLU PA 70 17.95 65.59 -36.05
N VAL PA 71 18.25 66.18 -34.90
CA VAL PA 71 17.83 65.66 -33.60
C VAL PA 71 17.07 66.76 -32.87
N VAL PA 72 15.88 66.42 -32.38
CA VAL PA 72 15.03 67.36 -31.66
C VAL PA 72 15.18 67.10 -30.17
N GLU PA 73 15.47 68.15 -29.40
CA GLU PA 73 15.77 68.03 -27.98
C GLU PA 73 14.92 68.97 -27.15
N ALA PA 74 14.66 68.57 -25.91
CA ALA PA 74 13.91 69.38 -24.96
C ALA PA 74 14.79 70.50 -24.44
N VAL PA 75 14.35 71.75 -24.64
CA VAL PA 75 15.20 72.93 -24.46
C VAL PA 75 14.42 73.98 -23.69
N THR PA 76 15.01 74.48 -22.59
CA THR PA 76 14.36 75.48 -21.75
C THR PA 76 14.81 76.89 -22.14
N ILE PA 77 13.99 77.86 -21.76
CA ILE PA 77 14.28 79.28 -21.96
C ILE PA 77 14.23 79.97 -20.60
N VAL PA 78 15.28 80.72 -20.28
CA VAL PA 78 15.38 81.43 -19.02
C VAL PA 78 15.61 82.91 -19.33
N GLU PA 79 14.63 83.74 -18.99
CA GLU PA 79 14.79 85.18 -19.18
C GLU PA 79 15.77 85.74 -18.18
N THR PA 80 16.78 86.46 -18.67
CA THR PA 80 17.86 87.00 -17.86
C THR PA 80 18.03 88.49 -18.14
N PRO PA 81 17.40 89.36 -17.35
CA PRO PA 81 17.62 90.79 -17.49
C PRO PA 81 19.02 91.16 -17.03
N PRO PA 82 19.57 92.29 -17.50
CA PRO PA 82 20.94 92.64 -17.14
C PRO PA 82 21.08 93.03 -15.66
N MET PA 83 22.19 92.63 -15.06
CA MET PA 83 22.41 92.76 -13.63
C MET PA 83 22.98 94.14 -13.31
N VAL PA 84 22.27 94.92 -12.53
CA VAL PA 84 22.72 96.25 -12.15
C VAL PA 84 23.56 96.15 -10.89
N VAL PA 85 24.75 96.76 -10.94
CA VAL PA 85 25.75 96.62 -9.87
C VAL PA 85 25.47 97.64 -8.77
N VAL PA 86 25.50 97.20 -7.51
CA VAL PA 86 25.32 98.08 -6.37
C VAL PA 86 26.51 98.01 -5.42
N GLY PA 87 26.85 96.81 -4.93
CA GLY PA 87 27.78 96.72 -3.82
C GLY PA 87 29.09 95.99 -4.07
N ILE PA 88 30.05 96.21 -3.17
CA ILE PA 88 31.35 95.54 -3.19
C ILE PA 88 31.57 94.96 -1.80
N VAL PA 89 31.84 93.65 -1.73
CA VAL PA 89 32.08 92.95 -0.48
C VAL PA 89 33.44 92.27 -0.57
N GLY PA 90 34.30 92.52 0.41
CA GLY PA 90 35.61 91.91 0.48
C GLY PA 90 35.67 90.89 1.60
N TYR PA 91 36.55 89.90 1.45
CA TYR PA 91 36.66 88.80 2.39
C TYR PA 91 38.09 88.60 2.84
N VAL PA 92 38.27 88.42 4.14
CA VAL PA 92 39.55 88.11 4.75
C VAL PA 92 39.57 86.63 5.08
N GLU PA 93 40.65 85.94 4.68
CA GLU PA 93 40.79 84.53 4.98
C GLU PA 93 41.19 84.33 6.43
N THR PA 94 40.29 83.75 7.22
CA THR PA 94 40.47 83.46 8.63
C THR PA 94 40.75 81.98 8.82
N PRO PA 95 41.38 81.58 9.95
CA PRO PA 95 41.51 80.14 10.25
C PRO PA 95 40.22 79.48 10.73
N ARG PA 96 39.08 80.17 10.61
CA ARG PA 96 37.77 79.53 10.67
C ARG PA 96 37.02 79.63 9.35
N GLY PA 97 37.58 80.30 8.33
CA GLY PA 97 36.91 80.39 7.05
C GLY PA 97 37.11 81.71 6.33
N LEU PA 98 36.01 82.38 5.99
CA LEU PA 98 36.05 83.70 5.36
C LEU PA 98 35.24 84.67 6.21
N ARG PA 99 35.75 85.89 6.36
CA ARG PA 99 35.08 86.93 7.13
C ARG PA 99 34.85 88.15 6.26
N THR PA 100 33.65 88.73 6.34
CA THR PA 100 33.34 89.94 5.60
C THR PA 100 34.12 91.11 6.20
N PHE PA 101 34.98 91.72 5.39
CA PHE PA 101 35.79 92.84 5.89
C PHE PA 101 34.94 94.08 6.09
N LYS PA 102 34.37 94.61 5.01
CA LYS PA 102 33.35 95.64 5.05
C LYS PA 102 32.65 95.67 3.70
N THR PA 103 31.38 96.06 3.72
CA THR PA 103 30.56 96.12 2.52
C THR PA 103 30.37 97.58 2.14
N VAL PA 104 30.77 97.94 0.92
CA VAL PA 104 30.65 99.30 0.44
C VAL PA 104 29.60 99.31 -0.67
N PHE PA 105 28.48 99.97 -0.44
CA PHE PA 105 27.43 100.06 -1.44
C PHE PA 105 27.66 101.27 -2.33
N ALA PA 106 26.87 101.35 -3.40
CA ALA PA 106 26.97 102.46 -4.33
C ALA PA 106 26.24 103.68 -3.80
N GLU PA 107 26.09 104.68 -4.66
CA GLU PA 107 25.45 105.94 -4.28
C GLU PA 107 23.96 105.93 -4.57
N HIS PA 108 23.58 105.76 -5.83
CA HIS PA 108 22.18 105.80 -6.26
C HIS PA 108 21.64 104.38 -6.21
N ILE PA 109 20.98 104.03 -5.11
CA ILE PA 109 20.41 102.71 -4.91
C ILE PA 109 18.94 102.77 -5.34
N SER PA 110 18.54 101.81 -6.17
CA SER PA 110 17.25 101.87 -6.83
C SER PA 110 16.10 101.54 -5.88
N ASP PA 111 14.89 101.92 -6.31
CA ASP PA 111 13.69 101.69 -5.51
C ASP PA 111 13.36 100.21 -5.41
N GLU PA 112 13.76 99.41 -6.40
CA GLU PA 112 13.55 97.98 -6.30
C GLU PA 112 14.45 97.35 -5.23
N CYS PA 113 15.69 97.85 -5.11
CA CYS PA 113 16.54 97.42 -4.01
C CYS PA 113 16.00 97.90 -2.67
N LYS PA 114 15.40 99.09 -2.63
CA LYS PA 114 14.79 99.55 -1.39
C LYS PA 114 13.58 98.70 -1.02
N ARG PA 115 12.81 98.26 -2.01
CA ARG PA 115 11.73 97.31 -1.77
C ARG PA 115 12.26 95.95 -1.33
N ARG PA 116 13.47 95.60 -1.75
CA ARG PA 116 14.09 94.38 -1.22
C ARG PA 116 14.46 94.54 0.25
N PHE PA 117 15.04 95.68 0.61
CA PHE PA 117 15.45 95.88 2.00
C PHE PA 117 14.26 96.02 2.95
N TYR PA 118 13.14 96.57 2.47
CA TYR PA 118 11.98 96.68 3.36
C TYR PA 118 11.06 95.47 3.18
N LYS PA 119 10.22 95.24 4.19
CA LYS PA 119 9.18 94.21 4.12
C LYS PA 119 7.85 94.78 3.63
N ASN PA 120 7.31 95.75 4.36
CA ASN PA 120 6.08 96.43 3.97
C ASN PA 120 6.46 97.75 3.34
N TRP PA 121 6.46 97.79 2.00
CA TRP PA 121 6.82 99.01 1.29
C TRP PA 121 5.76 100.09 1.45
N HIS PA 122 4.50 99.69 1.67
CA HIS PA 122 3.45 100.67 1.93
C HIS PA 122 3.63 101.33 3.28
N LYS PA 123 3.85 100.53 4.33
CA LYS PA 123 4.00 101.06 5.67
C LYS PA 123 5.35 101.74 5.87
N SER PA 124 6.35 101.41 5.06
CA SER PA 124 7.66 102.03 5.20
C SER PA 124 7.63 103.45 4.66
N LYS PA 125 8.35 104.34 5.34
CA LYS PA 125 8.39 105.75 4.98
C LYS PA 125 9.46 106.06 3.95
N LYS PA 126 10.12 105.04 3.38
CA LYS PA 126 11.18 105.16 2.37
C LYS PA 126 12.33 106.03 2.88
N LYS PA 127 12.99 105.52 3.92
CA LYS PA 127 14.04 106.28 4.59
C LYS PA 127 15.39 105.60 4.55
N ALA PA 128 15.55 104.56 3.74
CA ALA PA 128 16.81 103.84 3.68
C ALA PA 128 17.87 104.66 2.96
N PHE PA 129 19.12 104.56 3.45
CA PHE PA 129 20.34 105.08 2.83
C PHE PA 129 20.34 106.60 2.68
N THR PA 130 19.56 107.32 3.49
CA THR PA 130 19.60 108.78 3.45
C THR PA 130 20.93 109.30 3.98
N LYS PA 131 21.35 108.81 5.15
CA LYS PA 131 22.65 109.20 5.70
C LYS PA 131 23.80 108.65 4.88
N TYR PA 132 23.60 107.51 4.21
CA TYR PA 132 24.66 106.94 3.38
C TYR PA 132 24.85 107.76 2.11
N CYS PA 133 23.74 108.23 1.50
CA CYS PA 133 23.85 109.18 0.40
C CYS PA 133 24.40 110.52 0.86
N LYS PA 134 24.14 110.91 2.11
CA LYS PA 134 24.76 112.11 2.66
C LYS PA 134 26.27 111.94 2.81
N LYS PA 135 26.71 110.72 3.17
CA LYS PA 135 28.14 110.42 3.21
C LYS PA 135 28.75 110.42 1.81
N TRP PA 136 27.98 110.04 0.80
CA TRP PA 136 28.44 110.22 -0.58
C TRP PA 136 28.55 111.69 -0.95
N GLN PA 137 27.57 112.50 -0.53
CA GLN PA 137 27.53 113.90 -0.95
C GLN PA 137 28.60 114.73 -0.27
N ASP PA 138 28.90 114.42 0.99
CA ASP PA 138 29.85 115.23 1.76
C ASP PA 138 31.28 115.02 1.28
N GLU PA 139 32.05 116.10 1.26
CA GLU PA 139 33.42 116.03 0.80
C GLU PA 139 34.33 115.35 1.82
N ASP PA 140 34.08 115.60 3.11
CA ASP PA 140 34.86 114.95 4.16
C ASP PA 140 34.52 113.47 4.27
N GLY PA 141 33.31 113.08 3.87
CA GLY PA 141 32.95 111.67 3.87
C GLY PA 141 33.57 110.88 2.73
N LYS PA 142 34.03 111.55 1.69
CA LYS PA 142 34.67 110.84 0.58
C LYS PA 142 36.05 110.33 0.97
N LYS PA 143 36.78 111.11 1.77
CA LYS PA 143 38.11 110.68 2.22
C LYS PA 143 38.00 109.53 3.21
N GLN PA 144 36.91 109.46 3.97
CA GLN PA 144 36.66 108.30 4.82
C GLN PA 144 36.08 107.12 4.06
N LEU PA 145 35.71 107.31 2.79
CA LEU PA 145 35.20 106.26 1.94
C LEU PA 145 36.24 105.73 0.97
N GLU PA 146 37.10 106.60 0.43
CA GLU PA 146 38.17 106.14 -0.44
C GLU PA 146 39.30 105.49 0.36
N LYS PA 147 39.37 105.75 1.66
CA LYS PA 147 40.32 105.04 2.51
C LYS PA 147 39.86 103.60 2.75
N ASP PA 148 38.54 103.36 2.67
CA ASP PA 148 38.02 102.01 2.84
C ASP PA 148 38.40 101.11 1.67
N PHE PA 149 38.56 101.67 0.47
CA PHE PA 149 39.07 100.87 -0.64
C PHE PA 149 40.57 100.63 -0.54
N SER PA 150 41.30 101.54 0.11
CA SER PA 150 42.73 101.35 0.29
C SER PA 150 43.03 100.20 1.23
N SER PA 151 42.22 100.04 2.27
CA SER PA 151 42.32 98.85 3.11
C SER PA 151 41.75 97.63 2.41
N MET PA 152 40.84 97.82 1.46
CA MET PA 152 40.29 96.70 0.72
C MET PA 152 41.30 96.13 -0.26
N LYS PA 153 42.20 96.97 -0.78
CA LYS PA 153 43.26 96.50 -1.66
C LYS PA 153 44.31 95.67 -0.94
N LYS PA 154 44.42 95.82 0.38
CA LYS PA 154 45.54 95.28 1.13
C LYS PA 154 45.26 93.94 1.80
N TYR PA 155 44.06 93.76 2.36
CA TYR PA 155 43.81 92.63 3.25
C TYR PA 155 42.95 91.53 2.64
N CYS PA 156 42.20 91.82 1.60
CA CYS PA 156 41.25 90.87 1.06
C CYS PA 156 41.83 90.13 -0.14
N GLN PA 157 41.29 88.96 -0.40
CA GLN PA 157 41.60 88.17 -1.58
C GLN PA 157 40.35 87.79 -2.36
N VAL PA 158 39.23 87.55 -1.66
CA VAL PA 158 37.96 87.23 -2.29
C VAL PA 158 37.10 88.49 -2.27
N ILE PA 159 36.84 89.05 -3.44
CA ILE PA 159 35.98 90.22 -3.59
C ILE PA 159 34.73 89.80 -4.35
N ARG PA 160 33.57 90.03 -3.75
CA ARG PA 160 32.28 89.70 -4.36
C ARG PA 160 31.52 90.99 -4.64
N VAL PA 161 30.95 91.08 -5.83
CA VAL PA 161 30.23 92.26 -6.28
C VAL PA 161 28.73 91.98 -6.18
N ILE PA 162 27.99 92.89 -5.56
CA ILE PA 162 26.55 92.73 -5.40
C ILE PA 162 25.86 93.30 -6.63
N ALA PA 163 24.97 92.51 -7.21
CA ALA PA 163 24.16 92.91 -8.37
C ALA PA 163 22.71 92.49 -8.15
N HIS PA 164 21.81 93.17 -8.84
CA HIS PA 164 20.39 92.86 -8.74
C HIS PA 164 19.76 92.90 -10.13
N THR PA 165 18.47 92.59 -10.19
CA THR PA 165 17.71 92.59 -11.43
C THR PA 165 16.79 93.80 -11.51
N GLN PA 166 16.51 94.23 -12.74
CA GLN PA 166 15.51 95.25 -13.00
C GLN PA 166 14.16 94.57 -13.18
N MET PA 167 13.26 94.78 -12.21
CA MET PA 167 11.93 94.19 -12.27
C MET PA 167 10.99 94.95 -13.20
N ARG PA 168 11.36 96.15 -13.64
CA ARG PA 168 10.52 96.91 -14.55
C ARG PA 168 10.51 96.33 -15.96
N LEU PA 169 11.56 95.60 -16.34
CA LEU PA 169 11.63 94.96 -17.64
C LEU PA 169 11.01 93.56 -17.64
N LEU PA 170 10.33 93.18 -16.57
CA LEU PA 170 9.78 91.84 -16.45
C LEU PA 170 8.25 91.88 -16.44
N PRO PA 171 7.58 90.82 -16.91
CA PRO PA 171 6.12 90.77 -16.82
C PRO PA 171 5.62 90.23 -15.48
N LEU PA 172 6.49 90.22 -14.48
CA LEU PA 172 6.15 89.65 -13.18
C LEU PA 172 5.33 90.64 -12.35
N ARG PA 173 5.16 90.32 -11.07
CA ARG PA 173 4.40 91.16 -10.17
C ARG PA 173 5.12 91.34 -8.84
N GLN PA 174 6.31 90.76 -8.69
CA GLN PA 174 7.03 90.80 -7.42
C GLN PA 174 7.60 92.18 -7.14
N LYS PA 175 8.25 92.79 -8.14
CA LYS PA 175 8.84 94.14 -8.07
C LYS PA 175 9.89 94.28 -6.98
N LYS PA 176 10.53 93.18 -6.60
CA LYS PA 176 11.67 93.21 -5.68
C LYS PA 176 12.90 92.66 -6.38
N ALA PA 177 14.02 93.37 -6.18
CA ALA PA 177 15.26 93.03 -6.85
C ALA PA 177 16.09 92.11 -5.95
N HIS PA 178 16.42 90.93 -6.45
CA HIS PA 178 17.17 89.96 -5.67
C HIS PA 178 18.66 90.29 -5.71
N LEU PA 179 19.27 90.41 -4.53
CA LEU PA 179 20.68 90.76 -4.44
C LEU PA 179 21.55 89.52 -4.55
N MET PA 180 22.72 89.69 -5.18
CA MET PA 180 23.65 88.59 -5.42
C MET PA 180 25.07 89.05 -5.20
N GLU PA 181 25.81 88.30 -4.38
CA GLU PA 181 27.26 88.41 -4.35
C GLU PA 181 27.84 87.51 -5.44
N ILE PA 182 28.65 88.11 -6.32
CA ILE PA 182 29.26 87.41 -7.44
C ILE PA 182 30.76 87.50 -7.25
N GLN PA 183 31.43 86.37 -7.06
CA GLN PA 183 32.87 86.40 -6.82
C GLN PA 183 33.61 86.62 -8.13
N VAL PA 184 34.34 87.74 -8.19
CA VAL PA 184 35.17 88.06 -9.34
C VAL PA 184 36.41 87.18 -9.29
N ASN PA 185 36.56 86.29 -10.26
CA ASN PA 185 37.71 85.39 -10.33
C ASN PA 185 38.76 85.89 -11.32
N GLY PA 186 38.95 87.20 -11.39
CA GLY PA 186 39.90 87.78 -12.32
C GLY PA 186 41.34 87.75 -11.83
N GLY PA 187 42.05 88.84 -12.05
CA GLY PA 187 43.45 88.92 -11.70
C GLY PA 187 43.71 89.33 -10.26
N THR PA 188 44.56 90.33 -10.08
CA THR PA 188 44.95 90.77 -8.75
C THR PA 188 43.86 91.66 -8.16
N VAL PA 189 43.83 91.71 -6.82
CA VAL PA 189 42.86 92.45 -6.02
C VAL PA 189 42.78 93.91 -6.41
N ALA PA 190 43.91 94.51 -6.81
CA ALA PA 190 43.93 95.93 -7.18
C ALA PA 190 43.11 96.21 -8.43
N GLU PA 191 43.36 95.46 -9.51
CA GLU PA 191 42.56 95.69 -10.71
C GLU PA 191 41.15 95.13 -10.59
N LYS PA 192 40.90 94.15 -9.72
CA LYS PA 192 39.52 93.74 -9.47
C LYS PA 192 38.73 94.84 -8.79
N LEU PA 193 39.35 95.52 -7.80
CA LEU PA 193 38.72 96.64 -7.13
C LEU PA 193 38.53 97.83 -8.08
N ASP PA 194 39.52 98.07 -8.94
CA ASP PA 194 39.40 99.15 -9.92
C ASP PA 194 38.30 98.85 -10.94
N TRP PA 195 38.15 97.57 -11.32
CA TRP PA 195 37.08 97.15 -12.22
C TRP PA 195 35.71 97.35 -11.58
N ALA PA 196 35.60 97.00 -10.29
CA ALA PA 196 34.32 97.14 -9.60
C ALA PA 196 33.95 98.60 -9.39
N ARG PA 197 34.92 99.44 -8.99
CA ARG PA 197 34.65 100.86 -8.83
C ARG PA 197 34.39 101.56 -10.16
N GLU PA 198 34.96 101.05 -11.25
CA GLU PA 198 34.66 101.61 -12.56
C GLU PA 198 33.25 101.21 -13.00
N ARG PA 199 32.82 100.00 -12.67
CA ARG PA 199 31.53 99.50 -13.13
C ARG PA 199 30.46 99.48 -12.02
N LEU PA 200 30.60 100.33 -11.02
CA LEU PA 200 29.48 100.60 -10.12
C LEU PA 200 28.33 101.26 -10.87
N GLU PA 201 27.11 100.94 -10.43
CA GLU PA 201 25.85 101.51 -10.93
C GLU PA 201 25.66 101.30 -12.43
N GLN PA 202 26.16 100.19 -12.96
CA GLN PA 202 26.06 99.91 -14.38
C GLN PA 202 25.41 98.55 -14.59
N GLN PA 203 25.01 98.30 -15.83
CA GLN PA 203 24.32 97.07 -16.20
C GLN PA 203 25.33 96.04 -16.70
N VAL PA 204 25.06 94.78 -16.42
CA VAL PA 204 25.87 93.66 -16.84
C VAL PA 204 25.00 92.73 -17.68
N PRO PA 205 25.13 92.79 -19.01
CA PRO PA 205 24.39 91.85 -19.86
C PRO PA 205 24.96 90.45 -19.78
N VAL PA 206 24.23 89.51 -20.35
CA VAL PA 206 24.69 88.13 -20.36
C VAL PA 206 25.71 87.91 -21.47
N ASN PA 207 25.62 88.67 -22.56
CA ASN PA 207 26.57 88.56 -23.66
C ASN PA 207 27.95 89.10 -23.27
N GLN PA 208 28.03 89.93 -22.22
CA GLN PA 208 29.31 90.44 -21.77
C GLN PA 208 30.14 89.36 -21.08
N VAL PA 209 29.51 88.59 -20.20
CA VAL PA 209 30.24 87.59 -19.41
C VAL PA 209 30.13 86.22 -20.06
N PHE PA 210 28.91 85.72 -20.21
CA PHE PA 210 28.70 84.38 -20.74
C PHE PA 210 28.85 84.37 -22.26
N GLY PA 211 28.67 83.18 -22.84
CA GLY PA 211 28.74 83.01 -24.27
C GLY PA 211 28.00 81.77 -24.70
N GLN PA 212 27.89 81.59 -26.01
CA GLN PA 212 27.23 80.41 -26.53
C GLN PA 212 28.12 79.19 -26.40
N ASP PA 213 27.48 78.02 -26.29
CA ASP PA 213 28.12 76.70 -26.13
C ASP PA 213 29.03 76.64 -24.90
N GLU PA 214 28.69 77.39 -23.87
CA GLU PA 214 29.43 77.37 -22.60
C GLU PA 214 28.64 76.54 -21.59
N MET PA 215 29.25 75.48 -21.10
CA MET PA 215 28.59 74.53 -20.21
C MET PA 215 28.54 75.14 -18.81
N ILE PA 216 27.36 75.66 -18.45
CA ILE PA 216 27.17 76.47 -17.25
C ILE PA 216 26.04 75.86 -16.42
N ASP PA 217 26.32 75.60 -15.14
CA ASP PA 217 25.40 74.90 -14.27
C ASP PA 217 24.30 75.83 -13.76
N VAL PA 218 23.18 75.23 -13.34
CA VAL PA 218 22.01 75.96 -12.90
C VAL PA 218 21.73 75.58 -11.46
N ILE PA 219 21.55 76.59 -10.60
CA ILE PA 219 21.22 76.38 -9.19
C ILE PA 219 19.88 77.04 -8.90
N GLY PA 220 18.96 76.29 -8.31
CA GLY PA 220 17.66 76.81 -7.98
C GLY PA 220 17.00 75.99 -6.89
N VAL PA 221 15.70 76.23 -6.73
CA VAL PA 221 14.89 75.57 -5.70
C VAL PA 221 13.81 74.77 -6.43
N THR PA 222 13.58 73.53 -5.96
CA THR PA 222 12.66 72.62 -6.63
C THR PA 222 11.20 73.04 -6.42
N LYS PA 223 10.29 72.27 -7.00
CA LYS PA 223 8.87 72.54 -6.87
C LYS PA 223 8.38 72.27 -5.47
N GLY PA 224 7.26 72.89 -5.11
CA GLY PA 224 6.57 72.52 -3.91
C GLY PA 224 5.49 71.48 -4.17
N LYS PA 225 5.72 70.25 -3.72
CA LYS PA 225 4.72 69.20 -3.84
C LYS PA 225 3.95 68.98 -2.53
N GLY PA 226 4.23 69.76 -1.50
CA GLY PA 226 3.51 69.64 -0.25
C GLY PA 226 3.95 68.45 0.58
N TYR PA 227 3.24 68.26 1.69
CA TYR PA 227 3.50 67.16 2.62
C TYR PA 227 2.94 65.87 2.03
N LYS PA 228 3.73 65.25 1.17
CA LYS PA 228 3.33 64.02 0.51
C LYS PA 228 3.80 62.78 1.25
N GLY PA 229 3.37 61.63 0.75
CA GLY PA 229 3.59 60.36 1.41
C GLY PA 229 4.90 59.71 1.03
N VAL PA 230 5.04 58.46 1.46
CA VAL PA 230 6.32 57.76 1.35
C VAL PA 230 6.53 57.25 -0.07
N THR PA 231 5.51 56.63 -0.67
CA THR PA 231 5.64 56.10 -2.02
C THR PA 231 5.76 57.19 -3.08
N SER PA 232 5.37 58.42 -2.76
CA SER PA 232 5.62 59.53 -3.66
C SER PA 232 6.90 60.27 -3.35
N ARG PA 233 7.36 60.25 -2.09
CA ARG PA 233 8.61 60.92 -1.77
C ARG PA 233 9.82 60.06 -2.10
N TRP PA 234 9.95 58.91 -1.45
CA TRP PA 234 11.11 58.05 -1.60
C TRP PA 234 10.95 57.05 -2.73
N HIS PA 235 9.78 57.00 -3.37
CA HIS PA 235 9.45 56.09 -4.47
C HIS PA 235 9.64 54.62 -4.07
N THR PA 236 9.21 54.28 -2.86
CA THR PA 236 9.28 52.89 -2.41
C THR PA 236 8.14 52.09 -3.02
N LYS PA 237 8.23 50.77 -2.86
CA LYS PA 237 7.25 49.87 -3.47
C LYS PA 237 5.99 49.79 -2.61
N LYS PA 238 4.85 49.83 -3.27
CA LYS PA 238 3.57 49.81 -2.56
C LYS PA 238 3.26 48.41 -2.03
N LEU PA 239 2.51 48.38 -0.94
CA LEU PA 239 2.00 47.14 -0.38
C LEU PA 239 0.82 46.64 -1.23
N PRO PA 240 0.56 45.32 -1.23
CA PRO PA 240 -0.55 44.81 -2.05
C PRO PA 240 -1.94 45.17 -1.55
N ARG PA 241 -2.96 44.69 -2.27
CA ARG PA 241 -4.35 45.09 -2.02
C ARG PA 241 -4.87 44.57 -0.68
N LYS PA 242 -4.42 43.40 -0.26
CA LYS PA 242 -4.93 42.74 0.94
C LYS PA 242 -4.45 43.37 2.23
N THR PA 243 -3.64 44.43 2.19
CA THR PA 243 -3.01 44.98 3.38
C THR PA 243 -3.97 45.90 4.11
N HIS PA 244 -4.43 45.46 5.27
CA HIS PA 244 -5.11 46.32 6.22
C HIS PA 244 -4.12 47.35 6.76
N ARG PA 245 -4.65 48.54 7.10
CA ARG PA 245 -3.89 49.67 7.65
C ARG PA 245 -2.79 50.14 6.69
N GLY PA 246 -3.21 50.57 5.51
CA GLY PA 246 -2.28 51.25 4.63
C GLY PA 246 -1.66 50.43 3.53
N LEU PA 247 -1.67 50.97 2.31
CA LEU PA 247 -0.95 50.39 1.19
C LEU PA 247 0.29 51.18 0.81
N ARG PA 248 0.26 52.51 0.96
CA ARG PA 248 1.40 53.34 0.59
C ARG PA 248 2.23 53.67 1.84
N LYS PA 249 2.89 52.65 2.37
CA LYS PA 249 3.68 52.79 3.59
C LYS PA 249 4.94 51.94 3.48
N VAL PA 250 5.94 52.31 4.28
CA VAL PA 250 7.04 51.42 4.58
C VAL PA 250 6.57 50.42 5.62
N ALA PA 251 6.69 49.14 5.31
CA ALA PA 251 6.09 48.12 6.14
C ALA PA 251 6.92 47.81 7.38
N CYS PA 252 8.25 47.87 7.27
CA CYS PA 252 9.13 47.58 8.39
C CYS PA 252 10.17 48.69 8.52
N ILE PA 253 10.30 49.23 9.73
CA ILE PA 253 11.22 50.34 9.97
C ILE PA 253 12.57 49.86 10.48
N GLY PA 254 12.59 49.07 11.54
CA GLY PA 254 13.84 48.62 12.11
C GLY PA 254 13.68 47.30 12.82
N ALA PA 255 14.79 46.81 13.37
CA ALA PA 255 14.81 45.57 14.11
C ALA PA 255 14.49 45.84 15.57
N TRP PA 256 14.56 44.81 16.40
CA TRP PA 256 14.26 44.97 17.82
C TRP PA 256 15.42 45.62 18.57
N HIS PA 257 16.63 45.08 18.39
CA HIS PA 257 17.75 45.45 19.26
C HIS PA 257 18.21 46.89 19.07
N PRO PA 258 18.23 47.49 17.85
CA PRO PA 258 18.20 48.96 17.81
C PRO PA 258 16.81 49.42 18.19
N ALA PA 259 16.65 49.91 19.42
CA ALA PA 259 15.33 50.34 19.89
C ALA PA 259 15.11 51.82 19.60
N ARG PA 260 15.37 52.19 18.36
CA ARG PA 260 15.23 53.54 17.85
C ARG PA 260 14.77 53.43 16.41
N VAL PA 261 14.74 54.55 15.70
CA VAL PA 261 14.46 54.58 14.27
C VAL PA 261 15.68 55.17 13.59
N ALA PA 262 16.23 54.44 12.62
CA ALA PA 262 17.42 54.91 11.92
C ALA PA 262 17.07 56.08 11.02
N PHE PA 263 18.08 56.93 10.78
CA PHE PA 263 17.89 58.10 9.92
C PHE PA 263 17.72 57.71 8.46
N SER PA 264 18.20 56.53 8.06
CA SER PA 264 18.10 56.08 6.68
C SER PA 264 16.74 55.47 6.36
N VAL PA 265 15.84 55.36 7.32
CA VAL PA 265 14.53 54.76 7.09
C VAL PA 265 13.66 55.76 6.34
N ALA PA 266 13.04 55.31 5.26
CA ALA PA 266 12.16 56.15 4.46
C ALA PA 266 10.86 56.43 5.22
N ARG PA 267 10.54 57.71 5.39
CA ARG PA 267 9.32 58.13 6.08
C ARG PA 267 8.65 59.26 5.31
N ALA PA 268 7.54 59.75 5.85
CA ALA PA 268 6.69 60.72 5.17
C ALA PA 268 7.15 62.13 5.54
N GLY PA 269 7.66 62.86 4.54
CA GLY PA 269 8.04 64.24 4.73
C GLY PA 269 7.52 65.10 3.58
N GLN PA 270 7.87 66.38 3.65
CA GLN PA 270 7.46 67.31 2.60
C GLN PA 270 8.25 67.07 1.34
N LYS PA 271 7.54 66.85 0.23
CA LYS PA 271 8.19 66.57 -1.05
C LYS PA 271 8.55 67.86 -1.77
N GLY PA 272 9.80 67.97 -2.17
CA GLY PA 272 10.23 69.09 -2.97
C GLY PA 272 10.42 70.36 -2.16
N TYR PA 273 10.52 71.47 -2.90
CA TYR PA 273 10.91 72.80 -2.40
C TYR PA 273 12.22 72.70 -1.62
N HIS PA 274 13.23 72.18 -2.31
CA HIS PA 274 14.56 72.00 -1.74
C HIS PA 274 15.59 72.67 -2.63
N HIS PA 275 16.67 73.13 -2.01
CA HIS PA 275 17.78 73.70 -2.76
C HIS PA 275 18.53 72.58 -3.46
N ARG PA 276 18.55 72.61 -4.79
CA ARG PA 276 19.24 71.58 -5.55
C ARG PA 276 20.01 72.22 -6.69
N THR PA 277 21.16 71.61 -7.00
CA THR PA 277 22.01 72.04 -8.11
C THR PA 277 22.07 70.92 -9.14
N GLU PA 278 22.14 71.29 -10.41
CA GLU PA 278 22.36 70.32 -11.47
C GLU PA 278 23.53 70.78 -12.32
N ILE PA 279 24.36 69.82 -12.71
CA ILE PA 279 25.67 70.09 -13.29
C ILE PA 279 25.60 69.84 -14.79
N ASN PA 280 26.45 70.55 -15.54
CA ASN PA 280 26.77 70.29 -16.94
C ASN PA 280 25.55 70.47 -17.87
N LYS PA 281 25.08 71.71 -17.93
CA LYS PA 281 24.03 72.10 -18.86
C LYS PA 281 24.60 73.07 -19.90
N LYS PA 282 24.40 72.76 -21.18
CA LYS PA 282 24.95 73.55 -22.26
C LYS PA 282 23.99 74.65 -22.68
N ILE PA 283 24.54 75.84 -22.93
CA ILE PA 283 23.76 76.97 -23.44
C ILE PA 283 23.71 76.91 -24.95
N TYR PA 284 22.50 76.92 -25.50
CA TYR PA 284 22.37 76.93 -26.95
C TYR PA 284 22.48 78.35 -27.52
N LYS PA 285 21.73 79.29 -26.96
CA LYS PA 285 21.65 80.62 -27.53
C LYS PA 285 21.43 81.66 -26.45
N ILE PA 286 22.22 82.72 -26.47
CA ILE PA 286 22.00 83.90 -25.63
C ILE PA 286 21.45 84.96 -26.56
N GLY PA 287 20.15 85.22 -26.47
CA GLY PA 287 19.46 86.06 -27.44
C GLY PA 287 18.96 87.35 -26.84
N GLN PA 288 18.97 88.40 -27.66
CA GLN PA 288 18.46 89.71 -27.29
C GLN PA 288 17.35 90.11 -28.25
N GLY PA 289 16.52 91.07 -27.83
CA GLY PA 289 15.44 91.51 -28.68
C GLY PA 289 14.91 92.86 -28.25
N TYR PA 290 13.96 93.35 -29.06
CA TYR PA 290 13.18 94.57 -28.81
C TYR PA 290 14.07 95.80 -28.69
N LEU PA 291 14.73 96.11 -29.80
CA LEU PA 291 15.68 97.21 -29.92
C LEU PA 291 14.94 98.52 -30.17
N ILE PA 292 15.70 99.63 -30.11
CA ILE PA 292 15.20 101.00 -30.22
C ILE PA 292 14.71 101.30 -31.63
N LYS PA 293 14.12 102.49 -31.80
CA LYS PA 293 13.19 102.82 -32.87
C LYS PA 293 13.80 102.99 -34.28
N ASP PA 294 15.04 102.52 -34.49
CA ASP PA 294 15.54 102.37 -35.86
C ASP PA 294 14.66 101.40 -36.64
N GLY PA 295 14.58 100.16 -36.17
CA GLY PA 295 13.47 99.31 -36.54
C GLY PA 295 12.27 99.61 -35.66
N LYS PA 296 11.07 99.44 -36.22
CA LYS PA 296 9.86 99.84 -35.51
C LYS PA 296 9.58 98.92 -34.31
N LEU PA 297 9.61 97.61 -34.52
CA LEU PA 297 9.60 96.63 -33.43
C LEU PA 297 10.20 95.35 -34.00
N ILE PA 298 11.47 95.13 -33.72
CA ILE PA 298 12.16 93.95 -34.24
C ILE PA 298 11.88 92.78 -33.31
N LYS PA 299 11.48 91.65 -33.89
CA LYS PA 299 11.24 90.45 -33.10
C LYS PA 299 12.49 89.58 -33.14
N ASN PA 300 12.81 89.07 -34.33
CA ASN PA 300 14.11 88.48 -34.71
C ASN PA 300 14.65 87.45 -33.72
N ASN PA 301 13.77 86.71 -33.07
CA ASN PA 301 14.16 85.75 -32.04
C ASN PA 301 13.68 84.36 -32.42
N ALA PA 302 14.52 83.37 -32.10
CA ALA PA 302 14.39 81.98 -32.59
C ALA PA 302 14.31 81.94 -34.11
N SER PA 303 15.08 82.82 -34.75
CA SER PA 303 15.15 82.93 -36.20
C SER PA 303 16.56 82.52 -36.61
N THR PA 304 16.70 81.27 -37.03
CA THR PA 304 18.01 80.71 -37.31
C THR PA 304 18.47 81.13 -38.71
N ASP PA 305 19.61 80.57 -39.13
CA ASP PA 305 20.10 80.80 -40.48
C ASP PA 305 19.30 80.02 -41.52
N TYR PA 306 18.57 79.00 -41.09
CA TYR PA 306 17.76 78.20 -42.00
C TYR PA 306 16.28 78.55 -41.95
N ASP PA 307 15.82 79.19 -40.88
CA ASP PA 307 14.42 79.57 -40.76
C ASP PA 307 14.17 80.92 -41.44
N LEU PA 308 14.85 81.97 -40.96
CA LEU PA 308 14.85 83.31 -41.56
C LEU PA 308 13.45 83.92 -41.63
N SER PA 309 12.63 83.66 -40.62
CA SER PA 309 11.26 84.13 -40.59
C SER PA 309 11.05 85.06 -39.40
N ASP PA 310 9.96 85.81 -39.45
CA ASP PA 310 9.59 86.70 -38.36
C ASP PA 310 9.07 85.88 -37.19
N LYS PA 311 9.78 85.94 -36.07
CA LYS PA 311 9.45 85.12 -34.92
C LYS PA 311 10.02 85.81 -33.69
N SER PA 312 9.37 85.62 -32.55
CA SER PA 312 9.80 86.23 -31.30
C SER PA 312 10.17 85.14 -30.29
N ILE PA 313 10.44 85.59 -29.06
CA ILE PA 313 10.79 84.67 -27.97
C ILE PA 313 9.58 83.84 -27.58
N ASN PA 314 8.43 84.48 -27.45
CA ASN PA 314 7.25 83.84 -26.91
C ASN PA 314 6.65 82.84 -27.89
N PRO PA 315 5.98 81.81 -27.39
CA PRO PA 315 5.21 80.93 -28.26
C PRO PA 315 3.94 81.61 -28.72
N LEU PA 316 3.25 80.94 -29.66
CA LEU PA 316 2.03 81.48 -30.26
C LEU PA 316 0.92 81.44 -29.22
N GLY PA 317 0.69 82.58 -28.57
CA GLY PA 317 -0.27 82.67 -27.49
C GLY PA 317 0.38 83.04 -26.17
N GLY PA 318 1.67 83.35 -26.20
CA GLY PA 318 2.40 83.71 -25.00
C GLY PA 318 2.81 82.50 -24.17
N PHE PA 319 3.74 82.73 -23.25
CA PHE PA 319 4.18 81.69 -22.35
C PHE PA 319 3.08 81.32 -21.36
N VAL PA 320 3.05 80.05 -20.99
CA VAL PA 320 2.07 79.55 -20.03
C VAL PA 320 2.56 79.88 -18.63
N HIS PA 321 1.76 80.65 -17.89
CA HIS PA 321 1.98 81.08 -16.50
C HIS PA 321 3.16 82.02 -16.32
N TYR PA 322 3.87 82.44 -17.38
CA TYR PA 322 4.98 83.36 -17.19
C TYR PA 322 4.74 84.72 -17.85
N GLY PA 323 4.56 84.76 -19.17
CA GLY PA 323 4.40 86.06 -19.81
C GLY PA 323 5.00 86.25 -21.19
N GLU PA 324 5.59 87.42 -21.40
CA GLU PA 324 5.85 87.99 -22.72
C GLU PA 324 7.29 88.53 -22.75
N VAL PA 325 8.27 87.62 -22.58
CA VAL PA 325 9.71 87.88 -22.50
C VAL PA 325 10.21 88.86 -23.54
N THR PA 326 10.82 89.96 -23.08
CA THR PA 326 11.36 91.00 -23.95
C THR PA 326 12.80 91.35 -23.59
N ASN PA 327 13.52 90.43 -22.96
CA ASN PA 327 14.87 90.74 -22.49
C ASN PA 327 15.87 89.73 -23.02
N ASP PA 328 17.09 89.77 -22.49
CA ASP PA 328 18.09 88.76 -22.83
C ASP PA 328 17.67 87.41 -22.27
N PHE PA 329 17.74 86.37 -23.09
CA PHE PA 329 17.31 85.05 -22.66
C PHE PA 329 18.40 84.03 -22.96
N VAL PA 330 18.59 83.11 -22.01
CA VAL PA 330 19.53 82.01 -22.12
C VAL PA 330 18.75 80.77 -22.50
N MET PA 331 19.25 80.04 -23.49
CA MET PA 331 18.54 78.90 -24.08
C MET PA 331 19.24 77.63 -23.59
N LEU PA 332 18.77 77.11 -22.47
CA LEU PA 332 19.45 76.03 -21.76
C LEU PA 332 18.96 74.66 -22.21
N LYS PA 333 19.73 73.63 -21.85
CA LYS PA 333 19.50 72.28 -22.33
C LYS PA 333 18.77 71.45 -21.28
N GLY PA 334 17.78 70.68 -21.73
CA GLY PA 334 17.21 69.63 -20.90
C GLY PA 334 16.04 70.14 -20.07
N CYS PA 335 16.13 69.93 -18.76
CA CYS PA 335 15.11 70.34 -17.81
C CYS PA 335 15.78 71.08 -16.67
N VAL PA 336 15.15 72.15 -16.21
CA VAL PA 336 15.75 73.08 -15.26
C VAL PA 336 14.94 73.04 -13.97
N VAL PA 337 15.65 72.98 -12.83
CA VAL PA 337 15.04 72.94 -11.51
C VAL PA 337 14.22 74.20 -11.25
N GLY PA 338 12.95 74.02 -10.92
CA GLY PA 338 12.08 75.11 -10.53
C GLY PA 338 10.83 75.19 -11.38
N THR PA 339 9.86 75.95 -10.87
CA THR PA 339 8.61 76.20 -11.57
C THR PA 339 8.81 77.34 -12.57
N LYS PA 340 7.70 77.82 -13.12
CA LYS PA 340 7.72 79.10 -13.80
C LYS PA 340 7.88 80.23 -12.78
N LYS PA 341 8.35 81.39 -13.27
CA LYS PA 341 8.46 82.63 -12.50
C LYS PA 341 9.40 82.49 -11.30
N ARG PA 342 10.42 81.63 -11.40
CA ARG PA 342 11.26 81.31 -10.26
C ARG PA 342 12.70 81.73 -10.50
N VAL PA 343 13.31 82.28 -9.45
CA VAL PA 343 14.67 82.83 -9.53
C VAL PA 343 15.67 81.68 -9.66
N LEU PA 344 16.58 81.81 -10.63
CA LEU PA 344 17.63 80.86 -10.88
C LEU PA 344 18.97 81.57 -10.79
N THR PA 345 20.04 80.81 -10.58
CA THR PA 345 21.40 81.34 -10.70
C THR PA 345 22.19 80.48 -11.67
N LEU PA 346 22.90 81.13 -12.59
CA LEU PA 346 23.66 80.44 -13.64
C LEU PA 346 25.14 80.51 -13.24
N ARG PA 347 25.62 79.46 -12.60
CA ARG PA 347 26.98 79.42 -12.07
C ARG PA 347 27.93 78.77 -13.06
N LYS PA 348 29.09 79.39 -13.26
CA LYS PA 348 30.15 78.79 -14.06
C LYS PA 348 30.61 77.48 -13.44
N SER PA 349 30.96 76.52 -14.30
CA SER PA 349 31.39 75.21 -13.82
C SER PA 349 32.79 75.31 -13.22
N LEU PA 350 32.95 74.79 -12.00
CA LEU PA 350 34.21 74.90 -11.30
C LEU PA 350 35.25 73.89 -11.76
N LEU PA 351 34.89 72.96 -12.64
CA LEU PA 351 35.84 72.04 -13.23
C LEU PA 351 35.71 72.10 -14.74
N VAL PA 352 36.87 72.00 -15.42
CA VAL PA 352 36.95 72.12 -16.87
C VAL PA 352 37.17 70.73 -17.45
N GLN PA 353 36.29 70.32 -18.36
CA GLN PA 353 36.41 69.04 -19.03
C GLN PA 353 36.07 69.21 -20.51
N THR PA 354 36.68 68.38 -21.34
CA THR PA 354 36.32 68.33 -22.76
C THR PA 354 35.34 67.19 -23.05
N LYS PA 355 35.79 65.95 -22.87
CA LYS PA 355 35.01 64.70 -22.90
C LYS PA 355 34.26 64.46 -24.22
N ARG PA 356 34.56 65.24 -25.27
CA ARG PA 356 33.70 65.41 -26.46
C ARG PA 356 32.24 65.67 -26.03
N ARG PA 357 32.09 66.58 -25.06
CA ARG PA 357 30.79 67.02 -24.59
C ARG PA 357 30.66 68.52 -24.45
N ALA PA 358 31.77 69.24 -24.29
CA ALA PA 358 31.77 70.69 -24.21
C ALA PA 358 32.52 71.27 -25.40
N LEU PA 359 32.18 72.52 -25.73
CA LEU PA 359 32.75 73.29 -26.84
C LEU PA 359 32.57 72.58 -28.18
N GLU PA 360 31.30 72.41 -28.55
CA GLU PA 360 30.93 71.92 -29.88
C GLU PA 360 30.08 72.97 -30.56
N LYS PA 361 30.50 73.39 -31.75
CA LYS PA 361 29.79 74.42 -32.50
C LYS PA 361 28.46 73.87 -33.00
N ILE PA 362 27.39 74.26 -32.35
CA ILE PA 362 26.05 73.79 -32.68
C ILE PA 362 25.55 74.52 -33.91
N ASP PA 363 24.54 73.94 -34.56
CA ASP PA 363 23.89 74.54 -35.72
C ASP PA 363 22.39 74.54 -35.47
N LEU PA 364 21.86 75.69 -35.06
CA LEU PA 364 20.44 75.83 -34.83
C LEU PA 364 19.72 75.90 -36.17
N LYS PA 365 18.65 75.12 -36.31
CA LYS PA 365 17.86 75.13 -37.55
C LYS PA 365 16.43 75.62 -37.33
N PHE PA 366 15.69 74.99 -36.42
CA PHE PA 366 14.27 75.30 -36.26
C PHE PA 366 13.92 75.27 -34.78
N ILE PA 367 13.29 76.34 -34.30
CA ILE PA 367 12.82 76.44 -32.93
C ILE PA 367 11.32 76.69 -32.99
N ASP PA 368 10.53 75.73 -32.52
CA ASP PA 368 9.09 75.84 -32.61
C ASP PA 368 8.54 76.79 -31.56
N THR PA 369 7.58 77.61 -31.98
CA THR PA 369 6.86 78.49 -31.06
C THR PA 369 5.37 78.22 -31.17
N THR PA 370 4.98 76.94 -31.17
CA THR PA 370 3.59 76.56 -31.26
C THR PA 370 2.86 76.86 -29.95
N SER PA 371 1.55 76.63 -29.95
CA SER PA 371 0.72 76.94 -28.79
C SER PA 371 1.02 75.96 -27.66
N LYS PA 372 1.76 76.41 -26.65
CA LYS PA 372 2.04 75.57 -25.50
C LYS PA 372 0.85 75.49 -24.55
N PHE PA 373 -0.06 76.46 -24.63
CA PHE PA 373 -1.34 76.41 -23.89
C PHE PA 373 -2.26 75.49 -24.67
N GLY PA 374 -2.09 74.19 -24.46
CA GLY PA 374 -2.77 73.18 -25.24
C GLY PA 374 -1.86 72.56 -26.27
N HIS PA 375 -2.49 72.00 -27.31
CA HIS PA 375 -1.77 71.40 -28.42
C HIS PA 375 -1.54 72.47 -29.49
N GLY PA 376 -0.28 72.66 -29.87
CA GLY PA 376 0.05 73.67 -30.85
C GLY PA 376 -0.18 73.16 -32.26
N ARG PA 377 -0.79 74.00 -33.10
CA ARG PA 377 -1.05 73.65 -34.49
C ARG PA 377 -0.33 74.53 -35.49
N PHE PA 378 0.16 75.70 -35.08
CA PHE PA 378 0.71 76.66 -36.01
C PHE PA 378 1.99 77.26 -35.46
N GLN PA 379 2.79 77.83 -36.36
CA GLN PA 379 4.09 78.41 -36.02
C GLN PA 379 3.97 79.90 -35.71
N THR PA 380 3.49 80.68 -36.68
CA THR PA 380 3.34 82.12 -36.54
C THR PA 380 1.90 82.54 -36.80
N MET PA 381 1.59 83.77 -36.38
CA MET PA 381 0.26 84.32 -36.57
C MET PA 381 -0.08 84.51 -38.04
N GLU PA 382 0.89 84.96 -38.83
CA GLU PA 382 0.66 85.16 -40.26
C GLU PA 382 0.45 83.83 -40.97
N GLU PA 383 1.15 82.77 -40.53
CA GLU PA 383 0.94 81.46 -41.12
C GLU PA 383 -0.41 80.89 -40.72
N LYS PA 384 -0.85 81.13 -39.48
CA LYS PA 384 -2.17 80.68 -39.06
C LYS PA 384 -3.28 81.41 -39.81
N LYS PA 385 -3.12 82.72 -40.03
CA LYS PA 385 -4.11 83.47 -40.79
C LYS PA 385 -4.10 83.06 -42.26
N ALA PA 386 -2.93 82.77 -42.82
CA ALA PA 386 -2.85 82.35 -44.22
C ALA PA 386 -3.39 80.95 -44.41
N PHE PA 387 -3.36 80.11 -43.38
CA PHE PA 387 -3.96 78.79 -43.51
C PHE PA 387 -5.47 78.83 -43.32
N MET PA 388 -5.93 79.53 -42.29
CA MET PA 388 -7.35 79.48 -41.96
C MET PA 388 -8.18 80.37 -42.88
N GLY PA 389 -7.65 81.53 -43.28
CA GLY PA 389 -8.38 82.43 -44.14
C GLY PA 389 -9.24 83.40 -43.34
N PRO PA 390 -10.31 83.89 -43.96
CA PRO PA 390 -11.19 84.83 -43.26
C PRO PA 390 -12.12 84.14 -42.27
N LEU PA 391 -12.52 84.89 -41.25
CA LEU PA 391 -13.45 84.42 -40.23
C LEU PA 391 -14.50 85.50 -39.97
N LYS PA 392 -15.28 85.36 -38.90
CA LYS PA 392 -16.25 86.38 -38.53
C LYS PA 392 -15.62 87.63 -37.92
N LYS PA 393 -14.31 87.66 -37.72
CA LYS PA 393 -13.66 88.88 -37.24
C LYS PA 393 -13.60 89.96 -38.31
N ASP PA 394 -13.77 89.60 -39.57
CA ASP PA 394 -13.72 90.57 -40.66
C ASP PA 394 -14.99 90.49 -41.51
N CYS QA 1 1.32 45.57 118.07
CA CYS QA 1 -0.10 45.48 117.74
C CYS QA 1 -0.96 45.65 118.99
N ALA QA 2 -1.09 46.89 119.44
CA ALA QA 2 -1.91 47.23 120.59
C ALA QA 2 -3.24 47.82 120.13
N ARG QA 3 -4.26 47.68 120.98
CA ARG QA 3 -5.61 48.14 120.65
C ARG QA 3 -5.96 49.35 121.49
N PRO QA 4 -5.92 50.57 120.92
CA PRO QA 4 -6.21 51.77 121.72
C PRO QA 4 -7.70 51.98 121.93
N LEU QA 5 -8.05 53.12 122.53
CA LEU QA 5 -9.43 53.47 122.83
C LEU QA 5 -9.80 54.71 122.01
N ILE QA 6 -10.93 54.63 121.30
CA ILE QA 6 -11.44 55.75 120.51
C ILE QA 6 -12.75 56.21 121.13
N SER QA 7 -12.84 57.51 121.42
CA SER QA 7 -14.03 58.07 122.05
C SER QA 7 -15.21 58.08 121.09
N VAL QA 8 -16.40 58.09 121.66
CA VAL QA 8 -17.64 58.17 120.90
C VAL QA 8 -18.11 59.63 120.90
N TYR QA 9 -18.37 60.15 119.72
CA TYR QA 9 -18.75 61.55 119.57
C TYR QA 9 -20.27 61.70 119.55
N SER QA 10 -20.76 62.78 120.16
CA SER QA 10 -22.19 63.05 120.21
C SER QA 10 -22.63 63.75 118.92
N GLU QA 11 -23.89 64.18 118.89
CA GLU QA 11 -24.39 64.91 117.73
C GLU QA 11 -23.90 66.35 117.68
N LYS QA 12 -23.33 66.86 118.77
CA LYS QA 12 -22.78 68.21 118.79
C LYS QA 12 -21.30 68.26 118.51
N GLY QA 13 -20.60 67.12 118.58
CA GLY QA 13 -19.17 67.05 118.35
C GLY QA 13 -18.34 66.88 119.61
N GLU QA 14 -18.94 67.02 120.79
CA GLU QA 14 -18.21 66.86 122.04
C GLU QA 14 -17.94 65.38 122.30
N SER QA 15 -16.73 65.09 122.80
CA SER QA 15 -16.36 63.71 123.13
C SER QA 15 -17.13 63.25 124.36
N SER QA 16 -17.87 62.16 124.22
CA SER QA 16 -18.55 61.58 125.36
C SER QA 16 -17.59 60.71 126.17
N GLY QA 17 -18.03 60.32 127.36
CA GLY QA 17 -17.22 59.45 128.19
C GLY QA 17 -17.21 57.99 127.77
N LYS QA 18 -18.07 57.62 126.83
CA LYS QA 18 -18.12 56.25 126.34
C LYS QA 18 -16.92 55.96 125.46
N ASN QA 19 -16.07 55.03 125.88
CA ASN QA 19 -14.88 54.64 125.14
C ASN QA 19 -14.96 53.16 124.80
N VAL QA 20 -14.81 52.84 123.53
CA VAL QA 20 -14.87 51.47 123.04
C VAL QA 20 -13.48 51.10 122.51
N THR QA 21 -13.01 49.90 122.87
CA THR QA 21 -11.71 49.42 122.43
C THR QA 21 -11.72 49.19 120.91
N LEU QA 22 -10.64 49.59 120.26
CA LEU QA 22 -10.50 49.42 118.81
C LEU QA 22 -10.43 47.93 118.46
N PRO QA 23 -11.23 47.46 117.52
CA PRO QA 23 -11.15 46.05 117.11
C PRO QA 23 -9.92 45.79 116.27
N ALA QA 24 -9.63 44.51 116.07
CA ALA QA 24 -8.42 44.09 115.39
C ALA QA 24 -8.51 44.15 113.87
N VAL QA 25 -9.67 44.52 113.33
CA VAL QA 25 -9.81 44.70 111.89
C VAL QA 25 -8.99 45.88 111.43
N PHE QA 26 -8.86 46.90 112.27
CA PHE QA 26 -8.04 48.06 111.96
C PHE QA 26 -6.56 47.82 112.21
N LYS QA 27 -6.21 46.70 112.84
CA LYS QA 27 -4.83 46.28 113.03
C LYS QA 27 -4.44 45.17 112.06
N ALA QA 28 -5.41 44.65 111.30
CA ALA QA 28 -5.18 43.67 110.24
C ALA QA 28 -4.23 44.23 109.17
N PRO QA 29 -3.52 43.38 108.44
CA PRO QA 29 -2.56 43.88 107.45
C PRO QA 29 -3.24 44.54 106.26
N ILE QA 30 -2.46 45.31 105.53
CA ILE QA 30 -2.93 46.15 104.44
C ILE QA 30 -2.25 45.68 103.16
N ARG QA 31 -3.02 45.13 102.22
CA ARG QA 31 -2.51 44.67 100.94
C ARG QA 31 -3.28 45.36 99.83
N PRO QA 32 -2.83 46.54 99.40
CA PRO QA 32 -3.56 47.28 98.35
C PRO QA 32 -3.51 46.62 96.99
N ASP QA 33 -2.51 45.79 96.70
CA ASP QA 33 -2.48 45.10 95.42
C ASP QA 33 -3.48 43.94 95.40
N ILE QA 34 -3.68 43.26 96.53
CA ILE QA 34 -4.74 42.28 96.63
C ILE QA 34 -6.12 42.96 96.59
N VAL QA 35 -6.23 44.14 97.21
CA VAL QA 35 -7.46 44.94 97.09
C VAL QA 35 -7.73 45.31 95.64
N ASN QA 36 -6.68 45.68 94.90
CA ASN QA 36 -6.83 46.02 93.49
C ASN QA 36 -7.23 44.81 92.65
N PHE QA 37 -6.68 43.63 92.97
CA PHE QA 37 -7.02 42.40 92.27
C PHE QA 37 -8.49 42.02 92.47
N VAL QA 38 -8.93 41.98 93.73
CA VAL QA 38 -10.30 41.60 94.04
C VAL QA 38 -11.28 42.68 93.54
N HIS QA 39 -10.86 43.95 93.58
CA HIS QA 39 -11.68 45.04 93.07
C HIS QA 39 -11.85 44.96 91.56
N THR QA 40 -10.77 44.61 90.85
CA THR QA 40 -10.84 44.40 89.40
C THR QA 40 -11.80 43.26 89.04
N ASN QA 41 -11.71 42.15 89.78
CA ASN QA 41 -12.59 41.03 89.46
C ASN QA 41 -14.04 41.31 89.82
N LEU QA 42 -14.31 42.07 90.88
CA LEU QA 42 -15.69 42.43 91.18
C LEU QA 42 -16.24 43.46 90.20
N ARG QA 43 -15.38 44.34 89.67
CA ARG QA 43 -15.82 45.23 88.60
C ARG QA 43 -16.15 44.46 87.33
N LYS QA 44 -15.40 43.39 87.06
CA LYS QA 44 -15.76 42.52 85.94
C LYS QA 44 -17.07 41.80 86.22
N ASN QA 45 -17.36 41.50 87.50
CA ASN QA 45 -18.65 40.93 87.86
C ASN QA 45 -19.80 41.93 87.76
N ASN QA 46 -19.50 43.22 87.79
CA ASN QA 46 -20.51 44.27 87.99
C ASN QA 46 -21.00 44.89 86.69
N ARG QA 47 -21.17 44.12 85.59
CA ARG QA 47 -21.50 44.74 84.32
C ARG QA 47 -22.46 43.90 83.48
N GLN QA 48 -23.35 44.59 82.77
CA GLN QA 48 -24.07 44.02 81.64
C GLN QA 48 -23.07 43.82 80.50
N PRO QA 49 -23.25 42.74 79.65
CA PRO QA 49 -22.11 42.26 78.84
C PRO QA 49 -21.53 43.24 77.80
N TYR QA 50 -22.20 43.38 76.65
CA TYR QA 50 -22.44 44.57 75.82
C TYR QA 50 -23.08 44.04 74.54
N ALA QA 51 -23.29 44.92 73.57
CA ALA QA 51 -23.92 44.58 72.29
C ALA QA 51 -23.21 43.46 71.55
N VAL QA 52 -24.00 42.66 70.83
CA VAL QA 52 -23.54 41.59 69.96
C VAL QA 52 -24.09 41.89 68.57
N SER QA 53 -23.32 41.58 67.53
CA SER QA 53 -23.79 41.72 66.16
C SER QA 53 -25.01 40.83 65.91
N GLU QA 54 -24.80 39.50 65.96
CA GLU QA 54 -25.81 38.43 66.05
C GLU QA 54 -26.62 38.26 64.76
N LEU QA 55 -26.53 39.23 63.86
CA LEU QA 55 -27.08 39.14 62.51
C LEU QA 55 -26.24 40.12 61.71
N ALA QA 56 -25.21 39.62 61.05
CA ALA QA 56 -24.15 40.46 60.51
C ALA QA 56 -24.54 40.94 59.11
N GLY QA 57 -23.56 41.42 58.36
CA GLY QA 57 -23.76 41.79 56.98
C GLY QA 57 -23.83 40.64 55.99
N HIS QA 58 -24.20 39.46 56.46
CA HIS QA 58 -24.43 38.28 55.62
C HIS QA 58 -25.85 38.22 55.08
N GLN QA 59 -26.62 39.31 55.22
CA GLN QA 59 -27.91 39.38 54.54
C GLN QA 59 -27.74 39.48 53.04
N THR QA 60 -26.63 40.05 52.59
CA THR QA 60 -26.37 40.25 51.18
C THR QA 60 -25.79 38.98 50.57
N SER QA 61 -26.54 38.36 49.67
CA SER QA 61 -26.05 37.20 48.94
C SER QA 61 -25.11 37.66 47.84
N ALA QA 62 -23.95 37.01 47.75
CA ALA QA 62 -22.91 37.48 46.86
C ALA QA 62 -22.00 36.33 46.43
N GLU QA 63 -21.37 36.51 45.28
CA GLU QA 63 -20.38 35.58 44.77
C GLU QA 63 -19.21 36.38 44.21
N SER QA 64 -18.07 35.70 44.06
CA SER QA 64 -16.89 36.34 43.51
C SER QA 64 -16.82 36.15 42.00
N TRP QA 65 -16.11 37.06 41.33
CA TRP QA 65 -16.00 36.97 39.88
C TRP QA 65 -15.00 35.89 39.47
N GLY QA 66 -13.73 36.05 39.84
CA GLY QA 66 -12.72 35.10 39.44
C GLY QA 66 -11.61 35.70 38.61
N THR QA 67 -11.33 35.10 37.45
CA THR QA 67 -10.21 35.54 36.62
C THR QA 67 -10.57 36.76 35.79
N GLY QA 68 -11.53 36.62 34.89
CA GLY QA 68 -11.98 37.75 34.11
C GLY QA 68 -12.82 38.70 34.94
N ARG QA 69 -13.11 39.87 34.34
CA ARG QA 69 -13.84 40.98 34.98
C ARG QA 69 -13.11 41.42 36.25
N ALA QA 70 -11.96 42.05 36.00
CA ALA QA 70 -10.78 42.01 36.87
C ALA QA 70 -10.77 43.04 37.98
N VAL QA 71 -11.94 43.34 38.55
CA VAL QA 71 -12.00 44.26 39.69
C VAL QA 71 -11.24 43.69 40.89
N ALA QA 72 -11.66 42.53 41.42
CA ALA QA 72 -11.02 41.90 42.57
C ALA QA 72 -11.51 40.46 42.67
N ARG QA 73 -11.05 39.76 43.72
CA ARG QA 73 -11.53 38.42 44.07
C ARG QA 73 -12.52 38.44 45.22
N ILE QA 74 -12.82 39.62 45.76
CA ILE QA 74 -13.82 39.77 46.82
C ILE QA 74 -15.19 39.44 46.26
N PRO QA 75 -16.08 38.80 47.04
CA PRO QA 75 -17.47 38.63 46.57
C PRO QA 75 -18.15 39.98 46.35
N ARG QA 76 -19.09 39.97 45.41
CA ARG QA 76 -19.78 41.17 44.95
C ARG QA 76 -21.27 40.88 44.92
N VAL QA 77 -22.07 41.83 45.40
CA VAL QA 77 -23.52 41.67 45.33
C VAL QA 77 -23.96 41.84 43.88
N ARG QA 78 -24.95 41.06 43.48
CA ARG QA 78 -25.29 40.88 42.06
C ARG QA 78 -26.67 41.44 41.78
N GLY QA 79 -26.76 42.28 40.76
CA GLY QA 79 -28.02 42.89 40.40
C GLY QA 79 -27.80 43.96 39.33
N GLY QA 80 -28.75 44.90 39.28
CA GLY QA 80 -28.66 45.99 38.33
C GLY QA 80 -29.45 47.17 38.83
N GLY QA 81 -29.29 48.30 38.13
CA GLY QA 81 -30.03 49.51 38.46
C GLY QA 81 -29.53 50.21 39.69
N THR QA 82 -29.66 49.56 40.85
CA THR QA 82 -29.09 50.03 42.09
C THR QA 82 -27.56 50.07 41.98
N HIS QA 83 -26.97 51.20 42.34
CA HIS QA 83 -25.52 51.36 42.23
C HIS QA 83 -24.75 50.62 43.31
N ARG QA 84 -25.42 49.99 44.28
CA ARG QA 84 -24.71 49.12 45.20
C ARG QA 84 -24.36 47.79 44.55
N SER QA 85 -25.11 47.39 43.52
CA SER QA 85 -24.93 46.10 42.85
C SER QA 85 -23.59 46.09 42.13
N GLY QA 86 -22.63 45.38 42.70
CA GLY QA 86 -21.25 45.40 42.24
C GLY QA 86 -20.27 45.89 43.27
N GLN QA 87 -20.70 46.29 44.47
CA GLN QA 87 -19.80 46.80 45.48
C GLN QA 87 -19.32 45.65 46.37
N GLY QA 88 -18.63 46.00 47.46
CA GLY QA 88 -18.04 44.99 48.32
C GLY QA 88 -19.07 44.28 49.18
N ALA QA 89 -18.93 42.96 49.26
CA ALA QA 89 -19.78 42.11 50.08
C ALA QA 89 -19.32 42.07 51.52
N PHE QA 90 -19.78 41.05 52.25
CA PHE QA 90 -19.29 40.76 53.59
C PHE QA 90 -17.78 40.56 53.59
N GLY QA 91 -17.17 40.99 54.68
CA GLY QA 91 -15.72 41.01 54.82
C GLY QA 91 -15.32 42.17 55.70
N ASN QA 92 -14.08 42.12 56.18
CA ASN QA 92 -13.65 43.10 57.16
C ASN QA 92 -13.21 44.41 56.52
N MET QA 93 -12.76 44.35 55.26
CA MET QA 93 -12.20 45.51 54.59
C MET QA 93 -13.19 46.20 53.66
N CYS QA 94 -14.47 45.86 53.75
CA CYS QA 94 -15.47 46.36 52.82
C CYS QA 94 -16.46 47.29 53.53
N ARG QA 95 -17.12 48.11 52.73
CA ARG QA 95 -18.19 48.98 53.23
C ARG QA 95 -19.41 48.16 53.61
N GLY QA 96 -19.90 48.37 54.83
CA GLY QA 96 -21.08 47.66 55.29
C GLY QA 96 -20.87 46.18 55.51
N GLY QA 97 -19.63 45.74 55.72
CA GLY QA 97 -19.34 44.33 55.81
C GLY QA 97 -19.35 43.82 57.23
N ARG QA 98 -19.25 42.49 57.34
CA ARG QA 98 -19.12 41.82 58.61
C ARG QA 98 -17.77 42.17 59.25
N MET QA 99 -17.80 42.60 60.51
CA MET QA 99 -16.59 43.02 61.21
C MET QA 99 -15.76 41.81 61.63
N PHE QA 100 -14.46 42.05 61.82
CA PHE QA 100 -13.60 40.98 62.35
C PHE QA 100 -13.95 40.69 63.79
N ALA QA 101 -14.06 39.39 64.09
CA ALA QA 101 -14.44 38.82 65.38
C ALA QA 101 -15.73 39.44 65.90
N PRO QA 102 -16.89 39.07 65.35
CA PRO QA 102 -18.16 39.60 65.87
C PRO QA 102 -18.35 39.17 67.32
N THR QA 103 -18.40 40.17 68.20
CA THR QA 103 -18.23 39.97 69.64
C THR QA 103 -19.46 39.26 70.19
N LYS QA 104 -19.33 37.95 70.37
CA LYS QA 104 -20.44 37.09 70.75
C LYS QA 104 -20.82 37.33 72.21
N THR QA 105 -22.00 36.82 72.57
CA THR QA 105 -22.54 37.07 73.89
C THR QA 105 -21.92 36.19 74.97
N TRP QA 106 -21.21 35.13 74.59
CA TRP QA 106 -20.70 34.17 75.56
C TRP QA 106 -19.24 34.45 75.93
N ARG QA 107 -18.86 35.73 76.00
CA ARG QA 107 -17.56 36.08 76.56
C ARG QA 107 -17.56 35.79 78.05
N ARG QA 108 -16.37 35.52 78.60
CA ARG QA 108 -16.24 35.16 80.01
C ARG QA 108 -16.24 36.45 80.83
N TRP QA 109 -17.45 36.95 81.11
CA TRP QA 109 -17.60 38.25 81.74
C TRP QA 109 -17.28 38.20 83.23
N HIS QA 110 -18.05 37.43 83.97
CA HIS QA 110 -18.08 37.50 85.41
C HIS QA 110 -17.02 36.58 86.00
N ARG QA 111 -16.24 37.11 86.95
CA ARG QA 111 -15.05 36.43 87.44
C ARG QA 111 -15.23 36.11 88.92
N ARG QA 112 -15.15 34.83 89.26
CA ARG QA 112 -15.32 34.42 90.65
C ARG QA 112 -14.04 34.71 91.43
N VAL QA 113 -14.22 35.19 92.67
CA VAL QA 113 -13.11 35.41 93.58
C VAL QA 113 -13.29 34.45 94.75
N ASN QA 114 -12.18 33.98 95.30
CA ASN QA 114 -12.23 33.22 96.54
C ASN QA 114 -12.77 34.10 97.66
N THR QA 115 -13.61 33.50 98.50
CA THR QA 115 -14.24 34.26 99.59
C THR QA 115 -13.21 34.65 100.66
N THR QA 116 -12.16 33.86 100.82
CA THR QA 116 -11.07 34.25 101.71
C THR QA 116 -10.35 35.49 101.19
N GLN QA 117 -10.17 35.59 99.87
CA GLN QA 117 -9.58 36.80 99.31
C GLN QA 117 -10.54 37.98 99.37
N LYS QA 118 -11.86 37.72 99.26
CA LYS QA 118 -12.85 38.79 99.43
C LYS QA 118 -12.80 39.38 100.83
N ARG QA 119 -12.81 38.51 101.84
CA ARG QA 119 -12.73 38.96 103.22
C ARG QA 119 -11.36 39.57 103.53
N TYR QA 120 -10.31 39.09 102.85
CA TYR QA 120 -8.98 39.67 102.99
C TYR QA 120 -8.96 41.10 102.48
N ALA QA 121 -9.60 41.34 101.33
CA ALA QA 121 -9.67 42.68 100.78
C ALA QA 121 -10.54 43.60 101.63
N ILE QA 122 -11.61 43.07 102.23
CA ILE QA 122 -12.43 43.88 103.14
C ILE QA 122 -11.63 44.29 104.37
N CYS QA 123 -10.90 43.33 104.96
CA CYS QA 123 -10.09 43.63 106.14
C CYS QA 123 -8.96 44.60 105.80
N SER QA 124 -8.36 44.47 104.63
CA SER QA 124 -7.30 45.39 104.22
C SER QA 124 -7.83 46.79 103.97
N ALA QA 125 -9.03 46.91 103.38
CA ALA QA 125 -9.61 48.22 103.14
C ALA QA 125 -10.03 48.89 104.45
N LEU QA 126 -10.62 48.12 105.37
CA LEU QA 126 -10.99 48.69 106.66
C LEU QA 126 -9.79 49.05 107.50
N ALA QA 127 -8.68 48.32 107.37
CA ALA QA 127 -7.46 48.67 108.09
C ALA QA 127 -6.80 49.90 107.50
N ALA QA 128 -6.81 50.03 106.17
CA ALA QA 128 -6.24 51.21 105.54
C ALA QA 128 -7.11 52.44 105.71
N SER QA 129 -8.40 52.27 106.03
CA SER QA 129 -9.25 53.41 106.33
C SER QA 129 -8.94 54.06 107.68
N ALA QA 130 -8.15 53.41 108.54
CA ALA QA 130 -7.85 53.95 109.86
C ALA QA 130 -6.65 54.87 109.87
N LEU QA 131 -5.71 54.69 108.95
CA LEU QA 131 -4.52 55.54 108.94
C LEU QA 131 -4.85 56.90 108.34
N PRO QA 132 -4.45 57.99 108.99
CA PRO QA 132 -4.81 59.32 108.47
C PRO QA 132 -4.06 59.69 107.20
N ALA QA 133 -2.80 59.24 107.07
CA ALA QA 133 -2.00 59.59 105.90
C ALA QA 133 -2.55 58.98 104.63
N LEU QA 134 -3.10 57.77 104.72
CA LEU QA 134 -3.66 57.12 103.53
C LEU QA 134 -4.92 57.83 103.06
N VAL QA 135 -5.79 58.24 103.98
CA VAL QA 135 -7.03 58.88 103.56
C VAL QA 135 -6.78 60.32 103.13
N MET QA 136 -5.81 61.00 103.76
CA MET QA 136 -5.40 62.32 103.27
C MET QA 136 -4.71 62.25 101.92
N SER QA 137 -4.01 61.14 101.64
CA SER QA 137 -3.41 60.96 100.33
C SER QA 137 -4.44 60.53 99.30
N LYS QA 138 -5.56 59.97 99.72
CA LYS QA 138 -6.66 59.78 98.79
C LYS QA 138 -7.40 61.09 98.53
N GLY QA 139 -7.45 61.99 99.51
CA GLY QA 139 -7.89 63.33 99.21
C GLY QA 139 -9.05 63.87 100.03
N HIS QA 140 -9.48 63.12 101.03
CA HIS QA 140 -10.54 63.60 101.90
C HIS QA 140 -9.99 64.67 102.84
N ARG QA 141 -10.82 65.67 103.13
CA ARG QA 141 -10.41 66.83 103.93
C ARG QA 141 -10.57 66.49 105.40
N ILE QA 142 -9.46 66.15 106.05
CA ILE QA 142 -9.49 65.67 107.43
C ILE QA 142 -8.72 66.67 108.28
N GLU QA 143 -8.80 67.96 107.93
CA GLU QA 143 -8.05 68.97 108.67
C GLU QA 143 -8.65 69.22 110.04
N GLU QA 144 -9.89 69.69 110.09
CA GLU QA 144 -10.57 70.01 111.34
C GLU QA 144 -11.35 68.83 111.91
N VAL QA 145 -11.24 67.66 111.28
CA VAL QA 145 -12.00 66.49 111.71
C VAL QA 145 -11.39 65.92 112.98
N PRO QA 146 -12.20 65.50 113.97
CA PRO QA 146 -11.65 64.81 115.14
C PRO QA 146 -11.17 63.39 114.86
N GLU QA 147 -10.89 62.66 115.95
CA GLU QA 147 -10.14 61.40 115.95
C GLU QA 147 -10.67 60.38 114.95
N LEU QA 148 -9.75 59.59 114.38
CA LEU QA 148 -9.98 58.56 113.37
C LEU QA 148 -10.87 57.43 113.90
N PRO QA 149 -11.22 56.41 113.07
CA PRO QA 149 -12.62 56.26 112.63
C PRO QA 149 -13.67 56.76 113.60
N LEU QA 150 -14.53 57.65 113.11
CA LEU QA 150 -15.47 58.37 113.95
C LEU QA 150 -16.61 57.46 114.35
N VAL QA 151 -16.93 57.44 115.65
CA VAL QA 151 -17.99 56.63 116.20
C VAL QA 151 -19.03 57.58 116.77
N VAL QA 152 -20.23 57.59 116.19
CA VAL QA 152 -21.29 58.45 116.63
C VAL QA 152 -22.25 57.64 117.50
N GLU QA 153 -23.14 58.34 118.20
CA GLU QA 153 -24.03 57.69 119.16
C GLU QA 153 -25.15 56.94 118.43
N ASP QA 154 -25.95 56.23 119.22
CA ASP QA 154 -27.08 55.47 118.69
C ASP QA 154 -28.28 56.34 118.38
N LYS QA 155 -28.27 57.62 118.76
CA LYS QA 155 -29.33 58.54 118.37
C LYS QA 155 -29.19 59.03 116.94
N VAL QA 156 -28.07 58.75 116.29
CA VAL QA 156 -27.84 59.20 114.92
C VAL QA 156 -28.63 58.35 113.94
N GLU QA 157 -28.68 57.03 114.16
CA GLU QA 157 -29.30 56.11 113.22
C GLU QA 157 -30.81 56.24 113.14
N GLY QA 158 -31.44 56.98 114.04
CA GLY QA 158 -32.86 57.22 113.99
C GLY QA 158 -33.24 58.58 113.45
N TYR QA 159 -32.39 59.15 112.61
CA TYR QA 159 -32.70 60.43 111.99
C TYR QA 159 -33.79 60.27 110.93
N LYS QA 160 -34.60 61.31 110.76
CA LYS QA 160 -35.64 61.34 109.75
C LYS QA 160 -35.45 62.46 108.75
N LYS QA 161 -35.23 63.69 109.21
CA LYS QA 161 -34.99 64.82 108.33
C LYS QA 161 -33.50 64.93 108.03
N THR QA 162 -33.20 65.37 106.80
CA THR QA 162 -31.80 65.47 106.39
C THR QA 162 -31.16 66.80 106.79
N LYS QA 163 -31.93 67.74 107.35
CA LYS QA 163 -31.32 68.94 107.92
C LYS QA 163 -30.47 68.58 109.14
N GLU QA 164 -30.93 67.60 109.92
CA GLU QA 164 -30.13 67.04 111.00
C GLU QA 164 -28.88 66.36 110.48
N ALA QA 165 -28.97 65.73 109.31
CA ALA QA 165 -27.82 65.09 108.69
C ALA QA 165 -26.78 66.11 108.25
N VAL QA 166 -27.23 67.20 107.62
CA VAL QA 166 -26.33 68.27 107.19
C VAL QA 166 -25.70 68.95 108.39
N LEU QA 167 -26.48 69.16 109.46
CA LEU QA 167 -25.93 69.76 110.68
C LEU QA 167 -24.93 68.84 111.35
N LEU QA 168 -25.17 67.52 111.31
CA LEU QA 168 -24.22 66.57 111.86
C LEU QA 168 -22.92 66.55 111.08
N LEU QA 169 -23.00 66.62 109.75
CA LEU QA 169 -21.78 66.66 108.94
C LEU QA 169 -21.01 67.97 109.16
N LYS QA 170 -21.74 69.07 109.37
CA LYS QA 170 -21.06 70.33 109.65
C LYS QA 170 -20.41 70.33 111.03
N LYS QA 171 -21.02 69.65 112.01
CA LYS QA 171 -20.41 69.58 113.33
C LYS QA 171 -19.31 68.54 113.44
N LEU QA 172 -19.30 67.54 112.56
CA LEU QA 172 -18.24 66.54 112.53
C LEU QA 172 -17.21 66.82 111.45
N LYS QA 173 -17.32 67.96 110.77
CA LYS QA 173 -16.33 68.52 109.84
C LYS QA 173 -16.13 67.66 108.59
N ALA QA 174 -17.07 66.79 108.26
CA ALA QA 174 -17.10 66.15 106.96
C ALA QA 174 -17.75 67.04 105.90
N TRP QA 175 -18.30 68.19 106.32
CA TRP QA 175 -18.90 69.12 105.40
C TRP QA 175 -17.88 69.76 104.45
N ASN QA 176 -16.60 69.78 104.83
CA ASN QA 176 -15.56 70.19 103.89
C ASN QA 176 -15.44 69.20 102.73
N ASP QA 177 -15.51 67.90 103.02
CA ASP QA 177 -15.47 66.90 101.95
C ASP QA 177 -16.75 66.93 101.12
N ILE QA 178 -17.90 67.15 101.77
CA ILE QA 178 -19.15 67.31 101.03
C ILE QA 178 -19.12 68.54 100.14
N LYS QA 179 -18.48 69.61 100.60
CA LYS QA 179 -18.32 70.83 99.80
C LYS QA 179 -17.35 70.61 98.65
N LYS QA 180 -16.35 69.75 98.82
CA LYS QA 180 -15.50 69.36 97.70
C LYS QA 180 -16.30 68.58 96.65
N VAL QA 181 -17.21 67.71 97.10
CA VAL QA 181 -18.09 67.00 96.18
C VAL QA 181 -19.02 67.96 95.45
N TYR QA 182 -19.52 69.00 96.15
CA TYR QA 182 -20.29 70.05 95.48
C TYR QA 182 -19.45 70.81 94.44
N ALA QA 183 -18.19 71.11 94.79
CA ALA QA 183 -17.35 71.88 93.89
C ALA QA 183 -16.90 71.08 92.68
N SER QA 184 -16.89 69.76 92.77
CA SER QA 184 -16.54 68.92 91.62
C SER QA 184 -17.71 68.00 91.30
N GLN QA 185 -18.65 68.51 90.49
CA GLN QA 185 -19.75 67.74 89.93
C GLN QA 185 -19.91 68.08 88.44
N ARG QA 186 -18.78 68.08 87.74
CA ARG QA 186 -18.69 68.58 86.38
C ARG QA 186 -19.25 67.56 85.38
N MET QA 187 -19.07 67.84 84.09
CA MET QA 187 -19.64 67.03 83.03
C MET QA 187 -18.65 65.94 82.62
N ARG QA 188 -19.19 64.81 82.17
CA ARG QA 188 -18.39 63.65 81.79
C ARG QA 188 -17.54 63.94 80.55
N ALA QA 189 -16.29 63.51 80.60
CA ALA QA 189 -15.37 63.67 79.47
C ALA QA 189 -15.56 62.49 78.51
N GLY QA 190 -15.96 62.79 77.29
CA GLY QA 190 -16.00 61.81 76.23
C GLY QA 190 -17.40 61.48 75.76
N LYS QA 191 -17.51 60.32 75.11
CA LYS QA 191 -18.75 59.89 74.49
C LYS QA 191 -19.73 59.30 75.50
N GLY QA 192 -19.25 58.97 76.70
CA GLY QA 192 -20.06 58.39 77.76
C GLY QA 192 -21.16 59.28 78.29
N LYS QA 193 -21.23 60.54 77.85
CA LYS QA 193 -22.39 61.39 78.12
C LYS QA 193 -23.64 60.90 77.42
N MET QA 194 -23.51 60.07 76.37
CA MET QA 194 -24.69 59.61 75.65
C MET QA 194 -25.47 58.57 76.43
N ARG QA 195 -24.77 57.70 77.16
CA ARG QA 195 -25.40 56.61 77.90
C ARG QA 195 -25.68 56.97 79.36
N ASN QA 196 -26.34 58.12 79.55
CA ASN QA 196 -26.97 58.54 80.80
C ASN QA 196 -26.00 58.70 81.96
N ARG QA 197 -24.74 59.04 81.67
CA ARG QA 197 -23.73 59.27 82.72
C ARG QA 197 -22.97 60.54 82.35
N ARG QA 198 -23.45 61.68 82.86
CA ARG QA 198 -22.90 62.99 82.54
C ARG QA 198 -22.32 63.69 83.76
N ARG QA 199 -22.01 62.97 84.82
CA ARG QA 199 -21.55 63.58 86.07
C ARG QA 199 -20.27 62.92 86.54
N ILE QA 200 -19.26 63.74 86.83
CA ILE QA 200 -18.11 63.31 87.60
C ILE QA 200 -18.42 63.73 89.03
N GLN QA 201 -19.11 62.86 89.76
CA GLN QA 201 -19.49 63.10 91.14
C GLN QA 201 -18.56 62.25 91.99
N ARG QA 202 -17.52 62.88 92.52
CA ARG QA 202 -16.49 62.13 93.23
C ARG QA 202 -16.99 61.67 94.60
N ARG QA 203 -16.43 60.56 95.07
CA ARG QA 203 -16.90 59.94 96.30
C ARG QA 203 -16.37 60.68 97.51
N GLY QA 204 -17.22 60.83 98.52
CA GLY QA 204 -16.85 61.46 99.76
C GLY QA 204 -16.86 60.48 100.91
N PRO QA 205 -17.40 60.89 102.05
CA PRO QA 205 -17.46 60.00 103.21
C PRO QA 205 -18.50 58.90 103.03
N CYS QA 206 -18.30 57.81 103.75
CA CYS QA 206 -19.26 56.72 103.77
C CYS QA 206 -19.62 56.40 105.22
N ILE QA 207 -20.91 56.31 105.51
CA ILE QA 207 -21.40 56.02 106.86
C ILE QA 207 -21.82 54.56 106.92
N ILE QA 208 -21.25 53.82 107.85
CA ILE QA 208 -21.51 52.39 108.01
C ILE QA 208 -22.28 52.20 109.30
N TYR QA 209 -23.36 51.43 109.25
CA TYR QA 209 -24.33 51.39 110.33
C TYR QA 209 -24.95 50.00 110.37
N ASN QA 210 -25.79 49.79 111.39
CA ASN QA 210 -26.79 48.74 111.39
C ASN QA 210 -28.07 49.33 111.96
N GLU QA 211 -29.14 48.52 111.95
CA GLU QA 211 -30.48 48.89 112.43
C GLU QA 211 -31.01 50.13 111.69
N ASP QA 212 -31.29 49.90 110.40
CA ASP QA 212 -31.79 50.96 109.53
C ASP QA 212 -33.13 51.47 110.05
N ASN QA 213 -33.12 52.72 110.53
CA ASN QA 213 -34.28 53.32 111.17
C ASN QA 213 -34.62 54.66 110.53
N GLY QA 214 -34.18 54.89 109.29
CA GLY QA 214 -34.43 56.14 108.61
C GLY QA 214 -33.15 56.86 108.24
N ILE QA 215 -32.01 56.21 108.52
CA ILE QA 215 -30.73 56.86 108.24
C ILE QA 215 -30.44 56.85 106.75
N ILE QA 216 -30.99 55.89 106.00
CA ILE QA 216 -30.92 55.94 104.54
C ILE QA 216 -31.73 57.10 104.01
N LYS QA 217 -32.84 57.43 104.66
CA LYS QA 217 -33.65 58.57 104.27
C LYS QA 217 -32.91 59.88 104.58
N ALA QA 218 -32.24 59.93 105.74
CA ALA QA 218 -31.53 61.15 106.12
C ALA QA 218 -30.27 61.36 105.30
N PHE QA 219 -29.63 60.28 104.85
CA PHE QA 219 -28.40 60.35 104.08
C PHE QA 219 -28.60 60.09 102.59
N ARG QA 220 -29.85 60.11 102.12
CA ARG QA 220 -30.10 59.55 100.79
C ARG QA 220 -29.72 60.50 99.67
N ASN QA 221 -29.93 61.82 99.82
CA ASN QA 221 -29.63 62.76 98.75
C ASN QA 221 -28.46 63.69 99.07
N ILE QA 222 -27.55 63.27 99.93
CA ILE QA 222 -26.32 64.02 100.15
C ILE QA 222 -25.35 63.61 99.04
N PRO QA 223 -24.72 64.56 98.33
CA PRO QA 223 -23.82 64.17 97.23
C PRO QA 223 -22.51 63.60 97.75
N GLY QA 224 -22.07 62.51 97.12
CA GLY QA 224 -20.81 61.87 97.43
C GLY QA 224 -20.86 60.88 98.58
N ILE QA 225 -22.00 60.73 99.24
CA ILE QA 225 -22.13 59.87 100.41
C ILE QA 225 -22.34 58.44 99.91
N THR QA 226 -22.22 57.45 100.79
CA THR QA 226 -22.40 56.07 100.39
C THR QA 226 -23.18 55.31 101.46
N LEU QA 227 -24.32 54.77 101.08
CA LEU QA 227 -25.10 53.91 101.97
C LEU QA 227 -24.41 52.56 102.07
N LEU QA 228 -24.03 52.17 103.28
CA LEU QA 228 -23.23 50.97 103.46
C LEU QA 228 -23.57 50.34 104.80
N ASN QA 229 -23.60 49.00 104.82
CA ASN QA 229 -24.07 48.23 105.97
C ASN QA 229 -22.92 47.43 106.56
N VAL QA 230 -23.04 47.10 107.86
CA VAL QA 230 -22.01 46.33 108.54
C VAL QA 230 -22.03 44.87 108.06
N SER QA 231 -23.22 44.27 108.02
CA SER QA 231 -23.33 42.88 107.59
C SER QA 231 -23.05 42.71 106.10
N LYS QA 232 -23.10 43.78 105.32
CA LYS QA 232 -22.85 43.75 103.89
C LYS QA 232 -21.77 44.79 103.57
N LEU QA 233 -20.51 44.40 103.73
CA LEU QA 233 -19.39 45.29 103.45
C LEU QA 233 -18.98 45.15 101.99
N ASN QA 234 -19.13 46.22 101.23
CA ASN QA 234 -18.82 46.21 99.81
C ASN QA 234 -17.41 46.70 99.57
N ILE QA 235 -16.62 45.92 98.82
CA ILE QA 235 -15.27 46.35 98.46
C ILE QA 235 -15.35 47.52 97.49
N LEU QA 236 -16.33 47.50 96.58
CA LEU QA 236 -16.52 48.54 95.59
C LEU QA 236 -16.93 49.87 96.20
N LYS QA 237 -17.45 49.86 97.44
CA LYS QA 237 -17.80 51.08 98.13
C LYS QA 237 -16.77 51.49 99.19
N LEU QA 238 -16.11 50.52 99.83
CA LEU QA 238 -15.09 50.84 100.82
C LEU QA 238 -13.78 51.27 100.18
N ALA QA 239 -13.42 50.69 99.05
CA ALA QA 239 -12.21 51.09 98.31
C ALA QA 239 -12.56 51.26 96.84
N PRO QA 240 -13.16 52.39 96.47
CA PRO QA 240 -13.52 52.60 95.06
C PRO QA 240 -12.30 52.89 94.22
N GLY QA 241 -12.32 52.39 92.98
CA GLY QA 241 -11.22 52.61 92.06
C GLY QA 241 -9.95 51.84 92.37
N GLY QA 242 -10.02 50.84 93.24
CA GLY QA 242 -8.83 50.11 93.63
C GLY QA 242 -7.90 50.85 94.54
N HIS QA 243 -8.33 51.97 95.12
CA HIS QA 243 -7.52 52.77 96.01
C HIS QA 243 -8.07 52.63 97.43
N VAL QA 244 -7.19 52.43 98.39
CA VAL QA 244 -7.60 52.15 99.75
C VAL QA 244 -7.63 53.45 100.55
N GLY QA 245 -8.29 53.40 101.70
CA GLY QA 245 -8.32 54.54 102.60
C GLY QA 245 -9.42 55.54 102.33
N ARG QA 246 -10.68 55.11 102.36
CA ARG QA 246 -11.81 56.01 102.22
C ARG QA 246 -12.31 56.43 103.60
N PHE QA 247 -12.71 57.69 103.72
CA PHE QA 247 -13.16 58.23 105.00
C PHE QA 247 -14.51 57.64 105.36
N CYS QA 248 -14.58 57.01 106.54
CA CYS QA 248 -15.78 56.31 106.99
C CYS QA 248 -16.19 56.82 108.36
N ILE QA 249 -17.49 56.83 108.58
CA ILE QA 249 -18.10 57.23 109.85
C ILE QA 249 -18.91 56.04 110.36
N TRP QA 250 -18.56 55.56 111.54
CA TRP QA 250 -19.15 54.37 112.12
C TRP QA 250 -20.26 54.75 113.10
N THR QA 251 -20.75 53.77 113.84
CA THR QA 251 -21.75 53.95 114.88
C THR QA 251 -21.27 53.15 116.09
N GLU QA 252 -21.95 53.31 117.23
CA GLU QA 252 -21.59 52.53 118.42
C GLU QA 252 -21.80 51.05 118.19
N SER QA 253 -22.98 50.66 117.72
CA SER QA 253 -23.27 49.26 117.45
C SER QA 253 -22.43 48.71 116.31
N ALA QA 254 -22.10 49.55 115.33
CA ALA QA 254 -21.22 49.13 114.24
C ALA QA 254 -19.81 48.85 114.74
N PHE QA 255 -19.27 49.78 115.51
CA PHE QA 255 -17.90 49.68 116.00
C PHE QA 255 -17.76 48.61 117.08
N ARG QA 256 -18.86 48.22 117.72
CA ARG QA 256 -18.84 47.07 118.61
C ARG QA 256 -19.18 45.76 117.90
N LYS QA 257 -19.82 45.83 116.73
CA LYS QA 257 -20.17 44.64 115.97
C LYS QA 257 -19.03 44.17 115.07
N LEU QA 258 -18.08 45.05 114.75
CA LEU QA 258 -16.92 44.64 113.95
C LEU QA 258 -16.10 43.55 114.65
N ASP QA 259 -15.86 43.70 115.96
CA ASP QA 259 -15.10 42.71 116.69
C ASP QA 259 -15.88 41.41 116.87
N GLU QA 260 -17.20 41.50 116.88
CA GLU QA 260 -18.03 40.29 116.91
C GLU QA 260 -18.05 39.60 115.55
N LEU QA 261 -17.91 40.37 114.48
CA LEU QA 261 -18.08 39.84 113.13
C LEU QA 261 -16.78 39.32 112.54
N TYR QA 262 -15.63 39.80 113.01
CA TYR QA 262 -14.34 39.28 112.55
C TYR QA 262 -13.48 38.66 113.64
N GLY QA 263 -13.48 39.21 114.84
CA GLY QA 263 -12.71 38.66 115.93
C GLY QA 263 -11.29 39.20 115.97
N THR QA 264 -10.62 38.90 117.08
CA THR QA 264 -9.23 39.26 117.29
C THR QA 264 -8.39 38.06 116.81
N TRP QA 265 -7.08 38.06 117.06
CA TRP QA 265 -6.28 36.89 116.75
C TRP QA 265 -6.40 35.80 117.81
N ARG QA 266 -7.08 36.07 118.93
CA ARG QA 266 -7.26 35.07 119.96
C ARG QA 266 -8.49 34.20 119.70
N LYS QA 267 -9.63 34.82 119.43
CA LYS QA 267 -10.86 34.09 119.16
C LYS QA 267 -11.21 34.17 117.69
N ALA QA 268 -12.07 33.25 117.25
CA ALA QA 268 -12.54 33.24 115.87
C ALA QA 268 -13.68 34.24 115.72
N ALA QA 269 -14.15 34.39 114.48
CA ALA QA 269 -15.33 35.20 114.23
C ALA QA 269 -16.57 34.43 114.69
N SER QA 270 -17.40 35.07 115.50
CA SER QA 270 -18.58 34.41 116.04
C SER QA 270 -19.77 34.47 115.09
N LEU QA 271 -19.84 35.49 114.24
CA LEU QA 271 -20.95 35.59 113.30
C LEU QA 271 -20.69 34.74 112.07
N LYS QA 272 -19.46 34.74 111.56
CA LYS QA 272 -19.09 33.87 110.46
C LYS QA 272 -18.70 32.49 110.98
N SER QA 273 -18.64 31.53 110.08
CA SER QA 273 -18.44 30.14 110.49
C SER QA 273 -16.96 29.83 110.73
N ASN QA 274 -16.14 29.94 109.70
CA ASN QA 274 -14.77 29.42 109.72
C ASN QA 274 -13.80 30.48 109.22
N TYR QA 275 -13.89 31.69 109.76
CA TYR QA 275 -12.99 32.77 109.38
C TYR QA 275 -12.15 33.19 110.57
N ASN QA 276 -10.87 33.44 110.30
CA ASN QA 276 -9.93 33.99 111.27
C ASN QA 276 -9.20 35.16 110.65
N LEU QA 277 -8.48 35.91 111.48
CA LEU QA 277 -7.63 36.96 110.96
C LEU QA 277 -6.41 36.37 110.26
N PRO QA 278 -5.93 37.03 109.20
CA PRO QA 278 -4.82 36.47 108.43
C PRO QA 278 -3.49 36.55 109.17
N MET QA 279 -2.51 35.86 108.60
CA MET QA 279 -1.16 35.86 109.16
C MET QA 279 -0.49 37.21 108.88
N HIS QA 280 0.13 37.77 109.91
CA HIS QA 280 0.73 39.09 109.82
C HIS QA 280 2.22 38.89 109.56
N LYS QA 281 2.70 39.41 108.42
CA LYS QA 281 4.02 39.02 107.92
C LYS QA 281 5.14 39.68 108.72
N MET QA 282 5.02 40.97 109.00
CA MET QA 282 6.00 41.71 109.80
C MET QA 282 5.27 42.31 111.00
N ILE QA 283 5.54 41.78 112.19
CA ILE QA 283 4.78 42.15 113.38
C ILE QA 283 5.13 43.58 113.81
N ASN QA 284 6.39 43.82 114.13
CA ASN QA 284 6.87 45.16 114.49
C ASN QA 284 7.66 45.66 113.29
N THR QA 285 6.96 46.38 112.41
CA THR QA 285 7.42 46.66 111.06
C THR QA 285 8.08 48.03 110.90
N ASP QA 286 8.50 48.65 112.00
CA ASP QA 286 9.18 49.95 111.92
C ASP QA 286 10.60 49.72 111.41
N LEU QA 287 10.78 49.87 110.09
CA LEU QA 287 12.08 49.60 109.47
C LEU QA 287 13.16 50.58 109.90
N SER QA 288 12.79 51.85 110.14
CA SER QA 288 13.76 52.82 110.64
C SER QA 288 14.21 52.47 112.05
N ARG QA 289 13.28 52.04 112.90
CA ARG QA 289 13.64 51.60 114.25
C ARG QA 289 14.52 50.36 114.22
N ILE QA 290 14.25 49.44 113.28
CA ILE QA 290 15.05 48.22 113.17
C ILE QA 290 16.47 48.55 112.70
N LEU QA 291 16.58 49.39 111.67
CA LEU QA 291 17.90 49.70 111.12
C LEU QA 291 18.68 50.68 111.99
N LYS QA 292 18.02 51.39 112.91
CA LYS QA 292 18.71 52.22 113.87
C LYS QA 292 18.78 51.60 115.25
N SER QA 293 18.32 50.36 115.40
CA SER QA 293 18.46 49.66 116.67
C SER QA 293 19.92 49.30 116.91
N PRO QA 294 20.34 49.24 118.18
CA PRO QA 294 21.75 48.90 118.47
C PRO QA 294 22.13 47.46 118.14
N GLU QA 295 21.17 46.54 118.12
CA GLU QA 295 21.48 45.15 117.81
C GLU QA 295 21.87 44.97 116.35
N ILE QA 296 21.31 45.78 115.45
CA ILE QA 296 21.68 45.69 114.05
C ILE QA 296 22.96 46.46 113.77
N GLN QA 297 23.09 47.66 114.33
CA GLN QA 297 24.29 48.47 114.13
C GLN QA 297 25.50 47.94 114.88
N ARG QA 298 25.32 46.99 115.79
CA ARG QA 298 26.45 46.31 116.41
C ARG QA 298 27.16 45.40 115.41
N ALA QA 299 26.43 44.86 114.44
CA ALA QA 299 26.94 43.86 113.53
C ALA QA 299 27.13 44.40 112.11
N LEU QA 300 27.53 45.66 111.98
CA LEU QA 300 27.79 46.26 110.68
C LEU QA 300 29.29 46.41 110.47
N ARG QA 301 29.70 46.35 109.21
CA ARG QA 301 31.12 46.37 108.84
C ARG QA 301 31.80 47.68 109.19
N ALA QA 302 31.47 48.73 108.42
CA ALA QA 302 31.97 50.10 108.52
C ALA QA 302 31.23 50.94 107.49
N PRO QA 303 30.99 52.22 107.74
CA PRO QA 303 30.44 53.07 106.68
C PRO QA 303 31.48 53.39 105.62
N ARG QA 304 31.35 52.75 104.46
CA ARG QA 304 32.30 52.92 103.35
C ARG QA 304 31.69 53.89 102.35
N LYS QA 305 32.07 55.17 102.47
CA LYS QA 305 31.47 56.22 101.65
C LYS QA 305 32.47 56.86 100.69
N LYS QA 306 33.64 56.24 100.48
CA LYS QA 306 34.56 56.73 99.48
C LYS QA 306 34.05 56.37 98.09
N ILE QA 307 34.48 57.14 97.10
CA ILE QA 307 33.92 57.06 95.75
C ILE QA 307 34.86 56.32 94.80
N HIS QA 308 36.14 56.69 94.79
CA HIS QA 308 37.23 56.05 94.02
C HIS QA 308 36.93 56.08 92.52
N ARG QA 309 36.93 57.29 91.97
CA ARG QA 309 36.55 57.53 90.59
C ARG QA 309 37.67 57.11 89.64
N ARG QA 310 37.47 57.40 88.35
CA ARG QA 310 38.41 57.02 87.31
C ARG QA 310 39.65 57.90 87.39
N VAL QA 311 40.82 57.28 87.33
CA VAL QA 311 42.10 57.96 87.34
C VAL QA 311 42.61 58.04 85.91
N LEU QA 312 42.86 59.26 85.44
CA LEU QA 312 43.44 59.44 84.12
C LEU QA 312 44.90 59.01 84.15
N LYS QA 313 45.25 58.06 83.28
CA LYS QA 313 46.59 57.49 83.29
C LYS QA 313 47.57 58.46 82.64
N LYS QA 314 48.47 59.02 83.45
CA LYS QA 314 49.57 59.79 82.91
C LYS QA 314 50.71 58.86 82.52
N ASN QA 315 51.36 59.17 81.41
CA ASN QA 315 52.25 58.21 80.75
C ASN QA 315 53.59 58.15 81.48
N PRO QA 316 54.03 56.97 81.91
CA PRO QA 316 55.42 56.82 82.35
C PRO QA 316 56.38 56.94 81.18
N LEU QA 317 57.61 57.33 81.50
CA LEU QA 317 58.67 57.71 80.55
C LEU QA 317 58.27 58.86 79.63
N LYS QA 318 57.28 59.65 80.02
CA LYS QA 318 56.90 60.86 79.32
C LYS QA 318 56.99 62.09 80.22
N ASN QA 319 56.44 62.01 81.42
CA ASN QA 319 56.58 63.05 82.42
C ASN QA 319 57.31 62.51 83.65
N LEU QA 320 57.44 63.35 84.66
CA LEU QA 320 58.02 62.97 85.93
C LEU QA 320 56.89 62.64 86.90
N ARG QA 321 57.27 62.08 88.06
CA ARG QA 321 56.48 61.77 89.25
C ARG QA 321 55.57 60.55 89.05
N ILE QA 322 55.31 60.18 87.81
CA ILE QA 322 54.70 58.88 87.56
C ILE QA 322 55.76 57.80 87.63
N MET QA 323 56.95 58.10 87.10
CA MET QA 323 58.12 57.26 87.32
C MET QA 323 58.51 57.23 88.80
N LEU QA 324 58.32 58.32 89.52
CA LEU QA 324 58.60 58.32 90.95
C LEU QA 324 57.60 57.47 91.71
N LYS QA 325 56.34 57.41 91.25
CA LYS QA 325 55.35 56.58 91.91
C LYS QA 325 55.53 55.10 91.57
N LEU QA 326 55.99 54.79 90.35
CA LEU QA 326 56.08 53.40 89.91
C LEU QA 326 57.46 52.80 90.09
N ASN QA 327 58.48 53.40 89.48
CA ASN QA 327 59.87 52.93 89.52
C ASN QA 327 60.72 54.02 90.16
N PRO QA 328 60.72 54.11 91.50
CA PRO QA 328 61.29 55.30 92.15
C PRO QA 328 62.81 55.41 92.09
N TYR QA 329 63.51 54.34 91.71
CA TYR QA 329 64.95 54.41 91.49
C TYR QA 329 65.31 54.98 90.12
N ALA QA 330 64.34 55.09 89.22
CA ALA QA 330 64.62 55.58 87.87
C ALA QA 330 64.98 57.06 87.86
N LYS QA 331 64.60 57.83 88.88
CA LYS QA 331 65.06 59.22 88.93
C LYS QA 331 66.54 59.31 89.28
N THR QA 332 67.00 58.44 90.18
CA THR QA 332 68.43 58.37 90.49
C THR QA 332 69.21 57.82 89.30
N MET QA 333 68.63 56.84 88.59
CA MET QA 333 69.29 56.33 87.41
C MET QA 333 69.31 57.36 86.29
N ARG QA 334 68.29 58.23 86.23
CA ARG QA 334 68.26 59.28 85.23
C ARG QA 334 69.26 60.38 85.55
N ARG QA 335 69.42 60.74 86.83
CA ARG QA 335 70.43 61.74 87.17
C ARG QA 335 71.84 61.18 86.97
N ASN QA 336 72.02 59.86 87.18
CA ASN QA 336 73.31 59.25 86.88
C ASN QA 336 73.57 59.23 85.38
N THR QA 337 72.52 59.01 84.58
CA THR QA 337 72.66 59.05 83.13
C THR QA 337 73.02 60.44 82.64
N ILE QA 338 72.39 61.47 83.22
CA ILE QA 338 72.68 62.86 82.84
C ILE QA 338 74.11 63.23 83.22
N LEU QA 339 74.57 62.81 84.41
CA LEU QA 339 75.94 63.10 84.81
C LEU QA 339 76.96 62.35 83.97
N ARG QA 340 76.64 61.11 83.57
CA ARG QA 340 77.52 60.36 82.67
C ARG QA 340 77.62 61.01 81.30
N GLN QA 341 76.48 61.46 80.76
CA GLN QA 341 76.49 62.09 79.43
C GLN QA 341 77.21 63.43 79.47
N ALA QA 342 77.04 64.20 80.54
CA ALA QA 342 77.74 65.47 80.67
C ALA QA 342 79.24 65.26 80.87
N ARG QA 343 79.62 64.22 81.62
CA ARG QA 343 81.04 63.93 81.85
C ARG QA 343 81.73 63.47 80.57
N ASN QA 344 81.10 62.56 79.83
CA ASN QA 344 81.70 62.09 78.58
C ASN QA 344 81.69 63.16 77.50
N HIS QA 345 80.68 64.05 77.51
CA HIS QA 345 80.69 65.19 76.60
C HIS QA 345 81.83 66.14 76.93
N LYS QA 346 82.06 66.39 78.22
CA LYS QA 346 83.17 67.24 78.64
C LYS QA 346 84.51 66.63 78.26
N LEU QA 347 84.65 65.31 78.42
CA LEU QA 347 85.89 64.64 78.06
C LEU QA 347 86.15 64.67 76.55
N ARG QA 348 85.11 64.43 75.74
CA ARG QA 348 85.32 64.41 74.30
C ARG QA 348 85.55 65.80 73.73
N VAL QA 349 84.83 66.81 74.24
CA VAL QA 349 85.05 68.19 73.80
C VAL QA 349 86.43 68.67 74.26
N ASP QA 350 86.87 68.24 75.45
CA ASP QA 350 88.19 68.61 75.94
C ASP QA 350 89.29 67.97 75.10
N LYS QA 351 89.11 66.70 74.71
CA LYS QA 351 90.09 66.02 73.88
C LYS QA 351 90.18 66.63 72.48
N ALA QA 352 89.02 66.91 71.87
CA ALA QA 352 89.00 67.50 70.53
C ALA QA 352 89.56 68.91 70.54
N ALA QA 353 89.19 69.72 71.54
CA ALA QA 353 89.70 71.08 71.63
C ALA QA 353 91.19 71.10 71.98
N ALA QA 354 91.67 70.10 72.74
CA ALA QA 354 93.09 70.03 73.05
C ALA QA 354 93.90 69.66 71.82
N ALA QA 355 93.38 68.72 71.00
CA ALA QA 355 94.06 68.37 69.76
C ALA QA 355 94.06 69.54 68.77
N ALA QA 356 92.93 70.25 68.67
CA ALA QA 356 92.84 71.39 67.77
C ALA QA 356 93.73 72.55 68.23
N ALA QA 357 93.79 72.79 69.54
CA ALA QA 357 94.65 73.85 70.06
C ALA QA 357 96.13 73.48 69.96
N ALA QA 358 96.45 72.19 70.06
CA ALA QA 358 97.83 71.76 69.87
C ALA QA 358 98.27 71.93 68.42
N LEU QA 359 97.39 71.55 67.48
CA LEU QA 359 97.71 71.77 66.06
C LEU QA 359 97.75 73.26 65.70
N GLN QA 360 96.93 74.08 66.38
CA GLN QA 360 96.94 75.51 66.11
C GLN QA 360 98.20 76.18 66.68
N ALA QA 361 98.64 75.75 67.87
CA ALA QA 361 99.85 76.29 68.46
C ALA QA 361 101.10 75.79 67.75
N LYS QA 362 101.03 74.59 67.16
CA LYS QA 362 102.15 74.09 66.36
C LYS QA 362 102.21 74.79 65.01
N SER QA 363 101.05 75.04 64.40
CA SER QA 363 100.99 75.74 63.12
C SER QA 363 100.98 77.25 63.34
N VAL RA 1 61.67 -27.64 33.90
CA VAL RA 1 61.25 -27.86 32.53
C VAL RA 1 59.75 -28.17 32.52
N LYS RA 2 59.23 -28.56 33.68
CA LYS RA 2 57.83 -28.94 33.81
C LYS RA 2 57.08 -28.06 34.80
N VAL RA 3 57.58 -27.91 36.02
CA VAL RA 3 56.78 -27.41 37.14
C VAL RA 3 57.36 -26.05 37.56
N VAL RA 4 56.53 -25.26 38.23
CA VAL RA 4 56.79 -23.87 38.60
C VAL RA 4 56.89 -23.87 40.13
N LYS RA 5 57.57 -24.89 40.66
CA LYS RA 5 57.55 -25.34 42.06
C LYS RA 5 57.61 -24.24 43.13
N ASN RA 6 58.72 -23.50 43.20
CA ASN RA 6 58.98 -22.60 44.33
C ASN RA 6 59.67 -21.34 43.83
N LYS RA 7 58.87 -20.29 43.61
CA LYS RA 7 59.41 -18.98 43.27
C LYS RA 7 59.11 -17.96 44.35
N ALA RA 8 57.84 -17.75 44.68
CA ALA RA 8 57.44 -16.90 45.79
C ALA RA 8 56.75 -17.69 46.89
N TYR RA 9 56.77 -19.01 46.80
CA TYR RA 9 56.19 -19.87 47.84
C TYR RA 9 56.93 -19.70 49.16
N PHE RA 10 58.26 -19.55 49.10
CA PHE RA 10 59.04 -19.32 50.32
C PHE RA 10 58.78 -17.94 50.88
N LYS RA 11 58.45 -16.97 50.03
CA LYS RA 11 58.24 -15.61 50.51
C LYS RA 11 56.83 -15.42 51.07
N ARG RA 12 55.86 -16.17 50.58
CA ARG RA 12 54.51 -16.11 51.11
C ARG RA 12 54.13 -17.34 51.92
N TYR RA 13 55.12 -18.11 52.37
CA TYR RA 13 54.86 -19.26 53.22
C TYR RA 13 54.59 -18.78 54.64
N GLN RA 14 53.39 -19.06 55.15
CA GLN RA 14 53.05 -18.80 56.54
C GLN RA 14 53.35 -20.04 57.35
N VAL RA 15 54.32 -19.95 58.27
CA VAL RA 15 54.65 -21.09 59.11
C VAL RA 15 53.52 -21.35 60.09
N LYS RA 16 53.29 -22.62 60.42
CA LYS RA 16 52.18 -22.96 61.30
C LYS RA 16 52.50 -22.60 62.74
N PHE RA 17 53.47 -23.31 63.32
CA PHE RA 17 53.82 -23.20 64.73
C PHE RA 17 55.05 -24.06 64.95
N ARG RA 18 55.85 -23.71 65.96
CA ARG RA 18 57.03 -24.51 66.31
C ARG RA 18 56.63 -25.91 66.78
N ARG RA 19 55.74 -25.98 67.77
CA ARG RA 19 55.33 -27.27 68.31
C ARG RA 19 54.48 -28.06 67.33
N ARG RA 20 53.76 -27.38 66.43
CA ARG RA 20 52.96 -28.08 65.43
C ARG RA 20 53.83 -28.64 64.32
N ARG RA 21 54.86 -27.90 63.89
CA ARG RA 21 55.81 -28.47 62.93
C ARG RA 21 56.65 -29.56 63.56
N GLU RA 22 56.87 -29.52 64.87
CA GLU RA 22 57.44 -30.69 65.54
C GLU RA 22 56.45 -31.83 65.59
N GLY RA 23 55.14 -31.54 65.63
CA GLY RA 23 54.14 -32.59 65.65
C GLY RA 23 53.82 -33.04 67.05
N LYS RA 24 53.70 -32.10 67.98
CA LYS RA 24 53.41 -32.44 69.36
C LYS RA 24 52.16 -31.78 69.91
N THR RA 25 51.57 -30.83 69.19
CA THR RA 25 50.35 -30.15 69.61
C THR RA 25 49.33 -30.18 68.49
N ASP RA 26 48.14 -29.73 68.81
CA ASP RA 26 47.10 -29.42 67.84
C ASP RA 26 46.50 -28.03 68.05
N TYR RA 27 46.37 -27.60 69.31
CA TYR RA 27 45.87 -26.32 69.83
C TYR RA 27 44.37 -26.11 69.66
N TYR RA 28 43.71 -26.90 68.81
CA TYR RA 28 42.27 -26.82 68.70
C TYR RA 28 41.58 -27.48 69.90
N ALA RA 29 42.25 -28.46 70.50
CA ALA RA 29 41.81 -29.01 71.77
C ALA RA 29 42.46 -28.31 72.95
N ARG RA 30 43.64 -27.73 72.75
CA ARG RA 30 44.33 -27.04 73.85
C ARG RA 30 43.64 -25.72 74.21
N LYS RA 31 43.06 -25.02 73.22
CA LYS RA 31 42.33 -23.79 73.47
C LYS RA 31 41.11 -24.02 74.34
N ARG RA 32 40.57 -25.24 74.36
CA ARG RA 32 39.46 -25.56 75.23
C ARG RA 32 39.88 -26.29 76.50
N LEU RA 33 40.99 -27.03 76.48
CA LEU RA 33 41.46 -27.70 77.69
C LEU RA 33 42.07 -26.71 78.68
N VAL RA 34 42.83 -25.75 78.19
CA VAL RA 34 43.69 -24.94 79.07
C VAL RA 34 42.94 -23.74 79.65
N ILE RA 35 42.26 -22.99 78.80
CA ILE RA 35 41.87 -21.62 79.11
C ILE RA 35 40.72 -21.61 80.11
N GLN RA 36 40.96 -20.96 81.25
CA GLN RA 36 39.96 -20.84 82.31
C GLN RA 36 38.96 -19.75 81.97
N ASP RA 37 37.71 -19.96 82.37
CA ASP RA 37 36.68 -18.93 82.26
C ASP RA 37 37.05 -17.70 83.08
N LYS RA 38 36.68 -16.53 82.56
CA LYS RA 38 37.20 -15.27 83.06
C LYS RA 38 36.42 -14.70 84.24
N ASN RA 39 35.51 -15.48 84.83
CA ASN RA 39 34.84 -15.06 86.06
C ASN RA 39 35.70 -15.26 87.30
N LYS RA 40 36.92 -15.75 87.17
CA LYS RA 40 37.77 -16.07 88.29
C LYS RA 40 39.07 -15.28 88.32
N TYR RA 41 39.61 -14.93 87.15
CA TYR RA 41 40.67 -13.96 86.87
C TYR RA 41 42.06 -14.43 87.29
N ASN RA 42 42.15 -15.43 88.17
CA ASN RA 42 43.42 -15.94 88.65
C ASN RA 42 43.44 -17.44 88.88
N THR RA 43 42.29 -18.11 88.90
CA THR RA 43 42.22 -19.50 89.33
C THR RA 43 42.85 -20.41 88.29
N PRO RA 44 43.88 -21.17 88.65
CA PRO RA 44 44.53 -22.03 87.66
C PRO RA 44 43.67 -23.24 87.34
N LYS RA 45 43.76 -23.68 86.09
CA LYS RA 45 43.01 -24.84 85.60
C LYS RA 45 43.96 -26.01 85.54
N TYR RA 46 43.85 -26.92 86.51
CA TYR RA 46 44.82 -27.99 86.66
C TYR RA 46 44.56 -29.11 85.66
N ARG RA 47 45.62 -29.50 84.94
CA ARG RA 47 45.52 -30.47 83.86
C ARG RA 47 46.54 -31.57 84.11
N MET RA 48 46.08 -32.81 84.10
CA MET RA 48 46.95 -33.97 84.17
C MET RA 48 47.33 -34.35 82.75
N ILE RA 49 48.57 -34.05 82.38
CA ILE RA 49 49.13 -34.35 81.08
C ILE RA 49 49.72 -35.76 81.16
N VAL RA 50 49.17 -36.69 80.40
CA VAL RA 50 49.66 -38.06 80.36
C VAL RA 50 50.20 -38.32 78.97
N ARG RA 51 51.51 -38.46 78.85
CA ARG RA 51 52.18 -38.67 77.58
C ARG RA 51 52.81 -40.06 77.56
N VAL RA 52 52.44 -40.85 76.57
CA VAL RA 52 52.96 -42.20 76.37
C VAL RA 52 54.09 -42.13 75.36
N THR RA 53 55.28 -42.50 75.79
CA THR RA 53 56.44 -42.62 74.90
C THR RA 53 56.96 -44.05 74.95
N ASN RA 54 57.94 -44.34 74.10
CA ASN RA 54 58.60 -45.63 74.16
C ASN RA 54 59.55 -45.65 75.36
N ARG RA 55 59.54 -46.79 76.08
CA ARG RA 55 60.38 -47.13 77.24
C ARG RA 55 60.10 -46.30 78.49
N ASP RA 56 59.17 -45.33 78.44
CA ASP RA 56 58.85 -44.49 79.59
C ASP RA 56 57.53 -43.77 79.31
N ILE RA 57 56.75 -43.54 80.36
CA ILE RA 57 55.57 -42.69 80.27
C ILE RA 57 55.67 -41.59 81.31
N ILE RA 58 55.01 -40.47 81.03
CA ILE RA 58 55.12 -39.26 81.83
C ILE RA 58 53.72 -38.84 82.26
N CYS RA 59 53.53 -38.60 83.56
CA CYS RA 59 52.25 -38.14 84.09
C CYS RA 59 52.48 -36.92 84.95
N GLN RA 60 51.96 -35.77 84.53
CA GLN RA 60 52.19 -34.51 85.21
C GLN RA 60 50.86 -33.84 85.51
N ILE RA 61 50.87 -32.89 86.45
CA ILE RA 61 49.76 -31.96 86.65
C ILE RA 61 50.34 -30.55 86.61
N ALA RA 62 49.80 -29.73 85.70
CA ALA RA 62 50.30 -28.40 85.44
C ALA RA 62 49.15 -27.44 85.19
N TYR RA 63 49.46 -26.15 85.23
CA TYR RA 63 48.52 -25.12 84.78
C TYR RA 63 49.24 -24.17 83.84
N ALA RA 64 48.61 -23.05 83.49
CA ALA RA 64 49.16 -22.16 82.49
C ALA RA 64 49.25 -20.73 83.01
N ARG RA 65 50.31 -20.04 82.56
CA ARG RA 65 50.45 -18.60 82.71
C ARG RA 65 50.82 -18.02 81.35
N ILE RA 66 50.98 -16.71 81.29
CA ILE RA 66 51.31 -16.07 80.01
C ILE RA 66 52.79 -16.27 79.67
N GLU RA 67 53.64 -16.48 80.69
CA GLU RA 67 55.06 -16.70 80.42
C GLU RA 67 55.33 -18.14 80.02
N GLY RA 68 54.66 -19.09 80.64
CA GLY RA 68 54.84 -20.50 80.34
C GLY RA 68 54.03 -21.34 81.29
N ASP RA 69 53.94 -22.62 80.96
CA ASP RA 69 53.16 -23.55 81.75
C ASP RA 69 53.90 -23.93 83.02
N MET RA 70 53.33 -23.60 84.16
CA MET RA 70 53.90 -23.95 85.46
C MET RA 70 53.46 -25.36 85.81
N ILE RA 71 54.42 -26.24 86.07
CA ILE RA 71 54.11 -27.61 86.44
C ILE RA 71 54.02 -27.71 87.96
N VAL RA 72 52.86 -28.17 88.44
CA VAL RA 72 52.69 -28.36 89.88
C VAL RA 72 53.38 -29.63 90.34
N CYS RA 73 53.11 -30.75 89.68
CA CYS RA 73 53.73 -32.01 90.08
C CYS RA 73 54.00 -32.87 88.87
N ALA RA 74 54.89 -33.84 89.04
CA ALA RA 74 55.30 -34.70 87.93
C ALA RA 74 55.65 -36.08 88.45
N ALA RA 75 55.54 -37.06 87.55
CA ALA RA 75 55.88 -38.45 87.85
C ALA RA 75 56.27 -39.14 86.55
N TYR RA 76 57.23 -40.06 86.66
CA TYR RA 76 57.80 -40.74 85.51
C TYR RA 76 57.75 -42.24 85.72
N ALA RA 77 57.79 -42.98 84.61
CA ALA RA 77 57.79 -44.43 84.69
C ALA RA 77 59.13 -45.03 85.10
N HIS RA 78 60.24 -44.32 84.86
CA HIS RA 78 61.55 -44.91 85.09
C HIS RA 78 61.97 -44.91 86.55
N GLU RA 79 61.16 -44.39 87.46
CA GLU RA 79 61.43 -44.43 88.89
C GLU RA 79 60.69 -45.56 89.58
N LEU RA 80 59.87 -46.30 88.84
CA LEU RA 80 59.20 -47.46 89.40
C LEU RA 80 60.10 -48.60 89.89
N PRO RA 81 61.32 -48.84 89.37
CA PRO RA 81 62.22 -49.73 90.12
C PRO RA 81 62.62 -49.20 91.49
N LYS RA 82 62.74 -47.89 91.64
CA LYS RA 82 62.98 -47.32 92.96
C LYS RA 82 61.74 -47.35 93.83
N TYR RA 83 60.55 -47.39 93.24
CA TYR RA 83 59.31 -47.50 94.00
C TYR RA 83 58.75 -48.92 94.06
N GLY RA 84 59.49 -49.91 93.56
CA GLY RA 84 59.07 -51.29 93.69
C GLY RA 84 58.95 -52.13 92.43
N VAL RA 85 58.45 -51.54 91.33
CA VAL RA 85 58.17 -52.29 90.11
C VAL RA 85 59.45 -52.33 89.28
N LYS RA 86 60.15 -53.46 89.33
CA LYS RA 86 61.48 -53.55 88.72
C LYS RA 86 61.42 -53.53 87.20
N VAL RA 87 60.51 -54.31 86.62
CA VAL RA 87 60.40 -54.45 85.17
C VAL RA 87 58.96 -54.22 84.75
N GLY RA 88 58.77 -54.05 83.44
CA GLY RA 88 57.46 -53.74 82.92
C GLY RA 88 57.10 -52.28 83.13
N LEU RA 89 57.85 -51.38 82.50
CA LEU RA 89 57.74 -49.95 82.77
C LEU RA 89 56.73 -49.24 81.89
N THR RA 90 56.25 -49.87 80.83
CA THR RA 90 55.28 -49.24 79.93
C THR RA 90 54.05 -50.11 79.77
N ASN RA 91 53.54 -50.66 80.86
CA ASN RA 91 52.31 -51.44 80.77
C ASN RA 91 51.15 -50.68 81.40
N TYR RA 92 49.97 -51.28 81.34
CA TYR RA 92 48.78 -50.69 81.97
C TYR RA 92 48.96 -50.65 83.49
N ALA RA 93 49.65 -51.64 84.04
CA ALA RA 93 49.99 -51.63 85.46
C ALA RA 93 50.92 -50.47 85.80
N ALA RA 94 51.89 -50.18 84.93
CA ALA RA 94 52.74 -49.01 85.17
C ALA RA 94 51.98 -47.71 84.96
N ALA RA 95 50.95 -47.71 84.11
CA ALA RA 95 50.14 -46.51 83.95
C ALA RA 95 49.31 -46.23 85.20
N TYR RA 96 48.64 -47.26 85.72
CA TYR RA 96 47.90 -47.14 86.97
C TYR RA 96 48.84 -46.82 88.14
N CYS RA 97 50.03 -47.40 88.12
CA CYS RA 97 51.00 -47.20 89.19
C CYS RA 97 51.58 -45.80 89.15
N THR RA 98 51.82 -45.27 87.95
CA THR RA 98 52.33 -43.91 87.81
C THR RA 98 51.26 -42.89 88.17
N GLY RA 99 50.00 -43.18 87.84
CA GLY RA 99 48.91 -42.31 88.27
C GLY RA 99 48.74 -42.29 89.78
N LEU RA 100 48.87 -43.45 90.43
CA LEU RA 100 48.79 -43.51 91.88
C LEU RA 100 49.97 -42.80 92.53
N LEU RA 101 51.18 -42.96 91.97
CA LEU RA 101 52.36 -42.26 92.45
C LEU RA 101 52.21 -40.75 92.31
N LEU RA 102 51.66 -40.30 91.18
CA LEU RA 102 51.46 -38.88 90.93
C LEU RA 102 50.43 -38.29 91.88
N ALA RA 103 49.34 -39.03 92.14
CA ALA RA 103 48.32 -38.54 93.07
C ALA RA 103 48.84 -38.48 94.50
N ARG RA 104 49.54 -39.52 94.95
CA ARG RA 104 50.10 -39.51 96.30
C ARG RA 104 51.19 -38.46 96.46
N ARG RA 105 51.98 -38.22 95.41
CA ARG RA 105 53.01 -37.19 95.48
C ARG RA 105 52.41 -35.79 95.51
N LEU RA 106 51.33 -35.58 94.75
CA LEU RA 106 50.65 -34.29 94.76
C LEU RA 106 50.00 -34.02 96.12
N LEU RA 107 49.33 -35.02 96.69
CA LEU RA 107 48.72 -34.82 98.00
C LEU RA 107 49.76 -34.74 99.11
N ASN RA 108 50.93 -35.33 98.92
CA ASN RA 108 52.01 -35.15 99.89
C ASN RA 108 52.62 -33.75 99.78
N ARG RA 109 52.68 -33.20 98.56
CA ARG RA 109 53.16 -31.83 98.39
C ARG RA 109 52.17 -30.82 98.98
N PHE RA 110 50.87 -31.07 98.80
CA PHE RA 110 49.86 -30.18 99.34
C PHE RA 110 49.58 -30.42 100.81
N GLY RA 111 50.05 -31.52 101.39
CA GLY RA 111 49.82 -31.78 102.79
C GLY RA 111 48.47 -32.38 103.11
N MET RA 112 47.76 -32.89 102.11
CA MET RA 112 46.46 -33.52 102.32
C MET RA 112 46.61 -35.04 102.41
N ASP RA 113 47.37 -35.47 103.42
CA ASP RA 113 47.77 -36.87 103.53
C ASP RA 113 46.71 -37.74 104.21
N LYS RA 114 46.32 -37.35 105.44
CA LYS RA 114 45.46 -38.23 106.24
C LYS RA 114 44.04 -38.28 105.70
N ILE RA 115 43.52 -37.14 105.27
CA ILE RA 115 42.22 -37.15 104.61
C ILE RA 115 42.40 -37.51 103.14
N TYR RA 116 41.27 -37.87 102.50
CA TYR RA 116 41.19 -38.25 101.08
C TYR RA 116 42.09 -39.43 100.76
N GLU RA 117 41.78 -40.57 101.39
CA GLU RA 117 42.53 -41.79 101.14
C GLU RA 117 42.26 -42.35 99.75
N GLY RA 118 41.09 -42.08 99.19
CA GLY RA 118 40.77 -42.56 97.86
C GLY RA 118 40.33 -44.00 97.89
N GLN RA 119 40.93 -44.83 97.03
CA GLN RA 119 40.59 -46.24 96.91
C GLN RA 119 41.85 -47.05 97.21
N VAL RA 120 41.93 -47.61 98.42
CA VAL RA 120 43.09 -48.40 98.80
C VAL RA 120 43.05 -49.78 98.15
N GLU RA 121 42.00 -50.54 98.43
CA GLU RA 121 41.82 -51.86 97.81
C GLU RA 121 41.40 -51.68 96.35
N VAL RA 122 42.24 -52.14 95.43
CA VAL RA 122 41.99 -51.98 94.01
C VAL RA 122 40.86 -52.92 93.60
N THR RA 123 39.72 -52.36 93.25
CA THR RA 123 38.54 -53.13 92.87
C THR RA 123 38.14 -52.94 91.42
N GLY RA 124 38.24 -51.73 90.89
CA GLY RA 124 37.88 -51.47 89.52
C GLY RA 124 36.48 -50.94 89.31
N ASP RA 125 35.84 -50.44 90.36
CA ASP RA 125 34.49 -49.90 90.25
C ASP RA 125 34.55 -48.42 89.86
N GLU RA 126 33.40 -47.74 89.90
CA GLU RA 126 33.35 -46.32 89.59
C GLU RA 126 33.37 -45.51 90.88
N TYR RA 127 34.55 -45.47 91.48
CA TYR RA 127 34.75 -44.72 92.73
C TYR RA 127 34.97 -43.25 92.38
N ASN RA 128 34.04 -42.40 92.76
CA ASN RA 128 34.14 -40.97 92.53
C ASN RA 128 34.47 -40.28 93.84
N VAL RA 129 35.49 -39.43 93.83
CA VAL RA 129 35.98 -38.77 95.03
C VAL RA 129 35.03 -37.64 95.41
N GLU RA 130 34.48 -37.70 96.62
CA GLU RA 130 33.59 -36.68 97.13
C GLU RA 130 34.32 -35.76 98.10
N SER RA 131 33.75 -34.58 98.30
CA SER RA 131 34.35 -33.57 99.17
C SER RA 131 33.77 -33.68 100.57
N ILE RA 132 34.62 -33.45 101.57
CA ILE RA 132 34.25 -33.55 102.97
C ILE RA 132 34.03 -32.14 103.52
N ASP RA 133 32.88 -31.93 104.16
CA ASP RA 133 32.58 -30.63 104.75
C ASP RA 133 33.45 -30.40 105.98
N GLY RA 134 33.86 -29.14 106.17
CA GLY RA 134 34.76 -28.79 107.25
C GLY RA 134 36.22 -29.05 106.97
N GLN RA 135 36.55 -29.53 105.78
CA GLN RA 135 37.90 -29.87 105.36
C GLN RA 135 38.16 -29.22 104.01
N PRO RA 136 39.42 -29.07 103.62
CA PRO RA 136 39.71 -28.60 102.25
C PRO RA 136 39.23 -29.60 101.21
N GLY RA 137 38.65 -29.06 100.14
CA GLY RA 137 37.96 -29.86 99.15
C GLY RA 137 38.90 -30.67 98.27
N ALA RA 138 38.28 -31.43 97.36
CA ALA RA 138 39.03 -32.31 96.48
C ALA RA 138 39.77 -31.51 95.41
N PHE RA 139 40.73 -32.18 94.77
CA PHE RA 139 41.55 -31.56 93.76
C PHE RA 139 40.87 -31.74 92.40
N THR RA 140 40.40 -30.65 91.81
CA THR RA 140 39.69 -30.69 90.55
C THR RA 140 40.71 -30.58 89.41
N CYS RA 141 40.91 -31.68 88.69
CA CYS RA 141 41.86 -31.73 87.58
C CYS RA 141 41.15 -32.26 86.35
N TYR RA 142 41.75 -31.98 85.19
CA TYR RA 142 41.16 -32.38 83.92
C TYR RA 142 42.22 -33.06 83.05
N LEU RA 143 41.77 -33.96 82.19
CA LEU RA 143 42.67 -34.85 81.46
C LEU RA 143 43.38 -34.14 80.30
N ASP RA 144 44.51 -34.73 79.90
CA ASP RA 144 45.21 -34.38 78.67
C ASP RA 144 45.82 -35.67 78.13
N ALA RA 145 45.12 -36.29 77.19
CA ALA RA 145 45.64 -37.46 76.49
C ALA RA 145 46.54 -37.10 75.33
N GLY RA 146 46.54 -35.83 74.90
CA GLY RA 146 47.41 -35.42 73.81
C GLY RA 146 46.87 -35.84 72.45
N LEU RA 147 47.80 -36.14 71.55
CA LEU RA 147 47.45 -36.51 70.18
C LEU RA 147 47.05 -37.97 70.04
N ALA RA 148 47.05 -38.75 71.11
CA ALA RA 148 46.70 -40.15 71.04
C ALA RA 148 45.19 -40.31 70.88
N ARG RA 149 44.80 -41.26 70.02
CA ARG RA 149 43.39 -41.53 69.81
C ARG RA 149 42.83 -42.30 70.99
N THR RA 150 41.79 -41.76 71.62
CA THR RA 150 41.26 -42.30 72.87
C THR RA 150 40.24 -43.38 72.56
N THR RA 151 40.74 -44.57 72.24
CA THR RA 151 39.93 -45.77 72.10
C THR RA 151 39.91 -46.46 73.46
N THR RA 152 38.91 -47.33 73.67
CA THR RA 152 38.81 -48.11 74.89
C THR RA 152 40.05 -49.00 75.07
N GLY RA 153 40.65 -48.92 76.25
CA GLY RA 153 41.84 -49.70 76.54
C GLY RA 153 43.14 -48.93 76.50
N ASN RA 154 43.10 -47.65 76.14
CA ASN RA 154 44.31 -46.84 76.13
C ASN RA 154 44.73 -46.55 77.56
N LYS RA 155 46.03 -46.66 77.83
CA LYS RA 155 46.52 -46.58 79.21
C LYS RA 155 46.62 -45.16 79.73
N VAL RA 156 46.28 -44.15 78.93
CA VAL RA 156 46.01 -42.83 79.48
C VAL RA 156 44.81 -42.89 80.43
N PHE RA 157 43.83 -43.74 80.11
CA PHE RA 157 42.74 -43.99 81.04
C PHE RA 157 43.19 -44.82 82.24
N GLY RA 158 44.24 -45.63 82.09
CA GLY RA 158 44.80 -46.29 83.26
C GLY RA 158 45.49 -45.32 84.21
N ALA RA 159 46.20 -44.34 83.64
CA ALA RA 159 46.76 -43.27 84.47
C ALA RA 159 45.66 -42.43 85.11
N LEU RA 160 44.55 -42.23 84.39
CA LEU RA 160 43.37 -41.59 84.95
C LEU RA 160 42.80 -42.39 86.13
N LYS RA 161 42.71 -43.71 85.98
CA LYS RA 161 42.19 -44.55 87.05
C LYS RA 161 43.12 -44.55 88.25
N GLY RA 162 44.44 -44.49 88.00
CA GLY RA 162 45.39 -44.35 89.09
C GLY RA 162 45.24 -43.03 89.83
N ALA RA 163 45.03 -41.93 89.09
CA ALA RA 163 44.84 -40.64 89.72
C ALA RA 163 43.54 -40.58 90.52
N VAL RA 164 42.47 -41.19 90.00
CA VAL RA 164 41.18 -41.18 90.69
C VAL RA 164 41.23 -42.05 91.93
N ASP RA 165 41.87 -43.22 91.85
CA ASP RA 165 42.00 -44.06 93.04
C ASP RA 165 43.02 -43.49 94.02
N GLY RA 166 43.93 -42.63 93.56
CA GLY RA 166 44.76 -41.88 94.50
C GLY RA 166 44.03 -40.73 95.15
N GLY RA 167 42.98 -40.21 94.51
CA GLY RA 167 42.14 -39.23 95.16
C GLY RA 167 42.08 -37.89 94.43
N LEU RA 168 42.26 -37.90 93.13
CA LEU RA 168 42.18 -36.70 92.31
C LEU RA 168 40.82 -36.66 91.63
N SER RA 169 40.02 -35.64 91.97
CA SER RA 169 38.68 -35.52 91.42
C SER RA 169 38.72 -35.10 89.96
N ILE RA 170 38.67 -36.06 89.05
CA ILE RA 170 38.65 -35.80 87.63
C ILE RA 170 37.35 -36.36 87.08
N PRO RA 171 36.53 -35.56 86.38
CA PRO RA 171 35.29 -36.10 85.81
C PRO RA 171 35.59 -36.99 84.61
N HIS RA 172 34.99 -38.18 84.61
CA HIS RA 172 35.26 -39.16 83.57
C HIS RA 172 34.08 -40.11 83.47
N SER RA 173 34.05 -40.84 82.36
CA SER RA 173 33.03 -41.85 82.10
C SER RA 173 33.66 -43.24 82.13
N THR RA 174 32.80 -44.24 82.33
CA THR RA 174 33.24 -45.61 82.48
C THR RA 174 33.25 -46.37 81.16
N LYS RA 175 32.92 -45.74 80.04
CA LYS RA 175 32.81 -46.44 78.77
C LYS RA 175 34.07 -46.36 77.93
N ARG RA 176 35.19 -45.92 78.51
CA ARG RA 176 36.47 -45.96 77.84
C ARG RA 176 37.54 -46.70 78.64
N PHE RA 177 37.21 -47.23 79.81
CA PHE RA 177 38.12 -48.11 80.50
C PHE RA 177 38.17 -49.46 79.79
N PRO RA 178 39.29 -50.17 79.88
CA PRO RA 178 39.34 -51.53 79.32
C PRO RA 178 38.47 -52.50 80.11
N GLY RA 179 37.73 -53.31 79.37
CA GLY RA 179 36.72 -54.17 79.93
C GLY RA 179 35.30 -53.74 79.60
N TYR RA 180 35.12 -52.53 79.09
CA TYR RA 180 33.81 -52.07 78.63
C TYR RA 180 33.51 -52.73 77.28
N ASP RA 181 32.41 -53.46 77.21
CA ASP RA 181 32.02 -54.11 75.97
C ASP RA 181 31.43 -53.10 75.01
N SER RA 182 31.73 -53.27 73.72
CA SER RA 182 31.24 -52.32 72.73
C SER RA 182 29.77 -52.54 72.41
N GLU RA 183 29.32 -53.78 72.28
CA GLU RA 183 27.93 -54.08 71.99
C GLU RA 183 27.08 -53.99 73.24
N SER RA 184 27.39 -54.81 74.25
CA SER RA 184 26.69 -54.74 75.52
C SER RA 184 27.12 -53.51 76.29
N LYS RA 185 26.16 -52.69 76.68
CA LYS RA 185 26.46 -51.41 77.34
C LYS RA 185 26.87 -51.58 78.80
N GLU RA 186 26.75 -52.77 79.36
CA GLU RA 186 27.15 -53.00 80.75
C GLU RA 186 28.67 -53.02 80.88
N PHE RA 187 29.17 -52.38 81.93
CA PHE RA 187 30.60 -52.34 82.20
C PHE RA 187 30.99 -53.48 83.12
N ASN RA 188 32.14 -54.09 82.85
CA ASN RA 188 32.64 -55.20 83.63
C ASN RA 188 33.81 -54.70 84.47
N ALA RA 189 33.71 -54.86 85.79
CA ALA RA 189 34.74 -54.39 86.70
C ALA RA 189 35.80 -55.45 87.00
N GLU RA 190 35.43 -56.73 86.90
CA GLU RA 190 36.38 -57.79 87.17
C GLU RA 190 37.45 -57.86 86.10
N VAL RA 191 37.07 -57.64 84.84
CA VAL RA 191 38.03 -57.60 83.74
C VAL RA 191 38.95 -56.39 83.88
N HIS RA 192 38.42 -55.28 84.38
CA HIS RA 192 39.24 -54.08 84.55
C HIS RA 192 40.22 -54.23 85.71
N ARG RA 193 39.80 -54.89 86.79
CA ARG RA 193 40.71 -55.21 87.89
C ARG RA 193 41.78 -56.20 87.44
N LYS RA 194 41.38 -57.18 86.63
CA LYS RA 194 42.33 -58.14 86.04
C LYS RA 194 43.36 -57.43 85.17
N HIS RA 195 42.93 -56.42 84.41
CA HIS RA 195 43.83 -55.69 83.52
C HIS RA 195 44.68 -54.68 84.28
N ILE RA 196 44.23 -54.20 85.44
CA ILE RA 196 45.11 -53.42 86.32
C ILE RA 196 46.19 -54.32 86.90
N MET RA 197 45.81 -55.47 87.45
CA MET RA 197 46.78 -56.37 88.07
C MET RA 197 47.68 -57.04 87.05
N GLY RA 198 47.30 -57.05 85.77
CA GLY RA 198 48.16 -57.61 84.76
C GLY RA 198 48.12 -59.12 84.70
N GLN RA 199 46.93 -59.70 84.84
CA GLN RA 199 46.78 -61.15 84.79
C GLN RA 199 46.60 -61.66 83.36
N ASN RA 200 46.21 -60.80 82.42
CA ASN RA 200 46.10 -61.24 81.03
C ASN RA 200 47.47 -61.46 80.41
N VAL RA 201 48.45 -60.62 80.74
CA VAL RA 201 49.79 -60.87 80.23
C VAL RA 201 50.46 -62.01 80.99
N ALA RA 202 50.00 -62.30 82.20
CA ALA RA 202 50.39 -63.54 82.88
C ALA RA 202 49.83 -64.75 82.14
N ASP RA 203 48.60 -64.64 81.65
CA ASP RA 203 48.01 -65.70 80.82
C ASP RA 203 48.75 -65.82 79.49
N TYR RA 204 49.26 -64.71 78.96
CA TYR RA 204 50.05 -64.77 77.73
C TYR RA 204 51.43 -65.38 77.97
N MET RA 205 52.02 -65.16 79.14
CA MET RA 205 53.25 -65.85 79.48
C MET RA 205 53.02 -67.34 79.65
N ARG RA 206 51.86 -67.71 80.22
CA ARG RA 206 51.47 -69.13 80.26
C ARG RA 206 51.26 -69.68 78.86
N TYR RA 207 50.68 -68.88 77.97
CA TYR RA 207 50.45 -69.29 76.59
C TYR RA 207 51.77 -69.50 75.85
N LEU RA 208 52.76 -68.66 76.14
CA LEU RA 208 54.07 -68.83 75.51
C LEU RA 208 54.83 -70.02 76.11
N MET RA 209 54.71 -70.24 77.42
CA MET RA 209 55.36 -71.40 78.01
C MET RA 209 54.70 -72.72 77.60
N GLU RA 210 53.43 -72.70 77.22
CA GLU RA 210 52.79 -73.90 76.73
C GLU RA 210 53.01 -74.12 75.23
N GLU RA 211 52.86 -73.08 74.42
CA GLU RA 211 52.88 -73.27 72.97
C GLU RA 211 54.30 -73.30 72.42
N ASP RA 212 55.04 -72.21 72.55
CA ASP RA 212 56.33 -72.06 71.89
C ASP RA 212 57.29 -71.34 72.82
N GLU RA 213 58.30 -72.06 73.33
CA GLU RA 213 59.28 -71.46 74.21
C GLU RA 213 60.28 -70.58 73.47
N ASP RA 214 60.35 -70.69 72.15
CA ASP RA 214 61.28 -69.88 71.38
C ASP RA 214 60.91 -68.41 71.43
N ALA RA 215 59.62 -68.09 71.26
CA ALA RA 215 59.18 -66.71 71.42
C ALA RA 215 59.23 -66.25 72.87
N TYR RA 216 59.03 -67.18 73.82
CA TYR RA 216 59.10 -66.87 75.24
C TYR RA 216 60.53 -66.52 75.65
N LYS RA 217 61.53 -67.06 74.96
CA LYS RA 217 62.91 -66.65 75.17
C LYS RA 217 63.31 -65.47 74.30
N LYS RA 218 62.65 -65.27 73.16
CA LYS RA 218 62.98 -64.13 72.30
C LYS RA 218 62.48 -62.82 72.90
N GLN RA 219 61.18 -62.69 73.09
CA GLN RA 219 60.67 -61.55 73.83
C GLN RA 219 60.61 -61.93 75.31
N PHE RA 220 60.18 -60.97 76.14
CA PHE RA 220 60.09 -61.10 77.60
C PHE RA 220 61.43 -61.48 78.23
N SER RA 221 62.53 -60.99 77.66
CA SER RA 221 63.84 -61.51 78.02
C SER RA 221 64.30 -60.96 79.36
N GLN RA 222 64.09 -59.66 79.61
CA GLN RA 222 64.48 -59.07 80.89
C GLN RA 222 63.69 -59.67 82.04
N TYR RA 223 62.42 -60.00 81.79
CA TYR RA 223 61.55 -60.68 82.75
C TYR RA 223 62.17 -61.99 83.23
N ILE RA 224 62.40 -62.92 82.31
CA ILE RA 224 62.92 -64.24 82.65
C ILE RA 224 64.40 -64.22 82.99
N LYS RA 225 65.12 -63.16 82.66
CA LYS RA 225 66.54 -63.10 82.94
C LYS RA 225 66.88 -62.30 84.20
N ASN RA 226 65.92 -61.65 84.85
CA ASN RA 226 66.08 -61.42 86.28
C ASN RA 226 65.16 -62.34 87.09
N SER RA 227 63.83 -62.13 87.07
CA SER RA 227 62.80 -63.01 87.64
C SER RA 227 61.43 -62.46 87.33
N VAL RA 228 60.55 -63.24 86.68
CA VAL RA 228 59.12 -62.95 86.56
C VAL RA 228 58.37 -64.27 86.55
N THR RA 229 57.43 -64.43 87.48
CA THR RA 229 56.48 -65.54 87.51
C THR RA 229 55.15 -64.93 87.95
N PRO RA 230 54.02 -65.42 87.41
CA PRO RA 230 52.75 -64.69 87.56
C PRO RA 230 52.23 -64.52 88.98
N ASP RA 231 52.45 -65.51 89.86
CA ASP RA 231 52.05 -65.34 91.25
C ASP RA 231 52.86 -64.25 91.94
N MET RA 232 54.16 -64.18 91.61
CA MET RA 232 54.96 -63.09 92.14
C MET RA 232 54.61 -61.74 91.52
N MET RA 233 54.10 -61.73 90.28
CA MET RA 233 53.61 -60.45 89.73
C MET RA 233 52.34 -59.99 90.44
N GLU RA 234 51.40 -60.93 90.68
CA GLU RA 234 50.16 -60.60 91.37
C GLU RA 234 50.40 -60.17 92.82
N GLU RA 235 51.44 -60.71 93.46
CA GLU RA 235 51.82 -60.20 94.77
C GLU RA 235 52.65 -58.92 94.67
N MET RA 236 53.40 -58.76 93.57
CA MET RA 236 54.39 -57.70 93.47
C MET RA 236 53.74 -56.35 93.22
N TYR RA 237 52.74 -56.30 92.34
CA TYR RA 237 52.03 -55.03 92.15
C TYR RA 237 51.21 -54.66 93.38
N LYS RA 238 50.64 -55.66 94.07
CA LYS RA 238 49.88 -55.40 95.29
C LYS RA 238 50.79 -54.86 96.40
N LYS RA 239 52.02 -55.36 96.49
CA LYS RA 239 52.97 -54.78 97.44
C LYS RA 239 53.47 -53.42 96.97
N ALA RA 240 53.56 -53.20 95.66
CA ALA RA 240 54.13 -51.96 95.13
C ALA RA 240 53.18 -50.78 95.33
N HIS RA 241 51.87 -51.01 95.20
CA HIS RA 241 50.92 -49.92 95.43
C HIS RA 241 50.92 -49.49 96.89
N ALA RA 242 51.04 -50.44 97.82
CA ALA RA 242 51.14 -50.09 99.23
C ALA RA 242 52.47 -49.40 99.54
N ALA RA 243 53.55 -49.84 98.89
CA ALA RA 243 54.86 -49.24 99.12
C ALA RA 243 54.91 -47.81 98.57
N ILE RA 244 54.14 -47.52 97.53
CA ILE RA 244 54.06 -46.14 97.05
C ILE RA 244 53.15 -45.30 97.94
N ARG RA 245 52.00 -45.85 98.35
CA ARG RA 245 51.09 -45.08 99.20
C ARG RA 245 51.63 -44.87 100.62
N GLU RA 246 52.66 -45.62 101.03
CA GLU RA 246 53.25 -45.35 102.34
C GLU RA 246 54.43 -44.38 102.29
N ASN RA 247 55.01 -44.12 101.12
CA ASN RA 247 56.19 -43.27 101.02
C ASN RA 247 56.27 -42.59 99.64
N PRO RA 248 55.51 -41.51 99.42
CA PRO RA 248 55.55 -40.81 98.13
C PRO RA 248 56.53 -39.65 98.05
N VAL RA 249 57.46 -39.54 99.00
CA VAL RA 249 58.12 -38.26 99.28
C VAL RA 249 59.06 -37.79 98.17
N TYR RA 250 59.49 -38.69 97.27
CA TYR RA 250 60.36 -38.38 96.11
C TYR RA 250 61.69 -37.77 96.55
N GLU RA 251 62.51 -38.62 97.16
CA GLU RA 251 63.90 -38.27 97.42
C GLU RA 251 64.64 -38.04 96.12
N LYS RA 252 65.28 -36.88 95.99
CA LYS RA 252 65.89 -36.46 94.75
C LYS RA 252 67.34 -36.94 94.67
N LYS RA 253 68.06 -36.47 93.64
CA LYS RA 253 69.46 -36.73 93.37
C LYS RA 253 70.27 -35.46 93.58
N PRO RA 254 71.53 -35.56 94.08
CA PRO RA 254 72.31 -34.34 94.38
C PRO RA 254 72.68 -33.49 93.17
N LYS RA 255 73.40 -34.08 92.20
CA LYS RA 255 73.71 -33.47 90.90
C LYS RA 255 74.41 -32.11 91.04
N LYS RA 256 75.61 -32.11 91.62
CA LYS RA 256 76.32 -30.85 91.84
C LYS RA 256 76.73 -30.16 90.54
N GLU RA 257 77.73 -30.71 89.85
CA GLU RA 257 78.21 -30.33 88.51
C GLU RA 257 79.36 -31.28 88.15
N VAL RA 258 79.53 -31.52 86.86
CA VAL RA 258 80.73 -32.15 86.31
C VAL RA 258 81.22 -31.21 85.20
N LYS RA 259 82.33 -30.52 85.45
CA LYS RA 259 82.82 -29.47 84.57
C LYS RA 259 83.75 -30.05 83.50
N LYS RA 260 83.18 -30.91 82.66
CA LYS RA 260 83.90 -31.50 81.53
C LYS RA 260 82.96 -31.57 80.34
N LYS RA 261 83.35 -30.93 79.23
CA LYS RA 261 82.47 -30.87 78.06
C LYS RA 261 83.29 -30.60 76.79
N ARG RA 262 83.10 -31.45 75.78
CA ARG RA 262 83.34 -31.06 74.37
C ARG RA 262 82.40 -31.90 73.49
N TRP RA 263 81.18 -31.39 73.27
CA TRP RA 263 80.30 -32.13 72.39
C TRP RA 263 79.73 -31.28 71.27
N ASN RA 264 79.20 -30.11 71.60
CA ASN RA 264 78.53 -29.27 70.63
C ASN RA 264 79.57 -28.51 69.83
N ARG RA 265 79.42 -28.55 68.50
CA ARG RA 265 80.32 -27.82 67.61
C ARG RA 265 79.86 -26.37 67.51
N PRO RA 266 80.67 -25.40 67.87
CA PRO RA 266 80.24 -24.01 67.88
C PRO RA 266 80.20 -23.42 66.47
N LYS RA 267 79.71 -22.19 66.37
CA LYS RA 267 79.61 -21.49 65.11
C LYS RA 267 80.98 -21.00 64.65
N MET RA 268 81.03 -20.52 63.42
CA MET RA 268 82.21 -19.83 62.91
C MET RA 268 81.87 -18.39 62.59
N SER RA 269 82.87 -17.52 62.70
CA SER RA 269 82.66 -16.09 62.66
C SER RA 269 82.52 -15.59 61.23
N LEU RA 270 82.24 -14.29 61.11
CA LEU RA 270 82.09 -13.65 59.82
C LEU RA 270 83.40 -13.62 59.04
N ALA RA 271 84.50 -13.26 59.71
CA ALA RA 271 85.80 -13.24 59.04
C ALA RA 271 86.25 -14.64 58.65
N GLN RA 272 85.92 -15.65 59.48
CA GLN RA 272 86.26 -17.02 59.13
C GLN RA 272 85.45 -17.51 57.93
N LYS RA 273 84.18 -17.13 57.87
CA LYS RA 273 83.33 -17.47 56.72
C LYS RA 273 83.84 -16.80 55.44
N LYS RA 274 84.14 -15.50 55.52
CA LYS RA 274 84.62 -14.76 54.36
C LYS RA 274 85.99 -15.24 53.92
N ASP RA 275 86.82 -15.70 54.84
CA ASP RA 275 88.12 -16.23 54.46
C ASP RA 275 88.03 -17.66 53.93
N ARG RA 276 87.03 -18.43 54.35
CA ARG RA 276 86.72 -19.67 53.64
C ARG RA 276 86.33 -19.41 52.19
N VAL RA 277 85.51 -18.37 51.98
CA VAL RA 277 85.13 -17.98 50.63
C VAL RA 277 86.37 -17.53 49.83
N ALA RA 278 87.26 -16.77 50.46
CA ALA RA 278 88.46 -16.27 49.78
C ALA RA 278 89.43 -17.40 49.45
N GLN RA 279 89.54 -18.40 50.34
CA GLN RA 279 90.37 -19.56 50.03
C GLN RA 279 89.76 -20.40 48.92
N LYS RA 280 88.43 -20.47 48.83
CA LYS RA 280 87.80 -21.15 47.70
C LYS RA 280 88.07 -20.41 46.38
N LYS RA 281 88.01 -19.07 46.42
CA LYS RA 281 88.34 -18.26 45.24
C LYS RA 281 89.78 -18.49 44.81
N ALA RA 282 90.72 -18.46 45.77
CA ALA RA 282 92.13 -18.62 45.46
C ALA RA 282 92.44 -20.04 44.97
N SER RA 283 91.78 -21.05 45.53
CA SER RA 283 92.01 -22.42 45.09
C SER RA 283 91.43 -22.67 43.71
N PHE RA 284 90.30 -22.04 43.38
CA PHE RA 284 89.79 -22.21 42.01
C PHE RA 284 90.64 -21.44 41.01
N LEU RA 285 91.20 -20.29 41.40
CA LEU RA 285 92.15 -19.60 40.52
C LEU RA 285 93.43 -20.41 40.33
N ARG RA 286 93.88 -21.09 41.38
CA ARG RA 286 95.04 -21.98 41.26
C ARG RA 286 94.73 -23.17 40.37
N ALA RA 287 93.50 -23.69 40.43
CA ALA RA 287 93.09 -24.77 39.55
C ALA RA 287 93.06 -24.34 38.10
N GLN RA 288 92.49 -23.15 37.83
CA GLN RA 288 92.43 -22.64 36.46
C GLN RA 288 93.82 -22.28 35.94
N GLU RA 289 94.74 -21.90 36.84
CA GLU RA 289 96.11 -21.61 36.42
C GLU RA 289 96.90 -22.88 36.14
N ARG RA 290 96.72 -23.93 36.94
CA ARG RA 290 97.56 -25.12 36.85
C ARG RA 290 96.99 -26.21 35.96
N ALA RA 291 95.75 -26.64 36.20
CA ALA RA 291 95.21 -27.79 35.50
C ALA RA 291 94.86 -27.49 34.04
N ALA RA 292 94.63 -26.22 33.70
CA ALA RA 292 94.39 -25.87 32.30
C ALA RA 292 95.68 -25.90 31.50
N GLU RA 293 96.83 -25.71 32.15
CA GLU RA 293 98.11 -25.80 31.48
C GLU RA 293 98.66 -27.23 31.47
N SER RA 294 98.56 -27.93 32.59
CA SER RA 294 99.05 -29.30 32.68
C SER RA 294 98.05 -30.28 32.08
N PRO SA 1 35.16 91.63 120.65
CA PRO SA 1 35.69 92.40 121.77
C PRO SA 1 34.67 92.63 122.88
N VAL SA 2 34.77 93.77 123.56
CA VAL SA 2 33.87 94.15 124.64
C VAL SA 2 33.23 95.48 124.28
N GLY SA 3 31.90 95.51 124.24
CA GLY SA 3 31.20 96.73 123.91
C GLY SA 3 30.39 97.28 125.06
N GLY SA 4 30.80 98.42 125.61
CA GLY SA 4 30.06 99.05 126.68
C GLY SA 4 28.83 99.78 126.16
N ASP SA 5 27.90 100.04 127.08
CA ASP SA 5 26.63 100.68 126.74
C ASP SA 5 26.34 101.75 127.77
N LYS SA 6 25.12 102.27 127.74
CA LYS SA 6 24.71 103.39 128.60
C LYS SA 6 23.67 103.01 129.64
N ASN SA 7 22.78 102.08 129.34
CA ASN SA 7 21.75 101.68 130.29
C ASN SA 7 21.36 100.23 130.04
N GLY SA 8 21.07 99.52 131.12
CA GLY SA 8 20.66 98.13 131.02
C GLY SA 8 21.78 97.17 130.72
N GLY SA 9 22.95 97.35 131.36
CA GLY SA 9 24.08 96.49 131.12
C GLY SA 9 24.78 96.80 129.81
N THR SA 10 25.86 96.06 129.57
CA THR SA 10 26.67 96.20 128.37
C THR SA 10 26.46 94.97 127.49
N ARG SA 11 26.00 95.20 126.27
CA ARG SA 11 25.70 94.10 125.37
C ARG SA 11 26.98 93.50 124.80
N VAL SA 12 26.95 92.19 124.57
CA VAL SA 12 28.09 91.51 123.99
C VAL SA 12 28.19 91.82 122.50
N VAL SA 13 29.36 91.57 121.93
CA VAL SA 13 29.60 91.83 120.54
C VAL SA 13 29.04 90.68 119.70
N LYS SA 14 28.94 90.91 118.40
CA LYS SA 14 28.54 89.85 117.47
C LYS SA 14 29.21 90.14 116.13
N LEU SA 15 30.33 89.46 115.88
CA LEU SA 15 31.06 89.59 114.63
C LEU SA 15 30.75 88.39 113.75
N ARG SA 16 30.76 88.64 112.43
CA ARG SA 16 30.41 87.67 111.38
C ARG SA 16 29.00 87.11 111.62
N LYS SA 17 28.02 88.01 111.46
CA LYS SA 17 26.64 87.68 111.71
C LYS SA 17 26.10 86.69 110.68
N MET SA 18 25.00 86.04 111.04
CA MET SA 18 24.44 84.99 110.19
C MET SA 18 23.79 85.60 108.95
N PRO SA 19 23.97 84.98 107.78
CA PRO SA 19 23.38 85.53 106.55
C PRO SA 19 21.87 85.36 106.50
N ARG SA 20 21.24 86.21 105.70
CA ARG SA 20 19.79 86.34 105.69
C ARG SA 20 19.14 85.46 104.63
N TYR SA 21 19.46 85.70 103.37
CA TYR SA 21 18.84 84.97 102.26
C TYR SA 21 19.76 83.86 101.80
N TYR SA 22 19.17 82.70 101.52
CA TYR SA 22 19.86 81.57 100.94
C TYR SA 22 19.30 81.26 99.56
N PRO SA 23 20.14 80.98 98.57
CA PRO SA 23 19.63 80.52 97.28
C PRO SA 23 19.08 79.10 97.40
N THR SA 24 17.94 78.87 96.74
CA THR SA 24 17.20 77.63 96.90
C THR SA 24 17.90 76.41 96.32
N GLU SA 25 18.97 76.60 95.54
CA GLU SA 25 19.79 75.49 95.08
C GLU SA 25 21.23 75.98 95.00
N ASP SA 26 22.15 75.21 95.57
CA ASP SA 26 23.54 75.60 95.63
C ASP SA 26 24.38 74.66 94.76
N VAL SA 27 25.43 75.21 94.17
CA VAL SA 27 26.36 74.43 93.37
C VAL SA 27 27.27 73.63 94.30
N PRO SA 28 27.72 72.44 93.91
CA PRO SA 28 28.62 71.69 94.78
C PRO SA 28 30.04 72.26 94.78
N ARG SA 29 30.76 71.95 95.86
CA ARG SA 29 32.12 72.43 96.02
C ARG SA 29 33.06 71.69 95.08
N LYS SA 30 33.94 72.43 94.40
CA LYS SA 30 34.87 71.83 93.47
C LYS SA 30 36.03 71.18 94.22
N LEU SA 31 36.71 70.25 93.54
CA LEU SA 31 37.93 69.65 94.04
C LEU SA 31 39.17 70.24 93.38
N LEU SA 32 39.08 70.50 92.07
CA LEU SA 32 39.98 71.27 91.22
C LEU SA 32 41.33 70.58 90.94
N SER SA 33 41.64 69.50 91.68
CA SER SA 33 42.70 68.53 91.41
C SER SA 33 44.12 69.07 91.46
N HIS SA 34 44.29 70.39 91.55
CA HIS SA 34 45.57 71.08 91.40
C HIS SA 34 45.32 72.56 91.66
N GLY SA 35 46.39 73.35 91.71
CA GLY SA 35 46.31 74.79 91.90
C GLY SA 35 46.89 75.54 90.72
N LYS SA 36 46.51 75.14 89.48
CA LYS SA 36 47.32 75.14 88.26
C LYS SA 36 48.25 76.33 88.06
N LYS SA 37 47.68 77.54 87.86
CA LYS SA 37 48.21 78.90 88.02
C LYS SA 37 47.16 79.95 87.74
N PRO SA 38 47.19 81.07 88.44
CA PRO SA 38 46.57 82.30 87.91
C PRO SA 38 47.56 83.05 87.05
N PHE SA 39 47.21 84.26 86.64
CA PHE SA 39 48.13 85.17 85.96
C PHE SA 39 48.90 86.05 86.97
N SER SA 40 49.05 85.57 88.20
CA SER SA 40 49.51 86.38 89.33
C SER SA 40 50.95 86.88 89.23
N GLN SA 41 51.95 85.99 89.35
CA GLN SA 41 53.30 86.51 89.49
C GLN SA 41 53.96 86.78 88.15
N HIS SA 42 54.45 85.71 87.50
CA HIS SA 42 54.37 85.33 86.07
C HIS SA 42 55.33 84.19 85.79
N VAL SA 43 55.32 83.70 84.55
CA VAL SA 43 56.31 82.74 84.07
C VAL SA 43 56.72 83.17 82.67
N ARG SA 44 57.97 82.87 82.31
CA ARG SA 44 58.58 83.37 81.08
C ARG SA 44 58.84 82.21 80.12
N LYS SA 45 58.27 82.31 78.92
CA LYS SA 45 58.63 81.44 77.80
C LYS SA 45 58.69 82.31 76.56
N LEU SA 46 59.89 82.58 76.07
CA LEU SA 46 60.12 83.54 75.00
C LEU SA 46 60.82 82.85 73.84
N ARG SA 47 60.94 83.59 72.73
CA ARG SA 47 61.66 83.09 71.58
C ARG SA 47 63.15 83.39 71.72
N ALA SA 48 63.95 82.70 70.91
CA ALA SA 48 65.39 82.90 70.89
C ALA SA 48 65.82 83.98 69.92
N SER SA 49 64.93 84.44 69.05
CA SER SA 49 65.25 85.45 68.05
C SER SA 49 64.87 86.85 68.49
N ILE SA 50 64.14 87.01 69.59
CA ILE SA 50 63.72 88.34 70.05
C ILE SA 50 64.83 88.86 70.96
N THR SA 51 65.85 89.42 70.31
CA THR SA 51 66.88 90.14 71.03
C THR SA 51 66.37 91.54 71.38
N PRO SA 52 66.88 92.15 72.46
CA PRO SA 52 66.58 93.56 72.69
C PRO SA 52 67.26 94.43 71.64
N GLY SA 53 66.47 95.27 71.00
CA GLY SA 53 66.94 96.02 69.84
C GLY SA 53 66.62 95.39 68.50
N THR SA 54 65.55 94.60 68.41
CA THR SA 54 65.20 93.89 67.19
C THR SA 54 64.15 94.67 66.42
N ILE SA 55 64.33 94.74 65.10
CA ILE SA 55 63.31 95.32 64.23
C ILE SA 55 62.19 94.31 64.08
N LEU SA 56 60.99 94.68 64.51
CA LEU SA 56 59.83 93.81 64.46
C LEU SA 56 58.81 94.37 63.48
N ILE SA 57 58.35 93.52 62.57
CA ILE SA 57 57.28 93.86 61.64
C ILE SA 57 55.96 93.58 62.32
N ILE SA 58 55.10 94.61 62.43
CA ILE SA 58 53.82 94.49 63.12
C ILE SA 58 52.78 94.00 62.13
N LEU SA 59 52.31 92.78 62.32
CA LEU SA 59 51.34 92.17 61.39
C LEU SA 59 49.90 92.56 61.71
N THR SA 60 49.41 92.15 62.88
CA THR SA 60 47.98 92.20 63.18
C THR SA 60 47.61 93.34 64.10
N GLY SA 61 48.24 94.50 63.94
CA GLY SA 61 47.86 95.70 64.65
C GLY SA 61 47.06 96.64 63.79
N ARG SA 62 46.84 97.84 64.34
CA ARG SA 62 46.28 98.91 63.54
C ARG SA 62 47.30 99.45 62.54
N HIS SA 63 48.58 99.40 62.91
CA HIS SA 63 49.63 99.88 62.01
C HIS SA 63 49.86 98.92 60.86
N ARG SA 64 49.83 97.61 61.15
CA ARG SA 64 49.73 96.47 60.22
C ARG SA 64 50.72 96.55 59.05
N GLY SA 65 51.99 96.44 59.41
CA GLY SA 65 53.01 96.32 58.39
C GLY SA 65 54.19 97.26 58.57
N LYS SA 66 54.32 97.86 59.74
CA LYS SA 66 55.39 98.80 60.01
C LYS SA 66 56.52 98.10 60.77
N ARG SA 67 57.73 98.61 60.55
CA ARG SA 67 58.94 98.08 61.16
C ARG SA 67 59.27 98.93 62.38
N VAL SA 68 59.12 98.35 63.57
CA VAL SA 68 59.07 99.07 64.83
C VAL SA 68 60.13 98.47 65.75
N VAL SA 69 60.83 99.31 66.53
CA VAL SA 69 62.03 98.87 67.24
C VAL SA 69 61.65 98.34 68.62
N PHE SA 70 62.04 97.09 68.91
CA PHE SA 70 61.76 96.49 70.20
C PHE SA 70 62.69 97.05 71.27
N LEU SA 71 62.13 97.48 72.41
CA LEU SA 71 62.95 97.97 73.51
C LEU SA 71 63.11 96.95 74.64
N LYS SA 72 62.01 96.53 75.26
CA LYS SA 72 62.12 95.75 76.49
C LYS SA 72 61.01 94.72 76.58
N GLN SA 73 61.23 93.74 77.43
CA GLN SA 73 60.22 92.76 77.81
C GLN SA 73 59.50 93.24 79.07
N LEU SA 74 58.22 93.56 78.94
CA LEU SA 74 57.46 94.08 80.06
C LEU SA 74 57.12 92.97 81.05
N ALA SA 75 56.51 93.37 82.17
CA ALA SA 75 56.20 92.45 83.25
C ALA SA 75 54.99 91.57 82.97
N SER SA 76 54.27 91.82 81.87
CA SER SA 76 53.08 91.06 81.53
C SER SA 76 53.28 90.12 80.35
N GLY SA 77 54.54 89.92 79.93
CA GLY SA 77 54.82 89.08 78.78
C GLY SA 77 54.60 89.74 77.43
N LEU SA 78 53.99 90.92 77.39
CA LEU SA 78 53.79 91.64 76.15
C LEU SA 78 55.00 92.51 75.82
N LEU SA 79 55.28 92.65 74.54
CA LEU SA 79 56.48 93.33 74.09
C LEU SA 79 56.23 94.84 74.04
N LEU SA 80 57.23 95.60 74.49
CA LEU SA 80 57.22 97.05 74.36
C LEU SA 80 58.06 97.38 73.12
N VAL SA 81 57.39 97.66 72.01
CA VAL SA 81 58.04 97.85 70.72
C VAL SA 81 57.76 99.30 70.34
N THR SA 82 58.72 100.17 70.60
CA THR SA 82 58.57 101.60 70.39
C THR SA 82 58.89 101.96 68.95
N GLY SA 83 58.04 102.80 68.36
CA GLY SA 83 58.35 103.40 67.09
C GLY SA 83 58.90 104.79 67.28
N PRO SA 84 59.89 105.16 66.48
CA PRO SA 84 60.33 106.57 66.45
C PRO SA 84 59.25 107.43 65.83
N LEU SA 85 58.75 108.39 66.62
CA LEU SA 85 57.62 109.22 66.19
C LEU SA 85 58.01 110.15 65.06
N VAL SA 86 59.30 110.49 64.95
CA VAL SA 86 59.78 111.28 63.82
C VAL SA 86 59.72 110.47 62.54
N LEU SA 87 60.07 109.18 62.62
CA LEU SA 87 60.12 108.33 61.43
C LEU SA 87 58.76 107.71 61.11
N ASN SA 88 58.20 106.94 62.04
CA ASN SA 88 56.91 106.31 61.87
C ASN SA 88 55.86 107.01 62.71
N ARG SA 89 54.62 106.59 62.56
CA ARG SA 89 53.51 107.06 63.39
C ARG SA 89 53.39 106.29 64.69
N VAL SA 90 54.30 105.36 64.97
CA VAL SA 90 54.07 104.39 66.02
C VAL SA 90 54.50 104.99 67.36
N PRO SA 91 53.62 105.01 68.36
CA PRO SA 91 54.00 105.40 69.72
C PRO SA 91 54.69 104.26 70.46
N LEU SA 92 54.73 104.35 71.80
CA LEU SA 92 55.18 103.26 72.66
C LEU SA 92 54.14 102.14 72.84
N ARG SA 93 53.22 102.01 71.88
CA ARG SA 93 52.25 100.94 71.71
C ARG SA 93 52.81 99.57 72.09
N ARG SA 94 52.08 98.88 72.95
CA ARG SA 94 52.48 97.58 73.48
C ARG SA 94 51.88 96.48 72.61
N THR SA 95 52.73 95.66 72.01
CA THR SA 95 52.25 94.62 71.10
C THR SA 95 52.45 93.24 71.74
N HIS SA 96 52.05 92.22 71.00
CA HIS SA 96 52.13 90.84 71.44
C HIS SA 96 53.29 90.14 70.74
N GLN SA 97 53.88 89.18 71.45
CA GLN SA 97 55.07 88.47 70.97
C GLN SA 97 54.76 87.62 69.74
N LYS SA 98 53.65 86.89 69.77
CA LYS SA 98 53.37 85.86 68.77
C LYS SA 98 52.86 86.43 67.46
N PHE SA 99 52.52 87.73 67.41
CA PHE SA 99 51.92 88.33 66.23
C PHE SA 99 52.88 89.25 65.47
N VAL SA 100 54.19 89.16 65.71
CA VAL SA 100 55.15 90.02 65.04
C VAL SA 100 56.12 89.16 64.25
N ILE SA 101 56.88 89.81 63.37
CA ILE SA 101 57.94 89.17 62.59
C ILE SA 101 59.28 89.73 63.05
N ALA SA 102 60.19 88.84 63.46
CA ALA SA 102 61.51 89.27 63.87
C ALA SA 102 62.38 89.56 62.66
N THR SA 103 63.31 90.50 62.82
CA THR SA 103 64.27 90.83 61.77
C THR SA 103 65.68 90.65 62.33
N SER SA 104 66.58 90.12 61.50
CA SER SA 104 67.97 89.93 61.89
C SER SA 104 68.74 91.23 62.09
N THR SA 105 68.20 92.36 61.64
CA THR SA 105 68.84 93.65 61.88
C THR SA 105 68.73 94.02 63.36
N LYS SA 106 69.88 94.32 63.98
CA LYS SA 106 69.95 94.58 65.41
C LYS SA 106 70.60 95.93 65.65
N ILE SA 107 70.05 96.67 66.61
CA ILE SA 107 70.58 97.97 66.99
C ILE SA 107 71.08 97.86 68.43
N ASP SA 108 72.12 98.65 68.76
CA ASP SA 108 72.70 98.63 70.09
C ASP SA 108 71.73 99.26 71.07
N ILE SA 109 71.44 98.54 72.17
CA ILE SA 109 70.40 98.95 73.10
C ILE SA 109 70.93 98.82 74.53
N SER SA 110 72.12 98.25 74.68
CA SER SA 110 72.61 97.78 75.97
C SER SA 110 72.86 98.90 76.97
N ASN SA 111 73.19 100.10 76.52
CA ASN SA 111 73.46 101.22 77.42
C ASN SA 111 72.81 102.50 76.90
N VAL SA 112 71.60 102.39 76.35
CA VAL SA 112 70.99 103.54 75.71
C VAL SA 112 70.13 104.33 76.69
N LYS SA 113 69.01 103.74 77.14
CA LYS SA 113 68.03 104.42 77.96
C LYS SA 113 66.95 103.43 78.40
N ILE SA 114 66.43 103.59 79.62
CA ILE SA 114 65.16 103.00 80.01
C ILE SA 114 64.53 103.87 81.11
N PRO SA 115 63.22 104.10 81.05
CA PRO SA 115 62.53 104.68 82.21
C PRO SA 115 62.12 103.60 83.19
N LYS SA 116 61.59 104.03 84.33
CA LYS SA 116 61.23 103.11 85.39
C LYS SA 116 59.76 103.16 85.80
N HIS SA 117 58.99 104.15 85.34
CA HIS SA 117 57.62 104.32 85.79
C HIS SA 117 56.59 103.75 84.83
N LEU SA 118 57.01 103.09 83.76
CA LEU SA 118 56.08 102.55 82.76
C LEU SA 118 55.97 101.05 82.94
N THR SA 119 54.74 100.55 82.93
CA THR SA 119 54.45 99.15 83.23
C THR SA 119 53.06 98.82 82.66
N ASP SA 120 52.52 97.67 83.07
CA ASP SA 120 51.16 97.28 82.68
C ASP SA 120 50.13 98.26 83.23
N ALA SA 121 50.38 98.83 84.41
CA ALA SA 121 49.49 99.87 84.93
C ALA SA 121 49.58 101.14 84.12
N TYR SA 122 50.72 101.39 83.48
CA TYR SA 122 50.85 102.56 82.60
C TYR SA 122 50.23 102.32 81.24
N PHE SA 123 50.28 101.08 80.74
CA PHE SA 123 49.71 100.74 79.44
C PHE SA 123 48.45 99.91 79.67
N LYS SA 124 47.32 100.60 79.85
CA LYS SA 124 46.01 99.98 79.83
C LYS SA 124 44.97 101.04 79.50
N LYS SA 125 43.79 100.59 79.11
CA LYS SA 125 42.70 101.47 78.74
C LYS SA 125 41.75 101.66 79.91
N LYS SA 126 41.30 102.89 80.09
CA LYS SA 126 40.40 103.26 81.18
C LYS SA 126 39.04 103.65 80.61
N LYS SA 127 37.99 103.07 81.16
CA LYS SA 127 36.62 103.35 80.73
C LYS SA 127 35.79 103.75 81.95
N LEU SA 128 35.01 104.82 81.80
CA LEU SA 128 34.16 105.30 82.87
C LEU SA 128 32.99 106.07 82.28
N ARG SA 129 31.90 106.12 83.04
CA ARG SA 129 30.72 106.88 82.64
C ARG SA 129 30.00 107.36 83.89
N LYS SA 130 29.53 108.61 83.83
CA LYS SA 130 28.75 109.19 84.93
C LYS SA 130 27.25 108.83 84.92
N PRO SA 131 26.49 108.95 83.82
CA PRO SA 131 25.06 108.61 83.92
C PRO SA 131 24.84 107.11 83.84
N ARG SA 132 23.58 106.71 83.98
CA ARG SA 132 23.16 105.32 83.96
C ARG SA 132 22.20 104.99 82.82
N HIS SA 133 21.28 105.90 82.49
CA HIS SA 133 20.36 105.69 81.40
C HIS SA 133 20.95 106.22 80.10
N GLN SA 134 20.17 106.14 79.02
CA GLN SA 134 20.64 106.58 77.72
C GLN SA 134 20.66 108.10 77.63
N GLU SA 135 21.56 108.61 76.80
CA GLU SA 135 21.74 110.06 76.65
C GLU SA 135 22.27 110.30 75.24
N GLY SA 136 22.25 111.57 74.82
CA GLY SA 136 22.66 111.91 73.47
C GLY SA 136 24.16 111.73 73.24
N GLU SA 137 24.98 112.29 74.13
CA GLU SA 137 26.41 112.09 74.02
C GLU SA 137 26.80 110.72 74.57
N ILE SA 138 28.07 110.37 74.40
CA ILE SA 138 28.53 109.02 74.70
C ILE SA 138 29.44 109.00 75.92
N PHE SA 139 28.87 108.72 77.09
CA PHE SA 139 29.53 108.31 78.33
C PHE SA 139 30.43 109.38 78.96
N ASP SA 140 30.54 110.57 78.35
CA ASP SA 140 31.50 111.64 78.68
C ASP SA 140 32.95 111.16 78.62
N THR SA 141 33.22 110.06 77.93
CA THR SA 141 34.55 109.48 77.73
C THR SA 141 34.83 109.15 76.28
N GLU SA 142 33.84 108.63 75.54
CA GLU SA 142 34.03 108.16 74.19
C GLU SA 142 33.51 109.12 73.13
N LYS SA 143 32.99 110.29 73.52
CA LYS SA 143 32.67 111.31 72.54
C LYS SA 143 33.92 111.90 71.93
N GLU SA 144 34.96 112.07 72.75
CA GLU SA 144 36.28 112.45 72.29
C GLU SA 144 37.25 111.32 72.61
N LYS SA 145 38.52 111.52 72.24
CA LYS SA 145 39.55 110.53 72.52
C LYS SA 145 40.20 110.85 73.87
N TYR SA 146 41.30 110.19 74.17
CA TYR SA 146 42.00 110.43 75.42
C TYR SA 146 42.93 111.64 75.27
N GLU SA 147 43.20 112.29 76.41
CA GLU SA 147 44.04 113.48 76.45
C GLU SA 147 45.18 113.30 77.43
N ILE SA 148 45.72 112.07 77.53
CA ILE SA 148 46.88 111.82 78.37
C ILE SA 148 48.18 112.00 77.57
N THR SA 149 48.09 112.46 76.32
CA THR SA 149 49.25 112.64 75.46
C THR SA 149 50.17 113.76 75.94
N GLU SA 150 49.71 114.64 76.82
CA GLU SA 150 50.61 115.59 77.46
C GLU SA 150 51.57 114.87 78.40
N GLN SA 151 51.10 113.83 79.08
CA GLN SA 151 51.97 113.02 79.91
C GLN SA 151 52.87 112.13 79.07
N ARG SA 152 52.33 111.59 77.97
CA ARG SA 152 53.10 110.65 77.16
C ARG SA 152 54.15 111.33 76.30
N LYS SA 153 54.02 112.64 76.05
CA LYS SA 153 54.97 113.32 75.18
C LYS SA 153 56.35 113.44 75.84
N ILE SA 154 56.37 113.72 77.14
CA ILE SA 154 57.63 113.80 77.88
C ILE SA 154 58.29 112.43 77.95
N ASP SA 155 57.48 111.37 78.04
CA ASP SA 155 58.02 110.02 78.05
C ASP SA 155 58.55 109.62 76.67
N GLN SA 156 57.92 110.12 75.60
CA GLN SA 156 58.39 109.79 74.26
C GLN SA 156 59.67 110.54 73.91
N LYS SA 157 59.78 111.81 74.33
CA LYS SA 157 60.96 112.60 73.99
C LYS SA 157 62.20 112.08 74.68
N ALA SA 158 62.07 111.68 75.96
CA ALA SA 158 63.22 111.21 76.73
C ALA SA 158 63.74 109.86 76.25
N VAL SA 159 62.92 109.09 75.55
CA VAL SA 159 63.39 107.86 74.91
C VAL SA 159 63.95 108.15 73.52
N ASP SA 160 63.21 108.93 72.72
CA ASP SA 160 63.58 109.14 71.32
C ASP SA 160 64.84 109.96 71.16
N SER SA 161 65.11 110.88 72.10
CA SER SA 161 66.32 111.71 72.04
C SER SA 161 67.61 110.92 72.20
N GLN SA 162 67.54 109.67 72.66
CA GLN SA 162 68.69 108.79 72.69
C GLN SA 162 68.55 107.59 71.77
N ILE SA 163 67.32 107.23 71.38
CA ILE SA 163 67.13 106.17 70.39
C ILE SA 163 67.56 106.64 69.00
N LEU SA 164 67.11 107.83 68.58
CA LEU SA 164 67.43 108.38 67.25
C LEU SA 164 68.91 108.60 66.94
N PRO SA 165 69.80 108.97 67.89
CA PRO SA 165 71.24 108.93 67.55
C PRO SA 165 71.77 107.52 67.29
N LYS SA 166 71.13 106.48 67.84
CA LYS SA 166 71.55 105.12 67.48
C LYS SA 166 71.05 104.73 66.10
N ILE SA 167 69.88 105.24 65.70
CA ILE SA 167 69.38 105.01 64.35
C ILE SA 167 70.24 105.78 63.34
N LYS SA 168 70.75 106.94 63.75
CA LYS SA 168 71.63 107.74 62.89
C LYS SA 168 72.96 107.05 62.62
N ALA SA 169 73.39 106.15 63.52
CA ALA SA 169 74.67 105.47 63.36
C ALA SA 169 74.64 104.49 62.19
N ILE SA 170 73.58 103.69 62.08
CA ILE SA 170 73.40 102.84 60.90
C ILE SA 170 73.01 103.71 59.72
N PRO SA 171 73.69 103.60 58.56
CA PRO SA 171 73.53 104.62 57.51
C PRO SA 171 72.18 104.59 56.80
N GLN SA 172 71.41 103.52 56.88
CA GLN SA 172 70.13 103.44 56.15
C GLN SA 172 68.97 103.03 57.06
N LEU SA 173 69.16 103.06 58.38
CA LEU SA 173 68.15 102.51 59.28
C LEU SA 173 66.92 103.41 59.37
N GLN SA 174 67.08 104.72 59.18
CA GLN SA 174 65.92 105.60 59.27
C GLN SA 174 64.98 105.42 58.07
N GLY SA 175 65.54 105.23 56.88
CA GLY SA 175 64.72 104.89 55.74
C GLY SA 175 64.16 103.49 55.81
N TYR SA 176 64.93 102.56 56.40
CA TYR SA 176 64.44 101.20 56.58
C TYR SA 176 63.27 101.14 57.57
N LEU SA 177 63.30 101.97 58.61
CA LEU SA 177 62.18 102.04 59.55
C LEU SA 177 61.01 102.82 58.97
N ARG SA 178 61.26 103.81 58.10
CA ARG SA 178 60.17 104.49 57.44
C ARG SA 178 59.47 103.59 56.44
N SER SA 179 60.21 102.64 55.85
CA SER SA 179 59.63 101.68 54.92
C SER SA 179 58.66 100.73 55.64
N VAL SA 180 57.79 100.10 54.85
CA VAL SA 180 56.77 99.18 55.35
C VAL SA 180 57.03 97.79 54.78
N PHE SA 181 56.17 96.83 55.10
CA PHE SA 181 56.34 95.46 54.67
C PHE SA 181 55.18 95.04 53.78
N ALA SA 182 55.49 94.34 52.68
CA ALA SA 182 54.48 93.93 51.72
C ALA SA 182 54.99 92.74 50.91
N LEU SA 183 54.16 91.70 50.83
CA LEU SA 183 54.42 90.55 49.97
C LEU SA 183 53.63 90.75 48.68
N THR SA 184 54.31 91.07 47.59
CA THR SA 184 53.62 91.66 46.45
C THR SA 184 53.52 90.75 45.23
N ASN SA 185 54.63 90.27 44.64
CA ASN SA 185 54.52 89.46 43.43
C ASN SA 185 55.17 88.09 43.60
N GLY SA 186 56.44 88.03 43.97
CA GLY SA 186 57.15 86.76 44.06
C GLY SA 186 57.95 86.70 45.33
N ILE SA 187 57.77 87.72 46.17
CA ILE SA 187 58.38 87.75 47.50
C ILE SA 187 57.54 86.83 48.39
N TYR SA 188 58.01 85.61 48.59
CA TYR SA 188 57.32 84.65 49.41
C TYR SA 188 57.96 84.55 50.78
N PRO SA 189 57.22 84.09 51.79
CA PRO SA 189 57.85 83.51 52.98
C PRO SA 189 58.24 82.06 52.72
N HIS SA 190 58.73 81.36 53.75
CA HIS SA 190 59.17 79.96 53.81
C HIS SA 190 60.39 79.65 52.93
N LYS SA 191 60.90 80.65 52.23
CA LYS SA 191 62.21 80.59 51.58
C LYS SA 191 62.99 81.87 51.76
N LEU SA 192 62.35 82.93 52.23
CA LEU SA 192 63.01 84.17 52.58
C LEU SA 192 63.66 84.05 53.94
N VAL SA 193 64.76 84.79 54.13
CA VAL SA 193 65.45 84.87 55.40
C VAL SA 193 65.28 86.30 55.92
N PHE SA 194 64.53 86.45 57.00
CA PHE SA 194 64.31 87.76 57.59
C PHE SA 194 65.56 88.26 58.31
N PRO TA 1 31.22 70.36 132.81
CA PRO TA 1 31.36 69.66 134.08
C PRO TA 1 32.50 68.63 134.06
N GLU TA 2 32.56 67.78 135.09
CA GLU TA 2 33.61 66.76 135.14
C GLU TA 2 33.40 65.68 134.10
N THR TA 3 32.14 65.44 133.70
CA THR TA 3 31.85 64.51 132.61
C THR TA 3 32.38 65.05 131.29
N LEU TA 4 32.20 66.36 131.05
CA LEU TA 4 32.75 66.97 129.85
C LEU TA 4 34.27 67.04 129.89
N LYS TA 5 34.86 67.21 131.09
CA LYS TA 5 36.32 67.21 131.22
C LYS TA 5 36.90 65.83 130.90
N LYS TA 6 36.29 64.78 131.44
CA LYS TA 6 36.72 63.41 131.12
C LYS TA 6 36.47 63.08 129.65
N LYS TA 7 35.40 63.63 129.06
CA LYS TA 7 35.13 63.39 127.65
C LYS TA 7 36.18 64.06 126.76
N ARG TA 8 36.58 65.28 127.09
CA ARG TA 8 37.66 65.94 126.34
C ARG TA 8 39.00 65.25 126.55
N ARG TA 9 39.22 64.66 127.74
CA ARG TA 9 40.42 63.83 127.94
C ARG TA 9 40.39 62.59 127.06
N ASN TA 10 39.20 61.99 126.89
CA ASN TA 10 39.06 60.89 125.94
C ASN TA 10 39.29 61.34 124.50
N PHE TA 11 38.86 62.56 124.16
CA PHE TA 11 39.17 63.12 122.85
C PHE TA 11 40.68 63.28 122.66
N ALA TA 12 41.38 63.73 123.71
CA ALA TA 12 42.83 63.94 123.62
C ALA TA 12 43.58 62.62 123.42
N GLU TA 13 43.22 61.60 124.21
CA GLU TA 13 43.89 60.31 124.04
C GLU TA 13 43.48 59.63 122.74
N LEU TA 14 42.28 59.93 122.22
CA LEU TA 14 41.90 59.43 120.91
C LEU TA 14 42.72 60.07 119.81
N LYS TA 15 42.98 61.37 119.92
CA LYS TA 15 43.85 62.05 118.95
C LYS TA 15 45.27 61.50 119.01
N ILE TA 16 45.75 61.19 120.22
CA ILE TA 16 47.06 60.57 120.38
C ILE TA 16 47.10 59.20 119.70
N LYS TA 17 46.04 58.39 119.88
CA LYS TA 17 46.00 57.06 119.28
C LYS TA 17 45.91 57.13 117.75
N ARG TA 18 45.13 58.07 117.23
CA ARG TA 18 45.02 58.19 115.77
C ARG TA 18 46.31 58.70 115.14
N LEU TA 19 46.99 59.66 115.79
CA LEU TA 19 48.27 60.13 115.28
C LEU TA 19 49.34 59.06 115.37
N ARG TA 20 49.30 58.22 116.40
CA ARG TA 20 50.27 57.13 116.51
C ARG TA 20 50.05 56.07 115.46
N LYS TA 21 48.78 55.75 115.16
CA LYS TA 21 48.47 54.80 114.10
C LYS TA 21 48.84 55.34 112.72
N LYS TA 22 48.62 56.64 112.50
CA LYS TA 22 48.99 57.27 111.23
C LYS TA 22 50.51 57.30 111.05
N PHE TA 23 51.24 57.56 112.14
CA PHE TA 23 52.70 57.54 112.07
C PHE TA 23 53.24 56.13 111.84
N ALA TA 24 52.57 55.11 112.42
CA ALA TA 24 52.97 53.73 112.16
C ALA TA 24 52.77 53.35 110.70
N GLN TA 25 51.63 53.75 110.12
CA GLN TA 25 51.39 53.48 108.70
C GLN TA 25 52.38 54.24 107.81
N LYS TA 26 52.74 55.46 108.19
CA LYS TA 26 53.73 56.22 107.44
C LYS TA 26 55.11 55.56 107.49
N MET TA 27 55.47 55.01 108.66
CA MET TA 27 56.76 54.32 108.79
C MET TA 27 56.79 53.03 107.97
N LEU TA 28 55.68 52.28 107.96
CA LEU TA 28 55.62 51.07 107.12
C LEU TA 28 55.66 51.43 105.63
N ARG TA 29 55.05 52.55 105.24
CA ARG TA 29 55.11 52.97 103.84
C ARG TA 29 56.53 53.39 103.45
N LYS TA 30 57.24 54.08 104.34
CA LYS TA 30 58.62 54.46 104.07
C LYS TA 30 59.53 53.25 103.99
N ALA TA 31 59.32 52.25 104.85
CA ALA TA 31 60.09 51.01 104.77
C ALA TA 31 59.81 50.25 103.49
N ARG TA 32 58.56 50.26 103.02
CA ARG TA 32 58.22 49.61 101.76
C ARG TA 32 58.86 50.32 100.57
N ARG TA 33 58.93 51.66 100.61
CA ARG TA 33 59.60 52.37 99.52
C ARG TA 33 61.11 52.16 99.53
N LYS TA 34 61.72 52.01 100.72
CA LYS TA 34 63.14 51.66 100.77
C LYS TA 34 63.37 50.24 100.26
N LEU TA 35 62.43 49.33 100.50
CA LEU TA 35 62.49 48.00 99.93
C LEU TA 35 62.44 48.04 98.40
N ILE TA 36 61.57 48.90 97.86
CA ILE TA 36 61.47 49.04 96.40
C ILE TA 36 62.76 49.66 95.84
N TYR TA 37 63.37 50.59 96.59
CA TYR TA 37 64.67 51.16 96.22
C TYR TA 37 65.74 50.10 96.08
N GLU TA 38 65.92 49.28 97.12
CA GLU TA 38 67.00 48.30 97.10
C GLU TA 38 66.72 47.16 96.13
N LYS TA 39 65.45 46.80 95.92
CA LYS TA 39 65.14 45.77 94.92
C LYS TA 39 65.34 46.29 93.51
N ALA TA 40 65.08 47.58 93.26
CA ALA TA 40 65.36 48.13 91.94
C ALA TA 40 66.85 48.28 91.69
N LYS TA 41 67.63 48.56 92.74
CA LYS TA 41 69.09 48.55 92.60
C LYS TA 41 69.60 47.16 92.24
N HIS TA 42 69.09 46.13 92.94
CA HIS TA 42 69.50 44.76 92.65
C HIS TA 42 69.07 44.33 91.26
N TYR TA 43 67.91 44.79 90.80
CA TYR TA 43 67.47 44.45 89.45
C TYR TA 43 68.30 45.16 88.39
N HIS TA 44 68.72 46.41 88.65
CA HIS TA 44 69.62 47.11 87.73
C HIS TA 44 70.95 46.37 87.60
N LYS TA 45 71.51 45.94 88.72
CA LYS TA 45 72.76 45.15 88.69
C LYS TA 45 72.54 43.81 88.00
N GLU TA 46 71.37 43.21 88.19
CA GLU TA 46 71.09 41.92 87.56
C GLU TA 46 70.92 42.05 86.05
N TYR TA 47 70.30 43.13 85.58
CA TYR TA 47 70.19 43.33 84.13
C TYR TA 47 71.54 43.67 83.51
N ARG TA 48 72.39 44.41 84.23
CA ARG TA 48 73.76 44.64 83.74
C ARG TA 48 74.53 43.33 83.60
N GLN TA 49 74.44 42.47 84.62
CA GLN TA 49 75.12 41.19 84.59
C GLN TA 49 74.57 40.28 83.50
N MET TA 50 73.25 40.26 83.33
CA MET TA 50 72.63 39.40 82.32
C MET TA 50 72.93 39.88 80.91
N TYR TA 51 73.04 41.20 80.71
CA TYR TA 51 73.36 41.70 79.38
C TYR TA 51 74.83 41.47 79.04
N ARG TA 52 75.72 41.60 80.03
CA ARG TA 52 77.14 41.48 79.72
C ARG TA 52 77.66 40.05 79.79
N THR TA 53 76.91 39.12 80.39
CA THR TA 53 77.34 37.73 80.46
C THR TA 53 77.34 37.08 79.08
N GLU TA 54 76.36 37.45 78.24
CA GLU TA 54 76.32 36.91 76.88
C GLU TA 54 77.48 37.41 76.04
N ILE TA 55 77.86 38.68 76.22
CA ILE TA 55 79.02 39.22 75.53
C ILE TA 55 80.30 38.57 76.02
N ARG TA 56 80.36 38.27 77.32
CA ARG TA 56 81.52 37.59 77.89
C ARG TA 56 81.66 36.17 77.35
N MET TA 57 80.55 35.43 77.29
CA MET TA 57 80.57 34.07 76.75
C MET TA 57 80.77 34.05 75.24
N ALA TA 58 80.44 35.13 74.54
CA ALA TA 58 80.74 35.19 73.12
C ALA TA 58 82.19 35.57 72.87
N ARG TA 59 82.80 36.35 73.76
CA ARG TA 59 84.21 36.71 73.61
C ARG TA 59 85.15 35.61 74.10
N MET TA 60 84.70 34.73 74.99
CA MET TA 60 85.60 33.69 75.50
C MET TA 60 85.93 32.63 74.45
N ALA TA 61 85.13 32.54 73.37
CA ALA TA 61 85.29 31.49 72.37
C ALA TA 61 86.08 31.93 71.15
N ARG TA 62 85.94 33.20 70.75
CA ARG TA 62 86.62 33.69 69.57
C ARG TA 62 88.10 33.88 69.83
N LYS TA 63 88.49 34.09 71.08
CA LYS TA 63 89.90 34.12 71.46
C LYS TA 63 90.52 32.74 71.29
N ALA TA 64 89.76 31.69 71.60
CA ALA TA 64 90.21 30.32 71.38
C ALA TA 64 89.99 29.85 69.95
N GLY TA 65 89.31 30.64 69.12
CA GLY TA 65 89.06 30.27 67.75
C GLY TA 65 87.83 29.41 67.55
N ASN TA 66 87.06 29.17 68.60
CA ASN TA 66 85.87 28.33 68.56
C ASN TA 66 84.64 29.22 68.43
N PHE TA 67 83.55 28.64 67.93
CA PHE TA 67 82.30 29.36 67.82
C PHE TA 67 81.54 29.31 69.14
N TYR TA 68 80.39 30.00 69.16
CA TYR TA 68 79.55 30.02 70.35
C TYR TA 68 78.12 30.34 69.93
N VAL TA 69 77.17 29.65 70.56
CA VAL TA 69 75.75 29.88 70.33
C VAL TA 69 75.12 30.29 71.66
N PRO TA 70 74.30 31.34 71.71
CA PRO TA 70 73.63 31.71 72.94
C PRO TA 70 72.42 30.81 73.19
N ALA TA 71 71.80 31.01 74.35
CA ALA TA 71 70.59 30.27 74.68
C ALA TA 71 69.44 30.78 73.84
N GLU TA 72 68.62 29.85 73.36
CA GLU TA 72 67.38 30.24 72.71
C GLU TA 72 66.44 30.81 73.76
N PRO TA 73 65.92 32.02 73.58
CA PRO TA 73 65.17 32.68 74.65
C PRO TA 73 63.82 32.03 74.89
N LYS TA 74 63.37 32.14 76.13
CA LYS TA 74 62.17 31.47 76.60
C LYS TA 74 60.99 32.43 76.75
N LEU TA 75 61.07 33.60 76.12
CA LEU TA 75 60.01 34.60 76.22
C LEU TA 75 59.82 35.21 74.84
N ALA TA 76 58.59 35.14 74.32
CA ALA TA 76 58.26 35.73 73.04
C ALA TA 76 57.12 36.72 73.22
N PHE TA 77 57.00 37.64 72.27
CA PHE TA 77 55.88 38.56 72.20
C PHE TA 77 55.09 38.24 70.94
N VAL TA 78 53.77 38.19 71.07
CA VAL TA 78 52.86 37.77 70.01
C VAL TA 78 51.85 38.89 69.79
N ILE TA 79 51.92 39.56 68.65
CA ILE TA 79 50.89 40.48 68.20
C ILE TA 79 50.04 39.75 67.17
N ARG TA 80 48.72 39.98 67.17
CA ARG TA 80 47.89 39.36 66.15
C ARG TA 80 47.73 40.33 64.98
N ILE TA 81 47.91 39.83 63.76
CA ILE TA 81 48.00 40.66 62.57
C ILE TA 81 46.71 40.62 61.75
N ARG TA 82 46.19 39.43 61.47
CA ARG TA 82 45.03 39.29 60.60
C ARG TA 82 43.74 39.58 61.37
N GLY TA 83 42.62 39.48 60.66
CA GLY TA 83 41.34 39.93 61.18
C GLY TA 83 40.56 38.92 61.99
N ILE TA 84 39.24 38.91 61.80
CA ILE TA 84 38.31 38.14 62.61
C ILE TA 84 37.52 37.15 61.77
N ASN TA 85 36.86 37.64 60.72
CA ASN TA 85 36.03 36.79 59.89
C ASN TA 85 36.83 36.15 58.76
N GLY TA 86 36.43 34.93 58.40
CA GLY TA 86 37.21 34.13 57.49
C GLY TA 86 38.34 33.39 58.17
N VAL TA 87 38.09 32.87 59.38
CA VAL TA 87 39.12 32.24 60.21
C VAL TA 87 38.65 30.84 60.56
N SER TA 88 39.53 29.86 60.33
CA SER TA 88 39.26 28.46 60.65
C SER TA 88 39.12 28.26 62.16
N PRO TA 89 38.35 27.26 62.60
CA PRO TA 89 38.25 27.03 64.05
C PRO TA 89 39.52 26.48 64.66
N LYS TA 90 40.33 25.77 63.86
CA LYS TA 90 41.59 25.21 64.33
C LYS TA 90 42.55 26.29 64.78
N VAL TA 91 42.58 27.43 64.07
CA VAL TA 91 43.38 28.56 64.51
C VAL TA 91 42.60 29.50 65.41
N ARG TA 92 41.26 29.50 65.32
CA ARG TA 92 40.43 30.37 66.15
C ARG TA 92 40.51 29.97 67.62
N LYS TA 93 40.53 28.66 67.90
CA LYS TA 93 40.66 28.21 69.28
C LYS TA 93 42.03 28.53 69.86
N VAL TA 94 43.07 28.48 69.03
CA VAL TA 94 44.42 28.81 69.50
C VAL TA 94 44.53 30.30 69.76
N LEU TA 95 43.88 31.13 68.94
CA LEU TA 95 43.84 32.57 69.21
C LEU TA 95 43.06 32.89 70.48
N GLN TA 96 41.97 32.14 70.73
CA GLN TA 96 41.22 32.31 71.98
C GLN TA 96 42.05 31.92 73.20
N LEU TA 97 42.89 30.89 73.06
CA LEU TA 97 43.74 30.50 74.18
C LEU TA 97 44.94 31.42 74.33
N LEU TA 98 45.36 32.08 73.26
CA LEU TA 98 46.44 33.07 73.33
C LEU TA 98 45.92 34.47 73.61
N ARG TA 99 44.59 34.62 73.83
CA ARG TA 99 43.94 35.88 74.21
C ARG TA 99 44.14 36.95 73.14
N LEU TA 100 43.86 36.57 71.90
CA LEU TA 100 44.02 37.47 70.76
C LEU TA 100 42.67 37.65 70.07
N ARG TA 101 41.63 37.93 70.87
CA ARG TA 101 40.26 37.91 70.38
C ARG TA 101 39.98 39.05 69.41
N GLN TA 102 40.68 40.17 69.53
CA GLN TA 102 40.57 41.27 68.58
C GLN TA 102 41.85 41.35 67.75
N ILE TA 103 41.89 42.31 66.86
CA ILE TA 103 43.04 42.57 66.02
C ILE TA 103 43.91 43.62 66.71
N PHE TA 104 45.23 43.51 66.50
CA PHE TA 104 46.26 44.36 67.11
C PHE TA 104 46.21 44.33 68.63
N ASN TA 105 46.19 43.12 69.17
CA ASN TA 105 46.48 42.89 70.58
C ASN TA 105 47.64 41.90 70.71
N GLY TA 106 48.39 42.06 71.79
CA GLY TA 106 49.60 41.30 71.97
C GLY TA 106 49.71 40.73 73.37
N THR TA 107 50.37 39.59 73.46
CA THR TA 107 50.63 38.92 74.73
C THR TA 107 52.09 38.49 74.82
N PHE TA 108 52.53 38.23 76.05
CA PHE TA 108 53.80 37.58 76.28
C PHE TA 108 53.57 36.08 76.44
N VAL TA 109 54.36 35.29 75.73
CA VAL TA 109 54.22 33.84 75.72
C VAL TA 109 55.52 33.23 76.24
N LYS TA 110 55.39 32.43 77.30
CA LYS TA 110 56.49 31.59 77.77
C LYS TA 110 56.81 30.55 76.72
N LEU TA 111 57.99 30.62 76.12
CA LEU TA 111 58.32 29.70 75.05
C LEU TA 111 58.64 28.30 75.59
N ASN TA 112 58.28 27.32 74.79
CA ASN TA 112 58.18 25.92 75.17
C ASN TA 112 57.91 25.17 73.88
N LYS TA 113 58.07 23.84 73.91
CA LYS TA 113 57.76 23.06 72.72
C LYS TA 113 56.27 23.07 72.42
N ALA TA 114 55.44 23.02 73.47
CA ALA TA 114 54.00 23.11 73.31
C ALA TA 114 53.59 24.49 72.80
N SER TA 115 54.27 25.55 73.26
CA SER TA 115 53.91 26.89 72.80
C SER TA 115 54.35 27.13 71.36
N ILE TA 116 55.52 26.61 70.97
CA ILE TA 116 55.97 26.73 69.59
C ILE TA 116 55.06 25.94 68.65
N ASN TA 117 54.61 24.75 69.08
CA ASN TA 117 53.66 24.01 68.27
C ASN TA 117 52.26 24.63 68.29
N MET TA 118 51.94 25.47 69.28
CA MET TA 118 50.76 26.31 69.16
C MET TA 118 50.96 27.39 68.09
N LEU TA 119 52.11 28.07 68.13
CA LEU TA 119 52.31 29.23 67.26
C LEU TA 119 52.48 28.82 65.80
N ARG TA 120 52.97 27.61 65.55
CA ARG TA 120 53.08 27.12 64.18
C ARG TA 120 51.72 26.89 63.53
N ILE TA 121 50.66 26.72 64.31
CA ILE TA 121 49.33 26.61 63.74
C ILE TA 121 48.83 27.98 63.28
N VAL TA 122 49.14 29.02 64.05
CA VAL TA 122 48.62 30.35 63.80
C VAL TA 122 49.66 31.28 63.19
N GLU TA 123 50.73 30.72 62.59
CA GLU TA 123 51.69 31.52 61.83
C GLU TA 123 51.13 32.42 60.73
N PRO TA 124 50.06 32.08 59.98
CA PRO TA 124 49.50 33.09 59.07
C PRO TA 124 48.74 34.22 59.74
N TYR TA 125 48.49 34.15 61.04
CA TYR TA 125 47.61 35.11 61.70
C TYR TA 125 48.31 36.00 62.71
N ILE TA 126 49.54 35.67 63.13
CA ILE TA 126 50.24 36.43 64.16
C ILE TA 126 51.61 36.85 63.64
N ALA TA 127 52.21 37.79 64.35
CA ALA TA 127 53.64 38.07 64.26
C ALA TA 127 54.22 37.88 65.65
N TRP TA 128 55.19 37.00 65.78
CA TRP TA 128 55.76 36.67 67.08
C TRP TA 128 57.27 36.75 67.00
N GLY TA 129 57.87 37.30 68.06
CA GLY TA 129 59.30 37.54 68.06
C GLY TA 129 59.90 37.57 69.45
N TYR TA 130 61.18 37.92 69.54
CA TYR TA 130 61.87 37.98 70.82
C TYR TA 130 61.99 39.43 71.25
N PRO TA 131 61.21 39.89 72.22
CA PRO TA 131 61.26 41.31 72.60
C PRO TA 131 62.48 41.63 73.45
N ASN TA 132 62.97 42.86 73.27
CA ASN TA 132 64.11 43.34 74.02
C ASN TA 132 63.63 43.82 75.40
N LEU TA 133 64.58 44.33 76.19
CA LEU TA 133 64.27 44.76 77.55
C LEU TA 133 63.39 46.00 77.55
N LYS TA 134 63.72 46.99 76.71
CA LYS TA 134 62.85 48.15 76.59
C LYS TA 134 61.57 47.84 75.83
N SER TA 135 61.57 46.80 74.99
CA SER TA 135 60.33 46.34 74.37
C SER TA 135 59.37 45.78 75.42
N VAL TA 136 59.90 45.13 76.44
CA VAL TA 136 59.05 44.74 77.58
C VAL TA 136 58.69 45.96 78.41
N ASN TA 137 59.65 46.86 78.62
CA ASN TA 137 59.52 47.92 79.60
C ASN TA 137 58.52 48.99 79.14
N GLU TA 138 58.53 49.34 77.86
CA GLU TA 138 57.58 50.32 77.36
C GLU TA 138 56.16 49.77 77.33
N LEU TA 139 56.01 48.46 77.09
CA LEU TA 139 54.68 47.86 77.13
C LEU TA 139 54.15 47.76 78.56
N ILE TA 140 55.03 47.59 79.54
CA ILE TA 140 54.55 47.57 80.92
C ILE TA 140 54.26 48.98 81.43
N TYR TA 141 55.11 49.95 81.09
CA TYR TA 141 54.89 51.32 81.57
C TYR TA 141 53.73 51.99 80.86
N LYS TA 142 53.80 52.07 79.53
CA LYS TA 142 52.86 52.93 78.80
C LYS TA 142 51.47 52.32 78.73
N ARG TA 143 51.37 51.02 78.47
CA ARG TA 143 50.07 50.38 78.30
C ARG TA 143 49.93 49.20 79.26
N GLY TA 144 50.25 49.44 80.53
CA GLY TA 144 50.11 48.46 81.57
C GLY TA 144 48.72 48.41 82.18
N TYR TA 145 47.94 47.43 81.74
CA TYR TA 145 46.60 47.22 82.26
C TYR TA 145 46.55 45.85 82.92
N GLY TA 146 46.06 45.79 84.15
CA GLY TA 146 45.86 44.55 84.85
C GLY TA 146 44.38 44.31 85.12
N LYS TA 147 44.11 43.17 85.75
CA LYS TA 147 42.73 42.83 86.10
C LYS TA 147 42.71 42.27 87.52
N ILE TA 148 41.67 42.62 88.28
CA ILE TA 148 41.57 42.14 89.65
C ILE TA 148 40.83 40.81 89.64
N ASN TA 149 39.53 40.84 89.29
CA ASN TA 149 38.83 39.66 88.81
C ASN TA 149 38.26 39.91 87.42
N LYS TA 150 37.37 40.89 87.30
CA LYS TA 150 36.95 41.53 86.06
C LYS TA 150 37.61 42.91 86.04
N LYS TA 151 37.15 43.77 85.13
CA LYS TA 151 37.34 45.24 85.16
C LYS TA 151 38.82 45.63 85.16
N ARG TA 152 39.42 45.48 83.97
CA ARG TA 152 40.81 45.90 83.75
C ARG TA 152 41.03 47.35 84.16
N ILE TA 153 42.07 47.56 84.97
CA ILE TA 153 42.44 48.87 85.47
C ILE TA 153 43.89 49.10 85.05
N ALA TA 154 44.20 50.33 84.64
CA ALA TA 154 45.58 50.74 84.46
C ALA TA 154 46.33 50.63 85.78
N LEU TA 155 47.61 50.25 85.70
CA LEU TA 155 48.38 49.94 86.90
C LEU TA 155 48.55 51.15 87.82
N THR TA 156 49.30 52.16 87.38
CA THR TA 156 49.25 53.55 87.85
C THR TA 156 49.74 53.73 89.30
N ASP TA 157 50.02 52.63 90.00
CA ASP TA 157 50.41 52.63 91.40
C ASP TA 157 50.92 51.22 91.72
N ASN TA 158 51.88 51.15 92.64
CA ASN TA 158 52.36 49.85 93.07
C ASN TA 158 51.40 49.15 94.02
N ALA TA 159 50.43 49.90 94.58
CA ALA TA 159 49.51 49.32 95.56
C ALA TA 159 48.56 48.32 94.93
N LEU TA 160 48.17 48.52 93.67
CA LEU TA 160 47.30 47.58 92.97
C LEU TA 160 48.00 46.25 92.75
N ILE TA 161 49.26 46.29 92.33
CA ILE TA 161 50.02 45.07 92.09
C ILE TA 161 50.32 44.38 93.41
N ALA TA 162 50.64 45.15 94.46
CA ALA TA 162 50.90 44.57 95.77
C ALA TA 162 49.64 43.97 96.40
N ARG TA 163 48.46 44.49 96.05
CA ARG TA 163 47.23 43.94 96.59
C ARG TA 163 46.77 42.71 95.82
N SER TA 164 46.85 42.74 94.50
CA SER TA 164 46.32 41.65 93.68
C SER TA 164 47.36 40.57 93.42
N LEU TA 165 48.48 40.95 92.80
CA LEU TA 165 49.43 39.97 92.29
C LEU TA 165 50.55 39.67 93.28
N GLY TA 166 50.79 40.54 94.26
CA GLY TA 166 51.96 40.43 95.11
C GLY TA 166 51.94 39.37 96.20
N LYS TA 167 51.28 38.25 95.96
CA LYS TA 167 51.31 37.13 96.89
C LYS TA 167 52.59 36.32 96.81
N TYR TA 168 53.43 36.58 95.82
CA TYR TA 168 54.59 35.74 95.54
C TYR TA 168 55.90 36.53 95.66
N GLY TA 169 55.90 37.57 96.48
CA GLY TA 169 57.06 38.45 96.54
C GLY TA 169 57.24 39.30 95.29
N ILE TA 170 56.16 39.55 94.55
CA ILE TA 170 56.19 40.22 93.26
C ILE TA 170 55.36 41.49 93.34
N ILE TA 171 55.41 42.17 94.49
CA ILE TA 171 54.48 43.24 94.84
C ILE TA 171 54.62 44.50 93.99
N CYS TA 172 55.74 44.71 93.31
CA CYS TA 172 55.99 45.99 92.66
C CYS TA 172 56.23 45.81 91.17
N MET TA 173 56.33 46.95 90.48
CA MET TA 173 56.45 46.94 89.03
C MET TA 173 57.85 46.54 88.57
N GLU TA 174 58.87 46.79 89.38
CA GLU TA 174 60.19 46.23 89.09
C GLU TA 174 60.16 44.71 89.13
N ASP TA 175 59.49 44.15 90.13
CA ASP TA 175 59.26 42.70 90.20
C ASP TA 175 58.47 42.20 89.00
N LEU TA 176 57.48 42.98 88.55
CA LEU TA 176 56.66 42.56 87.43
C LEU TA 176 57.47 42.52 86.13
N ILE TA 177 58.28 43.56 85.90
CA ILE TA 177 59.14 43.60 84.71
C ILE TA 177 60.18 42.49 84.77
N HIS TA 178 60.74 42.23 85.96
CA HIS TA 178 61.71 41.14 86.12
C HIS TA 178 61.09 39.78 85.85
N GLU TA 179 59.84 39.58 86.30
CA GLU TA 179 59.19 38.29 86.10
C GLU TA 179 58.75 38.09 84.66
N ILE TA 180 58.35 39.16 83.98
CA ILE TA 180 58.00 39.03 82.57
C ILE TA 180 59.24 38.81 81.71
N TYR TA 181 60.32 39.55 81.97
CA TYR TA 181 61.52 39.43 81.15
C TYR TA 181 62.27 38.13 81.44
N THR TA 182 62.75 37.97 82.66
CA THR TA 182 63.38 36.72 83.08
C THR TA 182 62.26 35.79 83.54
N VAL TA 183 61.95 34.77 82.73
CA VAL TA 183 60.82 33.90 83.00
C VAL TA 183 61.17 32.98 84.17
N GLY TA 184 60.61 33.29 85.34
CA GLY TA 184 60.84 32.55 86.55
C GLY TA 184 59.78 31.52 86.81
N LYS TA 185 59.62 31.16 88.08
CA LYS TA 185 58.65 30.14 88.48
C LYS TA 185 57.23 30.67 88.62
N ARG TA 186 57.04 31.98 88.64
CA ARG TA 186 55.72 32.57 88.79
C ARG TA 186 55.37 33.45 87.60
N PHE TA 187 55.66 32.97 86.39
CA PHE TA 187 55.34 33.72 85.19
C PHE TA 187 53.86 33.64 84.83
N LYS TA 188 53.20 32.53 85.18
CA LYS TA 188 51.81 32.33 84.79
C LYS TA 188 50.89 33.32 85.50
N GLU TA 189 51.16 33.61 86.77
CA GLU TA 189 50.33 34.55 87.51
C GLU TA 189 50.47 35.97 86.95
N ALA TA 190 51.69 36.35 86.56
CA ALA TA 190 51.90 37.67 85.97
C ALA TA 190 51.27 37.78 84.60
N ASN TA 191 51.36 36.72 83.79
CA ASN TA 191 50.78 36.74 82.46
C ASN TA 191 49.25 36.74 82.52
N ASN TA 192 48.68 36.07 83.53
CA ASN TA 192 47.24 36.10 83.71
C ASN TA 192 46.78 37.43 84.30
N PHE TA 193 47.63 38.07 85.11
CA PHE TA 193 47.30 39.38 85.66
C PHE TA 193 47.30 40.46 84.58
N LEU TA 194 48.27 40.40 83.67
CA LEU TA 194 48.34 41.41 82.61
C LEU TA 194 47.20 41.20 81.60
N TRP TA 195 46.44 42.27 81.38
CA TRP TA 195 45.45 42.29 80.31
C TRP TA 195 46.18 42.23 78.96
N PRO TA 196 45.56 41.63 77.94
CA PRO TA 196 46.19 41.60 76.61
C PRO TA 196 46.35 43.00 76.03
N PHE TA 197 47.59 43.31 75.64
CA PHE TA 197 48.00 44.68 75.33
C PHE TA 197 47.36 45.14 74.03
N LYS TA 198 46.43 46.09 74.15
CA LYS TA 198 45.84 46.76 73.01
C LYS TA 198 46.89 47.66 72.38
N LEU TA 199 47.12 47.50 71.07
CA LEU TA 199 48.14 48.28 70.40
C LEU TA 199 47.57 48.96 69.17
N SER TA 200 48.13 50.12 68.85
CA SER TA 200 47.70 50.87 67.68
C SER TA 200 48.35 50.31 66.42
N SER TA 201 47.85 50.78 65.28
CA SER TA 201 48.46 50.45 64.00
C SER TA 201 49.83 51.12 63.89
N PRO TA 202 50.79 50.50 63.21
CA PRO TA 202 52.15 51.04 63.15
C PRO TA 202 52.22 52.33 62.32
N ARG TA 203 53.33 53.04 62.50
CA ARG TA 203 53.52 54.32 61.82
C ARG TA 203 53.87 54.11 60.35
N GLY TA 204 54.98 53.43 60.08
CA GLY TA 204 55.44 53.26 58.72
C GLY TA 204 54.59 52.30 57.89
N GLY TA 205 53.78 51.49 58.53
CA GLY TA 205 52.94 50.53 57.85
C GLY TA 205 53.47 49.12 58.01
N MET TA 206 52.85 48.21 57.27
CA MET TA 206 53.18 46.80 57.32
C MET TA 206 53.52 46.30 55.92
N LYS TA 207 54.12 45.13 55.86
CA LYS TA 207 54.54 44.51 54.60
C LYS TA 207 53.61 43.33 54.34
N LYS TA 208 52.49 43.62 53.68
CA LYS TA 208 51.64 42.70 52.91
C LYS TA 208 50.80 41.74 53.77
N LYS TA 209 51.12 41.60 55.07
CA LYS TA 209 50.33 40.92 56.09
C LYS TA 209 49.97 39.45 55.85
N THR TA 210 50.40 38.87 54.74
CA THR TA 210 49.96 37.53 54.38
C THR TA 210 51.10 36.53 54.26
N THR TA 211 52.20 36.92 53.62
CA THR TA 211 53.36 36.05 53.54
C THR TA 211 54.18 36.19 54.82
N HIS TA 212 55.06 35.21 55.04
CA HIS TA 212 55.90 35.22 56.22
C HIS TA 212 57.01 36.25 56.08
N PHE TA 213 57.68 36.53 57.19
CA PHE TA 213 58.78 37.50 57.21
C PHE TA 213 59.98 37.02 56.40
N VAL TA 214 60.09 35.71 56.17
CA VAL TA 214 61.08 35.19 55.24
C VAL TA 214 60.82 35.69 53.82
N GLU TA 215 59.54 35.72 53.43
CA GLU TA 215 59.15 36.18 52.10
C GLU TA 215 58.87 37.67 52.07
N GLY TA 216 59.50 38.45 52.95
CA GLY TA 216 59.28 39.88 52.99
C GLY TA 216 57.92 40.30 53.50
N GLY TA 217 57.26 39.45 54.28
CA GLY TA 217 55.91 39.73 54.72
C GLY TA 217 55.83 40.12 56.19
N ASP TA 218 54.74 39.75 56.83
CA ASP TA 218 54.53 40.14 58.22
C ASP TA 218 54.19 38.95 59.11
N ALA TA 219 53.41 38.00 58.61
CA ALA TA 219 52.86 36.93 59.46
C ALA TA 219 53.91 35.84 59.65
N GLY TA 220 54.74 35.98 60.68
CA GLY TA 220 55.73 34.97 60.96
C GLY TA 220 56.67 35.33 62.10
N ASN TA 221 57.92 34.86 62.01
CA ASN TA 221 58.93 35.12 63.02
C ASN TA 221 59.97 36.06 62.45
N ARG TA 222 60.41 37.01 63.27
CA ARG TA 222 61.40 38.01 62.87
C ARG TA 222 62.53 38.23 63.87
N GLU TA 223 62.33 37.88 65.14
CA GLU TA 223 63.35 37.55 66.14
C GLU TA 223 64.20 38.71 66.66
N ASP TA 224 64.24 39.84 65.96
CA ASP TA 224 64.71 41.07 66.57
C ASP TA 224 63.96 42.27 66.02
N GLN TA 225 63.30 42.06 64.89
CA GLN TA 225 62.58 43.15 64.23
C GLN TA 225 61.24 43.42 64.88
N ILE TA 226 60.81 42.59 65.83
CA ILE TA 226 59.64 42.91 66.62
C ILE TA 226 59.94 44.05 67.58
N ASN TA 227 61.22 44.31 67.86
CA ASN TA 227 61.58 45.54 68.57
C ASN TA 227 61.30 46.78 67.73
N ARG TA 228 61.63 46.73 66.43
CA ARG TA 228 61.30 47.83 65.53
C ARG TA 228 59.80 47.95 65.35
N LEU TA 229 59.11 46.81 65.30
CA LEU TA 229 57.65 46.81 65.20
C LEU TA 229 56.99 47.40 66.44
N ILE TA 230 57.54 47.13 67.63
CA ILE TA 230 56.94 47.67 68.83
C ILE TA 230 57.32 49.14 69.03
N ARG TA 231 58.46 49.59 68.49
CA ARG TA 231 58.73 51.02 68.52
C ARG TA 231 57.88 51.77 67.50
N ARG TA 232 57.43 51.10 66.44
CA ARG TA 232 56.48 51.73 65.53
C ARG TA 232 55.08 51.75 66.12
N MET TA 233 54.65 50.66 66.75
CA MET TA 233 53.27 50.54 67.21
C MET TA 233 53.03 51.18 68.57
N ASN TA 234 53.84 50.84 69.57
CA ASN TA 234 53.69 51.39 70.91
C ASN TA 234 54.11 52.86 70.93
N ASN UA 1 -116.73 -2.23 14.99
CA ASN UA 1 -117.59 -2.77 13.94
C ASN UA 1 -117.53 -1.99 12.59
N PRO UA 2 -117.55 -0.61 12.56
CA PRO UA 2 -117.40 0.05 11.24
C PRO UA 2 -116.04 -0.15 10.58
N LEU UA 3 -114.95 0.29 11.23
CA LEU UA 3 -113.62 0.13 10.65
C LEU UA 3 -112.74 -0.77 11.50
N PHE UA 4 -112.38 -0.34 12.71
CA PHE UA 4 -111.83 -1.08 13.86
C PHE UA 4 -110.90 -2.26 13.56
N GLU UA 5 -109.88 -2.04 12.75
CA GLU UA 5 -109.00 -3.11 12.33
C GLU UA 5 -108.00 -3.45 13.43
N LYS UA 6 -107.37 -4.60 13.29
CA LYS UA 6 -106.28 -5.02 14.16
C LYS UA 6 -104.95 -4.71 13.49
N ARG UA 7 -104.01 -4.19 14.27
CA ARG UA 7 -102.68 -3.82 13.79
C ARG UA 7 -101.65 -4.59 14.61
N PRO UA 8 -101.37 -5.84 14.26
CA PRO UA 8 -100.41 -6.62 15.03
C PRO UA 8 -98.97 -6.21 14.73
N LYS UA 9 -98.14 -6.30 15.76
CA LYS UA 9 -96.72 -6.01 15.66
C LYS UA 9 -95.93 -7.27 15.96
N ASN UA 10 -95.07 -7.67 15.03
CA ASN UA 10 -94.25 -8.85 15.19
C ASN UA 10 -92.92 -8.43 15.82
N PHE UA 11 -92.64 -8.93 17.02
CA PHE UA 11 -91.52 -8.47 17.83
C PHE UA 11 -90.24 -9.27 17.60
N GLY UA 12 -90.05 -9.83 16.42
CA GLY UA 12 -88.85 -10.58 16.11
C GLY UA 12 -87.67 -9.68 15.82
N ILE UA 13 -86.57 -10.33 15.47
CA ILE UA 13 -85.31 -9.63 15.23
C ILE UA 13 -85.35 -9.02 13.84
N GLY UA 14 -84.90 -7.76 13.73
CA GLY UA 14 -84.79 -7.12 12.43
C GLY UA 14 -86.07 -6.54 11.90
N GLN UA 15 -86.99 -6.17 12.79
CA GLN UA 15 -88.27 -5.58 12.42
C GLN UA 15 -88.69 -4.65 13.57
N ASP UA 16 -89.99 -4.38 13.68
CA ASP UA 16 -90.55 -3.42 14.63
C ASP UA 16 -90.06 -3.66 16.06
N ILE UA 17 -89.89 -2.55 16.80
CA ILE UA 17 -89.00 -2.53 17.95
C ILE UA 17 -89.61 -3.29 19.13
N GLN UA 18 -88.75 -3.59 20.10
CA GLN UA 18 -89.10 -4.39 21.25
C GLN UA 18 -89.91 -3.55 22.25
N PRO UA 19 -90.89 -4.14 22.91
CA PRO UA 19 -91.64 -3.41 23.94
C PRO UA 19 -90.82 -3.26 25.20
N LYS UA 20 -91.31 -2.42 26.10
CA LYS UA 20 -90.66 -2.18 27.38
C LYS UA 20 -90.92 -3.38 28.28
N ARG UA 21 -89.92 -4.23 28.46
CA ARG UA 21 -90.05 -5.41 29.29
C ARG UA 21 -89.76 -5.05 30.75
N ASP UA 22 -89.57 -6.08 31.58
CA ASP UA 22 -89.39 -5.85 33.01
C ASP UA 22 -88.04 -5.22 33.32
N LEU UA 23 -86.97 -5.75 32.72
CA LEU UA 23 -85.59 -5.24 32.81
C LEU UA 23 -85.08 -5.14 34.25
N THR UA 24 -85.56 -6.03 35.12
CA THR UA 24 -85.19 -5.95 36.53
C THR UA 24 -83.81 -6.53 36.77
N ARG UA 25 -83.51 -7.68 36.16
CA ARG UA 25 -82.23 -8.34 36.37
C ARG UA 25 -81.08 -7.72 35.59
N PHE UA 26 -81.34 -6.69 34.79
CA PHE UA 26 -80.33 -6.14 33.90
C PHE UA 26 -80.06 -4.67 34.11
N VAL UA 27 -80.71 -4.03 35.07
CA VAL UA 27 -80.44 -2.63 35.39
C VAL UA 27 -79.15 -2.55 36.20
N LYS UA 28 -78.34 -1.52 35.92
CA LYS UA 28 -77.05 -1.34 36.59
C LYS UA 28 -77.31 -0.87 38.02
N TRP UA 29 -77.25 -1.80 38.96
CA TRP UA 29 -77.51 -1.47 40.35
C TRP UA 29 -76.33 -0.72 40.96
N PRO UA 30 -76.57 0.12 41.98
CA PRO UA 30 -75.47 0.85 42.61
C PRO UA 30 -74.53 -0.01 43.44
N ARG UA 31 -73.53 0.67 44.03
CA ARG UA 31 -72.46 -0.01 44.74
C ARG UA 31 -72.98 -0.78 45.96
N TYR UA 32 -73.80 -0.12 46.79
CA TYR UA 32 -74.23 -0.78 48.03
C TYR UA 32 -75.27 -1.86 47.76
N ILE UA 33 -76.07 -1.70 46.70
CA ILE UA 33 -76.99 -2.75 46.28
C ILE UA 33 -76.22 -3.99 45.87
N ARG UA 34 -75.19 -3.80 45.03
CA ARG UA 34 -74.35 -4.94 44.64
C ARG UA 34 -73.59 -5.52 45.83
N LEU UA 35 -73.19 -4.67 46.78
CA LEU UA 35 -72.53 -5.13 48.00
C LEU UA 35 -73.42 -6.08 48.80
N GLN UA 36 -74.65 -5.66 49.09
CA GLN UA 36 -75.51 -6.51 49.91
C GLN UA 36 -76.00 -7.74 49.15
N ARG UA 37 -76.21 -7.63 47.83
CA ARG UA 37 -76.69 -8.78 47.08
C ARG UA 37 -75.60 -9.83 46.89
N GLN UA 38 -74.40 -9.43 46.43
CA GLN UA 38 -73.31 -10.40 46.39
C GLN UA 38 -72.81 -10.78 47.78
N ARG UA 39 -73.13 -10.03 48.83
CA ARG UA 39 -72.82 -10.50 50.18
C ARG UA 39 -73.72 -11.66 50.58
N ALA UA 40 -75.02 -11.55 50.31
CA ALA UA 40 -75.94 -12.66 50.56
C ALA UA 40 -75.59 -13.87 49.68
N ILE UA 41 -75.23 -13.62 48.42
CA ILE UA 41 -74.79 -14.70 47.54
C ILE UA 41 -73.50 -15.34 48.03
N LEU UA 42 -72.60 -14.54 48.62
CA LEU UA 42 -71.33 -15.05 49.13
C LEU UA 42 -71.54 -15.91 50.38
N TYR UA 43 -72.47 -15.51 51.25
CA TYR UA 43 -72.86 -16.38 52.37
C TYR UA 43 -73.53 -17.66 51.88
N LYS UA 44 -74.25 -17.60 50.75
CA LYS UA 44 -74.84 -18.83 50.21
C LYS UA 44 -73.79 -19.72 49.57
N ARG UA 45 -72.75 -19.16 48.95
CA ARG UA 45 -71.73 -19.97 48.29
C ARG UA 45 -70.79 -20.61 49.30
N LEU UA 46 -70.18 -19.81 50.16
CA LEU UA 46 -69.08 -20.31 50.97
C LEU UA 46 -69.56 -21.18 52.13
N LYS UA 47 -68.66 -22.04 52.61
CA LYS UA 47 -68.94 -22.93 53.71
C LYS UA 47 -68.85 -22.14 55.02
N VAL UA 48 -70.00 -21.96 55.67
CA VAL UA 48 -70.04 -21.24 56.93
C VAL UA 48 -69.58 -22.18 58.05
N PRO UA 49 -69.04 -21.66 59.15
CA PRO UA 49 -68.65 -22.51 60.27
C PRO UA 49 -69.85 -23.15 60.95
N PRO UA 50 -69.65 -24.26 61.67
CA PRO UA 50 -70.78 -24.91 62.36
C PRO UA 50 -71.28 -24.19 63.59
N ALA UA 51 -70.75 -23.02 63.94
CA ALA UA 51 -71.32 -22.22 65.00
C ALA UA 51 -72.22 -21.10 64.48
N ILE UA 52 -72.14 -20.78 63.18
CA ILE UA 52 -73.04 -19.81 62.56
C ILE UA 52 -73.94 -20.44 61.52
N ASN UA 53 -73.80 -21.74 61.24
CA ASN UA 53 -74.85 -22.39 60.44
C ASN UA 53 -76.12 -22.66 61.24
N GLN UA 54 -76.06 -22.49 62.57
CA GLN UA 54 -77.23 -22.57 63.42
C GLN UA 54 -78.29 -21.56 63.01
N PHE UA 55 -77.85 -20.39 62.55
CA PHE UA 55 -78.76 -19.45 61.93
C PHE UA 55 -79.16 -19.94 60.54
N THR UA 56 -80.40 -19.62 60.17
CA THR UA 56 -81.36 -20.12 59.17
C THR UA 56 -81.99 -21.45 59.62
N GLN UA 57 -81.49 -22.08 60.68
CA GLN UA 57 -82.17 -23.19 61.34
C GLN UA 57 -82.83 -22.59 62.57
N ALA UA 58 -84.03 -22.05 62.39
CA ALA UA 58 -84.67 -21.29 63.45
C ALA UA 58 -86.10 -21.74 63.71
N LEU UA 59 -86.83 -21.00 64.53
CA LEU UA 59 -88.14 -21.41 64.99
C LEU UA 59 -89.20 -21.14 63.94
N ASP UA 60 -90.15 -22.05 63.81
CA ASP UA 60 -91.25 -21.88 62.86
C ASP UA 60 -92.25 -20.84 63.37
N ARG UA 61 -93.14 -20.42 62.48
CA ARG UA 61 -93.95 -19.24 62.73
C ARG UA 61 -95.11 -19.51 63.69
N GLN UA 62 -95.58 -20.76 63.77
CA GLN UA 62 -96.64 -21.08 64.73
C GLN UA 62 -96.12 -21.00 66.16
N THR UA 63 -94.95 -21.60 66.41
CA THR UA 63 -94.34 -21.51 67.74
C THR UA 63 -93.85 -20.10 68.02
N ALA UA 64 -93.43 -19.37 66.98
CA ALA UA 64 -93.06 -17.98 67.18
C ALA UA 64 -94.27 -17.11 67.54
N THR UA 65 -95.43 -17.44 66.98
CA THR UA 65 -96.65 -16.73 67.35
C THR UA 65 -97.07 -17.06 68.77
N GLN UA 66 -96.91 -18.32 69.18
CA GLN UA 66 -97.16 -18.69 70.58
C GLN UA 66 -96.19 -18.00 71.54
N LEU UA 67 -94.93 -17.88 71.13
CA LEU UA 67 -93.93 -17.20 71.94
C LEU UA 67 -94.22 -15.71 72.05
N LEU UA 68 -94.70 -15.09 70.96
CA LEU UA 68 -95.04 -13.68 71.00
C LEU UA 68 -96.29 -13.44 71.84
N LYS UA 69 -97.26 -14.36 71.77
CA LYS UA 69 -98.46 -14.24 72.61
C LYS UA 69 -98.11 -14.45 74.08
N LEU UA 70 -97.08 -15.23 74.38
CA LEU UA 70 -96.61 -15.34 75.77
C LEU UA 70 -95.86 -14.09 76.19
N ALA UA 71 -95.04 -13.53 75.31
CA ALA UA 71 -94.17 -12.41 75.65
C ALA UA 71 -94.89 -11.06 75.58
N HIS UA 72 -96.11 -11.01 75.06
CA HIS UA 72 -96.79 -9.72 74.93
C HIS UA 72 -97.18 -9.13 76.28
N LYS UA 73 -97.53 -9.98 77.25
CA LYS UA 73 -97.94 -9.51 78.56
C LYS UA 73 -96.83 -9.58 79.60
N TYR UA 74 -95.58 -9.72 79.15
CA TYR UA 74 -94.40 -9.50 79.99
C TYR UA 74 -93.57 -8.36 79.44
N ARG UA 75 -94.23 -7.41 78.79
CA ARG UA 75 -93.55 -6.30 78.13
C ARG UA 75 -92.95 -5.36 79.16
N PRO UA 76 -91.72 -4.89 78.94
CA PRO UA 76 -91.16 -3.85 79.81
C PRO UA 76 -91.90 -2.53 79.64
N GLU UA 77 -91.91 -1.74 80.71
CA GLU UA 77 -92.69 -0.53 80.73
C GLU UA 77 -91.99 0.60 79.97
N THR UA 78 -92.77 1.36 79.22
CA THR UA 78 -92.24 2.50 78.48
C THR UA 78 -92.14 3.72 79.40
N LYS UA 79 -91.73 4.85 78.82
CA LYS UA 79 -91.48 6.06 79.60
C LYS UA 79 -92.78 6.64 80.16
N GLN UA 80 -93.86 6.60 79.39
CA GLN UA 80 -95.14 7.18 79.79
C GLN UA 80 -95.73 6.45 81.00
N GLU UA 81 -95.91 5.13 80.88
CA GLU UA 81 -96.45 4.37 82.00
C GLU UA 81 -95.43 4.18 83.11
N LYS UA 82 -94.13 4.33 82.82
CA LYS UA 82 -93.12 4.35 83.87
C LYS UA 82 -93.27 5.57 84.76
N LYS UA 83 -93.36 6.76 84.15
CA LYS UA 83 -93.60 7.98 84.91
C LYS UA 83 -94.98 7.96 85.59
N GLN UA 84 -95.95 7.32 84.95
CA GLN UA 84 -97.27 7.17 85.55
C GLN UA 84 -97.23 6.30 86.80
N ARG UA 85 -96.48 5.20 86.75
CA ARG UA 85 -96.36 4.33 87.93
C ARG UA 85 -95.56 5.02 89.03
N LEU UA 86 -94.54 5.79 88.66
CA LEU UA 86 -93.77 6.55 89.65
C LEU UA 86 -94.63 7.58 90.37
N LEU UA 87 -95.38 8.38 89.60
CA LEU UA 87 -96.23 9.41 90.20
C LEU UA 87 -97.38 8.80 90.99
N ALA UA 88 -97.96 7.70 90.50
CA ALA UA 88 -99.06 7.06 91.21
C ALA UA 88 -98.60 6.43 92.50
N ARG UA 89 -97.46 5.74 92.50
CA ARG UA 89 -96.94 5.14 93.72
C ARG UA 89 -96.49 6.20 94.72
N ALA UA 90 -95.94 7.33 94.22
CA ALA UA 90 -95.56 8.42 95.11
C ALA UA 90 -96.78 9.07 95.76
N GLU UA 91 -97.86 9.26 94.99
CA GLU UA 91 -99.07 9.84 95.57
C GLU UA 91 -99.75 8.88 96.54
N LYS UA 92 -99.70 7.57 96.27
CA LYS UA 92 -100.30 6.62 97.19
C LYS UA 92 -99.48 6.49 98.47
N LYS UA 93 -98.15 6.51 98.38
CA LYS UA 93 -97.34 6.45 99.58
C LYS UA 93 -97.31 7.78 100.34
N ALA UA 94 -97.70 8.88 99.69
CA ALA UA 94 -97.85 10.15 100.39
C ALA UA 94 -99.22 10.31 101.04
N ALA UA 95 -100.28 9.77 100.43
CA ALA UA 95 -101.62 9.88 100.99
C ALA UA 95 -101.93 8.76 101.96
N GLY UA 96 -101.89 7.51 101.50
CA GLY UA 96 -102.21 6.38 102.35
C GLY UA 96 -101.09 5.91 103.23
N LYS UA 97 -99.86 6.39 103.00
CA LYS UA 97 -98.66 6.05 103.77
C LYS UA 97 -98.39 4.54 103.75
N GLY UA 98 -98.49 3.93 102.57
CA GLY UA 98 -98.24 2.51 102.45
C GLY UA 98 -96.76 2.18 102.40
N ASP UA 99 -96.41 1.01 102.92
CA ASP UA 99 -95.02 0.58 102.99
C ASP UA 99 -94.65 -0.29 101.79
N VAL UA 100 -95.36 -1.40 101.60
CA VAL UA 100 -95.10 -2.31 100.48
C VAL UA 100 -96.38 -2.60 99.70
N PRO UA 101 -96.80 -1.69 98.80
CA PRO UA 101 -98.02 -1.97 98.02
C PRO UA 101 -97.78 -2.97 96.90
N THR UA 102 -96.55 -3.07 96.41
CA THR UA 102 -96.20 -3.96 95.31
C THR UA 102 -95.38 -5.13 95.84
N LYS UA 103 -95.89 -6.33 95.65
CA LYS UA 103 -95.19 -7.52 96.13
C LYS UA 103 -94.10 -7.97 95.15
N ARG UA 104 -94.49 -8.35 93.94
CA ARG UA 104 -93.55 -8.81 92.92
C ARG UA 104 -93.95 -8.24 91.57
N PRO UA 105 -93.10 -7.45 90.92
CA PRO UA 105 -93.37 -7.03 89.53
C PRO UA 105 -92.84 -8.05 88.53
N PRO UA 106 -93.71 -8.65 87.71
CA PRO UA 106 -93.22 -9.58 86.69
C PRO UA 106 -92.81 -8.88 85.40
N VAL UA 107 -91.54 -9.00 85.03
CA VAL UA 107 -91.03 -8.36 83.83
C VAL UA 107 -89.80 -9.14 83.36
N LEU UA 108 -89.63 -9.23 82.04
CA LEU UA 108 -88.49 -9.92 81.47
C LEU UA 108 -87.27 -9.00 81.44
N ARG UA 109 -86.13 -9.57 81.07
CA ARG UA 109 -84.88 -8.85 80.96
C ARG UA 109 -84.41 -8.85 79.50
N ALA UA 110 -83.75 -7.76 79.11
CA ALA UA 110 -83.22 -7.62 77.77
C ALA UA 110 -81.75 -7.22 77.84
N GLY UA 111 -81.05 -7.44 76.74
CA GLY UA 111 -79.63 -7.10 76.67
C GLY UA 111 -78.73 -8.29 76.82
N VAL UA 112 -77.64 -8.33 76.06
CA VAL UA 112 -76.79 -9.52 75.98
C VAL UA 112 -76.02 -9.72 77.28
N ASN UA 113 -75.55 -8.63 77.90
CA ASN UA 113 -74.87 -8.74 79.19
C ASN UA 113 -75.80 -9.25 80.28
N THR UA 114 -77.03 -8.75 80.32
CA THR UA 114 -77.99 -9.15 81.33
C THR UA 114 -78.39 -10.61 81.14
N VAL UA 115 -78.63 -11.04 79.89
CA VAL UA 115 -79.00 -12.42 79.60
C VAL UA 115 -77.84 -13.37 79.91
N THR UA 116 -76.61 -12.95 79.60
CA THR UA 116 -75.44 -13.80 79.89
C THR UA 116 -75.22 -13.93 81.38
N THR UA 117 -75.45 -12.85 82.14
CA THR UA 117 -75.42 -12.91 83.60
C THR UA 117 -76.48 -13.85 84.15
N LEU UA 118 -77.70 -13.77 83.62
CA LEU UA 118 -78.79 -14.62 84.13
C LEU UA 118 -78.58 -16.08 83.80
N VAL UA 119 -77.96 -16.39 82.65
CA VAL UA 119 -77.73 -17.80 82.34
C VAL UA 119 -76.50 -18.31 83.11
N GLU UA 120 -75.51 -17.45 83.38
CA GLU UA 120 -74.39 -17.87 84.24
C GLU UA 120 -74.83 -18.09 85.68
N ASN UA 121 -75.82 -17.34 86.15
CA ASN UA 121 -76.32 -17.53 87.51
C ASN UA 121 -77.57 -18.42 87.56
N LYS UA 122 -77.97 -18.98 86.42
CA LYS UA 122 -79.08 -19.93 86.30
C LYS UA 122 -80.43 -19.34 86.75
N LYS UA 123 -80.59 -18.02 86.62
CA LYS UA 123 -81.89 -17.42 86.88
C LYS UA 123 -82.80 -17.46 85.66
N ALA UA 124 -82.27 -17.74 84.49
CA ALA UA 124 -83.07 -17.70 83.26
C ALA UA 124 -83.84 -19.02 83.09
N GLN UA 125 -85.14 -18.90 82.84
CA GLN UA 125 -85.96 -20.07 82.53
C GLN UA 125 -86.02 -20.33 81.03
N LEU UA 126 -85.95 -19.28 80.21
CA LEU UA 126 -86.01 -19.44 78.76
C LEU UA 126 -85.25 -18.28 78.12
N VAL UA 127 -84.57 -18.56 77.01
CA VAL UA 127 -83.78 -17.57 76.30
C VAL UA 127 -84.29 -17.48 74.86
N VAL UA 128 -84.53 -16.25 74.41
CA VAL UA 128 -84.90 -15.97 73.03
C VAL UA 128 -83.73 -15.23 72.38
N ILE UA 129 -83.15 -15.85 71.35
CA ILE UA 129 -81.94 -15.37 70.69
C ILE UA 129 -82.32 -14.91 69.30
N ALA UA 130 -82.00 -13.65 68.98
CA ALA UA 130 -82.33 -13.10 67.68
C ALA UA 130 -81.41 -13.67 66.59
N HIS UA 131 -81.88 -13.56 65.35
CA HIS UA 131 -81.19 -14.10 64.17
C HIS UA 131 -80.38 -13.07 63.40
N ASP UA 132 -80.85 -11.83 63.31
CA ASP UA 132 -80.36 -10.89 62.31
C ASP UA 132 -79.31 -9.93 62.84
N VAL UA 133 -78.43 -10.39 63.72
CA VAL UA 133 -77.36 -9.56 64.24
C VAL UA 133 -76.18 -9.65 63.28
N ASP UA 134 -75.76 -8.51 62.73
CA ASP UA 134 -74.81 -8.53 61.62
C ASP UA 134 -73.38 -8.84 62.09
N PRO UA 135 -72.90 -8.35 63.26
CA PRO UA 135 -71.74 -9.02 63.88
C PRO UA 135 -72.20 -10.25 64.65
N ILE UA 136 -71.90 -11.43 64.11
CA ILE UA 136 -72.40 -12.66 64.70
C ILE UA 136 -71.60 -13.03 65.95
N GLU UA 137 -70.40 -12.43 66.11
CA GLU UA 137 -69.53 -12.69 67.26
C GLU UA 137 -70.19 -12.29 68.57
N LEU UA 138 -71.12 -11.33 68.54
CA LEU UA 138 -71.88 -10.96 69.72
C LEU UA 138 -72.86 -12.03 70.17
N VAL UA 139 -73.13 -13.04 69.34
CA VAL UA 139 -74.22 -13.97 69.59
C VAL UA 139 -73.69 -15.40 69.72
N VAL UA 140 -72.56 -15.70 69.03
CA VAL UA 140 -72.10 -17.09 68.85
C VAL UA 140 -71.79 -17.84 70.14
N PHE UA 141 -71.50 -17.15 71.23
CA PHE UA 141 -71.22 -17.84 72.48
C PHE UA 141 -72.49 -18.27 73.21
N LEU UA 142 -73.62 -17.62 72.93
CA LEU UA 142 -74.85 -17.88 73.67
C LEU UA 142 -75.46 -19.28 73.51
N PRO UA 143 -75.48 -19.93 72.33
CA PRO UA 143 -76.07 -21.29 72.31
C PRO UA 143 -75.28 -22.32 73.10
N ALA UA 144 -73.96 -22.33 73.01
CA ALA UA 144 -73.17 -23.27 73.79
C ALA UA 144 -73.22 -22.94 75.28
N LEU UA 145 -73.33 -21.66 75.63
CA LEU UA 145 -73.41 -21.27 77.03
C LEU UA 145 -74.73 -21.68 77.64
N CYS UA 146 -75.84 -21.47 76.91
CA CYS UA 146 -77.13 -21.94 77.38
C CYS UA 146 -77.22 -23.45 77.40
N ARG UA 147 -76.52 -24.13 76.48
CA ARG UA 147 -76.50 -25.59 76.47
C ARG UA 147 -75.76 -26.14 77.68
N LYS UA 148 -74.61 -25.57 78.02
CA LYS UA 148 -73.85 -26.06 79.15
C LYS UA 148 -74.46 -25.66 80.49
N MET UA 149 -75.13 -24.52 80.56
CA MET UA 149 -75.82 -24.15 81.78
C MET UA 149 -77.22 -24.73 81.86
N GLY UA 150 -77.67 -25.43 80.82
CA GLY UA 150 -78.93 -26.13 80.87
C GLY UA 150 -80.16 -25.29 80.64
N VAL UA 151 -79.99 -24.01 80.33
CA VAL UA 151 -81.14 -23.13 80.09
C VAL UA 151 -81.58 -23.28 78.64
N PRO UA 152 -82.86 -23.51 78.37
CA PRO UA 152 -83.30 -23.68 76.98
C PRO UA 152 -83.30 -22.36 76.22
N TYR UA 153 -82.87 -22.44 74.95
CA TYR UA 153 -82.76 -21.27 74.08
C TYR UA 153 -83.44 -21.56 72.76
N CYS UA 154 -84.11 -20.56 72.21
CA CYS UA 154 -84.77 -20.66 70.92
C CYS UA 154 -84.27 -19.55 70.01
N ILE UA 155 -83.86 -19.92 68.80
CA ILE UA 155 -83.38 -18.97 67.80
C ILE UA 155 -84.56 -18.50 66.98
N ILE UA 156 -84.73 -17.19 66.89
CA ILE UA 156 -85.89 -16.59 66.26
C ILE UA 156 -85.41 -15.68 65.12
N LYS UA 157 -86.25 -15.53 64.10
CA LYS UA 157 -85.93 -14.74 62.92
C LYS UA 157 -86.54 -13.36 63.04
N GLY UA 158 -85.70 -12.34 63.05
CA GLY UA 158 -86.16 -10.97 63.11
C GLY UA 158 -85.89 -10.30 64.45
N LYS UA 159 -84.87 -9.44 64.49
CA LYS UA 159 -84.60 -8.68 65.71
C LYS UA 159 -85.50 -7.45 65.83
N ALA UA 160 -86.11 -7.02 64.73
CA ALA UA 160 -87.03 -5.89 64.79
C ALA UA 160 -88.32 -6.25 65.54
N ARG UA 161 -88.82 -7.46 65.32
CA ARG UA 161 -90.00 -7.93 66.03
C ARG UA 161 -89.72 -8.12 67.52
N LEU UA 162 -88.47 -8.40 67.87
CA LEU UA 162 -88.10 -8.50 69.27
C LEU UA 162 -87.84 -7.13 69.89
N GLY UA 163 -87.42 -6.16 69.09
CA GLY UA 163 -87.31 -4.80 69.57
C GLY UA 163 -88.66 -4.14 69.79
N ARG UA 164 -89.66 -4.53 69.00
CA ARG UA 164 -90.99 -3.95 69.17
C ARG UA 164 -91.76 -4.52 70.35
N LEU UA 165 -91.23 -5.54 71.03
CA LEU UA 165 -91.77 -5.95 72.32
C LEU UA 165 -90.94 -5.44 73.49
N VAL UA 166 -89.97 -4.57 73.21
CA VAL UA 166 -89.17 -3.93 74.26
C VAL UA 166 -89.10 -2.43 74.05
N HIS UA 167 -89.78 -1.90 73.02
CA HIS UA 167 -89.84 -0.47 72.67
C HIS UA 167 -88.46 0.09 72.33
N ARG UA 168 -87.82 -0.56 71.36
CA ARG UA 168 -86.47 -0.21 70.96
C ARG UA 168 -86.27 -0.75 69.55
N LYS UA 169 -85.21 -0.31 68.88
CA LYS UA 169 -84.97 -0.76 67.52
C LYS UA 169 -84.40 -2.17 67.49
N THR UA 170 -83.41 -2.45 68.32
CA THR UA 170 -82.82 -3.78 68.43
C THR UA 170 -82.89 -4.26 69.87
N CYS UA 171 -83.18 -5.55 70.03
CA CYS UA 171 -83.28 -6.16 71.36
C CYS UA 171 -82.30 -7.29 71.58
N THR UA 172 -82.15 -8.17 70.57
CA THR UA 172 -81.06 -9.14 70.37
C THR UA 172 -81.12 -10.35 71.32
N THR UA 173 -81.87 -10.24 72.41
CA THR UA 173 -81.91 -11.21 73.51
C THR UA 173 -83.10 -10.92 74.40
N VAL UA 174 -83.82 -11.98 74.79
CA VAL UA 174 -84.91 -11.88 75.77
C VAL UA 174 -84.76 -13.03 76.76
N ALA UA 175 -84.80 -12.70 78.05
CA ALA UA 175 -84.68 -13.71 79.11
C ALA UA 175 -86.00 -13.81 79.87
N PHE UA 176 -86.71 -14.92 79.68
CA PHE UA 176 -87.83 -15.28 80.54
C PHE UA 176 -87.26 -15.85 81.83
N THR UA 177 -87.45 -15.12 82.93
CA THR UA 177 -87.01 -15.57 84.26
C THR UA 177 -88.17 -15.74 85.22
N GLN UA 178 -89.03 -14.74 85.34
CA GLN UA 178 -90.15 -14.77 86.26
C GLN UA 178 -91.42 -15.12 85.49
N VAL UA 179 -92.20 -16.04 86.04
CA VAL UA 179 -93.46 -16.47 85.43
C VAL UA 179 -94.58 -16.21 86.43
N ASN UA 180 -95.78 -15.94 85.91
CA ASN UA 180 -96.94 -15.75 86.75
C ASN UA 180 -97.58 -17.09 87.09
N SER UA 181 -98.72 -17.05 87.78
CA SER UA 181 -99.41 -18.27 88.16
C SER UA 181 -100.20 -18.86 87.01
N GLU UA 182 -100.66 -18.03 86.08
CA GLU UA 182 -101.49 -18.47 84.96
C GLU UA 182 -100.68 -18.74 83.70
N ASP UA 183 -99.35 -18.77 83.80
CA ASP UA 183 -98.51 -18.93 82.63
C ASP UA 183 -97.50 -20.07 82.75
N LYS UA 184 -97.48 -20.80 83.87
CA LYS UA 184 -96.46 -21.82 84.09
C LYS UA 184 -96.63 -23.00 83.16
N GLY UA 185 -97.88 -23.43 82.93
CA GLY UA 185 -98.11 -24.57 82.05
C GLY UA 185 -97.83 -24.25 80.59
N ALA UA 186 -98.19 -23.04 80.14
CA ALA UA 186 -97.90 -22.64 78.77
C ALA UA 186 -96.40 -22.43 78.56
N LEU UA 187 -95.71 -21.89 79.57
CA LEU UA 187 -94.26 -21.73 79.46
C LEU UA 187 -93.57 -23.09 79.46
N ALA UA 188 -94.08 -24.06 80.23
CA ALA UA 188 -93.53 -25.40 80.19
C ALA UA 188 -93.79 -26.08 78.86
N LYS UA 189 -94.96 -25.82 78.26
CA LYS UA 189 -95.27 -26.34 76.93
C LYS UA 189 -94.34 -25.75 75.87
N LEU UA 190 -93.95 -24.49 76.02
CA LEU UA 190 -92.97 -23.91 75.11
C LEU UA 190 -91.58 -24.48 75.34
N VAL UA 191 -91.17 -24.59 76.61
CA VAL UA 191 -89.82 -25.06 76.97
C VAL UA 191 -89.61 -26.51 76.56
N GLU UA 192 -90.67 -27.34 76.61
CA GLU UA 192 -90.53 -28.74 76.21
C GLU UA 192 -90.22 -28.86 74.71
N ALA UA 193 -90.94 -28.11 73.87
CA ALA UA 193 -90.68 -28.13 72.44
C ALA UA 193 -89.35 -27.49 72.09
N ILE UA 194 -88.94 -26.46 72.83
CA ILE UA 194 -87.67 -25.80 72.57
C ILE UA 194 -86.50 -26.71 72.95
N ARG UA 195 -86.61 -27.43 74.07
CA ARG UA 195 -85.59 -28.41 74.43
C ARG UA 195 -85.59 -29.60 73.48
N THR UA 196 -86.75 -29.94 72.90
CA THR UA 196 -86.78 -30.98 71.89
C THR UA 196 -86.07 -30.52 70.62
N ASN UA 197 -86.24 -29.26 70.24
CA ASN UA 197 -85.66 -28.76 69.00
C ASN UA 197 -84.16 -28.51 69.11
N TYR UA 198 -83.74 -27.77 70.13
CA TYR UA 198 -82.38 -27.23 70.17
C TYR UA 198 -81.46 -27.96 71.16
N ASN UA 199 -81.90 -28.16 72.40
CA ASN UA 199 -80.98 -28.66 73.42
C ASN UA 199 -80.70 -30.14 73.26
N ASP UA 200 -81.70 -30.92 72.83
CA ASP UA 200 -81.49 -32.34 72.60
C ASP UA 200 -80.82 -32.63 71.26
N ARG UA 201 -80.62 -31.62 70.42
CA ARG UA 201 -79.99 -31.82 69.12
C ARG UA 201 -78.81 -30.87 68.89
N TYR UA 202 -78.32 -30.20 69.93
CA TYR UA 202 -77.14 -29.35 69.79
C TYR UA 202 -75.91 -30.14 69.33
N ASP UA 203 -75.75 -31.37 69.82
CA ASP UA 203 -74.63 -32.20 69.38
C ASP UA 203 -74.78 -32.65 67.93
N GLU UA 204 -76.01 -32.67 67.41
CA GLU UA 204 -76.24 -32.98 66.01
C GLU UA 204 -76.04 -31.75 65.13
N ILE UA 205 -76.44 -30.57 65.62
CA ILE UA 205 -76.31 -29.34 64.85
C ILE UA 205 -74.85 -28.90 64.76
N ARG UA 206 -74.09 -29.08 65.86
CA ARG UA 206 -72.69 -28.68 65.91
C ARG UA 206 -71.82 -29.49 64.95
N ARG UA 207 -72.23 -30.70 64.57
CA ARG UA 207 -71.46 -31.48 63.61
C ARG UA 207 -71.79 -31.12 62.17
N HIS UA 208 -72.97 -30.54 61.92
CA HIS UA 208 -73.37 -30.19 60.56
C HIS UA 208 -72.62 -28.97 60.05
N TRP UA 209 -72.38 -28.97 58.74
CA TRP UA 209 -71.73 -27.88 58.03
C TRP UA 209 -72.72 -27.21 57.10
N GLY UA 210 -72.81 -25.89 57.17
CA GLY UA 210 -73.72 -25.14 56.32
C GLY UA 210 -73.04 -24.61 55.08
N GLY UA 211 -73.85 -23.97 54.24
CA GLY UA 211 -73.33 -23.39 53.02
C GLY UA 211 -73.05 -24.46 51.97
N ASN UA 212 -71.97 -24.24 51.21
CA ASN UA 212 -71.50 -25.13 50.13
C ASN UA 212 -72.59 -25.36 49.09
N VAL UA 213 -73.16 -24.26 48.59
CA VAL UA 213 -74.20 -24.31 47.57
C VAL UA 213 -73.70 -23.52 46.37
N LEU UA 214 -73.60 -24.19 45.23
CA LEU UA 214 -73.16 -23.54 44.01
C LEU UA 214 -74.30 -22.74 43.39
N GLY UA 215 -73.96 -21.89 42.42
CA GLY UA 215 -74.93 -21.09 41.71
C GLY UA 215 -75.81 -21.95 40.83
N PRO UA 216 -77.01 -21.44 40.50
CA PRO UA 216 -77.96 -22.28 39.75
C PRO UA 216 -77.55 -22.56 38.32
N LYS UA 217 -76.79 -21.66 37.69
CA LYS UA 217 -76.27 -21.92 36.35
C LYS UA 217 -75.25 -23.05 36.38
N SER UA 218 -74.38 -23.05 37.39
CA SER UA 218 -73.40 -24.13 37.52
C SER UA 218 -74.05 -25.44 37.92
N VAL UA 219 -75.12 -25.38 38.73
CA VAL UA 219 -75.86 -26.60 39.09
C VAL UA 219 -76.55 -27.18 37.86
N ALA UA 220 -77.13 -26.33 37.01
CA ALA UA 220 -77.73 -26.80 35.78
C ALA UA 220 -76.69 -27.34 34.80
N ARG UA 221 -75.49 -26.75 34.80
CA ARG UA 221 -74.41 -27.25 33.96
C ARG UA 221 -73.93 -28.63 34.41
N ILE UA 222 -73.76 -28.81 35.72
CA ILE UA 222 -73.35 -30.10 36.26
C ILE UA 222 -74.45 -31.15 36.05
N ALA UA 223 -75.72 -30.73 36.14
CA ALA UA 223 -76.82 -31.66 35.90
C ALA UA 223 -76.90 -32.05 34.42
N LYS UA 224 -76.60 -31.12 33.52
CA LYS UA 224 -76.58 -31.44 32.10
C LYS UA 224 -75.43 -32.37 31.76
N LEU UA 225 -74.26 -32.16 32.37
CA LEU UA 225 -73.15 -33.10 32.19
C LEU UA 225 -73.44 -34.45 32.78
N GLU UA 226 -74.18 -34.50 33.90
CA GLU UA 226 -74.56 -35.78 34.49
C GLU UA 226 -75.56 -36.53 33.63
N LYS UA 227 -76.52 -35.82 33.04
CA LYS UA 227 -77.46 -36.46 32.12
C LYS UA 227 -76.77 -36.93 30.84
N ALA UA 228 -75.76 -36.17 30.37
CA ALA UA 228 -75.00 -36.61 29.20
C ALA UA 228 -74.15 -37.83 29.52
N LYS UA 229 -73.59 -37.89 30.74
CA LYS UA 229 -72.82 -39.05 31.17
C LYS UA 229 -73.73 -40.28 31.32
N ALA UA 230 -74.94 -40.09 31.83
CA ALA UA 230 -75.90 -41.18 31.94
C ALA UA 230 -76.37 -41.64 30.56
N LYS UA 231 -76.47 -40.72 29.60
CA LYS UA 231 -76.81 -41.10 28.23
C LYS UA 231 -75.68 -41.89 27.58
N GLU UA 232 -74.42 -41.49 27.84
CA GLU UA 232 -73.29 -42.22 27.28
C GLU UA 232 -73.13 -43.59 27.91
N LEU UA 233 -73.42 -43.71 29.21
CA LEU UA 233 -73.34 -45.02 29.85
C LEU UA 233 -74.53 -45.90 29.52
N ALA UA 234 -75.69 -45.31 29.21
CA ALA UA 234 -76.87 -46.07 28.84
C ALA UA 234 -77.74 -45.30 27.86
N MET VA 1 73.91 46.05 23.42
CA MET VA 1 74.63 45.84 24.66
C MET VA 1 75.30 47.12 25.13
N LYS VA 2 74.86 48.24 24.55
CA LYS VA 2 75.32 49.60 24.86
C LYS VA 2 76.84 49.73 24.64
N THR VA 3 77.20 49.59 23.37
CA THR VA 3 78.61 49.58 22.98
C THR VA 3 79.15 51.00 22.92
N ILE VA 4 80.35 51.20 23.48
CA ILE VA 4 81.05 52.49 23.46
C ILE VA 4 81.55 52.70 22.03
N LEU VA 5 82.03 53.92 21.74
CA LEU VA 5 81.96 54.59 20.43
C LEU VA 5 82.33 53.71 19.23
N SER VA 6 81.57 53.89 18.17
CA SER VA 6 81.88 53.36 16.85
C SER VA 6 82.18 54.52 15.93
N ASN VA 7 83.33 54.48 15.29
CA ASN VA 7 83.80 55.57 14.44
C ASN VA 7 84.13 55.05 13.05
N GLN VA 8 83.60 55.71 12.04
CA GLN VA 8 83.89 55.41 10.65
C GLN VA 8 84.80 56.48 10.06
N THR VA 9 85.77 56.04 9.27
CA THR VA 9 86.83 56.87 8.74
C THR VA 9 86.59 57.13 7.26
N VAL VA 10 86.58 58.40 6.87
CA VAL VA 10 86.40 58.81 5.48
C VAL VA 10 87.60 59.66 5.08
N ASP VA 11 88.29 59.26 4.02
CA ASP VA 11 89.28 60.11 3.39
C ASP VA 11 88.62 60.92 2.28
N ILE VA 12 88.95 62.21 2.21
CA ILE VA 12 88.35 63.10 1.22
C ILE VA 12 89.46 63.65 0.34
N PRO VA 13 89.38 63.49 -0.98
CA PRO VA 13 90.47 63.94 -1.85
C PRO VA 13 90.50 65.45 -1.98
N GLU VA 14 91.61 65.93 -2.53
CA GLU VA 14 91.87 67.37 -2.64
C GLU VA 14 91.05 68.04 -3.74
N ASN VA 15 90.38 67.27 -4.59
CA ASN VA 15 89.56 67.88 -5.64
C ASN VA 15 88.29 68.49 -5.08
N VAL VA 16 87.80 67.99 -3.96
CA VAL VA 16 86.52 68.40 -3.41
C VAL VA 16 86.71 68.97 -2.01
N ASP VA 17 85.69 69.68 -1.55
CA ASP VA 17 85.68 70.32 -0.24
C ASP VA 17 84.40 69.93 0.49
N ILE VA 18 84.52 69.77 1.81
CA ILE VA 18 83.38 69.43 2.65
C ILE VA 18 83.15 70.58 3.63
N THR VA 19 81.89 70.79 3.99
CA THR VA 19 81.51 71.82 4.94
C THR VA 19 80.30 71.32 5.72
N LEU VA 20 80.36 71.42 7.05
CA LEU VA 20 79.23 71.05 7.88
C LEU VA 20 78.92 72.18 8.85
N LYS VA 21 77.65 72.58 8.88
CA LYS VA 21 77.13 73.52 9.88
C LYS VA 21 76.38 72.82 10.99
N GLY VA 22 76.60 71.52 11.14
CA GLY VA 22 75.84 70.69 12.07
C GLY VA 22 75.82 69.27 11.56
N ARG VA 23 74.63 68.71 11.41
CA ARG VA 23 74.48 67.40 10.77
C ARG VA 23 74.20 67.52 9.28
N THR VA 24 74.19 68.74 8.74
CA THR VA 24 74.05 68.95 7.31
C THR VA 24 75.42 68.90 6.65
N VAL VA 25 75.55 68.06 5.62
CA VAL VA 25 76.80 67.85 4.91
C VAL VA 25 76.70 68.53 3.55
N ILE VA 26 77.67 69.38 3.23
CA ILE VA 26 77.71 70.11 1.98
C ILE VA 26 79.05 69.80 1.32
N VAL VA 27 79.02 69.04 0.23
CA VAL VA 27 80.24 68.65 -0.48
C VAL VA 27 80.22 69.34 -1.85
N LYS VA 28 81.23 70.18 -2.09
CA LYS VA 28 81.33 70.94 -3.32
C LYS VA 28 82.62 70.56 -4.04
N GLY VA 29 82.52 70.24 -5.32
CA GLY VA 29 83.67 69.81 -6.08
C GLY VA 29 83.65 70.28 -7.52
N PRO VA 30 84.30 69.52 -8.40
CA PRO VA 30 84.33 69.93 -9.82
C PRO VA 30 82.98 69.79 -10.51
N ARG VA 31 82.25 68.72 -10.25
CA ARG VA 31 80.95 68.48 -10.89
C ARG VA 31 79.86 68.96 -9.93
N GLY VA 32 79.71 70.29 -9.86
CA GLY VA 32 78.68 70.90 -9.07
C GLY VA 32 78.89 70.76 -7.56
N THR VA 33 77.79 70.90 -6.83
CA THR VA 33 77.78 70.75 -5.38
C THR VA 33 76.58 69.89 -4.99
N LEU VA 34 76.63 69.38 -3.76
CA LEU VA 34 75.58 68.48 -3.29
C LEU VA 34 75.52 68.54 -1.76
N ARG VA 35 74.33 68.80 -1.23
CA ARG VA 35 74.14 68.93 0.21
C ARG VA 35 72.97 68.07 0.67
N ARG VA 36 73.11 67.49 1.86
CA ARG VA 36 72.09 66.63 2.43
C ARG VA 36 72.00 66.85 3.94
N ASP VA 37 70.91 66.36 4.52
CA ASP VA 37 70.58 66.54 5.93
C ASP VA 37 70.57 65.19 6.62
N PHE VA 38 71.26 65.10 7.75
CA PHE VA 38 71.30 63.91 8.60
C PHE VA 38 70.67 64.21 9.95
N ASN VA 39 69.54 64.92 9.94
CA ASN VA 39 68.97 65.49 11.16
C ASN VA 39 68.33 64.42 12.04
N HIS VA 40 67.75 63.39 11.44
CA HIS VA 40 66.92 62.42 12.15
C HIS VA 40 67.71 61.24 12.72
N ILE VA 41 69.05 61.32 12.75
CA ILE VA 41 69.90 60.18 13.09
C ILE VA 41 70.71 60.43 14.36
N ASN VA 42 71.20 61.66 14.55
CA ASN VA 42 71.92 62.12 15.74
C ASN VA 42 73.23 61.34 15.95
N VAL VA 43 74.11 61.45 14.96
CA VAL VA 43 75.45 60.88 14.99
C VAL VA 43 76.45 61.99 14.73
N GLU VA 44 77.49 62.08 15.55
CA GLU VA 44 78.44 63.18 15.44
C GLU VA 44 79.28 63.06 14.18
N LEU VA 45 79.46 64.19 13.50
CA LEU VA 45 80.23 64.26 12.26
C LEU VA 45 81.36 65.26 12.46
N SER VA 46 82.57 64.77 12.69
CA SER VA 46 83.71 65.65 12.90
C SER VA 46 84.68 65.53 11.73
N LEU VA 47 85.54 66.52 11.57
CA LEU VA 47 86.55 66.49 10.52
C LEU VA 47 87.86 67.02 11.08
N LEU VA 48 88.95 66.64 10.41
CA LEU VA 48 90.28 67.04 10.86
C LEU VA 48 91.22 67.08 9.67
N GLY VA 49 92.39 67.67 9.91
CA GLY VA 49 93.44 67.74 8.90
C GLY VA 49 93.49 69.05 8.14
N LYS VA 50 94.56 69.82 8.34
CA LYS VA 50 94.79 71.04 7.59
C LYS VA 50 95.19 70.67 6.17
N LYS VA 51 94.21 70.77 5.25
CA LYS VA 51 94.31 70.29 3.85
C LYS VA 51 94.69 68.82 3.80
N LYS VA 52 94.13 68.03 4.72
CA LYS VA 52 94.25 66.58 4.71
C LYS VA 52 92.90 65.88 4.63
N LYS VA 53 91.84 66.49 5.16
CA LYS VA 53 90.43 66.16 4.90
C LYS VA 53 90.09 64.73 5.33
N ARG VA 54 90.17 64.53 6.65
CA ARG VA 54 89.81 63.26 7.27
C ARG VA 54 88.51 63.44 8.03
N LEU VA 55 87.43 62.86 7.51
CA LEU VA 55 86.12 62.91 8.16
C LEU VA 55 85.96 61.70 9.07
N ARG VA 56 85.32 61.90 10.22
CA ARG VA 56 85.00 60.81 11.12
C ARG VA 56 83.53 60.87 11.51
N VAL VA 57 82.88 59.72 11.46
CA VAL VA 57 81.48 59.56 11.79
C VAL VA 57 81.43 58.78 13.09
N ASP VA 58 81.15 59.47 14.19
CA ASP VA 58 81.32 58.91 15.53
C ASP VA 58 79.96 58.82 16.21
N LYS VA 59 79.64 57.65 16.74
CA LYS VA 59 78.44 57.50 17.55
C LYS VA 59 78.78 56.83 18.87
N TRP VA 60 78.28 57.39 19.96
CA TRP VA 60 78.40 56.88 21.31
C TRP VA 60 77.27 55.88 21.56
N TRP VA 61 76.99 55.59 22.84
CA TRP VA 61 76.45 54.33 23.37
C TRP VA 61 75.46 53.57 22.49
N GLY VA 62 74.33 54.19 22.16
CA GLY VA 62 73.39 53.74 21.14
C GLY VA 62 72.80 52.35 21.40
N ASN VA 63 72.36 51.72 20.31
CA ASN VA 63 71.84 50.36 20.33
C ASN VA 63 72.44 49.63 19.13
N ARG VA 64 72.00 48.38 18.92
CA ARG VA 64 72.54 47.59 17.81
C ARG VA 64 72.05 48.10 16.46
N LYS VA 65 70.77 48.50 16.38
CA LYS VA 65 70.26 49.11 15.16
C LYS VA 65 70.94 50.45 14.86
N GLU VA 66 71.35 51.16 15.90
CA GLU VA 66 72.01 52.44 15.68
C GLU VA 66 73.49 52.26 15.32
N LEU VA 67 74.12 51.19 15.81
CA LEU VA 67 75.43 50.82 15.31
C LEU VA 67 75.36 50.31 13.88
N ALA VA 68 74.20 49.76 13.48
CA ALA VA 68 73.98 49.49 12.07
C ALA VA 68 73.78 50.79 11.29
N THR VA 69 73.21 51.80 11.93
CA THR VA 69 72.91 53.05 11.25
C THR VA 69 74.18 53.88 11.02
N VAL VA 70 75.18 53.75 11.89
CA VAL VA 70 76.37 54.62 11.80
C VAL VA 70 77.23 54.33 10.56
N ARG VA 71 77.13 53.13 9.97
CA ARG VA 71 77.85 52.83 8.74
C ARG VA 71 77.15 53.41 7.52
N THR VA 72 75.83 53.57 7.61
CA THR VA 72 75.03 54.11 6.51
C THR VA 72 75.41 55.56 6.19
N ILE VA 73 75.78 56.33 7.22
CA ILE VA 73 76.25 57.70 7.02
C ILE VA 73 77.57 57.71 6.24
N CYS VA 74 78.51 56.84 6.63
CA CYS VA 74 79.78 56.72 5.91
C CYS VA 74 79.57 56.30 4.47
N SER VA 75 78.62 55.39 4.23
CA SER VA 75 78.40 54.92 2.87
C SER VA 75 77.72 55.98 2.00
N HIS VA 76 76.79 56.76 2.57
CA HIS VA 76 76.19 57.84 1.79
C HIS VA 76 77.17 59.01 1.58
N VAL VA 77 78.09 59.23 2.52
CA VAL VA 77 79.15 60.21 2.28
C VAL VA 77 80.07 59.76 1.15
N GLN VA 78 80.39 58.46 1.11
CA GLN VA 78 81.16 57.92 -0.01
C GLN VA 78 80.40 58.05 -1.33
N ASN VA 79 79.08 57.85 -1.30
CA ASN VA 79 78.27 58.01 -2.50
C ASN VA 79 78.23 59.46 -2.97
N MET VA 80 78.16 60.41 -2.03
CA MET VA 80 78.16 61.82 -2.41
C MET VA 80 79.52 62.25 -2.96
N ILE VA 81 80.61 61.71 -2.39
CA ILE VA 81 81.94 62.03 -2.90
C ILE VA 81 82.14 61.47 -4.30
N LYS VA 82 81.68 60.23 -4.55
CA LYS VA 82 81.75 59.68 -5.90
C LYS VA 82 80.86 60.44 -6.88
N GLY VA 83 79.70 60.93 -6.42
CA GLY VA 83 78.83 61.69 -7.30
C GLY VA 83 79.34 63.08 -7.62
N VAL VA 84 80.11 63.67 -6.71
CA VAL VA 84 80.65 65.01 -6.98
C VAL VA 84 82.00 64.95 -7.69
N THR VA 85 82.75 63.85 -7.55
CA THR VA 85 83.98 63.73 -8.33
C THR VA 85 83.71 63.22 -9.73
N LEU VA 86 82.97 62.13 -9.85
CA LEU VA 86 82.77 61.46 -11.14
C LEU VA 86 81.37 61.59 -11.67
N GLY VA 87 80.35 61.57 -10.81
CA GLY VA 87 78.97 61.52 -11.26
C GLY VA 87 78.49 60.08 -11.40
N PHE VA 88 77.19 59.95 -11.63
CA PHE VA 88 76.56 58.66 -11.80
C PHE VA 88 75.93 58.55 -13.19
N ARG VA 89 76.12 57.40 -13.82
CA ARG VA 89 75.61 57.11 -15.15
C ARG VA 89 74.99 55.72 -15.15
N TYR VA 90 73.70 55.65 -15.43
CA TYR VA 90 72.99 54.38 -15.52
C TYR VA 90 72.60 54.15 -16.97
N LYS VA 91 73.02 53.01 -17.51
CA LYS VA 91 72.77 52.63 -18.88
C LYS VA 91 71.72 51.53 -18.89
N MET VA 92 70.62 51.78 -19.59
CA MET VA 92 69.45 50.91 -19.57
C MET VA 92 69.14 50.45 -20.99
N ARG VA 93 69.40 49.18 -21.28
CA ARG VA 93 69.08 48.64 -22.60
C ARG VA 93 67.61 48.28 -22.65
N SER VA 94 66.95 48.66 -23.75
CA SER VA 94 65.52 48.36 -23.91
C SER VA 94 65.37 46.93 -24.40
N VAL VA 95 65.22 46.01 -23.46
CA VAL VA 95 64.96 44.60 -23.78
C VAL VA 95 63.54 44.52 -24.29
N TYR VA 96 63.37 44.38 -25.60
CA TYR VA 96 62.07 44.56 -26.22
C TYR VA 96 61.59 43.27 -26.88
N ALA VA 97 60.27 43.11 -26.87
CA ALA VA 97 59.55 41.98 -27.44
C ALA VA 97 59.35 42.14 -28.94
N HIS VA 98 58.35 41.44 -29.50
CA HIS VA 98 57.92 41.65 -30.89
C HIS VA 98 57.67 43.13 -31.20
N PHE VA 99 57.04 43.86 -30.28
CA PHE VA 99 56.89 45.29 -30.53
C PHE VA 99 58.07 46.05 -29.95
N PRO VA 100 58.76 46.87 -30.75
CA PRO VA 100 59.83 47.72 -30.20
C PRO VA 100 59.26 48.87 -29.39
N ILE VA 101 60.15 49.55 -28.68
CA ILE VA 101 59.81 50.68 -27.83
C ILE VA 101 60.49 51.92 -28.40
N ASN VA 102 59.72 52.97 -28.65
CA ASN VA 102 60.25 54.23 -29.12
C ASN VA 102 60.39 55.17 -27.93
N VAL VA 103 61.62 55.43 -27.51
CA VAL VA 103 61.92 56.30 -26.38
C VAL VA 103 62.49 57.60 -26.90
N VAL VA 104 61.83 58.72 -26.60
CA VAL VA 104 62.34 60.04 -26.94
C VAL VA 104 62.37 60.88 -25.67
N ILE VA 105 63.07 62.01 -25.75
CA ILE VA 105 63.07 62.99 -24.67
C ILE VA 105 62.43 64.27 -25.19
N GLN VA 106 61.72 64.96 -24.31
CA GLN VA 106 60.99 66.16 -24.73
C GLN VA 106 61.51 67.42 -24.08
N GLU VA 107 61.55 67.49 -22.75
CA GLU VA 107 61.89 68.73 -22.05
C GLU VA 107 63.36 68.71 -21.64
N ASN VA 108 64.21 68.77 -22.67
CA ASN VA 108 65.67 68.85 -22.55
C ASN VA 108 66.27 67.69 -21.76
N GLY VA 109 65.66 66.50 -21.88
CA GLY VA 109 66.11 65.34 -21.14
C GLY VA 109 65.49 65.15 -19.79
N SER VA 110 64.41 65.88 -19.47
CA SER VA 110 63.73 65.70 -18.19
C SER VA 110 62.35 65.06 -18.34
N LEU VA 111 61.91 64.81 -19.56
CA LEU VA 111 60.61 64.16 -19.81
C LEU VA 111 60.85 63.03 -20.80
N VAL VA 112 60.81 61.80 -20.31
CA VAL VA 112 60.97 60.62 -21.16
C VAL VA 112 59.60 60.21 -21.68
N GLU VA 113 59.47 60.16 -23.01
CA GLU VA 113 58.22 59.79 -23.65
C GLU VA 113 58.41 58.42 -24.31
N ILE VA 114 57.54 57.49 -23.94
CA ILE VA 114 57.64 56.08 -24.33
C ILE VA 114 56.48 55.76 -25.24
N ARG VA 115 56.76 55.09 -26.36
CA ARG VA 115 55.75 54.72 -27.33
C ARG VA 115 55.91 53.26 -27.75
N ASN VA 116 54.78 52.70 -28.19
CA ASN VA 116 54.51 51.45 -28.89
C ASN VA 116 54.62 50.21 -27.97
N PHE VA 117 55.23 50.32 -26.78
CA PHE VA 117 54.84 49.74 -25.48
C PHE VA 117 54.07 48.43 -25.54
N LEU VA 118 54.67 47.37 -26.12
CA LEU VA 118 54.03 46.05 -26.29
C LEU VA 118 52.72 46.10 -27.07
N GLY VA 119 52.61 47.03 -28.01
CA GLY VA 119 51.38 47.16 -28.77
C GLY VA 119 50.31 48.01 -28.11
N GLU VA 120 50.47 48.38 -26.84
CA GLU VA 120 49.56 49.33 -26.21
C GLU VA 120 49.71 50.70 -26.84
N LYS VA 121 48.57 51.28 -27.23
CA LYS VA 121 48.54 52.55 -27.96
C LYS VA 121 48.87 53.73 -27.07
N TYR VA 122 48.68 53.59 -25.75
CA TYR VA 122 48.80 54.71 -24.81
C TYR VA 122 50.23 55.21 -24.71
N ILE VA 123 50.46 56.44 -25.17
CA ILE VA 123 51.77 57.08 -25.08
C ILE VA 123 52.05 57.43 -23.63
N ARG VA 124 53.21 57.04 -23.13
CA ARG VA 124 53.53 57.14 -21.72
C ARG VA 124 54.53 58.27 -21.48
N ARG VA 125 54.30 59.03 -20.40
CA ARG VA 125 55.15 60.17 -20.07
C ARG VA 125 55.69 60.01 -18.66
N VAL VA 126 57.01 60.10 -18.51
CA VAL VA 126 57.69 60.00 -17.22
C VAL VA 126 58.50 61.26 -17.01
N ARG VA 127 58.17 62.01 -15.96
CA ARG VA 127 58.92 63.20 -15.60
C ARG VA 127 60.01 62.83 -14.61
N MET VA 128 61.24 63.26 -14.89
CA MET VA 128 62.41 62.87 -14.11
C MET VA 128 62.61 63.85 -12.96
N ARG VA 129 63.74 63.76 -12.32
CA ARG VA 129 64.08 64.57 -11.16
C ARG VA 129 64.87 65.82 -11.56
N PRO VA 130 64.76 66.90 -10.81
CA PRO VA 130 65.65 68.05 -11.04
C PRO VA 130 67.08 67.74 -10.62
N GLY VA 131 67.95 67.53 -11.60
CA GLY VA 131 69.33 67.20 -11.31
C GLY VA 131 69.81 65.97 -12.06
N VAL VA 132 68.95 65.39 -12.87
CA VAL VA 132 69.31 64.24 -13.70
C VAL VA 132 68.90 64.53 -15.14
N ALA VA 133 69.76 64.15 -16.08
CA ALA VA 133 69.52 64.33 -17.50
C ALA VA 133 69.46 62.98 -18.19
N CYS VA 134 68.79 62.95 -19.33
CA CYS VA 134 68.55 61.72 -20.06
C CYS VA 134 69.06 61.86 -21.49
N SER VA 135 69.48 60.73 -22.07
CA SER VA 135 69.96 60.73 -23.44
C SER VA 135 69.77 59.34 -24.03
N VAL VA 136 69.73 59.28 -25.36
CA VAL VA 136 69.75 58.03 -26.10
C VAL VA 136 71.17 57.80 -26.59
N SER VA 137 71.71 56.62 -26.32
CA SER VA 137 73.13 56.37 -26.58
C SER VA 137 73.41 56.24 -28.07
N GLN VA 138 74.66 56.48 -28.44
CA GLN VA 138 75.14 56.30 -29.80
C GLN VA 138 75.97 55.03 -29.89
N ALA VA 139 76.05 54.49 -31.12
CA ALA VA 139 76.76 53.26 -31.46
C ALA VA 139 76.25 52.05 -30.67
N GLN VA 140 74.97 52.07 -30.29
CA GLN VA 140 74.35 50.98 -29.57
C GLN VA 140 72.84 51.10 -29.75
N LYS VA 141 72.20 49.96 -30.02
CA LYS VA 141 70.75 49.93 -30.18
C LYS VA 141 70.05 50.15 -28.85
N ASP VA 142 69.02 51.02 -28.87
CA ASP VA 142 68.05 51.38 -27.82
C ASP VA 142 68.57 51.38 -26.39
N GLU VA 143 69.70 52.04 -26.18
CA GLU VA 143 70.28 52.20 -24.86
C GLU VA 143 69.97 53.59 -24.35
N LEU VA 144 69.57 53.68 -23.08
CA LEU VA 144 69.12 54.92 -22.47
C LEU VA 144 70.08 55.28 -21.33
N ILE VA 145 70.72 56.43 -21.45
CA ILE VA 145 71.73 56.86 -20.49
C ILE VA 145 71.11 57.93 -19.59
N LEU VA 146 71.17 57.70 -18.28
CA LEU VA 146 70.75 58.68 -17.28
C LEU VA 146 71.98 59.16 -16.53
N GLU VA 147 72.25 60.45 -16.57
CA GLU VA 147 73.44 61.04 -15.96
C GLU VA 147 73.04 62.03 -14.89
N GLY VA 148 73.74 61.98 -13.75
CA GLY VA 148 73.43 62.92 -12.70
C GLY VA 148 74.51 62.93 -11.62
N ASN VA 149 74.17 63.57 -10.51
CA ASN VA 149 75.07 63.73 -9.38
C ASN VA 149 74.65 62.92 -8.16
N ASP VA 150 73.35 62.84 -7.88
CA ASP VA 150 72.85 62.18 -6.69
C ASP VA 150 72.35 60.79 -7.06
N ILE VA 151 72.89 59.77 -6.38
CA ILE VA 151 72.57 58.38 -6.70
C ILE VA 151 71.12 58.06 -6.40
N GLU VA 152 70.54 58.69 -5.36
CA GLU VA 152 69.14 58.45 -5.04
C GLU VA 152 68.22 59.01 -6.12
N LEU VA 153 68.52 60.21 -6.62
CA LEU VA 153 67.71 60.82 -7.67
C LEU VA 153 67.83 60.06 -8.99
N VAL VA 154 69.05 59.68 -9.38
CA VAL VA 154 69.25 58.97 -10.63
C VAL VA 154 68.63 57.58 -10.59
N SER VA 155 68.81 56.86 -9.49
CA SER VA 155 68.25 55.51 -9.40
C SER VA 155 66.75 55.53 -9.17
N ASN VA 156 66.20 56.59 -8.56
CA ASN VA 156 64.74 56.72 -8.51
C ASN VA 156 64.15 57.03 -9.87
N SER VA 157 64.86 57.81 -10.69
CA SER VA 157 64.39 58.03 -12.06
C SER VA 157 64.44 56.74 -12.88
N ALA VA 158 65.50 55.96 -12.69
CA ALA VA 158 65.59 54.66 -13.37
C ALA VA 158 64.53 53.68 -12.87
N ALA VA 159 64.19 53.75 -11.57
CA ALA VA 159 63.13 52.91 -11.03
C ALA VA 159 61.77 53.33 -11.56
N LEU VA 160 61.56 54.64 -11.74
CA LEU VA 160 60.31 55.13 -12.35
C LEU VA 160 60.20 54.67 -13.79
N ILE VA 161 61.31 54.65 -14.53
CA ILE VA 161 61.27 54.16 -15.90
C ILE VA 161 60.98 52.66 -15.94
N GLN VA 162 61.68 51.87 -15.12
CA GLN VA 162 61.49 50.42 -15.18
C GLN VA 162 60.18 49.97 -14.56
N GLN VA 163 59.52 50.80 -13.75
CA GLN VA 163 58.19 50.49 -13.28
C GLN VA 163 57.09 51.07 -14.15
N ALA VA 164 57.39 52.11 -14.92
CA ALA VA 164 56.44 52.56 -15.93
C ALA VA 164 56.39 51.59 -17.10
N THR VA 165 57.50 50.94 -17.40
CA THR VA 165 57.50 49.84 -18.38
C THR VA 165 57.31 48.53 -17.64
N THR VA 166 56.06 48.12 -17.49
CA THR VA 166 55.71 46.95 -16.70
C THR VA 166 54.58 46.18 -17.37
N VAL VA 167 54.78 44.88 -17.54
CA VAL VA 167 53.75 44.02 -18.11
C VAL VA 167 52.66 43.79 -17.07
N LYS VA 168 51.42 44.10 -17.43
CA LYS VA 168 50.30 43.99 -16.50
C LYS VA 168 49.28 42.96 -16.99
N ASN VA 169 48.67 42.27 -16.01
CA ASN VA 169 47.60 41.29 -16.22
C ASN VA 169 48.03 40.13 -17.12
N LYS VA 170 49.32 39.77 -17.07
CA LYS VA 170 49.85 38.67 -17.86
C LYS VA 170 50.81 37.86 -17.01
N ASP VA 171 51.17 36.69 -17.53
CA ASP VA 171 52.34 35.98 -17.04
C ASP VA 171 53.57 36.77 -17.44
N ILE VA 172 54.26 37.36 -16.46
CA ILE VA 172 55.41 38.22 -16.76
C ILE VA 172 56.70 37.42 -16.83
N ARG VA 173 56.64 36.10 -16.74
CA ARG VA 173 57.76 35.28 -17.17
C ARG VA 173 57.88 35.27 -18.68
N LYS VA 174 56.75 35.12 -19.36
CA LYS VA 174 56.62 35.42 -20.77
C LYS VA 174 56.51 36.94 -20.93
N PHE VA 175 56.69 37.42 -22.16
CA PHE VA 175 56.64 38.84 -22.53
C PHE VA 175 57.70 39.64 -21.76
N LEU VA 176 58.95 39.19 -21.90
CA LEU VA 176 60.08 39.82 -21.23
C LEU VA 176 60.38 41.14 -21.93
N ASP VA 177 59.63 42.17 -21.55
CA ASP VA 177 59.74 43.48 -22.18
C ASP VA 177 59.71 44.54 -21.09
N GLY VA 178 60.45 45.61 -21.34
CA GLY VA 178 60.59 46.71 -20.41
C GLY VA 178 62.00 47.28 -20.50
N ILE VA 179 62.16 48.48 -19.95
CA ILE VA 179 63.44 49.18 -19.95
C ILE VA 179 64.09 48.88 -18.61
N TYR VA 180 65.05 47.95 -18.60
CA TYR VA 180 65.70 47.51 -17.38
C TYR VA 180 67.11 48.06 -17.31
N VAL VA 181 67.62 48.18 -16.09
CA VAL VA 181 68.94 48.77 -15.85
C VAL VA 181 70.02 47.74 -16.21
N SER VA 182 70.84 48.07 -17.20
CA SER VA 182 71.87 47.15 -17.65
C SER VA 182 73.21 47.38 -16.95
N GLU VA 183 73.66 48.62 -16.90
CA GLU VA 183 74.99 48.95 -16.38
C GLU VA 183 74.90 50.14 -15.43
N LYS VA 184 75.60 50.03 -14.30
CA LYS VA 184 75.72 51.12 -13.34
C LYS VA 184 77.17 51.55 -13.27
N GLY VA 185 77.43 52.85 -13.44
CA GLY VA 185 78.79 53.32 -13.40
C GLY VA 185 78.85 54.82 -13.22
N THR VA 186 79.97 55.40 -13.63
CA THR VA 186 80.22 56.82 -13.49
C THR VA 186 80.26 57.50 -14.85
N VAL VA 187 80.27 58.83 -14.83
CA VAL VA 187 80.40 59.60 -16.06
C VAL VA 187 81.85 59.63 -16.51
N GLN VA 188 82.73 60.17 -15.67
CA GLN VA 188 84.16 60.17 -15.95
C GLN VA 188 84.73 58.81 -15.54
N GLN VA 189 85.17 58.03 -16.53
CA GLN VA 189 85.62 56.68 -16.30
C GLN VA 189 87.10 56.66 -15.92
N ALA VA 190 87.66 55.45 -15.82
CA ALA VA 190 89.10 55.19 -15.59
C ALA VA 190 89.61 55.80 -14.28
N ASP VA 191 88.73 55.97 -13.30
CA ASP VA 191 89.11 56.55 -12.02
C ASP VA 191 88.66 55.68 -10.86
N ARG WA 1 34.83 9.45 15.17
CA ARG WA 1 36.10 9.70 15.86
C ARG WA 1 36.12 11.11 16.43
N ARG WA 2 35.96 11.22 17.74
CA ARG WA 2 36.00 12.50 18.41
C ARG WA 2 37.43 13.00 18.53
N PRO WA 3 37.64 14.32 18.51
CA PRO WA 3 39.01 14.86 18.57
C PRO WA 3 39.64 14.66 19.94
N ALA WA 4 40.94 14.97 20.02
CA ALA WA 4 41.65 15.02 21.27
C ALA WA 4 41.54 16.39 21.94
N ARG WA 5 40.73 17.28 21.37
CA ARG WA 5 40.39 18.54 22.02
C ARG WA 5 39.43 18.32 23.19
N CYS WA 6 38.66 17.24 23.16
CA CYS WA 6 37.73 16.94 24.24
C CYS WA 6 38.22 15.89 25.22
N TYR WA 7 38.89 14.84 24.74
CA TYR WA 7 39.58 13.90 25.62
C TYR WA 7 40.97 14.45 25.87
N ARG WA 8 41.29 14.67 27.14
CA ARG WA 8 42.32 15.64 27.53
C ARG WA 8 43.08 15.15 28.74
N TYR WA 9 43.66 16.11 29.47
CA TYR WA 9 44.43 15.86 30.69
C TYR WA 9 43.61 15.10 31.72
N CYS WA 10 44.31 14.46 32.66
CA CYS WA 10 43.73 13.49 33.57
C CYS WA 10 42.73 14.15 34.52
N LYS WA 11 41.46 13.75 34.39
CA LYS WA 11 40.42 14.25 35.27
C LYS WA 11 39.63 13.16 35.98
N ASN WA 12 39.85 11.89 35.65
CA ASN WA 12 39.14 10.78 36.27
C ASN WA 12 40.14 9.72 36.72
N LYS WA 13 39.63 8.79 37.52
CA LYS WA 13 40.41 7.65 37.98
C LYS WA 13 40.72 6.72 36.79
N PRO WA 14 41.82 5.95 36.86
CA PRO WA 14 42.11 5.01 35.77
C PRO WA 14 41.10 3.88 35.72
N TYR WA 15 40.56 3.65 34.53
CA TYR WA 15 39.47 2.69 34.29
C TYR WA 15 39.99 1.69 33.26
N PRO WA 16 40.72 0.67 33.70
CA PRO WA 16 41.41 -0.20 32.75
C PRO WA 16 40.51 -1.31 32.22
N LYS WA 17 41.02 -2.03 31.22
CA LYS WA 17 40.38 -3.24 30.73
C LYS WA 17 40.51 -4.34 31.79
N SER WA 18 39.37 -4.78 32.30
CA SER WA 18 39.38 -5.74 33.40
C SER WA 18 38.09 -6.54 33.36
N ARG WA 19 37.79 -7.22 34.47
CA ARG WA 19 36.54 -7.98 34.59
C ARG WA 19 35.33 -7.05 34.64
N PHE WA 20 35.52 -5.81 35.09
CA PHE WA 20 34.40 -4.90 35.30
C PHE WA 20 34.03 -4.10 34.06
N CYS WA 21 34.94 -3.91 33.11
CA CYS WA 21 34.60 -3.16 31.91
C CYS WA 21 33.89 -4.04 30.87
N ARG WA 22 34.61 -5.01 30.32
CA ARG WA 22 34.11 -6.02 29.37
C ARG WA 22 33.41 -5.43 28.15
N GLY WA 23 33.78 -4.22 27.75
CA GLY WA 23 33.11 -3.60 26.61
C GLY WA 23 34.03 -2.75 25.76
N VAL WA 24 35.32 -2.78 26.05
CA VAL WA 24 36.30 -1.96 25.34
C VAL WA 24 36.58 -2.60 23.98
N PRO WA 25 36.70 -1.82 22.92
CA PRO WA 25 37.15 -2.37 21.63
C PRO WA 25 38.66 -2.56 21.65
N ASP WA 26 39.18 -3.07 20.53
CA ASP WA 26 40.61 -3.33 20.42
C ASP WA 26 41.37 -2.03 20.27
N ALA WA 27 42.57 -1.99 20.86
CA ALA WA 27 43.40 -0.80 20.80
C ALA WA 27 44.02 -0.66 19.42
N LYS WA 28 44.51 0.55 19.13
CA LYS WA 28 45.06 0.83 17.81
C LYS WA 28 46.44 0.21 17.63
N ILE WA 29 47.30 0.31 18.63
CA ILE WA 29 48.64 -0.24 18.57
C ILE WA 29 48.63 -1.66 19.12
N ARG WA 30 49.45 -2.51 18.52
CA ARG WA 30 49.60 -3.89 18.97
C ARG WA 30 51.05 -4.29 19.18
N ILE WA 31 51.97 -3.77 18.37
CA ILE WA 31 53.38 -4.08 18.49
C ILE WA 31 54.11 -2.86 19.04
N PHE WA 32 55.34 -3.10 19.49
CA PHE WA 32 56.11 -2.01 20.12
C PHE WA 32 57.56 -1.91 19.69
N ASP WA 33 58.16 -2.95 19.11
CA ASP WA 33 59.50 -2.87 18.57
C ASP WA 33 59.44 -2.96 17.05
N LEU WA 34 60.22 -2.12 16.38
CA LEU WA 34 60.10 -1.98 14.93
C LEU WA 34 61.43 -2.20 14.23
N GLY WA 35 62.54 -1.85 14.88
CA GLY WA 35 63.85 -1.99 14.28
C GLY WA 35 64.38 -3.41 14.32
N ARG WA 36 65.68 -3.56 14.56
CA ARG WA 36 66.26 -4.88 14.77
C ARG WA 36 65.82 -5.38 16.13
N LYS WA 37 64.82 -6.26 16.15
CA LYS WA 37 64.26 -6.75 17.40
C LYS WA 37 65.23 -7.67 18.13
N LYS WA 38 66.04 -8.42 17.40
CA LYS WA 38 67.02 -9.34 17.97
C LYS WA 38 68.41 -8.72 18.06
N ALA WA 39 68.48 -7.40 18.26
CA ALA WA 39 69.76 -6.72 18.30
C ALA WA 39 70.50 -7.02 19.61
N LYS WA 40 71.80 -7.24 19.49
CA LYS WA 40 72.61 -7.45 20.68
C LYS WA 40 72.90 -6.12 21.36
N VAL WA 41 73.51 -6.20 22.54
CA VAL WA 41 73.70 -4.99 23.34
C VAL WA 41 74.85 -4.15 22.79
N ASP WA 42 75.94 -4.79 22.38
CA ASP WA 42 77.11 -4.07 21.87
C ASP WA 42 76.93 -3.58 20.44
N GLU WA 43 75.81 -3.89 19.78
CA GLU WA 43 75.61 -3.47 18.40
C GLU WA 43 75.29 -1.99 18.31
N PHE WA 44 74.30 -1.53 19.07
CA PHE WA 44 73.89 -0.13 19.03
C PHE WA 44 74.27 0.54 20.34
N PRO WA 45 75.34 1.36 20.37
CA PRO WA 45 75.78 1.96 21.64
C PRO WA 45 74.81 2.94 22.28
N LEU WA 46 74.39 3.99 21.58
CA LEU WA 46 73.69 5.06 22.29
C LEU WA 46 72.18 4.96 22.08
N CYS WA 47 71.45 5.76 22.85
CA CYS WA 47 70.01 5.83 22.73
C CYS WA 47 69.54 7.23 23.09
N GLY WA 48 68.48 7.66 22.41
CA GLY WA 48 67.81 8.91 22.72
C GLY WA 48 66.38 8.62 23.10
N HIS WA 49 65.91 9.28 24.16
CA HIS WA 49 64.59 9.02 24.69
C HIS WA 49 63.81 10.33 24.85
N MET WA 50 62.50 10.21 24.72
CA MET WA 50 61.61 11.36 24.57
C MET WA 50 60.89 11.61 25.89
N VAL WA 51 61.26 12.67 26.59
CA VAL WA 51 60.78 12.96 27.93
C VAL WA 51 59.57 13.87 27.84
N SER WA 52 58.53 13.56 28.61
CA SER WA 52 57.36 14.42 28.66
C SER WA 52 57.56 15.56 29.65
N ASP WA 53 56.72 16.58 29.51
CA ASP WA 53 56.72 17.72 30.42
C ASP WA 53 55.35 17.98 31.02
N GLU WA 54 54.28 17.72 30.30
CA GLU WA 54 52.92 17.95 30.79
C GLU WA 54 52.29 16.65 31.25
N TYR WA 55 51.55 16.73 32.34
CA TYR WA 55 50.81 15.58 32.88
C TYR WA 55 49.55 15.41 32.04
N GLU WA 56 49.68 14.66 30.95
CA GLU WA 56 48.65 14.58 29.92
C GLU WA 56 48.26 13.14 29.69
N GLN WA 57 47.39 12.94 28.70
CA GLN WA 57 47.00 11.62 28.23
C GLN WA 57 47.30 11.52 26.74
N LEU WA 58 48.06 10.49 26.36
CA LEU WA 58 48.38 10.25 24.97
C LEU WA 58 47.54 9.09 24.45
N SER WA 59 46.94 9.27 23.29
CA SER WA 59 46.05 8.27 22.73
C SER WA 59 46.83 7.23 21.93
N SER WA 60 46.24 6.04 21.82
CA SER WA 60 46.88 4.93 21.11
C SER WA 60 46.99 5.22 19.62
N GLU WA 61 46.05 5.99 19.07
CA GLU WA 61 46.13 6.34 17.66
C GLU WA 61 47.24 7.35 17.41
N ALA WA 62 47.47 8.26 18.37
CA ALA WA 62 48.62 9.16 18.29
C ALA WA 62 49.93 8.39 18.41
N LEU WA 63 49.96 7.37 19.28
CA LEU WA 63 51.14 6.52 19.38
C LEU WA 63 51.38 5.74 18.08
N GLU WA 64 50.29 5.30 17.43
CA GLU WA 64 50.38 4.63 16.13
C GLU WA 64 50.98 5.55 15.07
N ALA WA 65 50.43 6.76 14.94
CA ALA WA 65 50.92 7.69 13.92
C ALA WA 65 52.36 8.13 14.20
N ALA WA 66 52.72 8.27 15.47
CA ALA WA 66 54.07 8.68 15.82
C ALA WA 66 55.07 7.56 15.54
N ARG WA 67 54.73 6.32 15.87
CA ARG WA 67 55.67 5.23 15.60
C ARG WA 67 55.78 4.95 14.11
N ILE WA 68 54.72 5.21 13.33
CA ILE WA 68 54.81 5.07 11.88
C ILE WA 68 55.72 6.15 11.30
N CYS WA 69 55.58 7.40 11.78
CA CYS WA 69 56.44 8.48 11.29
C CYS WA 69 57.91 8.25 11.66
N ALA WA 70 58.16 7.77 12.88
CA ALA WA 70 59.53 7.53 13.32
C ALA WA 70 60.14 6.34 12.59
N ASN WA 71 59.35 5.28 12.37
CA ASN WA 71 59.82 4.13 11.61
C ASN WA 71 60.13 4.50 10.16
N LYS WA 72 59.29 5.35 9.56
CA LYS WA 72 59.51 5.77 8.19
C LYS WA 72 60.77 6.63 8.07
N TYR WA 73 60.99 7.54 9.04
CA TYR WA 73 62.21 8.33 8.99
C TYR WA 73 63.45 7.48 9.26
N MET WA 74 63.34 6.46 10.11
CA MET WA 74 64.50 5.60 10.36
C MET WA 74 64.83 4.73 9.16
N VAL WA 75 63.82 4.20 8.46
CA VAL WA 75 64.13 3.39 7.28
C VAL WA 75 64.50 4.25 6.09
N LYS WA 76 64.19 5.55 6.11
CA LYS WA 76 64.76 6.43 5.09
C LYS WA 76 66.18 6.86 5.43
N SER WA 77 66.49 7.02 6.72
CA SER WA 77 67.81 7.53 7.10
C SER WA 77 68.86 6.43 7.14
N CYS WA 78 68.68 5.43 8.02
CA CYS WA 78 69.70 4.42 8.26
C CYS WA 78 69.32 3.04 7.75
N GLY WA 79 68.23 2.93 7.01
CA GLY WA 79 67.85 1.66 6.40
C GLY WA 79 67.31 0.67 7.40
N LYS WA 80 67.03 -0.52 6.89
CA LYS WA 80 66.54 -1.60 7.74
C LYS WA 80 67.68 -2.15 8.60
N ASP WA 81 67.33 -2.47 9.87
CA ASP WA 81 68.26 -3.02 10.86
C ASP WA 81 69.45 -2.11 11.12
N GLY WA 82 69.17 -0.82 11.33
CA GLY WA 82 70.19 0.13 11.71
C GLY WA 82 69.73 0.98 12.88
N PHE WA 83 68.72 0.49 13.58
CA PHE WA 83 68.08 1.21 14.68
C PHE WA 83 67.25 0.23 15.48
N HIS WA 84 66.86 0.64 16.67
CA HIS WA 84 65.89 -0.13 17.45
C HIS WA 84 65.06 0.84 18.27
N ILE WA 85 63.78 0.97 17.92
CA ILE WA 85 62.85 1.87 18.58
C ILE WA 85 61.89 1.06 19.44
N ARG WA 86 61.67 1.52 20.67
CA ARG WA 86 60.70 0.93 21.57
C ARG WA 86 59.79 2.02 22.10
N VAL WA 87 58.49 1.82 21.96
CA VAL WA 87 57.50 2.69 22.58
C VAL WA 87 57.38 2.26 24.04
N ARG WA 88 57.87 3.08 24.95
CA ARG WA 88 57.86 2.74 26.37
C ARG WA 88 56.44 2.77 26.93
N LEU WA 89 55.57 3.56 26.32
CA LEU WA 89 54.25 3.84 26.85
C LEU WA 89 53.24 2.79 26.38
N HIS WA 90 52.41 2.31 27.30
CA HIS WA 90 51.40 1.31 27.00
C HIS WA 90 50.02 1.83 27.38
N PRO WA 91 49.02 1.73 26.49
CA PRO WA 91 47.70 2.30 26.79
C PRO WA 91 46.88 1.38 27.70
N PHE WA 92 46.35 1.96 28.78
CA PHE WA 92 45.44 1.24 29.66
C PHE WA 92 44.21 2.03 30.06
N HIS WA 93 44.25 3.36 30.04
CA HIS WA 93 43.11 4.16 30.47
C HIS WA 93 42.07 4.17 29.36
N VAL WA 94 40.87 3.69 29.66
CA VAL WA 94 39.79 3.55 28.68
C VAL WA 94 38.84 4.72 28.86
N ILE WA 95 38.77 5.58 27.85
CA ILE WA 95 37.88 6.73 27.87
C ILE WA 95 36.46 6.29 27.60
N ARG WA 96 35.49 7.15 27.89
CA ARG WA 96 34.08 6.84 27.72
C ARG WA 96 33.40 7.88 26.85
N ILE WA 97 32.40 7.45 26.11
CA ILE WA 97 31.63 8.32 25.22
C ILE WA 97 30.17 8.30 25.65
N ASN WA 98 29.53 9.46 25.62
CA ASN WA 98 28.10 9.59 25.87
C ASN WA 98 27.51 10.17 24.60
N LYS WA 99 27.19 9.30 23.64
CA LYS WA 99 26.72 9.76 22.34
C LYS WA 99 25.23 10.03 22.37
N MET WA 100 24.81 10.95 21.52
CA MET WA 100 23.41 11.37 21.41
C MET WA 100 23.00 11.42 19.95
N LEU WA 101 21.76 11.85 19.73
CA LEU WA 101 21.15 12.01 18.39
C LEU WA 101 21.15 10.69 17.61
N SER WA 102 20.80 9.60 18.29
CA SER WA 102 20.73 8.29 17.65
C SER WA 102 19.34 8.03 17.09
N ALA WA 103 17.35 13.85 14.57
CA ALA WA 103 17.88 15.06 15.16
C ALA WA 103 16.79 15.87 15.86
N ASP WA 104 16.51 15.51 17.12
CA ASP WA 104 15.47 16.16 17.89
C ASP WA 104 15.84 16.00 19.37
N ARG WA 105 14.98 16.45 20.27
CA ARG WA 105 15.16 16.31 21.71
C ARG WA 105 14.46 15.09 22.28
N LEU WA 106 14.27 14.04 21.47
CA LEU WA 106 13.36 12.96 21.83
C LEU WA 106 14.03 11.59 21.85
N GLN WA 107 15.33 11.52 22.10
CA GLN WA 107 15.95 10.20 22.24
C GLN WA 107 16.11 9.80 23.71
N THR WA 108 16.75 10.65 24.52
CA THR WA 108 16.91 10.52 25.97
C THR WA 108 17.25 11.93 26.45
N GLY WA 109 17.50 12.10 27.75
CA GLY WA 109 18.08 13.33 28.25
C GLY WA 109 19.46 13.09 28.84
N MET WA 110 19.63 13.45 30.12
CA MET WA 110 20.78 13.03 30.90
C MET WA 110 20.44 11.87 31.83
N ARG WA 111 19.50 11.03 31.42
CA ARG WA 111 19.01 9.90 32.20
C ARG WA 111 20.09 8.88 32.45
N GLY WA 112 20.59 8.25 31.39
CA GLY WA 112 21.72 7.36 31.50
C GLY WA 112 23.01 8.12 31.35
N ALA WA 113 23.63 8.47 32.47
CA ALA WA 113 24.77 9.37 32.44
C ALA WA 113 26.10 8.67 32.31
N PHE WA 114 26.16 7.35 32.55
CA PHE WA 114 27.39 6.61 32.40
C PHE WA 114 27.57 6.21 30.95
N GLY WA 115 28.81 6.28 30.47
CA GLY WA 115 29.10 6.09 29.07
C GLY WA 115 29.63 4.72 28.72
N LYS WA 116 29.77 4.49 27.41
CA LYS WA 116 30.29 3.31 26.75
C LYS WA 116 31.76 3.50 26.40
N PRO WA 117 32.57 2.43 26.43
CA PRO WA 117 34.00 2.57 26.12
C PRO WA 117 34.23 2.89 24.65
N GLN WA 118 34.88 4.02 24.40
CA GLN WA 118 35.19 4.45 23.03
C GLN WA 118 36.59 4.01 22.60
N GLY WA 119 37.60 4.45 23.33
CA GLY WA 119 38.97 4.12 22.98
C GLY WA 119 39.87 3.98 24.19
N THR WA 120 41.17 3.79 23.96
CA THR WA 120 42.13 3.62 25.03
C THR WA 120 43.22 4.69 24.89
N VAL WA 121 43.47 5.41 25.99
CA VAL WA 121 44.56 6.36 26.05
C VAL WA 121 45.53 5.91 27.13
N ALA WA 122 46.62 6.65 27.32
CA ALA WA 122 47.63 6.29 28.30
C ALA WA 122 47.98 7.51 29.14
N ARG WA 123 47.87 7.37 30.45
CA ARG WA 123 48.21 8.47 31.36
C ARG WA 123 49.71 8.64 31.40
N VAL WA 124 50.16 9.89 31.27
CA VAL WA 124 51.60 10.20 31.18
C VAL WA 124 51.97 11.13 32.31
N HIS WA 125 52.93 10.70 33.13
CA HIS WA 125 53.44 11.55 34.19
C HIS WA 125 54.50 12.51 33.66
N ILE WA 126 54.86 13.49 34.47
CA ILE WA 126 55.89 14.46 34.11
C ILE WA 126 57.24 13.78 34.23
N GLY WA 127 57.99 13.75 33.12
CA GLY WA 127 59.26 13.08 33.09
C GLY WA 127 59.22 11.65 32.60
N GLN WA 128 58.03 11.13 32.28
CA GLN WA 128 57.90 9.76 31.81
C GLN WA 128 58.32 9.67 30.35
N VAL WA 129 59.07 8.61 30.03
CA VAL WA 129 59.64 8.45 28.70
C VAL WA 129 58.56 7.92 27.75
N ILE WA 130 58.40 8.59 26.60
CA ILE WA 130 57.45 8.13 25.60
C ILE WA 130 58.07 7.06 24.71
N MET WA 131 59.16 7.41 24.03
CA MET WA 131 59.83 6.49 23.12
C MET WA 131 61.33 6.51 23.38
N SER WA 132 62.00 5.44 22.94
CA SER WA 132 63.45 5.33 23.07
C SER WA 132 64.02 4.63 21.84
N ILE WA 133 65.02 5.25 21.23
CA ILE WA 133 65.65 4.73 20.02
C ILE WA 133 67.13 4.53 20.31
N ARG WA 134 67.62 3.29 20.14
CA ARG WA 134 69.04 3.01 20.26
C ARG WA 134 69.65 2.77 18.89
N THR WA 135 70.79 3.42 18.64
CA THR WA 135 71.50 3.38 17.36
C THR WA 135 73.01 3.43 17.64
N LYS WA 136 73.76 3.61 16.54
CA LYS WA 136 75.20 3.74 16.56
C LYS WA 136 75.63 5.10 17.10
N LEU WA 137 76.95 5.29 17.17
CA LEU WA 137 77.48 6.56 17.65
C LEU WA 137 77.34 7.66 16.60
N GLN WA 138 77.47 7.30 15.32
CA GLN WA 138 77.40 8.29 14.24
C GLN WA 138 75.96 8.65 13.88
N ASN WA 139 74.96 7.97 14.44
CA ASN WA 139 73.56 8.24 14.16
C ASN WA 139 72.93 9.09 15.23
N LYS WA 140 73.70 10.06 15.76
CA LYS WA 140 73.21 10.89 16.86
C LYS WA 140 72.15 11.88 16.38
N GLU WA 141 72.34 12.47 15.20
CA GLU WA 141 71.41 13.49 14.73
C GLU WA 141 70.13 12.90 14.15
N HIS WA 142 70.19 11.67 13.65
CA HIS WA 142 69.01 11.06 13.04
C HIS WA 142 67.96 10.70 14.09
N VAL WA 143 68.41 10.26 15.27
CA VAL WA 143 67.50 10.00 16.38
C VAL WA 143 66.85 11.29 16.86
N ILE WA 144 67.62 12.38 16.87
CA ILE WA 144 67.09 13.69 17.26
C ILE WA 144 66.04 14.15 16.26
N GLU WA 145 66.28 13.96 14.97
CA GLU WA 145 65.32 14.38 13.97
C GLU WA 145 64.07 13.49 13.97
N ALA WA 146 64.21 12.20 14.27
CA ALA WA 146 63.04 11.33 14.34
C ALA WA 146 62.17 11.65 15.55
N LEU WA 147 62.80 11.88 16.70
CA LEU WA 147 62.03 12.29 17.88
C LEU WA 147 61.49 13.72 17.73
N ARG WA 148 62.11 14.54 16.90
CA ARG WA 148 61.53 15.84 16.58
C ARG WA 148 60.28 15.69 15.71
N ARG WA 149 60.32 14.76 14.75
CA ARG WA 149 59.13 14.48 13.93
C ARG WA 149 58.01 13.86 14.75
N ALA WA 150 58.36 13.16 15.83
CA ALA WA 150 57.33 12.71 16.77
C ALA WA 150 56.88 13.83 17.70
N LYS WA 151 57.75 14.81 17.96
CA LYS WA 151 57.40 15.95 18.79
C LYS WA 151 56.39 16.85 18.09
N PHE WA 152 56.51 16.99 16.76
CA PHE WA 152 55.52 17.74 15.98
C PHE WA 152 54.15 17.07 15.95
N LYS WA 153 54.05 15.81 16.37
CA LYS WA 153 52.81 15.06 16.29
C LYS WA 153 52.16 14.80 17.65
N PHE WA 154 52.94 14.60 18.71
CA PHE WA 154 52.33 14.48 20.03
C PHE WA 154 51.84 15.84 20.53
N PRO WA 155 50.73 15.89 21.26
CA PRO WA 155 50.23 17.16 21.77
C PRO WA 155 51.03 17.65 22.97
N GLY WA 156 50.90 18.94 23.23
CA GLY WA 156 51.55 19.55 24.37
C GLY WA 156 53.03 19.76 24.15
N ARG WA 157 53.71 20.06 25.25
CA ARG WA 157 55.14 20.33 25.25
C ARG WA 157 55.89 19.15 25.84
N GLN WA 158 56.94 18.72 25.16
CA GLN WA 158 57.81 17.65 25.63
C GLN WA 158 59.19 17.85 25.04
N LYS WA 159 60.20 17.29 25.71
CA LYS WA 159 61.59 17.51 25.35
C LYS WA 159 62.25 16.19 24.97
N ILE WA 160 63.51 16.28 24.61
CA ILE WA 160 64.32 15.15 24.15
C ILE WA 160 65.55 15.05 25.04
N HIS WA 161 66.04 13.83 25.24
CA HIS WA 161 67.26 13.65 26.02
C HIS WA 161 68.01 12.43 25.53
N ILE WA 162 69.27 12.63 25.17
CA ILE WA 162 70.16 11.52 24.84
C ILE WA 162 70.73 10.97 26.14
N SER WA 163 70.49 9.70 26.39
CA SER WA 163 70.71 9.13 27.71
C SER WA 163 72.20 8.94 28.01
N LYS WA 164 72.51 8.97 29.31
CA LYS WA 164 73.83 8.62 29.79
C LYS WA 164 74.01 7.10 29.88
N LYS WA 165 72.91 6.36 29.92
CA LYS WA 165 72.95 4.91 30.01
C LYS WA 165 73.36 4.28 28.67
N TRP WA 166 73.61 2.97 28.71
CA TRP WA 166 73.98 2.21 27.51
C TRP WA 166 72.73 1.53 26.98
N GLY WA 167 71.96 2.25 26.16
CA GLY WA 167 70.77 1.65 25.60
C GLY WA 167 69.65 1.56 26.63
N PHE WA 168 68.96 0.41 26.63
CA PHE WA 168 67.81 0.24 27.50
C PHE WA 168 68.17 -0.21 28.91
N THR WA 169 69.42 -0.55 29.18
CA THR WA 169 69.76 -1.00 30.52
C THR WA 169 69.89 0.18 31.47
N LYS WA 170 69.90 -0.12 32.77
CA LYS WA 170 69.98 0.89 33.81
C LYS WA 170 71.42 1.22 34.19
N PHE WA 171 72.40 0.76 33.41
CA PHE WA 171 73.80 0.94 33.73
C PHE WA 171 74.42 1.98 32.80
N ASN WA 172 75.42 2.67 33.32
CA ASN WA 172 75.98 3.84 32.64
C ASN WA 172 76.90 3.43 31.50
N ALA WA 173 76.88 4.21 30.42
CA ALA WA 173 77.74 3.94 29.27
C ALA WA 173 79.20 4.24 29.57
N ASP WA 174 79.47 5.11 30.56
CA ASP WA 174 80.86 5.39 30.93
C ASP WA 174 81.49 4.20 31.65
N GLU WA 175 80.71 3.46 32.43
CA GLU WA 175 81.20 2.30 33.15
C GLU WA 175 80.91 0.98 32.43
N PHE WA 176 80.17 1.02 31.33
CA PHE WA 176 79.75 -0.20 30.64
C PHE WA 176 80.95 -0.95 30.05
N GLU WA 177 81.76 -0.26 29.26
CA GLU WA 177 82.90 -0.91 28.62
C GLU WA 177 83.98 -1.33 29.62
N ASP WA 178 84.02 -0.70 30.80
CA ASP WA 178 84.96 -1.07 31.83
C ASP WA 178 84.45 -2.23 32.68
N MET WA 179 83.13 -2.40 32.79
CA MET WA 179 82.58 -3.28 33.79
C MET WA 179 81.89 -4.52 33.21
N VAL WA 180 81.59 -4.55 31.91
CA VAL WA 180 81.11 -5.80 31.33
C VAL WA 180 82.22 -6.82 31.10
N ALA WA 181 83.48 -6.37 31.09
CA ALA WA 181 84.57 -7.26 30.73
C ALA WA 181 85.14 -8.00 31.93
N GLU WA 182 85.20 -7.34 33.10
CA GLU WA 182 85.91 -7.94 34.22
C GLU WA 182 85.05 -8.94 34.98
N LYS WA 183 84.00 -8.45 35.65
CA LYS WA 183 83.30 -9.29 36.61
C LYS WA 183 81.82 -9.50 36.31
N ARG WA 184 81.04 -8.42 36.26
CA ARG WA 184 79.63 -8.49 36.64
C ARG WA 184 78.67 -8.68 35.46
N LEU WA 185 78.62 -7.72 34.54
CA LEU WA 185 77.54 -7.70 33.56
C LEU WA 185 77.78 -8.73 32.45
N ILE WA 186 76.76 -9.53 32.17
CA ILE WA 186 76.84 -10.51 31.10
C ILE WA 186 75.71 -10.23 30.09
N PRO WA 187 76.00 -10.27 28.79
CA PRO WA 187 74.96 -9.99 27.80
C PRO WA 187 73.95 -11.14 27.72
N ASP WA 188 72.66 -10.77 27.75
CA ASP WA 188 71.55 -11.73 27.65
C ASP WA 188 70.61 -11.22 26.57
N GLY WA 189 70.93 -11.52 25.31
CA GLY WA 189 70.11 -11.04 24.21
C GLY WA 189 70.25 -9.54 24.05
N CYS WA 190 69.11 -8.84 24.00
CA CYS WA 190 69.11 -7.38 24.02
C CYS WA 190 69.21 -6.82 25.43
N GLY WA 191 69.00 -7.65 26.45
CA GLY WA 191 69.15 -7.23 27.82
C GLY WA 191 70.50 -7.62 28.40
N VAL WA 192 70.77 -7.11 29.59
CA VAL WA 192 72.03 -7.34 30.29
C VAL WA 192 71.71 -7.87 31.68
N LYS WA 193 72.32 -9.00 32.04
CA LYS WA 193 72.16 -9.55 33.37
C LYS WA 193 73.26 -9.04 34.28
N TYR WA 194 72.86 -8.59 35.48
CA TYR WA 194 73.77 -8.13 36.52
C TYR WA 194 73.83 -9.20 37.59
N ILE WA 195 75.02 -9.73 37.85
CA ILE WA 195 75.16 -10.72 38.90
C ILE WA 195 75.59 -10.03 40.20
N PRO WA 196 74.98 -10.36 41.32
CA PRO WA 196 75.47 -9.88 42.61
C PRO WA 196 76.60 -10.79 43.10
N ASN WA 197 77.05 -10.51 44.31
CA ASN WA 197 77.96 -11.42 45.01
C ASN WA 197 77.22 -12.36 45.95
N ARG WA 198 75.91 -12.24 46.07
CA ARG WA 198 75.14 -13.11 46.95
C ARG WA 198 74.60 -14.35 46.22
N GLY WA 199 75.47 -15.00 45.47
CA GLY WA 199 75.08 -16.17 44.73
C GLY WA 199 75.71 -17.42 45.31
N PRO WA 200 75.25 -18.59 44.86
CA PRO WA 200 75.99 -19.81 45.14
C PRO WA 200 77.30 -19.82 44.36
N LEU WA 201 78.25 -20.62 44.85
CA LEU WA 201 79.58 -20.64 44.25
C LEU WA 201 79.59 -21.34 42.90
N ASP WA 202 78.57 -22.15 42.61
CA ASP WA 202 78.51 -22.85 41.32
C ASP WA 202 78.30 -21.88 40.16
N LYS WA 203 77.66 -20.73 40.40
CA LYS WA 203 77.53 -19.72 39.35
C LYS WA 203 78.87 -19.10 39.02
N TRP WA 204 79.68 -18.78 40.04
CA TRP WA 204 81.02 -18.26 39.80
C TRP WA 204 81.93 -19.32 39.18
N ARG WA 205 81.71 -20.59 39.51
CA ARG WA 205 82.49 -21.66 38.89
C ARG WA 205 82.10 -21.87 37.43
N ALA WA 206 80.81 -21.70 37.12
CA ALA WA 206 80.37 -21.77 35.73
C ALA WA 206 80.85 -20.58 34.92
N LEU WA 207 80.97 -19.42 35.56
CA LEU WA 207 81.61 -18.28 34.93
C LEU WA 207 83.13 -18.38 35.09
N HIS WA 208 83.83 -17.38 34.55
CA HIS WA 208 85.29 -17.26 34.57
C HIS WA 208 86.02 -18.48 34.00
N GLU XA 1 78.22 -53.96 55.79
CA GLU XA 1 78.77 -52.60 55.76
C GLU XA 1 77.66 -51.56 55.59
N ASN XA 2 76.42 -52.01 55.69
CA ASN XA 2 75.25 -51.15 55.57
C ASN XA 2 74.34 -51.38 56.79
N PRO XA 3 74.30 -50.45 57.74
CA PRO XA 3 73.52 -50.70 58.96
C PRO XA 3 72.02 -50.60 58.77
N MET XA 4 71.36 -51.77 58.74
CA MET XA 4 69.88 -51.98 58.70
C MET XA 4 69.16 -51.12 57.66
N ARG XA 5 69.84 -50.74 56.59
CA ARG XA 5 69.22 -49.99 55.50
C ARG XA 5 68.99 -50.97 54.35
N GLU XA 6 67.89 -51.71 54.45
CA GLU XA 6 67.60 -52.80 53.54
C GLU XA 6 66.30 -52.53 52.80
N LEU XA 7 66.31 -52.78 51.49
CA LEU XA 7 65.12 -52.62 50.68
C LEU XA 7 64.21 -53.83 50.84
N ARG XA 8 62.94 -53.58 51.14
CA ARG XA 8 61.99 -54.65 51.36
C ARG XA 8 60.64 -54.25 50.79
N ILE XA 9 59.72 -55.21 50.75
CA ILE XA 9 58.40 -54.99 50.18
C ILE XA 9 57.54 -54.27 51.22
N ARG XA 10 57.13 -53.06 50.92
CA ARG XA 10 56.27 -52.31 51.82
C ARG XA 10 54.82 -52.77 51.70
N LYS XA 11 54.27 -52.73 50.49
CA LYS XA 11 52.96 -53.30 50.24
C LYS XA 11 52.88 -53.74 48.78
N LEU XA 12 51.76 -54.38 48.44
CA LEU XA 12 51.51 -54.88 47.10
C LEU XA 12 50.06 -54.59 46.76
N CYS XA 13 49.84 -53.84 45.69
CA CYS XA 13 48.50 -53.44 45.29
C CYS XA 13 47.95 -54.38 44.22
N LEU XA 14 46.66 -54.71 44.37
CA LEU XA 14 45.95 -55.53 43.40
C LEU XA 14 44.73 -54.74 42.95
N ASN XA 15 44.62 -54.48 41.66
CA ASN XA 15 43.57 -53.62 41.13
C ASN XA 15 42.92 -54.26 39.90
N ILE XA 16 41.59 -54.25 39.87
CA ILE XA 16 40.81 -54.64 38.70
C ILE XA 16 39.77 -53.56 38.45
N CYS XA 17 39.87 -52.90 37.29
CA CYS XA 17 38.96 -51.82 36.91
C CYS XA 17 38.02 -52.34 35.82
N VAL XA 18 36.79 -52.65 36.22
CA VAL XA 18 35.79 -53.19 35.30
C VAL XA 18 35.00 -52.02 34.72
N GLY XA 19 34.73 -52.07 33.41
CA GLY XA 19 33.97 -51.04 32.73
C GLY XA 19 32.49 -50.98 33.05
N GLU XA 20 32.01 -51.76 34.01
CA GLU XA 20 30.63 -51.67 34.47
C GLU XA 20 30.58 -52.15 35.92
N SER XA 21 29.41 -52.05 36.52
CA SER XA 21 29.20 -52.49 37.89
C SER XA 21 28.23 -53.66 37.92
N GLY XA 22 28.35 -54.48 38.97
CA GLY XA 22 27.45 -55.60 39.15
C GLY XA 22 28.10 -56.97 39.10
N ASP XA 23 27.77 -57.75 38.07
CA ASP XA 23 28.15 -59.16 38.03
C ASP XA 23 29.64 -59.33 37.80
N ARG XA 24 30.19 -58.65 36.78
CA ARG XA 24 31.60 -58.82 36.45
C ARG XA 24 32.50 -58.25 37.54
N LEU XA 25 32.11 -57.12 38.12
CA LEU XA 25 32.88 -56.52 39.21
C LEU XA 25 32.81 -57.36 40.47
N THR XA 26 31.64 -57.96 40.74
CA THR XA 26 31.49 -58.84 41.90
C THR XA 26 32.32 -60.12 41.72
N ARG XA 27 32.38 -60.65 40.51
CA ARG XA 27 33.22 -61.82 40.26
C ARG XA 27 34.70 -61.47 40.28
N ALA XA 28 35.07 -60.22 39.93
CA ALA XA 28 36.46 -59.80 40.09
C ALA XA 28 36.84 -59.68 41.55
N ALA XA 29 35.92 -59.18 42.39
CA ALA XA 29 36.14 -59.18 43.84
C ALA XA 29 36.24 -60.60 44.38
N LYS XA 30 35.47 -61.54 43.82
CA LYS XA 30 35.58 -62.94 44.21
C LYS XA 30 36.92 -63.54 43.79
N VAL XA 31 37.47 -63.11 42.64
CA VAL XA 31 38.79 -63.55 42.22
C VAL XA 31 39.86 -63.04 43.18
N LEU XA 32 39.80 -61.76 43.57
CA LEU XA 32 40.74 -61.24 44.55
C LEU XA 32 40.60 -61.91 45.91
N GLU XA 33 39.38 -62.32 46.28
CA GLU XA 33 39.19 -63.10 47.48
C GLU XA 33 39.84 -64.48 47.36
N GLN XA 34 39.74 -65.10 46.18
CA GLN XA 34 40.40 -66.39 45.96
C GLN XA 34 41.92 -66.27 45.97
N LEU XA 35 42.45 -65.12 45.57
CA LEU XA 35 43.90 -64.91 45.70
C LEU XA 35 44.30 -64.72 47.16
N THR XA 36 43.70 -63.76 47.84
CA THR XA 36 44.26 -63.28 49.09
C THR XA 36 43.68 -63.96 50.33
N GLY XA 37 42.41 -64.33 50.32
CA GLY XA 37 41.75 -64.75 51.53
C GLY XA 37 41.21 -63.62 52.36
N GLN XA 38 41.25 -62.39 51.84
CA GLN XA 38 40.71 -61.22 52.51
C GLN XA 38 39.85 -60.45 51.53
N THR XA 39 38.89 -59.69 52.05
CA THR XA 39 37.91 -59.06 51.17
C THR XA 39 38.50 -57.81 50.52
N PRO XA 40 38.11 -57.53 49.26
CA PRO XA 40 38.61 -56.31 48.60
C PRO XA 40 37.86 -55.07 49.04
N VAL XA 41 38.16 -53.93 48.40
CA VAL XA 41 37.44 -52.68 48.67
C VAL XA 41 37.21 -51.97 47.34
N PHE XA 42 36.07 -51.30 47.23
CA PHE XA 42 35.54 -50.82 45.96
C PHE XA 42 35.97 -49.39 45.68
N SER XA 43 35.68 -48.92 44.47
CA SER XA 43 36.00 -47.57 44.06
C SER XA 43 34.74 -46.86 43.55
N LYS XA 44 34.89 -45.58 43.22
CA LYS XA 44 33.75 -44.71 43.00
C LYS XA 44 34.12 -43.60 42.01
N ALA XA 45 33.37 -42.50 42.06
CA ALA XA 45 33.30 -41.38 41.12
C ALA XA 45 34.48 -40.42 41.20
N ARG XA 46 34.19 -39.14 40.87
CA ARG XA 46 34.97 -37.94 40.50
C ARG XA 46 35.18 -37.91 38.98
N TYR XA 47 34.64 -38.88 38.24
CA TYR XA 47 34.56 -38.72 36.78
C TYR XA 47 33.37 -39.52 36.25
N THR XA 48 32.74 -38.97 35.22
CA THR XA 48 31.67 -39.64 34.49
C THR XA 48 32.02 -39.60 33.01
N VAL XA 49 32.14 -40.77 32.39
CA VAL XA 49 32.79 -40.87 31.08
C VAL XA 49 31.81 -40.62 29.95
N ARG XA 50 30.67 -41.31 29.98
CA ARG XA 50 29.51 -41.23 29.08
C ARG XA 50 29.79 -41.88 27.71
N SER XA 51 31.04 -42.26 27.44
CA SER XA 51 31.35 -42.91 26.17
C SER XA 51 31.00 -44.38 26.17
N PHE XA 52 31.04 -45.05 27.32
CA PHE XA 52 30.65 -46.45 27.42
C PHE XA 52 29.67 -46.74 28.54
N GLY XA 53 29.23 -45.73 29.28
CA GLY XA 53 28.10 -45.90 30.17
C GLY XA 53 28.37 -46.22 31.63
N ILE XA 54 29.21 -45.43 32.29
CA ILE XA 54 29.32 -45.48 33.74
C ILE XA 54 28.96 -44.11 34.32
N ARG XA 55 28.51 -44.12 35.56
CA ARG XA 55 27.95 -42.92 36.19
C ARG XA 55 28.61 -42.63 37.53
N ARG XA 56 28.02 -41.70 38.28
CA ARG XA 56 28.57 -41.28 39.56
C ARG XA 56 28.33 -42.36 40.62
N ASN XA 57 29.35 -42.56 41.45
CA ASN XA 57 29.37 -43.45 42.62
C ASN XA 57 29.17 -44.93 42.27
N GLU XA 58 29.38 -45.31 41.02
CA GLU XA 58 29.30 -46.72 40.68
C GLU XA 58 30.59 -47.43 41.09
N LYS XA 59 30.45 -48.71 41.43
CA LYS XA 59 31.60 -49.53 41.82
C LYS XA 59 32.35 -49.89 40.54
N ILE XA 60 33.31 -49.05 40.19
CA ILE XA 60 34.05 -49.22 38.94
C ILE XA 60 35.16 -50.25 39.12
N ALA XA 61 35.86 -50.22 40.24
CA ALA XA 61 37.04 -51.04 40.43
C ALA XA 61 37.05 -51.67 41.81
N VAL XA 62 37.77 -52.78 41.91
CA VAL XA 62 38.10 -53.41 43.18
C VAL XA 62 39.61 -53.34 43.36
N HIS XA 63 40.05 -53.19 44.61
CA HIS XA 63 41.47 -53.17 44.90
C HIS XA 63 41.71 -53.70 46.31
N CYS XA 64 42.95 -54.12 46.53
CA CYS XA 64 43.34 -54.72 47.80
C CYS XA 64 44.84 -54.56 47.99
N THR XA 65 45.24 -54.24 49.23
CA THR XA 65 46.64 -54.05 49.57
C THR XA 65 47.09 -55.20 50.47
N VAL XA 66 48.13 -55.90 50.04
CA VAL XA 66 48.65 -57.08 50.74
C VAL XA 66 50.04 -56.74 51.25
N ARG XA 67 50.31 -57.08 52.51
CA ARG XA 67 51.60 -56.76 53.13
C ARG XA 67 52.19 -58.01 53.76
N GLY XA 68 53.50 -58.20 53.54
CA GLY XA 68 54.23 -59.26 54.22
C GLY XA 68 54.58 -60.46 53.38
N ALA XA 69 54.51 -61.64 53.99
CA ALA XA 69 54.88 -62.88 53.31
C ALA XA 69 53.90 -63.24 52.22
N LYS XA 70 52.61 -62.91 52.39
CA LYS XA 70 51.64 -63.11 51.33
C LYS XA 70 51.93 -62.19 50.14
N ALA XA 71 52.36 -60.97 50.43
CA ALA XA 71 52.75 -60.04 49.36
C ALA XA 71 53.98 -60.54 48.63
N GLU XA 72 54.95 -61.11 49.36
CA GLU XA 72 56.13 -61.67 48.73
C GLU XA 72 55.78 -62.89 47.87
N GLU XA 73 54.81 -63.69 48.32
CA GLU XA 73 54.39 -64.87 47.56
C GLU XA 73 53.65 -64.48 46.29
N ILE XA 74 52.78 -63.47 46.36
CA ILE XA 74 52.07 -63.02 45.16
C ILE XA 74 53.03 -62.31 44.21
N LEU XA 75 54.03 -61.62 44.73
CA LEU XA 75 55.08 -61.04 43.88
C LEU XA 75 55.89 -62.13 43.18
N GLU XA 76 56.19 -63.22 43.90
CA GLU XA 76 56.89 -64.35 43.31
C GLU XA 76 56.07 -65.01 42.22
N LYS XA 77 54.75 -65.15 42.43
CA LYS XA 77 53.90 -65.74 41.41
C LYS XA 77 53.77 -64.82 40.19
N GLY XA 78 53.72 -63.51 40.41
CA GLY XA 78 53.65 -62.59 39.28
C GLY XA 78 54.92 -62.54 38.46
N LEU XA 79 56.08 -62.56 39.13
CA LEU XA 79 57.33 -62.64 38.40
C LEU XA 79 57.55 -64.03 37.80
N LYS XA 80 56.89 -65.06 38.32
CA LYS XA 80 56.94 -66.37 37.68
C LYS XA 80 56.10 -66.38 36.40
N VAL XA 81 54.98 -65.65 36.41
CA VAL XA 81 54.18 -65.50 35.19
C VAL XA 81 54.93 -64.71 34.14
N ARG XA 82 55.52 -63.57 34.53
CA ARG XA 82 56.26 -62.76 33.58
C ARG XA 82 57.63 -63.36 33.21
N GLU XA 83 58.10 -64.34 34.00
CA GLU XA 83 59.43 -64.96 33.87
C GLU XA 83 60.54 -63.91 33.97
N TYR XA 84 60.37 -62.99 34.92
CA TYR XA 84 61.44 -62.11 35.43
C TYR XA 84 61.99 -61.17 34.35
N GLU XA 85 61.09 -60.57 33.56
CA GLU XA 85 61.48 -59.68 32.47
C GLU XA 85 60.62 -58.42 32.54
N LEU XA 86 61.09 -57.42 33.28
CA LEU XA 86 60.44 -56.12 33.31
C LEU XA 86 60.96 -55.25 32.16
N ARG XA 87 60.62 -53.98 32.18
CA ARG XA 87 61.16 -52.99 31.26
C ARG XA 87 61.76 -51.84 32.05
N LYS XA 88 62.34 -50.88 31.34
CA LYS XA 88 63.06 -49.79 32.01
C LYS XA 88 62.10 -48.77 32.60
N ASN XA 89 60.98 -48.50 31.94
CA ASN XA 89 60.06 -47.48 32.39
C ASN XA 89 59.07 -47.96 33.43
N ASN XA 90 59.18 -49.21 33.90
CA ASN XA 90 58.31 -49.67 34.98
C ASN XA 90 58.71 -49.01 36.31
N PHE XA 91 60.01 -48.85 36.53
CA PHE XA 91 60.49 -48.27 37.78
C PHE XA 91 60.23 -46.76 37.78
N SER XA 92 59.46 -46.30 38.75
CA SER XA 92 59.18 -44.88 38.87
C SER XA 92 60.38 -44.14 39.45
N ASP XA 93 60.28 -42.81 39.47
CA ASP XA 93 61.35 -41.99 40.02
C ASP XA 93 61.46 -42.10 41.54
N THR XA 94 60.39 -42.54 42.20
CA THR XA 94 60.40 -42.75 43.64
C THR XA 94 60.86 -44.14 44.03
N GLY XA 95 61.23 -44.98 43.06
CA GLY XA 95 61.71 -46.32 43.35
C GLY XA 95 60.64 -47.38 43.44
N ASN XA 96 59.55 -47.25 42.68
CA ASN XA 96 58.46 -48.20 42.75
C ASN XA 96 58.13 -48.67 41.34
N PHE XA 97 57.64 -49.90 41.22
CA PHE XA 97 57.48 -50.49 39.89
C PHE XA 97 56.22 -51.32 39.81
N GLY XA 98 55.54 -51.27 38.67
CA GLY XA 98 54.38 -52.10 38.43
C GLY XA 98 54.47 -52.77 37.08
N PHE XA 99 53.83 -53.91 36.96
CA PHE XA 99 53.83 -54.54 35.65
C PHE XA 99 52.47 -55.04 35.18
N GLY XA 100 51.67 -55.63 36.06
CA GLY XA 100 50.37 -56.13 35.67
C GLY XA 100 50.39 -57.40 34.84
N ILE XA 101 49.36 -58.25 34.99
CA ILE XA 101 49.28 -59.48 34.22
C ILE XA 101 47.87 -59.61 33.64
N GLN XA 102 47.79 -60.29 32.50
CA GLN XA 102 46.55 -60.83 31.98
C GLN XA 102 46.50 -62.32 32.30
N GLU XA 103 45.32 -62.90 32.12
CA GLU XA 103 45.05 -64.33 32.35
C GLU XA 103 45.40 -64.72 33.80
N HIS XA 104 44.59 -64.17 34.72
CA HIS XA 104 44.86 -64.22 36.16
C HIS XA 104 44.93 -65.63 36.75
N ILE XA 105 44.46 -66.64 36.02
CA ILE XA 105 44.59 -68.03 36.47
C ILE XA 105 45.96 -68.62 36.21
N ASP XA 106 46.89 -67.84 35.65
CA ASP XA 106 48.27 -68.28 35.50
C ASP XA 106 49.01 -68.35 36.84
N LEU XA 107 48.45 -67.77 37.90
CA LEU XA 107 49.09 -67.78 39.21
C LEU XA 107 49.01 -69.14 39.89
N GLY XA 108 48.11 -70.02 39.44
CA GLY XA 108 47.98 -71.34 40.02
C GLY XA 108 46.64 -71.59 40.68
N ILE XA 109 45.58 -70.98 40.16
CA ILE XA 109 44.26 -71.04 40.74
C ILE XA 109 43.33 -71.78 39.77
N LYS XA 110 42.56 -72.73 40.31
CA LYS XA 110 41.62 -73.53 39.53
C LYS XA 110 40.52 -72.63 38.98
N TYR XA 111 40.43 -72.55 37.65
CA TYR XA 111 39.48 -71.67 36.99
C TYR XA 111 38.09 -72.30 36.95
N ASP XA 112 37.09 -71.53 37.38
CA ASP XA 112 35.70 -71.90 37.16
C ASP XA 112 35.17 -71.20 35.91
N PRO XA 113 34.43 -71.92 35.05
CA PRO XA 113 33.93 -71.31 33.82
C PRO XA 113 32.84 -70.26 34.06
N SER XA 114 32.20 -70.25 35.23
CA SER XA 114 31.15 -69.29 35.50
C SER XA 114 31.67 -67.90 35.84
N ILE XA 115 32.94 -67.78 36.24
CA ILE XA 115 33.47 -66.50 36.69
C ILE XA 115 33.86 -65.62 35.51
N GLY XA 116 34.81 -66.08 34.70
CA GLY XA 116 35.26 -65.31 33.56
C GLY XA 116 36.76 -65.11 33.51
N ILE XA 117 37.27 -64.75 32.33
CA ILE XA 117 38.70 -64.51 32.12
C ILE XA 117 38.96 -63.04 32.39
N TYR XA 118 39.71 -62.75 33.45
CA TYR XA 118 40.04 -61.39 33.86
C TYR XA 118 41.55 -61.20 33.80
N GLY XA 119 41.99 -60.00 34.19
CA GLY XA 119 43.39 -59.72 34.43
C GLY XA 119 43.52 -58.88 35.69
N LEU XA 120 44.77 -58.69 36.14
CA LEU XA 120 45.00 -58.09 37.44
C LEU XA 120 46.27 -57.26 37.42
N ASP XA 121 46.18 -56.04 37.92
CA ASP XA 121 47.31 -55.13 37.98
C ASP XA 121 48.18 -55.46 39.19
N PHE XA 122 49.48 -55.61 38.97
CA PHE XA 122 50.45 -55.79 40.04
C PHE XA 122 51.30 -54.53 40.14
N TYR XA 123 51.32 -53.92 41.33
CA TYR XA 123 52.13 -52.73 41.57
C TYR XA 123 52.84 -52.90 42.90
N VAL XA 124 54.16 -52.70 42.89
CA VAL XA 124 55.02 -52.96 44.04
C VAL XA 124 55.68 -51.64 44.44
N VAL XA 125 55.66 -51.34 45.73
CA VAL XA 125 56.47 -50.28 46.28
C VAL XA 125 57.55 -50.90 47.14
N LEU XA 126 58.66 -50.19 47.28
CA LEU XA 126 59.78 -50.65 48.08
C LEU XA 126 59.80 -49.88 49.40
N GLY XA 127 60.40 -50.50 50.41
CA GLY XA 127 60.39 -49.93 51.74
C GLY XA 127 61.71 -50.16 52.45
N ARG XA 128 62.03 -49.23 53.35
CA ARG XA 128 63.13 -49.31 54.28
C ARG XA 128 62.59 -49.16 55.70
N PRO XA 129 63.29 -49.69 56.70
CA PRO XA 129 62.86 -49.45 58.09
C PRO XA 129 63.01 -47.99 58.49
N GLY XA 130 61.87 -47.31 58.66
CA GLY XA 130 61.87 -45.90 58.96
C GLY XA 130 60.88 -45.11 58.13
N PHE XA 131 60.04 -45.82 57.38
CA PHE XA 131 58.99 -45.19 56.58
C PHE XA 131 57.68 -45.04 57.32
N SER XA 132 57.62 -45.42 58.59
CA SER XA 132 56.44 -45.18 59.40
C SER XA 132 56.36 -43.76 59.93
N ILE XA 133 57.40 -42.95 59.71
CA ILE XA 133 57.43 -41.58 60.20
C ILE XA 133 56.41 -40.72 59.44
N ALA XA 134 56.35 -40.86 58.12
CA ALA XA 134 55.42 -40.09 57.32
C ALA XA 134 53.98 -40.60 57.44
N ASP XA 135 53.75 -41.75 58.07
CA ASP XA 135 52.42 -42.30 58.19
C ASP XA 135 51.87 -42.29 59.61
N LYS XA 136 52.72 -42.16 60.63
CA LYS XA 136 52.23 -42.17 62.00
C LYS XA 136 51.55 -40.84 62.33
N LYS XA 137 50.63 -40.90 63.29
CA LYS XA 137 49.77 -39.75 63.57
C LYS XA 137 50.48 -38.64 64.33
N ARG XA 138 51.49 -38.97 65.14
CA ARG XA 138 52.01 -37.96 66.07
C ARG XA 138 52.99 -37.01 65.38
N ARG XA 139 54.14 -37.51 64.95
CA ARG XA 139 55.19 -36.66 64.39
C ARG XA 139 55.45 -37.05 62.94
N THR XA 140 54.67 -36.50 62.03
CA THR XA 140 54.83 -36.76 60.60
C THR XA 140 56.01 -35.93 60.12
N GLY XA 141 57.18 -36.58 60.01
CA GLY XA 141 58.38 -35.92 59.56
C GLY XA 141 58.74 -36.28 58.12
N CYS XA 142 59.75 -35.59 57.61
CA CYS XA 142 60.23 -35.86 56.27
C CYS XA 142 61.03 -37.16 56.25
N ILE XA 143 61.17 -37.72 55.06
CA ILE XA 143 61.87 -39.00 54.91
C ILE XA 143 63.38 -38.79 54.97
N GLY XA 144 63.91 -37.94 54.10
CA GLY XA 144 65.34 -37.73 53.99
C GLY XA 144 65.82 -37.90 52.55
N ALA XA 145 67.05 -37.46 52.33
CA ALA XA 145 67.65 -37.50 51.00
C ALA XA 145 68.48 -38.75 50.77
N LYS XA 146 69.33 -39.12 51.73
CA LYS XA 146 70.13 -40.32 51.61
C LYS XA 146 69.35 -41.59 51.91
N HIS XA 147 68.15 -41.48 52.46
CA HIS XA 147 67.37 -42.63 52.84
C HIS XA 147 66.31 -43.01 51.82
N ARG XA 148 65.89 -42.07 50.97
CA ARG XA 148 64.83 -42.34 50.02
C ARG XA 148 65.31 -43.24 48.89
N ILE XA 149 64.37 -43.93 48.28
CA ILE XA 149 64.64 -44.95 47.28
C ILE XA 149 64.56 -44.30 45.90
N SER XA 150 65.52 -44.60 45.04
CA SER XA 150 65.62 -43.98 43.73
C SER XA 150 65.46 -45.02 42.61
N LYS XA 151 65.55 -44.52 41.38
CA LYS XA 151 65.46 -45.35 40.19
C LYS XA 151 66.59 -46.38 40.14
N GLU XA 152 67.82 -45.92 40.35
CA GLU XA 152 68.98 -46.80 40.29
C GLU XA 152 68.98 -47.80 41.44
N GLU XA 153 68.56 -47.37 42.63
CA GLU XA 153 68.47 -48.27 43.78
C GLU XA 153 67.41 -49.33 43.55
N ALA XA 154 66.27 -48.96 42.96
CA ALA XA 154 65.22 -49.94 42.69
C ALA XA 154 65.64 -50.94 41.62
N MET XA 155 66.29 -50.47 40.55
CA MET XA 155 66.69 -51.40 39.50
C MET XA 155 67.87 -52.28 39.95
N ARG XA 156 68.73 -51.78 40.83
CA ARG XA 156 69.77 -52.65 41.38
C ARG XA 156 69.21 -53.63 42.39
N TRP XA 157 68.13 -53.26 43.09
CA TRP XA 157 67.41 -54.23 43.92
C TRP XA 157 66.82 -55.35 43.08
N PHE XA 158 66.21 -54.99 41.95
CA PHE XA 158 65.62 -56.01 41.08
C PHE XA 158 66.68 -56.83 40.34
N GLN XA 159 67.88 -56.27 40.15
CA GLN XA 159 68.98 -57.08 39.63
C GLN XA 159 69.52 -58.03 40.68
N GLN XA 160 69.65 -57.56 41.93
CA GLN XA 160 70.24 -58.38 42.98
C GLN XA 160 69.30 -59.50 43.42
N LYS XA 161 68.12 -59.13 43.91
CA LYS XA 161 67.15 -60.15 44.30
C LYS XA 161 66.30 -60.55 43.10
N TYR XA 162 65.88 -61.82 43.11
CA TYR XA 162 64.97 -62.48 42.16
C TYR XA 162 65.60 -62.74 40.79
N ASP XA 163 66.82 -62.23 40.55
CA ASP XA 163 67.61 -62.42 39.34
C ASP XA 163 66.83 -62.00 38.09
N GLY XA 164 66.43 -60.73 38.07
CA GLY XA 164 65.65 -60.21 36.97
C GLY XA 164 66.50 -59.58 35.88
N ILE XA 165 65.86 -59.38 34.72
CA ILE XA 165 66.51 -58.78 33.56
C ILE XA 165 65.82 -57.46 33.28
N ILE XA 166 66.62 -56.43 32.96
CA ILE XA 166 66.10 -55.06 32.89
C ILE XA 166 65.27 -54.84 31.63
N LEU XA 167 65.77 -55.31 30.47
CA LEU XA 167 65.26 -55.03 29.12
C LEU XA 167 65.13 -53.52 28.89
N PRO XA 168 66.23 -52.80 28.69
CA PRO XA 168 66.16 -51.33 28.62
C PRO XA 168 65.55 -50.79 27.33
N GLY XA 169 65.19 -51.63 26.37
CA GLY XA 169 64.61 -51.16 25.12
C GLY XA 169 63.18 -50.65 25.25
N ALA YA 1 -0.29 19.14 62.78
CA ALA YA 1 -1.19 19.74 63.75
C ALA YA 1 -0.82 19.54 65.24
N PRO YA 2 -0.39 18.32 65.72
CA PRO YA 2 0.04 18.25 67.12
C PRO YA 2 1.40 18.89 67.37
N SER YA 3 1.89 18.72 68.60
CA SER YA 3 2.93 19.58 69.15
C SER YA 3 3.80 18.79 70.13
N ARG YA 4 4.42 19.50 71.06
CA ARG YA 4 5.26 18.90 72.11
C ARG YA 4 4.39 18.11 73.11
N ASN YA 5 5.00 17.71 74.22
CA ASN YA 5 4.37 16.75 75.15
C ASN YA 5 3.19 17.38 75.86
N GLY YA 6 2.00 17.19 75.29
CA GLY YA 6 0.76 17.61 75.90
C GLY YA 6 -0.29 16.53 75.73
N MET YA 7 -1.37 16.67 76.49
CA MET YA 7 -2.39 15.62 76.54
C MET YA 7 -3.18 15.59 75.24
N VAL YA 8 -3.54 14.38 74.81
CA VAL YA 8 -4.33 14.19 73.60
C VAL YA 8 -5.74 14.72 73.84
N LEU YA 9 -6.16 15.67 73.01
CA LEU YA 9 -7.41 16.39 73.20
C LEU YA 9 -8.39 16.02 72.10
N LYS YA 10 -9.61 15.67 72.49
CA LYS YA 10 -10.71 15.41 71.57
C LYS YA 10 -11.91 16.22 72.03
N PRO YA 11 -11.98 17.50 71.67
CA PRO YA 11 -13.15 18.31 72.05
C PRO YA 11 -14.35 18.00 71.16
N HIS YA 12 -15.53 18.09 71.76
CA HIS YA 12 -16.77 17.77 71.07
C HIS YA 12 -17.40 19.03 70.49
N PHE YA 13 -16.62 19.71 69.64
CA PHE YA 13 -17.03 20.97 69.04
C PHE YA 13 -17.19 20.89 67.52
N HIS YA 14 -17.17 19.68 66.96
CA HIS YA 14 -17.37 19.53 65.52
C HIS YA 14 -18.80 19.80 65.11
N LYS YA 15 -19.75 19.61 66.03
CA LYS YA 15 -21.15 19.93 65.81
C LYS YA 15 -21.36 21.43 65.97
N ASP YA 16 -22.36 21.97 65.26
CA ASP YA 16 -22.57 23.42 65.21
C ASP YA 16 -23.17 23.92 66.53
N TRP YA 17 -22.29 24.05 67.53
CA TRP YA 17 -22.69 24.40 68.87
C TRP YA 17 -23.05 25.88 69.04
N GLN YA 18 -22.76 26.73 68.05
CA GLN YA 18 -22.93 28.16 68.23
C GLN YA 18 -24.40 28.56 68.24
N ARG YA 19 -25.27 27.77 67.62
CA ARG YA 19 -26.70 28.07 67.65
C ARG YA 19 -27.28 27.81 69.03
N ARG YA 20 -26.92 26.69 69.64
CA ARG YA 20 -27.46 26.27 70.93
C ARG YA 20 -26.46 26.60 72.03
N VAL YA 21 -26.39 27.89 72.37
CA VAL YA 21 -25.59 28.37 73.50
C VAL YA 21 -26.58 28.93 74.52
N ALA YA 22 -26.79 28.21 75.61
CA ALA YA 22 -27.64 28.66 76.70
C ALA YA 22 -26.71 29.19 77.80
N THR YA 23 -26.63 30.51 77.89
CA THR YA 23 -25.80 31.18 78.88
C THR YA 23 -26.70 31.80 79.93
N TRP YA 24 -26.36 31.60 81.20
CA TRP YA 24 -27.23 32.01 82.31
C TRP YA 24 -27.10 33.51 82.57
N PHE YA 25 -27.62 34.30 81.64
CA PHE YA 25 -27.74 35.74 81.91
C PHE YA 25 -28.92 36.05 82.80
N ASN YA 26 -29.93 35.19 82.82
CA ASN YA 26 -31.12 35.36 83.65
C ASN YA 26 -31.04 34.56 84.94
N GLN YA 27 -29.84 34.30 85.45
CA GLN YA 27 -29.74 33.54 86.70
C GLN YA 27 -30.18 34.37 87.93
N PRO YA 28 -29.76 35.64 88.11
CA PRO YA 28 -30.42 36.43 89.16
C PRO YA 28 -31.88 36.72 88.87
N ALA YA 29 -32.28 36.72 87.60
CA ALA YA 29 -33.68 36.90 87.25
C ALA YA 29 -34.52 35.71 87.73
N ARG YA 30 -34.06 34.48 87.47
CA ARG YA 30 -34.74 33.30 87.99
C ARG YA 30 -34.69 33.25 89.51
N LYS YA 31 -33.61 33.75 90.10
CA LYS YA 31 -33.53 33.81 91.56
C LYS YA 31 -34.60 34.73 92.14
N ILE YA 32 -34.79 35.91 91.54
CA ILE YA 32 -35.81 36.85 92.00
C ILE YA 32 -37.21 36.30 91.72
N ARG YA 33 -37.41 35.67 90.55
CA ARG YA 33 -38.68 35.01 90.23
C ARG YA 33 -39.02 33.93 91.25
N ARG YA 34 -38.05 33.14 91.66
CA ARG YA 34 -38.35 32.02 92.53
C ARG YA 34 -38.49 32.46 93.98
N ARG YA 35 -37.78 33.52 94.37
CA ARG YA 35 -38.05 34.19 95.65
C ARG YA 35 -39.48 34.71 95.71
N LYS YA 36 -39.91 35.41 94.66
CA LYS YA 36 -41.26 35.95 94.63
C LYS YA 36 -42.30 34.84 94.54
N ALA YA 37 -41.97 33.71 93.92
CA ALA YA 37 -42.88 32.59 93.88
C ALA YA 37 -43.06 31.96 95.27
N ARG YA 38 -41.96 31.76 96.00
CA ARG YA 38 -42.06 31.24 97.35
C ARG YA 38 -42.77 32.19 98.30
N GLN YA 39 -42.49 33.49 98.18
CA GLN YA 39 -43.16 34.47 99.02
C GLN YA 39 -44.64 34.60 98.70
N ALA YA 40 -45.00 34.55 97.42
CA ALA YA 40 -46.41 34.61 97.03
C ALA YA 40 -47.14 33.35 97.46
N LYS YA 41 -46.46 32.19 97.45
CA LYS YA 41 -47.07 30.97 97.97
C LYS YA 41 -47.33 31.08 99.46
N ALA YA 42 -46.32 31.52 100.22
CA ALA YA 42 -46.45 31.63 101.67
C ALA YA 42 -47.47 32.71 102.08
N ARG YA 43 -47.65 33.72 101.25
CA ARG YA 43 -48.69 34.71 101.51
C ARG YA 43 -50.08 34.16 101.16
N ARG YA 44 -50.29 33.83 99.89
CA ARG YA 44 -51.64 33.63 99.37
C ARG YA 44 -52.20 32.25 99.67
N ILE YA 45 -51.35 31.23 99.75
CA ILE YA 45 -51.87 29.86 99.82
C ILE YA 45 -52.41 29.54 101.20
N ALA YA 46 -51.55 29.56 102.23
CA ALA YA 46 -51.96 29.04 103.53
C ALA YA 46 -51.05 29.51 104.66
N PRO YA 47 -51.48 29.38 105.92
CA PRO YA 47 -50.53 29.36 107.03
C PRO YA 47 -49.85 28.01 107.24
N ARG YA 48 -49.98 27.09 106.28
CA ARG YA 48 -49.15 25.90 106.23
C ARG YA 48 -47.68 26.28 106.08
N PRO YA 49 -46.76 25.48 106.61
CA PRO YA 49 -45.34 25.81 106.47
C PRO YA 49 -44.84 25.62 105.05
N ALA YA 50 -43.76 26.33 104.73
CA ALA YA 50 -43.07 26.13 103.46
C ALA YA 50 -42.44 24.75 103.42
N SER YA 51 -42.40 24.16 102.23
CA SER YA 51 -42.18 22.73 102.00
C SER YA 51 -43.15 21.92 102.87
N GLY YA 52 -44.42 22.08 102.53
CA GLY YA 52 -45.57 21.68 103.32
C GLY YA 52 -45.61 20.25 103.83
N PRO YA 53 -45.72 19.27 102.93
CA PRO YA 53 -45.83 17.88 103.37
C PRO YA 53 -44.54 17.36 103.99
N ILE YA 54 -44.69 16.47 104.96
CA ILE YA 54 -43.57 15.92 105.72
C ILE YA 54 -42.99 14.71 104.99
N ARG YA 55 -41.66 14.62 104.97
CA ARG YA 55 -40.88 13.63 104.24
C ARG YA 55 -40.30 12.57 105.18
N PRO YA 56 -40.14 11.33 104.73
CA PRO YA 56 -39.69 10.26 105.62
C PRO YA 56 -38.18 10.13 105.74
N ILE YA 57 -37.77 9.47 106.82
CA ILE YA 57 -36.40 9.00 106.97
C ILE YA 57 -36.19 7.81 106.03
N VAL YA 58 -35.23 7.94 105.11
CA VAL YA 58 -35.06 7.02 103.99
C VAL YA 58 -33.58 6.76 103.78
N ARG YA 59 -33.21 5.49 103.61
CA ARG YA 59 -31.83 5.12 103.34
C ARG YA 59 -31.59 4.99 101.84
N CYS YA 60 -30.43 5.46 101.39
CA CYS YA 60 -30.16 5.59 99.97
C CYS YA 60 -29.70 4.25 99.40
N PRO YA 61 -30.23 3.82 98.26
CA PRO YA 61 -29.86 2.51 97.72
C PRO YA 61 -28.53 2.50 96.98
N THR YA 62 -27.49 2.01 97.62
CA THR YA 62 -26.12 1.95 97.10
C THR YA 62 -25.28 1.13 98.08
N VAL YA 63 -24.05 0.81 97.65
CA VAL YA 63 -23.00 0.45 98.59
C VAL YA 63 -22.16 1.67 98.96
N ARG YA 64 -22.61 2.86 98.57
CA ARG YA 64 -21.90 4.12 98.71
C ARG YA 64 -22.59 5.10 99.64
N TYR YA 65 -23.90 5.29 99.48
CA TYR YA 65 -24.64 6.29 100.26
C TYR YA 65 -25.57 5.67 101.30
N HIS YA 66 -25.55 4.35 101.48
CA HIS YA 66 -26.50 3.73 102.40
C HIS YA 66 -26.11 3.93 103.86
N THR YA 67 -24.90 4.42 104.14
CA THR YA 67 -24.58 4.83 105.49
C THR YA 67 -25.22 6.16 105.85
N LYS YA 68 -25.60 6.96 104.86
CA LYS YA 68 -26.20 8.26 105.09
C LYS YA 68 -27.73 8.12 105.14
N VAL YA 69 -28.42 9.25 105.08
CA VAL YA 69 -29.86 9.32 105.31
C VAL YA 69 -30.43 10.41 104.39
N ARG YA 70 -31.73 10.33 104.13
CA ARG YA 70 -32.34 11.15 103.10
C ARG YA 70 -33.80 11.39 103.47
N ALA YA 71 -34.30 12.57 103.10
CA ALA YA 71 -35.73 12.83 103.13
C ALA YA 71 -36.36 12.23 101.89
N GLY YA 72 -37.25 11.26 102.09
CA GLY YA 72 -37.81 10.48 100.99
C GLY YA 72 -38.93 11.17 100.25
N ARG YA 73 -39.98 10.43 99.91
CA ARG YA 73 -41.17 11.03 99.30
C ARG YA 73 -42.42 10.85 100.16
N GLY YA 74 -42.79 9.62 100.50
CA GLY YA 74 -44.05 9.38 101.17
C GLY YA 74 -43.93 8.30 102.22
N PHE YA 75 -45.04 8.07 102.94
CA PHE YA 75 -44.99 7.32 104.19
C PHE YA 75 -45.50 5.89 104.07
N SER YA 76 -45.42 5.29 102.87
CA SER YA 76 -45.31 3.84 102.72
C SER YA 76 -46.46 3.02 103.32
N LEU YA 77 -47.62 3.00 102.65
CA LEU YA 77 -48.97 2.72 103.17
C LEU YA 77 -49.13 1.73 104.33
N GLU YA 78 -48.28 0.69 104.39
CA GLU YA 78 -48.25 -0.17 105.57
C GLU YA 78 -47.88 0.61 106.83
N GLU YA 79 -46.90 1.52 106.73
CA GLU YA 79 -46.54 2.39 107.84
C GLU YA 79 -47.69 3.30 108.23
N LEU YA 80 -48.41 3.80 107.23
CA LEU YA 80 -49.53 4.70 107.45
C LEU YA 80 -50.71 3.97 108.08
N ARG YA 81 -50.88 2.69 107.74
CA ARG YA 81 -51.93 1.88 108.35
C ARG YA 81 -51.58 1.50 109.79
N VAL YA 82 -50.29 1.26 110.07
CA VAL YA 82 -49.87 1.03 111.45
C VAL YA 82 -50.03 2.30 112.28
N ALA YA 83 -49.78 3.46 111.69
CA ALA YA 83 -50.07 4.71 112.37
C ALA YA 83 -51.57 4.95 112.53
N GLY YA 84 -52.38 4.35 111.66
CA GLY YA 84 -53.81 4.33 111.88
C GLY YA 84 -54.54 5.60 111.50
N ILE YA 85 -54.53 5.93 110.22
CA ILE YA 85 -55.26 7.07 109.67
C ILE YA 85 -55.56 6.75 108.22
N HIS YA 86 -56.59 7.38 107.66
CA HIS YA 86 -56.96 7.14 106.28
C HIS YA 86 -55.98 7.86 105.34
N LYS YA 87 -55.99 7.44 104.07
CA LYS YA 87 -55.00 7.91 103.10
C LYS YA 87 -55.19 9.38 102.75
N LYS YA 88 -56.36 9.73 102.19
CA LYS YA 88 -56.57 11.13 101.80
C LYS YA 88 -56.79 12.01 103.03
N VAL YA 89 -57.27 11.44 104.13
CA VAL YA 89 -57.33 12.19 105.39
C VAL YA 89 -55.93 12.55 105.84
N ALA YA 90 -54.97 11.63 105.66
CA ALA YA 90 -53.57 11.93 105.93
C ALA YA 90 -53.02 12.98 104.96
N ARG YA 91 -53.42 12.90 103.69
CA ARG YA 91 -52.96 13.87 102.70
C ARG YA 91 -53.47 15.28 103.01
N THR YA 92 -54.67 15.39 103.57
CA THR YA 92 -55.19 16.71 103.95
C THR YA 92 -54.67 17.16 105.31
N ILE YA 93 -54.29 16.22 106.18
CA ILE YA 93 -53.58 16.58 107.41
C ILE YA 93 -52.21 17.16 107.10
N GLY YA 94 -51.53 16.59 106.09
CA GLY YA 94 -50.23 17.11 105.70
C GLY YA 94 -49.22 16.00 105.51
N ILE YA 95 -49.68 14.78 105.73
CA ILE YA 95 -48.85 13.60 105.55
C ILE YA 95 -48.66 13.35 104.05
N SER YA 96 -47.42 13.25 103.62
CA SER YA 96 -47.12 12.87 102.24
C SER YA 96 -47.26 11.36 102.10
N VAL YA 97 -48.01 10.93 101.10
CA VAL YA 97 -48.37 9.53 100.92
C VAL YA 97 -47.83 9.07 99.58
N ASP YA 98 -47.03 8.00 99.59
CA ASP YA 98 -46.56 7.35 98.38
C ASP YA 98 -46.98 5.89 98.43
N PRO YA 99 -47.82 5.41 97.51
CA PRO YA 99 -48.27 4.01 97.57
C PRO YA 99 -47.25 3.00 97.09
N ARG YA 100 -46.10 3.43 96.56
CA ARG YA 100 -45.13 2.50 96.03
C ARG YA 100 -44.11 2.03 97.06
N ARG YA 101 -43.86 2.84 98.09
CA ARG YA 101 -42.75 2.58 99.01
C ARG YA 101 -43.07 1.37 99.88
N ARG YA 102 -42.23 0.35 99.80
CA ARG YA 102 -42.44 -0.89 100.53
C ARG YA 102 -41.80 -0.79 101.91
N ASN YA 103 -41.77 -1.90 102.64
CA ASN YA 103 -41.12 -1.95 103.96
C ASN YA 103 -40.44 -3.31 104.11
N LYS YA 104 -39.12 -3.33 103.97
CA LYS YA 104 -38.34 -4.53 104.27
C LYS YA 104 -37.84 -4.56 105.70
N SER YA 105 -37.75 -3.40 106.36
CA SER YA 105 -37.09 -3.29 107.65
C SER YA 105 -38.09 -2.87 108.72
N THR YA 106 -38.18 -3.67 109.77
CA THR YA 106 -39.01 -3.32 110.92
C THR YA 106 -38.43 -2.11 111.65
N GLU YA 107 -37.11 -1.91 111.57
CA GLU YA 107 -36.48 -0.74 112.16
C GLU YA 107 -36.95 0.55 111.48
N SER YA 108 -36.92 0.57 110.14
CA SER YA 108 -37.40 1.75 109.42
C SER YA 108 -38.91 1.90 109.54
N LEU YA 109 -39.62 0.77 109.64
CA LEU YA 109 -41.06 0.77 109.94
C LEU YA 109 -41.36 1.53 111.23
N GLN YA 110 -40.74 1.11 112.33
CA GLN YA 110 -40.99 1.75 113.62
C GLN YA 110 -40.43 3.16 113.68
N ALA YA 111 -39.37 3.45 112.91
CA ALA YA 111 -38.85 4.81 112.86
C ALA YA 111 -39.83 5.75 112.20
N ASN YA 112 -40.43 5.34 111.09
CA ASN YA 112 -41.43 6.20 110.46
C ASN YA 112 -42.73 6.25 111.26
N VAL YA 113 -43.05 5.19 112.01
CA VAL YA 113 -44.22 5.23 112.89
C VAL YA 113 -44.01 6.23 114.03
N GLN YA 114 -42.82 6.24 114.63
CA GLN YA 114 -42.53 7.22 115.68
C GLN YA 114 -42.45 8.63 115.12
N ARG YA 115 -41.99 8.78 113.87
CA ARG YA 115 -42.01 10.09 113.22
C ARG YA 115 -43.44 10.57 113.00
N LEU YA 116 -44.35 9.65 112.65
CA LEU YA 116 -45.76 9.99 112.53
C LEU YA 116 -46.39 10.35 113.87
N LYS YA 117 -45.98 9.66 114.95
CA LYS YA 117 -46.47 10.03 116.27
C LYS YA 117 -45.97 11.41 116.69
N GLU YA 118 -44.72 11.75 116.35
CA GLU YA 118 -44.20 13.08 116.64
C GLU YA 118 -44.91 14.15 115.82
N TYR YA 119 -45.23 13.85 114.56
CA TYR YA 119 -45.93 14.84 113.73
C TYR YA 119 -47.37 15.03 114.21
N ARG YA 120 -48.02 13.96 114.63
CA ARG YA 120 -49.37 14.08 115.17
C ARG YA 120 -49.36 14.81 116.51
N SER YA 121 -48.28 14.67 117.29
CA SER YA 121 -48.16 15.44 118.52
C SER YA 121 -47.93 16.92 118.23
N LYS YA 122 -47.12 17.23 117.23
CA LYS YA 122 -46.85 18.62 116.87
C LYS YA 122 -47.91 19.25 115.98
N LEU YA 123 -48.93 18.50 115.59
CA LEU YA 123 -49.99 19.04 114.74
C LEU YA 123 -50.97 19.89 115.54
N ILE YA 124 -51.25 21.09 115.03
CA ILE YA 124 -52.31 21.96 115.55
C ILE YA 124 -53.19 22.33 114.36
N LEU YA 125 -54.41 21.81 114.35
CA LEU YA 125 -55.33 21.98 113.23
C LEU YA 125 -56.42 22.98 113.57
N PHE YA 126 -57.01 23.56 112.53
CA PHE YA 126 -58.05 24.59 112.67
C PHE YA 126 -59.25 24.24 111.80
N PRO YA 127 -60.32 23.73 112.39
CA PRO YA 127 -61.56 23.53 111.63
C PRO YA 127 -62.31 24.84 111.43
N ARG YA 128 -63.36 24.77 110.62
CA ARG YA 128 -64.11 25.97 110.27
C ARG YA 128 -65.10 26.35 111.37
N LYS YA 129 -66.07 25.47 111.63
CA LYS YA 129 -67.10 25.79 112.61
C LYS YA 129 -66.61 25.49 114.02
N PRO YA 130 -66.95 26.34 115.00
CA PRO YA 130 -66.47 26.12 116.38
C PRO YA 130 -67.28 25.07 117.14
N SER YA 131 -67.19 23.82 116.69
CA SER YA 131 -67.77 22.69 117.38
C SER YA 131 -66.73 21.87 118.13
N ALA YA 132 -65.46 22.28 118.05
CA ALA YA 132 -64.27 21.66 118.65
C ALA YA 132 -64.08 20.17 118.38
N PRO YA 133 -63.84 19.72 117.12
CA PRO YA 133 -63.17 18.43 116.96
C PRO YA 133 -61.66 18.61 116.93
N LYS YA 134 -60.95 17.96 117.88
CA LYS YA 134 -59.48 17.90 117.94
C LYS YA 134 -58.84 19.28 118.03
N LYS YA 135 -59.42 20.15 118.85
CA LYS YA 135 -58.81 21.45 119.13
C LYS YA 135 -59.16 21.85 120.56
N GLY YA 136 -58.93 23.12 120.89
CA GLY YA 136 -59.24 23.65 122.21
C GLY YA 136 -59.30 25.16 122.19
N ASP YA 137 -58.69 25.79 123.20
CA ASP YA 137 -58.65 27.24 123.28
C ASP YA 137 -57.55 27.79 122.36
N SER YA 138 -57.20 29.05 122.54
CA SER YA 138 -56.12 29.67 121.76
C SER YA 138 -54.80 29.03 122.18
N SER YA 139 -54.35 28.05 121.40
CA SER YA 139 -53.20 27.22 121.75
C SER YA 139 -51.93 28.00 121.45
N ALA YA 140 -51.20 28.39 122.51
CA ALA YA 140 -49.85 28.98 122.44
C ALA YA 140 -49.82 30.27 121.61
N GLU YA 141 -50.89 31.06 121.73
CA GLU YA 141 -51.10 32.32 121.00
C GLU YA 141 -50.96 32.11 119.49
N GLU YA 142 -51.84 31.25 118.97
CA GLU YA 142 -51.78 30.74 117.58
C GLU YA 142 -50.42 30.10 117.28
N LEU YA 143 -49.92 29.35 118.26
CA LEU YA 143 -48.71 28.52 118.19
C LEU YA 143 -47.45 29.36 117.93
N LYS YA 144 -47.49 30.64 118.31
CA LYS YA 144 -46.38 31.59 118.37
C LYS YA 144 -45.80 31.97 116.99
N LEU YA 145 -46.21 31.27 115.94
CA LEU YA 145 -45.71 31.47 114.59
C LEU YA 145 -46.77 31.02 113.60
N ALA YA 146 -46.50 31.25 112.32
CA ALA YA 146 -47.37 30.80 111.25
C ALA YA 146 -46.69 29.79 110.33
N THR YA 147 -45.54 30.13 109.76
CA THR YA 147 -44.91 29.35 108.71
C THR YA 147 -43.51 28.92 109.16
N GLN YA 148 -43.24 27.62 109.08
CA GLN YA 148 -41.92 27.11 109.41
C GLN YA 148 -41.02 27.16 108.18
N LEU YA 149 -39.77 26.72 108.34
CA LEU YA 149 -38.78 26.81 107.27
C LEU YA 149 -38.08 25.47 107.09
N THR YA 150 -38.23 24.90 105.90
CA THR YA 150 -37.47 23.74 105.39
C THR YA 150 -37.68 22.52 106.30
N GLY YA 151 -38.91 22.03 106.29
CA GLY YA 151 -39.26 20.85 107.04
C GLY YA 151 -39.55 21.17 108.49
N PRO YA 152 -40.66 20.64 109.01
CA PRO YA 152 -40.99 20.87 110.43
C PRO YA 152 -40.08 20.12 111.39
N VAL YA 153 -39.48 19.01 110.96
CA VAL YA 153 -38.73 18.13 111.85
C VAL YA 153 -37.23 18.20 111.60
N MET YA 154 -36.79 18.91 110.53
CA MET YA 154 -35.44 18.86 109.96
C MET YA 154 -35.11 17.40 109.68
N PRO YA 155 -35.64 16.84 108.58
CA PRO YA 155 -35.76 15.38 108.42
C PRO YA 155 -34.47 14.60 108.20
N VAL YA 156 -33.30 15.22 108.39
CA VAL YA 156 -32.05 14.50 108.23
C VAL YA 156 -31.89 13.51 109.37
N ARG YA 157 -31.72 14.03 110.59
CA ARG YA 157 -31.49 13.27 111.82
C ARG YA 157 -30.34 12.25 111.62
N ASN YA 158 -29.15 12.80 111.44
CA ASN YA 158 -27.95 11.97 111.35
C ASN YA 158 -27.66 11.43 112.73
N VAL YA 159 -28.00 10.15 112.94
CA VAL YA 159 -27.90 9.56 114.27
C VAL YA 159 -26.43 9.31 114.62
N TYR YA 160 -26.07 9.60 115.87
CA TYR YA 160 -24.68 9.54 116.33
C TYR YA 160 -24.57 8.48 117.42
N LYS YA 161 -24.38 7.22 117.01
CA LYS YA 161 -24.00 6.18 117.95
C LYS YA 161 -22.54 6.36 118.30
N LYS YA 162 -22.21 6.26 119.59
CA LYS YA 162 -20.90 6.65 120.07
C LYS YA 162 -20.06 5.45 120.51
N GLU YA 163 -20.55 4.69 121.50
CA GLU YA 163 -19.89 3.50 122.06
C GLU YA 163 -18.45 3.80 122.50
N LYS YA 164 -18.34 4.71 123.46
CA LYS YA 164 -17.03 5.28 123.79
C LYS YA 164 -16.22 4.35 124.68
N ALA YA 165 -16.75 4.02 125.86
CA ALA YA 165 -15.97 3.31 126.87
C ALA YA 165 -16.19 1.80 126.74
N ARG YA 166 -15.14 1.08 126.37
CA ARG YA 166 -15.14 -0.37 126.48
C ARG YA 166 -13.72 -0.86 126.71
N VAL YA 167 -13.62 -2.01 127.35
CA VAL YA 167 -12.34 -2.62 127.69
C VAL YA 167 -11.95 -3.53 126.54
N ILE YA 168 -10.64 -3.58 126.24
CA ILE YA 168 -10.11 -4.58 125.31
C ILE YA 168 -10.43 -5.97 125.85
N THR YA 169 -10.86 -6.86 124.97
CA THR YA 169 -11.57 -8.07 125.34
C THR YA 169 -10.74 -9.31 125.00
N GLU YA 170 -11.41 -10.46 125.08
CA GLU YA 170 -10.82 -11.79 124.92
C GLU YA 170 -10.52 -12.10 123.46
N GLU YA 171 -10.39 -13.39 123.15
CA GLU YA 171 -9.82 -13.90 121.89
C GLU YA 171 -10.57 -13.53 120.60
N GLU YA 172 -11.61 -12.69 120.67
CA GLU YA 172 -12.18 -12.07 119.48
C GLU YA 172 -11.13 -11.28 118.69
N LYS YA 173 -10.21 -10.61 119.39
CA LYS YA 173 -9.14 -9.88 118.72
C LYS YA 173 -8.13 -10.82 118.06
N ASN YA 174 -8.06 -12.07 118.48
CA ASN YA 174 -7.24 -13.07 117.82
C ASN YA 174 -8.02 -13.83 116.75
N PHE YA 175 -9.35 -13.77 116.81
CA PHE YA 175 -10.20 -14.54 115.90
C PHE YA 175 -10.67 -13.74 114.69
N LYS YA 176 -10.72 -12.41 114.78
CA LYS YA 176 -11.30 -11.56 113.72
C LYS YA 176 -10.23 -11.03 112.78
N ALA YA 177 -9.25 -11.87 112.42
CA ALA YA 177 -8.12 -11.45 111.61
C ALA YA 177 -8.54 -11.23 110.15
N PHE YA 178 -7.53 -10.96 109.31
CA PHE YA 178 -7.75 -10.69 107.88
C PHE YA 178 -8.24 -11.93 107.13
N ALA YA 179 -7.89 -13.12 107.61
CA ALA YA 179 -8.17 -14.35 106.87
C ALA YA 179 -9.66 -14.69 106.80
N SER YA 180 -10.48 -14.09 107.66
CA SER YA 180 -11.92 -14.34 107.62
C SER YA 180 -12.54 -13.78 106.34
N LEU YA 181 -12.07 -12.62 105.88
CA LEU YA 181 -12.58 -12.03 104.65
C LEU YA 181 -12.19 -12.86 103.43
N ARG YA 182 -10.95 -13.37 103.40
CA ARG YA 182 -10.52 -14.21 102.29
C ARG YA 182 -11.22 -15.56 102.30
N MET YA 183 -11.48 -16.10 103.50
CA MET YA 183 -12.22 -17.36 103.61
C MET YA 183 -13.67 -17.18 103.16
N ALA YA 184 -14.30 -16.05 103.52
CA ALA YA 184 -15.66 -15.79 103.07
C ALA YA 184 -15.72 -15.53 101.57
N ARG YA 185 -14.70 -14.88 101.02
CA ARG YA 185 -14.62 -14.67 99.58
C ARG YA 185 -14.47 -15.98 98.83
N ALA YA 186 -13.59 -16.87 99.30
CA ALA YA 186 -13.42 -18.17 98.66
C ALA YA 186 -14.66 -19.05 98.82
N ASN YA 187 -15.35 -18.97 99.95
CA ASN YA 187 -16.58 -19.74 100.15
C ASN YA 187 -17.70 -19.22 99.25
N ALA YA 188 -17.77 -17.90 99.05
CA ALA YA 188 -18.77 -17.36 98.14
C ALA YA 188 -18.45 -17.69 96.69
N ARG YA 189 -17.16 -17.78 96.34
CA ARG YA 189 -16.82 -18.17 94.97
C ARG YA 189 -17.03 -19.65 94.72
N LEU YA 190 -16.85 -20.48 95.75
CA LEU YA 190 -16.93 -21.93 95.58
C LEU YA 190 -18.11 -22.55 96.30
N PHE YA 191 -19.19 -21.79 96.50
CA PHE YA 191 -20.36 -22.35 97.17
C PHE YA 191 -21.12 -23.33 96.29
N GLY YA 192 -21.16 -23.08 94.98
CA GLY YA 192 -21.97 -23.91 94.11
C GLY YA 192 -21.28 -25.16 93.59
N ILE YA 193 -19.97 -25.04 93.32
CA ILE YA 193 -19.23 -26.16 92.74
C ILE YA 193 -19.06 -27.27 93.76
N ARG YA 194 -18.93 -26.92 95.05
CA ARG YA 194 -18.89 -27.93 96.11
C ARG YA 194 -20.23 -28.65 96.22
N ALA YA 195 -21.33 -27.94 96.01
CA ALA YA 195 -22.64 -28.58 96.03
C ALA YA 195 -22.81 -29.51 94.84
N LYS YA 196 -22.27 -29.13 93.67
CA LYS YA 196 -22.31 -30.01 92.51
C LYS YA 196 -21.46 -31.25 92.72
N ARG YA 197 -20.29 -31.10 93.35
CA ARG YA 197 -19.45 -32.26 93.63
C ARG YA 197 -20.06 -33.16 94.69
N ALA YA 198 -20.78 -32.58 95.67
CA ALA YA 198 -21.49 -33.40 96.65
C ALA YA 198 -22.64 -34.16 96.00
N LYS YA 199 -23.34 -33.52 95.06
CA LYS YA 199 -24.40 -34.21 94.33
C LYS YA 199 -23.84 -35.33 93.45
N GLU YA 200 -22.68 -35.09 92.83
CA GLU YA 200 -22.07 -36.14 92.00
C GLU YA 200 -21.54 -37.28 92.85
N ALA YA 201 -21.02 -36.97 94.05
CA ALA YA 201 -20.56 -38.03 94.94
C ALA YA 201 -21.73 -38.84 95.50
N ALA YA 202 -22.87 -38.21 95.74
CA ALA YA 202 -24.05 -38.95 96.17
C ALA YA 202 -24.65 -39.74 95.02
N GLU YA 203 -24.47 -39.28 93.77
CA GLU YA 203 -25.03 -39.98 92.63
C GLU YA 203 -24.20 -41.19 92.22
N GLN YA 204 -22.87 -41.05 92.15
CA GLN YA 204 -22.01 -42.11 91.67
C GLN YA 204 -21.80 -43.25 92.66
N ASP YA 205 -22.27 -43.09 93.91
CA ASP YA 205 -22.21 -44.09 94.99
C ASP YA 205 -20.77 -44.52 95.27
N VAL ZA 1 82.09 70.81 19.50
CA VAL ZA 1 81.03 69.90 19.92
C VAL ZA 1 81.68 68.75 20.69
N PHE ZA 2 81.07 68.40 21.82
CA PHE ZA 2 81.60 67.43 22.81
C PHE ZA 2 82.99 67.84 23.29
N ARG ZA 3 83.05 69.05 23.86
CA ARG ZA 3 84.29 69.52 24.46
C ARG ZA 3 84.57 68.79 25.77
N ARG ZA 4 83.54 68.32 26.46
CA ARG ZA 4 83.70 67.64 27.72
C ARG ZA 4 83.13 66.22 27.65
N PHE ZA 5 83.65 65.39 28.55
CA PHE ZA 5 83.47 63.94 28.58
C PHE ZA 5 84.06 63.45 29.90
N VAL ZA 6 83.59 62.29 30.35
CA VAL ZA 6 84.14 61.73 31.58
C VAL ZA 6 85.51 61.13 31.26
N GLU ZA 7 86.36 61.06 32.27
CA GLU ZA 7 87.77 60.77 32.04
C GLU ZA 7 88.39 60.31 33.35
N VAL ZA 8 89.39 59.44 33.25
CA VAL ZA 8 90.21 59.11 34.41
C VAL ZA 8 91.01 60.36 34.76
N GLY ZA 9 90.61 61.03 35.84
CA GLY ZA 9 91.27 62.27 36.23
C GLY ZA 9 90.58 63.54 35.80
N ARG ZA 10 89.28 63.63 36.04
CA ARG ZA 10 88.55 64.87 35.79
C ARG ZA 10 87.71 65.25 37.01
N VAL ZA 11 87.84 66.50 37.43
CA VAL ZA 11 87.00 67.04 38.51
C VAL ZA 11 85.60 67.30 37.96
N ALA ZA 12 84.60 67.10 38.81
CA ALA ZA 12 83.21 67.21 38.41
C ALA ZA 12 82.38 67.76 39.56
N TYR ZA 13 81.47 68.67 39.25
CA TYR ZA 13 80.55 69.22 40.21
C TYR ZA 13 79.49 68.19 40.59
N VAL ZA 14 78.90 68.35 41.77
CA VAL ZA 14 77.79 67.52 42.21
C VAL ZA 14 76.59 68.43 42.48
N SER ZA 15 75.54 68.26 41.70
CA SER ZA 15 74.34 69.09 41.83
C SER ZA 15 73.31 68.47 42.76
N PHE ZA 16 72.87 67.26 42.44
CA PHE ZA 16 71.89 66.54 43.23
C PHE ZA 16 72.60 65.58 44.18
N GLY ZA 17 71.98 65.31 45.32
CA GLY ZA 17 72.46 64.29 46.22
C GLY ZA 17 72.88 64.82 47.58
N PRO ZA 18 73.44 63.94 48.42
CA PRO ZA 18 73.85 64.37 49.76
C PRO ZA 18 75.14 65.18 49.79
N HIS ZA 19 75.87 65.25 48.69
CA HIS ZA 19 77.12 65.99 48.61
C HIS ZA 19 77.02 67.13 47.61
N ALA ZA 20 75.91 67.86 47.66
CA ALA ZA 20 75.64 68.93 46.70
C ALA ZA 20 76.56 70.13 46.94
N GLY ZA 21 76.99 70.75 45.84
CA GLY ZA 21 77.90 71.86 45.92
C GLY ZA 21 79.31 71.49 46.30
N LYS ZA 22 79.69 70.22 46.11
CA LYS ZA 22 80.99 69.72 46.51
C LYS ZA 22 81.63 69.03 45.30
N LEU ZA 23 82.84 69.43 44.96
CA LEU ZA 23 83.53 68.86 43.81
C LEU ZA 23 84.03 67.46 44.13
N VAL ZA 24 83.90 66.55 43.17
CA VAL ZA 24 84.49 65.22 43.26
C VAL ZA 24 85.43 65.07 42.09
N ALA ZA 25 86.09 63.92 41.97
CA ALA ZA 25 86.94 63.65 40.84
C ALA ZA 25 86.77 62.19 40.42
N ILE ZA 26 86.55 61.97 39.13
CA ILE ZA 26 86.27 60.63 38.63
C ILE ZA 26 87.57 59.84 38.58
N VAL ZA 27 87.57 58.62 39.12
CA VAL ZA 27 88.73 57.76 39.10
C VAL ZA 27 88.59 56.75 37.97
N ASP ZA 28 87.52 55.96 38.01
CA ASP ZA 28 87.22 55.03 36.92
C ASP ZA 28 85.72 54.81 36.84
N VAL ZA 29 85.27 54.46 35.64
CA VAL ZA 29 83.87 54.19 35.38
C VAL ZA 29 83.58 52.74 35.71
N ILE ZA 30 82.56 52.49 36.50
CA ILE ZA 30 82.29 51.11 36.91
C ILE ZA 30 81.52 50.39 35.81
N ASP ZA 31 80.25 50.76 35.60
CA ASP ZA 31 79.49 50.21 34.46
C ASP ZA 31 78.38 51.19 34.08
N GLN ZA 32 78.71 52.11 33.16
CA GLN ZA 32 77.78 52.89 32.33
C GLN ZA 32 76.96 53.94 33.09
N ASN ZA 33 76.89 53.82 34.41
CA ASN ZA 33 75.96 54.64 35.18
C ASN ZA 33 76.66 55.28 36.36
N ARG ZA 34 77.64 54.58 36.94
CA ARG ZA 34 78.27 55.04 38.16
C ARG ZA 34 79.78 55.05 38.00
N ALA ZA 35 80.42 56.01 38.67
CA ALA ZA 35 81.86 56.16 38.62
C ALA ZA 35 82.38 56.31 40.05
N LEU ZA 36 83.51 55.67 40.32
CA LEU ZA 36 84.16 55.78 41.62
C LEU ZA 36 84.77 57.17 41.73
N VAL ZA 37 84.17 58.03 42.53
CA VAL ZA 37 84.64 59.40 42.68
C VAL ZA 37 85.44 59.52 43.96
N ASP ZA 38 86.24 60.58 44.05
CA ASP ZA 38 87.08 60.80 45.21
C ASP ZA 38 87.23 62.29 45.43
N GLY ZA 39 87.34 62.68 46.69
CA GLY ZA 39 87.59 64.07 47.03
C GLY ZA 39 88.79 64.22 47.93
N PRO ZA 40 89.86 64.81 47.42
CA PRO ZA 40 91.06 65.03 48.25
C PRO ZA 40 90.92 66.18 49.22
N CYS ZA 41 90.35 67.31 48.78
CA CYS ZA 41 90.32 68.52 49.57
C CYS ZA 41 88.95 69.18 49.60
N THR ZA 42 87.93 68.56 49.00
CA THR ZA 42 86.59 69.13 48.95
C THR ZA 42 85.62 68.46 49.92
N GLN ZA 43 86.16 67.85 50.99
CA GLN ZA 43 85.42 67.36 52.16
C GLN ZA 43 84.42 66.24 51.79
N VAL ZA 44 84.66 65.54 50.68
CA VAL ZA 44 83.80 64.45 50.25
C VAL ZA 44 84.63 63.17 50.22
N ARG ZA 45 84.01 62.07 50.63
CA ARG ZA 45 84.69 60.81 50.83
C ARG ZA 45 84.64 59.97 49.55
N ARG ZA 46 85.67 59.15 49.35
CA ARG ZA 46 85.82 58.30 48.17
C ARG ZA 46 84.71 57.26 48.08
N GLN ZA 47 83.86 57.37 47.06
CA GLN ZA 47 82.72 56.48 46.91
C GLN ZA 47 82.35 56.42 45.44
N ALA ZA 48 81.20 55.80 45.14
CA ALA ZA 48 80.70 55.67 43.78
C ALA ZA 48 79.43 56.49 43.64
N MET ZA 49 79.41 57.42 42.70
CA MET ZA 49 78.27 58.29 42.48
C MET ZA 49 77.85 58.24 41.02
N PRO ZA 50 76.56 58.36 40.74
CA PRO ZA 50 76.09 58.30 39.35
C PRO ZA 50 76.46 59.52 38.52
N PHE ZA 51 76.49 59.31 37.19
CA PHE ZA 51 76.84 60.38 36.27
C PHE ZA 51 75.74 61.44 36.20
N LYS ZA 52 74.48 61.01 36.24
CA LYS ZA 52 73.39 61.97 36.31
C LYS ZA 52 73.30 62.63 37.68
N CYS ZA 53 73.90 62.02 38.70
CA CYS ZA 53 74.02 62.66 40.00
C CYS ZA 53 75.13 63.70 40.01
N MET ZA 54 76.19 63.51 39.22
CA MET ZA 54 77.26 64.49 39.17
C MET ZA 54 77.04 65.46 38.01
N GLN ZA 55 77.98 66.41 37.87
CA GLN ZA 55 77.91 67.44 36.83
C GLN ZA 55 79.33 67.67 36.32
N LEU ZA 56 79.51 67.55 35.00
CA LEU ZA 56 80.84 67.60 34.41
C LEU ZA 56 81.37 69.03 34.33
N THR ZA 57 82.67 69.17 34.56
CA THR ZA 57 83.39 70.43 34.45
C THR ZA 57 84.45 70.32 33.36
N ASP ZA 58 85.32 71.32 33.27
CA ASP ZA 58 86.30 71.40 32.19
C ASP ZA 58 87.71 71.03 32.62
N PHE ZA 59 88.05 71.17 33.90
CA PHE ZA 59 89.41 70.96 34.35
C PHE ZA 59 89.73 69.46 34.46
N ILE ZA 60 90.95 69.10 34.08
CA ILE ZA 60 91.40 67.72 34.12
C ILE ZA 60 92.59 67.60 35.06
N LEU ZA 61 92.81 66.37 35.54
CA LEU ZA 61 93.92 66.06 36.41
C LEU ZA 61 94.64 64.82 35.88
N LYS ZA 62 95.90 64.67 36.28
CA LYS ZA 62 96.73 63.56 35.82
C LYS ZA 62 96.73 62.42 36.84
N PHE ZA 63 95.56 61.83 37.02
CA PHE ZA 63 95.45 60.68 37.92
C PHE ZA 63 95.96 59.42 37.23
N PRO ZA 64 96.75 58.60 37.91
CA PRO ZA 64 96.91 57.22 37.48
C PRO ZA 64 95.61 56.45 37.73
N HIS ZA 65 95.50 55.31 37.07
CA HIS ZA 65 94.29 54.50 37.18
C HIS ZA 65 94.20 53.83 38.54
N SER ZA 66 93.15 54.16 39.29
CA SER ZA 66 92.86 53.62 40.63
C SER ZA 66 94.00 53.89 41.62
N ALA ZA 67 94.44 55.14 41.66
CA ALA ZA 67 95.53 55.52 42.55
C ALA ZA 67 95.02 55.72 43.98
N HIS ZA 68 95.96 55.96 44.89
CA HIS ZA 68 95.60 56.17 46.29
C HIS ZA 68 95.03 57.57 46.50
N GLN ZA 69 94.46 57.75 47.70
CA GLN ZA 69 94.07 59.07 48.19
C GLN ZA 69 95.25 60.03 48.23
N LYS ZA 70 96.44 59.50 48.57
CA LYS ZA 70 97.65 60.30 48.62
C LYS ZA 70 98.01 60.85 47.24
N TYR ZA 71 97.96 60.00 46.22
CA TYR ZA 71 98.30 60.45 44.87
C TYR ZA 71 97.23 61.37 44.30
N VAL ZA 72 95.96 61.14 44.66
CA VAL ZA 72 94.88 62.06 44.31
C VAL ZA 72 95.13 63.44 44.92
N ARG ZA 73 95.55 63.47 46.19
CA ARG ZA 73 95.82 64.74 46.86
C ARG ZA 73 97.04 65.44 46.28
N GLN ZA 74 98.07 64.67 45.91
CA GLN ZA 74 99.25 65.27 45.31
C GLN ZA 74 98.96 65.86 43.94
N ALA ZA 75 98.16 65.16 43.12
CA ALA ZA 75 97.78 65.71 41.82
C ALA ZA 75 96.85 66.92 41.97
N TRP ZA 76 96.00 66.91 43.00
CA TRP ZA 76 95.14 68.06 43.28
C TRP ZA 76 95.95 69.29 43.65
N GLN ZA 77 96.91 69.13 44.56
CA GLN ZA 77 97.75 70.25 44.98
C GLN ZA 77 98.75 70.66 43.91
N LYS ZA 78 99.08 69.76 42.98
CA LYS ZA 78 99.90 70.17 41.84
C LYS ZA 78 99.09 70.98 40.85
N ALA ZA 79 97.83 70.59 40.61
CA ALA ZA 79 97.02 71.27 39.62
C ALA ZA 79 96.40 72.56 40.13
N ASP ZA 80 96.29 72.72 41.46
CA ASP ZA 80 95.77 73.93 42.13
C ASP ZA 80 94.33 74.22 41.69
N ILE ZA 81 93.43 73.30 42.02
CA ILE ZA 81 92.05 73.40 41.56
C ILE ZA 81 91.26 74.43 42.38
N ASN ZA 82 91.66 74.69 43.63
CA ASN ZA 82 90.83 75.51 44.51
C ASN ZA 82 90.91 77.00 44.16
N THR ZA 83 92.12 77.55 44.01
CA THR ZA 83 92.26 78.96 43.67
C THR ZA 83 91.79 79.23 42.24
N LYS ZA 84 92.11 78.33 41.32
CA LYS ZA 84 91.68 78.47 39.93
C LYS ZA 84 90.17 78.26 39.79
N TRP ZA 85 89.57 77.52 40.71
CA TRP ZA 85 88.12 77.36 40.71
C TRP ZA 85 87.42 78.55 41.31
N ALA ZA 86 88.04 79.19 42.31
CA ALA ZA 86 87.50 80.44 42.81
C ALA ZA 86 87.63 81.55 41.79
N ALA ZA 87 88.66 81.48 40.94
CA ALA ZA 87 88.89 82.49 39.93
C ALA ZA 87 88.24 82.10 38.60
N THR ZA 88 86.92 81.89 38.65
CA THR ZA 88 86.13 81.72 37.44
C THR ZA 88 84.76 82.31 37.69
N ARG ZA 89 83.99 82.47 36.60
CA ARG ZA 89 82.66 83.07 36.71
C ARG ZA 89 81.61 82.09 37.21
N TRP ZA 90 81.84 80.78 37.07
CA TRP ZA 90 80.82 79.81 37.44
C TRP ZA 90 80.67 79.73 38.95
N ALA ZA 91 81.80 79.74 39.67
CA ALA ZA 91 81.77 79.81 41.12
C ALA ZA 91 81.20 81.14 41.60
N LYS ZA 92 81.38 82.22 40.82
CA LYS ZA 92 80.74 83.48 41.16
C LYS ZA 92 79.23 83.40 41.00
N LYS ZA 93 78.75 82.64 40.02
CA LYS ZA 93 77.31 82.43 39.86
C LYS ZA 93 76.73 81.65 41.03
N ILE ZA 94 77.40 80.56 41.42
CA ILE ZA 94 76.96 79.78 42.58
C ILE ZA 94 77.05 80.60 43.87
N GLU ZA 95 78.09 81.43 44.00
CA GLU ZA 95 78.23 82.29 45.18
C GLU ZA 95 77.14 83.36 45.22
N ALA ZA 96 76.76 83.89 44.05
CA ALA ZA 96 75.69 84.88 44.00
C ALA ZA 96 74.35 84.26 44.35
N ARG ZA 97 74.11 83.02 43.93
CA ARG ZA 97 72.89 82.33 44.34
C ARG ZA 97 72.86 82.07 45.84
N GLU ZA 98 74.02 81.73 46.42
CA GLU ZA 98 74.09 81.54 47.87
C GLU ZA 98 73.88 82.86 48.61
N ARG ZA 99 74.39 83.97 48.07
CA ARG ZA 99 74.19 85.27 48.71
C ARG ZA 99 72.74 85.74 48.60
N LYS ZA 100 72.06 85.41 47.49
CA LYS ZA 100 70.64 85.70 47.39
C LYS ZA 100 69.84 84.86 48.37
N ALA ZA 101 70.26 83.62 48.60
CA ALA ZA 101 69.62 82.81 49.64
C ALA ZA 101 69.92 83.36 51.03
N LYS ZA 102 71.07 84.00 51.22
CA LYS ZA 102 71.47 84.56 52.51
C LYS ZA 102 71.17 86.06 52.62
N MET ZA 103 70.31 86.60 51.77
CA MET ZA 103 69.85 87.98 51.93
C MET ZA 103 69.02 88.14 53.21
N THR ZA 104 68.83 89.41 53.58
CA THR ZA 104 67.89 89.78 54.64
C THR ZA 104 67.06 90.97 54.14
N ASP ZA 105 66.17 91.46 54.99
CA ASP ZA 105 65.22 92.50 54.57
C ASP ZA 105 65.92 93.85 54.40
N PHE ZA 106 66.88 94.16 55.28
CA PHE ZA 106 67.65 95.38 55.15
C PHE ZA 106 68.53 95.36 53.90
N ASP ZA 107 69.09 94.18 53.60
CA ASP ZA 107 69.85 94.01 52.36
C ASP ZA 107 68.97 94.17 51.14
N ARG ZA 108 67.74 93.65 51.19
CA ARG ZA 108 66.83 93.83 50.06
C ARG ZA 108 66.40 95.27 49.90
N PHE ZA 109 66.27 96.01 51.00
CA PHE ZA 109 65.97 97.44 50.92
C PHE ZA 109 67.12 98.21 50.26
N LYS ZA 110 68.36 97.87 50.62
CA LYS ZA 110 69.51 98.51 49.99
C LYS ZA 110 69.61 98.15 48.51
N VAL ZA 111 69.35 96.89 48.17
CA VAL ZA 111 69.36 96.46 46.77
C VAL ZA 111 68.26 97.16 45.97
N MET ZA 112 67.10 97.38 46.60
CA MET ZA 112 66.00 98.03 45.89
C MET ZA 112 66.25 99.52 45.68
N LYS ZA 113 66.86 100.20 46.65
CA LYS ZA 113 67.15 101.62 46.45
C LYS ZA 113 68.29 101.83 45.45
N ALA ZA 114 69.32 100.95 45.49
CA ALA ZA 114 70.36 101.01 44.47
C ALA ZA 114 69.82 100.63 43.10
N LYS ZA 115 68.84 99.74 43.07
CA LYS ZA 115 68.16 99.34 41.84
C LYS ZA 115 67.40 100.51 41.23
N LYS ZA 116 66.67 101.26 42.06
CA LYS ZA 116 65.98 102.46 41.59
C LYS ZA 116 66.95 103.50 41.04
N MET ZA 117 68.05 103.75 41.75
CA MET ZA 117 69.01 104.76 41.31
C MET ZA 117 69.70 104.36 40.01
N ARG ZA 118 70.14 103.10 39.92
CA ARG ZA 118 70.79 102.62 38.70
C ARG ZA 118 69.83 102.60 37.52
N ASN ZA 119 68.58 102.22 37.74
CA ASN ZA 119 67.65 102.16 36.62
C ASN ZA 119 67.23 103.54 36.15
N ARG ZA 120 67.18 104.52 37.06
CA ARG ZA 120 66.93 105.89 36.62
C ARG ZA 120 68.10 106.43 35.80
N ILE ZA 121 69.33 106.16 36.22
CA ILE ZA 121 70.50 106.63 35.48
C ILE ZA 121 70.60 105.92 34.12
N ILE ZA 122 70.30 104.61 34.09
CA ILE ZA 122 70.32 103.86 32.84
C ILE ZA 122 69.23 104.34 31.88
N LYS ZA 123 68.03 104.65 32.41
CA LYS ZA 123 66.95 105.14 31.56
C LYS ZA 123 67.28 106.51 30.97
N ASN ZA 124 67.86 107.40 31.78
CA ASN ZA 124 68.27 108.70 31.25
C ASN ZA 124 69.40 108.57 30.22
N GLU ZA 125 70.32 107.64 30.43
CA GLU ZA 125 71.40 107.50 29.45
C GLU ZA 125 70.93 106.83 28.16
N VAL ZA 126 70.00 105.86 28.24
CA VAL ZA 126 69.44 105.26 27.04
C VAL ZA 126 68.63 106.29 26.25
N LYS ZA 127 67.90 107.17 26.95
CA LYS ZA 127 67.20 108.26 26.29
C LYS ZA 127 68.17 109.23 25.61
N LYS ZA 128 69.29 109.54 26.29
CA LYS ZA 128 70.29 110.44 25.72
C LYS ZA 128 70.99 109.80 24.51
N LEU ZA 129 71.25 108.50 24.57
CA LEU ZA 129 71.92 107.82 23.47
C LEU ZA 129 71.01 107.67 22.25
N GLN ZA 130 69.72 107.41 22.47
CA GLN ZA 130 68.83 107.33 21.31
C GLN ZA 130 68.54 108.72 20.73
N LYS ZA 131 68.56 109.75 21.58
CA LYS ZA 131 68.47 111.12 21.07
C LYS ZA 131 69.70 111.49 20.25
N ALA ZA 132 70.89 111.08 20.70
CA ALA ZA 132 72.11 111.32 19.95
C ALA ZA 132 72.16 110.50 18.67
N ALA ZA 133 71.58 109.29 18.68
CA ALA ZA 133 71.53 108.48 17.47
C ALA ZA 133 70.58 109.09 16.44
N LEU ZA 134 69.45 109.64 16.89
CA LEU ZA 134 68.57 110.35 15.97
C LEU ZA 134 69.21 111.63 15.45
N LEU ZA 135 69.96 112.34 16.30
CA LEU ZA 135 70.63 113.56 15.87
C LEU ZA 135 71.78 113.25 14.92
N LYS ZA 136 72.38 112.07 15.03
CA LYS ZA 136 73.43 111.65 14.10
C LYS ZA 136 72.83 111.19 12.77
N ALA ZA 137 71.71 110.47 12.81
CA ALA ZA 137 71.10 109.94 11.60
C ALA ZA 137 70.22 110.94 10.88
N SER ZA 138 69.91 112.09 11.49
CA SER ZA 138 69.10 113.11 10.83
C SER ZA 138 69.81 113.78 9.64
N PRO ZA 139 71.14 114.07 9.69
CA PRO ZA 139 71.70 114.45 8.40
C PRO ZA 139 71.90 113.25 7.46
N GLY AB 1 -71.30 -8.75 81.13
CA GLY AB 1 -71.61 -10.16 81.01
C GLY AB 1 -71.00 -10.81 79.77
N ALA AB 2 -70.97 -10.05 78.67
CA ALA AB 2 -70.63 -10.61 77.37
C ALA AB 2 -69.26 -10.18 76.85
N TYR AB 3 -68.72 -9.04 77.30
CA TYR AB 3 -67.56 -8.46 76.66
C TYR AB 3 -66.30 -9.28 76.88
N LYS AB 4 -66.22 -10.04 77.97
CA LYS AB 4 -65.09 -10.95 78.13
C LYS AB 4 -65.18 -12.11 77.15
N TYR AB 5 -66.40 -12.57 76.84
CA TYR AB 5 -66.57 -13.59 75.80
C TYR AB 5 -66.21 -13.03 74.42
N ILE AB 6 -66.56 -11.78 74.16
CA ILE AB 6 -66.23 -11.16 72.87
C ILE AB 6 -64.72 -10.99 72.76
N GLN AB 7 -64.07 -10.61 73.86
CA GLN AB 7 -62.62 -10.44 73.88
C GLN AB 7 -61.90 -11.76 73.65
N GLU AB 8 -62.32 -12.81 74.37
CA GLU AB 8 -61.66 -14.10 74.25
C GLU AB 8 -61.95 -14.75 72.90
N LEU AB 9 -63.10 -14.46 72.29
CA LEU AB 9 -63.36 -14.93 70.94
C LEU AB 9 -62.53 -14.16 69.92
N TRP AB 10 -62.27 -12.88 70.18
CA TRP AB 10 -61.46 -12.11 69.24
C TRP AB 10 -59.98 -12.45 69.33
N ARG AB 11 -59.52 -12.90 70.51
CA ARG AB 11 -58.10 -13.20 70.73
C ARG AB 11 -57.59 -14.28 69.78
N LYS AB 12 -58.23 -15.45 69.81
CA LYS AB 12 -57.88 -16.54 68.90
C LYS AB 12 -58.50 -16.28 67.53
N LYS AB 13 -57.90 -15.33 66.82
CA LYS AB 13 -58.39 -14.86 65.54
C LYS AB 13 -57.87 -15.67 64.37
N GLN AB 14 -57.41 -16.90 64.61
CA GLN AB 14 -56.99 -17.80 63.55
C GLN AB 14 -57.95 -18.99 63.42
N SER AB 15 -58.85 -19.19 64.39
CA SER AB 15 -59.75 -20.33 64.37
C SER AB 15 -60.80 -20.18 63.26
N ASP AB 16 -61.48 -21.31 62.99
CA ASP AB 16 -62.34 -21.40 61.82
C ASP AB 16 -63.62 -20.59 61.97
N VAL AB 17 -64.11 -20.43 63.20
CA VAL AB 17 -65.32 -19.66 63.42
C VAL AB 17 -65.07 -18.16 63.21
N MET AB 18 -63.83 -17.71 63.39
CA MET AB 18 -63.53 -16.29 63.23
C MET AB 18 -62.98 -15.97 61.84
N ARG AB 19 -62.21 -16.87 61.23
CA ARG AB 19 -61.53 -16.53 59.99
C ARG AB 19 -62.50 -16.42 58.82
N PHE AB 20 -63.64 -17.12 58.87
CA PHE AB 20 -64.68 -16.94 57.86
C PHE AB 20 -65.26 -15.53 57.93
N LEU AB 21 -65.64 -15.09 59.13
CA LEU AB 21 -66.17 -13.74 59.31
C LEU AB 21 -65.14 -12.68 58.97
N LEU AB 22 -63.87 -12.96 59.27
CA LEU AB 22 -62.80 -12.04 58.93
C LEU AB 22 -62.61 -11.93 57.42
N ARG AB 23 -62.71 -13.05 56.69
CA ARG AB 23 -62.60 -13.02 55.24
C ARG AB 23 -63.78 -12.31 54.60
N VAL AB 24 -64.99 -12.54 55.11
CA VAL AB 24 -66.18 -11.85 54.60
C VAL AB 24 -66.09 -10.35 54.85
N ARG AB 25 -65.65 -9.96 56.05
CA ARG AB 25 -65.51 -8.54 56.35
C ARG AB 25 -64.38 -7.89 55.56
N CYS AB 26 -63.29 -8.61 55.27
CA CYS AB 26 -62.23 -8.04 54.45
C CYS AB 26 -62.69 -7.85 53.01
N TRP AB 27 -63.47 -8.80 52.47
CA TRP AB 27 -64.02 -8.62 51.13
C TRP AB 27 -65.00 -7.45 51.07
N GLN AB 28 -65.86 -7.33 52.09
CA GLN AB 28 -66.82 -6.23 52.16
C GLN AB 28 -66.12 -4.88 52.27
N TYR AB 29 -65.11 -4.79 53.13
CA TYR AB 29 -64.46 -3.51 53.36
C TYR AB 29 -63.53 -3.15 52.22
N ARG AB 30 -63.05 -4.15 51.47
CA ARG AB 30 -62.24 -3.89 50.28
C ARG AB 30 -63.11 -3.41 49.14
N GLN AB 31 -64.31 -3.98 49.00
CA GLN AB 31 -65.23 -3.50 47.96
C GLN AB 31 -65.97 -2.24 48.36
N LEU AB 32 -65.87 -1.80 49.62
CA LEU AB 32 -66.29 -0.46 50.01
C LEU AB 32 -65.28 0.60 49.57
N SER AB 33 -65.47 1.83 50.02
CA SER AB 33 -64.59 2.94 49.67
C SER AB 33 -63.37 2.95 50.58
N ALA AB 34 -62.59 4.03 50.51
CA ALA AB 34 -61.36 4.14 51.28
C ALA AB 34 -61.60 4.71 52.67
N LEU AB 35 -62.31 5.84 52.76
CA LEU AB 35 -62.58 6.52 54.02
C LEU AB 35 -64.06 6.81 54.10
N HIS AB 36 -64.76 6.16 55.03
CA HIS AB 36 -66.18 6.45 55.19
C HIS AB 36 -66.58 6.24 56.64
N ARG AB 37 -67.88 6.33 56.90
CA ARG AB 37 -68.40 6.33 58.26
C ARG AB 37 -69.16 5.04 58.51
N ALA AB 38 -68.75 4.31 59.52
CA ALA AB 38 -69.55 3.19 60.00
C ALA AB 38 -70.47 3.67 61.11
N PRO AB 39 -71.78 3.41 61.02
CA PRO AB 39 -72.71 3.98 62.01
C PRO AB 39 -72.65 3.33 63.37
N ARG AB 40 -71.96 2.20 63.51
CA ARG AB 40 -71.81 1.52 64.78
C ARG AB 40 -70.54 0.69 64.73
N PRO AB 41 -69.86 0.49 65.86
CA PRO AB 41 -68.60 -0.27 65.85
C PRO AB 41 -68.86 -1.75 65.59
N THR AB 42 -67.99 -2.36 64.80
CA THR AB 42 -68.03 -3.80 64.58
C THR AB 42 -67.30 -4.57 65.68
N ARG AB 43 -66.51 -3.88 66.50
CA ARG AB 43 -65.88 -4.47 67.69
C ARG AB 43 -66.33 -3.65 68.89
N PRO AB 44 -67.46 -4.01 69.52
CA PRO AB 44 -67.97 -3.20 70.64
C PRO AB 44 -67.09 -3.23 71.87
N ASP AB 45 -66.49 -4.38 72.19
CA ASP AB 45 -65.61 -4.46 73.36
C ASP AB 45 -64.34 -3.64 73.18
N LYS AB 46 -63.71 -3.74 72.00
CA LYS AB 46 -62.48 -3.00 71.75
C LYS AB 46 -62.76 -1.51 71.61
N ALA AB 47 -63.88 -1.16 70.99
CA ALA AB 47 -64.26 0.26 70.89
C ALA AB 47 -64.57 0.84 72.26
N ARG AB 48 -65.23 0.07 73.13
CA ARG AB 48 -65.57 0.58 74.45
C ARG AB 48 -64.35 0.66 75.35
N ARG AB 49 -63.38 -0.25 75.20
CA ARG AB 49 -62.16 -0.14 75.99
C ARG AB 49 -61.18 0.88 75.44
N LEU AB 50 -61.36 1.30 74.18
CA LEU AB 50 -60.63 2.47 73.69
C LEU AB 50 -61.35 3.78 73.98
N GLY AB 51 -62.65 3.75 74.26
CA GLY AB 51 -63.33 4.96 74.67
C GLY AB 51 -64.68 5.25 74.01
N TYR AB 52 -65.23 4.29 73.28
CA TYR AB 52 -66.55 4.48 72.68
C TYR AB 52 -67.64 4.26 73.73
N LYS AB 53 -68.54 5.22 73.86
CA LYS AB 53 -69.77 5.08 74.62
C LYS AB 53 -70.93 5.34 73.69
N ALA AB 54 -71.95 4.48 73.73
CA ALA AB 54 -73.06 4.55 72.79
C ALA AB 54 -73.96 5.72 73.16
N LYS AB 55 -73.58 6.90 72.68
CA LYS AB 55 -74.36 8.11 72.88
C LYS AB 55 -74.13 9.03 71.70
N GLN AB 56 -74.84 10.17 71.70
CA GLN AB 56 -74.79 11.10 70.59
C GLN AB 56 -73.49 11.90 70.64
N GLY AB 57 -72.67 11.76 69.60
CA GLY AB 57 -71.46 12.55 69.50
C GLY AB 57 -70.24 11.77 69.07
N TYR AB 58 -70.17 10.49 69.43
CA TYR AB 58 -69.00 9.67 69.12
C TYR AB 58 -69.18 9.06 67.74
N VAL AB 59 -68.16 9.20 66.89
CA VAL AB 59 -68.24 8.86 65.48
C VAL AB 59 -67.25 7.72 65.22
N ILE AB 60 -67.66 6.74 64.42
CA ILE AB 60 -66.77 5.67 63.99
C ILE AB 60 -66.53 5.81 62.50
N TYR AB 61 -65.27 5.98 62.11
CA TYR AB 61 -64.88 5.88 60.71
C TYR AB 61 -64.25 4.53 60.42
N ARG AB 62 -64.45 4.07 59.20
CA ARG AB 62 -63.75 2.92 58.66
C ARG AB 62 -62.83 3.41 57.56
N ILE AB 63 -61.56 2.98 57.63
CA ILE AB 63 -60.51 3.55 56.81
C ILE AB 63 -59.62 2.42 56.31
N ARG AB 64 -59.12 2.59 55.09
CA ARG AB 64 -58.32 1.59 54.38
C ARG AB 64 -56.98 2.18 54.00
N VAL AB 65 -55.89 1.53 54.41
CA VAL AB 65 -54.55 1.94 54.02
C VAL AB 65 -53.88 0.78 53.29
N ARG AB 66 -52.74 1.06 52.67
CA ARG AB 66 -51.96 0.03 52.02
C ARG AB 66 -50.81 -0.45 52.88
N ARG AB 67 -50.51 -1.74 52.77
CA ARG AB 67 -49.40 -2.35 53.48
C ARG AB 67 -48.09 -2.14 52.73
N GLY AB 68 -47.00 -2.41 53.42
CA GLY AB 68 -45.68 -2.35 52.83
C GLY AB 68 -44.93 -1.08 53.23
N GLY AB 69 -43.62 -1.14 53.10
CA GLY AB 69 -42.79 0.01 53.36
C GLY AB 69 -42.91 1.05 52.27
N ARG AB 70 -42.33 2.22 52.53
CA ARG AB 70 -42.42 3.32 51.58
C ARG AB 70 -41.22 3.30 50.64
N LYS AB 71 -41.44 3.84 49.44
CA LYS AB 71 -40.40 4.01 48.46
C LYS AB 71 -39.98 5.48 48.46
N ARG AB 72 -38.69 5.72 48.31
CA ARG AB 72 -38.17 7.08 48.34
C ARG AB 72 -38.60 7.84 47.09
N PRO AB 73 -39.12 9.06 47.21
CA PRO AB 73 -39.72 9.74 46.05
C PRO AB 73 -38.74 10.36 45.06
N VAL AB 74 -37.47 9.97 45.13
CA VAL AB 74 -36.45 10.49 44.20
C VAL AB 74 -36.70 9.92 42.81
N PRO AB 75 -36.42 10.69 41.75
CA PRO AB 75 -36.69 10.19 40.39
C PRO AB 75 -35.68 9.15 39.95
N LYS AB 76 -36.18 8.05 39.39
CA LYS AB 76 -35.41 6.94 38.79
C LYS AB 76 -34.47 6.26 39.78
N GLY AB 77 -34.77 6.33 41.08
CA GLY AB 77 -33.95 5.68 42.09
C GLY AB 77 -32.57 6.26 42.28
N ALA AB 78 -32.36 7.52 41.89
CA ALA AB 78 -31.07 8.16 42.03
C ALA AB 78 -31.08 9.05 43.27
N THR AB 79 -30.07 8.88 44.12
CA THR AB 79 -30.01 9.55 45.41
C THR AB 79 -29.11 10.79 45.39
N TYR AB 80 -28.02 10.75 44.61
CA TYR AB 80 -27.00 11.80 44.51
C TYR AB 80 -26.35 12.06 45.87
N GLY AB 81 -25.66 11.04 46.36
CA GLY AB 81 -24.95 11.18 47.61
C GLY AB 81 -23.95 10.06 47.81
N LYS AB 82 -23.62 9.82 49.08
CA LYS AB 82 -22.72 8.76 49.45
C LYS AB 82 -23.42 7.41 49.30
N PRO AB 83 -22.67 6.28 49.34
CA PRO AB 83 -23.34 4.96 49.31
C PRO AB 83 -24.11 4.56 50.56
N VAL AB 84 -24.28 5.49 51.51
CA VAL AB 84 -25.13 5.22 52.66
C VAL AB 84 -26.60 5.17 52.24
N HIS AB 85 -26.99 5.99 51.26
CA HIS AB 85 -28.39 6.33 51.06
C HIS AB 85 -28.95 5.87 49.72
N HIS AB 86 -28.26 4.99 48.99
CA HIS AB 86 -28.79 4.50 47.73
C HIS AB 86 -29.92 3.48 47.88
N GLY AB 87 -30.29 3.11 49.10
CA GLY AB 87 -31.36 2.16 49.30
C GLY AB 87 -32.72 2.77 49.09
N VAL AB 88 -33.07 3.04 47.83
CA VAL AB 88 -34.36 3.64 47.49
C VAL AB 88 -35.50 2.67 47.78
N ASN AB 89 -35.26 1.36 47.58
CA ASN AB 89 -36.33 0.37 47.68
C ASN AB 89 -36.77 0.14 49.12
N GLN AB 90 -35.87 0.34 50.09
CA GLN AB 90 -36.18 0.02 51.49
C GLN AB 90 -35.97 1.22 52.40
N LEU AB 91 -37.02 2.03 52.55
CA LEU AB 91 -37.19 2.91 53.70
C LEU AB 91 -38.44 2.43 54.40
N LYS AB 92 -38.32 2.09 55.68
CA LYS AB 92 -39.38 1.33 56.34
C LYS AB 92 -40.22 2.16 57.31
N PHE AB 93 -40.08 3.49 57.29
CA PHE AB 93 -41.13 4.41 57.76
C PHE AB 93 -41.57 4.26 59.20
N ALA AB 94 -40.80 4.83 60.14
CA ALA AB 94 -40.97 4.69 61.59
C ALA AB 94 -42.37 4.92 62.19
N ARG AB 95 -43.31 5.49 61.46
CA ARG AB 95 -44.69 5.54 61.94
C ARG AB 95 -45.45 4.28 61.54
N SER AB 96 -46.42 3.91 62.37
CA SER AB 96 -47.23 2.73 62.09
C SER AB 96 -48.38 3.08 61.14
N LEU AB 97 -48.91 2.05 60.48
CA LEU AB 97 -50.03 2.24 59.57
C LEU AB 97 -51.30 2.61 60.32
N GLN AB 98 -51.39 2.21 61.60
CA GLN AB 98 -52.49 2.67 62.44
C GLN AB 98 -52.42 4.17 62.67
N SER AB 99 -51.20 4.70 62.85
CA SER AB 99 -51.02 6.15 62.96
C SER AB 99 -51.28 6.85 61.64
N VAL AB 100 -50.97 6.19 60.52
CA VAL AB 100 -51.29 6.74 59.20
C VAL AB 100 -52.81 6.84 59.02
N ALA AB 101 -53.53 5.82 59.47
CA ALA AB 101 -54.99 5.84 59.41
C ALA AB 101 -55.57 6.93 60.31
N GLU AB 102 -54.97 7.13 61.49
CA GLU AB 102 -55.42 8.21 62.37
C GLU AB 102 -55.18 9.58 61.74
N GLU AB 103 -54.01 9.76 61.10
CA GLU AB 103 -53.72 11.01 60.40
C GLU AB 103 -54.71 11.28 59.29
N ARG AB 104 -55.00 10.26 58.47
CA ARG AB 104 -55.88 10.45 57.32
C ARG AB 104 -57.31 10.73 57.77
N ALA AB 105 -57.78 10.03 58.82
CA ALA AB 105 -59.13 10.26 59.33
C ALA AB 105 -59.28 11.65 59.93
N GLY AB 106 -58.34 12.04 60.80
CA GLY AB 106 -58.45 13.35 61.43
C GLY AB 106 -58.20 14.51 60.49
N ARG AB 107 -57.39 14.29 59.44
CA ARG AB 107 -57.14 15.36 58.48
C ARG AB 107 -58.26 15.49 57.47
N HIS AB 108 -58.94 14.38 57.13
CA HIS AB 108 -60.14 14.48 56.34
C HIS AB 108 -61.27 15.12 57.14
N CYS AB 109 -61.31 14.90 58.47
CA CYS AB 109 -62.29 15.55 59.34
C CYS AB 109 -61.54 16.18 60.51
N GLY AB 110 -61.02 17.39 60.29
CA GLY AB 110 -60.40 18.16 61.35
C GLY AB 110 -61.35 18.71 62.38
N ALA AB 111 -62.66 18.72 62.08
CA ALA AB 111 -63.64 19.15 63.06
C ALA AB 111 -63.80 18.16 64.20
N LEU AB 112 -63.45 16.90 63.97
CA LEU AB 112 -63.53 15.86 64.99
C LEU AB 112 -62.20 15.78 65.74
N ARG AB 113 -62.13 14.90 66.74
CA ARG AB 113 -60.91 14.69 67.51
C ARG AB 113 -60.63 13.19 67.54
N VAL AB 114 -59.45 12.80 67.08
CA VAL AB 114 -59.10 11.38 67.01
C VAL AB 114 -58.83 10.88 68.43
N LEU AB 115 -59.69 10.00 68.93
CA LEU AB 115 -59.44 9.41 70.24
C LEU AB 115 -58.49 8.21 70.12
N ASN AB 116 -58.91 7.17 69.42
CA ASN AB 116 -58.15 5.94 69.24
C ASN AB 116 -58.58 5.30 67.92
N SER AB 117 -58.03 4.11 67.66
CA SER AB 117 -58.32 3.35 66.45
C SER AB 117 -57.90 1.91 66.68
N TYR AB 118 -58.45 1.01 65.88
CA TYR AB 118 -58.18 -0.41 66.05
C TYR AB 118 -58.30 -1.16 64.74
N TRP AB 119 -57.64 -2.32 64.69
CA TRP AB 119 -57.55 -3.14 63.49
C TRP AB 119 -58.82 -3.97 63.30
N VAL AB 120 -59.29 -4.09 62.06
CA VAL AB 120 -60.45 -4.94 61.79
C VAL AB 120 -60.20 -5.89 60.63
N GLY AB 121 -59.16 -5.67 59.83
CA GLY AB 121 -58.95 -6.55 58.69
C GLY AB 121 -57.66 -6.44 57.90
N GLU AB 122 -57.26 -7.56 57.29
CA GLU AB 122 -56.13 -7.60 56.37
C GLU AB 122 -56.38 -8.72 55.35
N ASP AB 123 -55.97 -8.53 54.10
CA ASP AB 123 -55.88 -9.65 53.18
C ASP AB 123 -54.46 -9.86 52.65
N SER AB 124 -53.94 -8.95 51.84
CA SER AB 124 -52.53 -8.95 51.47
C SER AB 124 -51.98 -7.53 51.49
N THR AB 125 -52.81 -6.60 51.02
CA THR AB 125 -52.37 -5.26 50.66
C THR AB 125 -53.08 -4.19 51.46
N TYR AB 126 -54.40 -4.27 51.58
CA TYR AB 126 -55.16 -3.24 52.27
C TYR AB 126 -55.35 -3.63 53.72
N LYS AB 127 -54.94 -2.75 54.62
CA LYS AB 127 -55.08 -2.92 56.06
C LYS AB 127 -56.20 -2.00 56.53
N PHE AB 128 -57.13 -2.55 57.31
CA PHE AB 128 -58.40 -1.90 57.60
C PHE AB 128 -58.46 -1.50 59.08
N PHE AB 129 -58.81 -0.25 59.33
CA PHE AB 129 -58.91 0.25 60.69
C PHE AB 129 -60.26 0.93 60.91
N GLU AB 130 -60.67 0.95 62.17
CA GLU AB 130 -61.83 1.73 62.60
C GLU AB 130 -61.38 2.71 63.67
N VAL AB 131 -61.72 3.98 63.46
CA VAL AB 131 -61.21 5.10 64.24
C VAL AB 131 -62.37 5.72 64.99
N ILE AB 132 -62.20 5.94 66.30
CA ILE AB 132 -63.18 6.64 67.11
C ILE AB 132 -62.84 8.13 67.14
N LEU AB 133 -63.86 8.95 66.87
CA LEU AB 133 -63.75 10.39 66.81
C LEU AB 133 -64.70 11.00 67.83
N ILE AB 134 -64.27 12.09 68.44
CA ILE AB 134 -65.02 12.78 69.47
C ILE AB 134 -65.42 14.13 68.90
N ASP AB 135 -66.68 14.52 69.10
CA ASP AB 135 -67.14 15.80 68.59
C ASP AB 135 -67.03 16.85 69.69
N PRO AB 136 -66.11 17.81 69.59
CA PRO AB 136 -65.89 18.74 70.69
C PRO AB 136 -66.92 19.85 70.83
N PHE AB 137 -68.06 19.78 70.17
CA PHE AB 137 -69.06 20.83 70.27
C PHE AB 137 -70.48 20.30 70.44
N HIS AB 138 -70.65 18.98 70.50
CA HIS AB 138 -71.94 18.43 70.91
C HIS AB 138 -72.10 18.60 72.42
N LYS AB 139 -73.35 18.80 72.83
CA LYS AB 139 -73.61 19.18 74.23
C LYS AB 139 -73.36 18.02 75.19
N ALA AB 140 -73.55 16.78 74.74
CA ALA AB 140 -73.29 15.62 75.58
C ALA AB 140 -71.79 15.39 75.82
N ILE AB 141 -70.93 16.03 75.04
CA ILE AB 141 -69.49 15.90 75.20
C ILE AB 141 -68.96 17.16 75.88
N ARG AB 142 -69.65 18.29 75.67
CA ARG AB 142 -69.29 19.50 76.40
C ARG AB 142 -69.72 19.41 77.87
N ARG AB 143 -70.75 18.63 78.17
CA ARG AB 143 -71.04 18.23 79.54
C ARG AB 143 -70.27 16.94 79.83
N ASN AB 144 -70.61 16.26 80.94
CA ASN AB 144 -70.05 14.97 81.37
C ASN AB 144 -68.54 15.10 81.55
N PRO AB 145 -68.06 15.73 82.64
CA PRO AB 145 -66.69 16.25 82.69
C PRO AB 145 -65.57 15.21 82.75
N ASP AB 146 -65.87 13.93 82.53
CA ASP AB 146 -64.85 12.94 82.23
C ASP AB 146 -64.46 12.93 80.76
N THR AB 147 -64.99 13.87 79.98
CA THR AB 147 -64.73 13.94 78.54
C THR AB 147 -64.29 15.34 78.11
N GLN AB 148 -64.41 16.33 78.99
CA GLN AB 148 -64.13 17.73 78.65
C GLN AB 148 -62.65 18.03 78.41
N TRP AB 149 -61.75 17.07 78.63
CA TRP AB 149 -60.34 17.32 78.36
C TRP AB 149 -60.05 17.43 76.87
N ILE AB 150 -60.82 16.73 76.03
CA ILE AB 150 -60.57 16.75 74.59
C ILE AB 150 -61.21 17.96 73.93
N THR AB 151 -62.10 18.65 74.63
CA THR AB 151 -62.70 19.88 74.13
C THR AB 151 -61.71 21.04 74.20
N LYS AB 152 -60.74 20.97 75.11
CA LYS AB 152 -59.73 22.01 75.27
C LYS AB 152 -58.85 22.10 74.01
N PRO AB 153 -58.42 23.31 73.65
CA PRO AB 153 -57.69 23.47 72.37
C PRO AB 153 -56.27 22.93 72.36
N VAL AB 154 -55.76 22.40 73.47
CA VAL AB 154 -54.45 21.75 73.44
C VAL AB 154 -54.51 20.34 72.88
N HIS AB 155 -55.70 19.80 72.65
CA HIS AB 155 -55.88 18.47 72.08
C HIS AB 155 -56.35 18.53 70.62
N LYS AB 156 -56.16 19.66 69.96
CA LYS AB 156 -56.52 19.75 68.54
C LYS AB 156 -55.48 19.00 67.70
N HIS AB 157 -55.96 18.06 66.89
CA HIS AB 157 -55.16 17.22 65.98
C HIS AB 157 -54.09 16.43 66.76
N ARG AB 158 -54.58 15.52 67.59
CA ARG AB 158 -53.68 14.60 68.28
C ARG AB 158 -53.01 13.64 67.32
N GLU AB 159 -53.68 13.31 66.21
CA GLU AB 159 -53.21 12.30 65.27
C GLU AB 159 -51.96 12.73 64.51
N MET AB 160 -51.72 14.03 64.37
CA MET AB 160 -50.56 14.52 63.65
C MET AB 160 -49.46 15.05 64.57
N ARG AB 161 -49.71 15.14 65.87
CA ARG AB 161 -48.66 15.42 66.83
C ARG AB 161 -48.21 14.16 67.57
N GLY AB 162 -48.94 13.07 67.46
CA GLY AB 162 -48.52 11.83 68.08
C GLY AB 162 -48.92 11.74 69.54
N LEU AB 163 -50.21 11.84 69.81
CA LEU AB 163 -50.72 11.80 71.18
C LEU AB 163 -51.61 10.61 71.45
N THR AB 164 -51.99 9.82 70.45
CA THR AB 164 -52.84 8.67 70.64
C THR AB 164 -52.00 7.47 71.07
N SER AB 165 -52.64 6.29 71.15
CA SER AB 165 -51.94 5.09 71.58
C SER AB 165 -50.94 4.63 70.51
N ALA AB 166 -51.38 4.56 69.26
CA ALA AB 166 -50.47 4.22 68.16
C ALA AB 166 -49.43 5.32 67.94
N GLY AB 167 -49.79 6.57 68.23
CA GLY AB 167 -48.82 7.66 68.15
C GLY AB 167 -47.70 7.53 69.16
N ARG AB 168 -48.04 7.24 70.42
CA ARG AB 168 -47.03 7.03 71.45
C ARG AB 168 -46.22 5.78 71.17
N LYS AB 169 -46.87 4.72 70.65
CA LYS AB 169 -46.17 3.48 70.35
C LYS AB 169 -45.25 3.64 69.14
N SER AB 170 -45.52 4.61 68.27
CA SER AB 170 -44.59 4.92 67.18
C SER AB 170 -43.48 5.86 67.62
N ARG AB 171 -43.76 6.77 68.57
CA ARG AB 171 -42.72 7.62 69.12
C ARG AB 171 -41.72 6.83 69.95
N GLY AB 172 -42.18 5.79 70.63
CA GLY AB 172 -41.30 4.92 71.39
C GLY AB 172 -40.81 5.54 72.68
N LEU AB 173 -41.73 5.90 73.56
CA LEU AB 173 -41.41 6.44 74.87
C LEU AB 173 -41.85 5.49 75.97
N GLY AB 174 -41.43 5.80 77.18
CA GLY AB 174 -41.75 4.99 78.33
C GLY AB 174 -40.63 5.04 79.34
N LYS AB 175 -40.94 4.54 80.54
CA LYS AB 175 -39.97 4.50 81.62
C LYS AB 175 -39.17 3.22 81.53
N GLY AB 176 -37.85 3.34 81.59
CA GLY AB 176 -37.00 2.17 81.54
C GLY AB 176 -35.59 2.50 81.13
N HIS AB 177 -34.74 1.47 81.19
CA HIS AB 177 -33.39 1.59 80.65
C HIS AB 177 -33.35 1.40 79.14
N LYS AB 178 -34.47 1.04 78.53
CA LYS AB 178 -34.56 0.86 77.09
C LYS AB 178 -35.05 2.11 76.38
N PHE AB 179 -35.14 3.24 77.08
CA PHE AB 179 -35.70 4.45 76.49
C PHE AB 179 -34.88 5.68 76.89
N HIS AB 180 -33.56 5.54 76.95
CA HIS AB 180 -32.73 6.70 77.26
C HIS AB 180 -32.49 7.61 76.06
N HIS AB 181 -32.86 7.17 74.86
CA HIS AB 181 -32.70 8.01 73.68
C HIS AB 181 -33.66 9.19 73.71
N THR AB 182 -34.91 8.94 74.11
CA THR AB 182 -35.87 10.01 74.41
C THR AB 182 -36.10 9.99 75.92
N ILE AB 183 -35.20 10.66 76.64
CA ILE AB 183 -35.23 10.59 78.09
C ILE AB 183 -36.38 11.41 78.67
N GLY AB 184 -36.79 12.49 77.99
CA GLY AB 184 -37.88 13.29 78.50
C GLY AB 184 -38.60 14.09 77.43
N GLY AB 185 -39.93 13.96 77.39
CA GLY AB 185 -40.71 14.71 76.44
C GLY AB 185 -40.67 14.12 75.05
N SER AB 186 -39.54 14.27 74.36
CA SER AB 186 -39.37 13.76 73.01
C SER AB 186 -37.89 13.57 72.74
N ARG AB 187 -37.59 12.90 71.63
CA ARG AB 187 -36.20 12.66 71.27
C ARG AB 187 -35.49 13.95 70.87
N ARG AB 188 -36.22 14.92 70.33
CA ARG AB 188 -35.58 16.20 70.02
C ARG AB 188 -35.34 17.03 71.28
N ALA AB 189 -36.21 16.93 72.29
CA ALA AB 189 -35.93 17.58 73.56
C ALA AB 189 -34.77 16.91 74.29
N ALA AB 190 -34.64 15.59 74.16
CA ALA AB 190 -33.49 14.89 74.74
C ALA AB 190 -32.20 15.27 74.02
N TRP AB 191 -32.26 15.41 72.69
CA TRP AB 191 -31.11 15.87 71.91
C TRP AB 191 -30.73 17.29 72.29
N ARG AB 192 -31.73 18.14 72.55
CA ARG AB 192 -31.50 19.51 72.98
C ARG AB 192 -30.82 19.56 74.34
N ARG AB 193 -31.35 18.79 75.31
CA ARG AB 193 -30.76 18.81 76.65
C ARG AB 193 -29.42 18.10 76.71
N ARG AB 194 -29.09 17.23 75.75
CA ARG AB 194 -27.80 16.57 75.75
C ARG AB 194 -26.77 17.24 74.88
N ASN AB 195 -27.16 18.15 73.97
CA ASN AB 195 -26.19 18.92 73.22
C ASN AB 195 -26.32 20.42 73.46
N THR AB 196 -26.97 20.81 74.55
CA THR AB 196 -26.91 22.20 75.00
C THR AB 196 -25.54 22.48 75.61
N LEU AB 197 -24.78 23.35 74.96
CA LEU AB 197 -23.49 23.77 75.53
C LEU AB 197 -23.80 24.84 76.55
N GLN AB 198 -23.99 24.40 77.80
CA GLN AB 198 -24.47 25.29 78.84
C GLN AB 198 -23.33 26.12 79.39
N LEU AB 199 -23.54 27.43 79.49
CA LEU AB 199 -22.52 28.35 79.98
C LEU AB 199 -23.11 29.22 81.07
N HIS AB 200 -22.27 29.57 82.05
CA HIS AB 200 -22.70 30.37 83.18
C HIS AB 200 -21.84 31.63 83.23
N ARG AB 201 -22.35 32.63 83.97
CA ARG AB 201 -21.60 33.83 84.29
C ARG AB 201 -20.28 33.50 84.97
N TYR AB 202 -20.34 32.87 86.14
CA TYR AB 202 -19.17 32.44 86.87
C TYR AB 202 -18.72 31.08 86.35
N ARG AB 203 -17.46 30.99 85.94
CA ARG AB 203 -16.93 29.76 85.38
C ARG AB 203 -15.67 29.30 86.11
N GLN BB 1 47.35 84.98 36.75
CA GLN BB 1 46.11 85.19 36.04
C GLN BB 1 46.02 84.29 34.80
N VAL BB 2 46.48 84.83 33.68
CA VAL BB 2 46.45 84.11 32.41
C VAL BB 2 47.80 83.42 32.20
N LEU BB 3 47.73 82.22 31.62
CA LEU BB 3 48.90 81.37 31.36
C LEU BB 3 48.89 81.05 29.87
N VAL BB 4 49.62 81.84 29.09
CA VAL BB 4 49.69 81.64 27.64
C VAL BB 4 50.81 80.63 27.37
N LEU BB 5 50.43 79.45 26.90
CA LEU BB 5 51.35 78.33 26.71
C LEU BB 5 51.66 78.14 25.23
N ASP BB 6 52.93 77.84 24.95
CA ASP BB 6 53.33 77.40 23.63
C ASP BB 6 52.79 75.99 23.37
N GLY BB 7 52.70 75.64 22.09
CA GLY BB 7 52.34 74.28 21.73
C GLY BB 7 53.39 73.63 20.85
N ARG BB 8 54.39 74.42 20.44
CA ARG BB 8 55.46 73.93 19.58
C ARG BB 8 56.39 73.03 20.38
N GLY BB 9 56.34 71.73 20.11
CA GLY BB 9 57.21 70.79 20.77
C GLY BB 9 56.70 70.20 22.06
N HIS BB 10 55.39 70.19 22.26
CA HIS BB 10 54.78 69.61 23.45
C HIS BB 10 54.04 68.33 23.08
N LEU BB 11 53.76 67.52 24.11
CA LEU BB 11 53.03 66.28 23.93
C LEU BB 11 51.59 66.46 24.37
N LEU BB 12 50.69 65.72 23.70
CA LEU BB 12 49.25 65.90 23.87
C LEU BB 12 48.80 65.50 25.26
N GLY BB 13 49.13 64.29 25.70
CA GLY BB 13 48.67 63.82 26.99
C GLY BB 13 49.32 64.54 28.16
N ARG BB 14 50.62 64.85 28.04
CA ARG BB 14 51.33 65.54 29.11
C ARG BB 14 50.83 66.97 29.26
N LEU BB 15 50.68 67.68 28.13
CA LEU BB 15 50.18 69.04 28.18
C LEU BB 15 48.72 69.07 28.63
N ALA BB 16 47.93 68.08 28.24
CA ALA BB 16 46.54 68.01 28.68
C ALA BB 16 46.45 67.71 30.17
N ALA BB 17 47.38 66.90 30.71
CA ALA BB 17 47.39 66.63 32.15
C ALA BB 17 47.73 67.88 32.95
N ILE BB 18 48.74 68.63 32.50
CA ILE BB 18 49.16 69.81 33.25
C ILE BB 18 48.11 70.93 33.12
N VAL BB 19 47.50 71.08 31.94
CA VAL BB 19 46.46 72.08 31.75
C VAL BB 19 45.20 71.71 32.52
N ALA BB 20 44.80 70.44 32.50
CA ALA BB 20 43.60 70.02 33.23
C ALA BB 20 43.81 70.04 34.73
N LYS BB 21 45.05 69.93 35.21
CA LYS BB 21 45.26 70.11 36.64
C LYS BB 21 45.27 71.59 37.03
N GLN BB 22 45.89 72.43 36.19
CA GLN BB 22 46.00 73.85 36.55
C GLN BB 22 44.76 74.66 36.21
N VAL BB 23 43.79 74.10 35.49
CA VAL BB 23 42.58 74.86 35.21
C VAL BB 23 41.53 74.65 36.29
N LEU BB 24 41.61 73.58 37.08
CA LEU BB 24 40.70 73.39 38.19
C LEU BB 24 41.02 74.28 39.37
N LEU BB 25 42.24 74.82 39.43
CA LEU BB 25 42.61 75.71 40.53
C LEU BB 25 42.20 77.15 40.29
N GLY BB 26 41.93 77.52 39.04
CA GLY BB 26 41.45 78.86 38.72
C GLY BB 26 42.36 79.66 37.82
N ARG BB 27 43.58 79.20 37.54
CA ARG BB 27 44.49 79.94 36.68
C ARG BB 27 44.03 79.80 35.24
N LYS BB 28 43.66 80.91 34.61
CA LYS BB 28 43.05 80.88 33.28
C LYS BB 28 44.15 80.61 32.27
N VAL BB 29 44.18 79.38 31.76
CA VAL BB 29 45.26 78.91 30.90
C VAL BB 29 44.77 78.86 29.46
N VAL BB 30 45.62 79.28 28.53
CA VAL BB 30 45.32 79.29 27.11
C VAL BB 30 46.47 78.66 26.36
N VAL BB 31 46.20 77.57 25.64
CA VAL BB 31 47.21 76.86 24.88
C VAL BB 31 47.17 77.39 23.44
N VAL BB 32 48.24 78.04 23.02
CA VAL BB 32 48.35 78.65 21.71
C VAL BB 32 49.35 77.81 20.92
N ARG BB 33 49.32 77.93 19.58
CA ARG BB 33 50.06 77.09 18.63
C ARG BB 33 49.72 75.61 18.83
N CYS BB 34 48.42 75.31 18.77
CA CYS BB 34 47.98 73.96 19.03
C CYS BB 34 48.28 73.01 17.88
N GLU BB 35 48.54 73.55 16.68
CA GLU BB 35 48.85 72.71 15.52
C GLU BB 35 50.23 72.08 15.59
N GLY BB 36 51.10 72.56 16.48
CA GLY BB 36 52.44 72.01 16.63
C GLY BB 36 52.61 71.05 17.77
N ILE BB 37 51.54 70.59 18.41
CA ILE BB 37 51.65 69.67 19.53
C ILE BB 37 51.94 68.27 19.01
N ASN BB 38 53.08 67.71 19.42
CA ASN BB 38 53.51 66.42 18.93
C ASN BB 38 52.77 65.30 19.64
N ILE BB 39 52.62 64.18 18.94
CA ILE BB 39 52.03 62.96 19.49
C ILE BB 39 53.01 61.82 19.24
N SER BB 40 53.33 61.07 20.30
CA SER BB 40 54.27 59.97 20.16
C SER BB 40 53.65 58.82 19.37
N GLY BB 41 54.51 57.93 18.89
CA GLY BB 41 54.08 56.83 18.06
C GLY BB 41 54.26 57.11 16.58
N ASN BB 42 53.71 56.22 15.78
CA ASN BB 42 53.80 56.34 14.33
C ASN BB 42 52.63 57.16 13.81
N PHE BB 43 52.88 57.88 12.71
CA PHE BB 43 51.84 58.76 12.15
C PHE BB 43 50.72 57.95 11.52
N TYR BB 44 51.05 56.79 10.93
CA TYR BB 44 50.02 55.90 10.41
C TYR BB 44 49.15 55.36 11.52
N ARG BB 45 49.76 55.05 12.68
CA ARG BB 45 48.98 54.60 13.83
C ARG BB 45 48.10 55.71 14.37
N ASN BB 46 48.62 56.94 14.42
CA ASN BB 46 47.83 58.06 14.93
C ASN BB 46 46.63 58.35 14.04
N LYS BB 47 46.83 58.34 12.72
CA LYS BB 47 45.67 58.55 11.85
C LYS BB 47 44.76 57.32 11.78
N LEU BB 48 45.28 56.12 12.08
CA LEU BB 48 44.41 54.96 12.15
C LEU BB 48 43.53 55.01 13.40
N LYS BB 49 44.09 55.44 14.53
CA LYS BB 49 43.30 55.61 15.75
C LYS BB 49 42.29 56.73 15.59
N TYR BB 50 42.67 57.80 14.89
CA TYR BB 50 41.71 58.87 14.65
C TYR BB 50 40.64 58.45 13.65
N LEU BB 51 40.97 57.58 12.71
CA LEU BB 51 39.97 57.03 11.80
C LEU BB 51 39.01 56.11 12.54
N ALA BB 52 39.51 55.34 13.51
CA ALA BB 52 38.61 54.54 14.34
C ALA BB 52 37.71 55.42 15.20
N PHE BB 53 38.25 56.54 15.69
CA PHE BB 53 37.45 57.50 16.44
C PHE BB 53 36.37 58.13 15.56
N LEU BB 54 36.66 58.35 14.28
CA LEU BB 54 35.63 58.79 13.35
C LEU BB 54 34.61 57.70 13.08
N ARG BB 55 35.05 56.44 13.06
CA ARG BB 55 34.14 55.32 12.82
C ARG BB 55 33.15 55.16 13.97
N LYS BB 56 33.57 55.49 15.20
CA LYS BB 56 32.67 55.47 16.34
C LYS BB 56 31.61 56.56 16.16
N ARG BB 57 30.38 56.17 15.81
CA ARG BB 57 29.31 57.15 15.66
C ARG BB 57 27.97 56.45 15.87
N MET BB 58 26.96 57.25 16.22
CA MET BB 58 25.63 56.69 16.41
C MET BB 58 25.00 56.36 15.06
N ASN BB 59 24.41 55.18 14.96
CA ASN BB 59 23.88 54.69 13.69
C ASN BB 59 22.45 55.14 13.44
N THR BB 60 21.70 55.45 14.50
CA THR BB 60 20.32 55.89 14.31
C THR BB 60 20.27 57.36 13.94
N ASN BB 61 21.14 58.17 14.53
CA ASN BB 61 21.27 59.58 14.17
C ASN BB 61 22.67 60.05 14.52
N PRO BB 62 23.52 60.30 13.52
CA PRO BB 62 24.89 60.74 13.82
C PRO BB 62 24.98 62.16 14.36
N SER BB 63 23.99 63.00 14.09
CA SER BB 63 24.03 64.37 14.61
C SER BB 63 23.74 64.39 16.11
N ARG BB 64 22.62 63.81 16.52
CA ARG BB 64 22.33 63.64 17.94
C ARG BB 64 23.22 62.53 18.48
N GLY BB 65 24.40 62.90 19.00
CA GLY BB 65 25.33 61.92 19.49
C GLY BB 65 26.77 62.34 19.35
N PRO BB 66 27.60 61.46 18.78
CA PRO BB 66 29.05 61.71 18.74
C PRO BB 66 29.41 62.80 17.75
N TYR BB 67 30.06 63.85 18.25
CA TYR BB 67 30.62 64.90 17.42
C TYR BB 67 32.12 64.65 17.29
N HIS BB 68 32.65 64.85 16.09
CA HIS BB 68 34.06 64.54 15.81
C HIS BB 68 34.70 65.76 15.17
N PHE BB 69 35.39 66.55 15.99
CA PHE BB 69 36.03 67.75 15.50
C PHE BB 69 37.29 67.40 14.71
N ARG BB 70 37.60 68.23 13.72
CA ARG BB 70 38.79 68.02 12.91
C ARG BB 70 39.88 69.06 13.18
N ALA BB 71 39.53 70.21 13.73
CA ALA BB 71 40.53 71.23 14.02
C ALA BB 71 41.35 70.81 15.24
N PRO BB 72 42.67 71.06 15.24
CA PRO BB 72 43.52 70.57 16.32
C PRO BB 72 43.28 71.25 17.66
N SER BB 73 42.86 72.51 17.64
CA SER BB 73 42.46 73.20 18.88
C SER BB 73 41.28 72.50 19.53
N ARG BB 74 40.28 72.14 18.73
CA ARG BB 74 39.14 71.40 19.26
C ARG BB 74 39.49 69.96 19.60
N ILE BB 75 40.52 69.39 18.97
CA ILE BB 75 41.03 68.08 19.38
C ILE BB 75 41.60 68.16 20.79
N PHE BB 76 42.44 69.16 21.04
CA PHE BB 76 42.98 69.34 22.39
C PHE BB 76 41.90 69.71 23.39
N TRP BB 77 40.86 70.44 22.96
CA TRP BB 77 39.78 70.79 23.86
C TRP BB 77 38.94 69.56 24.22
N ARG BB 78 38.75 68.64 23.27
CA ARG BB 78 38.13 67.36 23.58
C ARG BB 78 39.01 66.50 24.48
N THR BB 79 40.34 66.60 24.30
CA THR BB 79 41.26 65.86 25.15
C THR BB 79 41.19 66.35 26.60
N VAL BB 80 41.01 67.65 26.79
CA VAL BB 80 40.86 68.17 28.15
C VAL BB 80 39.44 67.92 28.68
N ARG BB 81 38.43 67.85 27.79
CA ARG BB 81 37.08 67.47 28.19
C ARG BB 81 37.04 66.05 28.75
N GLY BB 82 37.71 65.11 28.08
CA GLY BB 82 37.77 63.72 28.53
C GLY BB 82 38.52 63.49 29.82
N MET BB 83 39.15 64.53 30.38
CA MET BB 83 39.88 64.47 31.63
C MET BB 83 39.25 65.29 32.74
N LEU BB 84 38.55 66.36 32.40
CA LEU BB 84 37.86 67.12 33.41
C LEU BB 84 36.46 66.56 33.66
N PRO BB 85 35.91 66.70 34.87
CA PRO BB 85 34.50 66.27 35.10
C PRO BB 85 33.51 67.25 34.49
N HIS BB 86 33.37 67.17 33.17
CA HIS BB 86 32.59 68.14 32.39
C HIS BB 86 31.09 67.98 32.56
N LYS BB 87 30.63 66.87 33.15
CA LYS BB 87 29.20 66.70 33.40
C LYS BB 87 28.74 67.36 34.70
N THR BB 88 29.62 68.09 35.38
CA THR BB 88 29.31 68.76 36.63
C THR BB 88 29.83 70.19 36.55
N LYS BB 89 29.29 71.07 37.39
CA LYS BB 89 29.69 72.49 37.40
C LYS BB 89 30.95 72.71 38.25
N ARG BB 90 31.94 71.87 38.00
CA ARG BB 90 33.35 72.14 38.28
C ARG BB 90 34.17 72.03 37.02
N GLY BB 91 34.04 70.90 36.31
CA GLY BB 91 34.71 70.75 35.04
C GLY BB 91 34.06 71.57 33.94
N GLN BB 92 32.77 71.85 34.06
CA GLN BB 92 32.12 72.72 33.09
C GLN BB 92 32.63 74.16 33.21
N ALA BB 93 32.79 74.64 34.45
CA ALA BB 93 33.39 75.95 34.67
C ALA BB 93 34.86 75.96 34.28
N ALA BB 94 35.57 74.83 34.45
CA ALA BB 94 36.96 74.76 34.04
C ALA BB 94 37.09 74.80 32.51
N LEU BB 95 36.17 74.16 31.79
CA LEU BB 95 36.19 74.27 30.33
C LEU BB 95 35.75 75.64 29.86
N ASP BB 96 34.92 76.33 30.66
CA ASP BB 96 34.62 77.73 30.34
C ASP BB 96 35.84 78.62 30.56
N ARG BB 97 36.66 78.31 31.56
CA ARG BB 97 37.90 79.07 31.78
C ARG BB 97 38.95 78.75 30.72
N LEU BB 98 38.98 77.52 30.21
CA LEU BB 98 39.95 77.14 29.20
C LEU BB 98 39.61 77.73 27.85
N LYS BB 99 40.60 78.33 27.19
CA LYS BB 99 40.50 78.79 25.81
C LYS BB 99 41.61 78.17 25.00
N VAL BB 100 41.30 77.79 23.76
CA VAL BB 100 42.28 77.14 22.89
C VAL BB 100 42.22 77.80 21.52
N PHE BB 101 43.37 77.87 20.85
CA PHE BB 101 43.47 78.58 19.58
C PHE BB 101 44.43 77.85 18.66
N ASP BB 102 44.11 77.85 17.37
CA ASP BB 102 45.03 77.44 16.33
C ASP BB 102 45.69 78.68 15.73
N GLY BB 103 46.96 78.56 15.36
CA GLY BB 103 47.71 79.76 15.05
C GLY BB 103 47.99 80.54 16.32
N ILE BB 104 48.17 81.86 16.17
CA ILE BB 104 48.34 82.75 17.30
C ILE BB 104 47.44 83.96 17.12
N PRO BB 105 46.54 84.26 18.06
CA PRO BB 105 45.70 85.46 17.97
C PRO BB 105 46.51 86.73 18.15
N PRO BB 106 45.97 87.89 17.75
CA PRO BB 106 46.74 89.16 17.85
C PRO BB 106 47.02 89.63 19.27
N PRO BB 107 46.18 89.38 20.30
CA PRO BB 107 46.68 89.67 21.66
C PRO BB 107 47.82 88.76 22.10
N TYR BB 108 47.83 87.52 21.63
CA TYR BB 108 48.86 86.58 22.03
C TYR BB 108 50.11 86.69 21.17
N ASP BB 109 50.03 87.44 20.07
CA ASP BB 109 51.24 87.91 19.39
C ASP BB 109 52.03 88.82 20.30
N LYS BB 110 51.35 89.73 21.00
CA LYS BB 110 52.04 90.68 21.86
C LYS BB 110 52.41 90.04 23.20
N LYS BB 111 51.50 89.26 23.79
CA LYS BB 111 51.78 88.68 25.10
C LYS BB 111 52.73 87.49 25.00
N LYS BB 112 53.61 87.37 25.99
CA LYS BB 112 54.67 86.37 25.98
C LYS BB 112 54.12 84.98 26.28
N ARG BB 113 54.62 83.99 25.54
CA ARG BB 113 54.15 82.62 25.61
C ARG BB 113 55.06 81.80 26.51
N MET BB 114 54.45 80.97 27.36
CA MET BB 114 55.21 80.11 28.26
C MET BB 114 55.46 78.75 27.62
N VAL BB 115 56.49 78.07 28.10
CA VAL BB 115 56.87 76.74 27.63
C VAL BB 115 56.97 75.83 28.84
N VAL BB 116 56.19 74.76 28.84
CA VAL BB 116 56.19 73.80 29.94
C VAL BB 116 57.32 72.79 29.74
N PRO BB 117 58.29 72.70 30.64
CA PRO BB 117 59.38 71.73 30.44
C PRO BB 117 58.97 70.28 30.69
N ALA BB 118 57.92 70.05 31.46
CA ALA BB 118 57.51 68.69 31.79
C ALA BB 118 56.78 67.98 30.66
N ALA BB 119 56.35 68.73 29.64
CA ALA BB 119 55.56 68.16 28.55
C ALA BB 119 56.30 68.18 27.23
N LEU BB 120 57.60 68.49 27.23
CA LEU BB 120 58.34 68.63 25.98
C LEU BB 120 58.68 67.28 25.37
N LYS BB 121 58.75 67.28 24.03
CA LYS BB 121 59.16 66.11 23.27
C LYS BB 121 60.56 65.66 23.65
N VAL BB 122 61.48 66.62 23.81
CA VAL BB 122 62.88 66.28 24.08
C VAL BB 122 63.05 65.76 25.50
N VAL BB 123 62.26 66.30 26.44
CA VAL BB 123 62.36 65.86 27.82
C VAL BB 123 61.71 64.49 28.00
N ARG BB 124 60.56 64.26 27.37
CA ARG BB 124 59.81 63.05 27.66
C ARG BB 124 60.10 61.88 26.72
N LEU BB 125 60.49 62.14 25.47
CA LEU BB 125 60.64 61.09 24.49
C LEU BB 125 62.10 60.79 24.19
N LYS BB 126 62.37 59.53 23.89
CA LYS BB 126 63.67 59.13 23.38
C LYS BB 126 63.83 59.68 21.96
N PRO BB 127 64.99 60.26 21.61
CA PRO BB 127 65.09 60.98 20.33
C PRO BB 127 65.13 60.09 19.10
N THR BB 128 65.25 58.76 19.26
CA THR BB 128 65.23 57.84 18.14
C THR BB 128 63.90 57.09 18.03
N ARG BB 129 62.83 57.69 18.55
CA ARG BB 129 61.48 57.13 18.43
C ARG BB 129 60.65 58.04 17.55
N LYS BB 130 59.65 57.47 16.89
CA LYS BB 130 58.85 58.21 15.94
C LYS BB 130 57.85 59.12 16.67
N PHE BB 131 57.25 60.03 15.91
CA PHE BB 131 56.38 61.06 16.45
C PHE BB 131 55.43 61.49 15.34
N ALA BB 132 54.62 62.51 15.60
CA ALA BB 132 53.71 63.04 14.60
C ALA BB 132 53.44 64.50 14.91
N TYR BB 133 52.71 65.17 14.02
CA TYR BB 133 52.28 66.53 14.21
C TYR BB 133 50.75 66.57 14.18
N LEU BB 134 50.17 67.23 15.17
CA LEU BB 134 48.71 67.30 15.26
C LEU BB 134 48.13 68.15 14.14
N GLY BB 135 48.85 69.19 13.72
CA GLY BB 135 48.41 69.98 12.57
C GLY BB 135 48.49 69.20 11.27
N ARG BB 136 49.52 68.34 11.14
CA ARG BB 136 49.62 67.46 9.98
C ARG BB 136 48.49 66.44 9.96
N LEU BB 137 48.18 65.86 11.12
CA LEU BB 137 47.05 64.95 11.24
C LEU BB 137 45.72 65.64 10.93
N ALA BB 138 45.57 66.88 11.38
CA ALA BB 138 44.33 67.62 11.14
C ALA BB 138 44.19 68.01 9.67
N HIS BB 139 45.29 68.38 9.01
CA HIS BB 139 45.22 68.65 7.59
C HIS BB 139 44.98 67.39 6.78
N GLU BB 140 45.48 66.25 7.25
CA GLU BB 140 45.25 65.02 6.53
C GLU BB 140 43.82 64.54 6.68
N VAL BB 141 43.20 64.75 7.84
CA VAL BB 141 41.82 64.35 8.08
C VAL BB 141 41.02 65.59 8.47
N GLY BB 142 40.30 66.17 7.51
CA GLY BB 142 39.27 67.15 7.83
C GLY BB 142 39.63 68.62 7.81
N TRP BB 143 40.52 69.05 8.68
CA TRP BB 143 40.79 70.48 8.91
C TRP BB 143 41.56 71.05 7.72
N LYS BB 144 40.85 71.77 6.86
CA LYS BB 144 41.36 72.23 5.58
C LYS BB 144 42.07 73.58 5.67
N TYR BB 145 42.51 73.99 6.86
CA TYR BB 145 42.98 75.34 7.11
C TYR BB 145 44.48 75.40 7.43
N GLN BB 146 45.28 74.54 6.80
CA GLN BB 146 46.71 74.62 7.05
C GLN BB 146 47.34 75.74 6.22
N ALA BB 147 46.84 75.97 5.01
CA ALA BB 147 47.46 76.94 4.11
C ALA BB 147 47.21 78.38 4.56
N VAL BB 148 46.13 78.62 5.29
CA VAL BB 148 45.86 79.97 5.81
C VAL BB 148 46.62 80.19 7.11
N THR BB 149 46.61 79.18 7.99
CA THR BB 149 47.27 79.29 9.29
C THR BB 149 48.78 79.38 9.13
N ALA BB 150 49.36 78.63 8.19
CA ALA BB 150 50.80 78.70 7.95
C ALA BB 150 51.20 80.05 7.35
N THR BB 151 50.35 80.63 6.51
CA THR BB 151 50.64 81.94 5.92
C THR BB 151 50.60 83.03 6.98
N LEU BB 152 49.58 83.01 7.84
CA LEU BB 152 49.51 83.97 8.94
C LEU BB 152 50.62 83.74 9.97
N GLU BB 153 51.06 82.48 10.10
CA GLU BB 153 52.17 82.17 10.99
C GLU BB 153 53.48 82.74 10.45
N GLU BB 154 53.71 82.63 9.15
CA GLU BB 154 54.89 83.26 8.55
C GLU BB 154 54.83 84.78 8.64
N LYS BB 155 53.62 85.35 8.54
CA LYS BB 155 53.46 86.79 8.71
C LYS BB 155 53.83 87.23 10.12
N ARG BB 156 53.34 86.51 11.14
CA ARG BB 156 53.70 86.90 12.50
C ARG BB 156 55.14 86.56 12.85
N LYS BB 157 55.75 85.58 12.17
CA LYS BB 157 57.19 85.36 12.35
C LYS BB 157 58.00 86.53 11.79
N GLU BB 158 57.56 87.09 10.65
CA GLU BB 158 58.22 88.28 10.13
C GLU BB 158 58.03 89.47 11.07
N LYS BB 159 56.84 89.59 11.66
CA LYS BB 159 56.60 90.62 12.68
C LYS BB 159 57.49 90.42 13.90
N ALA BB 160 57.70 89.16 14.30
CA ALA BB 160 58.54 88.87 15.45
C ALA BB 160 60.00 89.16 15.18
N LYS BB 161 60.46 88.93 13.95
CA LYS BB 161 61.82 89.31 13.57
C LYS BB 161 62.00 90.83 13.57
N ILE BB 162 61.02 91.56 13.02
CA ILE BB 162 61.16 93.00 12.94
C ILE BB 162 60.97 93.66 14.30
N HIS BB 163 60.38 92.95 15.27
CA HIS BB 163 60.40 93.45 16.64
C HIS BB 163 61.68 93.06 17.38
N TYR BB 164 62.19 91.85 17.14
CA TYR BB 164 63.35 91.38 17.87
C TYR BB 164 64.62 92.11 17.46
N ARG BB 165 64.70 92.58 16.20
CA ARG BB 165 65.84 93.38 15.80
C ARG BB 165 65.88 94.70 16.55
N LYS BB 166 64.71 95.34 16.72
CA LYS BB 166 64.64 96.57 17.51
C LYS BB 166 64.93 96.32 18.98
N LYS BB 167 64.45 95.19 19.52
CA LYS BB 167 64.70 94.87 20.92
C LYS BB 167 66.19 94.60 21.17
N LYS BB 168 66.85 93.91 20.23
CA LYS BB 168 68.27 93.65 20.36
C LYS BB 168 69.10 94.92 20.17
N GLN BB 169 68.63 95.84 19.32
CA GLN BB 169 69.28 97.14 19.21
C GLN BB 169 69.19 97.94 20.50
N LEU BB 170 68.01 97.94 21.13
CA LEU BB 170 67.86 98.62 22.41
C LEU BB 170 68.66 97.95 23.52
N MET BB 171 68.83 96.62 23.44
CA MET BB 171 69.64 95.93 24.43
C MET BB 171 71.13 96.25 24.26
N ARG BB 172 71.58 96.39 23.01
CA ARG BB 172 72.94 96.84 22.76
C ARG BB 172 73.16 98.27 23.25
N LEU BB 173 72.15 99.12 23.10
CA LEU BB 173 72.27 100.50 23.58
C LEU BB 173 72.32 100.55 25.11
N ARG BB 174 71.48 99.77 25.79
CA ARG BB 174 71.50 99.81 27.25
C ARG BB 174 72.73 99.12 27.81
N LYS BB 175 73.31 98.16 27.09
CA LYS BB 175 74.59 97.62 27.56
C LYS BB 175 75.78 98.52 27.23
N GLN BB 176 75.68 99.37 26.21
CA GLN BB 176 76.65 100.45 26.06
C GLN BB 176 76.54 101.44 27.22
N ALA BB 177 75.31 101.73 27.65
CA ALA BB 177 75.11 102.60 28.81
C ALA BB 177 75.66 101.96 30.09
N GLU BB 178 75.51 100.64 30.24
CA GLU BB 178 76.10 99.95 31.38
C GLU BB 178 77.61 99.86 31.27
N LYS BB 179 78.14 99.81 30.05
CA LYS BB 179 79.59 99.86 29.84
C LYS BB 179 80.15 101.22 30.22
N ASN BB 180 79.35 102.28 30.09
CA ASN BB 180 79.79 103.62 30.48
C ASN BB 180 79.91 103.71 32.01
N VAL BB 181 80.39 104.86 32.48
CA VAL BB 181 81.03 104.97 33.78
C VAL BB 181 80.04 105.63 34.75
N GLU BB 182 80.42 105.71 36.03
CA GLU BB 182 79.73 106.44 37.10
C GLU BB 182 78.38 105.80 37.44
N LYS BB 183 78.38 104.47 37.52
CA LYS BB 183 77.26 103.71 38.04
C LYS BB 183 77.72 102.71 39.07
N LYS BB 184 79.01 102.63 39.34
CA LYS BB 184 79.61 101.56 40.12
C LYS BB 184 79.43 101.75 41.63
N ILE BB 185 79.03 102.95 42.08
CA ILE BB 185 78.87 103.20 43.52
C ILE BB 185 77.74 102.33 44.07
N ASP BB 186 76.65 102.21 43.33
CA ASP BB 186 75.60 101.26 43.68
C ASP BB 186 76.02 99.82 43.38
N LYS BB 187 76.95 99.62 42.46
CA LYS BB 187 77.41 98.27 42.16
C LYS BB 187 78.28 97.71 43.27
N TYR BB 188 78.93 98.57 44.07
CA TYR BB 188 79.63 98.09 45.26
C TYR BB 188 78.67 97.45 46.25
N THR BB 189 77.44 97.94 46.32
CA THR BB 189 76.41 97.28 47.12
C THR BB 189 75.87 96.05 46.40
N GLU BB 190 75.67 96.16 45.08
CA GLU BB 190 74.89 95.14 44.36
C GLU BB 190 75.71 93.86 44.13
N VAL BB 191 76.99 93.99 43.79
CA VAL BB 191 77.82 92.81 43.54
C VAL BB 191 78.03 92.03 44.83
N LEU BB 192 78.15 92.74 45.96
CA LEU BB 192 78.17 92.07 47.26
C LEU BB 192 76.83 91.40 47.56
N LYS BB 193 75.74 92.13 47.39
CA LYS BB 193 74.41 91.57 47.60
C LYS BB 193 73.76 91.21 46.26
N THR BB 194 74.40 90.26 45.57
CA THR BB 194 73.83 89.49 44.46
C THR BB 194 73.47 90.38 43.26
N HIS BB 195 74.51 90.82 42.58
CA HIS BB 195 74.36 91.38 41.23
C HIS BB 195 73.68 90.39 40.30
N VAL CB 1 -18.91 88.62 51.05
CA VAL CB 1 -18.03 87.59 50.52
C VAL CB 1 -16.59 88.08 50.48
N ARG CB 2 -15.66 87.15 50.32
CA ARG CB 2 -14.24 87.47 50.31
C ARG CB 2 -13.65 87.26 48.92
N TYR CB 3 -12.57 87.97 48.66
CA TYR CB 3 -11.84 87.88 47.40
C TYR CB 3 -10.36 87.70 47.69
N SER CB 4 -9.70 86.87 46.90
CA SER CB 4 -8.26 86.76 47.00
C SER CB 4 -7.60 88.01 46.44
N LEU CB 5 -6.48 88.40 47.06
CA LEU CB 5 -5.69 89.59 46.71
C LEU CB 5 -6.55 90.85 46.81
N ASP CB 6 -6.90 91.18 48.04
CA ASP CB 6 -7.64 92.40 48.34
C ASP CB 6 -6.82 93.62 47.91
N PRO CB 7 -7.46 94.68 47.38
CA PRO CB 7 -6.71 95.81 46.84
C PRO CB 7 -6.08 96.69 47.90
N GLU CB 8 -5.44 97.78 47.46
CA GLU CB 8 -4.84 98.73 48.39
C GLU CB 8 -5.89 99.46 49.21
N ASN CB 9 -7.02 99.80 48.57
CA ASN CB 9 -8.13 100.45 49.24
C ASN CB 9 -9.43 100.17 48.52
N PRO CB 10 -10.54 100.02 49.24
CA PRO CB 10 -11.84 99.82 48.58
C PRO CB 10 -12.45 101.09 48.03
N THR CB 11 -11.83 102.25 48.25
CA THR CB 11 -12.37 103.50 47.74
C THR CB 11 -12.16 103.61 46.23
N LYS CB 12 -10.92 103.38 45.78
CA LYS CB 12 -10.58 103.46 44.36
C LYS CB 12 -10.62 102.10 43.67
N SER CB 13 -11.49 101.20 44.11
CA SER CB 13 -11.53 99.86 43.54
C SER CB 13 -12.97 99.36 43.50
N CYS CB 14 -13.33 98.72 42.39
CA CYS CB 14 -14.59 98.02 42.25
C CYS CB 14 -14.33 96.52 42.11
N LYS CB 15 -15.40 95.75 42.09
CA LYS CB 15 -15.29 94.30 42.13
C LYS CB 15 -16.48 93.65 41.44
N SER CB 16 -16.25 92.47 40.88
CA SER CB 16 -17.31 91.75 40.18
C SER CB 16 -17.06 90.25 40.28
N ARG CB 17 -18.12 89.48 40.07
CA ARG CB 17 -18.07 88.03 40.22
C ARG CB 17 -19.13 87.39 39.34
N GLY CB 18 -18.79 86.24 38.79
CA GLY CB 18 -19.78 85.32 38.22
C GLY CB 18 -19.62 83.96 38.85
N SER CB 19 -20.74 83.27 39.03
CA SER CB 19 -20.76 81.99 39.74
C SER CB 19 -21.60 80.98 38.99
N ASN CB 20 -21.03 79.79 38.78
CA ASN CB 20 -21.70 78.62 38.20
C ASN CB 20 -22.23 78.91 36.79
N LEU CB 21 -21.31 79.21 35.89
CA LEU CB 21 -21.64 79.61 34.54
C LEU CB 21 -21.01 78.64 33.53
N ARG CB 22 -21.84 78.16 32.59
CA ARG CB 22 -21.50 77.06 31.69
C ARG CB 22 -20.53 77.52 30.62
N VAL CB 23 -19.24 77.31 30.87
CA VAL CB 23 -18.15 77.62 29.95
C VAL CB 23 -17.17 76.46 29.97
N HIS CB 24 -16.04 76.62 29.28
CA HIS CB 24 -14.88 75.77 29.52
C HIS CB 24 -13.91 76.50 30.44
N PHE CB 25 -13.47 75.78 31.48
CA PHE CB 25 -12.57 76.35 32.47
C PHE CB 25 -11.22 76.71 31.88
N LYS CB 26 -10.71 75.88 30.98
CA LYS CB 26 -9.39 76.12 30.39
C LYS CB 26 -9.42 77.34 29.47
N ASN CB 27 -10.47 77.47 28.66
CA ASN CB 27 -10.61 78.61 27.77
C ASN CB 27 -10.82 79.90 28.56
N THR CB 28 -11.60 79.85 29.64
CA THR CB 28 -11.77 81.05 30.45
C THR CB 28 -10.53 81.41 31.24
N ARG CB 29 -9.73 80.42 31.66
CA ARG CB 29 -8.46 80.71 32.31
C ARG CB 29 -7.51 81.40 31.34
N GLU CB 30 -7.46 80.92 30.09
CA GLU CB 30 -6.52 81.51 29.14
C GLU CB 30 -6.97 82.89 28.70
N THR CB 31 -8.28 83.12 28.53
CA THR CB 31 -8.69 84.47 28.19
C THR CB 31 -8.61 85.42 29.39
N ALA CB 32 -8.66 84.90 30.62
CA ALA CB 32 -8.44 85.75 31.78
C ALA CB 32 -6.98 86.15 31.89
N GLN CB 33 -6.06 85.21 31.59
CA GLN CB 33 -4.64 85.55 31.57
C GLN CB 33 -4.31 86.48 30.41
N ALA CB 34 -5.07 86.43 29.32
CA ALA CB 34 -4.89 87.40 28.25
C ALA CB 34 -5.42 88.77 28.64
N ILE CB 35 -6.47 88.81 29.45
CA ILE CB 35 -7.05 90.09 29.88
C ILE CB 35 -6.16 90.78 30.91
N LYS CB 36 -5.62 90.03 31.87
CA LYS CB 36 -5.05 90.60 33.09
C LYS CB 36 -3.82 91.45 32.82
N GLY CB 37 -3.86 92.69 33.30
CA GLY CB 37 -2.79 93.64 33.08
C GLY CB 37 -3.05 94.53 31.90
N MET CB 38 -4.25 95.12 31.84
CA MET CB 38 -4.66 95.87 30.67
C MET CB 38 -5.75 96.86 31.09
N HIS CB 39 -5.76 98.01 30.41
CA HIS CB 39 -6.81 99.01 30.60
C HIS CB 39 -8.15 98.45 30.13
N ILE CB 40 -9.24 99.00 30.68
CA ILE CB 40 -10.56 98.39 30.48
C ILE CB 40 -11.09 98.64 29.06
N ARG CB 41 -10.76 99.79 28.46
CA ARG CB 41 -11.19 100.03 27.08
C ARG CB 41 -10.40 99.17 26.09
N LYS CB 42 -9.11 98.98 26.37
CA LYS CB 42 -8.30 98.08 25.56
C LYS CB 42 -8.77 96.63 25.70
N ALA CB 43 -9.22 96.25 26.90
CA ALA CB 43 -9.73 94.89 27.09
C ALA CB 43 -11.07 94.70 26.39
N THR CB 44 -11.91 95.75 26.38
CA THR CB 44 -13.19 95.67 25.68
C THR CB 44 -12.99 95.57 24.18
N LYS CB 45 -12.07 96.38 23.61
CA LYS CB 45 -11.75 96.29 22.19
C LYS CB 45 -11.08 94.96 21.86
N TYR CB 46 -10.28 94.43 22.79
CA TYR CB 46 -9.64 93.13 22.59
C TYR CB 46 -10.65 92.00 22.55
N LEU CB 47 -11.65 92.04 23.44
CA LEU CB 47 -12.67 90.98 23.43
C LEU CB 47 -13.62 91.11 22.25
N LYS CB 48 -13.87 92.33 21.77
CA LYS CB 48 -14.59 92.49 20.51
C LYS CB 48 -13.80 91.93 19.34
N ASP CB 49 -12.46 92.11 19.34
CA ASP CB 49 -11.63 91.51 18.32
C ASP CB 49 -11.57 89.99 18.44
N VAL CB 50 -11.69 89.45 19.66
CA VAL CB 50 -11.77 88.00 19.84
C VAL CB 50 -13.07 87.47 19.26
N THR CB 51 -14.18 88.14 19.53
CA THR CB 51 -15.47 87.71 18.99
C THR CB 51 -15.55 87.90 17.47
N LEU CB 52 -14.77 88.83 16.91
CA LEU CB 52 -14.71 89.02 15.47
C LEU CB 52 -13.53 88.30 14.81
N GLN CB 53 -12.77 87.53 15.60
CA GLN CB 53 -11.64 86.70 15.12
C GLN CB 53 -10.55 87.53 14.45
N LYS CB 54 -10.33 88.76 14.91
CA LYS CB 54 -9.27 89.59 14.37
C LYS CB 54 -8.04 89.63 15.28
N GLN CB 55 -8.16 89.19 16.52
CA GLN CB 55 -7.04 89.14 17.46
C GLN CB 55 -7.31 88.00 18.42
N CYS CB 56 -6.33 87.13 18.62
CA CYS CB 56 -6.55 85.85 19.26
C CYS CB 56 -6.22 85.90 20.74
N VAL CB 57 -6.39 84.75 21.39
CA VAL CB 57 -6.00 84.53 22.77
C VAL CB 57 -4.97 83.41 22.78
N PRO CB 58 -3.75 83.65 23.24
CA PRO CB 58 -2.74 82.58 23.24
C PRO CB 58 -3.00 81.58 24.36
N PHE CB 59 -2.80 80.30 24.04
CA PHE CB 59 -2.91 79.24 25.03
C PHE CB 59 -1.50 78.90 25.50
N ARG CB 60 -1.21 79.20 26.76
CA ARG CB 60 0.13 79.06 27.31
C ARG CB 60 0.27 77.85 28.21
N ARG CB 61 -0.65 77.67 29.15
CA ARG CB 61 -0.59 76.52 30.05
C ARG CB 61 -1.43 75.36 29.52
N TYR CB 62 -2.71 75.58 29.28
CA TYR CB 62 -3.60 74.55 28.75
C TYR CB 62 -3.51 74.56 27.22
N ASN CB 63 -2.38 74.05 26.74
CA ASN CB 63 -2.00 74.16 25.34
C ASN CB 63 -1.76 72.79 24.70
N GLY CB 64 -2.64 71.84 24.97
CA GLY CB 64 -2.48 70.50 24.43
C GLY CB 64 -3.26 70.27 23.16
N GLY CB 65 -2.56 70.04 22.06
CA GLY CB 65 -3.21 69.76 20.79
C GLY CB 65 -3.90 70.93 20.14
N VAL CB 66 -3.62 72.16 20.60
CA VAL CB 66 -4.25 73.35 20.07
C VAL CB 66 -3.49 73.79 18.83
N GLY CB 67 -4.21 73.98 17.72
CA GLY CB 67 -3.58 74.40 16.48
C GLY CB 67 -3.07 75.82 16.54
N ARG CB 68 -2.16 76.12 15.64
CA ARG CB 68 -1.49 77.42 15.65
C ARG CB 68 -2.35 78.47 14.95
N CYS CB 69 -1.86 79.71 15.01
CA CYS CB 69 -2.45 80.81 14.26
C CYS CB 69 -1.38 81.88 14.08
N ALA CB 70 -1.58 82.70 13.06
CA ALA CB 70 -0.63 83.79 12.80
C ALA CB 70 -0.77 84.92 13.80
N GLN CB 71 -1.93 85.05 14.43
CA GLN CB 71 -2.23 86.19 15.29
C GLN CB 71 -1.57 86.12 16.65
N ALA CB 72 -0.93 85.00 16.99
CA ALA CB 72 -0.32 84.85 18.30
C ALA CB 72 1.04 85.51 18.42
N LYS CB 73 1.61 85.99 17.31
CA LYS CB 73 2.93 86.62 17.31
C LYS CB 73 2.96 87.95 18.06
N GLN CB 74 1.80 88.57 18.32
CA GLN CB 74 1.79 89.74 19.20
C GLN CB 74 2.10 89.35 20.64
N TRP CB 75 1.80 88.11 21.02
CA TRP CB 75 1.99 87.65 22.38
C TRP CB 75 3.30 86.91 22.58
N GLY CB 76 4.13 86.80 21.54
CA GLY CB 76 5.36 86.04 21.64
C GLY CB 76 5.15 84.54 21.74
N TRP CB 77 4.02 84.05 21.27
CA TRP CB 77 3.63 82.65 21.43
C TRP CB 77 3.24 82.12 20.06
N THR CB 78 3.19 80.79 19.93
CA THR CB 78 2.89 80.15 18.66
C THR CB 78 1.44 79.71 18.53
N GLN CB 79 0.83 79.19 19.60
CA GLN CB 79 -0.51 78.68 19.53
C GLN CB 79 -1.53 79.75 19.87
N GLY CB 80 -2.77 79.51 19.46
CA GLY CB 80 -3.83 80.48 19.71
C GLY CB 80 -5.17 79.92 19.32
N ARG CB 81 -6.22 80.52 19.89
CA ARG CB 81 -7.58 80.10 19.66
C ARG CB 81 -8.49 81.27 20.03
N TRP CB 82 -9.71 81.27 19.51
CA TRP CB 82 -10.63 82.41 19.62
C TRP CB 82 -11.90 82.04 20.38
N PRO CB 83 -11.90 82.10 21.73
CA PRO CB 83 -13.09 81.69 22.47
C PRO CB 83 -14.24 82.70 22.42
N LYS CB 84 -15.26 82.37 21.61
CA LYS CB 84 -16.42 83.24 21.46
C LYS CB 84 -17.24 83.34 22.74
N LYS CB 85 -17.61 82.19 23.30
CA LYS CB 85 -18.51 82.17 24.45
C LYS CB 85 -17.81 82.68 25.71
N SER CB 86 -16.53 82.32 25.88
CA SER CB 86 -15.75 82.85 27.00
C SER CB 86 -15.55 84.35 26.86
N ALA CB 87 -15.33 84.85 25.64
CA ALA CB 87 -15.22 86.29 25.44
C ALA CB 87 -16.54 87.00 25.72
N GLU CB 88 -17.66 86.37 25.37
CA GLU CB 88 -18.97 86.97 25.64
C GLU CB 88 -19.26 87.05 27.14
N PHE CB 89 -19.00 85.96 27.87
CA PHE CB 89 -19.23 85.98 29.32
C PHE CB 89 -18.28 86.93 30.04
N LEU CB 90 -17.00 86.95 29.66
CA LEU CB 90 -16.08 87.85 30.35
C LEU CB 90 -16.32 89.31 29.98
N LEU CB 91 -16.83 89.57 28.76
CA LEU CB 91 -17.24 90.92 28.42
C LEU CB 91 -18.50 91.34 29.19
N HIS CB 92 -19.41 90.40 29.44
CA HIS CB 92 -20.58 90.70 30.26
C HIS CB 92 -20.19 91.02 31.70
N MET CB 93 -19.24 90.28 32.26
CA MET CB 93 -18.78 90.60 33.61
C MET CB 93 -17.91 91.85 33.65
N LEU CB 94 -17.24 92.21 32.55
CA LEU CB 94 -16.59 93.51 32.51
C LEU CB 94 -17.59 94.65 32.45
N LYS CB 95 -18.73 94.44 31.77
CA LYS CB 95 -19.79 95.45 31.79
C LYS CB 95 -20.42 95.55 33.18
N ASN CB 96 -20.53 94.43 33.89
CA ASN CB 96 -21.02 94.45 35.26
C ASN CB 96 -20.06 95.19 36.19
N ALA CB 97 -18.75 94.98 36.01
CA ALA CB 97 -17.76 95.70 36.81
C ALA CB 97 -17.75 97.19 36.48
N GLU CB 98 -17.98 97.54 35.20
CA GLU CB 98 -18.12 98.94 34.81
C GLU CB 98 -19.33 99.59 35.49
N SER CB 99 -20.46 98.89 35.53
CA SER CB 99 -21.65 99.41 36.19
C SER CB 99 -21.46 99.51 37.70
N ASN CB 100 -20.72 98.58 38.30
CA ASN CB 100 -20.45 98.67 39.73
C ASN CB 100 -19.49 99.82 40.05
N ALA CB 101 -18.53 100.09 39.18
CA ALA CB 101 -17.68 101.26 39.35
C ALA CB 101 -18.47 102.56 39.19
N GLU CB 102 -19.46 102.55 38.30
CA GLU CB 102 -20.33 103.71 38.15
C GLU CB 102 -21.20 103.91 39.39
N LEU CB 103 -21.65 102.82 40.00
CA LEU CB 103 -22.42 102.92 41.25
C LEU CB 103 -21.55 103.41 42.40
N LYS CB 104 -20.32 102.93 42.49
CA LYS CB 104 -19.42 103.39 43.54
C LYS CB 104 -18.89 104.80 43.30
N GLY CB 105 -18.99 105.30 42.07
CA GLY CB 105 -18.59 106.67 41.80
C GLY CB 105 -17.10 106.85 41.59
N LEU CB 106 -16.55 106.18 40.58
CA LEU CB 106 -15.15 106.28 40.22
C LEU CB 106 -15.00 107.02 38.90
N ASP CB 107 -13.76 107.40 38.60
CA ASP CB 107 -13.41 107.96 37.29
C ASP CB 107 -13.34 106.80 36.31
N VAL CB 108 -14.46 106.53 35.65
CA VAL CB 108 -14.67 105.28 34.92
C VAL CB 108 -13.84 105.15 33.65
N ASP CB 109 -13.17 106.21 33.23
CA ASP CB 109 -12.35 106.16 32.02
C ASP CB 109 -10.91 105.72 32.28
N SER CB 110 -10.54 105.49 33.53
CA SER CB 110 -9.16 105.19 33.89
C SER CB 110 -9.08 104.02 34.86
N LEU CB 111 -9.79 102.93 34.55
CA LEU CB 111 -9.71 101.70 35.33
C LEU CB 111 -8.83 100.68 34.62
N VAL CB 112 -7.98 100.02 35.40
CA VAL CB 112 -7.21 98.87 34.95
C VAL CB 112 -7.66 97.66 35.76
N ILE CB 113 -7.40 96.48 35.22
CA ILE CB 113 -7.86 95.23 35.81
C ILE CB 113 -6.67 94.65 36.58
N GLU CB 114 -6.63 94.93 37.88
CA GLU CB 114 -5.48 94.54 38.69
C GLU CB 114 -5.50 93.06 39.02
N HIS CB 115 -6.66 92.53 39.41
CA HIS CB 115 -6.77 91.14 39.82
C HIS CB 115 -7.88 90.46 39.04
N ILE CB 116 -7.60 89.25 38.55
CA ILE CB 116 -8.62 88.38 37.99
C ILE CB 116 -8.32 86.97 38.48
N GLN CB 117 -9.37 86.17 38.66
CA GLN CB 117 -9.23 84.85 39.23
C GLN CB 117 -10.34 83.97 38.68
N VAL CB 118 -10.00 82.73 38.35
CA VAL CB 118 -10.94 81.77 37.79
C VAL CB 118 -10.66 80.40 38.39
N ASN CB 119 -11.70 79.75 38.92
CA ASN CB 119 -11.51 78.46 39.56
C ASN CB 119 -12.72 77.58 39.28
N LYS CB 120 -12.54 76.27 39.49
CA LYS CB 120 -13.49 75.28 39.00
C LYS CB 120 -14.72 75.20 39.91
N ALA CB 121 -15.90 75.31 39.30
CA ALA CB 121 -17.18 75.23 40.00
C ALA CB 121 -17.59 73.76 40.11
N PRO CB 122 -18.63 73.44 40.91
CA PRO CB 122 -19.21 72.10 40.83
C PRO CB 122 -19.82 71.82 39.47
N LYS CB 123 -19.40 70.72 38.85
CA LYS CB 123 -19.78 70.37 37.50
C LYS CB 123 -20.97 69.41 37.49
N MET CB 124 -21.69 69.41 36.37
CA MET CB 124 -22.86 68.57 36.18
C MET CB 124 -22.54 67.44 35.23
N ARG CB 125 -23.08 66.25 35.53
CA ARG CB 125 -22.74 65.02 34.84
C ARG CB 125 -23.90 64.55 33.98
N ARG CB 126 -23.61 64.21 32.73
CA ARG CB 126 -24.47 63.46 31.84
C ARG CB 126 -23.75 62.15 31.50
N ARG CB 127 -24.30 61.38 30.58
CA ARG CB 127 -23.69 60.12 30.23
C ARG CB 127 -23.58 59.96 28.71
N THR CB 128 -22.51 59.30 28.29
CA THR CB 128 -22.33 58.91 26.90
C THR CB 128 -22.88 57.50 26.70
N TYR CB 129 -22.73 56.98 25.49
CA TYR CB 129 -23.13 55.62 25.16
C TYR CB 129 -22.05 55.04 24.26
N ARG CB 130 -21.05 54.41 24.90
CA ARG CB 130 -19.90 53.88 24.20
C ARG CB 130 -20.19 52.42 23.82
N ALA CB 131 -19.15 51.70 23.39
CA ALA CB 131 -19.33 50.35 22.89
C ALA CB 131 -19.60 49.36 24.03
N HIS CB 132 -20.16 48.21 23.63
CA HIS CB 132 -20.38 47.04 24.50
C HIS CB 132 -21.32 47.36 25.67
N GLY CB 133 -22.22 48.30 25.49
CA GLY CB 133 -23.20 48.63 26.51
C GLY CB 133 -22.63 49.28 27.75
N ARG CB 134 -21.55 50.03 27.61
CA ARG CB 134 -20.91 50.68 28.75
C ARG CB 134 -21.34 52.14 28.83
N ILE CB 135 -21.35 52.67 30.05
CA ILE CB 135 -21.74 54.03 30.34
C ILE CB 135 -20.52 54.77 30.86
N ASN CB 136 -20.18 55.88 30.22
CA ASN CB 136 -19.06 56.71 30.62
C ASN CB 136 -19.54 58.13 30.91
N PRO CB 137 -18.90 58.85 31.84
CA PRO CB 137 -19.39 60.17 32.21
C PRO CB 137 -19.12 61.21 31.13
N TYR CB 138 -20.01 62.20 31.08
CA TYR CB 138 -19.95 63.31 30.12
C TYR CB 138 -20.16 64.54 30.99
N MET CB 139 -19.07 65.05 31.56
CA MET CB 139 -19.16 66.01 32.65
C MET CB 139 -18.77 67.40 32.16
N SER CB 140 -19.42 68.41 32.74
CA SER CB 140 -19.15 69.78 32.38
C SER CB 140 -17.90 70.28 33.10
N SER CB 141 -17.60 71.57 32.93
CA SER CB 141 -16.58 72.25 33.73
C SER CB 141 -16.88 73.73 33.83
N PRO CB 142 -17.86 74.11 34.65
CA PRO CB 142 -18.11 75.54 34.88
C PRO CB 142 -17.06 76.14 35.81
N CYS CB 143 -17.07 77.46 35.90
CA CYS CB 143 -16.06 78.14 36.70
C CYS CB 143 -16.67 79.34 37.41
N HIS CB 144 -16.14 79.61 38.60
CA HIS CB 144 -16.37 80.87 39.30
C HIS CB 144 -15.29 81.85 38.86
N ILE CB 145 -15.71 83.08 38.59
CA ILE CB 145 -14.84 84.14 38.09
C ILE CB 145 -14.94 85.32 39.04
N GLU CB 146 -13.80 85.85 39.48
CA GLU CB 146 -13.75 87.04 40.31
C GLU CB 146 -12.82 88.05 39.68
N MET CB 147 -13.14 89.33 39.81
CA MET CB 147 -12.24 90.36 39.31
C MET CB 147 -12.29 91.59 40.21
N ILE CB 148 -11.10 92.14 40.44
CA ILE CB 148 -10.89 93.33 41.25
C ILE CB 148 -10.20 94.35 40.35
N LEU CB 149 -10.88 95.46 40.08
CA LEU CB 149 -10.34 96.52 39.24
C LEU CB 149 -9.84 97.68 40.09
N THR CB 150 -8.99 98.51 39.49
CA THR CB 150 -8.29 99.55 40.22
C THR CB 150 -8.13 100.75 39.29
N GLU CB 151 -8.31 101.96 39.84
CA GLU CB 151 -7.99 103.18 39.09
C GLU CB 151 -6.51 103.26 38.80
N LYS CB 152 -6.18 103.93 37.70
CA LYS CB 152 -4.80 104.14 37.28
C LYS CB 152 -4.37 105.56 37.64
N GLU CB 153 -3.22 105.68 38.28
CA GLU CB 153 -2.71 106.99 38.68
C GLU CB 153 -1.24 107.14 38.30
N GLY DB 1 35.25 44.39 65.55
CA GLY DB 1 34.86 43.40 66.52
C GLY DB 1 35.94 43.14 67.56
N VAL DB 2 35.52 42.74 68.75
CA VAL DB 2 36.47 42.35 69.79
C VAL DB 2 36.12 40.95 70.26
N ASP DB 3 34.92 40.78 70.80
CA ASP DB 3 34.51 39.53 71.43
C ASP DB 3 34.21 38.49 70.35
N ILE DB 4 35.13 37.54 70.19
CA ILE DB 4 34.90 36.42 69.29
C ILE DB 4 33.92 35.43 69.92
N ARG DB 5 33.73 35.50 71.24
CA ARG DB 5 32.79 34.63 71.93
C ARG DB 5 31.34 35.07 71.63
N HIS DB 6 30.40 34.24 72.07
CA HIS DB 6 29.00 34.59 71.97
C HIS DB 6 28.66 35.69 72.96
N ASN DB 7 27.53 36.35 72.72
CA ASN DB 7 27.06 37.42 73.60
C ASN DB 7 25.93 36.87 74.46
N LYS DB 8 26.28 36.45 75.68
CA LYS DB 8 25.32 36.12 76.72
C LYS DB 8 25.41 37.22 77.75
N ASP DB 9 24.49 38.19 77.67
CA ASP DB 9 24.60 39.40 78.48
C ASP DB 9 24.25 39.16 79.94
N ARG DB 10 23.02 38.78 80.24
CA ARG DB 10 22.61 38.46 81.59
C ARG DB 10 22.71 36.96 81.78
N LYS DB 11 23.25 36.53 82.93
CA LYS DB 11 23.44 35.11 83.12
C LYS DB 11 22.13 34.33 83.27
N VAL DB 12 21.49 34.36 84.44
CA VAL DB 12 20.19 33.71 84.64
C VAL DB 12 19.30 34.56 85.54
N ARG DB 13 19.91 35.51 86.25
CA ARG DB 13 19.45 35.87 87.59
C ARG DB 13 18.19 36.71 87.59
N ARG DB 14 17.46 36.62 88.70
CA ARG DB 14 16.36 37.53 89.03
C ARG DB 14 16.86 38.50 90.09
N LYS DB 15 16.97 39.78 89.72
CA LYS DB 15 17.46 40.77 90.68
C LYS DB 15 16.37 41.20 91.64
N GLU DB 16 15.30 41.80 91.13
CA GLU DB 16 14.25 42.26 92.03
C GLU DB 16 13.14 41.22 92.11
N PRO DB 17 12.51 41.06 93.27
CA PRO DB 17 11.41 40.09 93.39
C PRO DB 17 10.19 40.54 92.60
N LYS DB 18 9.63 39.61 91.82
CA LYS DB 18 8.54 39.94 90.91
C LYS DB 18 7.23 40.16 91.66
N SER DB 19 7.12 39.65 92.88
CA SER DB 19 5.91 39.83 93.68
C SER DB 19 5.74 41.29 94.10
N GLN DB 20 4.48 41.74 94.12
CA GLN DB 20 4.14 43.08 94.55
C GLN DB 20 3.72 43.15 96.01
N ASP DB 21 4.04 42.14 96.79
CA ASP DB 21 3.77 42.14 98.23
C ASP DB 21 4.64 43.20 98.91
N ILE DB 22 3.98 44.16 99.57
CA ILE DB 22 4.69 45.24 100.26
C ILE DB 22 5.51 44.71 101.42
N TYR DB 23 4.98 43.72 102.15
CA TYR DB 23 5.71 43.12 103.26
C TYR DB 23 6.93 42.36 102.76
N LEU DB 24 6.80 41.66 101.63
CA LEU DB 24 7.94 40.98 101.04
C LEU DB 24 8.96 41.98 100.52
N ARG DB 25 8.52 43.12 100.01
CA ARG DB 25 9.48 44.14 99.58
C ARG DB 25 10.21 44.77 100.75
N LEU DB 26 9.53 44.95 101.88
CA LEU DB 26 10.21 45.48 103.07
C LEU DB 26 11.21 44.47 103.63
N LEU DB 27 10.86 43.18 103.61
CA LEU DB 27 11.81 42.15 104.01
C LEU DB 27 12.98 42.05 103.02
N VAL DB 28 12.73 42.27 101.73
CA VAL DB 28 13.79 42.32 100.74
C VAL DB 28 14.73 43.50 101.00
N LYS DB 29 14.18 44.65 101.37
CA LYS DB 29 15.00 45.81 101.73
C LYS DB 29 15.87 45.54 102.96
N LEU DB 30 15.26 44.97 104.00
CA LEU DB 30 15.97 44.73 105.26
C LEU DB 30 17.06 43.68 105.08
N TYR DB 31 16.73 42.54 104.46
CA TYR DB 31 17.74 41.51 104.27
C TYR DB 31 18.72 41.84 103.16
N ARG DB 32 18.40 42.75 102.24
CA ARG DB 32 19.41 43.26 101.31
C ARG DB 32 20.42 44.12 102.06
N PHE DB 33 19.95 44.98 102.97
CA PHE DB 33 20.85 45.75 103.81
C PHE DB 33 21.74 44.86 104.67
N LEU DB 34 21.16 43.82 105.27
CA LEU DB 34 21.96 42.92 106.10
C LEU DB 34 22.93 42.10 105.25
N ALA DB 35 22.52 41.72 104.03
CA ALA DB 35 23.38 40.93 103.17
C ALA DB 35 24.55 41.74 102.63
N ARG DB 36 24.36 43.03 102.40
CA ARG DB 36 25.48 43.84 101.92
C ARG DB 36 26.23 44.54 103.04
N ARG DB 37 25.78 44.44 104.29
CA ARG DB 37 26.45 45.15 105.38
C ARG DB 37 26.88 44.27 106.55
N THR DB 38 26.63 42.96 106.54
CA THR DB 38 27.00 42.13 107.69
C THR DB 38 28.02 41.05 107.40
N ASN DB 39 28.41 40.87 106.13
CA ASN DB 39 29.31 39.78 105.67
C ASN DB 39 28.79 38.41 106.09
N SER DB 40 27.47 38.24 106.05
CA SER DB 40 26.82 37.01 106.50
C SER DB 40 26.29 36.28 105.28
N THR DB 41 26.87 35.12 104.98
CA THR DB 41 26.42 34.34 103.84
C THR DB 41 25.06 33.69 104.12
N PHE DB 42 24.70 33.53 105.39
CA PHE DB 42 23.33 33.17 105.74
C PHE DB 42 22.35 34.23 105.27
N ASN DB 43 22.67 35.51 105.52
CA ASN DB 43 21.82 36.60 105.03
C ASN DB 43 21.85 36.69 103.51
N GLN DB 44 22.98 36.31 102.89
CA GLN DB 44 23.05 36.23 101.43
C GLN DB 44 22.07 35.20 100.88
N VAL DB 45 22.06 34.00 101.44
CA VAL DB 45 21.19 32.93 100.94
C VAL DB 45 19.72 33.22 101.26
N VAL DB 46 19.43 33.83 102.41
CA VAL DB 46 18.05 34.16 102.74
C VAL DB 46 17.54 35.30 101.84
N LEU DB 47 18.41 36.25 101.49
CA LEU DB 47 18.03 37.30 100.55
C LEU DB 47 17.81 36.75 99.15
N LYS DB 48 18.61 35.75 98.75
CA LYS DB 48 18.38 35.10 97.46
C LYS DB 48 17.08 34.30 97.47
N ARG DB 49 16.75 33.65 98.58
CA ARG DB 49 15.50 32.93 98.68
C ARG DB 49 14.29 33.86 98.77
N LEU DB 50 14.48 35.10 99.21
CA LEU DB 50 13.41 36.08 99.09
C LEU DB 50 13.28 36.61 97.67
N PHE DB 51 14.39 36.67 96.92
CA PHE DB 51 14.28 36.96 95.50
C PHE DB 51 13.60 35.82 94.75
N MET DB 52 13.72 34.60 95.28
CA MET DB 52 13.17 33.40 94.66
C MET DB 52 11.64 33.47 94.63
N SER DB 53 11.05 32.77 93.66
CA SER DB 53 9.63 32.88 93.35
C SER DB 53 8.76 32.16 94.37
N ARG DB 54 7.45 32.20 94.14
CA ARG DB 54 6.49 31.51 94.99
C ARG DB 54 6.56 30.00 94.78
N THR DB 55 6.79 29.57 93.54
CA THR DB 55 6.75 28.15 93.22
C THR DB 55 8.02 27.44 93.69
N ASN DB 56 9.17 28.07 93.52
CA ASN DB 56 10.43 27.47 93.92
C ASN DB 56 10.70 27.56 95.43
N ARG DB 57 9.75 28.08 96.21
CA ARG DB 57 9.76 28.00 97.66
C ARG DB 57 8.66 27.02 98.07
N PRO DB 58 8.95 25.72 98.13
CA PRO DB 58 7.90 24.76 98.43
C PRO DB 58 7.53 24.80 99.89
N PRO DB 59 6.31 24.39 100.24
CA PRO DB 59 5.89 24.44 101.66
C PRO DB 59 6.59 23.37 102.48
N LEU DB 60 7.20 23.79 103.58
CA LEU DB 60 7.80 22.86 104.52
C LEU DB 60 6.72 22.14 105.31
N SER DB 61 7.03 20.93 105.75
CA SER DB 61 6.12 20.13 106.54
C SER DB 61 6.65 19.98 107.96
N LEU DB 62 5.71 19.74 108.87
CA LEU DB 62 6.02 19.77 110.30
C LEU DB 62 6.84 18.56 110.72
N SER DB 63 6.62 17.41 110.08
CA SER DB 63 7.41 16.22 110.38
C SER DB 63 8.86 16.38 109.91
N ARG DB 64 9.06 16.94 108.71
CA ARG DB 64 10.41 17.20 108.24
C ARG DB 64 11.10 18.27 109.08
N MET DB 65 10.34 19.27 109.52
CA MET DB 65 10.94 20.32 110.34
C MET DB 65 11.23 19.84 111.75
N ILE DB 66 10.56 18.76 112.20
CA ILE DB 66 10.98 18.07 113.42
C ILE DB 66 12.23 17.24 113.17
N ARG DB 67 12.25 16.46 112.09
CA ARG DB 67 13.34 15.51 111.88
C ARG DB 67 14.66 16.18 111.54
N LYS DB 68 14.63 17.35 110.90
CA LYS DB 68 15.88 18.05 110.66
C LYS DB 68 16.44 18.72 111.91
N MET DB 69 15.64 18.82 112.97
CA MET DB 69 16.14 19.26 114.27
C MET DB 69 16.46 18.10 115.20
N LYS DB 70 15.90 16.91 114.93
CA LYS DB 70 16.21 15.72 115.73
C LYS DB 70 17.64 15.22 115.55
N LEU DB 71 18.34 15.68 114.50
CA LEU DB 71 19.72 15.29 114.30
C LEU DB 71 20.60 15.87 115.40
N PRO DB 72 21.70 15.20 115.76
CA PRO DB 72 22.54 15.68 116.87
C PRO DB 72 23.24 16.98 116.53
N GLY DB 73 23.18 17.94 117.44
CA GLY DB 73 23.73 19.25 117.24
C GLY DB 73 22.71 20.34 116.96
N ARG DB 74 21.42 20.02 116.99
CA ARG DB 74 20.38 20.99 116.69
C ARG DB 74 19.42 21.16 117.87
N GLU DB 75 19.95 21.27 119.08
CA GLU DB 75 19.10 21.34 120.25
C GLU DB 75 18.46 22.72 120.41
N ASN DB 76 19.28 23.76 120.56
CA ASN DB 76 18.79 25.11 120.82
C ASN DB 76 18.79 25.99 119.58
N LYS DB 77 19.06 25.42 118.41
CA LYS DB 77 19.08 26.21 117.19
C LYS DB 77 17.66 26.51 116.72
N THR DB 78 17.54 27.55 115.90
CA THR DB 78 16.25 27.98 115.37
C THR DB 78 16.14 27.58 113.91
N ALA DB 79 15.02 26.97 113.56
CA ALA DB 79 14.80 26.49 112.19
C ALA DB 79 14.26 27.65 111.36
N VAL DB 80 15.12 28.26 110.55
CA VAL DB 80 14.74 29.35 109.67
C VAL DB 80 14.29 28.77 108.34
N VAL DB 81 13.08 29.13 107.91
CA VAL DB 81 12.51 28.67 106.66
C VAL DB 81 12.05 29.90 105.88
N VAL DB 82 12.56 30.06 104.66
CA VAL DB 82 12.03 31.06 103.72
C VAL DB 82 10.95 30.33 102.94
N GLY DB 83 9.73 30.42 103.42
CA GLY DB 83 8.62 29.64 102.91
C GLY DB 83 7.66 29.28 104.02
N THR DB 84 6.66 28.46 103.73
CA THR DB 84 5.60 28.16 104.68
C THR DB 84 5.81 26.81 105.33
N ILE DB 85 5.57 26.77 106.65
CA ILE DB 85 5.57 25.52 107.40
C ILE DB 85 4.13 25.15 107.69
N THR DB 86 3.72 23.98 107.22
CA THR DB 86 2.34 23.55 107.30
C THR DB 86 2.17 22.43 108.31
N ASP DB 87 0.91 22.13 108.60
CA ASP DB 87 0.55 21.03 109.49
C ASP DB 87 0.86 19.70 108.83
N ASP DB 88 1.13 18.70 109.65
CA ASP DB 88 1.21 17.31 109.22
C ASP DB 88 0.22 16.47 110.00
N VAL DB 89 -0.55 15.66 109.28
CA VAL DB 89 -1.51 14.77 109.90
C VAL DB 89 -0.81 13.56 110.51
N ARG DB 90 0.44 13.30 110.12
CA ARG DB 90 1.14 12.08 110.52
C ARG DB 90 1.70 12.17 111.93
N VAL DB 91 2.06 13.37 112.40
CA VAL DB 91 2.81 13.51 113.63
C VAL DB 91 1.89 13.28 114.84
N GLN DB 92 2.52 12.96 115.95
CA GLN DB 92 1.85 12.79 117.23
C GLN DB 92 2.43 13.66 118.34
N GLU DB 93 3.75 13.85 118.36
CA GLU DB 93 4.42 14.63 119.39
C GLU DB 93 5.21 15.75 118.74
N VAL DB 94 5.19 16.92 119.36
CA VAL DB 94 5.88 18.10 118.87
C VAL DB 94 6.82 18.59 119.96
N PRO DB 95 8.11 18.77 119.67
CA PRO DB 95 9.03 19.28 120.71
C PRO DB 95 8.88 20.75 121.00
N LYS DB 96 9.80 21.27 121.82
CA LYS DB 96 9.77 22.65 122.33
C LYS DB 96 10.66 23.55 121.47
N LEU DB 97 10.66 23.33 120.17
CA LEU DB 97 11.60 23.97 119.26
C LEU DB 97 11.06 25.32 118.77
N LYS DB 98 11.96 26.11 118.21
CA LYS DB 98 11.66 27.47 117.76
C LYS DB 98 11.50 27.50 116.26
N VAL DB 99 10.59 28.35 115.78
CA VAL DB 99 10.21 28.43 114.37
C VAL DB 99 10.42 29.87 113.92
N CYS DB 100 11.04 30.05 112.75
CA CYS DB 100 11.21 31.37 112.13
C CYS DB 100 10.90 31.23 110.64
N ALA DB 101 9.63 31.42 110.28
CA ALA DB 101 9.19 31.22 108.91
C ALA DB 101 8.12 32.24 108.55
N LEU DB 102 7.81 32.30 107.26
CA LEU DB 102 6.75 33.16 106.74
C LEU DB 102 5.49 32.35 106.52
N ARG DB 103 4.38 32.85 107.06
CA ARG DB 103 3.02 32.33 106.83
C ARG DB 103 2.89 30.87 107.26
N VAL DB 104 3.05 30.66 108.56
CA VAL DB 104 2.78 29.36 109.16
C VAL DB 104 1.28 29.19 109.27
N THR DB 105 0.78 28.00 108.93
CA THR DB 105 -0.65 27.76 108.89
C THR DB 105 -1.25 27.75 110.31
N SER DB 106 -2.59 27.77 110.34
CA SER DB 106 -3.30 28.00 111.60
C SER DB 106 -3.18 26.81 112.54
N ARG DB 107 -3.38 25.59 112.01
CA ARG DB 107 -3.26 24.39 112.84
C ARG DB 107 -1.83 24.16 113.29
N ALA DB 108 -0.85 24.53 112.45
CA ALA DB 108 0.55 24.41 112.84
C ALA DB 108 0.90 25.39 113.95
N ARG DB 109 0.47 26.64 113.84
CA ARG DB 109 0.68 27.61 114.91
C ARG DB 109 -0.01 27.20 116.20
N SER DB 110 -1.20 26.63 116.08
CA SER DB 110 -1.94 26.16 117.25
C SER DB 110 -1.22 25.03 117.95
N ARG DB 111 -0.74 24.03 117.18
CA ARG DB 111 -0.05 22.91 117.81
C ARG DB 111 1.33 23.30 118.36
N ILE DB 112 2.01 24.26 117.73
CA ILE DB 112 3.29 24.72 118.28
C ILE DB 112 3.08 25.50 119.58
N LEU DB 113 2.03 26.32 119.64
CA LEU DB 113 1.76 27.04 120.88
C LEU DB 113 1.23 26.11 121.97
N ARG DB 114 0.58 25.00 121.61
CA ARG DB 114 0.21 24.01 122.63
C ARG DB 114 1.43 23.22 123.10
N ALA DB 115 2.37 22.93 122.20
CA ALA DB 115 3.57 22.19 122.58
C ALA DB 115 4.53 23.04 123.38
N GLY DB 116 4.49 24.36 123.23
CA GLY DB 116 5.30 25.25 124.03
C GLY DB 116 6.44 25.94 123.29
N GLY DB 117 6.49 25.84 121.96
CA GLY DB 117 7.52 26.49 121.19
C GLY DB 117 7.28 27.97 121.02
N LYS DB 118 8.08 28.58 120.15
CA LYS DB 118 7.99 30.00 119.87
C LYS DB 118 8.12 30.22 118.38
N ILE DB 119 7.09 30.79 117.78
CA ILE DB 119 7.11 31.16 116.37
C ILE DB 119 7.52 32.62 116.24
N LEU DB 120 8.22 32.94 115.17
CA LEU DB 120 8.72 34.29 114.91
C LEU DB 120 8.44 34.65 113.46
N THR DB 121 8.85 35.85 113.09
CA THR DB 121 8.87 36.33 111.72
C THR DB 121 10.29 36.74 111.36
N PHE DB 122 10.48 37.24 110.13
CA PHE DB 122 11.84 37.54 109.69
C PHE DB 122 12.39 38.81 110.34
N ASP DB 123 11.54 39.77 110.69
CA ASP DB 123 12.03 40.95 111.39
C ASP DB 123 12.47 40.61 112.81
N GLN DB 124 11.74 39.74 113.49
CA GLN DB 124 12.16 39.29 114.82
C GLN DB 124 13.40 38.41 114.73
N LEU DB 125 13.50 37.60 113.67
CA LEU DB 125 14.70 36.80 113.46
C LEU DB 125 15.91 37.68 113.17
N ALA DB 126 15.71 38.81 112.49
CA ALA DB 126 16.81 39.73 112.24
C ALA DB 126 17.20 40.49 113.51
N LEU DB 127 16.22 40.82 114.34
CA LEU DB 127 16.54 41.47 115.62
C LEU DB 127 17.24 40.52 116.58
N ASP DB 128 16.95 39.22 116.50
CA ASP DB 128 17.62 38.26 117.38
C ASP DB 128 18.94 37.77 116.82
N SER DB 129 19.13 37.79 115.51
CA SER DB 129 20.35 37.29 114.89
C SER DB 129 20.60 38.07 113.61
N PRO DB 130 21.44 39.11 113.67
CA PRO DB 130 21.79 39.87 112.46
C PRO DB 130 22.62 39.03 111.49
N LYS DB 131 23.70 38.43 111.98
CA LYS DB 131 24.51 37.55 111.15
C LYS DB 131 23.87 36.18 110.94
N GLY DB 132 22.84 35.84 111.72
CA GLY DB 132 22.19 34.55 111.58
C GLY DB 132 22.81 33.44 112.41
N CYS DB 133 23.37 33.77 113.57
CA CYS DB 133 23.98 32.76 114.42
C CYS DB 133 22.91 31.92 115.11
N GLY DB 134 23.21 30.64 115.28
CA GLY DB 134 22.29 29.74 115.93
C GLY DB 134 21.09 29.35 115.10
N THR DB 135 21.22 29.40 113.77
CA THR DB 135 20.11 29.13 112.87
C THR DB 135 20.44 27.93 111.98
N VAL DB 136 19.39 27.25 111.52
CA VAL DB 136 19.49 26.21 110.50
C VAL DB 136 18.49 26.54 109.41
N LEU DB 137 18.98 26.79 108.20
CA LEU DB 137 18.12 27.17 107.10
C LEU DB 137 17.61 25.91 106.39
N LEU DB 138 16.30 25.79 106.26
CA LEU DB 138 15.68 24.60 105.72
C LEU DB 138 14.96 24.89 104.41
N SER DB 139 14.81 23.86 103.59
CA SER DB 139 14.07 23.93 102.34
C SER DB 139 13.20 22.70 102.22
N GLY DB 140 12.31 22.70 101.22
CA GLY DB 140 11.27 21.72 101.13
C GLY DB 140 11.37 20.77 99.95
N PRO DB 141 10.43 19.82 99.87
CA PRO DB 141 10.49 18.79 98.84
C PRO DB 141 10.08 19.25 97.45
N ARG DB 142 11.04 19.78 96.68
CA ARG DB 142 10.74 20.28 95.34
C ARG DB 142 10.38 19.15 94.38
N LYS DB 143 11.17 18.08 94.35
CA LYS DB 143 11.05 17.06 93.32
C LYS DB 143 9.79 16.20 93.47
N GLY DB 144 9.12 16.24 94.61
CA GLY DB 144 7.88 15.51 94.79
C GLY DB 144 6.65 16.19 94.24
N ARG DB 145 6.84 17.28 93.51
CA ARG DB 145 5.73 17.97 92.85
C ARG DB 145 5.16 17.12 91.74
N GLU DB 146 3.85 17.27 91.50
CA GLU DB 146 3.18 16.56 90.42
C GLU DB 146 3.68 17.02 89.04
N VAL DB 147 4.16 18.26 88.95
CA VAL DB 147 4.64 18.79 87.68
C VAL DB 147 5.98 18.14 87.31
N TYR DB 148 6.84 17.89 88.31
CA TYR DB 148 8.16 17.33 88.03
C TYR DB 148 8.14 15.85 87.70
N ARG DB 149 7.03 15.15 87.92
CA ARG DB 149 6.99 13.72 87.61
C ARG DB 149 6.67 13.45 86.15
N HIS DB 150 6.33 14.48 85.37
CA HIS DB 150 6.17 14.35 83.94
C HIS DB 150 7.46 14.66 83.17
N PHE DB 151 8.55 14.96 83.87
CA PHE DB 151 9.73 15.55 83.27
C PHE DB 151 10.84 14.50 83.14
N GLY DB 152 11.33 14.33 81.92
CA GLY DB 152 12.41 13.39 81.68
C GLY DB 152 12.87 13.49 80.25
N LYS DB 153 13.72 12.53 79.86
CA LYS DB 153 14.19 12.49 78.48
C LYS DB 153 13.11 12.01 77.52
N ALA DB 154 12.13 11.27 78.02
CA ALA DB 154 11.06 10.67 77.23
C ALA DB 154 9.99 10.19 78.18
N PRO DB 155 8.77 9.94 77.69
CA PRO DB 155 7.79 9.22 78.52
C PRO DB 155 8.07 7.74 78.65
N GLY DB 156 8.44 7.06 77.55
CA GLY DB 156 8.60 5.62 77.65
C GLY DB 156 9.64 4.88 76.82
N THR DB 157 10.69 5.54 76.31
CA THR DB 157 11.49 4.79 75.33
C THR DB 157 12.53 3.83 75.95
N PRO DB 158 13.32 4.17 77.01
CA PRO DB 158 13.90 3.08 77.81
C PRO DB 158 13.03 2.76 79.02
N HIS DB 159 11.71 2.77 78.79
CA HIS DB 159 10.56 2.73 79.71
C HIS DB 159 10.41 4.01 80.53
N SER DB 160 11.52 4.72 80.78
CA SER DB 160 11.69 6.13 81.12
C SER DB 160 11.00 6.62 82.40
N HIS DB 161 10.07 5.84 82.97
CA HIS DB 161 9.33 6.11 84.20
C HIS DB 161 8.84 7.54 84.41
N THR DB 162 8.33 8.21 83.38
CA THR DB 162 8.02 9.64 83.48
C THR DB 162 6.65 9.98 82.91
N LYS DB 163 5.62 9.21 83.29
CA LYS DB 163 4.21 9.61 83.48
C LYS DB 163 3.60 10.40 82.32
N PRO DB 164 3.19 9.74 81.24
CA PRO DB 164 2.58 10.47 80.12
C PRO DB 164 1.24 11.06 80.50
N TYR DB 165 0.90 12.18 79.85
CA TYR DB 165 -0.34 12.87 80.14
C TYR DB 165 -1.54 12.11 79.58
N VAL DB 166 -2.58 11.95 80.39
CA VAL DB 166 -3.79 11.27 79.97
C VAL DB 166 -4.92 11.75 80.86
N ARG DB 167 -6.16 11.56 80.43
CA ARG DB 167 -7.31 11.98 81.23
C ARG DB 167 -7.50 11.05 82.43
N SER DB 168 -7.80 9.78 82.17
CA SER DB 168 -8.17 8.84 83.22
C SER DB 168 -7.10 7.75 83.31
N LYS DB 169 -6.46 7.66 84.47
CA LYS DB 169 -5.46 6.64 84.72
C LYS DB 169 -6.16 5.30 84.92
N GLY DB 170 -6.13 4.46 83.88
CA GLY DB 170 -6.75 3.14 84.02
C GLY DB 170 -6.80 2.41 82.69
N ARG DB 171 -7.79 1.54 82.58
CA ARG DB 171 -7.99 0.75 81.39
C ARG DB 171 -8.44 1.64 80.23
N LYS DB 172 -8.07 1.24 79.01
CA LYS DB 172 -8.46 1.75 77.69
C LYS DB 172 -7.76 3.09 77.38
N PHE DB 173 -7.05 3.70 78.33
CA PHE DB 173 -6.35 4.97 78.11
C PHE DB 173 -4.85 4.71 78.16
N GLU DB 174 -4.24 4.61 76.99
CA GLU DB 174 -2.79 4.51 76.78
C GLU DB 174 -2.20 3.28 77.48
N ARG DB 175 -2.68 2.11 77.07
CA ARG DB 175 -2.21 0.85 77.66
C ARG DB 175 -1.99 -0.27 76.65
N ALA DB 176 -1.98 0.01 75.34
CA ALA DB 176 -2.03 -1.04 74.34
C ALA DB 176 -0.75 -1.19 73.51
N ARG DB 177 -0.34 -0.17 72.77
CA ARG DB 177 0.77 -0.27 71.83
C ARG DB 177 1.98 0.45 72.39
N GLY DB 178 3.02 -0.30 72.73
CA GLY DB 178 4.16 0.25 73.41
C GLY DB 178 4.11 0.13 74.91
N ARG DB 179 3.00 -0.35 75.46
CA ARG DB 179 2.88 -0.60 76.89
C ARG DB 179 2.87 -2.07 77.23
N ARG DB 180 2.73 -2.95 76.23
CA ARG DB 180 2.76 -4.39 76.45
C ARG DB 180 3.24 -5.06 75.17
N ALA DB 181 3.84 -6.24 75.33
CA ALA DB 181 4.45 -6.92 74.19
C ALA DB 181 3.43 -7.65 73.32
N SER DB 182 2.23 -7.92 73.83
CA SER DB 182 1.26 -8.68 73.07
C SER DB 182 0.57 -7.85 72.00
N ARG DB 183 0.54 -6.53 72.15
CA ARG DB 183 -0.13 -5.64 71.21
C ARG DB 183 0.94 -4.72 70.61
N GLY DB 184 1.57 -5.17 69.54
CA GLY DB 184 2.60 -4.39 68.90
C GLY DB 184 3.94 -4.49 69.61
N TYR DB 185 4.69 -3.39 69.64
CA TYR DB 185 5.98 -3.38 70.32
C TYR DB 185 5.78 -3.07 71.80
N LYS DB 186 6.88 -3.05 72.55
CA LYS DB 186 6.84 -2.82 73.99
C LYS DB 186 8.02 -1.93 74.34
N ASN DB 187 7.77 -0.61 74.34
CA ASN DB 187 8.73 0.46 74.67
C ASN DB 187 10.04 0.43 73.89
N SER EB 1 -45.42 84.20 17.07
CA SER EB 1 -45.65 83.93 15.66
C SER EB 1 -45.44 82.46 15.34
N MET EB 2 -46.36 81.62 15.82
CA MET EB 2 -46.33 80.19 15.56
C MET EB 2 -47.54 79.81 14.72
N LEU EB 3 -47.30 79.15 13.60
CA LEU EB 3 -48.35 78.79 12.67
C LEU EB 3 -48.38 77.28 12.42
N ARG EB 4 -47.92 76.48 13.37
CA ARG EB 4 -48.00 75.04 13.24
C ARG EB 4 -49.43 74.55 13.41
N LEU EB 5 -50.17 75.19 14.32
CA LEU EB 5 -51.58 74.86 14.53
C LEU EB 5 -52.41 75.18 13.30
N GLN EB 6 -52.17 76.34 12.68
CA GLN EB 6 -52.89 76.67 11.44
C GLN EB 6 -52.38 75.84 10.27
N LYS EB 7 -51.10 75.45 10.29
CA LYS EB 7 -50.54 74.57 9.27
C LYS EB 7 -51.24 73.21 9.25
N ARG EB 8 -51.53 72.67 10.43
CA ARG EB 8 -52.33 71.44 10.49
C ARG EB 8 -53.80 71.72 10.21
N LEU EB 9 -54.31 72.86 10.70
CA LEU EB 9 -55.74 73.08 10.79
C LEU EB 9 -56.35 73.44 9.45
N ALA EB 10 -55.62 74.20 8.62
CA ALA EB 10 -56.13 74.55 7.30
C ALA EB 10 -56.22 73.32 6.39
N SER EB 11 -55.25 72.42 6.50
CA SER EB 11 -55.32 71.17 5.75
C SER EB 11 -56.43 70.27 6.26
N SER EB 12 -56.64 70.26 7.59
CA SER EB 12 -57.74 69.48 8.15
C SER EB 12 -59.11 70.03 7.76
N VAL EB 13 -59.21 71.34 7.52
CA VAL EB 13 -60.48 71.91 7.08
C VAL EB 13 -60.68 71.67 5.58
N LEU EB 14 -59.69 72.01 4.76
CA LEU EB 14 -59.84 71.91 3.31
C LEU EB 14 -59.65 70.50 2.77
N ARG EB 15 -59.42 69.51 3.64
CA ARG EB 15 -59.39 68.08 3.28
C ARG EB 15 -58.31 67.77 2.25
N CYS EB 16 -57.17 68.44 2.38
CA CYS EB 16 -56.05 68.24 1.47
C CYS EB 16 -54.76 68.07 2.24
N GLY EB 17 -53.63 68.10 1.53
CA GLY EB 17 -52.36 67.93 2.19
C GLY EB 17 -51.93 69.14 2.98
N LYS EB 18 -50.96 68.92 3.86
CA LYS EB 18 -50.45 69.99 4.71
C LYS EB 18 -49.58 70.96 3.91
N LYS EB 19 -49.01 70.52 2.79
CA LYS EB 19 -48.06 71.33 2.05
C LYS EB 19 -48.70 72.39 1.17
N LYS EB 20 -50.04 72.40 1.03
CA LYS EB 20 -50.68 73.22 0.00
C LYS EB 20 -51.67 74.23 0.56
N VAL EB 21 -51.53 74.66 1.81
CA VAL EB 21 -52.47 75.67 2.29
C VAL EB 21 -51.78 76.88 2.93
N TRP EB 22 -51.37 77.84 2.09
CA TRP EB 22 -50.87 79.14 2.53
C TRP EB 22 -50.92 80.14 1.39
N LEU EB 23 -51.19 81.39 1.73
CA LEU EB 23 -50.93 82.57 0.92
C LEU EB 23 -50.93 83.75 1.89
N ASP EB 24 -50.40 84.89 1.42
CA ASP EB 24 -50.24 86.15 2.16
C ASP EB 24 -49.41 86.01 3.42
N PRO EB 25 -48.07 85.86 3.31
CA PRO EB 25 -47.23 85.90 4.51
C PRO EB 25 -47.14 87.28 5.15
N ASN EB 26 -47.60 88.34 4.47
CA ASN EB 26 -47.62 89.67 5.06
C ASN EB 26 -48.64 89.74 6.19
N GLU EB 27 -49.84 89.21 5.97
CA GLU EB 27 -50.86 89.12 7.01
C GLU EB 27 -50.60 87.88 7.84
N THR EB 28 -49.69 88.02 8.81
CA THR EB 28 -49.28 86.93 9.69
C THR EB 28 -50.02 86.98 11.02
N ASN EB 29 -50.24 88.18 11.56
CA ASN EB 29 -50.87 88.34 12.86
C ASN EB 29 -52.34 87.93 12.85
N GLU EB 30 -53.05 88.19 11.76
CA GLU EB 30 -54.45 87.78 11.66
C GLU EB 30 -54.57 86.26 11.58
N ILE EB 31 -53.61 85.59 10.95
CA ILE EB 31 -53.63 84.14 10.92
C ILE EB 31 -53.25 83.56 12.29
N ALA EB 32 -52.26 84.17 12.95
CA ALA EB 32 -51.81 83.66 14.24
C ALA EB 32 -52.80 83.98 15.36
N ASN EB 33 -53.69 84.94 15.17
CA ASN EB 33 -54.70 85.23 16.17
C ASN EB 33 -55.75 84.12 16.24
N ALA EB 34 -56.01 83.46 15.12
CA ALA EB 34 -57.02 82.42 15.07
C ALA EB 34 -56.51 81.14 15.71
N ASN EB 35 -57.39 80.45 16.42
CA ASN EB 35 -57.08 79.14 16.96
C ASN EB 35 -58.27 78.18 16.86
N SER EB 36 -59.33 78.55 16.16
CA SER EB 36 -60.53 77.74 16.04
C SER EB 36 -60.77 77.35 14.59
N ARG EB 37 -61.49 76.25 14.40
CA ARG EB 37 -61.83 75.82 13.04
C ARG EB 37 -62.81 76.76 12.38
N GLN EB 38 -63.71 77.37 13.15
CA GLN EB 38 -64.60 78.39 12.59
C GLN EB 38 -63.82 79.64 12.21
N GLN EB 39 -62.83 80.02 13.03
CA GLN EB 39 -62.00 81.18 12.73
C GLN EB 39 -61.17 80.95 11.48
N ILE EB 40 -60.61 79.74 11.32
CA ILE EB 40 -59.82 79.47 10.13
C ILE EB 40 -60.74 79.28 8.91
N ARG EB 41 -62.00 78.87 9.12
CA ARG EB 41 -62.95 78.82 8.02
C ARG EB 41 -63.34 80.21 7.55
N LYS EB 42 -63.38 81.18 8.48
CA LYS EB 42 -63.55 82.57 8.09
C LYS EB 42 -62.31 83.09 7.36
N LEU EB 43 -61.12 82.69 7.81
CA LEU EB 43 -59.90 83.16 7.16
C LEU EB 43 -59.60 82.47 5.84
N ILE EB 44 -60.30 81.39 5.51
CA ILE EB 44 -60.15 80.81 4.17
C ILE EB 44 -60.91 81.62 3.13
N LYS EB 45 -62.19 81.92 3.40
CA LYS EB 45 -63.07 82.43 2.36
C LYS EB 45 -62.82 83.89 1.99
N ASP EB 46 -62.13 84.65 2.84
CA ASP EB 46 -61.88 86.05 2.52
C ASP EB 46 -60.64 86.26 1.65
N GLY EB 47 -59.95 85.19 1.28
CA GLY EB 47 -58.83 85.27 0.36
C GLY EB 47 -57.46 85.25 0.98
N LEU EB 48 -57.32 84.76 2.21
CA LEU EB 48 -56.02 84.67 2.84
C LEU EB 48 -55.36 83.31 2.65
N ILE EB 49 -56.15 82.24 2.61
CA ILE EB 49 -55.64 80.88 2.43
C ILE EB 49 -56.29 80.29 1.18
N ILE EB 50 -55.47 79.79 0.26
CA ILE EB 50 -55.97 79.27 -1.00
C ILE EB 50 -55.78 77.76 -1.07
N ARG EB 51 -56.25 77.17 -2.16
CA ARG EB 51 -56.15 75.73 -2.36
C ARG EB 51 -54.75 75.30 -2.80
N LYS EB 52 -54.05 76.15 -3.57
CA LYS EB 52 -52.72 75.91 -4.16
C LYS EB 52 -52.72 74.61 -4.95
N PRO EB 53 -53.25 74.62 -6.19
CA PRO EB 53 -53.56 73.36 -6.89
C PRO EB 53 -52.36 72.50 -7.27
N VAL EB 54 -52.65 71.37 -7.92
CA VAL EB 54 -51.69 70.29 -8.11
C VAL EB 54 -50.61 70.71 -9.11
N THR EB 55 -49.36 70.40 -8.76
CA THR EB 55 -48.25 70.58 -9.68
C THR EB 55 -48.45 69.73 -10.92
N VAL EB 56 -48.13 70.29 -12.09
CA VAL EB 56 -48.50 69.71 -13.37
C VAL EB 56 -47.72 68.41 -13.62
N HIS EB 57 -48.41 67.42 -14.17
CA HIS EB 57 -47.89 66.10 -14.50
C HIS EB 57 -48.32 65.73 -15.91
N SER EB 58 -48.01 66.62 -16.86
CA SER EB 58 -48.54 66.57 -18.22
C SER EB 58 -48.16 65.28 -18.95
N ARG EB 59 -49.11 64.74 -19.69
CA ARG EB 59 -48.95 63.52 -20.46
C ARG EB 59 -48.85 63.78 -21.96
N ALA EB 60 -48.28 64.92 -22.35
CA ALA EB 60 -48.13 65.21 -23.78
C ALA EB 60 -47.08 64.31 -24.41
N ARG EB 61 -45.95 64.11 -23.72
CA ARG EB 61 -44.93 63.18 -24.18
C ARG EB 61 -45.46 61.75 -24.19
N CYS EB 62 -46.31 61.42 -23.21
CA CYS EB 62 -46.95 60.10 -23.18
C CYS EB 62 -47.90 59.89 -24.34
N ARG EB 63 -48.71 60.91 -24.68
CA ARG EB 63 -49.64 60.77 -25.79
C ARG EB 63 -48.90 60.71 -27.13
N LYS EB 64 -47.83 61.49 -27.27
CA LYS EB 64 -47.05 61.44 -28.50
C LYS EB 64 -46.34 60.09 -28.65
N ASN EB 65 -45.82 59.54 -27.55
CA ASN EB 65 -45.17 58.24 -27.59
C ASN EB 65 -46.18 57.13 -27.87
N THR EB 66 -47.38 57.24 -27.29
CA THR EB 66 -48.42 56.24 -27.53
C THR EB 66 -48.93 56.32 -28.97
N LEU EB 67 -48.99 57.52 -29.54
CA LEU EB 67 -49.33 57.66 -30.96
C LEU EB 67 -48.24 57.07 -31.85
N ALA EB 68 -46.97 57.21 -31.45
CA ALA EB 68 -45.89 56.60 -32.20
C ALA EB 68 -45.93 55.07 -32.12
N ARG EB 69 -46.30 54.53 -30.95
CA ARG EB 69 -46.47 53.08 -30.82
C ARG EB 69 -47.67 52.59 -31.62
N ARG EB 70 -48.72 53.40 -31.72
CA ARG EB 70 -49.88 53.04 -32.52
C ARG EB 70 -49.55 53.05 -34.01
N LYS EB 71 -48.72 54.01 -34.44
CA LYS EB 71 -48.22 53.99 -35.81
C LYS EB 71 -47.27 52.82 -36.04
N GLY EB 72 -46.58 52.36 -34.99
CA GLY EB 72 -45.68 51.25 -35.09
C GLY EB 72 -44.23 51.58 -34.88
N ARG EB 73 -43.91 52.74 -34.34
CA ARG EB 73 -42.55 53.17 -34.13
C ARG EB 73 -42.12 52.81 -32.71
N HIS EB 74 -40.81 52.92 -32.46
CA HIS EB 74 -40.16 52.59 -31.19
C HIS EB 74 -40.42 51.14 -30.76
N MET EB 75 -40.58 50.24 -31.72
CA MET EB 75 -40.92 48.85 -31.45
C MET EB 75 -40.01 47.94 -32.30
N GLY EB 76 -38.71 48.22 -32.25
CA GLY EB 76 -37.75 47.44 -32.99
C GLY EB 76 -37.36 46.18 -32.25
N ILE EB 77 -36.22 45.62 -32.65
CA ILE EB 77 -35.72 44.42 -31.99
C ILE EB 77 -34.98 44.79 -30.71
N GLY EB 78 -34.26 45.91 -30.73
CA GLY EB 78 -33.43 46.27 -29.60
C GLY EB 78 -34.20 46.76 -28.40
N LYS EB 79 -35.39 47.34 -28.62
CA LYS EB 79 -36.21 47.81 -27.51
C LYS EB 79 -37.24 46.78 -27.06
N ARG EB 80 -36.92 45.50 -27.18
CA ARG EB 80 -37.69 44.41 -26.61
C ARG EB 80 -36.84 43.81 -25.49
N LYS EB 81 -37.25 44.04 -24.24
CA LYS EB 81 -36.48 43.57 -23.10
C LYS EB 81 -37.07 42.33 -22.46
N GLY EB 82 -38.13 41.76 -23.03
CA GLY EB 82 -38.69 40.52 -22.54
C GLY EB 82 -38.97 39.58 -23.71
N THR EB 83 -39.30 38.34 -23.36
CA THR EB 83 -39.55 37.33 -24.36
C THR EB 83 -40.86 37.59 -25.09
N ALA EB 84 -41.03 36.91 -26.23
CA ALA EB 84 -42.23 37.08 -27.03
C ALA EB 84 -43.45 36.51 -26.33
N ASN EB 85 -43.28 35.43 -25.57
CA ASN EB 85 -44.36 34.89 -24.77
C ASN EB 85 -44.71 35.82 -23.62
N ALA EB 86 -43.75 36.62 -23.15
CA ALA EB 86 -44.06 37.62 -22.14
C ALA EB 86 -44.76 38.83 -22.75
N ARG EB 87 -44.41 39.19 -23.98
CA ARG EB 87 -45.03 40.35 -24.62
C ARG EB 87 -46.44 40.04 -25.08
N MET EB 88 -46.59 39.07 -25.99
CA MET EB 88 -47.91 38.62 -26.44
C MET EB 88 -47.96 37.12 -26.24
N PRO EB 89 -48.72 36.61 -25.26
CA PRO EB 89 -48.64 35.19 -24.91
C PRO EB 89 -49.22 34.28 -25.98
N GLU EB 90 -48.56 33.13 -26.16
CA GLU EB 90 -48.99 32.16 -27.15
C GLU EB 90 -50.34 31.56 -26.79
N LYS EB 91 -50.62 31.41 -25.49
CA LYS EB 91 -51.93 30.92 -25.06
C LYS EB 91 -53.02 31.93 -25.37
N VAL EB 92 -52.75 33.23 -25.16
CA VAL EB 92 -53.74 34.25 -25.46
C VAL EB 92 -53.96 34.38 -26.96
N THR EB 93 -52.88 34.24 -27.74
CA THR EB 93 -53.00 34.25 -29.20
C THR EB 93 -53.84 33.07 -29.69
N TRP EB 94 -53.62 31.88 -29.11
CA TRP EB 94 -54.41 30.71 -29.46
C TRP EB 94 -55.86 30.86 -29.03
N MET EB 95 -56.11 31.49 -27.88
CA MET EB 95 -57.49 31.69 -27.43
C MET EB 95 -58.24 32.63 -28.35
N ARG EB 96 -57.63 33.78 -28.70
CA ARG EB 96 -58.27 34.71 -29.62
C ARG EB 96 -58.51 34.08 -30.99
N ARG EB 97 -57.46 33.44 -31.54
CA ARG EB 97 -57.52 32.78 -32.84
C ARG EB 97 -58.62 31.73 -32.88
N MET EB 98 -58.67 30.85 -31.89
CA MET EB 98 -59.59 29.75 -31.97
C MET EB 98 -61.00 30.15 -31.57
N ARG EB 99 -61.17 31.18 -30.71
CA ARG EB 99 -62.52 31.68 -30.46
C ARG EB 99 -63.12 32.31 -31.71
N ILE EB 100 -62.32 33.07 -32.48
CA ILE EB 100 -62.84 33.63 -33.73
C ILE EB 100 -63.13 32.54 -34.75
N LEU EB 101 -62.20 31.59 -34.90
CA LEU EB 101 -62.38 30.51 -35.87
C LEU EB 101 -63.45 29.50 -35.45
N ARG EB 102 -63.90 29.52 -34.19
CA ARG EB 102 -64.99 28.65 -33.77
C ARG EB 102 -66.33 29.34 -33.67
N ARG EB 103 -66.38 30.68 -33.59
CA ARG EB 103 -67.69 31.32 -33.66
C ARG EB 103 -68.06 31.78 -35.06
N LEU EB 104 -67.09 31.84 -35.99
CA LEU EB 104 -67.48 32.06 -37.38
C LEU EB 104 -68.24 30.85 -37.93
N LEU EB 105 -67.85 29.64 -37.51
CA LEU EB 105 -68.60 28.44 -37.88
C LEU EB 105 -69.99 28.44 -37.28
N ARG EB 106 -70.16 28.99 -36.08
CA ARG EB 106 -71.49 29.07 -35.49
C ARG EB 106 -72.35 30.09 -36.21
N ARG EB 107 -71.76 31.23 -36.60
CA ARG EB 107 -72.51 32.20 -37.40
C ARG EB 107 -72.88 31.66 -38.78
N TYR EB 108 -72.07 30.75 -39.32
CA TYR EB 108 -72.43 30.11 -40.57
C TYR EB 108 -73.53 29.08 -40.39
N ARG EB 109 -73.39 28.21 -39.37
CA ARG EB 109 -74.29 27.09 -39.18
C ARG EB 109 -75.67 27.54 -38.74
N GLU EB 110 -75.75 28.53 -37.85
CA GLU EB 110 -77.05 29.01 -37.41
C GLU EB 110 -77.77 29.77 -38.51
N SER EB 111 -77.04 30.47 -39.38
CA SER EB 111 -77.72 31.21 -40.44
C SER EB 111 -78.03 30.34 -41.65
N LYS EB 112 -77.01 30.01 -42.45
CA LYS EB 112 -77.34 29.29 -43.68
C LYS EB 112 -76.30 28.27 -44.16
N LYS EB 113 -75.02 28.53 -43.86
CA LYS EB 113 -73.96 28.11 -44.77
C LYS EB 113 -73.64 26.62 -44.67
N ILE EB 114 -73.16 26.18 -43.52
CA ILE EB 114 -72.66 24.83 -43.37
C ILE EB 114 -73.74 23.96 -42.76
N ASP EB 115 -73.74 22.69 -43.12
CA ASP EB 115 -74.72 21.73 -42.61
C ASP EB 115 -74.28 21.19 -41.25
N ARG EB 116 -74.95 20.15 -40.79
CA ARG EB 116 -74.67 19.59 -39.48
C ARG EB 116 -73.41 18.74 -39.48
N HIS EB 117 -73.16 18.00 -40.56
CA HIS EB 117 -72.13 16.97 -40.53
C HIS EB 117 -70.74 17.53 -40.82
N MET EB 118 -70.63 18.48 -41.76
CA MET EB 118 -69.33 19.08 -42.04
C MET EB 118 -68.93 20.08 -40.98
N TYR EB 119 -69.88 20.57 -40.18
CA TYR EB 119 -69.58 21.45 -39.07
C TYR EB 119 -68.67 20.78 -38.05
N HIS EB 120 -68.93 19.51 -37.73
CA HIS EB 120 -68.13 18.82 -36.74
C HIS EB 120 -66.74 18.49 -37.28
N SER EB 121 -66.64 18.18 -38.58
CA SER EB 121 -65.35 17.89 -39.19
C SER EB 121 -64.47 19.14 -39.24
N LEU EB 122 -65.04 20.27 -39.68
CA LEU EB 122 -64.28 21.51 -39.66
C LEU EB 122 -64.05 22.03 -38.25
N TYR EB 123 -64.91 21.65 -37.29
CA TYR EB 123 -64.70 22.01 -35.90
C TYR EB 123 -63.46 21.32 -35.34
N LEU EB 124 -63.34 20.01 -35.60
CA LEU EB 124 -62.14 19.29 -35.20
C LEU EB 124 -60.92 19.75 -35.98
N LYS EB 125 -61.09 20.16 -37.23
CA LYS EB 125 -59.94 20.63 -38.00
C LYS EB 125 -59.51 22.03 -37.58
N VAL EB 126 -60.40 22.81 -36.98
CA VAL EB 126 -60.04 24.09 -36.37
C VAL EB 126 -59.38 23.85 -35.01
N LYS EB 127 -59.86 22.84 -34.26
CA LYS EB 127 -59.22 22.48 -33.00
C LYS EB 127 -57.79 21.99 -33.22
N GLY EB 128 -57.57 21.25 -34.30
CA GLY EB 128 -56.20 21.01 -34.74
C GLY EB 128 -55.60 22.23 -35.40
N ASN EB 129 -54.26 22.30 -35.39
CA ASN EB 129 -53.58 23.47 -35.94
C ASN EB 129 -53.39 23.27 -37.45
N VAL EB 130 -54.46 23.55 -38.19
CA VAL EB 130 -54.42 23.52 -39.65
C VAL EB 130 -54.79 24.88 -40.23
N PHE EB 131 -55.94 25.42 -39.84
CA PHE EB 131 -56.43 26.67 -40.39
C PHE EB 131 -55.78 27.84 -39.65
N LYS EB 132 -55.00 28.64 -40.37
CA LYS EB 132 -54.26 29.72 -39.73
C LYS EB 132 -55.17 30.86 -39.30
N ASN EB 133 -56.07 31.31 -40.18
CA ASN EB 133 -56.87 32.48 -39.86
C ASN EB 133 -58.21 32.44 -40.59
N LYS EB 134 -58.98 33.50 -40.38
CA LYS EB 134 -60.37 33.60 -40.81
C LYS EB 134 -60.49 33.59 -42.32
N ARG EB 135 -59.54 34.20 -43.02
CA ARG EB 135 -59.60 34.28 -44.48
C ARG EB 135 -59.45 32.91 -45.13
N ILE EB 136 -58.43 32.15 -44.74
CA ILE EB 136 -58.26 30.84 -45.36
C ILE EB 136 -59.25 29.82 -44.80
N LEU EB 137 -59.80 30.05 -43.60
CA LEU EB 137 -60.93 29.23 -43.14
C LEU EB 137 -62.16 29.45 -44.02
N MET EB 138 -62.46 30.72 -44.36
CA MET EB 138 -63.59 31.02 -45.22
C MET EB 138 -63.36 30.49 -46.64
N GLU EB 139 -62.11 30.55 -47.11
CA GLU EB 139 -61.80 30.00 -48.43
C GLU EB 139 -61.91 28.48 -48.45
N HIS EB 140 -61.56 27.81 -47.35
CA HIS EB 140 -61.70 26.36 -47.31
C HIS EB 140 -63.17 25.95 -47.20
N ILE EB 141 -63.99 26.76 -46.51
CA ILE EB 141 -65.43 26.50 -46.49
C ILE EB 141 -66.05 26.70 -47.87
N HIS EB 142 -65.61 27.73 -48.60
CA HIS EB 142 -66.04 27.92 -49.98
C HIS EB 142 -65.61 26.76 -50.88
N LYS EB 143 -64.42 26.23 -50.65
CA LYS EB 143 -63.93 25.10 -51.45
C LYS EB 143 -64.74 23.84 -51.18
N LEU EB 144 -65.04 23.56 -49.90
CA LEU EB 144 -65.88 22.40 -49.58
C LEU EB 144 -67.31 22.57 -50.07
N LYS EB 145 -67.82 23.81 -50.08
CA LYS EB 145 -69.17 24.04 -50.59
C LYS EB 145 -69.21 23.85 -52.11
N ALA EB 146 -68.17 24.31 -52.81
CA ALA EB 146 -68.12 24.12 -54.26
C ALA EB 146 -67.89 22.67 -54.63
N ASP EB 147 -67.21 21.91 -53.78
CA ASP EB 147 -67.07 20.48 -54.03
C ASP EB 147 -68.37 19.73 -53.74
N LYS EB 148 -69.07 20.12 -52.67
CA LYS EB 148 -70.34 19.49 -52.31
C LYS EB 148 -71.42 19.78 -53.34
N ALA EB 149 -71.39 20.95 -53.97
CA ALA EB 149 -72.37 21.27 -55.01
C ALA EB 149 -72.20 20.37 -56.23
N ARG EB 150 -70.96 20.09 -56.62
CA ARG EB 150 -70.72 19.17 -57.73
C ARG EB 150 -71.08 17.73 -57.34
N LYS EB 151 -70.74 17.33 -56.10
CA LYS EB 151 -71.03 15.97 -55.66
C LYS EB 151 -72.52 15.72 -55.49
N LYS EB 152 -73.32 16.76 -55.25
CA LYS EB 152 -74.75 16.56 -55.22
C LYS EB 152 -75.40 16.74 -56.59
N LEU EB 153 -74.79 17.55 -57.47
CA LEU EB 153 -75.35 17.73 -58.81
C LEU EB 153 -75.18 16.47 -59.65
N LEU EB 154 -74.00 15.84 -59.59
CA LEU EB 154 -73.77 14.59 -60.32
C LEU EB 154 -74.64 13.46 -59.78
N ALA EB 155 -74.81 13.43 -58.45
CA ALA EB 155 -75.66 12.42 -57.83
C ALA EB 155 -77.13 12.62 -58.20
N ASP EB 156 -77.58 13.88 -58.30
CA ASP EB 156 -78.96 14.13 -58.68
C ASP EB 156 -79.20 13.83 -60.15
N GLN EB 157 -78.22 14.08 -61.02
CA GLN EB 157 -78.36 13.71 -62.43
C GLN EB 157 -78.40 12.20 -62.60
N ALA EB 158 -77.53 11.47 -61.88
CA ALA EB 158 -77.55 10.01 -61.95
C ALA EB 158 -78.83 9.44 -61.36
N GLU EB 159 -79.34 10.06 -60.29
CA GLU EB 159 -80.58 9.60 -59.67
C GLU EB 159 -81.77 9.87 -60.58
N ALA EB 160 -81.74 10.98 -61.33
CA ALA EB 160 -82.82 11.26 -62.28
C ALA EB 160 -82.79 10.28 -63.44
N ARG EB 161 -81.60 9.94 -63.95
CA ARG EB 161 -81.49 8.95 -65.03
C ARG EB 161 -81.97 7.58 -64.57
N ARG EB 162 -81.55 7.16 -63.38
CA ARG EB 162 -81.97 5.87 -62.83
C ARG EB 162 -83.47 5.85 -62.52
N SER EB 163 -84.03 6.97 -62.06
CA SER EB 163 -85.45 7.03 -61.75
C SER EB 163 -86.29 6.97 -63.01
N LYS EB 164 -85.86 7.66 -64.08
CA LYS EB 164 -86.58 7.56 -65.35
C LYS EB 164 -86.45 6.17 -65.97
N THR EB 165 -85.30 5.50 -65.77
CA THR EB 165 -85.15 4.14 -66.28
C THR EB 165 -86.04 3.16 -65.52
N LYS EB 166 -86.11 3.29 -64.19
CA LYS EB 166 -86.98 2.41 -63.40
C LYS EB 166 -88.46 2.69 -63.68
N GLU EB 167 -88.81 3.96 -63.91
CA GLU EB 167 -90.18 4.30 -64.28
C GLU EB 167 -90.55 3.74 -65.63
N ALA EB 168 -89.61 3.78 -66.59
CA ALA EB 168 -89.86 3.18 -67.91
C ALA EB 168 -89.98 1.67 -67.82
N ARG EB 169 -89.19 1.04 -66.94
CA ARG EB 169 -89.29 -0.41 -66.77
C ARG EB 169 -90.61 -0.80 -66.11
N LYS EB 170 -91.07 0.00 -65.14
CA LYS EB 170 -92.36 -0.26 -64.50
C LYS EB 170 -93.51 -0.04 -65.47
N ARG EB 171 -93.40 0.96 -66.34
CA ARG EB 171 -94.46 1.18 -67.34
C ARG EB 171 -94.44 0.12 -68.42
N ARG EB 172 -93.28 -0.44 -68.77
CA ARG EB 172 -93.25 -1.58 -69.69
C ARG EB 172 -93.83 -2.83 -69.04
N GLU EB 173 -93.61 -2.99 -67.72
CA GLU EB 173 -94.26 -4.07 -66.99
C GLU EB 173 -95.78 -3.89 -66.98
N GLU EB 174 -96.24 -2.63 -66.89
CA GLU EB 174 -97.67 -2.34 -66.97
C GLU EB 174 -98.23 -2.64 -68.36
N ARG EB 175 -97.45 -2.33 -69.41
CA ARG EB 175 -97.89 -2.64 -70.78
C ARG EB 175 -97.99 -4.14 -71.01
N LEU EB 176 -97.00 -4.91 -70.53
CA LEU EB 176 -97.09 -6.36 -70.66
C LEU EB 176 -98.20 -6.96 -69.80
N GLN EB 177 -98.48 -6.34 -68.65
CA GLN EB 177 -99.61 -6.79 -67.84
C GLN EB 177 -100.94 -6.52 -68.52
N ALA EB 178 -101.05 -5.38 -69.22
CA ALA EB 178 -102.25 -5.08 -69.98
C ALA EB 178 -102.40 -5.98 -71.20
N LYS EB 179 -101.28 -6.37 -71.83
CA LYS EB 179 -101.35 -7.29 -72.95
C LYS EB 179 -101.69 -8.71 -72.52
N LYS EB 180 -101.20 -9.13 -71.34
CA LYS EB 180 -101.56 -10.46 -70.84
C LYS EB 180 -103.01 -10.49 -70.35
N GLU EB 181 -103.44 -9.44 -69.67
CA GLU EB 181 -104.83 -9.35 -69.21
C GLU EB 181 -105.47 -8.05 -69.69
N MET FB 1 62.37 34.35 49.25
CA MET FB 1 62.99 35.64 49.46
C MET FB 1 62.22 36.78 48.83
N LYS FB 2 62.59 38.00 49.21
CA LYS FB 2 62.06 39.21 48.61
C LYS FB 2 63.12 40.00 47.87
N ALA FB 3 64.38 39.94 48.33
CA ALA FB 3 65.52 40.74 47.84
C ALA FB 3 65.19 42.23 47.85
N SER FB 4 64.64 42.67 48.98
CA SER FB 4 64.23 44.05 49.14
C SER FB 4 65.44 44.95 49.36
N GLY FB 5 65.59 45.96 48.51
CA GLY FB 5 66.72 46.86 48.60
C GLY FB 5 68.02 46.17 48.21
N THR FB 6 69.11 46.63 48.80
CA THR FB 6 70.38 45.95 48.61
C THR FB 6 70.43 44.67 49.44
N LEU FB 7 71.25 43.74 48.98
CA LEU FB 7 71.38 42.47 49.67
C LEU FB 7 72.54 42.51 50.65
N ARG FB 8 72.65 41.48 51.48
CA ARG FB 8 73.71 41.37 52.47
C ARG FB 8 74.24 39.94 52.48
N GLU FB 9 75.53 39.80 52.72
CA GLU FB 9 76.20 38.51 52.76
C GLU FB 9 76.32 38.03 54.20
N TYR FB 10 75.91 36.78 54.44
CA TYR FB 10 75.96 36.21 55.78
C TYR FB 10 76.67 34.86 55.73
N LYS FB 11 77.68 34.71 56.56
CA LYS FB 11 78.29 33.41 56.81
C LYS FB 11 77.47 32.70 57.87
N VAL FB 12 76.89 31.56 57.52
CA VAL FB 12 76.00 30.83 58.42
C VAL FB 12 76.56 29.42 58.58
N VAL FB 13 76.88 29.03 59.81
CA VAL FB 13 77.29 27.66 60.11
C VAL FB 13 76.18 26.97 60.88
N GLY FB 14 75.98 25.70 60.59
CA GLY FB 14 74.91 24.94 61.19
C GLY FB 14 75.26 23.48 61.30
N ARG FB 15 74.74 22.83 62.33
CA ARG FB 15 75.03 21.42 62.58
C ARG FB 15 73.75 20.71 62.99
N CYS FB 16 73.86 19.40 63.16
CA CYS FB 16 72.77 18.59 63.67
C CYS FB 16 72.77 18.65 65.21
N LEU FB 17 71.73 18.07 65.80
CA LEU FB 17 71.73 17.98 67.24
C LEU FB 17 72.69 16.89 67.71
N PRO FB 18 73.35 17.09 68.85
CA PRO FB 18 74.22 16.04 69.39
C PRO FB 18 73.42 14.85 69.88
N THR FB 19 73.51 13.75 69.16
CA THR FB 19 72.76 12.54 69.45
C THR FB 19 73.67 11.45 69.99
N PRO FB 20 73.16 10.55 70.83
CA PRO FB 20 73.97 9.40 71.29
C PRO FB 20 74.31 8.42 70.19
N LYS FB 21 73.56 8.41 69.08
CA LYS FB 21 73.92 7.55 67.95
C LYS FB 21 75.16 8.06 67.25
N CYS FB 22 75.31 9.38 67.13
CA CYS FB 22 76.46 9.99 66.47
C CYS FB 22 76.65 11.39 67.05
N HIS FB 23 77.64 11.53 67.93
CA HIS FB 23 78.01 12.84 68.44
C HIS FB 23 78.91 13.55 67.43
N THR FB 24 79.28 14.80 67.77
CA THR FB 24 80.13 15.71 67.01
C THR FB 24 79.68 15.88 65.56
N PRO FB 25 78.61 16.64 65.31
CA PRO FB 25 78.16 16.86 63.92
C PRO FB 25 79.18 17.63 63.11
N PRO FB 26 79.17 17.50 61.78
CA PRO FB 26 80.26 18.08 60.97
C PRO FB 26 80.31 19.60 60.93
N LEU FB 27 79.24 20.30 61.34
CA LEU FB 27 79.19 21.76 61.49
C LEU FB 27 79.47 22.45 60.14
N TYR FB 28 78.52 22.30 59.23
CA TYR FB 28 78.66 22.79 57.87
C TYR FB 28 78.55 24.32 57.83
N ARG FB 29 78.90 24.88 56.67
CA ARG FB 29 79.13 26.31 56.52
C ARG FB 29 78.67 26.76 55.15
N MET FB 30 77.85 27.81 55.08
CA MET FB 30 77.41 28.36 53.81
C MET FB 30 77.49 29.88 53.82
N ARG FB 31 77.35 30.44 52.63
CA ARG FB 31 77.52 31.86 52.33
C ARG FB 31 76.23 32.34 51.67
N ILE FB 32 75.30 32.84 52.47
CA ILE FB 32 73.94 33.12 52.02
C ILE FB 32 73.78 34.61 51.77
N PHE FB 33 73.28 34.97 50.60
CA PHE FB 33 72.93 36.35 50.28
C PHE FB 33 71.45 36.57 50.55
N ALA FB 34 71.14 37.56 51.38
CA ALA FB 34 69.80 37.73 51.93
C ALA FB 34 69.66 39.16 52.41
N PRO FB 35 68.43 39.71 52.45
CA PRO FB 35 68.28 41.09 52.96
C PRO FB 35 68.56 41.23 54.44
N ASN FB 36 68.26 40.22 55.25
CA ASN FB 36 68.62 40.25 56.66
C ASN FB 36 68.88 38.82 57.14
N HIS FB 37 69.24 38.72 58.43
CA HIS FB 37 69.77 37.47 58.95
C HIS FB 37 68.70 36.41 59.15
N VAL FB 38 67.44 36.82 59.33
CA VAL FB 38 66.37 35.84 59.49
C VAL FB 38 66.10 35.12 58.17
N VAL FB 39 66.03 35.88 57.08
CA VAL FB 39 65.93 35.31 55.75
C VAL FB 39 67.18 34.51 55.41
N ALA FB 40 68.34 34.95 55.91
CA ALA FB 40 69.58 34.18 55.72
C ALA FB 40 69.51 32.82 56.41
N LYS FB 41 68.99 32.78 57.64
CA LYS FB 41 68.85 31.53 58.37
C LYS FB 41 67.85 30.60 57.70
N SER FB 42 66.72 31.15 57.23
CA SER FB 42 65.71 30.33 56.58
C SER FB 42 66.18 29.77 55.24
N ARG FB 43 66.88 30.60 54.45
CA ARG FB 43 67.44 30.13 53.19
C ARG FB 43 68.59 29.15 53.41
N PHE FB 44 69.31 29.30 54.54
CA PHE FB 44 70.29 28.29 54.94
C PHE FB 44 69.64 26.95 55.23
N TRP FB 45 68.52 26.96 55.97
CA TRP FB 45 67.79 25.71 56.20
C TRP FB 45 67.27 25.11 54.90
N TYR FB 46 66.86 25.97 53.96
CA TYR FB 46 66.41 25.51 52.65
C TYR FB 46 67.51 24.80 51.88
N PHE FB 47 68.69 25.41 51.79
CA PHE FB 47 69.78 24.80 51.04
C PHE FB 47 70.34 23.56 51.72
N VAL FB 48 70.44 23.57 53.06
CA VAL FB 48 71.00 22.39 53.71
C VAL FB 48 69.96 21.25 53.74
N SER FB 49 68.66 21.57 53.74
CA SER FB 49 67.65 20.54 53.56
C SER FB 49 67.65 20.00 52.13
N GLN FB 50 68.02 20.81 51.14
CA GLN FB 50 68.25 20.27 49.81
C GLN FB 50 69.45 19.33 49.78
N LEU FB 51 70.54 19.70 50.43
CA LEU FB 51 71.78 18.95 50.28
C LEU FB 51 71.79 17.68 51.12
N LYS FB 52 71.68 17.81 52.44
CA LYS FB 52 71.87 16.68 53.34
C LYS FB 52 70.64 16.47 54.21
N LYS FB 53 70.69 15.41 55.02
CA LYS FB 53 69.57 15.02 55.89
C LYS FB 53 69.50 15.97 57.08
N MET FB 54 68.95 17.15 56.84
CA MET FB 54 68.86 18.18 57.86
C MET FB 54 67.51 18.88 57.80
N LYS FB 55 67.03 19.28 58.97
CA LYS FB 55 65.83 20.10 59.08
C LYS FB 55 66.01 20.99 60.30
N LYS FB 56 65.07 21.94 60.45
CA LYS FB 56 65.19 22.94 61.50
C LYS FB 56 64.99 22.34 62.89
N SER FB 57 64.21 21.27 63.00
CA SER FB 57 63.92 20.70 64.32
C SER FB 57 65.05 19.83 64.82
N SER FB 58 65.62 18.98 63.97
CA SER FB 58 66.69 18.08 64.36
C SER FB 58 68.06 18.71 64.22
N GLY FB 59 68.13 20.02 63.99
CA GLY FB 59 69.41 20.70 63.83
C GLY FB 59 69.40 22.04 64.53
N GLU FB 60 70.50 22.76 64.38
CA GLU FB 60 70.64 24.08 64.95
C GLU FB 60 71.64 24.87 64.10
N ILE FB 61 71.56 26.20 64.23
CA ILE FB 61 72.50 27.11 63.59
C ILE FB 61 73.43 27.63 64.67
N VAL FB 62 74.73 27.39 64.49
CA VAL FB 62 75.71 27.77 65.51
C VAL FB 62 75.98 29.26 65.46
N TYR FB 63 76.18 29.80 64.26
CA TYR FB 63 76.55 31.20 64.13
C TYR FB 63 76.05 31.73 62.78
N CYS FB 64 75.57 32.97 62.80
CA CYS FB 64 75.11 33.69 61.61
C CYS FB 64 75.68 35.11 61.67
N GLY FB 65 76.63 35.41 60.79
CA GLY FB 65 77.35 36.66 60.87
C GLY FB 65 77.36 37.43 59.56
N GLN FB 66 77.35 38.76 59.70
CA GLN FB 66 77.54 39.65 58.56
C GLN FB 66 78.96 39.51 58.03
N VAL FB 67 79.09 39.46 56.70
CA VAL FB 67 80.39 39.38 56.04
C VAL FB 67 80.60 40.70 55.32
N PHE FB 68 81.49 41.53 55.85
CA PHE FB 68 81.79 42.81 55.22
C PHE FB 68 82.71 42.59 54.02
N GLU FB 69 82.77 43.60 53.16
CA GLU FB 69 83.55 43.51 51.94
C GLU FB 69 85.03 43.66 52.25
N LYS FB 70 85.85 42.80 51.61
CA LYS FB 70 87.29 42.83 51.83
C LYS FB 70 87.92 44.10 51.26
N SER FB 71 87.37 44.63 50.17
CA SER FB 71 87.86 45.87 49.58
C SER FB 71 86.71 46.59 48.90
N PRO FB 72 85.99 47.44 49.64
CA PRO FB 72 84.87 48.16 49.03
C PRO FB 72 85.29 49.25 48.06
N LEU FB 73 86.51 49.77 48.18
CA LEU FB 73 86.97 50.87 47.36
C LEU FB 73 87.63 50.41 46.05
N ARG FB 74 87.43 49.16 45.66
CA ARG FB 74 88.00 48.61 44.44
C ARG FB 74 86.89 48.17 43.51
N VAL FB 75 86.97 48.58 42.25
CA VAL FB 75 85.99 48.19 41.25
C VAL FB 75 86.39 46.81 40.74
N LYS FB 76 85.60 45.80 41.09
CA LYS FB 76 85.97 44.41 40.86
C LYS FB 76 84.99 43.75 39.90
N ASN FB 77 85.34 42.52 39.51
CA ASN FB 77 84.59 41.73 38.54
C ASN FB 77 84.17 40.43 39.20
N PHE FB 78 82.87 40.15 39.20
CA PHE FB 78 82.32 38.98 39.89
C PHE FB 78 81.56 38.10 38.92
N GLY FB 79 81.91 36.82 38.90
CA GLY FB 79 81.16 35.81 38.17
C GLY FB 79 80.17 35.13 39.10
N ILE FB 80 78.91 35.13 38.68
CA ILE FB 80 77.81 34.58 39.46
C ILE FB 80 77.30 33.33 38.74
N TRP FB 81 77.04 32.28 39.50
CA TRP FB 81 76.47 31.04 38.98
C TRP FB 81 75.02 30.93 39.43
N LEU FB 82 74.14 30.56 38.50
CA LEU FB 82 72.70 30.67 38.66
C LEU FB 82 72.04 29.33 38.34
N ARG FB 83 71.02 28.97 39.12
CA ARG FB 83 70.24 27.76 38.95
C ARG FB 83 68.76 28.12 38.82
N TYR FB 84 68.46 29.01 37.88
CA TYR FB 84 67.15 29.66 37.88
C TYR FB 84 66.10 28.73 37.28
N ASP FB 85 64.87 28.83 37.79
CA ASP FB 85 63.77 28.03 37.32
C ASP FB 85 62.90 28.88 36.40
N SER FB 86 62.91 28.55 35.11
CA SER FB 86 62.14 29.28 34.12
C SER FB 86 60.72 28.73 34.07
N ARG FB 87 59.96 29.13 33.05
CA ARG FB 87 58.57 28.68 32.93
C ARG FB 87 58.50 27.22 32.49
N SER FB 88 59.33 26.83 31.52
CA SER FB 88 59.31 25.45 31.04
C SER FB 88 60.15 24.54 31.94
N GLY FB 89 61.45 24.82 32.03
CA GLY FB 89 62.33 24.04 32.87
C GLY FB 89 63.48 24.87 33.37
N THR FB 90 64.10 24.41 34.43
CA THR FB 90 65.17 25.18 35.06
C THR FB 90 66.47 25.07 34.25
N HIS FB 91 67.31 26.09 34.42
CA HIS FB 91 68.55 26.21 33.65
C HIS FB 91 69.66 26.76 34.54
N ASN FB 92 70.88 26.33 34.24
CA ASN FB 92 72.09 26.89 34.82
C ASN FB 92 72.54 28.08 33.98
N MET FB 93 73.31 28.95 34.62
CA MET FB 93 73.68 30.22 33.99
C MET FB 93 74.95 30.77 34.62
N TYR FB 94 75.83 31.33 33.80
CA TYR FB 94 77.00 32.06 34.27
C TYR FB 94 76.87 33.52 33.84
N ARG FB 95 76.89 34.44 34.80
CA ARG FB 95 76.79 35.86 34.52
C ARG FB 95 78.01 36.58 35.09
N GLU FB 96 78.29 37.77 34.55
CA GLU FB 96 79.41 38.57 35.00
C GLU FB 96 78.93 39.98 35.32
N TYR FB 97 79.45 40.54 36.42
CA TYR FB 97 79.05 41.88 36.85
C TYR FB 97 80.26 42.63 37.36
N ARG FB 98 80.47 43.84 36.86
CA ARG FB 98 81.52 44.72 37.33
C ARG FB 98 80.92 45.67 38.36
N ASP FB 99 81.31 45.51 39.62
CA ASP FB 99 80.72 46.27 40.70
C ASP FB 99 81.73 46.33 41.85
N LEU FB 100 81.42 47.13 42.87
CA LEU FB 100 82.33 47.32 43.98
C LEU FB 100 82.35 46.11 44.91
N THR FB 101 81.20 45.78 45.51
CA THR FB 101 81.13 44.77 46.56
C THR FB 101 80.34 43.55 46.09
N THR FB 102 80.53 42.45 46.84
CA THR FB 102 79.90 41.18 46.48
C THR FB 102 78.39 41.24 46.65
N ALA FB 103 77.93 41.84 47.76
CA ALA FB 103 76.49 41.93 48.00
C ALA FB 103 75.82 42.84 46.98
N GLY FB 104 76.51 43.91 46.56
CA GLY FB 104 75.98 44.75 45.51
C GLY FB 104 75.96 44.07 44.16
N ALA FB 105 76.97 43.23 43.89
CA ALA FB 105 76.99 42.49 42.62
C ALA FB 105 75.88 41.44 42.58
N VAL FB 106 75.63 40.75 43.69
CA VAL FB 106 74.53 39.79 43.73
C VAL FB 106 73.18 40.50 43.72
N THR FB 107 73.12 41.72 44.28
CA THR FB 107 71.92 42.54 44.18
C THR FB 107 71.61 42.90 42.72
N GLN FB 108 72.64 43.35 41.99
CA GLN FB 108 72.48 43.60 40.56
C GLN FB 108 72.15 42.33 39.80
N CYS FB 109 72.63 41.17 40.27
CA CYS FB 109 72.28 39.91 39.64
C CYS FB 109 70.80 39.60 39.78
N TYR FB 110 70.24 39.76 40.99
CA TYR FB 110 68.81 39.56 41.19
C TYR FB 110 67.98 40.54 40.37
N ARG FB 111 68.38 41.83 40.37
CA ARG FB 111 67.62 42.83 39.63
C ARG FB 111 67.69 42.59 38.13
N ASP FB 112 68.83 42.14 37.63
CA ASP FB 112 69.02 41.91 36.21
C ASP FB 112 68.30 40.65 35.75
N MET FB 113 68.28 39.61 36.58
CA MET FB 113 67.51 38.41 36.25
C MET FB 113 66.03 38.68 36.26
N GLY FB 114 65.55 39.46 37.23
CA GLY FB 114 64.15 39.86 37.24
C GLY FB 114 63.80 40.78 36.08
N ALA FB 115 64.76 41.58 35.61
CA ALA FB 115 64.52 42.44 34.46
C ALA FB 115 64.41 41.63 33.18
N ARG FB 116 65.47 40.89 32.84
CA ARG FB 116 65.49 40.18 31.57
C ARG FB 116 64.63 38.92 31.59
N HIS FB 117 64.95 37.97 32.46
CA HIS FB 117 64.37 36.64 32.35
C HIS FB 117 63.10 36.45 33.18
N ARG FB 118 62.56 37.53 33.74
CA ARG FB 118 61.33 37.54 34.55
C ARG FB 118 61.41 36.59 35.74
N ALA FB 119 62.61 36.38 36.27
CA ALA FB 119 62.84 35.43 37.34
C ALA FB 119 62.58 36.09 38.69
N ARG FB 120 61.74 35.47 39.50
CA ARG FB 120 61.47 35.97 40.83
C ARG FB 120 62.60 35.58 41.78
N ALA FB 121 62.46 35.96 43.04
CA ALA FB 121 63.38 35.45 44.07
C ALA FB 121 63.07 34.02 44.47
N HIS FB 122 61.91 33.49 44.07
CA HIS FB 122 61.59 32.09 44.34
C HIS FB 122 62.46 31.15 43.53
N SER FB 123 62.77 31.53 42.28
CA SER FB 123 63.39 30.62 41.33
C SER FB 123 64.90 30.73 41.30
N ILE FB 124 65.47 31.87 41.69
CA ILE FB 124 66.90 32.09 41.61
C ILE FB 124 67.58 31.38 42.77
N GLN FB 125 68.51 30.49 42.47
CA GLN FB 125 69.36 29.85 43.46
C GLN FB 125 70.80 30.15 43.09
N ILE FB 126 71.45 31.01 43.88
CA ILE FB 126 72.84 31.38 43.64
C ILE FB 126 73.72 30.18 43.96
N MET FB 127 74.41 29.66 42.95
CA MET FB 127 75.26 28.50 43.17
C MET FB 127 76.60 28.91 43.76
N LYS FB 128 77.27 29.88 43.15
CA LYS FB 128 78.60 30.27 43.60
C LYS FB 128 78.86 31.70 43.12
N VAL FB 129 79.61 32.45 43.94
CA VAL FB 129 80.04 33.80 43.61
C VAL FB 129 81.56 33.82 43.70
N GLU FB 130 82.22 34.25 42.62
CA GLU FB 130 83.68 34.26 42.61
C GLU FB 130 84.21 35.50 41.92
N GLU FB 131 85.13 36.20 42.58
CA GLU FB 131 85.82 37.32 41.95
C GLU FB 131 86.78 36.77 40.90
N ILE FB 132 86.65 37.27 39.67
CA ILE FB 132 87.58 36.94 38.60
C ILE FB 132 88.33 38.21 38.21
N ALA FB 133 89.54 38.03 37.71
CA ALA FB 133 90.38 39.15 37.34
C ALA FB 133 90.16 39.49 35.86
N ALA FB 134 91.02 40.37 35.33
CA ALA FB 134 90.95 40.71 33.91
C ALA FB 134 91.47 39.55 33.06
N SER FB 135 91.18 39.64 31.76
CA SER FB 135 91.51 38.66 30.72
C SER FB 135 90.93 37.27 31.01
N LYS FB 136 89.87 37.20 31.80
CA LYS FB 136 89.13 35.97 32.02
C LYS FB 136 87.62 36.18 31.87
N CYS FB 137 87.19 37.41 31.63
CA CYS FB 137 85.77 37.73 31.50
C CYS FB 137 85.25 37.25 30.15
N ARG FB 138 84.22 36.42 30.19
CA ARG FB 138 83.62 35.88 28.97
C ARG FB 138 82.72 36.89 28.27
N ARG FB 139 82.35 37.99 28.94
CA ARG FB 139 81.29 38.82 28.40
C ARG FB 139 81.83 40.05 27.69
N PRO FB 140 81.24 40.41 26.54
CA PRO FB 140 81.72 41.58 25.80
C PRO FB 140 81.41 42.91 26.47
N ALA FB 141 80.38 42.98 27.32
CA ALA FB 141 80.09 44.22 28.03
C ALA FB 141 81.19 44.54 29.05
N VAL FB 142 81.52 43.56 29.89
CA VAL FB 142 82.59 43.77 30.87
C VAL FB 142 83.95 43.86 30.15
N LYS FB 143 84.09 43.15 29.02
CA LYS FB 143 85.32 43.23 28.23
C LYS FB 143 85.51 44.62 27.62
N GLN FB 144 84.43 45.31 27.25
CA GLN FB 144 84.56 46.66 26.71
C GLN FB 144 84.55 47.73 27.78
N PHE FB 145 84.13 47.40 29.01
CA PHE FB 145 84.45 48.30 30.11
C PHE FB 145 85.90 48.14 30.57
N HIS FB 146 86.55 47.02 30.23
CA HIS FB 146 87.99 46.88 30.45
C HIS FB 146 88.73 47.76 29.44
N ASP FB 147 88.86 49.05 29.79
CA ASP FB 147 89.59 50.02 28.98
C ASP FB 147 90.34 50.97 29.91
N SER FB 148 91.66 51.04 29.78
CA SER FB 148 92.41 52.12 30.37
C SER FB 148 92.28 53.35 29.50
N LYS FB 149 92.32 54.52 30.15
CA LYS FB 149 92.07 55.83 29.54
C LYS FB 149 90.73 55.84 28.80
N ILE FB 150 89.69 55.36 29.47
CA ILE FB 150 88.38 55.23 28.84
C ILE FB 150 87.73 56.61 28.74
N LYS FB 151 87.11 56.89 27.59
CA LYS FB 151 86.49 58.17 27.32
C LYS FB 151 85.07 57.94 26.84
N PHE FB 152 84.11 58.66 27.43
CA PHE FB 152 82.79 58.83 26.82
C PHE FB 152 82.12 60.07 27.37
N PRO FB 153 81.48 60.87 26.53
CA PRO FB 153 80.65 61.97 27.04
C PRO FB 153 79.27 61.48 27.43
N LEU FB 154 78.38 62.40 27.80
CA LEU FB 154 77.01 62.08 28.19
C LEU FB 154 76.06 62.80 27.26
N PRO FB 155 75.76 62.23 26.09
CA PRO FB 155 74.89 62.93 25.14
C PRO FB 155 73.42 62.80 25.53
N HIS FB 156 72.70 63.91 25.34
CA HIS FB 156 71.27 64.04 25.63
C HIS FB 156 70.95 63.71 27.09
N ARG FB 157 71.51 64.51 27.98
CA ARG FB 157 71.32 64.34 29.42
C ARG FB 157 70.24 65.30 29.87
N VAL FB 158 69.00 64.81 29.95
CA VAL FB 158 67.86 65.60 30.39
C VAL FB 158 67.51 65.15 31.81
N LEU FB 159 67.06 66.11 32.62
CA LEU FB 159 66.91 65.91 34.05
C LEU FB 159 65.98 66.98 34.61
N ARG FB 160 65.84 66.98 35.95
CA ARG FB 160 65.09 67.96 36.73
C ARG FB 160 63.61 68.01 36.31
N ARG FB 161 62.92 66.92 36.56
CA ARG FB 161 61.49 66.81 36.26
C ARG FB 161 60.73 67.68 37.25
N GLN FB 162 60.35 68.88 36.79
CA GLN FB 162 59.54 69.87 37.50
C GLN FB 162 60.22 70.41 38.76
N HIS FB 163 61.54 70.24 38.89
CA HIS FB 163 62.28 71.01 39.90
C HIS FB 163 62.36 72.47 39.49
N LYS FB 164 62.51 72.72 38.20
CA LYS FB 164 62.24 74.02 37.62
C LYS FB 164 60.73 74.30 37.71
N PRO FB 165 60.33 75.57 37.59
CA PRO FB 165 58.88 75.86 37.55
C PRO FB 165 58.20 75.23 36.35
N ARG FB 166 56.94 74.83 36.55
CA ARG FB 166 56.16 74.17 35.52
C ARG FB 166 55.86 75.07 34.34
N PHE FB 167 55.93 76.38 34.53
CA PHE FB 167 55.53 77.36 33.53
C PHE FB 167 56.64 78.40 33.44
N THR FB 168 57.48 78.30 32.41
CA THR FB 168 58.61 79.20 32.26
C THR FB 168 58.76 79.59 30.80
N THR FB 169 59.57 80.62 30.56
CA THR FB 169 59.92 81.03 29.22
C THR FB 169 61.13 80.29 28.68
N LYS FB 170 61.68 79.36 29.46
CA LYS FB 170 62.87 78.64 29.05
C LYS FB 170 62.52 77.56 28.02
N ARG FB 171 63.56 77.11 27.32
CA ARG FB 171 63.45 75.97 26.42
C ARG FB 171 64.73 75.17 26.65
N PRO FB 172 64.68 74.18 27.55
CA PRO FB 172 65.91 73.64 28.15
C PRO FB 172 66.75 72.82 27.17
N ASN FB 173 68.05 73.09 27.16
CA ASN FB 173 68.99 72.39 26.31
C ASN FB 173 69.65 71.24 27.04
N THR FB 174 70.24 70.34 26.27
CA THR FB 174 70.93 69.17 26.79
C THR FB 174 72.41 69.24 26.41
N PHE FB 175 73.26 68.79 27.34
CA PHE FB 175 74.72 68.78 27.22
C PHE FB 175 75.29 70.17 26.94
N THR GB 1 21.92 5.51 51.51
CA THR GB 1 21.87 4.76 50.26
C THR GB 1 23.08 3.84 50.13
N ASN GB 2 23.99 3.91 51.11
CA ASN GB 2 25.15 3.04 51.14
C ASN GB 2 24.88 1.67 51.73
N THR GB 3 23.60 1.34 51.94
CA THR GB 3 23.13 0.06 52.49
C THR GB 3 23.77 -0.19 53.86
N LYS GB 4 23.33 0.62 54.82
CA LYS GB 4 23.95 0.67 56.14
C LYS GB 4 23.60 -0.59 56.92
N GLY GB 5 24.31 -1.67 56.60
CA GLY GB 5 24.26 -2.89 57.37
C GLY GB 5 25.52 -3.06 58.21
N LYS GB 6 25.68 -4.26 58.74
CA LYS GB 6 26.82 -4.55 59.60
C LYS GB 6 28.04 -4.86 58.74
N ARG GB 7 29.10 -4.09 58.94
CA ARG GB 7 30.42 -4.25 58.30
C ARG GB 7 30.32 -4.16 56.77
N ARG GB 8 29.95 -2.96 56.31
CA ARG GB 8 29.87 -2.67 54.88
C ARG GB 8 31.10 -1.94 54.37
N GLY GB 9 32.13 -1.77 55.19
CA GLY GB 9 33.34 -1.12 54.74
C GLY GB 9 34.59 -1.76 55.29
N THR GB 10 34.52 -3.07 55.53
CA THR GB 10 35.53 -3.79 56.29
C THR GB 10 36.26 -4.82 55.45
N ARG GB 11 36.65 -4.43 54.23
CA ARG GB 11 37.45 -5.33 53.40
C ARG GB 11 38.86 -5.48 53.95
N TYR GB 12 39.38 -4.43 54.59
CA TYR GB 12 40.74 -4.44 55.14
C TYR GB 12 40.78 -4.44 56.66
N MET GB 13 39.77 -3.91 57.32
CA MET GB 13 39.89 -3.59 58.74
C MET GB 13 39.75 -4.81 59.63
N PHE GB 14 38.84 -5.72 59.31
CA PHE GB 14 38.71 -6.98 60.03
C PHE GB 14 39.50 -8.11 59.39
N SER GB 15 40.65 -7.80 58.78
CA SER GB 15 41.48 -8.78 58.10
C SER GB 15 42.80 -8.96 58.85
N ARG GB 16 43.26 -10.20 58.91
CA ARG GB 16 44.59 -10.46 59.46
C ARG GB 16 45.63 -10.01 58.44
N PRO GB 17 46.61 -9.18 58.84
CA PRO GB 17 47.40 -8.41 57.85
C PRO GB 17 48.29 -9.22 56.90
N PHE GB 18 49.28 -9.93 57.42
CA PHE GB 18 50.23 -10.68 56.58
C PHE GB 18 51.08 -11.58 57.46
N ARG GB 19 51.24 -12.84 57.03
CA ARG GB 19 51.95 -13.90 57.78
C ARG GB 19 51.40 -14.06 59.19
N LYS GB 20 50.09 -13.89 59.35
CA LYS GB 20 49.43 -14.06 60.64
C LYS GB 20 48.15 -14.87 60.52
N HIS GB 21 47.88 -15.46 59.36
CA HIS GB 21 46.70 -16.30 59.21
C HIS GB 21 46.92 -17.64 59.90
N GLY GB 22 45.95 -18.07 60.67
CA GLY GB 22 46.03 -19.34 61.37
C GLY GB 22 45.24 -19.28 62.65
N VAL GB 23 45.62 -20.17 63.58
CA VAL GB 23 44.97 -20.20 64.88
C VAL GB 23 45.42 -18.99 65.71
N VAL GB 24 44.56 -18.60 66.65
CA VAL GB 24 44.85 -17.46 67.50
C VAL GB 24 45.86 -17.88 68.57
N PRO GB 25 46.75 -16.99 68.97
CA PRO GB 25 47.65 -17.31 70.09
C PRO GB 25 46.88 -17.35 71.40
N LEU GB 26 47.46 -18.07 72.36
CA LEU GB 26 46.78 -18.25 73.65
C LEU GB 26 47.12 -17.15 74.65
N ALA GB 27 48.16 -16.36 74.41
CA ALA GB 27 48.44 -15.23 75.28
C ALA GB 27 47.45 -14.10 75.10
N THR GB 28 46.70 -14.09 73.99
CA THR GB 28 45.56 -13.19 73.87
C THR GB 28 44.49 -13.52 74.89
N TYR GB 29 44.26 -14.81 75.13
CA TYR GB 29 43.30 -15.24 76.14
C TYR GB 29 43.87 -15.04 77.55
N MET GB 30 45.11 -15.47 77.76
CA MET GB 30 45.72 -15.50 79.10
C MET GB 30 46.11 -14.09 79.54
N ARG GB 31 45.09 -13.28 79.82
CA ARG GB 31 45.30 -11.91 80.27
C ARG GB 31 44.38 -11.65 81.46
N ILE GB 32 44.64 -10.53 82.13
CA ILE GB 32 43.92 -10.16 83.34
C ILE GB 32 43.00 -9.00 82.99
N TYR GB 33 41.76 -9.31 82.64
CA TYR GB 33 40.76 -8.30 82.31
C TYR GB 33 39.87 -8.10 83.53
N LYS GB 34 40.35 -7.33 84.49
CA LYS GB 34 39.56 -7.01 85.67
C LYS GB 34 38.74 -5.76 85.41
N LYS GB 35 37.93 -5.37 86.39
CA LYS GB 35 37.07 -4.21 86.25
C LYS GB 35 37.88 -2.92 86.41
N GLY GB 36 37.52 -1.91 85.62
CA GLY GB 36 38.23 -0.66 85.61
C GLY GB 36 39.47 -0.62 84.75
N ASP GB 37 39.84 -1.73 84.11
CA ASP GB 37 41.01 -1.76 83.26
C ASP GB 37 40.73 -1.05 81.94
N ILE GB 38 41.55 -0.04 81.64
CA ILE GB 38 41.43 0.71 80.39
C ILE GB 38 41.97 -0.16 79.27
N VAL GB 39 41.09 -0.58 78.36
CA VAL GB 39 41.46 -1.52 77.31
C VAL GB 39 41.19 -0.88 75.96
N ASP GB 40 41.73 -1.51 74.92
CA ASP GB 40 41.54 -1.09 73.53
C ASP GB 40 40.74 -2.13 72.78
N ILE GB 41 40.20 -1.72 71.63
CA ILE GB 41 39.40 -2.59 70.79
C ILE GB 41 40.07 -2.73 69.43
N LYS GB 42 40.29 -3.96 69.00
CA LYS GB 42 40.85 -4.23 67.67
C LYS GB 42 40.25 -5.53 67.16
N GLY GB 43 39.43 -5.44 66.12
CA GLY GB 43 38.68 -6.60 65.68
C GLY GB 43 39.55 -7.65 64.99
N MET GB 44 39.11 -8.90 65.12
CA MET GB 44 39.80 -10.05 64.55
C MET GB 44 38.93 -10.67 63.47
N GLY GB 45 39.58 -11.32 62.50
CA GLY GB 45 38.85 -11.93 61.41
C GLY GB 45 38.56 -13.39 61.62
N THR GB 46 39.37 -14.04 62.47
CA THR GB 46 39.22 -15.48 62.66
C THR GB 46 38.01 -15.81 63.50
N VAL GB 47 37.77 -15.05 64.56
CA VAL GB 47 36.63 -15.28 65.45
C VAL GB 47 35.49 -14.38 64.98
N GLN GB 48 34.45 -14.98 64.41
CA GLN GB 48 33.31 -14.25 63.89
C GLN GB 48 32.16 -14.17 64.89
N LYS GB 49 32.45 -14.39 66.18
CA LYS GB 49 31.38 -14.48 67.18
C LYS GB 49 31.21 -13.22 68.01
N GLY GB 50 32.26 -12.41 68.19
CA GLY GB 50 32.13 -11.30 69.11
C GLY GB 50 32.79 -10.00 68.70
N MET GB 51 32.95 -9.78 67.40
CA MET GB 51 33.45 -8.50 66.94
C MET GB 51 32.40 -7.42 67.19
N PRO GB 52 32.78 -6.26 67.76
CA PRO GB 52 31.78 -5.31 68.26
C PRO GB 52 30.92 -4.67 67.18
N HIS GB 53 31.58 -3.92 66.29
CA HIS GB 53 31.03 -3.21 65.14
C HIS GB 53 32.21 -2.55 64.45
N LYS GB 54 31.99 -2.11 63.20
CA LYS GB 54 33.02 -1.38 62.48
C LYS GB 54 33.23 0.03 63.04
N CYS GB 55 32.29 0.55 63.81
CA CYS GB 55 32.44 1.90 64.37
C CYS GB 55 33.31 1.93 65.61
N TYR GB 56 33.46 0.81 66.32
CA TYR GB 56 34.23 0.78 67.56
C TYR GB 56 35.64 0.27 67.38
N HIS GB 57 36.10 0.12 66.14
CA HIS GB 57 37.45 -0.38 65.92
C HIS GB 57 38.47 0.69 66.23
N GLY GB 58 39.53 0.32 66.94
CA GLY GB 58 40.57 1.26 67.31
C GLY GB 58 40.24 2.17 68.47
N LYS GB 59 39.08 2.01 69.09
CA LYS GB 59 38.68 2.85 70.21
C LYS GB 59 39.19 2.28 71.53
N THR GB 60 38.98 3.05 72.59
CA THR GB 60 39.51 2.75 73.91
C THR GB 60 38.39 2.88 74.94
N GLY GB 61 38.19 1.83 75.73
CA GLY GB 61 37.11 1.82 76.70
C GLY GB 61 37.48 1.31 78.07
N ARG GB 62 36.46 1.19 78.93
CA ARG GB 62 36.62 0.79 80.32
C ARG GB 62 35.76 -0.43 80.59
N VAL GB 63 36.30 -1.39 81.33
CA VAL GB 63 35.62 -2.66 81.59
C VAL GB 63 34.64 -2.48 82.74
N TYR GB 64 33.38 -2.88 82.54
CA TYR GB 64 32.42 -2.88 83.63
C TYR GB 64 31.95 -4.27 84.04
N ASN GB 65 31.84 -5.21 83.11
CA ASN GB 65 31.37 -6.56 83.39
C ASN GB 65 32.28 -7.57 82.72
N VAL GB 66 32.57 -8.67 83.42
CA VAL GB 66 33.36 -9.76 82.88
C VAL GB 66 32.56 -11.04 83.06
N THR GB 67 32.55 -11.89 82.04
CA THR GB 67 31.77 -13.12 81.99
C THR GB 67 32.72 -14.30 81.75
N GLN GB 68 32.15 -15.46 81.38
CA GLN GB 68 32.92 -16.69 81.17
C GLN GB 68 34.01 -16.51 80.11
N HIS GB 69 33.62 -16.23 78.87
CA HIS GB 69 34.60 -16.14 77.80
C HIS GB 69 34.38 -14.90 76.94
N ALA GB 70 34.04 -13.78 77.58
CA ALA GB 70 33.95 -12.48 76.94
C ALA GB 70 34.11 -11.42 78.02
N VAL GB 71 33.75 -10.18 77.69
CA VAL GB 71 33.94 -9.04 78.59
C VAL GB 71 32.95 -7.96 78.17
N GLY GB 72 32.66 -7.03 79.08
CA GLY GB 72 31.78 -5.91 78.79
C GLY GB 72 32.46 -4.59 78.99
N ILE GB 73 32.40 -3.72 77.97
CA ILE GB 73 33.20 -2.50 77.91
C ILE GB 73 32.28 -1.31 77.64
N VAL GB 74 32.50 -0.21 78.37
CA VAL GB 74 31.81 1.04 78.09
C VAL GB 74 32.72 1.93 77.25
N VAL GB 75 32.19 2.45 76.15
CA VAL GB 75 32.96 3.17 75.12
C VAL GB 75 32.25 4.49 74.83
N ASN GB 76 33.01 5.57 74.77
CA ASN GB 76 32.47 6.86 74.35
C ASN GB 76 32.42 6.89 72.82
N LYS GB 77 31.22 6.79 72.27
CA LYS GB 77 31.00 6.85 70.82
C LYS GB 77 30.40 8.21 70.45
N GLN GB 78 30.93 8.81 69.39
CA GLN GB 78 30.40 10.08 68.90
C GLN GB 78 29.36 9.82 67.82
N VAL GB 79 28.20 10.47 67.96
CA VAL GB 79 27.16 10.47 66.94
C VAL GB 79 26.90 11.93 66.55
N LYS GB 80 25.89 12.14 65.72
CA LYS GB 80 25.55 13.48 65.24
C LYS GB 80 25.20 14.43 66.38
N GLY GB 81 24.49 13.93 67.39
CA GLY GB 81 24.12 14.78 68.51
C GLY GB 81 25.25 15.10 69.45
N LYS GB 82 25.73 14.11 70.18
CA LYS GB 82 26.77 14.29 71.18
C LYS GB 82 27.36 12.92 71.50
N ILE GB 83 28.52 12.93 72.17
CA ILE GB 83 29.18 11.67 72.51
C ILE GB 83 28.45 11.00 73.65
N LEU GB 84 28.41 9.67 73.62
CA LEU GB 84 27.62 8.88 74.58
C LEU GB 84 28.42 7.69 75.06
N ALA GB 85 28.26 7.36 76.33
CA ALA GB 85 28.88 6.16 76.90
C ALA GB 85 27.98 4.97 76.64
N LYS GB 86 28.50 3.97 75.91
CA LYS GB 86 27.69 2.86 75.41
C LYS GB 86 28.27 1.55 75.89
N ARG GB 87 27.38 0.60 76.14
CA ARG GB 87 27.70 -0.67 76.80
C ARG GB 87 27.77 -1.76 75.74
N ILE GB 88 28.95 -2.37 75.57
CA ILE GB 88 29.18 -3.33 74.51
C ILE GB 88 29.65 -4.64 75.15
N ASN GB 89 29.28 -5.76 74.53
CA ASN GB 89 29.76 -7.08 74.94
C ASN GB 89 30.69 -7.62 73.86
N VAL GB 90 31.98 -7.69 74.18
CA VAL GB 90 33.02 -8.06 73.22
C VAL GB 90 33.74 -9.30 73.76
N ARG GB 91 34.08 -10.24 72.88
CA ARG GB 91 34.82 -11.42 73.31
C ARG GB 91 36.29 -11.06 73.62
N ILE GB 92 37.03 -12.05 74.07
CA ILE GB 92 38.38 -11.81 74.58
C ILE GB 92 39.38 -11.57 73.45
N GLU GB 93 39.16 -12.19 72.28
CA GLU GB 93 40.15 -12.15 71.21
C GLU GB 93 40.31 -10.76 70.60
N HIS GB 94 39.30 -9.92 70.70
CA HIS GB 94 39.30 -8.61 70.06
C HIS GB 94 39.91 -7.52 70.93
N ILE GB 95 40.36 -7.85 72.15
CA ILE GB 95 40.67 -6.85 73.16
C ILE GB 95 42.12 -7.04 73.61
N LYS GB 96 42.86 -5.95 73.68
CA LYS GB 96 44.16 -5.89 74.31
C LYS GB 96 44.17 -4.79 75.36
N HIS GB 97 45.25 -4.73 76.14
CA HIS GB 97 45.36 -3.70 77.16
C HIS GB 97 45.81 -2.38 76.54
N SER GB 98 45.84 -1.34 77.37
CA SER GB 98 46.37 -0.03 77.00
C SER GB 98 47.51 0.31 77.93
N LYS GB 99 48.69 0.57 77.36
CA LYS GB 99 49.88 0.80 78.16
C LYS GB 99 50.00 2.22 78.67
N SER GB 100 49.10 3.12 78.28
CA SER GB 100 49.17 4.51 78.74
C SER GB 100 48.86 4.62 80.22
N ARG GB 101 47.84 3.91 80.69
CA ARG GB 101 47.53 3.90 82.11
C ARG GB 101 48.63 3.21 82.92
N ASP GB 102 49.28 2.19 82.33
CA ASP GB 102 50.39 1.53 83.01
C ASP GB 102 51.59 2.47 83.14
N SER GB 103 51.85 3.27 82.10
CA SER GB 103 52.91 4.27 82.17
C SER GB 103 52.57 5.36 83.19
N PHE GB 104 51.30 5.72 83.30
CA PHE GB 104 50.90 6.71 84.31
C PHE GB 104 51.05 6.16 85.72
N LEU GB 105 50.72 4.88 85.95
CA LEU GB 105 50.96 4.28 87.25
C LEU GB 105 52.44 4.16 87.57
N LYS GB 106 53.29 3.93 86.55
CA LYS GB 106 54.73 3.95 86.78
C LYS GB 106 55.21 5.35 87.17
N ARG GB 107 54.64 6.38 86.53
CA ARG GB 107 54.98 7.76 86.90
C ARG GB 107 54.50 8.10 88.31
N VAL GB 108 53.33 7.59 88.69
CA VAL GB 108 52.81 7.83 90.05
C VAL GB 108 53.68 7.12 91.09
N LYS GB 109 54.14 5.91 90.79
CA LYS GB 109 55.01 5.19 91.71
C LYS GB 109 56.37 5.88 91.85
N GLU GB 110 56.92 6.38 90.73
CA GLU GB 110 58.18 7.12 90.80
C GLU GB 110 58.02 8.44 91.55
N ASN GB 111 56.87 9.11 91.38
CA ASN GB 111 56.63 10.35 92.11
C ASN GB 111 56.43 10.09 93.60
N ASP GB 112 55.82 8.95 93.97
CA ASP GB 112 55.67 8.61 95.38
C ASP GB 112 57.02 8.27 96.00
N GLN GB 113 57.90 7.60 95.24
CA GLN GB 113 59.24 7.31 95.74
C GLN GB 113 60.05 8.60 95.91
N LYS GB 114 59.95 9.53 94.95
CA LYS GB 114 60.64 10.81 95.08
C LYS GB 114 60.06 11.65 96.21
N LYS GB 115 58.75 11.55 96.46
CA LYS GB 115 58.16 12.28 97.58
C LYS GB 115 58.57 11.68 98.92
N LYS GB 116 58.73 10.35 98.99
CA LYS GB 116 59.26 9.72 100.19
C LYS GB 116 60.70 10.14 100.44
N GLU GB 117 61.52 10.19 99.39
CA GLU GB 117 62.89 10.67 99.52
C GLU GB 117 62.93 12.15 99.90
N ALA GB 118 61.99 12.93 99.40
CA ALA GB 118 61.90 14.35 99.75
C ALA GB 118 61.54 14.53 101.22
N LYS GB 119 60.56 13.77 101.71
CA LYS GB 119 60.18 13.85 103.13
C LYS GB 119 61.28 13.30 104.03
N GLU GB 120 62.08 12.37 103.52
CA GLU GB 120 63.19 11.84 104.31
C GLU GB 120 64.32 12.85 104.43
N LYS GB 121 64.85 13.32 103.31
CA LYS GB 121 66.08 14.11 103.32
C LYS GB 121 65.85 15.62 103.24
N GLY GB 122 64.60 16.08 103.23
CA GLY GB 122 64.33 17.51 103.21
C GLY GB 122 64.71 18.22 101.93
N THR GB 123 64.70 17.52 100.79
CA THR GB 123 65.16 18.08 99.53
C THR GB 123 63.98 18.25 98.57
N TRP GB 124 63.84 19.46 98.03
CA TRP GB 124 62.80 19.73 97.05
C TRP GB 124 63.14 19.05 95.73
N VAL GB 125 62.14 18.50 95.05
CA VAL GB 125 62.38 17.55 93.97
C VAL GB 125 61.91 18.05 92.60
N GLN GB 126 60.89 18.92 92.54
CA GLN GB 126 60.24 19.38 91.29
C GLN GB 126 59.75 18.20 90.44
N LEU GB 127 58.80 17.46 91.00
CA LEU GB 127 58.32 16.23 90.38
C LEU GB 127 57.25 16.45 89.31
N LYS GB 128 56.99 17.69 88.90
CA LYS GB 128 56.06 17.93 87.80
C LYS GB 128 56.71 17.63 86.47
N ARG GB 129 55.92 17.08 85.55
CA ARG GB 129 56.41 16.74 84.22
C ARG GB 129 56.47 18.00 83.37
N GLN GB 130 57.59 18.70 83.42
CA GLN GB 130 57.76 19.87 82.57
C GLN GB 130 57.99 19.44 81.13
N PRO GB 131 57.51 20.22 80.16
CA PRO GB 131 57.71 19.88 78.75
C PRO GB 131 59.14 20.15 78.30
N ALA GB 132 59.38 20.01 76.99
CA ALA GB 132 60.73 20.17 76.43
C ALA GB 132 61.20 21.61 76.57
N PRO GB 133 62.23 21.86 77.37
CA PRO GB 133 62.64 23.25 77.64
C PRO GB 133 63.38 23.81 76.44
N PRO GB 134 63.52 25.14 76.36
CA PRO GB 134 64.41 25.72 75.34
C PRO GB 134 65.86 25.37 75.63
N ARG GB 135 66.66 25.38 74.57
CA ARG GB 135 68.05 24.95 74.67
C ARG GB 135 68.88 25.98 75.43
N GLU GB 136 69.70 25.49 76.35
CA GLU GB 136 70.54 26.36 77.14
C GLU GB 136 71.71 26.88 76.31
N ALA GB 137 72.43 27.85 76.88
CA ALA GB 137 73.57 28.47 76.20
C ALA GB 137 74.74 27.51 76.23
N HIS GB 138 74.71 26.54 75.31
CA HIS GB 138 75.73 25.50 75.28
C HIS GB 138 76.90 25.95 74.40
N PHE GB 139 77.93 25.12 74.34
CA PHE GB 139 79.21 25.50 73.76
C PHE GB 139 79.61 24.47 72.73
N VAL GB 140 80.02 24.92 71.55
CA VAL GB 140 80.32 24.04 70.44
C VAL GB 140 81.83 23.85 70.35
N ARG GB 141 82.26 22.91 69.51
CA ARG GB 141 83.67 22.61 69.33
C ARG GB 141 83.96 22.44 67.85
N THR GB 142 84.96 23.17 67.35
CA THR GB 142 85.33 23.14 65.93
C THR GB 142 86.82 22.87 65.75
N ASN GB 143 87.44 22.19 66.71
CA ASN GB 143 88.88 21.97 66.67
C ASN GB 143 89.26 20.97 65.58
N GLY GB 144 90.51 21.08 65.14
CA GLY GB 144 91.04 20.17 64.12
C GLY GB 144 90.69 20.45 62.69
N LYS GB 145 89.41 20.57 62.37
CA LYS GB 145 88.94 20.73 61.00
C LYS GB 145 88.13 22.00 60.87
N GLU GB 146 88.28 22.66 59.72
CA GLU GB 146 87.47 23.83 59.39
C GLU GB 146 86.04 23.40 59.08
N PRO GB 147 85.06 24.30 59.24
CA PRO GB 147 83.69 23.99 58.82
C PRO GB 147 83.61 23.79 57.31
N GLU GB 148 82.96 22.69 56.91
CA GLU GB 148 82.91 22.30 55.51
C GLU GB 148 81.95 23.21 54.73
N LEU GB 149 82.46 23.78 53.64
CA LEU GB 149 81.68 24.71 52.84
C LEU GB 149 80.73 23.94 51.92
N LEU GB 150 79.44 24.23 52.02
CA LEU GB 150 78.42 23.63 51.16
C LEU GB 150 77.93 24.64 50.14
N GLU GB 151 77.74 24.18 48.91
CA GLU GB 151 77.20 24.99 47.82
C GLU GB 151 76.17 24.14 47.08
N PRO GB 152 75.11 24.74 46.54
CA PRO GB 152 74.13 23.95 45.80
C PRO GB 152 74.68 23.47 44.46
N ILE GB 153 74.29 22.26 44.08
CA ILE GB 153 74.82 21.57 42.91
C ILE GB 153 74.15 22.10 41.64
N PRO GB 154 74.80 22.01 40.48
CA PRO GB 154 74.11 22.38 39.23
C PRO GB 154 73.03 21.37 38.86
N TYR GB 155 72.16 21.80 37.95
CA TYR GB 155 71.03 20.99 37.52
C TYR GB 155 71.46 20.08 36.37
N GLU GB 156 71.34 18.78 36.58
CA GLU GB 156 71.61 17.79 35.55
C GLU GB 156 70.45 16.80 35.52
N PHE GB 157 69.89 16.59 34.33
CA PHE GB 157 68.74 15.71 34.18
C PHE GB 157 69.14 14.25 34.32
N VAL HB 1 -78.31 75.04 -34.34
CA VAL HB 1 -77.73 76.38 -34.20
C VAL HB 1 -77.17 76.55 -32.79
N LEU HB 2 -75.86 76.77 -32.70
CA LEU HB 2 -75.16 76.91 -31.43
C LEU HB 2 -74.42 78.23 -31.43
N LYS HB 3 -74.72 79.09 -30.46
CA LYS HB 3 -74.13 80.42 -30.37
C LYS HB 3 -73.45 80.61 -29.03
N PHE HB 4 -72.52 81.57 -29.01
CA PHE HB 4 -71.81 81.94 -27.79
C PHE HB 4 -71.54 83.44 -27.82
N THR HB 5 -71.30 84.02 -26.64
CA THR HB 5 -71.18 85.45 -26.49
C THR HB 5 -69.98 85.78 -25.63
N LEU HB 6 -69.24 86.82 -26.01
CA LEU HB 6 -68.15 87.38 -25.21
C LEU HB 6 -68.55 88.79 -24.81
N ASP HB 7 -68.77 89.00 -23.50
CA ASP HB 7 -69.11 90.30 -22.98
C ASP HB 7 -67.83 91.06 -22.68
N CYS HB 8 -67.71 92.26 -23.24
CA CYS HB 8 -66.48 93.03 -23.19
C CYS HB 8 -66.81 94.48 -22.86
N THR HB 9 -67.59 94.69 -21.80
CA THR HB 9 -68.09 96.03 -21.48
C THR HB 9 -66.99 96.91 -20.88
N HIS HB 10 -66.46 96.49 -19.74
CA HIS HB 10 -65.60 97.35 -18.92
C HIS HB 10 -64.21 97.68 -19.49
N PRO HB 11 -63.46 96.79 -20.15
CA PRO HB 11 -62.20 97.25 -20.76
C PRO HB 11 -62.41 98.15 -21.97
N VAL HB 12 -63.51 97.99 -22.71
CA VAL HB 12 -63.83 98.92 -23.78
C VAL HB 12 -64.23 100.27 -23.22
N GLU HB 13 -64.96 100.28 -22.10
CA GLU HB 13 -65.26 101.53 -21.41
C GLU HB 13 -64.01 102.18 -20.83
N ASP HB 14 -63.00 101.38 -20.46
CA ASP HB 14 -61.73 101.94 -20.02
C ASP HB 14 -60.94 102.52 -21.18
N GLY HB 15 -60.99 101.88 -22.34
CA GLY HB 15 -60.36 102.38 -23.54
C GLY HB 15 -59.11 101.65 -23.97
N ILE HB 16 -58.59 100.73 -23.14
CA ILE HB 16 -57.41 99.97 -23.53
C ILE HB 16 -57.78 98.92 -24.58
N MET HB 17 -58.97 98.34 -24.44
CA MET HB 17 -59.42 97.26 -25.31
C MET HB 17 -59.82 97.80 -26.68
N ASP HB 18 -59.54 97.03 -27.72
CA ASP HB 18 -59.94 97.35 -29.09
C ASP HB 18 -60.78 96.18 -29.60
N ALA HB 19 -62.11 96.38 -29.62
CA ALA HB 19 -63.03 95.31 -29.99
C ALA HB 19 -62.92 94.96 -31.48
N ALA HB 20 -62.66 95.95 -32.33
CA ALA HB 20 -62.47 95.67 -33.75
C ALA HB 20 -61.19 94.89 -34.00
N ASN HB 21 -60.13 95.19 -33.24
CA ASN HB 21 -58.89 94.43 -33.34
C ASN HB 21 -59.09 93.00 -32.83
N PHE HB 22 -59.90 92.83 -31.77
CA PHE HB 22 -60.16 91.48 -31.29
C PHE HB 22 -61.04 90.69 -32.25
N GLU HB 23 -61.95 91.38 -32.96
CA GLU HB 23 -62.77 90.70 -33.96
C GLU HB 23 -61.92 90.29 -35.16
N GLN HB 24 -60.97 91.14 -35.57
CA GLN HB 24 -60.04 90.75 -36.63
C GLN HB 24 -59.14 89.60 -36.18
N PHE HB 25 -58.76 89.60 -34.90
CA PHE HB 25 -57.97 88.49 -34.35
C PHE HB 25 -58.74 87.18 -34.36
N LEU HB 26 -60.04 87.24 -34.02
CA LEU HB 26 -60.87 86.04 -34.08
C LEU HB 26 -61.04 85.56 -35.53
N GLN HB 27 -61.32 86.48 -36.45
CA GLN HB 27 -61.47 86.10 -37.87
C GLN HB 27 -60.16 85.61 -38.48
N GLU HB 28 -59.02 85.98 -37.90
CA GLU HB 28 -57.74 85.45 -38.36
C GLU HB 28 -57.43 84.08 -37.74
N ARG HB 29 -57.79 83.87 -36.47
CA ARG HB 29 -57.25 82.75 -35.71
C ARG HB 29 -58.26 81.66 -35.33
N ILE HB 30 -59.53 81.77 -35.73
CA ILE HB 30 -60.45 80.67 -35.48
C ILE HB 30 -60.13 79.52 -36.45
N LYS HB 31 -59.84 78.35 -35.88
CA LYS HB 31 -59.50 77.16 -36.66
C LYS HB 31 -60.75 76.27 -36.73
N VAL HB 32 -61.28 76.10 -37.94
CA VAL HB 32 -62.47 75.30 -38.17
C VAL HB 32 -62.05 74.00 -38.85
N ASN HB 33 -62.39 72.87 -38.21
CA ASN HB 33 -62.15 71.52 -38.70
C ASN HB 33 -60.65 71.27 -38.92
N GLY HB 34 -59.83 71.78 -38.01
CA GLY HB 34 -58.39 71.59 -38.08
C GLY HB 34 -57.68 72.63 -38.91
N LYS HB 35 -58.09 72.78 -40.17
CA LYS HB 35 -57.43 73.71 -41.09
C LYS HB 35 -57.82 75.15 -40.76
N ALA HB 36 -56.82 75.98 -40.52
CA ALA HB 36 -57.05 77.38 -40.21
C ALA HB 36 -57.36 78.17 -41.48
N GLY HB 37 -57.71 79.43 -41.28
CA GLY HB 37 -58.03 80.31 -42.39
C GLY HB 37 -58.84 81.49 -41.92
N ASN HB 38 -59.13 82.37 -42.88
CA ASN HB 38 -59.95 83.55 -42.62
C ASN HB 38 -61.42 83.29 -42.91
N LEU HB 39 -61.95 82.23 -42.29
CA LEU HB 39 -63.34 81.78 -42.40
C LEU HB 39 -63.72 81.51 -43.87
N GLY HB 40 -63.06 80.50 -44.41
CA GLY HB 40 -63.25 80.12 -45.80
C GLY HB 40 -64.56 79.40 -46.08
N GLY HB 41 -65.67 80.12 -45.99
CA GLY HB 41 -66.97 79.53 -46.27
C GLY HB 41 -67.53 78.68 -45.15
N GLY HB 42 -66.98 78.78 -43.94
CA GLY HB 42 -67.49 78.00 -42.84
C GLY HB 42 -68.79 78.54 -42.28
N VAL HB 43 -69.41 77.74 -41.41
CA VAL HB 43 -70.67 78.14 -40.79
C VAL HB 43 -70.49 79.07 -39.61
N VAL HB 44 -69.25 79.32 -39.19
CA VAL HB 44 -69.00 80.24 -38.09
C VAL HB 44 -69.24 81.67 -38.53
N THR HB 45 -69.90 82.44 -37.68
CA THR HB 45 -70.27 83.82 -37.99
C THR HB 45 -70.07 84.68 -36.76
N ILE HB 46 -69.35 85.78 -36.91
CA ILE HB 46 -69.02 86.68 -35.82
C ILE HB 46 -69.82 87.97 -36.00
N GLU HB 47 -70.60 88.33 -34.98
CA GLU HB 47 -71.42 89.52 -34.98
C GLU HB 47 -70.92 90.49 -33.92
N ARG HB 48 -70.92 91.77 -34.26
CA ARG HB 48 -70.31 92.83 -33.48
C ARG HB 48 -71.40 93.62 -32.76
N SER HB 49 -71.06 94.10 -31.57
CA SER HB 49 -71.88 95.08 -30.85
C SER HB 49 -70.94 96.00 -30.08
N LYS HB 50 -71.51 96.84 -29.21
CA LYS HB 50 -70.69 97.74 -28.42
C LYS HB 50 -69.92 96.99 -27.34
N SER HB 51 -70.54 95.94 -26.77
CA SER HB 51 -69.89 95.19 -25.71
C SER HB 51 -70.06 93.68 -25.85
N LYS HB 52 -70.72 93.19 -26.89
CA LYS HB 52 -71.00 91.77 -27.04
C LYS HB 52 -70.50 91.31 -28.39
N ILE HB 53 -69.61 90.31 -28.38
CA ILE HB 53 -69.11 89.70 -29.61
C ILE HB 53 -69.69 88.29 -29.67
N THR HB 54 -70.56 88.04 -30.64
CA THR HB 54 -71.36 86.83 -30.66
C THR HB 54 -70.94 85.94 -31.82
N VAL HB 55 -70.53 84.72 -31.52
CA VAL HB 55 -70.24 83.74 -32.55
C VAL HB 55 -71.42 82.79 -32.67
N THR HB 56 -71.64 82.28 -33.88
CA THR HB 56 -72.76 81.39 -34.16
C THR HB 56 -72.33 80.38 -35.21
N SER HB 57 -72.59 79.10 -34.96
CA SER HB 57 -72.21 78.05 -35.90
C SER HB 57 -73.22 76.92 -35.84
N GLU HB 58 -73.29 76.17 -36.95
CA GLU HB 58 -74.10 74.95 -37.01
C GLU HB 58 -73.27 73.71 -36.73
N VAL HB 59 -72.02 73.70 -37.20
CA VAL HB 59 -71.03 72.70 -36.76
C VAL HB 59 -70.81 72.86 -35.27
N PRO HB 60 -70.78 71.78 -34.48
CA PRO HB 60 -70.60 71.91 -33.03
C PRO HB 60 -69.24 72.49 -32.66
N PHE HB 61 -69.27 73.51 -31.82
CA PHE HB 61 -68.12 74.35 -31.52
C PHE HB 61 -68.17 74.71 -30.04
N SER HB 62 -67.00 74.77 -29.41
CA SER HB 62 -66.92 74.97 -27.97
C SER HB 62 -66.47 76.38 -27.63
N LYS HB 63 -66.88 76.83 -26.45
CA LYS HB 63 -66.45 78.12 -25.93
C LYS HB 63 -65.07 78.06 -25.29
N ARG HB 64 -64.53 76.86 -25.08
CA ARG HB 64 -63.17 76.74 -24.57
C ARG HB 64 -62.14 77.21 -25.59
N TYR HB 65 -62.41 77.04 -26.87
CA TYR HB 65 -61.53 77.60 -27.89
C TYR HB 65 -61.63 79.11 -27.95
N LEU HB 66 -62.80 79.67 -27.64
CA LEU HB 66 -62.95 81.11 -27.52
C LEU HB 66 -62.16 81.65 -26.34
N LYS HB 67 -62.24 80.96 -25.20
CA LYS HB 67 -61.46 81.35 -24.02
C LYS HB 67 -59.97 81.20 -24.27
N TYR HB 68 -59.58 80.19 -25.06
CA TYR HB 68 -58.20 79.98 -25.43
C TYR HB 68 -57.67 81.11 -26.31
N LEU HB 69 -58.46 81.52 -27.32
CA LEU HB 69 -58.07 82.65 -28.15
C LEU HB 69 -58.08 83.95 -27.37
N THR HB 70 -58.97 84.10 -26.39
CA THR HB 70 -59.01 85.31 -25.58
C THR HB 70 -57.78 85.40 -24.69
N LYS HB 71 -57.36 84.28 -24.10
CA LYS HB 71 -56.13 84.27 -23.31
C LYS HB 71 -54.91 84.53 -24.18
N LYS HB 72 -54.89 84.00 -25.41
CA LYS HB 72 -53.78 84.26 -26.31
C LYS HB 72 -53.72 85.72 -26.73
N TYR HB 73 -54.89 86.34 -26.94
CA TYR HB 73 -54.98 87.75 -27.29
C TYR HB 73 -54.51 88.63 -26.14
N LEU HB 74 -54.95 88.33 -24.92
CA LEU HB 74 -54.55 89.11 -23.76
C LEU HB 74 -53.06 88.92 -23.44
N LYS HB 75 -52.51 87.74 -23.75
CA LYS HB 75 -51.08 87.55 -23.55
C LYS HB 75 -50.27 88.31 -24.59
N LYS HB 76 -50.68 88.27 -25.86
CA LYS HB 76 -49.94 88.99 -26.88
C LYS HB 76 -50.16 90.50 -26.82
N ASN HB 77 -51.16 90.97 -26.08
CA ASN HB 77 -51.31 92.40 -25.82
C ASN HB 77 -51.00 92.77 -24.38
N ASN HB 78 -50.42 91.85 -23.61
CA ASN HB 78 -49.89 92.08 -22.26
C ASN HB 78 -50.95 92.56 -21.28
N LEU HB 79 -52.19 92.14 -21.47
CA LEU HB 79 -53.29 92.48 -20.59
C LEU HB 79 -53.71 91.31 -19.70
N ARG HB 80 -52.92 90.23 -19.70
CA ARG HB 80 -53.26 89.08 -18.88
C ARG HB 80 -53.02 89.35 -17.40
N ASP HB 81 -52.09 90.25 -17.07
CA ASP HB 81 -51.82 90.59 -15.69
C ASP HB 81 -52.94 91.40 -15.06
N TRP HB 82 -53.75 92.09 -15.87
CA TRP HB 82 -54.88 92.84 -15.33
C TRP HB 82 -56.17 92.02 -15.35
N LEU HB 83 -56.62 91.63 -16.54
CA LEU HB 83 -57.92 91.00 -16.72
C LEU HB 83 -57.82 89.49 -16.55
N ARG HB 84 -58.98 88.87 -16.30
CA ARG HB 84 -59.11 87.43 -16.31
C ARG HB 84 -60.40 87.08 -17.06
N VAL HB 85 -60.45 85.86 -17.58
CA VAL HB 85 -61.54 85.44 -18.44
C VAL HB 85 -62.38 84.44 -17.65
N VAL HB 86 -63.57 84.86 -17.25
CA VAL HB 86 -64.51 84.01 -16.53
C VAL HB 86 -65.81 83.95 -17.30
N ALA HB 87 -66.67 83.01 -16.92
CA ALA HB 87 -67.94 82.80 -17.59
C ALA HB 87 -69.06 83.54 -16.86
N ASN HB 88 -69.90 84.23 -17.63
CA ASN HB 88 -71.02 84.95 -17.03
C ASN HB 88 -72.22 84.03 -16.87
N SER HB 89 -72.54 83.26 -17.92
CA SER HB 89 -73.68 82.35 -17.90
C SER HB 89 -73.30 81.11 -18.69
N LYS HB 90 -74.30 80.30 -19.04
CA LYS HB 90 -74.07 79.09 -19.82
C LYS HB 90 -73.76 79.37 -21.28
N GLU HB 91 -73.96 80.60 -21.74
CA GLU HB 91 -73.78 80.94 -23.15
C GLU HB 91 -72.72 82.00 -23.39
N SER HB 92 -72.05 82.49 -22.35
CA SER HB 92 -71.22 83.67 -22.52
C SER HB 92 -70.06 83.66 -21.53
N TYR HB 93 -68.99 84.34 -21.93
CA TYR HB 93 -67.95 84.80 -21.02
C TYR HB 93 -68.12 86.29 -20.77
N GLU HB 94 -67.38 86.79 -19.78
CA GLU HB 94 -67.37 88.21 -19.48
C GLU HB 94 -65.97 88.60 -19.04
N LEU HB 95 -65.45 89.69 -19.60
CA LEU HB 95 -64.08 90.12 -19.33
C LEU HB 95 -64.09 91.15 -18.21
N ARG HB 96 -63.67 90.73 -17.03
CA ARG HB 96 -63.46 91.64 -15.91
C ARG HB 96 -62.06 91.42 -15.36
N TYR HB 97 -61.69 92.22 -14.36
CA TYR HB 97 -60.40 92.12 -13.71
C TYR HB 97 -60.59 91.95 -12.21
N PHE HB 98 -59.48 91.90 -11.48
CA PHE HB 98 -59.50 91.69 -10.05
C PHE HB 98 -58.78 92.83 -9.35
N GLN HB 99 -59.29 93.18 -8.16
CA GLN HB 99 -58.77 94.25 -7.28
C GLN HB 99 -58.68 95.60 -7.98
N ALA IB 1 25.20 52.03 -32.57
CA ALA IB 1 24.90 51.55 -31.22
C ALA IB 1 23.40 51.56 -30.96
N LYS IB 2 22.94 50.64 -30.12
CA LYS IB 2 21.54 50.56 -29.77
C LYS IB 2 21.20 51.66 -28.76
N PHE IB 3 20.11 52.39 -29.03
CA PHE IB 3 19.64 53.43 -28.14
C PHE IB 3 18.47 52.92 -27.32
N ARG IB 4 18.19 53.61 -26.22
CA ARG IB 4 17.06 53.24 -25.39
C ARG IB 4 15.76 53.70 -26.06
N ILE IB 5 14.88 52.75 -26.33
CA ILE IB 5 13.53 53.06 -26.78
C ILE IB 5 12.57 52.60 -25.68
N SER IB 6 11.28 52.86 -25.86
CA SER IB 6 10.29 52.52 -24.84
C SER IB 6 10.08 51.01 -24.80
N LEU IB 7 10.52 50.38 -23.73
CA LEU IB 7 10.37 48.93 -23.59
C LEU IB 7 8.93 48.60 -23.24
N GLY IB 8 8.34 47.68 -24.00
CA GLY IB 8 6.94 47.37 -23.83
C GLY IB 8 6.56 45.91 -23.99
N LEU IB 9 7.52 45.00 -23.87
CA LEU IB 9 7.28 43.57 -23.97
C LEU IB 9 7.98 42.85 -22.83
N PRO IB 10 7.33 42.73 -21.67
CA PRO IB 10 7.94 42.03 -20.53
C PRO IB 10 7.84 40.52 -20.70
N VAL IB 11 8.29 39.80 -19.68
CA VAL IB 11 8.23 38.34 -19.67
C VAL IB 11 6.78 37.91 -19.56
N GLY IB 12 6.35 37.06 -20.49
CA GLY IB 12 4.96 36.68 -20.61
C GLY IB 12 4.28 37.23 -21.84
N ALA IB 13 5.01 37.94 -22.69
CA ALA IB 13 4.44 38.52 -23.89
C ALA IB 13 4.28 37.46 -24.97
N VAL IB 14 3.15 37.52 -25.67
CA VAL IB 14 2.85 36.63 -26.78
C VAL IB 14 2.82 37.48 -28.03
N ILE IB 15 3.84 37.31 -28.89
CA ILE IB 15 3.99 38.12 -30.08
C ILE IB 15 3.72 37.25 -31.30
N ASN IB 16 3.49 37.89 -32.44
CA ASN IB 16 3.25 37.20 -33.69
C ASN IB 16 4.57 36.91 -34.38
N CYS IB 17 4.75 35.65 -34.78
CA CYS IB 17 6.00 35.21 -35.40
C CYS IB 17 5.90 35.50 -36.89
N ALA IB 18 6.54 36.58 -37.33
CA ALA IB 18 6.42 37.05 -38.72
C ALA IB 18 7.54 36.43 -39.54
N ASP IB 19 7.29 35.22 -40.05
CA ASP IB 19 8.26 34.51 -40.88
C ASP IB 19 7.51 33.53 -41.77
N ASN IB 20 8.26 32.61 -42.40
CA ASN IB 20 7.69 31.54 -43.19
C ASN IB 20 8.06 30.16 -42.67
N THR IB 21 8.47 30.07 -41.40
CA THR IB 21 8.90 28.80 -40.84
C THR IB 21 7.72 27.90 -40.51
N GLY IB 22 6.70 28.45 -39.85
CA GLY IB 22 5.54 27.68 -39.47
C GLY IB 22 5.11 27.91 -38.04
N ALA IB 23 5.70 28.90 -37.38
CA ALA IB 23 5.33 29.27 -36.02
C ALA IB 23 4.35 30.43 -36.07
N LYS IB 24 3.27 30.33 -35.30
CA LYS IB 24 2.26 31.38 -35.27
C LYS IB 24 2.58 32.44 -34.23
N ASN IB 25 2.76 32.03 -32.97
CA ASN IB 25 3.07 32.97 -31.90
C ASN IB 25 4.36 32.57 -31.19
N LEU IB 26 4.93 33.54 -30.48
CA LEU IB 26 6.14 33.35 -29.70
C LEU IB 26 5.90 33.88 -28.29
N TYR IB 27 6.18 33.03 -27.30
CA TYR IB 27 6.07 33.37 -25.89
C TYR IB 27 7.45 33.75 -25.38
N ILE IB 28 7.62 35.00 -24.97
CA ILE IB 28 8.91 35.50 -24.53
C ILE IB 28 9.14 35.07 -23.09
N ILE IB 29 10.29 34.44 -22.83
CA ILE IB 29 10.62 34.00 -21.48
C ILE IB 29 11.69 34.86 -20.82
N SER IB 30 12.60 35.46 -21.59
CA SER IB 30 13.65 36.32 -21.06
C SER IB 30 14.23 37.14 -22.20
N VAL IB 31 14.99 38.16 -21.83
CA VAL IB 31 15.62 39.08 -22.78
C VAL IB 31 17.12 39.03 -22.55
N LYS IB 32 17.89 38.95 -23.64
CA LYS IB 32 19.35 38.92 -23.55
C LYS IB 32 19.87 40.27 -23.04
N GLY IB 33 20.65 40.24 -21.97
CA GLY IB 33 21.35 41.42 -21.52
C GLY IB 33 20.56 42.37 -20.63
N ILE IB 34 19.83 41.84 -19.67
CA ILE IB 34 19.16 42.64 -18.66
C ILE IB 34 19.59 42.15 -17.28
N LYS IB 35 20.08 43.07 -16.46
CA LYS IB 35 20.61 42.74 -15.14
C LYS IB 35 19.45 42.50 -14.18
N GLY IB 36 19.78 42.14 -12.94
CA GLY IB 36 18.79 41.73 -11.97
C GLY IB 36 18.27 42.86 -11.10
N ARG IB 37 16.99 42.75 -10.72
CA ARG IB 37 16.34 43.69 -9.83
C ARG IB 37 15.11 43.00 -9.23
N LEU IB 38 14.86 43.22 -7.94
CA LEU IB 38 13.68 42.68 -7.27
C LEU IB 38 12.39 43.19 -7.91
N ASN IB 39 11.60 42.24 -8.40
CA ASN IB 39 10.26 42.46 -8.97
C ASN IB 39 10.32 43.44 -10.15
N ARG IB 40 11.10 43.06 -11.15
CA ARG IB 40 11.20 43.82 -12.39
C ARG IB 40 11.24 42.82 -13.53
N LEU IB 41 10.19 42.80 -14.33
CA LEU IB 41 10.16 41.88 -15.46
C LEU IB 41 11.11 42.38 -16.54
N PRO IB 42 12.00 41.54 -17.06
CA PRO IB 42 12.85 41.94 -18.18
C PRO IB 42 12.05 42.23 -19.43
N ALA IB 43 12.02 43.50 -19.82
CA ALA IB 43 11.17 43.97 -20.91
C ALA IB 43 11.96 44.04 -22.20
N ALA IB 44 11.27 43.74 -23.30
CA ALA IB 44 11.88 43.68 -24.63
C ALA IB 44 11.45 44.86 -25.46
N GLY IB 45 12.38 45.38 -26.27
CA GLY IB 45 12.07 46.41 -27.23
C GLY IB 45 12.33 45.92 -28.64
N VAL IB 46 12.31 46.83 -29.61
CA VAL IB 46 12.63 46.45 -30.98
C VAL IB 46 14.14 46.24 -31.10
N GLY IB 47 14.53 45.08 -31.64
CA GLY IB 47 15.92 44.75 -31.81
C GLY IB 47 16.55 44.06 -30.63
N ASP IB 48 15.90 44.08 -29.46
CA ASP IB 48 16.39 43.35 -28.30
C ASP IB 48 16.19 41.86 -28.53
N MET IB 49 17.29 41.11 -28.64
CA MET IB 49 17.21 39.67 -28.83
C MET IB 49 16.73 39.01 -27.55
N VAL IB 50 15.77 38.09 -27.70
CA VAL IB 50 15.08 37.48 -26.58
C VAL IB 50 15.19 35.97 -26.72
N MET IB 51 14.77 35.27 -25.67
CA MET IB 51 14.51 33.84 -25.73
C MET IB 51 13.01 33.62 -25.75
N ALA IB 52 12.56 32.72 -26.63
CA ALA IB 52 11.13 32.54 -26.82
C ALA IB 52 10.84 31.08 -27.12
N THR IB 53 9.61 30.69 -26.81
CA THR IB 53 9.08 29.38 -27.14
C THR IB 53 7.92 29.53 -28.10
N VAL IB 54 7.48 28.42 -28.67
CA VAL IB 54 6.39 28.40 -29.65
C VAL IB 54 5.18 27.76 -28.99
N LYS IB 55 4.09 28.51 -28.87
CA LYS IB 55 2.85 27.99 -28.32
C LYS IB 55 1.86 27.50 -29.36
N LYS IB 56 1.84 28.11 -30.55
CA LYS IB 56 1.00 27.66 -31.65
C LYS IB 56 1.86 27.56 -32.91
N GLY IB 57 1.78 26.44 -33.59
CA GLY IB 57 2.52 26.25 -34.81
C GLY IB 57 2.81 24.77 -35.03
N LYS IB 58 3.91 24.51 -35.74
CA LYS IB 58 4.31 23.15 -36.02
C LYS IB 58 4.86 22.49 -34.76
N PRO IB 59 4.63 21.18 -34.59
CA PRO IB 59 5.14 20.49 -33.39
C PRO IB 59 6.65 20.34 -33.33
N GLU IB 60 7.37 20.56 -34.44
CA GLU IB 60 8.82 20.49 -34.41
C GLU IB 60 9.44 21.70 -33.73
N LEU IB 61 8.73 22.82 -33.68
CA LEU IB 61 9.23 24.03 -33.05
C LEU IB 61 8.72 24.22 -31.64
N ARG IB 62 7.77 23.40 -31.19
CA ARG IB 62 7.21 23.54 -29.86
C ARG IB 62 8.07 22.82 -28.83
N LYS IB 63 7.79 23.11 -27.56
CA LYS IB 63 8.40 22.48 -26.38
C LYS IB 63 9.91 22.67 -26.33
N LYS IB 64 10.41 23.80 -26.82
CA LYS IB 64 11.83 24.11 -26.75
C LYS IB 64 12.01 25.60 -26.79
N VAL IB 65 13.18 26.06 -26.35
CA VAL IB 65 13.54 27.46 -26.38
C VAL IB 65 14.31 27.74 -27.66
N HIS IB 66 14.26 29.00 -28.10
CA HIS IB 66 15.04 29.42 -29.26
C HIS IB 66 15.22 30.93 -29.18
N PRO IB 67 16.32 31.46 -29.71
CA PRO IB 67 16.46 32.92 -29.77
C PRO IB 67 15.48 33.54 -30.75
N ALA IB 68 15.22 34.82 -30.54
CA ALA IB 68 14.28 35.57 -31.37
C ALA IB 68 14.67 37.04 -31.34
N VAL IB 69 14.19 37.78 -32.33
CA VAL IB 69 14.41 39.23 -32.41
C VAL IB 69 13.07 39.89 -32.65
N VAL IB 70 12.69 40.81 -31.76
CA VAL IB 70 11.46 41.57 -31.91
C VAL IB 70 11.63 42.58 -33.03
N ILE IB 71 10.74 42.53 -34.02
CA ILE IB 71 10.81 43.45 -35.15
C ILE IB 71 9.72 44.52 -35.11
N ARG IB 72 8.59 44.27 -34.46
CA ARG IB 72 7.50 45.23 -34.38
C ARG IB 72 7.02 45.33 -32.94
N GLN IB 73 6.50 46.50 -32.60
CA GLN IB 73 6.08 46.80 -31.23
C GLN IB 73 4.90 47.76 -31.27
N ARG IB 74 3.81 47.40 -30.59
CA ARG IB 74 2.65 48.27 -30.58
C ARG IB 74 2.82 49.43 -29.61
N LYS IB 75 3.71 49.27 -28.62
CA LYS IB 75 4.06 50.37 -27.74
C LYS IB 75 4.83 51.44 -28.51
N SER IB 76 4.38 52.69 -28.38
CA SER IB 76 5.05 53.79 -29.05
C SER IB 76 6.39 54.09 -28.40
N TYR IB 77 7.40 54.28 -29.22
CA TYR IB 77 8.75 54.58 -28.74
C TYR IB 77 9.29 55.78 -29.48
N ARG IB 78 10.18 56.52 -28.82
CA ARG IB 78 10.71 57.76 -29.34
C ARG IB 78 12.01 57.51 -30.08
N ARG IB 79 12.10 58.05 -31.29
CA ARG IB 79 13.37 58.09 -32.01
C ARG IB 79 14.04 59.45 -31.79
N LYS IB 80 15.30 59.53 -32.19
CA LYS IB 80 16.05 60.77 -32.02
C LYS IB 80 15.59 61.87 -32.97
N ASP IB 81 14.86 61.52 -34.03
CA ASP IB 81 14.29 62.52 -34.92
C ASP IB 81 13.15 63.27 -34.24
N GLY IB 82 12.52 62.68 -33.23
CA GLY IB 82 11.43 63.33 -32.52
C GLY IB 82 10.07 62.74 -32.76
N VAL IB 83 9.98 61.64 -33.49
CA VAL IB 83 8.69 61.03 -33.81
C VAL IB 83 8.42 59.89 -32.84
N PHE IB 84 7.13 59.59 -32.66
CA PHE IB 84 6.66 58.50 -31.82
C PHE IB 84 5.92 57.53 -32.74
N LEU IB 85 6.65 56.58 -33.31
CA LEU IB 85 6.07 55.67 -34.29
C LEU IB 85 5.85 54.30 -33.66
N TYR IB 86 4.68 53.72 -33.95
CA TYR IB 86 4.27 52.45 -33.37
C TYR IB 86 3.58 51.61 -34.43
N PHE IB 87 3.71 50.30 -34.30
CA PHE IB 87 3.19 49.36 -35.27
C PHE IB 87 1.76 48.94 -34.90
N GLU IB 88 1.25 47.95 -35.62
CA GLU IB 88 -0.10 47.47 -35.37
C GLU IB 88 -0.12 46.35 -34.35
N ASP IB 89 0.88 45.47 -34.38
CA ASP IB 89 0.91 44.34 -33.46
C ASP IB 89 2.35 44.06 -33.03
N ASN IB 90 2.47 43.46 -31.85
CA ASN IB 90 3.77 43.01 -31.37
C ASN IB 90 4.21 41.80 -32.17
N ALA IB 91 5.33 41.93 -32.90
CA ALA IB 91 5.78 40.86 -33.77
C ALA IB 91 7.26 40.60 -33.54
N GLY IB 92 7.72 39.47 -34.05
CA GLY IB 92 9.12 39.09 -33.94
C GLY IB 92 9.46 37.99 -34.92
N VAL IB 93 10.75 37.88 -35.20
CA VAL IB 93 11.28 36.83 -36.07
C VAL IB 93 12.07 35.85 -35.22
N ILE IB 94 12.27 34.66 -35.77
CA ILE IB 94 13.09 33.64 -35.14
C ILE IB 94 14.51 33.76 -35.67
N VAL IB 95 15.49 33.43 -34.83
CA VAL IB 95 16.90 33.63 -35.16
C VAL IB 95 17.71 32.63 -34.33
N ASN IB 96 18.93 32.36 -34.78
CA ASN IB 96 19.84 31.49 -34.03
C ASN IB 96 20.70 32.34 -33.09
N ASN IB 97 21.74 31.74 -32.52
CA ASN IB 97 22.60 32.47 -31.60
C ASN IB 97 23.52 33.43 -32.35
N LYS IB 98 23.97 33.04 -33.55
CA LYS IB 98 24.90 33.87 -34.30
C LYS IB 98 24.20 35.08 -34.93
N GLY IB 99 22.96 34.90 -35.40
CA GLY IB 99 22.23 35.99 -36.01
C GLY IB 99 21.75 35.69 -37.41
N GLU IB 100 21.58 34.42 -37.74
CA GLU IB 100 21.07 34.00 -39.03
C GLU IB 100 19.59 33.65 -38.91
N MET IB 101 18.83 33.95 -39.96
CA MET IB 101 17.41 33.65 -39.99
C MET IB 101 17.16 32.15 -40.16
N LYS IB 102 16.23 31.62 -39.37
CA LYS IB 102 15.82 30.24 -39.55
C LYS IB 102 14.91 30.11 -40.78
N GLY IB 103 14.04 31.10 -41.00
CA GLY IB 103 13.21 31.15 -42.18
C GLY IB 103 13.93 31.81 -43.34
N SER IB 104 13.13 32.25 -44.31
CA SER IB 104 13.70 32.89 -45.50
C SER IB 104 13.01 34.20 -45.83
N ALA IB 105 11.74 34.33 -45.45
CA ALA IB 105 10.97 35.53 -45.77
C ALA IB 105 10.40 36.12 -44.49
N ILE IB 106 10.25 37.43 -44.48
CA ILE IB 106 9.70 38.17 -43.34
C ILE IB 106 8.51 38.99 -43.84
N THR IB 107 7.34 38.74 -43.28
CA THR IB 107 6.15 39.47 -43.66
C THR IB 107 6.01 40.74 -42.83
N GLY IB 108 5.29 41.72 -43.38
CA GLY IB 108 5.08 42.98 -42.71
C GLY IB 108 6.30 43.86 -42.70
N PRO IB 109 6.22 45.01 -42.03
CA PRO IB 109 7.37 45.91 -41.95
C PRO IB 109 8.32 45.53 -40.83
N VAL IB 110 9.57 45.96 -40.99
CA VAL IB 110 10.62 45.79 -40.00
C VAL IB 110 11.17 47.16 -39.65
N ALA IB 111 11.30 47.45 -38.36
CA ALA IB 111 11.68 48.78 -37.92
C ALA IB 111 13.15 49.08 -38.25
N LYS IB 112 13.47 50.37 -38.23
CA LYS IB 112 14.82 50.84 -38.59
C LYS IB 112 15.86 50.42 -37.56
N GLU IB 113 15.46 50.32 -36.29
CA GLU IB 113 16.40 49.89 -35.26
C GLU IB 113 16.81 48.44 -35.45
N CYS IB 114 15.85 47.56 -35.73
CA CYS IB 114 16.17 46.17 -36.02
C CYS IB 114 16.92 46.04 -37.34
N ALA IB 115 16.58 46.87 -38.32
CA ALA IB 115 17.26 46.81 -39.61
C ALA IB 115 18.69 47.32 -39.53
N ASP IB 116 18.99 48.17 -38.56
CA ASP IB 116 20.36 48.67 -38.39
C ASP IB 116 21.19 47.80 -37.45
N LEU IB 117 20.58 47.20 -36.43
CA LEU IB 117 21.33 46.30 -35.56
C LEU IB 117 21.57 44.94 -36.20
N TRP IB 118 20.61 44.43 -36.95
CA TRP IB 118 20.72 43.09 -37.52
C TRP IB 118 20.71 43.16 -39.04
N PRO IB 119 21.85 43.00 -39.70
CA PRO IB 119 21.87 43.07 -41.16
C PRO IB 119 21.22 41.86 -41.83
N ARG IB 120 21.27 40.69 -41.20
CA ARG IB 120 20.67 39.50 -41.80
C ARG IB 120 19.14 39.53 -41.74
N ILE IB 121 18.56 40.30 -40.82
CA ILE IB 121 17.12 40.49 -40.82
C ILE IB 121 16.74 41.57 -41.83
N ALA IB 122 17.58 42.61 -41.97
CA ALA IB 122 17.33 43.65 -42.96
C ALA IB 122 17.53 43.15 -44.39
N SER IB 123 18.27 42.06 -44.58
CA SER IB 123 18.40 41.48 -45.91
C SER IB 123 17.11 40.81 -46.34
N ASN IB 124 16.40 40.17 -45.41
CA ASN IB 124 15.14 39.51 -45.70
C ASN IB 124 13.93 40.40 -45.41
N ALA IB 125 14.15 41.63 -44.96
CA ALA IB 125 13.04 42.52 -44.62
C ALA IB 125 12.38 43.05 -45.88
N GLY IB 126 11.04 43.08 -45.87
CA GLY IB 126 10.28 43.60 -46.98
C GLY IB 126 10.28 45.12 -47.03
N SER IB 127 9.82 45.74 -45.95
CA SER IB 127 9.78 47.19 -45.84
C SER IB 127 10.51 47.61 -44.57
N ILE IB 128 11.25 48.71 -44.67
CA ILE IB 128 12.03 49.25 -43.56
C ILE IB 128 11.22 50.36 -42.90
N ALA IB 129 10.83 50.14 -41.65
CA ALA IB 129 10.05 51.07 -40.81
C ALA IB 129 8.74 51.53 -41.44
N LYS JB 1 12.07 69.07 -41.91
CA LYS JB 1 11.17 68.40 -42.84
C LYS JB 1 9.75 68.33 -42.27
N VAL JB 2 8.87 69.16 -42.78
CA VAL JB 2 7.48 69.20 -42.35
C VAL JB 2 6.66 68.27 -43.23
N GLU JB 3 5.97 67.32 -42.61
CA GLU JB 3 5.18 66.33 -43.32
C GLU JB 3 3.71 66.46 -42.93
N LEU JB 4 2.83 66.39 -43.92
CA LEU JB 4 1.40 66.52 -43.68
C LEU JB 4 0.85 65.27 -43.00
N CYS JB 5 -0.16 65.47 -42.15
CA CYS JB 5 -0.81 64.37 -41.49
C CYS JB 5 -1.73 63.63 -42.47
N SER JB 6 -2.18 62.44 -42.05
CA SER JB 6 -2.97 61.61 -42.93
C SER JB 6 -4.46 61.82 -42.76
N PHE JB 7 -4.93 62.04 -41.53
CA PHE JB 7 -6.36 62.15 -41.30
C PHE JB 7 -6.88 63.53 -41.68
N SER JB 8 -6.40 64.58 -40.99
CA SER JB 8 -6.97 65.91 -41.17
C SER JB 8 -6.43 66.59 -42.42
N GLY JB 9 -5.12 66.80 -42.46
CA GLY JB 9 -4.53 67.53 -43.56
C GLY JB 9 -3.66 68.67 -43.08
N TYR JB 10 -3.43 68.72 -41.77
CA TYR JB 10 -2.61 69.76 -41.17
C TYR JB 10 -1.13 69.46 -41.44
N LYS JB 11 -0.27 70.39 -41.03
CA LYS JB 11 1.17 70.26 -41.20
C LYS JB 11 1.79 69.89 -39.85
N ILE JB 12 2.34 68.68 -39.76
CA ILE JB 12 3.01 68.25 -38.54
C ILE JB 12 4.44 68.79 -38.53
N TYR JB 13 4.76 69.60 -37.55
CA TYR JB 13 6.10 70.11 -37.34
C TYR JB 13 6.96 69.02 -36.71
N PRO JB 14 8.29 69.05 -36.92
CA PRO JB 14 9.16 68.04 -36.29
C PRO JB 14 9.20 68.16 -34.78
N GLY JB 15 8.66 67.15 -34.11
CA GLY JB 15 8.49 67.15 -32.67
C GLY JB 15 7.05 67.13 -32.19
N HIS JB 16 6.10 66.77 -33.05
CA HIS JB 16 4.70 66.74 -32.68
C HIS JB 16 4.05 65.46 -33.20
N GLY JB 17 3.02 65.02 -32.50
CA GLY JB 17 2.18 63.95 -32.99
C GLY JB 17 2.80 62.57 -32.86
N ARG JB 18 2.10 61.61 -33.47
CA ARG JB 18 2.50 60.21 -33.48
C ARG JB 18 2.51 59.70 -34.92
N ARG JB 19 2.95 58.46 -35.08
CA ARG JB 19 3.07 57.85 -36.38
C ARG JB 19 2.63 56.39 -36.28
N TYR JB 20 1.74 55.98 -37.19
CA TYR JB 20 1.18 54.64 -37.20
C TYR JB 20 1.78 53.86 -38.36
N ALA JB 21 2.18 52.63 -38.11
CA ALA JB 21 2.76 51.78 -39.14
C ALA JB 21 1.90 50.53 -39.26
N ARG JB 22 1.05 50.49 -40.28
CA ARG JB 22 0.15 49.37 -40.48
C ARG JB 22 0.94 48.15 -40.96
N THR JB 23 0.40 46.95 -40.69
CA THR JB 23 1.06 45.71 -41.07
C THR JB 23 1.14 45.55 -42.59
N ASP JB 24 0.18 46.11 -43.33
CA ASP JB 24 0.21 46.06 -44.78
C ASP JB 24 1.35 46.87 -45.37
N GLY JB 25 1.86 47.87 -44.66
CA GLY JB 25 3.03 48.62 -45.08
C GLY JB 25 2.82 50.10 -45.28
N LYS JB 26 1.62 50.63 -45.06
CA LYS JB 26 1.36 52.05 -45.27
C LYS JB 26 1.55 52.80 -43.97
N VAL JB 27 2.28 53.91 -44.02
CA VAL JB 27 2.65 54.70 -42.85
C VAL JB 27 1.76 55.93 -42.79
N PHE JB 28 1.11 56.13 -41.65
CA PHE JB 28 0.25 57.29 -41.40
C PHE JB 28 0.88 58.18 -40.35
N GLN JB 29 0.58 59.47 -40.42
CA GLN JB 29 1.04 60.43 -39.44
C GLN JB 29 -0.16 61.13 -38.82
N PHE JB 30 -0.09 61.41 -37.52
CA PHE JB 30 -1.22 62.02 -36.83
C PHE JB 30 -0.73 63.13 -35.93
N LEU JB 31 -1.48 64.23 -35.91
CA LEU JB 31 -1.09 65.39 -35.10
C LEU JB 31 -1.37 65.19 -33.63
N ASN JB 32 -2.44 64.48 -33.28
CA ASN JB 32 -2.80 64.29 -31.89
C ASN JB 32 -3.63 63.02 -31.74
N ALA JB 33 -3.97 62.72 -30.47
CA ALA JB 33 -4.80 61.57 -30.17
C ALA JB 33 -6.23 61.74 -30.65
N LYS JB 34 -6.66 62.98 -30.90
CA LYS JB 34 -7.94 63.24 -31.56
C LYS JB 34 -7.97 62.61 -32.95
N CYS JB 35 -6.99 62.96 -33.79
CA CYS JB 35 -6.87 62.34 -35.11
C CYS JB 35 -6.59 60.85 -35.03
N GLU JB 36 -5.83 60.43 -34.02
CA GLU JB 36 -5.52 59.00 -33.85
C GLU JB 36 -6.78 58.19 -33.56
N SER JB 37 -7.61 58.66 -32.61
CA SER JB 37 -8.84 57.95 -32.28
C SER JB 37 -9.85 58.04 -33.41
N ALA JB 38 -9.92 59.18 -34.09
CA ALA JB 38 -10.85 59.32 -35.20
C ALA JB 38 -10.43 58.50 -36.42
N PHE JB 39 -9.15 58.14 -36.52
CA PHE JB 39 -8.75 57.20 -37.57
C PHE JB 39 -9.00 55.76 -37.15
N LEU JB 40 -8.58 55.40 -35.94
CA LEU JB 40 -8.71 54.00 -35.50
C LEU JB 40 -10.13 53.60 -35.16
N SER JB 41 -11.06 54.54 -35.07
CA SER JB 41 -12.48 54.20 -35.00
C SER JB 41 -13.11 54.08 -36.39
N LYS JB 42 -12.29 54.20 -37.45
CA LYS JB 42 -12.69 54.03 -38.86
C LYS JB 42 -13.76 55.05 -39.26
N ARG JB 43 -13.44 56.33 -39.10
CA ARG JB 43 -14.32 57.41 -39.54
C ARG JB 43 -13.85 57.95 -40.89
N ASN JB 44 -14.68 58.83 -41.45
CA ASN JB 44 -14.44 59.33 -42.79
C ASN JB 44 -13.89 60.75 -42.70
N PRO JB 45 -12.65 61.00 -43.14
CA PRO JB 45 -12.13 62.38 -43.16
C PRO JB 45 -12.88 63.28 -44.13
N ARG JB 46 -13.57 62.73 -45.11
CA ARG JB 46 -14.46 63.48 -45.99
C ARG JB 46 -15.80 63.80 -45.33
N GLN JB 47 -16.02 63.37 -44.09
CA GLN JB 47 -17.24 63.65 -43.38
C GLN JB 47 -17.01 64.38 -42.07
N ILE JB 48 -15.83 64.23 -41.45
CA ILE JB 48 -15.50 65.01 -40.26
C ILE JB 48 -15.35 66.48 -40.63
N ASN JB 49 -16.10 67.34 -39.93
CA ASN JB 49 -16.38 68.69 -40.43
C ASN JB 49 -15.19 69.64 -40.37
N TRP JB 50 -14.16 69.34 -39.58
CA TRP JB 50 -13.05 70.27 -39.42
C TRP JB 50 -11.81 69.86 -40.20
N THR JB 51 -11.84 68.73 -40.90
CA THR JB 51 -10.66 68.26 -41.63
C THR JB 51 -10.51 69.02 -42.95
N VAL JB 52 -9.26 69.17 -43.37
CA VAL JB 52 -8.93 69.90 -44.60
C VAL JB 52 -9.45 69.14 -45.82
N LEU JB 53 -9.50 67.80 -45.73
CA LEU JB 53 -10.08 67.01 -46.80
C LEU JB 53 -11.58 67.25 -46.94
N TYR JB 54 -12.25 67.59 -45.84
CA TYR JB 54 -13.63 68.04 -45.92
C TYR JB 54 -13.75 69.49 -46.38
N ARG JB 55 -12.75 70.32 -46.05
CA ARG JB 55 -12.75 71.71 -46.53
C ARG JB 55 -12.59 71.78 -48.04
N ARG JB 56 -11.91 70.80 -48.64
CA ARG JB 56 -11.63 70.81 -50.06
C ARG JB 56 -12.68 70.08 -50.90
N LYS JB 57 -13.81 69.67 -50.31
CA LYS JB 57 -14.75 68.86 -51.10
C LYS JB 57 -15.66 69.71 -51.97
N HIS JB 58 -16.61 70.43 -51.36
CA HIS JB 58 -17.68 70.97 -52.20
C HIS JB 58 -17.36 72.34 -52.78
N LYS JB 59 -17.50 73.39 -51.96
CA LYS JB 59 -17.27 74.78 -52.37
C LYS JB 59 -16.98 75.54 -51.07
N LYS JB 60 -15.70 75.75 -50.76
CA LYS JB 60 -15.35 76.51 -49.56
C LYS JB 60 -14.36 77.62 -49.93
N GLY JB 61 -14.24 78.58 -49.01
CA GLY JB 61 -13.46 79.79 -49.26
C GLY JB 61 -11.96 79.56 -49.38
N GLN JB 62 -11.46 78.43 -48.86
CA GLN JB 62 -10.06 78.10 -49.05
C GLN JB 62 -9.77 77.62 -50.48
N SER JB 63 -10.80 77.21 -51.21
CA SER JB 63 -10.67 76.82 -52.61
C SER JB 63 -11.22 77.86 -53.58
N GLU JB 64 -12.09 78.75 -53.10
CA GLU JB 64 -12.65 79.81 -53.96
C GLU JB 64 -11.60 80.80 -54.44
N GLU JB 65 -10.48 80.93 -53.74
CA GLU JB 65 -9.42 81.80 -54.21
C GLU JB 65 -8.67 81.23 -55.40
N ILE JB 66 -8.70 79.91 -55.61
CA ILE JB 66 -7.97 79.27 -56.69
C ILE JB 66 -8.87 78.70 -57.78
N GLN JB 67 -10.18 78.58 -57.54
CA GLN JB 67 -11.08 78.19 -58.62
C GLN JB 67 -11.61 79.45 -59.31
N LYS JB 68 -12.63 79.30 -60.14
CA LYS JB 68 -13.13 80.29 -61.11
C LYS JB 68 -12.00 80.75 -62.05
N LYS JB 69 -11.53 79.79 -62.84
CA LYS JB 69 -10.55 80.08 -63.88
C LYS JB 69 -11.21 80.89 -64.99
N ARG JB 70 -10.49 81.89 -65.49
CA ARG JB 70 -11.08 82.83 -66.46
C ARG JB 70 -11.21 82.21 -67.85
N THR JB 71 -10.08 81.89 -68.48
CA THR JB 71 -10.09 81.37 -69.84
C THR JB 71 -8.78 80.64 -70.12
N ARG JB 72 -8.80 79.80 -71.15
CA ARG JB 72 -7.63 79.06 -71.64
C ARG JB 72 -7.72 79.03 -73.17
N ARG JB 73 -7.05 79.98 -73.82
CA ARG JB 73 -7.09 80.11 -75.28
C ARG JB 73 -5.68 80.20 -75.83
N ALA JB 74 -5.57 80.04 -77.15
CA ALA JB 74 -4.29 80.10 -77.85
C ALA JB 74 -4.54 80.52 -79.29
N VAL JB 75 -3.52 80.37 -80.14
CA VAL JB 75 -3.58 80.78 -81.53
C VAL JB 75 -2.76 79.80 -82.36
N LYS JB 76 -3.10 79.69 -83.64
CA LYS JB 76 -2.43 78.80 -84.58
C LYS JB 76 -1.76 79.63 -85.67
N PHE JB 77 -0.55 79.24 -86.05
CA PHE JB 77 0.25 79.96 -87.03
C PHE JB 77 0.70 79.02 -88.14
N GLN JB 78 0.80 79.56 -89.35
CA GLN JB 78 1.06 78.77 -90.55
C GLN JB 78 2.57 78.66 -90.82
N ARG JB 79 2.94 77.65 -91.59
CA ARG JB 79 4.34 77.35 -91.88
C ARG JB 79 4.50 77.07 -93.37
N ALA JB 80 5.75 77.06 -93.82
CA ALA JB 80 6.07 76.68 -95.18
C ALA JB 80 6.15 75.18 -95.31
N ILE JB 81 6.09 74.68 -96.55
CA ILE JB 81 6.16 73.24 -96.76
C ILE JB 81 7.38 72.86 -97.59
N THR JB 82 7.36 73.23 -98.86
CA THR JB 82 8.34 72.81 -99.87
C THR JB 82 8.39 73.86 -100.97
N GLY JB 83 9.02 73.50 -102.09
CA GLY JB 83 8.93 74.26 -103.32
C GLY JB 83 9.92 75.39 -103.47
N ALA JB 84 9.70 76.48 -102.75
CA ALA JB 84 10.49 77.70 -102.94
C ALA JB 84 10.41 78.52 -101.66
N SER JB 85 10.78 79.80 -101.75
CA SER JB 85 10.81 80.68 -100.59
C SER JB 85 9.38 81.03 -100.15
N LEU JB 86 9.32 81.72 -99.00
CA LEU JB 86 8.04 82.07 -98.38
C LEU JB 86 7.23 83.03 -99.23
N ALA JB 87 7.89 83.93 -99.97
CA ALA JB 87 7.17 84.83 -100.86
C ALA JB 87 6.55 84.08 -102.02
N ASP JB 88 7.28 83.12 -102.58
CA ASP JB 88 6.75 82.32 -103.69
C ASP JB 88 5.65 81.37 -103.23
N ILE JB 89 5.69 80.96 -101.95
CA ILE JB 89 4.60 80.13 -101.42
C ILE JB 89 3.36 80.97 -101.17
N MET JB 90 3.52 82.13 -100.54
CA MET JB 90 2.39 83.00 -100.23
C MET JB 90 1.84 83.74 -101.45
N ALA JB 91 2.57 83.75 -102.57
CA ALA JB 91 2.06 84.39 -103.77
C ALA JB 91 0.87 83.64 -104.36
N LYS JB 92 0.81 82.32 -104.15
CA LYS JB 92 -0.33 81.54 -104.62
C LYS JB 92 -1.59 81.84 -103.80
N ARG JB 93 -1.41 82.20 -102.52
CA ARG JB 93 -2.55 82.72 -101.76
C ARG JB 93 -2.89 84.14 -102.20
N ASN JB 94 -1.87 84.96 -102.49
CA ASN JB 94 -2.05 86.35 -102.84
C ASN JB 94 -2.23 86.57 -104.35
N GLN JB 95 -2.62 85.53 -105.09
CA GLN JB 95 -2.98 85.69 -106.50
C GLN JB 95 -4.20 86.59 -106.65
N LYS JB 96 -4.16 87.45 -107.66
CA LYS JB 96 -5.30 88.30 -107.96
C LYS JB 96 -6.44 87.47 -108.55
N PRO JB 97 -7.69 87.85 -108.28
CA PRO JB 97 -8.82 87.04 -108.80
C PRO JB 97 -8.97 87.11 -110.31
N GLU JB 98 -8.66 88.25 -110.93
CA GLU JB 98 -8.68 88.34 -112.38
C GLU JB 98 -7.58 87.48 -112.99
N VAL JB 99 -6.42 87.41 -112.33
CA VAL JB 99 -5.33 86.55 -112.78
C VAL JB 99 -5.71 85.08 -112.63
N ARG JB 100 -6.42 84.73 -111.55
CA ARG JB 100 -6.89 83.36 -111.38
C ARG JB 100 -7.93 82.98 -112.43
N LYS JB 101 -8.85 83.90 -112.73
CA LYS JB 101 -9.84 83.65 -113.79
C LYS JB 101 -9.17 83.51 -115.16
N ALA JB 102 -8.15 84.32 -115.42
CA ALA JB 102 -7.44 84.25 -116.69
C ALA JB 102 -6.67 82.93 -116.82
N GLN JB 103 -6.03 82.48 -115.74
CA GLN JB 103 -5.31 81.21 -115.77
C GLN JB 103 -6.25 80.03 -115.93
N ARG JB 104 -7.42 80.08 -115.26
CA ARG JB 104 -8.39 79.01 -115.40
C ARG JB 104 -9.00 78.98 -116.80
N GLU JB 105 -9.27 80.15 -117.39
CA GLU JB 105 -9.79 80.19 -118.76
C GLU JB 105 -8.76 79.70 -119.76
N GLN JB 106 -7.49 80.07 -119.58
CA GLN JB 106 -6.44 79.57 -120.46
C GLN JB 106 -6.24 78.07 -120.33
N ALA JB 107 -6.33 77.54 -119.10
CA ALA JB 107 -6.18 76.10 -118.89
C ALA JB 107 -7.35 75.32 -119.50
N ILE JB 108 -8.58 75.81 -119.33
CA ILE JB 108 -9.75 75.13 -119.88
C ILE JB 108 -9.75 75.21 -121.40
N ARG JB 109 -9.45 76.39 -121.97
CA ARG JB 109 -9.44 76.53 -123.42
C ARG JB 109 -8.22 75.87 -124.07
N ALA JB 110 -7.18 75.58 -123.31
CA ALA JB 110 -6.10 74.75 -123.83
C ALA JB 110 -6.42 73.27 -123.72
N ALA JB 111 -7.22 72.89 -122.72
CA ALA JB 111 -7.63 71.49 -122.59
C ALA JB 111 -8.74 71.11 -123.55
N LYS JB 112 -9.53 72.08 -124.03
CA LYS JB 112 -10.63 71.77 -124.96
C LYS JB 112 -10.11 71.22 -126.29
N GLU JB 113 -9.03 71.82 -126.81
CA GLU JB 113 -8.47 71.33 -128.08
C GLU JB 113 -7.82 69.96 -127.91
N ALA JB 114 -7.22 69.69 -126.75
CA ALA JB 114 -6.65 68.38 -126.50
C ALA JB 114 -7.73 67.32 -126.35
N LYS JB 115 -8.85 67.67 -125.69
CA LYS JB 115 -9.97 66.73 -125.59
C LYS JB 115 -10.63 66.48 -126.94
N LYS JB 116 -10.71 67.52 -127.77
CA LYS JB 116 -11.26 67.35 -129.12
C LYS JB 116 -10.34 66.49 -129.98
N ALA JB 117 -9.03 66.63 -129.82
CA ALA JB 117 -8.08 65.79 -130.55
C ALA JB 117 -8.13 64.35 -130.08
N LYS JB 118 -8.32 64.13 -128.77
CA LYS JB 118 -8.42 62.78 -128.25
C LYS JB 118 -9.74 62.11 -128.65
N GLN JB 119 -10.82 62.88 -128.75
CA GLN JB 119 -12.08 62.31 -129.23
C GLN JB 119 -12.11 62.13 -130.74
N ALA JB 120 -11.32 62.91 -131.49
CA ALA JB 120 -11.27 62.72 -132.94
C ALA JB 120 -10.29 61.62 -133.34
N SER JB 121 -9.27 61.38 -132.54
CA SER JB 121 -8.30 60.33 -132.84
C SER JB 121 -8.86 58.95 -132.50
N LYS KB 1 -94.31 -1.45 40.25
CA LYS KB 1 -93.25 -0.65 39.65
C LYS KB 1 -92.36 -1.49 38.75
N ILE KB 2 -92.39 -1.19 37.46
CA ILE KB 2 -91.59 -1.88 36.45
C ILE KB 2 -90.49 -0.94 35.99
N ARG KB 3 -89.24 -1.36 36.16
CA ARG KB 3 -88.09 -0.52 35.86
C ARG KB 3 -87.60 -0.86 34.46
N THR KB 4 -88.21 -0.21 33.46
CA THR KB 4 -87.94 -0.53 32.06
C THR KB 4 -86.58 -0.03 31.59
N SER KB 5 -85.98 0.93 32.29
CA SER KB 5 -84.69 1.41 31.81
C SER KB 5 -83.55 0.66 32.51
N PRO KB 6 -82.48 0.34 31.79
CA PRO KB 6 -81.34 -0.33 32.41
C PRO KB 6 -80.41 0.58 33.20
N THR KB 7 -80.81 1.82 33.50
CA THR KB 7 -79.99 2.74 34.27
C THR KB 7 -80.78 3.20 35.48
N PHE KB 8 -80.22 2.98 36.67
CA PHE KB 8 -80.83 3.43 37.92
C PHE KB 8 -80.21 4.77 38.31
N ARG KB 9 -81.05 5.75 38.60
CA ARG KB 9 -80.61 7.10 38.93
C ARG KB 9 -81.27 7.54 40.24
N ARG KB 10 -81.02 8.79 40.62
CA ARG KB 10 -81.51 9.30 41.90
C ARG KB 10 -83.02 9.52 41.85
N PRO KB 11 -83.73 9.16 42.91
CA PRO KB 11 -85.14 9.57 43.00
C PRO KB 11 -85.25 11.05 43.30
N LYS KB 12 -86.35 11.65 42.83
CA LYS KB 12 -86.62 13.05 43.11
C LYS KB 12 -87.11 13.16 44.55
N THR KB 13 -86.20 13.53 45.45
CA THR KB 13 -86.54 13.64 46.86
C THR KB 13 -87.19 14.99 47.14
N LEU KB 14 -87.56 15.20 48.40
CA LEU KB 14 -88.28 16.42 48.81
C LEU KB 14 -87.24 17.39 49.39
N ARG KB 15 -86.81 18.34 48.56
CA ARG KB 15 -85.89 19.37 49.01
C ARG KB 15 -86.65 20.43 49.79
N LEU KB 16 -86.17 20.73 51.00
CA LEU KB 16 -86.84 21.70 51.86
C LEU KB 16 -86.43 23.12 51.48
N ARG KB 17 -87.38 24.04 51.57
CA ARG KB 17 -87.09 25.45 51.42
C ARG KB 17 -86.41 25.97 52.68
N ARG KB 18 -85.43 26.86 52.50
CA ARG KB 18 -84.70 27.44 53.62
C ARG KB 18 -85.62 28.33 54.45
N GLN KB 19 -85.90 27.91 55.69
CA GLN KB 19 -86.69 28.68 56.64
C GLN KB 19 -85.85 28.82 57.90
N PRO KB 20 -85.03 29.85 57.98
CA PRO KB 20 -84.14 30.01 59.14
C PRO KB 20 -84.90 30.50 60.37
N LYS KB 21 -84.26 30.30 61.52
CA LYS KB 21 -84.85 30.70 62.79
C LYS KB 21 -84.53 32.14 63.16
N TYR KB 22 -83.35 32.63 62.80
CA TYR KB 22 -82.93 33.98 63.11
C TYR KB 22 -82.20 34.60 61.92
N PRO KB 23 -82.36 35.90 61.69
CA PRO KB 23 -81.57 36.57 60.66
C PRO KB 23 -80.10 36.65 61.05
N ARG KB 24 -79.25 36.83 60.05
CA ARG KB 24 -77.81 36.75 60.27
C ARG KB 24 -77.10 38.11 60.21
N LYS KB 25 -77.83 39.20 60.02
CA LYS KB 25 -77.21 40.52 60.13
C LYS KB 25 -78.13 41.56 60.77
N SER KB 26 -79.29 41.15 61.30
CA SER KB 26 -80.20 41.90 62.17
C SER KB 26 -80.97 43.03 61.49
N ALA KB 27 -80.59 43.38 60.25
CA ALA KB 27 -81.09 44.56 59.56
C ALA KB 27 -80.66 44.52 58.10
N PRO KB 28 -81.46 45.05 57.19
CA PRO KB 28 -80.98 45.23 55.82
C PRO KB 28 -79.95 46.36 55.76
N ARG KB 29 -78.87 46.09 55.05
CA ARG KB 29 -77.82 47.09 54.86
C ARG KB 29 -78.33 48.22 53.99
N ARG KB 30 -78.10 49.45 54.43
CA ARG KB 30 -78.63 50.60 53.72
C ARG KB 30 -77.88 50.83 52.41
N ASN KB 31 -78.56 51.47 51.47
CA ASN KB 31 -78.01 51.71 50.14
C ASN KB 31 -77.01 52.84 50.23
N LYS KB 32 -75.72 52.51 50.18
CA LYS KB 32 -74.68 53.53 50.20
C LYS KB 32 -74.58 54.25 48.87
N LEU KB 33 -74.92 53.57 47.78
CA LEU KB 33 -74.90 54.20 46.45
C LEU KB 33 -76.30 54.73 46.15
N ASP KB 34 -76.66 55.78 46.88
CA ASP KB 34 -77.95 56.42 46.71
C ASP KB 34 -77.83 57.57 45.70
N HIS KB 35 -78.88 58.38 45.60
CA HIS KB 35 -78.97 59.41 44.58
C HIS KB 35 -77.93 60.51 44.79
N TYR KB 36 -77.58 60.79 46.03
CA TYR KB 36 -76.58 61.81 46.33
C TYR KB 36 -75.16 61.30 46.19
N ALA KB 37 -74.96 59.97 46.11
CA ALA KB 37 -73.64 59.40 45.95
C ALA KB 37 -73.36 58.93 44.53
N ILE KB 38 -74.38 58.75 43.69
CA ILE KB 38 -74.14 58.42 42.29
C ILE KB 38 -73.58 59.63 41.55
N ILE KB 39 -74.36 60.70 41.49
CA ILE KB 39 -73.97 61.91 40.76
C ILE KB 39 -73.22 62.83 41.70
N LYS KB 40 -71.90 62.94 41.50
CA LYS KB 40 -71.03 63.69 42.42
C LYS KB 40 -70.78 65.11 41.95
N PHE KB 41 -70.13 65.28 40.80
CA PHE KB 41 -69.60 66.57 40.37
C PHE KB 41 -70.15 66.93 39.00
N PRO KB 42 -70.74 68.11 38.83
CA PRO KB 42 -70.99 68.61 37.47
C PRO KB 42 -69.71 69.22 36.91
N LEU KB 43 -69.40 68.89 35.66
CA LEU KB 43 -68.15 69.30 35.03
C LEU KB 43 -68.36 70.64 34.34
N THR KB 44 -67.60 71.65 34.76
CA THR KB 44 -67.79 73.03 34.31
C THR KB 44 -66.64 73.52 33.44
N THR KB 45 -66.12 72.66 32.57
CA THR KB 45 -65.01 73.02 31.71
C THR KB 45 -65.56 73.61 30.40
N GLU KB 46 -64.69 73.89 29.45
CA GLU KB 46 -65.12 74.50 28.19
C GLU KB 46 -65.83 73.49 27.30
N SER KB 47 -65.24 72.30 27.14
CA SER KB 47 -65.86 71.29 26.29
C SER KB 47 -67.11 70.70 26.94
N ALA KB 48 -67.19 70.73 28.26
CA ALA KB 48 -68.41 70.31 28.95
C ALA KB 48 -69.45 71.42 29.01
N MET KB 49 -69.02 72.67 28.87
CA MET KB 49 -69.97 73.79 28.87
C MET KB 49 -70.58 74.00 27.50
N LYS KB 50 -69.81 73.76 26.44
CA LYS KB 50 -70.31 73.96 25.08
C LYS KB 50 -71.40 72.96 24.73
N LYS KB 51 -71.38 71.78 25.37
CA LYS KB 51 -72.43 70.80 25.16
C LYS KB 51 -73.78 71.27 25.68
N ILE KB 52 -73.80 72.18 26.65
CA ILE KB 52 -75.06 72.70 27.18
C ILE KB 52 -75.77 73.55 26.14
N GLU KB 53 -75.03 74.38 25.40
CA GLU KB 53 -75.67 75.16 24.35
C GLU KB 53 -75.92 74.33 23.09
N ASP KB 54 -74.90 73.60 22.63
CA ASP KB 54 -74.97 72.98 21.30
C ASP KB 54 -75.45 71.53 21.33
N ASN KB 55 -75.84 71.02 22.48
CA ASN KB 55 -76.16 69.59 22.59
C ASN KB 55 -77.44 69.30 23.37
N ASN KB 56 -77.92 70.24 24.20
CA ASN KB 56 -78.97 70.01 25.21
C ASN KB 56 -78.60 68.81 26.09
N THR KB 57 -77.40 68.87 26.66
CA THR KB 57 -76.79 67.74 27.34
C THR KB 57 -75.91 68.26 28.47
N LEU KB 58 -76.15 67.74 29.67
CA LEU KB 58 -75.30 68.06 30.82
C LEU KB 58 -74.17 67.04 30.94
N VAL KB 59 -73.13 67.42 31.67
CA VAL KB 59 -71.95 66.58 31.88
C VAL KB 59 -71.74 66.43 33.38
N PHE KB 60 -71.63 65.19 33.86
CA PHE KB 60 -71.45 64.95 35.28
C PHE KB 60 -70.32 63.96 35.52
N ILE KB 61 -69.84 63.94 36.76
CA ILE KB 61 -68.82 63.00 37.22
C ILE KB 61 -69.48 62.04 38.19
N VAL KB 62 -69.40 60.74 37.88
CA VAL KB 62 -70.13 59.68 38.54
C VAL KB 62 -69.14 58.68 39.11
N ASP KB 63 -69.50 58.10 40.27
CA ASP KB 63 -68.78 56.96 40.81
C ASP KB 63 -68.86 55.79 39.84
N VAL KB 64 -67.80 54.97 39.84
CA VAL KB 64 -67.66 53.91 38.84
C VAL KB 64 -68.60 52.74 39.04
N LYS KB 65 -69.25 52.63 40.20
CA LYS KB 65 -70.13 51.51 40.47
C LYS KB 65 -71.54 51.72 39.95
N ALA KB 66 -71.81 52.82 39.26
CA ALA KB 66 -73.14 53.12 38.74
C ALA KB 66 -73.19 52.88 37.24
N ASN KB 67 -74.40 52.67 36.74
CA ASN KB 67 -74.63 52.45 35.32
C ASN KB 67 -75.60 53.51 34.77
N LYS KB 68 -75.98 53.31 33.50
CA LYS KB 68 -76.83 54.27 32.79
C LYS KB 68 -78.19 54.41 33.45
N HIS KB 69 -78.76 53.30 33.93
CA HIS KB 69 -80.08 53.34 34.54
C HIS KB 69 -80.05 54.03 35.90
N GLN KB 70 -78.99 53.81 36.68
CA GLN KB 70 -78.88 54.48 37.98
C GLN KB 70 -78.61 55.97 37.82
N ILE KB 71 -77.81 56.34 36.81
CA ILE KB 71 -77.59 57.75 36.53
C ILE KB 71 -78.89 58.43 36.08
N LYS KB 72 -79.67 57.74 35.23
CA LYS KB 72 -80.94 58.27 34.74
C LYS KB 72 -81.94 58.45 35.88
N GLN KB 73 -82.05 57.44 36.75
CA GLN KB 73 -82.94 57.53 37.91
C GLN KB 73 -82.49 58.60 38.89
N ALA KB 74 -81.17 58.75 39.09
CA ALA KB 74 -80.67 59.76 40.01
C ALA KB 74 -80.94 61.16 39.51
N VAL KB 75 -80.77 61.39 38.19
CA VAL KB 75 -81.06 62.72 37.64
C VAL KB 75 -82.55 63.00 37.69
N LYS KB 76 -83.40 62.02 37.38
CA LYS KB 76 -84.84 62.26 37.41
C LYS KB 76 -85.37 62.43 38.83
N LYS KB 77 -84.73 61.82 39.83
CA LYS KB 77 -85.21 61.96 41.20
C LYS KB 77 -84.54 63.08 41.98
N LEU KB 78 -83.47 63.68 41.46
CA LEU KB 78 -82.89 64.86 42.09
C LEU KB 78 -83.31 66.14 41.40
N TYR KB 79 -83.07 66.25 40.09
CA TYR KB 79 -83.24 67.53 39.41
C TYR KB 79 -84.63 67.72 38.83
N ASP KB 80 -85.51 66.73 38.99
CA ASP KB 80 -86.92 66.78 38.55
C ASP KB 80 -87.04 67.06 37.04
N ILE KB 81 -86.11 66.50 36.27
CA ILE KB 81 -86.05 66.67 34.83
C ILE KB 81 -86.01 65.31 34.16
N ASP KB 82 -86.44 65.27 32.90
CA ASP KB 82 -86.47 64.03 32.14
C ASP KB 82 -85.17 63.86 31.36
N VAL KB 83 -84.80 62.60 31.16
CA VAL KB 83 -83.54 62.24 30.52
C VAL KB 83 -83.84 61.49 29.23
N ALA KB 84 -83.28 61.98 28.13
CA ALA KB 84 -83.37 61.22 26.88
C ALA KB 84 -82.41 60.03 26.90
N LYS KB 85 -81.12 60.28 27.13
CA LYS KB 85 -80.17 59.18 27.14
C LYS KB 85 -78.94 59.56 27.97
N VAL KB 86 -78.13 58.56 28.28
CA VAL KB 86 -76.93 58.72 29.09
C VAL KB 86 -75.79 57.98 28.40
N ASN KB 87 -74.71 58.70 28.09
CA ASN KB 87 -73.50 58.10 27.51
C ASN KB 87 -72.38 58.20 28.53
N THR KB 88 -71.83 57.05 28.92
CA THR KB 88 -70.81 57.00 29.97
C THR KB 88 -69.45 56.61 29.39
N LEU KB 89 -68.41 57.24 29.91
CA LEU KB 89 -67.03 56.83 29.65
C LEU KB 89 -66.27 56.82 30.97
N ILE KB 90 -65.15 56.12 31.01
CA ILE KB 90 -64.28 56.14 32.18
C ILE KB 90 -63.20 57.18 31.93
N ARG KB 91 -63.28 58.27 32.69
CA ARG KB 91 -62.24 59.28 32.65
C ARG KB 91 -60.96 58.71 33.23
N PRO KB 92 -59.79 58.93 32.59
CA PRO KB 92 -58.57 58.23 33.01
C PRO KB 92 -57.99 58.66 34.35
N ASP KB 93 -58.58 59.63 35.05
CA ASP KB 93 -58.17 59.89 36.42
C ASP KB 93 -58.72 58.84 37.38
N GLY KB 94 -59.86 58.24 37.04
CA GLY KB 94 -60.43 57.19 37.86
C GLY KB 94 -61.93 57.29 38.06
N GLU KB 95 -62.55 58.36 37.56
CA GLU KB 95 -63.97 58.59 37.73
C GLU KB 95 -64.70 58.26 36.42
N LYS KB 96 -66.02 58.50 36.41
CA LYS KB 96 -66.83 58.26 35.23
C LYS KB 96 -67.38 59.59 34.73
N LYS KB 97 -67.27 59.83 33.44
CA LYS KB 97 -67.84 61.01 32.82
C LYS KB 97 -69.14 60.61 32.13
N ALA KB 98 -70.24 61.23 32.55
CA ALA KB 98 -71.58 60.90 32.04
C ALA KB 98 -72.14 62.09 31.30
N TYR KB 99 -72.45 61.89 30.02
CA TYR KB 99 -73.15 62.86 29.19
C TYR KB 99 -74.63 62.52 29.26
N VAL KB 100 -75.40 63.36 29.95
CA VAL KB 100 -76.82 63.13 30.15
C VAL KB 100 -77.56 64.07 29.19
N ARG KB 101 -78.09 63.51 28.10
CA ARG KB 101 -78.92 64.28 27.20
C ARG KB 101 -80.37 64.22 27.67
N LEU KB 102 -80.99 65.40 27.74
CA LEU KB 102 -82.31 65.56 28.33
C LEU KB 102 -83.38 65.50 27.24
N ALA KB 103 -84.64 65.53 27.69
CA ALA KB 103 -85.77 65.60 26.78
C ALA KB 103 -85.81 66.95 26.08
N PRO KB 104 -86.39 67.02 24.87
CA PRO KB 104 -86.49 68.31 24.18
C PRO KB 104 -87.45 69.30 24.83
N ASP KB 105 -88.29 68.86 25.78
CA ASP KB 105 -89.18 69.79 26.47
C ASP KB 105 -88.41 70.67 27.45
N TYR KB 106 -87.30 70.19 27.98
CA TYR KB 106 -86.52 70.94 28.95
C TYR KB 106 -85.40 71.71 28.25
N ASP KB 107 -84.84 72.68 28.96
CA ASP KB 107 -83.78 73.54 28.44
C ASP KB 107 -82.54 73.35 29.31
N ALA KB 108 -81.44 72.95 28.66
CA ALA KB 108 -80.21 72.67 29.38
C ALA KB 108 -79.60 73.93 30.00
N LEU KB 109 -79.77 75.09 29.35
CA LEU KB 109 -79.29 76.34 29.93
C LEU KB 109 -80.08 76.70 31.19
N ASP KB 110 -81.39 76.46 31.18
CA ASP KB 110 -82.20 76.76 32.36
C ASP KB 110 -81.90 75.80 33.50
N VAL KB 111 -81.68 74.52 33.18
CA VAL KB 111 -81.31 73.54 34.21
C VAL KB 111 -79.93 73.86 34.77
N ALA KB 112 -79.00 74.30 33.91
CA ALA KB 112 -77.66 74.67 34.36
C ALA KB 112 -77.68 75.92 35.23
N ASN KB 113 -78.57 76.88 34.91
CA ASN KB 113 -78.70 78.06 35.76
C ASN KB 113 -79.39 77.74 37.08
N LYS KB 114 -80.28 76.75 37.09
CA LYS KB 114 -80.91 76.37 38.35
C LYS KB 114 -79.97 75.56 39.23
N ILE KB 115 -79.06 74.77 38.65
CA ILE KB 115 -78.11 74.02 39.48
C ILE KB 115 -76.84 74.80 39.77
N GLY KB 116 -76.60 75.91 39.07
CA GLY KB 116 -75.51 76.80 39.39
C GLY KB 116 -74.19 76.52 38.73
N ILE KB 117 -74.17 76.09 37.47
CA ILE KB 117 -72.91 75.89 36.76
C ILE KB 117 -72.84 76.83 35.57
N MET LB 1 -33.20 60.68 93.82
CA MET LB 1 -32.81 59.62 92.90
C MET LB 1 -34.04 58.85 92.43
N LYS LB 2 -34.04 58.44 91.17
CA LYS LB 2 -35.16 57.68 90.61
C LYS LB 2 -35.23 56.29 91.22
N PHE LB 3 -36.38 55.94 91.76
CA PHE LB 3 -36.58 54.64 92.39
C PHE LB 3 -37.63 53.77 91.71
N ASN LB 4 -38.66 54.36 91.13
CA ASN LB 4 -39.67 53.59 90.42
C ASN LB 4 -39.10 53.08 89.11
N PRO LB 5 -39.07 51.76 88.88
CA PRO LB 5 -38.46 51.22 87.66
C PRO LB 5 -39.32 51.31 86.42
N PHE LB 6 -40.46 52.01 86.46
CA PHE LB 6 -41.32 52.14 85.29
C PHE LB 6 -41.28 53.55 84.69
N VAL LB 7 -40.20 54.28 84.94
CA VAL LB 7 -40.00 55.61 84.34
C VAL LB 7 -38.55 55.70 83.89
N THR LB 8 -38.32 56.37 82.76
CA THR LB 8 -37.00 56.37 82.13
C THR LB 8 -36.09 57.41 82.73
N SER LB 9 -34.80 57.08 82.78
CA SER LB 9 -33.73 58.06 82.85
C SER LB 9 -33.01 58.19 81.51
N ASP LB 10 -33.52 57.52 80.48
CA ASP LB 10 -32.82 57.48 79.21
C ASP LB 10 -32.98 58.80 78.48
N ARG LB 11 -31.86 59.34 77.98
CA ARG LB 11 -31.87 60.63 77.31
C ARG LB 11 -32.63 60.56 75.99
N SER LB 12 -32.43 59.48 75.23
CA SER LB 12 -33.11 59.31 73.96
C SER LB 12 -34.61 59.13 74.15
N LYS LB 13 -35.01 58.35 75.16
CA LYS LB 13 -36.42 58.12 75.40
C LYS LB 13 -37.11 59.38 75.95
N ASN LB 14 -36.42 60.13 76.80
CA ASN LB 14 -36.99 61.37 77.33
C ASN LB 14 -37.13 62.44 76.24
N ARG LB 15 -36.11 62.58 75.39
CA ARG LB 15 -36.20 63.52 74.28
C ARG LB 15 -37.24 63.07 73.25
N LYS LB 16 -37.41 61.76 73.07
CA LYS LB 16 -38.42 61.25 72.15
C LYS LB 16 -39.82 61.56 72.65
N ARG LB 17 -40.08 61.28 73.93
CA ARG LB 17 -41.39 61.59 74.50
C ARG LB 17 -41.63 63.10 74.59
N HIS LB 18 -40.56 63.88 74.76
CA HIS LB 18 -40.71 65.33 74.86
C HIS LB 18 -41.03 65.95 73.51
N PHE LB 19 -40.30 65.58 72.47
CA PHE LB 19 -40.52 66.14 71.14
C PHE LB 19 -41.57 65.38 70.33
N ASN LB 20 -42.19 64.35 70.90
CA ASN LB 20 -43.33 63.71 70.26
C ASN LB 20 -44.51 63.57 71.21
N ALA LB 21 -44.54 64.37 72.28
CA ALA LB 21 -45.67 64.35 73.19
C ALA LB 21 -46.90 64.98 72.52
N PRO LB 22 -48.10 64.44 72.77
CA PRO LB 22 -49.31 65.06 72.22
C PRO LB 22 -49.67 66.37 72.89
N SER LB 23 -50.72 67.04 72.43
CA SER LB 23 -51.00 68.42 72.83
C SER LB 23 -51.43 68.52 74.30
N HIS LB 24 -52.14 67.52 74.81
CA HIS LB 24 -52.54 67.56 76.22
C HIS LB 24 -51.37 67.31 77.15
N ILE LB 25 -50.30 66.68 76.66
CA ILE LB 25 -49.05 66.60 77.42
C ILE LB 25 -48.25 67.88 77.26
N ARG LB 26 -48.30 68.48 76.06
CA ARG LB 26 -47.55 69.70 75.79
C ARG LB 26 -48.10 70.89 76.55
N ARG LB 27 -49.38 70.86 76.90
CA ARG LB 27 -49.94 71.87 77.80
C ARG LB 27 -49.31 71.79 79.18
N LYS LB 28 -49.08 70.57 79.68
CA LYS LB 28 -48.39 70.41 80.96
C LYS LB 28 -46.91 70.76 80.84
N ILE LB 29 -46.32 70.54 79.67
CA ILE LB 29 -44.92 70.91 79.44
C ILE LB 29 -44.77 72.43 79.45
N MET LB 30 -45.67 73.14 78.76
CA MET LB 30 -45.61 74.59 78.65
C MET LB 30 -46.32 75.22 79.84
N SER LB 31 -45.74 75.03 81.02
CA SER LB 31 -46.22 75.63 82.25
C SER LB 31 -45.32 76.80 82.63
N SER LB 32 -45.90 77.78 83.33
CA SER LB 32 -45.19 79.00 83.63
C SER LB 32 -45.35 79.35 85.10
N PRO LB 33 -44.30 79.88 85.74
CA PRO LB 33 -44.42 80.30 87.14
C PRO LB 33 -45.25 81.56 87.26
N LEU LB 34 -45.50 81.93 88.51
CA LEU LB 34 -46.35 83.05 88.85
C LEU LB 34 -45.54 84.09 89.62
N SER LB 35 -46.11 85.30 89.72
CA SER LB 35 -45.47 86.33 90.52
C SER LB 35 -45.61 86.01 92.00
N LYS LB 36 -44.82 86.70 92.81
CA LYS LB 36 -44.76 86.37 94.23
C LYS LB 36 -46.03 86.78 94.96
N GLU LB 37 -46.66 87.89 94.57
CA GLU LB 37 -47.90 88.29 95.21
C GLU LB 37 -49.06 87.40 94.77
N LEU LB 38 -49.04 86.94 93.51
CA LEU LB 38 -50.12 86.08 93.05
C LEU LB 38 -49.99 84.68 93.62
N ARG LB 39 -48.76 84.18 93.80
CA ARG LB 39 -48.61 82.88 94.45
C ARG LB 39 -48.86 82.97 95.94
N GLN LB 40 -48.63 84.13 96.57
CA GLN LB 40 -49.04 84.31 97.95
C GLN LB 40 -50.56 84.36 98.07
N LYS LB 41 -51.23 84.96 97.07
CA LYS LB 41 -52.68 85.10 97.13
C LYS LB 41 -53.41 83.81 96.77
N TYR LB 42 -52.82 82.95 95.93
CA TYR LB 42 -53.50 81.74 95.49
C TYR LB 42 -52.95 80.45 96.10
N ASN LB 43 -51.76 80.48 96.72
CA ASN LB 43 -51.08 79.31 97.31
C ASN LB 43 -50.87 78.20 96.26
N VAL LB 44 -50.10 78.55 95.23
CA VAL LB 44 -49.85 77.66 94.11
C VAL LB 44 -48.49 78.03 93.52
N ARG LB 45 -47.78 77.03 92.99
CA ARG LB 45 -46.45 77.28 92.46
C ARG LB 45 -46.48 77.77 91.02
N SER LB 46 -47.16 77.05 90.13
CA SER LB 46 -47.15 77.40 88.72
C SER LB 46 -48.44 76.91 88.06
N MET LB 47 -48.77 77.55 86.94
CA MET LB 47 -49.98 77.28 86.18
C MET LB 47 -49.65 77.16 84.70
N PRO LB 48 -50.38 76.32 83.96
CA PRO LB 48 -50.25 76.32 82.50
C PRO LB 48 -50.81 77.60 81.90
N ILE LB 49 -50.14 78.10 80.88
CA ILE LB 49 -50.46 79.41 80.32
C ILE LB 49 -51.49 79.24 79.21
N ARG LB 50 -52.34 80.26 79.03
CA ARG LB 50 -53.36 80.22 77.98
C ARG LB 50 -53.36 81.50 77.17
N LYS LB 51 -54.43 81.70 76.37
CA LYS LB 51 -54.47 82.77 75.38
C LYS LB 51 -54.54 84.16 76.02
N ASP LB 52 -55.20 84.30 77.17
CA ASP LB 52 -55.50 85.61 77.72
C ASP LB 52 -54.80 85.83 79.07
N ASP LB 53 -53.53 85.45 79.15
CA ASP LB 53 -52.73 85.67 80.34
C ASP LB 53 -51.76 86.83 80.11
N GLU LB 54 -51.58 87.66 81.14
CA GLU LB 54 -50.65 88.78 81.05
C GLU LB 54 -49.28 88.34 81.54
N VAL LB 55 -48.25 88.80 80.85
CA VAL LB 55 -46.91 88.20 80.90
C VAL LB 55 -45.86 89.29 81.12
N GLN LB 56 -45.03 89.11 82.14
CA GLN LB 56 -43.79 89.85 82.30
C GLN LB 56 -42.63 88.91 82.00
N VAL LB 57 -41.72 89.32 81.12
CA VAL LB 57 -40.61 88.48 80.68
C VAL LB 57 -39.40 88.82 81.54
N VAL LB 58 -38.72 87.79 82.04
CA VAL LB 58 -37.66 88.00 83.01
C VAL LB 58 -36.28 87.86 82.34
N ARG LB 59 -36.20 87.07 81.27
CA ARG LB 59 -34.91 86.74 80.65
C ARG LB 59 -35.03 86.72 79.14
N GLY LB 60 -33.91 87.05 78.48
CA GLY LB 60 -33.86 87.14 77.03
C GLY LB 60 -33.40 88.51 76.58
N HIS LB 61 -33.75 88.88 75.34
CA HIS LB 61 -33.45 90.23 74.88
C HIS LB 61 -34.38 91.25 75.50
N TYR LB 62 -35.61 90.85 75.81
CA TYR LB 62 -36.60 91.70 76.45
C TYR LB 62 -36.73 91.27 77.91
N LYS LB 63 -36.46 92.18 78.84
CA LYS LB 63 -36.36 91.82 80.25
C LYS LB 63 -37.03 92.89 81.11
N GLY LB 64 -38.09 92.51 81.80
CA GLY LB 64 -38.63 93.30 82.89
C GLY LB 64 -39.47 94.49 82.53
N GLN LB 65 -40.50 94.75 83.36
CA GLN LB 65 -41.38 95.94 83.28
C GLN LB 65 -42.06 96.08 81.92
N GLN LB 66 -42.42 94.95 81.33
CA GLN LB 66 -43.03 94.89 80.01
C GLN LB 66 -44.25 93.98 80.03
N ILE LB 67 -45.15 94.22 80.97
CA ILE LB 67 -46.35 93.42 81.16
C ILE LB 67 -47.28 93.55 79.96
N GLY LB 68 -47.41 92.47 79.18
CA GLY LB 68 -48.26 92.45 78.02
C GLY LB 68 -49.08 91.17 77.96
N LYS LB 69 -50.06 91.18 77.06
CA LYS LB 69 -50.99 90.07 76.91
C LYS LB 69 -50.57 89.21 75.73
N VAL LB 70 -50.55 87.89 75.92
CA VAL LB 70 -50.15 86.99 74.85
C VAL LB 70 -51.29 86.86 73.84
N VAL LB 71 -50.94 86.42 72.62
CA VAL LB 71 -51.88 86.31 71.53
C VAL LB 71 -51.95 84.89 70.98
N GLN LB 72 -50.81 84.22 70.81
CA GLN LB 72 -50.77 82.88 70.22
C GLN LB 72 -49.90 81.97 71.07
N VAL LB 73 -50.26 80.68 71.09
CA VAL LB 73 -49.51 79.65 71.78
C VAL LB 73 -49.29 78.52 70.78
N TYR LB 74 -48.13 78.51 70.12
CA TYR LB 74 -47.75 77.37 69.28
C TYR LB 74 -47.21 76.29 70.20
N ARG LB 75 -48.01 75.26 70.45
CA ARG LB 75 -47.52 74.12 71.20
C ARG LB 75 -46.67 73.20 70.33
N LYS LB 76 -46.73 73.36 69.01
CA LYS LB 76 -45.83 72.62 68.12
C LYS LB 76 -44.41 73.15 68.23
N LYS LB 77 -44.26 74.46 68.40
CA LYS LB 77 -42.95 75.09 68.51
C LYS LB 77 -42.53 75.38 69.94
N TYR LB 78 -43.39 75.06 70.93
CA TYR LB 78 -43.18 75.35 72.35
C TYR LB 78 -42.95 76.84 72.59
N VAL LB 79 -43.73 77.67 71.92
CA VAL LB 79 -43.49 79.12 71.86
C VAL LB 79 -44.81 79.85 72.05
N ILE LB 80 -44.85 80.75 73.03
CA ILE LB 80 -45.93 81.72 73.13
C ILE LB 80 -45.47 83.01 72.46
N TYR LB 81 -46.41 83.80 71.98
CA TYR LB 81 -46.13 85.08 71.35
C TYR LB 81 -46.85 86.18 72.12
N ILE LB 82 -46.15 87.29 72.34
CA ILE LB 82 -46.61 88.37 73.20
C ILE LB 82 -46.87 89.58 72.33
N GLU LB 83 -47.95 90.32 72.64
CA GLU LB 83 -48.37 91.44 71.81
C GLU LB 83 -47.40 92.61 71.92
N ARG LB 84 -46.84 92.85 73.11
CA ARG LB 84 -45.92 93.97 73.28
C ARG LB 84 -44.57 93.68 72.63
N VAL LB 85 -44.12 92.43 72.70
CA VAL LB 85 -42.80 92.05 72.19
C VAL LB 85 -42.84 92.01 70.68
N GLN LB 86 -42.13 92.92 70.03
CA GLN LB 86 -42.14 93.06 68.58
C GLN LB 86 -40.73 92.97 68.03
N ARG LB 87 -40.64 92.68 66.74
CA ARG LB 87 -39.39 92.78 65.99
C ARG LB 87 -39.72 93.03 64.54
N GLU LB 88 -39.09 94.04 63.95
CA GLU LB 88 -39.35 94.36 62.56
C GLU LB 88 -38.56 93.43 61.64
N LYS LB 89 -39.14 93.13 60.49
CA LYS LB 89 -38.47 92.38 59.45
C LYS LB 89 -37.65 93.34 58.60
N ALA LB 90 -37.19 92.87 57.44
CA ALA LB 90 -36.52 93.76 56.50
C ALA LB 90 -37.49 94.76 55.91
N ASN LB 91 -38.70 94.30 55.53
CA ASN LB 91 -39.66 95.11 54.82
C ASN LB 91 -40.60 95.88 55.73
N GLY LB 92 -40.20 96.17 56.97
CA GLY LB 92 -41.01 96.98 57.85
C GLY LB 92 -42.23 96.30 58.43
N THR LB 93 -42.36 94.99 58.27
CA THR LB 93 -43.46 94.23 58.83
C THR LB 93 -43.07 93.72 60.20
N THR LB 94 -43.90 94.00 61.21
CA THR LB 94 -43.58 93.52 62.55
C THR LB 94 -43.95 92.05 62.69
N VAL LB 95 -43.27 91.39 63.62
CA VAL LB 95 -43.49 89.97 63.90
C VAL LB 95 -43.13 89.74 65.35
N HIS LB 96 -43.81 88.76 65.97
CA HIS LB 96 -43.61 88.49 67.39
C HIS LB 96 -42.39 87.58 67.58
N VAL LB 97 -41.63 87.85 68.63
CA VAL LB 97 -40.39 87.13 68.91
C VAL LB 97 -40.74 85.86 69.67
N GLY LB 98 -40.06 84.76 69.33
CA GLY LB 98 -40.31 83.48 69.98
C GLY LB 98 -39.81 83.48 71.42
N ILE LB 99 -40.72 83.27 72.37
CA ILE LB 99 -40.38 83.23 73.79
C ILE LB 99 -40.89 81.91 74.36
N HIS LB 100 -39.99 81.16 75.02
CA HIS LB 100 -40.36 79.91 75.67
C HIS LB 100 -41.10 80.21 76.98
N PRO LB 101 -42.18 79.47 77.28
CA PRO LB 101 -43.01 79.83 78.44
C PRO LB 101 -42.40 79.50 79.79
N SER LB 102 -41.26 78.82 79.85
CA SER LB 102 -40.61 78.59 81.13
C SER LB 102 -39.82 79.82 81.60
N LYS LB 103 -39.53 80.74 80.69
CA LYS LB 103 -38.87 82.01 81.02
C LYS LB 103 -39.89 83.14 81.10
N VAL LB 104 -41.07 82.85 81.61
CA VAL LB 104 -42.24 83.73 81.56
C VAL LB 104 -42.83 83.79 82.97
N VAL LB 105 -42.98 85.00 83.49
CA VAL LB 105 -43.60 85.21 84.80
C VAL LB 105 -44.99 85.81 84.57
N ILE LB 106 -46.01 85.06 84.95
CA ILE LB 106 -47.39 85.50 84.76
C ILE LB 106 -47.76 86.44 85.89
N THR LB 107 -48.25 87.63 85.56
CA THR LB 107 -48.70 88.59 86.55
C THR LB 107 -50.21 88.63 86.72
N ARG LB 108 -50.97 88.27 85.68
CA ARG LB 108 -52.43 88.22 85.76
C ARG LB 108 -52.94 87.00 85.03
N LEU LB 109 -53.69 86.17 85.73
CA LEU LB 109 -54.31 84.99 85.14
C LEU LB 109 -55.66 85.34 84.52
N LYS LB 110 -56.25 84.37 83.84
CA LYS LB 110 -57.59 84.49 83.30
C LYS LB 110 -58.58 83.82 84.24
N LEU LB 111 -59.63 84.54 84.61
CA LEU LB 111 -60.64 84.01 85.51
C LEU LB 111 -61.65 83.17 84.73
N ASP LB 112 -61.80 81.91 85.12
CA ASP LB 112 -62.78 81.01 84.53
C ASP LB 112 -63.14 79.99 85.60
N LYS LB 113 -64.34 79.41 85.47
CA LYS LB 113 -64.81 78.44 86.46
C LYS LB 113 -63.95 77.17 86.42
N ASP LB 114 -63.52 76.76 85.23
CA ASP LB 114 -62.61 75.63 85.08
C ASP LB 114 -61.27 75.92 85.74
N ARG LB 115 -60.75 77.14 85.57
CA ARG LB 115 -59.49 77.48 86.21
C ARG LB 115 -59.64 77.65 87.72
N LYS LB 116 -60.84 78.01 88.21
CA LYS LB 116 -61.08 77.99 89.65
C LYS LB 116 -61.06 76.57 90.19
N LYS LB 117 -61.62 75.62 89.45
CA LYS LB 117 -61.55 74.22 89.86
C LYS LB 117 -60.11 73.69 89.83
N ILE LB 118 -59.34 74.08 88.81
CA ILE LB 118 -57.93 73.68 88.72
C ILE LB 118 -57.14 74.27 89.88
N LEU LB 119 -57.36 75.55 90.19
CA LEU LB 119 -56.65 76.22 91.28
C LEU LB 119 -57.04 75.64 92.64
N GLU LB 120 -58.30 75.23 92.79
CA GLU LB 120 -58.72 74.58 94.02
C GLU LB 120 -58.07 73.21 94.19
N ARG LB 121 -57.94 72.47 93.08
CA ARG LB 121 -57.23 71.18 93.15
C ARG LB 121 -55.74 71.38 93.43
N LYS LB 122 -55.13 72.42 92.87
CA LYS LB 122 -53.73 72.73 93.15
C LYS LB 122 -53.53 73.08 94.62
N ALA LB 123 -54.41 73.90 95.18
CA ALA LB 123 -54.28 74.30 96.59
C ALA LB 123 -54.55 73.14 97.53
N LYS LB 124 -55.53 72.29 97.19
CA LYS LB 124 -55.83 71.14 98.03
C LYS LB 124 -54.72 70.09 97.97
N SER LB 125 -54.06 69.94 96.82
CA SER LB 125 -52.96 69.00 96.72
C SER LB 125 -51.68 69.56 97.31
N ARG LB 126 -51.50 70.88 97.31
CA ARG LB 126 -50.33 71.47 97.93
C ARG LB 126 -50.45 71.48 99.44
N GLN LB 127 -51.67 71.67 99.96
CA GLN LB 127 -52.03 71.48 101.37
C GLN LB 127 -51.25 72.39 102.33
N LYS MB 1 -102.70 -0.34 -22.93
CA LYS MB 1 -103.87 0.44 -22.57
C LYS MB 1 -104.52 -0.10 -21.31
N PHE MB 2 -103.70 -0.34 -20.29
CA PHE MB 2 -104.19 -0.87 -19.02
C PHE MB 2 -104.76 0.21 -18.11
N MET MB 3 -104.61 1.48 -18.47
CA MET MB 3 -105.07 2.57 -17.61
C MET MB 3 -106.54 2.85 -17.87
N LYS MB 4 -107.34 2.82 -16.82
CA LYS MB 4 -108.78 2.85 -16.89
C LYS MB 4 -109.31 4.03 -16.09
N PRO MB 5 -110.61 4.39 -16.27
CA PRO MB 5 -111.22 5.38 -15.38
C PRO MB 5 -111.61 4.85 -14.00
N GLY MB 6 -111.10 3.70 -13.59
CA GLY MB 6 -111.26 3.22 -12.24
C GLY MB 6 -109.93 2.85 -11.61
N LYS MB 7 -108.84 3.33 -12.19
CA LYS MB 7 -107.50 2.92 -11.82
C LYS MB 7 -106.90 3.87 -10.80
N VAL MB 8 -106.26 3.30 -9.77
CA VAL MB 8 -105.58 4.06 -8.74
C VAL MB 8 -104.18 4.38 -9.23
N VAL MB 9 -103.74 5.64 -9.04
CA VAL MB 9 -102.39 6.05 -9.36
C VAL MB 9 -101.79 6.77 -8.15
N LEU MB 10 -100.46 6.84 -8.14
CA LEU MB 10 -99.72 7.53 -7.09
C LEU MB 10 -99.05 8.76 -7.68
N VAL MB 11 -99.38 9.93 -7.15
CA VAL MB 11 -98.84 11.18 -7.66
C VAL MB 11 -97.40 11.32 -7.21
N LEU MB 12 -96.49 11.53 -8.16
CA LEU MB 12 -95.06 11.58 -7.84
C LEU MB 12 -94.58 12.98 -7.46
N ALA MB 13 -94.88 13.99 -8.28
CA ALA MB 13 -94.19 15.27 -8.17
C ALA MB 13 -95.18 16.42 -8.07
N GLY MB 14 -95.01 17.27 -7.05
CA GLY MB 14 -95.63 18.57 -6.98
C GLY MB 14 -96.84 18.65 -6.09
N ARG MB 15 -96.65 19.07 -4.83
CA ARG MB 15 -97.67 19.52 -3.87
C ARG MB 15 -98.57 18.37 -3.36
N TYR MB 16 -98.51 17.21 -4.01
CA TYR MB 16 -99.35 16.07 -3.67
C TYR MB 16 -98.56 14.76 -3.81
N SER MB 17 -97.26 14.81 -3.50
CA SER MB 17 -96.34 13.70 -3.75
C SER MB 17 -96.71 12.49 -2.89
N GLY MB 18 -97.16 11.43 -3.56
CA GLY MB 18 -97.54 10.22 -2.88
C GLY MB 18 -98.83 10.36 -2.10
N ARG MB 19 -99.91 10.80 -2.76
CA ARG MB 19 -101.20 10.95 -2.10
C ARG MB 19 -102.31 10.14 -2.74
N LYS MB 20 -101.98 9.24 -3.67
CA LYS MB 20 -102.81 8.09 -4.06
C LYS MB 20 -104.18 8.52 -4.62
N ALA MB 21 -104.13 9.12 -5.81
CA ALA MB 21 -105.32 9.55 -6.50
C ALA MB 21 -105.94 8.42 -7.30
N VAL MB 22 -107.11 8.66 -7.89
CA VAL MB 22 -107.72 7.74 -8.85
C VAL MB 22 -108.04 8.51 -10.12
N ILE MB 23 -107.99 7.82 -11.25
CA ILE MB 23 -108.30 8.43 -12.55
C ILE MB 23 -109.81 8.44 -12.73
N VAL MB 24 -110.36 9.60 -13.08
CA VAL MB 24 -111.76 9.67 -13.47
C VAL MB 24 -111.94 9.85 -14.97
N LYS MB 25 -110.92 10.33 -15.69
CA LYS MB 25 -110.98 10.48 -17.13
C LYS MB 25 -109.56 10.60 -17.65
N ASN MB 26 -109.20 9.78 -18.64
CA ASN MB 26 -107.87 9.79 -19.23
C ASN MB 26 -107.93 10.25 -20.68
N ILE MB 27 -106.90 11.00 -21.08
CA ILE MB 27 -106.75 11.47 -22.45
C ILE MB 27 -105.40 10.97 -22.94
N ASP MB 28 -105.42 10.04 -23.89
CA ASP MB 28 -104.18 9.43 -24.35
C ASP MB 28 -103.49 10.27 -25.41
N ASP MB 29 -104.17 10.51 -26.53
CA ASP MB 29 -103.60 11.24 -27.65
C ASP MB 29 -104.56 12.30 -28.13
N GLY MB 30 -104.07 13.54 -28.24
CA GLY MB 30 -104.84 14.60 -28.85
C GLY MB 30 -105.55 15.50 -27.85
N THR MB 31 -105.02 16.71 -27.65
CA THR MB 31 -105.66 17.67 -26.77
C THR MB 31 -105.70 19.04 -27.46
N SER MB 32 -104.71 19.28 -28.32
CA SER MB 32 -104.43 20.49 -29.11
C SER MB 32 -104.03 21.70 -28.26
N ASP MB 33 -104.01 21.58 -26.94
CA ASP MB 33 -103.43 22.59 -26.06
C ASP MB 33 -102.22 22.07 -25.31
N ARG MB 34 -101.92 20.78 -25.42
CA ARG MB 34 -100.77 20.16 -24.77
C ARG MB 34 -100.39 18.91 -25.57
N PRO MB 35 -99.11 18.62 -25.72
CA PRO MB 35 -98.71 17.45 -26.53
C PRO MB 35 -98.60 16.16 -25.73
N TYR MB 36 -98.54 16.28 -24.41
CA TYR MB 36 -98.33 15.11 -23.57
C TYR MB 36 -99.66 14.43 -23.23
N SER MB 37 -99.56 13.15 -22.87
CA SER MB 37 -100.72 12.41 -22.38
C SER MB 37 -100.97 12.77 -20.92
N HIS MB 38 -102.25 12.85 -20.56
CA HIS MB 38 -102.61 13.26 -19.21
C HIS MB 38 -103.86 12.51 -18.77
N ALA MB 39 -104.26 12.73 -17.52
CA ALA MB 39 -105.42 12.07 -16.95
C ALA MB 39 -105.99 12.91 -15.82
N LEU MB 40 -107.28 13.22 -15.91
CA LEU MB 40 -107.97 13.89 -14.83
C LEU MB 40 -108.14 12.96 -13.65
N VAL MB 41 -107.64 13.37 -12.49
CA VAL MB 41 -107.62 12.51 -11.30
C VAL MB 41 -108.29 13.23 -10.14
N ALA MB 42 -108.86 12.43 -9.24
CA ALA MB 42 -109.40 12.88 -7.97
C ALA MB 42 -108.71 12.13 -6.86
N GLY MB 43 -108.19 12.84 -5.87
CA GLY MB 43 -107.31 12.25 -4.90
C GLY MB 43 -107.64 12.65 -3.48
N ILE MB 44 -107.19 11.81 -2.56
CA ILE MB 44 -107.22 12.13 -1.14
C ILE MB 44 -106.04 13.02 -0.80
N ASP MB 45 -106.31 14.16 -0.17
CA ASP MB 45 -105.29 15.11 0.23
C ASP MB 45 -104.86 14.89 1.68
N ARG MB 46 -105.80 14.98 2.62
CA ARG MB 46 -105.53 14.77 4.03
C ARG MB 46 -106.20 13.48 4.46
N TYR MB 47 -105.39 12.47 4.76
CA TYR MB 47 -105.89 11.15 5.14
C TYR MB 47 -106.59 11.22 6.49
N PRO MB 48 -107.62 10.39 6.71
CA PRO MB 48 -108.24 10.31 8.04
C PRO MB 48 -107.32 9.62 9.03
N ARG MB 49 -107.57 9.90 10.31
CA ARG MB 49 -106.73 9.39 11.38
C ARG MB 49 -107.15 7.97 11.74
N LYS MB 50 -106.62 7.45 12.84
CA LYS MB 50 -106.92 6.11 13.30
C LYS MB 50 -108.28 6.08 14.00
N VAL MB 51 -108.70 4.88 14.38
CA VAL MB 51 -109.95 4.67 15.11
C VAL MB 51 -109.66 3.84 16.35
N THR MB 52 -110.24 4.25 17.48
CA THR MB 52 -110.07 3.57 18.76
C THR MB 52 -111.43 3.17 19.31
N ALA MB 53 -111.40 2.28 20.30
CA ALA MB 53 -112.63 1.72 20.85
C ALA MB 53 -113.38 2.69 21.76
N ALA MB 54 -112.75 3.78 22.18
CA ALA MB 54 -113.39 4.69 23.13
C ALA MB 54 -113.51 6.09 22.55
N MET MB 55 -113.97 6.21 21.31
CA MET MB 55 -113.98 7.51 20.65
C MET MB 55 -115.28 7.77 19.86
N GLY MB 56 -116.26 6.87 19.90
CA GLY MB 56 -117.28 6.94 18.87
C GLY MB 56 -118.42 7.91 19.11
N LYS MB 57 -118.23 9.11 18.58
CA LYS MB 57 -119.20 10.20 18.51
C LYS MB 57 -118.58 11.19 17.52
N LYS MB 58 -118.96 12.47 17.59
CA LYS MB 58 -118.33 13.60 16.92
C LYS MB 58 -116.80 13.62 17.01
N LYS MB 59 -116.22 13.04 18.07
CA LYS MB 59 -114.77 12.86 18.13
C LYS MB 59 -114.26 11.92 17.04
N ILE MB 60 -114.89 10.76 16.87
CA ILE MB 60 -114.44 9.86 15.81
C ILE MB 60 -114.90 10.37 14.44
N ALA MB 61 -115.95 11.20 14.39
CA ALA MB 61 -116.29 11.86 13.14
C ALA MB 61 -115.22 12.87 12.75
N LYS MB 62 -114.68 13.60 13.73
CA LYS MB 62 -113.59 14.55 13.50
C LYS MB 62 -112.32 13.83 13.09
N ARG MB 63 -112.09 12.64 13.64
CA ARG MB 63 -110.98 11.81 13.17
C ARG MB 63 -111.22 11.32 11.75
N SER MB 64 -112.47 11.06 11.38
CA SER MB 64 -112.79 10.55 10.05
C SER MB 64 -113.19 11.65 9.07
N LYS MB 65 -112.91 12.91 9.37
CA LYS MB 65 -113.06 13.96 8.37
C LYS MB 65 -112.04 13.77 7.26
N ILE MB 66 -112.40 14.25 6.07
CA ILE MB 66 -111.69 13.91 4.85
C ILE MB 66 -111.59 15.14 3.95
N LYS MB 67 -110.48 15.27 3.23
CA LYS MB 67 -110.26 16.38 2.32
C LYS MB 67 -109.67 15.85 1.03
N SER MB 68 -110.30 16.20 -0.10
CA SER MB 68 -109.92 15.67 -1.40
C SER MB 68 -109.47 16.81 -2.32
N PHE MB 69 -109.11 16.43 -3.54
CA PHE MB 69 -108.70 17.39 -4.56
C PHE MB 69 -108.96 16.78 -5.94
N VAL MB 70 -109.02 17.63 -6.95
CA VAL MB 70 -109.11 17.21 -8.34
C VAL MB 70 -108.04 17.93 -9.15
N LYS MB 71 -107.23 17.18 -9.88
CA LYS MB 71 -106.12 17.75 -10.64
C LYS MB 71 -105.96 17.02 -11.96
N VAL MB 72 -104.99 17.47 -12.75
CA VAL MB 72 -104.55 16.81 -13.97
C VAL MB 72 -103.06 16.54 -13.82
N TYR MB 73 -102.61 15.36 -14.25
CA TYR MB 73 -101.20 15.05 -14.19
C TYR MB 73 -100.76 14.35 -15.48
N ASN MB 74 -99.52 14.62 -15.87
CA ASN MB 74 -98.85 13.86 -16.91
C ASN MB 74 -98.66 12.41 -16.45
N TYR MB 75 -98.61 11.49 -17.42
CA TYR MB 75 -98.39 10.09 -17.09
C TYR MB 75 -97.01 9.82 -16.53
N ASN MB 76 -96.03 10.69 -16.81
CA ASN MB 76 -94.72 10.57 -16.19
C ASN MB 76 -94.72 11.03 -14.74
N HIS MB 77 -95.74 11.79 -14.32
CA HIS MB 77 -95.86 12.25 -12.94
C HIS MB 77 -96.85 11.42 -12.13
N LEU MB 78 -97.17 10.21 -12.59
CA LEU MB 78 -98.06 9.34 -11.84
C LEU MB 78 -97.66 7.89 -12.10
N MET MB 79 -97.77 7.06 -11.06
CA MET MB 79 -97.42 5.64 -11.15
C MET MB 79 -98.67 4.79 -10.91
N PRO MB 80 -99.04 3.92 -11.83
CA PRO MB 80 -100.24 3.11 -11.67
C PRO MB 80 -100.00 1.95 -10.69
N THR MB 81 -101.06 1.18 -10.46
CA THR MB 81 -101.00 0.03 -9.58
C THR MB 81 -101.99 -1.02 -10.06
N ARG MB 82 -102.09 -2.12 -9.31
CA ARG MB 82 -103.04 -3.17 -9.60
C ARG MB 82 -104.39 -2.96 -8.93
N TYR MB 83 -104.49 -2.00 -8.00
CA TYR MB 83 -105.72 -1.80 -7.27
C TYR MB 83 -106.67 -0.90 -8.05
N SER MB 84 -107.93 -0.90 -7.63
CA SER MB 84 -108.97 -0.15 -8.33
C SER MB 84 -110.00 0.34 -7.35
N VAL MB 85 -110.67 1.44 -7.71
CA VAL MB 85 -111.72 2.05 -6.90
C VAL MB 85 -112.95 2.22 -7.78
N ASP MB 86 -114.05 1.58 -7.41
CA ASP MB 86 -115.30 1.79 -8.12
C ASP MB 86 -115.88 3.15 -7.71
N ILE MB 87 -115.84 4.10 -8.63
CA ILE MB 87 -116.24 5.47 -8.34
C ILE MB 87 -117.71 5.65 -8.72
N PRO MB 88 -118.54 6.18 -7.81
CA PRO MB 88 -119.87 6.66 -8.21
C PRO MB 88 -119.88 8.09 -8.74
N LEU MB 89 -118.70 8.65 -9.00
CA LEU MB 89 -118.59 10.07 -9.32
C LEU MB 89 -119.09 10.35 -10.73
N ASP MB 90 -119.99 11.32 -10.85
CA ASP MB 90 -120.62 11.65 -12.12
C ASP MB 90 -119.64 12.41 -13.04
N LYS MB 91 -120.04 12.53 -14.30
CA LYS MB 91 -119.13 13.07 -15.31
C LYS MB 91 -119.12 14.59 -15.32
N THR MB 92 -120.28 15.23 -15.38
CA THR MB 92 -120.31 16.67 -15.58
C THR MB 92 -120.34 17.45 -14.26
N VAL MB 93 -119.47 17.07 -13.33
CA VAL MB 93 -119.07 17.93 -12.22
C VAL MB 93 -117.54 17.96 -12.23
N VAL MB 94 -116.95 16.86 -12.68
CA VAL MB 94 -115.50 16.69 -12.72
C VAL MB 94 -115.14 16.42 -14.17
N ASN MB 95 -114.77 17.48 -14.90
CA ASN MB 95 -114.52 17.41 -16.32
C ASN MB 95 -113.26 18.21 -16.61
N LYS MB 96 -112.93 18.36 -17.90
CA LYS MB 96 -111.84 19.26 -18.27
C LYS MB 96 -112.22 20.72 -18.04
N ASP MB 97 -113.51 21.03 -18.14
CA ASP MB 97 -114.04 22.38 -17.98
C ASP MB 97 -114.15 22.81 -16.52
N VAL MB 98 -113.64 22.02 -15.58
CA VAL MB 98 -113.73 22.40 -14.17
C VAL MB 98 -112.71 23.48 -13.83
N PHE MB 99 -111.69 23.68 -14.66
CA PHE MB 99 -110.70 24.71 -14.41
C PHE MB 99 -111.25 26.08 -14.82
N ARG MB 100 -110.48 27.12 -14.47
CA ARG MB 100 -110.79 28.53 -14.68
C ARG MB 100 -112.09 28.96 -13.97
N ASP MB 101 -112.51 28.23 -12.94
CA ASP MB 101 -113.65 28.63 -12.13
C ASP MB 101 -113.51 28.04 -10.72
N PRO MB 102 -113.31 28.89 -9.71
CA PRO MB 102 -113.16 28.37 -8.34
C PRO MB 102 -114.42 27.74 -7.79
N ALA MB 103 -115.61 28.21 -8.21
CA ALA MB 103 -116.85 27.59 -7.75
C ALA MB 103 -117.01 26.19 -8.31
N LEU MB 104 -116.63 25.97 -9.57
CA LEU MB 104 -116.66 24.63 -10.14
C LEU MB 104 -115.60 23.73 -9.50
N LYS MB 105 -114.43 24.30 -9.18
CA LYS MB 105 -113.41 23.51 -8.49
C LYS MB 105 -113.86 23.10 -7.10
N ARG MB 106 -114.53 24.00 -6.37
CA ARG MB 106 -115.07 23.66 -5.06
C ARG MB 106 -116.22 22.66 -5.16
N LYS MB 107 -117.02 22.74 -6.22
CA LYS MB 107 -118.10 21.78 -6.41
C LYS MB 107 -117.55 20.39 -6.73
N ALA MB 108 -116.50 20.32 -7.55
CA ALA MB 108 -115.88 19.04 -7.85
C ALA MB 108 -115.20 18.44 -6.62
N ARG MB 109 -114.54 19.29 -5.83
CA ARG MB 109 -113.94 18.83 -4.58
C ARG MB 109 -115.00 18.39 -3.58
N ARG MB 110 -116.15 19.06 -3.57
CA ARG MB 110 -117.26 18.68 -2.70
C ARG MB 110 -117.80 17.30 -3.06
N GLU MB 111 -118.04 17.07 -4.35
CA GLU MB 111 -118.57 15.79 -4.79
C GLU MB 111 -117.56 14.66 -4.61
N ALA MB 112 -116.27 14.94 -4.85
CA ALA MB 112 -115.24 13.94 -4.64
C ALA MB 112 -115.09 13.61 -3.16
N LYS MB 113 -115.27 14.61 -2.29
CA LYS MB 113 -115.23 14.38 -0.85
C LYS MB 113 -116.42 13.57 -0.39
N VAL MB 114 -117.60 13.80 -0.98
CA VAL MB 114 -118.79 13.02 -0.65
C VAL MB 114 -118.61 11.56 -1.03
N LYS MB 115 -118.11 11.31 -2.24
CA LYS MB 115 -117.95 9.92 -2.69
C LYS MB 115 -116.82 9.22 -1.94
N PHE MB 116 -115.74 9.93 -1.61
CA PHE MB 116 -114.65 9.34 -0.85
C PHE MB 116 -115.06 9.05 0.60
N GLU MB 117 -115.89 9.93 1.20
CA GLU MB 117 -116.34 9.68 2.55
C GLU MB 117 -117.37 8.55 2.60
N GLU MB 118 -118.22 8.45 1.56
CA GLU MB 118 -119.17 7.35 1.47
C GLU MB 118 -118.46 6.02 1.27
N ARG MB 119 -117.33 6.02 0.54
CA ARG MB 119 -116.56 4.78 0.42
C ARG MB 119 -115.79 4.48 1.69
N TYR MB 120 -115.31 5.50 2.41
CA TYR MB 120 -114.54 5.27 3.62
C TYR MB 120 -115.42 4.75 4.75
N LYS MB 121 -116.61 5.31 4.93
CA LYS MB 121 -117.58 4.72 5.83
C LYS MB 121 -118.07 3.40 5.25
N THR MB 122 -118.38 2.44 6.15
CA THR MB 122 -118.58 1.03 5.84
C THR MB 122 -117.44 0.50 4.98
N GLY MB 123 -116.27 0.49 5.62
CA GLY MB 123 -114.97 0.41 4.97
C GLY MB 123 -114.69 -0.70 3.98
N LYS MB 124 -114.59 -0.30 2.72
CA LYS MB 124 -114.09 -1.15 1.65
C LYS MB 124 -112.83 -0.50 1.09
N ASN MB 125 -111.92 -1.35 0.57
CA ASN MB 125 -110.62 -0.95 0.04
C ASN MB 125 -109.81 -0.22 1.12
N LYS MB 126 -109.44 -1.00 2.13
CA LYS MB 126 -108.71 -0.47 3.29
C LYS MB 126 -107.34 0.08 2.93
N TRP MB 127 -106.74 -0.41 1.84
CA TRP MB 127 -105.41 0.06 1.44
C TRP MB 127 -105.44 1.48 0.92
N PHE MB 128 -106.56 1.90 0.32
CA PHE MB 128 -106.59 3.17 -0.40
C PHE MB 128 -106.58 4.36 0.56
N PHE MB 129 -107.38 4.30 1.61
CA PHE MB 129 -107.44 5.40 2.56
C PHE MB 129 -106.34 5.34 3.62
N GLN MB 130 -105.51 4.31 3.59
CA GLN MB 130 -104.37 4.22 4.49
C GLN MB 130 -103.23 5.06 3.93
N LYS MB 131 -102.60 5.85 4.80
CA LYS MB 131 -101.55 6.76 4.37
C LYS MB 131 -100.28 6.00 4.04
N LEU MB 132 -99.77 6.20 2.83
CA LEU MB 132 -98.54 5.55 2.38
C LEU MB 132 -97.36 6.26 3.04
N ARG MB 133 -96.66 5.56 3.93
CA ARG MB 133 -95.58 6.14 4.70
C ARG MB 133 -94.26 5.88 3.98
N PHE MB 134 -93.57 6.95 3.60
CA PHE MB 134 -92.31 6.84 2.88
C PHE MB 134 -91.29 7.82 3.46
N PRO NB 1 -6.81 40.69 78.70
CA PRO NB 1 -6.20 42.01 78.48
C PRO NB 1 -5.48 42.12 77.15
N SER NB 2 -6.05 42.88 76.22
CA SER NB 2 -5.43 43.04 74.91
C SER NB 2 -4.22 43.96 74.94
N ARG NB 3 -4.08 44.78 75.97
CA ARG NB 3 -2.90 45.64 76.09
C ARG NB 3 -1.67 44.88 76.54
N LEU NB 4 -1.84 43.71 77.17
CA LEU NB 4 -0.73 42.85 77.52
C LEU NB 4 -0.50 41.76 76.50
N ARG NB 5 -1.20 41.81 75.37
CA ARG NB 5 -1.15 40.77 74.36
C ARG NB 5 0.08 40.97 73.45
N LYS NB 6 0.63 39.84 72.99
CA LYS NB 6 1.74 39.86 72.03
C LYS NB 6 1.36 40.48 70.69
N THR NB 7 0.07 40.45 70.34
CA THR NB 7 -0.40 41.01 69.07
C THR NB 7 -0.20 42.52 69.05
N ARG NB 8 -0.40 43.19 70.19
CA ARG NB 8 -0.18 44.63 70.26
C ARG NB 8 1.29 44.98 70.10
N LYS NB 9 2.19 44.11 70.57
CA LYS NB 9 3.61 44.35 70.40
C LYS NB 9 4.08 44.06 68.99
N LEU NB 10 3.47 43.05 68.32
CA LEU NB 10 3.91 42.64 66.99
C LEU NB 10 3.25 43.43 65.87
N ARG NB 11 2.73 44.62 66.13
CA ARG NB 11 2.23 45.47 65.06
C ARG NB 11 3.40 46.20 64.41
N GLY NB 12 3.54 46.05 63.09
CA GLY NB 12 4.66 46.62 62.38
C GLY NB 12 5.46 45.56 61.67
N HIS NB 13 5.60 44.40 62.30
CA HIS NB 13 6.26 43.27 61.67
C HIS NB 13 5.32 42.65 60.63
N VAL NB 14 5.89 42.31 59.47
CA VAL NB 14 5.07 41.99 58.30
C VAL NB 14 4.39 40.64 58.47
N SER NB 15 5.17 39.60 58.71
CA SER NB 15 4.60 38.25 58.78
C SER NB 15 3.90 37.95 60.09
N HIS NB 16 4.08 38.80 61.11
CA HIS NB 16 3.40 38.74 62.41
C HIS NB 16 3.67 37.40 63.12
N GLY NB 17 4.94 37.18 63.45
CA GLY NB 17 5.33 36.09 64.32
C GLY NB 17 5.22 34.69 63.74
N HIS NB 18 4.99 34.55 62.43
CA HIS NB 18 4.82 33.23 61.83
C HIS NB 18 5.62 33.06 60.55
N GLY NB 19 6.61 33.90 60.29
CA GLY NB 19 7.55 33.67 59.23
C GLY NB 19 7.09 34.04 57.84
N ARG NB 20 8.03 34.47 56.99
CA ARG NB 20 7.73 34.73 55.60
C ARG NB 20 7.85 33.50 54.72
N ILE NB 21 8.70 32.55 55.09
CA ILE NB 21 9.01 31.42 54.24
C ILE NB 21 8.01 30.28 54.41
N GLY NB 22 7.68 29.94 55.65
CA GLY NB 22 6.85 28.77 55.90
C GLY NB 22 5.39 28.99 55.54
N LYS NB 23 4.88 30.20 55.77
CA LYS NB 23 3.53 30.64 55.38
C LYS NB 23 2.44 29.76 56.00
N HIS NB 24 2.31 29.88 57.32
CA HIS NB 24 1.24 29.18 58.04
C HIS NB 24 -0.12 29.72 57.62
N ARG NB 25 -0.85 28.95 56.79
CA ARG NB 25 -2.06 29.50 56.16
C ARG NB 25 -3.32 29.17 56.95
N LYS NB 26 -3.76 27.90 56.91
CA LYS NB 26 -4.97 27.50 57.61
C LYS NB 26 -4.73 26.34 58.57
N HIS NB 27 -4.29 25.19 58.06
CA HIS NB 27 -4.14 23.92 58.77
C HIS NB 27 -3.13 23.06 58.01
N PRO NB 28 -1.83 23.25 58.24
CA PRO NB 28 -0.86 22.55 57.39
C PRO NB 28 -0.70 21.07 57.73
N GLY NB 29 -0.94 20.67 58.97
CA GLY NB 29 -0.72 19.29 59.37
C GLY NB 29 -1.96 18.43 59.37
N GLY NB 30 -3.12 19.05 59.38
CA GLY NB 30 -4.39 18.36 59.47
C GLY NB 30 -5.28 19.06 60.47
N ARG NB 31 -6.21 18.30 61.05
CA ARG NB 31 -7.10 18.84 62.07
C ARG NB 31 -7.18 17.86 63.24
N GLY NB 32 -6.85 18.36 64.43
CA GLY NB 32 -6.94 17.56 65.64
C GLY NB 32 -5.88 16.49 65.73
N ASN NB 33 -6.32 15.24 65.83
CA ASN NB 33 -5.43 14.08 65.91
C ASN NB 33 -5.25 13.42 64.55
N ALA NB 34 -5.20 14.23 63.50
CA ALA NB 34 -5.10 13.70 62.14
C ALA NB 34 -3.75 13.05 61.89
N GLY NB 35 -3.79 11.89 61.25
CA GLY NB 35 -2.57 11.16 60.95
C GLY NB 35 -1.95 10.48 62.14
N GLY NB 36 -2.76 9.83 62.99
CA GLY NB 36 -2.26 9.18 64.18
C GLY NB 36 -1.36 8.00 63.91
N LEU NB 37 -1.49 7.37 62.74
CA LEU NB 37 -0.65 6.26 62.36
C LEU NB 37 0.26 6.55 61.17
N HIS NB 38 -0.12 7.46 60.28
CA HIS NB 38 0.57 7.60 59.01
C HIS NB 38 1.81 8.49 59.10
N HIS NB 39 1.63 9.77 59.43
CA HIS NB 39 2.72 10.74 59.32
C HIS NB 39 2.99 11.52 60.58
N HIS NB 40 2.27 11.27 61.67
CA HIS NB 40 2.56 11.86 62.97
C HIS NB 40 2.90 10.78 63.99
N ARG NB 41 3.50 9.69 63.51
CA ARG NB 41 3.81 8.56 64.39
C ARG NB 41 4.90 8.88 65.39
N ILE NB 42 5.75 9.86 65.13
CA ILE NB 42 6.83 10.20 66.05
C ILE NB 42 6.33 11.14 67.13
N ASN NB 43 5.11 11.66 66.99
CA ASN NB 43 4.49 12.44 68.05
C ASN NB 43 3.40 11.67 68.79
N PHE NB 44 2.69 10.78 68.12
CA PHE NB 44 1.76 9.90 68.84
C PHE NB 44 2.51 8.78 69.55
N ASP NB 45 3.41 8.10 68.85
CA ASP NB 45 4.47 7.38 69.53
C ASP NB 45 5.48 8.39 70.09
N LYS NB 46 6.28 7.94 71.06
CA LYS NB 46 7.36 8.68 71.72
C LYS NB 46 6.83 9.83 72.60
N TYR NB 47 5.52 10.06 72.60
CA TYR NB 47 4.88 10.95 73.56
C TYR NB 47 3.58 10.42 74.12
N HIS NB 48 2.97 9.41 73.50
CA HIS NB 48 1.75 8.77 74.02
C HIS NB 48 1.80 7.29 73.72
N PRO NB 49 2.55 6.51 74.51
CA PRO NB 49 2.59 5.07 74.27
C PRO NB 49 1.31 4.40 74.78
N GLY NB 50 0.76 3.52 73.95
CA GLY NB 50 -0.45 2.80 74.30
C GLY NB 50 -1.71 3.30 73.65
N TYR NB 51 -1.62 4.28 72.74
CA TYR NB 51 -2.80 4.98 72.26
C TYR NB 51 -3.63 4.14 71.29
N PHE NB 52 -3.04 3.12 70.67
CA PHE NB 52 -3.72 2.35 69.63
C PHE NB 52 -3.88 0.90 70.06
N GLY NB 53 -5.11 0.44 70.16
CA GLY NB 53 -5.40 -0.97 70.35
C GLY NB 53 -6.30 -1.22 71.55
N LYS NB 54 -6.75 -2.47 71.64
CA LYS NB 54 -7.58 -2.93 72.74
C LYS NB 54 -6.71 -3.57 73.82
N VAL NB 55 -7.18 -3.48 75.06
CA VAL NB 55 -6.36 -3.77 76.23
C VAL NB 55 -6.89 -4.95 77.04
N GLY NB 56 -8.20 -5.12 77.14
CA GLY NB 56 -8.73 -6.17 77.99
C GLY NB 56 -10.22 -6.40 77.88
N MET NB 57 -10.84 -6.82 78.98
CA MET NB 57 -12.27 -7.13 78.94
C MET NB 57 -13.09 -5.85 78.93
N LYS NB 58 -14.38 -6.03 78.62
CA LYS NB 58 -15.30 -4.93 78.33
C LYS NB 58 -16.52 -5.10 79.23
N HIS NB 59 -16.52 -4.41 80.37
CA HIS NB 59 -17.62 -4.56 81.32
C HIS NB 59 -18.78 -3.68 80.87
N TYR NB 60 -19.83 -4.32 80.34
CA TYR NB 60 -21.00 -3.58 79.88
C TYR NB 60 -21.81 -3.06 81.06
N HIS NB 61 -22.21 -1.79 80.97
CA HIS NB 61 -22.92 -1.05 82.01
C HIS NB 61 -22.12 -1.05 83.32
N LEU NB 62 -20.95 -0.42 83.25
CA LEU NB 62 -20.10 -0.24 84.42
C LEU NB 62 -20.52 1.04 85.14
N LYS NB 63 -20.43 1.00 86.46
CA LYS NB 63 -20.69 2.15 87.30
C LYS NB 63 -19.48 2.38 88.19
N ARG NB 64 -19.20 3.64 88.48
CA ARG NB 64 -18.21 3.97 89.50
C ARG NB 64 -18.88 4.13 90.86
N ASN NB 65 -19.70 3.15 91.19
CA ASN NB 65 -20.59 3.15 92.35
C ASN NB 65 -20.50 1.87 93.16
N GLN NB 66 -20.32 0.73 92.51
CA GLN NB 66 -20.15 -0.53 93.22
C GLN NB 66 -18.75 -0.71 93.75
N SER NB 67 -17.74 -0.15 93.06
CA SER NB 67 -16.36 -0.22 93.49
C SER NB 67 -15.97 0.92 94.41
N PHE NB 68 -16.95 1.51 95.10
CA PHE NB 68 -16.70 2.64 96.00
C PHE NB 68 -16.07 2.11 97.28
N CYS NB 69 -14.77 2.32 97.44
CA CYS NB 69 -14.08 1.98 98.68
C CYS NB 69 -12.91 2.96 98.89
N PRO NB 70 -13.18 4.10 99.52
CA PRO NB 70 -12.09 5.03 99.84
C PRO NB 70 -11.22 4.47 100.95
N THR NB 71 -9.92 4.51 100.74
CA THR NB 71 -8.98 3.87 101.65
C THR NB 71 -8.46 4.88 102.67
N VAL NB 72 -8.35 4.43 103.91
CA VAL NB 72 -7.74 5.20 104.98
C VAL NB 72 -6.44 4.52 105.36
N ASN NB 73 -5.43 5.32 105.69
CA ASN NB 73 -4.14 4.81 106.13
C ASN NB 73 -4.06 4.83 107.65
N LEU NB 74 -3.02 4.17 108.17
CA LEU NB 74 -2.78 4.20 109.61
C LEU NB 74 -2.28 5.57 110.07
N ASP NB 75 -1.77 6.39 109.16
CA ASP NB 75 -1.47 7.78 109.49
C ASP NB 75 -2.75 8.59 109.67
N LYS NB 76 -3.71 8.43 108.76
CA LYS NB 76 -5.00 9.10 108.85
C LYS NB 76 -5.93 8.46 109.87
N LEU NB 77 -5.56 7.31 110.44
CA LEU NB 77 -6.45 6.57 111.33
C LEU NB 77 -6.68 7.29 112.65
N TRP NB 78 -5.77 8.17 113.06
CA TRP NB 78 -5.90 8.80 114.37
C TRP NB 78 -6.72 10.08 114.36
N THR NB 79 -6.58 10.91 113.32
CA THR NB 79 -7.22 12.22 113.31
C THR NB 79 -8.67 12.18 112.86
N LEU NB 80 -9.25 10.99 112.63
CA LEU NB 80 -10.68 10.92 112.38
C LEU NB 80 -11.47 11.21 113.65
N VAL NB 81 -10.89 10.91 114.81
CA VAL NB 81 -11.43 11.31 116.10
C VAL NB 81 -10.45 12.32 116.68
N SER NB 82 -10.96 13.23 117.51
CA SER NB 82 -10.15 14.35 118.00
C SER NB 82 -9.03 13.89 118.93
N GLU NB 83 -8.01 14.75 119.07
CA GLU NB 83 -6.86 14.42 119.89
C GLU NB 83 -7.19 14.47 121.38
N GLN NB 84 -8.14 15.34 121.75
CA GLN NB 84 -8.65 15.40 123.12
C GLN NB 84 -9.25 14.06 123.55
N THR NB 85 -9.90 13.38 122.61
CA THR NB 85 -10.54 12.09 122.88
C THR NB 85 -9.51 11.03 123.24
N ARG NB 86 -8.48 10.87 122.40
CA ARG NB 86 -7.47 9.85 122.66
C ARG NB 86 -6.58 10.20 123.86
N VAL NB 87 -6.33 11.49 124.11
CA VAL NB 87 -5.57 11.87 125.29
C VAL NB 87 -6.35 11.57 126.57
N ASN NB 88 -7.61 12.02 126.64
CA ASN NB 88 -8.42 11.76 127.83
C ASN NB 88 -8.88 10.30 127.94
N ALA NB 89 -8.74 9.50 126.88
CA ALA NB 89 -9.05 8.09 126.97
C ALA NB 89 -7.84 7.23 127.27
N ALA NB 90 -6.62 7.71 126.97
CA ALA NB 90 -5.41 6.96 127.25
C ALA NB 90 -4.50 7.70 128.22
N LYS NB 91 -5.07 8.56 129.06
CA LYS NB 91 -4.31 9.24 130.10
C LYS NB 91 -4.26 8.35 131.35
N ASN NB 92 -3.53 7.23 131.20
CA ASN NB 92 -3.10 6.34 132.28
C ASN NB 92 -4.25 5.76 133.11
N LYS NB 93 -5.45 5.66 132.55
CA LYS NB 93 -6.61 5.28 133.35
C LYS NB 93 -6.69 3.77 133.54
N THR NB 94 -6.88 3.04 132.46
CA THR NB 94 -7.05 1.59 132.50
C THR NB 94 -6.70 1.03 131.12
N GLY NB 95 -7.04 -0.24 130.91
CA GLY NB 95 -6.84 -0.88 129.63
C GLY NB 95 -7.91 -0.64 128.59
N ALA NB 96 -8.77 0.35 128.81
CA ALA NB 96 -9.82 0.65 127.84
C ALA NB 96 -9.25 1.33 126.61
N ALA NB 97 -9.90 1.11 125.47
CA ALA NB 97 -9.47 1.64 124.21
C ALA NB 97 -10.63 2.30 123.49
N PRO NB 98 -10.42 3.46 122.87
CA PRO NB 98 -11.51 4.10 122.11
C PRO NB 98 -11.72 3.42 120.77
N ILE NB 99 -12.96 3.51 120.29
CA ILE NB 99 -13.32 2.96 118.99
C ILE NB 99 -13.18 4.04 117.93
N ILE NB 100 -12.36 3.77 116.92
CA ILE NB 100 -12.22 4.66 115.77
C ILE NB 100 -12.96 3.98 114.61
N ASP NB 101 -14.15 4.47 114.31
CA ASP NB 101 -14.95 3.93 113.22
C ASP NB 101 -14.70 4.77 111.96
N VAL NB 102 -14.20 4.13 110.92
CA VAL NB 102 -13.94 4.83 109.67
C VAL NB 102 -15.18 4.93 108.80
N VAL NB 103 -16.19 4.11 109.08
CA VAL NB 103 -17.43 4.14 108.30
C VAL NB 103 -18.20 5.42 108.54
N ARG NB 104 -18.18 5.92 109.79
CA ARG NB 104 -18.77 7.22 110.09
C ARG NB 104 -17.98 8.35 109.44
N SER NB 105 -16.66 8.21 109.33
CA SER NB 105 -15.86 9.20 108.64
C SER NB 105 -16.04 9.16 107.14
N GLY NB 106 -16.51 8.04 106.59
CA GLY NB 106 -16.76 7.91 105.18
C GLY NB 106 -15.77 7.04 104.44
N TYR NB 107 -14.90 6.33 105.15
CA TYR NB 107 -13.88 5.48 104.54
C TYR NB 107 -14.25 4.03 104.84
N TYR NB 108 -13.96 3.14 103.88
CA TYR NB 108 -14.38 1.75 104.00
C TYR NB 108 -13.25 0.79 104.30
N LYS NB 109 -12.09 0.96 103.69
CA LYS NB 109 -10.99 0.02 103.82
C LYS NB 109 -9.83 0.67 104.55
N VAL NB 110 -9.28 -0.04 105.53
CA VAL NB 110 -8.11 0.40 106.29
C VAL NB 110 -6.89 -0.24 105.67
N LEU NB 111 -5.92 0.57 105.27
CA LEU NB 111 -4.67 0.09 104.71
C LEU NB 111 -3.53 0.33 105.67
N GLY NB 112 -2.38 -0.27 105.36
CA GLY NB 112 -1.25 -0.32 106.27
C GLY NB 112 -0.18 0.70 105.91
N LYS NB 113 0.22 1.48 106.92
CA LYS NB 113 1.36 2.37 106.82
C LYS NB 113 2.16 2.22 108.11
N GLY NB 114 3.12 3.13 108.31
CA GLY NB 114 3.83 3.22 109.56
C GLY NB 114 3.17 4.22 110.49
N LYS NB 115 3.92 4.59 111.54
CA LYS NB 115 3.56 5.61 112.53
C LYS NB 115 2.23 5.23 113.22
N LEU NB 116 2.30 4.14 113.95
CA LEU NB 116 1.18 3.66 114.76
C LEU NB 116 1.68 3.51 116.18
N PRO NB 117 1.32 4.43 117.09
CA PRO NB 117 1.93 4.44 118.43
C PRO NB 117 1.51 3.29 119.33
N LYS NB 118 2.00 3.32 120.58
CA LYS NB 118 1.84 2.19 121.49
C LYS NB 118 0.40 2.05 121.96
N GLN NB 119 -0.36 3.14 121.99
CA GLN NB 119 -1.71 3.13 122.54
C GLN NB 119 -2.68 2.41 121.61
N PRO NB 120 -3.31 1.32 122.04
CA PRO NB 120 -4.16 0.55 121.14
C PRO NB 120 -5.56 1.13 121.02
N VAL NB 121 -6.18 0.91 119.85
CA VAL NB 121 -7.56 1.30 119.59
C VAL NB 121 -8.28 0.15 118.90
N ILE NB 122 -9.59 0.28 118.81
CA ILE NB 122 -10.45 -0.68 118.11
C ILE NB 122 -10.93 -0.02 116.83
N VAL NB 123 -10.64 -0.65 115.70
CA VAL NB 123 -10.95 -0.09 114.38
C VAL NB 123 -12.04 -0.94 113.75
N LYS NB 124 -13.14 -0.30 113.38
CA LYS NB 124 -14.25 -0.95 112.69
C LYS NB 124 -14.23 -0.53 111.23
N ALA NB 125 -14.20 -1.51 110.32
CA ALA NB 125 -14.24 -1.23 108.89
C ALA NB 125 -14.87 -2.41 108.17
N LYS NB 126 -15.25 -2.17 106.91
CA LYS NB 126 -15.78 -3.24 106.08
C LYS NB 126 -14.69 -4.08 105.45
N PHE NB 127 -13.48 -3.54 105.30
CA PHE NB 127 -12.37 -4.25 104.70
C PHE NB 127 -11.08 -3.86 105.41
N PHE NB 128 -10.08 -4.73 105.29
CA PHE NB 128 -8.77 -4.50 105.86
C PHE NB 128 -7.71 -5.06 104.94
N SER NB 129 -6.46 -4.75 105.25
CA SER NB 129 -5.31 -5.40 104.65
C SER NB 129 -4.58 -6.20 105.73
N ARG NB 130 -3.81 -7.20 105.29
CA ARG NB 130 -3.11 -8.05 106.24
C ARG NB 130 -2.00 -7.29 106.95
N ARG NB 131 -1.40 -6.29 106.28
CA ARG NB 131 -0.36 -5.50 106.92
C ARG NB 131 -0.94 -4.60 108.00
N ALA NB 132 -2.08 -3.96 107.73
CA ALA NB 132 -2.73 -3.13 108.74
C ALA NB 132 -3.26 -3.98 109.89
N GLU NB 133 -3.73 -5.19 109.59
CA GLU NB 133 -4.20 -6.07 110.64
C GLU NB 133 -3.05 -6.55 111.51
N GLU NB 134 -1.88 -6.80 110.92
CA GLU NB 134 -0.70 -7.13 111.72
C GLU NB 134 -0.19 -5.94 112.52
N LYS NB 135 -0.30 -4.72 112.00
CA LYS NB 135 0.10 -3.55 112.78
C LYS NB 135 -0.82 -3.34 113.98
N ILE NB 136 -2.12 -3.57 113.79
CA ILE NB 136 -3.06 -3.44 114.91
C ILE NB 136 -2.82 -4.55 115.93
N LYS NB 137 -2.51 -5.77 115.49
CA LYS NB 137 -2.14 -6.82 116.43
C LYS NB 137 -0.82 -6.53 117.14
N SER NB 138 0.11 -5.84 116.48
CA SER NB 138 1.40 -5.54 117.09
C SER NB 138 1.26 -4.44 118.14
N VAL NB 139 0.43 -3.43 117.86
CA VAL NB 139 0.21 -2.39 118.87
C VAL NB 139 -0.81 -2.81 119.91
N GLY NB 140 -1.49 -3.93 119.72
CA GLY NB 140 -2.36 -4.48 120.73
C GLY NB 140 -3.83 -4.18 120.57
N GLY NB 141 -4.24 -3.58 119.45
CA GLY NB 141 -5.63 -3.25 119.24
C GLY NB 141 -6.44 -4.45 118.81
N ALA NB 142 -7.73 -4.19 118.58
CA ALA NB 142 -8.68 -5.22 118.18
C ALA NB 142 -9.25 -4.88 116.81
N CYS NB 143 -9.45 -5.92 116.00
CA CYS NB 143 -10.03 -5.78 114.67
C CYS NB 143 -11.49 -6.18 114.70
N VAL NB 144 -12.37 -5.32 114.23
CA VAL NB 144 -13.81 -5.58 114.19
C VAL NB 144 -14.30 -5.34 112.77
N LEU NB 145 -14.97 -6.34 112.21
CA LEU NB 145 -15.59 -6.21 110.90
C LEU NB 145 -17.04 -5.73 111.06
N VAL NB 146 -17.44 -4.83 110.17
CA VAL NB 146 -18.83 -4.36 110.12
C VAL NB 146 -19.38 -4.63 108.73
N ALA NB 147 -20.63 -4.26 108.51
CA ALA NB 147 -21.27 -4.47 107.21
C ALA NB 147 -22.13 -3.26 106.84
N ALA OB 1 11.50 19.14 39.20
CA ALA OB 1 11.41 19.53 40.60
C ALA OB 1 12.43 18.76 41.44
N LYS OB 2 13.63 18.58 40.88
CA LYS OB 2 14.67 17.86 41.58
C LYS OB 2 15.29 18.73 42.66
N SER OB 3 15.45 18.17 43.86
CA SER OB 3 15.96 18.88 45.02
C SER OB 3 17.31 18.30 45.42
N LYS OB 4 17.94 18.97 46.39
CA LYS OB 4 19.22 18.50 46.92
C LYS OB 4 18.96 17.32 47.85
N ASN OB 5 19.77 16.26 47.69
CA ASN OB 5 19.45 14.98 48.30
C ASN OB 5 19.90 14.89 49.75
N HIS OB 6 21.20 15.01 49.99
CA HIS OB 6 21.76 14.78 51.32
C HIS OB 6 23.10 15.48 51.43
N THR OB 7 23.33 16.12 52.58
CA THR OB 7 24.60 16.76 52.84
C THR OB 7 24.86 16.80 54.34
N THR OB 8 26.14 16.88 54.70
CA THR OB 8 26.57 17.14 56.07
C THR OB 8 27.25 18.50 56.19
N HIS OB 9 27.05 19.38 55.21
CA HIS OB 9 27.58 20.72 55.29
C HIS OB 9 26.79 21.53 56.30
N ASN OB 10 27.51 22.43 57.00
CA ASN OB 10 26.98 23.26 58.10
C ASN OB 10 26.37 22.38 59.19
N GLN OB 11 27.12 21.37 59.61
CA GLN OB 11 26.69 20.49 60.68
C GLN OB 11 27.63 20.50 61.87
N SER OB 12 28.95 20.47 61.64
CA SER OB 12 29.89 20.55 62.75
C SER OB 12 29.86 21.91 63.41
N ARG OB 13 29.52 22.96 62.66
CA ARG OB 13 29.36 24.28 63.25
C ARG OB 13 28.14 24.33 64.16
N LYS OB 14 27.03 23.70 63.75
CA LYS OB 14 25.88 23.60 64.64
C LYS OB 14 26.16 22.69 65.84
N TRP OB 15 27.03 21.70 65.67
CA TRP OB 15 27.46 20.87 66.80
C TRP OB 15 28.22 21.71 67.81
N HIS OB 16 29.11 22.57 67.34
CA HIS OB 16 29.94 23.37 68.23
C HIS OB 16 29.31 24.71 68.61
N ARG OB 17 28.08 24.99 68.17
CA ARG OB 17 27.34 26.13 68.73
C ARG OB 17 27.11 25.95 70.22
N ASN OB 18 26.88 24.72 70.66
CA ASN OB 18 26.55 24.46 72.06
C ASN OB 18 27.60 23.64 72.79
N GLY OB 19 28.75 23.37 72.18
CA GLY OB 19 29.84 22.77 72.94
C GLY OB 19 29.63 21.32 73.32
N ILE OB 20 29.83 20.38 72.37
CA ILE OB 20 29.61 18.94 72.48
C ILE OB 20 30.13 18.36 73.79
N LYS OB 21 29.25 17.71 74.55
CA LYS OB 21 29.45 17.46 75.97
C LYS OB 21 29.83 16.01 76.22
N LYS OB 22 30.92 15.82 76.95
CA LYS OB 22 31.18 14.56 77.62
C LYS OB 22 30.10 14.35 78.69
N PRO OB 23 29.73 13.09 78.98
CA PRO OB 23 28.89 12.85 80.17
C PRO OB 23 29.55 13.28 81.47
N ARG OB 24 30.87 13.11 81.59
CA ARG OB 24 31.80 13.79 82.51
C ARG OB 24 31.52 13.70 84.01
N SER OB 25 30.46 13.02 84.42
CA SER OB 25 30.14 12.96 85.85
C SER OB 25 29.38 11.66 86.12
N GLN OB 26 30.12 10.62 86.48
CA GLN OB 26 29.53 9.35 86.94
C GLN OB 26 30.39 8.87 88.11
N ARG OB 27 30.02 9.30 89.31
CA ARG OB 27 30.61 8.77 90.53
C ARG OB 27 29.67 7.69 91.06
N TYR OB 28 30.25 6.57 91.52
CA TYR OB 28 29.53 5.36 91.91
C TYR OB 28 28.66 4.87 90.75
N GLU OB 29 29.37 4.33 89.75
CA GLU OB 29 28.81 3.89 88.46
C GLU OB 29 27.58 3.01 88.60
N SER OB 30 26.70 3.08 87.60
CA SER OB 30 25.46 2.32 87.61
C SER OB 30 25.73 0.83 87.49
N LEU OB 31 24.78 0.05 88.00
CA LEU OB 31 25.01 -1.37 88.26
C LEU OB 31 24.20 -2.29 87.36
N LYS OB 32 23.20 -1.78 86.64
CA LYS OB 32 22.44 -2.63 85.73
C LYS OB 32 23.28 -3.01 84.51
N GLY OB 33 23.01 -4.19 83.98
CA GLY OB 33 23.79 -4.75 82.89
C GLY OB 33 24.88 -5.71 83.30
N VAL OB 34 24.98 -6.02 84.59
CA VAL OB 34 26.02 -6.89 85.14
C VAL OB 34 25.40 -8.25 85.45
N ASP OB 35 26.21 -9.32 85.31
CA ASP OB 35 25.97 -10.74 85.46
C ASP OB 35 25.04 -11.06 86.64
N PRO OB 36 23.93 -11.77 86.40
CA PRO OB 36 23.02 -12.10 87.51
C PRO OB 36 23.60 -13.03 88.55
N LYS OB 37 24.55 -13.90 88.18
CA LYS OB 37 25.24 -14.69 89.20
C LYS OB 37 26.10 -13.80 90.09
N PHE OB 38 26.72 -12.78 89.50
CA PHE OB 38 27.46 -11.80 90.28
C PHE OB 38 26.55 -10.95 91.14
N LEU OB 39 25.30 -10.72 90.71
CA LEU OB 39 24.38 -9.97 91.55
C LEU OB 39 23.85 -10.83 92.69
N ARG OB 40 23.64 -12.12 92.44
CA ARG OB 40 23.30 -13.07 93.50
C ARG OB 40 24.46 -13.23 94.49
N ASN OB 41 25.69 -12.98 94.05
CA ASN OB 41 26.78 -12.82 95.00
C ASN OB 41 26.59 -11.54 95.80
N MET OB 42 26.48 -10.40 95.11
CA MET OB 42 26.73 -9.11 95.72
C MET OB 42 25.60 -8.66 96.64
N ARG OB 43 24.34 -8.97 96.32
CA ARG OB 43 23.25 -8.50 97.18
C ARG OB 43 23.22 -9.25 98.51
N PHE OB 44 23.43 -10.57 98.46
CA PHE OB 44 23.51 -11.34 99.69
C PHE OB 44 24.75 -10.96 100.50
N ALA OB 45 25.87 -10.64 99.82
CA ALA OB 45 27.05 -10.15 100.53
C ALA OB 45 26.80 -8.81 101.18
N LYS OB 46 26.06 -7.91 100.53
CA LYS OB 46 25.77 -6.60 101.12
C LYS OB 46 24.82 -6.70 102.30
N LYS OB 47 23.79 -7.56 102.23
CA LYS OB 47 22.88 -7.62 103.37
C LYS OB 47 23.49 -8.37 104.54
N HIS OB 48 24.40 -9.32 104.29
CA HIS OB 48 25.10 -9.90 105.42
C HIS OB 48 26.23 -9.00 105.94
N ASN OB 49 26.73 -8.07 105.11
CA ASN OB 49 27.55 -6.99 105.64
C ASN OB 49 26.75 -6.09 106.57
N LYS OB 50 25.50 -5.81 106.20
CA LYS OB 50 24.62 -5.01 107.06
C LYS OB 50 24.30 -5.75 108.35
N LYS OB 51 24.21 -7.08 108.30
CA LYS OB 51 23.88 -7.84 109.50
C LYS OB 51 25.10 -8.05 110.41
N GLY OB 52 26.13 -8.73 109.91
CA GLY OB 52 27.15 -9.30 110.78
C GLY OB 52 28.53 -8.69 110.80
N LEU OB 53 28.62 -7.36 110.82
CA LEU OB 53 29.91 -6.67 110.77
C LEU OB 53 30.25 -5.95 112.08
N LYS OB 54 29.41 -6.06 113.10
CA LYS OB 54 29.48 -5.16 114.27
C LYS OB 54 30.70 -5.45 115.13
N LYS OB 55 30.77 -6.66 115.71
CA LYS OB 55 31.67 -6.90 116.84
C LYS OB 55 33.13 -7.00 116.42
N MET OB 56 33.41 -7.62 115.27
CA MET OB 56 34.80 -7.81 114.86
C MET OB 56 35.42 -6.49 114.40
N GLN OB 57 34.66 -5.69 113.65
CA GLN OB 57 35.13 -4.38 113.24
C GLN OB 57 35.22 -3.43 114.43
N ALA OB 58 34.33 -3.58 115.43
CA ALA OB 58 34.40 -2.76 116.63
C ALA OB 58 35.66 -3.06 117.45
N ASN OB 59 35.95 -4.35 117.66
CA ASN OB 59 37.17 -4.73 118.36
C ASN OB 59 38.43 -4.39 117.56
N ASN OB 60 38.35 -4.43 116.23
CA ASN OB 60 39.50 -4.04 115.42
C ASN OB 60 39.74 -2.55 115.49
N ALA OB 61 38.66 -1.75 115.55
CA ALA OB 61 38.81 -0.30 115.71
C ALA OB 61 39.39 0.03 117.08
N LYS OB 62 38.96 -0.69 118.12
CA LYS OB 62 39.54 -0.50 119.45
C LYS OB 62 41.00 -0.90 119.48
N ALA OB 63 41.37 -1.98 118.78
CA ALA OB 63 42.75 -2.44 118.76
C ALA OB 63 43.65 -1.47 118.00
N MET OB 64 43.17 -0.94 116.87
CA MET OB 64 44.01 0.00 116.13
C MET OB 64 44.05 1.37 116.79
N SER OB 65 43.03 1.73 117.57
CA SER OB 65 43.12 2.95 118.36
C SER OB 65 44.05 2.79 119.55
N ALA OB 66 44.15 1.57 120.10
CA ALA OB 66 45.10 1.32 121.17
C ALA OB 66 46.53 1.24 120.65
N ARG OB 67 46.72 0.69 119.45
CA ARG OB 67 48.05 0.53 118.87
C ARG OB 67 48.50 1.74 118.06
N ALA OB 68 47.63 2.71 117.81
CA ALA OB 68 48.02 3.90 117.08
C ALA OB 68 47.53 5.16 117.80
N THR PB 1 -75.29 -22.94 -21.97
CA THR PB 1 -76.20 -21.83 -22.15
C THR PB 1 -75.76 -20.92 -23.29
N LYS PB 2 -74.59 -21.25 -23.87
CA LYS PB 2 -74.04 -20.45 -24.96
C LYS PB 2 -74.92 -20.53 -26.21
N LYS PB 3 -75.62 -21.65 -26.41
CA LYS PB 3 -76.58 -21.75 -27.51
C LYS PB 3 -77.74 -20.79 -27.30
N SER PB 4 -78.21 -20.67 -26.05
CA SER PB 4 -79.29 -19.73 -25.74
C SER PB 4 -78.83 -18.28 -25.90
N LEU PB 5 -77.60 -17.96 -25.48
CA LEU PB 5 -77.09 -16.60 -25.64
C LEU PB 5 -76.88 -16.24 -27.11
N GLU PB 6 -76.32 -17.17 -27.91
CA GLU PB 6 -76.18 -16.91 -29.34
C GLU PB 6 -77.54 -16.83 -30.03
N SER PB 7 -78.53 -17.57 -29.54
CA SER PB 7 -79.89 -17.45 -30.07
C SER PB 7 -80.47 -16.07 -29.78
N ILE PB 8 -80.29 -15.57 -28.55
CA ILE PB 8 -80.81 -14.25 -28.19
C ILE PB 8 -80.10 -13.15 -28.98
N ASN PB 9 -78.79 -13.29 -29.19
CA ASN PB 9 -78.05 -12.32 -30.02
C ASN PB 9 -78.49 -12.37 -31.47
N SER PB 10 -78.82 -13.56 -31.99
CA SER PB 10 -79.31 -13.65 -33.36
C SER PB 10 -80.70 -13.04 -33.51
N ARG PB 11 -81.55 -13.23 -32.49
CA ARG PB 11 -82.87 -12.60 -32.49
C ARG PB 11 -82.75 -11.08 -32.46
N LEU PB 12 -81.81 -10.56 -31.66
CA LEU PB 12 -81.59 -9.12 -31.63
C LEU PB 12 -81.00 -8.60 -32.93
N GLN PB 13 -80.14 -9.38 -33.60
CA GLN PB 13 -79.63 -9.00 -34.92
C GLN PB 13 -80.74 -8.95 -35.95
N LEU PB 14 -81.73 -9.84 -35.85
CA LEU PB 14 -82.85 -9.79 -36.79
C LEU PB 14 -83.77 -8.61 -36.50
N VAL PB 15 -84.05 -8.33 -35.22
CA VAL PB 15 -84.92 -7.23 -34.84
C VAL PB 15 -84.25 -5.87 -35.13
N MET PB 16 -82.91 -5.84 -35.13
CA MET PB 16 -82.14 -4.61 -35.39
C MET PB 16 -82.47 -3.99 -36.74
N LYS PB 17 -82.63 -4.82 -37.77
CA LYS PB 17 -82.85 -4.33 -39.12
C LYS PB 17 -84.20 -4.70 -39.71
N SER PB 18 -84.92 -5.66 -39.13
CA SER PB 18 -86.19 -6.09 -39.69
C SER PB 18 -87.37 -5.33 -39.07
N GLY PB 19 -87.51 -5.40 -37.76
CA GLY PB 19 -88.68 -4.91 -37.07
C GLY PB 19 -88.52 -3.50 -36.51
N LYS PB 20 -89.57 -3.07 -35.82
CA LYS PB 20 -89.64 -1.76 -35.21
C LYS PB 20 -89.49 -1.87 -33.70
N TYR PB 21 -88.70 -0.98 -33.12
CA TYR PB 21 -88.34 -1.07 -31.71
C TYR PB 21 -88.08 0.32 -31.15
N VAL PB 22 -88.01 0.40 -29.83
CA VAL PB 22 -87.68 1.63 -29.13
C VAL PB 22 -86.46 1.39 -28.25
N LEU PB 23 -85.89 2.49 -27.76
CA LEU PB 23 -84.58 2.47 -27.13
C LEU PB 23 -84.59 3.40 -25.91
N GLY PB 24 -84.24 2.86 -24.75
CA GLY PB 24 -84.08 3.67 -23.56
C GLY PB 24 -85.33 3.74 -22.70
N TYR PB 25 -85.10 4.07 -21.42
CA TYR PB 25 -86.14 3.99 -20.39
C TYR PB 25 -87.28 4.97 -20.63
N LYS PB 26 -86.94 6.23 -20.94
CA LYS PB 26 -87.97 7.25 -21.12
C LYS PB 26 -88.79 7.04 -22.38
N GLN PB 27 -88.30 6.25 -23.34
CA GLN PB 27 -89.10 5.91 -24.51
C GLN PB 27 -89.87 4.62 -24.31
N THR PB 28 -89.34 3.68 -23.53
CA THR PB 28 -90.10 2.47 -23.22
C THR PB 28 -91.24 2.72 -22.24
N LEU PB 29 -91.18 3.80 -21.44
CA LEU PB 29 -92.30 4.10 -20.55
C LEU PB 29 -93.58 4.41 -21.31
N LYS PB 30 -93.48 5.20 -22.39
CA LYS PB 30 -94.65 5.52 -23.20
C LYS PB 30 -95.20 4.28 -23.89
N MET PB 31 -94.32 3.37 -24.33
CA MET PB 31 -94.78 2.17 -25.01
C MET PB 31 -95.41 1.19 -24.02
N ILE PB 32 -94.86 1.09 -22.81
CA ILE PB 32 -95.43 0.18 -21.84
C ILE PB 32 -96.70 0.75 -21.21
N ARG PB 33 -96.90 2.07 -21.28
CA ARG PB 33 -98.18 2.62 -20.83
C ARG PB 33 -99.24 2.57 -21.92
N GLN PB 34 -98.86 2.72 -23.19
CA GLN PB 34 -99.82 2.65 -24.28
C GLN PB 34 -100.05 1.23 -24.78
N GLY PB 35 -99.30 0.25 -24.30
CA GLY PB 35 -99.52 -1.12 -24.69
C GLY PB 35 -98.94 -1.50 -26.03
N LYS PB 36 -98.15 -0.61 -26.65
CA LYS PB 36 -97.51 -0.93 -27.91
C LYS PB 36 -96.37 -1.93 -27.72
N ALA PB 37 -95.75 -1.93 -26.55
CA ALA PB 37 -94.63 -2.81 -26.28
C ALA PB 37 -95.08 -4.26 -26.12
N LYS PB 38 -94.26 -5.19 -26.62
CA LYS PB 38 -94.54 -6.61 -26.54
C LYS PB 38 -93.58 -7.38 -25.65
N LEU PB 39 -92.35 -6.91 -25.50
CA LEU PB 39 -91.33 -7.64 -24.76
C LEU PB 39 -90.27 -6.64 -24.33
N VAL PB 40 -89.99 -6.56 -23.03
CA VAL PB 40 -88.97 -5.65 -22.53
C VAL PB 40 -87.72 -6.45 -22.17
N ILE PB 41 -86.58 -5.80 -22.32
CA ILE PB 41 -85.27 -6.41 -22.10
C ILE PB 41 -84.51 -5.52 -21.13
N LEU PB 42 -84.06 -6.10 -20.02
CA LEU PB 42 -83.39 -5.36 -18.96
C LEU PB 42 -81.92 -5.76 -18.88
N ALA PB 43 -81.05 -4.76 -18.71
CA ALA PB 43 -79.63 -5.03 -18.56
C ALA PB 43 -79.33 -5.53 -17.15
N ASN PB 44 -78.06 -5.84 -16.90
CA ASN PB 44 -77.67 -6.38 -15.60
C ASN PB 44 -77.42 -5.27 -14.59
N ASN PB 45 -76.75 -4.19 -15.00
CA ASN PB 45 -76.37 -3.14 -14.07
C ASN PB 45 -77.41 -2.03 -13.94
N CYS PB 46 -78.63 -2.26 -14.40
CA CYS PB 46 -79.69 -1.31 -14.17
C CYS PB 46 -80.01 -1.27 -12.67
N PRO PB 47 -80.34 -0.10 -12.13
CA PRO PB 47 -80.65 -0.02 -10.70
C PRO PB 47 -81.94 -0.74 -10.38
N ALA PB 48 -82.02 -1.24 -9.14
CA ALA PB 48 -83.10 -2.14 -8.77
C ALA PB 48 -84.45 -1.42 -8.71
N LEU PB 49 -84.44 -0.11 -8.46
CA LEU PB 49 -85.65 0.69 -8.54
C LEU PB 49 -86.23 0.69 -9.95
N ARG PB 50 -85.40 1.00 -10.94
CA ARG PB 50 -85.86 1.03 -12.33
C ARG PB 50 -86.22 -0.37 -12.82
N LYS PB 51 -85.46 -1.38 -12.39
CA LYS PB 51 -85.75 -2.77 -12.77
C LYS PB 51 -87.09 -3.24 -12.22
N SER PB 52 -87.35 -2.97 -10.94
CA SER PB 52 -88.62 -3.34 -10.34
C SER PB 52 -89.77 -2.55 -10.91
N GLU PB 53 -89.53 -1.27 -11.29
CA GLU PB 53 -90.61 -0.47 -11.87
C GLU PB 53 -90.98 -0.96 -13.27
N ILE PB 54 -89.99 -1.32 -14.08
CA ILE PB 54 -90.27 -1.84 -15.42
C ILE PB 54 -90.93 -3.22 -15.33
N GLU PB 55 -90.49 -4.05 -14.38
CA GLU PB 55 -91.12 -5.35 -14.19
C GLU PB 55 -92.56 -5.21 -13.70
N TYR PB 56 -92.82 -4.21 -12.85
CA TYR PB 56 -94.17 -3.97 -12.35
C TYR PB 56 -95.09 -3.45 -13.45
N TYR PB 57 -94.58 -2.52 -14.27
CA TYR PB 57 -95.35 -2.02 -15.42
C TYR PB 57 -95.63 -3.13 -16.42
N ALA PB 58 -94.67 -4.03 -16.62
CA ALA PB 58 -94.87 -5.10 -17.59
C ALA PB 58 -95.84 -6.15 -17.08
N MET PB 59 -95.80 -6.47 -15.79
CA MET PB 59 -96.78 -7.43 -15.29
C MET PB 59 -98.13 -6.79 -14.98
N LEU PB 60 -98.24 -5.46 -15.09
CA LEU PB 60 -99.56 -4.84 -15.20
C LEU PB 60 -100.06 -4.78 -16.63
N ALA PB 61 -99.17 -4.60 -17.60
CA ALA PB 61 -99.57 -4.40 -18.99
C ALA PB 61 -99.47 -5.67 -19.83
N LYS PB 62 -99.23 -6.82 -19.20
CA LYS PB 62 -99.11 -8.13 -19.85
C LYS PB 62 -97.99 -8.11 -20.91
N THR PB 63 -96.77 -7.96 -20.40
CA THR PB 63 -95.58 -7.87 -21.24
C THR PB 63 -94.48 -8.72 -20.63
N GLY PB 64 -93.85 -9.55 -21.45
CA GLY PB 64 -92.77 -10.38 -20.96
C GLY PB 64 -91.52 -9.58 -20.64
N VAL PB 65 -90.79 -10.03 -19.64
CA VAL PB 65 -89.55 -9.42 -19.19
C VAL PB 65 -88.42 -10.40 -19.46
N HIS PB 66 -87.37 -9.94 -20.13
CA HIS PB 66 -86.18 -10.74 -20.36
C HIS PB 66 -85.00 -10.04 -19.70
N HIS PB 67 -84.43 -10.68 -18.69
CA HIS PB 67 -83.24 -10.17 -18.02
C HIS PB 67 -82.03 -10.61 -18.82
N TYR PB 68 -81.52 -9.72 -19.66
CA TYR PB 68 -80.35 -10.01 -20.48
C TYR PB 68 -79.12 -10.13 -19.59
N SER PB 69 -78.50 -11.31 -19.60
CA SER PB 69 -77.32 -11.57 -18.77
C SER PB 69 -76.12 -10.86 -19.39
N GLY PB 70 -76.00 -9.58 -19.09
CA GLY PB 70 -74.92 -8.79 -19.63
C GLY PB 70 -74.93 -7.34 -19.19
N ASN PB 71 -73.74 -6.75 -19.09
CA ASN PB 71 -73.57 -5.33 -18.81
C ASN PB 71 -74.16 -4.50 -19.94
N ASN PB 72 -74.51 -3.25 -19.62
CA ASN PB 72 -75.19 -2.38 -20.59
C ASN PB 72 -74.32 -2.01 -21.79
N ILE PB 73 -73.00 -2.07 -21.63
CA ILE PB 73 -72.10 -1.83 -22.76
C ILE PB 73 -72.25 -2.94 -23.80
N GLU PB 74 -72.22 -4.21 -23.36
CA GLU PB 74 -72.44 -5.25 -24.36
C GLU PB 74 -73.90 -5.44 -24.71
N LEU PB 75 -74.85 -4.87 -23.94
CA LEU PB 75 -76.22 -4.81 -24.45
C LEU PB 75 -76.34 -3.80 -25.58
N GLY PB 76 -75.63 -2.68 -25.48
CA GLY PB 76 -75.54 -1.76 -26.60
C GLY PB 76 -74.82 -2.36 -27.79
N THR PB 77 -73.82 -3.19 -27.52
CA THR PB 77 -73.16 -3.95 -28.60
C THR PB 77 -74.12 -4.93 -29.25
N ALA PB 78 -74.95 -5.60 -28.44
CA ALA PB 78 -75.87 -6.60 -28.96
C ALA PB 78 -77.00 -5.95 -29.77
N CYS PB 79 -77.46 -4.76 -29.35
CA CYS PB 79 -78.41 -4.04 -30.19
C CYS PB 79 -77.74 -3.28 -31.31
N GLY PB 80 -76.40 -3.24 -31.33
CA GLY PB 80 -75.67 -2.84 -32.50
C GLY PB 80 -75.34 -1.37 -32.62
N LYS PB 81 -75.31 -0.64 -31.51
CA LYS PB 81 -74.99 0.77 -31.54
C LYS PB 81 -73.92 1.09 -30.52
N TYR PB 82 -73.16 2.16 -30.78
CA TYR PB 82 -71.91 2.38 -30.07
C TYR PB 82 -72.10 2.90 -28.65
N TYR PB 83 -73.28 3.41 -28.32
CA TYR PB 83 -73.55 3.85 -26.96
C TYR PB 83 -74.00 2.66 -26.12
N ARG PB 84 -74.49 2.93 -24.92
CA ARG PB 84 -74.94 1.91 -24.00
C ARG PB 84 -76.44 2.05 -23.76
N VAL PB 85 -77.11 0.93 -23.52
CA VAL PB 85 -78.55 0.90 -23.35
C VAL PB 85 -78.88 -0.09 -22.23
N CYS PB 86 -79.89 0.25 -21.42
CA CYS PB 86 -80.31 -0.61 -20.31
C CYS PB 86 -81.69 -1.21 -20.49
N THR PB 87 -82.59 -0.54 -21.21
CA THR PB 87 -83.96 -1.00 -21.34
C THR PB 87 -84.35 -1.01 -22.81
N LEU PB 88 -84.81 -2.16 -23.29
CA LEU PB 88 -85.32 -2.31 -24.65
C LEU PB 88 -86.79 -2.71 -24.58
N ALA PB 89 -87.54 -2.35 -25.63
CA ALA PB 89 -88.89 -2.86 -25.81
C ALA PB 89 -89.11 -3.14 -27.29
N ILE PB 90 -89.46 -4.38 -27.61
CA ILE PB 90 -89.65 -4.80 -29.00
C ILE PB 90 -91.12 -4.58 -29.31
N ILE PB 91 -91.44 -3.37 -29.78
CA ILE PB 91 -92.84 -3.03 -30.04
C ILE PB 91 -93.38 -3.69 -31.29
N ASP PB 92 -92.51 -4.12 -32.20
CA ASP PB 92 -92.93 -4.81 -33.42
C ASP PB 92 -91.79 -5.67 -33.97
N PRO PB 93 -91.74 -6.96 -33.64
CA PRO PB 93 -90.73 -7.82 -34.25
C PRO PB 93 -91.04 -8.11 -35.70
N GLY PB 94 -90.03 -8.02 -36.55
CA GLY PB 94 -90.21 -8.20 -37.98
C GLY PB 94 -90.33 -9.64 -38.39
N ASP PB 95 -89.27 -10.41 -38.19
CA ASP PB 95 -89.24 -11.82 -38.56
C ASP PB 95 -88.92 -12.74 -37.38
N SER PB 96 -88.65 -12.18 -36.21
CA SER PB 96 -88.20 -12.95 -35.07
C SER PB 96 -89.36 -13.64 -34.37
N ASP PB 97 -89.02 -14.42 -33.34
CA ASP PB 97 -90.02 -15.13 -32.54
C ASP PB 97 -89.66 -15.06 -31.05
N ILE PB 98 -89.26 -13.87 -30.59
CA ILE PB 98 -88.97 -13.67 -29.17
C ILE PB 98 -90.25 -13.76 -28.36
N ILE PB 99 -91.30 -13.05 -28.80
CA ILE PB 99 -92.59 -13.07 -28.14
C ILE PB 99 -93.32 -14.40 -28.29
N ARG PB 100 -92.87 -15.26 -29.19
CA ARG PB 100 -93.39 -16.62 -29.31
C ARG PB 100 -92.62 -17.59 -28.43
N SER PB 101 -91.31 -17.37 -28.28
CA SER PB 101 -90.44 -18.32 -27.59
C SER PB 101 -90.34 -18.06 -26.09
N MET PB 102 -89.98 -16.84 -25.70
CA MET PB 102 -89.64 -16.58 -24.30
C MET PB 102 -90.86 -16.51 -23.36
N PRO PB 103 -91.98 -15.81 -23.70
CA PRO PB 103 -93.06 -15.99 -22.73
C PRO PB 103 -93.87 -17.26 -22.97
N ASN QB 1 -21.60 107.94 2.14
CA ASN QB 1 -22.87 108.55 2.53
C ASN QB 1 -23.72 108.86 1.32
N GLU QB 2 -23.70 107.98 0.32
CA GLU QB 2 -24.43 108.17 -0.92
C GLU QB 2 -25.49 107.09 -1.07
N VAL QB 3 -26.24 107.17 -2.16
CA VAL QB 3 -27.40 106.31 -2.41
C VAL QB 3 -27.21 105.66 -3.78
N VAL QB 4 -25.94 105.45 -4.15
CA VAL QB 4 -25.59 105.13 -5.54
C VAL QB 4 -26.01 103.70 -5.91
N THR QB 5 -26.04 103.47 -7.23
CA THR QB 5 -26.53 102.22 -7.81
C THR QB 5 -25.72 101.92 -9.06
N ARG QB 6 -25.08 100.74 -9.09
CA ARG QB 6 -24.23 100.36 -10.21
C ARG QB 6 -24.55 98.95 -10.67
N GLU QB 7 -24.37 98.70 -11.96
CA GLU QB 7 -24.58 97.37 -12.53
C GLU QB 7 -23.25 96.66 -12.74
N TYR QB 8 -23.29 95.33 -12.67
CA TYR QB 8 -22.09 94.51 -12.78
C TYR QB 8 -22.43 93.22 -13.50
N THR QB 9 -21.40 92.57 -14.02
CA THR QB 9 -21.48 91.22 -14.58
C THR QB 9 -20.50 90.35 -13.80
N ILE QB 10 -20.96 89.82 -12.67
CA ILE QB 10 -20.12 88.90 -11.89
C ILE QB 10 -19.97 87.58 -12.65
N ASN QB 11 -18.76 87.04 -12.67
CA ASN QB 11 -18.49 85.81 -13.39
C ASN QB 11 -18.30 84.70 -12.35
N ILE QB 12 -19.39 84.00 -12.06
CA ILE QB 12 -19.39 82.92 -11.09
C ILE QB 12 -18.59 81.73 -11.60
N HIS QB 13 -18.50 81.56 -12.92
CA HIS QB 13 -17.75 80.43 -13.47
C HIS QB 13 -16.25 80.58 -13.26
N LYS QB 14 -15.75 81.81 -13.17
CA LYS QB 14 -14.33 81.99 -12.83
C LYS QB 14 -14.13 82.52 -11.42
N ARG QB 15 -15.19 82.69 -10.64
CA ARG QB 15 -15.06 82.84 -9.20
C ARG QB 15 -15.29 81.55 -8.44
N ILE QB 16 -15.72 80.49 -9.12
CA ILE QB 16 -15.82 79.15 -8.54
C ILE QB 16 -15.07 78.19 -9.45
N HIS QB 17 -14.06 77.51 -8.90
CA HIS QB 17 -13.30 76.53 -9.67
C HIS QB 17 -12.76 75.51 -8.68
N GLY QB 18 -13.37 74.34 -8.63
CA GLY QB 18 -12.96 73.31 -7.70
C GLY QB 18 -13.85 73.18 -6.48
N VAL QB 19 -15.12 73.54 -6.59
CA VAL QB 19 -16.09 73.40 -5.52
C VAL QB 19 -17.04 72.27 -5.90
N GLY QB 20 -17.37 71.41 -4.93
CA GLY QB 20 -18.16 70.22 -5.19
C GLY QB 20 -19.58 70.51 -5.64
N PHE QB 21 -20.26 69.43 -6.05
CA PHE QB 21 -21.55 69.57 -6.72
C PHE QB 21 -22.64 69.99 -5.75
N LYS QB 22 -22.60 69.51 -4.51
CA LYS QB 22 -23.62 69.87 -3.55
C LYS QB 22 -23.34 71.20 -2.84
N LYS QB 23 -22.26 71.89 -3.20
CA LYS QB 23 -21.95 73.18 -2.64
C LYS QB 23 -21.72 74.27 -3.68
N ARG QB 24 -21.83 73.95 -4.97
CA ARG QB 24 -21.43 74.90 -6.02
C ARG QB 24 -22.40 76.06 -6.12
N ALA QB 25 -23.69 75.80 -5.92
CA ALA QB 25 -24.67 76.89 -5.84
C ALA QB 25 -24.72 77.62 -4.49
N PRO QB 26 -24.58 76.96 -3.32
CA PRO QB 26 -24.48 77.78 -2.09
C PRO QB 26 -23.23 78.62 -1.99
N ARG QB 27 -22.06 78.16 -2.45
CA ARG QB 27 -20.86 78.98 -2.37
C ARG QB 27 -20.91 80.18 -3.31
N ALA QB 28 -21.74 80.12 -4.36
CA ALA QB 28 -21.91 81.26 -5.26
C ALA QB 28 -22.51 82.46 -4.56
N LEU QB 29 -23.43 82.23 -3.62
CA LEU QB 29 -24.05 83.36 -2.95
C LEU QB 29 -23.16 83.96 -1.87
N LYS QB 30 -22.32 83.14 -1.22
CA LYS QB 30 -21.26 83.69 -0.38
C LYS QB 30 -20.28 84.50 -1.20
N GLU QB 31 -19.99 84.06 -2.43
CA GLU QB 31 -19.11 84.83 -3.31
C GLU QB 31 -19.76 86.14 -3.75
N ILE QB 32 -21.08 86.13 -3.97
CA ILE QB 32 -21.80 87.34 -4.34
C ILE QB 32 -21.84 88.33 -3.16
N ARG QB 33 -22.04 87.81 -1.94
CA ARG QB 33 -21.98 88.67 -0.75
C ARG QB 33 -20.59 89.25 -0.54
N LYS QB 34 -19.55 88.45 -0.77
CA LYS QB 34 -18.18 88.94 -0.65
C LYS QB 34 -17.87 89.98 -1.73
N PHE QB 35 -18.39 89.78 -2.94
CA PHE QB 35 -18.20 90.75 -4.01
C PHE QB 35 -18.92 92.06 -3.71
N ALA QB 36 -20.12 91.99 -3.13
CA ALA QB 36 -20.86 93.20 -2.78
C ALA QB 36 -20.18 93.94 -1.63
N MET QB 37 -19.66 93.20 -0.65
CA MET QB 37 -18.91 93.82 0.44
C MET QB 37 -17.61 94.44 -0.03
N LYS QB 38 -16.97 93.85 -1.04
CA LYS QB 38 -15.74 94.42 -1.56
C LYS QB 38 -16.03 95.66 -2.41
N GLU QB 39 -17.10 95.64 -3.20
CA GLU QB 39 -17.37 96.76 -4.09
C GLU QB 39 -17.97 97.95 -3.34
N MET QB 40 -19.05 97.74 -2.58
CA MET QB 40 -19.71 98.88 -1.97
C MET QB 40 -19.07 99.30 -0.65
N GLY QB 41 -18.57 98.35 0.13
CA GLY QB 41 -17.87 98.63 1.36
C GLY QB 41 -18.67 98.34 2.62
N THR QB 42 -19.99 98.17 2.51
CA THR QB 42 -20.69 97.88 3.75
C THR QB 42 -20.81 96.37 3.96
N PRO QB 43 -20.75 95.91 5.22
CA PRO QB 43 -20.88 94.47 5.47
C PRO QB 43 -22.30 93.94 5.31
N ASP QB 44 -23.31 94.81 5.34
CA ASP QB 44 -24.70 94.38 5.30
C ASP QB 44 -25.12 94.24 3.84
N VAL QB 45 -25.38 93.01 3.41
CA VAL QB 45 -25.75 92.69 2.03
C VAL QB 45 -27.04 91.91 2.04
N ARG QB 46 -28.05 92.40 1.32
CA ARG QB 46 -29.33 91.72 1.17
C ARG QB 46 -29.56 91.44 -0.30
N ILE QB 47 -29.66 90.17 -0.66
CA ILE QB 47 -29.95 89.77 -2.03
C ILE QB 47 -31.41 89.35 -2.12
N ASP QB 48 -31.98 89.47 -3.31
CA ASP QB 48 -33.42 89.33 -3.46
C ASP QB 48 -33.82 87.91 -3.86
N THR QB 49 -35.14 87.68 -3.80
CA THR QB 49 -35.70 86.39 -4.20
C THR QB 49 -35.57 86.19 -5.71
N ARG QB 50 -35.58 87.28 -6.48
CA ARG QB 50 -35.34 87.18 -7.92
C ARG QB 50 -33.91 86.73 -8.22
N LEU QB 51 -32.93 87.25 -7.46
CA LEU QB 51 -31.56 86.78 -7.61
C LEU QB 51 -31.40 85.36 -7.10
N ASN QB 52 -32.17 84.99 -6.08
CA ASN QB 52 -32.20 83.61 -5.60
C ASN QB 52 -32.68 82.65 -6.70
N LYS QB 53 -33.74 83.04 -7.41
CA LYS QB 53 -34.24 82.25 -8.54
C LYS QB 53 -33.22 82.22 -9.67
N ALA QB 54 -32.56 83.34 -9.93
CA ALA QB 54 -31.61 83.40 -11.04
C ALA QB 54 -30.37 82.56 -10.78
N VAL QB 55 -29.97 82.41 -9.52
CA VAL QB 55 -28.87 81.52 -9.20
C VAL QB 55 -29.33 80.06 -9.20
N TRP QB 56 -30.43 79.77 -8.50
CA TRP QB 56 -30.88 78.40 -8.29
C TRP QB 56 -31.84 77.92 -9.37
N ALA QB 57 -31.82 78.54 -10.55
CA ALA QB 57 -32.72 78.12 -11.62
C ALA QB 57 -32.27 76.84 -12.31
N LYS QB 58 -31.04 76.39 -12.10
CA LYS QB 58 -30.51 75.24 -12.83
C LYS QB 58 -29.77 74.28 -11.89
N GLY QB 59 -30.33 74.06 -10.71
CA GLY QB 59 -29.77 73.05 -9.81
C GLY QB 59 -28.63 73.58 -8.95
N ILE QB 60 -27.91 72.63 -8.36
CA ILE QB 60 -26.82 72.93 -7.44
C ILE QB 60 -25.47 72.88 -8.15
N ARG QB 61 -25.34 71.99 -9.15
CA ARG QB 61 -24.06 71.78 -9.80
C ARG QB 61 -23.96 72.42 -11.17
N ASN QB 62 -25.08 72.68 -11.84
CA ASN QB 62 -25.07 73.41 -13.09
C ASN QB 62 -25.42 74.88 -12.86
N VAL QB 63 -24.53 75.54 -12.13
CA VAL QB 63 -24.67 76.97 -11.83
C VAL QB 63 -24.53 77.78 -13.11
N PRO QB 64 -25.39 78.76 -13.37
CA PRO QB 64 -25.20 79.64 -14.54
C PRO QB 64 -23.92 80.44 -14.42
N TYR QB 65 -23.26 80.61 -15.57
CA TYR QB 65 -21.84 80.99 -15.58
C TYR QB 65 -21.65 82.46 -15.24
N ARG QB 66 -22.55 83.32 -15.69
CA ARG QB 66 -22.42 84.75 -15.50
C ARG QB 66 -23.79 85.33 -15.25
N ILE QB 67 -23.89 86.29 -14.32
CA ILE QB 67 -25.16 86.86 -13.90
C ILE QB 67 -25.03 88.37 -13.83
N ARG QB 68 -25.92 89.06 -14.55
CA ARG QB 68 -26.00 90.51 -14.50
C ARG QB 68 -26.70 90.94 -13.21
N VAL QB 69 -26.00 91.73 -12.39
CA VAL QB 69 -26.53 92.15 -11.10
C VAL QB 69 -26.55 93.67 -11.03
N ARG QB 70 -27.36 94.19 -10.11
CA ARG QB 70 -27.49 95.62 -9.88
C ARG QB 70 -27.42 95.87 -8.39
N LEU QB 71 -26.37 96.56 -7.94
CA LEU QB 71 -26.13 96.84 -6.54
C LEU QB 71 -26.58 98.27 -6.23
N SER QB 72 -27.57 98.39 -5.35
CA SER QB 72 -28.05 99.67 -4.86
C SER QB 72 -27.67 99.79 -3.39
N ARG QB 73 -27.28 100.99 -2.97
CA ARG QB 73 -26.95 101.24 -1.58
C ARG QB 73 -27.97 102.22 -0.99
N LYS QB 74 -28.52 101.88 0.17
CA LYS QB 74 -29.53 102.70 0.80
C LYS QB 74 -29.22 102.85 2.29
N ARG QB 75 -29.83 103.84 2.90
CA ARG QB 75 -29.69 104.06 4.33
C ARG QB 75 -30.73 103.24 5.10
N ASN QB 76 -30.53 103.14 6.41
CA ASN QB 76 -31.40 102.37 7.27
C ASN QB 76 -31.78 103.21 8.49
N GLU QB 77 -33.04 103.07 8.92
CA GLU QB 77 -33.57 103.83 10.05
C GLU QB 77 -34.30 102.91 11.02
N ASP QB 78 -35.02 103.51 11.97
CA ASP QB 78 -35.89 102.83 12.94
C ASP QB 78 -35.10 101.82 13.79
N GLU QB 79 -34.21 102.39 14.61
CA GLU QB 79 -33.27 101.67 15.47
C GLU QB 79 -32.37 100.77 14.62
N ASP QB 80 -31.58 101.43 13.78
CA ASP QB 80 -30.78 100.75 12.76
C ASP QB 80 -29.60 100.00 13.37
N SER QB 81 -28.91 99.26 12.51
CA SER QB 81 -27.70 98.55 12.86
C SER QB 81 -26.55 99.56 13.02
N PRO QB 82 -25.42 99.15 13.61
CA PRO QB 82 -24.21 99.99 13.52
C PRO QB 82 -23.72 100.23 12.09
N ASN QB 83 -24.02 99.33 11.16
CA ASN QB 83 -23.81 99.58 9.74
C ASN QB 83 -25.06 100.26 9.21
N LYS QB 84 -24.98 101.57 9.01
CA LYS QB 84 -26.15 102.34 8.60
C LYS QB 84 -26.51 102.14 7.13
N LEU QB 85 -25.57 101.68 6.31
CA LEU QB 85 -25.80 101.47 4.89
C LEU QB 85 -25.82 99.98 4.59
N TYR QB 86 -26.70 99.58 3.67
CA TYR QB 86 -26.80 98.17 3.27
C TYR QB 86 -26.94 98.10 1.77
N THR QB 87 -26.32 97.08 1.17
CA THR QB 87 -26.35 96.89 -0.27
C THR QB 87 -27.48 95.94 -0.62
N LEU QB 88 -28.50 96.44 -1.29
CA LEU QB 88 -29.61 95.62 -1.77
C LEU QB 88 -29.30 95.19 -3.19
N VAL QB 89 -28.79 93.97 -3.33
CA VAL QB 89 -28.45 93.42 -4.63
C VAL QB 89 -29.71 92.88 -5.29
N THR QB 90 -30.04 93.43 -6.46
CA THR QB 90 -31.19 92.96 -7.23
C THR QB 90 -30.71 92.41 -8.56
N TYR QB 91 -31.56 91.57 -9.16
CA TYR QB 91 -31.24 90.89 -10.41
C TYR QB 91 -31.95 91.54 -11.58
N VAL QB 92 -31.23 91.74 -12.67
CA VAL QB 92 -31.82 92.21 -13.91
C VAL QB 92 -31.44 91.24 -15.04
N PRO QB 93 -32.41 90.73 -15.79
CA PRO QB 93 -32.09 89.76 -16.84
C PRO QB 93 -31.62 90.46 -18.11
N VAL QB 94 -30.78 89.74 -18.86
CA VAL QB 94 -30.29 90.21 -20.15
C VAL QB 94 -30.05 88.98 -21.02
N THR QB 95 -30.33 89.13 -22.32
CA THR QB 95 -30.22 87.99 -23.23
C THR QB 95 -28.77 87.63 -23.51
N THR QB 96 -27.95 88.61 -23.88
CA THR QB 96 -26.56 88.39 -24.20
C THR QB 96 -25.67 88.99 -23.11
N PHE QB 97 -24.39 88.62 -23.15
CA PHE QB 97 -23.40 89.10 -22.21
C PHE QB 97 -22.26 89.86 -22.85
N LYS QB 98 -22.14 89.86 -24.18
CA LYS QB 98 -21.02 90.49 -24.84
C LYS QB 98 -21.19 92.00 -24.88
N ASN QB 99 -20.05 92.71 -24.75
CA ASN QB 99 -19.97 94.17 -24.78
C ASN QB 99 -20.82 94.83 -23.71
N LEU QB 100 -20.96 94.19 -22.55
CA LEU QB 100 -21.66 94.75 -21.42
C LEU QB 100 -20.68 94.95 -20.27
N GLN QB 101 -20.66 96.15 -19.71
CA GLN QB 101 -19.71 96.51 -18.68
C GLN QB 101 -20.44 97.25 -17.57
N THR QB 102 -19.68 97.83 -16.65
CA THR QB 102 -20.26 98.45 -15.47
C THR QB 102 -20.91 99.79 -15.82
N VAL QB 103 -22.16 99.95 -15.43
CA VAL QB 103 -22.95 101.14 -15.74
C VAL QB 103 -23.47 101.74 -14.45
N ASN QB 104 -23.20 103.02 -14.23
CA ASN QB 104 -23.73 103.74 -13.08
C ASN QB 104 -25.14 104.19 -13.39
N VAL QB 105 -26.13 103.58 -12.74
CA VAL QB 105 -27.54 103.81 -13.05
C VAL QB 105 -28.06 104.92 -12.15
N ASP QB 106 -28.74 105.90 -12.74
CA ASP QB 106 -29.36 106.99 -11.99
C ASP QB 106 -30.52 106.49 -11.12
N ALA RB 1 18.81 88.17 81.39
CA ALA RB 1 18.80 89.14 82.47
C ALA RB 1 17.53 89.05 83.28
N ALA RB 2 16.74 88.01 83.02
CA ALA RB 2 15.47 87.83 83.73
C ALA RB 2 15.70 87.16 85.09
N LEU RB 3 16.18 85.92 85.09
CA LEU RB 3 16.37 85.19 86.34
C LEU RB 3 17.76 84.58 86.47
N ARG RB 4 18.43 84.33 85.34
CA ARG RB 4 19.82 83.86 85.25
C ARG RB 4 20.07 82.58 86.04
N PRO RB 5 19.67 81.41 85.52
CA PRO RB 5 19.81 80.15 86.28
C PRO RB 5 21.24 79.69 86.50
N LEU RB 6 21.39 78.48 87.03
CA LEU RB 6 22.68 77.97 87.51
C LEU RB 6 23.59 77.60 86.34
N VAL RB 7 24.70 76.94 86.67
CA VAL RB 7 25.74 76.61 85.70
C VAL RB 7 25.20 75.57 84.74
N LYS RB 8 24.96 75.99 83.50
CA LYS RB 8 24.46 75.11 82.46
C LYS RB 8 25.46 75.10 81.31
N PRO RB 9 26.01 73.94 80.94
CA PRO RB 9 27.10 73.91 79.97
C PRO RB 9 26.65 74.10 78.53
N LYS RB 10 27.58 73.94 77.59
CA LYS RB 10 27.27 74.03 76.17
C LYS RB 10 26.43 72.82 75.77
N ILE RB 11 25.14 73.06 75.55
CA ILE RB 11 24.19 71.99 75.31
C ILE RB 11 24.32 71.53 73.86
N VAL RB 12 24.69 70.26 73.69
CA VAL RB 12 24.78 69.66 72.35
C VAL RB 12 23.73 68.56 72.25
N LYS RB 13 23.31 68.28 71.02
CA LYS RB 13 22.29 67.27 70.76
C LYS RB 13 22.78 66.13 69.90
N LYS RB 14 24.01 66.20 69.37
CA LYS RB 14 24.79 65.22 68.62
C LYS RB 14 24.30 64.99 67.19
N ARG RB 15 23.09 65.48 66.87
CA ARG RB 15 22.50 65.83 65.57
C ARG RB 15 21.13 66.44 65.84
N THR RB 16 20.71 67.37 64.99
CA THR RB 16 19.48 68.15 65.21
C THR RB 16 18.57 68.12 63.99
N LYS RB 17 18.32 66.92 63.45
CA LYS RB 17 17.55 66.83 62.22
C LYS RB 17 16.15 66.24 62.37
N LYS RB 18 15.88 65.53 63.48
CA LYS RB 18 14.62 64.82 63.79
C LYS RB 18 14.14 63.98 62.60
N PHE RB 19 14.92 62.91 62.38
CA PHE RB 19 15.09 62.14 61.16
C PHE RB 19 13.79 61.86 60.39
N ILE RB 20 13.86 62.03 59.09
CA ILE RB 20 12.69 61.90 58.23
C ILE RB 20 12.44 60.43 57.91
N ARG RB 21 11.21 60.11 57.55
CA ARG RB 21 10.85 58.76 57.13
C ARG RB 21 11.19 58.56 55.67
N HIS RB 22 11.58 57.33 55.31
CA HIS RB 22 11.93 56.99 53.95
C HIS RB 22 10.73 57.09 53.02
N GLN RB 23 10.94 57.70 51.85
CA GLN RB 23 9.92 57.96 50.83
C GLN RB 23 8.72 58.75 51.35
N SER RB 24 8.95 59.62 52.33
CA SER RB 24 7.92 60.57 52.73
C SER RB 24 7.82 61.73 51.75
N ASP RB 25 8.90 62.00 51.00
CA ASP RB 25 8.88 63.03 49.98
C ASP RB 25 8.06 62.61 48.77
N ARG RB 26 8.07 61.32 48.43
CA ARG RB 26 7.45 60.85 47.20
C ARG RB 26 5.94 60.72 47.34
N TYR RB 27 5.46 60.37 48.53
CA TYR RB 27 4.04 60.18 48.77
C TYR RB 27 3.60 61.08 49.91
N VAL RB 28 2.52 61.83 49.69
CA VAL RB 28 2.03 62.78 50.69
C VAL RB 28 0.94 62.12 51.52
N LYS RB 29 0.73 60.82 51.33
CA LYS RB 29 -0.05 60.03 52.28
C LYS RB 29 0.77 59.60 53.48
N ILE RB 30 2.08 59.74 53.40
CA ILE RB 30 3.00 59.31 54.44
C ILE RB 30 3.31 60.52 55.33
N LYS RB 31 3.00 60.41 56.61
CA LYS RB 31 3.36 61.46 57.55
C LYS RB 31 4.87 61.44 57.79
N ARG RB 32 5.40 62.59 58.23
CA ARG RB 32 6.84 62.74 58.39
C ARG RB 32 7.38 62.10 59.66
N ASN RB 33 6.56 61.40 60.43
CA ASN RB 33 7.03 60.69 61.61
C ASN RB 33 7.84 59.47 61.20
N TRP RB 34 8.83 59.13 62.01
CA TRP RB 34 9.68 57.98 61.72
C TRP RB 34 8.93 56.68 61.96
N ARG RB 35 9.19 55.70 61.11
CA ARG RB 35 8.63 54.37 61.26
C ARG RB 35 9.64 53.38 60.68
N LYS RB 36 10.11 52.46 61.52
CA LYS RB 36 11.18 51.53 61.17
C LYS RB 36 10.78 50.60 60.04
N PRO RB 37 11.46 50.67 58.89
CA PRO RB 37 11.10 49.79 57.77
C PRO RB 37 11.63 48.38 57.99
N ARG RB 38 10.77 47.41 57.69
CA ARG RB 38 11.09 46.00 57.88
C ARG RB 38 11.03 45.26 56.55
N GLY RB 39 11.44 45.93 55.48
CA GLY RB 39 11.48 45.30 54.19
C GLY RB 39 12.68 44.40 54.00
N ILE RB 40 12.58 43.50 53.03
CA ILE RB 40 13.65 42.55 52.79
C ILE RB 40 14.67 43.06 51.77
N ASP RB 41 14.38 44.16 51.09
CA ASP RB 41 15.28 44.71 50.08
C ASP RB 41 15.57 46.18 50.30
N ASN RB 42 15.18 46.75 51.44
CA ASN RB 42 15.20 48.19 51.60
C ASN RB 42 16.60 48.68 51.92
N ARG RB 43 17.03 49.73 51.22
CA ARG RB 43 18.37 50.28 51.38
C ARG RB 43 18.54 50.94 52.73
N VAL RB 44 17.44 51.45 53.31
CA VAL RB 44 17.51 52.09 54.62
C VAL RB 44 17.77 51.07 55.71
N ARG RB 45 17.10 49.92 55.64
CA ARG RB 45 17.36 48.84 56.60
C ARG RB 45 18.74 48.23 56.36
N ARG RB 46 19.15 48.12 55.09
CA ARG RB 46 20.48 47.60 54.80
C ARG RB 46 21.60 48.58 55.11
N ARG RB 47 21.28 49.85 55.39
CA ARG RB 47 22.23 50.90 55.78
C ARG RB 47 23.28 51.15 54.70
N PHE RB 48 22.82 51.38 53.48
CA PHE RB 48 23.71 51.81 52.42
C PHE RB 48 24.17 53.24 52.65
N LYS RB 49 25.34 53.57 52.11
CA LYS RB 49 25.82 54.94 52.20
C LYS RB 49 25.03 55.83 51.24
N GLY RB 50 24.95 57.11 51.59
CA GLY RB 50 24.18 58.07 50.80
C GLY RB 50 22.70 58.08 51.05
N GLN RB 51 22.16 57.07 51.74
CA GLN RB 51 20.74 57.01 52.06
C GLN RB 51 20.48 57.78 53.35
N ILE RB 52 19.26 57.69 53.87
CA ILE RB 52 18.92 58.35 55.13
C ILE RB 52 19.50 57.53 56.27
N LEU RB 53 19.54 58.12 57.46
CA LEU RB 53 20.10 57.47 58.64
C LEU RB 53 18.98 57.01 59.55
N MET RB 54 19.15 55.81 60.13
CA MET RB 54 18.09 55.40 61.05
C MET RB 54 18.40 55.87 62.47
N PRO RB 55 17.39 56.35 63.18
CA PRO RB 55 17.58 56.73 64.59
C PRO RB 55 17.82 55.50 65.46
N ASN RB 56 18.97 55.48 66.12
CA ASN RB 56 19.29 54.41 67.06
C ASN RB 56 19.79 54.99 68.38
N ILE RB 57 20.33 54.12 69.24
CA ILE RB 57 20.71 54.49 70.60
C ILE RB 57 21.89 55.46 70.64
N GLY RB 58 22.66 55.56 69.56
CA GLY RB 58 23.85 56.39 69.58
C GLY RB 58 23.59 57.88 69.58
N TYR RB 59 22.39 58.30 69.19
CA TYR RB 59 22.05 59.72 69.13
C TYR RB 59 21.54 60.26 70.45
N GLY RB 60 21.76 59.54 71.55
CA GLY RB 60 21.26 59.98 72.85
C GLY RB 60 22.07 61.16 73.37
N SER RB 61 21.36 62.20 73.82
CA SER RB 61 22.01 63.36 74.37
C SER RB 61 22.49 63.07 75.79
N ASN RB 62 23.39 63.93 76.27
CA ASN RB 62 23.98 63.79 77.60
C ASN RB 62 22.92 63.96 78.68
N LYS RB 63 23.10 63.22 79.78
CA LYS RB 63 22.12 63.26 80.87
C LYS RB 63 22.16 64.59 81.60
N LYS RB 64 23.28 65.30 81.56
CA LYS RB 64 23.32 66.65 82.12
C LYS RB 64 22.57 67.62 81.23
N THR RB 65 22.64 67.44 79.92
CA THR RB 65 21.99 68.32 78.95
C THR RB 65 20.75 67.67 78.33
N LYS RB 66 20.02 66.90 79.13
CA LYS RB 66 18.81 66.22 78.67
C LYS RB 66 17.59 67.02 79.08
N HIS RB 67 16.63 67.14 78.15
CA HIS RB 67 15.38 67.91 78.32
C HIS RB 67 15.67 69.38 78.67
N MET RB 68 16.72 69.94 78.07
CA MET RB 68 17.19 71.28 78.41
C MET RB 68 16.74 72.27 77.34
N LEU RB 69 16.00 73.29 77.77
CA LEU RB 69 15.71 74.42 76.90
C LEU RB 69 16.99 75.22 76.65
N PRO RB 70 17.04 75.98 75.54
CA PRO RB 70 18.22 76.82 75.30
C PRO RB 70 18.39 77.95 76.29
N SER RB 71 17.34 78.32 77.03
CA SER RB 71 17.49 79.35 78.06
C SER RB 71 18.25 78.82 79.28
N GLY RB 72 18.20 77.51 79.51
CA GLY RB 72 18.91 76.90 80.63
C GLY RB 72 18.02 76.24 81.67
N PHE RB 73 16.71 76.26 81.51
CA PHE RB 73 15.79 75.63 82.45
C PHE RB 73 15.30 74.30 81.88
N ARG RB 74 14.46 73.63 82.66
CA ARG RB 74 13.66 72.51 82.18
C ARG RB 74 12.19 72.86 82.35
N LYS RB 75 11.40 72.58 81.32
CA LYS RB 75 10.02 73.04 81.32
C LYS RB 75 9.13 72.16 82.19
N PHE RB 76 8.11 72.79 82.76
CA PHE RB 76 7.06 72.08 83.48
C PHE RB 76 5.78 72.85 83.29
N LEU RB 77 4.74 72.16 82.86
CA LEU RB 77 3.50 72.83 82.48
C LEU RB 77 2.62 73.05 83.71
N VAL RB 78 1.79 74.08 83.64
CA VAL RB 78 1.03 74.56 84.77
C VAL RB 78 -0.37 74.95 84.30
N HIS RB 79 -1.37 74.58 85.09
CA HIS RB 79 -2.76 74.96 84.86
C HIS RB 79 -3.27 76.05 85.80
N ASN RB 80 -2.82 76.08 87.05
CA ASN RB 80 -3.41 76.98 88.03
C ASN RB 80 -2.38 77.32 89.12
N VAL RB 81 -2.89 77.92 90.20
CA VAL RB 81 -2.03 78.54 91.20
C VAL RB 81 -1.30 77.50 92.04
N LYS RB 82 -1.93 76.36 92.33
CA LYS RB 82 -1.28 75.32 93.11
C LYS RB 82 -0.14 74.67 92.33
N GLU RB 83 -0.37 74.37 91.05
CA GLU RB 83 0.68 73.84 90.20
C GLU RB 83 1.73 74.88 89.86
N LEU RB 84 1.44 76.16 90.07
CA LEU RB 84 2.49 77.16 89.97
C LEU RB 84 3.31 77.23 91.25
N GLU RB 85 2.65 77.14 92.41
CA GLU RB 85 3.32 77.25 93.70
C GLU RB 85 4.06 75.99 94.10
N VAL RB 86 3.86 74.87 93.40
CA VAL RB 86 4.70 73.71 93.66
C VAL RB 86 6.13 73.94 93.15
N LEU RB 87 6.33 74.89 92.24
CA LEU RB 87 7.66 75.26 91.74
C LEU RB 87 8.36 76.28 92.63
N LEU RB 88 7.94 76.42 93.89
CA LEU RB 88 8.54 77.43 94.76
C LEU RB 88 9.93 77.02 95.23
N MET RB 89 10.20 75.72 95.28
CA MET RB 89 11.48 75.23 95.79
C MET RB 89 12.55 75.13 94.71
N CYS RB 90 12.17 74.79 93.49
CA CYS RB 90 13.15 74.55 92.42
C CYS RB 90 12.97 75.53 91.28
N ASN RB 91 12.81 76.82 91.58
CA ASN RB 91 12.56 77.82 90.55
C ASN RB 91 13.81 78.21 89.76
N LYS RB 92 14.99 77.85 90.22
CA LYS RB 92 16.24 78.23 89.55
C LYS RB 92 16.73 77.18 88.56
N SER RB 93 16.00 76.09 88.38
CA SER RB 93 16.29 75.12 87.34
C SER RB 93 15.08 74.65 86.56
N TYR RB 94 13.87 74.83 87.10
CA TYR RB 94 12.64 74.32 86.50
C TYR RB 94 11.69 75.49 86.26
N CYS RB 95 11.38 75.74 85.00
CA CYS RB 95 10.54 76.87 84.61
C CYS RB 95 9.12 76.42 84.35
N ALA RB 96 8.20 77.38 84.38
CA ALA RB 96 6.78 77.13 84.21
C ALA RB 96 6.37 77.33 82.75
N GLU RB 97 5.25 76.70 82.39
CA GLU RB 97 4.73 76.82 81.03
C GLU RB 97 3.22 76.69 81.12
N ILE RB 98 2.51 77.80 80.88
CA ILE RB 98 1.06 77.84 81.07
C ILE RB 98 0.38 77.04 79.96
N ALA RB 99 -0.62 76.23 80.34
CA ALA RB 99 -1.34 75.40 79.39
C ALA RB 99 -2.12 76.24 78.37
N HIS RB 100 -2.43 75.60 77.24
CA HIS RB 100 -3.05 76.33 76.13
C HIS RB 100 -4.52 76.64 76.39
N ASN RB 101 -5.18 75.84 77.21
CA ASN RB 101 -6.60 76.01 77.49
C ASN RB 101 -6.87 76.94 78.65
N VAL RB 102 -5.85 77.61 79.17
CA VAL RB 102 -6.01 78.57 80.25
C VAL RB 102 -6.40 79.91 79.66
N SER RB 103 -7.49 80.49 80.15
CA SER RB 103 -7.98 81.77 79.64
C SER RB 103 -7.06 82.90 80.10
N SER RB 104 -7.30 84.10 79.54
CA SER RB 104 -6.45 85.25 79.84
C SER RB 104 -6.68 85.78 81.25
N LYS RB 105 -7.91 85.67 81.76
CA LYS RB 105 -8.26 86.20 83.08
C LYS RB 105 -7.52 85.46 84.19
N ASN RB 106 -7.37 84.15 84.06
CA ASN RB 106 -6.55 83.39 84.99
C ASN RB 106 -5.08 83.37 84.60
N ARG RB 107 -4.78 83.58 83.32
CA ARG RB 107 -3.41 83.58 82.84
C ARG RB 107 -2.63 84.76 83.39
N LYS RB 108 -3.28 85.93 83.50
CA LYS RB 108 -2.60 87.08 84.07
C LYS RB 108 -2.35 86.90 85.57
N ALA RB 109 -3.24 86.20 86.27
CA ALA RB 109 -3.01 85.92 87.68
C ALA RB 109 -1.88 84.91 87.86
N ILE RB 110 -1.80 83.91 86.97
CA ILE RB 110 -0.73 82.93 87.04
C ILE RB 110 0.62 83.57 86.75
N VAL RB 111 0.69 84.47 85.75
CA VAL RB 111 1.98 85.08 85.45
C VAL RB 111 2.34 86.13 86.51
N GLU RB 112 1.34 86.73 87.17
CA GLU RB 112 1.65 87.63 88.28
C GLU RB 112 2.19 86.86 89.49
N ARG RB 113 1.61 85.70 89.78
CA ARG RB 113 2.11 84.86 90.86
C ARG RB 113 3.49 84.30 90.53
N ALA RB 114 3.77 84.02 89.25
CA ALA RB 114 5.10 83.58 88.85
C ALA RB 114 6.12 84.71 88.97
N ALA RB 115 5.70 85.94 88.68
CA ALA RB 115 6.59 87.08 88.86
C ALA RB 115 6.84 87.36 90.34
N GLN RB 116 5.86 87.07 91.20
CA GLN RB 116 6.08 87.23 92.63
C GLN RB 116 7.00 86.15 93.18
N LEU RB 117 6.81 84.90 92.77
CA LEU RB 117 7.61 83.79 93.27
C LEU RB 117 8.92 83.61 92.52
N ALA RB 118 9.20 84.47 91.53
CA ALA RB 118 10.42 84.44 90.71
C ALA RB 118 10.60 83.10 90.00
N ILE RB 119 9.52 82.65 89.36
CA ILE RB 119 9.51 81.42 88.57
C ILE RB 119 9.44 81.82 87.10
N ARG RB 120 10.36 81.28 86.31
CA ARG RB 120 10.39 81.59 84.88
C ARG RB 120 9.21 80.96 84.17
N VAL RB 121 8.53 81.76 83.36
CA VAL RB 121 7.46 81.28 82.48
C VAL RB 121 7.92 81.45 81.05
N THR RB 122 7.64 80.45 80.21
CA THR RB 122 8.15 80.46 78.84
C THR RB 122 7.35 81.40 77.95
N ASN RB 123 6.06 81.60 78.25
CA ASN RB 123 5.18 82.45 77.47
C ASN RB 123 4.59 83.54 78.37
N PRO RB 124 5.36 84.62 78.64
CA PRO RB 124 4.86 85.64 79.58
C PRO RB 124 3.93 86.65 78.93
N ASN RB 125 4.13 86.94 77.64
CA ASN RB 125 3.41 88.01 76.96
C ASN RB 125 2.52 87.47 75.84
N ALA RB 126 1.80 86.40 76.12
CA ALA RB 126 0.95 85.77 75.12
C ALA RB 126 -0.49 85.71 75.62
N ARG RB 127 -1.42 85.81 74.65
CA ARG RB 127 -2.87 85.83 74.87
C ARG RB 127 -3.28 86.95 75.83
N LEU RB 128 -2.75 88.14 75.57
CA LEU RB 128 -3.06 89.32 76.36
C LEU RB 128 -3.85 90.31 75.53
N ARG RB 129 -4.51 91.23 76.22
CA ARG RB 129 -5.34 92.25 75.57
C ARG RB 129 -4.46 93.32 74.93
N SER SB 1 49.68 99.80 53.86
CA SER SB 1 49.68 99.63 52.42
C SER SB 1 50.52 98.42 52.01
N GLY SB 2 49.90 97.50 51.31
CA GLY SB 2 50.58 96.31 50.85
C GLY SB 2 49.95 95.04 51.40
N ARG SB 3 50.02 93.97 50.61
CA ARG SB 3 49.42 92.70 50.99
C ARG SB 3 50.28 92.02 52.05
N LEU SB 4 49.64 91.57 53.13
CA LEU SB 4 50.33 90.88 54.21
C LEU SB 4 50.04 89.40 54.26
N TRP SB 5 49.18 88.88 53.38
CA TRP SB 5 48.78 87.49 53.41
C TRP SB 5 49.29 86.74 52.19
N SER SB 6 49.71 85.49 52.44
CA SER SB 6 50.14 84.61 51.37
C SER SB 6 48.94 84.00 50.66
N LYS SB 7 49.14 83.65 49.40
CA LYS SB 7 48.10 83.18 48.52
C LYS SB 7 47.99 81.67 48.56
N ALA SB 8 46.77 81.18 48.75
CA ALA SB 8 46.50 79.75 48.73
C ALA SB 8 45.20 79.53 47.99
N ILE SB 9 45.09 78.40 47.30
CA ILE SB 9 43.91 78.06 46.52
C ILE SB 9 43.23 76.87 47.19
N PHE SB 10 41.95 77.02 47.50
CA PHE SB 10 41.16 75.92 48.02
C PHE SB 10 41.00 74.85 46.94
N ALA SB 11 41.51 73.65 47.21
CA ALA SB 11 41.54 72.58 46.22
C ALA SB 11 40.42 71.57 46.40
N GLY SB 12 40.04 71.26 47.64
CA GLY SB 12 39.00 70.29 47.88
C GLY SB 12 38.96 69.92 49.35
N TYR SB 13 38.19 68.88 49.64
CA TYR SB 13 38.04 68.38 50.99
C TYR SB 13 38.94 67.17 51.21
N LYS SB 14 39.13 66.81 52.48
CA LYS SB 14 39.73 65.53 52.80
C LYS SB 14 38.77 64.43 52.40
N ARG SB 15 39.17 63.59 51.45
CA ARG SB 15 38.29 62.60 50.89
C ARG SB 15 39.09 61.35 50.54
N GLY SB 16 38.37 60.25 50.38
CA GLY SB 16 38.97 59.06 49.81
C GLY SB 16 38.79 59.10 48.31
N LEU SB 17 38.13 58.08 47.76
CA LEU SB 17 37.70 58.10 46.37
C LEU SB 17 36.20 58.33 46.24
N ARG SB 18 35.40 57.69 47.11
CA ARG SB 18 33.96 57.85 47.07
C ARG SB 18 33.48 58.94 48.01
N ASN SB 19 33.71 58.77 49.31
CA ASN SB 19 33.15 59.64 50.32
C ASN SB 19 34.12 60.76 50.71
N GLN SB 20 33.54 61.85 51.22
CA GLN SB 20 34.30 63.01 51.65
C GLN SB 20 34.22 63.19 53.17
N ARG SB 21 35.11 64.03 53.67
CA ARG SB 21 35.10 64.48 55.07
C ARG SB 21 35.24 65.98 55.03
N GLU SB 22 34.14 66.69 55.26
CA GLU SB 22 34.11 68.15 55.12
C GLU SB 22 34.71 68.88 56.30
N HIS SB 23 35.13 68.18 57.36
CA HIS SB 23 35.74 68.84 58.50
C HIS SB 23 37.16 69.29 58.24
N THR SB 24 37.84 68.71 57.26
CA THR SB 24 39.21 69.07 56.94
C THR SB 24 39.29 69.41 55.46
N ALA SB 25 39.92 70.54 55.14
CA ALA SB 25 39.98 71.08 53.80
C ALA SB 25 41.42 71.11 53.31
N LEU SB 26 41.58 71.14 51.98
CA LEU SB 26 42.88 71.08 51.34
C LEU SB 26 43.20 72.39 50.64
N LEU SB 27 44.43 72.85 50.80
CA LEU SB 27 44.87 74.14 50.27
C LEU SB 27 46.17 73.93 49.50
N LYS SB 28 46.13 74.20 48.20
CA LYS SB 28 47.34 74.27 47.39
C LYS SB 28 47.87 75.68 47.53
N ILE SB 29 48.90 75.85 48.34
CA ILE SB 29 49.43 77.17 48.65
C ILE SB 29 50.61 77.45 47.73
N GLU SB 30 50.68 78.67 47.24
CA GLU SB 30 51.65 79.02 46.21
C GLU SB 30 53.04 79.20 46.83
N GLY SB 31 54.05 78.83 46.07
CA GLY SB 31 55.42 78.83 46.55
C GLY SB 31 55.85 77.50 47.13
N VAL SB 32 55.04 76.92 48.00
CA VAL SB 32 55.33 75.60 48.55
C VAL SB 32 55.03 74.56 47.50
N TYR SB 33 56.04 73.76 47.15
CA TYR SB 33 55.85 72.61 46.28
C TYR SB 33 56.63 71.41 46.78
N ALA SB 34 56.84 71.32 48.10
CA ALA SB 34 57.66 70.25 48.67
C ALA SB 34 57.25 70.00 50.12
N ARG SB 35 57.49 68.75 50.54
CA ARG SB 35 57.23 68.35 51.92
C ARG SB 35 58.11 69.12 52.90
N ASP SB 36 59.36 69.38 52.52
CA ASP SB 36 60.24 70.18 53.36
C ASP SB 36 59.89 71.66 53.31
N GLU SB 37 59.12 72.09 52.31
CA GLU SB 37 58.68 73.47 52.22
C GLU SB 37 57.37 73.74 52.95
N THR SB 38 56.53 72.72 53.16
CA THR SB 38 55.32 72.91 53.95
C THR SB 38 55.55 72.67 55.45
N GLU SB 39 56.59 73.29 55.98
CA GLU SB 39 56.92 73.22 57.40
C GLU SB 39 56.78 74.56 58.09
N PHE SB 40 57.14 75.65 57.40
CA PHE SB 40 57.02 77.00 57.95
C PHE SB 40 55.57 77.41 58.12
N TYR SB 41 54.67 76.89 57.29
CA TYR SB 41 53.27 77.28 57.33
C TYR SB 41 52.46 76.51 58.36
N LEU SB 42 53.09 75.64 59.15
CA LEU SB 42 52.38 74.89 60.18
C LEU SB 42 52.04 75.83 61.33
N GLY SB 43 50.75 76.11 61.51
CA GLY SB 43 50.30 76.99 62.56
C GLY SB 43 49.76 78.32 62.08
N LYS SB 44 49.76 78.57 60.77
CA LYS SB 44 49.21 79.80 60.22
C LYS SB 44 47.68 79.81 60.37
N ARG SB 45 47.09 80.97 60.14
CA ARG SB 45 45.64 81.13 60.20
C ARG SB 45 45.12 81.64 58.87
N CYS SB 46 44.07 80.99 58.38
CA CYS SB 46 43.51 81.23 57.05
C CYS SB 46 42.21 82.00 57.16
N ALA SB 47 41.77 82.55 56.03
CA ALA SB 47 40.55 83.34 55.98
C ALA SB 47 39.98 83.30 54.57
N TYR SB 48 38.72 82.88 54.45
CA TYR SB 48 38.02 82.89 53.18
C TYR SB 48 37.13 84.13 53.10
N VAL SB 49 37.48 85.04 52.20
CA VAL SB 49 36.76 86.30 52.04
C VAL SB 49 35.72 86.13 50.94
N TYR SB 50 34.45 86.39 51.26
CA TYR SB 50 33.39 86.33 50.28
C TYR SB 50 32.43 87.49 50.52
N LYS SB 51 31.38 87.56 49.70
CA LYS SB 51 30.46 88.69 49.70
C LYS SB 51 29.03 88.23 49.94
N ALA SB 52 28.23 89.12 50.52
CA ALA SB 52 26.79 88.91 50.68
C ALA SB 52 26.14 90.29 50.74
N LYS SB 53 24.84 90.33 50.44
CA LYS SB 53 24.20 91.63 50.31
C LYS SB 53 23.72 92.20 51.64
N ASN SB 54 23.72 91.43 52.71
CA ASN SB 54 23.42 91.98 54.03
C ASN SB 54 24.70 92.49 54.67
N ASN SB 55 24.65 92.81 55.96
CA ASN SB 55 25.69 93.61 56.61
C ASN SB 55 26.07 92.96 57.95
N THR SB 56 27.03 92.03 57.91
CA THR SB 56 27.62 91.43 59.11
C THR SB 56 29.13 91.58 58.98
N VAL SB 57 29.71 92.53 59.72
CA VAL SB 57 31.06 93.01 59.44
C VAL SB 57 31.90 93.08 60.71
N THR SB 58 33.19 93.34 60.48
CA THR SB 58 34.21 93.62 61.47
C THR SB 58 34.04 95.05 61.99
N PRO SB 59 34.67 95.40 63.13
CA PRO SB 59 34.67 96.80 63.56
C PRO SB 59 35.71 97.69 62.89
N GLY SB 60 36.21 97.31 61.72
CA GLY SB 60 37.20 98.12 61.02
C GLY SB 60 36.63 99.36 60.37
N GLY SB 61 36.18 100.32 61.18
CA GLY SB 61 35.72 101.60 60.70
C GLY SB 61 34.30 101.66 60.20
N LYS SB 62 34.05 101.13 59.02
CA LYS SB 62 32.75 101.26 58.37
C LYS SB 62 32.18 99.89 58.01
N PRO SB 63 30.86 99.74 58.05
CA PRO SB 63 30.26 98.48 57.61
C PRO SB 63 30.25 98.35 56.09
N ASN SB 64 30.42 97.11 55.62
CA ASN SB 64 30.59 96.80 54.21
C ASN SB 64 29.80 95.53 53.92
N LYS SB 65 30.11 94.89 52.80
CA LYS SB 65 29.44 93.66 52.37
C LYS SB 65 30.35 92.44 52.45
N THR SB 66 31.29 92.42 53.39
CA THR SB 66 32.33 91.40 53.45
C THR SB 66 32.09 90.46 54.61
N ARG SB 67 32.11 89.15 54.34
CA ARG SB 67 31.96 88.10 55.34
C ARG SB 67 33.12 87.13 55.23
N VAL SB 68 33.60 86.64 56.38
CA VAL SB 68 34.77 85.77 56.45
C VAL SB 68 34.48 84.61 57.39
N ILE SB 69 34.68 83.39 56.91
CA ILE SB 69 34.74 82.20 57.76
C ILE SB 69 36.19 81.99 58.16
N TRP SB 70 36.46 81.98 59.46
CA TRP SB 70 37.82 81.90 59.95
C TRP SB 70 38.28 80.45 60.10
N GLY SB 71 39.58 80.28 60.30
CA GLY SB 71 40.15 78.98 60.51
C GLY SB 71 41.67 79.05 60.53
N LYS SB 72 42.29 77.88 60.57
CA LYS SB 72 43.75 77.85 60.68
C LYS SB 72 44.30 76.56 60.11
N VAL SB 73 45.61 76.55 59.94
CA VAL SB 73 46.34 75.41 59.37
C VAL SB 73 46.50 74.33 60.43
N THR SB 74 46.16 73.09 60.08
CA THR SB 74 46.35 71.96 60.99
C THR SB 74 47.69 71.27 60.74
N ARG SB 75 47.90 70.75 59.54
CA ARG SB 75 49.11 69.99 59.25
C ARG SB 75 49.39 70.03 57.76
N ALA SB 76 50.44 69.29 57.36
CA ALA SB 76 50.81 69.16 55.97
C ALA SB 76 50.05 68.01 55.32
N HIS SB 77 50.24 67.85 54.02
CA HIS SB 77 49.44 66.90 53.23
C HIS SB 77 50.18 66.61 51.95
N GLY SB 78 50.59 65.36 51.76
CA GLY SB 78 51.20 64.91 50.53
C GLY SB 78 52.64 65.37 50.37
N ASN SB 79 53.28 64.83 49.33
CA ASN SB 79 54.65 65.23 48.99
C ASN SB 79 54.68 66.49 48.14
N SER SB 80 53.55 66.89 47.56
CA SER SB 80 53.48 68.09 46.73
C SER SB 80 53.39 69.37 47.55
N GLY SB 81 53.30 69.27 48.86
CA GLY SB 81 53.24 70.46 49.70
C GLY SB 81 51.85 71.05 49.83
N MET SB 82 50.84 70.22 50.06
CA MET SB 82 49.49 70.71 50.26
C MET SB 82 49.25 70.88 51.76
N VAL SB 83 48.30 71.74 52.11
CA VAL SB 83 48.08 72.16 53.49
C VAL SB 83 46.67 71.77 53.92
N ARG SB 84 46.56 71.00 55.00
CA ARG SB 84 45.25 70.75 55.57
C ARG SB 84 44.84 71.89 56.48
N ALA SB 85 43.53 72.12 56.58
CA ALA SB 85 43.02 73.21 57.41
C ALA SB 85 41.64 72.86 57.92
N LYS SB 86 41.40 73.11 59.20
CA LYS SB 86 40.08 72.96 59.80
C LYS SB 86 39.56 74.35 60.11
N PHE SB 87 38.53 74.77 59.37
CA PHE SB 87 37.96 76.08 59.62
C PHE SB 87 36.92 75.98 60.75
N ARG SB 88 36.49 77.13 61.25
CA ARG SB 88 35.54 77.14 62.35
C ARG SB 88 34.15 76.73 61.89
N SER SB 89 33.76 77.16 60.69
CA SER SB 89 32.59 76.64 60.00
C SER SB 89 33.06 75.97 58.72
N ASN SB 90 32.33 74.94 58.30
CA ASN SB 90 32.74 74.17 57.14
C ASN SB 90 32.57 74.99 55.86
N LEU SB 91 33.17 74.50 54.78
CA LEU SB 91 33.27 75.27 53.56
C LEU SB 91 31.97 75.23 52.77
N PRO SB 92 31.63 76.31 52.07
CA PRO SB 92 30.37 76.34 51.31
C PRO SB 92 30.39 75.52 50.03
N ALA SB 93 31.56 74.97 49.65
CA ALA SB 93 31.84 74.20 48.43
C ALA SB 93 31.66 74.99 47.14
N LYS SB 94 31.38 76.29 47.24
CA LYS SB 94 31.49 77.19 46.11
C LYS SB 94 32.92 77.67 45.94
N ALA SB 95 33.73 77.55 47.00
CA ALA SB 95 35.10 78.04 47.06
C ALA SB 95 36.09 77.18 46.30
N ILE SB 96 35.65 76.14 45.59
CA ILE SB 96 36.56 75.29 44.83
C ILE SB 96 37.17 76.09 43.68
N GLY SB 97 38.49 75.99 43.54
CA GLY SB 97 39.18 76.81 42.56
C GLY SB 97 39.24 78.27 42.88
N HIS SB 98 39.06 78.65 44.14
CA HIS SB 98 39.11 80.04 44.57
C HIS SB 98 40.21 80.21 45.63
N ARG SB 99 40.32 81.42 46.17
CA ARG SB 99 41.49 81.82 46.94
C ARG SB 99 41.13 82.06 48.40
N ILE SB 100 41.97 81.52 49.29
CA ILE SB 100 41.85 81.71 50.73
C ILE SB 100 43.15 82.34 51.23
N ARG SB 101 43.02 83.47 51.93
CA ARG SB 101 44.17 84.17 52.46
C ARG SB 101 44.83 83.35 53.56
N VAL SB 102 46.16 83.39 53.63
CA VAL SB 102 46.90 82.76 54.71
C VAL SB 102 47.72 83.85 55.38
N MET SB 103 47.29 84.31 56.55
CA MET SB 103 47.94 85.45 57.17
C MET SB 103 49.05 84.97 58.08
N LEU SB 104 50.09 85.80 58.25
CA LEU SB 104 51.39 85.37 58.76
C LEU SB 104 51.49 85.41 60.29
N TYR SB 105 50.37 85.46 61.01
CA TYR SB 105 50.36 85.42 62.47
C TYR SB 105 50.41 83.94 62.91
N PRO SB 106 49.99 83.56 64.13
CA PRO SB 106 50.91 83.07 65.18
C PRO SB 106 52.16 82.23 64.91
N SER SB 107 52.53 81.89 63.66
CA SER SB 107 53.76 81.16 63.35
C SER SB 107 55.03 81.74 63.94
N ARG SB 108 56.11 80.95 63.93
CA ARG SB 108 57.20 81.04 64.89
C ARG SB 108 58.38 81.87 64.40
N ILE SB 109 58.13 82.98 63.70
CA ILE SB 109 59.21 83.84 63.24
C ILE SB 109 59.86 84.54 64.45
N VAL TB 1 -56.24 56.52 -6.94
CA VAL TB 1 -55.11 57.28 -6.43
C VAL TB 1 -55.38 57.59 -4.95
N GLN TB 2 -56.64 57.49 -4.54
CA GLN TB 2 -57.02 57.67 -3.14
C GLN TB 2 -56.90 56.33 -2.43
N ARG TB 3 -55.82 56.13 -1.70
CA ARG TB 3 -55.58 54.88 -0.98
C ARG TB 3 -56.42 54.86 0.29
N LEU TB 4 -57.22 53.81 0.44
CA LEU TB 4 -58.26 53.75 1.45
C LEU TB 4 -57.82 52.89 2.64
N THR TB 5 -58.60 52.97 3.71
CA THR TB 5 -58.16 52.56 5.04
C THR TB 5 -59.28 51.74 5.69
N TYR TB 6 -58.90 50.83 6.59
CA TYR TB 6 -59.86 50.07 7.39
C TYR TB 6 -60.70 50.97 8.27
N ARG TB 7 -61.85 50.44 8.69
CA ARG TB 7 -62.76 51.15 9.58
C ARG TB 7 -62.85 50.54 10.97
N ARG TB 8 -62.66 49.23 11.10
CA ARG TB 8 -62.52 48.59 12.40
C ARG TB 8 -61.04 48.55 12.78
N ARG TB 9 -60.71 47.76 13.80
CA ARG TB 9 -59.32 47.49 14.15
C ARG TB 9 -58.92 46.05 13.82
N LEU TB 10 -59.73 45.36 13.01
CA LEU TB 10 -59.34 44.07 12.46
C LEU TB 10 -58.31 44.29 11.35
N SER TB 11 -57.04 44.36 11.72
CA SER TB 11 -56.00 44.77 10.80
C SER TB 11 -55.52 43.66 9.87
N TYR TB 12 -56.09 42.46 9.95
CA TYR TB 12 -55.64 41.34 9.15
C TYR TB 12 -56.73 40.91 8.17
N ASN TB 13 -56.30 40.24 7.10
CA ASN TB 13 -57.21 39.89 6.00
C ASN TB 13 -57.76 38.48 6.22
N THR TB 14 -58.52 38.35 7.30
CA THR TB 14 -59.08 37.06 7.70
C THR TB 14 -60.37 36.79 6.93
N ALA TB 15 -61.05 35.69 7.26
CA ALA TB 15 -62.29 35.34 6.58
C ALA TB 15 -63.45 36.21 7.04
N SER TB 16 -63.44 36.66 8.30
CA SER TB 16 -64.47 37.55 8.79
C SER TB 16 -64.30 38.97 8.27
N ASN TB 17 -63.08 39.35 7.87
CA ASN TB 17 -62.82 40.67 7.32
C ASN TB 17 -62.94 40.67 5.80
N LYS TB 18 -64.05 40.15 5.30
CA LYS TB 18 -64.28 39.99 3.86
C LYS TB 18 -65.11 41.19 3.39
N THR TB 19 -64.48 42.08 2.63
CA THR TB 19 -64.94 43.45 2.46
C THR TB 19 -65.24 43.74 0.98
N ARG TB 20 -65.55 45.01 0.72
CA ARG TB 20 -65.57 45.58 -0.63
C ARG TB 20 -65.39 47.08 -0.46
N LEU TB 21 -65.42 47.80 -1.58
CA LEU TB 21 -65.29 49.25 -1.54
C LEU TB 21 -66.37 49.89 -2.38
N SER TB 22 -67.00 50.92 -1.85
CA SER TB 22 -68.10 51.61 -2.51
C SER TB 22 -67.82 53.11 -2.52
N ARG TB 23 -68.79 53.88 -3.01
CA ARG TB 23 -68.64 55.31 -3.19
C ARG TB 23 -69.72 56.02 -2.38
N THR TB 24 -69.29 56.91 -1.49
CA THR TB 24 -70.22 57.69 -0.69
C THR TB 24 -70.92 58.74 -1.54
N PRO TB 25 -72.08 59.25 -1.08
CA PRO TB 25 -72.64 60.44 -1.72
C PRO TB 25 -71.82 61.70 -1.51
N GLY TB 26 -70.90 61.72 -0.55
CA GLY TB 26 -70.05 62.88 -0.33
C GLY TB 26 -68.76 62.85 -1.11
N ASN TB 27 -68.75 62.08 -2.21
CA ASN TB 27 -67.64 61.96 -3.16
C ASN TB 27 -66.36 61.47 -2.46
N ARG TB 28 -66.44 60.26 -1.92
CA ARG TB 28 -65.31 59.66 -1.22
C ARG TB 28 -65.43 58.14 -1.28
N ILE TB 29 -64.35 57.49 -1.71
CA ILE TB 29 -64.33 56.03 -1.75
C ILE TB 29 -64.23 55.50 -0.34
N VAL TB 30 -65.20 54.69 0.06
CA VAL TB 30 -65.28 54.16 1.42
C VAL TB 30 -65.14 52.65 1.34
N TYR TB 31 -64.76 52.05 2.46
CA TYR TB 31 -64.37 50.64 2.54
C TYR TB 31 -65.47 49.91 3.31
N LEU TB 32 -66.45 49.37 2.58
CA LEU TB 32 -67.69 48.90 3.16
C LEU TB 32 -67.68 47.40 3.32
N TYR TB 33 -68.20 46.93 4.45
CA TYR TB 33 -68.06 45.53 4.82
C TYR TB 33 -69.14 44.68 4.17
N THR TB 34 -68.80 43.42 3.92
CA THR TB 34 -69.65 42.48 3.21
C THR TB 34 -69.90 41.26 4.09
N LYS TB 35 -71.15 40.85 4.21
CA LYS TB 35 -71.46 39.58 4.85
C LYS TB 35 -70.92 38.43 4.02
N LYS TB 36 -70.50 37.37 4.70
CA LYS TB 36 -70.00 36.20 3.98
C LYS TB 36 -71.14 35.48 3.28
N VAL TB 37 -70.81 34.79 2.20
CA VAL TB 37 -71.82 34.21 1.33
C VAL TB 37 -72.43 32.98 2.00
N GLY TB 38 -73.75 32.87 1.92
CA GLY TB 38 -74.47 31.73 2.46
C GLY TB 38 -74.85 30.79 1.34
N LYS TB 39 -74.71 29.49 1.62
CA LYS TB 39 -75.02 28.46 0.64
C LYS TB 39 -76.38 27.86 0.93
N ALA TB 40 -77.07 27.47 -0.15
CA ALA TB 40 -78.39 26.87 -0.01
C ALA TB 40 -78.25 25.46 0.58
N PRO TB 41 -79.29 24.98 1.26
CA PRO TB 41 -79.24 23.61 1.78
C PRO TB 41 -79.26 22.58 0.66
N LYS TB 42 -78.60 21.46 0.91
CA LYS TB 42 -78.52 20.37 -0.04
C LYS TB 42 -79.40 19.22 0.44
N SER TB 43 -79.37 18.12 -0.32
CA SER TB 43 -80.24 16.99 -0.05
C SER TB 43 -79.67 16.13 1.08
N ALA TB 44 -80.25 14.94 1.25
CA ALA TB 44 -80.00 14.13 2.44
C ALA TB 44 -79.32 12.81 2.06
N CYS TB 45 -77.98 12.85 2.02
CA CYS TB 45 -77.10 11.71 2.29
C CYS TB 45 -77.30 10.56 1.29
N GLY TB 46 -76.90 10.81 0.05
CA GLY TB 46 -76.81 9.69 -0.88
C GLY TB 46 -77.12 9.96 -2.33
N VAL TB 47 -77.57 11.16 -2.65
CA VAL TB 47 -77.93 11.51 -4.01
C VAL TB 47 -76.80 12.37 -4.57
N CYS TB 48 -76.86 12.66 -5.88
CA CYS TB 48 -75.94 13.56 -6.52
C CYS TB 48 -75.97 14.94 -5.86
N PRO TB 49 -74.81 15.53 -5.58
CA PRO TB 49 -74.80 16.80 -4.83
C PRO TB 49 -75.28 17.96 -5.68
N GLY TB 50 -76.04 18.83 -5.04
CA GLY TB 50 -76.65 19.96 -5.70
C GLY TB 50 -77.55 20.67 -4.72
N ARG TB 51 -77.52 21.99 -4.72
CA ARG TB 51 -78.25 22.77 -3.74
C ARG TB 51 -79.74 22.75 -4.06
N LEU TB 52 -80.57 22.68 -3.02
CA LEU TB 52 -82.01 22.59 -3.21
C LEU TB 52 -82.54 23.93 -3.70
N ARG TB 53 -83.53 23.87 -4.59
CA ARG TB 53 -83.96 25.04 -5.34
C ARG TB 53 -85.16 25.68 -4.64
N GLY TB 54 -85.11 27.01 -4.53
CA GLY TB 54 -86.20 27.76 -3.93
C GLY TB 54 -86.03 28.13 -2.47
N VAL TB 55 -84.81 28.08 -1.94
CA VAL TB 55 -84.53 28.42 -0.55
C VAL TB 55 -83.56 29.60 -0.53
N ARG TB 56 -83.89 30.62 0.24
CA ARG TB 56 -83.07 31.82 0.37
C ARG TB 56 -81.76 31.46 1.05
N ALA TB 57 -80.67 31.46 0.29
CA ALA TB 57 -79.36 31.01 0.77
C ALA TB 57 -78.72 32.11 1.59
N VAL TB 58 -79.01 32.11 2.90
CA VAL TB 58 -78.45 33.06 3.85
C VAL TB 58 -77.84 32.30 5.02
N ARG TB 59 -77.37 33.07 6.00
CA ARG TB 59 -76.87 32.51 7.24
C ARG TB 59 -78.06 32.01 8.06
N PRO TB 60 -77.87 30.97 8.88
CA PRO TB 60 -78.99 30.48 9.70
C PRO TB 60 -79.41 31.42 10.81
N LYS TB 61 -78.57 32.36 11.23
CA LYS TB 61 -79.05 33.43 12.08
C LYS TB 61 -79.77 34.51 11.30
N VAL TB 62 -79.68 34.48 9.96
CA VAL TB 62 -80.54 35.31 9.12
C VAL TB 62 -81.84 34.57 8.80
N LEU TB 63 -81.86 33.24 8.91
CA LEU TB 63 -83.08 32.45 8.68
C LEU TB 63 -84.17 32.70 9.72
N MET TB 64 -83.90 33.41 10.82
CA MET TB 64 -84.98 33.82 11.70
C MET TB 64 -85.83 34.92 11.07
N ARG TB 65 -85.26 35.70 10.15
CA ARG TB 65 -86.02 36.72 9.44
C ARG TB 65 -87.02 36.10 8.48
N LEU TB 66 -86.68 34.96 7.88
CA LEU TB 66 -87.39 34.43 6.74
C LEU TB 66 -88.74 33.84 7.16
N SER TB 67 -89.74 34.02 6.30
CA SER TB 67 -91.07 33.51 6.56
C SER TB 67 -91.17 32.05 6.10
N LYS TB 68 -92.38 31.50 6.17
CA LYS TB 68 -92.62 30.11 5.77
C LYS TB 68 -93.04 30.04 4.30
N THR TB 69 -92.30 30.74 3.45
CA THR TB 69 -92.36 30.65 1.99
C THR TB 69 -90.98 30.51 1.38
N LYS TB 70 -89.97 31.18 1.94
CA LYS TB 70 -88.63 31.24 1.37
C LYS TB 70 -87.65 30.35 2.12
N LYS TB 71 -88.14 29.31 2.78
CA LYS TB 71 -87.29 28.32 3.43
C LYS TB 71 -87.58 26.89 3.04
N HIS TB 72 -88.69 26.62 2.35
CA HIS TB 72 -89.04 25.26 1.99
C HIS TB 72 -89.79 25.27 0.66
N VAL TB 73 -90.14 24.07 0.20
CA VAL TB 73 -91.00 23.86 -0.95
C VAL TB 73 -92.27 23.20 -0.42
N SER TB 74 -93.42 23.54 -1.01
CA SER TB 74 -94.73 23.11 -0.52
C SER TB 74 -94.93 21.59 -0.55
N ARG TB 75 -94.13 20.88 -1.34
CA ARG TB 75 -94.16 19.43 -1.43
C ARG TB 75 -93.74 18.80 -0.10
N ALA TB 76 -94.20 17.57 0.13
CA ALA TB 76 -93.67 16.77 1.22
C ALA TB 76 -92.21 16.44 0.96
N TYR TB 77 -91.42 16.39 2.05
CA TYR TB 77 -89.95 16.40 2.02
C TYR TB 77 -89.44 17.57 1.18
N GLY TB 78 -90.00 18.75 1.45
CA GLY TB 78 -89.77 19.92 0.63
C GLY TB 78 -88.39 20.52 0.73
N GLY TB 79 -88.02 21.01 1.90
CA GLY TB 79 -86.72 21.64 2.08
C GLY TB 79 -85.64 20.68 2.52
N SER TB 80 -85.85 19.38 2.30
CA SER TB 80 -84.88 18.36 2.65
C SER TB 80 -84.46 17.50 1.46
N MET TB 81 -85.37 17.21 0.53
CA MET TB 81 -85.06 16.45 -0.65
C MET TB 81 -85.25 17.31 -1.90
N CYS TB 82 -84.46 17.03 -2.93
CA CYS TB 82 -84.49 17.79 -4.17
C CYS TB 82 -85.52 17.28 -5.16
N ALA TB 83 -86.52 16.54 -4.68
CA ALA TB 83 -87.72 15.99 -5.34
C ALA TB 83 -87.43 14.85 -6.30
N LYS TB 84 -86.16 14.69 -6.69
CA LYS TB 84 -85.76 13.46 -7.35
C LYS TB 84 -85.66 12.35 -6.32
N CYS TB 85 -85.20 12.69 -5.12
CA CYS TB 85 -85.26 11.78 -3.99
C CYS TB 85 -86.71 11.47 -3.62
N VAL TB 86 -87.61 12.43 -3.75
CA VAL TB 86 -89.01 12.19 -3.40
C VAL TB 86 -89.65 11.23 -4.39
N ARG TB 87 -89.48 11.50 -5.70
CA ARG TB 87 -90.07 10.63 -6.70
C ARG TB 87 -89.37 9.28 -6.79
N ASP TB 88 -88.16 9.15 -6.24
CA ASP TB 88 -87.57 7.82 -6.12
C ASP TB 88 -88.02 7.08 -4.87
N ARG TB 89 -88.11 7.76 -3.73
CA ARG TB 89 -88.50 7.10 -2.49
C ARG TB 89 -89.96 6.67 -2.50
N ILE TB 90 -90.83 7.43 -3.17
CA ILE TB 90 -92.24 7.03 -3.29
C ILE TB 90 -92.35 5.72 -4.06
N LYS TB 91 -91.69 5.65 -5.22
CA LYS TB 91 -91.74 4.44 -6.03
C LYS TB 91 -91.04 3.28 -5.34
N ARG TB 92 -89.95 3.54 -4.62
CA ARG TB 92 -89.24 2.47 -3.94
C ARG TB 92 -90.05 1.92 -2.78
N ALA TB 93 -90.68 2.80 -1.99
CA ALA TB 93 -91.54 2.36 -0.89
C ALA TB 93 -92.73 1.58 -1.40
N PHE TB 94 -93.36 2.05 -2.48
CA PHE TB 94 -94.51 1.37 -3.05
C PHE TB 94 -94.14 0.00 -3.61
N LEU TB 95 -93.04 -0.10 -4.35
CA LEU TB 95 -92.65 -1.37 -4.94
C LEU TB 95 -92.21 -2.38 -3.89
N ILE TB 96 -91.48 -1.94 -2.85
CA ILE TB 96 -91.06 -2.88 -1.84
C ILE TB 96 -92.24 -3.34 -0.98
N GLU TB 97 -93.19 -2.44 -0.70
CA GLU TB 97 -94.38 -2.87 0.05
C GLU TB 97 -95.25 -3.81 -0.77
N GLU TB 98 -95.40 -3.56 -2.08
CA GLU TB 98 -96.19 -4.47 -2.91
C GLU TB 98 -95.52 -5.82 -3.08
N GLN TB 99 -94.19 -5.85 -3.20
CA GLN TB 99 -93.51 -7.13 -3.32
C GLN TB 99 -93.50 -7.89 -2.00
N LYS TB 100 -93.48 -7.20 -0.86
CA LYS TB 100 -93.65 -7.92 0.40
C LYS TB 100 -95.07 -8.44 0.58
N ILE TB 101 -96.07 -7.75 0.03
CA ILE TB 101 -97.42 -8.31 0.01
C ILE TB 101 -97.49 -9.54 -0.88
N VAL TB 102 -96.76 -9.53 -2.01
CA VAL TB 102 -96.70 -10.70 -2.89
C VAL TB 102 -96.02 -11.88 -2.19
N VAL TB 103 -94.93 -11.62 -1.46
CA VAL TB 103 -94.24 -12.68 -0.71
C VAL TB 103 -95.13 -13.19 0.43
N LYS TB 104 -95.90 -12.30 1.06
CA LYS TB 104 -96.79 -12.70 2.15
C LYS TB 104 -97.95 -13.55 1.65
N VAL TB 105 -98.52 -13.20 0.50
CA VAL TB 105 -99.60 -14.02 -0.04
C VAL TB 105 -99.05 -15.32 -0.65
N LEU TB 106 -97.78 -15.34 -1.07
CA LEU TB 106 -97.17 -16.60 -1.49
C LEU TB 106 -96.97 -17.52 -0.28
N LYS TB 107 -96.55 -16.96 0.86
CA LYS TB 107 -96.46 -17.74 2.08
C LYS TB 107 -97.84 -18.19 2.57
N ALA TB 108 -98.87 -17.38 2.35
CA ALA TB 108 -100.23 -17.79 2.71
C ALA TB 108 -100.73 -18.93 1.83
N GLN TB 109 -100.40 -18.89 0.54
CA GLN TB 109 -100.72 -20.02 -0.34
C GLN TB 109 -99.92 -21.27 0.02
N ALA TB 110 -98.68 -21.09 0.49
CA ALA TB 110 -97.91 -22.23 0.98
C ALA TB 110 -98.52 -22.80 2.25
N GLN TB 111 -99.08 -21.94 3.12
CA GLN TB 111 -99.79 -22.42 4.30
C GLN TB 111 -101.06 -23.16 3.92
N SER TB 112 -101.78 -22.67 2.90
CA SER TB 112 -103.04 -23.29 2.51
C SER TB 112 -102.83 -24.58 1.74
N GLN TB 113 -101.69 -24.73 1.04
CA GLN TB 113 -101.43 -25.92 0.24
C GLN TB 113 -100.43 -26.87 0.88
N LYS TB 114 -99.89 -26.54 2.06
CA LYS TB 114 -98.98 -27.45 2.74
C LYS TB 114 -99.49 -27.77 4.15
N ALA UB 1 -75.37 78.10 63.23
CA ALA UB 1 -76.10 76.87 63.55
C ALA UB 1 -75.14 75.70 63.74
N LYS UB 2 -75.45 74.84 64.69
CA LYS UB 2 -74.63 73.68 65.02
C LYS UB 2 -75.50 72.43 65.07
N ILE UB 3 -74.84 71.28 64.96
CA ILE UB 3 -75.49 69.98 64.99
C ILE UB 3 -74.89 69.20 66.16
N LYS UB 4 -75.68 69.02 67.22
CA LYS UB 4 -75.23 68.37 68.44
C LYS UB 4 -75.76 66.95 68.52
N ALA UB 5 -74.95 66.04 69.05
CA ALA UB 5 -75.35 64.65 69.16
C ALA UB 5 -76.47 64.45 70.18
N ARG UB 6 -76.48 65.25 71.25
CA ARG UB 6 -77.57 65.18 72.20
C ARG UB 6 -78.86 65.75 71.62
N ASP UB 7 -78.75 66.68 70.68
CA ASP UB 7 -79.93 67.15 69.96
C ASP UB 7 -80.42 66.07 68.98
N LEU UB 8 -79.49 65.33 68.38
CA LEU UB 8 -79.88 64.31 67.41
C LEU UB 8 -80.50 63.10 68.07
N ARG UB 9 -80.03 62.72 69.26
CA ARG UB 9 -80.50 61.49 69.90
C ARG UB 9 -81.89 61.59 70.49
N GLY UB 10 -82.50 62.78 70.51
CA GLY UB 10 -83.82 62.93 71.08
C GLY UB 10 -84.94 62.92 70.04
N LYS UB 11 -84.59 63.16 68.78
CA LYS UB 11 -85.58 63.27 67.74
C LYS UB 11 -85.96 61.90 67.18
N LYS UB 12 -87.09 61.85 66.49
CA LYS UB 12 -87.54 60.63 65.85
C LYS UB 12 -86.84 60.46 64.50
N LYS UB 13 -86.94 59.25 63.93
CA LYS UB 13 -86.24 58.94 62.69
C LYS UB 13 -86.87 59.63 61.48
N GLU UB 14 -88.16 59.97 61.54
CA GLU UB 14 -88.80 60.67 60.43
C GLU UB 14 -88.33 62.11 60.30
N GLU UB 15 -87.82 62.70 61.38
CA GLU UB 15 -87.21 64.02 61.31
C GLU UB 15 -85.72 63.96 61.02
N LEU UB 16 -85.05 62.91 61.53
CA LEU UB 16 -83.63 62.72 61.24
C LEU UB 16 -83.41 62.42 59.76
N LEU UB 17 -84.33 61.71 59.12
CA LEU UB 17 -84.19 61.41 57.70
C LEU UB 17 -84.36 62.67 56.85
N LYS UB 18 -85.30 63.53 57.22
CA LYS UB 18 -85.49 64.78 56.50
C LYS UB 18 -84.33 65.73 56.72
N GLN UB 19 -83.79 65.78 57.94
CA GLN UB 19 -82.63 66.62 58.21
C GLN UB 19 -81.39 66.10 57.51
N LEU UB 20 -81.27 64.78 57.37
CA LEU UB 20 -80.18 64.19 56.60
C LEU UB 20 -80.32 64.51 55.11
N ASP UB 21 -81.56 64.49 54.59
CA ASP UB 21 -81.78 64.86 53.20
C ASP UB 21 -81.45 66.32 52.95
N ASP UB 22 -81.77 67.20 53.91
CA ASP UB 22 -81.38 68.61 53.79
C ASP UB 22 -79.87 68.78 53.83
N LEU UB 23 -79.18 68.00 54.68
CA LEU UB 23 -77.72 68.04 54.71
C LEU UB 23 -77.11 67.54 53.41
N LYS UB 24 -77.72 66.54 52.79
CA LYS UB 24 -77.17 66.07 51.51
C LYS UB 24 -77.49 67.01 50.35
N VAL UB 25 -78.61 67.74 50.42
CA VAL UB 25 -78.87 68.79 49.42
C VAL UB 25 -77.84 69.90 49.55
N GLU UB 26 -77.52 70.31 50.78
CA GLU UB 26 -76.46 71.29 50.99
C GLU UB 26 -75.08 70.73 50.58
N LEU UB 27 -74.88 69.43 50.77
CA LEU UB 27 -73.66 68.75 50.32
C LEU UB 27 -73.50 68.86 48.80
N SER UB 28 -74.58 68.59 48.06
CA SER UB 28 -74.51 68.67 46.60
C SER UB 28 -74.34 70.10 46.11
N GLN UB 29 -75.04 71.06 46.74
CA GLN UB 29 -74.92 72.46 46.32
C GLN UB 29 -73.53 73.01 46.61
N LEU UB 30 -72.93 72.62 47.73
CA LEU UB 30 -71.57 73.07 47.98
C LEU UB 30 -70.53 72.27 47.22
N ARG UB 31 -70.85 71.07 46.72
CA ARG UB 31 -69.97 70.44 45.74
C ARG UB 31 -69.97 71.21 44.42
N VAL UB 32 -71.15 71.70 44.00
CA VAL UB 32 -71.22 72.57 42.83
C VAL UB 32 -70.44 73.86 43.08
N ALA UB 33 -70.55 74.41 44.30
CA ALA UB 33 -69.79 75.60 44.67
C ALA UB 33 -68.28 75.33 44.74
N LYS UB 34 -67.90 74.10 45.06
CA LYS UB 34 -66.49 73.71 45.06
C LYS UB 34 -65.95 73.61 43.64
N VAL UB 35 -66.76 73.07 42.72
CA VAL UB 35 -66.32 72.96 41.33
C VAL UB 35 -66.20 74.34 40.68
N THR UB 36 -67.20 75.21 40.91
CA THR UB 36 -67.07 76.56 40.38
C THR UB 36 -66.08 77.36 41.23
N GLY UB 37 -65.67 78.52 40.72
CA GLY UB 37 -64.57 79.24 41.30
C GLY UB 37 -64.87 80.05 42.55
N GLY UB 38 -65.68 81.10 42.42
CA GLY UB 38 -65.81 82.10 43.46
C GLY UB 38 -66.72 81.76 44.61
N ALA UB 39 -66.40 80.71 45.37
CA ALA UB 39 -67.15 80.31 46.55
C ALA UB 39 -66.20 79.89 47.65
N ALA UB 40 -65.15 80.69 47.88
CA ALA UB 40 -64.04 80.30 48.74
C ALA UB 40 -64.42 80.26 50.23
N SER UB 41 -65.51 80.90 50.63
CA SER UB 41 -65.97 80.88 52.01
C SER UB 41 -66.94 79.74 52.29
N LYS UB 42 -66.91 78.68 51.49
CA LYS UB 42 -67.83 77.56 51.63
C LYS UB 42 -67.13 76.22 51.82
N LEU UB 43 -65.81 76.20 51.88
CA LEU UB 43 -65.08 74.93 51.85
C LEU UB 43 -64.88 74.36 53.25
N SER UB 44 -64.63 75.21 54.24
CA SER UB 44 -64.76 74.77 55.62
C SER UB 44 -66.21 74.42 55.95
N LYS UB 45 -67.15 75.08 55.27
CA LYS UB 45 -68.56 74.76 55.46
C LYS UB 45 -68.89 73.38 54.90
N ILE UB 46 -68.31 72.99 53.76
CA ILE UB 46 -68.59 71.64 53.26
C ILE UB 46 -67.84 70.59 54.09
N ARG UB 47 -66.72 70.99 54.72
CA ARG UB 47 -66.08 70.12 55.70
C ARG UB 47 -67.01 69.84 56.89
N VAL UB 48 -67.57 70.89 57.49
CA VAL UB 48 -68.44 70.65 58.64
C VAL UB 48 -69.78 70.04 58.22
N VAL UB 49 -70.19 70.21 56.96
CA VAL UB 49 -71.40 69.54 56.47
C VAL UB 49 -71.19 68.04 56.37
N ARG UB 50 -70.04 67.60 55.81
CA ARG UB 50 -69.82 66.16 55.73
C ARG UB 50 -69.56 65.54 57.10
N LYS UB 51 -68.96 66.30 58.03
CA LYS UB 51 -68.86 65.80 59.40
C LYS UB 51 -70.23 65.70 60.07
N SER UB 52 -71.14 66.63 59.75
CA SER UB 52 -72.50 66.56 60.29
C SER UB 52 -73.28 65.40 59.71
N ILE UB 53 -73.07 65.08 58.42
CA ILE UB 53 -73.69 63.92 57.80
C ILE UB 53 -73.22 62.64 58.47
N ALA UB 54 -71.92 62.58 58.79
CA ALA UB 54 -71.38 61.45 59.54
C ALA UB 54 -72.00 61.33 60.92
N ARG UB 55 -72.21 62.47 61.59
CA ARG UB 55 -72.84 62.47 62.92
C ARG UB 55 -74.28 61.98 62.88
N VAL UB 56 -75.06 62.45 61.89
CA VAL UB 56 -76.46 62.05 61.79
C VAL UB 56 -76.58 60.57 61.46
N LEU UB 57 -75.74 60.07 60.54
CA LEU UB 57 -75.73 58.65 60.22
C LEU UB 57 -75.32 57.80 61.42
N THR UB 58 -74.38 58.30 62.23
CA THR UB 58 -73.98 57.57 63.44
C THR UB 58 -75.10 57.50 64.46
N VAL UB 59 -75.82 58.60 64.67
CA VAL UB 59 -76.93 58.62 65.63
C VAL UB 59 -78.07 57.72 65.17
N ILE UB 60 -78.35 57.70 63.86
CA ILE UB 60 -79.40 56.83 63.32
C ILE UB 60 -79.03 55.36 63.48
N ASN UB 61 -77.76 55.02 63.22
CA ASN UB 61 -77.35 53.62 63.37
C ASN UB 61 -77.27 53.19 64.84
N GLN UB 62 -76.88 54.09 65.75
CA GLN UB 62 -76.95 53.80 67.18
C GLN UB 62 -78.38 53.53 67.63
N THR UB 63 -79.32 54.36 67.17
CA THR UB 63 -80.72 54.20 67.54
C THR UB 63 -81.28 52.88 66.99
N GLN UB 64 -80.93 52.54 65.75
CA GLN UB 64 -81.39 51.27 65.17
C GLN UB 64 -80.78 50.07 65.89
N LYS UB 65 -79.51 50.16 66.28
CA LYS UB 65 -78.87 49.02 66.96
C LYS UB 65 -79.46 48.81 68.36
N GLU UB 66 -79.67 49.89 69.11
CA GLU UB 66 -80.28 49.71 70.43
C GLU UB 66 -81.74 49.30 70.33
N ASN UB 67 -82.44 49.74 69.28
CA ASN UB 67 -83.83 49.32 69.09
C ASN UB 67 -83.91 47.85 68.70
N LEU UB 68 -82.90 47.34 67.98
CA LEU UB 68 -82.84 45.90 67.72
C LEU UB 68 -82.52 45.13 68.98
N ARG UB 69 -81.57 45.62 69.79
CA ARG UB 69 -81.19 44.91 71.01
C ARG UB 69 -82.29 44.89 72.06
N LYS UB 70 -83.21 45.87 72.03
CA LYS UB 70 -84.32 45.88 72.99
C LYS UB 70 -85.24 44.67 72.87
N PHE UB 71 -85.37 44.09 71.67
CA PHE UB 71 -86.18 42.90 71.53
C PHE UB 71 -85.41 41.65 71.11
N TYR UB 72 -84.13 41.78 70.77
CA TYR UB 72 -83.31 40.58 70.68
C TYR UB 72 -82.62 40.23 72.00
N LYS UB 73 -82.74 41.09 73.01
CA LYS UB 73 -82.20 40.77 74.32
C LYS UB 73 -83.07 39.72 75.00
N GLY UB 74 -82.42 38.71 75.59
CA GLY UB 74 -83.13 37.64 76.26
C GLY UB 74 -83.71 36.59 75.35
N LYS UB 75 -83.49 36.67 74.05
CA LYS UB 75 -83.99 35.70 73.10
C LYS UB 75 -82.91 34.66 72.81
N LYS UB 76 -83.34 33.40 72.69
CA LYS UB 76 -82.42 32.35 72.28
C LYS UB 76 -82.07 32.53 70.81
N TYR UB 77 -80.82 32.24 70.47
CA TYR UB 77 -80.26 32.31 69.11
C TYR UB 77 -80.35 33.74 68.56
N LYS UB 78 -79.69 34.65 69.27
CA LYS UB 78 -79.59 36.03 68.82
C LYS UB 78 -78.63 36.12 67.63
N PRO UB 79 -78.80 37.11 66.75
CA PRO UB 79 -78.01 37.16 65.51
C PRO UB 79 -76.53 37.43 65.75
N LEU UB 80 -75.78 37.29 64.67
CA LEU UB 80 -74.33 37.20 64.74
C LEU UB 80 -73.68 38.53 65.07
N ASP UB 81 -74.25 39.64 64.59
CA ASP UB 81 -73.72 40.94 64.95
C ASP UB 81 -74.07 41.34 66.38
N LEU UB 82 -75.05 40.67 66.99
CA LEU UB 82 -75.44 40.93 68.36
C LEU UB 82 -74.81 39.94 69.34
N ARG UB 83 -74.23 38.85 68.84
CA ARG UB 83 -73.44 37.96 69.66
C ARG UB 83 -72.15 38.66 70.12
N PRO UB 84 -71.54 38.21 71.22
CA PRO UB 84 -70.26 38.80 71.64
C PRO UB 84 -69.15 38.52 70.64
N LYS UB 85 -68.18 39.44 70.62
CA LYS UB 85 -67.22 39.56 69.53
C LYS UB 85 -65.82 39.08 69.88
N LYS UB 86 -65.50 39.00 71.18
CA LYS UB 86 -64.18 39.24 71.78
C LYS UB 86 -62.96 38.74 71.01
N THR UB 87 -62.85 37.42 70.85
CA THR UB 87 -61.89 36.75 69.99
C THR UB 87 -62.34 35.30 69.89
N ARG UB 88 -61.67 34.55 69.01
CA ARG UB 88 -62.12 33.20 68.71
C ARG UB 88 -61.89 32.23 69.88
N ALA UB 89 -60.77 32.40 70.58
CA ALA UB 89 -60.51 31.56 71.76
C ALA UB 89 -61.50 31.84 72.88
N MET UB 90 -61.90 33.11 73.04
CA MET UB 90 -62.93 33.43 74.01
C MET UB 90 -64.33 33.04 73.55
N ARG UB 91 -64.55 32.85 72.24
CA ARG UB 91 -65.77 32.17 71.82
C ARG UB 91 -65.71 30.69 72.13
N ARG UB 92 -64.53 30.08 72.07
CA ARG UB 92 -64.40 28.65 72.36
C ARG UB 92 -64.12 28.37 73.83
N ARG UB 93 -64.22 29.39 74.69
CA ARG UB 93 -64.42 29.14 76.11
C ARG UB 93 -65.69 28.31 76.31
N LEU UB 94 -65.64 27.37 77.26
CA LEU UB 94 -66.80 26.51 77.49
C LEU UB 94 -68.00 27.27 78.03
N ASN UB 95 -67.92 27.67 79.30
CA ASN UB 95 -68.88 28.43 80.09
C ASN UB 95 -68.28 28.53 81.49
N LYS UB 96 -68.76 29.49 82.28
CA LYS UB 96 -68.45 29.44 83.70
C LYS UB 96 -69.13 28.24 84.36
N HIS UB 97 -70.33 27.89 83.91
CA HIS UB 97 -71.03 26.73 84.47
C HIS UB 97 -70.43 25.42 83.97
N GLU UB 98 -70.04 25.37 82.69
CA GLU UB 98 -69.39 24.18 82.18
C GLU UB 98 -67.96 24.02 82.71
N GLU UB 99 -67.34 25.11 83.14
CA GLU UB 99 -66.04 25.00 83.81
C GLU UB 99 -66.20 24.54 85.26
N ASN UB 100 -67.20 25.08 85.97
CA ASN UB 100 -67.42 24.68 87.35
C ASN UB 100 -68.18 23.36 87.48
N LEU UB 101 -68.65 22.79 86.38
CA LEU UB 101 -69.42 21.56 86.45
C LEU UB 101 -68.47 20.39 86.72
N LYS UB 102 -68.69 19.71 87.84
CA LYS UB 102 -67.81 18.64 88.30
C LYS UB 102 -68.59 17.35 88.38
N THR UB 103 -67.87 16.23 88.24
CA THR UB 103 -68.53 14.93 88.29
C THR UB 103 -68.93 14.58 89.71
N LYS UB 104 -69.88 13.65 89.83
CA LYS UB 104 -70.46 13.32 91.14
C LYS UB 104 -69.44 12.64 92.06
N LYS UB 105 -68.53 11.85 91.49
CA LYS UB 105 -67.51 11.18 92.30
C LYS UB 105 -66.54 12.19 92.90
N GLN UB 106 -66.08 13.15 92.10
CA GLN UB 106 -65.17 14.16 92.61
C GLN UB 106 -65.88 15.13 93.55
N GLN UB 107 -67.16 15.41 93.30
CA GLN UB 107 -67.93 16.24 94.22
C GLN UB 107 -68.09 15.57 95.58
N ARG UB 108 -68.46 14.28 95.60
CA ARG UB 108 -68.60 13.56 96.85
C ARG UB 108 -67.25 13.36 97.54
N LYS UB 109 -66.17 13.26 96.75
CA LYS UB 109 -64.83 13.16 97.31
C LYS UB 109 -64.43 14.45 98.02
N GLU UB 110 -64.77 15.60 97.43
CA GLU UB 110 -64.51 16.88 98.09
C GLU UB 110 -65.46 17.10 99.26
N ARG UB 111 -66.65 16.52 99.23
CA ARG UB 111 -67.54 16.55 100.40
C ARG UB 111 -66.93 15.78 101.57
N LEU UB 112 -66.42 14.57 101.30
CA LEU UB 112 -65.96 13.72 102.39
C LEU UB 112 -64.60 14.16 102.92
N TYR UB 113 -63.66 14.49 102.03
CA TYR UB 113 -62.26 14.70 102.40
C TYR UB 113 -61.83 16.11 102.00
N PRO UB 114 -62.15 17.13 102.78
CA PRO UB 114 -61.79 18.50 102.40
C PRO UB 114 -60.38 18.85 102.83
N LEU UB 115 -59.85 19.91 102.22
CA LEU UB 115 -58.52 20.39 102.57
C LEU UB 115 -58.55 21.12 103.91
N ARG UB 116 -57.53 20.87 104.72
CA ARG UB 116 -57.49 21.37 106.09
C ARG UB 116 -56.49 22.52 106.22
N LYS UB 117 -56.69 23.34 107.25
CA LYS UB 117 -55.79 24.42 107.60
C LYS UB 117 -55.19 24.14 108.96
N TYR UB 118 -53.87 24.31 109.09
CA TYR UB 118 -53.17 23.87 110.27
C TYR UB 118 -51.83 24.61 110.37
N ALA UB 119 -51.07 24.28 111.41
CA ALA UB 119 -49.72 24.80 111.63
C ALA UB 119 -49.01 23.83 112.56
N VAL UB 120 -47.71 23.62 112.32
CA VAL UB 120 -46.93 22.60 113.01
C VAL UB 120 -45.68 23.24 113.61
N LYS UB 121 -45.76 23.63 114.86
CA LYS UB 121 -44.58 24.01 115.63
C LYS UB 121 -44.51 23.32 116.99
N ALA UB 122 -45.64 23.19 117.68
CA ALA UB 122 -45.66 22.56 118.99
C ALA UB 122 -47.00 21.88 119.25
N TYR VB 1 -20.69 -13.95 113.34
CA TYR VB 1 -20.02 -12.65 113.44
C TYR VB 1 -20.26 -11.85 112.16
N PRO VB 2 -20.56 -10.56 112.30
CA PRO VB 2 -20.94 -9.76 111.13
C PRO VB 2 -19.75 -9.43 110.26
N MET VB 3 -19.98 -9.45 108.95
CA MET VB 3 -18.96 -9.11 107.97
C MET VB 3 -19.65 -8.60 106.71
N ALA VB 4 -18.86 -7.96 105.85
CA ALA VB 4 -19.42 -7.29 104.68
C ALA VB 4 -19.73 -8.27 103.55
N VAL VB 5 -18.71 -8.95 103.05
CA VAL VB 5 -18.85 -9.83 101.90
C VAL VB 5 -18.81 -11.28 102.37
N GLY VB 6 -19.17 -12.19 101.47
CA GLY VB 6 -19.18 -13.61 101.73
C GLY VB 6 -20.51 -14.21 101.37
N LEU VB 7 -20.83 -15.35 102.00
CA LEU VB 7 -22.10 -16.02 101.76
C LEU VB 7 -23.25 -15.30 102.45
N ASN VB 8 -23.03 -14.85 103.68
CA ASN VB 8 -24.01 -14.04 104.41
C ASN VB 8 -23.58 -12.58 104.27
N LYS VB 9 -24.14 -11.91 103.27
CA LYS VB 9 -23.72 -10.58 102.87
C LYS VB 9 -24.71 -9.53 103.37
N GLY VB 10 -24.20 -8.48 104.00
CA GLY VB 10 -24.98 -7.32 104.34
C GLY VB 10 -25.19 -7.17 105.83
N HIS VB 11 -25.69 -5.99 106.19
CA HIS VB 11 -26.02 -5.69 107.58
C HIS VB 11 -27.26 -6.47 107.99
N LYS VB 12 -27.24 -7.01 109.21
CA LYS VB 12 -28.31 -7.88 109.69
C LYS VB 12 -29.48 -7.02 110.16
N VAL VB 13 -30.59 -7.07 109.43
CA VAL VB 13 -31.83 -6.41 109.82
C VAL VB 13 -32.94 -7.46 109.86
N THR VB 14 -33.97 -7.17 110.64
CA THR VB 14 -35.08 -8.10 110.79
C THR VB 14 -36.01 -7.99 109.58
N LYS VB 15 -36.55 -9.13 109.18
CA LYS VB 15 -37.46 -9.16 108.04
C LYS VB 15 -38.82 -8.55 108.42
N ASN VB 16 -39.52 -8.07 107.41
CA ASN VB 16 -40.82 -7.42 107.56
C ASN VB 16 -41.82 -8.03 106.59
N VAL VB 17 -41.91 -9.37 106.61
CA VAL VB 17 -42.75 -10.11 105.67
C VAL VB 17 -44.21 -9.81 105.95
N SER VB 18 -44.92 -9.31 104.95
CA SER VB 18 -46.33 -8.97 105.02
C SER VB 18 -47.08 -9.71 103.91
N LYS VB 19 -48.36 -9.38 103.75
CA LYS VB 19 -49.16 -9.99 102.71
C LYS VB 19 -48.76 -9.46 101.35
N PRO VB 20 -48.79 -10.29 100.30
CA PRO VB 20 -48.46 -9.80 98.96
C PRO VB 20 -49.50 -8.83 98.45
N ARG VB 21 -49.05 -7.92 97.58
CA ARG VB 21 -49.92 -6.87 97.07
C ARG VB 21 -50.89 -7.43 96.03
N HIS VB 22 -51.81 -6.56 95.60
CA HIS VB 22 -52.81 -6.97 94.62
C HIS VB 22 -52.22 -7.08 93.22
N SER VB 23 -51.06 -6.45 92.97
CA SER VB 23 -50.43 -6.54 91.66
C SER VB 23 -49.89 -7.93 91.36
N ARG VB 24 -49.63 -8.74 92.39
CA ARG VB 24 -49.27 -10.13 92.16
C ARG VB 24 -50.47 -10.94 91.70
N ARG VB 25 -51.68 -10.51 92.06
CA ARG VB 25 -52.93 -11.11 91.59
C ARG VB 25 -53.21 -10.53 90.20
N ARG VB 26 -52.50 -11.05 89.20
CA ARG VB 26 -52.67 -10.60 87.83
C ARG VB 26 -53.08 -11.72 86.89
N GLY VB 27 -52.32 -12.83 86.87
CA GLY VB 27 -52.63 -13.91 85.96
C GLY VB 27 -52.91 -15.22 86.68
N ARG VB 28 -53.64 -15.15 87.78
CA ARG VB 28 -53.85 -16.31 88.64
C ARG VB 28 -54.95 -17.22 88.13
N LEU VB 29 -55.43 -18.11 89.01
CA LEU VB 29 -56.27 -19.25 88.61
C LEU VB 29 -57.58 -18.80 87.97
N THR VB 30 -58.44 -18.12 88.75
CA THR VB 30 -59.62 -17.39 88.28
C THR VB 30 -60.59 -18.32 87.55
N LYS VB 31 -61.25 -19.17 88.36
CA LYS VB 31 -62.08 -20.27 87.86
C LYS VB 31 -63.22 -19.81 86.95
N HIS VB 32 -63.70 -18.57 87.10
CA HIS VB 32 -64.72 -18.04 86.21
C HIS VB 32 -64.18 -17.89 84.79
N THR VB 33 -63.02 -17.26 84.65
CA THR VB 33 -62.40 -17.16 83.32
C THR VB 33 -61.87 -18.49 82.85
N LYS VB 34 -61.55 -19.42 83.75
CA LYS VB 34 -61.25 -20.78 83.34
C LYS VB 34 -62.45 -21.45 82.70
N PHE VB 35 -63.65 -21.24 83.27
CA PHE VB 35 -64.87 -21.76 82.67
C PHE VB 35 -65.14 -21.12 81.32
N VAL VB 36 -64.89 -19.80 81.22
CA VAL VB 36 -65.07 -19.07 79.96
C VAL VB 36 -64.15 -19.62 78.88
N ARG VB 37 -62.87 -19.79 79.20
CA ARG VB 37 -61.90 -20.28 78.21
C ARG VB 37 -62.16 -21.75 77.86
N ASP VB 38 -62.41 -22.60 78.85
CA ASP VB 38 -62.62 -24.01 78.59
C ASP VB 38 -63.94 -24.27 77.88
N MET VB 39 -64.91 -23.35 77.96
CA MET VB 39 -66.06 -23.45 77.10
C MET VB 39 -65.72 -23.00 75.68
N ILE VB 40 -65.04 -21.86 75.56
CA ILE VB 40 -64.88 -21.26 74.24
C ILE VB 40 -63.88 -22.02 73.37
N ARG VB 41 -63.00 -22.85 73.97
CA ARG VB 41 -62.11 -23.68 73.17
C ARG VB 41 -62.87 -24.69 72.32
N GLU VB 42 -63.86 -25.34 72.90
CA GLU VB 42 -64.71 -26.25 72.12
C GLU VB 42 -65.91 -25.54 71.51
N VAL VB 43 -66.11 -24.26 71.78
CA VAL VB 43 -66.96 -23.45 70.91
C VAL VB 43 -66.27 -23.24 69.56
N CYS VB 44 -65.03 -22.76 69.58
CA CYS VB 44 -64.35 -22.40 68.34
C CYS VB 44 -63.79 -23.63 67.63
N GLY VB 45 -62.87 -24.34 68.28
CA GLY VB 45 -62.11 -25.40 67.65
C GLY VB 45 -60.65 -25.28 67.99
N PHE VB 46 -59.78 -25.35 66.98
CA PHE VB 46 -58.35 -25.19 67.18
C PHE VB 46 -57.73 -24.47 65.99
N ALA VB 47 -56.58 -23.86 66.25
CA ALA VB 47 -55.77 -23.27 65.19
C ALA VB 47 -55.15 -24.38 64.35
N PRO VB 48 -54.77 -24.08 63.09
CA PRO VB 48 -54.16 -25.14 62.25
C PRO VB 48 -52.82 -25.65 62.76
N TYR VB 49 -51.99 -24.78 63.35
CA TYR VB 49 -50.73 -25.25 63.91
C TYR VB 49 -50.98 -26.12 65.13
N GLU VB 50 -52.03 -25.82 65.90
CA GLU VB 50 -52.41 -26.68 67.01
C GLU VB 50 -52.95 -28.02 66.50
N ARG VB 51 -53.70 -27.99 65.38
CA ARG VB 51 -54.29 -29.22 64.86
C ARG VB 51 -53.24 -30.15 64.28
N ARG VB 52 -52.15 -29.62 63.74
CA ARG VB 52 -51.09 -30.52 63.30
C ARG VB 52 -50.07 -30.82 64.39
N ALA VB 53 -49.95 -29.94 65.39
CA ALA VB 53 -49.08 -30.23 66.53
C ALA VB 53 -49.66 -31.33 67.40
N MET VB 54 -50.99 -31.44 67.48
CA MET VB 54 -51.60 -32.56 68.19
C MET VB 54 -51.31 -33.88 67.49
N GLU VB 55 -51.28 -33.87 66.15
CA GLU VB 55 -50.93 -35.07 65.41
C GLU VB 55 -49.46 -35.43 65.59
N LEU VB 56 -48.57 -34.42 65.54
CA LEU VB 56 -47.14 -34.67 65.75
C LEU VB 56 -46.83 -35.11 67.17
N LEU VB 57 -47.61 -34.66 68.15
CA LEU VB 57 -47.44 -35.13 69.51
C LEU VB 57 -48.09 -36.49 69.72
N LYS VB 58 -49.09 -36.82 68.88
CA LYS VB 58 -49.74 -38.11 69.00
C LYS VB 58 -48.87 -39.23 68.46
N VAL VB 59 -48.50 -39.16 67.17
CA VAL VB 59 -47.90 -40.29 66.49
C VAL VB 59 -46.39 -40.12 66.28
N SER VB 60 -45.93 -38.91 65.97
CA SER VB 60 -44.56 -38.80 65.44
C SER VB 60 -43.50 -38.78 66.53
N LYS VB 61 -43.43 -37.69 67.30
CA LYS VB 61 -42.34 -37.46 68.25
C LYS VB 61 -42.66 -36.25 69.11
N ASP VB 62 -42.43 -36.39 70.41
CA ASP VB 62 -42.59 -35.27 71.32
C ASP VB 62 -41.54 -34.19 71.06
N LYS VB 63 -40.32 -34.60 70.72
CA LYS VB 63 -39.26 -33.63 70.43
C LYS VB 63 -39.54 -32.89 69.13
N ARG VB 64 -40.08 -33.60 68.13
CA ARG VB 64 -40.46 -32.94 66.88
C ARG VB 64 -41.64 -32.00 67.09
N ALA VB 65 -42.59 -32.38 67.95
CA ALA VB 65 -43.71 -31.49 68.26
C ALA VB 65 -43.23 -30.23 69.00
N LEU VB 66 -42.29 -30.39 69.94
CA LEU VB 66 -41.74 -29.24 70.63
C LEU VB 66 -40.90 -28.37 69.69
N LYS VB 67 -40.26 -28.97 68.69
CA LYS VB 67 -39.49 -28.17 67.73
C LYS VB 67 -40.43 -27.39 66.80
N PHE VB 68 -41.56 -28.00 66.43
CA PHE VB 68 -42.55 -27.28 65.63
C PHE VB 68 -43.18 -26.13 66.40
N ILE VB 69 -43.46 -26.34 67.69
CA ILE VB 69 -44.02 -25.25 68.50
C ILE VB 69 -42.96 -24.18 68.76
N LYS VB 70 -41.69 -24.56 68.92
CA LYS VB 70 -40.60 -23.59 69.02
C LYS VB 70 -40.47 -22.76 67.75
N LYS VB 71 -40.73 -23.37 66.59
CA LYS VB 71 -40.66 -22.61 65.35
C LYS VB 71 -41.87 -21.70 65.20
N ARG VB 72 -43.04 -22.14 65.62
CA ARG VB 72 -44.26 -21.38 65.35
C ARG VB 72 -44.57 -20.30 66.39
N VAL VB 73 -44.23 -20.49 67.66
CA VAL VB 73 -44.43 -19.43 68.64
C VAL VB 73 -43.05 -18.99 69.14
N GLY VB 74 -43.03 -18.03 70.06
CA GLY VB 74 -41.81 -17.29 70.39
C GLY VB 74 -40.60 -18.03 70.92
N THR VB 75 -40.65 -18.53 72.16
CA THR VB 75 -39.46 -19.02 72.84
C THR VB 75 -39.64 -20.45 73.31
N HIS VB 76 -38.59 -20.96 73.97
CA HIS VB 76 -38.54 -22.36 74.37
C HIS VB 76 -39.47 -22.64 75.54
N ILE VB 77 -39.57 -21.71 76.48
CA ILE VB 77 -40.45 -21.94 77.63
C ILE VB 77 -41.91 -21.80 77.22
N ARG VB 78 -42.18 -20.91 76.25
CA ARG VB 78 -43.48 -20.86 75.61
C ARG VB 78 -43.81 -22.16 74.91
N ALA VB 79 -42.82 -22.76 74.24
CA ALA VB 79 -43.02 -24.05 73.59
C ALA VB 79 -43.28 -25.15 74.61
N LYS VB 80 -42.62 -25.10 75.77
CA LYS VB 80 -42.87 -26.05 76.85
C LYS VB 80 -44.30 -25.95 77.37
N ARG VB 81 -44.75 -24.72 77.64
CA ARG VB 81 -46.11 -24.55 78.16
C ARG VB 81 -47.17 -24.91 77.14
N LYS VB 82 -46.92 -24.60 75.87
CA LYS VB 82 -47.89 -24.95 74.82
C LYS VB 82 -47.90 -26.46 74.58
N ARG VB 83 -46.75 -27.13 74.70
CA ARG VB 83 -46.70 -28.58 74.59
C ARG VB 83 -47.46 -29.24 75.74
N GLU VB 84 -47.31 -28.71 76.95
CA GLU VB 84 -48.03 -29.27 78.10
C GLU VB 84 -49.54 -29.03 77.97
N GLU VB 85 -49.93 -27.87 77.43
CA GLU VB 85 -51.35 -27.59 77.23
C GLU VB 85 -51.96 -28.50 76.17
N LEU VB 86 -51.27 -28.68 75.04
CA LEU VB 86 -51.77 -29.58 74.00
C LEU VB 86 -51.76 -31.03 74.43
N SER VB 87 -50.79 -31.44 75.26
CA SER VB 87 -50.78 -32.80 75.77
C SER VB 87 -51.92 -33.03 76.76
N ASN VB 88 -52.24 -32.02 77.58
CA ASN VB 88 -53.37 -32.15 78.50
C ASN VB 88 -54.70 -32.19 77.75
N VAL VB 89 -54.83 -31.38 76.69
CA VAL VB 89 -56.04 -31.40 75.87
C VAL VB 89 -56.18 -32.74 75.15
N LEU VB 90 -55.07 -33.29 74.66
CA LEU VB 90 -55.08 -34.58 73.97
C LEU VB 90 -55.44 -35.72 74.94
N ALA VB 91 -54.88 -35.69 76.15
CA ALA VB 91 -55.16 -36.74 77.12
C ALA VB 91 -56.57 -36.60 77.69
N ALA VB 92 -57.12 -35.39 77.70
CA ALA VB 92 -58.48 -35.22 78.19
C ALA VB 92 -59.52 -35.59 77.14
N MET VB 93 -59.24 -35.32 75.86
CA MET VB 93 -60.24 -35.55 74.82
C MET VB 93 -60.05 -36.91 74.15
N ARG VB 94 -58.90 -37.14 73.53
CA ARG VB 94 -58.71 -38.31 72.69
C ARG VB 94 -58.08 -39.49 73.44
N LYS VB 95 -58.04 -39.43 74.77
CA LYS VB 95 -57.58 -40.55 75.58
C LYS VB 95 -58.62 -40.95 76.63
N ALA VB 96 -59.83 -40.41 76.56
CA ALA VB 96 -60.91 -40.74 77.48
C ALA VB 96 -61.97 -41.55 76.77
N ALA VB 97 -62.56 -42.51 77.47
CA ALA VB 97 -63.59 -43.37 76.90
C ALA VB 97 -64.93 -42.65 76.88
N THR WB 1 -26.72 37.28 16.02
CA THR WB 1 -28.16 37.53 16.13
C THR WB 1 -28.72 37.01 17.45
N LYS WB 2 -27.84 36.92 18.45
CA LYS WB 2 -28.20 36.37 19.75
C LYS WB 2 -28.67 37.43 20.74
N GLY WB 3 -28.13 38.64 20.65
CA GLY WB 3 -28.43 39.67 21.64
C GLY WB 3 -29.46 40.68 21.20
N THR WB 4 -28.97 41.85 20.76
CA THR WB 4 -29.82 43.03 20.54
C THR WB 4 -30.84 42.84 19.43
N SER WB 5 -30.61 41.92 18.49
CA SER WB 5 -31.64 41.61 17.52
C SER WB 5 -32.70 40.68 18.08
N SER WB 6 -32.40 39.97 19.16
CA SER WB 6 -33.37 39.10 19.80
C SER WB 6 -34.08 39.75 20.97
N PHE WB 7 -33.55 40.86 21.49
CA PHE WB 7 -34.29 41.63 22.48
C PHE WB 7 -35.50 42.32 21.89
N GLY WB 8 -35.51 42.57 20.58
CA GLY WB 8 -36.63 43.24 19.95
C GLY WB 8 -37.86 42.37 19.80
N LYS WB 9 -37.71 41.06 19.87
CA LYS WB 9 -38.85 40.16 19.70
C LYS WB 9 -39.62 39.97 21.00
N ARG WB 10 -39.06 40.39 22.14
CA ARG WB 10 -39.73 40.29 23.44
C ARG WB 10 -40.94 41.22 23.46
N ARG WB 11 -42.12 40.62 23.34
CA ARG WB 11 -43.35 41.38 23.12
C ARG WB 11 -44.54 40.91 23.95
N ASN WB 12 -44.58 39.66 24.39
CA ASN WB 12 -45.75 39.09 25.06
C ASN WB 12 -45.40 38.79 26.52
N LYS WB 13 -45.97 39.55 27.45
CA LYS WB 13 -45.66 39.38 28.86
C LYS WB 13 -46.30 38.10 29.40
N THR WB 14 -45.50 37.26 30.05
CA THR WB 14 -46.01 36.03 30.63
C THR WB 14 -46.60 36.25 32.02
N HIS WB 15 -45.99 37.11 32.82
CA HIS WB 15 -46.45 37.37 34.17
C HIS WB 15 -47.35 38.59 34.20
N THR WB 16 -48.44 38.51 34.97
CA THR WB 16 -49.41 39.57 35.12
C THR WB 16 -49.71 39.69 36.61
N LEU WB 17 -50.21 40.87 37.01
CA LEU WB 17 -50.52 41.19 38.40
C LEU WB 17 -51.53 40.23 39.00
N CYS WB 18 -51.10 39.44 39.98
CA CYS WB 18 -51.98 38.53 40.70
C CYS WB 18 -52.89 39.31 41.63
N ARG WB 19 -53.83 38.60 42.24
CA ARG WB 19 -54.91 39.24 42.98
C ARG WB 19 -54.92 38.92 44.46
N ARG WB 20 -53.92 38.19 44.96
CA ARG WB 20 -53.83 37.93 46.39
C ARG WB 20 -52.68 38.67 47.06
N CYS WB 21 -51.52 38.76 46.40
CA CYS WB 21 -50.43 39.59 46.91
C CYS WB 21 -50.03 40.71 45.96
N GLY WB 22 -50.45 40.68 44.70
CA GLY WB 22 -50.29 41.78 43.76
C GLY WB 22 -48.87 42.18 43.46
N SER WB 23 -48.06 41.25 42.93
CA SER WB 23 -46.64 41.47 42.77
C SER WB 23 -46.13 41.14 41.37
N LYS WB 24 -47.04 41.07 40.40
CA LYS WB 24 -46.76 40.70 39.00
C LYS WB 24 -46.07 39.33 38.94
N ALA WB 25 -46.82 38.30 39.32
CA ALA WB 25 -46.28 36.95 39.30
C ALA WB 25 -47.28 35.89 38.87
N TYR WB 26 -48.50 36.26 38.51
CA TYR WB 26 -49.50 35.29 38.09
C TYR WB 26 -49.16 34.85 36.67
N HIS WB 27 -48.58 33.68 36.54
CA HIS WB 27 -48.16 33.15 35.24
C HIS WB 27 -49.41 32.72 34.48
N LEU WB 28 -49.71 33.42 33.39
CA LEU WB 28 -50.97 33.22 32.68
C LEU WB 28 -51.00 31.88 31.96
N GLN WB 29 -49.87 31.45 31.43
CA GLN WB 29 -49.83 30.23 30.63
C GLN WB 29 -49.91 28.98 31.50
N LYS WB 30 -49.61 29.08 32.79
CA LYS WB 30 -49.74 27.98 33.73
C LYS WB 30 -50.88 28.15 34.72
N SER WB 31 -51.51 29.34 34.75
CA SER WB 31 -52.61 29.68 35.65
C SER WB 31 -52.23 29.52 37.13
N THR WB 32 -51.05 30.02 37.48
CA THR WB 32 -50.59 30.00 38.86
C THR WB 32 -49.74 31.24 39.11
N CYS WB 33 -49.47 31.50 40.38
CA CYS WB 33 -48.69 32.65 40.79
C CYS WB 33 -47.25 32.23 41.08
N GLY WB 34 -46.33 33.18 40.87
CA GLY WB 34 -44.92 32.91 41.07
C GLY WB 34 -44.38 33.29 42.43
N LYS WB 35 -45.17 33.94 43.26
CA LYS WB 35 -44.73 34.39 44.58
C LYS WB 35 -45.57 33.82 45.71
N CYS WB 36 -46.90 33.85 45.58
CA CYS WB 36 -47.77 33.34 46.63
C CYS WB 36 -48.43 32.02 46.30
N GLY WB 37 -48.48 31.63 45.02
CA GLY WB 37 -49.18 30.41 44.65
C GLY WB 37 -50.68 30.54 44.79
N TYR WB 38 -51.30 31.33 43.91
CA TYR WB 38 -52.71 31.70 44.07
C TYR WB 38 -53.72 30.54 43.98
N PRO WB 39 -53.65 29.59 43.02
CA PRO WB 39 -54.64 28.48 43.08
C PRO WB 39 -54.41 27.53 44.24
N ALA WB 40 -53.23 27.53 44.86
CA ALA WB 40 -53.04 26.81 46.11
C ALA WB 40 -53.72 27.57 47.24
N LYS WB 41 -54.19 26.82 48.24
CA LYS WB 41 -54.90 27.43 49.35
C LYS WB 41 -53.99 28.13 50.34
N ARG WB 42 -52.69 27.89 50.28
CA ARG WB 42 -51.76 28.39 51.28
C ARG WB 42 -50.72 29.30 50.64
N LYS WB 43 -50.18 30.20 51.45
CA LYS WB 43 -49.19 31.16 50.97
C LYS WB 43 -47.85 30.47 50.74
N ARG WB 44 -47.18 30.82 49.66
CA ARG WB 44 -45.91 30.19 49.29
C ARG WB 44 -44.80 30.86 50.08
N LYS WB 45 -44.44 30.28 51.22
CA LYS WB 45 -43.36 30.79 52.04
C LYS WB 45 -42.31 29.71 52.21
N TYR WB 46 -41.07 30.13 52.47
CA TYR WB 46 -39.97 29.20 52.67
C TYR WB 46 -39.00 29.78 53.67
N ASN WB 47 -38.08 28.93 54.12
CA ASN WB 47 -37.06 29.33 55.07
C ASN WB 47 -35.72 29.66 54.42
N TRP WB 48 -35.53 29.32 53.15
CA TRP WB 48 -34.29 29.69 52.49
C TRP WB 48 -34.25 31.18 52.14
N SER WB 49 -35.39 31.86 52.15
CA SER WB 49 -35.46 33.30 51.91
C SER WB 49 -36.03 33.97 53.16
N ALA WB 50 -35.15 34.57 53.96
CA ALA WB 50 -35.61 35.32 55.12
C ALA WB 50 -36.15 36.68 54.72
N LYS WB 51 -35.66 37.25 53.62
CA LYS WB 51 -36.14 38.56 53.20
C LYS WB 51 -37.56 38.49 52.62
N ALA WB 52 -37.96 37.33 52.09
CA ALA WB 52 -39.34 37.18 51.65
C ALA WB 52 -40.29 37.17 52.84
N LYS WB 53 -39.89 36.55 53.95
CA LYS WB 53 -40.66 36.67 55.18
C LYS WB 53 -40.65 38.10 55.70
N ARG WB 54 -39.51 38.79 55.57
CA ARG WB 54 -39.41 40.18 56.00
C ARG WB 54 -40.33 41.09 55.20
N ARG WB 55 -40.57 40.76 53.92
CA ARG WB 55 -41.51 41.53 53.10
C ARG WB 55 -42.96 41.15 53.37
N ASN WB 56 -43.24 39.86 53.55
CA ASN WB 56 -44.62 39.39 53.46
C ASN WB 56 -45.28 39.06 54.79
N THR WB 57 -44.54 38.92 55.89
CA THR WB 57 -45.18 38.57 57.16
C THR WB 57 -45.86 39.80 57.76
N THR WB 58 -46.52 39.58 58.89
CA THR WB 58 -47.33 40.60 59.53
C THR WB 58 -46.46 41.73 60.09
N GLY WB 59 -47.07 42.91 60.19
CA GLY WB 59 -46.36 44.10 60.60
C GLY WB 59 -45.93 45.00 59.47
N THR WB 60 -46.29 44.69 58.24
CA THR WB 60 -45.90 45.50 57.09
C THR WB 60 -47.08 46.18 56.40
N GLY WB 61 -48.31 45.87 56.78
CA GLY WB 61 -49.46 46.48 56.16
C GLY WB 61 -50.30 47.30 57.12
N ARG WB 62 -51.62 47.20 57.01
CA ARG WB 62 -52.51 47.90 57.93
C ARG WB 62 -52.47 47.27 59.31
N MET WB 63 -52.74 45.96 59.38
CA MET WB 63 -53.24 45.27 60.56
C MET WB 63 -54.41 46.04 61.17
N ARG WB 64 -55.41 46.33 60.32
CA ARG WB 64 -56.53 47.17 60.75
C ARG WB 64 -57.41 46.46 61.78
N HIS WB 65 -57.49 45.14 61.73
CA HIS WB 65 -58.17 44.39 62.77
C HIS WB 65 -57.23 43.95 63.89
N LEU WB 66 -55.98 43.68 63.58
CA LEU WB 66 -55.08 43.10 64.56
C LEU WB 66 -54.56 44.15 65.55
N LYS WB 67 -54.43 45.40 65.10
CA LYS WB 67 -54.09 46.49 66.02
C LYS WB 67 -55.23 46.77 67.00
N ILE WB 68 -56.48 46.72 66.56
CA ILE WB 68 -57.56 46.94 67.52
C ILE WB 68 -57.81 45.69 68.36
N VAL WB 69 -57.35 44.53 67.91
CA VAL WB 69 -57.28 43.37 68.81
C VAL WB 69 -56.31 43.63 69.95
N TYR WB 70 -55.13 44.23 69.65
CA TYR WB 70 -54.23 44.66 70.73
C TYR WB 70 -54.88 45.71 71.63
N ARG WB 71 -55.57 46.67 71.01
CA ARG WB 71 -56.19 47.77 71.75
C ARG WB 71 -57.30 47.29 72.67
N ARG WB 72 -58.03 46.24 72.27
CA ARG WB 72 -59.03 45.66 73.16
C ARG WB 72 -58.41 44.72 74.19
N PHE WB 73 -57.30 44.07 73.86
CA PHE WB 73 -56.64 43.20 74.83
C PHE WB 73 -55.98 44.00 75.96
N ARG WB 74 -55.61 45.25 75.68
CA ARG WB 74 -55.01 46.11 76.71
C ARG WB 74 -55.95 46.38 77.89
N HIS WB 75 -57.26 46.25 77.70
CA HIS WB 75 -58.20 46.36 78.81
C HIS WB 75 -58.91 45.05 79.15
N GLY WB 76 -59.09 44.15 78.18
CA GLY WB 76 -59.67 42.86 78.50
C GLY WB 76 -61.01 42.58 77.86
N PHE WB 77 -61.26 43.17 76.69
CA PHE WB 77 -62.41 42.93 75.83
C PHE WB 77 -63.73 43.24 76.55
N ARG WB 78 -63.87 44.52 76.88
CA ARG WB 78 -65.04 45.00 77.62
C ARG WB 78 -66.28 45.00 76.74
N GLU WB 79 -67.45 45.08 77.39
CA GLU WB 79 -68.72 45.10 76.68
C GLU WB 79 -69.58 46.29 77.11
N GLY WB 80 -69.45 46.70 78.38
CA GLY WB 80 -70.10 47.92 78.82
C GLY WB 80 -69.45 49.15 78.23
N THR WB 81 -70.21 50.23 78.13
CA THR WB 81 -69.78 51.38 77.35
C THR WB 81 -69.09 52.46 78.16
N THR WB 82 -69.74 53.05 79.17
CA THR WB 82 -69.28 54.27 79.81
C THR WB 82 -70.15 54.55 81.02
N PRO WB 83 -69.67 55.35 81.98
CA PRO WB 83 -70.58 55.98 82.94
C PRO WB 83 -71.12 57.29 82.37
N LYS WB 84 -71.93 58.01 83.15
CA LYS WB 84 -72.46 59.29 82.71
C LYS WB 84 -71.39 60.38 82.69
N PRO XB 1 -86.53 53.56 3.07
CA PRO XB 1 -87.84 54.19 2.87
C PRO XB 1 -88.70 53.46 1.85
N ARG XB 2 -89.97 53.84 1.75
CA ARG XB 2 -90.89 53.18 0.84
C ARG XB 2 -91.55 54.21 -0.07
N LYS XB 3 -91.94 53.75 -1.26
CA LYS XB 3 -92.52 54.58 -2.31
C LYS XB 3 -93.97 54.17 -2.50
N ILE XB 4 -94.90 54.99 -2.03
CA ILE XB 4 -96.32 54.73 -2.22
C ILE XB 4 -96.70 55.12 -3.64
N GLU XB 5 -97.37 54.20 -4.34
CA GLU XB 5 -97.77 54.44 -5.72
C GLU XB 5 -99.14 55.10 -5.83
N GLU XB 6 -100.10 54.71 -4.98
CA GLU XB 6 -101.46 55.19 -5.08
C GLU XB 6 -101.69 56.44 -4.24
N ILE XB 7 -102.39 57.40 -4.83
CA ILE XB 7 -102.76 58.63 -4.12
C ILE XB 7 -103.71 58.32 -2.98
N LYS XB 8 -104.62 57.36 -3.19
CA LYS XB 8 -105.53 56.93 -2.14
C LYS XB 8 -104.79 56.24 -1.01
N ASP XB 9 -103.77 55.45 -1.33
CA ASP XB 9 -102.97 54.79 -0.30
C ASP XB 9 -102.15 55.80 0.48
N PHE XB 10 -101.61 56.82 -0.20
CA PHE XB 10 -100.87 57.87 0.51
C PHE XB 10 -101.78 58.70 1.39
N LEU XB 11 -103.01 58.95 0.94
CA LEU XB 11 -103.92 59.73 1.77
C LEU XB 11 -104.47 58.91 2.92
N LEU XB 12 -104.57 57.58 2.75
CA LEU XB 12 -104.86 56.69 3.88
C LEU XB 12 -103.72 56.70 4.90
N THR XB 13 -102.48 56.76 4.42
CA THR XB 13 -101.33 56.91 5.32
C THR XB 13 -101.40 58.24 6.08
N ALA XB 14 -101.80 59.30 5.38
CA ALA XB 14 -101.96 60.60 6.03
C ALA XB 14 -103.10 60.59 7.06
N ARG XB 15 -104.18 59.85 6.77
CA ARG XB 15 -105.26 59.69 7.73
C ARG XB 15 -104.84 58.85 8.92
N ARG XB 16 -103.93 57.90 8.72
CA ARG XB 16 -103.49 57.04 9.80
C ARG XB 16 -102.69 57.81 10.85
N LYS XB 17 -102.95 57.51 12.12
CA LYS XB 17 -102.30 58.18 13.22
C LYS XB 17 -100.86 57.67 13.39
N ASP XB 18 -100.21 58.15 14.46
CA ASP XB 18 -98.78 57.99 14.71
C ASP XB 18 -97.95 58.46 13.51
N ALA XB 19 -98.21 59.70 13.10
CA ALA XB 19 -97.49 60.36 12.02
C ALA XB 19 -97.33 61.82 12.40
N LYS XB 20 -96.09 62.30 12.39
CA LYS XB 20 -95.79 63.62 12.92
C LYS XB 20 -95.08 64.56 11.96
N SER XB 21 -94.78 64.14 10.74
CA SER XB 21 -94.06 65.00 9.80
C SER XB 21 -94.54 64.73 8.38
N VAL XB 22 -95.07 65.77 7.75
CA VAL XB 22 -95.40 65.76 6.32
C VAL XB 22 -94.62 66.88 5.67
N LYS XB 23 -93.76 66.52 4.72
CA LYS XB 23 -92.91 67.46 4.02
C LYS XB 23 -93.31 67.54 2.55
N ILE XB 24 -93.16 68.72 1.96
CA ILE XB 24 -93.44 68.94 0.55
C ILE XB 24 -92.19 69.52 -0.09
N LYS XB 25 -91.65 68.80 -1.08
CA LYS XB 25 -90.46 69.23 -1.79
C LYS XB 25 -90.83 69.47 -3.25
N LYS XB 26 -90.79 70.73 -3.67
CA LYS XB 26 -90.98 71.08 -5.07
C LYS XB 26 -89.71 70.79 -5.86
N ASN XB 27 -89.89 70.40 -7.11
CA ASN XB 27 -88.76 70.05 -7.97
C ASN XB 27 -89.02 70.61 -9.36
N LYS XB 28 -88.01 70.54 -10.22
CA LYS XB 28 -88.08 71.18 -11.53
C LYS XB 28 -89.00 70.44 -12.49
N ASP XB 29 -89.37 69.19 -12.20
CA ASP XB 29 -90.24 68.42 -13.07
C ASP XB 29 -91.36 67.69 -12.35
N ASN XB 30 -91.32 67.58 -11.01
CA ASN XB 30 -92.34 66.89 -10.24
C ASN XB 30 -92.38 67.49 -8.84
N VAL XB 31 -93.04 66.80 -7.93
CA VAL XB 31 -93.11 67.22 -6.54
C VAL XB 31 -93.22 65.97 -5.66
N LYS XB 32 -92.51 65.99 -4.54
CA LYS XB 32 -92.42 64.84 -3.66
C LYS XB 32 -93.08 65.15 -2.32
N PHE XB 33 -93.84 64.19 -1.82
CA PHE XB 33 -94.57 64.31 -0.56
C PHE XB 33 -94.04 63.25 0.40
N LYS XB 34 -93.64 63.70 1.59
CA LYS XB 34 -92.95 62.88 2.57
C LYS XB 34 -93.81 62.73 3.81
N VAL XB 35 -93.95 61.49 4.28
CA VAL XB 35 -94.58 61.21 5.58
C VAL XB 35 -93.59 60.42 6.41
N ARG XB 36 -93.22 60.98 7.56
CA ARG XB 36 -92.38 60.30 8.54
C ARG XB 36 -93.32 59.84 9.65
N CYS XB 37 -93.88 58.65 9.50
CA CYS XB 37 -94.89 58.19 10.46
C CYS XB 37 -94.22 57.61 11.71
N SER XB 38 -93.55 56.48 11.55
CA SER XB 38 -92.82 55.86 12.66
C SER XB 38 -91.77 54.94 12.07
N ARG XB 39 -90.51 55.37 12.10
CA ARG XB 39 -89.30 54.64 11.70
C ARG XB 39 -89.23 54.33 10.21
N TYR XB 40 -90.27 54.66 9.43
CA TYR XB 40 -90.29 54.52 7.98
C TYR XB 40 -90.59 55.87 7.36
N LEU XB 41 -90.08 56.09 6.15
CA LEU XB 41 -90.32 57.31 5.40
C LEU XB 41 -91.07 56.95 4.12
N TYR XB 42 -92.29 57.45 3.99
CA TYR XB 42 -93.14 57.12 2.85
C TYR XB 42 -93.17 58.30 1.89
N THR XB 43 -92.95 58.02 0.61
CA THR XB 43 -92.87 59.07 -0.40
C THR XB 43 -93.91 58.86 -1.48
N LEU XB 44 -94.68 59.90 -1.77
CA LEU XB 44 -95.52 59.96 -2.96
C LEU XB 44 -94.94 61.01 -3.90
N VAL XB 45 -94.45 60.57 -5.05
CA VAL XB 45 -93.96 61.48 -6.07
C VAL XB 45 -95.04 61.64 -7.13
N ILE XB 46 -95.27 62.87 -7.58
CA ILE XB 46 -96.32 63.12 -8.57
C ILE XB 46 -95.89 64.31 -9.42
N THR XB 47 -96.24 64.26 -10.70
CA THR XB 47 -95.74 65.22 -11.68
C THR XB 47 -96.77 66.28 -12.07
N ASP XB 48 -97.87 66.40 -11.35
CA ASP XB 48 -98.92 67.36 -11.66
C ASP XB 48 -99.05 68.32 -10.49
N LYS XB 49 -98.82 69.61 -10.76
CA LYS XB 49 -98.93 70.62 -9.71
C LYS XB 49 -100.37 70.87 -9.31
N GLU XB 50 -101.32 70.68 -10.23
CA GLU XB 50 -102.73 70.80 -9.88
C GLU XB 50 -103.16 69.66 -8.96
N LYS XB 51 -102.65 68.45 -9.21
CA LYS XB 51 -102.89 67.34 -8.29
C LYS XB 51 -102.20 67.55 -6.95
N ALA XB 52 -101.03 68.21 -6.97
CA ALA XB 52 -100.36 68.56 -5.72
C ALA XB 52 -101.18 69.57 -4.92
N GLU XB 53 -101.79 70.55 -5.61
CA GLU XB 53 -102.60 71.55 -4.94
C GLU XB 53 -103.87 70.94 -4.36
N LYS XB 54 -104.51 70.03 -5.11
CA LYS XB 54 -105.72 69.41 -4.56
C LYS XB 54 -105.39 68.39 -3.47
N LEU XB 55 -104.19 67.80 -3.50
CA LEU XB 55 -103.79 66.94 -2.39
C LEU XB 55 -103.44 67.77 -1.16
N LYS XB 56 -102.91 68.98 -1.35
CA LYS XB 56 -102.71 69.90 -0.25
C LYS XB 56 -104.05 70.36 0.33
N GLN XB 57 -105.05 70.51 -0.53
CA GLN XB 57 -106.39 70.84 -0.04
C GLN XB 57 -107.00 69.67 0.72
N SER XB 58 -106.82 68.44 0.24
CA SER XB 58 -107.34 67.26 0.91
C SER XB 58 -106.45 66.76 2.04
N LEU XB 59 -105.34 67.44 2.31
CA LEU XB 59 -104.48 67.05 3.43
C LEU XB 59 -105.18 67.42 4.74
N PRO XB 60 -105.16 66.53 5.74
CA PRO XB 60 -105.84 66.82 7.01
C PRO XB 60 -105.14 67.94 7.78
N PRO XB 61 -105.88 68.95 8.21
CA PRO XB 61 -105.24 70.15 8.79
C PRO XB 61 -104.73 69.96 10.22
N GLY XB 62 -104.98 68.80 10.83
CA GLY XB 62 -104.52 68.58 12.20
C GLY XB 62 -103.04 68.30 12.35
N LEU XB 63 -102.31 68.17 11.24
CA LEU XB 63 -100.89 67.82 11.27
C LEU XB 63 -100.09 68.91 10.56
N ALA XB 64 -98.91 69.20 11.09
CA ALA XB 64 -98.07 70.26 10.55
C ALA XB 64 -97.44 69.84 9.22
N VAL XB 65 -97.22 70.82 8.36
CA VAL XB 65 -96.67 70.61 7.03
C VAL XB 65 -95.43 71.48 6.88
N LYS XB 66 -94.31 70.87 6.50
CA LYS XB 66 -93.05 71.57 6.26
C LYS XB 66 -92.77 71.62 4.78
N GLU XB 67 -92.66 72.82 4.23
CA GLU XB 67 -92.36 73.02 2.82
C GLU XB 67 -90.87 73.30 2.67
N LEU XB 68 -90.18 72.41 1.95
CA LEU XB 68 -88.72 72.53 1.78
C LEU XB 68 -88.46 73.59 0.72
N LYS XB 69 -88.21 74.82 1.17
CA LYS XB 69 -87.91 76.00 0.35
C LYS XB 69 -88.96 76.29 -0.72
N SER YB 1 -51.81 49.98 24.25
CA SER YB 1 -52.49 48.80 23.74
C SER YB 1 -53.89 49.15 23.28
N SER YB 2 -54.40 50.29 23.76
CA SER YB 2 -55.63 50.96 23.33
C SER YB 2 -56.93 50.21 23.65
N HIS YB 3 -56.83 48.98 24.16
CA HIS YB 3 -57.97 48.30 24.75
C HIS YB 3 -57.45 47.24 25.71
N LYS YB 4 -57.99 47.27 26.92
CA LYS YB 4 -57.43 46.54 28.05
C LYS YB 4 -58.46 46.46 29.15
N THR YB 5 -58.19 45.64 30.15
CA THR YB 5 -59.17 45.36 31.20
C THR YB 5 -59.24 46.52 32.19
N PHE YB 6 -60.12 46.37 33.18
CA PHE YB 6 -60.46 47.47 34.08
C PHE YB 6 -59.42 47.67 35.17
N ARG YB 7 -58.76 46.58 35.61
CA ARG YB 7 -57.76 46.69 36.67
C ARG YB 7 -56.52 47.45 36.18
N ILE YB 8 -56.18 47.29 34.90
CA ILE YB 8 -55.04 48.02 34.34
C ILE YB 8 -55.35 49.50 34.26
N LYS YB 9 -56.59 49.87 33.95
CA LYS YB 9 -56.93 51.29 33.96
C LYS YB 9 -57.01 51.85 35.38
N ARG YB 10 -57.37 51.02 36.36
CA ARG YB 10 -57.28 51.45 37.76
C ARG YB 10 -55.83 51.73 38.15
N PHE YB 11 -54.92 50.86 37.75
CA PHE YB 11 -53.50 51.02 38.04
C PHE YB 11 -52.93 52.26 37.36
N LEU YB 12 -53.25 52.44 36.07
CA LEU YB 12 -52.81 53.62 35.34
C LEU YB 12 -53.45 54.90 35.85
N ALA YB 13 -54.68 54.83 36.37
CA ALA YB 13 -55.32 56.00 36.94
C ALA YB 13 -54.63 56.43 38.23
N LYS YB 14 -54.25 55.45 39.07
CA LYS YB 14 -53.50 55.80 40.27
C LYS YB 14 -52.11 56.33 39.92
N LYS YB 15 -51.48 55.81 38.87
CA LYS YB 15 -50.18 56.35 38.47
C LYS YB 15 -50.29 57.76 37.90
N GLN YB 16 -51.39 58.08 37.21
CA GLN YB 16 -51.62 59.46 36.80
C GLN YB 16 -51.90 60.36 38.00
N LYS YB 17 -52.54 59.83 39.05
CA LYS YB 17 -52.67 60.60 40.29
C LYS YB 17 -51.32 60.82 40.95
N GLN YB 18 -50.42 59.83 40.86
CA GLN YB 18 -49.08 59.97 41.44
C GLN YB 18 -48.25 61.01 40.70
N ASN YB 19 -48.40 61.07 39.37
CA ASN YB 19 -47.53 61.89 38.53
C ASN YB 19 -47.93 63.36 38.66
N ARG YB 20 -47.50 63.97 39.77
CA ARG YB 20 -47.62 65.41 39.97
C ARG YB 20 -46.57 65.85 40.97
N PRO YB 21 -46.01 67.07 40.85
CA PRO YB 21 -44.92 67.48 41.72
C PRO YB 21 -45.35 67.95 43.10
N ILE YB 22 -44.40 68.43 43.89
CA ILE YB 22 -44.67 68.91 45.23
C ILE YB 22 -45.30 70.30 45.12
N PRO YB 23 -46.42 70.56 45.81
CA PRO YB 23 -46.95 71.93 45.82
C PRO YB 23 -46.10 72.84 46.70
N GLN YB 24 -46.32 74.15 46.52
CA GLN YB 24 -45.44 75.15 47.10
C GLN YB 24 -45.66 75.39 48.58
N TRP YB 25 -46.68 74.78 49.19
CA TRP YB 25 -46.97 75.07 50.60
C TRP YB 25 -46.49 73.98 51.55
N ILE YB 26 -46.19 72.78 51.07
CA ILE YB 26 -45.73 71.73 51.98
C ILE YB 26 -44.27 71.97 52.37
N ARG YB 27 -43.46 72.50 51.44
CA ARG YB 27 -42.09 72.90 51.76
C ARG YB 27 -42.06 74.08 52.72
N MET YB 28 -43.12 74.88 52.78
CA MET YB 28 -43.25 76.03 53.66
C MET YB 28 -43.71 75.63 55.07
N LYS YB 29 -44.04 74.35 55.28
CA LYS YB 29 -44.53 73.89 56.58
C LYS YB 29 -43.41 73.87 57.62
N THR YB 30 -43.80 73.60 58.86
CA THR YB 30 -42.89 73.62 60.01
C THR YB 30 -42.29 72.24 60.21
N GLY YB 31 -40.96 72.17 60.28
CA GLY YB 31 -40.27 70.93 60.52
C GLY YB 31 -40.20 70.01 59.32
N ASN YB 32 -40.37 70.55 58.12
CA ASN YB 32 -40.35 69.76 56.90
C ASN YB 32 -38.99 69.86 56.24
N LYS YB 33 -38.56 68.75 55.61
CA LYS YB 33 -37.34 68.72 54.82
C LYS YB 33 -37.56 68.06 53.46
N ILE YB 34 -38.81 67.83 53.08
CA ILE YB 34 -39.12 67.30 51.75
C ILE YB 34 -39.09 68.47 50.77
N ARG YB 35 -38.20 68.39 49.78
CA ARG YB 35 -38.01 69.48 48.84
C ARG YB 35 -38.47 69.18 47.43
N TYR YB 36 -38.35 67.93 46.99
CA TYR YB 36 -38.88 67.53 45.69
C TYR YB 36 -39.28 66.06 45.77
N ASN YB 37 -40.19 65.66 44.89
CA ASN YB 37 -40.73 64.31 44.90
C ASN YB 37 -39.68 63.37 44.33
N SER YB 38 -39.06 62.57 45.19
CA SER YB 38 -38.06 61.60 44.75
C SER YB 38 -38.68 60.40 44.06
N LYS YB 39 -39.97 60.16 44.26
CA LYS YB 39 -40.70 59.09 43.59
C LYS YB 39 -41.30 59.53 42.26
N ARG YB 40 -40.71 60.56 41.63
CA ARG YB 40 -41.22 61.10 40.38
C ARG YB 40 -40.85 60.15 39.24
N ARG YB 41 -41.86 59.55 38.63
CA ARG YB 41 -41.65 58.59 37.55
C ARG YB 41 -41.80 59.29 36.20
N HIS YB 42 -40.80 59.15 35.35
CA HIS YB 42 -40.86 59.67 33.99
C HIS YB 42 -41.11 58.50 33.03
N TRP YB 43 -41.88 58.77 31.98
CA TRP YB 43 -42.39 57.72 31.12
C TRP YB 43 -41.38 57.22 30.08
N ARG YB 44 -40.15 57.72 30.08
CA ARG YB 44 -39.10 57.22 29.20
C ARG YB 44 -38.06 56.42 29.95
N ARG YB 45 -37.57 56.93 31.09
CA ARG YB 45 -36.49 56.27 31.81
C ARG YB 45 -36.99 55.06 32.59
N THR YB 46 -38.11 55.22 33.30
CA THR YB 46 -38.65 54.16 34.15
C THR YB 46 -39.95 53.66 33.56
N LYS YB 47 -40.03 52.36 33.30
CA LYS YB 47 -41.26 51.72 32.85
C LYS YB 47 -41.84 50.92 34.01
N LEU YB 48 -43.13 51.15 34.29
CA LEU YB 48 -43.77 50.51 35.43
C LEU YB 48 -43.96 49.01 35.20
N GLY YB 49 -44.24 48.59 33.97
CA GLY YB 49 -44.39 47.18 33.68
C GLY YB 49 -45.64 46.59 34.27
N LEU YB 50 -46.79 47.00 33.73
CA LEU YB 50 -48.15 46.65 34.19
C LEU YB 50 -48.48 47.06 35.63
N ILE ZB 1 66.47 37.14 -31.16
CA ILE ZB 1 65.69 36.93 -29.94
C ILE ZB 1 66.48 37.51 -28.77
N GLU ZB 2 67.77 37.80 -29.02
CA GLU ZB 2 68.73 38.40 -28.10
C GLU ZB 2 68.83 37.63 -26.78
N PRO ZB 3 69.52 36.48 -26.75
CA PRO ZB 3 69.60 35.69 -25.52
C PRO ZB 3 70.29 36.38 -24.36
N SER ZB 4 71.20 37.32 -24.62
CA SER ZB 4 71.80 38.08 -23.53
C SER ZB 4 70.78 39.03 -22.89
N LEU ZB 5 69.95 39.67 -23.71
CA LEU ZB 5 68.88 40.51 -23.16
C LEU ZB 5 67.80 39.66 -22.50
N ARG ZB 6 67.60 38.43 -22.98
CA ARG ZB 6 66.70 37.51 -22.29
C ARG ZB 6 67.25 37.12 -20.93
N GLN ZB 7 68.57 36.92 -20.83
CA GLN ZB 7 69.20 36.63 -19.55
C GLN ZB 7 69.08 37.81 -18.60
N LEU ZB 8 69.19 39.03 -19.13
CA LEU ZB 8 69.03 40.24 -18.30
C LEU ZB 8 67.59 40.38 -17.81
N ALA ZB 9 66.61 40.12 -18.69
CA ALA ZB 9 65.21 40.20 -18.28
C ALA ZB 9 64.83 39.09 -17.32
N GLN ZB 10 65.41 37.91 -17.47
CA GLN ZB 10 65.20 36.85 -16.48
C GLN ZB 10 65.90 37.16 -15.17
N LYS ZB 11 67.00 37.91 -15.21
CA LYS ZB 11 67.64 38.37 -13.98
C LYS ZB 11 66.75 39.36 -13.24
N TYR ZB 12 66.02 40.20 -13.97
CA TYR ZB 12 65.16 41.17 -13.30
C TYR ZB 12 63.72 40.68 -13.10
N ASN ZB 13 63.34 39.51 -13.62
CA ASN ZB 13 61.95 39.06 -13.49
C ASN ZB 13 61.75 37.63 -13.02
N CYS ZB 14 62.72 36.73 -13.19
CA CYS ZB 14 62.48 35.30 -13.02
C CYS ZB 14 63.20 34.69 -11.84
N ASP ZB 15 64.52 34.86 -11.73
CA ASP ZB 15 65.31 34.16 -10.71
C ASP ZB 15 65.10 34.79 -9.34
N LYS ZB 16 63.98 34.41 -8.70
CA LYS ZB 16 63.62 34.91 -7.39
C LYS ZB 16 63.25 33.73 -6.49
N MET ZB 17 63.18 33.98 -5.19
CA MET ZB 17 62.66 33.02 -4.23
C MET ZB 17 61.28 33.49 -3.80
N ILE ZB 18 60.27 32.65 -4.04
CA ILE ZB 18 58.90 32.92 -3.66
C ILE ZB 18 58.62 32.17 -2.36
N CYS ZB 19 58.02 32.85 -1.39
CA CYS ZB 19 57.68 32.22 -0.13
C CYS ZB 19 56.38 31.44 -0.24
N ARG ZB 20 56.31 30.33 0.47
CA ARG ZB 20 55.12 29.49 0.45
C ARG ZB 20 54.00 30.01 1.34
N LYS ZB 21 54.26 31.05 2.15
CA LYS ZB 21 53.29 31.53 3.11
C LYS ZB 21 52.83 32.95 2.84
N CYS ZB 22 53.75 33.90 2.64
CA CYS ZB 22 53.37 35.28 2.42
C CYS ZB 22 53.16 35.65 0.96
N TYR ZB 23 53.61 34.79 0.03
CA TYR ZB 23 53.51 34.98 -1.43
C TYR ZB 23 54.15 36.30 -1.88
N ALA ZB 24 55.46 36.41 -1.64
CA ALA ZB 24 56.18 37.63 -1.93
C ALA ZB 24 57.41 37.32 -2.77
N ARG ZB 25 57.59 38.11 -3.84
CA ARG ZB 25 58.82 38.09 -4.62
C ARG ZB 25 59.90 38.83 -3.84
N LEU ZB 26 60.98 38.13 -3.48
CA LEU ZB 26 61.95 38.68 -2.54
C LEU ZB 26 63.32 38.92 -3.16
N HIS ZB 27 64.03 37.85 -3.54
CA HIS ZB 27 65.47 37.88 -3.84
C HIS ZB 27 65.88 36.47 -4.28
N PRO ZB 28 66.89 36.31 -5.16
CA PRO ZB 28 67.35 34.95 -5.48
C PRO ZB 28 68.05 34.22 -4.35
N ARG ZB 29 68.71 34.94 -3.45
CA ARG ZB 29 69.43 34.35 -2.32
C ARG ZB 29 68.77 34.71 -0.99
N ALA ZB 30 67.45 34.75 -0.97
CA ALA ZB 30 66.73 35.18 0.22
C ALA ZB 30 66.70 34.07 1.28
N VAL ZB 31 66.43 34.48 2.51
CA VAL ZB 31 66.32 33.57 3.65
C VAL ZB 31 64.93 33.61 4.27
N ASN ZB 32 64.38 34.81 4.46
CA ASN ZB 32 63.09 34.98 5.10
C ASN ZB 32 62.24 35.98 4.33
N CYS ZB 33 60.93 35.84 4.48
CA CYS ZB 33 59.98 36.80 3.93
C CYS ZB 33 60.11 38.12 4.67
N ARG ZB 34 60.43 39.19 3.95
CA ARG ZB 34 60.59 40.49 4.58
C ARG ZB 34 59.26 41.10 5.01
N LYS ZB 35 58.14 40.58 4.51
CA LYS ZB 35 56.83 41.11 4.87
C LYS ZB 35 56.40 40.54 6.21
N LYS ZB 36 55.77 41.39 7.03
CA LYS ZB 36 55.36 41.02 8.37
C LYS ZB 36 53.99 40.34 8.41
N LYS ZB 37 53.42 40.02 7.25
CA LYS ZB 37 52.12 39.37 7.20
C LYS ZB 37 52.17 37.88 7.49
N CYS ZB 38 53.36 37.28 7.50
CA CYS ZB 38 53.49 35.86 7.80
C CYS ZB 38 54.33 35.58 9.04
N GLY ZB 39 55.31 36.43 9.35
CA GLY ZB 39 56.14 36.21 10.52
C GLY ZB 39 57.58 35.88 10.18
N HIS ZB 40 58.04 36.35 9.03
CA HIS ZB 40 59.42 36.23 8.55
C HIS ZB 40 59.85 34.76 8.44
N THR ZB 41 58.98 33.95 7.86
CA THR ZB 41 59.25 32.51 7.81
C THR ZB 41 60.28 32.19 6.74
N ASN ZB 42 60.97 31.06 6.93
CA ASN ZB 42 62.00 30.60 6.02
C ASN ZB 42 61.47 29.59 5.00
N ASN ZB 43 60.16 29.44 4.89
CA ASN ZB 43 59.55 28.48 3.98
C ASN ZB 43 59.55 29.09 2.59
N LEU ZB 44 60.64 28.89 1.86
CA LEU ZB 44 60.85 29.47 0.55
C LEU ZB 44 60.91 28.37 -0.52
N ARG ZB 45 60.81 28.79 -1.77
CA ARG ZB 45 60.98 27.90 -2.91
C ARG ZB 45 61.41 28.74 -4.11
N PRO ZB 46 62.23 28.19 -5.00
CA PRO ZB 46 62.62 28.96 -6.20
C PRO ZB 46 61.44 29.16 -7.13
N LYS ZB 47 61.46 30.30 -7.83
CA LYS ZB 47 60.39 30.61 -8.77
C LYS ZB 47 60.47 29.67 -9.96
N LYS ZB 48 59.30 29.22 -10.44
CA LYS ZB 48 59.21 28.07 -11.32
C LYS ZB 48 59.75 28.41 -12.71
N LYS ZB 49 60.60 27.53 -13.24
CA LYS ZB 49 61.20 27.67 -14.55
C LYS ZB 49 60.59 26.65 -15.51
N VAL ZB 50 60.62 26.97 -16.80
CA VAL ZB 50 60.16 26.06 -17.84
C VAL ZB 50 61.32 25.21 -18.34
N MET AC 1 -9.24 -28.03 -26.31
CA MET AC 1 -10.17 -27.14 -25.62
C MET AC 1 -11.50 -27.09 -26.37
N ARG AC 2 -12.60 -27.19 -25.62
CA ARG AC 2 -13.92 -27.21 -26.21
C ARG AC 2 -14.27 -25.86 -26.83
N ALA AC 3 -15.08 -25.92 -27.90
CA ALA AC 3 -15.57 -24.70 -28.52
C ALA AC 3 -16.52 -23.95 -27.61
N LYS AC 4 -17.24 -24.68 -26.74
CA LYS AC 4 -18.11 -24.06 -25.74
C LYS AC 4 -17.33 -23.18 -24.78
N TRP AC 5 -16.28 -23.73 -24.16
CA TRP AC 5 -15.52 -22.95 -23.19
C TRP AC 5 -14.60 -21.95 -23.87
N ARG AC 6 -14.22 -22.19 -25.12
CA ARG AC 6 -13.51 -21.17 -25.88
C ARG AC 6 -14.38 -19.95 -26.13
N LYS AC 7 -15.64 -20.18 -26.53
CA LYS AC 7 -16.58 -19.09 -26.71
C LYS AC 7 -16.92 -18.39 -25.39
N LYS AC 8 -16.98 -19.15 -24.29
CA LYS AC 8 -17.27 -18.53 -23.00
C LYS AC 8 -16.08 -17.71 -22.48
N ARG AC 9 -14.85 -18.15 -22.72
CA ARG AC 9 -13.71 -17.34 -22.30
C ARG AC 9 -13.52 -16.13 -23.21
N MET AC 10 -13.84 -16.25 -24.50
CA MET AC 10 -13.82 -15.06 -25.35
C MET AC 10 -14.95 -14.10 -24.97
N ARG AC 11 -16.06 -14.64 -24.49
CA ARG AC 11 -17.17 -13.83 -23.97
C ARG AC 11 -16.75 -13.08 -22.71
N ARG AC 12 -16.02 -13.76 -21.82
CA ARG AC 12 -15.50 -13.11 -20.61
C ARG AC 12 -14.45 -12.06 -20.95
N LEU AC 13 -13.64 -12.31 -21.98
CA LEU AC 13 -12.68 -11.31 -22.44
C LEU AC 13 -13.38 -10.11 -23.06
N LYS AC 14 -14.50 -10.35 -23.75
CA LYS AC 14 -15.30 -9.26 -24.29
C LYS AC 14 -15.91 -8.42 -23.18
N ARG AC 15 -16.37 -9.08 -22.11
CA ARG AC 15 -16.90 -8.36 -20.95
C ARG AC 15 -15.81 -7.56 -20.24
N LYS AC 16 -14.60 -8.12 -20.17
CA LYS AC 16 -13.47 -7.42 -19.55
C LYS AC 16 -13.07 -6.19 -20.37
N ARG AC 17 -13.04 -6.32 -21.69
CA ARG AC 17 -12.70 -5.18 -22.54
C ARG AC 17 -13.81 -4.13 -22.55
N ARG AC 18 -15.07 -4.57 -22.41
CA ARG AC 18 -16.18 -3.62 -22.29
C ARG AC 18 -16.10 -2.85 -20.98
N LYS AC 19 -15.76 -3.53 -19.88
CA LYS AC 19 -15.55 -2.83 -18.61
C LYS AC 19 -14.31 -1.93 -18.66
N MET AC 20 -13.31 -2.29 -19.46
CA MET AC 20 -12.16 -1.40 -19.65
C MET AC 20 -12.55 -0.14 -20.41
N ARG AC 21 -13.42 -0.27 -21.42
CA ARG AC 21 -13.92 0.90 -22.14
C ARG AC 21 -14.79 1.78 -21.24
N GLN AC 22 -15.63 1.17 -20.41
CA GLN AC 22 -16.46 1.95 -19.48
C GLN AC 22 -15.63 2.58 -18.37
N ARG AC 23 -14.50 1.98 -18.03
CA ARG AC 23 -13.61 2.54 -17.01
C ARG AC 23 -12.79 3.70 -17.57
N SER AC 24 -12.28 3.56 -18.80
CA SER AC 24 -11.56 4.63 -19.48
C SER AC 24 -12.22 4.82 -20.85
N LYS AC 25 -13.31 5.58 -20.88
CA LYS AC 25 -13.97 6.01 -22.10
C LYS AC 25 -13.06 6.85 -22.98
N VAL BC 1 11.72 -28.27 52.21
CA VAL BC 1 12.46 -28.74 53.37
C VAL BC 1 11.99 -30.13 53.77
N ASN BC 2 12.43 -30.60 54.94
CA ASN BC 2 12.08 -31.91 55.43
C ASN BC 2 12.14 -31.87 56.95
N VAL BC 3 11.06 -32.29 57.60
CA VAL BC 3 11.04 -32.45 59.06
C VAL BC 3 10.68 -33.90 59.33
N PRO BC 4 11.12 -34.50 60.43
CA PRO BC 4 10.80 -35.90 60.70
C PRO BC 4 9.42 -36.05 61.32
N LYS BC 5 9.03 -37.30 61.56
CA LYS BC 5 7.76 -37.58 62.23
C LYS BC 5 7.82 -37.19 63.70
N THR BC 6 8.82 -37.71 64.42
CA THR BC 6 8.92 -37.53 65.85
C THR BC 6 10.10 -36.63 66.20
N ARG BC 7 10.01 -35.99 67.37
CA ARG BC 7 11.02 -35.05 67.83
C ARG BC 7 10.89 -34.94 69.34
N ARG BC 8 12.02 -34.88 70.03
CA ARG BC 8 12.05 -34.80 71.49
C ARG BC 8 12.29 -33.34 71.88
N THR BC 9 11.23 -32.67 72.31
CA THR BC 9 11.29 -31.24 72.56
C THR BC 9 10.66 -30.95 73.92
N PHE BC 10 11.07 -29.85 74.54
CA PHE BC 10 10.62 -29.47 75.88
C PHE BC 10 9.15 -29.09 75.86
N CYS BC 11 8.32 -29.88 76.53
CA CYS BC 11 6.92 -29.54 76.75
C CYS BC 11 6.77 -28.90 78.12
N LYS BC 12 5.88 -27.92 78.22
CA LYS BC 12 5.83 -27.06 79.39
C LYS BC 12 4.99 -27.64 80.53
N LYS BC 13 4.31 -28.77 80.34
CA LYS BC 13 3.44 -29.28 81.39
C LYS BC 13 4.23 -30.06 82.44
N CYS BC 14 4.94 -31.11 82.01
CA CYS BC 14 5.71 -31.90 82.97
C CYS BC 14 7.10 -31.34 83.19
N GLY BC 15 7.68 -30.69 82.19
CA GLY BC 15 8.97 -30.06 82.36
C GLY BC 15 10.16 -30.91 81.98
N LYS BC 16 10.01 -31.82 81.02
CA LYS BC 16 11.12 -32.64 80.56
C LYS BC 16 11.06 -32.76 79.05
N HIS BC 17 12.19 -33.15 78.45
CA HIS BC 17 12.21 -33.48 77.03
C HIS BC 17 11.47 -34.79 76.80
N GLN BC 18 10.25 -34.67 76.29
CA GLN BC 18 9.41 -35.79 75.92
C GLN BC 18 9.31 -35.87 74.40
N PRO BC 19 9.06 -37.06 73.83
CA PRO BC 19 8.88 -37.15 72.39
C PRO BC 19 7.56 -36.53 71.95
N HIS BC 20 7.57 -35.99 70.73
CA HIS BC 20 6.43 -35.26 70.19
C HIS BC 20 6.11 -35.74 68.78
N LYS BC 21 4.85 -36.08 68.56
CA LYS BC 21 4.33 -36.23 67.21
C LYS BC 21 4.20 -34.87 66.56
N VAL BC 22 4.72 -34.75 65.34
CA VAL BC 22 4.74 -33.49 64.60
C VAL BC 22 3.71 -33.59 63.47
N THR BC 23 2.76 -32.66 63.45
CA THR BC 23 1.77 -32.59 62.40
C THR BC 23 1.77 -31.21 61.77
N GLN BC 24 1.17 -31.12 60.58
CA GLN BC 24 1.05 -29.86 59.86
C GLN BC 24 -0.11 -29.04 60.40
N TYR BC 25 0.14 -27.75 60.62
CA TYR BC 25 -0.88 -26.86 61.14
C TYR BC 25 -1.86 -26.45 60.04
N LYS BC 26 -3.13 -26.74 60.25
CA LYS BC 26 -4.21 -26.24 59.41
C LYS BC 26 -4.82 -25.01 60.08
N LYS BC 27 -5.19 -24.02 59.27
CA LYS BC 27 -5.77 -22.79 59.82
C LYS BC 27 -7.15 -23.04 60.40
N GLY BC 28 -7.92 -23.93 59.78
CA GLY BC 28 -9.22 -24.29 60.31
C GLY BC 28 -10.32 -23.33 59.90
N LYS BC 29 -11.54 -23.83 59.95
CA LYS BC 29 -12.71 -23.04 59.57
C LYS BC 29 -12.99 -21.99 60.64
N ASP BC 30 -13.25 -20.76 60.20
CA ASP BC 30 -13.56 -19.68 61.13
C ASP BC 30 -14.95 -19.87 61.75
N SER BC 31 -15.02 -19.75 63.06
CA SER BC 31 -16.26 -19.97 63.78
C SER BC 31 -17.17 -18.75 63.61
N LEU BC 32 -18.43 -19.01 63.31
CA LEU BC 32 -19.41 -17.94 63.27
C LEU BC 32 -19.70 -17.47 64.70
N TYR BC 33 -20.27 -16.26 64.79
CA TYR BC 33 -20.63 -15.60 66.05
C TYR BC 33 -19.40 -15.35 66.93
N ALA BC 34 -18.29 -14.98 66.30
CA ALA BC 34 -17.18 -14.39 67.03
C ALA BC 34 -17.42 -12.89 67.18
N GLN BC 35 -16.51 -12.21 67.88
CA GLN BC 35 -16.71 -10.78 68.17
C GLN BC 35 -16.63 -9.94 66.91
N GLY BC 36 -15.51 -10.03 66.20
CA GLY BC 36 -15.36 -9.29 64.96
C GLY BC 36 -16.28 -9.77 63.86
N LYS BC 37 -16.66 -11.04 63.89
CA LYS BC 37 -17.59 -11.55 62.89
C LYS BC 37 -18.99 -11.00 63.10
N ARG BC 38 -19.46 -10.95 64.35
CA ARG BC 38 -20.75 -10.33 64.64
C ARG BC 38 -20.71 -8.83 64.38
N ARG BC 39 -19.59 -8.18 64.69
CA ARG BC 39 -19.45 -6.74 64.40
C ARG BC 39 -19.46 -6.48 62.90
N TYR BC 40 -18.82 -7.34 62.12
CA TYR BC 40 -18.80 -7.16 60.67
C TYR BC 40 -20.14 -7.49 60.04
N ASP BC 41 -20.88 -8.45 60.61
CA ASP BC 41 -22.23 -8.73 60.11
C ASP BC 41 -23.18 -7.58 60.42
N ARG BC 42 -23.09 -7.03 61.63
CA ARG BC 42 -23.92 -5.89 62.01
C ARG BC 42 -23.56 -4.64 61.21
N LYS BC 43 -22.29 -4.49 60.85
CA LYS BC 43 -21.85 -3.36 60.05
C LYS BC 43 -22.18 -3.55 58.58
N GLN BC 44 -22.26 -4.79 58.12
CA GLN BC 44 -22.54 -5.09 56.72
C GLN BC 44 -24.03 -5.06 56.41
N SER BC 45 -24.86 -5.44 57.38
CA SER BC 45 -26.32 -5.42 57.20
C SER BC 45 -26.78 -3.97 57.12
N GLY BC 46 -27.11 -3.53 55.92
CA GLY BC 46 -27.48 -2.16 55.65
C GLY BC 46 -26.92 -1.71 54.33
N TYR BC 47 -27.49 -0.63 53.79
CA TYR BC 47 -27.03 -0.05 52.53
C TYR BC 47 -25.76 0.75 52.81
N GLY BC 48 -24.64 0.04 52.89
CA GLY BC 48 -23.36 0.70 53.08
C GLY BC 48 -22.30 0.18 52.13
N GLY BC 49 -22.59 -0.94 51.47
CA GLY BC 49 -21.58 -1.56 50.63
C GLY BC 49 -20.48 -2.20 51.45
N GLN BC 50 -19.31 -2.37 50.85
CA GLN BC 50 -18.16 -2.94 51.52
C GLN BC 50 -17.63 -1.90 52.51
N THR BC 51 -17.84 -2.14 53.80
CA THR BC 51 -17.46 -1.17 54.82
C THR BC 51 -15.99 -1.28 55.18
N LYS BC 52 -15.56 -2.45 55.69
CA LYS BC 52 -14.14 -2.60 55.99
C LYS BC 52 -13.37 -2.97 54.72
N PRO BC 53 -12.12 -2.52 54.60
CA PRO BC 53 -11.37 -2.76 53.37
C PRO BC 53 -10.97 -4.21 53.20
N ILE BC 54 -10.98 -4.67 51.94
CA ILE BC 54 -10.56 -6.01 51.59
C ILE BC 54 -9.22 -5.93 50.86
N PHE BC 55 -8.32 -6.87 51.17
CA PHE BC 55 -6.95 -6.79 50.70
C PHE BC 55 -6.83 -7.28 49.26
N ARG BC 56 -6.03 -6.57 48.48
CA ARG BC 56 -5.91 -6.82 47.05
C ARG BC 56 -4.50 -7.23 46.63
N LYS BC 57 -3.49 -6.41 46.95
CA LYS BC 57 -2.18 -6.51 46.31
C LYS BC 57 -1.28 -7.46 47.09
N LYS BC 58 -1.52 -8.75 46.92
CA LYS BC 58 -0.70 -9.78 47.56
C LYS BC 58 0.57 -9.99 46.76
N ALA BC 59 1.71 -10.00 47.46
CA ALA BC 59 3.00 -10.20 46.81
C ALA BC 59 3.80 -11.37 47.35
N LYS BC 60 3.57 -11.80 48.58
CA LYS BC 60 4.26 -12.98 49.10
C LYS BC 60 3.65 -14.25 48.51
N THR BC 61 4.51 -15.17 48.12
CA THR BC 61 4.10 -16.44 47.53
C THR BC 61 4.18 -17.61 48.50
N THR BC 62 4.81 -17.44 49.65
CA THR BC 62 5.00 -18.52 50.61
C THR BC 62 4.36 -18.15 51.94
N LYS BC 63 4.25 -19.16 52.80
CA LYS BC 63 3.74 -19.00 54.15
C LYS BC 63 4.72 -19.66 55.12
N LYS BC 64 4.74 -19.17 56.36
CA LYS BC 64 5.56 -19.76 57.39
C LYS BC 64 4.96 -21.09 57.82
N ILE BC 65 5.58 -22.18 57.40
CA ILE BC 65 5.07 -23.51 57.71
C ILE BC 65 5.38 -23.81 59.18
N VAL BC 66 4.37 -23.74 60.02
CA VAL BC 66 4.53 -23.99 61.45
C VAL BC 66 4.05 -25.40 61.75
N LEU BC 67 4.56 -25.96 62.84
CA LEU BC 67 4.35 -27.35 63.19
C LEU BC 67 3.60 -27.46 64.51
N ARG BC 68 2.62 -28.36 64.52
CA ARG BC 68 1.91 -28.72 65.75
C ARG BC 68 2.65 -29.88 66.40
N LEU BC 69 3.14 -29.67 67.62
CA LEU BC 69 3.86 -30.67 68.39
C LEU BC 69 2.95 -31.19 69.49
N GLU BC 70 2.70 -32.49 69.50
CA GLU BC 70 1.87 -33.15 70.49
C GLU BC 70 2.74 -34.09 71.32
N CYS BC 71 2.50 -34.12 72.62
CA CYS BC 71 3.25 -35.04 73.49
C CYS BC 71 2.80 -36.48 73.24
N VAL BC 72 3.77 -37.37 73.05
CA VAL BC 72 3.45 -38.76 72.76
C VAL BC 72 2.96 -39.50 74.00
N GLU BC 73 3.49 -39.14 75.18
CA GLU BC 73 3.18 -39.84 76.41
C GLU BC 73 1.71 -39.66 76.81
N PRO BC 74 1.10 -40.69 77.39
CA PRO BC 74 -0.31 -40.58 77.78
C PRO BC 74 -0.51 -39.63 78.95
N ASN BC 75 -1.77 -39.27 79.15
CA ASN BC 75 -2.36 -38.32 80.11
C ASN BC 75 -1.57 -37.03 80.31
N CYS BC 76 -0.91 -36.57 79.24
CA CYS BC 76 -0.30 -35.24 79.19
C CYS BC 76 -0.95 -34.38 78.12
N ARG BC 77 -0.93 -34.85 76.86
CA ARG BC 77 -1.66 -34.27 75.72
C ARG BC 77 -1.29 -32.82 75.46
N SER BC 78 -0.04 -32.45 75.76
CA SER BC 78 0.41 -31.08 75.57
C SER BC 78 0.63 -30.83 74.08
N LYS BC 79 -0.05 -29.82 73.55
CA LYS BC 79 0.08 -29.42 72.15
C LYS BC 79 0.61 -27.99 72.12
N ARG BC 80 1.63 -27.75 71.30
CA ARG BC 80 2.07 -26.38 71.09
C ARG BC 80 2.62 -26.24 69.68
N MET BC 81 3.20 -25.08 69.38
CA MET BC 81 3.56 -24.72 68.02
C MET BC 81 5.04 -24.38 67.91
N LEU BC 82 5.64 -24.74 66.78
CA LEU BC 82 7.01 -24.35 66.48
C LEU BC 82 7.03 -23.69 65.10
N ALA BC 83 7.77 -22.59 64.99
CA ALA BC 83 7.79 -21.79 63.77
C ALA BC 83 9.09 -22.02 63.01
N ILE BC 84 8.98 -22.25 61.70
CA ILE BC 84 10.12 -22.39 60.82
C ILE BC 84 10.02 -21.24 59.81
N LYS BC 85 11.16 -20.91 59.19
CA LYS BC 85 11.21 -19.88 58.16
C LYS BC 85 10.41 -20.29 56.92
N ARG BC 86 10.25 -19.33 56.01
CA ARG BC 86 9.40 -19.51 54.84
C ARG BC 86 10.04 -20.50 53.86
N CYS BC 87 9.26 -21.46 53.40
CA CYS BC 87 9.74 -22.45 52.44
C CYS BC 87 8.68 -22.71 51.39
N LYS BC 88 9.14 -22.97 50.16
CA LYS BC 88 8.24 -23.26 49.06
C LYS BC 88 7.78 -24.71 49.09
N HIS BC 89 8.73 -25.64 48.98
CA HIS BC 89 8.44 -27.07 49.02
C HIS BC 89 8.53 -27.57 50.46
N PHE BC 90 7.65 -28.50 50.80
CA PHE BC 90 7.59 -29.04 52.16
C PHE BC 90 7.31 -30.53 52.09
N GLU BC 91 8.29 -31.34 52.47
CA GLU BC 91 8.07 -32.77 52.66
C GLU BC 91 7.60 -33.00 54.09
N LEU BC 92 6.67 -33.95 54.26
CA LEU BC 92 6.00 -34.08 55.55
C LEU BC 92 6.87 -34.80 56.58
N GLY BC 93 7.19 -36.07 56.33
CA GLY BC 93 8.00 -36.81 57.28
C GLY BC 93 8.90 -37.88 56.70
N GLY BC 94 8.98 -37.99 55.38
CA GLY BC 94 9.61 -39.12 54.73
C GLY BC 94 10.73 -38.73 53.77
N ASP BC 95 11.24 -39.76 53.10
CA ASP BC 95 12.25 -39.67 52.03
C ASP BC 95 13.55 -39.04 52.55
N LYS BC 96 14.18 -39.73 53.49
CA LYS BC 96 15.52 -39.35 53.92
C LYS BC 96 16.54 -39.75 52.85
N LYS BC 97 17.65 -39.02 52.83
CA LYS BC 97 18.62 -39.14 51.75
C LYS BC 97 19.93 -39.72 52.26
N ARG BC 98 20.76 -40.18 51.31
CA ARG BC 98 22.08 -40.71 51.58
C ARG BC 98 23.10 -40.05 50.67
N LYS BC 99 24.37 -40.12 51.05
CA LYS BC 99 25.42 -39.46 50.31
C LYS BC 99 26.06 -40.37 49.25
N GLY BC 100 26.27 -41.64 49.58
CA GLY BC 100 26.90 -42.57 48.66
C GLY BC 100 25.98 -43.21 47.65
N GLN BC 101 24.73 -42.80 47.58
CA GLN BC 101 23.76 -43.40 46.67
C GLN BC 101 24.00 -42.90 45.25
N VAL BC 102 23.89 -43.82 44.28
CA VAL BC 102 24.00 -43.47 42.87
C VAL BC 102 22.70 -42.82 42.42
N ILE BC 103 22.70 -42.23 41.23
CA ILE BC 103 21.53 -41.58 40.66
C ILE BC 103 21.10 -42.42 39.47
N GLN BC 104 20.03 -43.19 39.66
CA GLN BC 104 19.53 -44.09 38.62
C GLN BC 104 18.43 -43.45 37.79
N PHE BC 105 17.69 -42.49 38.38
CA PHE BC 105 16.51 -41.79 37.82
C PHE BC 105 15.52 -42.63 37.00
N ALA CC 1 -47.62 14.70 -31.01
CA ALA CC 1 -46.35 14.03 -31.27
C ALA CC 1 -45.83 13.33 -30.02
N LYS CC 2 -45.15 12.20 -30.22
CA LYS CC 2 -44.56 11.46 -29.10
C LYS CC 2 -43.32 12.20 -28.63
N ARG CC 3 -43.47 12.94 -27.54
CA ARG CC 3 -42.40 13.80 -27.04
C ARG CC 3 -41.43 13.06 -26.13
N THR CC 4 -41.92 12.10 -25.34
CA THR CC 4 -41.08 11.28 -24.49
C THR CC 4 -41.20 9.83 -24.92
N LYS CC 5 -40.07 9.12 -24.94
CA LYS CC 5 -40.05 7.75 -25.42
C LYS CC 5 -39.90 6.70 -24.32
N LYS CC 6 -39.37 7.07 -23.15
CA LYS CC 6 -39.19 6.08 -22.10
C LYS CC 6 -39.78 6.49 -20.77
N VAL CC 7 -39.73 7.78 -20.41
CA VAL CC 7 -40.16 8.17 -19.09
C VAL CC 7 -41.67 8.20 -18.94
N GLY CC 8 -42.39 8.56 -20.00
CA GLY CC 8 -43.85 8.63 -19.95
C GLY CC 8 -44.39 9.67 -19.01
N ILE CC 9 -45.18 9.23 -18.03
CA ILE CC 9 -45.75 10.15 -17.05
C ILE CC 9 -44.70 10.60 -16.03
N VAL CC 10 -43.58 9.90 -15.93
CA VAL CC 10 -42.60 10.16 -14.87
C VAL CC 10 -41.69 11.33 -15.23
N GLY CC 11 -41.80 11.84 -16.46
CA GLY CC 11 -41.02 13.01 -16.90
C GLY CC 11 -41.31 14.29 -16.14
N LYS CC 12 -42.38 14.34 -15.36
CA LYS CC 12 -42.61 15.45 -14.45
C LYS CC 12 -41.58 15.50 -13.33
N TYR CC 13 -40.94 14.37 -13.00
CA TYR CC 13 -39.87 14.37 -12.02
C TYR CC 13 -38.57 14.86 -12.66
N GLY CC 14 -38.06 14.13 -13.64
CA GLY CC 14 -36.88 14.57 -14.34
C GLY CC 14 -35.74 13.58 -14.28
N THR CC 15 -34.61 14.02 -13.73
CA THR CC 15 -33.39 13.23 -13.72
C THR CC 15 -33.17 12.48 -12.42
N ARG CC 16 -34.05 12.62 -11.45
CA ARG CC 16 -33.79 12.19 -10.09
C ARG CC 16 -34.42 10.84 -9.76
N TYR CC 17 -33.80 10.19 -8.76
CA TYR CC 17 -34.32 9.01 -8.06
C TYR CC 17 -34.37 7.75 -8.91
N GLY CC 18 -33.42 7.57 -9.81
CA GLY CC 18 -33.15 6.25 -10.37
C GLY CC 18 -34.07 5.72 -11.46
N ALA CC 19 -33.47 5.07 -12.45
CA ALA CC 19 -34.23 4.57 -13.59
C ALA CC 19 -35.15 3.41 -13.18
N SER CC 20 -34.67 2.52 -12.32
CA SER CC 20 -35.49 1.38 -11.92
C SER CC 20 -36.64 1.80 -11.01
N LEU CC 21 -36.39 2.77 -10.13
CA LEU CC 21 -37.46 3.27 -9.27
C LEU CC 21 -38.50 4.04 -10.08
N ARG CC 22 -38.06 4.83 -11.06
CA ARG CC 22 -39.01 5.53 -11.92
C ARG CC 22 -39.80 4.55 -12.79
N LYS CC 23 -39.15 3.48 -13.24
CA LYS CC 23 -39.86 2.47 -14.04
C LYS CC 23 -40.88 1.71 -13.19
N MET CC 24 -40.57 1.48 -11.91
CA MET CC 24 -41.51 0.79 -11.04
C MET CC 24 -42.66 1.69 -10.60
N VAL CC 25 -42.41 3.01 -10.51
CA VAL CC 25 -43.48 3.95 -10.18
C VAL CC 25 -44.36 4.27 -11.39
N LYS CC 26 -43.84 4.08 -12.62
CA LYS CC 26 -44.56 4.43 -13.84
C LYS CC 26 -45.88 3.65 -13.99
N LYS CC 27 -45.83 2.34 -13.76
CA LYS CC 27 -47.00 1.49 -13.99
C LYS CC 27 -48.12 1.80 -13.00
N ILE CC 28 -47.77 2.02 -11.73
CA ILE CC 28 -48.79 2.33 -10.74
C ILE CC 28 -49.25 3.79 -10.82
N GLU CC 29 -48.46 4.70 -11.37
CA GLU CC 29 -48.99 6.04 -11.64
C GLU CC 29 -49.98 6.02 -12.79
N ILE CC 30 -49.70 5.23 -13.82
CA ILE CC 30 -50.69 5.03 -14.90
C ILE CC 30 -51.95 4.37 -14.35
N SER CC 31 -51.78 3.42 -13.43
CA SER CC 31 -52.93 2.73 -12.83
C SER CC 31 -53.77 3.65 -11.95
N GLN CC 32 -53.12 4.57 -11.23
CA GLN CC 32 -53.91 5.47 -10.39
C GLN CC 32 -54.47 6.67 -11.15
N HIS CC 33 -53.90 7.03 -12.29
CA HIS CC 33 -54.39 8.17 -13.05
C HIS CC 33 -55.25 7.77 -14.24
N ALA CC 34 -55.41 6.47 -14.50
CA ALA CC 34 -56.31 6.01 -15.55
C ALA CC 34 -57.72 5.90 -15.02
N LYS CC 35 -58.69 6.33 -15.82
CA LYS CC 35 -60.10 6.19 -15.48
C LYS CC 35 -60.55 4.76 -15.71
N TYR CC 36 -61.37 4.25 -14.80
CA TYR CC 36 -61.82 2.86 -14.85
C TYR CC 36 -63.30 2.80 -15.19
N THR CC 37 -63.69 1.71 -15.84
CA THR CC 37 -65.08 1.50 -16.23
C THR CC 37 -65.90 1.14 -14.99
N CYS CC 38 -66.91 1.96 -14.69
CA CYS CC 38 -67.77 1.70 -13.55
C CYS CC 38 -68.67 0.49 -13.83
N SER CC 39 -68.76 -0.41 -12.85
CA SER CC 39 -69.59 -1.60 -12.99
C SER CC 39 -71.05 -1.34 -12.67
N PHE CC 40 -71.39 -0.16 -12.18
CA PHE CC 40 -72.76 0.16 -11.78
C PHE CC 40 -73.48 0.99 -12.84
N CYS CC 41 -72.91 2.14 -13.21
CA CYS CC 41 -73.54 2.99 -14.21
C CYS CC 41 -73.07 2.69 -15.63
N GLY CC 42 -72.04 1.87 -15.79
CA GLY CC 42 -71.55 1.52 -17.10
C GLY CC 42 -70.65 2.54 -17.76
N LYS CC 43 -70.40 3.67 -17.11
CA LYS CC 43 -69.56 4.71 -17.68
C LYS CC 43 -68.10 4.43 -17.34
N THR CC 44 -67.22 5.37 -17.65
CA THR CC 44 -65.80 5.25 -17.34
C THR CC 44 -65.37 6.41 -16.44
N LYS CC 45 -66.17 6.71 -15.42
CA LYS CC 45 -65.98 7.90 -14.60
C LYS CC 45 -65.44 7.60 -13.21
N MET CC 46 -64.72 6.50 -13.04
CA MET CC 46 -64.10 6.18 -11.75
C MET CC 46 -62.95 7.15 -11.48
N LYS CC 47 -63.23 8.18 -10.70
CA LYS CC 47 -62.23 9.16 -10.31
C LYS CC 47 -61.58 8.71 -9.02
N ARG CC 48 -60.27 8.90 -8.91
CA ARG CC 48 -59.52 8.44 -7.76
C ARG CC 48 -59.74 9.38 -6.58
N ARG CC 49 -60.26 8.85 -5.49
CA ARG CC 49 -60.35 9.51 -4.20
C ARG CC 49 -59.05 9.17 -3.45
N ALA CC 50 -58.99 9.33 -2.13
CA ALA CC 50 -57.84 8.91 -1.34
C ALA CC 50 -57.61 7.40 -1.43
N VAL CC 51 -56.49 6.96 -0.84
CA VAL CC 51 -55.97 5.61 -1.03
C VAL CC 51 -56.93 4.58 -0.43
N GLY CC 52 -57.31 3.61 -1.25
CA GLY CC 52 -58.30 2.62 -0.91
C GLY CC 52 -59.70 2.94 -1.38
N ILE CC 53 -59.96 4.19 -1.77
CA ILE CC 53 -61.31 4.65 -2.11
C ILE CC 53 -61.35 4.99 -3.59
N TRP CC 54 -62.33 4.45 -4.30
CA TRP CC 54 -62.60 4.84 -5.67
C TRP CC 54 -64.01 5.40 -5.77
N HIS CC 55 -64.21 6.30 -6.73
CA HIS CC 55 -65.44 7.09 -6.80
C HIS CC 55 -65.84 7.28 -8.24
N CYS CC 56 -67.02 6.77 -8.62
CA CYS CC 56 -67.55 7.00 -9.95
C CYS CC 56 -68.24 8.37 -10.00
N GLY CC 57 -68.08 9.05 -11.14
CA GLY CC 57 -68.58 10.41 -11.24
C GLY CC 57 -70.09 10.46 -11.32
N SER CC 58 -70.68 9.71 -12.26
CA SER CC 58 -72.12 9.59 -12.32
C SER CC 58 -72.62 8.70 -11.19
N CYS CC 59 -73.83 9.02 -10.70
CA CYS CC 59 -74.63 8.33 -9.69
C CYS CC 59 -74.00 8.22 -8.31
N MET CC 60 -72.78 8.76 -8.14
CA MET CC 60 -72.14 9.04 -6.84
C MET CC 60 -72.00 7.80 -5.96
N LYS CC 61 -71.77 6.63 -6.54
CA LYS CC 61 -71.69 5.39 -5.78
C LYS CC 61 -70.23 5.11 -5.45
N THR CC 62 -69.84 5.40 -4.22
CA THR CC 62 -68.44 5.30 -3.82
C THR CC 62 -68.13 3.85 -3.44
N VAL CC 63 -67.01 3.34 -3.94
CA VAL CC 63 -66.64 1.94 -3.77
C VAL CC 63 -65.28 1.88 -3.07
N ALA CC 64 -65.10 0.85 -2.24
CA ALA CC 64 -63.84 0.62 -1.54
C ALA CC 64 -63.00 -0.34 -2.37
N GLY CC 65 -62.02 0.19 -3.09
CA GLY CC 65 -61.20 -0.58 -3.98
C GLY CC 65 -59.79 -0.77 -3.46
N GLY CC 66 -58.89 -1.12 -4.37
CA GLY CC 66 -57.50 -1.30 -4.03
C GLY CC 66 -56.80 0.02 -3.79
N ALA CC 67 -55.52 -0.08 -3.40
CA ALA CC 67 -54.76 1.11 -3.09
C ALA CC 67 -54.31 1.86 -4.33
N TRP CC 68 -54.03 1.15 -5.43
CA TRP CC 68 -53.55 1.78 -6.65
C TRP CC 68 -54.31 1.34 -7.90
N THR CC 69 -55.06 0.25 -7.86
CA THR CC 69 -55.91 -0.20 -8.94
C THR CC 69 -57.35 -0.27 -8.45
N TYR CC 70 -58.27 -0.61 -9.36
CA TYR CC 70 -59.66 -0.75 -8.98
C TYR CC 70 -59.94 -2.10 -8.33
N ASN CC 71 -59.29 -3.15 -8.81
CA ASN CC 71 -59.42 -4.48 -8.23
C ASN CC 71 -58.05 -5.12 -8.12
N THR CC 72 -57.71 -5.60 -6.93
CA THR CC 72 -56.50 -6.38 -6.74
C THR CC 72 -56.77 -7.81 -7.18
N THR CC 73 -55.76 -8.44 -7.81
CA THR CC 73 -55.88 -9.84 -8.20
C THR CC 73 -56.05 -10.74 -6.99
N SER CC 74 -55.36 -10.41 -5.89
CA SER CC 74 -55.59 -11.09 -4.62
C SER CC 74 -57.01 -10.88 -4.12
N ALA CC 75 -57.58 -9.70 -4.36
CA ALA CC 75 -58.96 -9.44 -3.94
C ALA CC 75 -59.96 -10.23 -4.77
N VAL CC 76 -59.68 -10.41 -6.06
CA VAL CC 76 -60.54 -11.23 -6.90
C VAL CC 76 -60.45 -12.70 -6.48
N THR CC 77 -59.25 -13.15 -6.09
CA THR CC 77 -59.08 -14.50 -5.57
C THR CC 77 -59.84 -14.70 -4.26
N VAL CC 78 -59.80 -13.69 -3.38
CA VAL CC 78 -60.55 -13.75 -2.12
C VAL CC 78 -62.05 -13.76 -2.37
N LYS CC 79 -62.53 -12.96 -3.34
CA LYS CC 79 -63.95 -12.93 -3.66
C LYS CC 79 -64.43 -14.26 -4.25
N SER CC 80 -63.60 -14.89 -5.10
CA SER CC 80 -63.92 -16.20 -5.64
C SER CC 80 -63.94 -17.26 -4.54
N ALA CC 81 -63.01 -17.18 -3.58
CA ALA CC 81 -63.01 -18.13 -2.48
C ALA CC 81 -64.20 -17.92 -1.55
N ILE CC 82 -64.63 -16.67 -1.36
CA ILE CC 82 -65.76 -16.40 -0.49
C ILE CC 82 -67.06 -16.87 -1.12
N ARG CC 83 -67.24 -16.69 -2.43
CA ARG CC 83 -68.45 -17.23 -3.06
C ARG CC 83 -68.41 -18.76 -3.16
N ARG CC 84 -67.21 -19.33 -3.29
CA ARG CC 84 -67.10 -20.79 -3.30
C ARG CC 84 -67.46 -21.39 -1.94
N LEU CC 85 -66.95 -20.79 -0.86
CA LEU CC 85 -67.34 -21.24 0.47
C LEU CC 85 -68.76 -20.86 0.83
N LYS CC 86 -69.35 -19.89 0.14
CA LYS CC 86 -70.77 -19.61 0.28
C LYS CC 86 -71.60 -20.74 -0.27
N GLU CC 87 -71.47 -21.01 -1.57
CA GLU CC 87 -72.27 -22.08 -2.18
C GLU CC 87 -71.69 -23.49 -1.97
N LEU CC 88 -70.68 -23.66 -1.12
CA LEU CC 88 -70.19 -24.99 -0.79
C LEU CC 88 -71.08 -25.60 0.29
N LYS CC 89 -72.01 -26.45 -0.15
CA LYS CC 89 -72.84 -27.35 0.68
C LYS CC 89 -73.73 -26.59 1.68
N ASP CC 90 -74.02 -25.32 1.39
CA ASP CC 90 -74.87 -24.44 2.21
C ASP CC 90 -74.36 -24.34 3.65
N GLN CC 91 -73.15 -23.78 3.77
CA GLN CC 91 -72.44 -23.56 5.03
C GLN CC 91 -72.24 -24.84 5.86
N SER DC 1 4.49 51.91 111.29
CA SER DC 1 3.66 51.72 110.11
C SER DC 1 3.93 52.81 109.08
N ALA DC 2 4.96 53.62 109.35
CA ALA DC 2 5.31 54.70 108.44
C ALA DC 2 5.86 54.19 107.11
N HIS DC 3 6.58 53.07 107.15
CA HIS DC 3 7.08 52.50 105.90
C HIS DC 3 5.96 51.84 105.09
N LEU DC 4 4.97 51.26 105.76
CA LEU DC 4 3.76 50.81 105.06
C LEU DC 4 3.02 51.98 104.42
N GLN DC 5 2.90 53.09 105.16
CA GLN DC 5 2.25 54.27 104.61
C GLN DC 5 3.02 54.83 103.43
N TRP DC 6 4.36 54.77 103.47
CA TRP DC 6 5.13 55.24 102.32
C TRP DC 6 4.99 54.30 101.13
N MET DC 7 5.03 52.98 101.36
CA MET DC 7 4.90 52.04 100.26
C MET DC 7 3.50 52.02 99.65
N VAL DC 8 2.49 52.53 100.37
CA VAL DC 8 1.19 52.72 99.74
C VAL DC 8 1.08 54.09 99.08
N VAL DC 9 1.58 55.16 99.70
CA VAL DC 9 1.37 56.52 99.20
C VAL DC 9 2.27 56.84 98.01
N ARG DC 10 3.44 56.18 97.89
CA ARG DC 10 4.42 56.49 96.85
C ARG DC 10 3.94 56.22 95.43
N ASN DC 11 2.78 55.58 95.27
CA ASN DC 11 2.06 55.55 94.01
C ASN DC 11 0.59 55.61 94.38
N CYS DC 12 -0.27 55.65 93.34
CA CYS DC 12 -1.73 55.49 93.42
C CYS DC 12 -2.40 56.41 94.44
N SER DC 13 -1.87 57.62 94.60
CA SER DC 13 -2.40 58.60 95.53
C SER DC 13 -3.01 59.77 94.76
N SER DC 14 -3.63 60.70 95.49
CA SER DC 14 -4.16 61.93 94.90
C SER DC 14 -3.14 63.05 94.98
N PHE DC 15 -1.92 62.72 94.59
CA PHE DC 15 -0.75 63.58 94.53
C PHE DC 15 0.09 63.03 93.38
N LEU DC 16 1.39 63.34 93.40
CA LEU DC 16 2.40 62.69 92.54
C LEU DC 16 2.09 62.93 91.05
N ILE DC 17 2.26 64.19 90.66
CA ILE DC 17 2.02 64.56 89.27
C ILE DC 17 3.17 64.00 88.43
N LYS DC 18 2.93 62.84 87.82
CA LYS DC 18 3.90 62.22 86.91
C LYS DC 18 3.60 62.59 85.47
N ARG DC 19 3.45 63.88 85.18
CA ARG DC 19 2.95 64.33 83.89
C ARG DC 19 4.13 64.81 83.06
N ASN DC 20 4.69 63.88 82.27
CA ASN DC 20 5.71 64.06 81.23
C ASN DC 20 7.06 64.54 81.74
N LYS DC 21 7.22 64.77 83.05
CA LYS DC 21 8.41 65.36 83.64
C LYS DC 21 8.62 64.74 85.01
N GLN DC 22 9.40 65.43 85.85
CA GLN DC 22 9.70 64.97 87.20
C GLN DC 22 8.44 64.95 88.08
N THR DC 23 8.57 64.27 89.21
CA THR DC 23 7.44 64.02 90.11
C THR DC 23 7.34 65.10 91.18
N TYR DC 24 6.15 65.67 91.33
CA TYR DC 24 5.86 66.68 92.35
C TYR DC 24 4.75 66.18 93.24
N SER DC 25 4.92 66.33 94.55
CA SER DC 25 3.93 65.84 95.50
C SER DC 25 2.77 66.83 95.68
N THR DC 26 3.11 68.09 95.97
CA THR DC 26 2.29 69.30 96.11
C THR DC 26 1.49 69.32 97.43
N GLU DC 27 1.30 68.14 98.07
CA GLU DC 27 1.48 67.81 99.49
C GLU DC 27 1.25 68.97 100.45
N PRO DC 28 0.01 69.28 100.85
CA PRO DC 28 -0.29 70.56 101.52
C PRO DC 28 0.45 70.82 102.85
N ASN DC 29 1.20 69.87 103.39
CA ASN DC 29 2.21 70.13 104.42
C ASN DC 29 3.50 69.48 103.93
N ASN DC 30 4.43 70.30 103.43
CA ASN DC 30 5.67 69.79 102.86
C ASN DC 30 6.70 70.90 102.84
N LEU DC 31 7.97 70.51 102.68
CA LEU DC 31 9.07 71.46 102.57
C LEU DC 31 9.77 71.44 101.22
N LYS DC 32 9.82 70.32 100.53
CA LYS DC 32 10.36 70.26 99.18
C LYS DC 32 9.36 69.58 98.28
N ALA DC 33 9.35 69.99 97.00
CA ALA DC 33 8.35 69.49 96.06
C ALA DC 33 8.59 68.05 95.64
N ARG DC 34 9.77 67.49 95.91
CA ARG DC 34 10.06 66.12 95.52
C ARG DC 34 9.30 65.15 96.41
N ASN DC 35 8.56 64.23 95.78
CA ASN DC 35 7.86 63.19 96.52
C ASN DC 35 8.89 62.15 96.92
N SER DC 36 9.53 62.38 98.05
CA SER DC 36 10.55 61.49 98.59
C SER DC 36 10.13 61.01 99.96
N PHE DC 37 11.00 60.20 100.58
CA PHE DC 37 10.69 59.70 101.91
C PHE DC 37 11.18 60.61 103.01
N ARG DC 38 12.38 61.18 102.87
CA ARG DC 38 12.93 62.06 103.90
C ARG DC 38 12.25 63.42 103.93
N TYR DC 39 11.49 63.78 102.89
CA TYR DC 39 10.79 65.06 102.82
C TYR DC 39 9.31 64.73 102.66
N ASN DC 40 8.61 64.57 103.79
CA ASN DC 40 7.22 64.12 103.74
C ASN DC 40 6.53 64.59 105.01
N GLY DC 41 5.36 65.22 104.85
CA GLY DC 41 4.65 65.84 105.96
C GLY DC 41 3.35 65.21 106.37
N LEU DC 42 2.97 64.05 105.82
CA LEU DC 42 1.76 63.37 106.22
C LEU DC 42 2.00 62.02 106.86
N ILE DC 43 3.13 61.39 106.57
CA ILE DC 43 3.37 60.01 106.97
C ILE DC 43 4.14 59.91 108.28
N HIS DC 44 5.18 60.73 108.45
CA HIS DC 44 6.06 60.60 109.61
C HIS DC 44 5.36 61.02 110.90
N ARG DC 45 5.84 60.45 112.01
CA ARG DC 45 5.35 60.81 113.33
C ARG DC 45 5.81 62.21 113.74
N LYS DC 46 6.84 62.73 113.09
CA LYS DC 46 7.37 64.06 113.36
C LYS DC 46 7.51 64.76 112.02
N THR DC 47 6.72 65.80 111.77
CA THR DC 47 6.72 66.49 110.48
C THR DC 47 6.83 68.00 110.69
N VAL DC 48 7.58 68.65 109.79
CA VAL DC 48 7.82 70.09 109.81
C VAL DC 48 7.33 70.67 108.48
N GLY DC 49 6.69 71.83 108.53
CA GLY DC 49 6.36 72.56 107.32
C GLY DC 49 6.26 74.04 107.58
N VAL DC 50 6.54 74.83 106.55
CA VAL DC 50 6.35 76.28 106.63
C VAL DC 50 5.41 76.70 105.50
N GLU DC 51 4.59 77.69 105.78
CA GLU DC 51 3.50 78.14 104.92
C GLU DC 51 3.42 79.66 105.02
N PRO DC 52 2.84 80.32 104.01
CA PRO DC 52 2.62 81.77 104.14
C PRO DC 52 1.50 82.06 105.11
N ALA DC 53 1.62 83.21 105.79
CA ALA DC 53 0.60 83.62 106.74
C ALA DC 53 -0.65 84.11 106.01
N ALA DC 54 -1.80 83.91 106.64
CA ALA DC 54 -3.06 84.34 106.06
C ALA DC 54 -3.23 85.85 106.08
N ASP DC 55 -2.53 86.55 106.97
CA ASP DC 55 -2.59 88.00 107.04
C ASP DC 55 -1.72 88.67 105.99
N GLY DC 56 -0.88 87.91 105.27
CA GLY DC 56 0.00 88.46 104.28
C GLY DC 56 1.35 88.91 104.80
N LYS DC 57 1.51 89.05 106.11
CA LYS DC 57 2.77 89.45 106.73
C LYS DC 57 3.22 88.34 107.65
N GLY DC 58 4.40 87.80 107.40
CA GLY DC 58 4.98 86.78 108.24
C GLY DC 58 4.86 85.39 107.64
N VAL DC 59 5.46 84.43 108.34
CA VAL DC 59 5.50 83.03 107.95
C VAL DC 59 4.88 82.22 109.08
N VAL DC 60 4.01 81.28 108.74
CA VAL DC 60 3.49 80.35 109.74
C VAL DC 60 4.23 79.03 109.61
N VAL DC 61 4.42 78.37 110.74
CA VAL DC 61 5.13 77.10 110.82
C VAL DC 61 4.19 76.07 111.43
N VAL DC 62 4.01 74.96 110.72
CA VAL DC 62 3.12 73.88 111.13
C VAL DC 62 4.00 72.69 111.48
N ILE DC 63 3.99 72.29 112.75
CA ILE DC 63 4.79 71.15 113.20
C ILE DC 63 3.85 70.15 113.87
N LYS DC 64 4.15 68.86 113.68
CA LYS DC 64 3.29 67.82 114.22
C LYS DC 64 3.51 67.68 115.72
N ARG DC 65 2.41 67.41 116.44
CA ARG DC 65 2.44 67.41 117.90
C ARG DC 65 3.21 66.23 118.46
N ARG DC 66 3.00 65.04 117.87
CA ARG DC 66 3.63 63.74 118.16
C ARG DC 66 3.13 63.13 119.47
N SER DC 67 2.36 63.91 120.25
CA SER DC 67 1.78 63.36 121.47
C SER DC 67 0.50 62.60 121.19
N GLY DC 68 -0.19 62.92 120.09
CA GLY DC 68 -1.41 62.22 119.74
C GLY DC 68 -1.52 61.91 118.27
N GLN DC 69 -1.62 60.63 117.94
CA GLN DC 69 -1.79 60.19 116.56
C GLN DC 69 -3.25 59.85 116.30
N ARG DC 70 -3.59 59.80 115.01
CA ARG DC 70 -4.95 59.52 114.50
C ARG DC 70 -5.98 60.51 115.02
N LYS DC 71 -5.56 61.74 115.30
CA LYS DC 71 -6.44 62.79 115.81
C LYS DC 71 -6.03 64.09 115.14
N PRO DC 72 -6.43 64.29 113.90
CA PRO DC 72 -5.83 65.36 113.08
C PRO DC 72 -6.31 66.76 113.42
N ALA DC 73 -7.31 66.91 114.28
CA ALA DC 73 -7.72 68.25 114.69
C ALA DC 73 -6.69 68.88 115.63
N THR DC 74 -5.97 68.05 116.40
CA THR DC 74 -4.94 68.53 117.30
C THR DC 74 -3.56 68.00 116.92
N SER DC 75 -3.44 67.29 115.81
CA SER DC 75 -2.16 66.67 115.45
C SER DC 75 -1.15 67.68 114.89
N TYR DC 76 -1.60 68.85 114.46
CA TYR DC 76 -0.71 69.87 113.91
C TYR DC 76 -0.83 71.13 114.74
N VAL DC 77 0.28 71.59 115.31
CA VAL DC 77 0.31 72.85 116.05
C VAL DC 77 1.03 73.90 115.19
N ARG DC 78 0.47 75.10 115.17
CA ARG DC 78 0.91 76.16 114.28
C ARG DC 78 1.47 77.33 115.08
N THR DC 79 2.38 78.08 114.46
CA THR DC 79 2.86 79.32 115.05
C THR DC 79 3.04 80.36 113.94
N THR DC 80 2.94 81.63 114.32
CA THR DC 80 3.01 82.75 113.38
C THR DC 80 4.20 83.60 113.77
N ILE DC 81 5.18 83.72 112.88
CA ILE DC 81 6.38 84.49 113.16
C ILE DC 81 6.48 85.61 112.13
N ASN DC 82 6.61 86.85 112.62
CA ASN DC 82 6.73 88.04 111.78
C ASN DC 82 7.91 88.84 112.31
N LYS DC 83 9.09 88.57 111.77
CA LYS DC 83 10.34 89.23 112.19
C LYS DC 83 11.11 89.66 110.95
N ASN DC 84 12.28 90.25 111.17
CA ASN DC 84 13.06 90.88 110.09
C ASN DC 84 14.02 89.91 109.41
N ALA DC 85 13.49 88.73 109.09
CA ALA DC 85 14.02 87.63 108.29
C ALA DC 85 15.23 86.91 108.89
N ARG DC 86 16.05 87.61 109.67
CA ARG DC 86 17.20 86.97 110.25
C ARG DC 86 16.87 86.43 111.62
N ALA DC 87 16.07 87.19 112.37
CA ALA DC 87 15.59 86.71 113.66
C ALA DC 87 14.69 85.50 113.49
N THR DC 88 13.86 85.47 112.43
CA THR DC 88 13.04 84.28 112.23
C THR DC 88 13.81 83.13 111.59
N LEU DC 89 14.87 83.43 110.82
CA LEU DC 89 15.69 82.33 110.31
C LEU DC 89 16.49 81.69 111.45
N SER DC 90 17.02 82.50 112.36
CA SER DC 90 17.66 81.97 113.56
C SER DC 90 16.65 81.30 114.47
N SER DC 91 15.40 81.78 114.48
CA SER DC 91 14.36 81.16 115.31
C SER DC 91 14.02 79.76 114.82
N ILE DC 92 13.88 79.57 113.51
CA ILE DC 92 13.61 78.23 113.01
C ILE DC 92 14.86 77.35 113.12
N ARG DC 93 16.06 77.95 113.04
CA ARG DC 93 17.29 77.19 113.28
C ARG DC 93 17.36 76.68 114.72
N HIS DC 94 17.08 77.54 115.70
CA HIS DC 94 17.11 77.08 117.09
C HIS DC 94 15.98 76.10 117.38
N MET DC 95 14.82 76.28 116.75
CA MET DC 95 13.69 75.40 116.97
C MET DC 95 13.94 74.00 116.41
N ILE DC 96 14.70 73.90 115.33
CA ILE DC 96 15.02 72.58 114.78
C ILE DC 96 16.28 71.99 115.40
N ARG DC 97 17.33 72.79 115.63
CA ARG DC 97 18.58 72.26 116.16
C ARG DC 97 18.46 71.91 117.64
N LYS DC 98 17.99 72.85 118.47
CA LYS DC 98 18.04 72.66 119.92
C LYS DC 98 17.03 71.64 120.43
N ASN DC 99 16.09 71.20 119.59
CA ASN DC 99 15.25 70.07 119.91
C ASN DC 99 15.73 68.82 119.19
N LYS DC 100 15.22 67.67 119.63
CA LYS DC 100 15.37 66.42 118.92
C LYS DC 100 14.52 66.38 117.65
N TYR DC 101 13.56 67.30 117.54
CA TYR DC 101 12.50 67.25 116.53
C TYR DC 101 13.06 67.48 115.14
N ARG DC 102 13.17 66.39 114.36
CA ARG DC 102 13.62 66.32 112.97
C ARG DC 102 14.98 66.94 112.72
N PRO DC 103 16.09 66.26 113.07
CA PRO DC 103 17.41 66.76 112.67
C PRO DC 103 17.62 66.75 111.16
N ASP DC 104 16.88 65.93 110.42
CA ASP DC 104 16.83 66.00 108.98
C ASP DC 104 15.97 67.20 108.56
N LEU DC 105 16.04 67.55 107.25
CA LEU DC 105 15.26 68.62 106.58
C LEU DC 105 15.38 69.99 107.26
N ARG DC 106 16.47 70.20 108.00
CA ARG DC 106 16.88 71.53 108.47
C ARG DC 106 16.97 72.49 107.30
N MET DC 107 17.81 72.16 106.33
CA MET DC 107 18.01 73.02 105.17
C MET DC 107 16.77 73.13 104.31
N ALA DC 108 15.91 72.10 104.31
CA ALA DC 108 14.64 72.20 103.58
C ALA DC 108 13.75 73.30 104.16
N ALA DC 109 13.56 73.28 105.50
CA ALA DC 109 12.76 74.30 106.15
C ALA DC 109 13.40 75.69 106.00
N ILE DC 110 14.73 75.75 106.11
CA ILE DC 110 15.44 77.03 106.04
C ILE DC 110 15.36 77.63 104.64
N ARG DC 111 15.59 76.82 103.60
CA ARG DC 111 15.52 77.33 102.23
C ARG DC 111 14.11 77.72 101.84
N ARG DC 112 13.09 76.97 102.27
CA ARG DC 112 11.73 77.37 101.91
C ARG DC 112 11.31 78.64 102.65
N ALA DC 113 11.70 78.78 103.92
CA ALA DC 113 11.39 80.01 104.65
C ALA DC 113 12.12 81.21 104.06
N SER DC 114 13.37 81.01 103.62
CA SER DC 114 14.14 82.10 103.04
C SER DC 114 13.59 82.50 101.68
N ALA DC 115 13.17 81.53 100.87
CA ALA DC 115 12.58 81.82 99.57
C ALA DC 115 11.24 82.51 99.71
N ILE DC 116 10.44 82.13 100.70
CA ILE DC 116 9.15 82.78 100.85
C ILE DC 116 9.30 84.17 101.48
N LEU DC 117 10.34 84.39 102.29
CA LEU DC 117 10.59 85.74 102.77
C LEU DC 117 11.14 86.64 101.67
N ARG DC 118 11.85 86.08 100.69
CA ARG DC 118 12.20 86.90 99.53
C ARG DC 118 10.97 87.20 98.68
N SER DC 119 10.11 86.20 98.47
CA SER DC 119 8.95 86.39 97.60
C SER DC 119 7.86 87.24 98.25
N GLN DC 120 7.90 87.42 99.56
CA GLN DC 120 6.82 88.13 100.25
C GLN DC 120 7.05 89.63 100.36
N LYS DC 121 8.31 90.07 100.35
CA LYS DC 121 8.63 91.47 100.67
C LYS DC 121 8.34 92.49 99.57
N PRO DC 122 8.65 92.25 98.27
CA PRO DC 122 8.27 93.34 97.35
C PRO DC 122 6.78 93.36 97.02
N MET EC 1 -42.36 -43.87 74.66
CA MET EC 1 -40.99 -44.38 74.71
C MET EC 1 -40.37 -44.15 76.09
N SER EC 2 -39.84 -45.22 76.67
CA SER EC 2 -39.23 -45.16 77.99
C SER EC 2 -38.13 -46.21 78.07
N SER EC 3 -37.04 -45.86 78.74
CA SER EC 3 -35.91 -46.78 78.91
C SER EC 3 -35.17 -46.40 80.19
N LYS EC 4 -35.34 -47.20 81.22
CA LYS EC 4 -34.67 -47.00 82.50
C LYS EC 4 -33.55 -48.01 82.66
N VAL EC 5 -32.79 -47.86 83.75
CA VAL EC 5 -31.66 -48.72 84.04
C VAL EC 5 -31.78 -49.12 85.52
N SER EC 6 -32.96 -48.85 86.10
CA SER EC 6 -33.12 -48.89 87.55
C SER EC 6 -33.14 -50.31 88.09
N ARG EC 7 -32.80 -50.40 89.38
CA ARG EC 7 -32.57 -51.68 90.05
C ARG EC 7 -33.85 -52.49 90.20
N ASP EC 8 -34.99 -51.82 90.43
CA ASP EC 8 -36.25 -52.53 90.57
C ASP EC 8 -36.70 -53.15 89.24
N THR EC 9 -36.48 -52.43 88.13
CA THR EC 9 -36.80 -52.99 86.81
C THR EC 9 -35.84 -54.13 86.45
N LEU EC 10 -34.56 -53.99 86.80
CA LEU EC 10 -33.60 -55.08 86.59
C LEU EC 10 -33.97 -56.33 87.38
N TYR EC 11 -34.35 -56.15 88.65
CA TYR EC 11 -34.71 -57.27 89.51
C TYR EC 11 -36.03 -57.91 89.06
N GLU EC 12 -36.97 -57.10 88.58
CA GLU EC 12 -38.22 -57.63 88.03
C GLU EC 12 -37.97 -58.43 86.75
N ALA EC 13 -37.06 -57.94 85.89
CA ALA EC 13 -36.74 -58.67 84.67
C ALA EC 13 -36.02 -59.98 84.96
N VAL EC 14 -35.14 -59.98 85.97
CA VAL EC 14 -34.46 -61.21 86.37
C VAL EC 14 -35.46 -62.22 86.95
N ARG EC 15 -36.43 -61.75 87.76
CA ARG EC 15 -37.45 -62.63 88.31
C ARG EC 15 -38.36 -63.19 87.21
N GLU EC 16 -38.71 -62.37 86.21
CA GLU EC 16 -39.57 -62.87 85.13
C GLU EC 16 -38.81 -63.84 84.23
N VAL EC 17 -37.53 -63.60 83.96
CA VAL EC 17 -36.79 -64.50 83.09
C VAL EC 17 -36.41 -65.80 83.82
N LEU EC 18 -36.36 -65.79 85.16
CA LEU EC 18 -36.18 -67.04 85.89
C LEU EC 18 -37.51 -67.73 86.18
N HIS EC 19 -38.63 -67.03 86.10
CA HIS EC 19 -39.94 -67.64 86.24
C HIS EC 19 -40.64 -67.84 84.90
N GLY EC 20 -39.90 -67.73 83.79
CA GLY EC 20 -40.40 -68.17 82.50
C GLY EC 20 -40.71 -69.65 82.49
N ASN EC 21 -41.94 -69.99 82.07
CA ASN EC 21 -42.54 -71.34 82.11
C ASN EC 21 -42.67 -71.88 83.54
N GLN EC 22 -42.60 -70.98 84.53
CA GLN EC 22 -42.89 -71.13 85.96
C GLN EC 22 -41.91 -71.99 86.75
N ARG EC 23 -41.08 -72.78 86.06
CA ARG EC 23 -39.86 -73.29 86.68
C ARG EC 23 -38.74 -73.34 85.65
N LYS EC 24 -39.13 -73.52 84.37
CA LYS EC 24 -38.26 -73.92 83.26
C LYS EC 24 -37.36 -75.08 83.69
N ARG EC 25 -37.98 -76.22 83.98
CA ARG EC 25 -37.27 -77.39 84.51
C ARG EC 25 -36.97 -78.34 83.37
N ARG EC 26 -35.71 -78.37 82.94
CA ARG EC 26 -35.22 -79.29 81.94
C ARG EC 26 -34.04 -80.07 82.50
N LYS EC 27 -33.48 -80.97 81.68
CA LYS EC 27 -32.35 -81.78 82.12
C LYS EC 27 -31.02 -81.04 82.02
N PHE EC 28 -31.00 -79.82 81.50
CA PHE EC 28 -29.81 -79.00 81.45
C PHE EC 28 -30.02 -77.72 82.27
N LEU EC 29 -28.89 -77.11 82.67
CA LEU EC 29 -28.93 -75.85 83.37
C LEU EC 29 -28.81 -74.71 82.37
N GLU EC 30 -29.62 -73.67 82.56
CA GLU EC 30 -29.66 -72.53 81.67
C GLU EC 30 -28.74 -71.43 82.21
N THR EC 31 -28.24 -70.60 81.30
CA THR EC 31 -27.40 -69.47 81.65
C THR EC 31 -28.14 -68.16 81.42
N VAL EC 32 -27.67 -67.11 82.09
CA VAL EC 32 -28.29 -65.79 82.00
C VAL EC 32 -27.54 -64.96 80.96
N GLU EC 33 -28.29 -64.45 79.98
CA GLU EC 33 -27.72 -63.73 78.84
C GLU EC 33 -28.20 -62.28 78.85
N LEU EC 34 -27.29 -61.36 78.59
CA LEU EC 34 -27.57 -59.94 78.47
C LEU EC 34 -27.33 -59.52 77.03
N GLN EC 35 -28.38 -59.06 76.36
CA GLN EC 35 -28.31 -58.62 74.97
C GLN EC 35 -28.39 -57.10 74.93
N ILE EC 36 -27.35 -56.50 74.34
CA ILE EC 36 -27.22 -55.05 74.23
C ILE EC 36 -27.23 -54.69 72.75
N SER EC 37 -28.21 -53.89 72.34
CA SER EC 37 -28.25 -53.29 71.01
C SER EC 37 -28.08 -51.79 71.16
N LEU EC 38 -27.15 -51.22 70.40
CA LEU EC 38 -26.71 -49.84 70.60
C LEU EC 38 -27.24 -48.93 69.50
N LYS EC 39 -27.08 -47.63 69.71
CA LYS EC 39 -27.71 -46.62 68.88
C LYS EC 39 -26.96 -45.30 69.07
N ASN EC 40 -27.04 -44.43 68.05
CA ASN EC 40 -26.52 -43.06 68.06
C ASN EC 40 -24.99 -43.04 68.19
N TYR EC 41 -24.33 -43.84 67.36
CA TYR EC 41 -22.88 -43.90 67.28
C TYR EC 41 -22.41 -43.54 65.88
N ASP EC 42 -21.09 -43.60 65.70
CA ASP EC 42 -20.46 -43.50 64.38
C ASP EC 42 -19.31 -44.50 64.35
N PRO EC 43 -19.58 -45.77 64.07
CA PRO EC 43 -18.54 -46.80 64.15
C PRO EC 43 -17.69 -46.92 62.90
N GLN EC 44 -17.75 -45.93 62.01
CA GLN EC 44 -17.06 -46.02 60.74
C GLN EC 44 -15.55 -45.80 60.90
N LYS EC 45 -15.15 -44.85 61.75
CA LYS EC 45 -13.75 -44.45 61.85
C LYS EC 45 -13.10 -44.85 63.16
N ASP EC 46 -13.64 -44.43 64.30
CA ASP EC 46 -12.93 -44.56 65.57
C ASP EC 46 -13.81 -45.05 66.71
N LYS EC 47 -14.92 -45.75 66.40
CA LYS EC 47 -15.78 -46.23 67.47
C LYS EC 47 -15.97 -47.73 67.41
N ARG EC 48 -14.88 -48.47 67.22
CA ARG EC 48 -14.87 -49.92 67.34
C ARG EC 48 -14.42 -50.26 68.76
N PHE EC 49 -15.35 -50.80 69.55
CA PHE EC 49 -15.14 -50.94 70.99
C PHE EC 49 -14.23 -52.12 71.32
N SER EC 50 -13.52 -51.99 72.43
CA SER EC 50 -12.62 -53.03 72.92
C SER EC 50 -12.42 -52.83 74.42
N GLY EC 51 -12.62 -53.88 75.20
CA GLY EC 51 -12.41 -53.76 76.63
C GLY EC 51 -12.48 -55.10 77.33
N THR EC 52 -12.37 -55.03 78.65
CA THR EC 52 -12.47 -56.20 79.52
C THR EC 52 -13.57 -55.97 80.55
N VAL EC 53 -14.48 -56.93 80.68
CA VAL EC 53 -15.59 -56.86 81.63
C VAL EC 53 -15.35 -57.91 82.70
N ARG EC 54 -15.20 -57.45 83.94
CA ARG EC 54 -14.88 -58.33 85.06
C ARG EC 54 -16.18 -58.74 85.75
N LEU EC 55 -16.61 -59.97 85.53
CA LEU EC 55 -17.76 -60.51 86.24
C LEU EC 55 -17.39 -60.76 87.69
N LYS EC 56 -18.24 -60.28 88.60
CA LYS EC 56 -17.83 -60.14 90.00
C LYS EC 56 -17.87 -61.45 90.76
N SER EC 57 -19.07 -62.03 90.93
CA SER EC 57 -19.20 -63.12 91.90
C SER EC 57 -18.76 -64.46 91.29
N THR EC 58 -19.52 -64.96 90.31
CA THR EC 58 -19.30 -66.26 89.66
C THR EC 58 -19.86 -66.21 88.24
N PRO EC 59 -19.06 -66.60 87.24
CA PRO EC 59 -19.63 -66.99 85.95
C PRO EC 59 -20.14 -68.43 86.04
N ARG EC 60 -20.68 -68.92 84.92
CA ARG EC 60 -21.16 -70.29 84.94
C ARG EC 60 -20.00 -71.29 84.83
N PRO EC 61 -19.01 -71.16 83.90
CA PRO EC 61 -17.84 -72.04 84.02
C PRO EC 61 -16.69 -71.40 84.76
N LYS EC 62 -15.73 -72.20 85.20
CA LYS EC 62 -14.41 -71.69 85.51
C LYS EC 62 -13.66 -71.58 84.19
N PHE EC 63 -13.13 -70.38 83.89
CA PHE EC 63 -12.61 -70.10 82.56
C PHE EC 63 -11.30 -70.86 82.34
N SER EC 64 -11.28 -71.69 81.29
CA SER EC 64 -10.23 -72.68 81.09
C SER EC 64 -9.00 -72.00 80.49
N VAL EC 65 -7.90 -72.00 81.24
CA VAL EC 65 -6.70 -71.25 80.88
C VAL EC 65 -5.63 -72.23 80.42
N CYS EC 66 -5.04 -71.96 79.25
CA CYS EC 66 -3.90 -72.70 78.75
C CYS EC 66 -2.71 -71.76 78.60
N VAL EC 67 -1.55 -72.19 79.10
CA VAL EC 67 -0.39 -71.33 79.28
C VAL EC 67 0.73 -71.83 78.37
N LEU EC 68 1.53 -70.90 77.84
CA LEU EC 68 2.67 -71.21 76.98
C LEU EC 68 3.97 -70.72 77.61
N GLY EC 69 5.01 -71.54 77.50
CA GLY EC 69 6.31 -71.22 78.05
C GLY EC 69 7.10 -72.48 78.31
N ASP EC 70 8.18 -72.33 79.10
CA ASP EC 70 8.73 -73.41 79.93
C ASP EC 70 9.62 -72.78 81.01
N GLN EC 71 9.07 -72.60 82.21
CA GLN EC 71 9.78 -71.91 83.29
C GLN EC 71 9.30 -72.39 84.65
N GLN EC 72 9.68 -71.62 85.69
CA GLN EC 72 9.08 -71.77 87.01
C GLN EC 72 7.60 -71.37 86.97
N HIS EC 73 7.23 -70.52 86.01
CA HIS EC 73 5.83 -70.23 85.73
C HIS EC 73 5.05 -71.49 85.36
N CYS EC 74 5.62 -72.34 84.48
CA CYS EC 74 4.91 -73.57 84.15
C CYS EC 74 5.07 -74.63 85.22
N ASP EC 75 6.13 -74.55 86.03
CA ASP EC 75 6.22 -75.40 87.22
C ASP EC 75 5.07 -75.10 88.19
N GLU EC 76 4.80 -73.82 88.43
CA GLU EC 76 3.66 -73.44 89.26
C GLU EC 76 2.33 -73.76 88.58
N ALA EC 77 2.28 -73.69 87.25
CA ALA EC 77 1.06 -74.08 86.52
C ALA EC 77 0.78 -75.56 86.68
N LYS EC 78 1.83 -76.40 86.66
CA LYS EC 78 1.66 -77.82 86.93
C LYS EC 78 1.35 -78.08 88.39
N ALA EC 79 1.82 -77.21 89.29
CA ALA EC 79 1.50 -77.36 90.71
C ALA EC 79 0.02 -77.08 90.99
N VAL EC 80 -0.52 -76.01 90.39
CA VAL EC 80 -1.94 -75.67 90.54
C VAL EC 80 -2.80 -76.40 89.51
N ASP EC 81 -2.19 -77.27 88.68
CA ASP EC 81 -2.83 -78.09 87.65
C ASP EC 81 -3.52 -77.21 86.61
N ILE EC 82 -2.71 -76.39 85.97
CA ILE EC 82 -3.12 -75.61 84.80
C ILE EC 82 -2.50 -76.26 83.57
N PRO EC 83 -3.28 -76.55 82.53
CA PRO EC 83 -2.70 -77.19 81.34
C PRO EC 83 -1.74 -76.27 80.59
N HIS EC 84 -0.71 -76.88 80.02
CA HIS EC 84 0.43 -76.11 79.54
C HIS EC 84 1.08 -76.83 78.36
N MET EC 85 1.68 -76.05 77.47
CA MET EC 85 2.37 -76.56 76.29
C MET EC 85 3.72 -75.89 76.16
N ASP EC 86 4.75 -76.67 75.86
CA ASP EC 86 6.12 -76.18 75.78
C ASP EC 86 6.55 -75.99 74.32
N ILE EC 87 7.83 -75.66 74.13
CA ILE EC 87 8.32 -75.18 72.83
C ILE EC 87 8.48 -76.32 71.83
N GLU EC 88 8.99 -77.47 72.28
CA GLU EC 88 9.21 -78.58 71.35
C GLU EC 88 7.90 -79.20 70.89
N ALA EC 89 6.96 -79.40 71.82
CA ALA EC 89 5.63 -79.85 71.41
C ALA EC 89 4.85 -78.77 70.68
N LEU EC 90 5.19 -77.48 70.87
CA LEU EC 90 4.58 -76.43 70.07
C LEU EC 90 5.10 -76.48 68.64
N LYS EC 91 6.39 -76.80 68.46
CA LYS EC 91 6.92 -77.03 67.12
C LYS EC 91 6.34 -78.30 66.50
N LYS EC 92 5.97 -79.28 67.34
CA LYS EC 92 5.21 -80.43 66.83
C LYS EC 92 3.81 -80.02 66.41
N LEU EC 93 3.18 -79.09 67.14
CA LEU EC 93 1.87 -78.54 66.78
C LEU EC 93 1.94 -77.69 65.52
N ASN EC 94 3.11 -77.15 65.19
CA ASN EC 94 3.28 -76.33 63.99
C ASN EC 94 3.00 -77.12 62.71
N LYS EC 95 3.26 -78.43 62.72
CA LYS EC 95 3.11 -79.23 61.51
C LYS EC 95 1.65 -79.51 61.17
N ASN EC 96 0.74 -79.36 62.13
CA ASN EC 96 -0.67 -79.68 61.93
C ASN EC 96 -1.52 -78.42 62.11
N LYS EC 97 -2.67 -78.40 61.45
CA LYS EC 97 -3.62 -77.29 61.52
C LYS EC 97 -4.87 -77.62 62.32
N LYS EC 98 -5.40 -78.83 62.20
CA LYS EC 98 -6.62 -79.20 62.91
C LYS EC 98 -6.37 -79.35 64.40
N LEU EC 99 -5.19 -79.84 64.78
CA LEU EC 99 -4.86 -80.03 66.20
C LEU EC 99 -4.66 -78.69 66.91
N VAL EC 100 -4.37 -77.62 66.16
CA VAL EC 100 -4.41 -76.27 66.72
C VAL EC 100 -5.82 -75.92 67.17
N LYS EC 101 -6.82 -76.25 66.34
CA LYS EC 101 -8.21 -75.94 66.66
C LYS EC 101 -8.77 -76.86 67.73
N LYS EC 102 -8.13 -78.01 67.98
CA LYS EC 102 -8.61 -78.91 69.02
C LYS EC 102 -8.36 -78.33 70.41
N LEU EC 103 -7.23 -77.64 70.59
CA LEU EC 103 -6.96 -76.95 71.84
C LEU EC 103 -7.62 -75.58 71.91
N ALA EC 104 -8.17 -75.09 70.80
CA ALA EC 104 -8.84 -73.79 70.80
C ALA EC 104 -10.21 -73.86 71.45
N LYS EC 105 -10.98 -74.90 71.16
CA LYS EC 105 -12.30 -75.07 71.74
C LYS EC 105 -12.26 -75.79 73.09
N LYS EC 106 -11.17 -76.47 73.42
CA LYS EC 106 -11.08 -77.19 74.68
C LYS EC 106 -10.80 -76.25 75.84
N TYR EC 107 -9.87 -75.32 75.66
CA TYR EC 107 -9.54 -74.32 76.69
C TYR EC 107 -9.71 -72.94 76.08
N ASP EC 108 -10.42 -72.07 76.79
CA ASP EC 108 -10.84 -70.80 76.22
C ASP EC 108 -9.74 -69.74 76.28
N ALA EC 109 -9.33 -69.35 77.48
CA ALA EC 109 -8.39 -68.26 77.67
C ALA EC 109 -6.95 -68.77 77.54
N PHE EC 110 -6.11 -67.95 76.91
CA PHE EC 110 -4.75 -68.33 76.57
C PHE EC 110 -3.77 -67.31 77.14
N LEU EC 111 -2.85 -67.78 77.98
CA LEU EC 111 -1.79 -66.96 78.54
C LEU EC 111 -0.44 -67.52 78.10
N ALA EC 112 0.58 -66.67 78.17
CA ALA EC 112 1.91 -67.07 77.73
C ALA EC 112 2.96 -66.28 78.51
N SER EC 113 4.21 -66.70 78.35
CA SER EC 113 5.33 -66.03 78.97
C SER EC 113 5.75 -64.81 78.14
N GLU EC 114 6.89 -64.21 78.47
CA GLU EC 114 7.32 -62.97 77.85
C GLU EC 114 8.21 -63.18 76.63
N SER EC 115 9.14 -64.14 76.71
CA SER EC 115 10.14 -64.35 75.66
C SER EC 115 9.68 -65.34 74.59
N LEU EC 116 8.37 -65.47 74.38
CA LEU EC 116 7.83 -66.40 73.40
C LEU EC 116 6.90 -65.74 72.39
N ILE EC 117 6.59 -64.45 72.56
CA ILE EC 117 5.65 -63.73 71.71
C ILE EC 117 6.19 -63.56 70.28
N LYS EC 118 7.50 -63.69 70.08
CA LYS EC 118 8.04 -63.74 68.73
C LYS EC 118 7.72 -65.06 68.05
N GLN EC 119 7.65 -66.14 68.83
CA GLN EC 119 7.42 -67.47 68.29
C GLN EC 119 5.94 -67.88 68.28
N ILE EC 120 5.08 -67.12 68.95
CA ILE EC 120 3.63 -67.41 68.96
C ILE EC 120 2.97 -67.30 67.58
N PRO EC 121 3.20 -66.26 66.74
CA PRO EC 121 2.57 -66.30 65.41
C PRO EC 121 3.20 -67.31 64.45
N ARG EC 122 4.34 -67.92 64.80
CA ARG EC 122 4.94 -68.93 63.94
C ARG EC 122 4.14 -70.22 63.97
N ILE EC 123 3.54 -70.56 65.11
CA ILE EC 123 2.75 -71.77 65.27
C ILE EC 123 1.25 -71.44 65.33
N LEU EC 124 0.84 -70.60 66.29
CA LEU EC 124 -0.57 -70.31 66.53
C LEU EC 124 -1.03 -69.07 65.77
N GLY EC 125 -0.38 -68.74 64.65
CA GLY EC 125 -0.67 -67.56 63.89
C GLY EC 125 -2.00 -67.56 63.15
N PRO EC 126 -2.13 -68.42 62.13
CA PRO EC 126 -3.37 -68.40 61.31
C PRO EC 126 -4.61 -68.88 62.03
N GLY EC 127 -4.48 -69.63 63.12
CA GLY EC 127 -5.66 -70.09 63.82
C GLY EC 127 -6.18 -69.13 64.87
N LEU EC 128 -5.35 -68.83 65.87
CA LEU EC 128 -5.84 -68.14 67.06
C LEU EC 128 -5.87 -66.62 66.88
N ASN EC 129 -4.86 -66.06 66.21
CA ASN EC 129 -4.83 -64.62 65.97
C ASN EC 129 -5.91 -64.21 64.97
N LYS EC 130 -6.22 -65.09 64.01
CA LYS EC 130 -7.30 -64.82 63.06
C LYS EC 130 -8.67 -65.21 63.59
N ALA EC 131 -8.73 -66.09 64.60
CA ALA EC 131 -10.02 -66.46 65.18
C ALA EC 131 -10.46 -65.50 66.29
N GLY EC 132 -9.52 -65.04 67.12
CA GLY EC 132 -9.86 -64.16 68.21
C GLY EC 132 -9.46 -64.70 69.56
N LYS EC 133 -8.48 -65.61 69.58
CA LYS EC 133 -8.02 -66.22 70.82
C LYS EC 133 -6.51 -66.08 70.98
N PHE EC 134 -6.00 -64.86 70.79
CA PHE EC 134 -4.56 -64.63 70.93
C PHE EC 134 -4.16 -64.67 72.41
N PRO EC 135 -3.02 -65.26 72.74
CA PRO EC 135 -2.62 -65.35 74.14
C PRO EC 135 -2.06 -64.04 74.68
N SER EC 136 -2.32 -63.81 75.96
CA SER EC 136 -1.83 -62.62 76.64
C SER EC 136 -0.53 -62.92 77.37
N LEU EC 137 0.41 -61.98 77.29
CA LEU EC 137 1.70 -62.15 77.93
C LEU EC 137 1.61 -61.89 79.43
N LEU EC 138 2.45 -62.58 80.18
CA LEU EC 138 2.53 -62.39 81.62
C LEU EC 138 3.96 -62.01 82.02
N THR EC 139 4.07 -61.42 83.21
CA THR EC 139 5.36 -61.04 83.75
C THR EC 139 6.13 -62.29 84.16
N HIS EC 140 7.45 -62.26 83.93
CA HIS EC 140 8.30 -63.44 84.10
C HIS EC 140 8.38 -63.90 85.56
N ASN EC 141 8.33 -62.99 86.51
CA ASN EC 141 8.39 -63.31 87.93
C ASN EC 141 7.08 -62.94 88.64
N GLU EC 142 5.96 -63.27 88.01
CA GLU EC 142 4.65 -62.91 88.54
C GLU EC 142 4.02 -64.09 89.26
N ASN EC 143 3.42 -63.80 90.42
CA ASN EC 143 2.61 -64.79 91.11
C ASN EC 143 1.35 -65.05 90.28
N MET EC 144 1.06 -66.33 90.02
CA MET EC 144 -0.03 -66.71 89.13
C MET EC 144 -1.41 -66.53 89.75
N VAL EC 145 -1.49 -66.33 91.07
CA VAL EC 145 -2.75 -66.46 91.80
C VAL EC 145 -3.73 -65.37 91.39
N ALA EC 146 -3.33 -64.10 91.55
CA ALA EC 146 -4.21 -62.98 91.24
C ALA EC 146 -4.47 -62.86 89.74
N LYS EC 147 -3.48 -63.19 88.90
CA LYS EC 147 -3.66 -63.07 87.46
C LYS EC 147 -4.64 -64.11 86.93
N VAL EC 148 -4.47 -65.38 87.32
CA VAL EC 148 -5.41 -66.42 86.90
C VAL EC 148 -6.77 -66.22 87.57
N ASP EC 149 -6.81 -65.63 88.78
CA ASP EC 149 -8.08 -65.33 89.42
C ASP EC 149 -8.84 -64.23 88.68
N GLU EC 150 -8.14 -63.25 88.11
CA GLU EC 150 -8.81 -62.26 87.28
C GLU EC 150 -9.22 -62.82 85.92
N VAL EC 151 -8.41 -63.71 85.35
CA VAL EC 151 -8.73 -64.29 84.05
C VAL EC 151 -9.93 -65.25 84.16
N LYS EC 152 -10.05 -65.98 85.27
CA LYS EC 152 -11.18 -66.90 85.46
C LYS EC 152 -12.51 -66.21 85.67
N SER EC 153 -12.57 -64.89 85.76
CA SER EC 153 -13.83 -64.17 85.84
C SER EC 153 -13.91 -62.97 84.91
N THR EC 154 -12.88 -62.71 84.11
CA THR EC 154 -12.86 -61.59 83.19
C THR EC 154 -13.19 -62.05 81.76
N ILE EC 155 -14.20 -61.44 81.16
CA ILE EC 155 -14.54 -61.70 79.77
C ILE EC 155 -14.07 -60.51 78.94
N LYS EC 156 -14.06 -60.70 77.62
CA LYS EC 156 -13.64 -59.67 76.68
C LYS EC 156 -14.86 -59.06 75.99
N PHE EC 157 -14.92 -57.73 75.98
CA PHE EC 157 -15.94 -56.99 75.26
C PHE EC 157 -15.32 -56.55 73.94
N GLN EC 158 -15.50 -57.37 72.91
CA GLN EC 158 -15.16 -57.04 71.52
C GLN EC 158 -16.40 -57.39 70.70
N MET EC 159 -17.34 -56.45 70.64
CA MET EC 159 -18.61 -56.70 69.96
C MET EC 159 -18.44 -56.91 68.46
N LYS EC 160 -18.28 -55.80 67.72
CA LYS EC 160 -17.87 -55.67 66.32
C LYS EC 160 -18.00 -54.17 66.04
N LYS EC 161 -17.76 -53.74 64.79
CA LYS EC 161 -18.33 -52.50 64.30
C LYS EC 161 -19.86 -52.47 64.45
N VAL EC 162 -20.52 -53.63 64.23
CA VAL EC 162 -21.97 -53.68 64.32
C VAL EC 162 -22.40 -53.65 65.79
N LEU EC 163 -23.55 -53.04 66.04
CA LEU EC 163 -23.93 -52.57 67.39
C LEU EC 163 -24.86 -53.53 68.11
N CYS EC 164 -24.43 -54.79 68.29
CA CYS EC 164 -25.23 -55.76 69.01
C CYS EC 164 -24.35 -56.86 69.59
N LEU EC 165 -24.55 -57.18 70.87
CA LEU EC 165 -23.78 -58.23 71.52
C LEU EC 165 -24.60 -58.92 72.59
N ALA EC 166 -24.47 -60.25 72.67
CA ALA EC 166 -25.07 -61.06 73.72
C ALA EC 166 -23.96 -61.66 74.57
N VAL EC 167 -23.96 -61.36 75.86
CA VAL EC 167 -22.93 -61.83 76.78
C VAL EC 167 -23.56 -62.70 77.86
N ALA EC 168 -22.73 -63.54 78.48
CA ALA EC 168 -23.17 -64.42 79.57
C ALA EC 168 -22.79 -63.79 80.89
N VAL EC 169 -23.78 -63.54 81.75
CA VAL EC 169 -23.55 -62.82 83.00
C VAL EC 169 -23.98 -63.67 84.21
N GLY EC 170 -24.13 -64.97 84.03
CA GLY EC 170 -24.48 -65.84 85.13
C GLY EC 170 -25.32 -67.01 84.64
N HIS EC 171 -25.95 -67.69 85.59
CA HIS EC 171 -26.80 -68.83 85.28
C HIS EC 171 -27.92 -68.92 86.31
N VAL EC 172 -28.69 -70.01 86.24
CA VAL EC 172 -29.93 -70.11 87.01
C VAL EC 172 -29.71 -70.57 88.44
N LYS EC 173 -28.59 -71.22 88.75
CA LYS EC 173 -28.34 -71.67 90.11
C LYS EC 173 -27.83 -70.58 91.03
N MET EC 174 -27.48 -69.42 90.49
CA MET EC 174 -27.06 -68.28 91.29
C MET EC 174 -28.26 -67.62 91.97
N THR EC 175 -27.96 -66.71 92.89
CA THR EC 175 -29.00 -65.95 93.56
C THR EC 175 -29.34 -64.70 92.76
N ASP EC 176 -30.53 -64.15 93.04
CA ASP EC 176 -31.04 -63.01 92.30
C ASP EC 176 -30.20 -61.77 92.56
N ASP EC 177 -29.70 -61.61 93.79
CA ASP EC 177 -28.87 -60.46 94.12
C ASP EC 177 -27.53 -60.52 93.40
N GLU EC 178 -26.92 -61.71 93.32
CA GLU EC 178 -25.65 -61.85 92.60
C GLU EC 178 -25.85 -61.68 91.09
N LEU EC 179 -26.97 -62.17 90.56
CA LEU EC 179 -27.26 -61.97 89.13
C LEU EC 179 -27.47 -60.51 88.79
N VAL EC 180 -28.25 -59.79 89.60
CA VAL EC 180 -28.48 -58.37 89.31
C VAL EC 180 -27.24 -57.54 89.62
N TYR EC 181 -26.37 -58.01 90.52
CA TYR EC 181 -25.11 -57.31 90.78
C TYR EC 181 -24.14 -57.47 89.61
N ASN EC 182 -24.11 -58.67 89.02
CA ASN EC 182 -23.28 -58.87 87.83
C ASN EC 182 -23.84 -58.13 86.62
N ILE EC 183 -25.17 -58.04 86.49
CA ILE EC 183 -25.75 -57.24 85.40
C ILE EC 183 -25.46 -55.75 85.61
N HIS EC 184 -25.48 -55.29 86.86
CA HIS EC 184 -25.18 -53.89 87.16
C HIS EC 184 -23.72 -53.56 86.89
N LEU EC 185 -22.80 -54.46 87.26
CA LEU EC 185 -21.40 -54.22 86.95
C LEU EC 185 -21.08 -54.47 85.47
N ALA EC 186 -21.93 -55.20 84.75
CA ALA EC 186 -21.77 -55.32 83.30
C ALA EC 186 -22.18 -54.05 82.58
N VAL EC 187 -23.32 -53.46 82.96
CA VAL EC 187 -23.74 -52.19 82.37
C VAL EC 187 -22.96 -51.01 82.91
N ASN EC 188 -22.23 -51.21 84.02
CA ASN EC 188 -21.30 -50.19 84.49
C ASN EC 188 -20.18 -49.96 83.49
N PHE EC 189 -19.75 -51.03 82.80
CA PHE EC 189 -18.77 -50.91 81.73
C PHE EC 189 -19.31 -50.07 80.57
N LEU EC 190 -20.59 -50.26 80.23
CA LEU EC 190 -21.20 -49.51 79.14
C LEU EC 190 -21.35 -48.03 79.50
N VAL EC 191 -21.86 -47.75 80.71
CA VAL EC 191 -22.05 -46.36 81.12
C VAL EC 191 -20.75 -45.68 81.52
N SER EC 192 -19.66 -46.44 81.69
CA SER EC 192 -18.35 -45.83 81.89
C SER EC 192 -17.57 -45.65 80.60
N LEU EC 193 -17.88 -46.43 79.56
CA LEU EC 193 -17.24 -46.20 78.27
C LEU EC 193 -17.96 -45.08 77.49
N LEU EC 194 -19.29 -45.14 77.40
CA LEU EC 194 -20.01 -44.08 76.69
C LEU EC 194 -20.24 -42.91 77.63
N LYS EC 195 -20.16 -41.70 77.07
CA LYS EC 195 -20.08 -40.48 77.87
C LYS EC 195 -21.42 -39.80 78.08
N LYS EC 196 -22.36 -39.95 77.15
CA LYS EC 196 -23.58 -39.13 77.18
C LYS EC 196 -24.59 -39.66 78.20
N ASN EC 197 -25.12 -40.85 77.97
CA ASN EC 197 -26.22 -41.37 78.78
C ASN EC 197 -26.29 -42.88 78.57
N TRP EC 198 -27.36 -43.50 79.04
CA TRP EC 198 -27.69 -44.87 78.65
C TRP EC 198 -28.65 -44.91 77.47
N GLN EC 199 -28.96 -43.75 76.88
CA GLN EC 199 -29.89 -43.67 75.76
C GLN EC 199 -29.35 -44.28 74.47
N ASN EC 200 -28.06 -44.63 74.42
CA ASN EC 200 -27.55 -45.48 73.35
C ASN EC 200 -28.24 -46.84 73.34
N VAL EC 201 -28.61 -47.35 74.52
CA VAL EC 201 -29.35 -48.59 74.63
C VAL EC 201 -30.81 -48.28 74.30
N ARG EC 202 -31.31 -48.86 73.21
CA ARG EC 202 -32.73 -48.71 72.89
C ARG EC 202 -33.59 -49.55 73.82
N ALA EC 203 -33.38 -50.86 73.83
CA ALA EC 203 -34.12 -51.77 74.70
C ALA EC 203 -33.24 -53.00 74.93
N LEU EC 204 -32.60 -53.06 76.10
CA LEU EC 204 -31.74 -54.18 76.40
C LEU EC 204 -32.56 -55.37 76.87
N TYR EC 205 -32.07 -56.57 76.55
CA TYR EC 205 -32.79 -57.80 76.78
C TYR EC 205 -32.07 -58.64 77.83
N ILE EC 206 -32.84 -59.20 78.75
CA ILE EC 206 -32.37 -60.24 79.65
C ILE EC 206 -33.04 -61.54 79.23
N LYS EC 207 -32.23 -62.57 78.99
CA LYS EC 207 -32.72 -63.80 78.40
C LYS EC 207 -32.10 -65.01 79.07
N SER EC 208 -32.65 -66.17 78.75
CA SER EC 208 -32.09 -67.46 79.12
C SER EC 208 -31.18 -67.92 77.98
N THR EC 209 -30.81 -69.21 77.96
CA THR EC 209 -30.10 -69.77 76.83
C THR EC 209 -30.96 -69.74 75.57
N MET EC 210 -32.25 -70.07 75.71
CA MET EC 210 -33.17 -70.08 74.58
C MET EC 210 -34.54 -69.51 74.91
N GLY EC 211 -34.70 -68.87 76.07
CA GLY EC 211 -36.01 -68.48 76.54
C GLY EC 211 -36.54 -67.20 75.90
N LYS EC 212 -37.66 -66.73 76.45
CA LYS EC 212 -38.29 -65.52 75.97
C LYS EC 212 -37.49 -64.28 76.39
N PRO EC 213 -37.53 -63.21 75.60
CA PRO EC 213 -36.79 -62.00 75.98
C PRO EC 213 -37.52 -61.19 77.04
N GLN EC 214 -36.74 -60.52 77.89
CA GLN EC 214 -37.29 -59.56 78.84
C GLN EC 214 -36.67 -58.20 78.53
N ARG EC 215 -37.48 -57.30 77.98
CA ARG EC 215 -37.06 -55.93 77.76
C ARG EC 215 -36.95 -55.21 79.10
N LEU EC 216 -35.86 -54.47 79.30
CA LEU EC 216 -35.70 -53.73 80.54
C LEU EC 216 -36.61 -52.50 80.55
N TYR EC 217 -37.47 -52.41 81.55
CA TYR EC 217 -38.37 -51.28 81.70
C TYR EC 217 -37.60 -50.03 82.14
N VAL FC 1 88.04 8.70 -37.25
CA VAL FC 1 88.03 7.64 -36.25
C VAL FC 1 86.81 7.79 -35.35
N TYR FC 2 85.93 6.78 -35.37
CA TYR FC 2 84.74 6.77 -34.55
C TYR FC 2 84.91 5.79 -33.39
N LEU FC 3 84.43 6.20 -32.21
CA LEU FC 3 84.55 5.40 -31.00
C LEU FC 3 83.16 5.07 -30.46
N ARG FC 4 82.98 3.85 -29.97
CA ARG FC 4 81.69 3.42 -29.45
C ARG FC 4 81.90 2.35 -28.39
N CYS FC 5 81.29 2.52 -27.23
CA CYS FC 5 81.38 1.56 -26.13
C CYS FC 5 80.00 0.96 -25.89
N THR FC 6 79.64 -0.02 -26.71
CA THR FC 6 78.37 -0.76 -26.60
C THR FC 6 78.59 -2.18 -27.05
N GLY FC 7 77.93 -3.12 -26.38
CA GLY FC 7 77.73 -4.43 -26.98
C GLY FC 7 76.78 -5.34 -26.24
N GLY FC 8 75.74 -5.79 -26.96
CA GLY FC 8 74.90 -6.89 -26.55
C GLY FC 8 75.00 -8.01 -27.57
N GLU FC 9 73.98 -8.08 -28.43
CA GLU FC 9 74.09 -8.81 -29.68
C GLU FC 9 74.74 -7.90 -30.72
N VAL FC 10 74.70 -8.30 -31.99
CA VAL FC 10 75.20 -7.42 -33.04
C VAL FC 10 74.19 -6.32 -33.34
N GLY FC 11 72.93 -6.68 -33.51
CA GLY FC 11 71.88 -5.70 -33.71
C GLY FC 11 71.21 -5.77 -35.06
N ALA FC 12 71.43 -4.73 -35.88
CA ALA FC 12 70.87 -4.58 -37.24
C ALA FC 12 69.34 -4.61 -37.24
N THR FC 13 68.72 -4.17 -36.15
CA THR FC 13 67.26 -4.05 -36.09
C THR FC 13 66.83 -2.61 -36.35
N SER FC 14 67.27 -2.12 -37.53
CA SER FC 14 67.01 -0.75 -38.02
C SER FC 14 67.44 0.32 -37.02
N ALA FC 15 68.55 0.06 -36.30
CA ALA FC 15 69.03 0.99 -35.28
C ALA FC 15 70.53 0.84 -35.16
N LEU FC 16 71.25 1.94 -35.31
CA LEU FC 16 72.71 1.93 -35.29
C LEU FC 16 73.17 3.33 -34.90
N ALA FC 17 74.48 3.49 -34.71
CA ALA FC 17 75.19 4.71 -34.32
C ALA FC 17 75.34 5.86 -35.32
N PRO FC 18 75.34 5.63 -36.68
CA PRO FC 18 76.38 6.21 -37.56
C PRO FC 18 76.71 7.69 -37.51
N LYS FC 19 75.95 8.54 -36.79
CA LYS FC 19 75.67 9.95 -37.06
C LYS FC 19 76.76 10.78 -37.75
N ILE FC 20 78.02 10.62 -37.35
CA ILE FC 20 79.11 11.29 -38.04
C ILE FC 20 79.34 10.68 -39.42
N GLY FC 21 79.27 9.35 -39.51
CA GLY FC 21 79.43 8.58 -40.74
C GLY FC 21 78.67 8.96 -42.00
N PRO FC 22 77.33 9.24 -41.94
CA PRO FC 22 76.62 9.55 -43.20
C PRO FC 22 76.94 10.90 -43.84
N LEU FC 23 77.92 11.64 -43.33
CA LEU FC 23 78.49 12.74 -44.09
C LEU FC 23 79.27 12.21 -45.29
N GLY FC 24 79.94 11.07 -45.12
CA GLY FC 24 80.62 10.40 -46.22
C GLY FC 24 79.87 9.19 -46.72
N LEU FC 25 78.85 8.78 -45.95
CA LEU FC 25 77.92 7.70 -46.29
C LEU FC 25 78.61 6.35 -46.50
N SER FC 26 79.73 6.11 -45.81
CA SER FC 26 80.41 4.84 -46.02
C SER FC 26 79.82 3.64 -45.25
N PRO FC 27 79.37 3.74 -43.95
CA PRO FC 27 78.66 2.57 -43.39
C PRO FC 27 77.15 2.60 -43.60
N LYS FC 28 76.61 1.55 -44.19
CA LYS FC 28 75.17 1.32 -44.06
C LYS FC 28 74.84 -0.13 -43.70
N LYS FC 29 75.55 -1.10 -44.29
CA LYS FC 29 75.47 -2.50 -43.89
C LYS FC 29 76.83 -3.19 -43.82
N VAL FC 30 77.81 -2.73 -44.61
CA VAL FC 30 79.11 -3.39 -44.66
C VAL FC 30 79.89 -3.14 -43.38
N GLY FC 31 79.75 -1.95 -42.81
CA GLY FC 31 80.38 -1.66 -41.52
C GLY FC 31 79.81 -2.50 -40.40
N ASP FC 32 78.50 -2.71 -40.41
CA ASP FC 32 77.87 -3.58 -39.42
C ASP FC 32 78.27 -5.04 -39.62
N ASP FC 33 78.44 -5.47 -40.87
CA ASP FC 33 78.86 -6.86 -41.12
C ASP FC 33 80.31 -7.10 -40.69
N ILE FC 34 81.20 -6.14 -40.96
CA ILE FC 34 82.58 -6.31 -40.52
C ILE FC 34 82.71 -6.11 -39.01
N ALA FC 35 81.80 -5.32 -38.41
CA ALA FC 35 81.74 -5.24 -36.96
C ALA FC 35 81.28 -6.57 -36.34
N LYS FC 36 80.35 -7.26 -37.01
CA LYS FC 36 79.98 -8.62 -36.61
C LYS FC 36 81.15 -9.58 -36.74
N ALA FC 37 81.92 -9.44 -37.82
CA ALA FC 37 83.08 -10.31 -38.05
C ALA FC 37 84.19 -10.08 -37.02
N THR FC 38 84.36 -8.84 -36.57
CA THR FC 38 85.33 -8.56 -35.51
C THR FC 38 84.77 -8.86 -34.13
N GLY FC 39 83.45 -8.92 -33.97
CA GLY FC 39 82.82 -9.32 -32.74
C GLY FC 39 82.49 -10.80 -32.66
N ASP FC 40 82.87 -11.59 -33.66
CA ASP FC 40 82.77 -13.04 -33.55
C ASP FC 40 83.70 -13.56 -32.47
N TRP FC 41 83.11 -14.23 -31.46
CA TRP FC 41 83.73 -14.93 -30.34
C TRP FC 41 84.36 -14.00 -29.31
N LYS FC 42 84.40 -12.69 -29.58
CA LYS FC 42 84.90 -11.69 -28.63
C LYS FC 42 84.00 -10.45 -28.77
N GLY FC 43 82.95 -10.37 -27.94
CA GLY FC 43 82.56 -11.42 -27.00
C GLY FC 43 81.06 -11.56 -26.94
N LEU FC 44 80.52 -11.57 -25.72
CA LEU FC 44 79.08 -11.60 -25.51
C LEU FC 44 78.67 -10.54 -24.49
N ARG FC 45 79.41 -9.43 -24.43
CA ARG FC 45 79.16 -8.38 -23.46
C ARG FC 45 79.67 -7.08 -24.08
N ILE FC 46 79.61 -5.98 -23.32
CA ILE FC 46 79.93 -4.65 -23.84
C ILE FC 46 81.43 -4.57 -24.13
N THR FC 47 81.77 -4.22 -25.36
CA THR FC 47 83.15 -4.02 -25.79
C THR FC 47 83.33 -2.57 -26.26
N VAL FC 48 84.56 -2.23 -26.58
CA VAL FC 48 84.91 -0.90 -27.09
C VAL FC 48 85.41 -1.06 -28.52
N LYS FC 49 84.78 -0.35 -29.45
CA LYS FC 49 85.08 -0.48 -30.87
C LYS FC 49 85.42 0.90 -31.43
N LEU FC 50 86.58 1.02 -32.08
CA LEU FC 50 86.93 2.24 -32.79
C LEU FC 50 87.25 1.90 -34.24
N THR FC 51 86.61 2.61 -35.15
CA THR FC 51 86.76 2.39 -36.58
C THR FC 51 87.53 3.55 -37.20
N ILE FC 52 88.63 3.22 -37.88
CA ILE FC 52 89.39 4.19 -38.64
C ILE FC 52 88.84 4.19 -40.06
N GLN FC 53 88.45 5.36 -40.55
CA GLN FC 53 87.87 5.51 -41.89
C GLN FC 53 88.89 6.19 -42.79
N ASN FC 54 89.35 5.47 -43.82
CA ASN FC 54 90.22 6.04 -44.85
C ASN FC 54 89.63 5.69 -46.22
N ARG FC 55 88.62 6.46 -46.62
CA ARG FC 55 88.15 6.63 -48.00
C ARG FC 55 87.52 5.40 -48.66
N GLN FC 56 87.60 4.21 -48.06
CA GLN FC 56 86.95 3.04 -48.64
C GLN FC 56 86.18 2.18 -47.64
N ALA FC 57 86.60 2.10 -46.38
CA ALA FC 57 86.05 1.13 -45.44
C ALA FC 57 86.41 1.58 -44.02
N GLN FC 58 86.19 0.68 -43.07
CA GLN FC 58 86.49 0.94 -41.66
C GLN FC 58 87.43 -0.14 -41.15
N ILE FC 59 88.48 0.28 -40.45
CA ILE FC 59 89.37 -0.63 -39.74
C ILE FC 59 88.92 -0.68 -38.29
N GLU FC 60 88.53 -1.87 -37.83
CA GLU FC 60 87.88 -2.04 -36.53
C GLU FC 60 88.92 -2.51 -35.51
N VAL FC 61 89.37 -1.57 -34.67
CA VAL FC 61 90.25 -1.87 -33.56
C VAL FC 61 89.40 -2.02 -32.30
N VAL FC 62 89.71 -3.02 -31.49
CA VAL FC 62 89.02 -3.24 -30.22
C VAL FC 62 90.00 -2.95 -29.10
N PRO FC 63 90.02 -1.73 -28.55
CA PRO FC 63 90.82 -1.49 -27.34
C PRO FC 63 90.10 -2.03 -26.12
N SER FC 64 90.78 -2.90 -25.39
CA SER FC 64 90.17 -3.52 -24.22
C SER FC 64 90.10 -2.53 -23.06
N ALA FC 65 88.96 -2.51 -22.38
CA ALA FC 65 88.75 -1.67 -21.21
C ALA FC 65 88.78 -2.52 -19.96
N SER FC 66 89.11 -1.87 -18.84
CA SER FC 66 89.52 -2.56 -17.62
C SER FC 66 88.35 -3.32 -16.99
N ALA FC 67 87.26 -2.62 -16.67
CA ALA FC 67 86.11 -3.28 -16.06
C ALA FC 67 85.44 -4.26 -17.02
N LEU FC 68 85.51 -3.99 -18.32
CA LEU FC 68 84.92 -4.88 -19.31
C LEU FC 68 85.69 -6.19 -19.39
N ILE FC 69 87.02 -6.15 -19.33
CA ILE FC 69 87.75 -7.42 -19.33
C ILE FC 69 87.76 -8.08 -17.95
N ILE FC 70 87.53 -7.32 -16.88
CA ILE FC 70 87.28 -7.95 -15.58
C ILE FC 70 85.98 -8.74 -15.62
N LYS FC 71 84.94 -8.18 -16.24
CA LYS FC 71 83.71 -8.95 -16.47
C LYS FC 71 83.91 -10.09 -17.46
N ALA FC 72 84.84 -9.93 -18.41
CA ALA FC 72 85.12 -11.02 -19.35
C ALA FC 72 85.92 -12.14 -18.70
N LEU FC 73 86.63 -11.86 -17.61
CA LEU FC 73 87.33 -12.89 -16.85
C LEU FC 73 86.43 -13.59 -15.82
N LYS FC 74 85.11 -13.52 -15.99
CA LYS FC 74 84.19 -14.32 -15.21
C LYS FC 74 84.07 -15.71 -15.83
N GLU FC 75 83.06 -16.47 -15.43
CA GLU FC 75 82.83 -17.78 -16.01
C GLU FC 75 81.99 -17.65 -17.28
N PRO FC 76 82.52 -18.02 -18.45
CA PRO FC 76 81.76 -17.85 -19.69
C PRO FC 76 80.97 -19.11 -20.02
N PRO FC 77 79.92 -19.00 -20.86
CA PRO FC 77 79.24 -17.79 -21.33
C PRO FC 77 77.89 -17.56 -20.64
N ARG FC 78 77.45 -16.31 -20.57
CA ARG FC 78 76.15 -15.95 -20.00
C ARG FC 78 75.53 -14.89 -20.88
N ASP FC 79 74.72 -15.30 -21.85
CA ASP FC 79 74.09 -14.39 -22.80
C ASP FC 79 72.57 -14.42 -22.71
N ARG FC 80 71.96 -15.60 -22.74
CA ARG FC 80 70.52 -15.79 -22.62
C ARG FC 80 70.35 -17.24 -22.11
N LYS FC 81 69.15 -17.81 -22.28
CA LYS FC 81 68.84 -19.20 -21.93
C LYS FC 81 69.01 -19.49 -20.44
N LYS FC 82 68.05 -19.02 -19.64
CA LYS FC 82 67.99 -19.13 -18.18
C LYS FC 82 69.11 -18.35 -17.50
N GLN FC 83 69.02 -17.02 -17.61
CA GLN FC 83 69.94 -16.09 -16.96
C GLN FC 83 69.61 -15.97 -15.47
N LYS FC 84 70.20 -14.93 -14.85
CA LYS FC 84 69.92 -14.41 -13.50
C LYS FC 84 69.97 -15.50 -12.42
N ASN FC 85 71.18 -16.02 -12.22
CA ASN FC 85 71.48 -16.92 -11.10
C ASN FC 85 72.74 -16.52 -10.30
N ILE FC 86 72.84 -15.28 -9.75
CA ILE FC 86 71.79 -14.27 -9.64
C ILE FC 86 72.25 -13.00 -10.33
N LYS FC 87 73.26 -12.32 -9.78
CA LYS FC 87 73.91 -11.22 -10.48
C LYS FC 87 75.43 -11.18 -10.35
N HIS FC 88 76.01 -11.71 -9.28
CA HIS FC 88 77.37 -11.37 -8.89
C HIS FC 88 78.16 -12.59 -8.43
N SER FC 89 78.16 -13.66 -9.23
CA SER FC 89 78.85 -14.90 -8.89
C SER FC 89 80.37 -14.72 -8.77
N GLY FC 90 81.04 -14.47 -9.91
CA GLY FC 90 82.44 -14.08 -10.03
C GLY FC 90 83.50 -14.71 -9.14
N ASN FC 91 83.61 -16.03 -9.16
CA ASN FC 91 84.53 -16.76 -8.28
C ASN FC 91 85.79 -17.07 -9.07
N ILE FC 92 86.75 -16.14 -9.04
CA ILE FC 92 88.02 -16.27 -9.75
C ILE FC 92 89.16 -15.86 -8.83
N THR FC 93 90.38 -16.17 -9.27
CA THR FC 93 91.60 -15.84 -8.53
C THR FC 93 92.34 -14.64 -9.12
N PHE FC 94 92.35 -14.52 -10.46
CA PHE FC 94 92.96 -13.47 -11.28
C PHE FC 94 94.35 -13.02 -10.86
N ASP FC 95 95.17 -13.94 -10.36
CA ASP FC 95 96.47 -13.57 -9.78
C ASP FC 95 97.51 -13.20 -10.84
N GLU FC 96 97.29 -13.52 -12.11
CA GLU FC 96 98.22 -13.17 -13.17
C GLU FC 96 97.59 -12.55 -14.39
N ILE FC 97 96.29 -12.78 -14.64
CA ILE FC 97 95.71 -12.30 -15.88
C ILE FC 97 95.41 -10.81 -15.81
N VAL FC 98 95.02 -10.30 -14.63
CA VAL FC 98 94.88 -8.86 -14.45
C VAL FC 98 96.27 -8.18 -14.46
N ASN FC 99 97.30 -8.92 -14.04
CA ASN FC 99 98.67 -8.41 -14.13
C ASN FC 99 99.12 -8.23 -15.57
N ILE FC 100 98.86 -9.24 -16.42
CA ILE FC 100 99.13 -9.10 -17.85
C ILE FC 100 98.22 -8.04 -18.48
N ALA FC 101 97.01 -7.87 -17.94
CA ALA FC 101 96.07 -6.87 -18.44
C ALA FC 101 96.58 -5.44 -18.23
N ARG FC 102 97.06 -5.12 -17.02
CA ARG FC 102 97.58 -3.76 -16.88
C ARG FC 102 99.00 -3.64 -17.42
N GLN FC 103 99.68 -4.76 -17.71
CA GLN FC 103 100.86 -4.67 -18.57
C GLN FC 103 100.47 -4.22 -19.98
N MET FC 104 99.35 -4.70 -20.50
CA MET FC 104 98.84 -4.16 -21.76
C MET FC 104 98.31 -2.74 -21.63
N ARG FC 105 97.83 -2.35 -20.45
CA ARG FC 105 97.32 -1.00 -20.26
C ARG FC 105 98.44 0.03 -20.30
N HIS FC 106 98.60 0.70 -21.43
CA HIS FC 106 99.66 1.68 -21.64
C HIS FC 106 99.06 3.02 -22.04
N ARG FC 107 99.58 4.10 -21.44
CA ARG FC 107 99.29 5.49 -21.77
C ARG FC 107 97.81 5.86 -21.66
N SER FC 108 97.07 5.16 -20.80
CA SER FC 108 95.66 5.48 -20.57
C SER FC 108 95.28 5.45 -19.10
N LEU FC 109 96.26 5.40 -18.19
CA LEU FC 109 95.97 5.31 -16.77
C LEU FC 109 96.51 6.48 -15.96
N ALA FC 110 97.52 7.20 -16.47
CA ALA FC 110 98.32 8.19 -15.73
C ALA FC 110 98.87 7.57 -14.44
N ARG FC 111 99.71 6.56 -14.64
CA ARG FC 111 100.05 5.59 -13.61
C ARG FC 111 101.50 5.71 -13.17
N GLU FC 112 101.76 5.18 -11.98
CA GLU FC 112 103.09 4.79 -11.58
C GLU FC 112 103.37 3.39 -12.15
N LEU FC 113 104.64 3.07 -12.35
CA LEU FC 113 105.04 1.82 -13.01
C LEU FC 113 104.75 0.65 -12.07
N SER FC 114 103.49 0.17 -12.12
CA SER FC 114 102.96 -0.95 -11.33
C SER FC 114 103.12 -0.71 -9.83
N GLY FC 115 102.90 0.53 -9.40
CA GLY FC 115 103.01 0.85 -8.00
C GLY FC 115 101.82 0.42 -7.17
N THR FC 116 100.66 1.02 -7.43
CA THR FC 116 99.42 0.68 -6.71
C THR FC 116 98.31 0.29 -7.68
N ILE FC 117 98.65 -0.11 -8.90
CA ILE FC 117 97.66 -0.52 -9.89
C ILE FC 117 97.01 -1.83 -9.46
N LYS FC 118 97.74 -2.64 -8.67
CA LYS FC 118 97.14 -3.82 -8.06
C LYS FC 118 96.00 -3.44 -7.13
N GLU FC 119 96.19 -2.38 -6.34
CA GLU FC 119 95.12 -1.86 -5.49
C GLU FC 119 93.99 -1.28 -6.32
N ILE FC 120 94.33 -0.60 -7.44
CA ILE FC 120 93.34 0.00 -8.33
C ILE FC 120 92.42 -1.07 -8.91
N LEU FC 121 93.00 -2.08 -9.55
CA LEU FC 121 92.20 -3.12 -10.18
C LEU FC 121 91.77 -4.23 -9.22
N GLY FC 122 92.16 -4.16 -7.95
CA GLY FC 122 91.62 -5.08 -6.97
C GLY FC 122 90.47 -4.48 -6.20
N THR FC 123 90.40 -3.15 -6.16
CA THR FC 123 89.30 -2.47 -5.50
C THR FC 123 88.35 -1.78 -6.47
N ALA FC 124 88.63 -1.83 -7.78
CA ALA FC 124 87.75 -1.27 -8.78
C ALA FC 124 86.75 -2.28 -9.32
N GLN FC 125 86.39 -3.29 -8.54
CA GLN FC 125 85.44 -4.31 -8.96
C GLN FC 125 84.25 -4.31 -8.00
N SER FC 126 83.18 -5.00 -8.43
CA SER FC 126 81.98 -5.10 -7.61
C SER FC 126 81.40 -6.51 -7.56
N VAL FC 127 82.04 -7.49 -8.20
CA VAL FC 127 81.54 -8.86 -8.27
C VAL FC 127 82.48 -9.84 -7.57
N GLY FC 128 83.78 -9.76 -7.87
CA GLY FC 128 84.81 -10.64 -7.38
C GLY FC 128 85.58 -9.96 -6.27
N CYS FC 129 86.66 -9.26 -6.64
CA CYS FC 129 87.63 -8.43 -5.92
C CYS FC 129 88.72 -9.21 -5.22
N ASN FC 130 88.65 -10.55 -5.16
CA ASN FC 130 89.69 -11.35 -4.50
C ASN FC 130 89.46 -12.82 -4.85
N VAL FC 131 90.50 -13.62 -4.59
CA VAL FC 131 90.33 -15.04 -4.38
C VAL FC 131 89.38 -15.24 -3.20
N ASP FC 132 88.58 -16.31 -3.27
CA ASP FC 132 87.47 -16.54 -2.33
C ASP FC 132 87.91 -16.80 -0.89
N GLY FC 133 89.20 -17.01 -0.63
CA GLY FC 133 89.68 -17.31 0.70
C GLY FC 133 90.34 -16.17 1.47
N ARG FC 134 90.35 -14.95 0.92
CA ARG FC 134 90.98 -13.82 1.60
C ARG FC 134 90.09 -12.59 1.53
N HIS FC 135 90.64 -11.42 1.89
CA HIS FC 135 89.87 -10.19 1.94
C HIS FC 135 90.52 -9.08 1.12
N PRO FC 136 89.72 -8.24 0.46
CA PRO FC 136 90.30 -7.08 -0.24
C PRO FC 136 90.88 -6.04 0.69
N HIS FC 137 90.44 -6.00 1.95
CA HIS FC 137 91.12 -5.18 2.96
C HIS FC 137 92.53 -5.70 3.22
N ASP FC 138 92.75 -7.01 3.03
CA ASP FC 138 94.09 -7.56 3.06
C ASP FC 138 94.83 -7.37 1.73
N ILE FC 139 94.10 -7.24 0.62
CA ILE FC 139 94.74 -6.88 -0.64
C ILE FC 139 95.32 -5.47 -0.57
N ILE FC 140 94.60 -4.53 0.06
CA ILE FC 140 95.05 -3.14 0.15
C ILE FC 140 96.34 -3.04 0.96
N ASP FC 141 96.49 -3.86 1.98
CA ASP FC 141 97.63 -3.76 2.89
C ASP FC 141 98.79 -4.69 2.54
N ASP FC 142 98.52 -5.87 1.97
CA ASP FC 142 99.49 -6.96 1.97
C ASP FC 142 100.08 -7.29 0.61
N ILE FC 143 100.01 -6.38 -0.37
CA ILE FC 143 100.67 -6.63 -1.64
C ILE FC 143 102.08 -6.04 -1.60
N ASN FC 144 103.08 -6.89 -1.82
CA ASN FC 144 104.48 -6.47 -1.85
C ASN FC 144 105.18 -7.13 -3.05
N SER FC 145 104.54 -7.07 -4.21
CA SER FC 145 105.09 -7.70 -5.40
C SER FC 145 104.66 -6.92 -6.63
N GLY FC 146 105.28 -7.25 -7.77
CA GLY FC 146 104.97 -6.65 -9.06
C GLY FC 146 105.76 -5.41 -9.40
N ALA FC 147 106.04 -4.56 -8.39
CA ALA FC 147 106.69 -3.28 -8.61
C ALA FC 147 108.17 -3.41 -8.96
N VAL FC 148 108.76 -4.60 -8.83
CA VAL FC 148 110.12 -4.85 -9.26
C VAL FC 148 110.16 -5.58 -10.59
N GLU FC 149 109.28 -6.57 -10.77
CA GLU FC 149 109.31 -7.40 -11.96
C GLU FC 149 108.66 -6.73 -13.17
N CYS FC 150 107.65 -5.89 -12.97
CA CYS FC 150 106.96 -5.28 -14.09
C CYS FC 150 107.75 -4.15 -14.75
N PRO FC 151 108.40 -3.22 -14.00
CA PRO FC 151 109.25 -2.34 -14.82
C PRO FC 151 110.60 -2.95 -15.16
N ASP GC 1 90.32 16.06 10.48
CA ASP GC 1 91.74 16.02 10.17
C ASP GC 1 92.35 17.42 10.21
N ARG GC 2 93.16 17.73 9.18
CA ARG GC 2 93.81 19.03 8.95
C ARG GC 2 94.77 19.43 10.06
N ALA GC 3 95.19 18.49 10.91
CA ALA GC 3 96.32 18.70 11.82
C ALA GC 3 97.43 17.70 11.56
N THR GC 4 97.11 16.41 11.59
CA THR GC 4 98.08 15.39 11.20
C THR GC 4 98.42 15.49 9.72
N TRP GC 5 97.45 15.93 8.90
CA TRP GC 5 97.73 16.15 7.48
C TRP GC 5 98.70 17.31 7.28
N LYS GC 6 98.55 18.39 8.06
CA LYS GC 6 99.49 19.50 7.95
C LYS GC 6 100.86 19.14 8.51
N SER GC 7 100.92 18.31 9.54
CA SER GC 7 102.21 17.85 10.03
C SER GC 7 102.89 16.92 9.02
N ASN GC 8 102.11 16.10 8.31
CA ASN GC 8 102.68 15.28 7.24
C ASN GC 8 103.13 16.13 6.06
N TYR GC 9 102.43 17.21 5.76
CA TYR GC 9 102.88 18.15 4.74
C TYR GC 9 104.16 18.86 5.16
N PHE GC 10 104.30 19.14 6.46
CA PHE GC 10 105.55 19.68 6.99
C PHE GC 10 106.70 18.68 6.83
N LEU GC 11 106.40 17.39 7.06
CA LEU GC 11 107.40 16.34 6.85
C LEU GC 11 107.80 16.24 5.37
N LYS GC 12 106.82 16.37 4.46
CA LYS GC 12 107.12 16.33 3.04
C LYS GC 12 107.97 17.53 2.61
N ILE GC 13 107.67 18.72 3.12
CA ILE GC 13 108.45 19.88 2.69
C ILE GC 13 109.84 19.88 3.32
N ILE GC 14 110.00 19.37 4.55
CA ILE GC 14 111.36 19.29 5.09
C ILE GC 14 112.14 18.18 4.40
N GLN GC 15 111.47 17.12 3.93
CA GLN GC 15 112.14 16.08 3.17
C GLN GC 15 112.61 16.58 1.81
N LEU GC 16 111.76 17.36 1.13
CA LEU GC 16 112.15 17.92 -0.16
C LEU GC 16 113.22 18.99 -0.04
N LEU GC 17 113.20 19.79 1.04
CA LEU GC 17 114.26 20.77 1.24
C LEU GC 17 115.59 20.12 1.64
N ASP GC 18 115.54 19.03 2.41
CA ASP GC 18 116.77 18.34 2.78
C ASP GC 18 117.29 17.44 1.66
N ASP GC 19 116.45 17.08 0.69
CA ASP GC 19 116.89 16.22 -0.40
C ASP GC 19 117.35 17.05 -1.61
N TYR GC 20 116.53 18.00 -2.05
CA TYR GC 20 116.82 18.74 -3.28
C TYR GC 20 117.17 20.18 -2.96
N PRO GC 21 118.44 20.59 -3.08
CA PRO GC 21 118.80 21.98 -2.81
C PRO GC 21 118.56 22.93 -3.97
N LYS GC 22 118.13 22.43 -5.13
CA LYS GC 22 117.96 23.23 -6.32
C LYS GC 22 116.47 23.32 -6.67
N CYS GC 23 116.01 24.52 -7.00
CA CYS GC 23 114.58 24.76 -7.17
C CYS GC 23 114.34 25.74 -8.31
N PHE GC 24 113.09 25.75 -8.77
CA PHE GC 24 112.62 26.68 -9.79
C PHE GC 24 111.24 27.20 -9.39
N ILE GC 25 111.07 28.51 -9.44
CA ILE GC 25 109.79 29.14 -9.08
C ILE GC 25 108.92 29.24 -10.32
N VAL GC 26 107.68 28.72 -10.22
CA VAL GC 26 106.75 28.73 -11.34
C VAL GC 26 105.43 29.37 -10.91
N GLY GC 27 104.66 29.77 -11.92
CA GLY GC 27 103.32 30.28 -11.74
C GLY GC 27 102.35 29.63 -12.72
N ALA GC 28 101.22 29.15 -12.21
CA ALA GC 28 100.27 28.36 -12.98
C ALA GC 28 98.85 28.83 -12.69
N ASP GC 29 98.61 30.14 -12.81
CA ASP GC 29 97.30 30.71 -12.48
C ASP GC 29 96.21 30.24 -13.43
N ASN GC 30 96.53 30.05 -14.71
CA ASN GC 30 95.57 29.56 -15.70
C ASN GC 30 96.06 28.20 -16.20
N VAL GC 31 95.67 27.14 -15.50
CA VAL GC 31 96.10 25.78 -15.82
C VAL GC 31 94.92 24.85 -15.51
N GLY GC 32 94.91 23.68 -16.16
CA GLY GC 32 93.88 22.70 -15.94
C GLY GC 32 94.44 21.47 -15.26
N SER GC 33 93.52 20.61 -14.79
CA SER GC 33 93.92 19.39 -14.10
C SER GC 33 94.52 18.38 -15.07
N LYS GC 34 93.91 18.21 -16.24
CA LYS GC 34 94.48 17.35 -17.27
C LYS GC 34 95.80 17.89 -17.79
N GLN GC 35 95.94 19.21 -17.85
CA GLN GC 35 97.20 19.83 -18.23
C GLN GC 35 98.30 19.56 -17.20
N MET GC 36 97.96 19.68 -15.91
CA MET GC 36 98.94 19.39 -14.85
C MET GC 36 99.31 17.91 -14.83
N GLN GC 37 98.34 17.02 -15.11
CA GLN GC 37 98.68 15.60 -15.19
C GLN GC 37 99.56 15.28 -16.40
N GLN GC 38 99.33 15.97 -17.52
CA GLN GC 38 100.21 15.81 -18.67
C GLN GC 38 101.62 16.31 -18.38
N ILE GC 39 101.74 17.42 -17.65
CA ILE GC 39 103.06 17.95 -17.30
C ILE GC 39 103.78 17.03 -16.31
N ARG GC 40 103.05 16.49 -15.33
CA ARG GC 40 103.64 15.54 -14.38
C ARG GC 40 104.07 14.25 -15.09
N MET GC 41 103.20 13.67 -15.91
CA MET GC 41 103.54 12.41 -16.57
C MET GC 41 104.50 12.59 -17.74
N SER GC 42 104.76 13.82 -18.17
CA SER GC 42 105.87 14.08 -19.07
C SER GC 42 107.16 14.39 -18.33
N LEU GC 43 107.08 14.81 -17.07
CA LEU GC 43 108.26 15.11 -16.27
C LEU GC 43 108.41 14.16 -15.08
N ARG GC 44 107.96 12.91 -15.23
CA ARG GC 44 108.18 11.90 -14.20
C ARG GC 44 109.66 11.58 -13.99
N GLY GC 45 110.44 11.58 -15.06
CA GLY GC 45 111.85 11.27 -14.96
C GLY GC 45 112.74 12.40 -14.49
N LYS GC 46 112.17 13.50 -14.04
CA LYS GC 46 112.93 14.67 -13.62
C LYS GC 46 112.12 15.39 -12.54
N ALA GC 47 112.39 16.69 -12.39
CA ALA GC 47 111.98 17.55 -11.26
C ALA GC 47 110.50 17.43 -10.90
N VAL GC 48 110.21 17.72 -9.63
CA VAL GC 48 108.89 17.49 -9.04
C VAL GC 48 108.31 18.84 -8.61
N VAL GC 49 107.06 19.09 -9.00
CA VAL GC 49 106.37 20.36 -8.77
C VAL GC 49 105.55 20.26 -7.49
N LEU GC 50 105.62 21.30 -6.65
CA LEU GC 50 104.86 21.39 -5.41
C LEU GC 50 104.25 22.78 -5.29
N MET GC 51 103.02 22.85 -4.77
CA MET GC 51 102.26 24.08 -4.66
C MET GC 51 101.73 24.23 -3.24
N GLY GC 52 100.85 25.19 -3.01
CA GLY GC 52 100.10 25.25 -1.77
C GLY GC 52 99.81 26.67 -1.32
N LYS GC 53 99.20 26.76 -0.15
CA LYS GC 53 98.80 28.00 0.52
C LYS GC 53 99.98 28.46 1.38
N ASN GC 54 99.74 29.37 2.35
CA ASN GC 54 100.72 30.01 3.22
C ASN GC 54 101.60 29.05 4.01
N THR GC 55 101.25 27.76 4.07
CA THR GC 55 102.17 26.74 4.57
C THR GC 55 103.42 26.61 3.71
N MET GC 56 103.36 27.01 2.44
CA MET GC 56 104.56 27.09 1.59
C MET GC 56 105.53 28.16 2.06
N MET GC 57 105.05 29.18 2.80
CA MET GC 57 105.93 30.11 3.51
C MET GC 57 106.49 29.38 4.73
N ARG GC 58 107.46 28.51 4.48
CA ARG GC 58 108.02 27.62 5.49
C ARG GC 58 109.54 27.77 5.61
N LYS GC 59 110.21 28.35 4.61
CA LYS GC 59 111.63 28.62 4.70
C LYS GC 59 111.98 29.63 5.78
N ALA GC 60 111.01 30.47 6.20
CA ALA GC 60 111.18 31.29 7.39
C ALA GC 60 111.38 30.43 8.63
N ILE GC 61 110.52 29.43 8.83
CA ILE GC 61 110.65 28.53 9.98
C ILE GC 61 111.88 27.63 9.84
N ARG GC 62 112.21 27.27 8.60
CA ARG GC 62 113.43 26.50 8.32
C ARG GC 62 114.68 27.31 8.66
N GLY GC 63 114.62 28.64 8.53
CA GLY GC 63 115.68 29.49 9.04
C GLY GC 63 115.62 29.72 10.54
N HIS GC 64 114.40 29.72 11.12
CA HIS GC 64 114.26 29.79 12.57
C HIS GC 64 114.79 28.55 13.29
N LEU GC 65 114.94 27.44 12.56
CA LEU GC 65 115.68 26.29 13.09
C LEU GC 65 117.18 26.53 13.23
N GLU GC 66 117.72 27.60 12.61
CA GLU GC 66 119.14 27.96 12.59
C GLU GC 66 120.03 26.82 12.09
N ASN GC 67 119.73 26.38 10.86
CA ASN GC 67 120.53 25.35 10.21
C ASN GC 67 120.81 25.70 8.75
N ASN GC 68 120.91 26.98 8.43
CA ASN GC 68 120.93 27.44 7.06
C ASN GC 68 121.89 28.60 6.89
N PRO GC 69 122.35 28.85 5.66
CA PRO GC 69 122.81 30.19 5.27
C PRO GC 69 121.64 31.15 5.07
N ALA GC 70 121.89 32.28 4.40
CA ALA GC 70 120.93 33.39 4.30
C ALA GC 70 119.88 33.19 3.22
N LEU GC 71 119.43 31.94 3.03
CA LEU GC 71 118.51 31.51 1.97
C LEU GC 71 117.12 32.13 2.04
N GLU GC 72 116.81 32.98 3.01
CA GLU GC 72 115.48 33.55 3.20
C GLU GC 72 115.15 34.66 2.20
N LYS GC 73 116.00 34.89 1.19
CA LYS GC 73 115.73 35.91 0.16
C LYS GC 73 114.47 35.60 -0.63
N LEU GC 74 114.08 34.33 -0.73
CA LEU GC 74 112.85 33.95 -1.40
C LEU GC 74 111.60 34.17 -0.56
N LEU GC 75 111.71 34.73 0.65
CA LEU GC 75 110.51 35.00 1.44
C LEU GC 75 109.64 36.15 0.88
N PRO GC 76 110.17 37.26 0.36
CA PRO GC 76 109.29 38.18 -0.38
C PRO GC 76 109.05 37.82 -1.84
N HIS GC 77 109.49 36.65 -2.29
CA HIS GC 77 109.26 36.23 -3.68
C HIS GC 77 108.05 35.32 -3.85
N ILE GC 78 107.52 34.77 -2.76
CA ILE GC 78 106.34 33.90 -2.85
C ILE GC 78 105.13 34.82 -2.73
N ARG GC 79 104.73 35.40 -3.87
CA ARG GC 79 103.58 36.29 -3.95
C ARG GC 79 102.86 36.04 -5.28
N GLY GC 80 101.56 35.79 -5.19
CA GLY GC 80 100.75 35.61 -6.40
C GLY GC 80 100.92 34.27 -7.09
N ASN GC 81 100.50 33.20 -6.39
CA ASN GC 81 100.46 31.82 -6.90
C ASN GC 81 101.86 31.35 -7.33
N VAL GC 82 102.75 31.30 -6.34
CA VAL GC 82 104.14 30.89 -6.52
C VAL GC 82 104.29 29.45 -6.07
N GLY GC 83 104.84 28.61 -6.94
CA GLY GC 83 105.06 27.22 -6.61
C GLY GC 83 106.50 26.81 -6.84
N PHE GC 84 106.92 25.82 -6.05
CA PHE GC 84 108.30 25.32 -6.11
C PHE GC 84 108.39 24.15 -7.08
N VAL GC 85 109.56 24.00 -7.69
CA VAL GC 85 109.90 22.86 -8.53
C VAL GC 85 111.26 22.37 -8.03
N PHE GC 86 111.27 21.27 -7.30
CA PHE GC 86 112.49 20.75 -6.70
C PHE GC 86 113.18 19.80 -7.66
N THR GC 87 114.52 19.87 -7.67
CA THR GC 87 115.29 19.10 -8.63
C THR GC 87 116.67 18.77 -8.07
N LYS GC 88 117.32 17.81 -8.73
CA LYS GC 88 118.69 17.42 -8.44
C LYS GC 88 119.54 17.26 -9.69
N GLU GC 89 118.92 17.05 -10.86
CA GLU GC 89 119.65 16.68 -12.06
C GLU GC 89 120.44 17.85 -12.63
N ASP GC 90 119.75 18.94 -12.97
CA ASP GC 90 120.35 20.06 -13.69
C ASP GC 90 120.97 21.08 -12.74
N LEU GC 91 122.14 21.67 -13.08
CA LEU GC 91 123.25 21.30 -14.03
C LEU GC 91 123.01 21.15 -15.54
N THR GC 92 121.97 21.80 -16.07
CA THR GC 92 121.59 21.73 -17.48
C THR GC 92 120.59 22.86 -17.76
N GLU GC 93 120.84 23.65 -18.81
CA GLU GC 93 120.09 24.88 -19.04
C GLU GC 93 119.08 24.77 -20.19
N ILE GC 94 118.60 23.57 -20.50
CA ILE GC 94 117.60 23.40 -21.55
C ILE GC 94 116.24 23.00 -21.00
N ARG GC 95 116.04 23.11 -19.68
CA ARG GC 95 114.74 22.77 -19.10
C ARG GC 95 113.71 23.85 -19.40
N ASP GC 96 112.53 23.40 -19.82
CA ASP GC 96 111.27 24.12 -20.06
C ASP GC 96 111.30 24.98 -21.33
N MET GC 97 112.48 25.16 -21.93
CA MET GC 97 112.56 25.81 -23.23
C MET GC 97 112.34 24.81 -24.36
N LEU GC 98 112.86 23.59 -24.18
CA LEU GC 98 112.51 22.46 -25.03
C LEU GC 98 111.32 21.68 -24.49
N ARG GC 99 110.81 22.06 -23.32
CA ARG GC 99 109.71 21.34 -22.68
C ARG GC 99 108.44 22.18 -22.54
N ALA GC 100 108.43 23.42 -23.03
CA ALA GC 100 107.21 24.22 -23.08
C ALA GC 100 106.35 23.67 -24.22
N ASN GC 101 105.57 22.65 -23.90
CA ASN GC 101 104.78 21.92 -24.89
C ASN GC 101 103.44 22.61 -25.12
N LYS GC 102 102.94 22.49 -26.35
CA LYS GC 102 101.62 23.03 -26.67
C LYS GC 102 100.54 22.14 -26.07
N VAL GC 103 99.57 22.78 -25.42
CA VAL GC 103 98.51 22.09 -24.67
C VAL GC 103 97.17 22.63 -25.16
N PRO GC 104 96.11 21.79 -25.29
CA PRO GC 104 94.75 22.33 -25.33
C PRO GC 104 94.46 23.18 -24.09
N ALA GC 105 94.08 24.47 -24.15
CA ALA GC 105 93.34 25.23 -25.20
C ALA GC 105 92.06 24.52 -25.63
N ALA GC 106 91.14 24.41 -24.69
CA ALA GC 106 89.74 24.14 -24.96
C ALA GC 106 88.96 25.42 -24.70
N ALA GC 107 87.92 25.66 -25.49
CA ALA GC 107 87.20 26.92 -25.43
C ALA GC 107 86.35 27.00 -24.17
N ARG GC 108 86.63 28.00 -23.33
CA ARG GC 108 85.90 28.21 -22.09
C ARG GC 108 85.78 29.72 -21.86
N ALA GC 109 84.66 30.14 -21.29
CA ALA GC 109 84.39 31.55 -21.06
C ALA GC 109 85.29 32.10 -19.96
N GLY GC 110 86.03 33.18 -20.28
CA GLY GC 110 86.84 33.85 -19.27
C GLY GC 110 88.19 34.36 -19.76
N ALA GC 111 88.70 33.81 -20.86
CA ALA GC 111 90.02 34.17 -21.34
C ALA GC 111 89.94 35.31 -22.35
N ILE GC 112 90.83 36.28 -22.19
CA ILE GC 112 90.86 37.47 -23.03
C ILE GC 112 92.17 37.60 -23.81
N ALA GC 113 93.32 37.21 -23.18
CA ALA GC 113 94.70 37.38 -23.63
C ALA GC 113 95.14 36.20 -24.51
N PRO GC 114 96.07 36.41 -25.47
CA PRO GC 114 96.67 37.68 -25.91
C PRO GC 114 96.26 38.17 -27.30
N CYS GC 115 95.69 37.30 -28.13
CA CYS GC 115 95.58 37.59 -29.56
C CYS GC 115 94.15 37.47 -30.07
N GLU GC 116 93.99 37.50 -31.39
CA GLU GC 116 92.70 37.39 -32.03
C GLU GC 116 92.50 35.97 -32.57
N VAL GC 117 91.24 35.65 -32.86
CA VAL GC 117 90.87 34.37 -33.44
C VAL GC 117 90.14 34.63 -34.76
N THR GC 118 90.70 34.16 -35.86
CA THR GC 118 90.15 34.35 -37.18
C THR GC 118 89.75 33.00 -37.77
N VAL GC 119 88.61 32.97 -38.45
CA VAL GC 119 88.09 31.76 -39.08
C VAL GC 119 88.03 32.01 -40.59
N PRO GC 120 88.97 31.44 -41.36
CA PRO GC 120 88.93 31.60 -42.82
C PRO GC 120 87.82 30.81 -43.48
N ALA GC 121 87.72 30.91 -44.81
CA ALA GC 121 86.73 30.18 -45.59
C ALA GC 121 87.12 28.71 -45.62
N GLN GC 122 86.50 27.91 -44.76
CA GLN GC 122 86.80 26.49 -44.65
C GLN GC 122 85.53 25.75 -44.25
N ASN GC 123 85.34 24.57 -44.82
CA ASN GC 123 84.19 23.74 -44.53
C ASN GC 123 84.19 23.26 -43.07
N THR GC 124 82.99 23.00 -42.55
CA THR GC 124 82.86 22.57 -41.17
C THR GC 124 83.19 21.08 -41.03
N GLY GC 125 82.62 20.25 -41.88
CA GLY GC 125 82.82 18.81 -41.77
C GLY GC 125 82.03 18.16 -40.66
N LEU GC 126 80.97 18.80 -40.19
CA LEU GC 126 80.16 18.27 -39.09
C LEU GC 126 78.79 17.83 -39.60
N GLY GC 127 78.09 17.08 -38.77
CA GLY GC 127 76.82 16.50 -39.14
C GLY GC 127 75.69 17.50 -39.14
N PRO GC 128 74.48 17.01 -39.43
CA PRO GC 128 73.31 17.89 -39.49
C PRO GC 128 72.83 18.28 -38.09
N GLU GC 129 72.54 19.57 -37.89
CA GLU GC 129 72.71 20.62 -38.90
C GLU GC 129 74.02 21.39 -38.69
N LYS GC 130 74.34 21.66 -37.42
CA LYS GC 130 75.39 22.58 -36.99
C LYS GC 130 75.33 23.88 -37.77
N THR GC 131 74.17 24.53 -37.67
CA THR GC 131 73.96 25.86 -38.19
C THR GC 131 73.35 26.81 -37.18
N SER GC 132 72.88 26.31 -36.03
CA SER GC 132 72.18 27.16 -35.07
C SER GC 132 73.12 28.12 -34.36
N PHE GC 133 74.38 27.72 -34.14
CA PHE GC 133 75.35 28.64 -33.55
C PHE GC 133 75.73 29.75 -34.52
N PHE GC 134 75.88 29.39 -35.80
CA PHE GC 134 76.11 30.38 -36.84
C PHE GC 134 74.91 31.29 -37.04
N GLN GC 135 73.70 30.80 -36.76
CA GLN GC 135 72.53 31.66 -36.80
C GLN GC 135 72.42 32.55 -35.57
N ALA GC 136 72.91 32.08 -34.41
CA ALA GC 136 72.89 32.90 -33.21
C ALA GC 136 73.91 34.02 -33.28
N LEU GC 137 75.06 33.78 -33.92
CA LEU GC 137 76.07 34.83 -34.09
C LEU GC 137 75.84 35.66 -35.35
N GLY GC 138 75.80 35.01 -36.50
CA GLY GC 138 75.67 35.68 -37.79
C GLY GC 138 76.93 35.51 -38.61
N ILE GC 139 76.94 34.50 -39.48
CA ILE GC 139 78.05 34.19 -40.37
C ILE GC 139 77.45 33.79 -41.71
N THR GC 140 77.94 34.40 -42.79
CA THR GC 140 77.49 34.06 -44.13
C THR GC 140 77.99 32.67 -44.49
N THR GC 141 77.09 31.69 -44.44
CA THR GC 141 77.42 30.30 -44.73
C THR GC 141 76.64 29.85 -45.95
N LYS GC 142 77.25 28.96 -46.73
CA LYS GC 142 76.62 28.36 -47.90
C LYS GC 142 76.77 26.85 -47.84
N ILE GC 143 75.70 26.14 -48.16
CA ILE GC 143 75.71 24.68 -48.14
C ILE GC 143 76.16 24.19 -49.50
N SER GC 144 77.39 23.70 -49.57
CA SER GC 144 77.94 23.04 -50.74
C SER GC 144 77.61 21.54 -50.66
N ARG GC 145 78.34 20.72 -51.41
CA ARG GC 145 78.45 19.30 -51.10
C ARG GC 145 78.75 19.12 -49.61
N GLY GC 146 78.15 18.09 -49.02
CA GLY GC 146 77.60 18.08 -47.66
C GLY GC 146 78.22 18.91 -46.55
N THR GC 147 79.55 19.02 -46.53
CA THR GC 147 80.22 19.91 -45.59
C THR GC 147 79.89 21.36 -45.92
N ILE GC 148 79.26 22.06 -44.97
CA ILE GC 148 78.79 23.42 -45.18
C ILE GC 148 79.97 24.38 -45.08
N GLU GC 149 80.15 25.24 -46.08
CA GLU GC 149 81.28 26.14 -46.13
C GLU GC 149 80.88 27.55 -45.73
N ILE GC 150 81.89 28.39 -45.51
CA ILE GC 150 81.72 29.78 -45.09
C ILE GC 150 82.16 30.68 -46.22
N LEU GC 151 81.30 31.64 -46.60
CA LEU GC 151 81.61 32.49 -47.75
C LEU GC 151 82.64 33.55 -47.38
N SER GC 152 82.43 34.29 -46.30
CA SER GC 152 83.26 35.43 -45.95
C SER GC 152 84.38 34.98 -45.00
N ASP GC 153 85.10 35.97 -44.46
CA ASP GC 153 86.21 35.74 -43.53
C ASP GC 153 85.99 36.71 -42.36
N VAL GC 154 85.37 36.21 -41.30
CA VAL GC 154 84.99 37.05 -40.17
C VAL GC 154 85.85 36.72 -38.96
N GLN GC 155 85.93 37.67 -38.04
CA GLN GC 155 86.70 37.53 -36.81
C GLN GC 155 85.75 37.37 -35.64
N LEU GC 156 85.93 36.30 -34.87
CA LEU GC 156 85.02 36.02 -33.76
C LEU GC 156 85.42 36.78 -32.50
N ILE GC 157 86.62 36.52 -32.00
CA ILE GC 157 87.07 37.06 -30.72
C ILE GC 157 88.32 37.90 -30.96
N LYS GC 158 88.25 39.17 -30.58
CA LYS GC 158 89.38 40.09 -30.72
C LYS GC 158 90.24 40.03 -29.46
N THR GC 159 91.23 40.92 -29.37
CA THR GC 159 92.09 40.98 -28.20
C THR GC 159 91.34 41.63 -27.03
N GLY GC 160 91.48 41.05 -25.85
CA GLY GC 160 90.79 41.56 -24.68
C GLY GC 160 89.30 41.37 -24.68
N ASP GC 161 88.79 40.41 -25.45
CA ASP GC 161 87.36 40.20 -25.61
C ASP GC 161 86.92 39.03 -24.74
N LYS GC 162 85.77 39.18 -24.09
CA LYS GC 162 85.22 38.11 -23.27
C LYS GC 162 84.61 37.02 -24.16
N VAL GC 163 84.83 35.77 -23.77
CA VAL GC 163 84.34 34.62 -24.52
C VAL GC 163 82.92 34.32 -24.08
N GLY GC 164 82.01 34.19 -25.05
CA GLY GC 164 80.64 33.80 -24.75
C GLY GC 164 80.44 32.29 -24.79
N ALA GC 165 79.27 31.86 -24.31
CA ALA GC 165 78.98 30.44 -24.21
C ALA GC 165 78.76 29.81 -25.58
N SER GC 166 77.97 30.47 -26.44
CA SER GC 166 77.72 29.95 -27.78
C SER GC 166 78.99 29.99 -28.64
N GLU GC 167 79.80 31.04 -28.46
CA GLU GC 167 81.09 31.12 -29.14
C GLU GC 167 82.02 30.01 -28.68
N ALA GC 168 82.03 29.70 -27.38
CA ALA GC 168 82.86 28.62 -26.86
C ALA GC 168 82.41 27.26 -27.38
N THR GC 169 81.09 27.04 -27.47
CA THR GC 169 80.59 25.77 -27.99
C THR GC 169 80.88 25.61 -29.48
N LEU GC 170 80.76 26.70 -30.26
CA LEU GC 170 81.04 26.56 -31.68
C LEU GC 170 82.54 26.43 -31.95
N LEU GC 171 83.39 27.05 -31.12
CA LEU GC 171 84.83 26.81 -31.25
C LEU GC 171 85.20 25.40 -30.83
N ASN GC 172 84.53 24.84 -29.82
CA ASN GC 172 84.77 23.45 -29.45
C ASN GC 172 84.30 22.48 -30.54
N MET GC 173 83.24 22.84 -31.27
CA MET GC 173 82.79 21.97 -32.34
C MET GC 173 83.63 22.12 -33.62
N LEU GC 174 84.12 23.33 -33.91
CA LEU GC 174 84.97 23.53 -35.07
C LEU GC 174 86.42 23.14 -34.82
N ASN GC 175 86.80 22.91 -33.55
CA ASN GC 175 88.13 22.47 -33.13
C ASN GC 175 89.24 23.46 -33.51
N ILE GC 176 88.89 24.72 -33.74
CA ILE GC 176 89.89 25.76 -33.96
C ILE GC 176 90.46 26.15 -32.61
N SER GC 177 91.79 26.19 -32.51
CA SER GC 177 92.48 26.25 -31.23
C SER GC 177 92.29 27.59 -30.52
N PRO GC 178 91.69 27.62 -29.33
CA PRO GC 178 91.56 28.86 -28.57
C PRO GC 178 92.83 29.21 -27.81
N PHE GC 179 92.71 30.19 -26.91
CA PHE GC 179 93.82 30.67 -26.09
C PHE GC 179 94.43 29.55 -25.26
N SER GC 180 95.76 29.42 -25.34
CA SER GC 180 96.50 28.41 -24.61
C SER GC 180 97.48 29.08 -23.65
N PHE GC 181 97.74 28.41 -22.53
CA PHE GC 181 98.64 28.94 -21.52
C PHE GC 181 99.18 27.80 -20.67
N GLY GC 182 100.49 27.82 -20.44
CA GLY GC 182 101.15 26.88 -19.57
C GLY GC 182 101.78 27.56 -18.38
N LEU GC 183 102.39 26.75 -17.52
CA LEU GC 183 103.05 27.28 -16.33
C LEU GC 183 104.32 28.03 -16.73
N VAL GC 184 104.53 29.20 -16.12
CA VAL GC 184 105.58 30.12 -16.51
C VAL GC 184 106.61 30.18 -15.40
N ILE GC 185 107.88 29.95 -15.74
CA ILE GC 185 108.97 30.11 -14.79
C ILE GC 185 109.17 31.60 -14.51
N GLN GC 186 109.41 31.93 -13.24
CA GLN GC 186 109.49 33.31 -12.80
C GLN GC 186 110.78 33.66 -12.08
N GLN GC 187 111.38 32.72 -11.36
CA GLN GC 187 112.61 32.99 -10.63
C GLN GC 187 113.42 31.71 -10.52
N VAL GC 188 114.72 31.81 -10.81
CA VAL GC 188 115.64 30.68 -10.75
C VAL GC 188 116.45 30.79 -9.47
N PHE GC 189 116.54 29.69 -8.73
CA PHE GC 189 117.25 29.66 -7.46
C PHE GC 189 118.07 28.37 -7.39
N ASP GC 190 119.38 28.48 -7.55
CA ASP GC 190 120.27 27.32 -7.56
C ASP GC 190 121.38 27.55 -6.54
N ASN GC 191 121.22 26.94 -5.36
CA ASN GC 191 122.21 26.88 -4.28
C ASN GC 191 122.62 28.26 -3.78
N GLY GC 192 121.62 29.00 -3.29
CA GLY GC 192 121.88 30.28 -2.65
C GLY GC 192 122.21 31.42 -3.57
N SER GC 193 122.00 31.26 -4.87
CA SER GC 193 122.27 32.32 -5.84
C SER GC 193 120.99 33.07 -6.16
N ILE GC 194 121.14 34.37 -6.39
CA ILE GC 194 120.02 35.24 -6.75
C ILE GC 194 120.13 35.52 -8.24
N TYR GC 195 119.35 34.79 -9.03
CA TYR GC 195 119.34 34.97 -10.47
C TYR GC 195 118.33 36.04 -10.87
N ASN GC 196 118.66 36.76 -11.95
CA ASN GC 196 117.83 37.84 -12.48
C ASN GC 196 117.50 37.49 -13.92
N PRO GC 197 116.44 36.67 -14.17
CA PRO GC 197 116.18 36.11 -15.50
C PRO GC 197 115.49 37.07 -16.48
N GLU GC 198 115.97 38.31 -16.54
CA GLU GC 198 115.43 39.31 -17.47
C GLU GC 198 116.55 40.09 -18.19
N VAL GC 199 117.47 39.45 -18.92
CA VAL GC 199 117.46 38.05 -19.38
C VAL GC 199 118.88 37.50 -19.16
N LEU GC 200 119.02 36.60 -18.19
CA LEU GC 200 120.32 36.05 -17.86
C LEU GC 200 120.39 34.53 -18.00
N ASP GC 201 119.36 33.81 -17.57
CA ASP GC 201 119.38 32.37 -17.62
C ASP GC 201 119.16 31.85 -19.05
N ILE GC 202 119.64 30.62 -19.28
CA ILE GC 202 119.41 29.84 -20.50
C ILE GC 202 119.91 30.55 -21.77
N THR HC 1 38.23 33.33 -73.31
CA THR HC 1 39.43 32.85 -74.00
C THR HC 1 39.41 31.34 -74.13
N VAL HC 2 38.26 30.81 -74.57
CA VAL HC 2 38.11 29.36 -74.72
C VAL HC 2 38.94 28.86 -75.89
N ASP HC 3 38.87 29.55 -77.03
CA ASP HC 3 39.71 29.20 -78.17
C ASP HC 3 41.18 29.46 -77.88
N GLN HC 4 41.48 30.47 -77.04
CA GLN HC 4 42.86 30.76 -76.70
C GLN HC 4 43.46 29.68 -75.80
N ILE HC 5 42.66 29.15 -74.86
CA ILE HC 5 43.18 28.08 -74.02
C ILE HC 5 43.13 26.73 -74.74
N ARG HC 6 42.31 26.60 -75.79
CA ARG HC 6 42.42 25.45 -76.67
C ARG HC 6 43.61 25.55 -77.63
N ALA HC 7 44.09 26.76 -77.89
CA ALA HC 7 45.24 26.96 -78.77
C ALA HC 7 46.58 26.68 -78.10
N ILE HC 8 46.59 26.25 -76.84
CA ILE HC 8 47.81 25.90 -76.15
C ILE HC 8 47.82 24.37 -76.05
N MET HC 9 47.09 23.73 -76.98
CA MET HC 9 47.10 22.28 -77.04
C MET HC 9 48.29 21.78 -77.86
N ASP HC 10 48.68 22.52 -78.90
CA ASP HC 10 49.79 22.12 -79.75
C ASP HC 10 51.16 22.43 -79.16
N LYS HC 11 51.22 23.13 -78.03
CA LYS HC 11 52.50 23.52 -77.44
C LYS HC 11 53.12 22.36 -76.66
N LYS HC 12 52.41 21.88 -75.63
CA LYS HC 12 52.72 20.70 -74.82
C LYS HC 12 54.04 20.77 -74.06
N ALA HC 13 54.65 21.96 -74.00
CA ALA HC 13 55.81 22.20 -73.16
C ALA HC 13 55.77 23.58 -72.50
N ASN HC 14 54.68 24.33 -72.69
CA ASN HC 14 54.58 25.70 -72.19
C ASN HC 14 53.73 25.80 -70.94
N ILE HC 15 52.93 24.80 -70.63
CA ILE HC 15 52.12 24.81 -69.42
C ILE HC 15 53.00 24.54 -68.22
N ARG HC 16 52.81 25.32 -67.15
CA ARG HC 16 53.53 25.10 -65.90
C ARG HC 16 52.54 24.78 -64.79
N ASN HC 17 52.83 23.71 -64.03
CA ASN HC 17 51.96 23.21 -62.98
C ASN HC 17 52.54 23.59 -61.63
N MET HC 18 51.93 24.59 -60.98
CA MET HC 18 52.42 25.15 -59.73
C MET HC 18 51.48 24.82 -58.58
N SER HC 19 52.03 24.76 -57.38
CA SER HC 19 51.26 24.70 -56.15
C SER HC 19 51.83 25.73 -55.18
N VAL HC 20 50.95 26.47 -54.50
CA VAL HC 20 51.40 27.46 -53.53
C VAL HC 20 51.22 26.89 -52.12
N ILE HC 21 52.34 26.77 -51.39
CA ILE HC 21 52.35 26.08 -50.10
C ILE HC 21 53.09 26.96 -49.09
N ALA HC 22 52.72 26.79 -47.81
CA ALA HC 22 53.22 27.59 -46.70
C ALA HC 22 52.79 26.92 -45.40
N HIS HC 23 53.32 27.46 -44.30
CA HIS HC 23 52.70 27.30 -43.00
C HIS HC 23 51.40 28.09 -42.95
N VAL HC 24 50.48 27.66 -42.08
CA VAL HC 24 49.09 28.13 -42.11
C VAL HC 24 48.94 29.60 -41.70
N ASP HC 25 49.95 30.18 -41.03
CA ASP HC 25 49.88 31.58 -40.64
C ASP HC 25 50.09 32.54 -41.83
N HIS HC 26 50.50 32.01 -42.98
CA HIS HC 26 50.93 32.83 -44.11
C HIS HC 26 49.77 33.08 -45.06
N GLY HC 27 50.04 33.88 -46.08
CA GLY HC 27 49.03 34.22 -47.07
C GLY HC 27 49.24 33.52 -48.41
N LYS HC 28 48.43 32.51 -48.69
CA LYS HC 28 48.42 31.85 -49.98
C LYS HC 28 47.36 32.43 -50.90
N SER HC 29 46.14 32.57 -50.39
CA SER HC 29 45.03 33.07 -51.17
C SER HC 29 45.21 34.55 -51.50
N THR HC 30 45.99 35.28 -50.70
CA THR HC 30 46.32 36.66 -51.01
C THR HC 30 47.16 36.75 -52.29
N LEU HC 31 48.23 35.95 -52.36
CA LEU HC 31 49.09 35.94 -53.54
C LEU HC 31 48.35 35.39 -54.76
N THR HC 32 47.55 34.34 -54.56
CA THR HC 32 46.82 33.77 -55.68
C THR HC 32 45.69 34.71 -56.14
N ASP HC 33 45.13 35.49 -55.20
CA ASP HC 33 44.10 36.45 -55.55
C ASP HC 33 44.67 37.63 -56.32
N SER HC 34 45.86 38.10 -55.92
CA SER HC 34 46.52 39.16 -56.69
C SER HC 34 46.94 38.66 -58.07
N LEU HC 35 47.37 37.40 -58.15
CA LEU HC 35 47.80 36.85 -59.43
C LEU HC 35 46.63 36.62 -60.37
N VAL HC 36 45.47 36.21 -59.84
CA VAL HC 36 44.30 36.07 -60.71
C VAL HC 36 43.64 37.43 -60.96
N CYS HC 37 43.87 38.41 -60.09
CA CYS HC 37 43.30 39.74 -60.29
C CYS HC 37 44.10 40.53 -61.32
N LYS HC 38 45.36 40.16 -61.53
CA LYS HC 38 46.10 40.69 -62.67
C LYS HC 38 45.45 40.29 -63.99
N ALA HC 39 45.13 39.00 -64.13
CA ALA HC 39 44.45 38.51 -65.33
C ALA HC 39 43.03 39.06 -65.44
N GLY HC 40 42.36 39.23 -64.29
CA GLY HC 40 41.07 39.89 -64.25
C GLY HC 40 39.94 39.09 -64.86
N ILE HC 41 39.62 37.94 -64.27
CA ILE HC 41 38.50 37.15 -64.76
C ILE HC 41 37.18 37.58 -64.11
N ILE HC 42 37.21 38.03 -62.85
CA ILE HC 42 36.05 38.60 -62.19
C ILE HC 42 36.38 39.98 -61.64
N ALA HC 43 37.42 40.06 -60.80
CA ALA HC 43 37.77 41.29 -60.12
C ALA HC 43 39.01 41.92 -60.73
N SER HC 44 39.08 43.25 -60.64
CA SER HC 44 40.20 44.00 -61.20
C SER HC 44 40.80 44.96 -60.19
N ALA HC 45 39.98 45.45 -59.26
CA ALA HC 45 40.40 46.46 -58.30
C ALA HC 45 40.45 45.95 -56.86
N ARG HC 46 40.56 44.63 -56.69
CA ARG HC 46 40.65 43.94 -55.39
C ARG HC 46 39.46 44.23 -54.47
N ALA HC 47 38.27 44.49 -55.05
CA ALA HC 47 37.05 44.64 -54.29
C ALA HC 47 35.99 43.60 -54.64
N GLY HC 48 36.14 42.93 -55.78
CA GLY HC 48 35.21 41.91 -56.21
C GLY HC 48 35.48 40.56 -55.59
N GLU HC 49 35.05 40.38 -54.34
CA GLU HC 49 35.19 39.15 -53.56
C GLU HC 49 36.66 38.75 -53.40
N THR HC 50 37.35 39.58 -52.61
CA THR HC 50 38.70 39.25 -52.12
C THR HC 50 38.67 37.90 -51.41
N ARG HC 51 39.75 37.13 -51.61
CA ARG HC 51 39.80 35.67 -51.41
C ARG HC 51 38.73 34.99 -52.26
N PHE HC 52 38.93 35.12 -53.57
CA PHE HC 52 38.09 34.45 -54.57
C PHE HC 52 38.49 32.99 -54.77
N THR HC 53 39.71 32.61 -54.36
CA THR HC 53 40.24 31.30 -54.68
C THR HC 53 39.52 30.20 -53.90
N ASP HC 54 39.41 30.35 -52.59
CA ASP HC 54 38.60 29.45 -51.81
C ASP HC 54 37.11 29.68 -52.09
N THR HC 55 36.33 28.62 -51.98
CA THR HC 55 34.96 28.62 -52.50
C THR HC 55 33.91 28.43 -51.42
N ARG HC 56 34.14 27.55 -50.46
CA ARG HC 56 33.10 27.09 -49.54
C ARG HC 56 32.69 28.19 -48.56
N LYS HC 57 31.56 27.95 -47.89
CA LYS HC 57 31.01 28.91 -46.95
C LYS HC 57 31.88 29.02 -45.70
N ASP HC 58 32.40 27.89 -45.22
CA ASP HC 58 33.35 27.93 -44.11
C ASP HC 58 34.66 28.59 -44.53
N GLU HC 59 35.06 28.39 -45.79
CA GLU HC 59 36.26 29.04 -46.32
C GLU HC 59 36.08 30.55 -46.44
N GLN HC 60 34.86 31.01 -46.67
CA GLN HC 60 34.60 32.45 -46.74
C GLN HC 60 34.42 33.06 -45.36
N GLU HC 61 33.79 32.32 -44.44
CA GLU HC 61 33.58 32.83 -43.09
C GLU HC 61 34.88 32.84 -42.29
N ARG HC 62 35.47 31.68 -42.07
CA ARG HC 62 36.74 31.59 -41.37
C ARG HC 62 37.87 31.97 -42.32
N CYS HC 63 38.93 32.54 -41.77
CA CYS HC 63 40.06 33.01 -42.58
C CYS HC 63 41.09 31.90 -42.79
N ILE HC 64 40.63 30.74 -43.23
CA ILE HC 64 41.49 29.59 -43.52
C ILE HC 64 41.03 28.96 -44.83
N THR HC 65 41.83 28.03 -45.34
CA THR HC 65 41.54 27.33 -46.58
C THR HC 65 41.30 25.86 -46.27
N ILE HC 66 40.14 25.35 -46.66
CA ILE HC 66 39.79 23.96 -46.38
C ILE HC 66 40.14 23.05 -47.54
N LYS HC 67 39.64 23.36 -48.74
CA LYS HC 67 39.81 22.53 -49.92
C LYS HC 67 40.84 23.15 -50.86
N SER HC 68 41.51 22.29 -51.62
CA SER HC 68 42.45 22.76 -52.64
C SER HC 68 41.68 23.20 -53.88
N THR HC 69 42.21 24.23 -54.55
CA THR HC 69 41.54 24.80 -55.71
C THR HC 69 42.57 25.19 -56.76
N ALA HC 70 42.38 24.70 -57.98
CA ALA HC 70 43.32 24.94 -59.07
C ALA HC 70 42.72 25.89 -60.11
N ILE HC 71 43.54 26.83 -60.57
CA ILE HC 71 43.13 27.88 -61.50
C ILE HC 71 44.18 27.95 -62.62
N SER HC 72 43.72 28.00 -63.86
CA SER HC 72 44.58 28.27 -65.00
C SER HC 72 44.64 29.77 -65.27
N LEU HC 73 45.84 30.24 -65.62
CA LEU HC 73 46.05 31.63 -65.99
C LEU HC 73 46.88 31.67 -67.27
N PHE HC 74 46.39 32.43 -68.26
CA PHE HC 74 47.08 32.64 -69.51
C PHE HC 74 47.60 34.08 -69.56
N TYR HC 75 48.80 34.25 -70.09
CA TYR HC 75 49.44 35.56 -70.16
C TYR HC 75 50.50 35.52 -71.26
N GLU HC 76 51.22 36.63 -71.40
CA GLU HC 76 52.15 36.79 -72.51
C GLU HC 76 53.22 37.81 -72.13
N LEU HC 77 54.47 37.50 -72.45
CA LEU HC 77 55.59 38.42 -72.31
C LEU HC 77 56.15 38.80 -73.67
N SER HC 78 56.55 40.06 -73.80
CA SER HC 78 57.34 40.50 -74.95
C SER HC 78 58.24 41.62 -74.46
N GLU HC 79 59.44 41.25 -74.02
CA GLU HC 79 60.43 42.17 -73.47
C GLU HC 79 61.81 41.69 -73.90
N ASN HC 80 62.84 42.23 -73.26
CA ASN HC 80 64.20 41.73 -73.47
C ASN HC 80 64.44 40.37 -72.83
N ASP HC 81 63.56 39.94 -71.92
CA ASP HC 81 63.60 38.59 -71.35
C ASP HC 81 62.68 37.63 -72.10
N LEU HC 82 62.49 37.84 -73.41
CA LEU HC 82 61.63 36.96 -74.20
C LEU HC 82 62.26 35.58 -74.35
N ASN HC 83 63.58 35.53 -74.53
CA ASN HC 83 64.32 34.28 -74.64
C ASN HC 83 65.09 33.94 -73.36
N PHE HC 84 64.51 34.24 -72.21
CA PHE HC 84 65.22 34.13 -70.94
C PHE HC 84 65.02 32.78 -70.25
N ILE HC 85 64.03 31.99 -70.69
CA ILE HC 85 63.83 30.66 -70.11
C ILE HC 85 64.96 29.72 -70.56
N LYS HC 86 65.11 28.64 -69.82
CA LYS HC 86 66.13 27.65 -70.14
C LYS HC 86 65.64 26.56 -71.09
N GLN HC 87 64.32 26.36 -71.15
CA GLN HC 87 63.75 25.35 -72.02
C GLN HC 87 63.30 25.97 -73.34
N SER HC 88 62.60 25.17 -74.16
CA SER HC 88 62.12 25.65 -75.45
C SER HC 88 60.89 26.53 -75.26
N LYS HC 89 60.66 27.41 -76.24
CA LYS HC 89 59.54 28.34 -76.22
C LYS HC 89 58.82 28.28 -77.56
N ASP HC 90 57.52 27.96 -77.51
CA ASP HC 90 56.70 27.82 -78.70
C ASP HC 90 55.43 28.63 -78.53
N GLY HC 91 55.13 29.50 -79.51
CA GLY HC 91 53.90 30.25 -79.53
C GLY HC 91 53.89 31.53 -78.72
N ALA HC 92 54.78 31.66 -77.73
CA ALA HC 92 54.92 32.82 -76.84
C ALA HC 92 53.63 33.14 -76.07
N GLY HC 93 52.82 32.11 -75.80
CA GLY HC 93 51.66 32.27 -74.94
C GLY HC 93 51.77 31.38 -73.71
N PHE HC 94 51.94 31.98 -72.54
CA PHE HC 94 52.28 31.25 -71.34
C PHE HC 94 51.02 30.85 -70.58
N LEU HC 95 50.97 29.60 -70.13
CA LEU HC 95 49.81 29.05 -69.42
C LEU HC 95 50.30 28.36 -68.16
N ILE HC 96 49.69 28.70 -67.01
CA ILE HC 96 50.07 28.12 -65.73
C ILE HC 96 48.82 27.62 -65.01
N ASN HC 97 48.81 26.34 -64.68
CA ASN HC 97 47.82 25.76 -63.77
C ASN HC 97 48.40 25.78 -62.37
N LEU HC 98 47.94 26.71 -61.54
CA LEU HC 98 48.43 26.80 -60.16
C LEU HC 98 47.31 26.44 -59.19
N ILE HC 99 47.66 25.71 -58.13
CA ILE HC 99 46.69 25.21 -57.18
C ILE HC 99 47.03 25.75 -55.78
N ASP HC 100 46.00 26.26 -55.10
CA ASP HC 100 46.08 26.65 -53.71
C ASP HC 100 45.74 25.44 -52.85
N SER HC 101 46.60 25.18 -51.86
CA SER HC 101 46.57 24.08 -50.92
C SER HC 101 46.28 24.59 -49.52
N PRO HC 102 45.70 23.78 -48.64
CA PRO HC 102 45.56 24.18 -47.24
C PRO HC 102 46.92 24.16 -46.53
N GLY HC 103 46.98 24.84 -45.40
CA GLY HC 103 48.24 24.96 -44.69
C GLY HC 103 48.24 24.27 -43.34
N HIS HC 104 47.10 23.71 -42.96
CA HIS HC 104 46.97 23.10 -41.64
C HIS HC 104 47.73 21.78 -41.58
N VAL HC 105 48.07 21.38 -40.34
CA VAL HC 105 48.72 20.10 -40.13
C VAL HC 105 47.74 18.96 -40.32
N ASP HC 106 46.44 19.21 -40.11
CA ASP HC 106 45.42 18.18 -40.23
C ASP HC 106 44.94 18.00 -41.65
N PHE HC 107 45.42 18.82 -42.58
CA PHE HC 107 44.97 18.82 -43.97
C PHE HC 107 46.12 18.46 -44.91
N SER HC 108 46.97 17.53 -44.48
CA SER HC 108 48.17 17.17 -45.24
C SER HC 108 47.86 16.31 -46.46
N SER HC 109 46.68 15.71 -46.53
CA SER HC 109 46.33 14.85 -47.66
C SER HC 109 46.17 15.66 -48.95
N GLU HC 110 45.55 16.83 -48.85
CA GLU HC 110 45.40 17.67 -50.03
C GLU HC 110 46.74 18.28 -50.44
N VAL HC 111 47.63 18.52 -49.49
CA VAL HC 111 48.97 18.98 -49.81
C VAL HC 111 49.74 17.89 -50.55
N THR HC 112 49.62 16.64 -50.09
CA THR HC 112 50.27 15.51 -50.75
C THR HC 112 49.70 15.30 -52.15
N ALA HC 113 48.38 15.46 -52.31
CA ALA HC 113 47.75 15.31 -53.63
C ALA HC 113 48.18 16.42 -54.58
N ALA HC 114 48.25 17.66 -54.09
CA ALA HC 114 48.65 18.77 -54.94
C ALA HC 114 50.12 18.67 -55.33
N LEU HC 115 50.97 18.20 -54.42
CA LEU HC 115 52.38 18.02 -54.77
C LEU HC 115 52.58 16.82 -55.70
N ARG HC 116 51.71 15.81 -55.61
CA ARG HC 116 51.80 14.70 -56.56
C ARG HC 116 51.34 15.12 -57.95
N VAL HC 117 50.31 15.98 -58.02
CA VAL HC 117 49.83 16.43 -59.32
C VAL HC 117 50.79 17.43 -59.95
N THR HC 118 51.05 18.54 -59.28
CA THR HC 118 51.86 19.60 -59.87
C THR HC 118 53.35 19.28 -59.74
N ASP HC 119 54.17 20.16 -60.31
CA ASP HC 119 55.60 19.94 -60.38
C ASP HC 119 56.44 21.07 -59.82
N GLY HC 120 55.85 22.23 -59.55
CA GLY HC 120 56.57 23.34 -58.94
C GLY HC 120 55.91 23.74 -57.63
N ALA HC 121 56.73 24.20 -56.69
CA ALA HC 121 56.26 24.53 -55.34
C ALA HC 121 56.64 25.96 -55.00
N LEU HC 122 55.70 26.90 -55.19
CA LEU HC 122 55.90 28.22 -54.63
C LEU HC 122 55.66 28.15 -53.12
N VAL HC 123 56.73 27.95 -52.37
CA VAL HC 123 56.67 27.98 -50.92
C VAL HC 123 56.89 29.40 -50.45
N VAL HC 124 56.18 29.80 -49.41
CA VAL HC 124 56.24 31.18 -48.95
C VAL HC 124 56.32 31.22 -47.42
N VAL HC 125 57.23 32.03 -46.89
CA VAL HC 125 57.50 32.09 -45.47
C VAL HC 125 57.75 33.55 -45.08
N ASP HC 126 57.33 33.93 -43.87
CA ASP HC 126 57.44 35.30 -43.39
C ASP HC 126 58.86 35.61 -42.96
N CYS HC 127 59.09 36.90 -42.71
CA CYS HC 127 60.25 37.37 -42.00
C CYS HC 127 60.02 37.47 -40.50
N VAL HC 128 58.82 37.12 -40.03
CA VAL HC 128 58.44 37.24 -38.64
C VAL HC 128 58.19 35.87 -38.01
N SER HC 129 57.52 34.98 -38.75
CA SER HC 129 57.07 33.71 -38.18
C SER HC 129 58.24 32.77 -37.90
N GLY HC 130 59.24 32.72 -38.78
CA GLY HC 130 60.49 32.08 -38.44
C GLY HC 130 60.67 30.65 -38.91
N VAL HC 131 60.64 29.71 -37.95
CA VAL HC 131 61.07 28.34 -38.24
C VAL HC 131 60.03 27.60 -39.08
N CYS HC 132 58.74 27.74 -38.74
CA CYS HC 132 57.60 27.30 -39.57
C CYS HC 132 57.64 25.80 -39.85
N VAL HC 133 57.35 25.04 -38.79
CA VAL HC 133 57.39 23.57 -38.81
C VAL HC 133 56.50 22.98 -39.91
N GLN HC 134 55.39 23.64 -40.27
CA GLN HC 134 54.58 23.16 -41.37
C GLN HC 134 55.23 23.46 -42.72
N THR HC 135 55.96 24.57 -42.84
CA THR HC 135 56.74 24.81 -44.04
C THR HC 135 57.86 23.78 -44.18
N GLU HC 136 58.47 23.38 -43.05
CA GLU HC 136 59.47 22.31 -43.07
C GLU HC 136 58.85 20.98 -43.47
N THR HC 137 57.63 20.71 -42.99
CA THR HC 137 56.95 19.46 -43.34
C THR HC 137 56.58 19.41 -44.82
N VAL HC 138 56.08 20.52 -45.37
CA VAL HC 138 55.73 20.50 -46.79
C VAL HC 138 56.97 20.57 -47.68
N LEU HC 139 58.10 21.09 -47.19
CA LEU HC 139 59.33 20.95 -47.95
C LEU HC 139 59.83 19.51 -47.93
N ARG HC 140 59.63 18.80 -46.82
CA ARG HC 140 59.91 17.36 -46.78
C ARG HC 140 59.05 16.61 -47.79
N GLN HC 141 57.77 16.97 -47.87
CA GLN HC 141 56.88 16.32 -48.84
C GLN HC 141 57.26 16.65 -50.27
N ALA HC 142 57.66 17.91 -50.52
CA ALA HC 142 58.03 18.32 -51.87
C ALA HC 142 59.33 17.67 -52.32
N ILE HC 143 60.31 17.53 -51.42
CA ILE HC 143 61.53 16.85 -51.81
C ILE HC 143 61.36 15.33 -51.80
N ALA HC 144 60.34 14.81 -51.11
CA ALA HC 144 60.05 13.39 -51.20
C ALA HC 144 59.39 13.04 -52.53
N GLU HC 145 58.54 13.94 -53.04
CA GLU HC 145 57.90 13.73 -54.34
C GLU HC 145 58.59 14.49 -55.46
N ARG HC 146 59.81 14.99 -55.23
CA ARG HC 146 60.69 15.60 -56.23
C ARG HC 146 60.05 16.83 -56.87
N ILE HC 147 59.77 17.83 -56.04
CA ILE HC 147 59.15 19.07 -56.48
C ILE HC 147 60.12 20.21 -56.20
N LYS HC 148 60.34 21.06 -57.20
CA LYS HC 148 61.30 22.13 -57.08
C LYS HC 148 60.68 23.33 -56.35
N PRO HC 149 61.27 23.80 -55.25
CA PRO HC 149 60.69 24.94 -54.54
C PRO HC 149 61.27 26.29 -54.94
N VAL HC 150 60.41 27.29 -54.87
CA VAL HC 150 60.77 28.70 -55.04
C VAL HC 150 60.13 29.49 -53.90
N LEU HC 151 60.90 30.42 -53.32
CA LEU HC 151 60.59 30.97 -52.01
C LEU HC 151 60.12 32.43 -52.09
N MET HC 152 59.07 32.76 -51.34
CA MET HC 152 58.52 34.11 -51.34
C MET HC 152 58.30 34.57 -49.88
N MET HC 153 58.03 35.86 -49.68
CA MET HC 153 58.06 36.46 -48.35
C MET HC 153 56.67 36.82 -47.79
N ASN HC 154 55.92 37.72 -48.45
CA ASN HC 154 54.48 37.92 -48.19
C ASN HC 154 54.12 38.29 -46.76
N LYS HC 155 54.17 39.60 -46.42
CA LYS HC 155 54.45 40.32 -45.15
C LYS HC 155 55.91 40.68 -45.01
N MET HC 156 56.59 40.92 -46.13
CA MET HC 156 57.76 41.79 -46.09
C MET HC 156 57.37 43.21 -45.67
N ASP HC 157 56.17 43.66 -46.06
CA ASP HC 157 55.69 44.99 -45.71
C ASP HC 157 55.38 45.12 -44.22
N ARG HC 158 55.09 44.00 -43.56
CA ARG HC 158 54.80 44.05 -42.14
C ARG HC 158 56.04 44.41 -41.33
N ALA HC 159 57.22 43.97 -41.78
CA ALA HC 159 58.46 44.38 -41.14
C ALA HC 159 58.78 45.85 -41.39
N LEU HC 160 58.31 46.39 -42.52
CA LEU HC 160 58.59 47.77 -42.85
C LEU HC 160 57.65 48.74 -42.14
N LEU HC 161 56.39 48.35 -41.94
CA LEU HC 161 55.40 49.21 -41.30
C LEU HC 161 55.25 48.94 -39.81
N GLU HC 162 54.89 47.70 -39.45
CA GLU HC 162 54.51 47.40 -38.08
C GLU HC 162 55.69 47.06 -37.20
N LEU HC 163 56.62 46.25 -37.70
CA LEU HC 163 57.69 45.71 -36.86
C LEU HC 163 58.81 46.72 -36.63
N GLN HC 164 59.00 47.67 -37.56
CA GLN HC 164 59.99 48.74 -37.48
C GLN HC 164 61.41 48.18 -37.33
N LEU HC 165 61.85 47.54 -38.41
CA LEU HC 165 63.11 46.82 -38.42
C LEU HC 165 64.08 47.44 -39.43
N GLU HC 166 65.36 47.38 -39.09
CA GLU HC 166 66.42 48.08 -39.83
C GLU HC 166 66.77 47.33 -41.11
N PRO HC 167 67.41 48.00 -42.09
CA PRO HC 167 67.88 47.27 -43.28
C PRO HC 167 68.99 46.26 -42.99
N GLU HC 168 69.84 46.53 -42.00
CA GLU HC 168 70.86 45.56 -41.61
C GLU HC 168 70.22 44.28 -41.06
N GLU HC 169 69.26 44.43 -40.15
CA GLU HC 169 68.51 43.29 -39.65
C GLU HC 169 67.61 42.69 -40.71
N LEU HC 170 67.24 43.44 -41.75
CA LEU HC 170 66.47 42.88 -42.85
C LEU HC 170 67.32 41.95 -43.70
N TYR HC 171 68.55 42.37 -43.99
CA TYR HC 171 69.55 41.49 -44.60
C TYR HC 171 69.75 40.24 -43.75
N GLN HC 172 69.92 40.43 -42.43
CA GLN HC 172 70.20 39.29 -41.56
C GLN HC 172 69.01 38.32 -41.50
N THR HC 173 67.79 38.85 -41.46
CA THR HC 173 66.60 38.01 -41.44
C THR HC 173 66.44 37.24 -42.75
N PHE HC 174 66.67 37.91 -43.89
CA PHE HC 174 66.65 37.24 -45.18
C PHE HC 174 67.70 36.14 -45.26
N GLN HC 175 68.89 36.40 -44.72
CA GLN HC 175 69.96 35.41 -44.73
C GLN HC 175 69.62 34.21 -43.86
N ARG HC 176 69.02 34.43 -42.69
CA ARG HC 176 68.63 33.33 -41.82
C ARG HC 176 67.51 32.50 -42.44
N ILE HC 177 66.58 33.15 -43.14
CA ILE HC 177 65.49 32.44 -43.81
C ILE HC 177 66.02 31.56 -44.94
N VAL HC 178 66.88 32.13 -45.79
CA VAL HC 178 67.44 31.37 -46.92
C VAL HC 178 68.33 30.24 -46.40
N GLU HC 179 69.06 30.48 -45.30
CA GLU HC 179 69.89 29.44 -44.71
C GLU HC 179 69.04 28.32 -44.12
N ASN HC 180 67.93 28.64 -43.45
CA ASN HC 180 67.07 27.61 -42.88
C ASN HC 180 66.39 26.78 -43.95
N VAL HC 181 65.93 27.42 -45.03
CA VAL HC 181 65.31 26.66 -46.11
C VAL HC 181 66.35 25.80 -46.83
N ASN HC 182 67.59 26.29 -46.96
CA ASN HC 182 68.64 25.48 -47.54
C ASN HC 182 69.02 24.29 -46.64
N VAL HC 183 68.97 24.45 -45.32
CA VAL HC 183 69.20 23.33 -44.41
C VAL HC 183 68.09 22.30 -44.56
N ILE HC 184 66.84 22.75 -44.64
CA ILE HC 184 65.71 21.83 -44.78
C ILE HC 184 65.76 21.08 -46.12
N ILE HC 185 66.25 21.75 -47.17
CA ILE HC 185 66.37 21.08 -48.47
C ILE HC 185 67.56 20.10 -48.46
N SER HC 186 68.72 20.55 -47.98
CA SER HC 186 69.94 19.77 -48.12
C SER HC 186 69.98 18.58 -47.16
N THR HC 187 69.57 18.76 -45.91
CA THR HC 187 69.69 17.68 -44.94
C THR HC 187 68.61 16.62 -45.08
N TYR HC 188 67.60 16.86 -45.93
CA TYR HC 188 66.49 15.94 -46.11
C TYR HC 188 66.46 15.42 -47.55
N GLY HC 189 66.12 14.14 -47.69
CA GLY HC 189 66.02 13.56 -49.02
C GLY HC 189 67.40 13.28 -49.60
N GLU HC 190 67.59 13.72 -50.85
CA GLU HC 190 68.85 13.51 -51.53
C GLU HC 190 69.10 14.69 -52.47
N GLY HC 191 70.30 14.71 -53.05
CA GLY HC 191 70.68 15.76 -53.98
C GLY HC 191 72.10 15.60 -54.47
N GLU HC 192 72.80 16.73 -54.60
CA GLU HC 192 74.21 16.81 -55.05
C GLU HC 192 74.41 16.12 -56.40
N SER HC 193 73.70 16.65 -57.41
CA SER HC 193 73.76 16.20 -58.80
C SER HC 193 73.36 14.72 -58.93
N GLY HC 194 72.25 14.36 -58.31
CA GLY HC 194 71.71 13.02 -58.44
C GLY HC 194 70.80 12.93 -59.65
N PRO HC 195 69.57 12.48 -59.45
CA PRO HC 195 68.58 12.59 -60.54
C PRO HC 195 68.20 14.03 -60.82
N MET HC 196 68.07 14.85 -59.78
CA MET HC 196 67.88 16.29 -59.91
C MET HC 196 69.13 16.99 -59.40
N GLY HC 197 69.45 18.13 -60.00
CA GLY HC 197 70.67 18.85 -59.65
C GLY HC 197 70.53 19.70 -58.41
N ASN HC 198 70.91 20.96 -58.49
CA ASN HC 198 70.89 21.87 -57.34
C ASN HC 198 69.45 22.22 -56.99
N ILE HC 199 68.86 21.45 -56.07
CA ILE HC 199 67.54 21.76 -55.55
C ILE HC 199 67.60 22.93 -54.57
N MET HC 200 68.77 23.17 -53.97
CA MET HC 200 68.94 24.23 -52.98
C MET HC 200 68.78 25.60 -53.61
N ILE HC 201 67.95 26.43 -53.00
CA ILE HC 201 67.61 27.74 -53.55
C ILE HC 201 68.75 28.72 -53.27
N ASP HC 202 68.92 29.67 -54.19
CA ASP HC 202 69.97 30.67 -54.12
C ASP HC 202 69.41 32.02 -54.51
N PRO HC 203 69.72 33.08 -53.74
CA PRO HC 203 69.35 34.43 -54.17
C PRO HC 203 70.19 34.95 -55.32
N VAL HC 204 71.41 34.42 -55.51
CA VAL HC 204 72.22 34.78 -56.66
C VAL HC 204 71.82 34.02 -57.92
N LEU HC 205 70.93 33.05 -57.79
CA LEU HC 205 70.36 32.36 -58.95
C LEU HC 205 69.07 33.00 -59.43
N GLY HC 206 68.46 33.84 -58.59
CA GLY HC 206 67.17 34.43 -58.90
C GLY HC 206 66.00 33.60 -58.48
N THR HC 207 66.21 32.61 -57.59
CA THR HC 207 65.15 31.70 -57.21
C THR HC 207 64.16 32.34 -56.24
N VAL HC 208 64.66 33.00 -55.20
CA VAL HC 208 63.81 33.61 -54.18
C VAL HC 208 63.20 34.89 -54.71
N GLY HC 209 62.00 35.21 -54.21
CA GLY HC 209 61.38 36.49 -54.51
C GLY HC 209 61.03 37.23 -53.24
N PHE HC 210 61.73 38.34 -52.97
CA PHE HC 210 61.50 39.12 -51.76
C PHE HC 210 60.33 40.05 -52.04
N GLY HC 211 59.12 39.60 -51.74
CA GLY HC 211 57.94 40.39 -52.03
C GLY HC 211 56.89 40.22 -50.97
N SER HC 212 56.11 41.27 -50.75
CA SER HC 212 55.00 41.25 -49.81
C SER HC 212 53.70 40.94 -50.55
N GLY HC 213 52.59 41.10 -49.84
CA GLY HC 213 51.29 40.91 -50.45
C GLY HC 213 50.29 41.91 -49.89
N LEU HC 214 49.09 41.88 -50.49
CA LEU HC 214 47.85 42.49 -50.02
C LEU HC 214 47.84 44.01 -50.10
N HIS HC 215 48.97 44.65 -50.36
CA HIS HC 215 48.88 46.10 -50.56
C HIS HC 215 48.86 46.45 -52.04
N GLY HC 216 49.99 46.32 -52.72
CA GLY HC 216 50.00 46.34 -54.16
C GLY HC 216 51.18 45.67 -54.83
N TRP HC 217 52.09 45.06 -54.06
CA TRP HC 217 53.45 44.92 -54.56
C TRP HC 217 54.11 43.63 -54.10
N ALA HC 218 55.00 43.14 -54.97
CA ALA HC 218 55.95 42.07 -54.69
C ALA HC 218 57.03 42.15 -55.76
N PHE HC 219 58.28 41.91 -55.38
CA PHE HC 219 59.36 41.96 -56.34
C PHE HC 219 60.29 40.75 -56.20
N THR HC 220 61.09 40.56 -57.24
CA THR HC 220 62.27 39.72 -57.23
C THR HC 220 63.47 40.59 -57.61
N LEU HC 221 64.63 39.97 -57.80
CA LEU HC 221 65.82 40.74 -58.15
C LEU HC 221 65.88 41.11 -59.62
N LYS HC 222 65.14 40.40 -60.48
CA LYS HC 222 65.27 40.60 -61.92
C LYS HC 222 64.71 41.94 -62.37
N GLN HC 223 63.57 42.35 -61.82
CA GLN HC 223 62.95 43.61 -62.23
C GLN HC 223 63.76 44.82 -61.78
N PHE HC 224 64.46 44.71 -60.65
CA PHE HC 224 65.39 45.77 -60.30
C PHE HC 224 66.66 45.71 -61.14
N ALA HC 225 67.20 44.51 -61.37
CA ALA HC 225 68.46 44.37 -62.08
C ALA HC 225 68.34 44.82 -63.54
N GLU HC 226 67.18 44.63 -64.16
CA GLU HC 226 66.94 45.11 -65.52
C GLU HC 226 67.05 46.64 -65.60
N MET HC 227 66.61 47.34 -64.56
CA MET HC 227 66.75 48.79 -64.52
C MET HC 227 68.18 49.20 -64.19
N TYR HC 228 68.80 48.53 -63.21
CA TYR HC 228 70.12 48.95 -62.75
C TYR HC 228 71.26 48.55 -63.67
N VAL HC 229 71.02 47.67 -64.66
CA VAL HC 229 72.03 47.46 -65.69
C VAL HC 229 71.82 48.36 -66.89
N ALA HC 230 70.66 49.00 -67.01
CA ALA HC 230 70.35 49.84 -68.17
C ALA HC 230 70.52 51.32 -67.90
N LYS HC 231 70.24 51.78 -66.68
CA LYS HC 231 70.27 53.20 -66.37
C LYS HC 231 71.52 53.61 -65.60
N PHE HC 232 71.89 52.86 -64.56
CA PHE HC 232 72.99 53.26 -63.69
C PHE HC 232 74.29 52.54 -63.97
N ALA HC 233 74.31 51.60 -64.93
CA ALA HC 233 75.54 50.88 -65.23
C ALA HC 233 76.39 51.63 -66.25
N ALA HC 234 75.82 51.88 -67.43
CA ALA HC 234 76.54 52.56 -68.49
C ALA HC 234 75.53 53.37 -69.32
N LYS HC 235 75.94 53.80 -70.51
CA LYS HC 235 75.07 54.58 -71.37
C LYS HC 235 74.05 53.67 -72.07
N GLY HC 236 73.13 54.30 -72.80
CA GLY HC 236 72.08 53.56 -73.48
C GLY HC 236 72.54 52.85 -74.73
N GLU HC 237 73.54 53.40 -75.41
CA GLU HC 237 74.02 52.80 -76.65
C GLU HC 237 74.99 51.66 -76.37
N GLY HC 238 74.98 50.67 -77.26
CA GLY HC 238 75.88 49.55 -77.14
C GLY HC 238 75.34 48.34 -76.41
N GLN HC 239 74.02 48.19 -76.32
CA GLN HC 239 73.44 47.04 -75.64
C GLN HC 239 73.38 45.80 -76.51
N LEU HC 240 73.33 45.96 -77.85
CA LEU HC 240 73.46 44.93 -78.88
C LEU HC 240 72.46 43.77 -78.73
N GLY HC 241 71.35 43.97 -78.02
CA GLY HC 241 70.32 42.95 -77.92
C GLY HC 241 70.33 42.23 -76.59
N PRO HC 242 69.60 41.11 -76.51
CA PRO HC 242 69.47 40.40 -75.23
C PRO HC 242 70.68 39.55 -74.87
N ALA HC 243 71.58 39.27 -75.81
CA ALA HC 243 72.72 38.40 -75.54
C ALA HC 243 73.70 39.04 -74.58
N GLU HC 244 73.80 40.37 -74.59
CA GLU HC 244 74.52 41.08 -73.54
C GLU HC 244 73.64 41.36 -72.33
N ARG HC 245 72.34 41.56 -72.57
CA ARG HC 245 71.43 42.05 -71.54
C ARG HC 245 71.20 41.00 -70.45
N ALA HC 246 70.90 39.76 -70.83
CA ALA HC 246 70.62 38.72 -69.85
C ALA HC 246 71.89 38.34 -69.08
N LYS HC 247 73.04 38.33 -69.77
CA LYS HC 247 74.30 38.06 -69.10
C LYS HC 247 74.66 39.16 -68.12
N LYS HC 248 74.36 40.41 -68.47
CA LYS HC 248 74.65 41.52 -67.56
C LYS HC 248 73.70 41.54 -66.37
N VAL HC 249 72.43 41.16 -66.58
CA VAL HC 249 71.49 41.05 -65.47
C VAL HC 249 71.92 39.95 -64.50
N GLU HC 250 72.33 38.79 -65.02
CA GLU HC 250 72.83 37.72 -64.15
C GLU HC 250 74.14 38.11 -63.47
N ASP HC 251 75.00 38.87 -64.14
CA ASP HC 251 76.25 39.32 -63.54
C ASP HC 251 76.00 40.30 -62.41
N MET HC 252 75.07 41.25 -62.60
CA MET HC 252 74.75 42.21 -61.55
C MET HC 252 74.03 41.54 -60.39
N MET HC 253 73.19 40.53 -60.68
CA MET HC 253 72.47 39.84 -59.61
C MET HC 253 73.41 38.97 -58.78
N LYS HC 254 74.43 38.38 -59.42
CA LYS HC 254 75.48 37.72 -58.65
C LYS HC 254 76.36 38.73 -57.93
N LYS HC 255 76.52 39.93 -58.50
CA LYS HC 255 77.38 40.96 -57.93
C LYS HC 255 76.78 41.58 -56.68
N LEU HC 256 75.45 41.55 -56.57
CA LEU HC 256 74.72 42.06 -55.40
C LEU HC 256 75.15 41.42 -54.09
N TRP HC 257 74.92 40.12 -53.94
CA TRP HC 257 75.20 39.41 -52.69
C TRP HC 257 76.71 39.18 -52.57
N GLY HC 258 77.34 39.86 -51.61
CA GLY HC 258 78.74 39.62 -51.32
C GLY HC 258 79.62 40.86 -51.21
N ASP HC 259 79.41 41.85 -52.08
CA ASP HC 259 80.16 43.09 -51.99
C ASP HC 259 79.67 43.91 -50.81
N ARG HC 260 80.49 44.85 -50.34
CA ARG HC 260 79.96 45.74 -49.31
C ARG HC 260 79.28 46.95 -49.91
N TYR HC 261 80.08 47.91 -50.39
CA TYR HC 261 79.72 49.15 -51.09
C TYR HC 261 81.04 49.89 -51.32
N PHE HC 262 80.98 50.95 -52.13
CA PHE HC 262 81.99 51.99 -52.14
C PHE HC 262 81.27 53.32 -52.33
N ASP HC 263 81.63 54.32 -51.50
CA ASP HC 263 80.92 55.56 -51.18
C ASP HC 263 80.32 56.29 -52.38
N PRO HC 264 79.15 56.98 -52.22
CA PRO HC 264 78.42 57.49 -53.40
C PRO HC 264 79.05 58.67 -54.12
N ALA HC 265 80.27 59.05 -53.76
CA ALA HC 265 81.04 59.94 -54.62
C ALA HC 265 81.43 59.24 -55.92
N ASN HC 266 81.61 57.92 -55.87
CA ASN HC 266 81.90 57.12 -57.06
C ASN HC 266 80.85 56.02 -57.19
N GLY HC 267 80.81 55.40 -58.35
CA GLY HC 267 79.84 54.35 -58.62
C GLY HC 267 80.40 52.95 -58.52
N LYS HC 268 81.69 52.81 -58.82
CA LYS HC 268 82.34 51.50 -58.81
C LYS HC 268 82.52 51.02 -57.37
N PHE HC 269 82.46 49.69 -57.19
CA PHE HC 269 82.55 49.10 -55.87
C PHE HC 269 84.00 48.91 -55.45
N SER HC 270 84.21 48.41 -54.23
CA SER HC 270 85.54 48.26 -53.67
C SER HC 270 85.79 46.94 -52.95
N LYS HC 271 84.76 46.12 -52.69
CA LYS HC 271 84.80 44.75 -52.15
C LYS HC 271 85.17 44.72 -50.66
N SER HC 272 85.57 45.85 -50.10
CA SER HC 272 86.01 45.92 -48.72
C SER HC 272 84.99 46.69 -47.87
N ALA HC 273 85.00 46.41 -46.57
CA ALA HC 273 84.11 47.10 -45.65
C ALA HC 273 84.74 48.32 -45.01
N THR HC 274 86.07 48.37 -44.93
CA THR HC 274 86.75 49.54 -44.37
C THR HC 274 86.86 50.64 -45.42
N SER HC 275 87.22 51.84 -44.97
CA SER HC 275 87.36 52.97 -45.85
C SER HC 275 88.43 53.91 -45.32
N PRO HC 276 89.38 54.35 -46.16
CA PRO HC 276 90.31 55.38 -45.74
C PRO HC 276 89.63 56.73 -45.66
N GLU HC 277 89.95 57.47 -44.58
CA GLU HC 277 89.44 58.78 -44.17
C GLU HC 277 87.93 58.96 -44.35
N GLY HC 278 87.16 57.90 -44.11
CA GLY HC 278 85.72 57.95 -44.28
C GLY HC 278 85.02 57.04 -43.29
N LYS HC 279 83.70 57.06 -43.36
CA LYS HC 279 82.87 56.26 -42.47
C LYS HC 279 82.85 54.80 -42.92
N LYS HC 280 82.16 53.97 -42.15
CA LYS HC 280 82.01 52.56 -42.49
C LYS HC 280 81.09 52.41 -43.69
N LEU HC 281 81.31 51.35 -44.46
CA LEU HC 281 80.50 51.18 -45.67
C LEU HC 281 79.14 50.60 -45.32
N PRO HC 282 78.09 51.02 -46.03
CA PRO HC 282 76.80 50.33 -45.91
C PRO HC 282 76.84 48.97 -46.57
N ARG HC 283 75.99 48.08 -46.09
CA ARG HC 283 75.93 46.72 -46.61
C ARG HC 283 75.20 46.72 -47.96
N THR HC 284 75.40 45.65 -48.73
CA THR HC 284 74.91 45.58 -50.11
C THR HC 284 73.39 45.59 -50.21
N PHE HC 285 72.93 46.19 -51.31
CA PHE HC 285 71.56 46.38 -51.80
C PHE HC 285 70.61 47.09 -50.84
N CYS HC 286 71.08 47.48 -49.65
CA CYS HC 286 70.30 48.38 -48.82
C CYS HC 286 70.32 49.79 -49.38
N GLN HC 287 71.39 50.14 -50.10
CA GLN HC 287 71.45 51.39 -50.84
C GLN HC 287 71.22 51.20 -52.33
N LEU HC 288 71.53 50.03 -52.88
CA LEU HC 288 71.23 49.77 -54.28
C LEU HC 288 69.74 49.54 -54.49
N ILE HC 289 69.18 48.53 -53.84
CA ILE HC 289 67.78 48.14 -54.09
C ILE HC 289 66.84 48.81 -53.10
N LEU HC 290 67.20 48.83 -51.82
CA LEU HC 290 66.27 49.18 -50.77
C LEU HC 290 66.22 50.66 -50.44
N ASP HC 291 67.15 51.48 -50.95
CA ASP HC 291 67.15 52.89 -50.57
C ASP HC 291 65.97 53.67 -51.14
N PRO HC 292 65.58 53.55 -52.44
CA PRO HC 292 64.32 54.20 -52.84
C PRO HC 292 63.09 53.59 -52.20
N ILE HC 293 63.13 52.31 -51.82
CA ILE HC 293 62.00 51.68 -51.15
C ILE HC 293 61.79 52.32 -49.77
N PHE HC 294 62.86 52.45 -48.99
CA PHE HC 294 62.75 53.11 -47.69
C PHE HC 294 62.47 54.60 -47.82
N LYS HC 295 62.93 55.26 -48.89
CA LYS HC 295 62.55 56.65 -49.12
C LYS HC 295 61.07 56.79 -49.37
N VAL HC 296 60.49 55.89 -50.17
CA VAL HC 296 59.05 55.91 -50.45
C VAL HC 296 58.25 55.61 -49.19
N PHE HC 297 58.66 54.58 -48.43
CA PHE HC 297 57.94 54.22 -47.21
C PHE HC 297 58.04 55.31 -46.14
N ASP HC 298 59.23 55.92 -45.98
CA ASP HC 298 59.37 56.98 -45.00
C ASP HC 298 58.61 58.24 -45.41
N ALA HC 299 58.56 58.53 -46.71
CA ALA HC 299 57.82 59.71 -47.17
C ALA HC 299 56.33 59.52 -47.00
N ILE HC 300 55.81 58.33 -47.29
CA ILE HC 300 54.38 58.10 -47.14
C ILE HC 300 53.99 58.00 -45.66
N MET HC 301 54.86 57.43 -44.81
CA MET HC 301 54.55 57.38 -43.38
C MET HC 301 54.64 58.74 -42.71
N ASN HC 302 55.59 59.57 -43.13
CA ASN HC 302 55.74 60.89 -42.53
C ASN HC 302 55.00 61.98 -43.30
N PHE HC 303 54.18 61.59 -44.30
CA PHE HC 303 53.28 62.50 -45.04
C PHE HC 303 54.05 63.59 -45.76
N LYS HC 304 55.22 63.24 -46.29
CA LYS HC 304 56.11 64.20 -46.92
C LYS HC 304 55.68 64.37 -48.37
N LYS HC 305 54.90 65.41 -48.63
CA LYS HC 305 54.39 65.66 -49.98
C LYS HC 305 55.50 66.12 -50.92
N GLU HC 306 56.44 66.92 -50.40
CA GLU HC 306 57.56 67.37 -51.22
C GLU HC 306 58.50 66.22 -51.58
N GLU HC 307 58.76 65.33 -50.62
CA GLU HC 307 59.59 64.16 -50.90
C GLU HC 307 58.87 63.18 -51.82
N THR HC 308 57.54 63.08 -51.72
CA THR HC 308 56.76 62.26 -52.64
C THR HC 308 56.84 62.83 -54.06
N ALA HC 309 56.71 64.15 -54.20
CA ALA HC 309 56.83 64.78 -55.52
C ALA HC 309 58.24 64.70 -56.07
N LYS HC 310 59.25 64.63 -55.18
CA LYS HC 310 60.62 64.40 -55.64
C LYS HC 310 60.80 62.98 -56.14
N LEU HC 311 60.18 62.01 -55.46
CA LEU HC 311 60.31 60.60 -55.85
C LEU HC 311 59.36 60.20 -56.97
N ILE HC 312 58.46 61.10 -57.41
CA ILE HC 312 57.63 60.81 -58.58
C ILE HC 312 58.48 60.58 -59.83
N GLU HC 313 59.52 61.40 -60.02
CA GLU HC 313 60.36 61.27 -61.22
C GLU HC 313 61.20 60.00 -61.20
N LYS HC 314 61.51 59.47 -60.02
CA LYS HC 314 62.16 58.17 -59.90
C LYS HC 314 61.17 57.04 -59.72
N LEU HC 315 59.87 57.35 -59.69
CA LEU HC 315 58.83 56.39 -59.30
C LEU HC 315 57.89 56.05 -60.45
N ASP HC 316 57.51 57.03 -61.28
CA ASP HC 316 56.95 56.85 -62.62
C ASP HC 316 55.62 56.07 -62.59
N ILE HC 317 54.61 56.71 -62.02
CA ILE HC 317 53.25 56.16 -62.01
C ILE HC 317 52.33 56.97 -62.92
N LYS HC 318 51.10 56.49 -63.05
CA LYS HC 318 50.03 57.21 -63.73
C LYS HC 318 48.73 56.86 -63.02
N LEU HC 319 48.19 57.81 -62.28
CA LEU HC 319 47.00 57.59 -61.46
C LEU HC 319 45.80 58.30 -62.04
N ASP HC 320 44.62 57.68 -61.87
CA ASP HC 320 43.35 58.29 -62.27
C ASP HC 320 42.78 59.07 -61.09
N SER HC 321 43.46 60.18 -60.78
CA SER HC 321 43.12 61.10 -59.70
C SER HC 321 43.10 60.42 -58.32
N GLU HC 322 44.14 59.61 -58.06
CA GLU HC 322 44.36 59.08 -56.71
C GLU HC 322 45.54 59.72 -56.00
N ASP HC 323 46.31 60.56 -56.69
CA ASP HC 323 47.48 61.20 -56.07
C ASP HC 323 47.05 62.33 -55.16
N LYS HC 324 46.26 63.26 -55.68
CA LYS HC 324 45.79 64.40 -54.88
C LYS HC 324 44.67 64.01 -53.93
N ASP HC 325 43.92 62.93 -54.23
CA ASP HC 325 42.73 62.60 -53.48
C ASP HC 325 43.07 61.92 -52.15
N LYS HC 326 43.90 60.89 -52.18
CA LYS HC 326 44.07 59.99 -51.05
C LYS HC 326 45.47 60.13 -50.45
N GLU HC 327 45.52 60.29 -49.12
CA GLU HC 327 46.78 60.28 -48.38
C GLU HC 327 46.69 59.51 -47.07
N GLY HC 328 45.55 58.90 -46.76
CA GLY HC 328 45.35 58.23 -45.49
C GLY HC 328 45.46 56.72 -45.56
N LYS HC 329 46.47 56.25 -46.29
CA LYS HC 329 46.87 54.86 -46.56
C LYS HC 329 45.81 54.03 -47.32
N PRO HC 330 45.22 54.54 -48.43
CA PRO HC 330 45.16 53.70 -49.63
C PRO HC 330 46.25 54.13 -50.60
N LEU HC 331 46.96 55.19 -50.21
CA LEU HC 331 47.95 55.81 -51.10
C LEU HC 331 49.16 54.92 -51.31
N LEU HC 332 49.66 54.30 -50.24
CA LEU HC 332 50.78 53.36 -50.36
C LEU HC 332 50.39 52.15 -51.20
N LYS HC 333 49.15 51.68 -51.05
CA LYS HC 333 48.67 50.56 -51.86
C LYS HC 333 48.58 50.94 -53.33
N ALA HC 334 48.10 52.15 -53.63
CA ALA HC 334 47.97 52.58 -55.02
C ALA HC 334 49.33 52.83 -55.66
N VAL HC 335 50.27 53.42 -54.91
CA VAL HC 335 51.61 53.69 -55.43
C VAL HC 335 52.36 52.38 -55.68
N MET HC 336 52.34 51.47 -54.71
CA MET HC 336 53.01 50.20 -54.87
C MET HC 336 52.25 49.23 -55.79
N ARG HC 337 51.01 49.53 -56.13
CA ARG HC 337 50.30 48.76 -57.14
C ARG HC 337 50.59 49.26 -58.55
N ARG HC 338 50.74 50.56 -58.73
CA ARG HC 338 51.00 51.09 -60.05
C ARG HC 338 52.48 51.16 -60.39
N TRP HC 339 53.36 51.11 -59.39
CA TRP HC 339 54.79 50.91 -59.63
C TRP HC 339 55.25 49.71 -58.81
N LEU HC 340 56.07 48.87 -59.44
CA LEU HC 340 56.52 47.56 -58.97
C LEU HC 340 55.30 46.73 -58.59
N PRO HC 341 54.51 46.27 -59.57
CA PRO HC 341 53.21 45.70 -59.24
C PRO HC 341 53.29 44.24 -58.80
N ALA HC 342 52.31 43.85 -58.01
CA ALA HC 342 52.15 42.44 -57.64
C ALA HC 342 51.52 41.71 -58.81
N GLY HC 343 52.24 40.76 -59.38
CA GLY HC 343 51.76 39.98 -60.49
C GLY HC 343 52.74 39.84 -61.63
N ASP HC 344 53.44 40.93 -62.00
CA ASP HC 344 54.54 40.81 -62.95
C ASP HC 344 55.68 40.00 -62.37
N ALA HC 345 56.10 40.32 -61.15
CA ALA HC 345 57.12 39.54 -60.48
C ALA HC 345 56.63 38.14 -60.14
N LEU HC 346 55.33 37.98 -59.89
CA LEU HC 346 54.77 36.64 -59.64
C LEU HC 346 54.89 35.77 -60.88
N LEU HC 347 54.48 36.28 -62.04
CA LEU HC 347 54.52 35.50 -63.28
C LEU HC 347 55.94 35.22 -63.73
N GLN HC 348 56.82 36.23 -63.66
CA GLN HC 348 58.23 36.01 -64.00
C GLN HC 348 58.90 35.05 -63.03
N MET HC 349 58.53 35.12 -61.75
CA MET HC 349 59.18 34.32 -60.72
C MET HC 349 58.76 32.86 -60.77
N ILE HC 350 57.49 32.57 -61.12
CA ILE HC 350 57.09 31.18 -61.29
C ILE HC 350 57.18 30.73 -62.74
N THR HC 351 57.66 31.59 -63.64
CA THR HC 351 58.02 31.18 -64.99
C THR HC 351 59.48 30.75 -65.07
N ILE HC 352 60.39 31.66 -64.70
CA ILE HC 352 61.82 31.39 -64.81
C ILE HC 352 62.22 30.48 -63.66
N HIS HC 353 63.17 29.56 -63.94
CA HIS HC 353 63.72 28.59 -62.99
C HIS HC 353 62.66 27.63 -62.45
N LEU HC 354 61.70 27.28 -63.30
CA LEU HC 354 60.74 26.23 -62.98
C LEU HC 354 60.74 25.18 -64.08
N PRO HC 355 60.71 23.90 -63.72
CA PRO HC 355 60.89 22.85 -64.72
C PRO HC 355 59.65 22.64 -65.59
N SER HC 356 59.91 22.20 -66.81
CA SER HC 356 58.84 21.81 -67.73
C SER HC 356 58.24 20.48 -67.27
N PRO HC 357 56.97 20.22 -67.62
CA PRO HC 357 56.37 18.93 -67.29
C PRO HC 357 57.03 17.75 -67.99
N VAL HC 358 57.55 17.96 -69.20
CA VAL HC 358 58.28 16.90 -69.90
C VAL HC 358 59.54 16.52 -69.15
N THR HC 359 60.31 17.53 -68.72
CA THR HC 359 61.52 17.30 -67.93
C THR HC 359 61.20 16.67 -66.57
N ALA HC 360 60.13 17.16 -65.92
CA ALA HC 360 59.73 16.64 -64.62
C ALA HC 360 59.29 15.19 -64.72
N GLN HC 361 58.59 14.82 -65.80
CA GLN HC 361 58.28 13.41 -66.01
C GLN HC 361 59.53 12.60 -66.34
N LYS HC 362 60.53 13.21 -67.00
CA LYS HC 362 61.77 12.50 -67.28
C LYS HC 362 62.54 12.16 -66.01
N TYR HC 363 62.57 13.05 -65.01
CA TYR HC 363 63.23 12.69 -63.77
C TYR HC 363 62.27 12.23 -62.67
N ARG HC 364 60.98 12.01 -62.98
CA ARG HC 364 60.06 11.43 -62.02
C ARG HC 364 59.30 10.21 -62.54
N CYS HC 365 59.71 9.64 -63.68
CA CYS HC 365 59.06 8.43 -64.18
C CYS HC 365 59.23 7.25 -63.23
N GLU HC 366 60.37 7.16 -62.55
CA GLU HC 366 60.59 6.07 -61.60
C GLU HC 366 59.74 6.25 -60.34
N LEU HC 367 59.65 7.48 -59.83
CA LEU HC 367 58.86 7.75 -58.63
C LEU HC 367 57.37 7.93 -58.94
N LEU HC 368 56.97 7.89 -60.21
CA LEU HC 368 55.57 7.70 -60.54
C LEU HC 368 55.22 6.24 -60.76
N TYR HC 369 56.10 5.49 -61.45
CA TYR HC 369 56.01 4.05 -61.68
C TYR HC 369 54.70 3.70 -62.41
N GLU HC 370 54.63 4.16 -63.66
CA GLU HC 370 53.47 3.85 -64.50
C GLU HC 370 53.42 2.37 -64.88
N GLY HC 371 54.55 1.67 -64.85
CA GLY HC 371 54.59 0.26 -65.11
C GLY HC 371 56.02 -0.25 -65.08
N PRO HC 372 56.29 -1.35 -65.80
CA PRO HC 372 57.67 -1.79 -65.94
C PRO HC 372 58.46 -0.82 -66.81
N PRO HC 373 59.77 -0.74 -66.62
CA PRO HC 373 60.58 0.15 -67.46
C PRO HC 373 60.67 -0.36 -68.90
N ASP HC 374 60.42 0.56 -69.85
CA ASP HC 374 60.42 0.30 -71.30
C ASP HC 374 59.41 -0.79 -71.67
N ASP HC 375 58.27 -0.78 -71.00
CA ASP HC 375 57.13 -1.64 -71.36
C ASP HC 375 55.93 -0.72 -71.53
N GLU HC 376 55.84 -0.07 -72.70
CA GLU HC 376 54.71 0.70 -73.18
C GLU HC 376 54.33 1.93 -72.34
N ALA HC 377 55.04 2.18 -71.25
CA ALA HC 377 54.65 3.28 -70.36
C ALA HC 377 55.81 4.21 -70.02
N ALA HC 378 57.01 3.67 -69.77
CA ALA HC 378 58.10 4.47 -69.23
C ALA HC 378 58.65 5.45 -70.28
N MET HC 379 58.99 4.94 -71.46
CA MET HC 379 59.44 5.81 -72.55
C MET HC 379 58.34 6.71 -73.04
N GLY HC 380 57.08 6.28 -72.93
CA GLY HC 380 55.96 7.13 -73.32
C GLY HC 380 55.78 8.31 -72.39
N ILE HC 381 55.98 8.10 -71.08
CA ILE HC 381 55.92 9.22 -70.14
C ILE HC 381 57.14 10.12 -70.29
N LYS HC 382 58.32 9.52 -70.52
CA LYS HC 382 59.53 10.33 -70.71
C LYS HC 382 59.53 11.11 -72.01
N SER HC 383 58.76 10.69 -73.02
CA SER HC 383 58.60 11.45 -74.24
C SER HC 383 57.27 12.19 -74.32
N CYS HC 384 56.44 12.08 -73.28
CA CYS HC 384 55.19 12.80 -73.00
C CYS HC 384 54.04 12.52 -73.97
N ASP HC 385 54.30 11.71 -75.02
CA ASP HC 385 53.36 11.19 -76.01
C ASP HC 385 52.39 12.21 -76.60
N PRO HC 386 52.83 13.08 -77.52
CA PRO HC 386 51.89 14.00 -78.17
C PRO HC 386 50.81 13.30 -78.99
N LYS HC 387 51.10 12.13 -79.54
CA LYS HC 387 50.12 11.33 -80.28
C LYS HC 387 49.94 9.94 -79.68
N GLY HC 388 50.29 9.75 -78.41
CA GLY HC 388 50.25 8.43 -77.82
C GLY HC 388 48.98 8.19 -77.03
N PRO HC 389 48.92 7.01 -76.37
CA PRO HC 389 47.71 6.64 -75.62
C PRO HC 389 47.53 7.40 -74.32
N LEU HC 390 46.51 7.01 -73.56
CA LEU HC 390 46.08 7.78 -72.40
C LEU HC 390 46.65 7.22 -71.11
N MET HC 391 47.12 8.11 -70.23
CA MET HC 391 47.59 7.77 -68.89
C MET HC 391 47.13 8.86 -67.94
N MET HC 392 46.36 8.49 -66.91
CA MET HC 392 45.88 9.45 -65.93
C MET HC 392 45.95 8.88 -64.52
N TYR HC 393 46.14 9.77 -63.55
CA TYR HC 393 46.03 9.43 -62.14
C TYR HC 393 45.10 10.44 -61.47
N ILE HC 394 43.91 10.00 -61.11
CA ILE HC 394 42.95 10.80 -60.37
C ILE HC 394 43.24 10.62 -58.88
N SER HC 395 43.51 11.72 -58.20
CA SER HC 395 43.84 11.71 -56.77
C SER HC 395 42.81 12.39 -55.91
N LYS HC 396 42.47 13.65 -56.20
CA LYS HC 396 41.53 14.43 -55.42
C LYS HC 396 40.26 14.66 -56.21
N MET HC 397 39.11 14.50 -55.55
CA MET HC 397 37.82 14.74 -56.17
C MET HC 397 37.08 15.84 -55.43
N VAL HC 398 36.54 16.80 -56.19
CA VAL HC 398 35.86 17.95 -55.60
C VAL HC 398 34.36 17.75 -55.69
N PRO HC 399 33.60 18.08 -54.64
CA PRO HC 399 32.15 18.05 -54.74
C PRO HC 399 31.63 19.19 -55.61
N THR HC 400 30.38 19.05 -56.03
CA THR HC 400 29.68 20.09 -56.77
C THR HC 400 28.37 20.40 -56.05
N SER HC 401 27.58 21.30 -56.64
CA SER HC 401 26.32 21.73 -56.05
C SER HC 401 25.15 20.83 -56.42
N ASP HC 402 25.40 19.68 -57.04
CA ASP HC 402 24.33 18.77 -57.43
C ASP HC 402 23.90 17.83 -56.31
N LYS HC 403 24.73 17.66 -55.28
CA LYS HC 403 24.54 16.84 -54.07
C LYS HC 403 24.46 15.35 -54.33
N GLY HC 404 24.57 14.90 -55.58
CA GLY HC 404 24.64 13.48 -55.90
C GLY HC 404 25.99 13.12 -56.47
N ARG HC 405 26.06 13.01 -57.80
CA ARG HC 405 27.33 12.87 -58.48
C ARG HC 405 28.13 14.16 -58.38
N PHE HC 406 29.44 14.04 -58.59
CA PHE HC 406 30.31 15.21 -58.54
C PHE HC 406 31.51 14.99 -59.46
N TYR HC 407 32.11 16.09 -59.86
CA TYR HC 407 33.17 16.08 -60.87
C TYR HC 407 34.47 15.60 -60.25
N ALA HC 408 35.02 14.52 -60.80
CA ALA HC 408 36.33 14.06 -60.39
C ALA HC 408 37.40 14.90 -61.07
N PHE HC 409 38.60 14.88 -60.50
CA PHE HC 409 39.68 15.76 -60.93
C PHE HC 409 40.99 14.99 -60.99
N GLY HC 410 41.69 15.08 -62.12
CA GLY HC 410 42.95 14.36 -62.25
C GLY HC 410 43.82 14.99 -63.31
N ARG HC 411 45.10 14.60 -63.27
CA ARG HC 411 46.09 15.09 -64.22
C ARG HC 411 46.34 14.04 -65.30
N VAL HC 412 46.22 14.44 -66.56
CA VAL HC 412 46.61 13.56 -67.65
C VAL HC 412 48.12 13.51 -67.74
N PHE HC 413 48.64 12.42 -68.30
CA PHE HC 413 50.08 12.25 -68.46
C PHE HC 413 50.51 11.99 -69.89
N SER HC 414 49.63 11.49 -70.74
CA SER HC 414 49.95 11.21 -72.13
C SER HC 414 48.66 11.23 -72.94
N GLY HC 415 48.73 11.78 -74.15
CA GLY HC 415 47.61 11.76 -75.07
C GLY HC 415 46.46 12.67 -74.65
N LEU HC 416 45.30 12.42 -75.26
CA LEU HC 416 44.09 13.18 -74.99
C LEU HC 416 42.94 12.22 -74.75
N VAL HC 417 42.08 12.55 -73.79
CA VAL HC 417 40.92 11.75 -73.46
C VAL HC 417 39.65 12.52 -73.83
N SER HC 418 38.95 12.04 -74.85
CA SER HC 418 37.79 12.73 -75.39
C SER HC 418 36.51 12.18 -74.78
N THR HC 419 35.39 12.79 -75.15
CA THR HC 419 34.10 12.32 -74.68
C THR HC 419 33.72 10.99 -75.34
N GLY HC 420 33.01 10.16 -74.58
CA GLY HC 420 32.62 8.85 -75.05
C GLY HC 420 33.76 7.86 -75.24
N LEU HC 421 34.92 8.12 -74.64
CA LEU HC 421 36.09 7.27 -74.84
C LEU HC 421 36.05 6.08 -73.88
N LYS HC 422 36.29 4.89 -74.42
CA LYS HC 422 36.32 3.66 -73.63
C LYS HC 422 37.69 3.55 -72.99
N VAL HC 423 37.77 3.80 -71.68
CA VAL HC 423 39.01 3.75 -70.94
C VAL HC 423 38.92 2.64 -69.91
N ARG HC 424 40.09 2.25 -69.39
CA ARG HC 424 40.22 1.14 -68.44
C ARG HC 424 40.30 1.75 -67.05
N ILE HC 425 39.14 1.97 -66.44
CA ILE HC 425 39.06 2.60 -65.12
C ILE HC 425 39.43 1.57 -64.06
N MET HC 426 40.53 1.83 -63.35
CA MET HC 426 41.05 0.91 -62.36
C MET HC 426 40.96 1.52 -60.97
N GLY HC 427 40.65 0.69 -59.98
CA GLY HC 427 40.50 1.14 -58.62
C GLY HC 427 41.82 1.16 -57.87
N PRO HC 428 41.74 1.10 -56.53
CA PRO HC 428 42.97 1.10 -55.73
C PRO HC 428 43.76 -0.20 -55.83
N ASN HC 429 43.12 -1.31 -56.18
CA ASN HC 429 43.76 -2.62 -56.23
C ASN HC 429 43.55 -3.21 -57.60
N TYR HC 430 44.65 -3.60 -58.26
CA TYR HC 430 44.57 -4.20 -59.59
C TYR HC 430 45.72 -5.17 -59.80
N THR HC 431 45.42 -6.26 -60.49
CA THR HC 431 46.41 -7.20 -60.98
C THR HC 431 46.00 -7.58 -62.40
N PRO HC 432 46.93 -7.53 -63.38
CA PRO HC 432 46.56 -7.87 -64.75
C PRO HC 432 46.17 -9.32 -64.95
N GLY HC 433 46.62 -10.23 -64.08
CA GLY HC 433 46.14 -11.59 -64.11
C GLY HC 433 44.76 -11.79 -63.54
N LYS HC 434 44.21 -10.78 -62.88
CA LYS HC 434 42.88 -10.83 -62.29
C LYS HC 434 41.96 -9.85 -63.00
N LYS HC 435 40.68 -9.90 -62.63
CA LYS HC 435 39.67 -9.04 -63.21
C LYS HC 435 39.02 -8.11 -62.20
N GLU HC 436 39.58 -8.02 -60.99
CA GLU HC 436 39.01 -7.17 -59.95
C GLU HC 436 39.37 -5.70 -60.19
N ASP HC 437 38.36 -4.84 -60.11
CA ASP HC 437 38.48 -3.38 -60.24
C ASP HC 437 39.08 -2.98 -61.60
N LEU HC 438 38.45 -3.47 -62.67
CA LEU HC 438 38.80 -3.10 -64.04
C LEU HC 438 37.50 -2.77 -64.77
N TYR HC 439 37.30 -1.49 -65.06
CA TYR HC 439 36.02 -1.00 -65.56
C TYR HC 439 36.16 -0.55 -67.00
N LEU HC 440 35.06 -0.58 -67.73
CA LEU HC 440 35.00 -0.11 -69.12
C LEU HC 440 33.77 0.77 -69.26
N LYS HC 441 33.98 2.10 -69.32
CA LYS HC 441 32.87 3.02 -69.35
C LYS HC 441 33.21 4.25 -70.18
N PRO HC 442 32.31 4.69 -71.07
CA PRO HC 442 32.56 5.93 -71.81
C PRO HC 442 32.40 7.15 -70.90
N ILE HC 443 33.24 8.15 -71.14
CA ILE HC 443 33.24 9.38 -70.33
C ILE HC 443 32.35 10.40 -71.02
N GLN HC 444 31.45 11.02 -70.24
CA GLN HC 444 30.44 11.89 -70.82
C GLN HC 444 31.03 13.21 -71.30
N ARG HC 445 31.77 13.91 -70.45
CA ARG HC 445 32.33 15.20 -70.82
C ARG HC 445 33.55 15.49 -69.96
N THR HC 446 34.61 15.97 -70.61
CA THR HC 446 35.81 16.41 -69.91
C THR HC 446 35.59 17.83 -69.42
N ILE HC 447 35.85 18.05 -68.13
CA ILE HC 447 35.49 19.28 -67.44
C ILE HC 447 36.76 20.01 -67.03
N LEU HC 448 36.78 21.32 -67.24
CA LEU HC 448 37.87 22.17 -66.78
C LEU HC 448 37.47 22.78 -65.45
N MET HC 449 38.19 22.41 -64.38
CA MET HC 449 37.87 22.88 -63.04
C MET HC 449 38.39 24.29 -62.79
N MET HC 450 39.19 24.84 -63.72
CA MET HC 450 39.97 26.04 -63.46
C MET HC 450 39.12 27.30 -63.30
N GLY HC 451 37.93 27.32 -63.87
CA GLY HC 451 37.00 28.40 -63.62
C GLY HC 451 35.96 27.99 -62.61
N ARG HC 452 35.24 28.97 -62.05
CA ARG HC 452 34.14 28.64 -61.15
C ARG HC 452 33.01 27.94 -61.90
N TYR HC 453 32.78 28.34 -63.15
CA TYR HC 453 31.84 27.64 -64.02
C TYR HC 453 32.60 26.57 -64.81
N VAL HC 454 31.95 26.02 -65.83
CA VAL HC 454 32.49 24.90 -66.59
C VAL HC 454 32.88 25.38 -67.99
N GLU HC 455 34.11 25.09 -68.39
CA GLU HC 455 34.59 25.42 -69.72
C GLU HC 455 34.87 24.15 -70.52
N PRO HC 456 34.41 24.05 -71.76
CA PRO HC 456 34.69 22.87 -72.58
C PRO HC 456 36.14 22.86 -73.06
N ILE HC 457 36.83 21.75 -72.78
CA ILE HC 457 38.23 21.54 -73.14
C ILE HC 457 38.34 20.27 -73.98
N GLU HC 458 37.34 20.08 -74.85
CA GLU HC 458 36.86 18.82 -75.44
C GLU HC 458 37.85 17.72 -75.75
N ASP HC 459 38.97 18.02 -76.43
CA ASP HC 459 39.77 16.90 -76.91
C ASP HC 459 40.66 16.32 -75.81
N VAL HC 460 41.77 17.02 -75.50
CA VAL HC 460 42.42 17.34 -74.22
C VAL HC 460 43.77 17.93 -74.63
N PRO HC 461 44.33 18.92 -73.93
CA PRO HC 461 45.78 19.14 -74.03
C PRO HC 461 46.53 18.33 -72.98
N CYS HC 462 47.57 17.59 -73.37
CA CYS HC 462 48.25 16.74 -72.41
C CYS HC 462 49.14 17.59 -71.49
N GLY HC 463 49.24 17.15 -70.24
CA GLY HC 463 49.84 17.93 -69.20
C GLY HC 463 48.89 18.86 -68.46
N ASN HC 464 47.73 19.14 -69.04
CA ASN HC 464 46.75 20.01 -68.42
C ASN HC 464 45.86 19.18 -67.49
N ILE HC 465 45.57 19.74 -66.32
CA ILE HC 465 44.77 19.05 -65.31
C ILE HC 465 43.29 19.21 -65.64
N VAL HC 466 42.57 18.08 -65.69
CA VAL HC 466 41.22 18.03 -66.23
C VAL HC 466 40.29 17.38 -65.21
N GLY HC 467 39.02 17.26 -65.59
CA GLY HC 467 38.02 16.63 -64.75
C GLY HC 467 37.16 15.66 -65.53
N LEU HC 468 36.50 14.79 -64.78
CA LEU HC 468 35.68 13.71 -65.32
C LEU HC 468 34.30 13.72 -64.67
N VAL HC 469 33.34 13.12 -65.37
CA VAL HC 469 31.96 13.05 -64.93
C VAL HC 469 31.59 11.59 -64.70
N GLY HC 470 31.01 11.30 -63.53
CA GLY HC 470 30.39 10.02 -63.28
C GLY HC 470 31.32 8.93 -62.79
N VAL HC 471 32.64 9.14 -62.83
CA VAL HC 471 33.58 8.10 -62.40
C VAL HC 471 33.76 8.11 -60.89
N ASP HC 472 33.16 9.09 -60.20
CA ASP HC 472 33.21 9.13 -58.74
C ASP HC 472 32.48 7.94 -58.12
N GLN HC 473 31.39 7.50 -58.74
CA GLN HC 473 30.65 6.34 -58.25
C GLN HC 473 31.39 5.02 -58.50
N PHE HC 474 32.47 5.04 -59.29
CA PHE HC 474 33.18 3.84 -59.68
C PHE HC 474 34.54 3.72 -59.00
N LEU HC 475 35.29 4.82 -58.87
CA LEU HC 475 36.55 4.79 -58.15
C LEU HC 475 36.41 5.51 -56.80
N VAL HC 476 37.09 4.98 -55.79
CA VAL HC 476 37.06 5.53 -54.44
C VAL HC 476 38.47 5.95 -54.03
N LYS HC 477 38.65 7.27 -53.86
CA LYS HC 477 39.78 7.97 -53.27
C LYS HC 477 41.04 7.98 -54.13
N THR HC 478 41.08 7.15 -55.17
CA THR HC 478 42.23 6.98 -56.06
C THR HC 478 41.71 6.48 -57.39
N GLY HC 479 42.52 6.66 -58.43
CA GLY HC 479 42.20 6.07 -59.71
C GLY HC 479 43.34 6.13 -60.70
N THR HC 480 43.53 5.06 -61.48
CA THR HC 480 44.54 5.02 -62.54
C THR HC 480 43.81 4.72 -63.85
N ILE HC 481 43.67 5.74 -64.68
CA ILE HC 481 42.88 5.65 -65.91
C ILE HC 481 43.85 5.38 -67.06
N THR HC 482 43.83 4.15 -67.57
CA THR HC 482 44.70 3.73 -68.65
C THR HC 482 43.87 3.22 -69.83
N THR HC 483 44.57 2.87 -70.91
CA THR HC 483 43.96 2.19 -72.04
C THR HC 483 44.84 1.11 -72.63
N PHE HC 484 46.00 0.83 -72.03
CA PHE HC 484 46.94 -0.16 -72.56
C PHE HC 484 46.49 -1.60 -72.33
N GLU HC 485 45.56 -1.81 -71.38
CA GLU HC 485 44.94 -3.09 -70.98
C GLU HC 485 45.92 -3.98 -70.20
N HIS HC 486 47.19 -3.59 -70.12
CA HIS HC 486 48.20 -4.34 -69.38
C HIS HC 486 48.95 -3.47 -68.39
N ALA HC 487 48.47 -2.26 -68.12
CA ALA HC 487 49.13 -1.35 -67.20
C ALA HC 487 48.71 -1.64 -65.76
N HIS HC 488 49.37 -0.95 -64.83
CA HIS HC 488 49.12 -1.11 -63.40
C HIS HC 488 48.56 0.19 -62.84
N ASN HC 489 48.09 0.11 -61.59
CA ASN HC 489 47.95 1.30 -60.77
C ASN HC 489 49.35 1.85 -60.53
N MET HC 490 49.50 3.17 -60.60
CA MET HC 490 50.82 3.79 -60.61
C MET HC 490 51.59 3.58 -59.31
N ARG HC 491 51.15 4.24 -58.24
CA ARG HC 491 51.72 4.06 -56.90
C ARG HC 491 50.65 4.42 -55.88
N VAL HC 492 50.75 3.81 -54.70
CA VAL HC 492 49.95 4.23 -53.57
C VAL HC 492 50.50 5.54 -53.02
N MET HC 493 49.64 6.31 -52.39
CA MET HC 493 50.04 7.62 -51.85
C MET HC 493 50.51 7.48 -50.42
N LYS HC 494 51.68 8.06 -50.14
CA LYS HC 494 52.24 8.09 -48.79
C LYS HC 494 51.95 9.44 -48.19
N PHE HC 495 51.30 9.45 -47.03
CA PHE HC 495 50.88 10.67 -46.37
C PHE HC 495 51.69 10.89 -45.10
N SER HC 496 51.88 12.16 -44.75
CA SER HC 496 52.58 12.49 -43.52
C SER HC 496 51.74 12.18 -42.29
N VAL HC 497 50.42 12.29 -42.41
CA VAL HC 497 49.52 12.06 -41.29
C VAL HC 497 48.75 10.77 -41.52
N SER HC 498 48.26 10.19 -40.42
CA SER HC 498 47.55 8.92 -40.44
C SER HC 498 46.16 9.09 -39.85
N PRO HC 499 45.17 8.28 -40.29
CA PRO HC 499 43.83 8.38 -39.70
C PRO HC 499 43.77 7.84 -38.28
N VAL HC 500 44.16 8.65 -37.31
CA VAL HC 500 44.32 8.20 -35.93
C VAL HC 500 43.15 8.66 -35.06
N VAL HC 501 42.59 9.83 -35.34
CA VAL HC 501 41.51 10.38 -34.51
C VAL HC 501 40.21 9.72 -34.96
N ARG HC 502 39.62 8.91 -34.10
CA ARG HC 502 38.41 8.17 -34.43
C ARG HC 502 37.27 8.56 -33.50
N VAL HC 503 36.08 8.70 -34.09
CA VAL HC 503 34.86 9.08 -33.37
C VAL HC 503 33.71 8.23 -33.92
N ALA HC 504 33.00 7.54 -33.04
CA ALA HC 504 31.80 6.83 -33.44
C ALA HC 504 30.65 7.82 -33.63
N VAL HC 505 29.91 7.64 -34.72
CA VAL HC 505 28.79 8.51 -35.05
C VAL HC 505 27.49 7.79 -34.68
N GLU HC 506 26.72 8.40 -33.77
CA GLU HC 506 25.42 7.88 -33.38
C GLU HC 506 24.34 8.69 -34.09
N ALA HC 507 23.38 7.98 -34.69
CA ALA HC 507 22.34 8.62 -35.49
C ALA HC 507 21.17 8.99 -34.58
N LYS HC 508 21.03 10.28 -34.29
CA LYS HC 508 19.83 10.75 -33.61
C LYS HC 508 18.63 10.68 -34.56
N ASN HC 509 17.45 10.39 -33.98
CA ASN HC 509 16.24 9.95 -34.68
C ASN HC 509 16.60 8.77 -35.56
N PRO HC 510 16.81 7.57 -34.98
CA PRO HC 510 17.48 6.48 -35.70
C PRO HC 510 16.66 5.84 -36.83
N ALA HC 511 15.43 6.29 -37.08
CA ALA HC 511 14.73 5.84 -38.27
C ALA HC 511 15.36 6.41 -39.54
N ASP HC 512 15.98 7.59 -39.44
CA ASP HC 512 16.67 8.20 -40.57
C ASP HC 512 18.16 7.84 -40.58
N LEU HC 513 18.43 6.53 -40.51
CA LEU HC 513 19.78 5.98 -40.59
C LEU HC 513 20.36 5.82 -42.00
N PRO HC 514 19.66 5.26 -43.02
CA PRO HC 514 20.37 5.00 -44.30
C PRO HC 514 20.75 6.26 -45.06
N LYS HC 515 20.01 7.35 -44.94
CA LYS HC 515 20.43 8.58 -45.60
C LYS HC 515 21.66 9.18 -44.92
N LEU HC 516 21.80 8.98 -43.60
CA LEU HC 516 23.00 9.44 -42.92
C LEU HC 516 24.20 8.58 -43.29
N VAL HC 517 23.99 7.27 -43.44
CA VAL HC 517 25.10 6.39 -43.86
C VAL HC 517 25.45 6.67 -45.32
N GLU HC 518 24.48 7.08 -46.13
CA GLU HC 518 24.77 7.46 -47.51
C GLU HC 518 25.57 8.76 -47.58
N GLY HC 519 25.22 9.73 -46.73
CA GLY HC 519 26.03 10.94 -46.62
C GLY HC 519 27.43 10.67 -46.08
N LEU HC 520 27.55 9.68 -45.18
CA LEU HC 520 28.86 9.26 -44.69
C LEU HC 520 29.68 8.61 -45.80
N LYS HC 521 29.04 7.82 -46.66
CA LYS HC 521 29.71 7.24 -47.82
C LYS HC 521 30.13 8.33 -48.81
N ARG HC 522 29.30 9.37 -48.97
CA ARG HC 522 29.67 10.49 -49.82
C ARG HC 522 30.84 11.27 -49.25
N LEU HC 523 30.90 11.41 -47.93
CA LEU HC 523 32.06 12.07 -47.30
C LEU HC 523 33.34 11.26 -47.47
N ALA HC 524 33.23 9.94 -47.32
CA ALA HC 524 34.39 9.07 -47.56
C ALA HC 524 34.83 9.10 -49.02
N LYS HC 525 33.87 9.22 -49.95
CA LYS HC 525 34.19 9.32 -51.36
C LYS HC 525 34.82 10.67 -51.69
N SER HC 526 34.42 11.72 -50.98
CA SER HC 526 34.96 13.05 -51.23
C SER HC 526 36.37 13.20 -50.67
N ASP HC 527 36.52 13.06 -49.36
CA ASP HC 527 37.85 13.29 -48.79
C ASP HC 527 38.66 12.00 -48.78
N PRO HC 528 39.91 12.02 -49.24
CA PRO HC 528 40.69 10.78 -49.33
C PRO HC 528 41.30 10.33 -48.00
N MET HC 529 41.52 11.28 -47.09
CA MET HC 529 42.15 10.95 -45.82
C MET HC 529 41.17 10.30 -44.85
N VAL HC 530 39.90 10.71 -44.87
CA VAL HC 530 38.92 10.20 -43.92
C VAL HC 530 38.61 8.74 -44.24
N GLN HC 531 38.41 7.94 -43.19
CA GLN HC 531 38.16 6.51 -43.33
C GLN HC 531 36.97 6.13 -42.48
N CYS HC 532 36.00 5.45 -43.09
CA CYS HC 532 34.76 5.09 -42.43
C CYS HC 532 34.78 3.58 -42.17
N ILE HC 533 34.95 3.20 -40.90
CA ILE HC 533 35.12 1.79 -40.57
C ILE HC 533 33.98 1.32 -39.68
N ILE HC 534 33.76 0.01 -39.68
CA ILE HC 534 32.81 -0.67 -38.82
C ILE HC 534 33.54 -1.86 -38.21
N GLU HC 535 33.70 -1.86 -36.88
CA GLU HC 535 34.39 -2.96 -36.23
C GLU HC 535 33.81 -3.24 -34.85
N GLU HC 536 33.46 -4.51 -34.62
CA GLU HC 536 33.22 -5.12 -33.31
C GLU HC 536 31.97 -4.62 -32.57
N SER HC 537 31.27 -3.62 -33.11
CA SER HC 537 30.04 -3.16 -32.50
C SER HC 537 28.96 -2.76 -33.50
N GLY HC 538 29.22 -2.87 -34.80
CA GLY HC 538 28.27 -2.41 -35.80
C GLY HC 538 28.07 -0.91 -35.82
N GLU HC 539 29.04 -0.15 -35.33
CA GLU HC 539 28.92 1.30 -35.22
C GLU HC 539 29.85 1.96 -36.24
N HIS HC 540 29.33 2.97 -36.93
CA HIS HC 540 30.12 3.71 -37.91
C HIS HC 540 31.14 4.59 -37.19
N ILE HC 541 32.40 4.49 -37.61
CA ILE HC 541 33.49 5.19 -36.95
C ILE HC 541 34.23 6.01 -38.00
N ILE HC 542 34.30 7.31 -37.77
CA ILE HC 542 35.05 8.25 -38.60
C ILE HC 542 36.48 8.31 -38.10
N ALA HC 543 37.44 8.12 -39.00
CA ALA HC 543 38.85 8.20 -38.68
C ALA HC 543 39.50 9.27 -39.54
N GLY HC 544 40.22 10.18 -38.90
CA GLY HC 544 40.86 11.29 -39.58
C GLY HC 544 42.20 11.63 -38.95
N ALA HC 545 42.79 12.70 -39.46
CA ALA HC 545 44.13 13.10 -39.05
C ALA HC 545 44.13 13.76 -37.67
N GLY HC 546 43.39 14.85 -37.52
CA GLY HC 546 43.37 15.60 -36.28
C GLY HC 546 41.98 16.07 -35.93
N GLU HC 547 41.90 16.85 -34.85
CA GLU HC 547 40.61 17.29 -34.33
C GLU HC 547 39.98 18.36 -35.20
N LEU HC 548 40.79 19.19 -35.87
CA LEU HC 548 40.22 20.20 -36.77
C LEU HC 548 39.63 19.56 -38.01
N HIS HC 549 40.33 18.58 -38.59
CA HIS HC 549 39.79 17.81 -39.70
C HIS HC 549 38.58 16.98 -39.26
N LEU HC 550 38.58 16.53 -38.00
CA LEU HC 550 37.42 15.85 -37.44
C LEU HC 550 36.21 16.77 -37.37
N GLU HC 551 36.40 18.01 -36.93
CA GLU HC 551 35.30 18.97 -36.86
C GLU HC 551 34.79 19.35 -38.24
N ILE HC 552 35.70 19.46 -39.22
CA ILE HC 552 35.29 19.76 -40.59
C ILE HC 552 34.50 18.59 -41.18
N CYS HC 553 34.94 17.35 -40.92
CA CYS HC 553 34.20 16.19 -41.43
C CYS HC 553 32.86 16.00 -40.72
N LEU HC 554 32.78 16.33 -39.43
CA LEU HC 554 31.48 16.24 -38.75
C LEU HC 554 30.54 17.36 -39.18
N LYS HC 555 31.07 18.54 -39.52
CA LYS HC 555 30.21 19.57 -40.09
C LYS HC 555 29.77 19.22 -41.50
N ASP HC 556 30.61 18.48 -42.24
CA ASP HC 556 30.18 17.95 -43.54
C ASP HC 556 29.14 16.85 -43.38
N LEU HC 557 29.20 16.09 -42.29
CA LEU HC 557 28.12 15.15 -42.01
C LEU HC 557 26.86 15.86 -41.58
N GLU HC 558 26.99 17.04 -40.96
CA GLU HC 558 25.82 17.79 -40.52
C GLU HC 558 25.13 18.51 -41.69
N GLU HC 559 25.89 19.10 -42.60
CA GLU HC 559 25.34 19.88 -43.69
C GLU HC 559 25.99 19.51 -45.01
N ASP HC 560 25.20 19.59 -46.09
CA ASP HC 560 25.58 19.44 -47.51
C ASP HC 560 25.97 18.02 -47.90
N HIS HC 561 25.89 17.05 -47.00
CA HIS HC 561 25.98 15.64 -47.37
C HIS HC 561 24.82 14.83 -46.81
N ALA HC 562 24.36 15.15 -45.60
CA ALA HC 562 23.21 14.50 -44.99
C ALA HC 562 22.58 15.49 -44.02
N CYS HC 563 21.28 15.72 -44.15
CA CYS HC 563 20.59 16.70 -43.34
C CYS HC 563 20.29 16.22 -41.93
N ILE HC 564 20.56 14.96 -41.63
CA ILE HC 564 20.22 14.40 -40.31
C ILE HC 564 21.31 14.77 -39.32
N PRO HC 565 20.96 15.27 -38.12
CA PRO HC 565 21.98 15.59 -37.13
C PRO HC 565 22.67 14.35 -36.58
N ILE HC 566 23.89 14.56 -36.10
CA ILE HC 566 24.73 13.48 -35.61
C ILE HC 566 25.04 13.70 -34.13
N LYS HC 567 25.76 12.77 -33.52
CA LYS HC 567 26.19 12.89 -32.14
C LYS HC 567 27.62 12.42 -32.03
N LYS HC 568 28.49 13.28 -31.51
CA LYS HC 568 29.88 12.90 -31.26
C LYS HC 568 29.94 11.92 -30.09
N SER HC 569 30.64 10.82 -30.28
CA SER HC 569 30.73 9.78 -29.26
C SER HC 569 32.01 8.99 -29.45
N ASP HC 570 32.59 8.55 -28.33
CA ASP HC 570 33.81 7.77 -28.39
C ASP HC 570 33.50 6.36 -28.89
N PRO HC 571 34.39 5.77 -29.69
CA PRO HC 571 34.15 4.40 -30.16
C PRO HC 571 34.24 3.38 -29.04
N VAL HC 572 33.40 2.36 -29.13
CA VAL HC 572 33.32 1.32 -28.11
C VAL HC 572 34.53 0.41 -28.25
N VAL HC 573 35.32 0.31 -27.20
CA VAL HC 573 36.46 -0.60 -27.15
C VAL HC 573 35.99 -1.96 -26.65
N SER HC 574 36.35 -3.01 -27.39
CA SER HC 574 36.03 -4.37 -26.99
C SER HC 574 37.09 -4.90 -26.02
N TYR HC 575 36.76 -6.01 -25.36
CA TYR HC 575 37.68 -6.64 -24.42
C TYR HC 575 37.51 -8.14 -24.51
N ARG HC 576 38.47 -8.86 -23.94
CA ARG HC 576 38.47 -10.31 -23.96
C ARG HC 576 38.44 -10.84 -22.53
N GLU HC 577 38.17 -12.14 -22.39
CA GLU HC 577 38.05 -12.77 -21.07
C GLU HC 577 38.91 -14.02 -21.03
N THR HC 578 39.99 -13.99 -20.25
CA THR HC 578 40.85 -15.15 -20.06
C THR HC 578 40.77 -15.61 -18.61
N VAL HC 579 41.48 -16.69 -18.30
CA VAL HC 579 41.47 -17.26 -16.96
C VAL HC 579 42.88 -17.19 -16.37
N SER HC 580 42.97 -17.56 -15.10
CA SER HC 580 44.23 -17.54 -14.35
C SER HC 580 45.04 -18.80 -14.61
N GLU HC 581 46.06 -19.03 -13.78
CA GLU HC 581 46.97 -20.15 -14.00
C GLU HC 581 46.29 -21.50 -13.74
N GLU HC 582 45.49 -21.60 -12.69
CA GLU HC 582 44.84 -22.85 -12.34
C GLU HC 582 43.40 -22.58 -11.89
N SER HC 583 42.62 -23.65 -11.83
CA SER HC 583 41.26 -23.60 -11.32
C SER HC 583 41.21 -24.20 -9.92
N ASN HC 584 40.08 -23.96 -9.24
CA ASN HC 584 39.95 -24.41 -7.85
C ASN HC 584 39.67 -25.91 -7.79
N VAL HC 585 38.53 -26.34 -8.33
CA VAL HC 585 38.12 -27.75 -8.28
C VAL HC 585 37.64 -28.17 -9.67
N LEU HC 586 37.53 -29.49 -9.85
CA LEU HC 586 36.90 -30.06 -11.03
C LEU HC 586 35.40 -29.81 -10.92
N CYS HC 587 34.92 -28.78 -11.61
CA CYS HC 587 33.58 -28.26 -11.33
C CYS HC 587 32.51 -29.09 -12.04
N LEU HC 588 31.31 -29.05 -11.45
CA LEU HC 588 30.24 -29.98 -11.75
C LEU HC 588 29.03 -29.26 -12.32
N SER HC 589 28.32 -29.94 -13.22
CA SER HC 589 27.01 -29.48 -13.67
C SER HC 589 26.09 -30.67 -13.82
N LYS HC 590 24.86 -30.51 -13.36
CA LYS HC 590 23.83 -31.54 -13.39
C LYS HC 590 22.69 -31.08 -14.29
N SER HC 591 22.12 -32.01 -15.05
CA SER HC 591 21.04 -31.61 -15.94
C SER HC 591 19.73 -31.40 -15.18
N PRO HC 592 18.86 -30.50 -15.66
CA PRO HC 592 17.54 -30.36 -15.02
C PRO HC 592 16.68 -31.61 -15.16
N ASN HC 593 16.69 -32.24 -16.32
CA ASN HC 593 16.28 -33.64 -16.41
C ASN HC 593 17.41 -34.43 -15.78
N LYS HC 594 17.28 -34.75 -14.48
CA LYS HC 594 18.41 -35.12 -13.65
C LYS HC 594 18.97 -36.51 -13.96
N HIS HC 595 19.57 -36.65 -15.14
CA HIS HC 595 20.19 -37.91 -15.56
C HIS HC 595 21.55 -37.72 -16.21
N ASN HC 596 21.97 -36.50 -16.52
CA ASN HC 596 23.26 -36.26 -17.15
C ASN HC 596 24.13 -35.40 -16.26
N ARG HC 597 25.42 -35.69 -16.28
CA ARG HC 597 26.36 -35.15 -15.32
C ARG HC 597 27.67 -34.80 -16.03
N LEU HC 598 28.23 -33.63 -15.74
CA LEU HC 598 29.40 -33.15 -16.48
C LEU HC 598 30.43 -32.57 -15.53
N TYR HC 599 31.69 -32.97 -15.69
CA TYR HC 599 32.81 -32.47 -14.91
C TYR HC 599 33.80 -31.76 -15.84
N MET HC 600 34.14 -30.52 -15.53
CA MET HC 600 35.07 -29.77 -16.38
C MET HC 600 36.06 -28.97 -15.54
N LYS HC 601 37.03 -28.38 -16.24
CA LYS HC 601 38.03 -27.51 -15.66
C LYS HC 601 38.54 -26.58 -16.76
N ALA HC 602 39.05 -25.41 -16.38
CA ALA HC 602 39.63 -24.48 -17.34
C ALA HC 602 41.10 -24.24 -17.02
N ARG HC 603 41.85 -23.93 -18.08
CA ARG HC 603 43.29 -23.74 -18.02
C ARG HC 603 43.66 -22.63 -19.01
N PRO HC 604 44.84 -22.00 -18.84
CA PRO HC 604 45.27 -21.02 -19.85
C PRO HC 604 46.04 -21.67 -20.99
N PHE HC 605 46.41 -20.86 -21.97
CA PHE HC 605 47.25 -21.29 -23.09
C PHE HC 605 48.72 -21.14 -22.73
N PRO HC 606 49.63 -21.68 -23.57
CA PRO HC 606 51.03 -21.26 -23.51
C PRO HC 606 51.26 -19.84 -24.05
N ASP HC 607 52.53 -19.46 -24.18
CA ASP HC 607 52.90 -18.06 -24.37
C ASP HC 607 52.47 -17.54 -25.74
N GLY HC 608 52.63 -18.33 -26.79
CA GLY HC 608 52.44 -17.79 -28.12
C GLY HC 608 51.36 -18.40 -28.99
N LEU HC 609 50.48 -19.22 -28.40
CA LEU HC 609 49.47 -19.86 -29.24
C LEU HC 609 48.33 -18.91 -29.58
N ALA HC 610 48.08 -17.90 -28.74
CA ALA HC 610 47.12 -16.86 -29.10
C ALA HC 610 47.60 -16.03 -30.27
N GLU HC 611 48.92 -15.89 -30.45
CA GLU HC 611 49.46 -15.26 -31.64
C GLU HC 611 49.51 -16.25 -32.81
N ASP HC 612 49.68 -17.55 -32.52
CA ASP HC 612 49.74 -18.56 -33.57
C ASP HC 612 48.38 -18.75 -34.23
N ILE HC 613 47.29 -18.57 -33.47
CA ILE HC 613 45.96 -18.61 -34.04
C ILE HC 613 45.73 -17.44 -34.99
N ASP HC 614 46.19 -16.24 -34.61
CA ASP HC 614 46.07 -15.08 -35.49
C ASP HC 614 46.99 -15.22 -36.71
N LYS HC 615 48.10 -15.94 -36.56
CA LYS HC 615 48.95 -16.24 -37.69
C LYS HC 615 48.28 -17.18 -38.68
N GLY HC 616 47.86 -18.35 -38.19
CA GLY HC 616 47.12 -19.30 -38.99
C GLY HC 616 47.76 -20.65 -39.24
N GLU HC 617 48.70 -21.08 -38.40
CA GLU HC 617 49.31 -22.39 -38.58
C GLU HC 617 48.38 -23.52 -38.13
N VAL HC 618 47.55 -23.26 -37.13
CA VAL HC 618 46.57 -24.22 -36.64
C VAL HC 618 45.19 -23.71 -37.04
N SER HC 619 44.42 -24.54 -37.73
CA SER HC 619 43.09 -24.14 -38.20
C SER HC 619 42.23 -25.40 -38.30
N ALA HC 620 40.97 -25.20 -38.72
CA ALA HC 620 40.06 -26.33 -38.89
C ALA HC 620 40.38 -27.12 -40.14
N ARG HC 621 41.01 -26.49 -41.14
CA ARG HC 621 41.45 -27.21 -42.32
C ARG HC 621 42.66 -28.09 -42.03
N GLN HC 622 43.44 -27.75 -41.01
CA GLN HC 622 44.60 -28.55 -40.62
C GLN HC 622 44.18 -29.90 -40.08
N GLU HC 623 44.85 -30.95 -40.56
CA GLU HC 623 44.48 -32.31 -40.23
C GLU HC 623 44.94 -32.68 -38.83
N LEU HC 624 44.47 -33.85 -38.37
CA LEU HC 624 44.76 -34.31 -37.02
C LEU HC 624 46.23 -34.69 -36.86
N LYS HC 625 46.82 -35.29 -37.90
CA LYS HC 625 48.23 -35.67 -37.89
C LYS HC 625 49.13 -34.43 -37.77
N GLN HC 626 48.92 -33.45 -38.64
CA GLN HC 626 49.74 -32.24 -38.63
C GLN HC 626 49.50 -31.41 -37.38
N ARG HC 627 48.26 -31.37 -36.88
CA ARG HC 627 47.99 -30.60 -35.67
C ARG HC 627 48.59 -31.26 -34.44
N ALA HC 628 48.61 -32.61 -34.40
CA ALA HC 628 49.27 -33.31 -33.31
C ALA HC 628 50.78 -33.12 -33.36
N ARG HC 629 51.36 -33.12 -34.57
CA ARG HC 629 52.80 -32.87 -34.70
C ARG HC 629 53.14 -31.43 -34.30
N TYR HC 630 52.26 -30.47 -34.63
CA TYR HC 630 52.47 -29.08 -34.24
C TYR HC 630 52.40 -28.93 -32.72
N LEU HC 631 51.38 -29.50 -32.09
CA LEU HC 631 51.24 -29.40 -30.64
C LEU HC 631 52.24 -30.26 -29.89
N ALA HC 632 52.91 -31.20 -30.56
CA ALA HC 632 53.95 -31.98 -29.91
C ALA HC 632 55.34 -31.36 -30.05
N GLU HC 633 55.64 -30.77 -31.21
CA GLU HC 633 56.97 -30.23 -31.46
C GLU HC 633 57.11 -28.75 -31.14
N LYS HC 634 56.09 -27.94 -31.44
CA LYS HC 634 56.19 -26.50 -31.24
C LYS HC 634 56.06 -26.14 -29.76
N TYR HC 635 54.92 -26.47 -29.15
CA TYR HC 635 54.60 -26.05 -27.80
C TYR HC 635 54.50 -27.25 -26.88
N GLU HC 636 54.55 -26.99 -25.57
CA GLU HC 636 54.44 -28.04 -24.57
C GLU HC 636 52.98 -28.41 -24.44
N TRP HC 637 52.59 -29.51 -25.08
CA TRP HC 637 51.21 -29.97 -25.04
C TRP HC 637 51.19 -31.48 -25.19
N ASP HC 638 50.20 -32.11 -24.55
CA ASP HC 638 50.17 -33.56 -24.46
C ASP HC 638 49.79 -34.19 -25.80
N VAL HC 639 50.44 -35.32 -26.11
CA VAL HC 639 50.28 -35.95 -27.41
C VAL HC 639 48.91 -36.59 -27.55
N ALA HC 640 48.45 -37.31 -26.52
CA ALA HC 640 47.13 -37.94 -26.58
C ALA HC 640 46.01 -36.91 -26.55
N GLU HC 641 46.22 -35.79 -25.85
CA GLU HC 641 45.27 -34.69 -25.91
C GLU HC 641 45.24 -34.05 -27.29
N ALA HC 642 46.38 -33.99 -27.98
CA ALA HC 642 46.37 -33.52 -29.37
C ALA HC 642 45.77 -34.56 -30.31
N ARG HC 643 45.78 -35.83 -29.92
CA ARG HC 643 45.10 -36.86 -30.71
C ARG HC 643 43.59 -36.72 -30.59
N LYS HC 644 43.08 -36.56 -29.38
CA LYS HC 644 41.64 -36.52 -29.17
C LYS HC 644 41.19 -35.18 -28.59
N ILE HC 645 41.69 -34.08 -29.16
CA ILE HC 645 41.46 -32.77 -28.54
C ILE HC 645 40.09 -32.18 -28.88
N TRP HC 646 39.89 -31.74 -30.13
CA TRP HC 646 38.77 -30.87 -30.52
C TRP HC 646 38.89 -30.55 -32.01
N CYS HC 647 37.91 -29.82 -32.55
CA CYS HC 647 38.10 -29.05 -33.78
C CYS HC 647 38.86 -27.76 -33.47
N PHE HC 648 38.81 -26.80 -34.40
CA PHE HC 648 39.48 -25.53 -34.15
C PHE HC 648 38.45 -24.45 -33.83
N GLY HC 649 38.11 -24.36 -32.55
CA GLY HC 649 37.41 -23.21 -32.01
C GLY HC 649 35.97 -23.05 -32.45
N PRO HC 650 35.31 -22.01 -31.92
CA PRO HC 650 33.95 -21.70 -32.34
C PRO HC 650 33.92 -21.03 -33.71
N ASP HC 651 32.71 -20.97 -34.27
CA ASP HC 651 32.38 -20.24 -35.50
C ASP HC 651 33.20 -20.74 -36.69
N GLY HC 652 33.48 -22.05 -36.69
CA GLY HC 652 34.35 -22.62 -37.70
C GLY HC 652 35.82 -22.45 -37.40
N THR HC 653 36.26 -21.20 -37.31
CA THR HC 653 37.65 -20.85 -37.00
C THR HC 653 37.64 -19.97 -35.76
N GLY HC 654 38.10 -20.52 -34.64
CA GLY HC 654 38.05 -19.80 -33.39
C GLY HC 654 39.20 -20.07 -32.45
N PRO HC 655 39.37 -19.18 -31.45
CA PRO HC 655 40.54 -19.27 -30.56
C PRO HC 655 40.49 -20.39 -29.54
N ASN HC 656 39.36 -20.59 -28.88
CA ASN HC 656 39.35 -21.40 -27.67
C ASN HC 656 39.29 -22.89 -27.96
N ILE HC 657 39.68 -23.68 -26.97
CA ILE HC 657 39.96 -25.10 -27.12
C ILE HC 657 39.18 -25.88 -26.07
N LEU HC 658 38.52 -26.96 -26.49
CA LEU HC 658 37.70 -27.82 -25.62
C LEU HC 658 38.19 -29.26 -25.75
N THR HC 659 39.12 -29.67 -24.88
CA THR HC 659 39.76 -30.96 -25.01
C THR HC 659 38.88 -32.08 -24.44
N ASP HC 660 39.47 -33.27 -24.32
CA ASP HC 660 38.77 -34.45 -23.84
C ASP HC 660 39.71 -35.23 -22.94
N ILE HC 661 39.30 -35.46 -21.68
CA ILE HC 661 40.09 -36.24 -20.75
C ILE HC 661 39.48 -37.63 -20.54
N THR HC 662 38.29 -37.88 -21.10
CA THR HC 662 37.56 -39.12 -20.88
C THR HC 662 38.27 -40.28 -21.57
N LYS HC 663 38.74 -41.24 -20.76
CA LYS HC 663 39.44 -42.42 -21.27
C LYS HC 663 38.49 -43.60 -21.22
N GLY HC 664 37.67 -43.72 -22.26
CA GLY HC 664 36.78 -44.85 -22.38
C GLY HC 664 35.39 -44.64 -21.84
N VAL HC 665 34.74 -43.54 -22.24
CA VAL HC 665 33.36 -43.26 -21.88
C VAL HC 665 32.51 -43.45 -23.12
N GLN HC 666 31.50 -44.31 -23.02
CA GLN HC 666 30.62 -44.63 -24.13
C GLN HC 666 29.63 -43.49 -24.37
N TYR HC 667 28.85 -43.64 -25.45
CA TYR HC 667 27.76 -42.73 -25.84
C TYR HC 667 28.27 -41.30 -26.05
N LEU HC 668 29.14 -41.13 -27.04
CA LEU HC 668 29.80 -39.85 -27.29
C LEU HC 668 29.33 -39.19 -28.58
N ASN HC 669 28.60 -39.92 -29.44
CA ASN HC 669 28.18 -39.37 -30.72
C ASN HC 669 27.09 -38.32 -30.55
N GLU HC 670 26.12 -38.57 -29.66
CA GLU HC 670 25.10 -37.59 -29.35
C GLU HC 670 25.65 -36.41 -28.57
N ILE HC 671 26.78 -36.62 -27.87
CA ILE HC 671 27.39 -35.58 -27.05
C ILE HC 671 27.90 -34.42 -27.92
N LYS HC 672 28.52 -34.74 -29.06
CA LYS HC 672 29.45 -33.82 -29.72
C LYS HC 672 28.76 -32.61 -30.32
N ASP HC 673 27.60 -32.81 -30.97
CA ASP HC 673 26.90 -31.72 -31.63
C ASP HC 673 26.34 -30.74 -30.59
N SER HC 674 25.72 -31.27 -29.54
CA SER HC 674 25.19 -30.41 -28.48
C SER HC 674 26.30 -29.70 -27.72
N VAL HC 675 27.45 -30.36 -27.55
CA VAL HC 675 28.55 -29.75 -26.82
C VAL HC 675 29.23 -28.66 -27.65
N VAL HC 676 29.36 -28.87 -28.97
CA VAL HC 676 29.96 -27.81 -29.79
C VAL HC 676 28.98 -26.65 -29.95
N ALA HC 677 27.66 -26.91 -29.92
CA ALA HC 677 26.69 -25.82 -29.95
C ALA HC 677 26.74 -24.99 -28.66
N GLY HC 678 26.78 -25.67 -27.51
CA GLY HC 678 26.93 -24.96 -26.25
C GLY HC 678 28.27 -24.26 -26.11
N PHE HC 679 29.32 -24.82 -26.70
CA PHE HC 679 30.64 -24.19 -26.67
C PHE HC 679 30.66 -22.91 -27.48
N GLN HC 680 30.08 -22.94 -28.69
CA GLN HC 680 30.00 -21.73 -29.50
C GLN HC 680 29.12 -20.66 -28.85
N TRP HC 681 28.02 -21.08 -28.22
CA TRP HC 681 27.13 -20.13 -27.55
C TRP HC 681 27.81 -19.49 -26.35
N ALA HC 682 28.40 -20.31 -25.47
CA ALA HC 682 29.06 -19.81 -24.27
C ALA HC 682 30.45 -19.23 -24.53
N THR HC 683 30.93 -19.28 -25.76
CA THR HC 683 32.12 -18.53 -26.14
C THR HC 683 31.77 -17.18 -26.77
N LYS HC 684 30.74 -17.14 -27.63
CA LYS HC 684 30.29 -15.86 -28.17
C LYS HC 684 29.66 -14.98 -27.09
N GLU HC 685 29.03 -15.59 -26.08
CA GLU HC 685 28.56 -14.86 -24.91
C GLU HC 685 29.54 -15.10 -23.78
N GLY HC 686 30.25 -14.06 -23.37
CA GLY HC 686 31.30 -14.19 -22.38
C GLY HC 686 30.77 -14.43 -20.97
N ALA HC 687 31.72 -14.61 -20.05
CA ALA HC 687 31.37 -15.01 -18.69
C ALA HC 687 30.78 -13.86 -17.90
N LEU HC 688 31.46 -12.72 -17.88
CA LEU HC 688 31.02 -11.58 -17.10
C LEU HC 688 30.49 -10.42 -17.93
N CYS HC 689 30.77 -10.39 -19.24
CA CYS HC 689 30.23 -9.38 -20.13
C CYS HC 689 29.88 -10.03 -21.46
N GLU HC 690 29.12 -9.30 -22.28
CA GLU HC 690 28.78 -9.77 -23.62
C GLU HC 690 29.98 -9.52 -24.52
N GLU HC 691 30.95 -10.45 -24.44
CA GLU HC 691 32.17 -10.36 -25.21
C GLU HC 691 32.50 -11.73 -25.79
N ASN HC 692 33.26 -11.73 -26.88
CA ASN HC 692 33.75 -12.95 -27.48
C ASN HC 692 34.99 -13.40 -26.72
N MET HC 693 34.96 -14.62 -26.20
CA MET HC 693 36.03 -15.08 -25.33
C MET HC 693 37.30 -15.37 -26.12
N ARG HC 694 38.40 -15.46 -25.38
CA ARG HC 694 39.73 -15.50 -25.96
C ARG HC 694 40.70 -15.99 -24.89
N GLY HC 695 41.57 -16.91 -25.26
CA GLY HC 695 42.63 -17.32 -24.37
C GLY HC 695 42.24 -18.20 -23.21
N VAL HC 696 41.49 -19.27 -23.47
CA VAL HC 696 41.15 -20.24 -22.43
C VAL HC 696 40.99 -21.62 -23.07
N ARG HC 697 41.61 -22.63 -22.45
CA ARG HC 697 41.39 -24.03 -22.74
C ARG HC 697 40.41 -24.62 -21.74
N PHE HC 698 39.64 -25.61 -22.18
CA PHE HC 698 38.68 -26.31 -21.34
C PHE HC 698 38.93 -27.81 -21.42
N ASP HC 699 38.99 -28.47 -20.27
CA ASP HC 699 39.19 -29.91 -20.18
C ASP HC 699 37.94 -30.54 -19.61
N VAL HC 700 37.45 -31.58 -20.28
CA VAL HC 700 36.24 -32.30 -19.88
C VAL HC 700 36.67 -33.65 -19.30
N HIS HC 701 36.49 -33.83 -18.00
CA HIS HC 701 37.10 -34.96 -17.31
C HIS HC 701 36.17 -36.18 -17.23
N ASP HC 702 34.98 -36.01 -16.66
CA ASP HC 702 34.07 -37.12 -16.46
C ASP HC 702 32.66 -36.74 -16.92
N VAL HC 703 32.10 -37.56 -17.81
CA VAL HC 703 30.75 -37.36 -18.32
C VAL HC 703 29.93 -38.59 -17.94
N THR HC 704 28.71 -38.37 -17.45
CA THR HC 704 27.79 -39.44 -17.12
C THR HC 704 26.51 -39.24 -17.91
N LEU HC 705 26.19 -40.21 -18.76
CA LEU HC 705 25.08 -40.16 -19.69
C LEU HC 705 23.83 -40.80 -19.11
N HIS HC 706 22.82 -40.97 -19.95
CA HIS HC 706 21.62 -41.74 -19.65
C HIS HC 706 21.35 -42.66 -20.85
N ALA HC 707 20.97 -43.90 -20.55
CA ALA HC 707 20.98 -44.95 -21.56
C ALA HC 707 19.77 -44.94 -22.48
N ASP HC 708 18.74 -44.15 -22.18
CA ASP HC 708 17.52 -44.18 -22.99
C ASP HC 708 17.67 -43.39 -24.28
N ALA HC 709 18.66 -42.49 -24.35
CA ALA HC 709 18.97 -41.62 -25.50
C ALA HC 709 17.80 -40.71 -25.91
N ILE HC 710 16.90 -40.44 -24.98
CA ILE HC 710 15.79 -39.53 -25.21
C ILE HC 710 15.95 -38.45 -24.16
N ARG HC 712 18.55 -36.90 -23.13
CA ARG HC 712 19.85 -36.26 -23.24
C ARG HC 712 19.96 -35.18 -24.31
N GLY HC 713 19.32 -35.36 -25.47
CA GLY HC 713 19.64 -34.53 -26.62
C GLY HC 713 19.06 -33.13 -26.54
N GLY HC 714 19.87 -32.16 -26.93
CA GLY HC 714 19.41 -30.78 -27.06
C GLY HC 714 19.39 -30.00 -25.78
N GLY HC 715 18.18 -29.82 -25.22
CA GLY HC 715 17.97 -29.01 -24.04
C GLY HC 715 18.50 -29.56 -22.74
N GLN HC 716 19.07 -30.75 -22.74
CA GLN HC 716 19.68 -31.33 -21.56
C GLN HC 716 21.20 -31.26 -21.58
N ILE HC 717 21.82 -31.14 -22.76
CA ILE HC 717 23.27 -31.02 -22.82
C ILE HC 717 23.69 -29.58 -23.08
N ILE HC 718 22.99 -28.88 -23.99
CA ILE HC 718 23.41 -27.52 -24.39
C ILE HC 718 23.38 -26.51 -23.24
N PRO HC 719 22.29 -26.38 -22.44
CA PRO HC 719 22.40 -25.46 -21.30
C PRO HC 719 23.36 -25.92 -20.22
N THR HC 720 23.54 -27.24 -20.05
CA THR HC 720 24.44 -27.71 -19.02
C THR HC 720 25.89 -27.58 -19.45
N ALA HC 721 26.18 -27.77 -20.74
CA ALA HC 721 27.52 -27.48 -21.24
C ALA HC 721 27.83 -25.99 -21.14
N ARG HC 722 26.82 -25.15 -21.42
CA ARG HC 722 26.94 -23.71 -21.24
C ARG HC 722 27.25 -23.34 -19.79
N ARG HC 723 26.44 -23.82 -18.85
CA ARG HC 723 26.61 -23.49 -17.45
C ARG HC 723 27.89 -24.09 -16.87
N CYS HC 724 28.30 -25.27 -17.35
CA CYS HC 724 29.54 -25.86 -16.86
C CYS HC 724 30.74 -25.14 -17.42
N LEU HC 725 30.63 -24.59 -18.63
CA LEU HC 725 31.70 -23.77 -19.18
C LEU HC 725 31.85 -22.47 -18.38
N TYR HC 726 30.74 -21.82 -18.05
CA TYR HC 726 30.83 -20.60 -17.23
C TYR HC 726 31.31 -20.90 -15.82
N ALA HC 727 30.91 -22.03 -15.27
CA ALA HC 727 31.38 -22.41 -13.94
C ALA HC 727 32.86 -22.77 -13.94
N SER HC 728 33.34 -23.37 -15.03
CA SER HC 728 34.76 -23.66 -15.17
C SER HC 728 35.58 -22.40 -15.37
N VAL HC 729 35.00 -21.37 -16.00
CA VAL HC 729 35.68 -20.08 -16.07
C VAL HC 729 35.75 -19.44 -14.69
N LEU HC 730 34.61 -19.37 -13.99
CA LEU HC 730 34.56 -18.64 -12.73
C LEU HC 730 35.17 -19.40 -11.56
N THR HC 731 35.45 -20.70 -11.69
CA THR HC 731 36.16 -21.39 -10.61
C THR HC 731 37.65 -21.10 -10.62
N ALA HC 732 38.17 -20.57 -11.72
CA ALA HC 732 39.49 -19.97 -11.76
C ALA HC 732 39.34 -18.48 -11.45
N GLN HC 733 40.39 -17.70 -11.68
CA GLN HC 733 40.30 -16.26 -11.54
C GLN HC 733 40.23 -15.64 -12.93
N PRO HC 734 39.07 -15.22 -13.41
CA PRO HC 734 39.00 -14.61 -14.74
C PRO HC 734 39.58 -13.21 -14.75
N ARG HC 735 40.20 -12.86 -15.87
CA ARG HC 735 40.86 -11.58 -16.04
C ARG HC 735 40.51 -11.03 -17.41
N LEU HC 736 40.21 -9.74 -17.48
CA LEU HC 736 39.95 -9.09 -18.75
C LEU HC 736 41.25 -8.85 -19.50
N MET HC 737 41.24 -9.14 -20.79
CA MET HC 737 42.33 -8.79 -21.68
C MET HC 737 41.98 -7.56 -22.49
N GLU HC 738 42.98 -6.70 -22.65
CA GLU HC 738 42.88 -5.35 -23.15
C GLU HC 738 43.54 -5.24 -24.51
N PRO HC 739 42.88 -4.63 -25.51
CA PRO HC 739 43.57 -4.39 -26.78
C PRO HC 739 44.61 -3.30 -26.64
N ILE HC 740 45.81 -3.59 -27.14
CA ILE HC 740 46.94 -2.67 -27.11
C ILE HC 740 47.56 -2.65 -28.51
N TYR HC 741 47.97 -1.46 -28.95
CA TYR HC 741 48.36 -1.32 -30.35
C TYR HC 741 49.74 -0.66 -30.46
N LEU HC 742 50.37 -0.87 -31.60
CA LEU HC 742 51.68 -0.29 -31.89
C LEU HC 742 51.49 1.08 -32.55
N VAL HC 743 51.97 2.12 -31.89
CA VAL HC 743 52.03 3.46 -32.47
C VAL HC 743 53.49 3.84 -32.61
N GLU HC 744 53.91 4.13 -33.84
CA GLU HC 744 55.22 4.70 -34.08
C GLU HC 744 55.05 6.16 -34.48
N ILE HC 745 55.89 7.00 -33.90
CA ILE HC 745 55.79 8.45 -34.05
C ILE HC 745 57.09 8.92 -34.68
N GLN HC 746 56.99 9.97 -35.51
CA GLN HC 746 58.10 10.41 -36.35
C GLN HC 746 58.72 11.71 -35.86
N CYS HC 747 58.98 11.82 -34.57
CA CYS HC 747 59.32 13.11 -33.98
C CYS HC 747 60.80 13.44 -34.17
N PRO HC 748 61.13 14.66 -34.62
CA PRO HC 748 62.52 15.10 -34.62
C PRO HC 748 63.14 15.27 -33.24
N GLU HC 749 64.41 15.72 -33.22
CA GLU HC 749 65.27 15.60 -32.04
C GLU HC 749 64.78 16.40 -30.85
N GLN HC 750 64.16 17.55 -31.08
CA GLN HC 750 63.85 18.47 -29.99
C GLN HC 750 62.58 18.11 -29.21
N VAL HC 751 61.85 17.08 -29.63
CA VAL HC 751 60.55 16.78 -29.00
C VAL HC 751 60.43 15.32 -28.60
N VAL HC 752 61.56 14.60 -28.59
CA VAL HC 752 61.55 13.21 -28.15
C VAL HC 752 61.31 13.13 -26.64
N GLY HC 753 61.93 14.03 -25.88
CA GLY HC 753 61.62 14.17 -24.47
C GLY HC 753 60.19 14.63 -24.20
N GLY HC 754 59.57 15.33 -25.16
CA GLY HC 754 58.17 15.65 -25.03
C GLY HC 754 57.27 14.44 -25.22
N ILE HC 755 57.57 13.59 -26.22
CA ILE HC 755 56.72 12.42 -26.43
C ILE HC 755 57.00 11.28 -25.47
N TYR HC 756 58.09 11.29 -24.71
CA TYR HC 756 58.20 10.33 -23.61
C TYR HC 756 57.18 10.63 -22.51
N GLY HC 757 56.96 11.90 -22.21
CA GLY HC 757 56.07 12.27 -21.12
C GLY HC 757 54.62 11.98 -21.40
N VAL HC 758 54.21 12.05 -22.67
CA VAL HC 758 52.84 11.75 -23.04
C VAL HC 758 52.56 10.26 -22.86
N LEU HC 759 53.53 9.42 -23.22
CA LEU HC 759 53.40 7.98 -23.00
C LEU HC 759 53.43 7.64 -21.53
N ASN HC 760 54.23 8.37 -20.74
CA ASN HC 760 54.25 8.14 -19.30
C ASN HC 760 52.95 8.57 -18.64
N ARG HC 761 52.28 9.59 -19.18
CA ARG HC 761 50.94 9.95 -18.69
C ARG HC 761 49.91 8.89 -19.09
N LYS HC 762 49.90 8.51 -20.37
CA LYS HC 762 48.86 7.66 -20.92
C LYS HC 762 49.18 6.18 -20.80
N ARG HC 763 50.18 5.81 -19.99
CA ARG HC 763 50.52 4.43 -19.63
C ARG HC 763 50.92 3.63 -20.89
N GLY HC 764 52.03 4.05 -21.49
CA GLY HC 764 52.55 3.43 -22.69
C GLY HC 764 53.90 2.80 -22.42
N HIS HC 765 54.30 1.90 -23.31
CA HIS HC 765 55.56 1.18 -23.20
C HIS HC 765 56.40 1.43 -24.44
N VAL HC 766 57.52 2.14 -24.27
CA VAL HC 766 58.41 2.42 -25.40
C VAL HC 766 59.16 1.14 -25.75
N PHE HC 767 59.06 0.72 -27.00
CA PHE HC 767 59.68 -0.52 -27.45
C PHE HC 767 61.01 -0.30 -28.17
N GLU HC 768 61.07 0.68 -29.07
CA GLU HC 768 62.29 0.91 -29.83
C GLU HC 768 62.36 2.36 -30.29
N GLU HC 769 63.45 3.03 -29.96
CA GLU HC 769 63.78 4.34 -30.51
C GLU HC 769 64.86 4.17 -31.57
N SER HC 770 64.61 4.71 -32.76
CA SER HC 770 65.57 4.60 -33.86
C SER HC 770 65.57 5.90 -34.63
N GLN HC 771 66.52 6.01 -35.55
CA GLN HC 771 66.64 7.18 -36.40
C GLN HC 771 66.98 6.75 -37.82
N VAL HC 772 66.64 7.61 -38.77
CA VAL HC 772 66.97 7.40 -40.17
C VAL HC 772 68.30 8.11 -40.44
N ALA HC 773 69.22 7.41 -41.11
CA ALA HC 773 70.53 7.97 -41.39
C ALA HC 773 70.43 9.11 -42.39
N GLY HC 774 71.02 10.25 -42.03
CA GLY HC 774 70.96 11.45 -42.85
C GLY HC 774 69.97 12.49 -42.36
N THR HC 775 68.95 12.08 -41.61
CA THR HC 775 67.95 12.99 -41.09
C THR HC 775 67.94 12.99 -39.57
N PRO HC 776 67.77 14.15 -38.94
CA PRO HC 776 67.74 14.20 -37.47
C PRO HC 776 66.45 13.69 -36.83
N MET HC 777 65.49 13.21 -37.62
CA MET HC 777 64.22 12.74 -37.06
C MET HC 777 64.40 11.38 -36.39
N PHE HC 778 63.45 11.07 -35.50
CA PHE HC 778 63.49 9.87 -34.68
C PHE HC 778 62.14 9.17 -34.74
N VAL HC 779 62.17 7.89 -35.08
CA VAL HC 779 60.98 7.04 -35.08
C VAL HC 779 60.95 6.28 -33.76
N VAL HC 780 59.87 6.47 -33.00
CA VAL HC 780 59.71 5.86 -31.68
C VAL HC 780 58.49 4.97 -31.72
N LYS HC 781 58.70 3.68 -31.48
CA LYS HC 781 57.62 2.70 -31.44
C LYS HC 781 57.19 2.48 -30.01
N ALA HC 782 55.88 2.31 -29.80
CA ALA HC 782 55.35 2.19 -28.45
C ALA HC 782 54.08 1.35 -28.45
N TYR HC 783 53.96 0.52 -27.43
CA TYR HC 783 52.72 -0.17 -27.11
C TYR HC 783 51.82 0.78 -26.33
N LEU HC 784 50.59 0.97 -26.81
CA LEU HC 784 49.69 1.93 -26.18
C LEU HC 784 48.28 1.37 -26.12
N PRO HC 785 47.57 1.54 -25.01
CA PRO HC 785 46.22 0.98 -24.92
C PRO HC 785 45.19 1.71 -25.76
N VAL HC 786 44.23 0.93 -26.26
CA VAL HC 786 43.16 1.45 -27.12
C VAL HC 786 42.24 2.37 -26.32
N ASN HC 787 41.89 1.99 -25.09
CA ASN HC 787 41.06 2.85 -24.25
C ASN HC 787 41.82 4.06 -23.73
N GLU HC 788 43.15 4.03 -23.75
CA GLU HC 788 43.96 5.18 -23.39
C GLU HC 788 44.35 6.02 -24.60
N SER HC 789 43.98 5.60 -25.82
CA SER HC 789 44.29 6.35 -27.02
C SER HC 789 43.45 7.61 -27.19
N PHE HC 790 42.44 7.85 -26.34
CA PHE HC 790 41.59 9.01 -26.50
C PHE HC 790 42.32 10.28 -26.04
N GLY HC 791 42.40 11.26 -26.94
CA GLY HC 791 43.13 12.48 -26.64
C GLY HC 791 44.63 12.34 -26.69
N PHE HC 792 45.14 11.18 -27.12
CA PHE HC 792 46.57 10.90 -27.11
C PHE HC 792 47.32 11.79 -28.10
N THR HC 793 46.86 11.82 -29.35
CA THR HC 793 47.52 12.67 -30.34
C THR HC 793 47.32 14.15 -30.05
N ALA HC 794 46.23 14.53 -29.37
CA ALA HC 794 46.08 15.91 -28.93
C ALA HC 794 47.12 16.27 -27.88
N ASP HC 795 47.39 15.34 -26.96
CA ASP HC 795 48.47 15.55 -25.99
C ASP HC 795 49.83 15.55 -26.67
N LEU HC 796 49.99 14.76 -27.73
CA LEU HC 796 51.24 14.76 -28.50
C LEU HC 796 51.49 16.12 -29.15
N ARG HC 797 50.47 16.66 -29.83
CA ARG HC 797 50.62 17.96 -30.47
C ARG HC 797 50.81 19.07 -29.43
N SER HC 798 50.11 18.98 -28.29
CA SER HC 798 50.24 20.00 -27.26
C SER HC 798 51.59 19.95 -26.56
N ASN HC 799 52.22 18.78 -26.50
CA ASN HC 799 53.52 18.67 -25.85
C ASN HC 799 54.68 18.84 -26.81
N THR HC 800 54.46 18.71 -28.12
CA THR HC 800 55.55 18.83 -29.08
C THR HC 800 55.42 20.06 -29.98
N GLY HC 801 54.36 20.85 -29.85
CA GLY HC 801 54.20 21.99 -30.73
C GLY HC 801 53.82 21.61 -32.14
N GLY HC 802 53.03 20.56 -32.31
CA GLY HC 802 52.66 20.09 -33.63
C GLY HC 802 53.73 19.34 -34.38
N GLN HC 803 54.85 19.06 -33.74
CA GLN HC 803 55.99 18.40 -34.38
C GLN HC 803 55.97 16.90 -34.04
N ALA HC 804 54.90 16.24 -34.50
CA ALA HC 804 54.65 14.86 -34.14
C ALA HC 804 53.73 14.24 -35.19
N PHE HC 805 54.01 12.97 -35.54
CA PHE HC 805 53.20 12.23 -36.49
C PHE HC 805 53.11 10.77 -36.08
N PRO HC 806 51.95 10.29 -35.66
CA PRO HC 806 51.78 8.88 -35.29
C PRO HC 806 51.30 8.01 -36.45
N GLN HC 807 51.39 6.70 -36.25
CA GLN HC 807 50.96 5.75 -37.28
C GLN HC 807 49.78 4.89 -36.88
N CYS HC 808 49.75 4.36 -35.65
CA CYS HC 808 48.58 3.73 -35.01
C CYS HC 808 48.06 2.50 -35.77
N VAL HC 809 48.86 1.43 -35.73
CA VAL HC 809 48.43 0.13 -36.24
C VAL HC 809 48.14 -0.78 -35.05
N PHE HC 810 47.18 -1.70 -35.22
CA PHE HC 810 46.74 -2.57 -34.14
C PHE HC 810 47.62 -3.81 -34.04
N ASP HC 811 48.16 -4.07 -32.85
CA ASP HC 811 49.07 -5.19 -32.69
C ASP HC 811 48.41 -6.45 -32.13
N HIS HC 812 47.93 -6.40 -30.89
CA HIS HC 812 47.54 -7.62 -30.18
C HIS HC 812 46.69 -7.27 -28.97
N TRP HC 813 46.50 -8.25 -28.08
CA TRP HC 813 45.81 -8.07 -26.81
C TRP HC 813 46.77 -8.36 -25.67
N GLN HC 814 46.82 -7.48 -24.67
CA GLN HC 814 47.55 -7.73 -23.44
C GLN HC 814 46.59 -8.05 -22.32
N ILE HC 815 47.13 -8.44 -21.18
CA ILE HC 815 46.33 -8.78 -20.02
C ILE HC 815 46.30 -7.60 -19.06
N LEU HC 816 45.35 -7.62 -18.13
CA LEU HC 816 45.19 -6.66 -17.05
C LEU HC 816 45.65 -7.27 -15.73
N PRO HC 817 46.31 -6.47 -14.88
CA PRO HC 817 46.81 -7.01 -13.62
C PRO HC 817 45.72 -7.25 -12.59
N GLY HC 818 44.63 -6.48 -12.63
CA GLY HC 818 43.60 -6.59 -11.62
C GLY HC 818 42.49 -7.55 -12.01
N ASP HC 819 41.77 -8.01 -11.00
CA ASP HC 819 40.62 -8.86 -11.15
C ASP HC 819 39.32 -8.06 -11.09
N PRO HC 820 38.24 -8.55 -11.69
CA PRO HC 820 36.95 -7.86 -11.59
C PRO HC 820 36.21 -8.07 -10.28
N PHE HC 821 36.85 -8.64 -9.25
CA PHE HC 821 36.15 -8.97 -8.02
C PHE HC 821 36.28 -7.90 -6.95
N ASP HC 822 37.22 -6.99 -7.07
CA ASP HC 822 37.43 -5.97 -6.04
C ASP HC 822 36.47 -4.79 -6.27
N ASN HC 823 36.65 -3.72 -5.48
CA ASN HC 823 35.62 -2.69 -5.38
C ASN HC 823 35.65 -1.73 -6.57
N SER HC 824 36.75 -0.99 -6.73
CA SER HC 824 36.79 0.11 -7.69
C SER HC 824 38.11 0.12 -8.45
N SER HC 825 38.54 -1.05 -8.92
CA SER HC 825 39.73 -1.09 -9.76
C SER HC 825 39.36 -0.79 -11.21
N ARG HC 826 40.38 -0.72 -12.06
CA ARG HC 826 40.17 -0.42 -13.48
C ARG HC 826 39.45 -1.54 -14.25
N PRO HC 827 39.78 -2.84 -14.12
CA PRO HC 827 38.93 -3.84 -14.80
C PRO HC 827 37.54 -3.96 -14.19
N SER HC 828 37.38 -3.70 -12.89
CA SER HC 828 36.03 -3.66 -12.31
C SER HC 828 35.23 -2.50 -12.87
N GLN HC 829 35.88 -1.36 -13.11
CA GLN HC 829 35.22 -0.23 -13.77
C GLN HC 829 34.85 -0.56 -15.21
N VAL HC 830 35.70 -1.33 -15.89
CA VAL HC 830 35.40 -1.77 -17.25
C VAL HC 830 34.18 -2.71 -17.25
N VAL HC 831 34.12 -3.63 -16.28
CA VAL HC 831 32.97 -4.53 -16.14
C VAL HC 831 31.70 -3.74 -15.86
N ALA HC 832 31.78 -2.74 -14.99
CA ALA HC 832 30.61 -1.92 -14.66
C ALA HC 832 30.12 -1.13 -15.86
N GLU HC 833 31.05 -0.47 -16.57
CA GLU HC 833 30.67 0.33 -17.73
C GLU HC 833 30.19 -0.52 -18.89
N THR HC 834 30.66 -1.77 -18.99
CA THR HC 834 30.18 -2.64 -20.05
C THR HC 834 28.80 -3.20 -19.74
N ARG HC 835 28.59 -3.63 -18.48
CA ARG HC 835 27.31 -4.23 -18.13
C ARG HC 835 26.20 -3.22 -17.94
N LYS HC 836 26.52 -1.96 -17.63
CA LYS HC 836 25.48 -0.96 -17.40
C LYS HC 836 24.77 -0.52 -18.68
N ARG HC 837 25.25 -0.93 -19.85
CA ARG HC 837 24.63 -0.53 -21.10
C ARG HC 837 23.55 -1.52 -21.56
N LYS HC 838 23.80 -2.83 -21.42
CA LYS HC 838 22.84 -3.79 -21.94
C LYS HC 838 22.66 -5.02 -21.06
N GLY HC 839 23.17 -5.01 -19.82
CA GLY HC 839 23.04 -6.18 -18.98
C GLY HC 839 22.55 -5.89 -17.58
N LEU HC 840 22.93 -6.74 -16.63
CA LEU HC 840 22.56 -6.57 -15.23
C LEU HC 840 23.47 -5.57 -14.52
N LYS HC 841 23.40 -5.54 -13.19
CA LYS HC 841 24.23 -4.64 -12.40
C LYS HC 841 25.71 -4.95 -12.54
N GLU HC 842 26.14 -6.12 -12.06
CA GLU HC 842 27.54 -6.51 -12.09
C GLU HC 842 27.67 -8.00 -11.77
N ILE HC 843 28.64 -8.64 -12.42
CA ILE HC 843 29.40 -9.84 -12.04
C ILE HC 843 28.56 -10.94 -11.38
N PRO HC 844 27.85 -11.75 -12.17
CA PRO HC 844 27.06 -12.85 -11.60
C PRO HC 844 27.95 -13.86 -10.89
N ALA HC 845 27.50 -14.30 -9.71
CA ALA HC 845 28.35 -15.01 -8.77
C ALA HC 845 28.52 -16.47 -9.16
N LEU HC 846 29.39 -17.16 -8.41
CA LEU HC 846 29.68 -18.56 -8.64
C LEU HC 846 28.59 -19.48 -8.11
N ASP HC 847 27.73 -18.98 -7.21
CA ASP HC 847 26.60 -19.77 -6.72
C ASP HC 847 25.60 -20.07 -7.83
N ASN HC 848 25.42 -19.14 -8.76
CA ASN HC 848 24.67 -19.42 -9.96
C ASN HC 848 25.50 -20.32 -10.88
N PHE HC 849 24.79 -21.04 -11.77
CA PHE HC 849 25.27 -22.04 -12.72
C PHE HC 849 26.33 -23.00 -12.16
N LEU HC 850 26.13 -23.47 -10.93
CA LEU HC 850 26.98 -24.47 -10.33
C LEU HC 850 26.10 -25.46 -9.59
N ASP HC 851 26.45 -26.74 -9.67
CA ASP HC 851 25.70 -27.81 -9.02
C ASP HC 851 26.65 -28.61 -8.14
N LYS HC 852 26.14 -29.12 -7.02
CA LYS HC 852 26.92 -29.89 -6.08
C LYS HC 852 26.84 -31.36 -6.39
N LEU HC 853 27.88 -32.10 -5.99
CA LEU HC 853 27.96 -33.53 -6.23
C LEU HC 853 27.04 -34.31 -5.31
#